data_2W4H
#
_entry.id   2W4H
#
_cell.length_a   1.000
_cell.length_b   1.000
_cell.length_c   1.000
_cell.angle_alpha   90.00
_cell.angle_beta   90.00
_cell.angle_gamma   90.00
#
_symmetry.space_group_name_H-M   'P 1'
#
loop_
_entity.id
_entity.type
_entity.pdbx_description
1 polymer 'MYOSIN REGULATORY LIGHT CHAIN 2, SKELETAL MUSCLE ISOFORM'
2 polymer 'MYOSIN LIGHT CHAIN 3, SKELETAL MUSCLE ISOFORM'
3 polymer 'MYOSIN HEAVY CHAIN, SKELETAL MUSCLE, ADULT'
#
loop_
_entity_poly.entity_id
_entity_poly.type
_entity_poly.pdbx_seq_one_letter_code
_entity_poly.pdbx_strand_id
1 'polypeptide(L)'
;NVFSMFDQTQIQDFKEAFTVIDQNRDGIIDKDDLRETFAAMGRLNVKNEELDAMIKEASGPINFTVFLTMFGEKLKGADP
EDVIMGAFKVLDPDGKGSIKKSFLEELLTTQCDRFTPEEIKNMWAAFPPDVAGNVDYKNICYVITHGEDK
;
B
2 'polypeptide(L)'
;DEINDFKEAFLLFDRTGDAKITLSQVGDIVRALGQNPTNAEINKILGNPSKEEMNAKKITFEEFLPMLQAAANNKDQGTF
EDFVEGLRVFDKEGNGTVMGAELRHVLATLGEKMTEEEVEELMKGQEDSNGCINYEAFVKHIMSV
;
C
3 'polypeptide(L)'
;DAEMAAFGEAAPYLRKSEKERIEAQNKPFDAKSSVFVVHPKESFVKGTIQSKEGGKVTVKTEGGETLTVKEDQVFSMNPP
KYDKIEDMAMMTHLHEPAVLYNLKERYAAWMIYTYSGLFCVTVNPYKWLPVYNPKVVLAYRGKKRQEAPPHIFSISDNAY
QFMLTDRENQSILITGESGAGKTVNTKRVIQYFATIAASGEKKKEEQSGKMQGTLEDQIISANPLLEAFGNAKTVRNDNS
SRFGKFIRIHFGATGKLASADIETYLLEKSRVTFQLPAERSYHIFYQIMSNKKPELIDMLLITTNPYDYHYVSQGEITVP
SIDDQEELMATDSAIDILGFSADEKTAIYKLTGAVMHYGNLKFKQKQREEQAEPDGTEVADKAAYLMGLNSAELLKALCY
PRVKVGNEFVTKGQTVSQVHNSVGALAKAVYEKMFLWMVIRINQQLDTKQPRQYFIGVLDIAGFEIFDFNSFEQLCINFT
NEKLQQFFNHHMFVLEQEEYKKEGIEWEFIDFGMDLAACIELIEKPMGIFSILEEECMFPKATDTSFKNKLYDQHLGKSN
NFQKPKPAKGKAEAHFSLVHYAGTVDYNISGWLEKNKDPLNETVIGLYQKSSVKTLALLFATYGGEAEGGGGKKGGKKKG
SSFQTVSALFRENLNKLMANLRSTHPHFVRCIIPNETKTPGAMEHELVLHQLRCNGVLEGIRICRKGFPSRVLYADFKQR
YRVLNASAIPEGQFMDSKKASEKLLGSIDVDHTQYRFGHTKVFFKAGLLGLLEEMRDDKLAEIITRTQARCRGFLMRVEY
RRMVERRESIFCIQYNVRSFMNVKHWPWMKLFFKIKPLLK
;
M
#
# COMPACT_ATOMS: atom_id res chain seq x y z
N ASN A 1 -105.07 55.78 57.51
CA ASN A 1 -104.06 54.78 57.90
C ASN A 1 -104.15 54.48 59.42
N VAL A 2 -104.43 55.59 60.09
CA VAL A 2 -104.65 55.70 61.53
C VAL A 2 -105.88 55.06 62.17
N PHE A 3 -106.87 54.64 61.39
CA PHE A 3 -107.88 53.75 61.95
C PHE A 3 -107.68 52.28 61.52
N SER A 4 -106.83 52.01 60.50
CA SER A 4 -106.56 50.63 60.03
C SER A 4 -105.70 49.59 60.77
N MET A 5 -104.61 49.91 61.47
CA MET A 5 -103.97 48.95 62.41
C MET A 5 -104.91 49.09 63.64
N PHE A 6 -104.53 49.69 64.77
CA PHE A 6 -105.47 50.27 65.75
C PHE A 6 -106.68 49.52 66.33
N ASP A 7 -106.33 48.46 67.06
CA ASP A 7 -107.30 47.60 67.71
C ASP A 7 -108.09 48.16 68.90
N GLN A 8 -109.24 47.56 69.24
CA GLN A 8 -110.08 47.99 70.35
C GLN A 8 -109.37 48.21 71.69
N THR A 9 -108.45 47.30 72.04
CA THR A 9 -107.60 47.44 73.24
C THR A 9 -106.77 48.73 73.21
N GLN A 10 -105.93 48.94 72.18
CA GLN A 10 -105.20 50.21 71.97
C GLN A 10 -106.09 51.45 72.16
N ILE A 11 -107.24 51.44 71.48
CA ILE A 11 -108.22 52.52 71.59
C ILE A 11 -108.78 52.67 73.03
N GLN A 12 -109.03 51.60 73.78
CA GLN A 12 -109.43 51.71 75.19
C GLN A 12 -108.33 52.26 76.09
N ASP A 13 -107.09 51.82 75.94
CA ASP A 13 -105.92 52.40 76.61
C ASP A 13 -105.89 53.93 76.41
N PHE A 14 -106.05 54.36 75.15
CA PHE A 14 -106.21 55.78 74.83
C PHE A 14 -107.43 56.41 75.50
N LYS A 15 -108.65 55.85 75.43
CA LYS A 15 -109.85 56.38 76.14
C LYS A 15 -109.65 56.58 77.65
N GLU A 16 -109.08 55.61 78.35
CA GLU A 16 -108.73 55.75 79.76
C GLU A 16 -107.69 56.85 79.95
N ALA A 17 -106.63 56.90 79.13
CA ALA A 17 -105.65 58.00 79.17
C ALA A 17 -106.26 59.39 79.02
N PHE A 18 -107.20 59.54 78.07
CA PHE A 18 -107.96 60.77 77.88
C PHE A 18 -108.73 61.07 79.17
N THR A 19 -109.58 60.18 79.70
CA THR A 19 -110.31 60.44 80.95
C THR A 19 -109.45 60.75 82.19
N VAL A 20 -108.18 60.31 82.24
CA VAL A 20 -107.26 60.74 83.30
C VAL A 20 -106.73 62.17 83.09
N ILE A 21 -106.48 62.58 81.83
CA ILE A 21 -106.10 63.98 81.59
C ILE A 21 -107.33 64.92 81.64
N ASP A 22 -108.52 64.44 81.25
CA ASP A 22 -109.82 65.11 81.35
C ASP A 22 -110.29 65.45 82.79
N GLN A 23 -109.61 66.32 83.54
CA GLN A 23 -109.97 66.65 84.93
C GLN A 23 -111.42 66.93 85.27
N ASN A 24 -112.03 67.76 84.43
CA ASN A 24 -113.41 68.17 84.63
C ASN A 24 -114.50 67.15 84.31
N ARG A 25 -114.18 66.03 83.65
CA ARG A 25 -115.11 65.02 83.13
C ARG A 25 -116.06 65.44 82.00
N ASP A 26 -116.11 66.73 81.66
CA ASP A 26 -116.86 67.31 80.55
C ASP A 26 -116.85 66.59 79.19
N GLY A 27 -115.69 66.10 78.76
CA GLY A 27 -115.54 65.42 77.46
C GLY A 27 -114.49 66.04 76.52
N ILE A 28 -114.04 67.23 76.90
CA ILE A 28 -113.03 67.98 76.16
C ILE A 28 -111.83 68.30 77.08
N ILE A 29 -110.61 67.90 76.74
CA ILE A 29 -109.44 68.35 77.49
C ILE A 29 -109.04 69.75 77.06
N ASP A 30 -108.73 70.62 78.03
CA ASP A 30 -108.22 71.94 77.73
C ASP A 30 -106.93 72.29 78.49
N LYS A 31 -106.52 73.56 78.50
CA LYS A 31 -105.31 74.01 79.21
C LYS A 31 -105.31 73.71 80.70
N ASP A 32 -106.45 73.91 81.33
CA ASP A 32 -106.65 73.63 82.75
C ASP A 32 -106.46 72.15 83.05
N ASP A 33 -107.14 71.27 82.30
CA ASP A 33 -106.99 69.82 82.38
C ASP A 33 -105.53 69.35 82.26
N LEU A 34 -104.79 69.86 81.29
CA LEU A 34 -103.35 69.62 81.20
C LEU A 34 -102.56 70.13 82.43
N ARG A 35 -102.72 71.40 82.86
CA ARG A 35 -102.06 71.95 84.05
C ARG A 35 -102.12 71.11 85.32
N GLU A 36 -103.30 70.75 85.83
CA GLU A 36 -103.31 69.91 87.02
C GLU A 36 -102.97 68.45 86.72
N THR A 37 -103.07 67.85 85.52
CA THR A 37 -102.51 66.50 85.34
C THR A 37 -101.00 66.53 85.50
N PHE A 38 -100.32 67.55 84.95
CA PHE A 38 -98.90 67.76 85.19
C PHE A 38 -98.58 67.93 86.68
N ALA A 39 -99.34 68.80 87.37
CA ALA A 39 -99.23 68.98 88.82
C ALA A 39 -99.44 67.68 89.63
N ALA A 40 -100.46 66.88 89.34
CA ALA A 40 -100.70 65.58 89.96
C ALA A 40 -99.54 64.59 89.76
N MET A 41 -98.91 64.63 88.59
CA MET A 41 -97.69 63.85 88.34
C MET A 41 -96.39 64.43 88.93
N GLY A 42 -96.46 65.54 89.66
CA GLY A 42 -95.29 66.16 90.28
C GLY A 42 -94.71 67.38 89.54
N ARG A 43 -95.14 67.66 88.31
CA ARG A 43 -94.60 68.79 87.55
C ARG A 43 -95.27 70.14 87.81
N LEU A 44 -94.65 70.97 88.64
CA LEU A 44 -95.21 72.28 88.94
C LEU A 44 -94.71 73.46 88.09
N ASN A 45 -93.55 73.30 87.44
CA ASN A 45 -92.90 74.36 86.67
C ASN A 45 -93.41 74.65 85.25
N VAL A 46 -94.64 74.27 84.95
CA VAL A 46 -95.19 74.37 83.59
C VAL A 46 -95.52 75.79 83.11
N LYS A 47 -94.93 76.20 81.99
CA LYS A 47 -95.17 77.52 81.43
C LYS A 47 -96.25 77.51 80.34
N ASN A 48 -97.13 78.52 80.28
CA ASN A 48 -98.19 78.57 79.26
C ASN A 48 -97.79 78.21 77.82
N GLU A 49 -96.66 78.69 77.30
CA GLU A 49 -96.16 78.32 75.97
C GLU A 49 -96.07 76.82 75.67
N GLU A 50 -95.74 76.01 76.68
CA GLU A 50 -95.68 74.56 76.57
C GLU A 50 -97.10 73.98 76.49
N LEU A 51 -98.02 74.42 77.36
CA LEU A 51 -99.44 74.02 77.34
C LEU A 51 -100.14 74.37 76.02
N ASP A 52 -99.92 75.62 75.59
CA ASP A 52 -100.36 76.14 74.32
C ASP A 52 -99.77 75.36 73.14
N ALA A 53 -98.46 75.06 73.12
CA ALA A 53 -97.85 74.24 72.08
C ALA A 53 -98.55 72.89 71.89
N MET A 54 -98.84 72.22 73.01
CA MET A 54 -99.64 70.99 73.02
C MET A 54 -100.97 71.15 72.29
N ILE A 55 -101.81 72.08 72.77
CA ILE A 55 -103.12 72.34 72.18
C ILE A 55 -103.09 72.76 70.70
N LYS A 56 -102.17 73.65 70.32
CA LYS A 56 -101.99 74.10 68.92
C LYS A 56 -101.90 73.03 67.83
N GLU A 57 -101.51 71.81 68.19
CA GLU A 57 -101.48 70.70 67.25
C GLU A 57 -102.84 70.32 66.66
N ALA A 58 -103.94 70.64 67.35
CA ALA A 58 -105.29 70.37 66.85
C ALA A 58 -106.05 71.60 66.34
N SER A 59 -106.90 71.45 65.33
CA SER A 59 -107.68 72.57 64.79
C SER A 59 -108.91 72.99 65.57
N GLY A 60 -109.44 72.08 66.39
CA GLY A 60 -110.65 72.36 67.18
C GLY A 60 -110.54 72.04 68.66
N PRO A 61 -111.68 71.94 69.38
CA PRO A 61 -111.69 71.38 70.74
C PRO A 61 -111.07 69.98 70.82
N ILE A 62 -110.25 69.63 71.80
CA ILE A 62 -109.52 68.37 71.68
C ILE A 62 -110.29 67.04 71.84
N ASN A 63 -111.62 67.04 72.03
CA ASN A 63 -112.53 65.86 72.04
C ASN A 63 -112.07 64.45 71.67
N PHE A 64 -112.39 63.38 72.41
CA PHE A 64 -111.99 61.99 72.11
C PHE A 64 -111.52 61.59 70.69
N THR A 65 -112.33 61.91 69.69
CA THR A 65 -112.00 61.72 68.27
C THR A 65 -110.84 62.58 67.78
N VAL A 66 -110.82 63.89 68.06
CA VAL A 66 -109.72 64.78 67.68
C VAL A 66 -108.42 64.29 68.33
N PHE A 67 -108.44 63.88 69.61
CA PHE A 67 -107.31 63.20 70.23
C PHE A 67 -106.86 61.96 69.45
N LEU A 68 -107.72 60.93 69.37
CA LEU A 68 -107.44 59.68 68.67
C LEU A 68 -106.89 59.86 67.26
N THR A 69 -107.45 60.79 66.47
CA THR A 69 -106.91 61.11 65.15
C THR A 69 -105.53 61.74 65.28
N MET A 70 -105.29 62.78 66.10
CA MET A 70 -103.95 63.35 66.29
C MET A 70 -102.86 62.39 66.76
N PHE A 71 -103.19 61.45 67.65
CA PHE A 71 -102.23 60.47 68.14
C PHE A 71 -102.00 59.30 67.21
N GLY A 72 -103.06 58.91 66.51
CA GLY A 72 -102.91 57.94 65.44
C GLY A 72 -101.99 58.52 64.38
N GLU A 73 -102.27 59.72 63.84
CA GLU A 73 -101.45 60.37 62.82
C GLU A 73 -99.94 60.42 63.01
N LYS A 74 -99.48 60.43 64.26
CA LYS A 74 -98.05 60.37 64.56
C LYS A 74 -97.47 58.94 64.59
N LEU A 75 -98.34 57.98 64.86
CA LEU A 75 -97.99 56.56 64.88
C LEU A 75 -98.45 55.79 63.63
N LYS A 76 -98.58 56.45 62.46
CA LYS A 76 -98.98 55.83 61.19
C LYS A 76 -98.31 54.52 60.73
N GLY A 77 -97.17 54.23 61.33
CA GLY A 77 -96.43 52.99 61.11
C GLY A 77 -96.03 52.34 62.43
N ALA A 78 -96.97 52.25 63.37
CA ALA A 78 -96.73 51.61 64.66
C ALA A 78 -97.74 50.55 65.10
N ASP A 79 -97.22 49.35 65.32
CA ASP A 79 -98.02 48.22 65.77
C ASP A 79 -98.11 48.05 67.30
N PRO A 80 -99.01 47.21 67.82
CA PRO A 80 -98.91 46.75 69.21
C PRO A 80 -97.75 45.79 69.50
N GLU A 81 -97.15 45.80 70.70
CA GLU A 81 -95.99 44.95 71.03
C GLU A 81 -95.90 43.51 70.59
N ASP A 82 -96.91 42.66 70.81
CA ASP A 82 -96.90 41.29 70.31
C ASP A 82 -96.65 41.11 68.80
N VAL A 83 -97.25 42.00 68.00
CA VAL A 83 -97.10 42.01 66.54
C VAL A 83 -95.63 42.31 66.17
N ILE A 84 -95.05 43.31 66.83
CA ILE A 84 -93.64 43.68 66.64
C ILE A 84 -92.71 42.51 67.01
N MET A 85 -92.97 41.89 68.17
CA MET A 85 -92.27 40.68 68.61
C MET A 85 -92.36 39.55 67.57
N GLY A 86 -93.46 39.35 66.87
CA GLY A 86 -93.59 38.35 65.79
C GLY A 86 -92.53 38.51 64.68
N ALA A 87 -92.32 39.74 64.23
CA ALA A 87 -91.28 40.05 63.25
C ALA A 87 -89.88 39.61 63.70
N PHE A 88 -89.55 39.91 64.94
CA PHE A 88 -88.31 39.42 65.56
C PHE A 88 -88.32 37.90 65.69
N LYS A 89 -89.36 37.24 66.22
CA LYS A 89 -89.48 35.78 66.27
C LYS A 89 -89.31 35.04 64.92
N VAL A 90 -89.66 35.70 63.80
CA VAL A 90 -89.40 35.20 62.45
C VAL A 90 -87.89 35.29 62.12
N LEU A 91 -87.26 36.41 62.51
CA LEU A 91 -85.82 36.58 62.37
C LEU A 91 -84.99 35.69 63.32
N ASP A 92 -85.58 35.35 64.46
CA ASP A 92 -85.04 34.42 65.45
C ASP A 92 -85.10 32.95 65.00
N PRO A 93 -85.59 32.53 63.82
CA PRO A 93 -86.58 31.43 63.70
C PRO A 93 -86.42 30.15 64.54
N ASP A 94 -85.17 29.85 64.85
CA ASP A 94 -84.69 28.81 65.76
C ASP A 94 -85.25 28.97 67.19
N GLY A 95 -85.52 30.19 67.64
CA GLY A 95 -86.15 30.45 68.94
C GLY A 95 -85.34 31.15 70.05
N LYS A 96 -86.04 31.42 71.15
CA LYS A 96 -85.57 32.07 72.39
C LYS A 96 -84.47 33.13 72.59
N GLY A 97 -83.26 33.01 72.06
CA GLY A 97 -82.19 33.98 72.26
C GLY A 97 -82.10 34.95 71.09
N SER A 98 -82.24 36.25 71.29
CA SER A 98 -82.34 37.10 70.12
C SER A 98 -81.07 37.50 69.36
N ILE A 99 -81.27 38.01 68.16
CA ILE A 99 -80.24 38.21 67.11
C ILE A 99 -79.00 39.10 67.30
N LYS A 100 -78.04 38.96 66.39
CA LYS A 100 -76.79 39.73 66.41
C LYS A 100 -76.66 40.97 65.52
N LYS A 101 -75.97 41.98 66.05
CA LYS A 101 -75.59 43.15 65.26
C LYS A 101 -74.47 42.86 64.26
N SER A 102 -75.01 42.85 63.04
CA SER A 102 -74.41 42.62 61.71
C SER A 102 -75.52 42.02 60.89
N PHE A 103 -76.09 40.92 61.39
CA PHE A 103 -77.21 40.19 60.78
C PHE A 103 -78.40 41.11 60.47
N LEU A 104 -78.86 41.88 61.45
CA LEU A 104 -79.88 42.89 61.13
C LEU A 104 -79.38 44.18 60.50
N GLU A 105 -78.14 44.62 60.72
CA GLU A 105 -77.57 45.83 60.07
C GLU A 105 -77.71 45.69 58.56
N GLU A 106 -77.21 44.55 58.08
CA GLU A 106 -77.35 44.14 56.70
C GLU A 106 -78.82 44.00 56.30
N LEU A 107 -79.67 43.20 56.94
CA LEU A 107 -81.07 43.10 56.55
C LEU A 107 -81.94 44.37 56.56
N LEU A 108 -81.63 45.40 57.33
CA LEU A 108 -82.31 46.69 57.23
C LEU A 108 -81.80 47.52 56.05
N THR A 109 -80.50 47.44 55.73
CA THR A 109 -79.96 48.11 54.55
C THR A 109 -80.16 47.43 53.20
N THR A 110 -80.17 46.09 53.19
CA THR A 110 -80.16 45.35 51.92
C THR A 110 -81.41 45.31 51.05
N GLN A 111 -82.30 44.31 51.06
CA GLN A 111 -83.52 44.31 50.23
C GLN A 111 -84.34 45.61 50.43
N CYS A 112 -84.93 46.16 49.36
CA CYS A 112 -85.54 47.51 49.27
C CYS A 112 -84.50 48.59 48.96
N ASP A 113 -84.78 49.87 49.14
CA ASP A 113 -83.84 50.96 48.87
C ASP A 113 -82.92 51.34 50.03
N ARG A 114 -83.52 51.42 51.23
CA ARG A 114 -82.81 51.90 52.40
C ARG A 114 -83.48 52.02 53.77
N PHE A 115 -82.89 51.35 54.75
CA PHE A 115 -83.03 51.91 56.07
C PHE A 115 -81.62 52.46 56.26
N THR A 116 -81.55 53.79 56.11
CA THR A 116 -80.26 54.47 55.96
C THR A 116 -79.21 54.27 57.04
N PRO A 117 -77.92 54.24 56.69
CA PRO A 117 -76.85 54.26 57.69
C PRO A 117 -76.73 55.43 58.66
N GLU A 118 -77.62 56.43 58.57
CA GLU A 118 -77.76 57.48 59.57
C GLU A 118 -78.78 56.91 60.57
N GLU A 119 -79.97 56.51 60.08
CA GLU A 119 -81.02 55.84 60.86
C GLU A 119 -80.49 54.66 61.69
N ILE A 120 -79.74 53.73 61.10
CA ILE A 120 -79.16 52.58 61.81
C ILE A 120 -78.18 52.94 62.95
N LYS A 121 -77.27 53.92 62.83
CA LYS A 121 -76.42 54.31 63.96
C LYS A 121 -77.23 54.91 65.11
N ASN A 122 -78.24 55.73 64.78
CA ASN A 122 -79.20 56.24 65.76
C ASN A 122 -79.92 55.08 66.47
N MET A 123 -80.32 54.06 65.70
CA MET A 123 -80.84 52.80 66.24
C MET A 123 -79.87 52.18 67.25
N TRP A 124 -78.61 51.85 66.96
CA TRP A 124 -77.68 51.31 67.97
C TRP A 124 -77.45 52.15 69.25
N ALA A 125 -77.57 53.47 69.11
CA ALA A 125 -77.54 54.38 70.25
C ALA A 125 -78.83 54.52 71.08
N ALA A 126 -80.00 54.52 70.43
CA ALA A 126 -81.33 54.63 71.07
C ALA A 126 -82.06 53.32 71.44
N PHE A 127 -81.50 52.30 70.82
CA PHE A 127 -81.68 50.88 71.11
C PHE A 127 -80.20 50.47 71.24
N PRO A 128 -79.53 50.96 72.30
CA PRO A 128 -78.58 50.24 73.11
C PRO A 128 -77.38 49.28 73.08
N PRO A 129 -76.78 49.28 74.28
CA PRO A 129 -76.78 48.09 75.15
C PRO A 129 -77.66 46.90 74.73
N ASP A 130 -79.00 46.94 74.74
CA ASP A 130 -79.84 45.88 74.20
C ASP A 130 -79.34 45.34 72.84
N VAL A 131 -79.24 46.21 71.84
CA VAL A 131 -78.73 45.91 70.52
C VAL A 131 -77.27 45.41 70.50
N ALA A 132 -76.48 45.67 71.53
CA ALA A 132 -75.15 45.11 71.65
C ALA A 132 -75.08 43.71 72.26
N GLY A 133 -75.83 43.51 73.35
CA GLY A 133 -75.85 42.25 74.08
C GLY A 133 -76.54 41.06 73.44
N ASN A 134 -77.86 41.12 73.34
CA ASN A 134 -78.66 40.05 72.74
C ASN A 134 -79.44 40.63 71.55
N VAL A 135 -79.03 41.84 71.07
CA VAL A 135 -79.87 42.79 70.31
C VAL A 135 -81.29 42.60 70.86
N ASP A 136 -81.33 42.77 72.19
CA ASP A 136 -82.48 42.47 73.02
C ASP A 136 -83.86 42.84 72.49
N TYR A 137 -84.37 42.08 71.51
CA TYR A 137 -85.60 42.42 70.81
C TYR A 137 -86.85 42.50 71.68
N LYS A 138 -86.84 41.66 72.71
CA LYS A 138 -87.86 41.70 73.75
C LYS A 138 -87.86 43.10 74.37
N ASN A 139 -86.69 43.54 74.83
CA ASN A 139 -86.49 44.89 75.39
C ASN A 139 -86.83 46.00 74.38
N ILE A 140 -86.30 45.92 73.15
CA ILE A 140 -86.63 46.82 72.02
C ILE A 140 -88.15 47.05 71.89
N CYS A 141 -88.94 45.97 71.80
CA CYS A 141 -90.39 46.04 71.77
C CYS A 141 -91.01 46.73 72.99
N TYR A 142 -90.61 46.37 74.20
CA TYR A 142 -91.12 47.05 75.40
C TYR A 142 -90.79 48.53 75.48
N VAL A 143 -89.62 48.99 75.02
CA VAL A 143 -89.30 50.42 74.98
C VAL A 143 -90.07 51.21 73.93
N ILE A 144 -90.34 50.62 72.76
CA ILE A 144 -91.16 51.33 71.79
C ILE A 144 -92.63 51.41 72.17
N THR A 145 -93.23 50.35 72.71
CA THR A 145 -94.62 50.43 73.18
C THR A 145 -94.79 51.10 74.55
N HIS A 146 -93.84 50.88 75.47
CA HIS A 146 -93.91 51.43 76.83
C HIS A 146 -92.95 52.53 77.28
N GLY A 147 -92.34 53.34 76.41
CA GLY A 147 -91.47 54.44 76.85
C GLY A 147 -89.97 54.13 76.88
N GLU A 148 -89.12 55.15 76.90
CA GLU A 148 -87.67 54.98 76.81
C GLU A 148 -86.84 54.55 78.03
N ASP A 149 -87.24 54.99 79.22
CA ASP A 149 -86.57 54.67 80.49
C ASP A 149 -86.75 53.22 80.96
N LYS A 150 -87.98 52.75 80.80
CA LYS A 150 -88.42 51.39 81.15
C LYS A 150 -87.75 50.19 80.49
N ASP B 1 -85.77 38.21 25.33
CA ASP B 1 -86.33 37.36 26.41
C ASP B 1 -87.81 37.52 26.86
N GLU B 2 -88.38 36.61 27.72
CA GLU B 2 -89.69 36.76 28.40
C GLU B 2 -90.33 35.80 29.46
N ILE B 3 -91.13 36.43 30.36
CA ILE B 3 -91.97 35.99 31.51
C ILE B 3 -92.07 37.22 32.48
N ASN B 4 -92.93 37.35 33.53
CA ASN B 4 -92.90 38.52 34.42
C ASN B 4 -92.25 38.36 35.80
N ASP B 5 -92.74 37.50 36.72
CA ASP B 5 -92.18 37.17 38.05
C ASP B 5 -90.66 37.33 38.30
N PHE B 6 -89.82 36.88 37.37
CA PHE B 6 -88.36 37.02 37.48
C PHE B 6 -87.89 38.47 37.66
N LYS B 7 -88.58 39.42 37.05
CA LYS B 7 -88.31 40.85 37.22
C LYS B 7 -88.63 41.30 38.65
N GLU B 8 -89.74 40.80 39.20
CA GLU B 8 -90.12 41.06 40.60
C GLU B 8 -89.05 40.51 41.56
N ALA B 9 -88.61 39.27 41.30
CA ALA B 9 -87.52 38.65 42.06
C ALA B 9 -86.17 39.36 41.99
N PHE B 10 -85.80 39.99 40.86
CA PHE B 10 -84.56 40.78 40.78
C PHE B 10 -84.46 41.88 41.86
N LEU B 11 -85.50 42.71 42.03
CA LEU B 11 -85.53 43.73 43.09
C LEU B 11 -85.37 43.20 44.53
N LEU B 12 -85.77 41.95 44.75
CA LEU B 12 -85.62 41.31 46.05
C LEU B 12 -84.16 41.02 46.42
N PHE B 13 -83.26 41.07 45.44
CA PHE B 13 -81.83 40.84 45.64
C PHE B 13 -80.94 42.02 45.24
N ASP B 14 -81.55 43.21 45.10
CA ASP B 14 -80.86 44.47 44.82
C ASP B 14 -79.84 44.94 45.86
N ARG B 15 -80.31 44.95 47.10
CA ARG B 15 -79.52 45.28 48.28
C ARG B 15 -78.71 46.60 48.33
N THR B 16 -79.41 47.61 47.84
CA THR B 16 -78.94 48.99 47.62
C THR B 16 -80.15 49.87 47.27
N GLY B 17 -81.05 49.26 46.48
CA GLY B 17 -82.29 49.89 46.01
C GLY B 17 -82.29 50.43 44.58
N ASP B 18 -81.14 50.30 43.92
CA ASP B 18 -80.88 50.79 42.57
C ASP B 18 -81.42 49.98 41.38
N ALA B 19 -81.92 48.76 41.60
CA ALA B 19 -82.33 47.81 40.56
C ALA B 19 -81.23 47.35 39.58
N LYS B 20 -79.99 47.54 40.04
CA LYS B 20 -78.78 47.14 39.31
C LYS B 20 -77.90 46.16 40.08
N ILE B 21 -78.07 44.88 39.84
CA ILE B 21 -77.36 43.85 40.62
C ILE B 21 -75.94 43.58 40.10
N THR B 22 -75.00 43.11 40.90
CA THR B 22 -73.61 42.88 40.47
C THR B 22 -73.27 41.60 39.68
N LEU B 23 -72.27 41.67 38.81
CA LEU B 23 -71.75 40.52 38.04
C LEU B 23 -71.38 39.27 38.84
N SER B 24 -71.05 39.43 40.12
CA SER B 24 -70.83 38.30 41.01
C SER B 24 -72.17 37.70 41.48
N GLN B 25 -73.12 38.52 41.95
CA GLN B 25 -74.46 38.04 42.34
C GLN B 25 -75.25 37.36 41.21
N VAL B 26 -74.85 37.69 39.99
CA VAL B 26 -75.26 37.04 38.74
C VAL B 26 -75.34 35.50 38.79
N GLY B 27 -74.22 34.90 39.21
CA GLY B 27 -74.07 33.46 39.34
C GLY B 27 -74.99 32.81 40.36
N ASP B 28 -75.36 33.57 41.40
CA ASP B 28 -76.28 33.09 42.43
C ASP B 28 -77.76 33.26 42.07
N ILE B 29 -78.20 34.43 41.56
CA ILE B 29 -79.59 34.64 41.15
C ILE B 29 -80.07 33.62 40.11
N VAL B 30 -79.20 33.27 39.16
CA VAL B 30 -79.48 32.22 38.19
C VAL B 30 -79.84 30.84 38.76
N ARG B 31 -79.30 30.53 39.94
CA ARG B 31 -79.52 29.25 40.63
C ARG B 31 -80.91 28.99 41.19
N ALA B 32 -81.57 30.03 41.71
CA ALA B 32 -82.95 29.87 42.15
C ALA B 32 -84.01 30.09 41.09
N LEU B 33 -83.70 30.82 40.02
CA LEU B 33 -84.65 30.97 38.92
C LEU B 33 -84.76 29.73 38.01
N GLY B 34 -85.45 28.78 38.63
CA GLY B 34 -85.76 27.48 38.07
C GLY B 34 -84.67 26.40 38.10
N GLN B 35 -83.59 26.58 37.37
CA GLN B 35 -82.67 25.46 37.16
C GLN B 35 -81.17 25.71 37.28
N ASN B 36 -80.44 24.68 37.72
CA ASN B 36 -78.99 24.70 37.99
C ASN B 36 -78.02 25.25 36.91
N PRO B 37 -76.97 25.98 37.31
CA PRO B 37 -75.79 26.17 36.45
C PRO B 37 -74.44 25.93 37.14
N THR B 38 -73.41 25.30 36.54
CA THR B 38 -72.14 25.11 37.26
C THR B 38 -71.21 26.34 37.25
N ASN B 39 -70.33 26.46 38.25
CA ASN B 39 -69.34 27.52 38.24
C ASN B 39 -68.09 26.96 37.55
N ALA B 40 -67.93 27.55 36.38
CA ALA B 40 -67.01 27.17 35.31
C ALA B 40 -67.87 27.52 34.11
N GLU B 41 -69.11 27.02 33.99
CA GLU B 41 -70.01 27.46 32.92
C GLU B 41 -70.41 28.92 32.98
N ILE B 42 -70.82 29.39 34.17
CA ILE B 42 -71.10 30.82 34.39
C ILE B 42 -69.81 31.63 34.11
N ASN B 43 -68.69 31.17 34.70
CA ASN B 43 -67.37 31.75 34.47
C ASN B 43 -66.97 31.78 32.98
N LYS B 44 -67.38 30.82 32.14
CA LYS B 44 -67.08 30.80 30.71
C LYS B 44 -67.63 31.97 29.88
N ILE B 45 -68.95 32.00 29.68
CA ILE B 45 -69.49 33.05 28.84
C ILE B 45 -70.27 34.15 29.50
N LEU B 46 -69.71 35.28 29.07
CA LEU B 46 -69.95 36.63 29.55
C LEU B 46 -69.34 36.82 30.94
N GLY B 47 -69.37 35.83 31.84
CA GLY B 47 -68.60 35.85 33.10
C GLY B 47 -67.09 36.15 32.95
N ASN B 48 -66.35 35.37 32.15
CA ASN B 48 -64.93 35.65 31.88
C ASN B 48 -64.53 37.06 31.40
N PRO B 49 -65.33 37.78 30.61
CA PRO B 49 -65.01 39.20 30.42
C PRO B 49 -65.49 40.22 31.46
N SER B 50 -64.69 40.57 32.47
CA SER B 50 -65.10 41.53 33.52
C SER B 50 -65.80 42.81 33.09
N LYS B 51 -65.21 43.68 32.24
CA LYS B 51 -65.89 44.86 31.73
C LYS B 51 -67.16 44.53 30.94
N GLU B 52 -67.12 43.60 29.99
CA GLU B 52 -68.34 43.20 29.28
C GLU B 52 -69.40 42.64 30.22
N GLU B 53 -69.22 41.64 31.09
CA GLU B 53 -70.26 41.19 32.03
C GLU B 53 -70.70 42.30 32.99
N MET B 54 -69.81 43.18 33.43
CA MET B 54 -70.23 44.35 34.19
C MET B 54 -71.12 45.33 33.40
N ASN B 55 -70.93 45.36 32.09
CA ASN B 55 -71.78 46.07 31.15
C ASN B 55 -72.74 45.14 30.36
N ALA B 56 -72.85 43.88 30.84
CA ALA B 56 -73.74 42.84 30.32
C ALA B 56 -74.43 41.92 31.36
N LYS B 57 -74.50 42.36 32.63
CA LYS B 57 -75.29 41.78 33.73
C LYS B 57 -75.08 42.46 35.07
N LYS B 58 -73.97 43.18 35.34
CA LYS B 58 -73.84 44.04 36.52
C LYS B 58 -74.59 45.36 36.24
N ILE B 59 -75.87 45.08 36.17
CA ILE B 59 -76.76 45.96 35.44
C ILE B 59 -78.22 45.82 35.83
N THR B 60 -79.01 46.40 34.95
CA THR B 60 -80.46 46.31 34.93
C THR B 60 -80.93 44.97 34.38
N PHE B 61 -82.24 44.79 34.32
CA PHE B 61 -82.86 43.54 33.92
C PHE B 61 -82.52 43.07 32.49
N GLU B 62 -82.14 44.05 31.68
CA GLU B 62 -81.80 43.91 30.26
C GLU B 62 -80.78 42.88 29.83
N GLU B 63 -79.85 42.60 30.73
CA GLU B 63 -78.83 41.61 30.49
C GLU B 63 -78.93 40.43 31.46
N PHE B 64 -79.60 40.65 32.61
CA PHE B 64 -79.96 39.54 33.49
C PHE B 64 -80.74 38.45 32.79
N LEU B 65 -81.85 38.87 32.20
CA LEU B 65 -82.78 38.01 31.49
C LEU B 65 -82.19 37.25 30.30
N PRO B 66 -81.54 37.88 29.28
CA PRO B 66 -80.71 37.09 28.35
C PRO B 66 -79.64 36.14 28.92
N MET B 67 -78.81 36.49 29.92
CA MET B 67 -77.89 35.50 30.52
C MET B 67 -78.60 34.27 31.10
N LEU B 68 -79.68 34.55 31.85
CA LEU B 68 -80.51 33.50 32.44
C LEU B 68 -81.11 32.54 31.41
N GLN B 69 -81.61 33.08 30.31
CA GLN B 69 -82.07 32.25 29.19
C GLN B 69 -80.95 31.41 28.58
N ALA B 70 -79.76 31.99 28.36
CA ALA B 70 -78.60 31.22 27.91
C ALA B 70 -78.32 29.98 28.75
N ALA B 71 -78.36 30.14 30.08
CA ALA B 71 -78.29 28.98 30.99
C ALA B 71 -79.48 28.04 30.78
N ALA B 72 -80.73 28.55 30.68
CA ALA B 72 -81.93 27.74 30.41
C ALA B 72 -81.84 26.67 29.32
N ASN B 73 -81.10 26.98 28.26
CA ASN B 73 -80.82 26.04 27.18
C ASN B 73 -80.02 24.76 27.54
N ASN B 74 -78.99 24.84 28.38
CA ASN B 74 -78.20 23.64 28.73
C ASN B 74 -78.76 22.76 29.84
N LYS B 75 -79.79 23.27 30.51
CA LYS B 75 -80.33 22.62 31.70
C LYS B 75 -80.99 21.23 31.63
N ASP B 76 -81.11 20.62 30.43
CA ASP B 76 -81.52 19.22 30.24
C ASP B 76 -80.76 18.23 31.14
N GLN B 77 -79.50 18.58 31.48
CA GLN B 77 -78.67 17.85 32.44
C GLN B 77 -79.28 17.70 33.86
N GLY B 78 -80.45 18.29 34.11
CA GLY B 78 -81.23 18.09 35.32
C GLY B 78 -81.67 16.64 35.53
N THR B 79 -81.54 15.79 34.51
CA THR B 79 -81.80 14.34 34.58
C THR B 79 -81.25 13.65 35.82
N PHE B 80 -82.10 13.06 36.65
CA PHE B 80 -81.65 12.45 37.90
C PHE B 80 -80.96 11.10 37.78
N GLU B 81 -81.19 10.38 36.67
CA GLU B 81 -80.68 9.03 36.44
C GLU B 81 -79.25 8.75 36.93
N ASP B 82 -78.26 9.42 36.33
CA ASP B 82 -76.86 9.32 36.74
C ASP B 82 -76.56 9.74 38.21
N PHE B 83 -77.41 10.57 38.81
CA PHE B 83 -77.09 11.20 40.09
C PHE B 83 -77.53 10.61 41.42
N VAL B 84 -78.05 9.39 41.37
CA VAL B 84 -78.24 8.56 42.56
C VAL B 84 -77.15 7.47 42.41
N GLU B 85 -77.01 6.99 41.17
CA GLU B 85 -76.00 6.01 40.78
C GLU B 85 -74.54 6.39 41.06
N GLY B 86 -74.14 7.61 40.67
CA GLY B 86 -72.81 8.14 40.94
C GLY B 86 -72.45 8.15 42.42
N LEU B 87 -73.46 8.47 43.22
CA LEU B 87 -73.32 8.40 44.66
C LEU B 87 -73.10 6.96 45.09
N ARG B 88 -73.95 5.95 44.83
CA ARG B 88 -73.66 4.54 45.16
C ARG B 88 -72.25 4.04 44.83
N VAL B 89 -71.55 4.62 43.85
CA VAL B 89 -70.16 4.27 43.54
C VAL B 89 -69.14 4.59 44.63
N PHE B 90 -69.37 5.60 45.48
CA PHE B 90 -68.44 5.90 46.56
C PHE B 90 -68.54 4.86 47.70
N ASP B 91 -69.69 4.63 48.33
CA ASP B 91 -69.79 3.66 49.43
C ASP B 91 -70.70 2.40 49.28
N LYS B 92 -70.69 1.67 48.15
CA LYS B 92 -71.49 0.45 47.92
C LYS B 92 -71.34 -0.85 48.75
N GLU B 93 -72.06 -1.01 49.87
CA GLU B 93 -71.99 -2.22 50.70
C GLU B 93 -73.38 -2.74 51.13
N GLY B 94 -74.25 -2.95 50.15
CA GLY B 94 -75.63 -3.38 50.40
C GLY B 94 -76.66 -2.36 49.92
N ASN B 95 -77.30 -1.62 50.83
CA ASN B 95 -78.24 -0.56 50.44
C ASN B 95 -77.56 0.73 49.94
N GLY B 96 -78.22 1.86 49.70
CA GLY B 96 -77.52 3.10 49.36
C GLY B 96 -76.72 3.70 50.53
N THR B 97 -75.71 2.98 51.00
CA THR B 97 -74.88 3.31 52.14
C THR B 97 -73.79 4.32 51.83
N VAL B 98 -73.65 5.37 52.63
CA VAL B 98 -72.56 6.36 52.52
C VAL B 98 -71.86 6.52 53.87
N MET B 99 -70.68 7.11 53.97
CA MET B 99 -70.14 7.54 55.24
C MET B 99 -70.02 9.06 55.24
N GLY B 100 -70.43 9.72 56.34
CA GLY B 100 -70.36 11.17 56.47
C GLY B 100 -69.05 11.80 55.96
N ALA B 101 -67.95 11.31 56.50
CA ALA B 101 -66.61 11.73 56.12
C ALA B 101 -66.26 11.75 54.63
N GLU B 102 -66.66 10.72 53.90
CA GLU B 102 -66.41 10.63 52.47
C GLU B 102 -67.18 11.68 51.69
N LEU B 103 -68.52 11.81 51.79
CA LEU B 103 -69.22 12.92 51.11
C LEU B 103 -68.75 14.30 51.56
N ARG B 104 -68.57 14.55 52.86
CA ARG B 104 -68.05 15.83 53.38
C ARG B 104 -66.74 16.29 52.76
N HIS B 105 -65.69 15.45 52.73
CA HIS B 105 -64.44 15.87 52.09
C HIS B 105 -64.55 15.88 50.57
N VAL B 106 -65.09 14.85 49.92
CA VAL B 106 -65.23 14.82 48.47
C VAL B 106 -65.97 16.05 47.89
N LEU B 107 -67.00 16.54 48.59
CA LEU B 107 -67.70 17.74 48.17
C LEU B 107 -67.20 19.06 48.77
N ALA B 108 -65.97 19.09 49.28
CA ALA B 108 -65.32 20.31 49.76
C ALA B 108 -63.96 20.51 49.08
N THR B 109 -63.24 19.39 48.90
CA THR B 109 -61.92 19.36 48.27
C THR B 109 -61.86 19.11 46.76
N LEU B 110 -62.85 18.47 46.14
CA LEU B 110 -62.75 18.11 44.73
C LEU B 110 -63.52 18.91 43.67
N GLY B 111 -63.03 18.90 42.43
CA GLY B 111 -63.66 19.59 41.29
C GLY B 111 -63.94 21.09 41.48
N GLU B 112 -65.19 21.40 41.78
CA GLU B 112 -65.63 22.77 42.00
C GLU B 112 -65.55 23.27 43.44
N LYS B 113 -65.11 22.44 44.41
CA LYS B 113 -65.06 22.74 45.86
C LYS B 113 -66.46 22.94 46.46
N MET B 114 -66.61 23.34 47.71
CA MET B 114 -67.84 23.83 48.35
C MET B 114 -67.35 24.24 49.73
N THR B 115 -67.76 25.34 50.35
CA THR B 115 -67.22 25.66 51.67
C THR B 115 -67.69 24.67 52.72
N GLU B 116 -66.86 24.39 53.72
CA GLU B 116 -67.23 23.48 54.80
C GLU B 116 -68.58 23.85 55.41
N GLU B 117 -68.80 25.15 55.63
CA GLU B 117 -70.09 25.74 56.04
C GLU B 117 -71.27 25.27 55.16
N GLU B 118 -71.19 25.48 53.83
CA GLU B 118 -72.21 25.01 52.89
C GLU B 118 -72.42 23.49 52.91
N VAL B 119 -71.36 22.68 52.98
CA VAL B 119 -71.48 21.22 53.10
C VAL B 119 -72.17 20.81 54.42
N GLU B 120 -71.77 21.35 55.57
CA GLU B 120 -72.43 21.13 56.87
C GLU B 120 -73.93 21.46 56.78
N GLU B 121 -74.24 22.55 56.08
CA GLU B 121 -75.61 22.91 55.71
C GLU B 121 -76.36 22.03 54.72
N LEU B 122 -75.68 21.25 53.88
CA LEU B 122 -76.34 20.23 53.07
C LEU B 122 -76.67 19.01 53.93
N MET B 123 -75.79 18.71 54.86
CA MET B 123 -75.99 17.64 55.85
C MET B 123 -76.95 18.01 57.00
N LYS B 124 -77.98 18.82 56.74
CA LYS B 124 -78.96 19.28 57.74
C LYS B 124 -79.82 18.21 58.43
N GLY B 125 -79.26 17.44 59.36
CA GLY B 125 -80.00 16.39 60.07
C GLY B 125 -80.51 15.25 59.17
N GLN B 126 -79.67 14.89 58.19
CA GLN B 126 -79.96 13.76 57.30
C GLN B 126 -78.97 12.60 57.47
N GLU B 127 -77.97 12.88 58.32
CA GLU B 127 -76.91 11.97 58.72
C GLU B 127 -76.80 11.82 60.24
N ASP B 128 -77.82 11.24 60.83
CA ASP B 128 -77.82 10.98 62.26
C ASP B 128 -76.71 10.09 62.80
N SER B 129 -76.62 9.97 64.12
CA SER B 129 -75.60 9.17 64.85
C SER B 129 -74.95 7.90 64.29
N ASN B 130 -75.60 7.25 63.32
CA ASN B 130 -75.13 6.01 62.70
C ASN B 130 -73.85 6.09 61.86
N GLY B 131 -73.33 7.28 61.50
CA GLY B 131 -72.10 7.41 60.71
C GLY B 131 -72.34 7.28 59.20
N CYS B 132 -73.13 6.26 58.88
CA CYS B 132 -73.62 6.02 57.53
C CYS B 132 -74.83 6.86 57.14
N ILE B 133 -74.74 7.38 55.94
CA ILE B 133 -75.79 8.19 55.36
C ILE B 133 -76.59 7.40 54.30
N ASN B 134 -77.88 7.63 54.05
CA ASN B 134 -78.63 6.87 53.02
C ASN B 134 -78.83 7.55 51.65
N TYR B 135 -77.88 7.39 50.72
CA TYR B 135 -77.86 8.01 49.38
C TYR B 135 -79.16 8.42 48.66
N GLU B 136 -80.01 7.41 48.49
CA GLU B 136 -81.29 7.53 47.79
C GLU B 136 -82.21 8.62 48.32
N ALA B 137 -82.19 8.82 49.63
CA ALA B 137 -82.97 9.87 50.26
C ALA B 137 -82.35 11.25 50.05
N PHE B 138 -81.02 11.36 49.98
CA PHE B 138 -80.39 12.67 49.79
C PHE B 138 -80.66 13.23 48.42
N VAL B 139 -80.48 12.48 47.35
CA VAL B 139 -80.79 12.98 46.01
C VAL B 139 -82.25 13.48 45.97
N LYS B 140 -83.21 12.77 46.56
CA LYS B 140 -84.58 13.27 46.70
C LYS B 140 -84.66 14.59 47.50
N HIS B 141 -84.10 14.71 48.71
CA HIS B 141 -84.11 15.98 49.48
C HIS B 141 -83.31 17.16 48.92
N ILE B 142 -82.30 16.82 48.13
CA ILE B 142 -81.47 17.78 47.40
C ILE B 142 -82.33 18.25 46.23
N MET B 143 -82.79 17.37 45.34
CA MET B 143 -83.64 17.76 44.22
C MET B 143 -85.02 18.32 44.57
N SER B 144 -85.46 18.14 45.83
CA SER B 144 -86.75 18.63 46.35
C SER B 144 -87.02 20.14 46.57
N VAL B 145 -86.25 21.05 45.99
CA VAL B 145 -86.60 22.45 46.13
C VAL B 145 -87.52 22.90 44.99
N ASP C 1 -43.72 2.80 67.93
CA ASP C 1 -43.44 3.57 69.16
C ASP C 1 -43.88 2.79 70.36
N ALA C 2 -45.19 2.52 70.38
CA ALA C 2 -45.78 1.75 71.45
C ALA C 2 -45.08 0.40 71.49
N GLU C 3 -45.04 -0.21 70.29
CA GLU C 3 -44.41 -1.50 70.09
C GLU C 3 -42.99 -1.50 70.59
N MET C 4 -42.17 -0.68 69.93
CA MET C 4 -40.79 -0.54 70.28
C MET C 4 -40.61 -0.14 71.72
N ALA C 5 -39.93 -1.02 72.41
CA ALA C 5 -39.62 -0.86 73.78
C ALA C 5 -38.49 -1.82 74.01
N ALA C 6 -38.77 -3.07 73.54
CA ALA C 6 -37.84 -4.17 73.61
C ALA C 6 -36.45 -3.69 73.24
N PHE C 7 -36.41 -3.00 72.08
CA PHE C 7 -35.19 -2.44 71.58
C PHE C 7 -34.90 -1.17 72.32
N GLY C 8 -35.92 -0.32 72.24
CA GLY C 8 -35.87 0.95 72.86
C GLY C 8 -34.63 1.69 72.39
N GLU C 9 -33.52 1.43 73.07
CA GLU C 9 -32.27 2.08 72.74
C GLU C 9 -31.80 1.84 71.32
N ALA C 10 -32.12 0.68 70.77
CA ALA C 10 -31.70 0.33 69.43
C ALA C 10 -32.62 0.90 68.36
N ALA C 11 -33.87 1.04 68.80
CA ALA C 11 -35.00 1.52 68.00
C ALA C 11 -34.64 2.49 66.90
N PRO C 12 -33.99 3.56 67.28
CA PRO C 12 -33.63 4.58 66.32
C PRO C 12 -32.86 4.08 65.12
N TYR C 13 -32.18 2.93 65.29
CA TYR C 13 -31.33 2.33 64.25
C TYR C 13 -32.01 1.22 63.49
N LEU C 14 -33.19 0.87 63.99
CA LEU C 14 -34.07 -0.15 63.44
C LEU C 14 -35.27 0.42 62.72
N ARG C 15 -35.92 1.32 63.45
CA ARG C 15 -37.09 2.03 62.99
C ARG C 15 -37.06 3.47 63.36
N LYS C 16 -37.91 4.28 62.70
CA LYS C 16 -37.98 5.71 62.98
C LYS C 16 -39.25 6.11 63.72
N SER C 17 -39.19 7.25 64.43
CA SER C 17 -40.36 7.67 65.18
C SER C 17 -41.55 7.79 64.29
N GLU C 18 -42.68 7.40 64.82
CA GLU C 18 -43.96 7.43 64.11
C GLU C 18 -44.37 8.74 63.50
N LYS C 19 -43.55 9.76 63.53
CA LYS C 19 -43.99 10.96 62.89
C LYS C 19 -42.93 11.31 61.88
N GLU C 20 -41.71 10.80 62.23
CA GLU C 20 -40.58 10.97 61.35
C GLU C 20 -40.97 10.29 60.06
N ARG C 21 -41.73 9.23 60.31
CA ARG C 21 -42.26 8.44 59.24
C ARG C 21 -43.29 9.31 58.55
N ILE C 22 -44.33 9.57 59.34
CA ILE C 22 -45.46 10.37 58.95
C ILE C 22 -45.11 11.68 58.27
N GLU C 23 -44.09 12.34 58.77
CA GLU C 23 -43.64 13.57 58.21
C GLU C 23 -42.94 13.36 56.89
N ALA C 24 -42.61 12.11 56.62
CA ALA C 24 -41.91 11.76 55.42
C ALA C 24 -42.78 11.20 54.31
N GLN C 25 -43.73 10.36 54.70
CA GLN C 25 -44.62 9.75 53.75
C GLN C 25 -45.71 10.72 53.28
N ASN C 26 -46.09 11.60 54.20
CA ASN C 26 -47.14 12.57 53.96
C ASN C 26 -46.53 13.92 53.69
N LYS C 27 -46.10 14.08 52.45
CA LYS C 27 -45.49 15.28 52.00
C LYS C 27 -45.81 15.50 50.54
N PRO C 28 -45.59 16.71 50.04
CA PRO C 28 -45.90 17.01 48.66
C PRO C 28 -45.05 16.24 47.68
N PHE C 29 -45.71 15.75 46.62
CA PHE C 29 -45.04 15.02 45.56
C PHE C 29 -45.60 15.27 44.14
N ASP C 30 -44.70 15.55 43.20
CA ASP C 30 -45.12 15.73 41.80
C ASP C 30 -44.55 14.65 40.88
N ALA C 31 -45.28 13.58 40.78
CA ALA C 31 -44.87 12.46 39.97
C ALA C 31 -44.36 12.78 38.56
N LYS C 32 -45.23 13.34 37.76
CA LYS C 32 -44.92 13.65 36.39
C LYS C 32 -43.64 14.43 36.19
N SER C 33 -43.14 15.05 37.24
CA SER C 33 -41.94 15.86 37.04
C SER C 33 -40.75 15.34 37.76
N SER C 34 -40.98 14.82 38.99
CA SER C 34 -39.88 14.27 39.80
C SER C 34 -39.30 12.97 39.20
N VAL C 35 -37.97 12.91 39.11
CA VAL C 35 -37.33 11.78 38.49
C VAL C 35 -35.90 11.54 38.94
N PHE C 36 -35.38 10.36 38.59
CA PHE C 36 -33.98 9.94 38.82
C PHE C 36 -33.30 10.01 37.48
N VAL C 37 -32.02 10.29 37.43
CA VAL C 37 -31.38 10.35 36.11
C VAL C 37 -29.90 9.98 36.11
N VAL C 38 -29.45 9.62 34.90
CA VAL C 38 -28.09 9.21 34.63
C VAL C 38 -27.19 10.35 34.95
N HIS C 39 -25.91 10.05 35.18
CA HIS C 39 -25.02 11.15 35.45
C HIS C 39 -23.57 10.76 35.31
N PRO C 40 -22.93 11.39 34.35
CA PRO C 40 -21.56 11.14 34.03
C PRO C 40 -20.59 11.02 35.21
N LYS C 41 -20.64 11.95 36.15
CA LYS C 41 -19.74 11.88 37.29
C LYS C 41 -20.34 11.03 38.41
N GLU C 42 -21.45 11.48 38.97
CA GLU C 42 -22.13 10.68 39.96
C GLU C 42 -23.06 9.77 39.21
N SER C 43 -23.12 8.52 39.63
CA SER C 43 -23.90 7.49 38.93
C SER C 43 -25.30 7.85 38.46
N PHE C 44 -26.11 8.20 39.42
CA PHE C 44 -27.51 8.57 39.20
C PHE C 44 -27.84 9.60 40.24
N VAL C 45 -28.26 10.76 39.84
CA VAL C 45 -28.63 11.70 40.85
C VAL C 45 -30.06 12.05 40.56
N LYS C 46 -30.75 12.73 41.52
CA LYS C 46 -32.14 13.08 41.31
C LYS C 46 -32.35 14.46 40.73
N GLY C 47 -33.51 14.64 40.12
CA GLY C 47 -33.83 15.91 39.54
C GLY C 47 -35.28 16.02 39.18
N THR C 48 -35.57 17.22 38.65
CA THR C 48 -36.89 17.58 38.22
C THR C 48 -36.86 17.75 36.70
N ILE C 49 -37.85 17.18 36.05
CA ILE C 49 -37.94 17.33 34.62
C ILE C 49 -38.37 18.76 34.27
N GLN C 50 -37.59 19.37 33.37
CA GLN C 50 -37.87 20.70 32.93
C GLN C 50 -38.64 20.67 31.64
N SER C 51 -38.00 20.18 30.62
CA SER C 51 -38.66 20.14 29.34
C SER C 51 -38.70 18.75 28.76
N LYS C 52 -39.03 18.67 27.49
CA LYS C 52 -39.08 17.39 26.80
C LYS C 52 -38.74 17.57 25.32
N GLU C 53 -37.57 17.07 24.92
CA GLU C 53 -37.08 17.16 23.56
C GLU C 53 -37.59 16.09 22.56
N GLY C 54 -38.76 15.53 22.89
CA GLY C 54 -39.43 14.53 22.06
C GLY C 54 -38.88 13.12 22.20
N GLY C 55 -37.70 13.01 22.83
CA GLY C 55 -37.00 11.75 23.04
C GLY C 55 -35.65 12.02 23.64
N LYS C 56 -35.62 13.18 24.28
CA LYS C 56 -34.50 13.72 25.00
C LYS C 56 -35.12 14.37 26.19
N VAL C 57 -34.32 14.54 27.22
CA VAL C 57 -34.88 15.13 28.38
C VAL C 57 -33.93 16.06 29.03
N THR C 58 -34.46 17.21 29.46
CA THR C 58 -33.64 18.17 30.17
C THR C 58 -34.08 18.17 31.59
N VAL C 59 -33.10 18.02 32.49
CA VAL C 59 -33.47 18.01 33.88
C VAL C 59 -32.62 18.85 34.78
N LYS C 60 -33.27 19.36 35.81
CA LYS C 60 -32.58 20.12 36.80
C LYS C 60 -32.02 19.12 37.74
N THR C 61 -31.21 19.57 38.64
CA THR C 61 -30.59 18.64 39.55
C THR C 61 -30.87 19.04 40.94
N GLU C 62 -30.35 18.22 41.79
CA GLU C 62 -30.37 18.41 43.20
C GLU C 62 -28.93 18.66 43.53
N GLY C 63 -28.62 19.94 43.42
CA GLY C 63 -27.30 20.49 43.62
C GLY C 63 -27.22 21.63 42.67
N GLY C 64 -28.07 21.48 41.62
CA GLY C 64 -28.22 22.53 40.63
C GLY C 64 -27.36 22.20 39.46
N GLU C 65 -28.00 21.60 38.47
CA GLU C 65 -27.31 21.21 37.25
C GLU C 65 -28.38 20.91 36.24
N THR C 66 -28.02 21.15 35.00
CA THR C 66 -28.97 20.90 33.97
C THR C 66 -28.35 20.04 32.91
N LEU C 67 -29.01 18.91 32.58
CA LEU C 67 -28.51 17.95 31.60
C LEU C 67 -29.61 17.50 30.66
N THR C 68 -29.27 17.33 29.39
CA THR C 68 -30.28 16.84 28.47
C THR C 68 -29.88 15.45 28.13
N VAL C 69 -30.60 14.53 28.71
CA VAL C 69 -30.28 13.14 28.55
C VAL C 69 -31.44 12.35 27.92
N LYS C 70 -31.10 11.26 27.21
CA LYS C 70 -32.04 10.37 26.53
C LYS C 70 -33.32 10.14 27.30
N GLU C 71 -34.26 9.47 26.66
CA GLU C 71 -35.51 9.17 27.32
C GLU C 71 -35.30 8.07 28.34
N ASP C 72 -34.42 7.14 27.99
CA ASP C 72 -34.13 6.08 28.94
C ASP C 72 -32.89 6.24 29.78
N GLN C 73 -32.64 7.47 30.12
CA GLN C 73 -31.54 7.82 30.95
C GLN C 73 -32.20 8.46 32.16
N VAL C 74 -33.53 8.44 31.98
CA VAL C 74 -34.53 8.97 32.88
C VAL C 74 -35.39 7.88 33.51
N PHE C 75 -35.47 7.93 34.82
CA PHE C 75 -36.22 6.98 35.62
C PHE C 75 -37.07 7.62 36.69
N SER C 76 -38.31 7.16 36.75
CA SER C 76 -39.29 7.62 37.68
C SER C 76 -38.79 7.59 39.10
N MET C 77 -39.57 8.18 40.01
CA MET C 77 -39.23 8.28 41.40
C MET C 77 -40.43 7.94 42.28
N ASN C 78 -40.23 7.04 43.20
CA ASN C 78 -41.29 6.60 44.04
C ASN C 78 -41.91 7.67 44.89
N PRO C 79 -43.25 7.55 45.05
CA PRO C 79 -43.98 8.48 45.87
C PRO C 79 -43.34 8.36 47.22
N PRO C 80 -43.50 9.40 47.96
CA PRO C 80 -42.93 9.53 49.26
C PRO C 80 -43.34 8.39 50.20
N LYS C 81 -44.44 7.76 49.84
CA LYS C 81 -44.94 6.68 50.68
C LYS C 81 -43.88 5.62 50.87
N TYR C 82 -42.96 5.56 49.93
CA TYR C 82 -41.86 4.62 49.96
C TYR C 82 -40.58 5.36 50.26
N ASP C 83 -40.41 5.75 51.52
CA ASP C 83 -39.25 6.53 51.82
C ASP C 83 -38.05 5.67 52.13
N LYS C 84 -38.17 4.97 53.29
CA LYS C 84 -37.10 4.13 53.74
C LYS C 84 -37.64 2.75 54.05
N ILE C 85 -38.27 2.26 53.00
CA ILE C 85 -38.93 0.99 52.92
C ILE C 85 -38.05 -0.13 53.39
N GLU C 86 -38.62 -0.90 54.30
CA GLU C 86 -38.00 -2.06 54.83
C GLU C 86 -37.66 -3.07 53.76
N ASP C 87 -38.57 -3.16 52.77
CA ASP C 87 -38.45 -4.09 51.67
C ASP C 87 -38.59 -3.39 50.38
N MET C 88 -37.48 -3.05 49.79
CA MET C 88 -37.49 -2.35 48.55
C MET C 88 -38.31 -2.99 47.52
N ALA C 89 -38.49 -4.26 47.66
CA ALA C 89 -39.28 -5.02 46.68
C ALA C 89 -40.76 -4.76 46.80
N MET C 90 -41.10 -3.78 47.62
CA MET C 90 -42.48 -3.47 47.77
C MET C 90 -42.75 -2.20 47.02
N MET C 91 -41.67 -1.55 46.66
CA MET C 91 -41.70 -0.38 45.87
C MET C 91 -42.42 -0.67 44.60
N THR C 92 -43.04 0.37 44.00
CA THR C 92 -43.78 0.21 42.77
C THR C 92 -42.92 0.64 41.66
N HIS C 93 -41.66 0.92 42.04
CA HIS C 93 -40.68 1.35 41.07
C HIS C 93 -39.36 0.63 41.25
N LEU C 94 -39.27 -0.47 40.50
CA LEU C 94 -38.18 -1.38 40.45
C LEU C 94 -37.18 -0.96 39.37
N HIS C 95 -36.29 -0.11 39.81
CA HIS C 95 -35.27 0.47 38.99
C HIS C 95 -33.97 0.12 39.56
N GLU C 96 -32.98 0.68 38.91
CA GLU C 96 -31.66 0.57 39.42
C GLU C 96 -31.44 1.68 40.46
N PRO C 97 -31.77 2.93 40.10
CA PRO C 97 -31.60 4.03 41.00
C PRO C 97 -32.38 3.97 42.31
N ALA C 98 -33.64 3.68 42.20
CA ALA C 98 -34.44 3.60 43.39
C ALA C 98 -33.92 2.67 44.43
N VAL C 99 -33.16 1.69 43.99
CA VAL C 99 -32.64 0.75 44.95
C VAL C 99 -31.44 1.29 45.63
N LEU C 100 -30.63 1.93 44.84
CA LEU C 100 -29.42 2.53 45.35
C LEU C 100 -29.87 3.55 46.37
N TYR C 101 -30.77 4.40 45.92
CA TYR C 101 -31.27 5.48 46.72
C TYR C 101 -31.94 5.11 48.01
N ASN C 102 -32.62 3.97 48.08
CA ASN C 102 -33.29 3.57 49.31
C ASN C 102 -32.32 3.13 50.34
N LEU C 103 -31.32 2.45 49.87
CA LEU C 103 -30.32 1.91 50.77
C LEU C 103 -29.68 3.07 51.42
N LYS C 104 -29.16 3.92 50.54
CA LYS C 104 -28.48 5.16 50.88
C LYS C 104 -29.23 6.01 51.87
N GLU C 105 -30.51 6.25 51.65
CA GLU C 105 -31.22 7.11 52.58
C GLU C 105 -31.33 6.55 53.98
N ARG C 106 -31.57 5.24 54.10
CA ARG C 106 -31.73 4.66 55.41
C ARG C 106 -30.48 4.36 56.12
N TYR C 107 -29.41 4.78 55.48
CA TYR C 107 -28.08 4.56 55.99
C TYR C 107 -27.61 5.85 56.59
N ALA C 108 -27.93 6.93 55.85
CA ALA C 108 -27.64 8.29 56.31
C ALA C 108 -28.42 8.56 57.59
N ALA C 109 -29.35 7.63 57.86
CA ALA C 109 -30.19 7.68 59.02
C ALA C 109 -29.77 6.59 59.96
N TRP C 110 -28.67 5.99 59.59
CA TRP C 110 -28.11 4.92 60.39
C TRP C 110 -28.95 3.70 60.47
N MET C 111 -29.61 3.33 59.38
CA MET C 111 -30.24 2.03 59.39
C MET C 111 -29.46 1.10 58.43
N ILE C 112 -28.79 0.13 59.00
CA ILE C 112 -27.95 -0.77 58.23
C ILE C 112 -28.69 -1.97 57.64
N TYR C 113 -29.85 -2.28 58.15
CA TYR C 113 -30.59 -3.39 57.63
C TYR C 113 -31.82 -3.06 56.90
N THR C 114 -31.71 -3.25 55.61
CA THR C 114 -32.85 -3.07 54.75
C THR C 114 -33.06 -4.33 53.89
N TYR C 115 -34.29 -4.85 53.72
CA TYR C 115 -34.52 -6.06 52.89
C TYR C 115 -34.78 -5.69 51.46
N SER C 116 -34.41 -6.61 50.53
CA SER C 116 -34.61 -6.41 49.07
C SER C 116 -35.16 -7.64 48.46
N GLY C 117 -36.27 -8.09 48.99
CA GLY C 117 -36.89 -9.26 48.52
C GLY C 117 -36.70 -10.27 49.59
N LEU C 118 -35.84 -11.21 49.33
CA LEU C 118 -35.62 -12.24 50.31
C LEU C 118 -34.37 -11.92 51.04
N PHE C 119 -33.58 -11.13 50.35
CA PHE C 119 -32.33 -10.72 50.93
C PHE C 119 -32.44 -9.89 52.14
N CYS C 120 -31.35 -9.82 52.79
CA CYS C 120 -31.21 -9.00 53.95
C CYS C 120 -29.97 -8.21 53.75
N VAL C 121 -30.16 -7.09 53.09
CA VAL C 121 -29.04 -6.26 52.88
C VAL C 121 -28.46 -5.77 54.17
N THR C 122 -27.15 -5.62 54.24
CA THR C 122 -26.42 -5.13 55.43
C THR C 122 -25.28 -4.22 55.03
N VAL C 123 -25.29 -3.04 55.58
CA VAL C 123 -24.25 -2.08 55.26
C VAL C 123 -23.33 -1.82 56.43
N ASN C 124 -22.00 -1.83 56.15
CA ASN C 124 -20.98 -1.61 57.17
C ASN C 124 -21.12 -0.27 57.89
N PRO C 125 -21.44 -0.29 59.20
CA PRO C 125 -21.62 0.97 59.90
C PRO C 125 -20.36 1.81 59.96
N TYR C 126 -19.29 1.17 60.27
CA TYR C 126 -17.98 1.80 60.40
C TYR C 126 -17.85 2.55 61.66
N LYS C 127 -18.74 2.17 62.53
CA LYS C 127 -18.82 2.70 63.86
C LYS C 127 -19.64 1.75 64.71
N TRP C 128 -19.88 2.06 65.99
CA TRP C 128 -20.60 1.15 66.90
C TRP C 128 -22.10 1.41 66.99
N LEU C 129 -22.84 0.31 67.19
CA LEU C 129 -24.29 0.40 67.28
C LEU C 129 -24.87 -0.57 68.35
N PRO C 130 -25.92 -0.09 69.01
CA PRO C 130 -26.61 -0.87 70.02
C PRO C 130 -27.43 -1.97 69.41
N VAL C 131 -27.14 -2.35 68.18
CA VAL C 131 -27.96 -3.35 67.50
C VAL C 131 -27.74 -4.78 67.92
N TYR C 132 -26.53 -5.07 68.33
CA TYR C 132 -26.19 -6.42 68.63
C TYR C 132 -26.55 -6.67 70.07
N ASN C 133 -27.24 -5.62 70.53
CA ASN C 133 -27.77 -5.49 71.89
C ASN C 133 -28.60 -6.61 72.35
N PRO C 134 -28.15 -7.03 73.47
CA PRO C 134 -28.64 -8.12 74.25
C PRO C 134 -30.11 -7.94 74.54
N LYS C 135 -30.69 -6.84 74.13
CA LYS C 135 -32.11 -6.71 74.38
C LYS C 135 -32.80 -7.10 73.13
N VAL C 136 -32.12 -6.76 72.05
CA VAL C 136 -32.65 -7.00 70.74
C VAL C 136 -32.86 -8.47 70.46
N VAL C 137 -31.82 -9.21 70.81
CA VAL C 137 -31.76 -10.63 70.70
C VAL C 137 -33.09 -11.27 71.08
N LEU C 138 -33.65 -10.83 72.21
CA LEU C 138 -34.93 -11.34 72.72
C LEU C 138 -36.06 -10.86 71.87
N ALA C 139 -35.96 -9.57 71.59
CA ALA C 139 -36.99 -8.90 70.84
C ALA C 139 -37.32 -9.60 69.55
N TYR C 140 -36.27 -10.05 68.87
CA TYR C 140 -36.41 -10.70 67.61
C TYR C 140 -36.78 -12.17 67.73
N ARG C 141 -36.91 -12.55 68.98
CA ARG C 141 -37.22 -13.90 69.35
C ARG C 141 -38.71 -14.24 69.27
N GLY C 142 -39.06 -15.09 68.29
CA GLY C 142 -40.40 -15.59 68.03
C GLY C 142 -41.24 -14.69 67.08
N LYS C 143 -40.57 -13.80 66.37
CA LYS C 143 -41.17 -12.82 65.47
C LYS C 143 -41.01 -13.00 63.96
N LYS C 144 -42.13 -13.10 63.23
CA LYS C 144 -42.00 -13.13 61.78
C LYS C 144 -41.40 -11.80 61.30
N ARG C 145 -40.79 -11.76 60.12
CA ARG C 145 -40.15 -10.54 59.70
C ARG C 145 -41.08 -9.42 59.36
N GLN C 146 -42.36 -9.66 59.62
CA GLN C 146 -43.34 -8.63 59.34
C GLN C 146 -43.80 -7.98 60.62
N GLU C 147 -43.47 -8.67 61.72
CA GLU C 147 -43.73 -8.22 63.08
C GLU C 147 -42.59 -7.38 63.65
N ALA C 148 -41.49 -7.27 62.91
CA ALA C 148 -40.34 -6.52 63.29
C ALA C 148 -39.56 -5.94 62.09
N PRO C 149 -38.80 -4.88 62.36
CA PRO C 149 -38.03 -4.18 61.36
C PRO C 149 -36.85 -5.00 60.82
N PRO C 150 -36.35 -4.64 59.66
CA PRO C 150 -35.22 -5.30 59.06
C PRO C 150 -33.99 -5.41 59.93
N HIS C 151 -33.65 -6.69 60.14
CA HIS C 151 -32.53 -7.15 60.92
C HIS C 151 -32.22 -8.66 60.75
N ILE C 152 -30.96 -8.95 60.89
CA ILE C 152 -30.34 -10.24 60.76
C ILE C 152 -30.82 -11.26 61.73
N PHE C 153 -31.20 -10.82 62.90
CA PHE C 153 -31.69 -11.77 63.81
C PHE C 153 -33.05 -12.15 63.26
N SER C 154 -33.59 -11.34 62.38
CA SER C 154 -34.90 -11.72 61.88
C SER C 154 -34.74 -12.95 61.11
N ILE C 155 -33.72 -12.89 60.25
CA ILE C 155 -33.46 -14.00 59.36
C ILE C 155 -33.16 -15.22 60.21
N SER C 156 -32.24 -15.00 61.13
CA SER C 156 -31.72 -16.00 62.00
C SER C 156 -32.72 -16.60 62.93
N ASP C 157 -33.75 -15.90 63.20
CA ASP C 157 -34.70 -16.50 64.12
C ASP C 157 -35.70 -17.29 63.33
N ASN C 158 -36.07 -16.68 62.23
CA ASN C 158 -37.06 -17.28 61.40
C ASN C 158 -36.61 -18.61 60.95
N ALA C 159 -35.30 -18.70 60.74
CA ALA C 159 -34.71 -19.96 60.31
C ALA C 159 -35.05 -21.03 61.29
N TYR C 160 -34.69 -20.71 62.52
CA TYR C 160 -34.95 -21.52 63.68
C TYR C 160 -36.40 -21.94 63.75
N GLN C 161 -37.24 -20.96 63.64
CA GLN C 161 -38.68 -21.16 63.72
C GLN C 161 -39.00 -22.23 62.74
N PHE C 162 -38.88 -21.79 61.51
CA PHE C 162 -39.08 -22.56 60.35
C PHE C 162 -38.49 -23.92 60.48
N MET C 163 -37.38 -23.96 61.18
CA MET C 163 -36.71 -25.19 61.34
C MET C 163 -37.64 -26.12 62.07
N LEU C 164 -38.08 -25.72 63.24
CA LEU C 164 -39.01 -26.56 63.98
C LEU C 164 -40.43 -26.65 63.38
N THR C 165 -40.91 -25.58 62.77
CA THR C 165 -42.23 -25.59 62.20
C THR C 165 -42.42 -26.55 61.04
N ASP C 166 -41.54 -26.43 60.04
CA ASP C 166 -41.58 -27.23 58.82
C ASP C 166 -40.81 -28.58 58.88
N ARG C 167 -39.97 -28.73 59.87
CA ARG C 167 -39.17 -29.94 60.02
C ARG C 167 -38.22 -30.12 58.84
N GLU C 168 -37.68 -29.00 58.38
CA GLU C 168 -36.72 -28.94 57.30
C GLU C 168 -35.45 -28.30 57.75
N ASN C 169 -34.37 -28.63 57.07
CA ASN C 169 -33.13 -27.99 57.47
C ASN C 169 -33.06 -26.65 56.81
N GLN C 170 -32.20 -25.84 57.40
CA GLN C 170 -32.09 -24.47 56.92
C GLN C 170 -30.69 -24.07 56.51
N SER C 171 -30.59 -22.87 55.93
CA SER C 171 -29.29 -22.31 55.56
C SER C 171 -29.37 -20.81 55.50
N ILE C 172 -28.21 -20.22 55.64
CA ILE C 172 -28.03 -18.82 55.61
C ILE C 172 -26.83 -18.56 54.76
N LEU C 173 -27.00 -17.82 53.71
CA LEU C 173 -25.91 -17.56 52.88
C LEU C 173 -25.42 -16.18 52.96
N ILE C 174 -24.26 -15.99 53.62
CA ILE C 174 -23.71 -14.67 53.75
C ILE C 174 -22.68 -14.42 52.67
N THR C 175 -22.72 -13.31 52.01
CA THR C 175 -21.82 -13.05 50.96
C THR C 175 -21.62 -11.56 50.70
N GLY C 176 -20.35 -11.19 50.35
CA GLY C 176 -19.99 -9.80 50.02
C GLY C 176 -18.51 -9.65 49.73
N GLU C 177 -18.07 -8.47 49.29
CA GLU C 177 -16.64 -8.27 49.05
C GLU C 177 -15.81 -8.19 50.34
N SER C 178 -14.52 -8.30 50.14
CA SER C 178 -13.50 -8.30 51.16
C SER C 178 -13.78 -7.40 52.33
N GLY C 179 -14.28 -6.22 52.06
CA GLY C 179 -14.51 -5.31 53.20
C GLY C 179 -15.91 -5.20 53.69
N ALA C 180 -16.83 -5.97 53.12
CA ALA C 180 -18.20 -5.92 53.52
C ALA C 180 -18.49 -6.28 54.97
N GLY C 181 -17.59 -7.08 55.58
CA GLY C 181 -17.75 -7.47 56.98
C GLY C 181 -18.68 -8.64 57.21
N LYS C 182 -18.38 -9.77 56.57
CA LYS C 182 -19.23 -10.93 56.74
C LYS C 182 -18.96 -11.72 58.00
N THR C 183 -17.67 -12.00 58.28
CA THR C 183 -17.23 -12.79 59.46
C THR C 183 -17.97 -12.33 60.67
N VAL C 184 -17.97 -11.01 60.75
CA VAL C 184 -18.66 -10.26 61.81
C VAL C 184 -20.09 -10.69 61.91
N ASN C 185 -20.78 -10.76 60.78
CA ASN C 185 -22.15 -11.15 60.80
C ASN C 185 -22.26 -12.59 61.16
N THR C 186 -21.46 -13.37 60.46
CA THR C 186 -21.47 -14.80 60.61
C THR C 186 -21.34 -15.17 62.04
N LYS C 187 -20.33 -14.57 62.63
CA LYS C 187 -20.09 -14.80 64.02
C LYS C 187 -21.30 -14.45 64.81
N ARG C 188 -21.77 -13.25 64.51
CA ARG C 188 -22.95 -12.71 65.22
C ARG C 188 -24.19 -13.56 65.06
N VAL C 189 -24.29 -14.22 63.94
CA VAL C 189 -25.43 -15.08 63.74
C VAL C 189 -25.29 -16.28 64.64
N ILE C 190 -24.07 -16.77 64.63
CA ILE C 190 -23.72 -17.94 65.40
C ILE C 190 -24.02 -17.78 66.88
N GLN C 191 -23.57 -16.65 67.46
CA GLN C 191 -23.85 -16.39 68.86
C GLN C 191 -25.31 -16.54 69.08
N TYR C 192 -26.04 -15.93 68.17
CA TYR C 192 -27.49 -15.97 68.20
C TYR C 192 -28.03 -17.35 68.40
N PHE C 193 -27.57 -18.29 67.59
CA PHE C 193 -28.03 -19.64 67.74
C PHE C 193 -27.71 -20.18 69.08
N ALA C 194 -26.47 -20.01 69.43
CA ALA C 194 -25.99 -20.57 70.70
C ALA C 194 -26.84 -20.06 71.85
N THR C 195 -27.07 -18.76 71.89
CA THR C 195 -27.85 -18.16 72.95
C THR C 195 -29.28 -18.69 73.02
N ILE C 196 -30.05 -18.35 72.02
CA ILE C 196 -31.44 -18.74 71.93
C ILE C 196 -31.76 -20.24 71.99
N ALA C 197 -30.80 -21.13 72.09
CA ALA C 197 -31.18 -22.52 72.16
C ALA C 197 -30.08 -23.41 72.74
N ALA C 198 -29.59 -23.02 73.93
CA ALA C 198 -28.48 -23.70 74.60
C ALA C 198 -28.80 -24.82 75.61
N SER C 199 -28.04 -25.92 75.50
CA SER C 199 -28.19 -27.09 76.38
C SER C 199 -26.89 -27.50 77.12
N GLY C 200 -26.19 -26.47 77.65
CA GLY C 200 -24.95 -26.65 78.41
C GLY C 200 -25.31 -26.41 79.88
N GLU C 201 -26.17 -27.29 80.35
CA GLU C 201 -26.76 -27.27 81.69
C GLU C 201 -25.76 -27.07 82.81
N LEU C 215 -17.57 -24.90 73.94
CA LEU C 215 -17.94 -24.72 72.56
C LEU C 215 -17.55 -23.34 72.09
N GLU C 216 -18.10 -22.44 72.84
CA GLU C 216 -17.94 -21.03 72.67
C GLU C 216 -16.52 -20.60 72.38
N ASP C 217 -15.59 -21.41 72.74
CA ASP C 217 -14.18 -21.08 72.50
C ASP C 217 -13.71 -21.81 71.26
N GLN C 218 -14.04 -23.12 71.22
CA GLN C 218 -13.66 -23.97 70.11
C GLN C 218 -14.16 -23.26 68.89
N ILE C 219 -15.41 -22.88 69.03
CA ILE C 219 -16.17 -22.15 68.04
C ILE C 219 -15.29 -21.04 67.55
N ILE C 220 -14.79 -20.32 68.49
CA ILE C 220 -13.94 -19.21 68.21
C ILE C 220 -12.58 -19.64 67.73
N SER C 221 -11.92 -20.42 68.57
CA SER C 221 -10.56 -20.89 68.30
C SER C 221 -10.41 -21.40 66.90
N ALA C 222 -11.54 -21.78 66.32
CA ALA C 222 -11.54 -22.32 65.00
C ALA C 222 -10.83 -21.43 64.04
N ASN C 223 -11.28 -20.21 64.01
CA ASN C 223 -10.78 -19.21 63.08
C ASN C 223 -9.29 -19.14 62.91
N PRO C 224 -8.62 -18.80 64.00
CA PRO C 224 -7.18 -18.66 64.04
C PRO C 224 -6.34 -19.83 63.53
N LEU C 225 -6.99 -20.95 63.28
CA LEU C 225 -6.27 -22.11 62.76
C LEU C 225 -6.40 -22.02 61.24
N LEU C 226 -7.65 -22.01 60.82
CA LEU C 226 -8.02 -21.86 59.45
C LEU C 226 -7.28 -20.73 58.79
N GLU C 227 -7.18 -19.64 59.53
CA GLU C 227 -6.53 -18.38 59.11
C GLU C 227 -5.03 -18.55 58.86
N ALA C 228 -4.42 -19.40 59.66
CA ALA C 228 -3.00 -19.66 59.45
C ALA C 228 -2.73 -20.39 58.21
N PHE C 229 -3.74 -21.21 57.83
CA PHE C 229 -3.69 -22.05 56.64
C PHE C 229 -4.40 -21.58 55.44
N GLY C 230 -5.53 -20.91 55.63
CA GLY C 230 -6.25 -20.38 54.50
C GLY C 230 -6.21 -18.88 54.34
N ASN C 231 -5.32 -18.17 55.04
CA ASN C 231 -5.20 -16.72 54.96
C ASN C 231 -3.80 -16.27 54.63
N ALA C 232 -3.71 -15.12 54.02
CA ALA C 232 -2.44 -14.61 53.62
C ALA C 232 -2.45 -13.13 53.30
N LYS C 233 -1.30 -12.55 53.19
CA LYS C 233 -1.16 -11.18 52.84
C LYS C 233 -1.41 -10.96 51.41
N THR C 234 -2.48 -10.33 51.11
CA THR C 234 -2.87 -9.96 49.75
C THR C 234 -2.39 -8.54 49.60
N VAL C 235 -2.31 -8.08 48.38
CA VAL C 235 -1.89 -6.73 48.10
C VAL C 235 -2.92 -5.72 48.60
N ARG C 236 -4.13 -6.20 48.84
CA ARG C 236 -5.25 -5.40 49.33
C ARG C 236 -5.40 -5.45 50.84
N ASN C 237 -5.49 -6.66 51.36
CA ASN C 237 -5.60 -6.90 52.77
C ASN C 237 -4.27 -7.49 53.28
N ASP C 238 -4.11 -7.58 54.58
CA ASP C 238 -2.87 -8.09 55.16
C ASP C 238 -3.14 -9.46 55.70
N ASN C 239 -4.43 -9.72 55.85
CA ASN C 239 -5.00 -10.98 56.32
C ASN C 239 -6.18 -11.32 55.46
N SER C 240 -6.00 -11.54 54.13
CA SER C 240 -7.10 -11.85 53.26
C SER C 240 -7.52 -13.27 53.32
N SER C 241 -8.84 -13.49 53.25
CA SER C 241 -9.44 -14.82 53.28
C SER C 241 -9.24 -15.47 51.92
N ARG C 242 -8.46 -16.55 51.82
CA ARG C 242 -8.27 -17.14 50.52
C ARG C 242 -9.14 -18.27 50.25
N PHE C 243 -10.33 -17.16 53.74
CA PHE C 243 -10.92 -18.43 53.37
C PHE C 243 -12.41 -18.46 53.55
N GLY C 244 -13.06 -19.46 52.97
CA GLY C 244 -14.51 -19.62 53.04
C GLY C 244 -14.90 -20.61 54.06
N LYS C 245 -16.18 -20.62 54.44
CA LYS C 245 -16.54 -21.59 55.44
C LYS C 245 -17.98 -21.93 55.57
N PHE C 246 -18.20 -23.16 56.05
CA PHE C 246 -19.51 -23.70 56.21
C PHE C 246 -19.67 -24.50 57.45
N ILE C 247 -20.48 -23.99 58.36
CA ILE C 247 -20.81 -24.59 59.62
C ILE C 247 -22.16 -25.22 59.70
N ARG C 248 -22.21 -26.42 60.24
CA ARG C 248 -23.49 -27.01 60.34
C ARG C 248 -23.90 -27.09 61.76
N ILE C 249 -24.82 -26.26 62.15
CA ILE C 249 -25.23 -26.36 63.51
C ILE C 249 -26.35 -27.33 63.60
N HIS C 250 -26.00 -28.40 64.23
CA HIS C 250 -26.93 -29.50 64.32
C HIS C 250 -27.79 -29.36 65.52
N PHE C 251 -29.01 -28.97 65.28
CA PHE C 251 -29.92 -28.84 66.36
C PHE C 251 -30.50 -30.18 66.70
N GLY C 252 -30.94 -30.32 67.94
CA GLY C 252 -31.50 -31.57 68.40
C GLY C 252 -32.97 -31.73 67.99
N ALA C 253 -33.67 -32.64 68.67
CA ALA C 253 -35.07 -32.97 68.42
C ALA C 253 -35.99 -31.99 69.12
N THR C 254 -35.60 -31.74 70.35
CA THR C 254 -36.28 -30.81 71.20
C THR C 254 -36.23 -29.50 70.46
N GLY C 255 -35.01 -29.09 70.16
CA GLY C 255 -34.75 -27.85 69.50
C GLY C 255 -33.45 -27.25 70.10
N LYS C 256 -32.84 -28.00 71.01
CA LYS C 256 -31.65 -27.55 71.68
C LYS C 256 -30.39 -28.10 70.97
N LEU C 257 -29.35 -27.25 70.99
CA LEU C 257 -28.04 -27.53 70.38
C LEU C 257 -27.54 -28.94 70.56
N ALA C 258 -26.93 -29.51 69.51
CA ALA C 258 -26.40 -30.90 69.56
C ALA C 258 -25.02 -31.11 68.91
N SER C 259 -24.77 -30.46 67.76
CA SER C 259 -23.49 -30.57 67.08
C SER C 259 -23.23 -29.46 66.13
N ALA C 260 -21.97 -29.43 65.71
CA ALA C 260 -21.45 -28.46 64.76
C ALA C 260 -20.54 -29.13 63.76
N ASP C 261 -20.23 -28.42 62.70
CA ASP C 261 -19.46 -28.99 61.63
C ASP C 261 -18.77 -27.98 60.74
N ILE C 262 -17.50 -27.80 60.85
CA ILE C 262 -16.89 -26.87 59.93
C ILE C 262 -16.25 -27.46 58.73
N GLU C 263 -16.21 -26.64 57.68
CA GLU C 263 -15.56 -26.97 56.43
C GLU C 263 -14.97 -25.74 55.80
N THR C 264 -13.74 -25.90 55.36
CA THR C 264 -12.99 -24.79 54.82
C THR C 264 -12.77 -24.92 53.34
N TYR C 265 -12.79 -23.80 52.66
CA TYR C 265 -12.63 -23.73 51.23
C TYR C 265 -11.68 -22.64 50.86
N LEU C 266 -10.87 -22.92 49.89
CA LEU C 266 -9.98 -21.98 49.32
C LEU C 266 -9.23 -21.04 50.23
N LEU C 267 -8.17 -21.52 50.80
CA LEU C 267 -7.37 -20.77 51.65
C LEU C 267 -6.32 -20.01 50.89
N GLU C 268 -7.46 -21.18 47.64
CA GLU C 268 -6.45 -20.71 46.73
C GLU C 268 -5.24 -21.58 46.76
N LYS C 269 -5.32 -22.74 46.11
CA LYS C 269 -4.23 -23.73 46.06
C LYS C 269 -2.93 -23.18 45.50
N SER C 270 -3.06 -22.28 44.59
CA SER C 270 -1.90 -21.68 43.98
C SER C 270 -0.91 -20.98 44.93
N ARG C 271 -1.37 -20.37 46.04
CA ARG C 271 -0.49 -19.66 46.95
C ARG C 271 0.59 -20.58 47.40
N VAL C 272 0.17 -21.81 47.74
CA VAL C 272 1.07 -22.82 48.19
C VAL C 272 2.32 -22.96 47.35
N THR C 273 2.23 -22.59 46.08
CA THR C 273 3.33 -22.79 45.13
C THR C 273 3.79 -21.51 44.51
N PHE C 274 2.94 -20.53 44.61
CA PHE C 274 3.19 -19.26 44.02
C PHE C 274 2.73 -18.16 44.85
N GLN C 275 3.14 -17.00 44.38
CA GLN C 275 2.87 -15.76 45.03
C GLN C 275 3.31 -14.57 44.18
N LEU C 276 2.40 -13.62 44.14
CA LEU C 276 2.69 -12.40 43.46
C LEU C 276 3.74 -11.65 44.30
N PRO C 277 4.36 -10.71 43.64
CA PRO C 277 5.43 -9.88 44.15
C PRO C 277 5.18 -9.07 45.38
N ALA C 278 3.95 -8.62 45.57
CA ALA C 278 3.67 -7.85 46.76
C ALA C 278 2.92 -8.67 47.79
N GLU C 279 2.74 -9.94 47.46
CA GLU C 279 1.99 -10.82 48.31
C GLU C 279 2.83 -11.88 48.95
N ARG C 280 2.13 -12.73 49.63
CA ARG C 280 2.77 -13.79 50.26
C ARG C 280 1.89 -14.98 50.48
N SER C 281 2.49 -16.07 50.80
CA SER C 281 1.73 -17.25 50.98
C SER C 281 1.08 -17.27 52.31
N TYR C 282 0.42 -18.42 52.57
CA TYR C 282 -0.29 -18.63 53.77
C TYR C 282 0.55 -18.25 54.96
N HIS C 283 -0.03 -17.94 56.07
CA HIS C 283 0.76 -17.47 57.16
C HIS C 283 1.64 -18.51 57.79
N ILE C 284 1.00 -19.66 58.01
CA ILE C 284 1.61 -20.76 58.67
C ILE C 284 3.09 -20.89 58.47
N PHE C 285 3.45 -20.78 57.25
CA PHE C 285 4.85 -20.95 56.82
C PHE C 285 5.66 -19.98 57.48
N TYR C 286 5.24 -18.74 57.42
CA TYR C 286 6.01 -17.68 58.02
C TYR C 286 5.88 -17.74 59.50
N GLN C 287 4.78 -18.29 59.97
CA GLN C 287 4.60 -18.40 61.38
C GLN C 287 5.73 -19.28 61.89
N ILE C 288 5.73 -20.51 61.44
CA ILE C 288 6.67 -21.55 61.76
C ILE C 288 8.16 -21.20 61.68
N MET C 289 8.55 -20.53 60.64
CA MET C 289 9.93 -20.12 60.47
C MET C 289 10.29 -18.91 61.32
N SER C 290 9.29 -18.42 62.05
CA SER C 290 9.49 -17.26 62.90
C SER C 290 10.45 -17.56 64.01
N ASN C 291 10.42 -18.80 64.48
CA ASN C 291 11.27 -19.32 65.53
C ASN C 291 10.78 -19.16 66.93
N LYS C 292 9.53 -19.19 67.17
CA LYS C 292 9.11 -19.06 68.54
C LYS C 292 9.15 -20.37 69.32
N LYS C 293 9.15 -21.41 68.55
CA LYS C 293 9.16 -22.81 68.95
C LYS C 293 10.27 -23.48 68.16
N PRO C 294 11.54 -23.17 68.53
CA PRO C 294 12.69 -23.67 67.78
C PRO C 294 12.73 -25.15 67.43
N GLU C 295 12.16 -26.04 68.28
CA GLU C 295 12.11 -27.46 68.01
C GLU C 295 11.58 -27.76 66.67
N LEU C 296 10.52 -27.04 66.40
CA LEU C 296 9.78 -27.11 65.13
C LEU C 296 10.71 -27.04 63.92
N ILE C 297 11.62 -26.07 63.96
CA ILE C 297 12.57 -25.86 62.89
C ILE C 297 13.47 -27.09 62.60
N ASP C 298 13.88 -27.74 63.68
CA ASP C 298 14.74 -28.88 63.64
C ASP C 298 13.89 -30.12 63.39
N MET C 299 12.71 -30.04 63.89
CA MET C 299 11.79 -31.13 63.76
C MET C 299 11.39 -31.32 62.29
N LEU C 300 11.17 -30.19 61.63
CA LEU C 300 10.76 -30.15 60.23
C LEU C 300 11.94 -30.21 59.32
N LEU C 301 13.09 -29.90 59.85
CA LEU C 301 14.29 -29.93 59.08
C LEU C 301 14.40 -28.80 58.14
N ILE C 302 14.11 -27.61 58.65
CA ILE C 302 14.21 -26.45 57.80
C ILE C 302 15.05 -25.40 58.45
N THR C 303 15.15 -24.32 57.76
CA THR C 303 15.81 -23.20 58.28
C THR C 303 14.80 -22.16 58.69
N THR C 304 15.29 -20.99 59.06
CA THR C 304 14.47 -19.85 59.50
C THR C 304 14.36 -18.76 58.42
N ASN C 305 15.19 -18.89 57.37
CA ASN C 305 15.30 -18.06 56.20
C ASN C 305 14.50 -18.63 55.07
N PRO C 306 13.42 -17.96 54.70
CA PRO C 306 12.45 -18.39 53.72
C PRO C 306 12.95 -18.42 52.34
N TYR C 307 14.04 -17.75 52.17
CA TYR C 307 14.56 -17.78 50.83
C TYR C 307 15.16 -19.12 50.49
N ASP C 308 14.94 -20.11 51.35
CA ASP C 308 15.43 -21.50 51.19
C ASP C 308 14.30 -22.36 50.67
N TYR C 309 13.13 -21.73 50.58
CA TYR C 309 11.96 -22.36 50.16
C TYR C 309 11.25 -21.54 49.17
N HIS C 310 11.71 -21.72 47.94
CA HIS C 310 11.18 -21.10 46.75
C HIS C 310 9.63 -20.93 46.70
N TYR C 311 8.91 -21.98 47.01
CA TYR C 311 7.50 -22.04 47.03
C TYR C 311 6.92 -20.91 47.83
N VAL C 312 7.57 -20.54 48.94
CA VAL C 312 7.08 -19.52 49.85
C VAL C 312 7.81 -18.19 49.96
N SER C 313 8.72 -17.89 49.07
CA SER C 313 9.33 -16.59 49.16
C SER C 313 9.42 -15.99 47.79
N GLN C 314 8.41 -16.18 47.00
CA GLN C 314 8.46 -15.65 45.67
C GLN C 314 7.99 -14.21 45.74
N GLY C 315 7.22 -13.95 46.77
CA GLY C 315 6.71 -12.62 46.93
C GLY C 315 7.39 -12.00 48.08
N GLU C 316 6.65 -11.78 49.17
CA GLU C 316 7.17 -11.14 50.33
C GLU C 316 7.21 -12.15 51.46
N ILE C 317 8.02 -11.85 52.47
CA ILE C 317 8.20 -12.73 53.61
C ILE C 317 7.70 -12.13 54.91
N THR C 318 7.90 -10.83 55.02
CA THR C 318 7.49 -10.19 56.25
C THR C 318 6.50 -9.04 56.05
N VAL C 319 5.59 -8.96 57.00
CA VAL C 319 4.55 -7.94 57.06
C VAL C 319 4.56 -7.32 58.45
N PRO C 320 4.79 -6.00 58.46
CA PRO C 320 4.93 -5.21 59.67
C PRO C 320 3.77 -5.28 60.65
N SER C 321 2.54 -5.28 60.10
CA SER C 321 1.36 -5.36 60.91
C SER C 321 1.08 -6.71 61.53
N ILE C 322 1.88 -7.73 61.18
CA ILE C 322 1.71 -9.10 61.67
C ILE C 322 2.92 -9.58 62.47
N ASP C 323 2.62 -10.26 63.60
CA ASP C 323 3.64 -10.79 64.50
C ASP C 323 3.59 -12.31 64.44
N ASP C 324 4.29 -12.84 63.45
CA ASP C 324 4.32 -14.26 63.16
C ASP C 324 4.58 -15.11 64.41
N GLN C 325 5.34 -14.55 65.32
CA GLN C 325 5.71 -15.24 66.54
C GLN C 325 4.55 -15.46 67.45
N GLU C 326 3.68 -14.46 67.56
CA GLU C 326 2.50 -14.48 68.44
C GLU C 326 1.43 -15.44 67.91
N GLU C 327 1.28 -15.33 66.62
CA GLU C 327 0.33 -16.13 65.93
C GLU C 327 0.61 -17.59 66.02
N LEU C 328 1.89 -17.93 65.85
CA LEU C 328 2.34 -19.30 65.93
C LEU C 328 1.78 -20.00 67.13
N MET C 329 1.78 -19.27 68.21
CA MET C 329 1.20 -19.82 69.43
C MET C 329 -0.26 -19.86 69.37
N ALA C 330 -0.82 -18.76 68.85
CA ALA C 330 -2.27 -18.67 68.75
C ALA C 330 -2.79 -19.90 68.05
N THR C 331 -2.12 -20.11 66.97
CA THR C 331 -2.38 -21.21 66.13
C THR C 331 -2.23 -22.46 66.88
N ASP C 332 -1.05 -22.59 67.43
CA ASP C 332 -0.67 -23.78 68.21
C ASP C 332 -1.72 -24.16 69.22
N SER C 333 -1.95 -23.21 70.12
CA SER C 333 -2.93 -23.33 71.17
C SER C 333 -4.32 -23.66 70.67
N ALA C 334 -4.71 -23.07 69.54
CA ALA C 334 -5.97 -23.34 68.97
C ALA C 334 -6.13 -24.82 68.61
N ILE C 335 -5.04 -25.37 68.09
CA ILE C 335 -5.07 -26.75 67.66
C ILE C 335 -5.50 -27.66 68.78
N ASP C 336 -4.82 -27.45 69.87
CA ASP C 336 -5.05 -28.13 71.11
C ASP C 336 -6.49 -28.03 71.53
N ILE C 337 -6.96 -26.81 71.67
CA ILE C 337 -8.32 -26.58 72.10
C ILE C 337 -9.28 -27.23 71.21
N LEU C 338 -8.84 -27.23 69.98
CA LEU C 338 -9.65 -27.89 69.00
C LEU C 338 -9.70 -29.41 69.18
N GLY C 339 -8.93 -29.92 70.14
CA GLY C 339 -8.96 -31.35 70.45
C GLY C 339 -8.11 -32.28 69.60
N PHE C 340 -7.24 -31.69 68.80
CA PHE C 340 -6.42 -32.51 67.96
C PHE C 340 -5.43 -33.31 68.79
N SER C 341 -5.15 -34.51 68.32
CA SER C 341 -4.12 -35.34 68.93
C SER C 341 -2.74 -34.79 68.66
N ALA C 342 -1.81 -34.98 69.60
CA ALA C 342 -0.49 -34.37 69.42
C ALA C 342 0.15 -34.81 68.14
N ASP C 343 -0.01 -36.08 67.95
CA ASP C 343 0.41 -36.76 66.76
C ASP C 343 -0.14 -36.00 65.53
N GLU C 344 -1.48 -35.80 65.50
CA GLU C 344 -2.08 -35.10 64.40
C GLU C 344 -1.50 -33.75 64.38
N LYS C 345 -1.39 -33.19 65.58
CA LYS C 345 -0.83 -31.86 65.71
C LYS C 345 0.61 -31.89 65.28
N THR C 346 1.11 -33.10 65.17
CA THR C 346 2.47 -33.30 64.73
C THR C 346 2.43 -33.53 63.20
N ALA C 347 1.43 -34.26 62.71
CA ALA C 347 1.29 -34.50 61.33
C ALA C 347 1.20 -33.19 60.58
N ILE C 348 0.36 -32.38 61.10
CA ILE C 348 0.08 -31.06 60.56
C ILE C 348 1.35 -30.33 60.36
N TYR C 349 2.11 -30.28 61.42
CA TYR C 349 3.31 -29.54 61.27
C TYR C 349 4.17 -30.25 60.29
N LYS C 350 4.63 -31.44 60.61
CA LYS C 350 5.51 -32.22 59.74
C LYS C 350 5.07 -32.20 58.28
N LEU C 351 3.76 -32.27 58.07
CA LEU C 351 3.21 -32.27 56.75
C LEU C 351 3.35 -30.93 56.04
N THR C 352 3.28 -29.86 56.80
CA THR C 352 3.37 -28.52 56.27
C THR C 352 4.77 -28.18 55.87
N GLY C 353 5.74 -28.93 56.33
CA GLY C 353 7.14 -28.68 56.02
C GLY C 353 7.56 -29.50 54.85
N ALA C 354 6.98 -30.70 54.74
CA ALA C 354 7.28 -31.56 53.60
C ALA C 354 7.09 -30.76 52.30
N VAL C 355 5.95 -30.12 52.28
CA VAL C 355 5.50 -29.29 51.20
C VAL C 355 6.51 -28.24 50.85
N MET C 356 7.11 -27.65 51.81
CA MET C 356 8.14 -26.62 51.57
C MET C 356 9.28 -27.24 50.86
N HIS C 357 9.65 -28.39 51.38
CA HIS C 357 10.75 -29.22 50.86
C HIS C 357 10.54 -29.65 49.44
N TYR C 358 9.32 -29.99 49.11
CA TYR C 358 9.03 -30.43 47.78
C TYR C 358 9.48 -29.41 46.76
N GLY C 359 9.15 -28.20 47.03
CA GLY C 359 9.51 -27.12 46.15
C GLY C 359 10.98 -26.97 46.02
N ASN C 360 11.70 -27.73 46.84
CA ASN C 360 13.18 -27.72 46.80
C ASN C 360 13.70 -28.94 46.06
N LEU C 361 12.80 -29.86 45.83
CA LEU C 361 13.13 -31.04 45.11
C LEU C 361 13.57 -30.64 43.73
N LYS C 362 14.76 -31.10 43.36
CA LYS C 362 15.40 -30.80 42.09
C LYS C 362 15.69 -32.04 41.29
N PHE C 363 15.67 -31.83 39.99
CA PHE C 363 15.91 -32.90 39.03
C PHE C 363 16.78 -32.45 37.89
N LYS C 364 17.30 -33.47 37.19
CA LYS C 364 18.15 -33.34 36.00
C LYS C 364 17.93 -34.41 34.94
N GLN C 365 18.17 -34.01 33.73
CA GLN C 365 18.04 -34.83 32.54
C GLN C 365 19.05 -35.94 32.52
N LYS C 366 18.54 -37.09 32.28
CA LYS C 366 19.42 -38.23 32.18
C LYS C 366 20.17 -38.00 30.89
N GLN C 367 21.44 -38.39 30.84
CA GLN C 367 22.26 -38.21 29.64
C GLN C 367 21.78 -38.97 28.42
N ARG C 368 21.73 -38.26 27.29
CA ARG C 368 21.33 -38.84 26.01
C ARG C 368 19.90 -39.27 26.01
N GLU C 369 19.26 -38.97 27.09
CA GLU C 369 17.87 -39.29 27.27
C GLU C 369 17.20 -37.99 27.65
N GLU C 370 15.91 -37.98 27.44
CA GLU C 370 15.10 -36.83 27.75
C GLU C 370 14.36 -37.11 29.05
N GLN C 371 14.89 -38.06 29.80
CA GLN C 371 14.26 -38.41 31.03
C GLN C 371 14.79 -37.64 32.16
N ALA C 372 13.93 -37.60 33.16
CA ALA C 372 14.22 -36.97 34.40
C ALA C 372 14.81 -37.97 35.33
N GLU C 373 15.87 -37.54 35.95
CA GLU C 373 16.56 -38.30 36.93
C GLU C 373 16.82 -37.36 38.10
N PRO C 374 16.66 -37.87 39.32
CA PRO C 374 16.86 -37.10 40.52
C PRO C 374 18.21 -36.42 40.57
N ASP C 375 18.21 -35.17 41.00
CA ASP C 375 19.42 -34.42 41.11
C ASP C 375 19.95 -34.46 42.54
N GLY C 376 19.69 -35.54 43.27
CA GLY C 376 20.18 -35.62 44.64
C GLY C 376 19.13 -36.20 45.57
N THR C 377 19.62 -36.81 46.66
CA THR C 377 18.75 -37.35 47.69
C THR C 377 19.11 -36.74 49.02
N GLU C 378 18.96 -35.45 49.04
CA GLU C 378 19.25 -34.62 50.17
C GLU C 378 17.91 -34.22 50.78
N VAL C 379 17.09 -33.68 49.88
CA VAL C 379 15.81 -33.17 50.19
C VAL C 379 14.77 -34.21 50.16
N ALA C 380 14.92 -35.10 49.27
CA ALA C 380 13.92 -36.12 49.14
C ALA C 380 13.85 -36.85 50.42
N ASP C 381 15.01 -36.98 50.98
CA ASP C 381 15.23 -37.74 52.20
C ASP C 381 14.38 -37.19 53.29
N LYS C 382 14.41 -35.87 53.36
CA LYS C 382 13.66 -35.14 54.37
C LYS C 382 12.19 -35.21 54.11
N ALA C 383 11.84 -34.97 52.86
CA ALA C 383 10.44 -34.99 52.52
C ALA C 383 9.95 -36.37 52.81
N ALA C 384 10.71 -37.35 52.44
CA ALA C 384 10.35 -38.73 52.63
C ALA C 384 10.11 -39.10 54.07
N TYR C 385 10.99 -38.69 54.92
CA TYR C 385 10.95 -38.99 56.32
C TYR C 385 9.79 -38.30 57.03
N LEU C 386 9.63 -37.05 56.69
CA LEU C 386 8.63 -36.20 57.26
C LEU C 386 7.27 -36.67 56.94
N MET C 387 7.13 -37.38 55.80
CA MET C 387 5.83 -37.90 55.40
C MET C 387 5.65 -39.38 55.76
N GLY C 388 6.70 -40.01 56.25
CA GLY C 388 6.64 -41.43 56.59
C GLY C 388 6.72 -42.27 55.32
N LEU C 389 7.61 -41.85 54.44
CA LEU C 389 7.86 -42.44 53.14
C LEU C 389 9.31 -42.97 53.01
N ASN C 390 9.60 -43.54 51.86
CA ASN C 390 10.87 -44.04 51.52
C ASN C 390 11.42 -43.23 50.34
N SER C 391 12.55 -42.60 50.56
CA SER C 391 13.22 -41.73 49.60
C SER C 391 13.19 -42.26 48.19
N ALA C 392 13.59 -43.49 48.06
CA ALA C 392 13.74 -44.12 46.75
C ALA C 392 12.46 -44.28 46.02
N GLU C 393 11.63 -45.08 46.66
CA GLU C 393 10.37 -45.49 46.17
C GLU C 393 9.69 -44.28 45.68
N LEU C 394 9.90 -43.21 46.45
CA LEU C 394 9.31 -41.90 46.17
C LEU C 394 9.87 -41.30 44.86
N LEU C 395 11.18 -41.25 44.75
CA LEU C 395 11.80 -40.65 43.59
C LEU C 395 11.57 -41.40 42.31
N LYS C 396 11.25 -42.69 42.46
CA LYS C 396 10.99 -43.53 41.32
C LYS C 396 9.65 -43.16 40.73
N ALA C 397 8.65 -43.39 41.57
CA ALA C 397 7.26 -43.11 41.30
C ALA C 397 7.15 -41.76 40.64
N LEU C 398 7.90 -40.82 41.17
CA LEU C 398 7.93 -39.47 40.63
C LEU C 398 8.49 -39.40 39.23
N CYS C 399 9.64 -40.10 39.02
CA CYS C 399 10.37 -40.11 37.76
C CYS C 399 9.82 -41.11 36.74
N TYR C 400 9.46 -42.29 37.21
CA TYR C 400 8.94 -43.35 36.39
C TYR C 400 7.56 -43.75 36.83
N PRO C 401 6.68 -42.82 36.70
CA PRO C 401 5.28 -42.98 37.01
C PRO C 401 4.78 -44.24 36.40
N ARG C 402 4.34 -45.19 37.23
CA ARG C 402 3.78 -46.45 36.72
C ARG C 402 2.26 -46.41 36.69
N VAL C 403 1.82 -46.18 35.47
CA VAL C 403 0.45 -46.02 35.01
C VAL C 403 -0.24 -47.36 34.76
N LYS C 404 -1.51 -47.29 34.32
CA LYS C 404 -2.36 -48.47 34.03
C LYS C 404 -3.33 -48.31 32.83
N VAL C 405 -2.76 -48.15 31.61
CA VAL C 405 -3.46 -47.99 30.30
C VAL C 405 -3.80 -49.34 29.64
N GLY C 406 -5.08 -49.59 29.53
CA GLY C 406 -5.58 -50.84 28.99
C GLY C 406 -6.17 -51.57 30.19
N ASN C 407 -5.66 -52.77 30.48
CA ASN C 407 -6.14 -53.52 31.63
C ASN C 407 -5.02 -53.85 32.60
N GLU C 408 -3.87 -53.26 32.31
CA GLU C 408 -2.68 -53.45 33.09
C GLU C 408 -2.14 -52.14 33.65
N PHE C 409 -0.85 -52.20 33.98
CA PHE C 409 -0.12 -51.10 34.54
C PHE C 409 1.22 -50.89 33.82
N VAL C 410 1.19 -49.89 32.93
CA VAL C 410 2.28 -49.49 32.07
C VAL C 410 3.19 -48.42 32.63
N THR C 411 4.44 -48.78 32.84
CA THR C 411 5.39 -47.80 33.36
C THR C 411 5.81 -46.73 32.36
N LYS C 412 5.47 -45.48 32.73
CA LYS C 412 5.72 -44.28 31.95
C LYS C 412 6.81 -43.39 32.48
N GLY C 413 7.59 -42.87 31.54
CA GLY C 413 8.69 -41.98 31.85
C GLY C 413 8.33 -40.51 31.64
N GLN C 414 8.83 -39.69 32.55
CA GLN C 414 8.57 -38.28 32.50
C GLN C 414 9.78 -37.41 32.27
N THR C 415 9.50 -36.18 31.85
CA THR C 415 10.49 -35.20 31.58
C THR C 415 10.76 -34.37 32.81
N VAL C 416 11.81 -33.59 32.75
CA VAL C 416 12.19 -32.75 33.84
C VAL C 416 11.00 -31.82 34.12
N SER C 417 10.57 -31.14 33.09
CA SER C 417 9.42 -30.23 33.19
C SER C 417 8.19 -30.91 33.71
N GLN C 418 8.06 -32.19 33.46
CA GLN C 418 6.89 -32.91 33.88
C GLN C 418 6.90 -33.22 35.36
N VAL C 419 8.10 -33.40 35.88
CA VAL C 419 8.26 -33.76 37.28
C VAL C 419 7.99 -32.57 38.14
N HIS C 420 8.74 -31.53 37.85
CA HIS C 420 8.63 -30.28 38.60
C HIS C 420 7.20 -29.90 38.73
N ASN C 421 6.45 -30.11 37.66
CA ASN C 421 5.05 -29.79 37.64
C ASN C 421 4.27 -30.81 38.46
N SER C 422 4.62 -32.09 38.39
CA SER C 422 3.83 -33.03 39.19
C SER C 422 4.00 -32.86 40.68
N VAL C 423 5.19 -32.57 41.03
CA VAL C 423 5.54 -32.35 42.41
C VAL C 423 4.65 -31.26 42.95
N GLY C 424 4.68 -30.15 42.26
CA GLY C 424 3.87 -29.04 42.58
C GLY C 424 2.42 -29.43 42.70
N ALA C 425 2.01 -30.37 41.87
CA ALA C 425 0.65 -30.81 41.98
C ALA C 425 0.35 -31.54 43.24
N LEU C 426 1.32 -32.33 43.69
CA LEU C 426 1.05 -33.02 44.97
C LEU C 426 1.08 -32.06 46.15
N ALA C 427 2.12 -31.18 46.17
CA ALA C 427 2.31 -30.20 47.16
C ALA C 427 1.00 -29.53 47.42
N LYS C 428 0.40 -29.06 46.34
CA LYS C 428 -0.89 -28.41 46.45
C LYS C 428 -1.95 -29.37 46.90
N ALA C 429 -2.00 -30.53 46.25
CA ALA C 429 -3.00 -31.53 46.58
C ALA C 429 -3.01 -31.85 48.06
N VAL C 430 -1.85 -32.17 48.56
CA VAL C 430 -1.67 -32.49 49.97
C VAL C 430 -2.11 -31.44 50.94
N TYR C 431 -1.64 -30.22 50.67
CA TYR C 431 -2.01 -29.08 51.50
C TYR C 431 -3.50 -28.94 51.62
N GLU C 432 -4.14 -28.89 50.43
CA GLU C 432 -5.56 -28.79 50.36
C GLU C 432 -6.26 -29.75 51.24
N LYS C 433 -6.24 -30.98 50.81
CA LYS C 433 -6.78 -32.14 51.56
C LYS C 433 -6.68 -31.98 53.05
N MET C 434 -5.46 -31.71 53.45
CA MET C 434 -5.14 -31.50 54.85
C MET C 434 -6.03 -30.46 55.43
N PHE C 435 -6.05 -29.36 54.73
CA PHE C 435 -6.88 -28.26 55.14
C PHE C 435 -8.29 -28.69 55.29
N LEU C 436 -8.71 -29.54 54.34
CA LEU C 436 -10.08 -30.04 54.39
C LEU C 436 -10.28 -30.87 55.63
N TRP C 437 -9.32 -31.73 55.87
CA TRP C 437 -9.35 -32.61 57.01
C TRP C 437 -9.48 -31.85 58.31
N MET C 438 -8.59 -30.86 58.47
CA MET C 438 -8.58 -30.04 59.67
C MET C 438 -9.96 -29.55 59.95
N VAL C 439 -10.57 -29.06 58.87
CA VAL C 439 -11.93 -28.58 59.02
C VAL C 439 -12.83 -29.65 59.57
N ILE C 440 -12.81 -30.80 58.93
CA ILE C 440 -13.61 -31.92 59.40
C ILE C 440 -13.36 -32.24 60.85
N ARG C 441 -12.12 -32.35 61.18
CA ARG C 441 -11.77 -32.66 62.53
C ARG C 441 -12.33 -31.62 63.47
N ILE C 442 -12.32 -30.39 63.01
CA ILE C 442 -12.83 -29.31 63.84
C ILE C 442 -14.30 -29.61 64.08
N ASN C 443 -15.04 -29.71 62.99
CA ASN C 443 -16.44 -30.02 62.95
C ASN C 443 -16.75 -31.16 63.93
N GLN C 444 -15.83 -32.11 63.96
CA GLN C 444 -16.01 -33.25 64.83
C GLN C 444 -16.08 -32.97 66.28
N GLN C 445 -15.27 -32.03 66.67
CA GLN C 445 -15.28 -31.64 68.04
C GLN C 445 -16.50 -30.80 68.29
N LEU C 446 -16.81 -29.98 67.29
CA LEU C 446 -17.94 -29.08 67.36
C LEU C 446 -19.26 -29.82 67.31
N ASP C 447 -18.14 -33.07 67.99
CA ASP C 447 -18.91 -34.27 67.72
C ASP C 447 -19.44 -34.83 68.99
N THR C 448 -20.76 -34.92 69.03
CA THR C 448 -21.35 -35.46 70.22
C THR C 448 -22.10 -36.68 69.81
N LYS C 449 -22.51 -37.43 70.82
CA LYS C 449 -23.27 -38.65 70.61
C LYS C 449 -24.75 -38.37 70.48
N GLN C 450 -25.24 -37.33 71.22
CA GLN C 450 -26.66 -36.94 71.18
C GLN C 450 -27.23 -36.91 69.78
N PRO C 451 -28.51 -37.28 69.66
CA PRO C 451 -29.17 -37.35 68.38
C PRO C 451 -29.32 -35.98 67.77
N ARG C 452 -29.39 -36.00 66.43
CA ARG C 452 -29.53 -34.81 65.61
C ARG C 452 -30.70 -35.01 64.66
N GLN C 453 -31.58 -33.97 64.55
CA GLN C 453 -32.71 -34.16 63.66
C GLN C 453 -32.67 -33.22 62.48
N TYR C 454 -32.06 -32.06 62.74
CA TYR C 454 -31.88 -31.04 61.71
C TYR C 454 -30.71 -30.15 62.03
N PHE C 455 -30.32 -29.39 61.01
CA PHE C 455 -29.19 -28.50 61.17
C PHE C 455 -29.47 -27.20 60.47
N ILE C 456 -28.64 -26.22 60.80
CA ILE C 456 -28.77 -24.93 60.17
C ILE C 456 -27.41 -24.55 59.65
N GLY C 457 -27.31 -24.51 58.34
CA GLY C 457 -26.05 -24.21 57.73
C GLY C 457 -25.84 -22.75 57.49
N VAL C 458 -24.65 -22.35 57.91
CA VAL C 458 -24.21 -21.01 57.79
C VAL C 458 -23.01 -20.98 56.87
N LEU C 459 -23.20 -20.48 55.70
CA LEU C 459 -22.20 -20.41 54.69
C LEU C 459 -21.64 -19.01 54.54
N ASP C 460 -20.33 -18.92 54.64
CA ASP C 460 -19.57 -17.70 54.50
C ASP C 460 -18.48 -17.94 53.48
N ILE C 461 -18.55 -17.20 52.39
CA ILE C 461 -17.68 -17.26 51.25
C ILE C 461 -17.73 -15.91 50.57
N ALA C 462 -16.83 -15.71 49.65
CA ALA C 462 -16.80 -14.53 48.88
C ALA C 462 -17.73 -14.49 47.69
N GLY C 463 -17.98 -13.26 47.27
CA GLY C 463 -18.84 -13.06 46.16
C GLY C 463 -18.05 -12.64 45.01
N PHE C 464 -18.68 -12.84 43.88
CA PHE C 464 -18.19 -12.50 42.59
C PHE C 464 -17.57 -11.14 42.62
N GLU C 465 -16.28 -11.15 42.42
CA GLU C 465 -15.46 -9.96 42.38
C GLU C 465 -14.81 -9.95 41.00
N ILE C 466 -14.76 -8.77 40.45
CA ILE C 466 -14.17 -8.66 39.16
C ILE C 466 -12.93 -7.84 39.24
N PHE C 467 -11.87 -8.34 38.71
CA PHE C 467 -10.66 -7.55 38.75
C PHE C 467 -10.12 -7.39 37.37
N ASP C 468 -9.31 -6.37 37.22
CA ASP C 468 -8.74 -6.16 35.91
C ASP C 468 -7.93 -7.37 35.59
N PHE C 469 -7.49 -8.02 36.70
CA PHE C 469 -6.72 -9.24 36.60
C PHE C 469 -7.43 -10.43 37.21
N ASN C 470 -7.91 -11.33 36.36
CA ASN C 470 -8.57 -12.48 36.88
C ASN C 470 -7.82 -13.75 36.58
N SER C 471 -7.40 -14.37 37.63
CA SER C 471 -6.69 -15.60 37.47
C SER C 471 -7.51 -16.74 38.00
N PHE C 472 -6.82 -17.88 38.05
CA PHE C 472 -7.40 -19.14 38.42
C PHE C 472 -8.31 -19.08 39.61
N GLU C 473 -7.79 -18.45 40.63
CA GLU C 473 -8.55 -18.35 41.88
C GLU C 473 -9.91 -17.67 41.67
N GLN C 474 -9.95 -16.70 40.75
CA GLN C 474 -11.15 -15.98 40.45
C GLN C 474 -12.20 -16.87 39.81
N LEU C 475 -11.72 -17.66 38.90
CA LEU C 475 -12.62 -18.59 38.25
C LEU C 475 -13.30 -19.48 39.32
N CYS C 476 -12.48 -20.08 40.19
CA CYS C 476 -13.00 -20.95 41.20
C CYS C 476 -14.07 -20.26 42.04
N ILE C 477 -13.80 -19.04 42.44
CA ILE C 477 -14.77 -18.34 43.25
C ILE C 477 -15.99 -17.94 42.46
N ASN C 478 -15.75 -17.35 41.28
CA ASN C 478 -16.86 -16.92 40.44
C ASN C 478 -17.76 -18.06 40.15
N PHE C 479 -17.15 -19.16 39.84
CA PHE C 479 -17.90 -20.34 39.54
C PHE C 479 -18.75 -20.72 40.71
N THR C 480 -18.21 -20.53 41.92
CA THR C 480 -18.95 -20.88 43.08
C THR C 480 -20.17 -20.03 43.16
N ASN C 481 -19.95 -18.75 42.96
CA ASN C 481 -21.03 -17.79 43.04
C ASN C 481 -22.07 -17.98 41.92
N GLU C 482 -21.62 -18.19 40.70
CA GLU C 482 -22.61 -18.32 39.66
C GLU C 482 -23.53 -19.48 39.92
N LYS C 483 -23.12 -20.38 40.73
CA LYS C 483 -23.88 -21.55 41.08
C LYS C 483 -24.88 -21.18 42.11
N LEU C 484 -24.36 -20.54 43.17
CA LEU C 484 -25.12 -20.05 44.32
C LEU C 484 -26.31 -19.21 43.85
N GLN C 485 -26.02 -18.35 42.87
CA GLN C 485 -27.01 -17.49 42.25
C GLN C 485 -28.17 -18.26 41.64
N GLN C 486 -27.86 -19.24 40.80
CA GLN C 486 -28.82 -20.09 40.16
C GLN C 486 -29.63 -20.77 41.17
N PHE C 487 -28.95 -20.97 42.29
CA PHE C 487 -29.57 -21.68 43.43
C PHE C 487 -30.70 -20.90 44.01
N PHE C 488 -30.48 -19.61 43.98
CA PHE C 488 -31.46 -18.66 44.42
C PHE C 488 -32.60 -18.50 43.40
N ASN C 489 -32.21 -18.06 42.20
CA ASN C 489 -33.12 -17.84 41.08
C ASN C 489 -34.16 -18.94 40.96
N HIS C 490 -33.76 -20.12 41.39
CA HIS C 490 -34.67 -21.22 41.31
C HIS C 490 -35.62 -21.18 42.46
N HIS C 491 -35.05 -21.06 43.66
CA HIS C 491 -35.81 -21.02 44.91
C HIS C 491 -36.85 -19.96 44.78
N MET C 492 -36.53 -18.95 44.04
CA MET C 492 -37.46 -17.88 43.85
C MET C 492 -38.53 -18.24 42.87
N PHE C 493 -38.15 -19.05 41.92
CA PHE C 493 -39.08 -19.46 40.93
C PHE C 493 -40.03 -20.40 41.55
N VAL C 494 -39.54 -21.23 42.32
CA VAL C 494 -40.37 -22.15 43.02
C VAL C 494 -41.34 -21.42 43.89
N LEU C 495 -40.78 -20.53 44.68
CA LEU C 495 -41.46 -19.67 45.65
C LEU C 495 -42.56 -18.83 45.02
N GLU C 496 -42.18 -18.07 44.00
CA GLU C 496 -43.11 -17.21 43.28
C GLU C 496 -44.38 -17.98 42.89
N GLN C 497 -44.14 -19.00 42.12
CA GLN C 497 -45.12 -19.89 41.59
C GLN C 497 -46.10 -20.46 42.62
N GLU C 498 -45.73 -20.39 43.88
CA GLU C 498 -46.62 -20.90 44.89
C GLU C 498 -47.72 -19.87 45.08
N GLU C 499 -47.32 -18.60 45.10
CA GLU C 499 -48.26 -17.50 45.30
C GLU C 499 -49.31 -17.56 44.24
N TYR C 500 -48.87 -17.43 43.00
CA TYR C 500 -49.83 -17.49 41.92
C TYR C 500 -50.72 -18.73 41.97
N LYS C 501 -50.34 -19.69 42.80
CA LYS C 501 -51.05 -20.93 42.92
C LYS C 501 -51.98 -20.82 44.10
N LYS C 502 -51.47 -20.16 45.12
CA LYS C 502 -52.22 -19.89 46.35
C LYS C 502 -53.38 -18.93 46.01
N GLU C 503 -53.03 -17.84 45.36
CA GLU C 503 -54.00 -16.86 44.95
C GLU C 503 -54.88 -17.34 43.82
N GLY C 504 -54.30 -17.92 42.84
CA GLY C 504 -55.21 -18.30 41.81
C GLY C 504 -54.96 -17.45 40.62
N ILE C 505 -53.80 -16.82 40.62
CA ILE C 505 -53.48 -16.05 39.45
C ILE C 505 -53.03 -17.01 38.36
N GLU C 506 -53.09 -16.56 37.13
CA GLU C 506 -52.68 -17.38 36.06
C GLU C 506 -51.43 -16.86 35.40
N TRP C 507 -50.27 -17.24 35.95
CA TRP C 507 -48.99 -16.81 35.45
C TRP C 507 -48.09 -18.00 35.16
N GLU C 508 -47.62 -18.13 33.90
CA GLU C 508 -46.73 -19.22 33.60
C GLU C 508 -45.35 -18.73 33.34
N PHE C 509 -44.40 -19.47 33.89
CA PHE C 509 -43.06 -19.07 33.72
C PHE C 509 -42.09 -20.21 33.97
N ILE C 510 -41.02 -20.08 33.24
CA ILE C 510 -39.88 -20.94 33.20
C ILE C 510 -38.97 -20.64 34.41
N ASP C 511 -38.29 -21.67 34.91
CA ASP C 511 -37.35 -21.57 36.01
C ASP C 511 -36.42 -20.43 35.78
N PHE C 512 -36.08 -19.63 36.78
CA PHE C 512 -35.19 -18.53 36.49
C PHE C 512 -33.78 -18.95 36.51
N GLY C 513 -33.53 -20.13 37.04
CA GLY C 513 -32.17 -20.60 37.07
C GLY C 513 -31.59 -20.81 35.66
N MET C 514 -32.36 -21.48 34.88
CA MET C 514 -32.10 -21.86 33.53
C MET C 514 -31.28 -20.89 32.78
N ASP C 515 -31.45 -19.65 33.12
CA ASP C 515 -30.68 -18.68 32.35
C ASP C 515 -29.21 -18.87 32.51
N LEU C 516 -28.83 -19.41 33.67
CA LEU C 516 -27.42 -19.56 33.94
C LEU C 516 -26.80 -20.87 33.59
N ALA C 517 -27.60 -21.88 33.35
CA ALA C 517 -27.09 -23.20 33.03
C ALA C 517 -26.06 -23.19 31.93
N ALA C 518 -26.18 -22.29 31.00
CA ALA C 518 -25.23 -22.17 29.94
C ALA C 518 -23.85 -22.01 30.48
N CYS C 519 -23.66 -21.00 31.32
CA CYS C 519 -22.33 -20.77 31.86
C CYS C 519 -21.81 -21.91 32.71
N ILE C 520 -22.65 -22.39 33.58
CA ILE C 520 -22.21 -23.51 34.39
C ILE C 520 -21.74 -24.72 33.59
N GLU C 521 -22.55 -25.18 32.63
CA GLU C 521 -22.13 -26.34 31.85
C GLU C 521 -20.73 -26.18 31.26
N LEU C 522 -20.44 -25.01 30.74
CA LEU C 522 -19.19 -24.68 30.07
C LEU C 522 -18.00 -24.87 30.99
N ILE C 523 -18.23 -24.65 32.27
CA ILE C 523 -17.17 -24.80 33.24
C ILE C 523 -17.01 -26.20 33.78
N GLU C 524 -18.11 -26.73 34.30
CA GLU C 524 -18.14 -28.03 34.96
C GLU C 524 -18.36 -29.27 34.13
N LYS C 525 -18.90 -29.13 32.96
CA LYS C 525 -19.18 -30.27 32.12
C LYS C 525 -17.88 -30.84 31.60
N PRO C 526 -17.97 -32.08 31.07
CA PRO C 526 -16.83 -32.82 30.55
C PRO C 526 -15.89 -32.18 29.55
N MET C 527 -16.38 -31.53 28.51
CA MET C 527 -15.33 -30.99 27.65
C MET C 527 -15.06 -29.56 27.98
N GLY C 528 -15.60 -29.14 29.13
CA GLY C 528 -15.50 -27.79 29.64
C GLY C 528 -14.17 -27.46 30.31
N ILE C 529 -13.95 -26.15 30.48
CA ILE C 529 -12.74 -25.55 31.05
C ILE C 529 -11.95 -26.36 32.02
N PHE C 530 -12.60 -26.71 33.10
CA PHE C 530 -11.93 -27.51 34.12
C PHE C 530 -11.32 -28.78 33.56
N SER C 531 -12.14 -29.57 32.83
CA SER C 531 -11.64 -30.78 32.23
C SER C 531 -10.39 -30.54 31.39
N ILE C 532 -10.55 -29.71 30.37
CA ILE C 532 -9.42 -29.35 29.53
C ILE C 532 -8.25 -28.90 30.42
N LEU C 533 -8.61 -28.27 31.53
CA LEU C 533 -7.62 -27.87 32.46
C LEU C 533 -7.01 -29.04 33.18
N GLU C 534 -7.82 -29.92 33.65
CA GLU C 534 -7.31 -31.05 34.38
C GLU C 534 -6.81 -32.19 33.56
N GLU C 535 -6.92 -32.09 32.26
CA GLU C 535 -6.45 -33.21 31.44
C GLU C 535 -5.03 -32.92 31.16
N GLU C 536 -4.88 -31.74 30.54
CA GLU C 536 -3.56 -31.23 30.19
C GLU C 536 -2.56 -31.38 31.35
N CYS C 537 -3.09 -31.40 32.55
CA CYS C 537 -2.26 -31.51 33.71
C CYS C 537 -1.63 -32.86 33.75
N MET C 538 -2.10 -33.73 32.85
CA MET C 538 -1.63 -35.14 32.79
C MET C 538 -0.53 -35.30 31.75
N PHE C 539 -0.39 -34.30 30.90
CA PHE C 539 0.57 -34.25 29.85
C PHE C 539 1.88 -33.66 30.40
N PRO C 540 2.85 -34.52 30.56
CA PRO C 540 4.15 -34.20 31.10
C PRO C 540 4.86 -33.07 30.42
N LYS C 541 4.39 -32.67 29.29
CA LYS C 541 5.09 -31.64 28.51
C LYS C 541 4.10 -30.64 27.92
N ALA C 542 3.10 -30.31 28.72
CA ALA C 542 2.11 -29.35 28.27
C ALA C 542 2.47 -27.95 28.70
N THR C 543 1.88 -26.97 28.05
CA THR C 543 2.17 -25.59 28.36
C THR C 543 0.88 -24.88 28.65
N ASP C 544 1.02 -23.74 29.28
CA ASP C 544 -0.12 -22.90 29.55
C ASP C 544 -0.68 -22.63 28.14
N THR C 545 0.25 -22.32 27.25
CA THR C 545 -0.05 -22.06 25.86
C THR C 545 -0.73 -23.25 25.22
N SER C 546 -0.24 -24.43 25.55
CA SER C 546 -0.84 -25.63 25.02
C SER C 546 -2.29 -25.66 25.43
N PHE C 547 -2.50 -25.65 26.74
CA PHE C 547 -3.78 -25.63 27.38
C PHE C 547 -4.70 -24.64 26.73
N LYS C 548 -4.15 -23.45 26.55
CA LYS C 548 -4.92 -22.36 25.95
C LYS C 548 -5.55 -22.81 24.65
N ASN C 549 -4.71 -23.24 23.72
CA ASN C 549 -5.20 -23.65 22.41
C ASN C 549 -6.28 -24.70 22.52
N LYS C 550 -6.09 -25.62 23.46
CA LYS C 550 -7.05 -26.68 23.58
C LYS C 550 -8.38 -26.12 23.99
N LEU C 551 -8.27 -25.07 24.76
CA LEU C 551 -9.43 -24.39 25.24
C LEU C 551 -10.18 -23.82 24.06
N TYR C 552 -9.43 -23.21 23.16
CA TYR C 552 -10.12 -22.57 22.04
C TYR C 552 -10.68 -23.51 21.02
N ASP C 553 -9.78 -24.27 20.42
CA ASP C 553 -10.11 -25.23 19.37
C ASP C 553 -11.45 -25.90 19.63
N GLN C 554 -11.71 -26.08 20.93
CA GLN C 554 -12.93 -26.75 21.36
C GLN C 554 -14.08 -25.87 21.77
N HIS C 555 -13.83 -24.67 22.25
CA HIS C 555 -14.99 -23.90 22.67
C HIS C 555 -15.26 -22.69 21.81
N LEU C 556 -14.18 -22.14 21.27
CA LEU C 556 -14.32 -20.97 20.46
C LEU C 556 -15.14 -21.13 19.20
N GLY C 557 -16.06 -20.19 19.07
CA GLY C 557 -16.98 -20.11 17.96
C GLY C 557 -18.16 -21.05 18.16
N LYS C 558 -17.94 -22.10 18.93
CA LYS C 558 -18.92 -23.10 19.19
C LYS C 558 -19.71 -22.81 20.44
N SER C 559 -19.12 -21.98 21.28
CA SER C 559 -19.76 -21.61 22.53
C SER C 559 -19.90 -20.14 22.71
N ASN C 560 -21.11 -19.75 23.10
CA ASN C 560 -21.54 -18.38 23.18
C ASN C 560 -20.98 -17.66 24.41
N ASN C 561 -20.93 -18.36 25.50
CA ASN C 561 -20.46 -17.76 26.71
C ASN C 561 -18.96 -17.63 26.69
N PHE C 562 -18.41 -18.30 25.70
CA PHE C 562 -16.99 -18.33 25.46
C PHE C 562 -16.59 -17.25 24.47
N GLN C 563 -15.56 -16.51 24.82
CA GLN C 563 -15.16 -15.39 24.02
C GLN C 563 -13.66 -15.12 24.16
N LYS C 564 -13.11 -14.41 23.19
CA LYS C 564 -11.71 -14.01 23.23
C LYS C 564 -11.66 -12.59 23.69
N PRO C 565 -10.77 -12.30 24.63
CA PRO C 565 -10.64 -10.98 25.21
C PRO C 565 -10.41 -9.86 24.23
N LYS C 566 -11.04 -8.73 24.58
CA LYS C 566 -10.99 -7.46 23.89
C LYS C 566 -9.91 -6.60 24.56
N PRO C 567 -8.72 -6.52 23.96
CA PRO C 567 -7.63 -5.75 24.55
C PRO C 567 -8.05 -4.33 24.97
N ALA C 568 -7.55 -3.91 26.14
CA ALA C 568 -7.82 -2.58 26.71
C ALA C 568 -6.68 -2.11 27.63
N ALA C 572 -3.86 -5.75 32.86
CA ALA C 572 -2.97 -6.62 32.13
C ALA C 572 -3.56 -7.27 30.87
N GLU C 573 -3.12 -8.50 30.61
CA GLU C 573 -3.50 -9.29 29.46
C GLU C 573 -4.71 -10.19 29.74
N ALA C 574 -5.19 -10.90 28.72
CA ALA C 574 -6.33 -11.74 28.95
C ALA C 574 -6.37 -12.85 27.92
N HIS C 575 -6.85 -14.02 28.32
CA HIS C 575 -6.88 -15.09 27.37
C HIS C 575 -8.24 -15.53 27.05
N PHE C 576 -9.14 -15.22 27.95
CA PHE C 576 -10.46 -15.63 27.67
C PHE C 576 -11.42 -15.08 28.64
N SER C 577 -12.51 -14.67 28.06
CA SER C 577 -13.55 -14.08 28.78
C SER C 577 -14.69 -15.04 28.78
N LEU C 578 -15.43 -14.93 29.84
CA LEU C 578 -16.62 -15.68 30.08
C LEU C 578 -17.77 -14.74 30.35
N VAL C 579 -18.95 -15.22 30.09
CA VAL C 579 -20.12 -14.41 30.31
C VAL C 579 -20.98 -14.90 31.47
N HIS C 580 -20.58 -14.46 32.65
CA HIS C 580 -21.25 -14.83 33.88
C HIS C 580 -22.48 -13.96 34.06
N TYR C 581 -23.38 -14.34 34.99
CA TYR C 581 -24.57 -13.54 35.19
C TYR C 581 -24.27 -12.07 35.51
N ALA C 582 -23.22 -11.87 36.34
CA ALA C 582 -22.81 -10.52 36.75
C ALA C 582 -22.18 -9.69 35.63
N GLY C 583 -21.60 -10.42 34.69
CA GLY C 583 -20.97 -9.81 33.54
C GLY C 583 -19.86 -10.65 32.96
N THR C 584 -19.02 -9.96 32.16
CA THR C 584 -17.90 -10.54 31.45
C THR C 584 -16.63 -10.50 32.24
N VAL C 585 -16.05 -11.66 32.40
CA VAL C 585 -14.80 -11.71 33.15
C VAL C 585 -13.68 -12.14 32.22
N ASP C 586 -12.64 -11.33 32.24
CA ASP C 586 -11.46 -11.54 31.42
C ASP C 586 -10.45 -12.32 32.23
N TYR C 587 -10.24 -13.56 31.81
CA TYR C 587 -9.35 -14.49 32.54
C TYR C 587 -8.00 -14.67 31.89
N ASN C 588 -6.98 -14.63 32.75
CA ASN C 588 -5.58 -14.84 32.39
C ASN C 588 -5.15 -16.19 32.88
N ILE C 589 -4.70 -17.00 31.96
CA ILE C 589 -4.29 -18.39 32.16
C ILE C 589 -2.82 -18.56 32.34
N SER C 590 -2.26 -18.13 33.42
CA SER C 590 -0.83 -18.29 33.43
C SER C 590 -0.33 -18.72 34.77
N GLY C 591 -0.15 -20.02 34.87
CA GLY C 591 0.36 -20.60 36.07
C GLY C 591 -0.56 -21.67 36.46
N TRP C 592 -1.65 -21.61 35.68
CA TRP C 592 -2.74 -22.51 35.97
C TRP C 592 -2.31 -23.92 36.05
N LEU C 593 -1.64 -24.31 34.97
CA LEU C 593 -1.18 -25.71 34.85
C LEU C 593 -0.48 -26.15 36.12
N GLU C 594 0.47 -25.34 36.52
CA GLU C 594 1.22 -25.57 37.75
C GLU C 594 0.40 -25.58 39.00
N LYS C 595 -0.23 -24.43 39.23
CA LYS C 595 -1.06 -24.20 40.38
C LYS C 595 -1.98 -25.33 40.54
N ASN C 596 -2.42 -25.80 39.40
CA ASN C 596 -3.33 -26.91 39.40
C ASN C 596 -2.65 -28.26 39.67
N LYS C 597 -1.36 -28.35 39.60
CA LYS C 597 -0.67 -29.64 39.80
C LYS C 597 -0.19 -29.88 41.22
N ASP C 598 -0.07 -28.80 41.93
CA ASP C 598 0.41 -28.82 43.29
C ASP C 598 1.65 -29.64 43.42
N PRO C 599 -5.20 -33.67 37.71
CA PRO C 599 -4.25 -34.72 37.44
C PRO C 599 -3.20 -34.86 38.54
N LEU C 600 -3.12 -36.06 39.09
CA LEU C 600 -2.20 -36.40 40.17
C LEU C 600 -1.49 -37.73 39.90
N ASN C 601 -0.18 -37.80 40.10
CA ASN C 601 0.57 -39.03 39.90
C ASN C 601 0.18 -40.05 40.92
N GLU C 602 -0.62 -40.92 40.45
CA GLU C 602 -1.20 -41.98 41.22
C GLU C 602 -0.23 -42.95 41.87
N THR C 603 1.00 -43.01 41.34
CA THR C 603 1.96 -43.91 41.92
C THR C 603 2.33 -43.43 43.28
N VAL C 604 2.62 -42.15 43.31
CA VAL C 604 2.97 -41.45 44.55
C VAL C 604 1.87 -41.53 45.59
N ILE C 605 0.68 -41.20 45.14
CA ILE C 605 -0.47 -41.22 45.99
C ILE C 605 -0.54 -42.56 46.65
N GLY C 606 -0.02 -43.52 45.90
CA GLY C 606 -0.01 -44.89 46.38
C GLY C 606 0.75 -44.92 47.65
N LEU C 607 1.96 -44.41 47.55
CA LEU C 607 2.86 -44.34 48.70
C LEU C 607 2.22 -43.65 49.88
N TYR C 608 1.53 -42.55 49.60
CA TYR C 608 0.90 -41.82 50.68
C TYR C 608 -0.05 -42.75 51.36
N GLN C 609 -0.81 -43.37 50.51
CA GLN C 609 -1.85 -44.28 50.97
C GLN C 609 -1.35 -45.33 51.95
N LYS C 610 -0.05 -45.61 51.92
CA LYS C 610 0.55 -46.58 52.82
C LYS C 610 1.66 -46.00 53.65
N SER C 611 1.48 -44.74 54.04
CA SER C 611 2.45 -44.04 54.87
C SER C 611 2.47 -44.52 56.31
N SER C 612 3.54 -44.17 56.97
CA SER C 612 3.70 -44.51 58.39
C SER C 612 3.04 -43.42 59.22
N VAL C 613 2.69 -42.34 58.51
CA VAL C 613 2.06 -41.17 59.07
C VAL C 613 0.59 -41.19 58.74
N LYS C 614 -0.14 -41.91 59.59
CA LYS C 614 -1.55 -42.25 59.52
C LYS C 614 -2.39 -41.16 58.90
N THR C 615 -2.24 -40.00 59.45
CA THR C 615 -2.93 -38.83 58.98
C THR C 615 -2.74 -38.63 57.49
N LEU C 616 -1.52 -38.67 57.05
CA LEU C 616 -1.23 -38.54 55.63
C LEU C 616 -1.90 -39.63 54.94
N ALA C 617 -1.82 -40.81 55.54
CA ALA C 617 -2.48 -41.94 54.95
C ALA C 617 -3.95 -41.67 54.80
N LEU C 618 -4.54 -41.17 55.82
CA LEU C 618 -5.95 -40.90 55.78
C LEU C 618 -6.43 -40.02 54.68
N LEU C 619 -5.85 -38.80 54.67
CA LEU C 619 -6.19 -37.76 53.70
C LEU C 619 -6.45 -38.29 52.30
N PHE C 620 -5.74 -39.35 51.96
CA PHE C 620 -5.82 -39.89 50.58
C PHE C 620 -6.39 -41.31 50.55
N ALA C 621 -7.57 -41.55 51.12
CA ALA C 621 -8.22 -42.89 51.10
C ALA C 621 -9.41 -42.95 50.16
N THR C 622 -9.88 -41.76 49.85
CA THR C 622 -10.99 -41.52 48.96
C THR C 622 -10.53 -41.51 47.48
N TYR C 623 -9.26 -41.80 47.29
CA TYR C 623 -8.73 -41.78 45.97
C TYR C 623 -9.06 -43.06 45.20
N GLN C 644 -4.19 -36.75 40.57
CA GLN C 644 -5.23 -35.87 41.12
C GLN C 644 -4.84 -34.39 41.17
N THR C 645 -5.75 -33.61 40.57
CA THR C 645 -5.61 -32.18 40.46
C THR C 645 -6.22 -31.40 41.64
N VAL C 646 -5.98 -30.10 41.65
CA VAL C 646 -6.44 -29.20 42.68
C VAL C 646 -7.89 -28.87 42.44
N SER C 647 -8.14 -28.50 41.19
CA SER C 647 -9.47 -28.17 40.76
C SER C 647 -10.35 -29.38 40.86
N ALA C 648 -9.74 -30.57 40.82
CA ALA C 648 -10.44 -31.83 40.95
C ALA C 648 -11.26 -31.94 42.23
N LEU C 649 -10.75 -31.40 43.32
CA LEU C 649 -11.47 -31.43 44.62
C LEU C 649 -12.50 -30.38 44.72
N PHE C 650 -11.95 -29.16 44.57
CA PHE C 650 -12.68 -27.91 44.63
C PHE C 650 -14.09 -28.20 44.13
N ARG C 651 -14.14 -28.88 43.01
CA ARG C 651 -15.35 -29.29 42.39
C ARG C 651 -16.10 -30.25 43.34
N GLU C 652 -15.45 -31.32 43.79
CA GLU C 652 -15.98 -32.37 44.68
C GLU C 652 -16.54 -31.82 45.98
N ASN C 653 -15.84 -30.84 46.47
CA ASN C 653 -16.18 -30.16 47.68
C ASN C 653 -17.38 -29.24 47.41
N LEU C 654 -17.26 -28.52 46.31
CA LEU C 654 -18.31 -27.62 45.84
C LEU C 654 -19.56 -28.37 45.49
N ASN C 655 -19.47 -29.66 45.36
CA ASN C 655 -20.64 -30.46 45.01
C ASN C 655 -21.34 -30.99 46.21
N LYS C 656 -20.51 -31.36 47.14
CA LYS C 656 -20.88 -31.91 48.39
C LYS C 656 -21.61 -30.84 49.15
N LEU C 657 -21.29 -29.60 48.77
CA LEU C 657 -21.77 -28.38 49.39
C LEU C 657 -23.10 -27.99 48.83
N MET C 658 -23.11 -27.76 47.53
CA MET C 658 -24.33 -27.38 46.81
C MET C 658 -25.41 -28.44 46.99
N ALA C 659 -25.02 -29.63 47.46
CA ALA C 659 -25.96 -30.72 47.69
C ALA C 659 -26.54 -30.57 49.06
N ASN C 660 -25.70 -30.11 49.94
CA ASN C 660 -26.07 -29.90 51.33
C ASN C 660 -26.98 -28.66 51.35
N LEU C 661 -26.72 -27.78 50.40
CA LEU C 661 -27.44 -26.54 50.29
C LEU C 661 -28.89 -26.80 49.82
N ARG C 662 -29.09 -27.86 49.05
CA ARG C 662 -30.38 -28.26 48.49
C ARG C 662 -31.35 -28.83 49.53
N SER C 663 -30.86 -29.76 50.36
CA SER C 663 -31.66 -30.36 51.43
C SER C 663 -31.83 -29.36 52.53
N THR C 664 -31.87 -28.10 52.11
CA THR C 664 -31.94 -26.96 52.95
C THR C 664 -32.95 -25.97 52.46
N HIS C 665 -33.52 -25.23 53.42
CA HIS C 665 -34.37 -24.10 53.11
C HIS C 665 -33.53 -22.82 53.12
N PRO C 666 -33.11 -22.38 51.97
CA PRO C 666 -32.19 -21.31 51.79
C PRO C 666 -32.71 -20.02 52.38
N HIS C 667 -31.82 -19.37 53.14
CA HIS C 667 -32.01 -18.08 53.75
C HIS C 667 -30.81 -17.24 53.35
N PHE C 668 -31.05 -16.14 52.68
CA PHE C 668 -30.06 -15.25 52.11
C PHE C 668 -29.76 -13.93 52.83
N VAL C 669 -28.49 -13.60 52.89
CA VAL C 669 -27.95 -12.42 53.50
C VAL C 669 -26.81 -11.84 52.67
N ARG C 670 -26.97 -10.63 52.19
CA ARG C 670 -26.04 -9.92 51.35
C ARG C 670 -25.41 -8.75 52.10
N CYS C 671 -24.09 -8.84 52.33
CA CYS C 671 -23.35 -7.84 53.07
C CYS C 671 -22.78 -6.77 52.15
N ILE C 672 -22.92 -5.49 52.50
CA ILE C 672 -22.47 -4.41 51.66
C ILE C 672 -21.44 -3.45 52.28
N ILE C 673 -20.60 -2.89 51.41
CA ILE C 673 -19.51 -2.00 51.79
C ILE C 673 -19.67 -0.65 51.12
N PRO C 674 -19.99 0.31 51.95
CA PRO C 674 -20.32 1.68 51.65
C PRO C 674 -19.32 2.46 50.89
N ASN C 675 -18.15 2.68 51.51
CA ASN C 675 -17.09 3.45 50.85
C ASN C 675 -15.72 2.93 51.17
N GLU C 676 -14.90 2.85 50.13
CA GLU C 676 -13.53 2.37 50.27
C GLU C 676 -12.78 3.12 51.34
N THR C 677 -13.18 4.36 51.52
CA THR C 677 -12.53 5.22 52.50
C THR C 677 -12.88 4.97 53.95
N LYS C 678 -13.70 4.00 54.31
CA LYS C 678 -13.98 3.80 55.75
C LYS C 678 -14.62 4.97 56.49
N THR C 679 -15.82 5.32 56.12
CA THR C 679 -16.51 6.44 56.74
C THR C 679 -17.93 6.07 57.03
N PRO C 680 -18.34 6.19 58.25
CA PRO C 680 -19.72 5.84 58.56
C PRO C 680 -20.64 6.86 57.93
N GLY C 681 -21.89 6.47 57.73
CA GLY C 681 -22.93 7.27 57.12
C GLY C 681 -22.67 7.73 55.67
N ALA C 682 -21.77 7.07 54.98
CA ALA C 682 -21.46 7.48 53.60
C ALA C 682 -21.51 6.35 52.57
N MET C 683 -21.59 6.71 51.30
CA MET C 683 -21.70 5.69 50.33
C MET C 683 -21.19 6.02 48.93
N GLU C 684 -20.22 5.32 48.36
CA GLU C 684 -19.96 5.77 46.99
C GLU C 684 -21.01 5.08 46.16
N HIS C 685 -21.51 5.77 45.18
CA HIS C 685 -22.53 5.18 44.38
C HIS C 685 -22.14 3.94 43.63
N GLU C 686 -21.39 4.16 42.58
CA GLU C 686 -21.00 3.09 41.72
C GLU C 686 -20.38 1.92 42.41
N LEU C 687 -19.87 2.17 43.57
CA LEU C 687 -19.27 1.11 44.36
C LEU C 687 -20.35 0.20 44.92
N VAL C 688 -21.41 0.78 45.46
CA VAL C 688 -22.54 0.02 45.95
C VAL C 688 -23.30 -0.61 44.75
N LEU C 689 -23.38 0.16 43.67
CA LEU C 689 -24.06 -0.29 42.48
C LEU C 689 -23.50 -1.61 42.00
N HIS C 690 -22.20 -1.67 42.00
CA HIS C 690 -21.50 -2.86 41.61
C HIS C 690 -21.98 -4.08 42.36
N GLN C 691 -21.81 -3.97 43.65
CA GLN C 691 -22.15 -5.03 44.52
C GLN C 691 -23.52 -5.52 44.26
N LEU C 692 -24.39 -4.57 44.06
CA LEU C 692 -25.77 -4.93 43.80
C LEU C 692 -26.00 -5.87 42.64
N ARG C 693 -25.16 -5.73 41.60
CA ARG C 693 -25.32 -6.55 40.42
C ARG C 693 -24.80 -7.95 40.60
N CYS C 694 -23.64 -7.97 41.24
CA CYS C 694 -22.92 -9.18 41.54
C CYS C 694 -23.49 -9.84 42.78
N ASN C 695 -24.35 -9.15 43.46
CA ASN C 695 -24.92 -9.66 44.70
C ASN C 695 -25.97 -10.69 44.46
N GLY C 696 -26.83 -10.32 43.52
CA GLY C 696 -28.02 -10.99 43.15
C GLY C 696 -29.23 -10.09 43.39
N VAL C 697 -29.01 -9.02 44.13
CA VAL C 697 -30.03 -8.08 44.51
C VAL C 697 -30.71 -7.48 43.30
N LEU C 698 -29.89 -7.09 42.34
CA LEU C 698 -30.46 -6.50 41.15
C LEU C 698 -31.11 -7.52 40.28
N GLU C 699 -30.77 -8.76 40.49
CA GLU C 699 -31.37 -9.80 39.66
C GLU C 699 -32.66 -10.26 40.29
N GLY C 700 -32.76 -10.04 41.58
CA GLY C 700 -33.97 -10.44 42.27
C GLY C 700 -35.05 -9.43 42.01
N ILE C 701 -34.62 -8.20 41.73
CA ILE C 701 -35.53 -7.14 41.46
C ILE C 701 -36.09 -7.34 40.09
N ARG C 702 -35.21 -7.74 39.18
CA ARG C 702 -35.57 -8.04 37.79
C ARG C 702 -36.70 -9.04 37.68
N ILE C 703 -36.39 -10.19 38.23
CA ILE C 703 -37.29 -11.33 38.30
C ILE C 703 -38.60 -10.96 38.97
N CYS C 704 -38.52 -9.94 39.82
CA CYS C 704 -39.68 -9.52 40.52
C CYS C 704 -40.57 -8.75 39.58
N ARG C 705 -39.92 -7.82 38.91
CA ARG C 705 -40.54 -6.95 37.97
C ARG C 705 -41.04 -7.62 36.71
N LYS C 706 -41.00 -8.93 36.68
CA LYS C 706 -41.44 -9.59 35.47
C LYS C 706 -42.80 -10.15 35.74
N GLY C 707 -43.14 -10.22 37.57
CA GLY C 707 -44.34 -11.01 37.34
C GLY C 707 -45.51 -10.05 37.20
N PHE C 708 -46.54 -10.35 37.94
CA PHE C 708 -47.71 -9.53 38.01
C PHE C 708 -47.90 -9.06 39.46
N PRO C 709 -47.27 -7.92 39.75
CA PRO C 709 -47.28 -7.34 41.08
C PRO C 709 -48.67 -7.25 41.71
N SER C 710 -49.29 -6.10 41.48
CA SER C 710 -50.64 -5.82 41.95
C SER C 710 -51.66 -6.84 41.45
N ARG C 711 -52.41 -7.35 42.42
CA ARG C 711 -53.44 -8.34 42.15
C ARG C 711 -54.73 -7.96 42.86
N VAL C 712 -55.75 -7.67 42.06
CA VAL C 712 -57.02 -7.23 42.56
C VAL C 712 -58.01 -8.34 42.72
N LEU C 713 -58.62 -8.30 43.88
CA LEU C 713 -59.72 -9.19 44.20
C LEU C 713 -60.92 -8.59 43.47
N TYR C 714 -61.62 -9.48 42.86
CA TYR C 714 -62.79 -9.20 42.02
C TYR C 714 -63.87 -8.19 42.48
N ALA C 715 -64.42 -8.33 43.68
CA ALA C 715 -65.41 -7.37 44.17
C ALA C 715 -64.80 -6.02 44.41
N ASP C 716 -63.57 -6.12 45.01
CA ASP C 716 -62.71 -5.01 45.30
C ASP C 716 -62.37 -4.32 43.98
N PHE C 717 -62.63 -5.11 42.90
CA PHE C 717 -62.38 -4.64 41.56
C PHE C 717 -63.59 -4.01 40.93
N LYS C 718 -64.72 -4.57 41.28
CA LYS C 718 -66.00 -4.10 40.76
C LYS C 718 -66.24 -2.68 41.22
N GLN C 719 -66.60 -2.63 42.52
CA GLN C 719 -66.86 -1.40 43.22
C GLN C 719 -66.07 -0.18 42.78
N ARG C 720 -64.75 -0.29 42.91
CA ARG C 720 -63.85 0.79 42.59
C ARG C 720 -63.80 1.27 41.15
N TYR C 721 -64.14 0.35 40.23
CA TYR C 721 -64.00 0.70 38.82
C TYR C 721 -65.21 0.58 37.91
N ARG C 722 -66.32 0.07 38.47
CA ARG C 722 -67.57 -0.09 37.70
C ARG C 722 -67.83 1.11 36.78
N VAL C 723 -67.69 2.28 37.43
CA VAL C 723 -67.84 3.61 36.88
C VAL C 723 -67.13 3.88 35.56
N LEU C 724 -66.19 3.04 35.20
CA LEU C 724 -65.41 3.31 34.00
C LEU C 724 -66.13 3.10 32.69
N ASN C 725 -67.06 2.18 32.72
CA ASN C 725 -67.87 1.82 31.54
C ASN C 725 -69.10 1.10 32.05
N ALA C 726 -69.49 1.54 33.24
CA ALA C 726 -70.62 1.05 34.01
C ALA C 726 -71.78 0.47 33.21
N SER C 727 -71.85 0.81 31.94
CA SER C 727 -72.93 0.31 31.11
C SER C 727 -72.70 -1.09 30.56
N ALA C 728 -71.47 -1.58 30.58
CA ALA C 728 -71.20 -2.92 30.06
C ALA C 728 -71.99 -3.92 30.88
N ILE C 729 -73.59 -2.87 30.76
CA ILE C 729 -74.53 -3.01 31.85
C ILE C 729 -75.54 -4.13 31.98
N PRO C 730 -76.51 -4.52 31.14
CA PRO C 730 -77.47 -5.55 31.58
C PRO C 730 -76.80 -6.89 31.95
N GLU C 731 -75.89 -7.32 31.08
CA GLU C 731 -75.06 -8.48 31.29
C GLU C 731 -73.89 -8.31 32.26
N GLY C 732 -73.49 -7.07 32.57
CA GLY C 732 -72.50 -6.76 33.61
C GLY C 732 -73.10 -6.57 35.03
N GLN C 733 -74.41 -6.31 35.12
CA GLN C 733 -75.16 -6.20 36.37
C GLN C 733 -75.94 -7.40 36.88
N PHE C 734 -76.61 -8.20 36.04
CA PHE C 734 -77.28 -9.45 36.45
C PHE C 734 -76.18 -10.49 36.75
N MET C 735 -75.39 -10.25 38.18
CA MET C 735 -74.11 -10.63 37.59
C MET C 735 -73.29 -11.41 38.61
N ASP C 736 -72.07 -11.70 38.18
CA ASP C 736 -71.10 -12.45 38.93
C ASP C 736 -69.99 -11.55 39.42
N SER C 737 -69.47 -11.86 40.61
CA SER C 737 -68.37 -11.10 41.20
C SER C 737 -67.09 -11.25 40.37
N LYS C 738 -67.01 -12.35 39.62
CA LYS C 738 -65.85 -12.62 38.78
C LYS C 738 -66.07 -12.23 37.31
N LYS C 739 -66.97 -12.95 36.64
CA LYS C 739 -67.28 -12.75 35.23
C LYS C 739 -67.44 -11.28 34.89
N ALA C 740 -67.87 -10.54 35.91
CA ALA C 740 -68.06 -9.11 35.79
C ALA C 740 -66.77 -8.40 35.39
N SER C 741 -65.80 -8.42 36.33
CA SER C 741 -64.50 -7.77 36.12
C SER C 741 -63.99 -8.14 34.76
N GLU C 742 -64.34 -9.39 34.40
CA GLU C 742 -63.94 -9.88 33.10
C GLU C 742 -64.54 -8.96 32.08
N LYS C 743 -65.86 -9.08 32.06
CA LYS C 743 -66.67 -8.29 31.17
C LYS C 743 -66.26 -6.84 31.18
N LEU C 744 -66.03 -6.27 32.38
CA LEU C 744 -65.68 -4.85 32.44
C LEU C 744 -64.52 -4.45 31.60
N LEU C 745 -63.44 -5.16 31.76
CA LEU C 745 -62.25 -4.79 31.02
C LEU C 745 -62.47 -4.75 29.53
N GLY C 746 -63.67 -5.14 29.11
CA GLY C 746 -64.10 -5.10 27.74
C GLY C 746 -63.76 -3.73 27.20
N SER C 747 -64.14 -2.66 27.94
CA SER C 747 -63.85 -1.31 27.48
C SER C 747 -62.49 -0.73 27.95
N ILE C 748 -62.13 0.43 27.39
CA ILE C 748 -60.93 1.15 27.73
C ILE C 748 -59.88 1.05 26.63
N ASP C 749 -59.12 2.11 26.40
CA ASP C 749 -58.09 2.02 25.41
C ASP C 749 -56.76 1.51 26.04
N VAL C 750 -56.94 0.48 26.92
CA VAL C 750 -55.93 -0.24 27.76
C VAL C 750 -55.29 -1.52 27.20
N ASP C 751 -54.02 -1.82 27.56
CA ASP C 751 -53.32 -3.03 27.13
C ASP C 751 -53.95 -4.29 27.70
N HIS C 752 -54.64 -5.03 26.84
CA HIS C 752 -55.38 -6.20 27.26
C HIS C 752 -54.46 -7.42 27.56
N THR C 753 -53.19 -7.11 27.58
CA THR C 753 -52.05 -7.97 27.82
C THR C 753 -51.67 -7.97 29.30
N GLN C 754 -51.22 -6.78 29.69
CA GLN C 754 -50.82 -6.40 31.01
C GLN C 754 -51.59 -7.02 32.16
N TYR C 755 -52.69 -7.67 31.92
CA TYR C 755 -53.41 -8.27 33.04
C TYR C 755 -53.62 -9.75 32.81
N ARG C 756 -54.21 -10.38 33.82
CA ARG C 756 -54.46 -11.80 33.67
C ARG C 756 -55.35 -12.18 34.80
N PHE C 757 -56.34 -12.96 34.42
CA PHE C 757 -57.34 -13.35 35.37
C PHE C 757 -57.12 -14.72 35.86
N GLY C 758 -57.77 -15.00 36.98
CA GLY C 758 -57.72 -16.31 37.59
C GLY C 758 -58.74 -16.41 38.67
N HIS C 759 -59.02 -17.63 39.04
CA HIS C 759 -60.00 -18.00 40.05
C HIS C 759 -60.35 -17.07 41.19
N THR C 760 -59.44 -16.27 41.69
CA THR C 760 -59.85 -15.39 42.78
C THR C 760 -59.52 -13.95 42.51
N LYS C 761 -58.70 -13.74 41.47
CA LYS C 761 -58.34 -12.39 41.20
C LYS C 761 -57.64 -12.14 39.91
N VAL C 762 -57.48 -10.88 39.58
CA VAL C 762 -56.84 -10.50 38.36
C VAL C 762 -55.43 -10.17 38.70
N PHE C 763 -54.61 -10.36 37.72
CA PHE C 763 -53.27 -10.03 37.87
C PHE C 763 -53.02 -8.91 36.96
N PHE C 764 -52.18 -7.99 37.45
CA PHE C 764 -51.89 -6.77 36.72
C PHE C 764 -50.42 -6.39 36.79
N LYS C 765 -49.85 -5.82 35.74
CA LYS C 765 -48.50 -5.35 35.75
C LYS C 765 -48.50 -4.01 36.46
N ALA C 766 -47.39 -3.29 36.35
CA ALA C 766 -47.22 -2.00 36.95
C ALA C 766 -47.92 -0.89 36.18
N GLY C 767 -48.01 0.24 36.89
CA GLY C 767 -48.57 1.49 36.40
C GLY C 767 -49.86 1.32 35.66
N LEU C 768 -50.49 0.20 35.86
CA LEU C 768 -51.71 -0.05 35.18
C LEU C 768 -52.86 0.41 36.00
N LEU C 769 -52.88 -0.21 37.18
CA LEU C 769 -53.84 0.13 38.17
C LEU C 769 -53.75 1.64 38.31
N GLY C 770 -52.55 2.15 38.10
CA GLY C 770 -52.33 3.55 38.14
C GLY C 770 -53.12 4.17 37.02
N LEU C 771 -53.10 3.51 35.89
CA LEU C 771 -53.84 4.03 34.74
C LEU C 771 -55.29 4.03 35.01
N LEU C 772 -55.77 2.90 35.52
CA LEU C 772 -57.17 2.76 35.87
C LEU C 772 -57.73 3.95 36.65
N GLU C 773 -57.20 4.10 37.84
CA GLU C 773 -57.53 5.17 38.74
C GLU C 773 -57.70 6.52 38.06
N GLU C 774 -56.69 6.82 37.21
CA GLU C 774 -56.69 8.09 36.53
C GLU C 774 -57.98 8.32 35.79
N MET C 775 -58.36 7.32 35.02
CA MET C 775 -59.58 7.35 34.27
C MET C 775 -60.70 7.58 35.25
N ARG C 776 -60.58 6.86 36.31
CA ARG C 776 -61.54 6.93 37.34
C ARG C 776 -61.62 8.32 37.86
N ASP C 777 -60.46 8.88 38.14
CA ASP C 777 -60.36 10.23 38.64
C ASP C 777 -61.19 11.18 37.81
N ASP C 778 -60.96 11.17 36.49
CA ASP C 778 -61.75 12.02 35.63
C ASP C 778 -63.23 11.71 35.82
N LYS C 779 -63.54 10.47 36.03
CA LYS C 779 -64.93 10.14 36.08
C LYS C 779 -65.68 10.62 37.26
N LEU C 780 -64.94 11.12 38.22
CA LEU C 780 -65.64 11.60 39.38
C LEU C 780 -65.83 13.08 39.33
N ALA C 781 -64.91 13.75 38.61
CA ALA C 781 -64.99 15.17 38.43
C ALA C 781 -66.38 15.33 37.85
N GLU C 782 -66.64 14.51 36.83
CA GLU C 782 -67.93 14.42 36.17
C GLU C 782 -68.94 14.26 37.32
N ILE C 783 -68.95 13.11 37.92
CA ILE C 783 -69.85 12.77 39.01
C ILE C 783 -69.97 13.79 40.09
N ILE C 784 -68.85 14.35 40.50
CA ILE C 784 -68.94 15.30 41.59
C ILE C 784 -69.46 16.63 41.17
N THR C 785 -68.68 17.27 40.28
CA THR C 785 -68.97 18.58 39.73
C THR C 785 -70.47 18.75 39.46
N ARG C 786 -71.07 17.72 38.91
CA ARG C 786 -72.49 17.71 38.65
C ARG C 786 -73.26 17.60 39.93
N THR C 787 -72.74 16.82 40.87
CA THR C 787 -73.49 16.69 42.13
C THR C 787 -73.30 17.91 42.99
N GLN C 788 -72.26 18.64 42.71
CA GLN C 788 -72.05 19.82 43.50
C GLN C 788 -73.13 20.80 43.14
N ALA C 789 -73.08 21.21 41.86
CA ALA C 789 -74.00 22.13 41.25
C ALA C 789 -75.43 22.14 41.84
N ARG C 790 -76.14 21.05 41.69
CA ARG C 790 -77.51 20.86 42.15
C ARG C 790 -77.60 21.36 43.58
N CYS C 791 -76.68 20.84 44.36
CA CYS C 791 -76.55 21.24 45.73
C CYS C 791 -76.52 22.77 45.83
N ARG C 792 -75.49 23.35 45.19
CA ARG C 792 -75.25 24.78 45.14
C ARG C 792 -76.56 25.42 44.79
N GLY C 793 -77.08 24.97 43.65
CA GLY C 793 -78.33 25.44 43.12
C GLY C 793 -79.28 25.41 44.27
N PHE C 794 -79.66 24.20 44.59
CA PHE C 794 -80.58 23.93 45.68
C PHE C 794 -80.30 24.73 46.91
N LEU C 795 -79.03 24.97 47.15
CA LEU C 795 -78.75 25.68 48.35
C LEU C 795 -79.33 27.06 48.38
N MET C 796 -79.17 27.72 47.27
CA MET C 796 -79.69 29.06 47.19
C MET C 796 -81.20 29.04 47.03
N ARG C 797 -81.70 27.97 46.45
CA ARG C 797 -83.13 27.86 46.23
C ARG C 797 -83.87 27.95 47.54
N VAL C 798 -83.20 27.68 48.67
CA VAL C 798 -83.87 27.68 49.98
C VAL C 798 -83.74 29.05 50.57
N GLU C 799 -82.74 29.75 50.05
CA GLU C 799 -82.47 31.08 50.49
C GLU C 799 -83.55 32.00 49.99
N TYR C 800 -83.96 31.77 48.73
CA TYR C 800 -85.02 32.57 48.24
C TYR C 800 -86.28 32.39 49.13
N ARG C 801 -86.64 31.14 49.52
CA ARG C 801 -87.84 30.80 50.37
C ARG C 801 -87.82 31.45 51.74
N ARG C 802 -86.63 31.82 52.15
CA ARG C 802 -86.43 32.47 53.42
C ARG C 802 -86.50 33.98 53.21
N MET C 803 -85.75 34.47 52.24
CA MET C 803 -85.72 35.89 51.88
C MET C 803 -87.12 36.43 51.78
N VAL C 804 -87.89 35.70 50.98
CA VAL C 804 -89.27 35.96 50.70
C VAL C 804 -90.18 35.97 51.94
N GLU C 805 -90.08 34.95 52.78
CA GLU C 805 -90.85 34.85 54.01
C GLU C 805 -90.67 36.12 54.80
N ARG C 806 -89.42 36.38 55.04
CA ARG C 806 -88.86 37.52 55.73
C ARG C 806 -89.42 38.85 55.28
N ARG C 807 -89.73 38.89 53.97
CA ARG C 807 -90.23 40.06 53.26
C ARG C 807 -90.94 41.06 54.12
N GLU C 808 -92.01 40.60 54.72
CA GLU C 808 -92.76 41.51 55.52
C GLU C 808 -92.30 41.71 56.94
N SER C 809 -91.91 40.63 57.60
CA SER C 809 -91.50 40.74 58.98
C SER C 809 -90.49 41.82 59.18
N ILE C 810 -89.77 42.12 58.09
CA ILE C 810 -88.80 43.18 58.14
C ILE C 810 -89.53 44.51 58.24
N PHE C 811 -90.30 44.79 57.19
CA PHE C 811 -91.11 45.97 57.04
C PHE C 811 -91.71 46.34 58.35
N CYS C 812 -92.35 45.34 58.91
CA CYS C 812 -92.97 45.49 60.20
C CYS C 812 -91.95 46.03 61.13
N ILE C 813 -90.84 45.38 61.12
CA ILE C 813 -89.78 45.86 61.97
C ILE C 813 -89.37 47.22 61.47
N GLN C 814 -89.18 47.32 60.16
CA GLN C 814 -88.70 48.57 59.53
C GLN C 814 -89.47 49.79 60.00
N TYR C 815 -90.68 49.91 59.50
CA TYR C 815 -91.56 51.02 59.83
C TYR C 815 -91.68 51.26 61.32
N ASN C 816 -91.98 50.18 62.03
CA ASN C 816 -92.21 50.18 63.47
C ASN C 816 -91.28 50.96 64.33
N VAL C 817 -90.00 50.91 63.95
CA VAL C 817 -88.92 51.60 64.65
C VAL C 817 -89.00 53.09 64.38
N ARG C 818 -89.04 53.37 63.09
CA ARG C 818 -89.14 54.72 62.60
C ARG C 818 -90.16 55.55 63.38
N SER C 819 -91.35 54.97 63.62
CA SER C 819 -92.42 55.58 64.38
C SER C 819 -91.78 56.22 65.59
N PHE C 820 -91.41 55.32 66.45
CA PHE C 820 -90.82 55.60 67.69
C PHE C 820 -89.80 56.71 67.68
N MET C 821 -88.91 56.69 66.73
CA MET C 821 -87.92 57.73 66.63
C MET C 821 -88.49 59.12 66.47
N ASN C 822 -89.69 59.14 65.98
CA ASN C 822 -90.37 60.37 65.70
C ASN C 822 -91.23 60.81 66.85
N VAL C 823 -91.87 59.79 67.37
CA VAL C 823 -92.80 59.95 68.42
C VAL C 823 -92.20 60.26 69.75
N LYS C 824 -91.27 59.42 70.19
CA LYS C 824 -90.59 59.54 71.47
C LYS C 824 -90.25 60.99 71.85
N HIS C 825 -90.22 61.91 70.87
CA HIS C 825 -89.91 63.31 71.19
C HIS C 825 -91.16 64.19 71.35
N TRP C 826 -92.35 63.65 71.02
CA TRP C 826 -93.71 64.26 71.05
C TRP C 826 -94.42 64.32 72.42
N PRO C 827 -94.68 65.54 72.90
CA PRO C 827 -95.33 65.82 74.16
C PRO C 827 -96.39 64.82 74.53
N TRP C 828 -97.31 64.74 73.61
CA TRP C 828 -98.48 63.88 73.73
C TRP C 828 -98.07 62.48 73.94
N MET C 829 -96.98 62.11 73.28
CA MET C 829 -96.59 60.73 73.45
C MET C 829 -95.88 60.50 74.77
N LYS C 830 -95.10 61.46 75.25
CA LYS C 830 -94.49 61.31 76.52
C LYS C 830 -95.52 61.25 77.58
N LEU C 831 -96.52 62.08 77.38
CA LEU C 831 -97.64 62.14 78.31
C LEU C 831 -98.27 60.78 78.48
N PHE C 832 -98.70 60.24 77.35
CA PHE C 832 -99.31 58.90 77.29
C PHE C 832 -98.44 57.92 78.04
N PHE C 833 -97.16 58.16 77.89
CA PHE C 833 -96.16 57.32 78.49
C PHE C 833 -96.19 57.39 79.99
N LYS C 834 -96.04 58.58 80.57
CA LYS C 834 -96.06 58.60 82.02
C LYS C 834 -97.40 58.08 82.49
N ILE C 835 -98.40 58.42 81.73
CA ILE C 835 -99.77 58.06 82.09
C ILE C 835 -100.19 56.61 81.86
N LYS C 836 -99.68 56.00 80.79
CA LYS C 836 -99.97 54.62 80.42
C LYS C 836 -99.98 53.66 81.59
N PRO C 837 -99.33 54.00 82.66
CA PRO C 837 -99.32 53.04 83.75
C PRO C 837 -100.51 53.09 84.66
N LEU C 838 -100.92 54.31 85.06
CA LEU C 838 -102.07 54.47 85.96
C LEU C 838 -103.31 53.70 85.46
N LEU C 839 -103.26 53.29 84.21
CA LEU C 839 -104.37 52.63 83.61
C LEU C 839 -104.44 51.21 84.03
N LYS C 840 -105.55 50.64 83.59
CA LYS C 840 -105.81 49.23 83.86
C LYS C 840 -106.55 48.63 82.67
N ASN A 1 -127.28 29.68 41.73
CA ASN A 1 -126.19 28.90 42.34
C ASN A 1 -126.67 28.18 43.61
N VAL A 2 -127.53 28.94 44.28
CA VAL A 2 -128.24 28.58 45.50
C VAL A 2 -129.32 27.49 45.47
N PHE A 3 -129.79 27.08 44.31
CA PHE A 3 -130.54 25.83 44.26
C PHE A 3 -129.72 24.65 43.70
N SER A 4 -128.55 24.89 43.10
CA SER A 4 -127.68 23.82 42.55
C SER A 4 -126.81 22.88 43.40
N MET A 5 -126.20 23.25 44.53
CA MET A 5 -125.62 22.25 45.47
C MET A 5 -126.91 21.79 46.21
N PHE A 6 -127.16 22.14 47.49
CA PHE A 6 -128.51 22.15 48.08
C PHE A 6 -129.51 20.98 47.99
N ASP A 7 -129.09 19.89 48.61
CA ASP A 7 -129.86 18.66 48.67
C ASP A 7 -131.14 18.65 49.51
N GLN A 8 -132.05 17.70 49.24
CA GLN A 8 -133.32 17.57 49.97
C GLN A 8 -133.21 17.58 51.49
N THR A 9 -132.22 16.86 52.04
CA THR A 9 -131.91 16.87 53.49
C THR A 9 -131.61 18.29 54.00
N GLN A 10 -130.61 18.99 53.45
CA GLN A 10 -130.33 20.40 53.77
C GLN A 10 -131.59 21.28 53.78
N ILE A 11 -132.38 21.17 52.71
CA ILE A 11 -133.65 21.88 52.57
C ILE A 11 -134.66 21.48 53.67
N GLN A 12 -134.78 20.22 54.08
CA GLN A 12 -135.64 19.81 55.19
C GLN A 12 -135.16 20.34 56.53
N ASP A 13 -133.86 20.29 56.84
CA ASP A 13 -133.26 20.94 58.02
C ASP A 13 -133.70 22.41 58.08
N PHE A 14 -133.56 23.14 56.97
CA PHE A 14 -134.09 24.49 56.83
C PHE A 14 -135.61 24.58 57.06
N LYS A 15 -136.46 23.77 56.40
CA LYS A 15 -137.91 23.75 56.64
C LYS A 15 -138.32 23.57 58.11
N GLU A 16 -137.72 22.61 58.82
CA GLU A 16 -137.94 22.43 60.24
C GLU A 16 -137.47 23.66 61.02
N ALA A 17 -136.28 24.21 60.73
CA ALA A 17 -135.81 25.45 61.34
C ALA A 17 -136.76 26.64 61.17
N PHE A 18 -137.32 26.81 59.96
CA PHE A 18 -138.36 27.81 59.70
C PHE A 18 -139.56 27.52 60.59
N THR A 19 -140.18 26.33 60.57
CA THR A 19 -141.33 26.03 61.45
C THR A 19 -141.09 26.19 62.97
N VAL A 20 -139.84 26.09 63.45
CA VAL A 20 -139.54 26.42 64.84
C VAL A 20 -139.49 27.94 65.09
N ILE A 21 -139.00 28.74 64.14
CA ILE A 21 -139.05 30.19 64.31
C ILE A 21 -140.47 30.75 64.00
N ASP A 22 -141.22 30.11 63.10
CA ASP A 22 -142.63 30.37 62.76
C ASP A 22 -143.64 30.15 63.92
N GLN A 23 -143.59 30.91 65.01
CA GLN A 23 -144.48 30.74 66.19
C GLN A 23 -145.97 30.53 65.94
N ASN A 24 -146.50 31.38 65.07
CA ASN A 24 -147.92 31.37 64.75
C ASN A 24 -148.43 30.24 63.85
N ARG A 25 -147.54 29.47 63.21
CA ARG A 25 -147.85 28.44 62.20
C ARG A 25 -148.44 28.91 60.87
N ASP A 26 -148.81 30.18 60.76
CA ASP A 26 -149.29 30.85 59.54
C ASP A 26 -148.58 30.57 58.20
N GLY A 27 -147.25 30.53 58.20
CA GLY A 27 -146.46 30.30 57.00
C GLY A 27 -145.44 31.40 56.68
N ILE A 28 -145.58 32.51 57.39
CA ILE A 28 -144.69 33.68 57.26
C ILE A 28 -144.07 34.01 58.63
N ILE A 29 -142.74 34.04 58.75
CA ILE A 29 -142.11 34.55 59.98
C ILE A 29 -142.10 36.07 59.99
N ASP A 30 -142.45 36.68 61.12
CA ASP A 30 -142.36 38.11 61.28
C ASP A 30 -141.59 38.56 62.54
N LYS A 31 -141.67 39.84 62.93
CA LYS A 31 -141.00 40.35 64.13
C LYS A 31 -141.39 39.65 65.42
N ASP A 32 -142.68 39.36 65.56
CA ASP A 32 -143.23 38.66 66.70
C ASP A 32 -142.66 37.25 66.81
N ASP A 33 -142.71 36.47 65.71
CA ASP A 33 -142.10 35.15 65.61
C ASP A 33 -140.62 35.11 66.02
N LEU A 34 -139.83 36.06 65.53
CA LEU A 34 -138.44 36.23 66.00
C LEU A 34 -138.35 36.54 67.51
N ARG A 35 -139.05 37.55 68.02
CA ARG A 35 -139.06 37.90 69.46
C ARG A 35 -139.25 36.75 70.45
N GLU A 36 -140.33 35.98 70.36
CA GLU A 36 -140.46 34.85 71.29
C GLU A 36 -139.55 33.67 70.92
N THR A 37 -139.04 33.43 69.70
CA THR A 37 -138.02 32.38 69.55
C THR A 37 -136.75 32.74 70.31
N PHE A 38 -136.34 34.01 70.25
CA PHE A 38 -135.23 34.50 71.08
C PHE A 38 -135.51 34.32 72.57
N ALA A 39 -136.70 34.74 73.04
CA ALA A 39 -137.15 34.51 74.41
C ALA A 39 -137.16 33.04 74.84
N ALA A 40 -137.70 32.11 74.03
CA ALA A 40 -137.66 30.68 74.29
C ALA A 40 -136.24 30.11 74.41
N MET A 41 -135.31 30.64 73.62
CA MET A 41 -133.88 30.29 73.76
C MET A 41 -133.14 31.00 74.92
N GLY A 42 -133.83 31.80 75.74
CA GLY A 42 -133.22 32.51 76.86
C GLY A 42 -132.89 33.98 76.64
N ARG A 43 -132.94 34.48 75.41
CA ARG A 43 -132.60 35.87 75.12
C ARG A 43 -133.74 36.88 75.30
N LEU A 44 -133.76 37.57 76.43
CA LEU A 44 -134.80 38.56 76.70
C LEU A 44 -134.48 40.02 76.33
N ASN A 45 -133.19 40.34 76.18
CA ASN A 45 -132.71 41.71 75.94
C ASN A 45 -132.79 42.25 74.50
N VAL A 46 -133.65 41.68 73.66
CA VAL A 46 -133.71 42.00 72.23
C VAL A 46 -134.32 43.37 71.90
N LYS A 47 -133.57 44.22 71.20
CA LYS A 47 -134.05 45.53 70.81
C LYS A 47 -134.62 45.57 69.40
N ASN A 48 -135.73 46.29 69.15
CA ASN A 48 -136.33 46.35 67.81
C ASN A 48 -135.37 46.53 66.62
N GLU A 49 -134.37 47.41 66.69
CA GLU A 49 -133.37 47.57 65.63
C GLU A 49 -132.67 46.29 65.15
N GLU A 50 -132.45 45.35 66.07
CA GLU A 50 -131.85 44.04 65.76
C GLU A 50 -132.88 43.16 65.02
N LEU A 51 -134.13 43.10 65.49
CA LEU A 51 -135.23 42.38 64.83
C LEU A 51 -135.52 42.90 63.41
N ASP A 52 -135.62 44.22 63.33
CA ASP A 52 -135.75 44.95 62.09
C ASP A 52 -134.57 44.71 61.15
N ALA A 53 -133.31 44.78 61.60
CA ALA A 53 -132.15 44.47 60.78
C ALA A 53 -132.23 43.09 60.11
N MET A 54 -132.64 42.08 60.89
CA MET A 54 -132.92 40.74 60.37
C MET A 54 -133.90 40.76 59.19
N ILE A 55 -135.11 41.28 59.45
CA ILE A 55 -136.16 41.35 58.42
C ILE A 55 -135.78 42.17 57.18
N LYS A 56 -135.15 43.33 57.35
CA LYS A 56 -134.68 44.18 56.24
C LYS A 56 -133.86 43.53 55.13
N GLU A 57 -133.22 42.39 55.41
CA GLU A 57 -132.51 41.65 54.38
C GLU A 57 -133.38 41.11 53.24
N ALA A 58 -134.69 40.93 53.47
CA ALA A 58 -135.60 40.48 52.43
C ALA A 58 -136.52 41.57 51.86
N SER A 59 -136.88 41.49 50.58
CA SER A 59 -137.76 42.50 49.96
C SER A 59 -139.26 42.34 50.23
N GLY A 60 -139.69 41.14 50.61
CA GLY A 60 -141.10 40.87 50.87
C GLY A 60 -141.39 40.18 52.20
N PRO A 61 -142.60 39.60 52.36
CA PRO A 61 -142.87 38.69 53.50
C PRO A 61 -141.87 37.54 53.57
N ILE A 62 -141.37 37.14 54.74
CA ILE A 62 -140.26 36.19 54.73
C ILE A 62 -140.52 34.72 54.34
N ASN A 63 -141.75 34.33 53.97
CA ASN A 63 -142.16 33.01 53.42
C ASN A 63 -141.14 31.93 53.04
N PHE A 64 -141.30 30.64 53.39
CA PHE A 64 -140.38 29.53 53.06
C PHE A 64 -139.36 29.69 51.92
N THR A 65 -139.84 30.07 50.74
CA THR A 65 -139.00 30.38 49.56
C THR A 65 -138.12 31.60 49.75
N VAL A 66 -138.64 32.74 50.20
CA VAL A 66 -137.86 33.96 50.46
C VAL A 66 -136.77 33.64 51.49
N PHE A 67 -137.08 32.91 52.56
CA PHE A 67 -136.05 32.39 53.47
C PHE A 67 -134.98 31.57 52.75
N LEU A 68 -135.35 30.42 52.17
CA LEU A 68 -134.44 29.54 51.45
C LEU A 68 -133.55 30.24 50.43
N THR A 69 -134.09 31.18 49.64
CA THR A 69 -133.30 31.98 48.73
C THR A 69 -132.33 32.88 49.51
N MET A 70 -132.76 33.66 50.50
CA MET A 70 -131.84 34.48 51.31
C MET A 70 -130.70 33.73 52.03
N PHE A 71 -130.98 32.53 52.53
CA PHE A 71 -129.96 31.73 53.21
C PHE A 71 -129.04 30.97 52.27
N GLY A 72 -129.61 30.53 51.15
CA GLY A 72 -128.79 29.98 50.10
C GLY A 72 -127.82 31.05 49.61
N GLU A 73 -128.30 32.24 49.21
CA GLU A 73 -127.47 33.35 48.74
C GLU A 73 -126.22 33.72 49.53
N LYS A 74 -126.23 33.48 50.84
CA LYS A 74 -125.05 33.70 51.67
C LYS A 74 -124.07 32.53 51.70
N LEU A 75 -124.59 31.34 51.44
CA LEU A 75 -123.82 30.12 51.36
C LEU A 75 -123.53 29.64 49.93
N LYS A 76 -123.47 30.54 48.93
CA LYS A 76 -123.19 30.23 47.52
C LYS A 76 -122.00 29.32 47.16
N GLY A 77 -121.10 29.17 48.13
CA GLY A 77 -119.95 28.27 48.02
C GLY A 77 -119.82 27.40 49.27
N ALA A 78 -120.93 26.81 49.71
CA ALA A 78 -120.93 25.91 50.87
C ALA A 78 -121.61 24.56 50.68
N ASP A 79 -120.81 23.51 50.89
CA ASP A 79 -121.27 22.14 50.79
C ASP A 79 -121.81 21.53 52.11
N PRO A 80 -122.48 20.37 52.06
CA PRO A 80 -122.70 19.58 53.28
C PRO A 80 -121.45 18.90 53.86
N GLU A 81 -121.33 18.73 55.17
CA GLU A 81 -120.13 18.15 55.81
C GLU A 81 -119.41 16.95 55.21
N ASP A 82 -120.07 15.86 54.87
CA ASP A 82 -119.44 14.72 54.19
C ASP A 82 -118.65 15.05 52.90
N VAL A 83 -119.22 15.96 52.08
CA VAL A 83 -118.59 16.41 50.84
C VAL A 83 -117.29 17.17 51.14
N ILE A 84 -117.34 18.05 52.15
CA ILE A 84 -116.16 18.80 52.61
C ILE A 84 -115.07 17.84 53.13
N MET A 85 -115.47 16.88 53.96
CA MET A 85 -114.59 15.81 54.44
C MET A 85 -113.93 15.04 53.29
N GLY A 86 -114.60 14.77 52.17
CA GLY A 86 -114.00 14.13 51.00
C GLY A 86 -112.77 14.85 50.45
N ALA A 87 -112.85 16.18 50.33
CA ALA A 87 -111.71 17.00 49.91
C ALA A 87 -110.48 16.82 50.82
N PHE A 88 -110.71 16.83 52.13
CA PHE A 88 -109.66 16.51 53.10
C PHE A 88 -109.19 15.07 52.96
N LYS A 89 -110.06 14.05 52.90
CA LYS A 89 -109.67 12.65 52.67
C LYS A 89 -108.82 12.40 51.40
N VAL A 90 -108.99 13.23 50.36
CA VAL A 90 -108.13 13.22 49.17
C VAL A 90 -106.74 13.79 49.50
N LEU A 91 -106.68 14.86 50.30
CA LEU A 91 -105.43 15.42 50.79
C LEU A 91 -104.72 14.55 51.83
N ASP A 92 -105.50 13.75 52.57
CA ASP A 92 -105.04 12.75 53.51
C ASP A 92 -104.44 11.51 52.85
N PRO A 93 -104.33 11.32 51.52
CA PRO A 93 -104.78 10.10 50.83
C PRO A 93 -104.48 8.72 51.43
N ASP A 94 -103.38 8.67 52.18
CA ASP A 94 -102.91 7.57 53.02
C ASP A 94 -103.93 7.16 54.10
N GLY A 95 -104.75 8.09 54.60
CA GLY A 95 -105.82 7.81 55.56
C GLY A 95 -105.72 8.35 57.00
N LYS A 96 -106.80 8.11 57.74
CA LYS A 96 -107.01 8.48 59.16
C LYS A 96 -106.49 9.69 59.95
N GLY A 97 -105.20 10.02 59.94
CA GLY A 97 -104.66 11.15 60.72
C GLY A 97 -104.52 12.39 59.86
N SER A 98 -105.17 13.51 60.20
CA SER A 98 -105.16 14.60 59.25
C SER A 98 -103.91 15.51 59.15
N ILE A 99 -103.88 16.27 58.06
CA ILE A 99 -102.69 17.01 57.59
C ILE A 99 -101.96 18.08 58.40
N LYS A 100 -100.77 18.47 57.95
CA LYS A 100 -99.95 19.49 58.60
C LYS A 100 -99.95 20.92 58.05
N LYS A 101 -99.86 21.88 58.97
CA LYS A 101 -99.67 23.28 58.61
C LYS A 101 -98.26 23.58 58.11
N SER A 102 -98.32 23.77 56.80
CA SER A 102 -97.27 24.09 55.82
C SER A 102 -97.76 23.48 54.52
N PHE A 103 -98.06 22.17 54.56
CA PHE A 103 -98.59 21.38 53.44
C PHE A 103 -99.83 22.04 52.82
N LEU A 104 -100.83 22.36 53.65
CA LEU A 104 -101.97 23.11 53.12
C LEU A 104 -101.77 24.62 52.96
N GLU A 105 -100.90 25.28 53.73
CA GLU A 105 -100.59 26.72 53.58
C GLU A 105 -100.17 26.99 52.14
N GLU A 106 -99.17 26.19 51.73
CA GLU A 106 -98.69 26.17 50.36
C GLU A 106 -99.80 25.78 49.39
N LEU A 107 -100.49 24.64 49.48
CA LEU A 107 -101.56 24.30 48.54
C LEU A 107 -102.76 25.25 48.40
N LEU A 108 -103.09 26.07 49.40
CA LEU A 108 -104.10 27.12 49.24
C LEU A 108 -103.54 28.35 48.52
N THR A 109 -102.27 28.69 48.75
CA THR A 109 -101.63 29.79 48.01
C THR A 109 -101.11 29.49 46.62
N THR A 110 -100.66 28.25 46.38
CA THR A 110 -99.98 27.93 45.13
C THR A 110 -100.77 27.81 43.82
N GLN A 111 -101.21 26.67 43.30
CA GLN A 111 -102.01 26.60 42.07
C GLN A 111 -103.24 27.53 42.13
N CYS A 112 -103.59 28.20 41.01
CA CYS A 112 -104.55 29.31 40.91
C CYS A 112 -103.90 30.66 41.22
N ASP A 113 -104.65 31.73 41.48
CA ASP A 113 -104.11 33.04 41.80
C ASP A 113 -103.82 33.30 43.28
N ARG A 114 -104.78 32.90 44.13
CA ARG A 114 -104.71 33.19 45.55
C ARG A 114 -105.80 32.73 46.52
N PHE A 115 -105.38 31.99 47.53
CA PHE A 115 -106.14 32.09 48.77
C PHE A 115 -105.15 32.91 49.59
N THR A 116 -105.50 34.19 49.70
CA THR A 116 -104.55 35.20 50.20
C THR A 116 -103.91 34.97 51.58
N PRO A 117 -102.65 35.37 51.77
CA PRO A 117 -102.05 35.38 53.10
C PRO A 117 -102.68 36.22 54.23
N GLU A 118 -103.77 36.94 53.94
CA GLU A 118 -104.58 37.59 54.96
C GLU A 118 -105.61 36.51 55.35
N GLU A 119 -106.36 35.99 54.36
CA GLU A 119 -107.32 34.89 54.53
C GLU A 119 -106.73 33.69 55.29
N ILE A 120 -105.55 33.19 54.91
CA ILE A 120 -104.89 32.08 55.60
C ILE A 120 -104.53 32.33 57.08
N LYS A 121 -104.02 33.50 57.51
CA LYS A 121 -103.79 33.77 58.93
C LYS A 121 -105.10 33.78 59.74
N ASN A 122 -106.15 34.38 59.16
CA ASN A 122 -107.50 34.32 59.73
C ASN A 122 -107.96 32.87 59.88
N MET A 123 -107.71 32.04 58.88
CA MET A 123 -107.91 30.60 58.95
C MET A 123 -107.20 29.99 60.14
N TRP A 124 -105.88 30.08 60.35
CA TRP A 124 -105.21 29.53 61.53
C TRP A 124 -105.72 30.00 62.91
N ALA A 125 -106.24 31.22 62.95
CA ALA A 125 -106.90 31.76 64.14
C ALA A 125 -108.36 31.32 64.38
N ALA A 126 -109.17 31.21 63.32
CA ALA A 126 -110.58 30.79 63.37
C ALA A 126 -110.90 29.30 63.20
N PHE A 127 -109.86 28.67 62.70
CA PHE A 127 -109.61 27.23 62.67
C PHE A 127 -108.23 27.18 63.32
N PRO A 128 -108.16 27.51 64.61
CA PRO A 128 -107.35 26.85 65.61
C PRO A 128 -105.95 26.29 65.91
N PRO A 129 -105.83 26.09 67.24
CA PRO A 129 -105.72 24.76 67.83
C PRO A 129 -105.94 23.55 66.90
N ASP A 130 -107.13 23.24 66.37
CA ASP A 130 -107.32 22.19 65.36
C ASP A 130 -106.25 22.21 64.26
N VAL A 131 -106.12 23.33 63.55
CA VAL A 131 -105.13 23.54 62.51
C VAL A 131 -103.67 23.47 63.00
N ALA A 132 -103.42 23.61 64.30
CA ALA A 132 -102.09 23.39 64.86
C ALA A 132 -101.76 21.94 65.21
N GLY A 133 -102.72 21.25 65.84
CA GLY A 133 -102.55 19.88 66.29
C GLY A 133 -102.52 18.79 65.23
N ASN A 134 -103.66 18.54 64.63
CA ASN A 134 -103.81 17.51 63.59
C ASN A 134 -104.29 18.20 62.29
N VAL A 135 -104.19 19.55 62.22
CA VAL A 135 -105.00 20.43 61.36
C VAL A 135 -106.36 19.74 61.24
N ASP A 136 -106.89 19.50 62.44
CA ASP A 136 -108.08 18.70 62.68
C ASP A 136 -109.24 18.85 61.69
N TYR A 137 -109.10 18.30 60.49
CA TYR A 137 -110.07 18.49 59.42
C TYR A 137 -111.48 18.01 59.70
N LYS A 138 -111.52 16.94 60.49
CA LYS A 138 -112.78 16.42 61.02
C LYS A 138 -113.48 17.55 61.81
N ASN A 139 -112.76 18.12 62.78
CA ASN A 139 -113.22 19.25 63.57
C ASN A 139 -113.58 20.48 62.71
N ILE A 140 -112.67 20.90 61.80
CA ILE A 140 -112.89 21.97 60.80
C ILE A 140 -114.25 21.83 60.10
N CYS A 141 -114.54 20.65 59.53
CA CYS A 141 -115.83 20.35 58.92
C CYS A 141 -117.02 20.49 59.88
N TYR A 142 -116.95 19.91 61.08
CA TYR A 142 -118.03 20.08 62.06
C TYR A 142 -118.27 21.52 62.51
N VAL A 143 -117.26 22.37 62.64
CA VAL A 143 -117.44 23.79 62.98
C VAL A 143 -118.05 24.61 61.85
N ILE A 144 -117.69 24.32 60.59
CA ILE A 144 -118.32 25.05 59.49
C ILE A 144 -119.78 24.64 59.25
N THR A 145 -120.12 23.36 59.33
CA THR A 145 -121.52 22.95 59.20
C THR A 145 -122.35 23.13 60.46
N HIS A 146 -121.76 22.91 61.64
CA HIS A 146 -122.47 23.02 62.92
C HIS A 146 -122.16 24.17 63.90
N GLY A 147 -121.60 25.30 63.49
CA GLY A 147 -121.36 26.42 64.42
C GLY A 147 -119.95 26.50 65.02
N GLU A 148 -119.56 27.66 65.54
CA GLU A 148 -118.19 27.90 66.02
C GLU A 148 -117.73 27.35 67.38
N ASP A 149 -118.63 27.32 68.36
CA ASP A 149 -118.34 26.84 69.72
C ASP A 149 -118.17 25.32 69.85
N LYS A 150 -119.04 24.62 69.11
CA LYS A 150 -119.08 23.16 69.03
C LYS A 150 -117.85 22.41 68.51
N ASP B 1 -93.57 27.42 17.77
CA ASP B 1 -94.12 26.19 18.36
C ASP B 1 -95.63 25.82 18.21
N GLU B 2 -96.11 24.60 18.60
CA GLU B 2 -97.55 24.21 18.69
C GLU B 2 -98.13 22.86 19.23
N ILE B 3 -99.35 22.99 19.81
CA ILE B 3 -100.32 22.05 20.45
C ILE B 3 -101.16 22.88 21.48
N ASN B 4 -102.30 22.50 22.09
CA ASN B 4 -102.98 23.33 23.10
C ASN B 4 -102.81 22.95 24.58
N ASP B 5 -103.26 21.78 25.06
CA ASP B 5 -103.09 21.23 26.42
C ASP B 5 -101.91 21.70 27.30
N PHE B 6 -100.69 21.77 26.72
CA PHE B 6 -99.50 22.22 27.44
C PHE B 6 -99.64 23.64 28.03
N LYS B 7 -100.36 24.51 27.35
CA LYS B 7 -100.67 25.85 27.86
C LYS B 7 -101.59 25.79 29.08
N GLU B 8 -102.58 24.89 29.05
CA GLU B 8 -103.46 24.64 30.20
C GLU B 8 -102.66 24.13 31.41
N ALA B 9 -101.77 23.17 31.15
CA ALA B 9 -100.84 22.65 32.16
C ALA B 9 -99.88 23.68 32.77
N PHE B 10 -99.40 24.68 32.01
CA PHE B 10 -98.56 25.74 32.57
C PHE B 10 -99.20 26.46 33.76
N LEU B 11 -100.46 26.93 33.63
CA LEU B 11 -101.19 27.56 34.74
C LEU B 11 -101.35 26.71 36.01
N LEU B 12 -101.35 25.39 35.84
CA LEU B 12 -101.42 24.46 36.97
C LEU B 12 -100.17 24.46 37.85
N PHE B 13 -99.06 25.01 37.33
CA PHE B 13 -97.81 25.11 38.06
C PHE B 13 -97.29 26.55 38.26
N ASP B 14 -98.19 27.52 38.07
CA ASP B 14 -97.92 28.94 38.30
C ASP B 14 -97.52 29.34 39.73
N ARG B 15 -98.36 28.88 40.66
CA ARG B 15 -98.17 29.05 42.10
C ARG B 15 -97.93 30.46 42.68
N THR B 16 -98.73 31.36 42.13
CA THR B 16 -98.71 32.83 42.34
C THR B 16 -99.95 33.43 41.68
N GLY B 17 -100.27 32.86 40.50
CA GLY B 17 -101.43 33.26 39.69
C GLY B 17 -101.13 34.17 38.48
N ASP B 18 -99.86 34.51 38.34
CA ASP B 18 -99.35 35.42 37.32
C ASP B 18 -99.15 34.88 35.89
N ALA B 19 -99.24 33.56 35.69
CA ALA B 19 -98.93 32.87 34.42
C ALA B 19 -97.48 33.00 33.92
N LYS B 20 -96.60 33.35 34.86
CA LYS B 20 -95.17 33.51 34.63
C LYS B 20 -94.31 32.60 35.53
N ILE B 21 -93.94 31.43 35.03
CA ILE B 21 -93.22 30.44 35.86
C ILE B 21 -91.71 30.69 35.92
N THR B 22 -91.00 30.28 36.95
CA THR B 22 -89.55 30.54 37.08
C THR B 22 -88.55 29.67 36.30
N LEU B 23 -87.40 30.23 35.94
CA LEU B 23 -86.30 29.53 35.27
C LEU B 23 -85.80 28.22 35.94
N SER B 24 -86.01 28.10 37.25
CA SER B 24 -85.73 26.85 37.95
C SER B 24 -86.85 25.83 37.73
N GLN B 25 -88.12 26.21 37.89
CA GLN B 25 -89.27 25.32 37.62
C GLN B 25 -89.34 24.80 36.18
N VAL B 26 -88.71 25.56 35.29
CA VAL B 26 -88.43 25.21 33.90
C VAL B 26 -87.98 23.76 33.66
N GLY B 27 -86.94 23.37 34.40
CA GLY B 27 -86.35 22.03 34.33
C GLY B 27 -87.29 20.90 34.78
N ASP B 28 -88.20 21.21 35.68
CA ASP B 28 -89.20 20.25 36.15
C ASP B 28 -90.43 20.15 35.26
N ILE B 29 -91.05 21.25 34.83
CA ILE B 29 -92.22 21.21 33.92
C ILE B 29 -91.94 20.44 32.62
N VAL B 30 -90.73 20.61 32.06
CA VAL B 30 -90.30 19.84 30.90
C VAL B 30 -90.32 18.31 31.04
N ARG B 31 -90.14 17.82 32.27
CA ARG B 31 -90.12 16.39 32.59
C ARG B 31 -91.44 15.64 32.49
N ALA B 32 -92.55 16.29 32.86
CA ALA B 32 -93.86 15.67 32.67
C ALA B 32 -94.50 15.89 31.32
N LEU B 33 -94.13 16.95 30.61
CA LEU B 33 -94.65 17.17 29.25
C LEU B 33 -94.01 16.25 28.20
N GLY B 34 -94.50 15.02 28.31
CA GLY B 34 -94.14 13.89 27.47
C GLY B 34 -92.83 13.17 27.76
N GLN B 35 -91.69 13.82 27.57
CA GLN B 35 -90.44 13.06 27.57
C GLN B 35 -89.24 13.64 28.33
N ASN B 36 -88.40 12.76 28.86
CA ASN B 36 -87.21 13.07 29.69
C ASN B 36 -86.19 14.12 29.21
N PRO B 37 -85.66 14.95 30.10
CA PRO B 37 -84.39 15.66 29.85
C PRO B 37 -83.36 15.59 30.98
N THR B 38 -82.05 15.44 30.76
CA THR B 38 -81.10 15.39 31.88
C THR B 38 -80.71 16.75 32.46
N ASN B 39 -80.31 16.81 33.72
CA ASN B 39 -79.80 18.04 34.30
C ASN B 39 -78.27 18.04 34.09
N ALA B 40 -77.94 18.95 33.20
CA ALA B 40 -76.65 19.15 32.56
C ALA B 40 -77.13 19.58 31.18
N GLU B 41 -78.01 18.84 30.49
CA GLU B 41 -78.59 19.32 29.23
C GLU B 41 -79.46 20.55 29.37
N ILE B 42 -80.37 20.56 30.34
CA ILE B 42 -81.17 21.74 30.67
C ILE B 42 -80.23 22.89 31.08
N ASN B 43 -79.29 22.58 31.98
CA ASN B 43 -78.25 23.53 32.39
C ASN B 43 -77.41 24.07 31.23
N LYS B 44 -77.17 23.32 30.15
CA LYS B 44 -76.41 23.78 28.97
C LYS B 44 -77.03 24.95 28.20
N ILE B 45 -78.13 24.72 27.50
CA ILE B 45 -78.68 25.78 26.69
C ILE B 45 -79.96 26.42 27.16
N LEU B 46 -79.71 27.72 27.18
CA LEU B 46 -80.54 28.78 27.73
C LEU B 46 -80.54 28.71 29.26
N GLY B 47 -80.53 27.53 29.89
CA GLY B 47 -80.28 27.39 31.34
C GLY B 47 -79.02 28.09 31.87
N ASN B 48 -77.83 27.79 31.32
CA ASN B 48 -76.59 28.48 31.71
C ASN B 48 -76.56 30.02 31.67
N PRO B 49 -77.25 30.72 30.75
CA PRO B 49 -77.38 32.16 30.93
C PRO B 49 -78.50 32.68 31.85
N SER B 50 -78.26 32.92 33.14
CA SER B 50 -79.30 33.41 34.07
C SER B 50 -80.20 34.55 33.59
N LYS B 51 -79.69 35.74 33.23
CA LYS B 51 -80.54 36.80 32.68
C LYS B 51 -81.28 36.40 31.41
N GLU B 52 -80.61 35.81 30.41
CA GLU B 52 -81.29 35.34 29.22
C GLU B 52 -82.35 34.28 29.55
N GLU B 53 -82.14 33.15 30.22
CA GLU B 53 -83.22 32.21 30.57
C GLU B 53 -84.31 32.86 31.44
N MET B 54 -83.97 33.76 32.35
CA MET B 54 -84.99 34.54 33.05
C MET B 54 -85.84 35.43 32.14
N ASN B 55 -85.24 35.89 31.05
CA ASN B 55 -85.93 36.59 29.96
C ASN B 55 -86.18 35.71 28.72
N ALA B 56 -86.01 34.39 28.89
CA ALA B 56 -86.27 33.33 27.90
C ALA B 56 -86.90 32.02 28.40
N LYS B 57 -87.54 32.05 29.59
CA LYS B 57 -88.40 31.00 30.15
C LYS B 57 -88.89 31.31 31.58
N LYS B 58 -88.26 32.18 32.36
CA LYS B 58 -88.84 32.67 33.64
C LYS B 58 -89.85 33.78 33.29
N ILE B 59 -90.86 33.23 32.65
CA ILE B 59 -91.69 34.01 31.79
C ILE B 59 -93.06 33.41 31.52
N THR B 60 -93.66 33.99 30.50
CA THR B 60 -94.90 33.54 29.89
C THR B 60 -94.67 32.33 28.98
N PHE B 61 -95.72 31.86 28.36
CA PHE B 61 -95.71 30.65 27.54
C PHE B 61 -94.78 30.71 26.32
N GLU B 62 -94.50 31.94 25.91
CA GLU B 62 -93.69 32.32 24.74
C GLU B 62 -92.30 31.73 24.60
N GLU B 63 -91.69 31.46 25.75
CA GLU B 63 -90.37 30.85 25.78
C GLU B 63 -90.38 29.47 26.42
N PHE B 64 -91.42 29.18 27.21
CA PHE B 64 -91.66 27.81 27.68
C PHE B 64 -91.73 26.81 26.55
N LEU B 65 -92.65 27.08 25.64
CA LEU B 65 -92.94 26.25 24.49
C LEU B 65 -91.75 26.04 23.54
N PRO B 66 -91.05 27.06 22.99
CA PRO B 66 -89.75 26.81 22.35
C PRO B 66 -88.68 26.04 23.14
N MET B 67 -88.40 26.30 24.45
CA MET B 67 -87.46 25.44 25.20
C MET B 67 -87.86 23.96 25.23
N LEU B 68 -89.15 23.74 25.50
CA LEU B 68 -89.71 22.39 25.53
C LEU B 68 -89.57 21.64 24.21
N GLN B 69 -89.82 22.32 23.09
CA GLN B 69 -89.58 21.76 21.77
C GLN B 69 -88.09 21.43 21.53
N ALA B 70 -87.18 22.32 21.91
CA ALA B 70 -85.74 22.05 21.85
C ALA B 70 -85.35 20.72 22.53
N ALA B 71 -85.88 20.48 23.73
CA ALA B 71 -85.73 19.19 24.38
C ALA B 71 -86.39 18.07 23.56
N ALA B 72 -87.62 18.24 23.05
CA ALA B 72 -88.31 17.27 22.19
C ALA B 72 -87.50 16.62 21.07
N ASN B 73 -86.60 17.39 20.46
CA ASN B 73 -85.67 16.89 19.45
C ASN B 73 -84.65 15.82 19.88
N ASN B 74 -84.05 15.91 21.08
CA ASN B 74 -83.07 14.90 21.52
C ASN B 74 -83.63 13.62 22.15
N LYS B 75 -84.94 13.64 22.42
CA LYS B 75 -85.58 12.57 23.16
C LYS B 75 -85.66 11.14 22.59
N ASP B 76 -85.16 10.89 21.37
CA ASP B 76 -84.97 9.54 20.80
C ASP B 76 -84.26 8.56 21.76
N GLN B 77 -83.40 9.11 22.63
CA GLN B 77 -82.74 8.37 23.71
C GLN B 77 -83.69 7.68 24.72
N GLY B 78 -85.00 7.86 24.56
CA GLY B 78 -86.03 7.14 25.31
C GLY B 78 -85.99 5.62 25.07
N THR B 79 -85.25 5.15 24.07
CA THR B 79 -84.99 3.73 23.78
C THR B 79 -84.69 2.88 25.02
N PHE B 80 -85.50 1.87 25.32
CA PHE B 80 -85.33 1.08 26.53
C PHE B 80 -84.22 0.04 26.48
N GLU B 81 -83.81 -0.37 25.28
CA GLU B 81 -82.81 -1.43 25.04
C GLU B 81 -81.63 -1.45 26.02
N ASP B 82 -80.79 -0.43 26.00
CA ASP B 82 -79.66 -0.28 26.93
C ASP B 82 -80.02 -0.23 28.42
N PHE B 83 -81.26 0.15 28.76
CA PHE B 83 -81.62 0.46 30.14
C PHE B 83 -82.26 -0.57 31.06
N VAL B 84 -82.26 -1.82 30.61
CA VAL B 84 -82.55 -2.97 31.47
C VAL B 84 -81.18 -3.66 31.59
N GLU B 85 -80.47 -3.71 30.46
CA GLU B 85 -79.11 -4.26 30.36
C GLU B 85 -78.07 -3.62 31.27
N GLY B 86 -78.00 -2.28 31.28
CA GLY B 86 -77.10 -1.52 32.15
C GLY B 86 -77.28 -1.85 33.62
N LEU B 87 -78.55 -2.03 34.00
CA LEU B 87 -78.88 -2.47 35.33
C LEU B 87 -78.34 -3.87 35.57
N ARG B 88 -78.65 -4.94 34.82
CA ARG B 88 -78.03 -6.27 35.01
C ARG B 88 -76.50 -6.28 35.20
N VAL B 89 -75.77 -5.28 34.71
CA VAL B 89 -74.32 -5.17 34.92
C VAL B 89 -73.90 -4.93 36.38
N PHE B 90 -74.73 -4.30 37.21
CA PHE B 90 -74.38 -4.08 38.60
C PHE B 90 -74.48 -5.39 39.42
N ASP B 91 -75.63 -6.07 39.49
CA ASP B 91 -75.74 -7.31 40.27
C ASP B 91 -76.07 -8.67 39.57
N LYS B 92 -75.43 -9.01 38.44
CA LYS B 92 -75.64 -10.28 37.70
C LYS B 92 -75.34 -11.68 38.29
N GLU B 93 -76.29 -12.32 38.99
CA GLU B 93 -76.09 -13.66 39.56
C GLU B 93 -77.28 -14.62 39.29
N GLY B 94 -77.66 -14.75 38.02
CA GLY B 94 -78.79 -15.58 37.63
C GLY B 94 -79.88 -14.75 36.94
N ASN B 95 -81.00 -14.49 37.62
CA ASN B 95 -82.06 -13.64 37.05
C ASN B 95 -81.74 -12.13 37.09
N GLY B 96 -82.63 -11.18 36.80
CA GLY B 96 -82.32 -9.76 36.98
C GLY B 96 -82.22 -9.34 38.46
N THR B 97 -81.24 -9.89 39.16
CA THR B 97 -81.00 -9.68 40.59
C THR B 97 -80.29 -8.39 40.92
N VAL B 98 -80.81 -7.60 41.86
CA VAL B 98 -80.14 -6.39 42.37
C VAL B 98 -80.03 -6.44 43.89
N MET B 99 -79.23 -5.62 44.56
CA MET B 99 -79.33 -5.45 45.99
C MET B 99 -79.75 -4.01 46.28
N GLY B 100 -80.69 -3.82 47.22
CA GLY B 100 -81.18 -2.49 47.60
C GLY B 100 -80.08 -1.45 47.77
N ALA B 101 -79.12 -1.77 48.63
CA ALA B 101 -77.97 -0.93 48.90
C ALA B 101 -77.17 -0.40 47.71
N GLU B 102 -76.92 -1.25 46.72
CA GLU B 102 -76.19 -0.86 45.52
C GLU B 102 -76.98 0.14 44.68
N LEU B 103 -78.22 -0.12 44.25
CA LEU B 103 -78.99 0.92 43.53
C LEU B 103 -79.19 2.19 44.35
N ARG B 104 -79.56 2.11 45.63
CA ARG B 104 -79.71 3.27 46.52
C ARG B 104 -78.51 4.21 46.58
N HIS B 105 -77.30 3.71 46.84
CA HIS B 105 -76.14 4.58 46.83
C HIS B 105 -75.72 5.01 45.43
N VAL B 106 -75.63 4.10 44.45
CA VAL B 106 -75.26 4.44 43.08
C VAL B 106 -76.13 5.56 42.46
N LEU B 107 -77.43 5.54 42.76
CA LEU B 107 -78.32 6.60 42.29
C LEU B 107 -78.54 7.78 43.25
N ALA B 108 -77.64 7.99 44.21
CA ALA B 108 -77.65 9.13 45.10
C ALA B 108 -76.30 9.85 45.08
N THR B 109 -75.21 9.06 45.03
CA THR B 109 -73.83 9.54 44.99
C THR B 109 -73.19 9.75 43.62
N LEU B 110 -73.64 9.07 42.56
CA LEU B 110 -72.96 9.18 41.27
C LEU B 110 -73.55 10.01 40.13
N GLY B 111 -72.70 10.48 39.21
CA GLY B 111 -73.11 11.29 38.05
C GLY B 111 -73.94 12.54 38.36
N GLU B 112 -75.25 12.43 38.17
CA GLU B 112 -76.16 13.53 38.40
C GLU B 112 -76.75 13.60 39.83
N LYS B 113 -76.41 12.68 40.73
CA LYS B 113 -76.95 12.55 42.11
C LYS B 113 -78.45 12.22 42.11
N MET B 114 -79.13 12.19 43.24
CA MET B 114 -80.60 12.16 43.40
C MET B 114 -80.76 12.27 44.90
N THR B 115 -81.71 13.00 45.47
CA THR B 115 -81.78 13.07 46.93
C THR B 115 -82.21 11.74 47.52
N GLU B 116 -81.72 11.40 48.70
CA GLU B 116 -82.10 10.15 49.38
C GLU B 116 -83.62 9.99 49.44
N GLU B 117 -84.32 11.07 49.77
CA GLU B 117 -85.79 11.17 49.71
C GLU B 117 -86.37 10.69 48.36
N GLU B 118 -85.94 11.28 47.23
CA GLU B 118 -86.36 10.85 45.89
C GLU B 118 -86.02 9.38 45.58
N VAL B 119 -84.84 8.88 45.95
CA VAL B 119 -84.49 7.46 45.75
C VAL B 119 -85.39 6.56 46.59
N GLU B 120 -85.61 6.81 47.89
CA GLU B 120 -86.55 6.08 48.74
C GLU B 120 -87.95 6.02 48.10
N GLU B 121 -88.36 7.16 47.53
CA GLU B 121 -89.56 7.25 46.71
C GLU B 121 -89.58 6.52 45.37
N LEU B 122 -88.44 6.22 44.76
CA LEU B 122 -88.40 5.34 43.59
C LEU B 122 -88.56 3.88 44.02
N MET B 123 -88.00 3.55 45.19
CA MET B 123 -88.14 2.24 45.81
C MET B 123 -89.49 2.01 46.52
N LYS B 124 -90.58 2.57 46.01
CA LYS B 124 -91.93 2.47 46.58
C LYS B 124 -92.56 1.07 46.67
N GLY B 125 -92.11 0.23 47.62
CA GLY B 125 -92.64 -1.12 47.77
C GLY B 125 -92.40 -2.04 46.57
N GLN B 126 -91.21 -1.90 45.97
CA GLN B 126 -90.78 -2.76 44.87
C GLN B 126 -89.56 -3.64 45.25
N GLU B 127 -89.07 -3.36 46.46
CA GLU B 127 -87.96 -4.05 47.09
C GLU B 127 -88.32 -4.59 48.48
N ASP B 128 -89.22 -5.56 48.49
CA ASP B 128 -89.60 -6.20 49.74
C ASP B 128 -88.49 -6.89 50.54
N SER B 129 -88.82 -7.36 51.74
CA SER B 129 -87.90 -8.04 52.68
C SER B 129 -86.70 -8.90 52.22
N ASN B 130 -86.73 -9.40 50.99
CA ASN B 130 -85.68 -10.24 50.41
C ASN B 130 -84.30 -9.61 50.19
N GLY B 131 -84.14 -8.27 50.28
CA GLY B 131 -82.84 -7.62 50.09
C GLY B 131 -82.50 -7.37 48.62
N CYS B 132 -82.74 -8.42 47.83
CA CYS B 132 -82.63 -8.39 46.39
C CYS B 132 -83.85 -7.81 45.68
N ILE B 133 -83.54 -6.96 44.72
CA ILE B 133 -84.56 -6.32 43.91
C ILE B 133 -84.63 -6.94 42.50
N ASN B 134 -85.77 -7.00 41.79
CA ASN B 134 -85.81 -7.59 40.44
C ASN B 134 -85.77 -6.64 39.23
N TYR B 135 -84.57 -6.27 38.76
CA TYR B 135 -84.32 -5.31 37.66
C TYR B 135 -85.35 -5.07 36.56
N GLU B 136 -85.70 -6.15 35.90
CA GLU B 136 -86.63 -6.18 34.76
C GLU B 136 -87.98 -5.56 35.04
N ALA B 137 -88.46 -5.74 36.26
CA ALA B 137 -89.73 -5.15 36.68
C ALA B 137 -89.59 -3.65 36.97
N PHE B 138 -88.45 -3.18 37.47
CA PHE B 138 -88.27 -1.76 37.76
C PHE B 138 -88.24 -0.92 36.52
N VAL B 139 -87.47 -1.28 35.50
CA VAL B 139 -87.47 -0.50 34.25
C VAL B 139 -88.90 -0.40 33.71
N LYS B 140 -89.70 -1.48 33.73
CA LYS B 140 -91.12 -1.39 33.39
C LYS B 140 -91.92 -0.42 34.28
N HIS B 141 -91.87 -0.50 35.62
CA HIS B 141 -92.57 0.44 36.51
C HIS B 141 -92.07 1.90 36.54
N ILE B 142 -90.81 2.07 36.18
CA ILE B 142 -90.17 3.36 36.01
C ILE B 142 -90.69 3.92 34.68
N MET B 143 -90.50 3.25 33.55
CA MET B 143 -91.00 3.71 32.27
C MET B 143 -92.54 3.77 32.12
N SER B 144 -93.28 3.14 33.04
CA SER B 144 -94.75 3.12 33.06
C SER B 144 -95.57 4.38 33.39
N VAL B 145 -95.01 5.58 33.33
CA VAL B 145 -95.86 6.75 33.55
C VAL B 145 -96.43 7.25 32.22
N ASP C 1 -43.72 2.80 67.93
CA ASP C 1 -43.44 3.57 69.16
C ASP C 1 -43.88 2.79 70.36
N ALA C 2 -45.19 2.52 70.38
CA ALA C 2 -45.78 1.75 71.45
C ALA C 2 -45.08 0.40 71.49
N GLU C 3 -45.04 -0.21 70.29
CA GLU C 3 -44.41 -1.50 70.09
C GLU C 3 -42.99 -1.50 70.59
N MET C 4 -42.17 -0.68 69.93
CA MET C 4 -40.79 -0.54 70.28
C MET C 4 -40.61 -0.14 71.72
N ALA C 5 -39.93 -1.02 72.41
CA ALA C 5 -39.62 -0.86 73.78
C ALA C 5 -38.49 -1.82 74.01
N ALA C 6 -38.77 -3.07 73.54
CA ALA C 6 -37.84 -4.17 73.61
C ALA C 6 -36.45 -3.69 73.24
N PHE C 7 -36.41 -3.00 72.08
CA PHE C 7 -35.19 -2.44 71.58
C PHE C 7 -34.90 -1.17 72.32
N GLY C 8 -35.92 -0.32 72.24
CA GLY C 8 -35.87 0.95 72.86
C GLY C 8 -34.63 1.69 72.39
N GLU C 9 -33.52 1.43 73.07
CA GLU C 9 -32.27 2.08 72.74
C GLU C 9 -31.80 1.84 71.32
N ALA C 10 -32.12 0.68 70.77
CA ALA C 10 -31.70 0.33 69.43
C ALA C 10 -32.62 0.90 68.36
N ALA C 11 -33.87 1.04 68.80
CA ALA C 11 -35.00 1.52 68.00
C ALA C 11 -34.64 2.49 66.90
N PRO C 12 -33.99 3.56 67.28
CA PRO C 12 -33.63 4.58 66.32
C PRO C 12 -32.86 4.08 65.12
N TYR C 13 -32.18 2.93 65.29
CA TYR C 13 -31.33 2.33 64.25
C TYR C 13 -32.01 1.22 63.49
N LEU C 14 -33.19 0.87 63.99
CA LEU C 14 -34.07 -0.15 63.44
C LEU C 14 -35.27 0.42 62.72
N ARG C 15 -35.92 1.32 63.45
CA ARG C 15 -37.09 2.03 62.99
C ARG C 15 -37.06 3.47 63.36
N LYS C 16 -37.91 4.28 62.70
CA LYS C 16 -37.98 5.71 62.98
C LYS C 16 -39.25 6.11 63.72
N SER C 17 -39.19 7.25 64.43
CA SER C 17 -40.36 7.67 65.18
C SER C 17 -41.55 7.79 64.29
N GLU C 18 -42.68 7.40 64.82
CA GLU C 18 -43.96 7.43 64.11
C GLU C 18 -44.37 8.74 63.50
N LYS C 19 -43.55 9.76 63.53
CA LYS C 19 -43.99 10.96 62.89
C LYS C 19 -42.93 11.31 61.88
N GLU C 20 -41.71 10.80 62.23
CA GLU C 20 -40.58 10.97 61.35
C GLU C 20 -40.97 10.29 60.06
N ARG C 21 -41.73 9.23 60.31
CA ARG C 21 -42.26 8.44 59.24
C ARG C 21 -43.29 9.31 58.55
N ILE C 22 -44.33 9.57 59.34
CA ILE C 22 -45.46 10.37 58.95
C ILE C 22 -45.11 11.68 58.27
N GLU C 23 -44.09 12.34 58.77
CA GLU C 23 -43.64 13.57 58.21
C GLU C 23 -42.94 13.36 56.89
N ALA C 24 -42.61 12.11 56.62
CA ALA C 24 -41.91 11.76 55.42
C ALA C 24 -42.78 11.20 54.31
N GLN C 25 -43.73 10.36 54.70
CA GLN C 25 -44.62 9.75 53.75
C GLN C 25 -45.71 10.72 53.28
N ASN C 26 -46.09 11.60 54.20
CA ASN C 26 -47.14 12.57 53.96
C ASN C 26 -46.53 13.92 53.69
N LYS C 27 -46.10 14.08 52.45
CA LYS C 27 -45.49 15.28 52.00
C LYS C 27 -45.81 15.50 50.54
N PRO C 28 -45.59 16.71 50.04
CA PRO C 28 -45.90 17.01 48.66
C PRO C 28 -45.05 16.24 47.68
N PHE C 29 -45.71 15.75 46.62
CA PHE C 29 -45.04 15.02 45.56
C PHE C 29 -45.60 15.27 44.14
N ASP C 30 -44.70 15.55 43.20
CA ASP C 30 -45.12 15.73 41.80
C ASP C 30 -44.55 14.65 40.88
N ALA C 31 -45.28 13.58 40.78
CA ALA C 31 -44.87 12.46 39.97
C ALA C 31 -44.36 12.78 38.56
N LYS C 32 -45.23 13.34 37.76
CA LYS C 32 -44.92 13.65 36.39
C LYS C 32 -43.64 14.43 36.19
N SER C 33 -43.14 15.05 37.24
CA SER C 33 -41.94 15.86 37.04
C SER C 33 -40.75 15.34 37.76
N SER C 34 -40.98 14.82 38.99
CA SER C 34 -39.88 14.27 39.80
C SER C 34 -39.30 12.97 39.20
N VAL C 35 -37.97 12.91 39.11
CA VAL C 35 -37.33 11.78 38.49
C VAL C 35 -35.90 11.54 38.94
N PHE C 36 -35.38 10.36 38.59
CA PHE C 36 -33.98 9.94 38.82
C PHE C 36 -33.30 10.01 37.48
N VAL C 37 -32.02 10.29 37.43
CA VAL C 37 -31.38 10.35 36.11
C VAL C 37 -29.90 9.98 36.11
N VAL C 38 -29.45 9.62 34.90
CA VAL C 38 -28.09 9.21 34.63
C VAL C 38 -27.19 10.35 34.95
N HIS C 39 -25.91 10.05 35.18
CA HIS C 39 -25.02 11.15 35.45
C HIS C 39 -23.57 10.76 35.31
N PRO C 40 -22.93 11.39 34.35
CA PRO C 40 -21.56 11.14 34.03
C PRO C 40 -20.59 11.02 35.21
N LYS C 41 -20.64 11.95 36.15
CA LYS C 41 -19.74 11.88 37.29
C LYS C 41 -20.34 11.03 38.41
N GLU C 42 -21.45 11.48 38.97
CA GLU C 42 -22.13 10.68 39.96
C GLU C 42 -23.06 9.77 39.21
N SER C 43 -23.12 8.52 39.63
CA SER C 43 -23.90 7.49 38.93
C SER C 43 -25.30 7.85 38.46
N PHE C 44 -26.11 8.20 39.42
CA PHE C 44 -27.51 8.57 39.20
C PHE C 44 -27.84 9.60 40.24
N VAL C 45 -28.26 10.76 39.84
CA VAL C 45 -28.63 11.70 40.85
C VAL C 45 -30.06 12.05 40.56
N LYS C 46 -30.75 12.73 41.52
CA LYS C 46 -32.14 13.08 41.31
C LYS C 46 -32.35 14.46 40.73
N GLY C 47 -33.51 14.64 40.12
CA GLY C 47 -33.83 15.91 39.54
C GLY C 47 -35.28 16.02 39.18
N THR C 48 -35.57 17.22 38.65
CA THR C 48 -36.89 17.58 38.22
C THR C 48 -36.86 17.75 36.70
N ILE C 49 -37.85 17.18 36.05
CA ILE C 49 -37.94 17.33 34.62
C ILE C 49 -38.37 18.76 34.27
N GLN C 50 -37.59 19.37 33.37
CA GLN C 50 -37.87 20.70 32.93
C GLN C 50 -38.64 20.67 31.64
N SER C 51 -38.00 20.18 30.62
CA SER C 51 -38.66 20.14 29.34
C SER C 51 -38.70 18.75 28.76
N LYS C 52 -39.03 18.67 27.49
CA LYS C 52 -39.08 17.39 26.80
C LYS C 52 -38.74 17.57 25.32
N GLU C 53 -37.57 17.07 24.92
CA GLU C 53 -37.08 17.16 23.56
C GLU C 53 -37.59 16.09 22.56
N GLY C 54 -38.76 15.53 22.89
CA GLY C 54 -39.43 14.53 22.06
C GLY C 54 -38.88 13.12 22.20
N GLY C 55 -37.70 13.01 22.83
CA GLY C 55 -37.00 11.75 23.04
C GLY C 55 -35.65 12.02 23.64
N LYS C 56 -35.62 13.18 24.28
CA LYS C 56 -34.50 13.72 25.00
C LYS C 56 -35.12 14.37 26.19
N VAL C 57 -34.32 14.54 27.22
CA VAL C 57 -34.88 15.13 28.38
C VAL C 57 -33.93 16.06 29.03
N THR C 58 -34.46 17.21 29.46
CA THR C 58 -33.64 18.17 30.17
C THR C 58 -34.08 18.17 31.59
N VAL C 59 -33.10 18.02 32.49
CA VAL C 59 -33.47 18.01 33.88
C VAL C 59 -32.62 18.85 34.78
N LYS C 60 -33.27 19.36 35.81
CA LYS C 60 -32.58 20.12 36.80
C LYS C 60 -32.02 19.12 37.74
N THR C 61 -31.21 19.57 38.64
CA THR C 61 -30.59 18.64 39.55
C THR C 61 -30.87 19.04 40.94
N GLU C 62 -30.35 18.22 41.79
CA GLU C 62 -30.37 18.41 43.20
C GLU C 62 -28.93 18.66 43.53
N GLY C 63 -28.62 19.94 43.42
CA GLY C 63 -27.30 20.49 43.62
C GLY C 63 -27.22 21.63 42.67
N GLY C 64 -28.07 21.48 41.62
CA GLY C 64 -28.22 22.53 40.63
C GLY C 64 -27.36 22.20 39.46
N GLU C 65 -28.00 21.60 38.47
CA GLU C 65 -27.31 21.21 37.25
C GLU C 65 -28.38 20.91 36.24
N THR C 66 -28.02 21.15 35.00
CA THR C 66 -28.97 20.90 33.97
C THR C 66 -28.35 20.04 32.91
N LEU C 67 -29.01 18.91 32.58
CA LEU C 67 -28.51 17.95 31.60
C LEU C 67 -29.61 17.50 30.66
N THR C 68 -29.27 17.33 29.39
CA THR C 68 -30.28 16.84 28.47
C THR C 68 -29.88 15.45 28.13
N VAL C 69 -30.60 14.53 28.71
CA VAL C 69 -30.28 13.14 28.55
C VAL C 69 -31.44 12.35 27.92
N LYS C 70 -31.10 11.26 27.21
CA LYS C 70 -32.04 10.37 26.53
C LYS C 70 -33.32 10.14 27.30
N GLU C 71 -34.26 9.47 26.66
CA GLU C 71 -35.51 9.17 27.32
C GLU C 71 -35.30 8.07 28.34
N ASP C 72 -34.42 7.14 27.99
CA ASP C 72 -34.13 6.08 28.94
C ASP C 72 -32.89 6.24 29.78
N GLN C 73 -32.64 7.47 30.12
CA GLN C 73 -31.54 7.82 30.95
C GLN C 73 -32.20 8.46 32.16
N VAL C 74 -33.53 8.44 31.98
CA VAL C 74 -34.53 8.97 32.88
C VAL C 74 -35.39 7.88 33.51
N PHE C 75 -35.47 7.93 34.82
CA PHE C 75 -36.22 6.98 35.62
C PHE C 75 -37.07 7.62 36.69
N SER C 76 -38.31 7.16 36.75
CA SER C 76 -39.29 7.62 37.68
C SER C 76 -38.79 7.59 39.10
N MET C 77 -39.57 8.18 40.01
CA MET C 77 -39.23 8.28 41.40
C MET C 77 -40.43 7.94 42.28
N ASN C 78 -40.23 7.04 43.20
CA ASN C 78 -41.29 6.60 44.04
C ASN C 78 -41.91 7.67 44.89
N PRO C 79 -43.25 7.55 45.05
CA PRO C 79 -43.98 8.48 45.87
C PRO C 79 -43.34 8.36 47.22
N PRO C 80 -43.50 9.40 47.96
CA PRO C 80 -42.93 9.53 49.26
C PRO C 80 -43.34 8.39 50.20
N LYS C 81 -44.44 7.76 49.84
CA LYS C 81 -44.94 6.68 50.68
C LYS C 81 -43.88 5.62 50.87
N TYR C 82 -42.96 5.56 49.93
CA TYR C 82 -41.86 4.62 49.96
C TYR C 82 -40.58 5.36 50.26
N ASP C 83 -40.41 5.75 51.52
CA ASP C 83 -39.25 6.53 51.82
C ASP C 83 -38.05 5.67 52.13
N LYS C 84 -38.17 4.97 53.29
CA LYS C 84 -37.10 4.13 53.74
C LYS C 84 -37.64 2.75 54.05
N ILE C 85 -38.27 2.26 53.00
CA ILE C 85 -38.93 0.99 52.92
C ILE C 85 -38.05 -0.13 53.39
N GLU C 86 -38.62 -0.90 54.30
CA GLU C 86 -38.00 -2.06 54.83
C GLU C 86 -37.66 -3.07 53.76
N ASP C 87 -38.57 -3.16 52.77
CA ASP C 87 -38.45 -4.09 51.67
C ASP C 87 -38.59 -3.39 50.38
N MET C 88 -37.48 -3.05 49.79
CA MET C 88 -37.49 -2.35 48.55
C MET C 88 -38.31 -2.99 47.52
N ALA C 89 -38.49 -4.26 47.66
CA ALA C 89 -39.28 -5.02 46.68
C ALA C 89 -40.76 -4.76 46.80
N MET C 90 -41.10 -3.78 47.62
CA MET C 90 -42.48 -3.47 47.77
C MET C 90 -42.75 -2.20 47.02
N MET C 91 -41.67 -1.55 46.66
CA MET C 91 -41.70 -0.38 45.87
C MET C 91 -42.42 -0.67 44.60
N THR C 92 -43.04 0.37 44.00
CA THR C 92 -43.78 0.21 42.77
C THR C 92 -42.92 0.64 41.66
N HIS C 93 -41.66 0.92 42.04
CA HIS C 93 -40.68 1.35 41.07
C HIS C 93 -39.36 0.63 41.25
N LEU C 94 -39.27 -0.47 40.50
CA LEU C 94 -38.18 -1.38 40.45
C LEU C 94 -37.18 -0.96 39.37
N HIS C 95 -36.29 -0.11 39.81
CA HIS C 95 -35.27 0.47 38.99
C HIS C 95 -33.97 0.12 39.56
N GLU C 96 -32.98 0.68 38.91
CA GLU C 96 -31.66 0.57 39.42
C GLU C 96 -31.44 1.68 40.46
N PRO C 97 -31.77 2.93 40.10
CA PRO C 97 -31.60 4.03 41.00
C PRO C 97 -32.38 3.97 42.31
N ALA C 98 -33.64 3.68 42.20
CA ALA C 98 -34.44 3.60 43.39
C ALA C 98 -33.92 2.67 44.43
N VAL C 99 -33.16 1.69 43.99
CA VAL C 99 -32.64 0.75 44.95
C VAL C 99 -31.44 1.29 45.63
N LEU C 100 -30.63 1.93 44.84
CA LEU C 100 -29.42 2.53 45.35
C LEU C 100 -29.87 3.55 46.37
N TYR C 101 -30.77 4.40 45.92
CA TYR C 101 -31.27 5.48 46.72
C TYR C 101 -31.94 5.11 48.01
N ASN C 102 -32.62 3.97 48.08
CA ASN C 102 -33.29 3.57 49.31
C ASN C 102 -32.32 3.13 50.34
N LEU C 103 -31.32 2.45 49.87
CA LEU C 103 -30.32 1.91 50.77
C LEU C 103 -29.68 3.07 51.42
N LYS C 104 -29.16 3.92 50.54
CA LYS C 104 -28.48 5.16 50.88
C LYS C 104 -29.23 6.01 51.87
N GLU C 105 -30.51 6.25 51.65
CA GLU C 105 -31.22 7.11 52.58
C GLU C 105 -31.33 6.55 53.98
N ARG C 106 -31.57 5.24 54.10
CA ARG C 106 -31.73 4.66 55.41
C ARG C 106 -30.48 4.36 56.12
N TYR C 107 -29.41 4.78 55.48
CA TYR C 107 -28.08 4.56 55.99
C TYR C 107 -27.61 5.85 56.59
N ALA C 108 -27.93 6.93 55.85
CA ALA C 108 -27.64 8.29 56.31
C ALA C 108 -28.42 8.56 57.59
N ALA C 109 -29.35 7.63 57.86
CA ALA C 109 -30.19 7.68 59.02
C ALA C 109 -29.77 6.59 59.96
N TRP C 110 -28.67 5.99 59.59
CA TRP C 110 -28.11 4.92 60.39
C TRP C 110 -28.95 3.70 60.47
N MET C 111 -29.61 3.33 59.38
CA MET C 111 -30.24 2.03 59.39
C MET C 111 -29.46 1.10 58.43
N ILE C 112 -28.79 0.13 59.00
CA ILE C 112 -27.95 -0.77 58.23
C ILE C 112 -28.69 -1.97 57.64
N TYR C 113 -29.85 -2.28 58.15
CA TYR C 113 -30.59 -3.39 57.63
C TYR C 113 -31.82 -3.06 56.90
N THR C 114 -31.71 -3.25 55.61
CA THR C 114 -32.85 -3.07 54.75
C THR C 114 -33.06 -4.33 53.89
N TYR C 115 -34.29 -4.85 53.72
CA TYR C 115 -34.52 -6.06 52.89
C TYR C 115 -34.78 -5.69 51.46
N SER C 116 -34.41 -6.61 50.53
CA SER C 116 -34.61 -6.41 49.07
C SER C 116 -35.16 -7.64 48.46
N GLY C 117 -36.27 -8.09 48.99
CA GLY C 117 -36.89 -9.26 48.52
C GLY C 117 -36.70 -10.27 49.59
N LEU C 118 -35.84 -11.21 49.33
CA LEU C 118 -35.62 -12.24 50.31
C LEU C 118 -34.37 -11.92 51.04
N PHE C 119 -33.58 -11.13 50.35
CA PHE C 119 -32.33 -10.72 50.93
C PHE C 119 -32.44 -9.89 52.14
N CYS C 120 -31.35 -9.82 52.79
CA CYS C 120 -31.21 -9.00 53.95
C CYS C 120 -29.97 -8.21 53.75
N VAL C 121 -30.16 -7.09 53.09
CA VAL C 121 -29.04 -6.26 52.88
C VAL C 121 -28.46 -5.77 54.17
N THR C 122 -27.15 -5.62 54.24
CA THR C 122 -26.42 -5.13 55.43
C THR C 122 -25.28 -4.22 55.03
N VAL C 123 -25.29 -3.04 55.58
CA VAL C 123 -24.25 -2.08 55.26
C VAL C 123 -23.33 -1.82 56.43
N ASN C 124 -22.00 -1.83 56.15
CA ASN C 124 -20.98 -1.61 57.17
C ASN C 124 -21.12 -0.27 57.89
N PRO C 125 -21.44 -0.29 59.20
CA PRO C 125 -21.62 0.97 59.90
C PRO C 125 -20.36 1.81 59.96
N TYR C 126 -19.29 1.17 60.27
CA TYR C 126 -17.98 1.80 60.40
C TYR C 126 -17.85 2.55 61.66
N LYS C 127 -18.74 2.17 62.53
CA LYS C 127 -18.82 2.70 63.86
C LYS C 127 -19.64 1.75 64.71
N TRP C 128 -19.88 2.06 65.99
CA TRP C 128 -20.60 1.15 66.90
C TRP C 128 -22.10 1.41 66.99
N LEU C 129 -22.84 0.31 67.19
CA LEU C 129 -24.29 0.40 67.28
C LEU C 129 -24.87 -0.57 68.35
N PRO C 130 -25.92 -0.09 69.01
CA PRO C 130 -26.61 -0.87 70.02
C PRO C 130 -27.43 -1.97 69.41
N VAL C 131 -27.14 -2.35 68.18
CA VAL C 131 -27.96 -3.35 67.50
C VAL C 131 -27.74 -4.78 67.92
N TYR C 132 -26.53 -5.07 68.33
CA TYR C 132 -26.19 -6.42 68.63
C TYR C 132 -26.55 -6.67 70.07
N ASN C 133 -27.24 -5.62 70.53
CA ASN C 133 -27.77 -5.49 71.89
C ASN C 133 -28.60 -6.61 72.35
N PRO C 134 -28.15 -7.03 73.47
CA PRO C 134 -28.64 -8.12 74.25
C PRO C 134 -30.11 -7.94 74.54
N LYS C 135 -30.69 -6.84 74.13
CA LYS C 135 -32.11 -6.71 74.38
C LYS C 135 -32.80 -7.10 73.13
N VAL C 136 -32.12 -6.76 72.05
CA VAL C 136 -32.65 -7.00 70.74
C VAL C 136 -32.86 -8.47 70.46
N VAL C 137 -31.82 -9.21 70.81
CA VAL C 137 -31.76 -10.63 70.70
C VAL C 137 -33.09 -11.27 71.08
N LEU C 138 -33.65 -10.83 72.21
CA LEU C 138 -34.93 -11.34 72.72
C LEU C 138 -36.06 -10.86 71.87
N ALA C 139 -35.96 -9.57 71.59
CA ALA C 139 -36.99 -8.90 70.84
C ALA C 139 -37.32 -9.60 69.55
N TYR C 140 -36.27 -10.05 68.87
CA TYR C 140 -36.41 -10.70 67.61
C TYR C 140 -36.78 -12.17 67.73
N ARG C 141 -36.91 -12.55 68.98
CA ARG C 141 -37.22 -13.90 69.35
C ARG C 141 -38.71 -14.24 69.27
N GLY C 142 -39.06 -15.09 68.29
CA GLY C 142 -40.40 -15.59 68.03
C GLY C 142 -41.24 -14.69 67.08
N LYS C 143 -40.57 -13.80 66.37
CA LYS C 143 -41.17 -12.82 65.47
C LYS C 143 -41.01 -13.00 63.96
N LYS C 144 -42.13 -13.10 63.23
CA LYS C 144 -42.00 -13.13 61.78
C LYS C 144 -41.40 -11.80 61.30
N ARG C 145 -40.79 -11.76 60.12
CA ARG C 145 -40.15 -10.54 59.70
C ARG C 145 -41.08 -9.42 59.36
N GLN C 146 -42.36 -9.66 59.62
CA GLN C 146 -43.34 -8.63 59.34
C GLN C 146 -43.80 -7.98 60.62
N GLU C 147 -43.47 -8.67 61.72
CA GLU C 147 -43.73 -8.22 63.08
C GLU C 147 -42.59 -7.38 63.65
N ALA C 148 -41.49 -7.27 62.91
CA ALA C 148 -40.34 -6.52 63.29
C ALA C 148 -39.56 -5.94 62.09
N PRO C 149 -38.80 -4.88 62.36
CA PRO C 149 -38.03 -4.18 61.36
C PRO C 149 -36.85 -5.00 60.82
N PRO C 150 -36.35 -4.64 59.66
CA PRO C 150 -35.22 -5.30 59.06
C PRO C 150 -33.99 -5.41 59.93
N HIS C 151 -33.65 -6.69 60.14
CA HIS C 151 -32.53 -7.15 60.92
C HIS C 151 -32.22 -8.66 60.75
N ILE C 152 -30.96 -8.95 60.89
CA ILE C 152 -30.34 -10.24 60.76
C ILE C 152 -30.82 -11.26 61.73
N PHE C 153 -31.20 -10.82 62.90
CA PHE C 153 -31.69 -11.77 63.81
C PHE C 153 -33.05 -12.15 63.26
N SER C 154 -33.59 -11.34 62.38
CA SER C 154 -34.90 -11.72 61.88
C SER C 154 -34.74 -12.95 61.11
N ILE C 155 -33.72 -12.89 60.25
CA ILE C 155 -33.46 -14.00 59.36
C ILE C 155 -33.16 -15.22 60.21
N SER C 156 -32.24 -15.00 61.13
CA SER C 156 -31.72 -16.00 62.00
C SER C 156 -32.72 -16.60 62.93
N ASP C 157 -33.75 -15.90 63.20
CA ASP C 157 -34.70 -16.50 64.12
C ASP C 157 -35.70 -17.29 63.33
N ASN C 158 -36.07 -16.68 62.23
CA ASN C 158 -37.06 -17.28 61.40
C ASN C 158 -36.61 -18.61 60.95
N ALA C 159 -35.30 -18.70 60.74
CA ALA C 159 -34.71 -19.96 60.31
C ALA C 159 -35.05 -21.03 61.29
N TYR C 160 -34.69 -20.71 62.52
CA TYR C 160 -34.95 -21.52 63.68
C TYR C 160 -36.40 -21.94 63.75
N GLN C 161 -37.24 -20.96 63.64
CA GLN C 161 -38.68 -21.16 63.72
C GLN C 161 -39.00 -22.23 62.74
N PHE C 162 -38.88 -21.79 61.51
CA PHE C 162 -39.08 -22.56 60.35
C PHE C 162 -38.49 -23.92 60.48
N MET C 163 -37.38 -23.96 61.18
CA MET C 163 -36.71 -25.19 61.34
C MET C 163 -37.64 -26.12 62.07
N LEU C 164 -38.08 -25.72 63.24
CA LEU C 164 -39.01 -26.56 63.98
C LEU C 164 -40.43 -26.65 63.38
N THR C 165 -40.91 -25.58 62.77
CA THR C 165 -42.23 -25.59 62.20
C THR C 165 -42.42 -26.55 61.04
N ASP C 166 -41.54 -26.43 60.04
CA ASP C 166 -41.58 -27.23 58.82
C ASP C 166 -40.81 -28.58 58.88
N ARG C 167 -39.97 -28.73 59.87
CA ARG C 167 -39.17 -29.94 60.02
C ARG C 167 -38.22 -30.12 58.84
N GLU C 168 -37.68 -29.00 58.38
CA GLU C 168 -36.72 -28.94 57.30
C GLU C 168 -35.45 -28.30 57.75
N ASN C 169 -34.37 -28.63 57.07
CA ASN C 169 -33.13 -27.99 57.47
C ASN C 169 -33.06 -26.65 56.81
N GLN C 170 -32.20 -25.84 57.40
CA GLN C 170 -32.09 -24.47 56.92
C GLN C 170 -30.69 -24.07 56.51
N SER C 171 -30.59 -22.87 55.93
CA SER C 171 -29.29 -22.31 55.56
C SER C 171 -29.37 -20.81 55.50
N ILE C 172 -28.21 -20.22 55.64
CA ILE C 172 -28.03 -18.82 55.61
C ILE C 172 -26.83 -18.56 54.76
N LEU C 173 -27.00 -17.82 53.71
CA LEU C 173 -25.91 -17.56 52.88
C LEU C 173 -25.42 -16.18 52.96
N ILE C 174 -24.26 -15.99 53.62
CA ILE C 174 -23.71 -14.67 53.75
C ILE C 174 -22.68 -14.42 52.67
N THR C 175 -22.72 -13.31 52.01
CA THR C 175 -21.82 -13.05 50.96
C THR C 175 -21.62 -11.56 50.70
N GLY C 176 -20.35 -11.19 50.35
CA GLY C 176 -19.99 -9.80 50.02
C GLY C 176 -18.51 -9.65 49.73
N GLU C 177 -18.07 -8.47 49.29
CA GLU C 177 -16.64 -8.27 49.05
C GLU C 177 -15.81 -8.19 50.34
N SER C 178 -14.52 -8.30 50.14
CA SER C 178 -13.50 -8.30 51.16
C SER C 178 -13.78 -7.40 52.33
N GLY C 179 -14.28 -6.22 52.06
CA GLY C 179 -14.51 -5.31 53.20
C GLY C 179 -15.91 -5.20 53.69
N ALA C 180 -16.83 -5.97 53.12
CA ALA C 180 -18.20 -5.92 53.52
C ALA C 180 -18.49 -6.28 54.97
N GLY C 181 -17.59 -7.08 55.58
CA GLY C 181 -17.75 -7.47 56.98
C GLY C 181 -18.68 -8.64 57.21
N LYS C 182 -18.38 -9.77 56.57
CA LYS C 182 -19.23 -10.93 56.74
C LYS C 182 -18.96 -11.72 58.00
N THR C 183 -17.67 -12.00 58.28
CA THR C 183 -17.23 -12.79 59.46
C THR C 183 -17.97 -12.33 60.67
N VAL C 184 -17.97 -11.01 60.75
CA VAL C 184 -18.66 -10.26 61.81
C VAL C 184 -20.09 -10.69 61.91
N ASN C 185 -20.78 -10.76 60.78
CA ASN C 185 -22.15 -11.15 60.80
C ASN C 185 -22.26 -12.59 61.16
N THR C 186 -21.46 -13.37 60.46
CA THR C 186 -21.47 -14.80 60.61
C THR C 186 -21.34 -15.17 62.04
N LYS C 187 -20.33 -14.57 62.63
CA LYS C 187 -20.09 -14.80 64.02
C LYS C 187 -21.30 -14.45 64.81
N ARG C 188 -21.77 -13.25 64.51
CA ARG C 188 -22.95 -12.71 65.22
C ARG C 188 -24.19 -13.56 65.06
N VAL C 189 -24.29 -14.22 63.94
CA VAL C 189 -25.43 -15.08 63.74
C VAL C 189 -25.29 -16.28 64.64
N ILE C 190 -24.07 -16.77 64.63
CA ILE C 190 -23.72 -17.94 65.40
C ILE C 190 -24.02 -17.78 66.88
N GLN C 191 -23.57 -16.65 67.46
CA GLN C 191 -23.85 -16.39 68.86
C GLN C 191 -25.31 -16.54 69.08
N TYR C 192 -26.04 -15.93 68.17
CA TYR C 192 -27.49 -15.97 68.20
C TYR C 192 -28.03 -17.35 68.40
N PHE C 193 -27.57 -18.29 67.59
CA PHE C 193 -28.03 -19.64 67.74
C PHE C 193 -27.71 -20.18 69.08
N ALA C 194 -26.47 -20.01 69.43
CA ALA C 194 -25.99 -20.57 70.70
C ALA C 194 -26.84 -20.06 71.85
N THR C 195 -27.07 -18.76 71.89
CA THR C 195 -27.85 -18.16 72.95
C THR C 195 -29.28 -18.69 73.02
N ILE C 196 -30.05 -18.35 72.02
CA ILE C 196 -31.44 -18.74 71.93
C ILE C 196 -31.76 -20.24 71.99
N ALA C 197 -30.80 -21.13 72.09
CA ALA C 197 -31.18 -22.52 72.16
C ALA C 197 -30.08 -23.41 72.74
N ALA C 198 -29.59 -23.02 73.93
CA ALA C 198 -28.48 -23.70 74.60
C ALA C 198 -28.80 -24.82 75.61
N SER C 199 -28.04 -25.92 75.50
CA SER C 199 -28.19 -27.09 76.38
C SER C 199 -26.89 -27.50 77.12
N GLY C 200 -26.19 -26.47 77.65
CA GLY C 200 -24.95 -26.65 78.41
C GLY C 200 -25.31 -26.41 79.88
N GLU C 201 -26.17 -27.29 80.35
CA GLU C 201 -26.76 -27.27 81.69
C GLU C 201 -25.76 -27.07 82.81
N LEU C 215 -17.57 -24.90 73.94
CA LEU C 215 -17.94 -24.72 72.56
C LEU C 215 -17.55 -23.34 72.09
N GLU C 216 -18.10 -22.44 72.84
CA GLU C 216 -17.94 -21.03 72.67
C GLU C 216 -16.52 -20.60 72.38
N ASP C 217 -15.59 -21.41 72.74
CA ASP C 217 -14.18 -21.08 72.50
C ASP C 217 -13.71 -21.81 71.26
N GLN C 218 -14.04 -23.12 71.22
CA GLN C 218 -13.66 -23.97 70.11
C GLN C 218 -14.16 -23.26 68.89
N ILE C 219 -15.41 -22.88 69.03
CA ILE C 219 -16.17 -22.15 68.04
C ILE C 219 -15.29 -21.04 67.55
N ILE C 220 -14.79 -20.32 68.49
CA ILE C 220 -13.94 -19.21 68.21
C ILE C 220 -12.58 -19.64 67.73
N SER C 221 -11.92 -20.42 68.57
CA SER C 221 -10.56 -20.89 68.30
C SER C 221 -10.41 -21.40 66.90
N ALA C 222 -11.54 -21.78 66.32
CA ALA C 222 -11.54 -22.32 65.00
C ALA C 222 -10.83 -21.43 64.04
N ASN C 223 -11.28 -20.21 64.01
CA ASN C 223 -10.78 -19.21 63.08
C ASN C 223 -9.29 -19.14 62.91
N PRO C 224 -8.62 -18.80 64.00
CA PRO C 224 -7.18 -18.66 64.04
C PRO C 224 -6.34 -19.83 63.53
N LEU C 225 -6.99 -20.95 63.28
CA LEU C 225 -6.27 -22.11 62.76
C LEU C 225 -6.40 -22.02 61.24
N LEU C 226 -7.65 -22.01 60.82
CA LEU C 226 -8.02 -21.86 59.45
C LEU C 226 -7.28 -20.73 58.79
N GLU C 227 -7.18 -19.64 59.53
CA GLU C 227 -6.53 -18.38 59.11
C GLU C 227 -5.03 -18.55 58.86
N ALA C 228 -4.42 -19.40 59.66
CA ALA C 228 -3.00 -19.66 59.45
C ALA C 228 -2.73 -20.39 58.21
N PHE C 229 -3.74 -21.21 57.83
CA PHE C 229 -3.69 -22.05 56.64
C PHE C 229 -4.40 -21.58 55.44
N GLY C 230 -5.53 -20.91 55.63
CA GLY C 230 -6.25 -20.38 54.50
C GLY C 230 -6.21 -18.88 54.34
N ASN C 231 -5.32 -18.17 55.04
CA ASN C 231 -5.20 -16.72 54.96
C ASN C 231 -3.80 -16.27 54.63
N ALA C 232 -3.71 -15.12 54.02
CA ALA C 232 -2.44 -14.61 53.62
C ALA C 232 -2.45 -13.13 53.30
N LYS C 233 -1.30 -12.55 53.19
CA LYS C 233 -1.16 -11.18 52.84
C LYS C 233 -1.41 -10.96 51.41
N THR C 234 -2.48 -10.33 51.11
CA THR C 234 -2.87 -9.96 49.75
C THR C 234 -2.39 -8.54 49.60
N VAL C 235 -2.31 -8.08 48.38
CA VAL C 235 -1.89 -6.73 48.10
C VAL C 235 -2.92 -5.72 48.60
N ARG C 236 -4.13 -6.20 48.84
CA ARG C 236 -5.25 -5.40 49.33
C ARG C 236 -5.40 -5.45 50.84
N ASN C 237 -5.49 -6.66 51.36
CA ASN C 237 -5.60 -6.90 52.77
C ASN C 237 -4.27 -7.49 53.28
N ASP C 238 -4.11 -7.58 54.58
CA ASP C 238 -2.87 -8.09 55.16
C ASP C 238 -3.14 -9.46 55.70
N ASN C 239 -4.43 -9.72 55.85
CA ASN C 239 -5.00 -10.98 56.32
C ASN C 239 -6.18 -11.32 55.46
N SER C 240 -6.00 -11.54 54.13
CA SER C 240 -7.10 -11.85 53.26
C SER C 240 -7.52 -13.27 53.32
N SER C 241 -8.84 -13.49 53.25
CA SER C 241 -9.44 -14.82 53.28
C SER C 241 -9.24 -15.47 51.92
N ARG C 242 -8.46 -16.55 51.82
CA ARG C 242 -8.27 -17.14 50.52
C ARG C 242 -9.14 -18.27 50.25
N PHE C 243 -10.33 -17.16 53.74
CA PHE C 243 -10.92 -18.43 53.37
C PHE C 243 -12.41 -18.46 53.55
N GLY C 244 -13.06 -19.46 52.97
CA GLY C 244 -14.51 -19.62 53.04
C GLY C 244 -14.90 -20.61 54.06
N LYS C 245 -16.18 -20.62 54.44
CA LYS C 245 -16.54 -21.59 55.44
C LYS C 245 -17.98 -21.93 55.57
N PHE C 246 -18.20 -23.16 56.05
CA PHE C 246 -19.51 -23.70 56.21
C PHE C 246 -19.67 -24.50 57.45
N ILE C 247 -20.48 -23.99 58.36
CA ILE C 247 -20.81 -24.59 59.62
C ILE C 247 -22.16 -25.22 59.70
N ARG C 248 -22.21 -26.42 60.24
CA ARG C 248 -23.49 -27.01 60.34
C ARG C 248 -23.90 -27.09 61.76
N ILE C 249 -24.82 -26.26 62.15
CA ILE C 249 -25.23 -26.36 63.51
C ILE C 249 -26.35 -27.33 63.60
N HIS C 250 -26.00 -28.40 64.23
CA HIS C 250 -26.93 -29.50 64.32
C HIS C 250 -27.79 -29.36 65.52
N PHE C 251 -29.01 -28.97 65.28
CA PHE C 251 -29.92 -28.84 66.36
C PHE C 251 -30.50 -30.18 66.70
N GLY C 252 -30.94 -30.32 67.94
CA GLY C 252 -31.50 -31.57 68.40
C GLY C 252 -32.97 -31.73 67.99
N ALA C 253 -33.67 -32.64 68.67
CA ALA C 253 -35.07 -32.97 68.42
C ALA C 253 -35.99 -31.99 69.12
N THR C 254 -35.60 -31.74 70.35
CA THR C 254 -36.28 -30.81 71.20
C THR C 254 -36.23 -29.50 70.46
N GLY C 255 -35.01 -29.09 70.16
CA GLY C 255 -34.75 -27.85 69.50
C GLY C 255 -33.45 -27.25 70.10
N LYS C 256 -32.84 -28.00 71.01
CA LYS C 256 -31.65 -27.55 71.68
C LYS C 256 -30.39 -28.10 70.97
N LEU C 257 -29.35 -27.25 70.99
CA LEU C 257 -28.04 -27.53 70.38
C LEU C 257 -27.54 -28.94 70.56
N ALA C 258 -26.93 -29.51 69.51
CA ALA C 258 -26.40 -30.90 69.56
C ALA C 258 -25.02 -31.11 68.91
N SER C 259 -24.77 -30.46 67.76
CA SER C 259 -23.49 -30.57 67.08
C SER C 259 -23.23 -29.46 66.13
N ALA C 260 -21.97 -29.43 65.71
CA ALA C 260 -21.45 -28.46 64.76
C ALA C 260 -20.54 -29.13 63.76
N ASP C 261 -20.23 -28.42 62.70
CA ASP C 261 -19.46 -28.99 61.63
C ASP C 261 -18.77 -27.98 60.74
N ILE C 262 -17.50 -27.80 60.85
CA ILE C 262 -16.89 -26.87 59.93
C ILE C 262 -16.25 -27.46 58.73
N GLU C 263 -16.21 -26.64 57.68
CA GLU C 263 -15.56 -26.97 56.43
C GLU C 263 -14.97 -25.74 55.80
N THR C 264 -13.74 -25.90 55.36
CA THR C 264 -12.99 -24.79 54.82
C THR C 264 -12.77 -24.92 53.34
N TYR C 265 -12.79 -23.80 52.66
CA TYR C 265 -12.63 -23.73 51.23
C TYR C 265 -11.68 -22.64 50.86
N LEU C 266 -10.87 -22.92 49.89
CA LEU C 266 -9.98 -21.98 49.32
C LEU C 266 -9.23 -21.04 50.23
N LEU C 267 -8.17 -21.52 50.80
CA LEU C 267 -7.37 -20.77 51.65
C LEU C 267 -6.32 -20.01 50.89
N GLU C 268 -7.46 -21.18 47.64
CA GLU C 268 -6.45 -20.71 46.73
C GLU C 268 -5.24 -21.58 46.76
N LYS C 269 -5.32 -22.74 46.11
CA LYS C 269 -4.23 -23.73 46.06
C LYS C 269 -2.93 -23.18 45.50
N SER C 270 -3.06 -22.28 44.59
CA SER C 270 -1.90 -21.68 43.98
C SER C 270 -0.91 -20.98 44.93
N ARG C 271 -1.37 -20.37 46.04
CA ARG C 271 -0.49 -19.66 46.95
C ARG C 271 0.59 -20.58 47.40
N VAL C 272 0.17 -21.81 47.74
CA VAL C 272 1.07 -22.82 48.19
C VAL C 272 2.32 -22.96 47.35
N THR C 273 2.23 -22.59 46.08
CA THR C 273 3.33 -22.79 45.13
C THR C 273 3.79 -21.51 44.51
N PHE C 274 2.94 -20.53 44.61
CA PHE C 274 3.19 -19.26 44.02
C PHE C 274 2.73 -18.16 44.85
N GLN C 275 3.14 -17.00 44.38
CA GLN C 275 2.87 -15.76 45.03
C GLN C 275 3.31 -14.57 44.18
N LEU C 276 2.40 -13.62 44.14
CA LEU C 276 2.69 -12.40 43.46
C LEU C 276 3.74 -11.65 44.30
N PRO C 277 4.36 -10.71 43.64
CA PRO C 277 5.43 -9.88 44.15
C PRO C 277 5.18 -9.07 45.38
N ALA C 278 3.95 -8.62 45.57
CA ALA C 278 3.67 -7.85 46.76
C ALA C 278 2.92 -8.67 47.79
N GLU C 279 2.74 -9.94 47.46
CA GLU C 279 1.99 -10.82 48.31
C GLU C 279 2.83 -11.88 48.95
N ARG C 280 2.13 -12.73 49.63
CA ARG C 280 2.77 -13.79 50.26
C ARG C 280 1.89 -14.98 50.48
N SER C 281 2.49 -16.07 50.80
CA SER C 281 1.73 -17.25 50.98
C SER C 281 1.08 -17.27 52.31
N TYR C 282 0.42 -18.42 52.57
CA TYR C 282 -0.29 -18.63 53.77
C TYR C 282 0.55 -18.25 54.96
N HIS C 283 -0.03 -17.94 56.07
CA HIS C 283 0.76 -17.47 57.16
C HIS C 283 1.64 -18.51 57.79
N ILE C 284 1.00 -19.66 58.01
CA ILE C 284 1.61 -20.76 58.67
C ILE C 284 3.09 -20.89 58.47
N PHE C 285 3.45 -20.78 57.25
CA PHE C 285 4.85 -20.95 56.82
C PHE C 285 5.66 -19.98 57.48
N TYR C 286 5.24 -18.74 57.42
CA TYR C 286 6.01 -17.68 58.02
C TYR C 286 5.88 -17.74 59.50
N GLN C 287 4.78 -18.29 59.97
CA GLN C 287 4.60 -18.40 61.38
C GLN C 287 5.73 -19.28 61.89
N ILE C 288 5.73 -20.51 61.44
CA ILE C 288 6.67 -21.55 61.76
C ILE C 288 8.16 -21.20 61.68
N MET C 289 8.55 -20.53 60.64
CA MET C 289 9.93 -20.12 60.47
C MET C 289 10.29 -18.91 61.32
N SER C 290 9.29 -18.42 62.05
CA SER C 290 9.49 -17.26 62.90
C SER C 290 10.45 -17.56 64.01
N ASN C 291 10.42 -18.80 64.48
CA ASN C 291 11.27 -19.32 65.53
C ASN C 291 10.78 -19.16 66.93
N LYS C 292 9.53 -19.19 67.17
CA LYS C 292 9.11 -19.06 68.54
C LYS C 292 9.15 -20.37 69.32
N LYS C 293 9.15 -21.41 68.55
CA LYS C 293 9.16 -22.81 68.95
C LYS C 293 10.27 -23.48 68.16
N PRO C 294 11.54 -23.17 68.53
CA PRO C 294 12.69 -23.67 67.78
C PRO C 294 12.73 -25.15 67.43
N GLU C 295 12.16 -26.04 68.28
CA GLU C 295 12.11 -27.46 68.01
C GLU C 295 11.58 -27.76 66.67
N LEU C 296 10.52 -27.04 66.40
CA LEU C 296 9.78 -27.11 65.13
C LEU C 296 10.71 -27.04 63.92
N ILE C 297 11.62 -26.07 63.96
CA ILE C 297 12.57 -25.86 62.89
C ILE C 297 13.47 -27.09 62.60
N ASP C 298 13.88 -27.74 63.68
CA ASP C 298 14.74 -28.88 63.64
C ASP C 298 13.89 -30.12 63.39
N MET C 299 12.71 -30.04 63.89
CA MET C 299 11.79 -31.13 63.76
C MET C 299 11.39 -31.32 62.29
N LEU C 300 11.17 -30.19 61.63
CA LEU C 300 10.76 -30.15 60.23
C LEU C 300 11.94 -30.21 59.32
N LEU C 301 13.09 -29.90 59.85
CA LEU C 301 14.29 -29.93 59.08
C LEU C 301 14.40 -28.80 58.14
N ILE C 302 14.11 -27.61 58.65
CA ILE C 302 14.21 -26.45 57.80
C ILE C 302 15.05 -25.40 58.45
N THR C 303 15.15 -24.32 57.76
CA THR C 303 15.81 -23.20 58.28
C THR C 303 14.80 -22.16 58.69
N THR C 304 15.29 -20.99 59.06
CA THR C 304 14.47 -19.85 59.50
C THR C 304 14.36 -18.76 58.42
N ASN C 305 15.19 -18.89 57.37
CA ASN C 305 15.30 -18.06 56.20
C ASN C 305 14.50 -18.63 55.07
N PRO C 306 13.42 -17.96 54.70
CA PRO C 306 12.45 -18.39 53.72
C PRO C 306 12.95 -18.42 52.34
N TYR C 307 14.04 -17.75 52.17
CA TYR C 307 14.56 -17.78 50.83
C TYR C 307 15.16 -19.12 50.49
N ASP C 308 14.94 -20.11 51.35
CA ASP C 308 15.43 -21.50 51.19
C ASP C 308 14.30 -22.36 50.67
N TYR C 309 13.13 -21.73 50.58
CA TYR C 309 11.96 -22.36 50.16
C TYR C 309 11.25 -21.54 49.17
N HIS C 310 11.71 -21.72 47.94
CA HIS C 310 11.18 -21.10 46.75
C HIS C 310 9.63 -20.93 46.70
N TYR C 311 8.91 -21.98 47.01
CA TYR C 311 7.50 -22.04 47.03
C TYR C 311 6.92 -20.91 47.83
N VAL C 312 7.57 -20.54 48.94
CA VAL C 312 7.08 -19.52 49.85
C VAL C 312 7.81 -18.19 49.96
N SER C 313 8.72 -17.89 49.07
CA SER C 313 9.33 -16.59 49.16
C SER C 313 9.42 -15.99 47.79
N GLN C 314 8.41 -16.18 47.00
CA GLN C 314 8.46 -15.65 45.67
C GLN C 314 7.99 -14.21 45.74
N GLY C 315 7.22 -13.95 46.77
CA GLY C 315 6.71 -12.62 46.93
C GLY C 315 7.39 -12.00 48.08
N GLU C 316 6.65 -11.78 49.17
CA GLU C 316 7.17 -11.14 50.33
C GLU C 316 7.21 -12.15 51.46
N ILE C 317 8.02 -11.85 52.47
CA ILE C 317 8.20 -12.73 53.61
C ILE C 317 7.70 -12.13 54.91
N THR C 318 7.90 -10.83 55.02
CA THR C 318 7.49 -10.19 56.25
C THR C 318 6.50 -9.04 56.05
N VAL C 319 5.59 -8.96 57.00
CA VAL C 319 4.55 -7.94 57.06
C VAL C 319 4.56 -7.32 58.45
N PRO C 320 4.79 -6.00 58.46
CA PRO C 320 4.93 -5.21 59.67
C PRO C 320 3.77 -5.28 60.65
N SER C 321 2.54 -5.28 60.10
CA SER C 321 1.36 -5.36 60.91
C SER C 321 1.08 -6.71 61.53
N ILE C 322 1.88 -7.73 61.18
CA ILE C 322 1.71 -9.10 61.67
C ILE C 322 2.92 -9.58 62.47
N ASP C 323 2.62 -10.26 63.60
CA ASP C 323 3.64 -10.79 64.50
C ASP C 323 3.59 -12.31 64.44
N ASP C 324 4.29 -12.84 63.45
CA ASP C 324 4.32 -14.26 63.16
C ASP C 324 4.58 -15.11 64.41
N GLN C 325 5.34 -14.55 65.32
CA GLN C 325 5.71 -15.24 66.54
C GLN C 325 4.55 -15.46 67.45
N GLU C 326 3.68 -14.46 67.56
CA GLU C 326 2.50 -14.48 68.44
C GLU C 326 1.43 -15.44 67.91
N GLU C 327 1.28 -15.33 66.62
CA GLU C 327 0.33 -16.13 65.93
C GLU C 327 0.61 -17.59 66.02
N LEU C 328 1.89 -17.93 65.85
CA LEU C 328 2.34 -19.30 65.93
C LEU C 328 1.78 -20.00 67.13
N MET C 329 1.78 -19.27 68.21
CA MET C 329 1.20 -19.82 69.43
C MET C 329 -0.26 -19.86 69.37
N ALA C 330 -0.82 -18.76 68.85
CA ALA C 330 -2.27 -18.67 68.75
C ALA C 330 -2.79 -19.90 68.05
N THR C 331 -2.12 -20.11 66.97
CA THR C 331 -2.38 -21.21 66.13
C THR C 331 -2.23 -22.46 66.88
N ASP C 332 -1.05 -22.59 67.43
CA ASP C 332 -0.67 -23.78 68.21
C ASP C 332 -1.72 -24.16 69.22
N SER C 333 -1.95 -23.21 70.12
CA SER C 333 -2.93 -23.33 71.17
C SER C 333 -4.32 -23.66 70.67
N ALA C 334 -4.71 -23.07 69.54
CA ALA C 334 -5.97 -23.34 68.97
C ALA C 334 -6.13 -24.82 68.61
N ILE C 335 -5.04 -25.37 68.09
CA ILE C 335 -5.07 -26.75 67.66
C ILE C 335 -5.50 -27.66 68.78
N ASP C 336 -4.82 -27.45 69.87
CA ASP C 336 -5.05 -28.13 71.11
C ASP C 336 -6.49 -28.03 71.53
N ILE C 337 -6.96 -26.81 71.67
CA ILE C 337 -8.32 -26.58 72.10
C ILE C 337 -9.28 -27.23 71.21
N LEU C 338 -8.84 -27.23 69.98
CA LEU C 338 -9.65 -27.89 69.00
C LEU C 338 -9.70 -29.41 69.18
N GLY C 339 -8.93 -29.92 70.14
CA GLY C 339 -8.96 -31.35 70.45
C GLY C 339 -8.11 -32.28 69.60
N PHE C 340 -7.24 -31.69 68.80
CA PHE C 340 -6.42 -32.51 67.96
C PHE C 340 -5.43 -33.31 68.79
N SER C 341 -5.15 -34.51 68.32
CA SER C 341 -4.12 -35.34 68.93
C SER C 341 -2.74 -34.79 68.66
N ALA C 342 -1.81 -34.98 69.60
CA ALA C 342 -0.49 -34.37 69.42
C ALA C 342 0.15 -34.81 68.14
N ASP C 343 -0.01 -36.08 67.95
CA ASP C 343 0.41 -36.76 66.76
C ASP C 343 -0.14 -36.00 65.53
N GLU C 344 -1.48 -35.80 65.50
CA GLU C 344 -2.08 -35.10 64.40
C GLU C 344 -1.50 -33.75 64.38
N LYS C 345 -1.39 -33.19 65.58
CA LYS C 345 -0.83 -31.86 65.71
C LYS C 345 0.61 -31.89 65.28
N THR C 346 1.11 -33.10 65.17
CA THR C 346 2.47 -33.30 64.73
C THR C 346 2.43 -33.53 63.20
N ALA C 347 1.43 -34.26 62.71
CA ALA C 347 1.29 -34.50 61.33
C ALA C 347 1.20 -33.19 60.58
N ILE C 348 0.36 -32.38 61.10
CA ILE C 348 0.08 -31.06 60.56
C ILE C 348 1.35 -30.33 60.36
N TYR C 349 2.11 -30.28 61.42
CA TYR C 349 3.31 -29.54 61.27
C TYR C 349 4.17 -30.25 60.29
N LYS C 350 4.63 -31.44 60.61
CA LYS C 350 5.51 -32.22 59.74
C LYS C 350 5.07 -32.20 58.28
N LEU C 351 3.76 -32.27 58.07
CA LEU C 351 3.21 -32.27 56.75
C LEU C 351 3.35 -30.93 56.04
N THR C 352 3.28 -29.86 56.80
CA THR C 352 3.37 -28.52 56.27
C THR C 352 4.77 -28.18 55.87
N GLY C 353 5.74 -28.93 56.33
CA GLY C 353 7.14 -28.68 56.02
C GLY C 353 7.56 -29.50 54.85
N ALA C 354 6.98 -30.70 54.74
CA ALA C 354 7.28 -31.56 53.60
C ALA C 354 7.09 -30.76 52.30
N VAL C 355 5.95 -30.12 52.28
CA VAL C 355 5.50 -29.29 51.20
C VAL C 355 6.51 -28.24 50.85
N MET C 356 7.11 -27.65 51.81
CA MET C 356 8.14 -26.62 51.57
C MET C 356 9.28 -27.24 50.86
N HIS C 357 9.65 -28.39 51.38
CA HIS C 357 10.75 -29.22 50.86
C HIS C 357 10.54 -29.65 49.44
N TYR C 358 9.32 -29.99 49.11
CA TYR C 358 9.03 -30.43 47.78
C TYR C 358 9.48 -29.41 46.76
N GLY C 359 9.15 -28.20 47.03
CA GLY C 359 9.51 -27.12 46.15
C GLY C 359 10.98 -26.97 46.02
N ASN C 360 11.70 -27.73 46.84
CA ASN C 360 13.18 -27.72 46.80
C ASN C 360 13.70 -28.94 46.06
N LEU C 361 12.80 -29.86 45.83
CA LEU C 361 13.13 -31.04 45.11
C LEU C 361 13.57 -30.64 43.73
N LYS C 362 14.76 -31.10 43.36
CA LYS C 362 15.40 -30.80 42.09
C LYS C 362 15.69 -32.04 41.29
N PHE C 363 15.67 -31.83 39.99
CA PHE C 363 15.91 -32.90 39.03
C PHE C 363 16.78 -32.45 37.89
N LYS C 364 17.30 -33.47 37.19
CA LYS C 364 18.15 -33.34 36.00
C LYS C 364 17.93 -34.41 34.94
N GLN C 365 18.17 -34.01 33.73
CA GLN C 365 18.04 -34.83 32.54
C GLN C 365 19.05 -35.94 32.52
N LYS C 366 18.54 -37.09 32.28
CA LYS C 366 19.42 -38.23 32.18
C LYS C 366 20.17 -38.00 30.89
N GLN C 367 21.44 -38.39 30.84
CA GLN C 367 22.26 -38.21 29.64
C GLN C 367 21.78 -38.97 28.42
N ARG C 368 21.73 -38.26 27.29
CA ARG C 368 21.33 -38.84 26.01
C ARG C 368 19.90 -39.27 26.01
N GLU C 369 19.26 -38.97 27.09
CA GLU C 369 17.87 -39.29 27.27
C GLU C 369 17.20 -37.99 27.65
N GLU C 370 15.91 -37.98 27.44
CA GLU C 370 15.10 -36.83 27.75
C GLU C 370 14.36 -37.11 29.05
N GLN C 371 14.89 -38.06 29.80
CA GLN C 371 14.26 -38.41 31.03
C GLN C 371 14.79 -37.64 32.16
N ALA C 372 13.93 -37.60 33.16
CA ALA C 372 14.22 -36.97 34.40
C ALA C 372 14.81 -37.97 35.33
N GLU C 373 15.87 -37.54 35.95
CA GLU C 373 16.56 -38.30 36.93
C GLU C 373 16.82 -37.36 38.10
N PRO C 374 16.66 -37.87 39.32
CA PRO C 374 16.86 -37.10 40.52
C PRO C 374 18.21 -36.42 40.57
N ASP C 375 18.21 -35.17 41.00
CA ASP C 375 19.42 -34.42 41.11
C ASP C 375 19.95 -34.46 42.54
N GLY C 376 19.69 -35.54 43.27
CA GLY C 376 20.18 -35.62 44.64
C GLY C 376 19.13 -36.20 45.57
N THR C 377 19.62 -36.81 46.66
CA THR C 377 18.75 -37.35 47.69
C THR C 377 19.11 -36.74 49.02
N GLU C 378 18.96 -35.45 49.04
CA GLU C 378 19.25 -34.62 50.17
C GLU C 378 17.91 -34.22 50.78
N VAL C 379 17.09 -33.68 49.88
CA VAL C 379 15.81 -33.17 50.19
C VAL C 379 14.77 -34.21 50.16
N ALA C 380 14.92 -35.10 49.27
CA ALA C 380 13.92 -36.12 49.14
C ALA C 380 13.85 -36.85 50.42
N ASP C 381 15.01 -36.98 50.98
CA ASP C 381 15.23 -37.74 52.20
C ASP C 381 14.38 -37.19 53.29
N LYS C 382 14.41 -35.87 53.36
CA LYS C 382 13.66 -35.14 54.37
C LYS C 382 12.19 -35.21 54.11
N ALA C 383 11.84 -34.97 52.86
CA ALA C 383 10.44 -34.99 52.52
C ALA C 383 9.95 -36.37 52.81
N ALA C 384 10.71 -37.35 52.44
CA ALA C 384 10.35 -38.73 52.63
C ALA C 384 10.11 -39.10 54.07
N TYR C 385 10.99 -38.69 54.92
CA TYR C 385 10.95 -38.99 56.32
C TYR C 385 9.79 -38.30 57.03
N LEU C 386 9.63 -37.05 56.69
CA LEU C 386 8.63 -36.20 57.26
C LEU C 386 7.27 -36.67 56.94
N MET C 387 7.13 -37.38 55.80
CA MET C 387 5.83 -37.90 55.40
C MET C 387 5.65 -39.38 55.76
N GLY C 388 6.70 -40.01 56.25
CA GLY C 388 6.64 -41.43 56.59
C GLY C 388 6.72 -42.27 55.32
N LEU C 389 7.61 -41.85 54.44
CA LEU C 389 7.86 -42.44 53.14
C LEU C 389 9.31 -42.97 53.01
N ASN C 390 9.60 -43.54 51.86
CA ASN C 390 10.87 -44.04 51.52
C ASN C 390 11.42 -43.23 50.34
N SER C 391 12.55 -42.60 50.56
CA SER C 391 13.22 -41.73 49.60
C SER C 391 13.19 -42.26 48.19
N ALA C 392 13.59 -43.49 48.06
CA ALA C 392 13.74 -44.12 46.75
C ALA C 392 12.46 -44.28 46.02
N GLU C 393 11.63 -45.08 46.66
CA GLU C 393 10.37 -45.49 46.17
C GLU C 393 9.69 -44.28 45.68
N LEU C 394 9.90 -43.21 46.45
CA LEU C 394 9.31 -41.90 46.17
C LEU C 394 9.87 -41.30 44.86
N LEU C 395 11.18 -41.25 44.75
CA LEU C 395 11.80 -40.65 43.59
C LEU C 395 11.57 -41.40 42.31
N LYS C 396 11.25 -42.69 42.46
CA LYS C 396 10.99 -43.53 41.32
C LYS C 396 9.65 -43.16 40.73
N ALA C 397 8.65 -43.39 41.57
CA ALA C 397 7.26 -43.11 41.30
C ALA C 397 7.15 -41.76 40.64
N LEU C 398 7.90 -40.82 41.17
CA LEU C 398 7.93 -39.47 40.63
C LEU C 398 8.49 -39.40 39.23
N CYS C 399 9.64 -40.10 39.02
CA CYS C 399 10.37 -40.11 37.76
C CYS C 399 9.82 -41.11 36.74
N TYR C 400 9.46 -42.29 37.21
CA TYR C 400 8.94 -43.35 36.39
C TYR C 400 7.56 -43.75 36.83
N PRO C 401 6.68 -42.82 36.70
CA PRO C 401 5.28 -42.98 37.01
C PRO C 401 4.78 -44.24 36.40
N ARG C 402 4.34 -45.19 37.23
CA ARG C 402 3.78 -46.45 36.72
C ARG C 402 2.26 -46.41 36.69
N VAL C 403 1.82 -46.18 35.47
CA VAL C 403 0.45 -46.02 35.01
C VAL C 403 -0.24 -47.36 34.76
N LYS C 404 -1.51 -47.29 34.32
CA LYS C 404 -2.36 -48.47 34.03
C LYS C 404 -3.33 -48.31 32.83
N VAL C 405 -2.76 -48.15 31.61
CA VAL C 405 -3.46 -47.99 30.30
C VAL C 405 -3.80 -49.34 29.64
N GLY C 406 -5.08 -49.59 29.53
CA GLY C 406 -5.58 -50.84 28.99
C GLY C 406 -6.17 -51.57 30.19
N ASN C 407 -5.66 -52.77 30.48
CA ASN C 407 -6.14 -53.52 31.63
C ASN C 407 -5.02 -53.85 32.60
N GLU C 408 -3.87 -53.26 32.31
CA GLU C 408 -2.68 -53.45 33.09
C GLU C 408 -2.14 -52.14 33.65
N PHE C 409 -0.85 -52.20 33.98
CA PHE C 409 -0.12 -51.10 34.54
C PHE C 409 1.22 -50.89 33.82
N VAL C 410 1.19 -49.89 32.93
CA VAL C 410 2.28 -49.49 32.07
C VAL C 410 3.19 -48.42 32.63
N THR C 411 4.44 -48.78 32.84
CA THR C 411 5.39 -47.80 33.36
C THR C 411 5.81 -46.73 32.36
N LYS C 412 5.47 -45.48 32.73
CA LYS C 412 5.72 -44.28 31.95
C LYS C 412 6.81 -43.39 32.48
N GLY C 413 7.59 -42.87 31.54
CA GLY C 413 8.69 -41.98 31.85
C GLY C 413 8.33 -40.51 31.64
N GLN C 414 8.83 -39.69 32.55
CA GLN C 414 8.57 -38.28 32.50
C GLN C 414 9.78 -37.41 32.27
N THR C 415 9.50 -36.18 31.85
CA THR C 415 10.49 -35.20 31.58
C THR C 415 10.76 -34.37 32.81
N VAL C 416 11.81 -33.59 32.75
CA VAL C 416 12.19 -32.75 33.84
C VAL C 416 11.00 -31.82 34.12
N SER C 417 10.57 -31.14 33.09
CA SER C 417 9.42 -30.23 33.19
C SER C 417 8.19 -30.91 33.71
N GLN C 418 8.06 -32.19 33.46
CA GLN C 418 6.89 -32.91 33.88
C GLN C 418 6.90 -33.22 35.36
N VAL C 419 8.10 -33.40 35.88
CA VAL C 419 8.26 -33.76 37.28
C VAL C 419 7.99 -32.57 38.14
N HIS C 420 8.74 -31.53 37.85
CA HIS C 420 8.63 -30.28 38.60
C HIS C 420 7.20 -29.90 38.73
N ASN C 421 6.45 -30.11 37.66
CA ASN C 421 5.05 -29.79 37.64
C ASN C 421 4.27 -30.81 38.46
N SER C 422 4.62 -32.09 38.39
CA SER C 422 3.83 -33.03 39.19
C SER C 422 4.00 -32.86 40.68
N VAL C 423 5.19 -32.57 41.03
CA VAL C 423 5.54 -32.35 42.41
C VAL C 423 4.65 -31.26 42.95
N GLY C 424 4.68 -30.15 42.26
CA GLY C 424 3.87 -29.04 42.58
C GLY C 424 2.42 -29.43 42.70
N ALA C 425 2.01 -30.37 41.87
CA ALA C 425 0.65 -30.81 41.98
C ALA C 425 0.35 -31.54 43.24
N LEU C 426 1.32 -32.33 43.69
CA LEU C 426 1.05 -33.02 44.97
C LEU C 426 1.08 -32.06 46.15
N ALA C 427 2.12 -31.18 46.17
CA ALA C 427 2.31 -30.20 47.16
C ALA C 427 1.00 -29.53 47.42
N LYS C 428 0.40 -29.06 46.34
CA LYS C 428 -0.89 -28.41 46.45
C LYS C 428 -1.95 -29.37 46.90
N ALA C 429 -2.00 -30.53 46.25
CA ALA C 429 -3.00 -31.53 46.58
C ALA C 429 -3.01 -31.85 48.06
N VAL C 430 -1.85 -32.17 48.56
CA VAL C 430 -1.67 -32.49 49.97
C VAL C 430 -2.11 -31.44 50.94
N TYR C 431 -1.64 -30.22 50.67
CA TYR C 431 -2.01 -29.08 51.50
C TYR C 431 -3.50 -28.94 51.62
N GLU C 432 -4.14 -28.89 50.43
CA GLU C 432 -5.56 -28.79 50.36
C GLU C 432 -6.26 -29.75 51.24
N LYS C 433 -6.24 -30.98 50.81
CA LYS C 433 -6.78 -32.14 51.56
C LYS C 433 -6.68 -31.98 53.05
N MET C 434 -5.46 -31.71 53.45
CA MET C 434 -5.14 -31.50 54.85
C MET C 434 -6.03 -30.46 55.43
N PHE C 435 -6.05 -29.36 54.73
CA PHE C 435 -6.88 -28.26 55.14
C PHE C 435 -8.29 -28.69 55.29
N LEU C 436 -8.71 -29.54 54.34
CA LEU C 436 -10.08 -30.04 54.39
C LEU C 436 -10.28 -30.87 55.63
N TRP C 437 -9.32 -31.73 55.87
CA TRP C 437 -9.35 -32.61 57.01
C TRP C 437 -9.48 -31.85 58.31
N MET C 438 -8.59 -30.86 58.47
CA MET C 438 -8.58 -30.04 59.67
C MET C 438 -9.96 -29.55 59.95
N VAL C 439 -10.57 -29.06 58.87
CA VAL C 439 -11.93 -28.58 59.02
C VAL C 439 -12.83 -29.65 59.57
N ILE C 440 -12.81 -30.80 58.93
CA ILE C 440 -13.61 -31.92 59.40
C ILE C 440 -13.36 -32.24 60.85
N ARG C 441 -12.12 -32.35 61.18
CA ARG C 441 -11.77 -32.66 62.53
C ARG C 441 -12.33 -31.62 63.47
N ILE C 442 -12.32 -30.39 63.01
CA ILE C 442 -12.83 -29.31 63.84
C ILE C 442 -14.30 -29.61 64.08
N ASN C 443 -15.04 -29.71 62.99
CA ASN C 443 -16.44 -30.02 62.95
C ASN C 443 -16.75 -31.16 63.93
N GLN C 444 -15.83 -32.11 63.96
CA GLN C 444 -16.01 -33.25 64.83
C GLN C 444 -16.08 -32.97 66.28
N GLN C 445 -15.27 -32.03 66.67
CA GLN C 445 -15.28 -31.64 68.04
C GLN C 445 -16.50 -30.80 68.29
N LEU C 446 -16.81 -29.98 67.29
CA LEU C 446 -17.94 -29.08 67.36
C LEU C 446 -19.26 -29.82 67.31
N ASP C 447 -18.14 -33.07 67.99
CA ASP C 447 -18.91 -34.27 67.72
C ASP C 447 -19.44 -34.83 68.99
N THR C 448 -20.76 -34.92 69.03
CA THR C 448 -21.35 -35.46 70.22
C THR C 448 -22.10 -36.68 69.81
N LYS C 449 -22.51 -37.43 70.82
CA LYS C 449 -23.27 -38.65 70.61
C LYS C 449 -24.75 -38.37 70.48
N GLN C 450 -25.24 -37.33 71.22
CA GLN C 450 -26.66 -36.94 71.18
C GLN C 450 -27.23 -36.91 69.78
N PRO C 451 -28.51 -37.28 69.66
CA PRO C 451 -29.17 -37.35 68.38
C PRO C 451 -29.32 -35.98 67.77
N ARG C 452 -29.39 -36.00 66.43
CA ARG C 452 -29.53 -34.81 65.61
C ARG C 452 -30.70 -35.01 64.66
N GLN C 453 -31.58 -33.97 64.55
CA GLN C 453 -32.71 -34.16 63.66
C GLN C 453 -32.67 -33.22 62.48
N TYR C 454 -32.06 -32.06 62.74
CA TYR C 454 -31.88 -31.04 61.71
C TYR C 454 -30.71 -30.15 62.03
N PHE C 455 -30.32 -29.39 61.01
CA PHE C 455 -29.19 -28.50 61.17
C PHE C 455 -29.47 -27.20 60.47
N ILE C 456 -28.64 -26.22 60.80
CA ILE C 456 -28.77 -24.93 60.17
C ILE C 456 -27.41 -24.55 59.65
N GLY C 457 -27.31 -24.51 58.34
CA GLY C 457 -26.05 -24.21 57.73
C GLY C 457 -25.84 -22.75 57.49
N VAL C 458 -24.65 -22.35 57.91
CA VAL C 458 -24.21 -21.01 57.79
C VAL C 458 -23.01 -20.98 56.87
N LEU C 459 -23.20 -20.48 55.70
CA LEU C 459 -22.20 -20.41 54.69
C LEU C 459 -21.64 -19.01 54.54
N ASP C 460 -20.33 -18.92 54.64
CA ASP C 460 -19.57 -17.70 54.50
C ASP C 460 -18.48 -17.94 53.48
N ILE C 461 -18.55 -17.20 52.39
CA ILE C 461 -17.68 -17.26 51.25
C ILE C 461 -17.73 -15.91 50.57
N ALA C 462 -16.83 -15.71 49.65
CA ALA C 462 -16.80 -14.53 48.88
C ALA C 462 -17.73 -14.49 47.69
N GLY C 463 -17.98 -13.26 47.27
CA GLY C 463 -18.84 -13.06 46.16
C GLY C 463 -18.05 -12.64 45.01
N PHE C 464 -18.68 -12.84 43.88
CA PHE C 464 -18.19 -12.50 42.59
C PHE C 464 -17.57 -11.14 42.62
N GLU C 465 -16.28 -11.15 42.42
CA GLU C 465 -15.46 -9.96 42.38
C GLU C 465 -14.81 -9.95 41.00
N ILE C 466 -14.76 -8.77 40.45
CA ILE C 466 -14.17 -8.66 39.16
C ILE C 466 -12.93 -7.84 39.24
N PHE C 467 -11.87 -8.34 38.71
CA PHE C 467 -10.66 -7.55 38.75
C PHE C 467 -10.12 -7.39 37.37
N ASP C 468 -9.31 -6.37 37.22
CA ASP C 468 -8.74 -6.16 35.91
C ASP C 468 -7.93 -7.37 35.59
N PHE C 469 -7.49 -8.02 36.70
CA PHE C 469 -6.72 -9.24 36.60
C PHE C 469 -7.43 -10.43 37.21
N ASN C 470 -7.91 -11.33 36.36
CA ASN C 470 -8.57 -12.48 36.88
C ASN C 470 -7.82 -13.75 36.58
N SER C 471 -7.40 -14.37 37.63
CA SER C 471 -6.69 -15.60 37.47
C SER C 471 -7.51 -16.74 38.00
N PHE C 472 -6.82 -17.88 38.05
CA PHE C 472 -7.40 -19.14 38.42
C PHE C 472 -8.31 -19.08 39.61
N GLU C 473 -7.79 -18.45 40.63
CA GLU C 473 -8.55 -18.35 41.88
C GLU C 473 -9.91 -17.67 41.67
N GLN C 474 -9.95 -16.70 40.75
CA GLN C 474 -11.15 -15.98 40.45
C GLN C 474 -12.20 -16.87 39.81
N LEU C 475 -11.72 -17.66 38.90
CA LEU C 475 -12.62 -18.59 38.25
C LEU C 475 -13.30 -19.48 39.32
N CYS C 476 -12.48 -20.08 40.19
CA CYS C 476 -13.00 -20.95 41.20
C CYS C 476 -14.07 -20.26 42.04
N ILE C 477 -13.80 -19.04 42.44
CA ILE C 477 -14.77 -18.34 43.25
C ILE C 477 -15.99 -17.94 42.46
N ASN C 478 -15.75 -17.35 41.28
CA ASN C 478 -16.86 -16.92 40.44
C ASN C 478 -17.76 -18.06 40.15
N PHE C 479 -17.15 -19.16 39.84
CA PHE C 479 -17.90 -20.34 39.54
C PHE C 479 -18.75 -20.72 40.71
N THR C 480 -18.21 -20.53 41.92
CA THR C 480 -18.95 -20.88 43.08
C THR C 480 -20.17 -20.03 43.16
N ASN C 481 -19.95 -18.75 42.96
CA ASN C 481 -21.03 -17.79 43.04
C ASN C 481 -22.07 -17.98 41.92
N GLU C 482 -21.62 -18.19 40.70
CA GLU C 482 -22.61 -18.32 39.66
C GLU C 482 -23.53 -19.48 39.92
N LYS C 483 -23.12 -20.38 40.73
CA LYS C 483 -23.88 -21.55 41.08
C LYS C 483 -24.88 -21.18 42.11
N LEU C 484 -24.36 -20.54 43.17
CA LEU C 484 -25.12 -20.05 44.32
C LEU C 484 -26.31 -19.21 43.85
N GLN C 485 -26.02 -18.35 42.87
CA GLN C 485 -27.01 -17.49 42.25
C GLN C 485 -28.17 -18.26 41.64
N GLN C 486 -27.86 -19.24 40.80
CA GLN C 486 -28.82 -20.09 40.16
C GLN C 486 -29.63 -20.77 41.17
N PHE C 487 -28.95 -20.97 42.29
CA PHE C 487 -29.57 -21.68 43.43
C PHE C 487 -30.70 -20.90 44.01
N PHE C 488 -30.48 -19.61 43.98
CA PHE C 488 -31.46 -18.66 44.42
C PHE C 488 -32.60 -18.50 43.40
N ASN C 489 -32.21 -18.06 42.20
CA ASN C 489 -33.12 -17.84 41.08
C ASN C 489 -34.16 -18.94 40.96
N HIS C 490 -33.76 -20.12 41.39
CA HIS C 490 -34.67 -21.22 41.31
C HIS C 490 -35.62 -21.18 42.46
N HIS C 491 -35.05 -21.06 43.66
CA HIS C 491 -35.81 -21.02 44.91
C HIS C 491 -36.85 -19.96 44.78
N MET C 492 -36.53 -18.95 44.04
CA MET C 492 -37.46 -17.88 43.85
C MET C 492 -38.53 -18.24 42.87
N PHE C 493 -38.15 -19.05 41.92
CA PHE C 493 -39.08 -19.46 40.93
C PHE C 493 -40.03 -20.40 41.55
N VAL C 494 -39.54 -21.23 42.32
CA VAL C 494 -40.37 -22.15 43.02
C VAL C 494 -41.34 -21.42 43.89
N LEU C 495 -40.78 -20.53 44.68
CA LEU C 495 -41.46 -19.67 45.65
C LEU C 495 -42.56 -18.83 45.02
N GLU C 496 -42.18 -18.07 44.00
CA GLU C 496 -43.11 -17.21 43.28
C GLU C 496 -44.38 -17.98 42.89
N GLN C 497 -44.14 -19.00 42.12
CA GLN C 497 -45.12 -19.89 41.59
C GLN C 497 -46.10 -20.46 42.62
N GLU C 498 -45.73 -20.39 43.88
CA GLU C 498 -46.62 -20.90 44.89
C GLU C 498 -47.72 -19.87 45.08
N GLU C 499 -47.32 -18.60 45.10
CA GLU C 499 -48.26 -17.50 45.30
C GLU C 499 -49.31 -17.56 44.24
N TYR C 500 -48.87 -17.43 43.00
CA TYR C 500 -49.83 -17.49 41.92
C TYR C 500 -50.72 -18.73 41.97
N LYS C 501 -50.34 -19.69 42.80
CA LYS C 501 -51.05 -20.93 42.92
C LYS C 501 -51.98 -20.82 44.10
N LYS C 502 -51.47 -20.16 45.12
CA LYS C 502 -52.22 -19.89 46.35
C LYS C 502 -53.38 -18.93 46.01
N GLU C 503 -53.03 -17.84 45.36
CA GLU C 503 -54.00 -16.86 44.95
C GLU C 503 -54.88 -17.34 43.82
N GLY C 504 -54.30 -17.92 42.84
CA GLY C 504 -55.21 -18.30 41.81
C GLY C 504 -54.96 -17.45 40.62
N ILE C 505 -53.80 -16.82 40.62
CA ILE C 505 -53.48 -16.05 39.45
C ILE C 505 -53.03 -17.01 38.36
N GLU C 506 -53.09 -16.56 37.13
CA GLU C 506 -52.68 -17.38 36.06
C GLU C 506 -51.43 -16.86 35.40
N TRP C 507 -50.27 -17.24 35.95
CA TRP C 507 -48.99 -16.81 35.45
C TRP C 507 -48.09 -18.00 35.16
N GLU C 508 -47.62 -18.13 33.90
CA GLU C 508 -46.73 -19.22 33.60
C GLU C 508 -45.35 -18.73 33.34
N PHE C 509 -44.40 -19.47 33.89
CA PHE C 509 -43.06 -19.07 33.72
C PHE C 509 -42.09 -20.21 33.97
N ILE C 510 -41.02 -20.08 33.24
CA ILE C 510 -39.88 -20.94 33.20
C ILE C 510 -38.97 -20.64 34.41
N ASP C 511 -38.29 -21.67 34.91
CA ASP C 511 -37.35 -21.57 36.01
C ASP C 511 -36.42 -20.43 35.78
N PHE C 512 -36.08 -19.63 36.78
CA PHE C 512 -35.19 -18.53 36.49
C PHE C 512 -33.78 -18.95 36.51
N GLY C 513 -33.53 -20.13 37.04
CA GLY C 513 -32.17 -20.60 37.07
C GLY C 513 -31.59 -20.81 35.66
N MET C 514 -32.36 -21.48 34.88
CA MET C 514 -32.10 -21.86 33.53
C MET C 514 -31.28 -20.89 32.78
N ASP C 515 -31.45 -19.65 33.12
CA ASP C 515 -30.68 -18.68 32.35
C ASP C 515 -29.21 -18.87 32.51
N LEU C 516 -28.83 -19.41 33.67
CA LEU C 516 -27.42 -19.56 33.94
C LEU C 516 -26.80 -20.87 33.59
N ALA C 517 -27.60 -21.88 33.35
CA ALA C 517 -27.09 -23.20 33.03
C ALA C 517 -26.06 -23.19 31.93
N ALA C 518 -26.18 -22.29 31.00
CA ALA C 518 -25.23 -22.17 29.94
C ALA C 518 -23.85 -22.01 30.48
N CYS C 519 -23.66 -21.00 31.32
CA CYS C 519 -22.33 -20.77 31.86
C CYS C 519 -21.81 -21.91 32.71
N ILE C 520 -22.65 -22.39 33.58
CA ILE C 520 -22.21 -23.51 34.39
C ILE C 520 -21.74 -24.72 33.59
N GLU C 521 -22.55 -25.18 32.63
CA GLU C 521 -22.13 -26.34 31.85
C GLU C 521 -20.73 -26.18 31.26
N LEU C 522 -20.44 -25.01 30.74
CA LEU C 522 -19.19 -24.68 30.07
C LEU C 522 -18.00 -24.87 30.99
N ILE C 523 -18.23 -24.65 32.27
CA ILE C 523 -17.17 -24.80 33.24
C ILE C 523 -17.01 -26.20 33.78
N GLU C 524 -18.11 -26.73 34.30
CA GLU C 524 -18.14 -28.03 34.96
C GLU C 524 -18.36 -29.27 34.13
N LYS C 525 -18.90 -29.13 32.96
CA LYS C 525 -19.18 -30.27 32.12
C LYS C 525 -17.88 -30.84 31.60
N PRO C 526 -17.97 -32.08 31.07
CA PRO C 526 -16.83 -32.82 30.55
C PRO C 526 -15.89 -32.18 29.55
N MET C 527 -16.38 -31.53 28.51
CA MET C 527 -15.33 -30.99 27.65
C MET C 527 -15.06 -29.56 27.98
N GLY C 528 -15.60 -29.14 29.13
CA GLY C 528 -15.50 -27.79 29.64
C GLY C 528 -14.17 -27.46 30.31
N ILE C 529 -13.95 -26.15 30.48
CA ILE C 529 -12.74 -25.55 31.05
C ILE C 529 -11.95 -26.36 32.02
N PHE C 530 -12.60 -26.71 33.10
CA PHE C 530 -11.93 -27.51 34.12
C PHE C 530 -11.32 -28.78 33.56
N SER C 531 -12.14 -29.57 32.83
CA SER C 531 -11.64 -30.78 32.23
C SER C 531 -10.39 -30.54 31.39
N ILE C 532 -10.55 -29.71 30.37
CA ILE C 532 -9.42 -29.35 29.53
C ILE C 532 -8.25 -28.90 30.42
N LEU C 533 -8.61 -28.27 31.53
CA LEU C 533 -7.62 -27.87 32.46
C LEU C 533 -7.01 -29.04 33.18
N GLU C 534 -7.82 -29.92 33.65
CA GLU C 534 -7.31 -31.05 34.38
C GLU C 534 -6.81 -32.19 33.56
N GLU C 535 -6.92 -32.09 32.26
CA GLU C 535 -6.45 -33.21 31.44
C GLU C 535 -5.03 -32.92 31.16
N GLU C 536 -4.88 -31.74 30.54
CA GLU C 536 -3.56 -31.23 30.19
C GLU C 536 -2.56 -31.38 31.35
N CYS C 537 -3.09 -31.40 32.55
CA CYS C 537 -2.26 -31.51 33.71
C CYS C 537 -1.63 -32.86 33.75
N MET C 538 -2.10 -33.73 32.85
CA MET C 538 -1.63 -35.14 32.79
C MET C 538 -0.53 -35.30 31.75
N PHE C 539 -0.39 -34.30 30.90
CA PHE C 539 0.57 -34.25 29.85
C PHE C 539 1.88 -33.66 30.40
N PRO C 540 2.85 -34.52 30.56
CA PRO C 540 4.15 -34.20 31.10
C PRO C 540 4.86 -33.07 30.42
N LYS C 541 4.39 -32.67 29.29
CA LYS C 541 5.09 -31.64 28.51
C LYS C 541 4.10 -30.64 27.92
N ALA C 542 3.10 -30.31 28.72
CA ALA C 542 2.11 -29.35 28.27
C ALA C 542 2.47 -27.95 28.70
N THR C 543 1.88 -26.97 28.05
CA THR C 543 2.17 -25.59 28.36
C THR C 543 0.88 -24.88 28.65
N ASP C 544 1.02 -23.74 29.28
CA ASP C 544 -0.12 -22.90 29.55
C ASP C 544 -0.68 -22.63 28.14
N THR C 545 0.25 -22.32 27.25
CA THR C 545 -0.05 -22.06 25.86
C THR C 545 -0.73 -23.25 25.22
N SER C 546 -0.24 -24.43 25.55
CA SER C 546 -0.84 -25.63 25.02
C SER C 546 -2.29 -25.66 25.43
N PHE C 547 -2.50 -25.65 26.74
CA PHE C 547 -3.78 -25.63 27.38
C PHE C 547 -4.70 -24.64 26.73
N LYS C 548 -4.15 -23.45 26.55
CA LYS C 548 -4.92 -22.36 25.95
C LYS C 548 -5.55 -22.81 24.65
N ASN C 549 -4.71 -23.24 23.72
CA ASN C 549 -5.20 -23.65 22.41
C ASN C 549 -6.28 -24.70 22.52
N LYS C 550 -6.09 -25.62 23.46
CA LYS C 550 -7.05 -26.68 23.58
C LYS C 550 -8.38 -26.12 23.99
N LEU C 551 -8.27 -25.07 24.76
CA LEU C 551 -9.43 -24.39 25.24
C LEU C 551 -10.18 -23.82 24.06
N TYR C 552 -9.43 -23.21 23.16
CA TYR C 552 -10.12 -22.57 22.04
C TYR C 552 -10.68 -23.51 21.02
N ASP C 553 -9.78 -24.27 20.42
CA ASP C 553 -10.11 -25.23 19.37
C ASP C 553 -11.45 -25.90 19.63
N GLN C 554 -11.71 -26.08 20.93
CA GLN C 554 -12.93 -26.75 21.36
C GLN C 554 -14.08 -25.87 21.77
N HIS C 555 -13.83 -24.67 22.25
CA HIS C 555 -14.99 -23.90 22.67
C HIS C 555 -15.26 -22.69 21.81
N LEU C 556 -14.18 -22.14 21.27
CA LEU C 556 -14.32 -20.97 20.46
C LEU C 556 -15.14 -21.13 19.20
N GLY C 557 -16.06 -20.19 19.07
CA GLY C 557 -16.98 -20.11 17.96
C GLY C 557 -18.16 -21.05 18.16
N LYS C 558 -17.94 -22.10 18.93
CA LYS C 558 -18.92 -23.10 19.19
C LYS C 558 -19.71 -22.81 20.44
N SER C 559 -19.12 -21.98 21.28
CA SER C 559 -19.76 -21.61 22.53
C SER C 559 -19.90 -20.14 22.71
N ASN C 560 -21.11 -19.75 23.10
CA ASN C 560 -21.54 -18.38 23.18
C ASN C 560 -20.98 -17.66 24.41
N ASN C 561 -20.93 -18.36 25.50
CA ASN C 561 -20.46 -17.76 26.71
C ASN C 561 -18.96 -17.63 26.69
N PHE C 562 -18.41 -18.30 25.70
CA PHE C 562 -16.99 -18.33 25.46
C PHE C 562 -16.59 -17.25 24.47
N GLN C 563 -15.56 -16.51 24.82
CA GLN C 563 -15.16 -15.39 24.02
C GLN C 563 -13.66 -15.12 24.16
N LYS C 564 -13.11 -14.41 23.19
CA LYS C 564 -11.71 -14.01 23.23
C LYS C 564 -11.66 -12.59 23.69
N PRO C 565 -10.77 -12.30 24.63
CA PRO C 565 -10.64 -10.98 25.21
C PRO C 565 -10.41 -9.86 24.23
N LYS C 566 -11.04 -8.73 24.58
CA LYS C 566 -10.99 -7.46 23.89
C LYS C 566 -9.91 -6.60 24.56
N PRO C 567 -8.72 -6.52 23.96
CA PRO C 567 -7.63 -5.75 24.55
C PRO C 567 -8.05 -4.33 24.97
N ALA C 568 -7.55 -3.91 26.14
CA ALA C 568 -7.82 -2.58 26.71
C ALA C 568 -6.68 -2.11 27.63
N ALA C 572 -3.86 -5.75 32.86
CA ALA C 572 -2.97 -6.62 32.13
C ALA C 572 -3.56 -7.27 30.87
N GLU C 573 -3.12 -8.50 30.61
CA GLU C 573 -3.50 -9.29 29.46
C GLU C 573 -4.71 -10.19 29.74
N ALA C 574 -5.19 -10.90 28.72
CA ALA C 574 -6.33 -11.74 28.95
C ALA C 574 -6.37 -12.85 27.92
N HIS C 575 -6.85 -14.02 28.32
CA HIS C 575 -6.88 -15.09 27.37
C HIS C 575 -8.24 -15.53 27.05
N PHE C 576 -9.14 -15.22 27.95
CA PHE C 576 -10.46 -15.63 27.67
C PHE C 576 -11.42 -15.08 28.64
N SER C 577 -12.51 -14.67 28.06
CA SER C 577 -13.55 -14.08 28.78
C SER C 577 -14.69 -15.04 28.78
N LEU C 578 -15.43 -14.93 29.84
CA LEU C 578 -16.62 -15.68 30.08
C LEU C 578 -17.77 -14.74 30.35
N VAL C 579 -18.95 -15.22 30.09
CA VAL C 579 -20.12 -14.41 30.31
C VAL C 579 -20.98 -14.90 31.47
N HIS C 580 -20.58 -14.46 32.65
CA HIS C 580 -21.25 -14.83 33.88
C HIS C 580 -22.48 -13.96 34.06
N TYR C 581 -23.38 -14.34 34.99
CA TYR C 581 -24.57 -13.54 35.19
C TYR C 581 -24.27 -12.07 35.51
N ALA C 582 -23.22 -11.87 36.34
CA ALA C 582 -22.81 -10.52 36.75
C ALA C 582 -22.18 -9.69 35.63
N GLY C 583 -21.60 -10.42 34.69
CA GLY C 583 -20.97 -9.81 33.54
C GLY C 583 -19.86 -10.65 32.96
N THR C 584 -19.02 -9.96 32.16
CA THR C 584 -17.90 -10.54 31.45
C THR C 584 -16.63 -10.50 32.24
N VAL C 585 -16.05 -11.66 32.40
CA VAL C 585 -14.80 -11.71 33.15
C VAL C 585 -13.68 -12.14 32.22
N ASP C 586 -12.64 -11.33 32.24
CA ASP C 586 -11.46 -11.54 31.42
C ASP C 586 -10.45 -12.32 32.23
N TYR C 587 -10.24 -13.56 31.81
CA TYR C 587 -9.35 -14.49 32.54
C TYR C 587 -8.00 -14.67 31.89
N ASN C 588 -6.98 -14.63 32.75
CA ASN C 588 -5.58 -14.84 32.39
C ASN C 588 -5.15 -16.19 32.88
N ILE C 589 -4.70 -17.00 31.96
CA ILE C 589 -4.29 -18.39 32.16
C ILE C 589 -2.82 -18.56 32.34
N SER C 590 -2.26 -18.13 33.42
CA SER C 590 -0.83 -18.29 33.43
C SER C 590 -0.33 -18.72 34.77
N GLY C 591 -0.15 -20.02 34.87
CA GLY C 591 0.36 -20.60 36.07
C GLY C 591 -0.56 -21.67 36.46
N TRP C 592 -1.65 -21.61 35.68
CA TRP C 592 -2.74 -22.51 35.97
C TRP C 592 -2.31 -23.92 36.05
N LEU C 593 -1.64 -24.31 34.97
CA LEU C 593 -1.18 -25.71 34.85
C LEU C 593 -0.48 -26.15 36.12
N GLU C 594 0.47 -25.34 36.52
CA GLU C 594 1.22 -25.57 37.75
C GLU C 594 0.40 -25.58 39.00
N LYS C 595 -0.23 -24.43 39.23
CA LYS C 595 -1.06 -24.20 40.38
C LYS C 595 -1.98 -25.33 40.54
N ASN C 596 -2.42 -25.80 39.40
CA ASN C 596 -3.33 -26.91 39.40
C ASN C 596 -2.65 -28.26 39.67
N LYS C 597 -1.36 -28.35 39.60
CA LYS C 597 -0.67 -29.64 39.80
C LYS C 597 -0.19 -29.88 41.22
N ASP C 598 -0.07 -28.80 41.93
CA ASP C 598 0.41 -28.82 43.29
C ASP C 598 1.65 -29.64 43.42
N PRO C 599 -5.20 -33.67 37.71
CA PRO C 599 -4.25 -34.72 37.44
C PRO C 599 -3.20 -34.86 38.54
N LEU C 600 -3.12 -36.06 39.09
CA LEU C 600 -2.20 -36.40 40.17
C LEU C 600 -1.49 -37.73 39.90
N ASN C 601 -0.18 -37.80 40.10
CA ASN C 601 0.57 -39.03 39.90
C ASN C 601 0.18 -40.05 40.92
N GLU C 602 -0.62 -40.92 40.45
CA GLU C 602 -1.20 -41.98 41.22
C GLU C 602 -0.23 -42.95 41.87
N THR C 603 1.00 -43.01 41.34
CA THR C 603 1.96 -43.91 41.92
C THR C 603 2.33 -43.43 43.28
N VAL C 604 2.62 -42.15 43.31
CA VAL C 604 2.97 -41.45 44.55
C VAL C 604 1.87 -41.53 45.59
N ILE C 605 0.68 -41.20 45.14
CA ILE C 605 -0.47 -41.22 45.99
C ILE C 605 -0.54 -42.56 46.65
N GLY C 606 -0.02 -43.52 45.90
CA GLY C 606 -0.01 -44.89 46.38
C GLY C 606 0.75 -44.92 47.65
N LEU C 607 1.96 -44.41 47.55
CA LEU C 607 2.86 -44.34 48.70
C LEU C 607 2.22 -43.65 49.88
N TYR C 608 1.53 -42.55 49.60
CA TYR C 608 0.90 -41.82 50.68
C TYR C 608 -0.05 -42.75 51.36
N GLN C 609 -0.81 -43.37 50.51
CA GLN C 609 -1.85 -44.28 50.97
C GLN C 609 -1.35 -45.33 51.95
N LYS C 610 -0.05 -45.61 51.92
CA LYS C 610 0.55 -46.58 52.82
C LYS C 610 1.66 -46.00 53.65
N SER C 611 1.48 -44.74 54.04
CA SER C 611 2.45 -44.04 54.87
C SER C 611 2.47 -44.52 56.31
N SER C 612 3.54 -44.17 56.97
CA SER C 612 3.70 -44.51 58.39
C SER C 612 3.04 -43.42 59.22
N VAL C 613 2.69 -42.34 58.51
CA VAL C 613 2.06 -41.17 59.07
C VAL C 613 0.59 -41.19 58.74
N LYS C 614 -0.14 -41.91 59.59
CA LYS C 614 -1.55 -42.25 59.52
C LYS C 614 -2.39 -41.16 58.90
N THR C 615 -2.24 -40.00 59.45
CA THR C 615 -2.93 -38.83 58.98
C THR C 615 -2.74 -38.63 57.49
N LEU C 616 -1.52 -38.67 57.05
CA LEU C 616 -1.23 -38.54 55.63
C LEU C 616 -1.90 -39.63 54.94
N ALA C 617 -1.82 -40.81 55.54
CA ALA C 617 -2.48 -41.94 54.95
C ALA C 617 -3.95 -41.67 54.80
N LEU C 618 -4.54 -41.17 55.82
CA LEU C 618 -5.95 -40.90 55.78
C LEU C 618 -6.43 -40.02 54.68
N LEU C 619 -5.85 -38.80 54.67
CA LEU C 619 -6.19 -37.76 53.70
C LEU C 619 -6.45 -38.29 52.30
N PHE C 620 -5.74 -39.35 51.96
CA PHE C 620 -5.82 -39.89 50.58
C PHE C 620 -6.39 -41.31 50.55
N ALA C 621 -7.57 -41.55 51.12
CA ALA C 621 -8.22 -42.89 51.10
C ALA C 621 -9.41 -42.95 50.16
N THR C 622 -9.88 -41.76 49.85
CA THR C 622 -10.99 -41.52 48.96
C THR C 622 -10.53 -41.51 47.48
N TYR C 623 -9.26 -41.80 47.29
CA TYR C 623 -8.73 -41.78 45.97
C TYR C 623 -9.06 -43.06 45.20
N GLN C 644 -4.19 -36.75 40.57
CA GLN C 644 -5.23 -35.87 41.12
C GLN C 644 -4.84 -34.39 41.17
N THR C 645 -5.75 -33.61 40.57
CA THR C 645 -5.61 -32.18 40.46
C THR C 645 -6.22 -31.40 41.64
N VAL C 646 -5.98 -30.10 41.65
CA VAL C 646 -6.44 -29.20 42.68
C VAL C 646 -7.89 -28.87 42.44
N SER C 647 -8.14 -28.50 41.19
CA SER C 647 -9.47 -28.17 40.76
C SER C 647 -10.35 -29.38 40.86
N ALA C 648 -9.74 -30.57 40.82
CA ALA C 648 -10.44 -31.83 40.95
C ALA C 648 -11.26 -31.94 42.23
N LEU C 649 -10.75 -31.40 43.32
CA LEU C 649 -11.47 -31.43 44.62
C LEU C 649 -12.50 -30.38 44.72
N PHE C 650 -11.95 -29.16 44.57
CA PHE C 650 -12.68 -27.91 44.63
C PHE C 650 -14.09 -28.20 44.13
N ARG C 651 -14.14 -28.88 43.01
CA ARG C 651 -15.35 -29.29 42.39
C ARG C 651 -16.10 -30.25 43.34
N GLU C 652 -15.45 -31.32 43.79
CA GLU C 652 -15.98 -32.37 44.68
C GLU C 652 -16.54 -31.82 45.98
N ASN C 653 -15.84 -30.84 46.47
CA ASN C 653 -16.18 -30.16 47.68
C ASN C 653 -17.38 -29.24 47.41
N LEU C 654 -17.26 -28.52 46.31
CA LEU C 654 -18.31 -27.62 45.84
C LEU C 654 -19.56 -28.37 45.49
N ASN C 655 -19.47 -29.66 45.36
CA ASN C 655 -20.64 -30.46 45.01
C ASN C 655 -21.34 -30.99 46.21
N LYS C 656 -20.51 -31.36 47.14
CA LYS C 656 -20.88 -31.91 48.39
C LYS C 656 -21.61 -30.84 49.15
N LEU C 657 -21.29 -29.60 48.77
CA LEU C 657 -21.77 -28.38 49.39
C LEU C 657 -23.10 -27.99 48.83
N MET C 658 -23.11 -27.76 47.53
CA MET C 658 -24.33 -27.38 46.81
C MET C 658 -25.41 -28.44 46.99
N ALA C 659 -25.02 -29.63 47.46
CA ALA C 659 -25.96 -30.72 47.69
C ALA C 659 -26.54 -30.57 49.06
N ASN C 660 -25.70 -30.11 49.94
CA ASN C 660 -26.07 -29.90 51.33
C ASN C 660 -26.98 -28.66 51.35
N LEU C 661 -26.72 -27.78 50.40
CA LEU C 661 -27.44 -26.54 50.29
C LEU C 661 -28.89 -26.80 49.82
N ARG C 662 -29.09 -27.86 49.05
CA ARG C 662 -30.38 -28.26 48.49
C ARG C 662 -31.35 -28.83 49.53
N SER C 663 -30.86 -29.76 50.36
CA SER C 663 -31.66 -30.36 51.43
C SER C 663 -31.83 -29.36 52.53
N THR C 664 -31.87 -28.10 52.11
CA THR C 664 -31.94 -26.96 52.95
C THR C 664 -32.95 -25.97 52.46
N HIS C 665 -33.52 -25.23 53.42
CA HIS C 665 -34.37 -24.10 53.11
C HIS C 665 -33.53 -22.82 53.12
N PRO C 666 -33.11 -22.38 51.97
CA PRO C 666 -32.19 -21.31 51.79
C PRO C 666 -32.71 -20.02 52.38
N HIS C 667 -31.82 -19.37 53.14
CA HIS C 667 -32.01 -18.08 53.75
C HIS C 667 -30.81 -17.24 53.35
N PHE C 668 -31.05 -16.14 52.68
CA PHE C 668 -30.06 -15.25 52.11
C PHE C 668 -29.76 -13.93 52.83
N VAL C 669 -28.49 -13.60 52.89
CA VAL C 669 -27.95 -12.42 53.50
C VAL C 669 -26.81 -11.84 52.67
N ARG C 670 -26.97 -10.63 52.19
CA ARG C 670 -26.04 -9.92 51.35
C ARG C 670 -25.41 -8.75 52.10
N CYS C 671 -24.09 -8.84 52.33
CA CYS C 671 -23.35 -7.84 53.07
C CYS C 671 -22.78 -6.77 52.15
N ILE C 672 -22.92 -5.49 52.50
CA ILE C 672 -22.47 -4.41 51.66
C ILE C 672 -21.44 -3.45 52.28
N ILE C 673 -20.60 -2.89 51.41
CA ILE C 673 -19.51 -2.00 51.79
C ILE C 673 -19.67 -0.65 51.12
N PRO C 674 -19.99 0.31 51.95
CA PRO C 674 -20.32 1.68 51.65
C PRO C 674 -19.32 2.46 50.89
N ASN C 675 -18.15 2.68 51.51
CA ASN C 675 -17.09 3.45 50.85
C ASN C 675 -15.72 2.93 51.17
N GLU C 676 -14.90 2.85 50.13
CA GLU C 676 -13.53 2.37 50.27
C GLU C 676 -12.78 3.12 51.34
N THR C 677 -13.18 4.36 51.52
CA THR C 677 -12.53 5.22 52.50
C THR C 677 -12.88 4.97 53.95
N LYS C 678 -13.70 4.00 54.31
CA LYS C 678 -13.98 3.80 55.75
C LYS C 678 -14.62 4.97 56.49
N THR C 679 -15.82 5.32 56.12
CA THR C 679 -16.51 6.44 56.74
C THR C 679 -17.93 6.07 57.03
N PRO C 680 -18.34 6.19 58.25
CA PRO C 680 -19.72 5.84 58.56
C PRO C 680 -20.64 6.86 57.93
N GLY C 681 -21.89 6.47 57.73
CA GLY C 681 -22.93 7.27 57.12
C GLY C 681 -22.67 7.73 55.67
N ALA C 682 -21.77 7.07 54.98
CA ALA C 682 -21.46 7.48 53.60
C ALA C 682 -21.51 6.35 52.57
N MET C 683 -21.59 6.71 51.30
CA MET C 683 -21.70 5.69 50.33
C MET C 683 -21.19 6.02 48.93
N GLU C 684 -20.22 5.32 48.36
CA GLU C 684 -19.96 5.77 46.99
C GLU C 684 -21.01 5.08 46.16
N HIS C 685 -21.51 5.77 45.18
CA HIS C 685 -22.53 5.18 44.38
C HIS C 685 -22.14 3.94 43.63
N GLU C 686 -21.39 4.16 42.58
CA GLU C 686 -21.00 3.09 41.72
C GLU C 686 -20.38 1.92 42.41
N LEU C 687 -19.87 2.17 43.57
CA LEU C 687 -19.27 1.11 44.36
C LEU C 687 -20.35 0.20 44.92
N VAL C 688 -21.41 0.78 45.46
CA VAL C 688 -22.54 0.02 45.95
C VAL C 688 -23.30 -0.61 44.75
N LEU C 689 -23.38 0.16 43.67
CA LEU C 689 -24.06 -0.29 42.48
C LEU C 689 -23.50 -1.61 42.00
N HIS C 690 -22.20 -1.67 42.00
CA HIS C 690 -21.50 -2.86 41.61
C HIS C 690 -21.98 -4.08 42.36
N GLN C 691 -21.81 -3.97 43.65
CA GLN C 691 -22.15 -5.03 44.52
C GLN C 691 -23.52 -5.52 44.26
N LEU C 692 -24.39 -4.57 44.06
CA LEU C 692 -25.77 -4.93 43.80
C LEU C 692 -26.00 -5.87 42.64
N ARG C 693 -25.16 -5.73 41.60
CA ARG C 693 -25.32 -6.55 40.42
C ARG C 693 -24.80 -7.95 40.60
N CYS C 694 -23.64 -7.97 41.24
CA CYS C 694 -22.92 -9.18 41.54
C CYS C 694 -23.49 -9.84 42.78
N ASN C 695 -24.35 -9.15 43.46
CA ASN C 695 -24.92 -9.66 44.70
C ASN C 695 -25.97 -10.69 44.46
N GLY C 696 -26.83 -10.32 43.52
CA GLY C 696 -28.02 -10.99 43.15
C GLY C 696 -29.23 -10.09 43.39
N VAL C 697 -29.01 -9.02 44.13
CA VAL C 697 -30.03 -8.08 44.51
C VAL C 697 -30.71 -7.48 43.30
N LEU C 698 -29.89 -7.09 42.34
CA LEU C 698 -30.46 -6.50 41.15
C LEU C 698 -31.11 -7.52 40.28
N GLU C 699 -30.77 -8.76 40.49
CA GLU C 699 -31.37 -9.80 39.66
C GLU C 699 -32.66 -10.26 40.29
N GLY C 700 -32.76 -10.04 41.58
CA GLY C 700 -33.97 -10.44 42.27
C GLY C 700 -35.05 -9.43 42.01
N ILE C 701 -34.62 -8.20 41.73
CA ILE C 701 -35.53 -7.14 41.46
C ILE C 701 -36.09 -7.34 40.09
N ARG C 702 -35.21 -7.74 39.18
CA ARG C 702 -35.57 -8.04 37.79
C ARG C 702 -36.70 -9.04 37.68
N ILE C 703 -36.39 -10.19 38.23
CA ILE C 703 -37.29 -11.33 38.30
C ILE C 703 -38.60 -10.96 38.97
N CYS C 704 -38.52 -9.94 39.82
CA CYS C 704 -39.68 -9.52 40.52
C CYS C 704 -40.57 -8.75 39.58
N ARG C 705 -39.92 -7.82 38.91
CA ARG C 705 -40.54 -6.95 37.97
C ARG C 705 -41.04 -7.62 36.71
N LYS C 706 -41.00 -8.93 36.68
CA LYS C 706 -41.44 -9.59 35.47
C LYS C 706 -42.80 -10.15 35.74
N GLY C 707 -43.64 -10.03 38.16
CA GLY C 707 -44.34 -11.01 37.34
C GLY C 707 -45.65 -10.37 36.89
N PHE C 708 -46.71 -11.12 37.10
CA PHE C 708 -48.03 -10.69 36.81
C PHE C 708 -48.84 -10.71 38.12
N PRO C 709 -48.78 -9.58 38.82
CA PRO C 709 -49.42 -9.42 40.11
C PRO C 709 -50.89 -9.86 40.12
N SER C 710 -51.75 -8.89 39.85
CA SER C 710 -53.20 -9.11 39.77
C SER C 710 -53.57 -10.17 38.75
N ARG C 711 -54.38 -11.11 39.23
CA ARG C 711 -54.86 -12.21 38.41
C ARG C 711 -56.36 -12.39 38.58
N VAL C 712 -57.08 -12.15 37.50
CA VAL C 712 -58.51 -12.21 37.49
C VAL C 712 -59.06 -13.53 37.06
N LEU C 713 -60.00 -13.97 37.87
CA LEU C 713 -60.75 -15.17 37.55
C LEU C 713 -61.77 -14.70 36.52
N TYR C 714 -61.88 -15.53 35.53
CA TYR C 714 -62.73 -15.33 34.35
C TYR C 714 -64.17 -14.81 34.50
N ALA C 715 -65.00 -15.42 35.32
CA ALA C 715 -66.37 -14.91 35.52
C ALA C 715 -66.36 -13.57 36.20
N ASP C 716 -65.47 -13.53 37.22
CA ASP C 716 -65.18 -12.37 38.01
C ASP C 716 -64.69 -11.28 37.08
N PHE C 717 -64.28 -11.76 35.88
CA PHE C 717 -63.77 -10.87 34.85
C PHE C 717 -64.84 -10.42 33.89
N LYS C 718 -65.76 -11.33 33.66
CA LYS C 718 -66.86 -11.07 32.74
C LYS C 718 -67.73 -9.96 33.31
N GLN C 719 -68.49 -10.37 34.33
CA GLN C 719 -69.38 -9.49 35.05
C GLN C 719 -68.95 -8.04 35.18
N ARG C 720 -67.80 -7.85 35.81
CA ARG C 720 -67.27 -6.51 36.08
C ARG C 720 -66.90 -5.66 34.87
N TYR C 721 -66.58 -6.34 33.76
CA TYR C 721 -66.10 -5.57 32.61
C TYR C 721 -66.83 -5.74 31.28
N ARG C 722 -67.81 -6.65 31.23
CA ARG C 722 -68.60 -6.89 30.02
C ARG C 722 -68.93 -5.59 29.29
N VAL C 723 -69.42 -4.66 30.11
CA VAL C 723 -69.83 -3.31 29.78
C VAL C 723 -68.86 -2.51 28.92
N LEU C 724 -67.62 -2.94 28.83
CA LEU C 724 -66.63 -2.16 28.13
C LEU C 724 -66.75 -2.17 26.62
N ASN C 725 -67.27 -3.27 26.11
CA ASN C 725 -67.45 -3.47 24.67
C ASN C 725 -68.46 -4.59 24.51
N ALA C 726 -69.35 -4.61 25.49
CA ALA C 726 -70.44 -5.58 25.64
C ALA C 726 -70.99 -6.18 24.36
N SER C 727 -70.74 -5.52 23.25
CA SER C 727 -71.24 -6.01 21.98
C SER C 727 -70.37 -7.11 21.35
N ALA C 728 -69.13 -7.25 21.79
CA ALA C 728 -68.26 -8.26 21.21
C ALA C 728 -68.89 -9.63 21.47
N ILE C 729 -70.61 -9.04 20.88
CA ILE C 729 -71.75 -9.70 21.45
C ILE C 729 -72.30 -11.04 20.98
N PRO C 730 -72.74 -11.40 19.76
CA PRO C 730 -73.37 -12.73 19.60
C PRO C 730 -72.45 -13.90 19.99
N GLU C 731 -71.21 -13.81 19.51
CA GLU C 731 -70.15 -14.75 19.84
C GLU C 731 -69.51 -14.56 21.22
N GLY C 732 -69.69 -13.41 21.86
CA GLY C 732 -69.27 -13.16 23.25
C GLY C 732 -70.34 -13.54 24.30
N GLN C 733 -71.61 -13.65 23.90
CA GLN C 733 -72.73 -14.09 24.73
C GLN C 733 -73.17 -15.56 24.68
N PHE C 734 -73.21 -16.23 23.52
CA PHE C 734 -73.49 -17.66 23.43
C PHE C 734 -72.27 -18.43 23.96
N MET C 735 -72.15 -18.41 25.62
CA MET C 735 -70.69 -18.27 25.55
C MET C 735 -70.05 -19.07 26.66
N ASP C 736 -68.73 -18.92 26.72
CA ASP C 736 -67.87 -19.58 27.66
C ASP C 736 -67.37 -18.60 28.72
N SER C 737 -67.21 -19.09 29.93
CA SER C 737 -66.69 -18.27 31.04
C SER C 737 -65.24 -17.86 30.79
N LYS C 738 -64.55 -18.64 29.97
CA LYS C 738 -63.16 -18.36 29.63
C LYS C 738 -62.99 -17.64 28.29
N LYS C 739 -63.32 -18.34 27.21
CA LYS C 739 -63.18 -17.84 25.85
C LYS C 739 -63.71 -16.42 25.71
N ALA C 740 -64.68 -16.13 26.58
CA ALA C 740 -65.29 -14.82 26.62
C ALA C 740 -64.28 -13.73 26.91
N SER C 741 -63.73 -13.76 28.14
CA SER C 741 -62.75 -12.79 28.59
C SER C 741 -61.72 -12.61 27.51
N GLU C 742 -61.47 -13.74 26.83
CA GLU C 742 -60.52 -13.73 25.75
C GLU C 742 -61.02 -12.74 24.74
N LYS C 743 -62.13 -13.19 24.17
CA LYS C 743 -62.81 -12.41 23.16
C LYS C 743 -62.96 -10.97 23.58
N LEU C 744 -63.34 -10.72 24.85
CA LEU C 744 -63.54 -9.34 25.27
C LEU C 744 -62.39 -8.43 25.05
N LEU C 745 -61.24 -8.85 25.52
CA LEU C 745 -60.09 -8.00 25.39
C LEU C 745 -59.79 -7.59 23.98
N GLY C 746 -60.57 -8.16 23.06
CA GLY C 746 -60.50 -7.84 21.65
C GLY C 746 -60.50 -6.33 21.53
N SER C 747 -61.44 -5.64 22.21
CA SER C 747 -61.50 -4.19 22.14
C SER C 747 -60.66 -3.44 23.21
N ILE C 748 -60.57 -2.13 23.04
CA ILE C 748 -59.87 -1.25 23.94
C ILE C 748 -58.54 -0.77 23.37
N ASP C 749 -58.16 0.47 23.66
CA ASP C 749 -56.89 0.94 23.16
C ASP C 749 -55.76 0.62 24.18
N VAL C 750 -55.85 -0.63 24.74
CA VAL C 750 -55.00 -1.27 25.78
C VAL C 750 -53.82 -2.14 25.33
N ASP C 751 -52.71 -2.19 26.12
CA ASP C 751 -51.55 -3.02 25.81
C ASP C 751 -51.86 -4.50 25.86
N HIS C 752 -51.92 -5.12 24.69
CA HIS C 752 -52.30 -6.51 24.59
C HIS C 752 -51.20 -7.48 25.02
N THR C 753 -50.18 -6.89 25.61
CA THR C 753 -48.97 -7.45 26.15
C THR C 753 -49.13 -7.78 27.64
N GLN C 754 -49.28 -6.68 28.36
CA GLN C 754 -49.49 -6.60 29.77
C GLN C 754 -50.34 -7.69 30.39
N TYR C 755 -51.01 -8.51 29.62
CA TYR C 755 -51.81 -9.56 30.24
C TYR C 755 -51.41 -10.92 29.71
N ARG C 756 -52.04 -11.93 30.27
CA ARG C 756 -51.73 -13.26 29.80
C ARG C 756 -52.76 -14.16 30.39
N PHE C 757 -53.22 -15.03 29.52
CA PHE C 757 -54.30 -15.91 29.91
C PHE C 757 -53.80 -17.26 30.21
N GLY C 758 -54.65 -18.01 30.91
CA GLY C 758 -54.35 -19.37 31.27
C GLY C 758 -55.58 -20.02 31.80
N HIS C 759 -55.54 -21.34 31.83
CA HIS C 759 -56.60 -22.22 32.27
C HIS C 759 -57.61 -21.76 33.31
N THR C 760 -57.24 -20.93 34.27
CA THR C 760 -58.27 -20.54 35.21
C THR C 760 -58.39 -19.03 35.34
N LYS C 761 -57.40 -18.34 34.77
CA LYS C 761 -57.45 -16.92 34.90
C LYS C 761 -56.49 -16.16 34.07
N VAL C 762 -56.67 -14.86 34.04
CA VAL C 762 -55.83 -14.00 33.27
C VAL C 762 -54.83 -13.42 34.19
N PHE C 763 -53.71 -13.12 33.61
CA PHE C 763 -52.69 -12.52 34.36
C PHE C 763 -52.55 -11.15 33.81
N PHE C 764 -52.30 -10.23 34.75
CA PHE C 764 -52.22 -8.83 34.41
C PHE C 764 -51.08 -8.12 35.13
N LYS C 765 -50.43 -7.16 34.51
CA LYS C 765 -49.40 -6.37 35.14
C LYS C 765 -50.10 -5.34 36.01
N ALA C 766 -49.33 -4.36 36.47
CA ALA C 766 -49.84 -3.30 37.29
C ALA C 766 -50.56 -2.23 36.50
N GLY C 767 -51.27 -1.41 37.29
CA GLY C 767 -52.03 -0.24 36.83
C GLY C 767 -52.84 -0.53 35.61
N LEU C 768 -53.09 -1.78 35.35
CA LEU C 768 -53.84 -2.13 34.20
C LEU C 768 -55.28 -2.23 34.55
N LEU C 769 -55.49 -3.13 35.49
CA LEU C 769 -56.78 -3.35 36.04
C LEU C 769 -57.26 -1.96 36.46
N GLY C 770 -56.32 -1.14 36.84
CA GLY C 770 -56.62 0.22 37.19
C GLY C 770 -57.15 0.90 35.97
N LEU C 771 -56.52 0.62 34.86
CA LEU C 771 -56.96 1.23 33.61
C LEU C 771 -58.34 0.78 33.25
N LEU C 772 -58.53 -0.53 33.34
CA LEU C 772 -59.83 -1.10 33.06
C LEU C 772 -60.99 -0.37 33.73
N GLU C 773 -60.98 -0.43 35.04
CA GLU C 773 -61.93 0.21 35.88
C GLU C 773 -62.31 1.61 35.43
N GLU C 774 -61.25 2.39 35.12
CA GLU C 774 -61.46 3.75 34.72
C GLU C 774 -62.43 3.85 33.56
N MET C 775 -62.15 3.05 32.56
CA MET C 775 -62.98 2.99 31.39
C MET C 775 -64.37 2.63 31.86
N ARG C 776 -64.38 1.70 32.74
CA ARG C 776 -65.59 1.22 33.29
C ARG C 776 -66.31 2.35 33.95
N ASP C 777 -65.58 3.08 34.77
CA ASP C 777 -66.12 4.22 35.48
C ASP C 777 -66.89 5.12 34.54
N ASP C 778 -66.25 5.54 33.46
CA ASP C 778 -66.95 6.36 32.51
C ASP C 778 -68.20 5.66 32.02
N LYS C 779 -68.13 4.36 31.88
CA LYS C 779 -69.24 3.69 31.31
C LYS C 779 -70.45 3.62 32.15
N LEU C 780 -70.31 3.99 33.39
CA LEU C 780 -71.47 3.93 34.22
C LEU C 780 -72.13 5.28 34.34
N ALA C 781 -71.31 6.32 34.18
CA ALA C 781 -71.81 7.66 34.22
C ALA C 781 -72.89 7.63 33.16
N GLU C 782 -72.50 7.09 32.00
CA GLU C 782 -73.38 6.88 30.86
C GLU C 782 -74.60 6.14 31.46
N ILE C 783 -74.42 4.90 31.82
CA ILE C 783 -75.45 4.06 32.37
C ILE C 783 -76.27 4.66 33.46
N ILE C 784 -75.61 5.34 34.37
CA ILE C 784 -76.38 5.88 35.47
C ILE C 784 -77.14 7.11 35.10
N THR C 785 -76.38 8.15 34.72
CA THR C 785 -76.90 9.45 34.32
C THR C 785 -78.19 9.30 33.51
N ARG C 786 -78.18 8.36 32.59
CA ARG C 786 -79.33 8.06 31.79
C ARG C 786 -80.40 7.40 32.61
N THR C 787 -80.00 6.54 33.53
CA THR C 787 -81.03 5.87 34.34
C THR C 787 -81.57 6.81 35.39
N GLN C 788 -80.81 7.83 35.67
CA GLN C 788 -81.30 8.75 36.66
C GLN C 788 -82.46 9.48 36.07
N ALA C 789 -82.12 10.24 35.00
CA ALA C 789 -83.04 11.02 34.22
C ALA C 789 -84.50 10.51 34.19
N ARG C 790 -84.70 9.36 33.58
CA ARG C 790 -85.99 8.71 33.40
C ARG C 790 -86.72 8.75 34.73
N CYS C 791 -85.99 8.27 35.73
CA CYS C 791 -86.48 8.29 37.08
C CYS C 791 -87.01 9.69 37.42
N ARG C 792 -86.08 10.66 37.37
CA ARG C 792 -86.35 12.06 37.65
C ARG C 792 -87.60 12.43 36.91
N GLY C 793 -87.53 12.19 35.60
CA GLY C 793 -88.60 12.46 34.69
C GLY C 793 -89.81 11.87 35.34
N PHE C 794 -89.84 10.56 35.27
CA PHE C 794 -90.92 9.78 35.84
C PHE C 794 -91.36 10.23 37.20
N LEU C 795 -90.41 10.70 37.94
CA LEU C 795 -90.80 11.10 39.27
C LEU C 795 -91.80 12.22 39.29
N MET C 796 -91.51 13.18 38.46
CA MET C 796 -92.40 14.31 38.39
C MET C 796 -93.67 13.96 37.63
N ARG C 797 -93.54 13.00 36.73
CA ARG C 797 -94.69 12.59 35.93
C ARG C 797 -95.81 12.13 36.82
N VAL C 798 -95.50 11.73 38.06
CA VAL C 798 -96.53 11.19 38.98
C VAL C 798 -97.08 12.32 39.79
N GLU C 799 -96.26 13.37 39.83
CA GLU C 799 -96.64 14.55 40.57
C GLU C 799 -97.73 15.27 39.82
N TYR C 800 -97.60 15.31 38.49
CA TYR C 800 -98.63 15.91 37.75
C TYR C 800 -99.98 15.16 38.01
N ARG C 801 -100.00 13.82 38.00
CA ARG C 801 -101.21 12.96 38.22
C ARG C 801 -101.89 13.18 39.57
N ARG C 802 -101.10 13.71 40.48
CA ARG C 802 -101.57 14.00 41.81
C ARG C 802 -102.09 15.43 41.85
N MET C 803 -101.27 16.36 41.36
CA MET C 803 -101.60 17.77 41.28
C MET C 803 -102.98 17.95 40.70
N VAL C 804 -103.15 17.31 39.56
CA VAL C 804 -104.35 17.28 38.78
C VAL C 804 -105.57 16.70 39.54
N GLU C 805 -105.40 15.55 40.15
CA GLU C 805 -106.46 14.91 40.94
C GLU C 805 -107.01 15.92 41.93
N ARG C 806 -106.07 16.40 42.70
CA ARG C 806 -106.21 17.39 43.72
C ARG C 806 -107.00 18.62 43.31
N ARG C 807 -106.86 18.95 42.02
CA ARG C 807 -107.45 20.11 41.37
C ARG C 807 -108.71 20.60 42.02
N GLU C 808 -109.69 19.74 42.04
CA GLU C 808 -110.93 20.17 42.61
C GLU C 808 -111.07 20.06 44.10
N SER C 809 -110.58 18.98 44.68
CA SER C 809 -110.72 18.79 46.11
C SER C 809 -110.26 20.00 46.87
N ILE C 810 -109.37 20.75 46.24
CA ILE C 810 -108.91 21.97 46.85
C ILE C 810 -110.03 22.98 46.87
N PHE C 811 -110.46 23.34 45.65
CA PHE C 811 -111.51 24.28 45.37
C PHE C 811 -112.61 24.10 46.37
N CYS C 812 -113.01 22.86 46.45
CA CYS C 812 -114.04 22.46 47.39
C CYS C 812 -113.65 22.96 48.72
N ILE C 813 -112.43 22.65 49.06
CA ILE C 813 -111.97 23.12 50.33
C ILE C 813 -111.90 24.62 50.27
N GLN C 814 -111.32 25.14 49.19
CA GLN C 814 -111.14 26.59 49.02
C GLN C 814 -112.38 27.39 49.33
N TYR C 815 -113.32 27.33 48.41
CA TYR C 815 -114.57 28.04 48.53
C TYR C 815 -115.26 27.81 49.86
N ASN C 816 -115.39 26.54 50.19
CA ASN C 816 -116.07 26.08 51.39
C ASN C 816 -115.80 26.78 52.68
N VAL C 817 -114.54 27.18 52.85
CA VAL C 817 -114.06 27.89 54.04
C VAL C 817 -114.55 29.32 54.00
N ARG C 818 -114.26 29.95 52.87
CA ARG C 818 -114.64 31.30 52.61
C ARG C 818 -116.07 31.59 53.03
N SER C 819 -117.02 30.67 52.67
CA SER C 819 -118.41 30.76 53.02
C SER C 819 -118.47 31.17 54.46
N PHE C 820 -118.13 30.19 55.24
CA PHE C 820 -118.12 30.25 56.65
C PHE C 820 -117.60 31.54 57.24
N MET C 821 -116.51 32.01 56.74
CA MET C 821 -115.95 33.25 57.22
C MET C 821 -116.88 34.44 57.06
N ASN C 822 -117.77 34.29 56.14
CA ASN C 822 -118.71 35.33 55.83
C ASN C 822 -119.98 35.21 56.58
N VAL C 823 -120.38 33.95 56.62
CA VAL C 823 -121.59 33.56 57.21
C VAL C 823 -121.62 33.62 58.70
N LYS C 824 -120.66 32.96 59.33
CA LYS C 824 -120.53 32.88 60.78
C LYS C 824 -120.86 34.20 61.50
N HIS C 825 -120.83 35.34 60.78
CA HIS C 825 -121.13 36.61 61.43
C HIS C 825 -122.59 37.07 61.20
N TRP C 826 -123.33 36.36 60.34
CA TRP C 826 -124.75 36.58 59.91
C TRP C 826 -125.86 36.06 60.87
N PRO C 827 -126.66 36.99 61.39
CA PRO C 827 -127.76 36.73 62.31
C PRO C 827 -128.46 35.44 62.04
N TRP C 828 -128.93 35.38 60.82
CA TRP C 828 -129.70 34.26 60.32
C TRP C 828 -128.93 33.01 60.44
N MET C 829 -127.63 33.13 60.23
CA MET C 829 -126.88 31.90 60.32
C MET C 829 -126.62 31.50 61.76
N LYS C 830 -126.41 32.45 62.66
CA LYS C 830 -126.25 32.11 64.03
C LYS C 830 -127.49 31.49 64.54
N LEU C 831 -128.58 32.06 64.10
CA LEU C 831 -129.91 31.56 64.50
C LEU C 831 -130.05 30.10 64.17
N PHE C 832 -129.86 29.81 62.88
CA PHE C 832 -129.92 28.43 62.37
C PHE C 832 -129.07 27.53 63.22
N PHE C 833 -127.97 28.13 63.66
CA PHE C 833 -127.02 27.43 64.46
C PHE C 833 -127.57 27.07 65.82
N LYS C 834 -128.03 28.04 66.59
CA LYS C 834 -128.54 27.65 67.89
C LYS C 834 -129.70 26.70 67.69
N ILE C 835 -130.44 26.95 66.65
CA ILE C 835 -131.63 26.18 66.36
C ILE C 835 -131.43 24.80 65.74
N LYS C 836 -130.43 24.67 64.89
CA LYS C 836 -130.08 23.42 64.21
C LYS C 836 -130.14 22.21 65.10
N PRO C 837 -130.05 22.38 66.39
CA PRO C 837 -130.08 21.19 67.21
C PRO C 837 -131.44 20.67 67.55
N LEU C 838 -132.35 21.58 67.95
CA LEU C 838 -133.71 21.18 68.31
C LEU C 838 -134.38 20.30 67.24
N LEU C 839 -133.78 20.28 66.07
CA LEU C 839 -134.32 19.56 64.97
C LEU C 839 -134.04 18.11 65.08
N LYS C 840 -134.67 17.43 64.15
CA LYS C 840 -134.51 15.99 64.05
C LYS C 840 -134.55 15.57 62.59
N ASN A 1 -88.81 92.03 51.75
CA ASN A 1 -87.67 91.18 52.14
C ASN A 1 -87.89 90.56 53.53
N VAL A 2 -88.50 91.42 54.33
CA VAL A 2 -88.94 91.18 55.70
C VAL A 2 -90.06 90.19 56.00
N PHE A 3 -90.82 89.77 54.99
CA PHE A 3 -91.67 88.60 55.19
C PHE A 3 -91.08 87.32 54.54
N SER A 4 -90.08 87.43 53.66
CA SER A 4 -89.44 86.28 53.00
C SER A 4 -88.48 85.29 53.68
N MET A 5 -87.58 85.65 54.62
CA MET A 5 -86.88 84.65 55.46
C MET A 5 -87.99 84.34 56.50
N PHE A 6 -87.91 84.76 57.77
CA PHE A 6 -89.07 84.91 58.66
C PHE A 6 -90.15 83.84 58.88
N ASP A 7 -89.68 82.74 59.45
CA ASP A 7 -90.51 81.58 59.76
C ASP A 7 -91.55 81.72 60.88
N GLN A 8 -92.57 80.85 60.88
CA GLN A 8 -93.63 80.86 61.89
C GLN A 8 -93.17 80.92 63.35
N THR A 9 -92.14 80.15 63.69
CA THR A 9 -91.49 80.18 65.02
C THR A 9 -90.97 81.59 65.37
N GLN A 10 -90.09 82.19 64.56
CA GLN A 10 -89.63 83.58 64.72
C GLN A 10 -90.79 84.56 64.97
N ILE A 11 -91.81 84.47 64.11
CA ILE A 11 -93.01 85.29 64.24
C ILE A 11 -93.77 85.02 65.55
N GLN A 12 -93.88 83.79 66.05
CA GLN A 12 -94.49 83.51 67.36
C GLN A 12 -93.66 84.06 68.52
N ASP A 13 -92.33 83.91 68.52
CA ASP A 13 -91.43 84.54 69.49
C ASP A 13 -91.73 86.05 69.57
N PHE A 14 -91.80 86.71 68.40
CA PHE A 14 -92.24 88.11 68.30
C PHE A 14 -93.65 88.33 68.87
N LYS A 15 -94.69 87.58 68.48
CA LYS A 15 -96.05 87.70 69.04
C LYS A 15 -96.10 87.61 70.58
N GLU A 16 -95.44 86.63 71.19
CA GLU A 16 -95.31 86.53 72.63
C GLU A 16 -94.59 87.76 73.21
N ALA A 17 -93.47 88.18 72.62
CA ALA A 17 -92.77 89.40 73.02
C ALA A 17 -93.65 90.66 73.01
N PHE A 18 -94.46 90.82 71.95
CA PHE A 18 -95.44 91.90 71.88
C PHE A 18 -96.43 91.76 73.03
N THR A 19 -97.12 90.62 73.23
CA THR A 19 -98.04 90.47 74.37
C THR A 19 -97.45 90.66 75.77
N VAL A 20 -96.14 90.47 75.95
CA VAL A 20 -95.48 90.84 77.22
C VAL A 20 -95.26 92.36 77.36
N ILE A 21 -94.95 93.07 76.28
CA ILE A 21 -94.86 94.53 76.36
C ILE A 21 -96.26 95.20 76.36
N ASP A 22 -97.24 94.58 75.69
CA ASP A 22 -98.67 94.95 75.68
C ASP A 22 -99.39 94.87 77.04
N GLN A 23 -99.03 95.68 78.06
CA GLN A 23 -99.64 95.64 79.40
C GLN A 23 -101.15 95.55 79.51
N ASN A 24 -101.81 96.39 78.74
CA ASN A 24 -103.25 96.50 78.77
C ASN A 24 -104.04 95.38 78.09
N ARG A 25 -103.39 94.51 77.30
CA ARG A 25 -104.00 93.47 76.46
C ARG A 25 -104.86 93.93 75.27
N ASP A 26 -105.15 95.23 75.17
CA ASP A 26 -105.85 95.87 74.06
C ASP A 26 -105.50 95.48 72.62
N GLY A 27 -104.20 95.33 72.31
CA GLY A 27 -103.75 94.98 70.97
C GLY A 27 -102.75 95.97 70.35
N ILE A 28 -102.62 97.12 71.01
CA ILE A 28 -101.72 98.19 70.61
C ILE A 28 -100.76 98.53 71.77
N ILE A 29 -99.45 98.45 71.58
CA ILE A 29 -98.51 98.95 72.60
C ILE A 29 -98.39 100.47 72.50
N ASP A 30 -98.41 101.14 73.66
CA ASP A 30 -98.18 102.58 73.70
C ASP A 30 -97.11 103.00 74.71
N LYS A 31 -96.99 104.30 75.02
CA LYS A 31 -96.02 104.80 76.00
C LYS A 31 -96.15 104.19 77.40
N ASP A 32 -97.38 104.03 77.85
CA ASP A 32 -97.70 103.43 79.13
C ASP A 32 -97.24 101.96 79.19
N ASP A 33 -97.59 101.16 78.18
CA ASP A 33 -97.13 99.79 78.02
C ASP A 33 -95.60 99.64 78.08
N LEU A 34 -94.87 100.49 77.36
CA LEU A 34 -93.42 100.55 77.49
C LEU A 34 -92.94 100.92 78.92
N ARG A 35 -93.43 102.01 79.51
CA ARG A 35 -93.06 102.43 80.89
C ARG A 35 -93.10 101.33 81.96
N GLU A 36 -94.24 100.65 82.17
CA GLU A 36 -94.22 99.58 83.17
C GLU A 36 -93.53 98.32 82.68
N THR A 37 -93.32 97.99 81.39
CA THR A 37 -92.46 96.83 81.07
C THR A 37 -91.02 97.12 81.50
N PHE A 38 -90.53 98.35 81.27
CA PHE A 38 -89.23 98.76 81.79
C PHE A 38 -89.17 98.67 83.33
N ALA A 39 -90.19 99.21 84.02
CA ALA A 39 -90.31 99.08 85.46
C ALA A 39 -90.33 97.64 85.99
N ALA A 40 -91.11 96.74 85.38
CA ALA A 40 -91.12 95.31 85.70
C ALA A 40 -89.76 94.62 85.52
N MET A 41 -88.99 95.04 84.51
CA MET A 41 -87.62 94.58 84.33
C MET A 41 -86.57 95.26 85.25
N GLY A 42 -86.98 96.16 86.14
CA GLY A 42 -86.07 96.84 87.06
C GLY A 42 -85.69 98.28 86.67
N ARG A 43 -86.00 98.72 85.46
CA ARG A 43 -85.62 100.07 85.01
C ARG A 43 -86.62 101.17 85.40
N LEU A 44 -86.31 101.92 86.45
CA LEU A 44 -87.19 103.01 86.89
C LEU A 44 -86.85 104.41 86.36
N ASN A 45 -85.61 104.62 85.91
CA ASN A 45 -85.12 105.92 85.48
C ASN A 45 -85.48 106.41 84.06
N VAL A 46 -86.55 105.88 83.48
CA VAL A 46 -86.92 106.15 82.09
C VAL A 46 -87.49 107.55 81.82
N LYS A 47 -86.86 108.30 80.93
CA LYS A 47 -87.31 109.63 80.58
C LYS A 47 -88.20 109.65 79.33
N ASN A 48 -89.27 110.47 79.30
CA ASN A 48 -90.17 110.52 78.13
C ASN A 48 -89.51 110.57 76.76
N GLU A 49 -88.46 111.36 76.53
CA GLU A 49 -87.73 111.38 75.26
C GLU A 49 -87.25 110.02 74.71
N GLU A 50 -86.89 109.11 75.60
CA GLU A 50 -86.49 107.74 75.25
C GLU A 50 -87.73 106.93 74.82
N LEU A 51 -88.83 106.99 75.57
CA LEU A 51 -90.11 106.34 75.23
C LEU A 51 -90.69 106.83 73.89
N ASP A 52 -90.70 108.14 73.75
CA ASP A 52 -91.07 108.84 72.53
C ASP A 52 -90.17 108.46 71.37
N ALA A 53 -88.84 108.43 71.51
CA ALA A 53 -87.91 107.98 70.46
C ALA A 53 -88.27 106.59 69.92
N MET A 54 -88.54 105.65 70.82
CA MET A 54 -89.05 104.32 70.48
C MET A 54 -90.28 104.37 69.56
N ILE A 55 -91.34 105.01 70.05
CA ILE A 55 -92.59 105.13 69.29
C ILE A 55 -92.46 105.86 67.95
N LYS A 56 -91.72 106.97 67.89
CA LYS A 56 -91.46 107.73 66.66
C LYS A 56 -90.99 106.96 65.43
N GLU A 57 -90.39 105.78 65.63
CA GLU A 57 -89.98 104.93 64.51
C GLU A 57 -91.15 104.43 63.63
N ALA A 58 -92.37 104.37 64.17
CA ALA A 58 -93.54 103.96 63.40
C ALA A 58 -94.47 105.10 62.99
N SER A 59 -95.13 105.01 61.84
CA SER A 59 -96.06 106.06 61.38
C SER A 59 -97.45 106.05 61.99
N GLY A 60 -97.87 104.90 62.53
CA GLY A 60 -99.20 104.77 63.13
C GLY A 60 -99.23 104.17 64.53
N PRO A 61 -100.39 103.70 65.00
CA PRO A 61 -100.46 102.87 66.22
C PRO A 61 -99.57 101.63 66.14
N ILE A 62 -98.83 101.24 67.18
CA ILE A 62 -97.83 100.20 66.96
C ILE A 62 -98.29 98.74 66.74
N ASN A 63 -99.60 98.45 66.70
CA ASN A 63 -100.22 97.15 66.33
C ASN A 63 -99.40 95.97 65.80
N PHE A 64 -99.58 94.71 66.25
CA PHE A 64 -98.84 93.51 65.78
C PHE A 64 -98.10 93.54 64.44
N THR A 65 -98.83 93.91 63.37
CA THR A 65 -98.27 94.08 62.02
C THR A 65 -97.28 95.23 61.91
N VAL A 66 -97.59 96.43 62.42
CA VAL A 66 -96.67 97.59 62.41
C VAL A 66 -95.39 97.22 63.17
N PHE A 67 -95.50 96.56 64.33
CA PHE A 67 -94.33 95.99 65.02
C PHE A 67 -93.53 95.05 64.11
N LEU A 68 -94.11 93.92 63.70
CA LEU A 68 -93.47 92.92 62.85
C LEU A 68 -92.79 93.51 61.61
N THR A 69 -93.44 94.45 60.92
CA THR A 69 -92.81 95.14 59.79
C THR A 69 -91.63 95.99 60.27
N MET A 70 -91.75 96.85 61.29
CA MET A 70 -90.61 97.62 61.82
C MET A 70 -89.40 96.80 62.29
N PHE A 71 -89.63 95.66 62.92
CA PHE A 71 -88.54 94.79 63.38
C PHE A 71 -87.94 93.92 62.31
N GLY A 72 -88.78 93.49 61.38
CA GLY A 72 -88.28 92.81 60.20
C GLY A 72 -87.37 93.78 59.44
N GLU A 73 -87.85 94.98 59.10
CA GLU A 73 -87.06 96.00 58.36
C GLU A 73 -85.63 96.29 58.83
N LYS A 74 -85.36 96.11 60.11
CA LYS A 74 -84.01 96.26 60.64
C LYS A 74 -83.14 95.00 60.51
N LEU A 75 -83.79 93.86 60.45
CA LEU A 75 -83.15 92.56 60.27
C LEU A 75 -83.24 92.01 58.84
N LYS A 76 -83.35 92.86 57.81
CA LYS A 76 -83.43 92.47 56.39
C LYS A 76 -82.44 91.44 55.82
N GLY A 77 -81.35 91.24 56.56
CA GLY A 77 -80.33 90.26 56.25
C GLY A 77 -79.98 89.42 57.49
N ALA A 78 -80.99 88.95 58.21
CA ALA A 78 -80.79 88.12 59.38
C ALA A 78 -81.58 86.80 59.44
N ASP A 79 -80.85 85.71 59.53
CA ASP A 79 -81.42 84.38 59.62
C ASP A 79 -81.67 83.88 61.05
N PRO A 80 -82.42 82.78 61.25
CA PRO A 80 -82.41 82.07 62.52
C PRO A 80 -81.11 81.31 62.84
N GLU A 81 -80.70 81.17 64.10
CA GLU A 81 -79.44 80.52 64.48
C GLU A 81 -78.97 79.24 63.80
N ASP A 82 -79.77 78.19 63.68
CA ASP A 82 -79.40 76.99 62.94
C ASP A 82 -78.92 77.18 61.50
N VAL A 83 -79.58 78.09 60.79
CA VAL A 83 -79.24 78.44 59.40
C VAL A 83 -77.85 79.09 59.34
N ILE A 84 -77.59 80.02 60.27
CA ILE A 84 -76.29 80.69 60.40
C ILE A 84 -75.19 79.66 60.72
N MET A 85 -75.45 78.77 61.68
CA MET A 85 -74.57 77.65 62.01
C MET A 85 -74.25 76.78 60.79
N GLY A 86 -75.19 76.52 59.88
CA GLY A 86 -74.93 75.77 58.63
C GLY A 86 -73.81 76.37 57.78
N ALA A 87 -73.82 77.68 57.59
CA ALA A 87 -72.75 78.39 56.88
C ALA A 87 -71.36 78.14 57.48
N PHE A 88 -71.28 78.23 58.80
CA PHE A 88 -70.05 77.86 59.52
C PHE A 88 -69.74 76.37 59.37
N LYS A 89 -70.67 75.44 59.58
CA LYS A 89 -70.46 74.00 59.35
C LYS A 89 -69.94 73.61 57.94
N VAL A 90 -70.29 74.42 56.92
CA VAL A 90 -69.74 74.28 55.55
C VAL A 90 -68.27 74.73 55.52
N LEU A 91 -67.96 75.84 56.22
CA LEU A 91 -66.58 76.29 56.36
C LEU A 91 -65.71 75.42 57.27
N ASP A 92 -66.36 74.73 58.21
CA ASP A 92 -65.77 73.73 59.09
C ASP A 92 -65.43 72.40 58.38
N PRO A 93 -65.65 72.16 57.08
CA PRO A 93 -66.34 70.95 56.58
C PRO A 93 -66.02 69.57 57.19
N ASP A 94 -64.78 69.46 57.66
CA ASP A 94 -64.22 68.36 58.43
C ASP A 94 -64.97 68.09 59.75
N GLY A 95 -65.57 69.11 60.36
CA GLY A 95 -66.40 68.96 61.56
C GLY A 95 -65.92 69.55 62.90
N LYS A 96 -66.81 69.44 63.89
CA LYS A 96 -66.67 69.89 65.29
C LYS A 96 -65.88 71.07 65.87
N GLY A 97 -64.62 71.30 65.53
CA GLY A 97 -63.82 72.39 66.10
C GLY A 97 -63.79 73.58 65.16
N SER A 98 -64.25 74.77 65.56
CA SER A 98 -64.38 75.82 64.57
C SER A 98 -63.14 76.60 64.13
N ILE A 99 -63.29 77.32 63.02
CA ILE A 99 -62.21 77.93 62.24
C ILE A 99 -61.21 78.97 62.79
N LYS A 100 -60.15 79.22 62.06
CA LYS A 100 -59.11 80.19 62.43
C LYS A 100 -59.14 81.60 61.81
N LYS A 101 -58.78 82.59 62.62
CA LYS A 101 -58.57 83.94 62.15
C LYS A 101 -57.28 84.09 61.32
N SER A 102 -57.64 84.24 60.05
CA SER A 102 -56.83 84.42 58.83
C SER A 102 -57.66 83.81 57.72
N PHE A 103 -58.04 82.53 57.91
CA PHE A 103 -58.87 81.76 57.00
C PHE A 103 -60.18 82.48 56.65
N LEU A 104 -60.94 82.93 57.66
CA LEU A 104 -62.10 83.75 57.35
C LEU A 104 -61.83 85.22 57.06
N GLU A 105 -60.75 85.84 57.58
CA GLU A 105 -60.38 87.24 57.27
C GLU A 105 -60.28 87.40 55.75
N GLU A 106 -59.48 86.51 55.18
CA GLU A 106 -59.34 86.39 53.73
C GLU A 106 -60.67 86.05 53.06
N LEU A 107 -61.40 84.99 53.40
CA LEU A 107 -62.68 84.70 52.75
C LEU A 107 -63.81 85.75 52.83
N LEU A 108 -63.84 86.63 53.83
CA LEU A 108 -64.77 87.75 53.84
C LEU A 108 -64.31 88.91 52.93
N THR A 109 -62.99 89.15 52.84
CA THR A 109 -62.47 90.16 51.92
C THR A 109 -62.32 89.75 50.46
N THR A 110 -62.03 88.46 50.20
CA THR A 110 -61.68 88.03 48.85
C THR A 110 -62.77 87.93 47.76
N GLN A 111 -63.41 86.80 47.43
CA GLN A 111 -64.47 86.75 46.42
C GLN A 111 -65.58 87.79 46.70
N CYS A 112 -66.13 88.44 45.67
CA CYS A 112 -67.01 89.63 45.71
C CYS A 112 -66.20 90.93 45.80
N ASP A 113 -66.79 92.07 46.15
CA ASP A 113 -66.09 93.34 46.26
C ASP A 113 -65.44 93.64 47.60
N ARG A 114 -66.19 93.35 48.68
CA ARG A 114 -65.77 93.70 50.02
C ARG A 114 -66.63 93.38 51.25
N PHE A 115 -66.04 92.65 52.18
CA PHE A 115 -66.48 92.87 53.55
C PHE A 115 -65.26 93.63 54.06
N THR A 116 -65.48 94.94 54.18
CA THR A 116 -64.37 95.88 54.38
C THR A 116 -63.45 95.66 55.58
N PRO A 117 -62.15 95.95 55.45
CA PRO A 117 -61.25 95.96 56.61
C PRO A 117 -61.53 96.90 57.79
N GLU A 118 -62.60 97.71 57.72
CA GLU A 118 -63.10 98.47 58.86
C GLU A 118 -64.09 97.51 59.54
N GLU A 119 -65.08 97.01 58.79
CA GLU A 119 -66.06 95.99 59.23
C GLU A 119 -65.40 94.79 59.92
N ILE A 120 -64.38 94.17 59.31
CA ILE A 120 -63.66 93.03 59.89
C ILE A 120 -62.94 93.32 61.23
N LYS A 121 -62.27 94.46 61.46
CA LYS A 121 -61.69 94.76 62.77
C LYS A 121 -62.77 94.92 63.85
N ASN A 122 -63.87 95.59 63.50
CA ASN A 122 -65.05 95.68 64.37
C ASN A 122 -65.57 94.27 64.71
N MET A 123 -65.63 93.39 63.72
CA MET A 123 -65.91 91.97 63.92
C MET A 123 -64.99 91.35 64.96
N TRP A 124 -63.66 91.34 64.85
CA TRP A 124 -62.77 90.77 65.89
C TRP A 124 -62.91 91.34 67.30
N ALA A 125 -63.31 92.61 67.39
CA ALA A 125 -63.63 93.25 68.67
C ALA A 125 -65.01 92.96 69.27
N ALA A 126 -66.06 92.88 68.43
CA ALA A 126 -67.45 92.59 68.84
C ALA A 126 -67.91 91.12 68.83
N PHE A 127 -67.06 90.38 68.15
CA PHE A 127 -66.94 88.92 68.14
C PHE A 127 -65.45 88.78 68.46
N PRO A 128 -65.06 89.16 69.69
CA PRO A 128 -64.09 88.48 70.51
C PRO A 128 -62.70 87.79 70.51
N PRO A 129 -62.30 87.65 71.79
CA PRO A 129 -62.14 86.33 72.42
C PRO A 129 -62.67 85.12 71.63
N ASP A 130 -63.97 84.88 71.41
CA ASP A 130 -64.48 83.82 70.54
C ASP A 130 -63.69 83.70 69.22
N VAL A 131 -63.66 84.77 68.43
CA VAL A 131 -62.92 84.85 67.18
C VAL A 131 -61.40 84.67 67.33
N ALA A 132 -60.83 84.85 68.51
CA ALA A 132 -59.43 84.54 68.77
C ALA A 132 -59.13 83.08 69.11
N GLY A 133 -59.96 82.50 69.99
CA GLY A 133 -59.80 81.14 70.48
C GLY A 133 -60.11 80.01 69.52
N ASN A 134 -61.38 79.84 69.20
CA ASN A 134 -61.83 78.79 68.29
C ASN A 134 -62.55 79.45 67.11
N VAL A 135 -62.37 80.77 66.92
CA VAL A 135 -63.30 81.70 66.23
C VAL A 135 -64.70 81.13 66.47
N ASP A 136 -64.95 80.99 67.78
CA ASP A 136 -66.10 80.30 68.33
C ASP A 136 -67.45 80.50 67.63
N TYR A 137 -67.63 79.89 66.46
CA TYR A 137 -68.81 80.13 65.63
C TYR A 137 -70.15 79.79 66.26
N LYS A 138 -70.08 78.75 67.11
CA LYS A 138 -71.22 78.38 67.95
C LYS A 138 -71.62 79.59 68.81
N ASN A 139 -70.65 80.14 69.53
CA ASN A 139 -70.83 81.34 70.35
C ASN A 139 -71.27 82.56 69.51
N ILE A 140 -70.59 82.86 68.40
CA ILE A 140 -70.96 83.89 67.41
C ILE A 140 -72.45 83.85 67.06
N CYS A 141 -72.95 82.68 66.65
CA CYS A 141 -74.37 82.47 66.37
C CYS A 141 -75.29 82.75 67.56
N TYR A 142 -74.98 82.22 68.74
CA TYR A 142 -75.78 82.52 69.94
C TYR A 142 -75.80 84.00 70.34
N VAL A 143 -74.72 84.75 70.19
CA VAL A 143 -74.72 86.19 70.46
C VAL A 143 -75.51 87.03 69.46
N ILE A 144 -75.48 86.65 68.18
CA ILE A 144 -76.29 87.39 67.21
C ILE A 144 -77.79 87.09 67.34
N THR A 145 -78.20 85.85 67.57
CA THR A 145 -79.62 85.56 67.79
C THR A 145 -80.12 85.88 69.20
N HIS A 146 -79.29 85.65 70.22
CA HIS A 146 -79.65 85.87 71.62
C HIS A 146 -79.03 87.02 72.43
N GLY A 147 -78.50 88.10 71.84
CA GLY A 147 -77.96 89.22 72.61
C GLY A 147 -76.46 89.21 72.86
N GLU A 148 -75.88 90.35 73.21
CA GLU A 148 -74.42 90.48 73.35
C GLU A 148 -73.68 89.96 74.59
N ASP A 149 -74.33 90.04 75.75
CA ASP A 149 -73.78 89.60 77.04
C ASP A 149 -73.69 88.08 77.21
N LYS A 150 -74.76 87.42 76.75
CA LYS A 150 -74.92 85.97 76.76
C LYS A 150 -73.91 85.09 76.03
N ASP B 1 -61.96 85.80 20.82
CA ASP B 1 -62.45 84.65 21.62
C ASP B 1 -63.98 84.42 21.83
N GLU B 2 -64.44 83.26 22.39
CA GLU B 2 -65.84 83.00 22.84
C GLU B 2 -66.37 81.74 23.59
N ILE B 3 -67.41 81.99 24.42
CA ILE B 3 -68.27 81.16 25.32
C ILE B 3 -68.78 82.11 26.47
N ASN B 4 -69.77 81.85 27.35
CA ASN B 4 -70.13 82.78 28.43
C ASN B 4 -69.64 82.46 29.85
N ASP B 5 -70.05 81.35 30.49
CA ASP B 5 -69.61 80.85 31.82
C ASP B 5 -68.22 81.25 32.36
N PHE B 6 -67.17 81.18 31.52
CA PHE B 6 -65.82 81.57 31.91
C PHE B 6 -65.70 83.00 32.44
N LYS B 7 -66.51 83.92 31.88
CA LYS B 7 -66.59 85.30 32.36
C LYS B 7 -67.19 85.36 33.77
N GLU B 8 -68.22 84.55 34.02
CA GLU B 8 -68.83 84.43 35.35
C GLU B 8 -67.81 83.90 36.38
N ALA B 9 -67.07 82.86 35.98
CA ALA B 9 -65.98 82.31 36.78
C ALA B 9 -64.82 83.27 37.09
N PHE B 10 -64.45 84.19 36.17
CA PHE B 10 -63.43 85.20 36.46
C PHE B 10 -63.72 86.03 37.72
N LEU B 11 -64.93 86.59 37.85
CA LEU B 11 -65.34 87.33 39.05
C LEU B 11 -65.25 86.56 40.38
N LEU B 12 -65.39 85.23 40.29
CA LEU B 12 -65.27 84.37 41.47
C LEU B 12 -63.84 84.29 42.03
N PHE B 13 -62.86 84.72 41.24
CA PHE B 13 -61.46 84.74 41.65
C PHE B 13 -60.80 86.12 41.63
N ASP B 14 -61.64 87.17 41.61
CA ASP B 14 -61.22 88.57 41.69
C ASP B 14 -60.47 89.00 42.94
N ARG B 15 -61.10 88.64 44.07
CA ARG B 15 -60.56 88.87 45.42
C ARG B 15 -60.08 90.26 45.84
N THR B 16 -60.93 91.21 45.43
CA THR B 16 -60.75 92.67 45.55
C THR B 16 -62.07 93.35 45.14
N GLY B 17 -62.70 92.77 44.13
CA GLY B 17 -63.97 93.23 43.57
C GLY B 17 -63.90 94.06 42.27
N ASP B 18 -62.67 94.29 41.82
CA ASP B 18 -62.35 95.10 40.66
C ASP B 18 -62.53 94.49 39.25
N ALA B 19 -62.77 93.18 39.16
CA ALA B 19 -62.81 92.40 37.90
C ALA B 19 -61.52 92.38 37.06
N LYS B 20 -60.41 92.70 37.76
CA LYS B 20 -59.08 92.72 37.19
C LYS B 20 -58.11 91.78 37.93
N ILE B 21 -57.95 90.56 37.42
CA ILE B 21 -57.14 89.55 38.12
C ILE B 21 -55.64 89.68 37.82
N THR B 22 -54.73 89.23 38.68
CA THR B 22 -53.28 89.38 38.45
C THR B 22 -52.57 88.39 37.53
N LEU B 23 -51.50 88.82 36.87
CA LEU B 23 -50.63 88.00 36.01
C LEU B 23 -50.09 86.69 36.62
N SER B 24 -50.00 86.64 37.95
CA SER B 24 -49.65 85.41 38.64
C SER B 24 -50.87 84.48 38.75
N GLN B 25 -52.03 84.98 39.19
CA GLN B 25 -53.28 84.18 39.23
C GLN B 25 -53.73 83.61 37.89
N VAL B 26 -53.27 84.26 36.84
CA VAL B 26 -53.34 83.83 35.44
C VAL B 26 -53.08 82.34 35.19
N GLY B 27 -51.92 81.89 35.69
CA GLY B 27 -51.48 80.50 35.58
C GLY B 27 -52.35 79.48 36.30
N ASP B 28 -53.01 79.92 37.36
CA ASP B 28 -53.93 79.06 38.11
C ASP B 28 -55.35 79.02 37.54
N ILE B 29 -55.96 80.17 37.18
CA ILE B 29 -57.30 80.19 36.58
C ILE B 29 -57.41 79.34 35.30
N VAL B 30 -56.36 79.38 34.47
CA VAL B 30 -56.26 78.53 33.28
C VAL B 30 -56.38 77.01 33.52
N ARG B 31 -55.95 76.56 34.71
CA ARG B 31 -55.96 75.15 35.10
C ARG B 31 -57.33 74.52 35.35
N ALA B 32 -58.27 75.28 35.93
CA ALA B 32 -59.62 74.76 36.10
C ALA B 32 -60.54 74.99 34.91
N LEU B 33 -60.27 75.98 34.06
CA LEU B 33 -61.06 76.17 32.86
C LEU B 33 -60.77 75.17 31.75
N GLY B 34 -61.31 73.99 32.04
CA GLY B 34 -61.25 72.80 31.21
C GLY B 34 -59.96 71.98 31.24
N GLN B 35 -58.85 72.51 30.75
CA GLN B 35 -57.70 71.65 30.51
C GLN B 35 -56.32 72.17 30.93
N ASN B 36 -55.44 71.23 31.30
CA ASN B 36 -54.08 71.46 31.83
C ASN B 36 -53.13 72.40 31.04
N PRO B 37 -52.33 73.23 31.75
CA PRO B 37 -51.11 73.81 31.16
C PRO B 37 -49.85 73.69 32.03
N THR B 38 -48.64 73.42 31.51
CA THR B 38 -47.47 73.33 32.39
C THR B 38 -46.84 74.68 32.78
N ASN B 39 -46.15 74.75 33.92
CA ASN B 39 -45.43 75.96 34.27
C ASN B 39 -44.00 75.81 33.72
N ALA B 40 -43.83 76.66 32.72
CA ALA B 40 -42.70 76.71 31.78
C ALA B 40 -43.45 77.12 30.53
N GLU B 41 -44.53 76.44 30.11
CA GLU B 41 -45.35 76.90 28.99
C GLU B 41 -46.07 78.22 29.25
N ILE B 42 -46.73 78.35 30.42
CA ILE B 42 -47.34 79.61 30.84
C ILE B 42 -46.25 80.69 30.94
N ASN B 43 -45.14 80.35 31.63
CA ASN B 43 -43.96 81.21 31.73
C ASN B 43 -43.38 81.62 30.36
N LYS B 44 -43.46 80.80 29.31
CA LYS B 44 -42.96 81.15 27.97
C LYS B 44 -43.66 82.34 27.29
N ILE B 45 -44.91 82.17 26.87
CA ILE B 45 -45.55 83.24 26.15
C ILE B 45 -46.64 84.00 26.86
N LEU B 46 -46.29 85.29 26.73
CA LEU B 46 -46.89 86.43 27.40
C LEU B 46 -46.53 86.43 28.89
N GLY B 47 -46.46 85.28 29.58
CA GLY B 47 -45.89 85.18 30.93
C GLY B 47 -44.48 85.80 31.11
N ASN B 48 -43.49 85.37 30.33
CA ASN B 48 -42.14 85.96 30.38
C ASN B 48 -42.00 87.48 30.23
N PRO B 49 -42.83 88.19 29.45
CA PRO B 49 -42.83 89.65 29.58
C PRO B 49 -43.64 90.31 30.68
N SER B 50 -43.09 90.59 31.87
CA SER B 50 -43.84 91.20 32.99
C SER B 50 -44.74 92.40 32.67
N LYS B 51 -44.25 93.52 32.12
CA LYS B 51 -45.10 94.63 31.71
C LYS B 51 -46.15 94.24 30.67
N GLU B 52 -45.78 93.55 29.59
CA GLU B 52 -46.77 93.09 28.61
C GLU B 52 -47.79 92.15 29.24
N GLU B 53 -47.51 91.03 29.92
CA GLU B 53 -48.55 90.21 30.57
C GLU B 53 -49.36 90.98 31.63
N MET B 54 -48.74 91.89 32.37
CA MET B 54 -49.51 92.78 33.24
C MET B 54 -50.48 93.71 32.50
N ASN B 55 -50.13 94.07 31.27
CA ASN B 55 -50.99 94.78 30.34
C ASN B 55 -51.60 93.87 29.24
N ALA B 56 -51.49 92.54 29.46
CA ALA B 56 -52.05 91.48 28.61
C ALA B 56 -52.64 90.25 29.33
N LYS B 57 -52.98 90.39 30.62
CA LYS B 57 -53.77 89.44 31.44
C LYS B 57 -53.88 89.84 32.91
N LYS B 58 -53.01 90.70 33.49
CA LYS B 58 -53.24 91.29 34.82
C LYS B 58 -54.22 92.46 34.64
N ILE B 59 -55.38 91.97 34.30
CA ILE B 59 -56.34 92.79 33.60
C ILE B 59 -57.78 92.31 33.69
N THR B 60 -58.55 92.89 32.81
CA THR B 60 -59.93 92.53 32.53
C THR B 60 -60.01 91.27 31.67
N PHE B 61 -61.22 90.86 31.34
CA PHE B 61 -61.49 89.63 30.61
C PHE B 61 -60.87 89.54 29.21
N GLU B 62 -60.59 90.74 28.66
CA GLU B 62 -60.06 90.98 27.33
C GLU B 62 -58.78 90.27 26.90
N GLU B 63 -57.95 90.00 27.90
CA GLU B 63 -56.71 89.29 27.66
C GLU B 63 -56.68 87.93 28.37
N PHE B 64 -57.52 87.76 29.39
CA PHE B 64 -57.74 86.45 29.98
C PHE B 64 -58.14 85.40 28.97
N LEU B 65 -59.23 85.73 28.28
CA LEU B 65 -59.86 84.87 27.28
C LEU B 65 -58.94 84.52 26.09
N PRO B 66 -58.32 85.45 25.34
CA PRO B 66 -57.23 85.05 24.44
C PRO B 66 -56.06 84.24 25.01
N MET B 67 -55.46 84.51 26.18
CA MET B 67 -54.44 83.61 26.75
C MET B 67 -54.93 82.18 26.97
N LEU B 68 -56.13 82.07 27.54
CA LEU B 68 -56.77 80.79 27.79
C LEU B 68 -57.00 79.97 26.51
N GLN B 69 -57.46 80.63 25.45
CA GLN B 69 -57.57 79.99 24.14
C GLN B 69 -56.22 79.53 23.59
N ALA B 70 -55.17 80.35 23.69
CA ALA B 70 -53.82 79.94 23.31
C ALA B 70 -53.38 78.62 23.96
N ALA B 71 -53.63 78.48 25.27
CA ALA B 71 -53.43 77.20 25.95
C ALA B 71 -54.34 76.11 25.36
N ALA B 72 -55.64 76.38 25.15
CA ALA B 72 -56.59 75.42 24.53
C ALA B 72 -56.12 74.66 23.29
N ASN B 73 -55.33 75.33 22.45
CA ASN B 73 -54.70 74.70 21.27
C ASN B 73 -53.69 73.56 21.54
N ASN B 74 -52.83 73.65 22.55
CA ASN B 74 -51.84 72.58 22.80
C ASN B 74 -52.34 71.39 23.63
N LYS B 75 -53.54 71.52 24.19
CA LYS B 75 -54.07 70.55 25.12
C LYS B 75 -54.38 69.12 24.68
N ASP B 76 -54.21 68.77 23.40
CA ASP B 76 -54.26 67.39 22.89
C ASP B 76 -53.43 66.38 23.72
N GLN B 77 -52.34 66.89 24.33
CA GLN B 77 -51.50 66.14 25.27
C GLN B 77 -52.24 65.59 26.51
N GLY B 78 -53.54 65.87 26.65
CA GLY B 78 -54.41 65.27 27.66
C GLY B 78 -54.55 63.76 27.52
N THR B 79 -54.09 63.17 26.39
CA THR B 79 -54.03 61.73 26.14
C THR B 79 -53.51 60.91 27.32
N PHE B 80 -54.30 59.99 27.87
CA PHE B 80 -53.90 59.24 29.05
C PHE B 80 -52.92 58.10 28.81
N GLU B 81 -52.82 57.60 27.57
CA GLU B 81 -52.00 56.45 27.18
C GLU B 81 -50.63 56.37 27.87
N ASP B 82 -49.74 57.31 27.58
CA ASP B 82 -48.42 57.40 28.21
C ASP B 82 -48.42 57.55 29.75
N PHE B 83 -49.50 58.06 30.33
CA PHE B 83 -49.51 58.45 31.74
C PHE B 83 -49.99 57.52 32.85
N VAL B 84 -50.19 56.25 32.48
CA VAL B 84 -50.35 55.17 33.45
C VAL B 84 -49.05 54.36 33.30
N GLU B 85 -48.63 54.20 32.04
CA GLU B 85 -47.39 53.54 31.66
C GLU B 85 -46.10 54.13 32.26
N GLY B 86 -45.93 55.45 32.18
CA GLY B 86 -44.80 56.17 32.77
C GLY B 86 -44.66 55.91 34.26
N LEU B 87 -45.81 55.86 34.93
CA LEU B 87 -45.86 55.51 36.32
C LEU B 87 -45.37 54.08 36.52
N ARG B 88 -45.94 53.02 35.93
CA ARG B 88 -45.39 51.65 36.05
C ARG B 88 -43.86 51.50 35.89
N VAL B 89 -43.19 52.40 35.17
CA VAL B 89 -41.73 52.40 35.04
C VAL B 89 -40.96 52.67 36.35
N PHE B 90 -41.52 53.41 37.30
CA PHE B 90 -40.84 53.64 38.57
C PHE B 90 -40.85 52.38 39.46
N ASP B 91 -42.00 51.82 39.84
CA ASP B 91 -42.01 50.63 40.70
C ASP B 91 -42.60 49.28 40.17
N LYS B 92 -42.27 48.83 38.95
CA LYS B 92 -42.75 47.55 38.36
C LYS B 92 -42.42 46.15 38.95
N GLU B 93 -43.23 45.63 39.88
CA GLU B 93 -43.00 44.30 40.48
C GLU B 93 -44.28 43.45 40.55
N GLY B 94 -44.96 43.29 39.41
CA GLY B 94 -46.22 42.55 39.34
C GLY B 94 -47.37 43.44 38.88
N ASN B 95 -48.27 43.83 39.78
CA ASN B 95 -49.37 44.75 39.42
C ASN B 95 -48.94 46.21 39.30
N GLY B 96 -49.80 47.22 39.16
CA GLY B 96 -49.35 48.62 39.18
C GLY B 96 -48.87 49.10 40.56
N THR B 97 -47.79 48.50 41.05
CA THR B 97 -47.21 48.74 42.36
C THR B 97 -46.35 49.98 42.45
N VAL B 98 -46.56 50.84 43.43
CA VAL B 98 -45.72 52.01 43.70
C VAL B 98 -45.25 52.03 45.15
N MET B 99 -44.25 52.79 45.56
CA MET B 99 -44.01 53.03 46.97
C MET B 99 -44.23 54.51 47.26
N GLY B 100 -44.91 54.82 48.36
CA GLY B 100 -45.19 56.20 48.78
C GLY B 100 -44.01 57.16 48.62
N ALA B 101 -42.89 56.79 49.25
CA ALA B 101 -41.64 57.54 49.19
C ALA B 101 -41.12 57.95 47.82
N GLU B 102 -41.17 57.04 46.85
CA GLU B 102 -40.72 57.30 45.50
C GLU B 102 -41.60 58.33 44.80
N LEU B 103 -42.93 58.17 44.68
CA LEU B 103 -43.76 59.23 44.11
C LEU B 103 -43.68 60.57 44.87
N ARG B 104 -43.74 60.55 46.21
CA ARG B 104 -43.59 61.77 47.03
C ARG B 104 -42.34 62.60 46.74
N HIS B 105 -41.14 62.00 46.75
CA HIS B 105 -39.95 62.77 46.43
C HIS B 105 -39.84 63.10 44.94
N VAL B 106 -40.06 62.14 44.03
CA VAL B 106 -39.99 62.40 42.59
C VAL B 106 -40.90 63.56 42.12
N LEU B 107 -42.08 63.67 42.71
CA LEU B 107 -42.99 64.78 42.40
C LEU B 107 -42.88 66.02 43.30
N ALA B 108 -41.77 66.18 44.02
CA ALA B 108 -41.48 67.36 44.82
C ALA B 108 -40.12 67.95 44.44
N THR B 109 -39.14 67.07 44.19
CA THR B 109 -37.78 67.42 43.80
C THR B 109 -37.46 67.52 42.32
N LEU B 110 -38.19 66.84 41.43
CA LEU B 110 -37.84 66.83 40.00
C LEU B 110 -38.62 67.66 38.98
N GLY B 111 -37.97 68.02 37.87
CA GLY B 111 -38.58 68.81 36.79
C GLY B 111 -39.22 70.14 37.20
N GLU B 112 -40.53 70.14 37.32
CA GLU B 112 -41.28 71.32 37.70
C GLU B 112 -41.52 71.51 39.20
N LYS B 113 -41.04 70.59 40.07
CA LYS B 113 -41.24 70.57 41.53
C LYS B 113 -42.73 70.37 41.90
N MET B 114 -43.12 70.46 43.15
CA MET B 114 -44.50 70.55 43.66
C MET B 114 -44.31 70.74 45.14
N THR B 115 -45.03 71.58 45.87
CA THR B 115 -44.75 71.72 47.30
C THR B 115 -45.13 70.45 48.05
N GLU B 116 -44.40 70.13 49.12
CA GLU B 116 -44.70 68.95 49.93
C GLU B 116 -46.18 68.91 50.36
N GLU B 117 -46.70 70.07 50.77
CA GLU B 117 -48.13 70.29 51.04
C GLU B 117 -49.04 69.81 49.89
N GLU B 118 -48.85 70.31 48.66
CA GLU B 118 -49.59 69.87 47.48
C GLU B 118 -49.46 68.36 47.20
N VAL B 119 -48.26 67.78 47.30
CA VAL B 119 -48.07 66.34 47.13
C VAL B 119 -48.82 65.54 48.21
N GLU B 120 -48.71 65.87 49.50
CA GLU B 120 -49.48 65.27 50.60
C GLU B 120 -50.99 65.31 50.29
N GLU B 121 -51.44 66.44 49.77
CA GLU B 121 -52.78 66.60 49.25
C GLU B 121 -53.18 65.83 48.00
N LEU B 122 -52.24 65.39 47.15
CA LEU B 122 -52.54 64.46 46.06
C LEU B 122 -52.70 63.04 46.62
N MET B 123 -51.91 62.73 47.63
CA MET B 123 -51.99 61.46 48.35
C MET B 123 -53.15 61.36 49.37
N LYS B 124 -54.29 62.01 49.08
CA LYS B 124 -55.47 62.05 49.96
C LYS B 124 -56.17 60.71 50.27
N GLY B 125 -55.57 59.88 51.14
CA GLY B 125 -56.15 58.58 51.50
C GLY B 125 -56.27 57.59 50.33
N GLN B 126 -55.25 57.61 49.47
CA GLN B 126 -55.15 56.67 48.36
C GLN B 126 -53.96 55.70 48.50
N GLU B 127 -53.17 55.99 49.54
CA GLU B 127 -51.99 55.22 49.94
C GLU B 127 -52.05 54.78 51.41
N ASP B 128 -53.00 53.90 51.69
CA ASP B 128 -53.13 53.35 53.03
C ASP B 128 -51.92 52.59 53.58
N SER B 129 -51.99 52.21 54.86
CA SER B 129 -50.93 51.49 55.60
C SER B 129 -49.93 50.51 54.93
N ASN B 130 -50.29 49.97 53.77
CA ASN B 130 -49.48 49.01 53.03
C ASN B 130 -48.14 49.52 52.45
N GLY B 131 -47.87 50.82 52.42
CA GLY B 131 -46.59 51.35 51.89
C GLY B 131 -46.59 51.51 50.37
N CYS B 132 -47.09 50.46 49.72
CA CYS B 132 -47.33 50.42 48.29
C CYS B 132 -48.63 51.07 47.85
N ILE B 133 -48.50 51.84 46.80
CA ILE B 133 -49.62 52.54 46.21
C ILE B 133 -50.07 51.87 44.90
N ASN B 134 -51.34 51.88 44.47
CA ASN B 134 -51.74 51.24 43.21
C ASN B 134 -51.92 52.14 41.96
N TYR B 135 -50.84 52.38 41.21
CA TYR B 135 -50.79 53.26 40.02
C TYR B 135 -52.02 53.54 39.17
N GLU B 136 -52.61 52.46 38.68
CA GLU B 136 -53.77 52.47 37.80
C GLU B 136 -54.97 53.22 38.34
N ALA B 137 -55.17 53.14 39.65
CA ALA B 137 -56.24 53.86 40.31
C ALA B 137 -55.93 55.34 40.47
N PHE B 138 -54.67 55.73 40.66
CA PHE B 138 -54.32 57.14 40.81
C PHE B 138 -54.52 57.93 39.55
N VAL B 139 -54.04 57.46 38.41
CA VAL B 139 -54.28 58.17 37.14
C VAL B 139 -55.78 58.38 36.94
N LYS B 140 -56.64 57.38 37.22
CA LYS B 140 -58.08 57.58 37.20
C LYS B 140 -58.58 58.64 38.20
N HIS B 141 -58.21 58.62 39.49
CA HIS B 141 -58.62 59.66 40.46
C HIS B 141 -58.02 61.06 40.28
N ILE B 142 -56.87 61.11 39.62
CA ILE B 142 -56.18 62.33 39.23
C ILE B 142 -56.97 62.88 38.04
N MET B 143 -57.09 62.14 36.93
CA MET B 143 -57.85 62.59 35.77
C MET B 143 -59.36 62.79 35.98
N SER B 144 -59.91 62.26 37.08
CA SER B 144 -61.33 62.37 37.45
C SER B 144 -61.96 63.71 37.88
N VAL B 145 -61.33 64.86 37.63
CA VAL B 145 -62.02 66.10 37.96
C VAL B 145 -62.85 66.61 36.77
N ASP C 1 2.49 55.02 58.76
CA ASP C 1 3.35 55.62 59.77
C ASP C 1 3.27 54.85 61.05
N ALA C 2 2.05 54.81 61.59
CA ALA C 2 1.78 54.07 62.80
C ALA C 2 2.14 52.63 62.55
N GLU C 3 1.61 52.11 61.44
CA GLU C 3 1.85 50.76 61.00
C GLU C 3 3.32 50.45 60.90
N MET C 4 3.97 51.16 59.98
CA MET C 4 5.37 51.02 59.75
C MET C 4 6.16 51.27 61.01
N ALA C 5 6.87 50.23 61.37
CA ALA C 5 7.71 50.21 62.50
C ALA C 5 8.63 49.05 62.27
N ALA C 6 7.95 47.93 61.95
CA ALA C 6 8.60 46.67 61.65
C ALA C 6 9.81 46.92 60.76
N PHE C 7 9.53 47.68 59.68
CA PHE C 7 10.55 48.06 58.74
C PHE C 7 11.34 49.19 59.32
N GLY C 8 10.56 50.21 59.64
CA GLY C 8 11.09 51.40 60.20
C GLY C 8 12.18 51.93 59.28
N GLU C 9 13.39 51.42 59.47
CA GLU C 9 14.51 51.88 58.68
C GLU C 9 14.35 51.67 57.19
N ALA C 10 13.62 50.63 56.80
CA ALA C 10 13.42 50.32 55.40
C ALA C 10 12.29 51.13 54.79
N ALA C 11 11.35 51.46 55.67
CA ALA C 11 10.13 52.19 55.38
C ALA C 11 10.22 53.16 54.24
N PRO C 12 11.16 54.07 54.33
CA PRO C 12 11.31 55.08 53.31
C PRO C 12 11.45 54.55 51.91
N TYR C 13 11.90 53.29 51.79
CA TYR C 13 12.15 52.64 50.50
C TYR C 13 11.04 51.72 50.07
N LEU C 14 10.08 51.56 50.99
CA LEU C 14 8.89 50.75 50.82
C LEU C 14 7.64 51.58 50.63
N ARG C 15 7.50 52.53 51.56
CA ARG C 15 6.42 53.47 51.59
C ARG C 15 6.87 54.85 51.94
N LYS C 16 6.01 55.84 51.67
CA LYS C 16 6.32 57.23 51.95
C LYS C 16 5.55 57.80 53.14
N SER C 17 6.09 58.85 53.76
CA SER C 17 5.42 59.41 54.93
C SER C 17 4.02 59.82 54.57
N GLU C 18 3.13 59.59 55.51
CA GLU C 18 1.71 59.92 55.35
C GLU C 18 1.36 61.32 54.96
N LYS C 19 2.32 62.16 54.67
CA LYS C 19 1.92 63.47 54.26
C LYS C 19 2.56 63.71 52.91
N GLU C 20 3.67 62.95 52.74
CA GLU C 20 4.40 62.99 51.49
C GLU C 20 3.41 62.51 50.46
N ARG C 21 2.62 61.59 50.98
CA ARG C 21 1.57 60.98 50.22
C ARG C 21 0.55 62.07 49.98
N ILE C 22 -0.03 62.45 51.12
CA ILE C 22 -1.04 63.48 51.21
C ILE C 22 -0.73 64.75 50.45
N GLU C 23 0.50 65.17 50.52
CA GLU C 23 0.94 66.34 49.82
C GLU C 23 1.02 66.12 48.32
N ALA C 24 0.97 64.85 47.96
CA ALA C 24 1.08 64.48 46.57
C ALA C 24 -0.24 64.18 45.89
N GLN C 25 -1.12 63.50 46.63
CA GLN C 25 -2.42 63.14 46.08
C GLN C 25 -3.38 64.32 46.09
N ASN C 26 -3.20 65.19 47.08
CA ASN C 26 -4.05 66.33 47.28
C ASN C 26 -3.33 67.57 46.79
N LYS C 27 -3.39 67.75 45.49
CA LYS C 27 -2.78 68.86 44.84
C LYS C 27 -3.59 69.24 43.62
N PRO C 28 -3.34 70.43 43.09
CA PRO C 28 -4.09 70.89 41.94
C PRO C 28 -3.86 70.06 40.70
N PHE C 29 -4.96 69.78 39.98
CA PHE C 29 -4.90 69.03 38.74
C PHE C 29 -5.90 69.50 37.66
N ASP C 30 -5.40 69.70 36.44
CA ASP C 30 -6.28 70.06 35.32
C ASP C 30 -6.32 68.97 34.25
N ALA C 31 -7.24 68.05 34.44
CA ALA C 31 -7.39 66.95 33.53
C ALA C 31 -7.42 67.28 32.03
N LYS C 32 -8.40 68.06 31.64
CA LYS C 32 -8.60 68.42 30.26
C LYS C 32 -7.36 68.98 29.57
N SER C 33 -6.37 69.41 30.34
CA SER C 33 -5.22 69.99 29.70
C SER C 33 -3.96 69.21 29.89
N SER C 34 -3.80 68.64 31.11
CA SER C 34 -2.62 67.84 31.42
C SER C 34 -2.56 66.51 30.63
N VAL C 35 -1.42 66.22 30.04
CA VAL C 35 -1.29 65.05 29.21
C VAL C 35 0.12 64.52 29.05
N PHE C 36 0.21 63.29 28.52
CA PHE C 36 1.49 62.61 28.18
C PHE C 36 1.59 62.67 26.68
N VAL C 37 2.79 62.71 26.13
CA VAL C 37 2.87 62.77 24.66
C VAL C 37 4.13 62.13 24.08
N VAL C 38 3.99 61.80 22.80
CA VAL C 38 5.04 61.18 22.02
C VAL C 38 6.19 62.11 21.95
N HIS C 39 7.38 61.57 21.67
CA HIS C 39 8.51 62.46 21.57
C HIS C 39 9.68 61.83 20.87
N PRO C 40 10.02 62.41 19.74
CA PRO C 40 11.08 61.94 18.91
C PRO C 40 12.38 61.56 19.61
N LYS C 41 12.89 62.42 20.50
CA LYS C 41 14.12 62.09 21.20
C LYS C 41 13.83 61.26 22.45
N GLU C 42 13.14 61.87 23.41
CA GLU C 42 12.75 61.12 24.59
C GLU C 42 11.44 60.45 24.25
N SER C 43 11.30 59.21 24.65
CA SER C 43 10.13 58.39 24.32
C SER C 43 8.76 59.04 24.43
N PHE C 44 8.47 59.45 25.63
CA PHE C 44 7.20 60.08 26.00
C PHE C 44 7.50 61.06 27.08
N VAL C 45 7.20 62.31 26.88
CA VAL C 45 7.44 63.22 27.95
C VAL C 45 6.10 63.84 28.26
N LYS C 46 5.99 64.55 29.41
CA LYS C 46 4.71 65.16 29.76
C LYS C 46 4.58 66.60 29.31
N GLY C 47 3.33 67.04 29.21
CA GLY C 47 3.07 68.38 28.81
C GLY C 47 1.65 68.78 29.05
N THR C 48 1.41 70.05 28.68
CA THR C 48 0.13 70.67 28.80
C THR C 48 -0.39 70.96 27.40
N ILE C 49 -1.65 70.63 27.18
CA ILE C 49 -2.25 70.91 25.91
C ILE C 49 -2.49 72.41 25.75
N GLN C 50 -2.02 72.95 24.63
CA GLN C 50 -2.17 74.34 24.35
C GLN C 50 -3.38 74.55 23.46
N SER C 51 -3.28 74.03 22.25
CA SER C 51 -4.37 74.23 21.33
C SER C 51 -4.90 72.92 20.82
N LYS C 52 -5.71 72.99 19.77
CA LYS C 52 -6.27 71.81 19.17
C LYS C 52 -6.51 72.04 17.67
N GLU C 53 -5.69 71.37 16.84
CA GLU C 53 -5.75 71.48 15.39
C GLU C 53 -6.82 70.62 14.67
N GLY C 54 -7.85 70.25 15.42
CA GLY C 54 -8.97 69.45 14.93
C GLY C 54 -8.70 67.96 14.84
N GLY C 55 -7.42 67.59 14.96
CA GLY C 55 -6.95 66.21 14.87
C GLY C 55 -5.45 66.18 14.89
N LYS C 56 -4.95 67.26 15.47
CA LYS C 56 -3.56 67.54 15.68
C LYS C 56 -3.53 68.18 17.03
N VAL C 57 -2.38 68.12 17.67
CA VAL C 57 -2.32 68.70 18.96
C VAL C 57 -1.03 69.40 19.19
N THR C 58 -1.12 70.58 19.79
CA THR C 58 0.08 71.31 20.12
C THR C 58 0.24 71.28 21.60
N VAL C 59 1.43 70.89 22.05
CA VAL C 59 1.63 70.83 23.48
C VAL C 59 2.91 71.43 23.97
N LYS C 60 2.81 71.96 25.17
CA LYS C 60 3.97 72.50 25.81
C LYS C 60 4.64 71.34 26.45
N THR C 61 5.81 71.56 26.97
CA THR C 61 6.54 70.47 27.55
C THR C 61 6.90 70.81 28.95
N GLU C 62 7.52 69.84 29.53
CA GLU C 62 8.09 69.92 30.82
C GLU C 62 9.56 69.89 30.56
N GLY C 63 10.05 71.08 30.34
CA GLY C 63 11.43 71.37 30.01
C GLY C 63 11.36 72.55 29.11
N GLY C 64 10.15 72.64 28.48
CA GLY C 64 9.85 73.77 27.63
C GLY C 64 10.12 73.39 26.21
N GLU C 65 9.03 73.00 25.55
CA GLU C 65 9.11 72.59 24.17
C GLU C 65 7.70 72.57 23.66
N THR C 66 7.59 72.84 22.36
CA THR C 66 6.29 72.85 21.80
C THR C 66 6.28 71.98 20.56
N LEU C 67 5.34 71.02 20.53
CA LEU C 67 5.21 70.07 19.43
C LEU C 67 3.78 69.90 18.99
N THR C 68 3.55 69.77 17.68
CA THR C 68 2.20 69.55 17.24
C THR C 68 2.15 68.14 16.77
N VAL C 69 1.55 67.32 17.58
CA VAL C 69 1.49 65.92 17.30
C VAL C 69 0.06 65.40 17.17
N LYS C 70 -0.12 64.33 16.39
CA LYS C 70 -1.41 63.68 16.12
C LYS C 70 -2.31 63.62 17.34
N GLU C 71 -3.54 63.18 17.11
CA GLU C 71 -4.47 63.06 18.20
C GLU C 71 -4.10 61.87 19.06
N ASP C 72 -3.63 60.82 18.39
CA ASP C 72 -3.21 59.65 19.14
C ASP C 72 -1.74 59.52 19.43
N GLN C 73 -1.14 60.65 19.64
CA GLN C 73 0.24 60.73 19.98
C GLN C 73 0.23 61.38 21.35
N VAL C 74 -1.04 61.61 21.71
CA VAL C 74 -1.48 62.25 22.93
C VAL C 74 -2.24 61.28 23.85
N PHE C 75 -1.80 61.23 25.09
CA PHE C 75 -2.35 60.37 26.11
C PHE C 75 -2.57 61.07 27.42
N SER C 76 -3.76 60.83 27.97
CA SER C 76 -4.20 61.38 29.22
C SER C 76 -3.21 61.15 30.32
N MET C 77 -3.44 61.80 31.46
CA MET C 77 -2.59 61.73 32.61
C MET C 77 -3.40 61.53 33.89
N ASN C 78 -3.04 60.54 34.66
CA ASN C 78 -3.76 60.23 35.84
C ASN C 78 -3.79 61.32 36.87
N PRO C 79 -4.95 61.44 37.53
CA PRO C 79 -5.11 62.41 38.60
C PRO C 79 -4.04 62.07 39.58
N PRO C 80 -3.70 63.06 40.33
CA PRO C 80 -2.65 62.97 41.30
C PRO C 80 -2.90 61.86 42.32
N LYS C 81 -4.15 61.47 42.42
CA LYS C 81 -4.49 60.42 43.37
C LYS C 81 -3.66 59.18 43.14
N TYR C 82 -3.21 59.04 41.91
CA TYR C 82 -2.38 57.91 41.50
C TYR C 82 -0.98 58.38 41.28
N ASP C 83 -0.26 58.63 42.38
CA ASP C 83 1.05 59.17 42.20
C ASP C 83 2.10 58.09 42.01
N LYS C 84 2.29 57.34 43.11
CA LYS C 84 3.26 56.27 43.11
C LYS C 84 2.63 55.00 43.60
N ILE C 85 1.55 54.71 42.88
CA ILE C 85 0.68 53.59 43.06
C ILE C 85 1.43 52.29 43.15
N GLU C 86 1.11 51.58 44.19
CA GLU C 86 1.65 50.28 44.44
C GLU C 86 1.35 49.32 43.33
N ASP C 87 0.13 49.47 42.77
CA ASP C 87 -0.37 48.62 41.72
C ASP C 87 -0.85 49.44 40.58
N MET C 88 -0.02 49.62 39.59
CA MET C 88 -0.36 50.42 38.47
C MET C 88 -1.62 50.03 37.83
N ALA C 89 -1.98 48.80 38.03
CA ALA C 89 -3.22 48.27 37.44
C ALA C 89 -4.46 48.77 38.13
N MET C 90 -4.26 49.73 39.03
CA MET C 90 -5.39 50.28 39.70
C MET C 90 -5.67 51.64 39.12
N MET C 91 -4.70 52.10 38.38
CA MET C 91 -4.80 53.32 37.67
C MET C 91 -6.00 53.26 36.77
N THR C 92 -6.57 54.44 36.47
CA THR C 92 -7.75 54.52 35.63
C THR C 92 -7.32 54.87 34.27
N HIS C 93 -5.99 54.89 34.13
CA HIS C 93 -5.39 55.21 32.85
C HIS C 93 -4.27 54.26 32.50
N LEU C 94 -4.69 53.23 31.76
CA LEU C 94 -3.90 52.15 31.29
C LEU C 94 -3.35 52.46 29.91
N HIS C 95 -2.21 53.11 29.96
CA HIS C 95 -1.48 53.55 28.81
C HIS C 95 -0.15 52.93 28.83
N GLU C 96 0.59 53.36 27.85
CA GLU C 96 1.96 52.96 27.78
C GLU C 96 2.78 53.93 28.67
N PRO C 97 2.59 55.24 28.47
CA PRO C 97 3.31 56.22 29.23
C PRO C 97 3.10 56.19 30.74
N ALA C 98 1.86 56.15 31.13
CA ALA C 98 1.58 56.13 32.55
C ALA C 98 2.25 55.03 33.29
N VAL C 99 2.59 53.96 32.59
CA VAL C 99 3.24 52.87 33.27
C VAL C 99 4.70 53.14 33.41
N LEU C 100 5.24 53.67 32.38
CA LEU C 100 6.65 54.00 32.39
C LEU C 100 6.84 55.00 33.50
N TYR C 101 6.02 56.03 33.43
CA TYR C 101 6.08 57.11 34.37
C TYR C 101 5.91 56.78 35.81
N ASN C 102 5.09 55.78 36.13
CA ASN C 102 4.89 55.39 37.54
C ASN C 102 6.07 54.72 38.10
N LEU C 103 6.65 53.91 37.28
CA LEU C 103 7.79 53.12 37.72
C LEU C 103 8.86 54.09 38.06
N LYS C 104 9.15 54.90 37.04
CA LYS C 104 10.14 55.98 37.10
C LYS C 104 10.02 56.85 38.31
N GLU C 105 8.82 57.34 38.62
CA GLU C 105 8.70 58.23 39.74
C GLU C 105 9.03 57.59 41.07
N ARG C 106 8.60 56.34 41.27
CA ARG C 106 8.85 55.70 42.54
C ARG C 106 10.19 55.12 42.70
N TYR C 107 11.00 55.39 41.69
CA TYR C 107 12.35 54.89 41.63
C TYR C 107 13.25 56.04 42.01
N ALA C 108 12.90 57.20 41.47
CA ALA C 108 13.61 58.44 41.76
C ALA C 108 13.44 58.74 43.25
N ALA C 109 12.53 57.98 43.87
CA ALA C 109 12.22 58.09 45.26
C ALA C 109 12.75 56.87 45.96
N TRP C 110 13.48 56.11 45.18
CA TRP C 110 14.08 54.90 45.70
C TRP C 110 13.11 53.85 46.10
N MET C 111 12.02 53.69 45.36
CA MET C 111 11.20 52.53 45.60
C MET C 111 11.35 51.57 44.40
N ILE C 112 12.00 50.44 44.67
CA ILE C 112 12.27 49.47 43.62
C ILE C 112 11.14 48.48 43.37
N TYR C 113 10.23 48.34 44.29
CA TYR C 113 9.15 47.42 44.10
C TYR C 113 7.82 48.03 43.92
N THR C 114 7.38 47.92 42.69
CA THR C 114 6.07 48.37 42.34
C THR C 114 5.30 47.25 41.64
N TYR C 115 4.02 46.97 41.95
CA TYR C 115 3.26 45.89 41.28
C TYR C 115 2.54 46.41 40.07
N SER C 116 2.34 45.53 39.06
CA SER C 116 1.64 45.87 37.80
C SER C 116 0.66 44.82 37.46
N GLY C 117 -0.22 44.53 38.38
CA GLY C 117 -1.18 43.53 38.18
C GLY C 117 -0.80 42.43 39.08
N LEU C 118 -0.31 41.38 38.50
CA LEU C 118 0.05 40.23 39.31
C LEU C 118 1.52 40.27 39.51
N PHE C 119 2.13 40.96 38.56
CA PHE C 119 3.56 41.08 38.60
C PHE C 119 4.09 41.82 39.75
N CYS C 120 5.33 41.65 39.92
CA CYS C 120 6.07 42.32 40.94
C CYS C 120 7.26 42.90 40.27
N VAL C 121 7.06 44.09 39.75
CA VAL C 121 8.16 44.71 39.11
C VAL C 121 9.28 44.99 40.07
N THR C 122 10.50 44.89 39.62
CA THR C 122 11.71 45.14 40.43
C THR C 122 12.76 45.86 39.63
N VAL C 123 13.20 46.98 40.14
CA VAL C 123 14.22 47.76 39.44
C VAL C 123 15.55 47.75 40.16
N ASN C 124 16.64 47.53 39.37
CA ASN C 124 17.98 47.48 39.92
C ASN C 124 18.40 48.76 40.64
N PRO C 125 18.62 48.69 41.96
CA PRO C 125 18.96 49.90 42.68
C PRO C 125 20.29 50.50 42.24
N TYR C 126 21.25 49.65 42.11
CA TYR C 126 22.60 50.02 41.71
C TYR C 126 23.36 50.63 42.83
N LYS C 127 22.81 50.34 43.98
CA LYS C 127 23.36 50.78 45.23
C LYS C 127 22.74 49.93 46.33
N TRP C 128 23.10 50.16 47.61
CA TRP C 128 22.61 49.33 48.72
C TRP C 128 21.35 49.85 49.39
N LEU C 129 20.54 48.88 49.87
CA LEU C 129 19.28 49.23 50.52
C LEU C 129 18.99 48.30 51.72
N PRO C 130 18.38 48.89 52.74
CA PRO C 130 18.00 48.18 53.94
C PRO C 130 16.81 47.30 53.70
N VAL C 131 16.52 46.98 52.45
CA VAL C 131 15.33 46.19 52.15
C VAL C 131 15.40 44.72 52.44
N TYR C 132 16.59 44.18 52.34
CA TYR C 132 16.75 42.77 52.49
C TYR C 132 16.92 42.48 53.93
N ASN C 133 16.70 43.59 54.65
CA ASN C 133 16.76 43.70 56.09
C ASN C 133 15.96 42.72 56.85
N PRO C 134 16.73 42.14 57.70
CA PRO C 134 16.37 41.10 58.60
C PRO C 134 15.18 41.51 59.44
N LYS C 135 14.73 42.72 59.31
CA LYS C 135 13.56 43.10 60.09
C LYS C 135 12.38 42.93 59.21
N VAL C 136 12.65 43.23 57.95
CA VAL C 136 11.62 43.19 56.95
C VAL C 136 11.03 41.82 56.78
N VAL C 137 11.96 40.88 56.69
CA VAL C 137 11.69 39.49 56.55
C VAL C 137 10.52 39.06 57.43
N LEU C 138 10.53 39.50 58.68
CA LEU C 138 9.47 39.20 59.65
C LEU C 138 8.22 39.93 59.32
N ALA C 139 8.45 41.21 59.03
CA ALA C 139 7.37 42.11 58.74
C ALA C 139 6.43 41.58 57.69
N TYR C 140 7.03 41.01 56.64
CA TYR C 140 6.30 40.49 55.54
C TYR C 140 5.73 39.11 55.80
N ARG C 141 6.00 38.66 56.99
CA ARG C 141 5.60 37.36 57.45
C ARG C 141 4.17 37.30 57.96
N GLY C 142 3.30 36.62 57.19
CA GLY C 142 1.89 36.39 57.48
C GLY C 142 0.95 37.49 56.94
N LYS C 143 1.45 38.31 56.02
CA LYS C 143 0.76 39.45 55.43
C LYS C 143 0.29 39.37 53.99
N LYS C 144 -1.02 39.53 53.75
CA LYS C 144 -1.47 39.60 52.36
C LYS C 144 -0.86 40.83 51.70
N ARG C 145 -0.74 40.84 50.36
CA ARG C 145 -0.08 41.97 49.73
C ARG C 145 -0.84 43.25 49.79
N GLN C 146 -1.94 43.24 50.53
CA GLN C 146 -2.73 44.44 50.65
C GLN C 146 -2.51 45.05 52.02
N GLU C 147 -1.93 44.24 52.89
CA GLU C 147 -1.56 44.61 54.25
C GLU C 147 -0.15 45.19 54.33
N ALA C 148 0.58 45.14 53.22
CA ALA C 148 1.91 45.64 53.13
C ALA C 148 2.26 46.17 51.71
N PRO C 149 3.26 47.05 51.68
CA PRO C 149 3.71 47.68 50.45
C PRO C 149 4.42 46.70 49.49
N PRO C 150 4.49 47.06 48.23
CA PRO C 150 5.14 46.26 47.23
C PRO C 150 6.57 45.86 47.55
N HIS C 151 6.70 44.53 47.60
CA HIS C 151 7.93 43.82 47.88
C HIS C 151 7.84 42.30 47.59
N ILE C 152 8.97 41.77 47.22
CA ILE C 152 9.23 40.40 46.86
C ILE C 152 8.96 39.42 47.94
N PHE C 153 9.16 39.83 49.16
CA PHE C 153 8.89 38.92 50.19
C PHE C 153 7.37 38.82 50.21
N SER C 154 6.70 39.78 49.62
CA SER C 154 5.26 39.69 49.68
C SER C 154 4.87 38.52 48.90
N ILE C 155 5.46 38.47 47.71
CA ILE C 155 5.14 37.40 46.79
C ILE C 155 5.49 36.08 47.44
N SER C 156 6.73 36.06 47.92
CA SER C 156 7.32 34.91 48.52
C SER C 156 6.66 34.43 49.76
N ASP C 157 5.97 35.27 50.42
CA ASP C 157 5.35 34.78 51.64
C ASP C 157 3.99 34.25 51.31
N ASN C 158 3.36 35.01 50.44
CA ASN C 158 2.03 34.67 50.05
C ASN C 158 2.00 33.31 49.46
N ALA C 159 3.08 33.01 48.75
CA ALA C 159 3.20 31.70 48.13
C ALA C 159 3.06 30.63 49.16
N TYR C 160 3.91 30.78 50.15
CA TYR C 160 3.96 29.93 51.31
C TYR C 160 2.60 29.78 51.95
N GLN C 161 2.00 30.91 52.19
CA GLN C 161 0.69 30.96 52.81
C GLN C 161 -0.18 30.04 52.03
N PHE C 162 -0.47 30.56 50.86
CA PHE C 162 -1.24 29.93 49.87
C PHE C 162 -0.93 28.48 49.75
N MET C 163 0.34 28.19 49.95
CA MET C 163 0.77 26.85 49.84
C MET C 163 0.01 26.04 50.86
N LEU C 164 0.14 26.43 52.12
CA LEU C 164 -0.58 25.70 53.17
C LEU C 164 -2.09 25.91 53.18
N THR C 165 -2.56 27.10 52.81
CA THR C 165 -3.97 27.38 52.81
C THR C 165 -4.78 26.57 51.80
N ASP C 166 -4.33 26.61 50.53
CA ASP C 166 -5.00 25.92 49.43
C ASP C 166 -4.55 24.46 49.16
N ARG C 167 -3.43 24.08 49.76
CA ARG C 167 -2.90 22.74 49.56
C ARG C 167 -2.53 22.50 48.12
N GLU C 168 -2.00 23.53 47.49
CA GLU C 168 -1.54 23.49 46.11
C GLU C 168 -0.10 23.86 46.03
N ASN C 169 0.54 23.40 44.98
CA ASN C 169 1.95 23.77 44.87
C ASN C 169 2.02 25.12 44.24
N GLN C 170 3.19 25.73 44.43
CA GLN C 170 3.38 27.08 43.97
C GLN C 170 4.56 27.25 43.04
N SER C 171 4.66 28.46 42.47
CA SER C 171 5.79 28.82 41.62
C SER C 171 5.99 30.30 41.61
N ILE C 172 7.22 30.65 41.28
CA ILE C 172 7.64 32.00 41.19
C ILE C 172 8.45 32.10 39.94
N LEU C 173 8.03 32.95 39.04
CA LEU C 173 8.76 33.06 37.84
C LEU C 173 9.49 34.33 37.73
N ILE C 174 10.83 34.26 37.88
CA ILE C 174 11.65 35.44 37.79
C ILE C 174 12.20 35.58 36.39
N THR C 175 12.13 36.73 35.81
CA THR C 175 12.58 36.92 34.48
C THR C 175 12.97 38.35 34.17
N GLY C 176 14.05 38.52 33.35
CA GLY C 176 14.52 39.84 32.92
C GLY C 176 15.78 39.75 32.06
N GLU C 177 16.24 40.86 31.50
CA GLU C 177 17.47 40.82 30.71
C GLU C 177 18.73 40.65 31.58
N SER C 178 19.80 40.33 30.88
CA SER C 178 21.10 40.06 31.41
C SER C 178 21.48 40.90 32.61
N GLY C 179 21.16 42.16 32.56
CA GLY C 179 21.57 43.02 33.70
C GLY C 179 20.52 43.32 34.72
N ALA C 180 19.32 42.78 34.54
CA ALA C 180 18.24 43.04 35.45
C ALA C 180 18.47 42.62 36.89
N GLY C 181 19.36 41.63 37.10
CA GLY C 181 19.68 41.17 38.45
C GLY C 181 18.70 40.18 39.02
N LYS C 182 18.50 39.05 38.31
CA LYS C 182 17.56 38.06 38.80
C LYS C 182 18.14 37.14 39.85
N THR C 183 19.36 36.60 39.59
CA THR C 183 20.05 35.67 40.50
C THR C 183 19.94 36.14 41.91
N VAL C 184 20.23 37.44 41.98
CA VAL C 184 20.16 38.20 43.22
C VAL C 184 18.83 38.04 43.89
N ASN C 185 17.75 38.19 43.12
CA ASN C 185 16.45 38.04 43.68
C ASN C 185 16.20 36.62 44.05
N THR C 186 16.51 35.77 43.08
CA THR C 186 16.27 34.36 43.22
C THR C 186 16.87 33.86 44.47
N LYS C 187 18.13 34.22 44.64
CA LYS C 187 18.83 33.84 45.81
C LYS C 187 18.11 34.33 47.00
N ARG C 188 17.81 35.62 46.93
CA ARG C 188 17.13 36.30 48.05
C ARG C 188 15.78 35.71 48.39
N VAL C 189 15.12 35.17 47.39
CA VAL C 189 13.85 34.54 47.66
C VAL C 189 14.08 33.26 48.42
N ILE C 190 15.08 32.57 47.92
CA ILE C 190 15.47 31.30 48.50
C ILE C 190 15.79 31.39 49.98
N GLN C 191 16.65 32.36 50.33
CA GLN C 191 16.99 32.56 51.73
C GLN C 191 15.72 32.65 52.52
N TYR C 192 14.83 33.46 51.96
CA TYR C 192 13.54 33.69 52.56
C TYR C 192 12.84 32.40 52.95
N PHE C 193 12.77 31.48 52.02
CA PHE C 193 12.15 30.21 52.33
C PHE C 193 12.84 29.52 53.44
N ALA C 194 14.12 29.43 53.27
CA ALA C 194 14.93 28.71 54.25
C ALA C 194 14.72 29.26 55.64
N THR C 195 14.79 30.57 55.76
CA THR C 195 14.60 31.21 57.06
C THR C 195 13.24 30.94 57.69
N ILE C 196 12.22 31.49 57.06
CA ILE C 196 10.86 31.37 57.53
C ILE C 196 10.29 29.96 57.70
N ALA C 197 11.03 28.91 57.41
CA ALA C 197 10.44 27.61 57.63
C ALA C 197 11.48 26.49 57.73
N ALA C 198 12.45 26.68 58.63
CA ALA C 198 13.58 25.76 58.81
C ALA C 198 13.45 24.63 59.84
N SER C 199 13.88 23.42 59.44
CA SER C 199 13.86 22.24 60.32
C SER C 199 15.23 21.55 60.48
N GLY C 200 16.27 22.39 60.70
CA GLY C 200 17.64 21.93 60.92
C GLY C 200 17.93 22.11 62.40
N GLU C 201 17.16 21.36 63.18
CA GLU C 201 17.16 21.38 64.64
C GLU C 201 18.52 21.31 65.27
N LEU C 215 22.93 22.67 53.91
CA LEU C 215 22.10 23.04 52.79
C LEU C 215 22.54 24.36 52.20
N GLU C 216 22.51 25.27 53.12
CA GLU C 216 22.88 26.63 52.90
C GLU C 216 24.12 26.83 52.08
N ASP C 217 24.95 25.84 52.04
CA ASP C 217 26.18 25.93 51.26
C ASP C 217 25.99 25.23 49.94
N GLN C 218 25.42 24.01 50.04
CA GLN C 218 25.16 23.21 48.85
C GLN C 218 24.39 24.08 47.93
N ILE C 219 23.38 24.67 48.56
CA ILE C 219 22.46 25.61 47.94
C ILE C 219 23.29 26.57 47.15
N ILE C 220 24.24 27.11 47.83
CA ILE C 220 25.11 28.08 47.23
C ILE C 220 26.08 27.43 46.26
N SER C 221 26.85 26.48 46.77
CA SER C 221 27.86 25.81 45.98
C SER C 221 27.37 25.39 44.64
N ALA C 222 26.05 25.27 44.55
CA ALA C 222 25.42 24.86 43.33
C ALA C 222 25.88 25.66 42.16
N ASN C 223 25.70 26.94 42.33
CA ASN C 223 25.99 27.91 41.28
C ASN C 223 27.28 27.72 40.53
N PRO C 224 28.37 27.85 41.27
CA PRO C 224 29.72 27.73 40.73
C PRO C 224 30.05 26.47 39.94
N LEU C 225 29.14 25.51 39.97
CA LEU C 225 29.37 24.28 39.20
C LEU C 225 28.68 24.52 37.86
N LEU C 226 27.39 24.80 37.96
CA LEU C 226 26.56 25.10 36.84
C LEU C 226 27.21 26.14 35.95
N GLU C 227 27.80 27.13 36.59
CA GLU C 227 28.47 28.28 35.95
C GLU C 227 29.68 27.86 35.14
N ALA C 228 30.37 26.85 35.63
CA ALA C 228 31.52 26.37 34.89
C ALA C 228 31.15 25.71 33.63
N PHE C 229 29.93 25.11 33.68
CA PHE C 229 29.36 24.37 32.55
C PHE C 229 28.34 25.06 31.73
N GLY C 230 27.53 25.89 32.35
CA GLY C 230 26.54 26.65 31.60
C GLY C 230 26.82 28.11 31.45
N ASN C 231 28.04 28.59 31.74
CA ASN C 231 28.41 30.01 31.63
C ASN C 231 29.62 30.22 30.77
N ALA C 232 29.70 31.38 30.18
CA ALA C 232 30.78 31.70 29.31
C ALA C 232 30.94 33.17 29.03
N LYS C 233 32.06 33.54 28.49
CA LYS C 233 32.31 34.88 28.11
C LYS C 233 31.59 35.25 26.89
N THR C 234 30.63 36.09 27.04
CA THR C 234 29.83 36.64 25.96
C THR C 234 30.48 37.95 25.63
N VAL C 235 30.16 38.48 24.47
CA VAL C 235 30.72 39.75 24.05
C VAL C 235 30.16 40.89 24.92
N ARG C 236 29.07 40.62 25.62
CA ARG C 236 28.42 41.57 26.50
C ARG C 236 28.85 41.42 27.96
N ASN C 237 28.73 40.21 28.45
CA ASN C 237 29.13 39.88 29.80
C ASN C 237 30.40 39.02 29.74
N ASP C 238 31.03 38.80 30.87
CA ASP C 238 32.27 38.03 30.93
C ASP C 238 31.97 36.69 31.53
N ASN C 239 30.81 36.66 32.17
CA ASN C 239 30.23 35.49 32.81
C ASN C 239 28.76 35.43 32.49
N SER C 240 28.38 35.30 31.19
CA SER C 240 26.98 35.25 30.82
C SER C 240 26.35 33.93 31.04
N SER C 241 25.10 33.98 31.50
CA SER C 241 24.30 32.77 31.76
C SER C 241 23.82 32.20 30.43
N ARG C 242 24.28 31.02 30.01
CA ARG C 242 23.84 30.51 28.74
C ARG C 242 22.72 29.57 28.83
N PHE C 243 23.21 30.59 32.52
CA PHE C 243 22.29 29.48 32.41
C PHE C 243 21.01 29.72 33.16
N GLY C 244 20.01 28.89 32.87
CA GLY C 244 18.70 29.00 33.50
C GLY C 244 18.53 28.00 34.59
N LYS C 245 17.53 28.19 35.45
CA LYS C 245 17.40 27.22 36.50
C LYS C 245 16.08 27.14 37.19
N PHE C 246 15.81 25.94 37.72
CA PHE C 246 14.59 25.63 38.37
C PHE C 246 14.77 24.77 39.57
N ILE C 247 14.49 25.36 40.72
CA ILE C 247 14.56 24.72 42.02
C ILE C 247 13.24 24.34 42.61
N ARG C 248 13.17 23.13 43.13
CA ARG C 248 11.94 22.77 43.71
C ARG C 248 12.11 22.66 45.19
N ILE C 249 11.58 23.59 45.91
CA ILE C 249 11.71 23.46 47.33
C ILE C 249 10.56 22.72 47.84
N HIS C 250 10.89 21.54 48.27
CA HIS C 250 9.87 20.64 48.72
C HIS C 250 9.59 20.82 50.17
N PHE C 251 8.47 21.44 50.42
CA PHE C 251 8.09 21.65 51.78
C PHE C 251 7.45 20.41 52.32
N GLY C 252 7.50 20.24 53.62
CA GLY C 252 6.91 19.10 54.26
C GLY C 252 5.39 19.23 54.46
N ALA C 253 4.85 18.41 55.37
CA ALA C 253 3.44 18.36 55.67
C ALA C 253 3.06 19.42 56.69
N THR C 254 3.93 19.50 57.67
CA THR C 254 3.83 20.48 58.72
C THR C 254 3.85 21.81 58.02
N GLY C 255 4.93 22.01 57.27
CA GLY C 255 5.15 23.24 56.55
C GLY C 255 6.67 23.53 56.61
N LYS C 256 7.41 22.61 57.20
CA LYS C 256 8.84 22.78 57.34
C LYS C 256 9.60 22.09 56.20
N LEU C 257 10.71 22.73 55.81
CA LEU C 257 11.60 22.27 54.74
C LEU C 257 11.84 20.78 54.71
N ALA C 258 11.88 20.20 53.49
CA ALA C 258 12.10 18.74 53.34
C ALA C 258 13.04 18.34 52.18
N SER C 259 12.96 19.02 51.03
CA SER C 259 13.83 18.73 49.91
C SER C 259 13.92 19.86 48.93
N ALA C 260 14.90 19.70 48.05
CA ALA C 260 15.19 20.63 46.97
C ALA C 260 15.50 19.88 45.69
N ASP C 261 15.51 20.61 44.61
CA ASP C 261 15.68 20.00 43.31
C ASP C 261 16.16 20.94 42.22
N ILE C 262 17.39 20.88 41.84
CA ILE C 262 17.77 21.76 40.75
C ILE C 262 17.76 21.16 39.40
N GLU C 263 17.56 22.03 38.41
CA GLU C 263 17.59 21.70 37.01
C GLU C 263 18.13 22.84 36.20
N THR C 264 19.04 22.50 35.31
CA THR C 264 19.72 23.50 34.53
C THR C 264 19.32 23.45 33.07
N TYR C 265 19.27 24.61 32.46
CA TYR C 265 18.87 24.77 31.10
C TYR C 265 19.81 25.70 30.37
N LEU C 266 20.11 25.35 29.18
CA LEU C 266 20.88 26.17 28.30
C LEU C 266 22.09 26.87 28.84
N LEU C 267 23.17 26.17 28.95
CA LEU C 267 24.38 26.70 29.42
C LEU C 267 25.18 27.31 28.31
N GLU C 268 22.67 26.62 25.76
CA GLU C 268 23.32 26.99 24.53
C GLU C 268 24.25 25.91 24.08
N LYS C 269 23.70 24.83 23.51
CA LYS C 269 24.47 23.68 23.03
C LYS C 269 25.54 24.04 22.01
N SER C 270 25.25 25.01 21.23
CA SER C 270 26.17 25.45 20.22
C SER C 270 27.56 25.87 20.70
N ARG C 271 27.70 26.46 21.91
CA ARG C 271 28.98 26.93 22.39
C ARG C 271 29.95 25.78 22.39
N VAL C 272 29.46 24.62 22.85
CA VAL C 272 30.24 23.44 22.92
C VAL C 272 31.02 23.15 21.64
N THR C 273 30.53 23.62 20.52
CA THR C 273 31.11 23.32 19.21
C THR C 273 31.54 24.54 18.47
N PHE C 274 31.01 25.64 18.89
CA PHE C 274 31.25 26.88 18.26
C PHE C 274 31.39 27.99 19.20
N GLN C 275 31.80 29.09 18.61
CA GLN C 275 32.05 30.30 19.31
C GLN C 275 32.34 31.46 18.38
N LEU C 276 31.70 32.55 18.70
CA LEU C 276 31.94 33.74 17.96
C LEU C 276 33.35 34.23 18.32
N PRO C 277 33.85 35.09 17.49
CA PRO C 277 35.16 35.68 17.54
C PRO C 277 35.58 36.41 18.77
N ALA C 278 34.63 37.06 19.42
CA ALA C 278 34.98 37.77 20.64
C ALA C 278 34.55 37.02 21.86
N GLU C 279 34.01 35.83 21.63
CA GLU C 279 33.49 35.05 22.71
C GLU C 279 34.29 33.79 22.97
N ARG C 280 33.74 33.03 23.86
CA ARG C 280 34.36 31.82 24.19
C ARG C 280 33.41 30.80 24.73
N SER C 281 33.86 29.59 24.78
CA SER C 281 33.01 28.56 25.24
C SER C 281 32.94 28.55 26.72
N TYR C 282 32.21 27.52 27.21
CA TYR C 282 31.99 27.34 28.60
C TYR C 282 33.28 27.48 29.35
N HIS C 283 33.24 27.79 30.61
CA HIS C 283 34.47 28.02 31.31
C HIS C 283 35.30 26.80 31.53
N ILE C 284 34.59 25.76 31.98
CA ILE C 284 35.17 24.52 32.35
C ILE C 284 36.41 24.14 31.58
N PHE C 285 36.27 24.29 30.32
CA PHE C 285 37.33 23.91 29.38
C PHE C 285 38.52 24.65 29.67
N TYR C 286 38.35 25.95 29.77
CA TYR C 286 39.50 26.81 30.03
C TYR C 286 39.94 26.65 31.44
N GLN C 287 39.01 26.28 32.30
CA GLN C 287 39.36 26.08 33.67
C GLN C 287 40.42 24.97 33.70
N ILE C 288 40.00 23.81 33.28
CA ILE C 288 40.76 22.58 33.20
C ILE C 288 42.16 22.67 32.54
N MET C 289 42.23 23.35 31.43
CA MET C 289 43.49 23.51 30.74
C MET C 289 44.38 24.56 31.38
N SER C 290 43.86 25.16 32.45
CA SER C 290 44.59 26.20 33.16
C SER C 290 45.82 25.64 33.80
N ASN C 291 45.73 24.39 34.24
CA ASN C 291 46.80 23.63 34.85
C ASN C 291 46.92 23.77 36.35
N LYS C 292 45.89 23.95 37.06
CA LYS C 292 46.07 24.05 38.48
C LYS C 292 46.14 22.69 39.19
N LYS C 293 45.64 21.73 38.47
CA LYS C 293 45.53 20.33 38.83
C LYS C 293 46.10 19.53 37.66
N PRO C 294 47.44 19.59 37.51
CA PRO C 294 48.09 18.95 36.37
C PRO C 294 47.70 17.51 36.02
N GLU C 295 47.34 16.69 37.02
CA GLU C 295 46.92 15.31 36.78
C GLU C 295 45.86 15.24 35.77
N LEU C 296 44.94 16.14 35.93
CA LEU C 296 43.77 16.30 35.05
C LEU C 296 44.16 16.30 33.58
N ILE C 297 45.19 17.09 33.26
CA ILE C 297 45.68 17.21 31.91
C ILE C 297 46.13 15.87 31.28
N ASP C 298 46.78 15.07 32.11
CA ASP C 298 47.32 13.80 31.72
C ASP C 298 46.22 12.76 31.83
N MET C 299 45.37 13.00 32.76
CA MET C 299 44.26 12.12 32.99
C MET C 299 43.31 12.12 31.79
N LEU C 300 43.08 13.33 31.28
CA LEU C 300 42.17 13.54 30.16
C LEU C 300 42.87 13.35 28.85
N LEU C 301 44.18 13.40 28.89
CA LEU C 301 44.96 13.22 27.71
C LEU C 301 44.92 14.39 26.80
N ILE C 302 45.09 15.57 27.39
CA ILE C 302 45.07 16.75 26.57
C ILE C 302 46.30 17.57 26.85
N THR C 303 46.33 18.67 26.19
CA THR C 303 47.35 19.61 26.42
C THR C 303 46.80 20.77 27.18
N THR C 304 47.60 21.82 27.32
CA THR C 304 47.26 23.03 28.07
C THR C 304 46.97 24.21 27.10
N ASN C 305 47.28 24.02 25.83
CA ASN C 305 47.09 24.91 24.71
C ASN C 305 45.83 24.58 23.98
N PRO C 306 44.85 25.46 24.06
CA PRO C 306 43.51 25.29 23.55
C PRO C 306 43.43 25.28 22.09
N TYR C 307 44.47 25.77 21.50
CA TYR C 307 44.42 25.75 20.06
C TYR C 307 44.57 24.35 19.50
N ASP C 308 44.50 23.35 20.39
CA ASP C 308 44.61 21.92 20.04
C ASP C 308 43.22 21.32 20.00
N TYR C 309 42.25 22.16 20.37
CA TYR C 309 40.92 21.79 20.44
C TYR C 309 40.05 22.79 19.83
N HIS C 310 39.97 22.63 18.52
CA HIS C 310 39.15 23.43 17.63
C HIS C 310 37.76 23.87 18.18
N TYR C 311 37.04 22.97 18.75
CA TYR C 311 35.75 23.15 19.33
C TYR C 311 35.75 24.29 20.30
N VAL C 312 36.85 24.45 21.05
CA VAL C 312 36.96 25.46 22.09
C VAL C 312 37.92 26.63 21.91
N SER C 313 38.46 26.84 20.74
CA SER C 313 39.29 27.99 20.59
C SER C 313 38.97 28.67 19.29
N GLN C 314 37.71 28.73 18.96
CA GLN C 314 37.35 29.35 17.72
C GLN C 314 37.25 30.84 17.97
N GLY C 315 37.00 31.15 19.23
CA GLY C 315 36.86 32.53 19.57
C GLY C 315 38.04 32.93 20.36
N GLU C 316 37.83 33.19 21.67
CA GLU C 316 38.88 33.62 22.52
C GLU C 316 39.14 32.54 23.55
N ILE C 317 40.31 32.60 24.16
CA ILE C 317 40.75 31.62 25.14
C ILE C 317 40.93 32.19 26.52
N THR C 318 41.39 33.42 26.56
CA THR C 318 41.61 34.02 27.85
C THR C 318 40.88 35.35 28.05
N VAL C 319 40.43 35.51 29.29
CA VAL C 319 39.73 36.70 29.76
C VAL C 319 40.39 37.18 31.03
N PRO C 320 40.86 38.44 30.96
CA PRO C 320 41.61 39.09 32.03
C PRO C 320 40.91 39.15 33.37
N SER C 321 39.61 39.42 33.35
CA SER C 321 38.83 39.48 34.56
C SER C 321 38.54 38.16 35.24
N ILE C 322 38.94 37.04 34.59
CA ILE C 322 38.72 35.70 35.10
C ILE C 322 40.01 34.95 35.37
N ASP C 323 40.05 34.25 36.52
CA ASP C 323 41.21 33.46 36.95
C ASP C 323 40.84 32.00 36.91
N ASP C 324 40.99 31.43 35.72
CA ASP C 324 40.62 30.06 35.43
C ASP C 324 41.16 29.07 36.47
N GLN C 325 42.31 29.40 37.01
CA GLN C 325 42.97 28.57 37.99
C GLN C 325 42.24 28.48 39.29
N GLU C 326 41.69 29.61 39.72
CA GLU C 326 40.96 29.73 41.00
C GLU C 326 39.60 29.03 40.93
N GLU C 327 38.99 29.26 39.80
CA GLU C 327 37.71 28.70 39.55
C GLU C 327 37.72 27.21 39.51
N LEU C 328 38.74 26.67 38.86
CA LEU C 328 38.90 25.24 38.74
C LEU C 328 38.72 24.57 40.06
N MET C 329 39.28 25.18 41.06
CA MET C 329 39.12 24.64 42.40
C MET C 329 37.76 24.88 42.92
N ALA C 330 37.29 26.10 42.68
CA ALA C 330 35.96 26.45 43.15
C ALA C 330 34.98 25.39 42.71
N THR C 331 35.13 25.16 41.45
CA THR C 331 34.35 24.19 40.77
C THR C 331 34.53 22.88 41.41
N ASP C 332 35.78 22.49 41.44
CA ASP C 332 36.19 21.20 42.00
C ASP C 332 35.55 20.93 43.36
N SER C 333 35.87 21.84 44.25
CA SER C 333 35.37 21.82 45.62
C SER C 333 33.85 21.78 45.70
N ALA C 334 33.19 22.51 44.82
CA ALA C 334 31.79 22.53 44.79
C ALA C 334 31.22 21.13 44.52
N ILE C 335 31.89 20.44 43.61
CA ILE C 335 31.41 19.12 43.22
C ILE C 335 31.28 18.22 44.41
N ASP C 336 32.36 18.22 45.14
CA ASP C 336 32.49 17.48 46.38
C ASP C 336 31.38 17.81 47.34
N ILE C 337 31.25 19.09 47.64
CA ILE C 337 30.22 19.53 48.57
C ILE C 337 28.90 19.12 48.14
N LEU C 338 28.81 19.14 46.83
CA LEU C 338 27.59 18.73 46.25
C LEU C 338 27.31 17.22 46.43
N GLY C 339 28.28 16.51 47.00
CA GLY C 339 28.08 15.09 47.29
C GLY C 339 28.33 14.10 46.18
N PHE C 340 28.92 14.58 45.10
CA PHE C 340 29.18 13.69 44.00
C PHE C 340 30.23 12.66 44.37
N SER C 341 30.08 11.47 43.82
CA SER C 341 31.07 10.42 43.98
C SER C 341 32.33 10.74 43.19
N ALA C 342 33.48 10.31 43.68
CA ALA C 342 34.73 10.70 43.01
C ALA C 342 34.72 10.25 41.58
N ASP C 343 34.26 9.04 41.46
CA ASP C 343 34.04 8.40 40.21
C ASP C 343 33.22 9.34 39.29
N GLU C 344 32.05 9.78 39.78
CA GLU C 344 31.22 10.66 39.02
C GLU C 344 32.00 11.90 38.77
N LYS C 345 32.67 12.32 39.84
CA LYS C 345 33.49 13.51 39.73
C LYS C 345 34.61 13.26 38.79
N THR C 346 34.79 12.00 38.48
CA THR C 346 35.80 11.59 37.54
C THR C 346 35.14 11.49 36.15
N ALA C 347 33.91 10.99 36.09
CA ALA C 347 33.21 10.90 34.87
C ALA C 347 33.09 12.26 34.23
N ILE C 348 32.69 13.17 35.03
CA ILE C 348 32.49 14.55 34.64
C ILE C 348 33.70 15.05 33.97
N TYR C 349 34.81 14.88 34.65
CA TYR C 349 35.98 15.41 34.05
C TYR C 349 36.24 14.63 32.79
N LYS C 350 36.54 13.35 32.91
CA LYS C 350 36.84 12.50 31.76
C LYS C 350 35.89 12.72 30.58
N LEU C 351 34.61 12.90 30.92
CA LEU C 351 33.61 13.10 29.91
C LEU C 351 33.72 14.44 29.20
N THR C 352 34.16 15.45 29.94
CA THR C 352 34.31 16.78 29.42
C THR C 352 35.48 16.91 28.49
N GLY C 353 36.39 15.96 28.54
CA GLY C 353 37.58 15.97 27.71
C GLY C 353 37.35 15.19 26.47
N ALA C 354 36.54 14.12 26.59
CA ALA C 354 36.21 13.33 25.42
C ALA C 354 35.69 14.24 24.30
N VAL C 355 34.79 15.08 24.73
CA VAL C 355 34.12 16.06 23.92
C VAL C 355 35.11 16.95 23.20
N MET C 356 36.14 17.34 23.86
CA MET C 356 37.18 18.18 23.23
C MET C 356 37.81 17.43 22.13
N HIS C 357 38.12 16.18 22.46
CA HIS C 357 38.74 15.21 21.55
C HIS C 357 37.92 14.94 20.31
N TYR C 358 36.63 14.85 20.49
CA TYR C 358 35.78 14.60 19.38
C TYR C 358 35.98 15.60 18.26
N GLY C 359 36.03 16.80 18.64
CA GLY C 359 36.22 17.88 17.71
C GLY C 359 37.53 17.77 17.01
N ASN C 360 38.35 16.82 17.48
CA ASN C 360 39.67 16.57 16.87
C ASN C 360 39.62 15.35 15.98
N LEU C 361 38.54 14.63 16.11
CA LEU C 361 38.32 13.47 15.31
C LEU C 361 38.26 13.89 13.87
N LYS C 362 39.11 13.25 13.06
CA LYS C 362 39.26 13.54 11.66
C LYS C 362 38.97 12.34 10.79
N PHE C 363 38.48 12.65 9.60
CA PHE C 363 38.13 11.64 8.63
C PHE C 363 38.55 12.01 7.24
N LYS C 364 38.57 10.97 6.39
CA LYS C 364 38.89 11.05 4.96
C LYS C 364 38.07 10.12 4.06
N GLN C 365 37.91 10.57 2.87
CA GLN C 365 37.17 9.89 1.81
C GLN C 365 37.85 8.62 1.40
N LYS C 366 37.08 7.59 1.36
CA LYS C 366 37.61 6.33 0.93
C LYS C 366 37.84 6.53 -0.55
N GLN C 367 38.88 5.91 -1.10
CA GLN C 367 39.20 6.05 -2.53
C GLN C 367 38.15 5.48 -3.46
N ARG C 368 37.80 6.28 -4.48
CA ARG C 368 36.84 5.88 -5.49
C ARG C 368 35.45 5.72 -4.94
N GLU C 369 35.36 6.04 -3.70
CA GLU C 369 34.11 5.96 -2.98
C GLU C 369 33.91 7.32 -2.37
N GLU C 370 32.67 7.59 -2.05
CA GLU C 370 32.29 8.84 -1.44
C GLU C 370 32.06 8.59 0.05
N GLN C 371 32.64 7.50 0.52
CA GLN C 371 32.48 7.18 1.89
C GLN C 371 33.54 7.74 2.73
N ALA C 372 33.15 7.85 3.99
CA ALA C 372 34.02 8.33 5.00
C ALA C 372 34.71 7.16 5.63
N GLU C 373 36.00 7.35 5.79
CA GLU C 373 36.84 6.39 6.41
C GLU C 373 37.72 7.18 7.40
N PRO C 374 37.94 6.61 8.58
CA PRO C 374 38.74 7.21 9.60
C PRO C 374 40.09 7.64 9.13
N ASP C 375 40.51 8.83 9.54
CA ASP C 375 41.80 9.35 9.16
C ASP C 375 42.80 9.10 10.26
N GLY C 376 42.64 8.03 11.03
CA GLY C 376 43.59 7.74 12.10
C GLY C 376 42.90 7.30 13.36
N THR C 377 43.63 6.52 14.16
CA THR C 377 43.14 6.06 15.46
C THR C 377 44.11 6.50 16.53
N GLU C 378 44.23 7.78 16.62
CA GLU C 378 45.09 8.45 17.56
C GLU C 378 44.19 9.03 18.64
N VAL C 379 43.21 9.79 18.14
CA VAL C 379 42.28 10.49 18.92
C VAL C 379 41.12 9.66 19.31
N ALA C 380 40.74 8.83 18.42
CA ALA C 380 39.58 8.02 18.68
C ALA C 380 39.87 7.21 19.90
N ASP C 381 41.11 6.83 19.96
CA ASP C 381 41.63 5.95 20.99
C ASP C 381 41.39 6.55 22.33
N LYS C 382 41.69 7.84 22.39
CA LYS C 382 41.55 8.61 23.62
C LYS C 382 40.11 8.82 23.94
N ALA C 383 39.36 9.22 22.93
CA ALA C 383 37.97 9.47 23.17
C ALA C 383 37.36 8.19 23.63
N ALA C 384 37.72 7.14 22.99
CA ALA C 384 37.18 5.83 23.30
C ALA C 384 37.45 5.39 24.71
N TYR C 385 38.66 5.57 25.15
CA TYR C 385 39.09 5.16 26.46
C TYR C 385 38.46 5.99 27.56
N LEU C 386 38.44 7.27 27.32
CA LEU C 386 37.91 8.24 28.23
C LEU C 386 36.47 8.05 28.48
N MET C 387 35.77 7.47 27.49
CA MET C 387 34.34 7.22 27.62
C MET C 387 34.04 5.77 28.01
N GLY C 388 35.03 4.92 28.05
CA GLY C 388 34.84 3.53 28.38
C GLY C 388 34.26 2.78 27.19
N LEU C 389 34.80 3.10 26.02
CA LEU C 389 34.41 2.59 24.73
C LEU C 389 35.56 1.82 24.04
N ASN C 390 35.27 1.30 22.86
CA ASN C 390 36.19 0.61 22.05
C ASN C 390 36.39 1.39 20.75
N SER C 391 37.62 1.80 20.52
CA SER C 391 38.02 2.60 19.37
C SER C 391 37.35 2.21 18.09
N ALA C 392 37.42 0.95 17.80
CA ALA C 392 36.92 0.40 16.53
C ALA C 392 35.46 0.54 16.38
N GLU C 393 34.80 -0.16 17.28
CA GLU C 393 33.39 -0.28 17.33
C GLU C 393 32.83 1.06 17.14
N LEU C 394 33.53 2.01 17.77
CA LEU C 394 33.14 3.42 17.74
C LEU C 394 33.27 4.01 16.33
N LEU C 395 34.41 3.84 15.71
CA LEU C 395 34.65 4.41 14.41
C LEU C 395 33.80 3.81 13.32
N LYS C 396 33.31 2.59 13.57
CA LYS C 396 32.47 1.91 12.62
C LYS C 396 31.11 2.57 12.61
N ALA C 397 30.50 2.44 13.77
CA ALA C 397 29.19 3.00 14.09
C ALA C 397 29.09 4.39 13.51
N LEU C 398 30.16 5.14 13.72
CA LEU C 398 30.25 6.49 13.21
C LEU C 398 30.23 6.57 11.69
N CYS C 399 31.05 5.71 11.05
CA CYS C 399 31.23 5.66 9.61
C CYS C 399 30.14 4.86 8.88
N TYR C 400 29.75 3.73 9.45
CA TYR C 400 28.76 2.85 8.90
C TYR C 400 27.62 2.67 9.85
N PRO C 401 26.96 3.75 10.07
CA PRO C 401 25.78 3.82 10.90
C PRO C 401 24.84 2.72 10.54
N ARG C 402 24.57 1.82 11.47
CA ARG C 402 23.63 0.72 11.22
C ARG C 402 22.26 1.03 11.79
N VAL C 403 21.43 1.43 10.84
CA VAL C 403 20.06 1.87 10.96
C VAL C 403 19.06 0.70 10.99
N LYS C 404 17.77 1.03 11.09
CA LYS C 404 16.66 0.05 11.14
C LYS C 404 15.35 0.48 10.43
N VAL C 405 15.43 0.65 9.07
CA VAL C 405 14.33 1.02 8.14
C VAL C 405 13.51 -0.19 7.67
N GLY C 406 12.26 -0.20 8.08
CA GLY C 406 11.35 -1.28 7.78
C GLY C 406 11.14 -1.99 9.10
N ASN C 407 11.47 -3.28 9.16
CA ASN C 407 11.34 -4.02 10.41
C ASN C 407 12.65 -4.63 10.86
N GLU C 408 13.70 -4.23 10.14
CA GLU C 408 15.03 -4.70 10.39
C GLU C 408 16.00 -3.55 10.70
N PHE C 409 17.26 -3.86 10.50
CA PHE C 409 18.35 -2.96 10.73
C PHE C 409 19.33 -2.94 9.54
N VAL C 410 19.15 -1.88 8.74
CA VAL C 410 19.90 -1.62 7.52
C VAL C 410 21.14 -0.78 7.68
N THR C 411 22.27 -1.37 7.38
CA THR C 411 23.52 -0.63 7.49
C THR C 411 23.72 0.42 6.42
N LYS C 412 23.82 1.67 6.89
CA LYS C 412 23.97 2.88 6.08
C LYS C 412 25.34 3.51 6.15
N GLY C 413 25.78 3.95 4.97
CA GLY C 413 27.05 4.60 4.82
C GLY C 413 26.95 6.13 4.79
N GLN C 414 27.91 6.77 5.42
CA GLN C 414 27.93 8.20 5.49
C GLN C 414 29.10 8.86 4.80
N THR C 415 28.93 10.15 4.53
CA THR C 415 29.92 10.96 3.90
C THR C 415 30.79 11.62 4.93
N VAL C 416 31.88 12.20 4.46
CA VAL C 416 32.80 12.87 5.31
C VAL C 416 32.01 13.97 6.04
N SER C 417 31.37 14.79 5.27
CA SER C 417 30.55 15.88 5.82
C SER C 417 29.52 15.40 6.78
N GLN C 418 29.04 14.20 6.58
CA GLN C 418 28.01 13.66 7.44
C GLN C 418 28.53 13.24 8.79
N VAL C 419 29.78 12.80 8.80
CA VAL C 419 30.38 12.31 10.02
C VAL C 419 30.70 13.45 10.91
N HIS C 420 31.47 14.36 10.37
CA HIS C 420 31.91 15.55 11.09
C HIS C 420 30.73 16.16 11.78
N ASN C 421 29.61 16.17 11.09
CA ASN C 421 28.41 16.75 11.63
C ASN C 421 27.83 15.82 12.68
N SER C 422 27.85 14.51 12.47
CA SER C 422 27.26 13.66 13.51
C SER C 422 28.02 13.68 14.82
N VAL C 423 29.29 13.72 14.68
CA VAL C 423 30.18 13.76 15.80
C VAL C 423 29.79 14.94 16.66
N GLY C 424 29.78 16.08 16.01
CA GLY C 424 29.39 17.30 16.64
C GLY C 424 28.05 17.16 17.31
N ALA C 425 27.18 16.38 16.70
CA ALA C 425 25.91 16.18 17.33
C ALA C 425 25.97 15.42 18.61
N LEU C 426 26.87 14.44 18.65
CA LEU C 426 26.97 13.70 19.92
C LEU C 426 27.65 14.54 21.00
N ALA C 427 28.76 15.22 20.61
CA ALA C 427 29.51 16.07 21.46
C ALA C 427 28.56 16.94 22.21
N LYS C 428 27.70 17.60 21.46
CA LYS C 428 26.70 18.46 22.05
C LYS C 428 25.73 17.67 22.89
N ALA C 429 25.21 16.59 22.30
CA ALA C 429 24.24 15.77 23.00
C ALA C 429 24.73 15.34 24.36
N VAL C 430 25.91 14.77 24.37
CA VAL C 430 26.55 14.31 25.58
C VAL C 430 26.74 15.34 26.66
N TYR C 431 27.30 16.47 26.24
CA TYR C 431 27.51 17.60 27.13
C TYR C 431 26.24 18.00 27.83
N GLU C 432 25.21 18.26 27.00
CA GLU C 432 23.92 18.61 27.49
C GLU C 432 23.44 17.72 28.57
N LYS C 433 23.06 16.54 28.17
CA LYS C 433 22.61 15.45 29.06
C LYS C 433 23.33 15.47 30.39
N MET C 434 24.63 15.48 30.29
CA MET C 434 25.50 15.51 31.45
C MET C 434 25.12 16.65 32.34
N PHE C 435 25.04 17.78 31.70
CA PHE C 435 24.67 18.98 32.41
C PHE C 435 23.38 18.79 33.10
N LEU C 436 22.46 18.12 32.38
CA LEU C 436 21.16 17.87 32.98
C LEU C 436 21.29 16.99 34.19
N TRP C 437 22.07 15.95 34.02
CA TRP C 437 22.31 15.01 35.08
C TRP C 437 22.84 15.67 36.33
N MET C 438 23.90 16.47 36.14
CA MET C 438 24.54 17.17 37.24
C MET C 438 23.50 17.88 38.03
N VAL C 439 22.62 18.55 37.29
CA VAL C 439 21.56 19.26 37.97
C VAL C 439 20.74 18.32 38.81
N ILE C 440 20.28 17.25 38.22
CA ILE C 440 19.52 16.25 38.95
C ILE C 440 20.25 15.78 40.19
N ARG C 441 21.47 15.43 40.01
CA ARG C 441 22.24 14.95 41.12
C ARG C 441 22.30 16.00 42.20
N ILE C 442 22.39 17.24 41.78
CA ILE C 442 22.44 18.33 42.74
C ILE C 442 21.15 18.27 43.54
N ASN C 443 20.05 18.38 42.82
CA ASN C 443 18.71 18.33 43.34
C ASN C 443 18.59 17.21 44.35
N GLN C 444 19.25 16.10 44.03
CA GLN C 444 19.18 14.95 44.88
C GLN C 444 19.74 15.12 46.25
N GLN C 445 20.80 15.86 46.29
CA GLN C 445 21.41 16.13 47.56
C GLN C 445 20.55 17.16 48.26
N LEU C 446 20.06 18.09 47.47
CA LEU C 446 19.24 19.18 47.99
C LEU C 446 17.89 18.70 48.45
N ASP C 447 18.52 15.26 48.63
CA ASP C 447 17.48 14.24 48.67
C ASP C 447 17.38 13.68 50.07
N THR C 448 16.19 13.83 50.61
CA THR C 448 16.01 13.30 51.93
C THR C 448 14.93 12.27 51.85
N LYS C 449 14.81 11.53 52.93
CA LYS C 449 13.81 10.50 53.03
C LYS C 449 12.46 11.05 53.50
N GLN C 450 12.50 12.08 54.37
CA GLN C 450 11.30 12.72 54.89
C GLN C 450 10.24 12.98 53.83
N PRO C 451 8.98 12.85 54.23
CA PRO C 451 7.87 13.01 53.31
C PRO C 451 7.78 14.42 52.81
N ARG C 452 7.19 14.53 51.62
CA ARG C 452 6.99 15.79 50.91
C ARG C 452 5.52 15.87 50.50
N GLN C 453 4.90 17.05 50.74
CA GLN C 453 3.49 17.16 50.37
C GLN C 453 3.27 18.16 49.27
N TYR C 454 4.14 19.16 49.28
CA TYR C 454 4.11 20.22 48.26
C TYR C 454 5.45 20.85 48.10
N PHE C 455 5.56 21.61 47.01
CA PHE C 455 6.82 22.26 46.71
C PHE C 455 6.57 23.65 46.19
N ILE C 456 7.62 24.44 46.17
CA ILE C 456 7.52 25.77 45.65
C ILE C 456 8.63 25.95 44.64
N GLY C 457 8.23 26.06 43.39
CA GLY C 457 9.19 26.18 42.34
C GLY C 457 9.56 27.60 42.05
N VAL C 458 10.88 27.74 41.95
CA VAL C 458 11.49 28.99 41.67
C VAL C 458 12.23 28.87 40.36
N LEU C 459 11.70 29.50 39.36
CA LEU C 459 12.24 29.47 38.04
C LEU C 459 12.96 30.75 37.69
N ASP C 460 14.19 30.60 37.27
CA ASP C 460 15.07 31.67 36.84
C ASP C 460 15.61 31.32 35.47
N ILE C 461 15.27 32.13 34.50
CA ILE C 461 15.61 32.01 33.11
C ILE C 461 15.57 33.40 32.52
N ALA C 462 16.06 33.51 31.31
CA ALA C 462 16.03 34.73 30.59
C ALA C 462 14.74 35.02 29.87
N GLY C 463 14.60 36.32 29.58
CA GLY C 463 13.44 36.76 28.91
C GLY C 463 13.78 37.12 27.53
N PHE C 464 12.74 37.12 26.75
CA PHE C 464 12.76 37.47 25.37
C PHE C 464 13.60 38.70 25.16
N GLU C 465 14.68 38.46 24.46
CA GLU C 465 15.63 39.49 24.11
C GLU C 465 15.70 39.50 22.58
N ILE C 466 15.76 40.69 22.07
CA ILE C 466 15.82 40.80 20.64
C ILE C 466 17.13 41.37 20.24
N PHE C 467 17.79 40.74 19.33
CA PHE C 467 19.03 41.28 18.90
C PHE C 467 19.03 41.46 17.43
N ASP C 468 19.90 42.32 16.96
CA ASP C 468 19.95 42.53 15.54
C ASP C 468 20.33 41.22 14.92
N PHE C 469 21.02 40.41 15.76
CA PHE C 469 21.43 39.09 15.36
C PHE C 469 20.80 38.00 16.19
N ASN C 470 19.87 37.27 15.61
CA ASN C 470 19.24 36.22 16.34
C ASN C 470 19.55 34.87 15.76
N SER C 471 20.22 34.10 16.56
CA SER C 471 20.56 32.78 16.13
C SER C 471 19.80 31.77 16.93
N PHE C 472 20.20 30.53 16.70
CA PHE C 472 19.57 29.35 17.26
C PHE C 472 19.23 29.48 18.72
N GLU C 473 20.20 29.92 19.46
CA GLU C 473 20.02 30.07 20.92
C GLU C 473 18.85 30.99 21.25
N GLN C 474 18.65 32.02 20.43
CA GLN C 474 17.61 32.97 20.62
C GLN C 474 16.23 32.35 20.44
N LEU C 475 16.14 31.55 19.41
CA LEU C 475 14.90 30.85 19.17
C LEU C 475 14.53 30.02 20.41
N CYS C 476 15.48 29.21 20.89
CA CYS C 476 15.24 28.37 22.02
C CYS C 476 14.73 29.18 23.21
N ILE C 477 15.37 30.29 23.48
CA ILE C 477 14.94 31.08 24.61
C ILE C 477 13.62 31.75 24.36
N ASN C 478 13.49 32.38 23.19
CA ASN C 478 12.26 33.08 22.86
C ASN C 478 11.11 32.14 22.94
N PHE C 479 11.32 30.97 22.40
CA PHE C 479 10.30 29.98 22.42
C PHE C 479 9.90 29.67 23.83
N THR C 480 10.91 29.66 24.73
CA THR C 480 10.60 29.35 26.09
C THR C 480 9.70 30.40 26.63
N ASN C 481 10.08 31.63 26.38
CA ASN C 481 9.32 32.76 26.88
C ASN C 481 7.92 32.85 26.26
N GLU C 482 7.81 32.66 24.96
CA GLU C 482 6.50 32.80 24.39
C GLU C 482 5.53 31.80 24.98
N LYS C 483 6.04 30.78 25.57
CA LYS C 483 5.27 29.75 26.17
C LYS C 483 4.84 30.22 27.52
N LEU C 484 5.83 30.65 28.29
CA LEU C 484 5.69 31.19 29.64
C LEU C 484 4.60 32.25 29.69
N GLN C 485 4.65 33.13 28.68
CA GLN C 485 3.68 34.19 28.50
C GLN C 485 2.25 33.70 28.39
N GLN C 486 2.03 32.75 27.49
CA GLN C 486 0.74 32.14 27.28
C GLN C 486 0.27 31.54 28.53
N PHE C 487 1.26 31.13 29.29
CA PHE C 487 1.01 30.46 30.57
C PHE C 487 0.36 31.37 31.55
N PHE C 488 0.80 32.60 31.45
CA PHE C 488 0.27 33.67 32.24
C PHE C 488 -1.10 34.12 31.75
N ASN C 489 -1.14 34.57 30.50
CA ASN C 489 -2.34 35.04 29.82
C ASN C 489 -3.54 34.16 30.12
N HIS C 490 -3.26 32.91 30.35
CA HIS C 490 -4.31 31.99 30.63
C HIS C 490 -4.73 32.11 32.07
N HIS C 491 -3.73 32.03 32.94
CA HIS C 491 -3.93 32.09 34.39
C HIS C 491 -4.71 33.34 34.69
N MET C 492 -4.50 34.34 33.89
CA MET C 492 -5.19 35.56 34.07
C MET C 492 -6.62 35.48 33.59
N PHE C 493 -6.79 34.69 32.57
CA PHE C 493 -8.08 34.54 32.03
C PHE C 493 -8.90 33.74 32.95
N VAL C 494 -8.32 32.77 33.48
CA VAL C 494 -8.99 31.96 34.44
C VAL C 494 -9.37 32.78 35.62
N LEU C 495 -8.39 33.50 36.13
CA LEU C 495 -8.48 34.38 37.29
C LEU C 495 -9.54 35.45 37.16
N GLU C 496 -9.43 36.21 36.07
CA GLU C 496 -10.38 37.27 35.77
C GLU C 496 -11.82 36.79 35.91
N GLN C 497 -12.12 35.80 35.11
CA GLN C 497 -13.37 35.15 35.00
C GLN C 497 -13.97 34.69 36.34
N GLU C 498 -13.15 34.58 37.34
CA GLU C 498 -13.65 34.16 38.62
C GLU C 498 -14.37 35.35 39.24
N GLU C 499 -13.75 36.53 39.09
CA GLU C 499 -14.31 37.75 39.66
C GLU C 499 -15.68 37.98 39.08
N TYR C 500 -15.73 38.12 37.78
CA TYR C 500 -17.01 38.32 37.16
C TYR C 500 -18.05 37.26 37.55
N LYS C 501 -17.58 36.18 38.16
CA LYS C 501 -18.41 35.08 38.55
C LYS C 501 -18.78 35.26 40.00
N LYS C 502 -17.79 35.74 40.74
CA LYS C 502 -17.94 36.03 42.17
C LYS C 502 -18.93 37.21 42.30
N GLU C 503 -18.66 38.27 41.58
CA GLU C 503 -19.49 39.44 41.60
C GLU C 503 -20.82 39.22 40.90
N GLY C 504 -20.79 38.63 39.76
CA GLY C 504 -22.08 38.50 39.17
C GLY C 504 -22.14 39.38 37.98
N ILE C 505 -20.97 39.80 37.52
CA ILE C 505 -20.97 40.59 36.32
C ILE C 505 -21.18 39.66 35.16
N GLU C 506 -21.61 40.21 34.04
CA GLU C 506 -21.83 39.41 32.90
C GLU C 506 -20.85 39.76 31.79
N TRP C 507 -19.67 39.13 31.85
CA TRP C 507 -18.62 39.36 30.88
C TRP C 507 -18.16 38.06 30.26
N GLU C 508 -18.25 37.94 28.91
CA GLU C 508 -17.77 36.73 28.28
C GLU C 508 -16.52 36.99 27.50
N PHE C 509 -15.60 36.06 27.64
CA PHE C 509 -14.38 36.22 26.96
C PHE C 509 -13.64 34.90 26.81
N ILE C 510 -12.93 34.89 25.71
CA ILE C 510 -12.07 33.85 25.22
C ILE C 510 -10.73 33.89 25.97
N ASP C 511 -10.12 32.72 26.17
CA ASP C 511 -8.84 32.55 26.81
C ASP C 511 -7.87 33.52 26.24
N PHE C 512 -7.02 34.17 27.03
CA PHE C 512 -6.11 35.11 26.41
C PHE C 512 -4.91 34.44 25.88
N GLY C 513 -4.71 33.20 26.26
CA GLY C 513 -3.57 32.48 25.75
C GLY C 513 -3.63 32.30 24.23
N MET C 514 -4.77 31.84 23.81
CA MET C 514 -5.12 31.53 22.47
C MET C 514 -4.47 32.39 21.47
N ASP C 515 -4.26 33.61 21.84
CA ASP C 515 -3.68 34.49 20.83
C ASP C 515 -2.30 34.02 20.41
N LEU C 516 -1.64 33.33 21.32
CA LEU C 516 -0.29 32.90 21.02
C LEU C 516 -0.11 31.53 20.44
N ALA C 517 -1.14 30.71 20.54
CA ALA C 517 -1.06 29.35 20.03
C ALA C 517 -0.54 29.26 18.61
N ALA C 518 -0.83 30.25 17.81
CA ALA C 518 -0.37 30.28 16.46
C ALA C 518 1.12 30.15 16.43
N CYS C 519 1.81 31.03 17.12
CA CYS C 519 3.26 30.98 17.10
C CYS C 519 3.83 29.70 17.67
N ILE C 520 3.32 29.31 18.80
CA ILE C 520 3.80 28.06 19.37
C ILE C 520 3.69 26.86 18.44
N GLU C 521 2.49 26.62 17.87
CA GLU C 521 2.34 25.47 16.98
C GLU C 521 3.41 25.43 15.89
N LEU C 522 3.70 26.56 15.31
CA LEU C 522 4.64 26.72 14.20
C LEU C 522 6.03 26.25 14.59
N ILE C 523 6.35 26.40 15.85
CA ILE C 523 7.66 25.98 16.33
C ILE C 523 7.73 24.54 16.76
N GLU C 524 6.85 24.17 17.66
CA GLU C 524 6.81 22.87 18.28
C GLU C 524 6.05 21.75 17.60
N LYS C 525 5.13 22.07 16.72
CA LYS C 525 4.35 21.07 16.07
C LYS C 525 5.20 20.32 15.07
N PRO C 526 4.67 19.17 14.61
CA PRO C 526 5.36 18.28 13.69
C PRO C 526 5.95 18.82 12.40
N MET C 527 5.23 19.63 11.64
CA MET C 527 5.95 20.03 10.44
C MET C 527 6.60 21.37 10.64
N GLY C 528 6.63 21.78 11.91
CA GLY C 528 7.19 23.04 12.34
C GLY C 528 8.71 23.08 12.45
N ILE C 529 9.24 24.30 12.52
CA ILE C 529 10.66 24.62 12.56
C ILE C 529 11.59 23.62 13.15
N PHE C 530 11.35 23.30 14.39
CA PHE C 530 12.18 22.31 15.06
C PHE C 530 12.27 21.01 14.31
N SER C 531 11.10 20.44 13.96
CA SER C 531 11.08 19.21 13.20
C SER C 531 11.92 19.28 11.94
N ILE C 532 11.55 20.21 11.07
CA ILE C 532 12.33 20.43 9.85
C ILE C 532 13.81 20.59 10.21
N LEU C 533 14.04 21.18 11.37
CA LEU C 533 15.37 21.32 11.84
C LEU C 533 15.97 20.01 12.26
N GLU C 534 15.23 19.26 13.01
CA GLU C 534 15.76 18.00 13.48
C GLU C 534 15.67 16.85 12.52
N GLU C 535 15.08 17.09 11.36
CA GLU C 535 14.97 15.96 10.43
C GLU C 535 16.21 16.02 9.62
N GLU C 536 16.34 17.19 8.99
CA GLU C 536 17.49 17.48 8.15
C GLU C 536 18.81 17.06 8.82
N CYS C 537 18.80 17.04 10.13
CA CYS C 537 19.96 16.69 10.87
C CYS C 537 20.28 15.24 10.65
N MET C 538 19.35 14.56 10.02
CA MET C 538 19.47 13.10 9.77
C MET C 538 20.02 12.82 8.38
N PHE C 539 20.02 13.85 7.55
CA PHE C 539 20.50 13.80 6.21
C PHE C 539 22.01 14.10 6.19
N PRO C 540 22.77 13.08 5.96
CA PRO C 540 24.22 13.10 5.94
C PRO C 540 24.81 14.15 5.05
N LYS C 541 24.04 14.71 4.20
CA LYS C 541 24.57 15.67 3.20
C LYS C 541 23.65 16.87 3.05
N ALA C 542 23.12 17.31 4.18
CA ALA C 542 22.23 18.46 4.16
C ALA C 542 23.01 19.73 4.42
N THR C 543 22.42 20.85 4.05
CA THR C 543 23.07 22.13 4.24
C THR C 543 22.16 23.03 5.00
N ASP C 544 22.75 24.08 5.53
CA ASP C 544 21.99 25.08 6.24
C ASP C 544 21.00 25.56 5.16
N THR C 545 21.55 25.77 3.98
CA THR C 545 20.80 26.19 2.82
C THR C 545 19.71 25.20 2.50
N SER C 546 20.04 23.93 2.60
CA SER C 546 19.06 22.90 2.36
C SER C 546 17.90 23.10 3.29
N PHE C 547 18.23 23.04 4.58
CA PHE C 547 17.31 23.25 5.67
C PHE C 547 16.44 24.42 5.44
N LYS C 548 17.10 25.51 5.06
CA LYS C 548 16.39 26.76 4.82
C LYS C 548 15.23 26.53 3.86
N ASN C 549 15.54 26.04 2.68
CA ASN C 549 14.52 25.83 1.67
C ASN C 549 13.38 24.99 2.19
N LYS C 550 13.73 23.98 2.97
CA LYS C 550 12.69 23.10 3.46
C LYS C 550 11.78 23.86 4.36
N LEU C 551 12.38 24.81 5.03
CA LEU C 551 11.64 25.64 5.93
C LEU C 551 10.63 26.43 5.14
N TYR C 552 11.06 26.96 4.02
CA TYR C 552 10.15 27.82 3.26
C TYR C 552 9.07 27.07 2.54
N ASP C 553 9.50 26.21 1.63
CA ASP C 553 8.60 25.41 0.79
C ASP C 553 7.37 24.98 1.56
N GLN C 554 7.60 24.74 2.85
CA GLN C 554 6.53 24.27 3.73
C GLN C 554 5.82 25.30 4.56
N HIS C 555 6.47 26.40 4.91
CA HIS C 555 5.74 27.33 5.75
C HIS C 555 5.41 28.63 5.07
N LEU C 556 6.27 29.02 4.15
CA LEU C 556 6.07 30.26 3.47
C LEU C 556 4.81 30.35 2.63
N GLY C 557 4.12 31.45 2.87
CA GLY C 557 2.88 31.78 2.21
C GLY C 557 1.70 31.06 2.86
N LYS C 558 2.00 29.92 3.47
CA LYS C 558 1.01 29.10 4.10
C LYS C 558 0.83 29.42 5.56
N SER C 559 1.85 30.07 6.10
CA SER C 559 1.82 30.44 7.51
C SER C 559 2.06 31.91 7.74
N ASN C 560 1.19 32.45 8.57
CA ASN C 560 1.12 33.87 8.82
C ASN C 560 2.24 34.38 9.72
N ASN C 561 2.56 33.59 10.70
CA ASN C 561 3.56 34.00 11.63
C ASN C 561 4.93 33.86 11.03
N PHE C 562 4.91 33.20 9.91
CA PHE C 562 6.11 32.92 9.12
C PHE C 562 6.29 33.99 8.06
N GLN C 563 7.50 34.51 7.98
CA GLN C 563 7.78 35.60 7.09
C GLN C 563 9.23 35.58 6.64
N LYS C 564 9.50 36.25 5.53
CA LYS C 564 10.85 36.38 5.00
C LYS C 564 11.36 37.74 5.43
N PRO C 565 12.59 37.79 5.94
CA PRO C 565 13.18 39.01 6.43
C PRO C 565 13.23 40.14 5.43
N LYS C 566 13.02 41.34 6.01
CA LYS C 566 13.06 42.63 5.36
C LYS C 566 14.45 43.22 5.56
N PRO C 567 15.31 43.13 4.53
CA PRO C 567 16.67 43.64 4.65
C PRO C 567 16.74 45.08 5.20
N ALA C 568 17.72 45.32 6.09
CA ALA C 568 17.95 46.61 6.73
C ALA C 568 19.43 46.80 7.13
N ALA C 572 23.27 42.30 10.82
CA ALA C 572 23.63 41.34 9.78
C ALA C 572 22.48 40.93 8.86
N GLU C 573 22.53 39.66 8.45
CA GLU C 573 21.58 39.04 7.53
C GLU C 573 20.42 38.36 8.27
N ALA C 574 19.45 37.83 7.51
CA ALA C 574 18.36 37.19 8.16
C ALA C 574 17.71 36.18 7.23
N HIS C 575 17.20 35.10 7.78
CA HIS C 575 16.59 34.13 6.92
C HIS C 575 15.15 33.97 7.16
N PHE C 576 14.76 34.36 8.34
CA PHE C 576 13.37 34.22 8.61
C PHE C 576 12.98 34.85 9.87
N SER C 577 11.86 35.50 9.76
CA SER C 577 11.32 36.20 10.84
C SER C 577 10.10 35.47 11.29
N LEU C 578 9.87 35.62 12.55
CA LEU C 578 8.74 35.09 13.23
C LEU C 578 7.98 36.19 13.95
N VAL C 579 6.73 35.95 14.16
CA VAL C 579 5.91 36.93 14.83
C VAL C 579 5.49 36.52 16.23
N HIS C 580 6.39 36.78 17.15
CA HIS C 580 6.19 36.45 18.56
C HIS C 580 5.31 37.50 19.20
N TYR C 581 4.79 37.21 20.41
CA TYR C 581 3.95 38.20 21.06
C TYR C 581 4.63 39.56 21.24
N ALA C 582 5.93 39.50 21.59
CA ALA C 582 6.73 40.71 21.82
C ALA C 582 7.03 41.50 20.54
N GLY C 583 7.05 40.76 19.45
CA GLY C 583 7.29 41.34 18.15
C GLY C 583 7.92 40.36 17.17
N THR C 584 8.50 40.95 16.11
CA THR C 584 9.12 40.24 15.02
C THR C 584 10.57 39.99 15.24
N VAL C 585 10.94 38.74 15.15
CA VAL C 585 12.34 38.40 15.36
C VAL C 585 12.91 37.85 14.05
N ASP C 586 14.01 38.46 13.68
CA ASP C 586 14.71 38.11 12.46
C ASP C 586 15.79 37.09 12.80
N TYR C 587 15.58 35.87 12.33
CA TYR C 587 16.47 34.74 12.64
C TYR C 587 17.41 34.39 11.52
N ASN C 588 18.67 34.17 11.91
CA ASN C 588 19.75 33.74 11.03
C ASN C 588 20.05 32.29 11.30
N ILE C 589 19.94 31.50 10.28
CA ILE C 589 20.12 30.05 10.29
C ILE C 589 21.49 29.60 9.88
N SER C 590 22.50 29.83 10.65
CA SER C 590 23.75 29.42 10.10
C SER C 590 24.63 28.79 11.14
N GLY C 591 24.57 27.49 11.16
CA GLY C 591 25.38 26.73 12.06
C GLY C 591 24.49 25.81 12.77
N TRP C 592 23.22 26.12 12.47
CA TRP C 592 22.18 25.41 13.18
C TRP C 592 22.31 23.95 13.08
N LEU C 593 22.43 23.53 11.82
CA LEU C 593 22.52 22.09 11.53
C LEU C 593 23.55 21.43 12.41
N GLU C 594 24.72 22.02 12.40
CA GLU C 594 25.83 21.56 13.24
C GLU C 594 25.57 21.60 14.72
N LYS C 595 25.31 22.82 15.17
CA LYS C 595 25.05 23.11 16.57
C LYS C 595 24.06 22.15 17.07
N ASN C 596 23.13 21.86 16.19
CA ASN C 596 22.08 20.94 16.54
C ASN C 596 22.55 19.46 16.53
N LYS C 597 23.67 19.15 15.95
CA LYS C 597 24.10 17.74 15.86
C LYS C 597 25.03 17.31 16.97
N ASP C 598 25.64 18.30 17.59
CA ASP C 598 26.58 18.08 18.65
C ASP C 598 27.59 17.04 18.27
N PRO C 599 18.43 14.78 15.70
CA PRO C 599 18.98 13.60 15.08
C PRO C 599 20.32 13.19 15.68
N LEU C 600 20.36 11.95 16.15
CA LEU C 600 21.54 11.36 16.78
C LEU C 600 21.81 9.95 16.25
N ASN C 601 23.06 9.63 15.91
CA ASN C 601 23.42 8.31 15.43
C ASN C 601 23.26 7.30 16.51
N GLU C 602 22.18 6.62 16.39
CA GLU C 602 21.76 5.62 17.33
C GLU C 602 22.68 4.45 17.53
N THR C 603 23.58 4.21 16.58
CA THR C 603 24.48 3.11 16.72
C THR C 603 25.44 3.41 17.84
N VAL C 604 25.96 4.61 17.75
CA VAL C 604 26.89 5.13 18.75
C VAL C 604 26.28 5.17 20.14
N ILE C 605 25.10 5.73 20.19
CA ILE C 605 24.39 5.85 21.43
C ILE C 605 24.32 4.50 22.05
N GLY C 606 24.30 3.53 21.15
CA GLY C 606 24.23 2.15 21.59
C GLY C 606 25.40 1.88 22.47
N LEU C 607 26.55 2.17 21.90
CA LEU C 607 27.82 1.99 22.59
C LEU C 607 27.83 2.67 23.94
N TYR C 608 27.31 3.90 23.96
CA TYR C 608 27.31 4.65 25.20
C TYR C 608 26.53 3.85 26.19
N GLN C 609 25.39 3.45 25.72
CA GLN C 609 24.46 2.71 26.54
C GLN C 609 25.09 1.50 27.24
N LYS C 610 26.19 1.01 26.70
CA LYS C 610 26.87 -0.13 27.29
C LYS C 610 28.33 0.18 27.62
N SER C 611 28.56 1.41 28.05
CA SER C 611 29.88 1.85 28.44
C SER C 611 30.36 1.27 29.75
N SER C 612 31.65 1.36 29.94
CA SER C 612 32.26 0.88 31.18
C SER C 612 32.21 2.01 32.20
N VAL C 613 31.83 3.18 31.69
CA VAL C 613 31.71 4.39 32.46
C VAL C 613 30.25 4.66 32.74
N LYS C 614 29.78 4.03 33.80
CA LYS C 614 28.42 3.96 34.29
C LYS C 614 27.63 5.22 34.05
N THR C 615 28.21 6.28 34.51
CA THR C 615 27.64 7.60 34.36
C THR C 615 27.27 7.88 32.91
N LEU C 616 28.20 7.65 32.02
CA LEU C 616 27.94 7.85 30.61
C LEU C 616 26.85 6.95 30.22
N ALA C 617 26.93 5.74 30.75
CA ALA C 617 25.88 4.79 30.45
C ALA C 617 24.55 5.33 30.90
N LEU C 618 24.52 5.86 32.07
CA LEU C 618 23.28 6.37 32.59
C LEU C 618 22.59 7.41 31.77
N LEU C 619 23.34 8.49 31.53
CA LEU C 619 22.88 9.65 30.78
C LEU C 619 22.01 9.30 29.60
N PHE C 620 22.30 8.15 28.99
CA PHE C 620 21.59 7.77 27.75
C PHE C 620 20.79 6.46 27.94
N ALA C 621 19.89 6.39 28.94
CA ALA C 621 19.04 5.21 29.18
C ALA C 621 17.58 5.44 28.77
N THR C 622 17.27 6.70 28.67
CA THR C 622 15.98 7.22 28.29
C THR C 622 15.84 7.26 26.75
N TYR C 623 16.84 6.77 26.06
CA TYR C 623 16.83 6.79 24.65
C TYR C 623 15.98 5.66 24.07
N GLN C 644 19.84 11.35 17.93
CA GLN C 644 19.27 12.35 18.84
C GLN C 644 19.93 13.73 18.74
N THR C 645 19.05 14.71 18.55
CA THR C 645 19.40 16.09 18.40
C THR C 645 19.46 16.87 19.72
N VAL C 646 19.95 18.10 19.65
CA VAL C 646 20.10 18.98 20.77
C VAL C 646 18.77 19.58 21.11
N SER C 647 18.13 20.09 20.08
CA SER C 647 16.82 20.69 20.20
C SER C 647 15.83 19.66 20.64
N ALA C 648 16.14 18.39 20.36
CA ALA C 648 15.31 17.26 20.76
C ALA C 648 15.04 17.20 22.25
N LEU C 649 16.02 17.55 23.05
CA LEU C 649 15.86 17.54 24.52
C LEU C 649 15.19 18.75 25.03
N PHE C 650 15.87 19.86 24.68
CA PHE C 650 15.47 21.21 25.02
C PHE C 650 13.94 21.22 25.12
N ARG C 651 13.34 20.65 24.10
CA ARG C 651 11.93 20.51 24.01
C ARG C 651 11.43 19.63 25.18
N GLU C 652 11.98 18.43 25.33
CA GLU C 652 11.64 17.42 26.35
C GLU C 652 11.74 17.96 27.77
N ASN C 653 12.76 18.76 27.95
CA ASN C 653 13.05 19.39 29.20
C ASN C 653 12.05 20.53 29.41
N LEU C 654 11.87 21.30 28.37
CA LEU C 654 10.92 22.41 28.35
C LEU C 654 9.50 21.93 28.52
N ASN C 655 9.28 20.65 28.36
CA ASN C 655 7.93 20.11 28.50
C ASN C 655 7.67 19.63 29.87
N LYS C 656 8.70 19.03 30.39
CA LYS C 656 8.73 18.46 31.69
C LYS C 656 8.59 19.59 32.68
N LEU C 657 8.97 20.77 32.21
CA LEU C 657 9.00 22.00 32.98
C LEU C 657 7.68 22.66 32.99
N MET C 658 7.21 23.00 31.79
CA MET C 658 5.91 23.65 31.60
C MET C 658 4.79 22.78 32.19
N ALA C 659 5.09 21.51 32.47
CA ALA C 659 4.12 20.59 33.04
C ALA C 659 4.15 20.74 34.53
N ASN C 660 5.34 20.97 35.02
CA ASN C 660 5.58 21.13 36.44
C ASN C 660 5.01 22.50 36.82
N LEU C 661 5.06 23.40 35.85
CA LEU C 661 4.60 24.75 36.03
C LEU C 661 3.08 24.80 36.17
N ARG C 662 2.38 23.85 35.53
CA ARG C 662 0.93 23.74 35.53
C ARG C 662 0.34 23.28 36.85
N SER C 663 0.92 22.20 37.42
CA SER C 663 0.48 21.68 38.72
C SER C 663 0.96 22.59 39.81
N THR C 664 1.01 23.87 39.43
CA THR C 664 1.49 24.94 40.25
C THR C 664 0.58 26.12 40.19
N HIS C 665 0.58 26.87 41.30
CA HIS C 665 -0.08 28.17 41.36
C HIS C 665 0.94 29.26 41.04
N PRO C 666 0.96 29.71 39.82
CA PRO C 666 1.93 30.61 39.30
C PRO C 666 1.94 31.93 40.04
N HIS C 667 3.17 32.35 40.40
CA HIS C 667 3.48 33.58 41.04
C HIS C 667 4.58 34.22 40.20
N PHE C 668 4.31 35.40 39.69
CA PHE C 668 5.16 36.15 38.77
C PHE C 668 5.97 37.32 39.32
N VAL C 669 7.20 37.41 38.89
CA VAL C 669 8.17 38.42 39.23
C VAL C 669 8.98 38.86 38.02
N ARG C 670 8.89 40.11 37.65
CA ARG C 670 9.55 40.72 36.51
C ARG C 670 10.64 41.68 36.97
N CYS C 671 11.90 41.34 36.66
CA CYS C 671 13.04 42.14 37.05
C CYS C 671 13.41 43.15 35.98
N ILE C 672 13.67 44.39 36.35
CA ILE C 672 13.98 45.45 35.41
C ILE C 672 15.33 46.15 35.58
N ILE C 673 15.87 46.62 34.47
CA ILE C 673 17.16 47.26 34.38
C ILE C 673 17.02 48.67 33.83
N PRO C 674 17.25 49.61 34.73
CA PRO C 674 17.10 51.02 34.58
C PRO C 674 17.88 51.67 33.49
N ASN C 675 19.20 51.63 33.60
CA ASN C 675 20.06 52.24 32.59
C ASN C 675 21.32 51.46 32.34
N GLU C 676 21.65 51.33 31.06
CA GLU C 676 22.83 50.60 30.64
C GLU C 676 24.07 51.11 31.34
N THR C 677 24.03 52.38 31.68
CA THR C 677 25.15 53.04 32.32
C THR C 677 25.35 52.74 33.79
N LYS C 678 24.55 51.90 34.44
CA LYS C 678 24.82 51.64 35.87
C LYS C 678 24.76 52.84 36.81
N THR C 679 23.60 53.42 36.95
CA THR C 679 23.44 54.60 37.79
C THR C 679 22.20 54.46 38.61
N PRO C 680 22.32 54.56 39.90
CA PRO C 680 21.14 54.44 40.72
C PRO C 680 20.26 55.66 40.50
N GLY C 681 18.97 55.51 40.81
CA GLY C 681 17.96 56.54 40.66
C GLY C 681 17.73 57.05 39.23
N ALA C 682 18.14 56.30 38.23
CA ALA C 682 17.97 56.76 36.85
C ALA C 682 17.31 55.75 35.91
N MET C 683 16.82 56.22 34.79
CA MET C 683 16.15 55.31 33.92
C MET C 683 16.13 55.66 32.44
N GLU C 684 16.65 54.84 31.54
CA GLU C 684 16.44 55.35 30.18
C GLU C 684 15.05 54.93 29.83
N HIS C 685 14.37 55.78 29.12
CA HIS C 685 13.01 55.44 28.78
C HIS C 685 12.83 54.21 27.94
N GLU C 686 13.14 54.39 26.68
CA GLU C 686 12.95 53.33 25.73
C GLU C 686 13.54 52.01 26.12
N LEU C 687 14.51 52.08 26.98
CA LEU C 687 15.14 50.88 27.47
C LEU C 687 14.20 50.13 28.40
N VAL C 688 13.58 50.84 29.32
CA VAL C 688 12.58 50.27 30.22
C VAL C 688 11.32 49.87 29.40
N LEU C 689 10.98 50.73 28.45
CA LEU C 689 9.83 50.51 27.61
C LEU C 689 9.89 49.15 26.95
N HIS C 690 11.05 48.86 26.44
CA HIS C 690 11.29 47.60 25.80
C HIS C 690 10.91 46.43 26.67
N GLN C 691 11.58 46.40 27.80
CA GLN C 691 11.40 45.36 28.72
C GLN C 691 9.96 45.14 29.02
N LEU C 692 9.29 46.25 29.18
CA LEU C 692 7.87 46.16 29.48
C LEU C 692 7.03 45.38 28.50
N ARG C 693 7.43 45.44 27.22
CA ARG C 693 6.66 44.75 26.18
C ARG C 693 6.93 43.28 26.16
N CYS C 694 8.20 43.01 26.28
CA CYS C 694 8.74 41.66 26.28
C CYS C 694 8.57 41.02 27.63
N ASN C 695 8.19 41.79 28.60
CA ASN C 695 8.06 41.30 29.97
C ASN C 695 6.82 40.50 30.15
N GLY C 696 5.75 41.09 29.62
CA GLY C 696 4.40 40.68 29.75
C GLY C 696 3.58 41.76 30.44
N VAL C 697 4.28 42.71 31.05
CA VAL C 697 3.68 43.78 31.80
C VAL C 697 2.73 44.58 30.95
N LEU C 698 3.17 44.90 29.76
CA LEU C 698 2.32 45.67 28.88
C LEU C 698 1.20 44.87 28.34
N GLU C 699 1.33 43.57 28.39
CA GLU C 699 0.27 42.72 27.86
C GLU C 699 -0.73 42.45 28.94
N GLY C 700 -0.29 42.58 30.16
CA GLY C 700 -1.19 42.35 31.28
C GLY C 700 -2.07 43.56 31.46
N ILE C 701 -1.55 44.72 31.04
CA ILE C 701 -2.26 45.94 31.16
C ILE C 701 -3.34 45.95 30.11
N ARG C 702 -2.96 45.47 28.93
CA ARG C 702 -3.89 45.35 27.80
C ARG C 702 -5.14 44.58 28.13
N ILE C 703 -4.89 43.35 28.51
CA ILE C 703 -5.89 42.40 28.93
C ILE C 703 -6.73 42.94 30.06
N CYS C 704 -6.15 43.85 30.81
CA CYS C 704 -6.84 44.43 31.92
C CYS C 704 -7.86 45.41 31.41
N ARG C 705 -7.34 46.27 30.54
CA ARG C 705 -8.09 47.31 29.92
C ARG C 705 -9.16 46.83 28.95
N LYS C 706 -9.39 45.55 28.91
CA LYS C 706 -10.38 45.08 27.97
C LYS C 706 -11.62 44.75 28.74
N GLY C 707 -11.61 45.00 31.40
CA GLY C 707 -12.56 44.06 30.81
C GLY C 707 -13.89 44.78 30.65
N PHE C 708 -14.91 44.14 31.14
CA PHE C 708 -16.23 44.68 31.14
C PHE C 708 -16.70 44.79 32.59
N PRO C 709 -16.40 45.93 33.20
CA PRO C 709 -16.71 46.21 34.59
C PRO C 709 -18.16 45.90 34.96
N SER C 710 -18.99 46.92 34.84
CA SER C 710 -20.41 46.82 35.11
C SER C 710 -21.10 45.76 34.27
N ARG C 711 -21.85 44.92 34.97
CA ARG C 711 -22.59 43.83 34.36
C ARG C 711 -24.01 43.79 34.89
N VAL C 712 -24.95 44.06 33.98
CA VAL C 712 -26.34 44.12 34.32
C VAL C 712 -27.07 42.84 34.12
N LEU C 713 -27.83 42.50 35.13
CA LEU C 713 -28.72 41.37 35.07
C LEU C 713 -29.93 41.87 34.28
N TYR C 714 -30.32 41.02 33.40
CA TYR C 714 -31.40 41.24 32.44
C TYR C 714 -32.73 41.90 32.87
N ALA C 715 -33.39 41.40 33.90
CA ALA C 715 -34.61 42.03 34.38
C ALA C 715 -34.36 43.39 34.96
N ASP C 716 -33.24 43.40 35.74
CA ASP C 716 -32.69 44.57 36.37
C ASP C 716 -32.35 45.57 35.29
N PHE C 717 -32.27 45.00 34.06
CA PHE C 717 -31.95 45.79 32.88
C PHE C 717 -33.19 46.30 32.18
N LYS C 718 -34.21 45.47 32.21
CA LYS C 718 -35.47 45.78 31.56
C LYS C 718 -36.09 46.99 32.24
N GLN C 719 -36.62 46.69 33.44
CA GLN C 719 -37.24 47.67 34.29
C GLN C 719 -36.69 49.09 34.23
N ARG C 720 -35.40 49.20 34.56
CA ARG C 720 -34.73 50.49 34.61
C ARG C 720 -34.60 51.26 33.30
N TYR C 721 -34.60 50.51 32.19
CA TYR C 721 -34.35 51.18 30.91
C TYR C 721 -35.37 51.03 29.81
N ARG C 722 -36.40 50.21 30.05
CA ARG C 722 -37.48 49.97 29.07
C ARG C 722 -37.87 51.27 28.35
N VAL C 723 -38.08 52.28 29.20
CA VAL C 723 -38.44 53.64 28.89
C VAL C 723 -37.65 54.32 27.79
N LEU C 724 -36.51 53.77 27.44
CA LEU C 724 -35.65 54.43 26.47
C LEU C 724 -36.12 54.37 25.05
N ASN C 725 -36.83 53.31 24.74
CA ASN C 725 -37.36 53.06 23.39
C ASN C 725 -38.45 52.03 23.54
N ALA C 726 -39.10 52.13 24.70
CA ALA C 726 -40.19 51.27 25.15
C ALA C 726 -41.07 50.66 24.08
N SER C 727 -41.04 51.24 22.90
CA SER C 727 -41.86 50.74 21.81
C SER C 727 -41.25 49.55 21.07
N ALA C 728 -39.95 49.33 21.22
CA ALA C 728 -39.33 48.21 20.52
C ALA C 728 -39.98 46.92 21.00
N ILE C 729 -41.74 47.64 20.79
CA ILE C 729 -42.76 47.10 21.65
C ILE C 729 -43.50 45.79 21.40
N PRO C 730 -44.24 45.42 20.34
CA PRO C 730 -44.99 44.15 20.41
C PRO C 730 -44.10 42.92 20.65
N GLU C 731 -43.01 42.87 19.88
CA GLU C 731 -41.97 41.87 20.02
C GLU C 731 -41.01 42.05 21.20
N GLY C 732 -40.95 43.25 21.79
CA GLY C 732 -40.20 43.51 23.03
C GLY C 732 -41.01 43.28 24.33
N GLN C 733 -42.33 43.26 24.23
CA GLN C 733 -43.26 42.95 25.34
C GLN C 733 -43.81 41.54 25.47
N PHE C 734 -44.17 40.82 24.40
CA PHE C 734 -44.58 39.41 24.46
C PHE C 734 -43.33 38.56 24.74
N MET C 735 -42.82 38.65 26.32
CA MET C 735 -41.41 38.65 25.91
C MET C 735 -40.59 37.84 26.89
N ASP C 736 -39.29 37.88 26.63
CA ASP C 736 -38.29 37.19 27.40
C ASP C 736 -37.47 38.16 28.23
N SER C 737 -37.07 37.72 29.40
CA SER C 737 -36.24 38.53 30.31
C SER C 737 -34.88 38.80 29.71
N LYS C 738 -34.45 37.93 28.79
CA LYS C 738 -33.16 38.08 28.13
C LYS C 738 -33.26 38.71 26.75
N LYS C 739 -33.88 38.00 25.81
CA LYS C 739 -34.03 38.43 24.44
C LYS C 739 -34.47 39.88 24.34
N ALA C 740 -35.18 40.30 25.38
CA ALA C 740 -35.67 41.65 25.49
C ALA C 740 -34.54 42.66 25.46
N SER C 741 -33.72 42.64 26.53
CA SER C 741 -32.59 43.54 26.68
C SER C 741 -31.82 43.58 25.40
N GLU C 742 -31.83 42.40 24.75
CA GLU C 742 -31.17 42.28 23.48
C GLU C 742 -31.81 43.27 22.56
N LYS C 743 -33.06 42.91 22.28
CA LYS C 743 -33.90 43.69 21.41
C LYS C 743 -33.83 45.16 21.76
N LEU C 744 -33.89 45.49 23.07
CA LEU C 744 -33.88 46.90 23.44
C LEU C 744 -32.75 47.70 22.89
N LEU C 745 -31.56 47.18 23.12
CA LEU C 745 -30.40 47.92 22.67
C LEU C 745 -30.42 48.25 21.21
N GLY C 746 -31.43 47.72 20.53
CA GLY C 746 -31.67 47.97 19.13
C GLY C 746 -31.58 49.47 18.91
N SER C 747 -32.29 50.26 19.75
CA SER C 747 -32.24 51.72 19.60
C SER C 747 -31.12 52.42 20.41
N ILE C 748 -30.98 53.73 20.14
CA ILE C 748 -30.02 54.57 20.80
C ILE C 748 -28.83 54.91 19.91
N ASP C 749 -28.30 56.12 20.01
CA ASP C 749 -27.16 56.45 19.21
C ASP C 749 -25.84 56.08 19.96
N VAL C 750 -25.89 54.87 20.60
CA VAL C 750 -24.88 54.20 21.46
C VAL C 750 -23.89 53.21 20.81
N ASP C 751 -22.65 53.10 21.33
CA ASP C 751 -21.65 52.15 20.80
C ASP C 751 -22.04 50.70 21.02
N HIS C 752 -22.44 50.05 19.92
CA HIS C 752 -22.94 48.70 20.00
C HIS C 752 -21.83 47.64 20.23
N THR C 753 -20.66 48.17 20.53
CA THR C 753 -19.41 47.53 20.80
C THR C 753 -19.24 47.28 22.30
N GLN C 754 -19.13 48.42 22.97
CA GLN C 754 -18.99 48.58 24.39
C GLN C 754 -19.76 47.59 25.25
N TYR C 755 -20.63 46.80 24.71
CA TYR C 755 -21.35 45.86 25.55
C TYR C 755 -21.19 44.45 25.03
N ARG C 756 -21.76 43.52 25.79
CA ARG C 756 -21.66 42.15 25.34
C ARG C 756 -22.59 41.37 26.21
N PHE C 757 -23.31 40.51 25.52
CA PHE C 757 -24.32 39.74 26.20
C PHE C 757 -23.87 38.36 26.47
N GLY C 758 -24.59 37.72 27.39
CA GLY C 758 -24.32 36.36 27.75
C GLY C 758 -25.43 35.84 28.60
N HIS C 759 -25.48 34.53 28.69
CA HIS C 759 -26.48 33.77 29.43
C HIS C 759 -27.18 34.35 30.63
N THR C 760 -26.54 35.19 31.43
CA THR C 760 -27.27 35.72 32.56
C THR C 760 -27.24 37.22 32.62
N LYS C 761 -26.37 37.80 31.80
CA LYS C 761 -26.28 39.22 31.85
C LYS C 761 -25.48 39.87 30.77
N VAL C 762 -25.58 41.18 30.70
CA VAL C 762 -24.87 41.92 29.70
C VAL C 762 -23.64 42.44 30.34
N PHE C 763 -22.67 42.62 29.50
CA PHE C 763 -21.47 43.17 29.95
C PHE C 763 -21.36 44.50 29.30
N PHE C 764 -20.81 45.41 30.10
CA PHE C 764 -20.71 46.80 29.66
C PHE C 764 -19.39 47.43 30.05
N LYS C 765 -18.83 48.31 29.24
CA LYS C 765 -17.62 49.02 29.57
C LYS C 765 -18.03 50.15 30.50
N ALA C 766 -17.08 51.07 30.72
CA ALA C 766 -17.31 52.22 31.57
C ALA C 766 -18.12 53.30 30.90
N GLY C 767 -18.56 54.22 31.78
CA GLY C 767 -19.30 55.42 31.44
C GLY C 767 -20.41 55.17 30.46
N LEU C 768 -20.80 53.93 30.34
CA LEU C 768 -21.83 53.60 29.42
C LEU C 768 -23.15 53.64 30.09
N LEU C 769 -23.20 52.80 31.11
CA LEU C 769 -24.32 52.72 31.97
C LEU C 769 -24.60 54.15 32.40
N GLY C 770 -23.53 54.91 32.50
CA GLY C 770 -23.64 56.29 32.82
C GLY C 770 -24.39 56.98 31.71
N LEU C 771 -24.06 56.59 30.51
CA LEU C 771 -24.73 57.19 29.36
C LEU C 771 -26.19 56.85 29.36
N LEU C 772 -26.46 55.56 29.58
CA LEU C 772 -27.82 55.09 29.64
C LEU C 772 -28.73 55.95 30.51
N GLU C 773 -28.43 55.95 31.78
CA GLU C 773 -29.10 56.72 32.78
C GLU C 773 -29.47 58.12 32.34
N GLU C 774 -28.45 58.79 31.75
CA GLU C 774 -28.64 60.14 31.33
C GLU C 774 -29.84 60.27 30.42
N MET C 775 -29.87 59.41 29.43
CA MET C 775 -30.97 59.37 28.49
C MET C 775 -32.23 59.16 29.29
N ARG C 776 -32.10 58.27 30.20
CA ARG C 776 -33.17 57.93 31.04
C ARG C 776 -33.63 59.14 31.78
N ASP C 777 -32.68 59.84 32.36
CA ASP C 777 -32.95 61.05 33.11
C ASP C 777 -33.85 61.97 32.32
N ASP C 778 -33.45 62.28 31.09
CA ASP C 778 -34.29 63.13 30.28
C ASP C 778 -35.67 62.52 30.14
N LYS C 779 -35.72 61.22 30.07
CA LYS C 779 -36.99 60.63 29.81
C LYS C 779 -37.98 60.69 30.92
N LEU C 780 -37.51 61.10 32.05
CA LEU C 780 -38.45 61.18 33.14
C LEU C 780 -38.96 62.58 33.33
N ALA C 781 -38.12 63.54 32.92
CA ALA C 781 -38.50 64.93 32.99
C ALA C 781 -39.79 64.94 32.21
N GLU C 782 -39.72 64.32 31.03
CA GLU C 782 -40.86 64.13 30.14
C GLU C 782 -41.96 63.54 31.04
N ILE C 783 -41.80 62.30 31.43
CA ILE C 783 -42.73 61.58 32.26
C ILE C 783 -43.22 62.29 33.47
N ILE C 784 -42.32 62.95 34.15
CA ILE C 784 -42.75 63.61 35.37
C ILE C 784 -43.50 64.88 35.11
N THR C 785 -42.77 65.83 34.50
CA THR C 785 -43.26 67.14 34.16
C THR C 785 -44.71 67.09 33.67
N ARG C 786 -45.00 66.11 32.85
CA ARG C 786 -46.32 65.87 32.34
C ARG C 786 -47.22 65.34 33.42
N THR C 787 -46.67 64.51 34.29
CA THR C 787 -47.53 63.95 35.35
C THR C 787 -47.73 64.98 36.43
N GLN C 788 -46.86 65.94 36.47
CA GLN C 788 -47.02 66.94 37.49
C GLN C 788 -48.24 67.75 37.13
N ALA C 789 -48.11 68.43 35.98
CA ALA C 789 -49.13 69.26 35.38
C ALA C 789 -50.58 68.87 35.71
N ARG C 790 -51.01 67.72 35.25
CA ARG C 790 -52.35 67.19 35.41
C ARG C 790 -52.74 67.35 36.87
N CYS C 791 -51.83 66.84 37.69
CA CYS C 791 -51.99 66.97 39.12
C CYS C 791 -52.31 68.41 39.49
N ARG C 792 -51.35 69.30 39.16
CA ARG C 792 -51.44 70.72 39.42
C ARG C 792 -52.81 71.17 38.96
N GLY C 793 -53.06 70.87 37.69
CA GLY C 793 -54.30 71.20 37.03
C GLY C 793 -55.35 70.74 37.98
N PHE C 794 -55.50 69.44 38.01
CA PHE C 794 -56.47 68.78 38.84
C PHE C 794 -56.54 69.33 40.24
N LEU C 795 -55.41 69.74 40.72
CA LEU C 795 -55.45 70.22 42.07
C LEU C 795 -56.32 71.43 42.25
N MET C 796 -56.17 72.33 41.33
CA MET C 796 -56.97 73.52 41.39
C MET C 796 -58.39 73.26 40.97
N ARG C 797 -58.55 72.25 40.13
CA ARG C 797 -59.89 71.92 39.64
C ARG C 797 -60.80 71.59 40.79
N VAL C 798 -60.24 71.21 41.95
CA VAL C 798 -61.06 70.81 43.11
C VAL C 798 -61.31 72.01 43.95
N GLU C 799 -60.44 72.99 43.74
CA GLU C 799 -60.54 74.23 44.47
C GLU C 799 -61.71 75.01 43.95
N TYR C 800 -61.89 74.99 42.62
CA TYR C 800 -63.03 75.64 42.11
C TYR C 800 -64.33 75.03 42.72
N ARG C 801 -64.46 73.69 42.81
CA ARG C 801 -65.64 72.95 43.34
C ARG C 801 -65.97 73.29 44.80
N ARG C 802 -64.94 73.78 45.47
CA ARG C 802 -65.06 74.16 46.85
C ARG C 802 -65.45 75.64 46.92
N MET C 803 -64.69 76.47 46.20
CA MET C 803 -64.93 77.91 46.11
C MET C 803 -66.40 78.18 45.86
N VAL C 804 -66.87 77.51 44.82
CA VAL C 804 -68.23 77.55 44.34
C VAL C 804 -69.27 77.11 45.39
N GLU C 805 -69.05 75.98 46.04
CA GLU C 805 -69.94 75.46 47.08
C GLU C 805 -70.17 76.56 48.10
N ARG C 806 -69.04 77.00 48.61
CA ARG C 806 -68.86 78.04 49.57
C ARG C 806 -69.62 79.32 49.28
N ARG C 807 -69.77 79.57 47.97
CA ARG C 807 -70.40 80.74 47.40
C ARG C 807 -71.42 81.38 48.29
N GLU C 808 -72.44 80.60 48.60
CA GLU C 808 -73.48 81.16 49.41
C GLU C 808 -73.26 81.13 50.90
N SER C 809 -72.74 80.03 51.41
CA SER C 809 -72.55 79.92 52.84
C SER C 809 -71.84 81.11 53.40
N ILE C 810 -71.07 81.77 52.53
CA ILE C 810 -70.37 82.96 52.95
C ILE C 810 -71.39 84.07 53.16
N PHE C 811 -72.06 84.41 52.06
CA PHE C 811 -73.08 85.42 51.97
C PHE C 811 -73.92 85.38 53.21
N CYS C 812 -74.39 84.18 53.46
CA CYS C 812 -75.19 83.93 54.62
C CYS C 812 -74.46 84.44 55.79
N ILE C 813 -73.23 84.04 55.86
CA ILE C 813 -72.43 84.52 56.96
C ILE C 813 -72.27 86.01 56.80
N GLN C 814 -71.93 86.43 55.58
CA GLN C 814 -71.68 87.84 55.28
C GLN C 814 -72.75 88.77 55.82
N TYR C 815 -73.89 88.75 55.14
CA TYR C 815 -75.01 89.58 55.51
C TYR C 815 -75.38 89.47 56.97
N ASN C 816 -75.53 88.21 57.42
CA ASN C 816 -75.94 87.86 58.77
C ASN C 816 -75.33 88.61 59.91
N VAL C 817 -74.03 88.88 59.75
CA VAL C 817 -73.25 89.60 60.75
C VAL C 817 -73.61 91.07 60.75
N ARG C 818 -73.54 91.62 59.54
CA ARG C 818 -73.88 92.99 59.28
C ARG C 818 -75.15 93.42 60.01
N SER C 819 -76.21 92.58 59.94
CA SER C 819 -77.48 92.80 60.59
C SER C 819 -77.16 93.28 61.98
N PHE C 820 -76.71 92.31 62.72
CA PHE C 820 -76.38 92.42 64.08
C PHE C 820 -75.64 93.69 64.45
N MET C 821 -74.66 94.03 63.68
CA MET C 821 -73.90 95.24 63.95
C MET C 821 -74.75 96.50 63.94
N ASN C 822 -75.86 96.39 63.26
CA ASN C 822 -76.75 97.49 63.10
C ASN C 822 -77.82 97.51 64.14
N VAL C 823 -78.29 96.31 64.35
CA VAL C 823 -79.35 96.05 65.22
C VAL C 823 -79.03 96.17 66.67
N LYS C 824 -78.00 95.46 67.11
CA LYS C 824 -77.54 95.43 68.49
C LYS C 824 -77.59 96.79 69.19
N HIS C 825 -77.63 97.90 68.41
CA HIS C 825 -77.68 99.23 69.02
C HIS C 825 -79.11 99.80 69.12
N TRP C 826 -80.09 99.12 68.49
CA TRP C 826 -81.56 99.44 68.39
C TRP C 826 -82.44 99.07 69.61
N PRO C 827 -83.02 100.08 70.24
CA PRO C 827 -83.89 99.96 71.40
C PRO C 827 -84.73 98.72 71.38
N TRP C 828 -85.48 98.66 70.32
CA TRP C 828 -86.43 97.58 70.07
C TRP C 828 -85.75 96.27 70.09
N MET C 829 -84.52 96.28 69.58
CA MET C 829 -83.87 94.99 69.56
C MET C 829 -83.30 94.62 70.93
N LYS C 830 -82.83 95.59 71.70
CA LYS C 830 -82.38 95.29 73.01
C LYS C 830 -83.51 94.81 73.83
N LEU C 831 -84.62 95.46 73.63
CA LEU C 831 -85.85 95.10 74.35
C LEU C 831 -86.18 93.64 74.14
N PHE C 832 -86.31 93.29 72.88
CA PHE C 832 -86.60 91.89 72.47
C PHE C 832 -85.64 90.95 73.16
N PHE C 833 -84.43 91.47 73.29
CA PHE C 833 -83.36 90.74 73.89
C PHE C 833 -83.61 90.46 75.37
N LYS C 834 -83.80 91.51 76.16
CA LYS C 834 -84.02 91.23 77.57
C LYS C 834 -85.26 90.36 77.70
N ILE C 835 -86.20 90.65 76.84
CA ILE C 835 -87.49 89.97 76.88
C ILE C 835 -87.54 88.55 76.32
N LYS C 836 -86.78 88.30 75.26
CA LYS C 836 -86.69 87.00 74.62
C LYS C 836 -86.65 85.83 75.56
N PRO C 837 -86.23 86.05 76.78
CA PRO C 837 -86.16 84.91 77.66
C PRO C 837 -87.44 84.52 78.34
N LEU C 838 -88.15 85.52 78.88
CA LEU C 838 -89.42 85.27 79.57
C LEU C 838 -90.39 84.40 78.74
N LEU C 839 -90.08 84.29 77.46
CA LEU C 839 -90.91 83.57 76.57
C LEU C 839 -90.73 82.10 76.70
N LYS C 840 -91.61 81.43 75.98
CA LYS C 840 -91.60 79.98 75.94
C LYS C 840 -92.01 79.52 74.55
N ASN A 1 -100.36 60.70 20.76
CA ASN A 1 -99.64 59.79 21.68
C ASN A 1 -100.23 59.88 23.10
N VAL A 2 -100.59 61.14 23.37
CA VAL A 2 -101.23 61.62 24.59
C VAL A 2 -102.66 61.20 24.93
N PHE A 3 -103.41 60.63 23.98
CA PHE A 3 -104.62 59.94 24.37
C PHE A 3 -104.47 58.40 24.36
N SER A 4 -103.39 57.86 23.77
CA SER A 4 -103.13 56.40 23.74
C SER A 4 -102.67 55.55 24.92
N MET A 5 -101.82 55.99 25.87
CA MET A 5 -101.62 55.28 27.16
C MET A 5 -102.89 55.76 27.93
N PHE A 6 -102.80 56.61 28.96
CA PHE A 6 -103.93 57.44 29.41
C PHE A 6 -105.34 56.91 29.72
N ASP A 7 -105.36 56.05 30.74
CA ASP A 7 -106.57 55.41 31.22
C ASP A 7 -107.62 56.28 31.91
N GLN A 8 -108.88 55.82 31.98
CA GLN A 8 -109.98 56.53 32.64
C GLN A 8 -109.69 57.07 34.04
N THR A 9 -109.04 56.24 34.88
CA THR A 9 -108.59 56.64 36.22
C THR A 9 -107.65 57.86 36.17
N GLN A 10 -106.52 57.78 35.46
CA GLN A 10 -105.62 58.93 35.22
C GLN A 10 -106.37 60.21 34.83
N ILE A 11 -107.25 60.07 33.82
CA ILE A 11 -108.09 61.17 33.36
C ILE A 11 -109.03 61.69 34.46
N GLN A 12 -109.64 60.86 35.31
CA GLN A 12 -110.45 61.33 36.44
C GLN A 12 -109.63 62.05 37.51
N ASP A 13 -108.45 61.54 37.88
CA ASP A 13 -107.50 62.23 38.75
C ASP A 13 -107.25 63.65 38.23
N PHE A 14 -106.94 63.77 36.93
CA PHE A 14 -106.84 65.07 36.26
C PHE A 14 -108.14 65.89 36.33
N LYS A 15 -109.32 65.37 35.98
CA LYS A 15 -110.61 66.09 36.12
C LYS A 15 -110.87 66.67 37.52
N GLU A 16 -110.66 65.87 38.58
CA GLU A 16 -110.76 66.35 39.96
C GLU A 16 -109.71 67.43 40.22
N ALA A 17 -108.44 67.25 39.82
CA ALA A 17 -107.41 68.28 39.93
C ALA A 17 -107.78 69.61 39.26
N PHE A 18 -108.35 69.54 38.06
CA PHE A 18 -108.87 70.72 37.36
C PHE A 18 -109.96 71.36 38.21
N THR A 19 -111.04 70.65 38.61
CA THR A 19 -112.08 71.25 39.48
C THR A 19 -111.63 71.82 40.82
N VAL A 20 -110.49 71.36 41.38
CA VAL A 20 -109.90 72.02 42.56
C VAL A 20 -109.18 73.33 42.21
N ILE A 21 -108.50 73.41 41.06
CA ILE A 21 -107.91 74.69 40.64
C ILE A 21 -108.98 75.66 40.07
N ASP A 22 -110.03 75.13 39.44
CA ASP A 22 -111.22 75.85 38.95
C ASP A 22 -112.07 76.54 40.03
N GLN A 23 -111.56 77.56 40.74
CA GLN A 23 -112.29 78.24 41.83
C GLN A 23 -113.75 78.64 41.59
N ASN A 24 -113.96 79.24 40.44
CA ASN A 24 -115.27 79.76 40.07
C ASN A 24 -116.32 78.72 39.64
N ARG A 25 -115.93 77.46 39.40
CA ARG A 25 -116.77 76.38 38.86
C ARG A 25 -117.27 76.54 37.41
N ASP A 26 -117.07 77.70 36.80
CA ASP A 26 -117.36 78.01 35.39
C ASP A 26 -117.00 76.97 34.31
N GLY A 27 -115.83 76.35 34.41
CA GLY A 27 -115.37 75.37 33.42
C GLY A 27 -114.02 75.69 32.77
N ILE A 28 -113.57 76.93 33.00
CA ILE A 28 -112.30 77.43 32.48
C ILE A 28 -111.43 77.93 33.64
N ILE A 29 -110.21 77.42 33.83
CA ILE A 29 -109.28 78.00 34.80
C ILE A 29 -108.62 79.25 34.22
N ASP A 30 -108.54 80.30 35.02
CA ASP A 30 -107.81 81.50 34.62
C ASP A 30 -106.79 81.99 35.66
N LYS A 31 -106.25 83.20 35.51
CA LYS A 31 -105.28 83.78 36.46
C LYS A 31 -105.78 83.86 37.90
N ASP A 32 -107.04 84.25 38.05
CA ASP A 32 -107.70 84.34 39.35
C ASP A 32 -107.79 82.96 40.02
N ASP A 33 -108.30 81.95 39.31
CA ASP A 33 -108.33 80.57 39.76
C ASP A 33 -106.97 80.03 40.25
N LEU A 34 -105.91 80.27 39.47
CA LEU A 34 -104.56 79.96 39.93
C LEU A 34 -104.14 80.72 41.20
N ARG A 35 -104.28 82.07 41.25
CA ARG A 35 -103.95 82.89 42.43
C ARG A 35 -104.50 82.39 43.77
N GLU A 36 -105.82 82.20 43.92
CA GLU A 36 -106.30 81.68 45.21
C GLU A 36 -106.05 80.20 45.37
N THR A 37 -105.84 79.31 44.37
CA THR A 37 -105.41 77.94 44.70
C THR A 37 -104.02 77.96 45.33
N PHE A 38 -103.11 78.79 44.82
CA PHE A 38 -101.81 79.00 45.46
C PHE A 38 -101.96 79.53 46.90
N ALA A 39 -102.79 80.57 47.08
CA ALA A 39 -103.12 81.09 48.41
C ALA A 39 -103.71 80.06 49.39
N ALA A 40 -104.68 79.24 48.95
CA ALA A 40 -105.24 78.15 49.74
C ALA A 40 -104.20 77.09 50.16
N MET A 41 -103.24 76.83 49.28
CA MET A 41 -102.10 75.96 49.62
C MET A 41 -100.99 76.63 50.47
N GLY A 42 -101.15 77.89 50.87
CA GLY A 42 -100.17 78.61 51.68
C GLY A 42 -99.26 79.59 50.93
N ARG A 43 -99.25 79.56 49.59
CA ARG A 43 -98.37 80.44 48.81
C ARG A 43 -98.94 81.84 48.53
N LEU A 44 -98.52 82.83 49.31
CA LEU A 44 -98.98 84.20 49.11
C LEU A 44 -98.11 85.10 48.22
N ASN A 45 -96.84 84.74 48.04
CA ASN A 45 -95.86 85.56 47.33
C ASN A 45 -95.87 85.51 45.78
N VAL A 46 -96.98 85.10 45.18
CA VAL A 46 -97.06 84.88 43.73
C VAL A 46 -97.06 86.14 42.86
N LYS A 47 -96.12 86.24 41.94
CA LYS A 47 -96.02 87.39 41.05
C LYS A 47 -96.69 87.14 39.70
N ASN A 48 -97.39 88.13 39.13
CA ASN A 48 -98.07 87.96 37.83
C ASN A 48 -97.28 87.24 36.73
N GLU A 49 -96.00 87.54 36.51
CA GLU A 49 -95.16 86.83 35.54
C GLU A 49 -95.14 85.30 35.63
N GLU A 50 -95.24 84.76 36.85
CA GLU A 50 -95.32 83.33 37.10
C GLU A 50 -96.71 82.79 36.69
N LEU A 51 -97.78 83.46 37.08
CA LEU A 51 -99.16 83.12 36.68
C LEU A 51 -99.37 83.15 35.15
N ASP A 52 -98.90 84.24 34.57
CA ASP A 52 -98.85 84.45 33.14
C ASP A 52 -98.01 83.38 32.43
N ALA A 53 -96.81 83.04 32.90
CA ALA A 53 -95.99 81.96 32.33
C ALA A 53 -96.75 80.64 32.23
N MET A 54 -97.45 80.26 33.32
CA MET A 54 -98.35 79.12 33.35
C MET A 54 -99.36 79.12 32.19
N ILE A 55 -100.19 80.18 32.14
CA ILE A 55 -101.22 80.32 31.11
C ILE A 55 -100.68 80.37 29.68
N LYS A 56 -99.59 81.10 29.42
CA LYS A 56 -98.94 81.18 28.11
C LYS A 56 -98.62 79.87 27.38
N GLU A 57 -98.51 78.76 28.11
CA GLU A 57 -98.32 77.45 27.50
C GLU A 57 -99.46 76.99 26.61
N ALA A 58 -100.68 77.50 26.80
CA ALA A 58 -101.82 77.16 25.96
C ALA A 58 -102.24 78.25 24.97
N SER A 59 -102.75 77.88 23.79
CA SER A 59 -103.19 78.85 22.78
C SER A 59 -104.56 79.49 23.00
N GLY A 60 -105.41 78.84 23.78
CA GLY A 60 -106.76 79.35 24.04
C GLY A 60 -107.16 79.40 25.51
N PRO A 61 -108.46 79.52 25.82
CA PRO A 61 -108.96 79.33 27.20
C PRO A 61 -108.56 77.97 27.77
N ILE A 62 -108.14 77.85 29.03
CA ILE A 62 -107.56 76.57 29.44
C ILE A 62 -108.48 75.35 29.64
N ASN A 63 -109.80 75.45 29.37
CA ASN A 63 -110.79 74.35 29.35
C ASN A 63 -110.39 72.86 29.48
N PHE A 64 -111.06 72.02 30.28
CA PHE A 64 -110.74 70.59 30.46
C PHE A 64 -109.89 69.84 29.40
N THR A 65 -110.31 69.92 28.15
CA THR A 65 -109.58 69.37 27.00
C THR A 65 -108.23 70.03 26.75
N VAL A 66 -108.16 71.38 26.70
CA VAL A 66 -106.89 72.11 26.52
C VAL A 66 -105.92 71.74 27.66
N PHE A 67 -106.40 71.68 28.90
CA PHE A 67 -105.59 71.14 30.01
C PHE A 67 -105.08 69.73 29.73
N LEU A 68 -105.98 68.75 29.59
CA LEU A 68 -105.64 67.35 29.33
C LEU A 68 -104.65 67.15 28.17
N THR A 69 -104.83 67.86 27.06
CA THR A 69 -103.89 67.83 25.96
C THR A 69 -102.54 68.42 26.39
N MET A 70 -102.46 69.62 26.98
CA MET A 70 -101.19 70.18 27.47
C MET A 70 -100.41 69.33 28.48
N PHE A 71 -101.12 68.66 29.39
CA PHE A 71 -100.46 67.79 30.39
C PHE A 71 -100.10 66.43 29.86
N GLY A 72 -100.92 65.90 28.96
CA GLY A 72 -100.56 64.70 28.26
C GLY A 72 -99.28 64.97 27.45
N GLU A 73 -99.25 66.00 26.60
CA GLU A 73 -98.08 66.36 25.79
C GLU A 73 -96.71 66.40 26.45
N LYS A 74 -96.67 66.69 27.74
CA LYS A 74 -95.42 66.66 28.50
C LYS A 74 -95.04 65.27 29.05
N LEU A 75 -96.05 64.43 29.22
CA LEU A 75 -95.90 63.06 29.67
C LEU A 75 -96.02 62.01 28.55
N LYS A 76 -95.70 62.36 27.29
CA LYS A 76 -95.75 61.46 26.12
C LYS A 76 -95.13 60.06 26.21
N GLY A 77 -94.27 59.89 27.21
CA GLY A 77 -93.65 58.60 27.53
C GLY A 77 -93.76 58.30 29.02
N ALA A 78 -94.94 58.48 29.60
CA ALA A 78 -95.20 58.18 31.00
C ALA A 78 -96.40 57.29 31.31
N ASP A 79 -96.12 56.17 31.95
CA ASP A 79 -97.14 55.22 32.36
C ASP A 79 -97.71 55.44 33.77
N PRO A 80 -98.83 54.78 34.14
CA PRO A 80 -99.22 54.68 35.55
C PRO A 80 -98.32 53.78 36.41
N GLU A 81 -98.13 54.07 37.70
CA GLU A 81 -97.23 53.31 38.58
C GLU A 81 -97.17 51.78 38.54
N ASP A 82 -98.29 51.05 38.60
CA ASP A 82 -98.29 49.59 38.45
C ASP A 82 -97.60 49.05 37.20
N VAL A 83 -97.81 49.73 36.06
CA VAL A 83 -97.21 49.37 34.77
C VAL A 83 -95.68 49.51 34.83
N ILE A 84 -95.23 50.63 35.41
CA ILE A 84 -93.79 50.88 35.62
C ILE A 84 -93.17 49.82 36.53
N MET A 85 -93.85 49.52 37.65
CA MET A 85 -93.46 48.43 38.55
C MET A 85 -93.33 47.08 37.83
N GLY A 86 -94.19 46.75 36.86
CA GLY A 86 -94.08 45.52 36.06
C GLY A 86 -92.72 45.36 35.36
N ALA A 87 -92.25 46.43 34.73
CA ALA A 87 -90.92 46.45 34.11
C ALA A 87 -89.79 46.09 35.08
N PHE A 88 -89.83 46.68 36.27
CA PHE A 88 -88.91 46.32 37.34
C PHE A 88 -89.13 44.87 37.80
N LYS A 89 -90.35 44.41 38.09
CA LYS A 89 -90.65 43.00 38.43
C LYS A 89 -90.14 41.95 37.41
N VAL A 90 -90.06 42.32 36.13
CA VAL A 90 -89.43 41.50 35.08
C VAL A 90 -87.91 41.45 35.26
N LEU A 91 -87.31 42.60 35.58
CA LEU A 91 -85.88 42.69 35.89
C LEU A 91 -85.50 42.04 37.23
N ASP A 92 -86.46 42.01 38.17
CA ASP A 92 -86.36 41.35 39.45
C ASP A 92 -86.43 39.81 39.35
N PRO A 93 -86.59 39.12 38.21
CA PRO A 93 -87.60 38.06 38.02
C PRO A 93 -87.86 37.03 39.12
N ASP A 94 -86.80 36.77 39.89
CA ASP A 94 -86.76 35.99 41.11
C ASP A 94 -87.72 36.50 42.21
N GLY A 95 -87.97 37.80 42.26
CA GLY A 95 -88.94 38.41 43.18
C GLY A 95 -88.44 39.34 44.31
N LYS A 96 -89.42 39.90 45.03
CA LYS A 96 -89.28 40.81 46.17
C LYS A 96 -88.20 41.87 46.47
N GLY A 97 -86.90 41.57 46.42
CA GLY A 97 -85.84 42.52 46.74
C GLY A 97 -85.28 43.16 45.48
N SER A 98 -85.33 44.48 45.32
CA SER A 98 -84.96 45.02 44.02
C SER A 98 -83.48 45.16 43.66
N ILE A 99 -83.24 45.38 42.36
CA ILE A 99 -81.93 45.27 41.71
C ILE A 99 -80.70 46.12 42.09
N LYS A 100 -79.52 45.75 41.60
CA LYS A 100 -78.27 46.45 41.86
C LYS A 100 -77.73 47.42 40.81
N LYS A 101 -77.13 48.51 41.29
CA LYS A 101 -76.40 49.43 40.43
C LYS A 101 -75.06 48.86 39.94
N SER A 102 -75.20 48.56 38.65
CA SER A 102 -74.23 47.99 37.69
C SER A 102 -75.10 47.23 36.69
N PHE A 103 -75.92 46.31 37.22
CA PHE A 103 -76.86 45.49 36.46
C PHE A 103 -77.78 46.35 35.57
N LEU A 104 -78.44 47.36 36.14
CA LEU A 104 -79.18 48.28 35.30
C LEU A 104 -78.37 49.37 34.58
N GLU A 105 -77.22 49.80 35.09
CA GLU A 105 -76.34 50.80 34.42
C GLU A 105 -76.02 50.28 33.02
N GLU A 106 -75.52 49.04 33.00
CA GLU A 106 -75.27 48.31 31.78
C GLU A 106 -76.55 48.11 30.95
N LEU A 107 -77.64 47.54 31.45
CA LEU A 107 -78.86 47.38 30.65
C LEU A 107 -79.55 48.64 30.08
N LEU A 108 -79.37 49.82 30.66
CA LEU A 108 -79.83 51.06 30.06
C LEU A 108 -78.89 51.56 28.96
N THR A 109 -77.57 51.36 29.11
CA THR A 109 -76.62 51.70 28.05
C THR A 109 -76.46 50.71 26.90
N THR A 110 -76.62 49.41 27.19
CA THR A 110 -76.29 48.38 26.20
C THR A 110 -77.22 48.16 24.99
N GLN A 111 -78.17 47.22 24.93
CA GLN A 111 -79.06 47.06 23.77
C GLN A 111 -79.75 48.39 23.39
N CYS A 112 -79.91 48.69 22.09
CA CYS A 112 -80.30 49.98 21.50
C CYS A 112 -79.11 50.92 21.32
N ASP A 113 -79.28 52.21 21.10
CA ASP A 113 -78.19 53.16 20.93
C ASP A 113 -77.64 53.79 22.19
N ARG A 114 -78.56 54.20 23.09
CA ARG A 114 -78.20 54.93 24.28
C ARG A 114 -79.25 55.40 25.29
N PHE A 115 -79.08 54.98 26.54
CA PHE A 115 -79.56 55.86 27.58
C PHE A 115 -78.22 56.39 28.09
N THR A 116 -77.97 57.64 27.68
CA THR A 116 -76.63 58.22 27.81
C THR A 116 -75.99 58.26 29.20
N PRO A 117 -74.66 58.10 29.30
CA PRO A 117 -73.97 58.32 30.57
C PRO A 117 -74.02 59.70 31.24
N GLU A 118 -74.72 60.67 30.64
CA GLU A 118 -75.04 61.94 31.28
C GLU A 118 -76.38 61.67 31.99
N GLU A 119 -77.39 61.21 31.23
CA GLU A 119 -78.71 60.79 31.75
C GLU A 119 -78.61 59.84 32.94
N ILE A 120 -77.81 58.77 32.86
CA ILE A 120 -77.61 57.81 33.96
C ILE A 120 -77.01 58.41 35.25
N LYS A 121 -76.00 59.30 35.22
CA LYS A 121 -75.51 59.94 36.45
C LYS A 121 -76.57 60.83 37.10
N ASN A 122 -77.32 61.57 36.28
CA ASN A 122 -78.48 62.34 36.74
C ASN A 122 -79.50 61.42 37.42
N MET A 123 -79.75 60.26 36.82
CA MET A 123 -80.55 59.19 37.43
C MET A 123 -80.03 58.81 38.81
N TRP A 124 -78.79 58.38 39.04
CA TRP A 124 -78.28 58.06 40.39
C TRP A 124 -78.37 59.19 41.44
N ALA A 125 -78.30 60.44 40.98
CA ALA A 125 -78.52 61.61 41.84
C ALA A 125 -79.98 61.99 42.13
N ALA A 126 -80.89 61.87 41.15
CA ALA A 126 -82.32 62.17 41.28
C ALA A 126 -83.26 61.03 41.67
N PHE A 127 -82.67 59.87 41.52
CA PHE A 127 -83.08 58.57 42.05
C PHE A 127 -81.78 58.16 42.75
N PRO A 128 -81.43 58.88 43.83
CA PRO A 128 -80.86 58.35 45.05
C PRO A 128 -79.82 57.38 45.63
N PRO A 129 -79.64 57.65 46.93
CA PRO A 129 -80.03 56.72 47.99
C PRO A 129 -80.87 55.49 47.59
N ASP A 130 -82.14 55.58 47.14
CA ASP A 130 -82.88 54.43 46.61
C ASP A 130 -82.05 53.57 45.65
N VAL A 131 -81.54 54.16 44.57
CA VAL A 131 -80.68 53.51 43.59
C VAL A 131 -79.36 52.98 44.17
N ALA A 132 -78.91 53.47 45.32
CA ALA A 132 -77.75 52.89 45.99
C ALA A 132 -78.04 51.70 46.89
N GLY A 133 -79.11 51.79 47.68
CA GLY A 133 -79.49 50.77 48.64
C GLY A 133 -80.07 49.48 48.08
N ASN A 134 -81.28 49.55 47.55
CA ASN A 134 -81.97 48.40 46.98
C ASN A 134 -82.26 48.69 45.50
N VAL A 135 -81.60 49.72 44.92
CA VAL A 135 -82.05 50.48 43.73
C VAL A 135 -83.58 50.48 43.81
N ASP A 136 -84.02 50.97 44.97
CA ASP A 136 -85.39 50.93 45.43
C ASP A 136 -86.49 51.21 44.40
N TYR A 137 -86.74 50.24 43.51
CA TYR A 137 -87.66 50.44 42.38
C TYR A 137 -89.09 50.78 42.75
N LYS A 138 -89.50 50.21 43.88
CA LYS A 138 -90.78 50.55 44.50
C LYS A 138 -90.82 52.07 44.75
N ASN A 139 -89.81 52.57 45.46
CA ASN A 139 -89.63 54.00 45.74
C ASN A 139 -89.52 54.84 44.43
N ILE A 140 -88.64 54.44 43.50
CA ILE A 140 -88.50 55.04 42.16
C ILE A 140 -89.87 55.29 41.48
N CYS A 141 -90.70 54.24 41.39
CA CYS A 141 -92.06 54.34 40.86
C CYS A 141 -92.95 55.33 41.63
N TYR A 142 -92.99 55.28 42.96
CA TYR A 142 -93.76 56.25 43.73
C TYR A 142 -93.31 57.70 43.58
N VAL A 143 -92.01 58.00 43.44
CA VAL A 143 -91.53 59.35 43.19
C VAL A 143 -91.85 59.88 41.79
N ILE A 144 -91.80 59.02 40.77
CA ILE A 144 -92.19 59.49 39.43
C ILE A 144 -93.70 59.72 39.28
N THR A 145 -94.54 58.85 39.82
CA THR A 145 -96.00 59.09 39.78
C THR A 145 -96.50 60.08 40.83
N HIS A 146 -95.92 60.07 42.03
CA HIS A 146 -96.35 60.94 43.13
C HIS A 146 -95.46 62.10 43.61
N GLY A 147 -94.52 62.63 42.83
CA GLY A 147 -93.71 63.77 43.27
C GLY A 147 -92.34 63.44 43.86
N GLU A 148 -91.43 64.40 43.94
CA GLU A 148 -90.05 64.17 44.37
C GLU A 148 -89.71 64.02 45.86
N ASP A 149 -90.40 64.75 46.71
CA ASP A 149 -90.19 64.74 48.16
C ASP A 149 -90.67 63.46 48.87
N LYS A 150 -91.84 63.02 48.43
CA LYS A 150 -92.51 61.80 48.90
C LYS A 150 -91.81 60.46 48.79
N ASP B 1 -74.11 35.00 1.58
CA ASP B 1 -75.07 34.48 2.56
C ASP B 1 -76.60 34.79 2.48
N GLU B 2 -77.50 34.15 3.27
CA GLU B 2 -78.94 34.50 3.43
C GLU B 2 -79.98 33.86 4.40
N ILE B 3 -80.95 34.72 4.82
CA ILE B 3 -82.14 34.62 5.71
C ILE B 3 -82.40 36.05 6.29
N ASN B 4 -83.51 36.47 6.93
CA ASN B 4 -83.64 37.83 7.49
C ASN B 4 -83.47 37.99 9.01
N ASP B 5 -84.31 37.40 9.88
CA ASP B 5 -84.24 37.40 11.36
C ASP B 5 -82.88 37.57 12.05
N PHE B 6 -81.83 36.87 11.57
CA PHE B 6 -80.48 36.99 12.13
C PHE B 6 -79.92 38.41 12.13
N LYS B 7 -80.28 39.21 11.12
CA LYS B 7 -79.92 40.61 11.05
C LYS B 7 -80.61 41.42 12.15
N GLU B 8 -81.88 41.12 12.40
CA GLU B 8 -82.65 41.73 13.50
C GLU B 8 -82.00 41.40 14.86
N ALA B 9 -81.65 40.13 15.04
CA ALA B 9 -80.92 39.67 16.24
C ALA B 9 -79.55 40.31 16.45
N PHE B 10 -78.77 40.62 15.40
CA PHE B 10 -77.50 41.33 15.56
C PHE B 10 -77.62 42.64 16.34
N LEU B 11 -78.55 43.53 15.97
CA LEU B 11 -78.81 44.78 16.70
C LEU B 11 -79.15 44.63 18.18
N LEU B 12 -79.74 43.48 18.53
CA LEU B 12 -80.07 43.19 19.93
C LEU B 12 -78.85 42.95 20.82
N PHE B 13 -77.69 42.71 20.20
CA PHE B 13 -76.43 42.50 20.90
C PHE B 13 -75.32 43.52 20.56
N ASP B 14 -75.73 44.65 19.97
CA ASP B 14 -74.85 45.77 19.65
C ASP B 14 -74.16 46.46 20.83
N ARG B 15 -74.98 46.79 21.82
CA ARG B 15 -74.57 47.38 23.09
C ARG B 15 -73.67 48.63 23.11
N THR B 16 -74.06 49.52 22.19
CA THR B 16 -73.39 50.79 21.83
C THR B 16 -74.32 51.58 20.91
N GLY B 17 -75.00 50.83 20.04
CA GLY B 17 -75.95 51.36 19.06
C GLY B 17 -75.44 51.52 17.62
N ASP B 18 -74.17 51.20 17.43
CA ASP B 18 -73.45 51.33 16.16
C ASP B 18 -73.67 50.27 15.07
N ALA B 19 -74.35 49.16 15.39
CA ALA B 19 -74.52 47.99 14.51
C ALA B 19 -73.24 47.26 14.09
N LYS B 20 -72.18 47.51 14.86
CA LYS B 20 -70.86 46.91 14.68
C LYS B 20 -70.38 46.13 15.91
N ILE B 21 -70.61 44.83 15.91
CA ILE B 21 -70.30 44.01 17.10
C ILE B 21 -68.84 43.57 17.15
N THR B 22 -68.25 43.28 18.31
CA THR B 22 -66.83 42.90 18.42
C THR B 22 -66.41 41.46 18.09
N LEU B 23 -65.18 41.27 17.61
CA LEU B 23 -64.59 39.96 17.33
C LEU B 23 -64.62 38.93 18.47
N SER B 24 -64.71 39.40 19.72
CA SER B 24 -64.89 38.51 20.87
C SER B 24 -66.37 38.10 20.98
N GLN B 25 -67.32 39.04 20.91
CA GLN B 25 -68.77 38.72 20.93
C GLN B 25 -69.23 37.79 19.80
N VAL B 26 -68.44 37.80 18.72
CA VAL B 26 -68.51 36.88 17.60
C VAL B 26 -68.77 35.40 17.96
N GLY B 27 -67.92 34.90 18.86
CA GLY B 27 -67.98 33.52 19.35
C GLY B 27 -69.24 33.18 20.14
N ASP B 28 -69.82 34.18 20.80
CA ASP B 28 -71.06 34.01 21.54
C ASP B 28 -72.33 34.14 20.69
N ILE B 29 -72.45 35.16 19.81
CA ILE B 29 -73.62 35.30 18.93
C ILE B 29 -73.87 34.08 18.04
N VAL B 30 -72.78 33.47 17.53
CA VAL B 30 -72.87 32.22 16.79
C VAL B 30 -73.53 31.03 17.51
N ARG B 31 -73.43 31.01 18.84
CA ARG B 31 -73.99 29.96 19.68
C ARG B 31 -75.52 29.89 19.79
N ALA B 32 -76.18 31.05 19.81
CA ALA B 32 -77.64 31.05 19.81
C ALA B 32 -78.29 31.03 18.44
N LEU B 33 -77.57 31.46 17.39
CA LEU B 33 -78.11 31.36 16.03
C LEU B 33 -78.06 29.94 15.45
N GLY B 34 -79.02 29.19 16.00
CA GLY B 34 -79.28 27.81 15.67
C GLY B 34 -78.39 26.74 16.31
N GLN B 35 -77.12 26.70 15.96
CA GLN B 35 -76.33 25.52 16.32
C GLN B 35 -74.91 25.75 16.87
N ASN B 36 -74.47 24.84 17.74
CA ASN B 36 -73.19 24.88 18.46
C ASN B 36 -71.89 25.11 17.67
N PRO B 37 -70.92 25.88 18.21
CA PRO B 37 -69.52 25.81 17.78
C PRO B 37 -68.49 25.69 18.91
N THR B 38 -67.41 24.91 18.84
CA THR B 38 -66.46 24.87 19.96
C THR B 38 -65.44 26.01 19.99
N ASN B 39 -64.91 26.34 21.16
CA ASN B 39 -63.84 27.34 21.24
C ASN B 39 -62.51 26.59 21.15
N ALA B 40 -61.93 26.86 19.99
CA ALA B 40 -60.77 26.20 19.39
C ALA B 40 -61.17 26.25 17.94
N GLU B 41 -62.36 25.79 17.53
CA GLU B 41 -62.83 25.97 16.15
C GLU B 41 -63.06 27.42 15.76
N ILE B 42 -63.76 28.18 16.60
CA ILE B 42 -63.92 29.63 16.40
C ILE B 42 -62.54 30.30 16.38
N ASN B 43 -61.71 29.97 17.39
CA ASN B 43 -60.32 30.42 17.48
C ASN B 43 -59.48 30.07 16.24
N LYS B 44 -59.72 28.94 15.55
CA LYS B 44 -58.99 28.56 14.34
C LYS B 44 -59.12 29.50 13.14
N ILE B 45 -60.30 29.52 12.52
CA ILE B 45 -60.42 30.35 11.33
C ILE B 45 -61.24 31.61 11.44
N LEU B 46 -60.45 32.57 10.96
CA LEU B 46 -60.68 34.01 11.02
C LEU B 46 -60.51 34.51 12.46
N GLY B 47 -60.94 33.79 13.50
CA GLY B 47 -60.60 34.09 14.89
C GLY B 47 -59.10 34.30 15.19
N ASN B 48 -58.24 33.32 14.87
CA ASN B 48 -56.79 33.47 15.04
C ASN B 48 -56.09 34.70 14.41
N PRO B 49 -56.53 35.23 13.25
CA PRO B 49 -56.00 36.54 12.87
C PRO B 49 -56.66 37.80 13.43
N SER B 50 -56.18 38.38 14.54
CA SER B 50 -56.79 39.58 15.16
C SER B 50 -57.16 40.73 14.23
N LYS B 51 -56.24 41.34 13.48
CA LYS B 51 -56.60 42.38 12.50
C LYS B 51 -57.59 41.91 11.43
N GLU B 52 -57.36 40.76 10.79
CA GLU B 52 -58.33 40.24 9.83
C GLU B 52 -59.69 39.98 10.47
N GLU B 53 -59.90 39.20 11.54
CA GLU B 53 -61.24 39.05 12.16
C GLU B 53 -61.83 40.38 12.64
N MET B 54 -61.02 41.31 13.15
CA MET B 54 -61.52 42.65 13.44
C MET B 54 -62.00 43.43 12.21
N ASN B 55 -61.40 43.13 11.06
CA ASN B 55 -61.84 43.60 9.75
C ASN B 55 -62.60 42.54 8.93
N ALA B 56 -63.00 41.44 9.62
CA ALA B 56 -63.80 40.33 9.08
C ALA B 56 -64.88 39.73 10.01
N LYS B 57 -65.29 40.48 11.05
CA LYS B 57 -66.44 40.21 11.92
C LYS B 57 -66.58 41.20 13.08
N LYS B 58 -65.54 41.92 13.52
CA LYS B 58 -65.68 43.06 14.47
C LYS B 58 -66.15 44.28 13.66
N ILE B 59 -67.37 44.04 13.23
CA ILE B 59 -67.89 44.73 12.08
C ILE B 59 -69.40 44.75 11.98
N THR B 60 -69.81 45.12 10.78
CA THR B 60 -71.18 45.07 10.32
C THR B 60 -71.61 43.66 9.96
N PHE B 61 -72.83 43.51 9.51
CA PHE B 61 -73.45 42.22 9.20
C PHE B 61 -72.74 41.39 8.12
N GLU B 62 -72.00 42.13 7.28
CA GLU B 62 -71.26 41.63 6.11
C GLU B 62 -70.29 40.49 6.30
N GLU B 63 -69.72 40.42 7.50
CA GLU B 63 -68.79 39.35 7.84
C GLU B 63 -69.33 38.47 8.95
N PHE B 64 -70.29 38.99 9.74
CA PHE B 64 -71.03 38.14 10.67
C PHE B 64 -71.66 36.94 10.02
N LEU B 65 -72.48 37.23 9.02
CA LEU B 65 -73.24 36.27 8.26
C LEU B 65 -72.39 35.21 7.53
N PRO B 66 -71.39 35.53 6.67
CA PRO B 66 -70.41 34.51 6.27
C PRO B 66 -69.68 33.70 7.36
N MET B 67 -69.17 34.25 8.47
CA MET B 67 -68.61 33.42 9.55
C MET B 67 -69.59 32.41 10.12
N LEU B 68 -70.81 32.89 10.39
CA LEU B 68 -71.89 32.05 10.90
C LEU B 68 -72.25 30.88 9.97
N GLN B 69 -72.32 31.15 8.67
CA GLN B 69 -72.50 30.09 7.68
C GLN B 69 -71.35 29.08 7.67
N ALA B 70 -70.10 29.55 7.74
CA ALA B 70 -68.94 28.65 7.88
C ALA B 70 -69.08 27.65 9.03
N ALA B 71 -69.52 28.13 10.20
CA ALA B 71 -69.86 27.25 11.31
C ALA B 71 -71.03 26.32 10.95
N ALA B 72 -72.11 26.83 10.32
CA ALA B 72 -73.26 26.02 9.87
C ALA B 72 -72.95 24.71 9.13
N ASN B 73 -71.88 24.73 8.34
CA ASN B 73 -71.40 23.52 7.65
C ASN B 73 -70.90 22.36 8.52
N ASN B 74 -70.18 22.60 9.63
CA ASN B 74 -69.68 21.51 10.47
C ASN B 74 -70.65 20.96 11.51
N LYS B 75 -71.78 21.64 11.67
CA LYS B 75 -72.74 21.33 12.73
C LYS B 75 -73.49 19.99 12.75
N ASP B 76 -73.30 19.11 11.76
CA ASP B 76 -73.78 17.71 11.76
C ASP B 76 -73.46 16.96 13.06
N GLN B 77 -72.34 17.34 13.70
CA GLN B 77 -71.94 16.84 15.03
C GLN B 77 -72.96 17.08 16.16
N GLY B 78 -74.08 17.75 15.87
CA GLY B 78 -75.22 17.90 16.77
C GLY B 78 -75.87 16.55 17.14
N THR B 79 -75.52 15.46 16.44
CA THR B 79 -75.95 14.09 16.74
C THR B 79 -75.89 13.72 18.22
N PHE B 80 -77.03 13.37 18.83
CA PHE B 80 -77.06 13.09 20.27
C PHE B 80 -76.52 11.73 20.68
N GLU B 81 -76.48 10.76 19.76
CA GLU B 81 -76.08 9.37 20.01
C GLU B 81 -74.91 9.19 20.99
N ASP B 82 -73.72 9.64 20.63
CA ASP B 82 -72.54 9.60 21.49
C ASP B 82 -72.66 10.36 22.83
N PHE B 83 -73.55 11.35 22.92
CA PHE B 83 -73.58 12.27 24.05
C PHE B 83 -74.48 12.05 25.26
N VAL B 84 -75.08 10.87 25.32
CA VAL B 84 -75.74 10.37 26.54
C VAL B 84 -74.79 9.24 27.00
N GLU B 85 -74.32 8.47 26.02
CA GLU B 85 -73.35 7.39 26.21
C GLU B 85 -72.02 7.78 26.88
N GLY B 86 -71.39 8.84 26.38
CA GLY B 86 -70.15 9.39 26.94
C GLY B 86 -70.27 9.74 28.41
N LEU B 87 -71.43 10.29 28.75
CA LEU B 87 -71.77 10.58 30.12
C LEU B 87 -71.85 9.28 30.92
N ARG B 88 -72.68 8.27 30.61
CA ARG B 88 -72.68 6.98 31.34
C ARG B 88 -71.30 6.37 31.62
N VAL B 89 -70.27 6.66 30.82
CA VAL B 89 -68.91 6.19 31.06
C VAL B 89 -68.24 6.74 32.33
N PHE B 90 -68.61 7.93 32.82
CA PHE B 90 -68.04 8.47 34.04
C PHE B 90 -68.60 7.74 35.28
N ASP B 91 -69.91 7.73 35.54
CA ASP B 91 -70.46 7.05 36.72
C ASP B 91 -71.42 5.84 36.58
N LYS B 92 -71.14 4.85 35.71
CA LYS B 92 -71.96 3.64 35.50
C LYS B 92 -72.22 2.58 36.60
N GLU B 93 -73.26 2.73 37.44
CA GLU B 93 -73.60 1.76 38.49
C GLU B 93 -75.10 1.41 38.54
N GLY B 94 -75.64 1.00 37.39
CA GLY B 94 -77.07 0.69 37.27
C GLY B 94 -77.77 1.60 36.27
N ASN B 95 -78.57 2.56 36.72
CA ASN B 95 -79.22 3.51 35.81
C ASN B 95 -78.28 4.61 35.29
N GLY B 96 -78.70 5.67 34.60
CA GLY B 96 -77.79 6.77 34.24
C GLY B 96 -77.34 7.61 35.44
N THR B 97 -76.60 6.98 36.36
CA THR B 97 -76.13 7.57 37.61
C THR B 97 -74.90 8.44 37.47
N VAL B 98 -74.91 9.65 38.00
CA VAL B 98 -73.73 10.54 38.04
C VAL B 98 -73.47 11.02 39.47
N MET B 99 -72.32 11.56 39.81
CA MET B 99 -72.15 12.29 41.06
C MET B 99 -71.88 13.75 40.76
N GLY B 100 -72.52 14.66 41.49
CA GLY B 100 -72.34 16.10 41.30
C GLY B 100 -70.88 16.54 41.12
N ALA B 101 -70.06 16.17 42.10
CA ALA B 101 -68.63 16.44 42.08
C ALA B 101 -67.84 16.08 40.83
N GLU B 102 -68.10 14.91 40.26
CA GLU B 102 -67.43 14.45 39.06
C GLU B 102 -67.80 15.30 37.85
N LEU B 103 -69.07 15.49 37.47
CA LEU B 103 -69.39 16.41 36.37
C LEU B 103 -68.93 17.86 36.62
N ARG B 104 -69.15 18.42 37.82
CA ARG B 104 -68.67 19.77 38.18
C ARG B 104 -67.18 20.01 37.94
N HIS B 105 -66.28 19.16 38.45
CA HIS B 105 -64.87 19.36 38.18
C HIS B 105 -64.48 19.00 36.75
N VAL B 106 -64.91 17.86 36.20
CA VAL B 106 -64.59 17.46 34.82
C VAL B 106 -64.97 18.53 33.78
N LEU B 107 -66.10 19.21 33.98
CA LEU B 107 -66.50 20.30 33.09
C LEU B 107 -66.07 21.71 33.50
N ALA B 108 -65.06 21.83 34.37
CA ALA B 108 -64.46 23.11 34.75
C ALA B 108 -62.95 23.09 34.54
N THR B 109 -62.33 21.94 34.86
CA THR B 109 -60.89 21.70 34.72
C THR B 109 -60.39 21.08 33.41
N LEU B 110 -61.21 20.34 32.67
CA LEU B 110 -60.72 19.64 31.48
C LEU B 110 -61.03 20.17 30.07
N GLY B 111 -60.18 19.83 29.10
CA GLY B 111 -60.34 20.24 27.70
C GLY B 111 -60.49 21.74 27.44
N GLU B 112 -61.74 22.17 27.24
CA GLU B 112 -62.05 23.56 26.98
C GLU B 112 -62.38 24.40 28.21
N LYS B 113 -62.36 23.83 29.44
CA LYS B 113 -62.72 24.48 30.71
C LYS B 113 -64.21 24.86 30.76
N MET B 114 -64.70 25.57 31.76
CA MET B 114 -66.00 26.25 31.83
C MET B 114 -65.92 26.98 33.17
N THR B 115 -66.37 28.20 33.35
CA THR B 115 -66.23 28.83 34.66
C THR B 115 -67.12 28.15 35.70
N GLU B 116 -66.68 28.09 36.96
CA GLU B 116 -67.48 27.50 38.03
C GLU B 116 -68.91 28.05 38.06
N GLU B 117 -69.02 29.38 37.89
CA GLU B 117 -70.30 30.09 37.71
C GLU B 117 -71.19 29.45 36.62
N GLU B 118 -70.69 29.32 35.38
CA GLU B 118 -71.41 28.67 34.29
C GLU B 118 -71.78 27.20 34.57
N VAL B 119 -70.89 26.40 35.18
CA VAL B 119 -71.21 25.02 35.58
C VAL B 119 -72.31 24.99 36.65
N GLU B 120 -72.24 25.78 37.72
CA GLU B 120 -73.29 25.92 38.73
C GLU B 120 -74.64 26.26 38.08
N GLU B 121 -74.59 27.15 37.10
CA GLU B 121 -75.73 27.46 36.23
C GLU B 121 -76.23 26.38 35.28
N LEU B 122 -75.41 25.40 34.89
CA LEU B 122 -75.89 24.23 34.17
C LEU B 122 -76.62 23.26 35.12
N MET B 123 -76.11 23.18 36.33
CA MET B 123 -76.72 22.40 37.42
C MET B 123 -77.95 23.07 38.07
N LYS B 124 -78.74 23.83 37.31
CA LYS B 124 -79.93 24.56 37.80
C LYS B 124 -81.07 23.74 38.39
N GLY B 125 -80.92 23.20 39.60
CA GLY B 125 -81.96 22.38 40.25
C GLY B 125 -82.29 21.08 39.50
N GLN B 126 -81.25 20.45 38.96
CA GLN B 126 -81.36 19.15 38.31
C GLN B 126 -80.61 18.04 39.06
N GLU B 127 -79.90 18.49 40.10
CA GLU B 127 -79.13 17.66 41.02
C GLU B 127 -79.51 17.90 42.49
N ASP B 128 -80.74 17.51 42.82
CA ASP B 128 -81.21 17.63 44.19
C ASP B 128 -80.42 16.86 45.26
N SER B 129 -80.76 17.06 46.53
CA SER B 129 -80.12 16.45 47.70
C SER B 129 -79.48 15.05 47.69
N ASN B 130 -79.86 14.20 46.74
CA ASN B 130 -79.37 12.83 46.60
C ASN B 130 -77.89 12.65 46.23
N GLY B 131 -77.16 13.69 45.82
CA GLY B 131 -75.73 13.58 45.47
C GLY B 131 -75.50 13.09 44.03
N CYS B 132 -76.26 12.05 43.70
CA CYS B 132 -76.33 11.49 42.36
C CYS B 132 -77.25 12.25 41.41
N ILE B 133 -76.73 12.45 40.22
CA ILE B 133 -77.46 13.12 39.16
C ILE B 133 -77.97 12.13 38.11
N ASN B 134 -79.09 12.34 37.40
CA ASN B 134 -79.55 11.36 36.38
C ASN B 134 -79.24 11.68 34.91
N TYR B 135 -78.07 11.27 34.40
CA TYR B 135 -77.57 11.54 33.04
C TYR B 135 -78.51 11.79 31.86
N GLU B 136 -79.38 10.81 31.65
CA GLU B 136 -80.36 10.78 30.56
C GLU B 136 -81.27 11.99 30.49
N ALA B 137 -81.62 12.52 31.66
CA ALA B 137 -82.45 13.72 31.74
C ALA B 137 -81.65 14.98 31.44
N PHE B 138 -80.35 15.04 31.79
CA PHE B 138 -79.54 16.22 31.52
C PHE B 138 -79.32 16.44 30.06
N VAL B 139 -78.90 15.44 29.30
CA VAL B 139 -78.72 15.60 27.86
C VAL B 139 -80.03 16.12 27.23
N LYS B 140 -81.20 15.61 27.62
CA LYS B 140 -82.47 16.18 27.18
C LYS B 140 -82.66 17.65 27.59
N HIS B 141 -82.49 18.05 28.86
CA HIS B 141 -82.59 19.48 29.28
C HIS B 141 -81.53 20.45 28.76
N ILE B 142 -80.36 19.89 28.44
CA ILE B 142 -79.25 20.60 27.84
C ILE B 142 -79.65 20.80 26.36
N MET B 143 -79.89 19.74 25.60
CA MET B 143 -80.31 19.87 24.20
C MET B 143 -81.66 20.55 23.95
N SER B 144 -82.48 20.70 24.99
CA SER B 144 -83.80 21.35 24.93
C SER B 144 -83.96 22.87 24.70
N VAL B 145 -82.95 23.59 24.23
CA VAL B 145 -83.16 24.98 23.93
C VAL B 145 -83.62 25.17 22.47
N ASP C 1 -43.72 2.80 67.93
CA ASP C 1 -43.44 3.57 69.16
C ASP C 1 -43.88 2.79 70.36
N ALA C 2 -45.19 2.52 70.38
CA ALA C 2 -45.78 1.75 71.45
C ALA C 2 -45.08 0.40 71.49
N GLU C 3 -45.04 -0.21 70.29
CA GLU C 3 -44.41 -1.50 70.09
C GLU C 3 -42.99 -1.50 70.59
N MET C 4 -42.17 -0.68 69.93
CA MET C 4 -40.79 -0.54 70.28
C MET C 4 -40.61 -0.14 71.72
N ALA C 5 -39.93 -1.02 72.41
CA ALA C 5 -39.62 -0.86 73.78
C ALA C 5 -38.49 -1.82 74.01
N ALA C 6 -38.77 -3.07 73.54
CA ALA C 6 -37.84 -4.17 73.61
C ALA C 6 -36.45 -3.69 73.24
N PHE C 7 -36.41 -3.00 72.08
CA PHE C 7 -35.19 -2.44 71.58
C PHE C 7 -34.90 -1.17 72.32
N GLY C 8 -35.92 -0.32 72.24
CA GLY C 8 -35.87 0.95 72.86
C GLY C 8 -34.63 1.69 72.39
N GLU C 9 -33.52 1.43 73.07
CA GLU C 9 -32.27 2.08 72.74
C GLU C 9 -31.80 1.84 71.32
N ALA C 10 -32.12 0.68 70.77
CA ALA C 10 -31.70 0.33 69.43
C ALA C 10 -32.62 0.90 68.36
N ALA C 11 -33.87 1.04 68.80
CA ALA C 11 -35.00 1.52 68.00
C ALA C 11 -34.64 2.49 66.90
N PRO C 12 -33.99 3.56 67.28
CA PRO C 12 -33.63 4.58 66.32
C PRO C 12 -32.86 4.08 65.12
N TYR C 13 -32.18 2.93 65.29
CA TYR C 13 -31.33 2.33 64.25
C TYR C 13 -32.01 1.22 63.49
N LEU C 14 -33.19 0.87 63.99
CA LEU C 14 -34.07 -0.15 63.44
C LEU C 14 -35.27 0.42 62.72
N ARG C 15 -35.92 1.32 63.45
CA ARG C 15 -37.09 2.03 62.99
C ARG C 15 -37.06 3.47 63.36
N LYS C 16 -37.91 4.28 62.70
CA LYS C 16 -37.98 5.71 62.98
C LYS C 16 -39.25 6.11 63.72
N SER C 17 -39.19 7.25 64.43
CA SER C 17 -40.36 7.67 65.18
C SER C 17 -41.55 7.79 64.29
N GLU C 18 -42.68 7.40 64.82
CA GLU C 18 -43.96 7.43 64.11
C GLU C 18 -44.37 8.74 63.50
N LYS C 19 -43.55 9.76 63.53
CA LYS C 19 -43.99 10.96 62.89
C LYS C 19 -42.93 11.31 61.88
N GLU C 20 -41.71 10.80 62.23
CA GLU C 20 -40.58 10.97 61.35
C GLU C 20 -40.97 10.29 60.06
N ARG C 21 -41.73 9.23 60.31
CA ARG C 21 -42.26 8.44 59.24
C ARG C 21 -43.29 9.31 58.55
N ILE C 22 -44.33 9.57 59.34
CA ILE C 22 -45.46 10.37 58.95
C ILE C 22 -45.11 11.68 58.27
N GLU C 23 -44.09 12.34 58.77
CA GLU C 23 -43.64 13.57 58.21
C GLU C 23 -42.94 13.36 56.89
N ALA C 24 -42.61 12.11 56.62
CA ALA C 24 -41.91 11.76 55.42
C ALA C 24 -42.78 11.20 54.31
N GLN C 25 -43.73 10.36 54.70
CA GLN C 25 -44.62 9.75 53.75
C GLN C 25 -45.71 10.72 53.28
N ASN C 26 -46.09 11.60 54.20
CA ASN C 26 -47.14 12.57 53.96
C ASN C 26 -46.53 13.92 53.69
N LYS C 27 -46.10 14.08 52.45
CA LYS C 27 -45.49 15.28 52.00
C LYS C 27 -45.81 15.50 50.54
N PRO C 28 -45.59 16.71 50.04
CA PRO C 28 -45.90 17.01 48.66
C PRO C 28 -45.05 16.24 47.68
N PHE C 29 -45.71 15.75 46.62
CA PHE C 29 -45.04 15.02 45.56
C PHE C 29 -45.60 15.27 44.14
N ASP C 30 -44.70 15.55 43.20
CA ASP C 30 -45.12 15.73 41.80
C ASP C 30 -44.55 14.65 40.88
N ALA C 31 -45.28 13.58 40.78
CA ALA C 31 -44.87 12.46 39.97
C ALA C 31 -44.36 12.78 38.56
N LYS C 32 -45.23 13.34 37.76
CA LYS C 32 -44.92 13.65 36.39
C LYS C 32 -43.64 14.43 36.19
N SER C 33 -43.14 15.05 37.24
CA SER C 33 -41.94 15.86 37.04
C SER C 33 -40.75 15.34 37.76
N SER C 34 -40.98 14.82 38.99
CA SER C 34 -39.88 14.27 39.80
C SER C 34 -39.30 12.97 39.20
N VAL C 35 -37.97 12.91 39.11
CA VAL C 35 -37.33 11.78 38.49
C VAL C 35 -35.90 11.54 38.94
N PHE C 36 -35.38 10.36 38.59
CA PHE C 36 -33.98 9.94 38.82
C PHE C 36 -33.30 10.01 37.48
N VAL C 37 -32.02 10.29 37.43
CA VAL C 37 -31.38 10.35 36.11
C VAL C 37 -29.90 9.98 36.11
N VAL C 38 -29.45 9.62 34.90
CA VAL C 38 -28.09 9.21 34.63
C VAL C 38 -27.19 10.35 34.95
N HIS C 39 -25.91 10.05 35.18
CA HIS C 39 -25.02 11.15 35.45
C HIS C 39 -23.57 10.76 35.31
N PRO C 40 -22.93 11.39 34.35
CA PRO C 40 -21.56 11.14 34.03
C PRO C 40 -20.59 11.02 35.21
N LYS C 41 -20.64 11.95 36.15
CA LYS C 41 -19.74 11.88 37.29
C LYS C 41 -20.34 11.03 38.41
N GLU C 42 -21.45 11.48 38.97
CA GLU C 42 -22.13 10.68 39.96
C GLU C 42 -23.06 9.77 39.21
N SER C 43 -23.12 8.52 39.63
CA SER C 43 -23.90 7.49 38.93
C SER C 43 -25.30 7.85 38.46
N PHE C 44 -26.11 8.20 39.42
CA PHE C 44 -27.51 8.57 39.20
C PHE C 44 -27.84 9.60 40.24
N VAL C 45 -28.26 10.76 39.84
CA VAL C 45 -28.63 11.70 40.85
C VAL C 45 -30.06 12.05 40.56
N LYS C 46 -30.75 12.73 41.52
CA LYS C 46 -32.14 13.08 41.31
C LYS C 46 -32.35 14.46 40.73
N GLY C 47 -33.51 14.64 40.12
CA GLY C 47 -33.83 15.91 39.54
C GLY C 47 -35.28 16.02 39.18
N THR C 48 -35.57 17.22 38.65
CA THR C 48 -36.89 17.58 38.22
C THR C 48 -36.86 17.75 36.70
N ILE C 49 -37.85 17.18 36.05
CA ILE C 49 -37.94 17.33 34.62
C ILE C 49 -38.37 18.76 34.27
N GLN C 50 -37.59 19.37 33.37
CA GLN C 50 -37.87 20.70 32.93
C GLN C 50 -38.64 20.67 31.64
N SER C 51 -38.00 20.18 30.62
CA SER C 51 -38.66 20.14 29.34
C SER C 51 -38.70 18.75 28.76
N LYS C 52 -39.03 18.67 27.49
CA LYS C 52 -39.08 17.39 26.80
C LYS C 52 -38.74 17.57 25.32
N GLU C 53 -37.57 17.07 24.92
CA GLU C 53 -37.08 17.16 23.56
C GLU C 53 -37.59 16.09 22.56
N GLY C 54 -38.76 15.53 22.89
CA GLY C 54 -39.43 14.53 22.06
C GLY C 54 -38.88 13.12 22.20
N GLY C 55 -37.70 13.01 22.83
CA GLY C 55 -37.00 11.75 23.04
C GLY C 55 -35.65 12.02 23.64
N LYS C 56 -35.62 13.18 24.28
CA LYS C 56 -34.50 13.72 25.00
C LYS C 56 -35.12 14.37 26.19
N VAL C 57 -34.32 14.54 27.22
CA VAL C 57 -34.88 15.13 28.38
C VAL C 57 -33.93 16.06 29.03
N THR C 58 -34.46 17.21 29.46
CA THR C 58 -33.64 18.17 30.17
C THR C 58 -34.08 18.17 31.59
N VAL C 59 -33.10 18.02 32.49
CA VAL C 59 -33.47 18.01 33.88
C VAL C 59 -32.62 18.85 34.78
N LYS C 60 -33.27 19.36 35.81
CA LYS C 60 -32.58 20.12 36.80
C LYS C 60 -32.02 19.12 37.74
N THR C 61 -31.21 19.57 38.64
CA THR C 61 -30.59 18.64 39.55
C THR C 61 -30.87 19.04 40.94
N GLU C 62 -30.35 18.22 41.79
CA GLU C 62 -30.37 18.41 43.20
C GLU C 62 -28.93 18.66 43.53
N GLY C 63 -28.62 19.94 43.42
CA GLY C 63 -27.30 20.49 43.62
C GLY C 63 -27.22 21.63 42.67
N GLY C 64 -28.07 21.48 41.62
CA GLY C 64 -28.22 22.53 40.63
C GLY C 64 -27.36 22.20 39.46
N GLU C 65 -28.00 21.60 38.47
CA GLU C 65 -27.31 21.21 37.25
C GLU C 65 -28.38 20.91 36.24
N THR C 66 -28.02 21.15 35.00
CA THR C 66 -28.97 20.90 33.97
C THR C 66 -28.35 20.04 32.91
N LEU C 67 -29.01 18.91 32.58
CA LEU C 67 -28.51 17.95 31.60
C LEU C 67 -29.61 17.50 30.66
N THR C 68 -29.27 17.33 29.39
CA THR C 68 -30.28 16.84 28.47
C THR C 68 -29.88 15.45 28.13
N VAL C 69 -30.60 14.53 28.71
CA VAL C 69 -30.28 13.14 28.55
C VAL C 69 -31.44 12.35 27.92
N LYS C 70 -31.10 11.26 27.21
CA LYS C 70 -32.04 10.37 26.53
C LYS C 70 -33.32 10.14 27.30
N GLU C 71 -34.26 9.47 26.66
CA GLU C 71 -35.51 9.17 27.32
C GLU C 71 -35.30 8.07 28.34
N ASP C 72 -34.42 7.14 27.99
CA ASP C 72 -34.13 6.08 28.94
C ASP C 72 -32.89 6.24 29.78
N GLN C 73 -32.64 7.47 30.12
CA GLN C 73 -31.54 7.82 30.95
C GLN C 73 -32.20 8.46 32.16
N VAL C 74 -33.53 8.44 31.98
CA VAL C 74 -34.53 8.97 32.88
C VAL C 74 -35.39 7.88 33.51
N PHE C 75 -35.47 7.93 34.82
CA PHE C 75 -36.22 6.98 35.62
C PHE C 75 -37.07 7.62 36.69
N SER C 76 -38.31 7.16 36.75
CA SER C 76 -39.29 7.62 37.68
C SER C 76 -38.79 7.59 39.10
N MET C 77 -39.57 8.18 40.01
CA MET C 77 -39.23 8.28 41.40
C MET C 77 -40.43 7.94 42.28
N ASN C 78 -40.23 7.04 43.20
CA ASN C 78 -41.29 6.60 44.04
C ASN C 78 -41.91 7.67 44.89
N PRO C 79 -43.25 7.55 45.05
CA PRO C 79 -43.98 8.48 45.87
C PRO C 79 -43.34 8.36 47.22
N PRO C 80 -43.50 9.40 47.96
CA PRO C 80 -42.93 9.53 49.26
C PRO C 80 -43.34 8.39 50.20
N LYS C 81 -44.44 7.76 49.84
CA LYS C 81 -44.94 6.68 50.68
C LYS C 81 -43.88 5.62 50.87
N TYR C 82 -42.96 5.56 49.93
CA TYR C 82 -41.86 4.62 49.96
C TYR C 82 -40.58 5.36 50.26
N ASP C 83 -40.41 5.75 51.52
CA ASP C 83 -39.25 6.53 51.82
C ASP C 83 -38.05 5.67 52.13
N LYS C 84 -38.17 4.97 53.29
CA LYS C 84 -37.10 4.13 53.74
C LYS C 84 -37.64 2.75 54.05
N ILE C 85 -38.27 2.26 53.00
CA ILE C 85 -38.93 0.99 52.92
C ILE C 85 -38.05 -0.13 53.39
N GLU C 86 -38.62 -0.90 54.30
CA GLU C 86 -38.00 -2.06 54.83
C GLU C 86 -37.66 -3.07 53.76
N ASP C 87 -38.57 -3.16 52.77
CA ASP C 87 -38.45 -4.09 51.67
C ASP C 87 -38.59 -3.39 50.38
N MET C 88 -37.48 -3.05 49.79
CA MET C 88 -37.49 -2.35 48.55
C MET C 88 -38.31 -2.99 47.52
N ALA C 89 -38.49 -4.26 47.66
CA ALA C 89 -39.28 -5.02 46.68
C ALA C 89 -40.76 -4.76 46.80
N MET C 90 -41.10 -3.78 47.62
CA MET C 90 -42.48 -3.47 47.77
C MET C 90 -42.75 -2.20 47.02
N MET C 91 -41.67 -1.55 46.66
CA MET C 91 -41.70 -0.38 45.87
C MET C 91 -42.42 -0.67 44.60
N THR C 92 -43.04 0.37 44.00
CA THR C 92 -43.78 0.21 42.77
C THR C 92 -42.92 0.64 41.66
N HIS C 93 -41.66 0.92 42.04
CA HIS C 93 -40.68 1.35 41.07
C HIS C 93 -39.36 0.63 41.25
N LEU C 94 -39.27 -0.47 40.50
CA LEU C 94 -38.18 -1.38 40.45
C LEU C 94 -37.18 -0.96 39.37
N HIS C 95 -36.29 -0.11 39.81
CA HIS C 95 -35.27 0.47 38.99
C HIS C 95 -33.97 0.12 39.56
N GLU C 96 -32.98 0.68 38.91
CA GLU C 96 -31.66 0.57 39.42
C GLU C 96 -31.44 1.68 40.46
N PRO C 97 -31.77 2.93 40.10
CA PRO C 97 -31.60 4.03 41.00
C PRO C 97 -32.38 3.97 42.31
N ALA C 98 -33.64 3.68 42.20
CA ALA C 98 -34.44 3.60 43.39
C ALA C 98 -33.92 2.67 44.43
N VAL C 99 -33.16 1.69 43.99
CA VAL C 99 -32.64 0.75 44.95
C VAL C 99 -31.44 1.29 45.63
N LEU C 100 -30.63 1.93 44.84
CA LEU C 100 -29.42 2.53 45.35
C LEU C 100 -29.87 3.55 46.37
N TYR C 101 -30.77 4.40 45.92
CA TYR C 101 -31.27 5.48 46.72
C TYR C 101 -31.94 5.11 48.01
N ASN C 102 -32.62 3.97 48.08
CA ASN C 102 -33.29 3.57 49.31
C ASN C 102 -32.32 3.13 50.34
N LEU C 103 -31.32 2.45 49.87
CA LEU C 103 -30.32 1.91 50.77
C LEU C 103 -29.68 3.07 51.42
N LYS C 104 -29.16 3.92 50.54
CA LYS C 104 -28.48 5.16 50.88
C LYS C 104 -29.23 6.01 51.87
N GLU C 105 -30.51 6.25 51.65
CA GLU C 105 -31.22 7.11 52.58
C GLU C 105 -31.33 6.55 53.98
N ARG C 106 -31.57 5.24 54.10
CA ARG C 106 -31.73 4.66 55.41
C ARG C 106 -30.48 4.36 56.12
N TYR C 107 -29.41 4.78 55.48
CA TYR C 107 -28.08 4.56 55.99
C TYR C 107 -27.61 5.85 56.59
N ALA C 108 -27.93 6.93 55.85
CA ALA C 108 -27.64 8.29 56.31
C ALA C 108 -28.42 8.56 57.59
N ALA C 109 -29.35 7.63 57.86
CA ALA C 109 -30.19 7.68 59.02
C ALA C 109 -29.77 6.59 59.96
N TRP C 110 -28.67 5.99 59.59
CA TRP C 110 -28.11 4.92 60.39
C TRP C 110 -28.95 3.70 60.47
N MET C 111 -29.61 3.33 59.38
CA MET C 111 -30.24 2.03 59.39
C MET C 111 -29.46 1.10 58.43
N ILE C 112 -28.79 0.13 59.00
CA ILE C 112 -27.95 -0.77 58.23
C ILE C 112 -28.69 -1.97 57.64
N TYR C 113 -29.85 -2.28 58.15
CA TYR C 113 -30.59 -3.39 57.63
C TYR C 113 -31.82 -3.06 56.90
N THR C 114 -31.71 -3.25 55.61
CA THR C 114 -32.85 -3.07 54.75
C THR C 114 -33.06 -4.33 53.89
N TYR C 115 -34.29 -4.85 53.72
CA TYR C 115 -34.52 -6.06 52.89
C TYR C 115 -34.78 -5.69 51.46
N SER C 116 -34.41 -6.61 50.53
CA SER C 116 -34.61 -6.41 49.07
C SER C 116 -35.16 -7.64 48.46
N GLY C 117 -36.27 -8.09 48.99
CA GLY C 117 -36.89 -9.26 48.52
C GLY C 117 -36.70 -10.27 49.59
N LEU C 118 -35.84 -11.21 49.33
CA LEU C 118 -35.62 -12.24 50.31
C LEU C 118 -34.37 -11.92 51.04
N PHE C 119 -33.58 -11.13 50.35
CA PHE C 119 -32.33 -10.72 50.93
C PHE C 119 -32.44 -9.89 52.14
N CYS C 120 -31.35 -9.82 52.79
CA CYS C 120 -31.21 -9.00 53.95
C CYS C 120 -29.97 -8.21 53.75
N VAL C 121 -30.16 -7.09 53.09
CA VAL C 121 -29.04 -6.26 52.88
C VAL C 121 -28.46 -5.77 54.17
N THR C 122 -27.15 -5.62 54.24
CA THR C 122 -26.42 -5.13 55.43
C THR C 122 -25.28 -4.22 55.03
N VAL C 123 -25.29 -3.04 55.58
CA VAL C 123 -24.25 -2.08 55.26
C VAL C 123 -23.33 -1.82 56.43
N ASN C 124 -22.00 -1.83 56.15
CA ASN C 124 -20.98 -1.61 57.17
C ASN C 124 -21.12 -0.27 57.89
N PRO C 125 -21.44 -0.29 59.20
CA PRO C 125 -21.62 0.97 59.90
C PRO C 125 -20.36 1.81 59.96
N TYR C 126 -19.29 1.17 60.27
CA TYR C 126 -17.98 1.80 60.40
C TYR C 126 -17.85 2.55 61.66
N LYS C 127 -18.74 2.17 62.53
CA LYS C 127 -18.82 2.70 63.86
C LYS C 127 -19.64 1.75 64.71
N TRP C 128 -19.88 2.06 65.99
CA TRP C 128 -20.60 1.15 66.90
C TRP C 128 -22.10 1.41 66.99
N LEU C 129 -22.84 0.31 67.19
CA LEU C 129 -24.29 0.40 67.28
C LEU C 129 -24.87 -0.57 68.35
N PRO C 130 -25.92 -0.09 69.01
CA PRO C 130 -26.61 -0.87 70.02
C PRO C 130 -27.43 -1.97 69.41
N VAL C 131 -27.14 -2.35 68.18
CA VAL C 131 -27.96 -3.35 67.50
C VAL C 131 -27.74 -4.78 67.92
N TYR C 132 -26.53 -5.07 68.33
CA TYR C 132 -26.19 -6.42 68.63
C TYR C 132 -26.55 -6.67 70.07
N ASN C 133 -27.24 -5.62 70.53
CA ASN C 133 -27.77 -5.49 71.89
C ASN C 133 -28.60 -6.61 72.35
N PRO C 134 -28.15 -7.03 73.47
CA PRO C 134 -28.64 -8.12 74.25
C PRO C 134 -30.11 -7.94 74.54
N LYS C 135 -30.69 -6.84 74.13
CA LYS C 135 -32.11 -6.71 74.38
C LYS C 135 -32.80 -7.10 73.13
N VAL C 136 -32.12 -6.76 72.05
CA VAL C 136 -32.65 -7.00 70.74
C VAL C 136 -32.86 -8.47 70.46
N VAL C 137 -31.82 -9.21 70.81
CA VAL C 137 -31.76 -10.63 70.70
C VAL C 137 -33.09 -11.27 71.08
N LEU C 138 -33.65 -10.83 72.21
CA LEU C 138 -34.93 -11.34 72.72
C LEU C 138 -36.06 -10.86 71.87
N ALA C 139 -35.96 -9.57 71.59
CA ALA C 139 -36.99 -8.90 70.84
C ALA C 139 -37.32 -9.60 69.55
N TYR C 140 -36.27 -10.05 68.87
CA TYR C 140 -36.41 -10.70 67.61
C TYR C 140 -36.78 -12.17 67.73
N ARG C 141 -36.91 -12.55 68.98
CA ARG C 141 -37.22 -13.90 69.35
C ARG C 141 -38.71 -14.24 69.27
N GLY C 142 -39.06 -15.09 68.29
CA GLY C 142 -40.40 -15.59 68.03
C GLY C 142 -41.24 -14.69 67.08
N LYS C 143 -40.57 -13.80 66.37
CA LYS C 143 -41.17 -12.82 65.47
C LYS C 143 -41.01 -13.00 63.96
N LYS C 144 -42.13 -13.10 63.23
CA LYS C 144 -42.00 -13.13 61.78
C LYS C 144 -41.40 -11.80 61.30
N ARG C 145 -40.79 -11.76 60.12
CA ARG C 145 -40.15 -10.54 59.70
C ARG C 145 -41.08 -9.42 59.36
N GLN C 146 -42.36 -9.66 59.62
CA GLN C 146 -43.34 -8.63 59.34
C GLN C 146 -43.80 -7.98 60.62
N GLU C 147 -43.47 -8.67 61.72
CA GLU C 147 -43.73 -8.22 63.08
C GLU C 147 -42.59 -7.38 63.65
N ALA C 148 -41.49 -7.27 62.91
CA ALA C 148 -40.34 -6.52 63.29
C ALA C 148 -39.56 -5.94 62.09
N PRO C 149 -38.80 -4.88 62.36
CA PRO C 149 -38.03 -4.18 61.36
C PRO C 149 -36.85 -5.00 60.82
N PRO C 150 -36.35 -4.64 59.66
CA PRO C 150 -35.22 -5.30 59.06
C PRO C 150 -33.99 -5.41 59.93
N HIS C 151 -33.65 -6.69 60.14
CA HIS C 151 -32.53 -7.15 60.92
C HIS C 151 -32.22 -8.66 60.75
N ILE C 152 -30.96 -8.95 60.89
CA ILE C 152 -30.34 -10.24 60.76
C ILE C 152 -30.82 -11.26 61.73
N PHE C 153 -31.20 -10.82 62.90
CA PHE C 153 -31.69 -11.77 63.81
C PHE C 153 -33.05 -12.15 63.26
N SER C 154 -33.59 -11.34 62.38
CA SER C 154 -34.90 -11.72 61.88
C SER C 154 -34.74 -12.95 61.11
N ILE C 155 -33.72 -12.89 60.25
CA ILE C 155 -33.46 -14.00 59.36
C ILE C 155 -33.16 -15.22 60.21
N SER C 156 -32.24 -15.00 61.13
CA SER C 156 -31.72 -16.00 62.00
C SER C 156 -32.72 -16.60 62.93
N ASP C 157 -33.75 -15.90 63.20
CA ASP C 157 -34.70 -16.50 64.12
C ASP C 157 -35.70 -17.29 63.33
N ASN C 158 -36.07 -16.68 62.23
CA ASN C 158 -37.06 -17.28 61.40
C ASN C 158 -36.61 -18.61 60.95
N ALA C 159 -35.30 -18.70 60.74
CA ALA C 159 -34.71 -19.96 60.31
C ALA C 159 -35.05 -21.03 61.29
N TYR C 160 -34.69 -20.71 62.52
CA TYR C 160 -34.95 -21.52 63.68
C TYR C 160 -36.40 -21.94 63.75
N GLN C 161 -37.24 -20.96 63.64
CA GLN C 161 -38.68 -21.16 63.72
C GLN C 161 -39.00 -22.23 62.74
N PHE C 162 -38.88 -21.79 61.51
CA PHE C 162 -39.08 -22.56 60.35
C PHE C 162 -38.49 -23.92 60.48
N MET C 163 -37.38 -23.96 61.18
CA MET C 163 -36.71 -25.19 61.34
C MET C 163 -37.64 -26.12 62.07
N LEU C 164 -38.08 -25.72 63.24
CA LEU C 164 -39.01 -26.56 63.98
C LEU C 164 -40.43 -26.65 63.38
N THR C 165 -40.91 -25.58 62.77
CA THR C 165 -42.23 -25.59 62.20
C THR C 165 -42.42 -26.55 61.04
N ASP C 166 -41.54 -26.43 60.04
CA ASP C 166 -41.58 -27.23 58.82
C ASP C 166 -40.81 -28.58 58.88
N ARG C 167 -39.97 -28.73 59.87
CA ARG C 167 -39.17 -29.94 60.02
C ARG C 167 -38.22 -30.12 58.84
N GLU C 168 -37.68 -29.00 58.38
CA GLU C 168 -36.72 -28.94 57.30
C GLU C 168 -35.45 -28.30 57.75
N ASN C 169 -34.37 -28.63 57.07
CA ASN C 169 -33.13 -27.99 57.47
C ASN C 169 -33.06 -26.65 56.81
N GLN C 170 -32.20 -25.84 57.40
CA GLN C 170 -32.09 -24.47 56.92
C GLN C 170 -30.69 -24.07 56.51
N SER C 171 -30.59 -22.87 55.93
CA SER C 171 -29.29 -22.31 55.56
C SER C 171 -29.37 -20.81 55.50
N ILE C 172 -28.21 -20.22 55.64
CA ILE C 172 -28.03 -18.82 55.61
C ILE C 172 -26.83 -18.56 54.76
N LEU C 173 -27.00 -17.82 53.71
CA LEU C 173 -25.91 -17.56 52.88
C LEU C 173 -25.42 -16.18 52.96
N ILE C 174 -24.26 -15.99 53.62
CA ILE C 174 -23.71 -14.67 53.75
C ILE C 174 -22.68 -14.42 52.67
N THR C 175 -22.72 -13.31 52.01
CA THR C 175 -21.82 -13.05 50.96
C THR C 175 -21.62 -11.56 50.70
N GLY C 176 -20.35 -11.19 50.35
CA GLY C 176 -19.99 -9.80 50.02
C GLY C 176 -18.51 -9.65 49.73
N GLU C 177 -18.07 -8.47 49.29
CA GLU C 177 -16.64 -8.27 49.05
C GLU C 177 -15.81 -8.19 50.34
N SER C 178 -14.52 -8.30 50.14
CA SER C 178 -13.50 -8.30 51.16
C SER C 178 -13.78 -7.40 52.33
N GLY C 179 -14.28 -6.22 52.06
CA GLY C 179 -14.51 -5.31 53.20
C GLY C 179 -15.91 -5.20 53.69
N ALA C 180 -16.83 -5.97 53.12
CA ALA C 180 -18.20 -5.92 53.52
C ALA C 180 -18.49 -6.28 54.97
N GLY C 181 -17.59 -7.08 55.58
CA GLY C 181 -17.75 -7.47 56.98
C GLY C 181 -18.68 -8.64 57.21
N LYS C 182 -18.38 -9.77 56.57
CA LYS C 182 -19.23 -10.93 56.74
C LYS C 182 -18.96 -11.72 58.00
N THR C 183 -17.67 -12.00 58.28
CA THR C 183 -17.23 -12.79 59.46
C THR C 183 -17.97 -12.33 60.67
N VAL C 184 -17.97 -11.01 60.75
CA VAL C 184 -18.66 -10.26 61.81
C VAL C 184 -20.09 -10.69 61.91
N ASN C 185 -20.78 -10.76 60.78
CA ASN C 185 -22.15 -11.15 60.80
C ASN C 185 -22.26 -12.59 61.16
N THR C 186 -21.46 -13.37 60.46
CA THR C 186 -21.47 -14.80 60.61
C THR C 186 -21.34 -15.17 62.04
N LYS C 187 -20.33 -14.57 62.63
CA LYS C 187 -20.09 -14.80 64.02
C LYS C 187 -21.30 -14.45 64.81
N ARG C 188 -21.77 -13.25 64.51
CA ARG C 188 -22.95 -12.71 65.22
C ARG C 188 -24.19 -13.56 65.06
N VAL C 189 -24.29 -14.22 63.94
CA VAL C 189 -25.43 -15.08 63.74
C VAL C 189 -25.29 -16.28 64.64
N ILE C 190 -24.07 -16.77 64.63
CA ILE C 190 -23.72 -17.94 65.40
C ILE C 190 -24.02 -17.78 66.88
N GLN C 191 -23.57 -16.65 67.46
CA GLN C 191 -23.85 -16.39 68.86
C GLN C 191 -25.31 -16.54 69.08
N TYR C 192 -26.04 -15.93 68.17
CA TYR C 192 -27.49 -15.97 68.20
C TYR C 192 -28.03 -17.35 68.40
N PHE C 193 -27.57 -18.29 67.59
CA PHE C 193 -28.03 -19.64 67.74
C PHE C 193 -27.71 -20.18 69.08
N ALA C 194 -26.47 -20.01 69.43
CA ALA C 194 -25.99 -20.57 70.70
C ALA C 194 -26.84 -20.06 71.85
N THR C 195 -27.07 -18.76 71.89
CA THR C 195 -27.85 -18.16 72.95
C THR C 195 -29.28 -18.69 73.02
N ILE C 196 -30.05 -18.35 72.02
CA ILE C 196 -31.44 -18.74 71.93
C ILE C 196 -31.76 -20.24 71.99
N ALA C 197 -30.80 -21.13 72.09
CA ALA C 197 -31.18 -22.52 72.16
C ALA C 197 -30.08 -23.41 72.74
N ALA C 198 -29.59 -23.02 73.93
CA ALA C 198 -28.48 -23.70 74.60
C ALA C 198 -28.80 -24.82 75.61
N SER C 199 -28.04 -25.92 75.50
CA SER C 199 -28.19 -27.09 76.38
C SER C 199 -26.89 -27.50 77.12
N GLY C 200 -26.19 -26.47 77.65
CA GLY C 200 -24.95 -26.65 78.41
C GLY C 200 -25.31 -26.41 79.88
N GLU C 201 -26.17 -27.29 80.35
CA GLU C 201 -26.76 -27.27 81.69
C GLU C 201 -25.76 -27.07 82.81
N LEU C 215 -17.57 -24.90 73.94
CA LEU C 215 -17.94 -24.72 72.56
C LEU C 215 -17.55 -23.34 72.09
N GLU C 216 -18.10 -22.44 72.84
CA GLU C 216 -17.94 -21.03 72.67
C GLU C 216 -16.52 -20.60 72.38
N ASP C 217 -15.59 -21.41 72.74
CA ASP C 217 -14.18 -21.08 72.50
C ASP C 217 -13.71 -21.81 71.26
N GLN C 218 -14.04 -23.12 71.22
CA GLN C 218 -13.66 -23.97 70.11
C GLN C 218 -14.16 -23.26 68.89
N ILE C 219 -15.41 -22.88 69.03
CA ILE C 219 -16.17 -22.15 68.04
C ILE C 219 -15.29 -21.04 67.55
N ILE C 220 -14.79 -20.32 68.49
CA ILE C 220 -13.94 -19.21 68.21
C ILE C 220 -12.58 -19.64 67.73
N SER C 221 -11.92 -20.42 68.57
CA SER C 221 -10.56 -20.89 68.30
C SER C 221 -10.41 -21.40 66.90
N ALA C 222 -11.54 -21.78 66.32
CA ALA C 222 -11.54 -22.32 65.00
C ALA C 222 -10.83 -21.43 64.04
N ASN C 223 -11.28 -20.21 64.01
CA ASN C 223 -10.78 -19.21 63.08
C ASN C 223 -9.29 -19.14 62.91
N PRO C 224 -8.62 -18.80 64.00
CA PRO C 224 -7.18 -18.66 64.04
C PRO C 224 -6.34 -19.83 63.53
N LEU C 225 -6.99 -20.95 63.28
CA LEU C 225 -6.27 -22.11 62.76
C LEU C 225 -6.40 -22.02 61.24
N LEU C 226 -7.65 -22.01 60.82
CA LEU C 226 -8.02 -21.86 59.45
C LEU C 226 -7.28 -20.73 58.79
N GLU C 227 -7.18 -19.64 59.53
CA GLU C 227 -6.53 -18.38 59.11
C GLU C 227 -5.03 -18.55 58.86
N ALA C 228 -4.42 -19.40 59.66
CA ALA C 228 -3.00 -19.66 59.45
C ALA C 228 -2.73 -20.39 58.21
N PHE C 229 -3.74 -21.21 57.83
CA PHE C 229 -3.69 -22.05 56.64
C PHE C 229 -4.40 -21.58 55.44
N GLY C 230 -5.53 -20.91 55.63
CA GLY C 230 -6.25 -20.38 54.50
C GLY C 230 -6.21 -18.88 54.34
N ASN C 231 -5.32 -18.17 55.04
CA ASN C 231 -5.20 -16.72 54.96
C ASN C 231 -3.80 -16.27 54.63
N ALA C 232 -3.71 -15.12 54.02
CA ALA C 232 -2.44 -14.61 53.62
C ALA C 232 -2.45 -13.13 53.30
N LYS C 233 -1.30 -12.55 53.19
CA LYS C 233 -1.16 -11.18 52.84
C LYS C 233 -1.41 -10.96 51.41
N THR C 234 -2.48 -10.33 51.11
CA THR C 234 -2.87 -9.96 49.75
C THR C 234 -2.39 -8.54 49.60
N VAL C 235 -2.31 -8.08 48.38
CA VAL C 235 -1.89 -6.73 48.10
C VAL C 235 -2.92 -5.72 48.60
N ARG C 236 -4.13 -6.20 48.84
CA ARG C 236 -5.25 -5.40 49.33
C ARG C 236 -5.40 -5.45 50.84
N ASN C 237 -5.49 -6.66 51.36
CA ASN C 237 -5.60 -6.90 52.77
C ASN C 237 -4.27 -7.49 53.28
N ASP C 238 -4.11 -7.58 54.58
CA ASP C 238 -2.87 -8.09 55.16
C ASP C 238 -3.14 -9.46 55.70
N ASN C 239 -4.43 -9.72 55.85
CA ASN C 239 -5.00 -10.98 56.32
C ASN C 239 -6.18 -11.32 55.46
N SER C 240 -6.00 -11.54 54.13
CA SER C 240 -7.10 -11.85 53.26
C SER C 240 -7.52 -13.27 53.32
N SER C 241 -8.84 -13.49 53.25
CA SER C 241 -9.44 -14.82 53.28
C SER C 241 -9.24 -15.47 51.92
N ARG C 242 -8.46 -16.55 51.82
CA ARG C 242 -8.27 -17.14 50.52
C ARG C 242 -9.14 -18.27 50.25
N PHE C 243 -10.33 -17.16 53.74
CA PHE C 243 -10.92 -18.43 53.37
C PHE C 243 -12.41 -18.46 53.55
N GLY C 244 -13.06 -19.46 52.97
CA GLY C 244 -14.51 -19.62 53.04
C GLY C 244 -14.90 -20.61 54.06
N LYS C 245 -16.18 -20.62 54.44
CA LYS C 245 -16.54 -21.59 55.44
C LYS C 245 -17.98 -21.93 55.57
N PHE C 246 -18.20 -23.16 56.05
CA PHE C 246 -19.51 -23.70 56.21
C PHE C 246 -19.67 -24.50 57.45
N ILE C 247 -20.48 -23.99 58.36
CA ILE C 247 -20.81 -24.59 59.62
C ILE C 247 -22.16 -25.22 59.70
N ARG C 248 -22.21 -26.42 60.24
CA ARG C 248 -23.49 -27.01 60.34
C ARG C 248 -23.90 -27.09 61.76
N ILE C 249 -24.82 -26.26 62.15
CA ILE C 249 -25.23 -26.36 63.51
C ILE C 249 -26.35 -27.33 63.60
N HIS C 250 -26.00 -28.40 64.23
CA HIS C 250 -26.93 -29.50 64.32
C HIS C 250 -27.79 -29.36 65.52
N PHE C 251 -29.01 -28.97 65.28
CA PHE C 251 -29.92 -28.84 66.36
C PHE C 251 -30.50 -30.18 66.70
N GLY C 252 -30.94 -30.32 67.94
CA GLY C 252 -31.50 -31.57 68.40
C GLY C 252 -32.97 -31.73 67.99
N ALA C 253 -33.67 -32.64 68.67
CA ALA C 253 -35.07 -32.97 68.42
C ALA C 253 -35.99 -31.99 69.12
N THR C 254 -35.60 -31.74 70.35
CA THR C 254 -36.28 -30.81 71.20
C THR C 254 -36.23 -29.50 70.46
N GLY C 255 -35.01 -29.09 70.16
CA GLY C 255 -34.75 -27.85 69.50
C GLY C 255 -33.45 -27.25 70.10
N LYS C 256 -32.84 -28.00 71.01
CA LYS C 256 -31.65 -27.55 71.68
C LYS C 256 -30.39 -28.10 70.97
N LEU C 257 -29.35 -27.25 70.99
CA LEU C 257 -28.04 -27.53 70.38
C LEU C 257 -27.54 -28.94 70.56
N ALA C 258 -26.93 -29.51 69.51
CA ALA C 258 -26.40 -30.90 69.56
C ALA C 258 -25.02 -31.11 68.91
N SER C 259 -24.77 -30.46 67.76
CA SER C 259 -23.49 -30.57 67.08
C SER C 259 -23.23 -29.46 66.13
N ALA C 260 -21.97 -29.43 65.71
CA ALA C 260 -21.45 -28.46 64.76
C ALA C 260 -20.54 -29.13 63.76
N ASP C 261 -20.23 -28.42 62.70
CA ASP C 261 -19.46 -28.99 61.63
C ASP C 261 -18.77 -27.98 60.74
N ILE C 262 -17.50 -27.80 60.85
CA ILE C 262 -16.89 -26.87 59.93
C ILE C 262 -16.25 -27.46 58.73
N GLU C 263 -16.21 -26.64 57.68
CA GLU C 263 -15.56 -26.97 56.43
C GLU C 263 -14.97 -25.74 55.80
N THR C 264 -13.74 -25.90 55.36
CA THR C 264 -12.99 -24.79 54.82
C THR C 264 -12.77 -24.92 53.34
N TYR C 265 -12.79 -23.80 52.66
CA TYR C 265 -12.63 -23.73 51.23
C TYR C 265 -11.68 -22.64 50.86
N LEU C 266 -10.87 -22.92 49.89
CA LEU C 266 -9.98 -21.98 49.32
C LEU C 266 -9.23 -21.04 50.23
N LEU C 267 -8.17 -21.52 50.80
CA LEU C 267 -7.37 -20.77 51.65
C LEU C 267 -6.32 -20.01 50.89
N GLU C 268 -7.46 -21.18 47.64
CA GLU C 268 -6.45 -20.71 46.73
C GLU C 268 -5.24 -21.58 46.76
N LYS C 269 -5.32 -22.74 46.11
CA LYS C 269 -4.23 -23.73 46.06
C LYS C 269 -2.93 -23.18 45.50
N SER C 270 -3.06 -22.28 44.59
CA SER C 270 -1.90 -21.68 43.98
C SER C 270 -0.91 -20.98 44.93
N ARG C 271 -1.37 -20.37 46.04
CA ARG C 271 -0.49 -19.66 46.95
C ARG C 271 0.59 -20.58 47.40
N VAL C 272 0.17 -21.81 47.74
CA VAL C 272 1.07 -22.82 48.19
C VAL C 272 2.32 -22.96 47.35
N THR C 273 2.23 -22.59 46.08
CA THR C 273 3.33 -22.79 45.13
C THR C 273 3.79 -21.51 44.51
N PHE C 274 2.94 -20.53 44.61
CA PHE C 274 3.19 -19.26 44.02
C PHE C 274 2.73 -18.16 44.85
N GLN C 275 3.14 -17.00 44.38
CA GLN C 275 2.87 -15.76 45.03
C GLN C 275 3.31 -14.57 44.18
N LEU C 276 2.40 -13.62 44.14
CA LEU C 276 2.69 -12.40 43.46
C LEU C 276 3.74 -11.65 44.30
N PRO C 277 4.36 -10.71 43.64
CA PRO C 277 5.43 -9.88 44.15
C PRO C 277 5.18 -9.07 45.38
N ALA C 278 3.95 -8.62 45.57
CA ALA C 278 3.67 -7.85 46.76
C ALA C 278 2.92 -8.67 47.79
N GLU C 279 2.74 -9.94 47.46
CA GLU C 279 1.99 -10.82 48.31
C GLU C 279 2.83 -11.88 48.95
N ARG C 280 2.13 -12.73 49.63
CA ARG C 280 2.77 -13.79 50.26
C ARG C 280 1.89 -14.98 50.48
N SER C 281 2.49 -16.07 50.80
CA SER C 281 1.73 -17.25 50.98
C SER C 281 1.08 -17.27 52.31
N TYR C 282 0.42 -18.42 52.57
CA TYR C 282 -0.29 -18.63 53.77
C TYR C 282 0.55 -18.25 54.96
N HIS C 283 -0.03 -17.94 56.07
CA HIS C 283 0.76 -17.47 57.16
C HIS C 283 1.64 -18.51 57.79
N ILE C 284 1.00 -19.66 58.01
CA ILE C 284 1.61 -20.76 58.67
C ILE C 284 3.09 -20.89 58.47
N PHE C 285 3.45 -20.78 57.25
CA PHE C 285 4.85 -20.95 56.82
C PHE C 285 5.66 -19.98 57.48
N TYR C 286 5.24 -18.74 57.42
CA TYR C 286 6.01 -17.68 58.02
C TYR C 286 5.88 -17.74 59.50
N GLN C 287 4.78 -18.29 59.97
CA GLN C 287 4.60 -18.40 61.38
C GLN C 287 5.73 -19.28 61.89
N ILE C 288 5.73 -20.51 61.44
CA ILE C 288 6.67 -21.55 61.76
C ILE C 288 8.16 -21.20 61.68
N MET C 289 8.55 -20.53 60.64
CA MET C 289 9.93 -20.12 60.47
C MET C 289 10.29 -18.91 61.32
N SER C 290 9.29 -18.42 62.05
CA SER C 290 9.49 -17.26 62.90
C SER C 290 10.45 -17.56 64.01
N ASN C 291 10.42 -18.80 64.48
CA ASN C 291 11.27 -19.32 65.53
C ASN C 291 10.78 -19.16 66.93
N LYS C 292 9.53 -19.19 67.17
CA LYS C 292 9.11 -19.06 68.54
C LYS C 292 9.15 -20.37 69.32
N LYS C 293 9.15 -21.41 68.55
CA LYS C 293 9.16 -22.81 68.95
C LYS C 293 10.27 -23.48 68.16
N PRO C 294 11.54 -23.17 68.53
CA PRO C 294 12.69 -23.67 67.78
C PRO C 294 12.73 -25.15 67.43
N GLU C 295 12.16 -26.04 68.28
CA GLU C 295 12.11 -27.46 68.01
C GLU C 295 11.58 -27.76 66.67
N LEU C 296 10.52 -27.04 66.40
CA LEU C 296 9.78 -27.11 65.13
C LEU C 296 10.71 -27.04 63.92
N ILE C 297 11.62 -26.07 63.96
CA ILE C 297 12.57 -25.86 62.89
C ILE C 297 13.47 -27.09 62.60
N ASP C 298 13.88 -27.74 63.68
CA ASP C 298 14.74 -28.88 63.64
C ASP C 298 13.89 -30.12 63.39
N MET C 299 12.71 -30.04 63.89
CA MET C 299 11.79 -31.13 63.76
C MET C 299 11.39 -31.32 62.29
N LEU C 300 11.17 -30.19 61.63
CA LEU C 300 10.76 -30.15 60.23
C LEU C 300 11.94 -30.21 59.32
N LEU C 301 13.09 -29.90 59.85
CA LEU C 301 14.29 -29.93 59.08
C LEU C 301 14.40 -28.80 58.14
N ILE C 302 14.11 -27.61 58.65
CA ILE C 302 14.21 -26.45 57.80
C ILE C 302 15.05 -25.40 58.45
N THR C 303 15.15 -24.32 57.76
CA THR C 303 15.81 -23.20 58.28
C THR C 303 14.80 -22.16 58.69
N THR C 304 15.29 -20.99 59.06
CA THR C 304 14.47 -19.85 59.50
C THR C 304 14.36 -18.76 58.42
N ASN C 305 15.19 -18.89 57.37
CA ASN C 305 15.30 -18.06 56.20
C ASN C 305 14.50 -18.63 55.07
N PRO C 306 13.42 -17.96 54.70
CA PRO C 306 12.45 -18.39 53.72
C PRO C 306 12.95 -18.42 52.34
N TYR C 307 14.04 -17.75 52.17
CA TYR C 307 14.56 -17.78 50.83
C TYR C 307 15.16 -19.12 50.49
N ASP C 308 14.94 -20.11 51.35
CA ASP C 308 15.43 -21.50 51.19
C ASP C 308 14.30 -22.36 50.67
N TYR C 309 13.13 -21.73 50.58
CA TYR C 309 11.96 -22.36 50.16
C TYR C 309 11.25 -21.54 49.17
N HIS C 310 11.71 -21.72 47.94
CA HIS C 310 11.18 -21.10 46.75
C HIS C 310 9.63 -20.93 46.70
N TYR C 311 8.91 -21.98 47.01
CA TYR C 311 7.50 -22.04 47.03
C TYR C 311 6.92 -20.91 47.83
N VAL C 312 7.57 -20.54 48.94
CA VAL C 312 7.08 -19.52 49.85
C VAL C 312 7.81 -18.19 49.96
N SER C 313 8.72 -17.89 49.07
CA SER C 313 9.33 -16.59 49.16
C SER C 313 9.42 -15.99 47.79
N GLN C 314 8.41 -16.18 47.00
CA GLN C 314 8.46 -15.65 45.67
C GLN C 314 7.99 -14.21 45.74
N GLY C 315 7.22 -13.95 46.77
CA GLY C 315 6.71 -12.62 46.93
C GLY C 315 7.39 -12.00 48.08
N GLU C 316 6.65 -11.78 49.17
CA GLU C 316 7.17 -11.14 50.33
C GLU C 316 7.21 -12.15 51.46
N ILE C 317 8.02 -11.85 52.47
CA ILE C 317 8.20 -12.73 53.61
C ILE C 317 7.70 -12.13 54.91
N THR C 318 7.90 -10.83 55.02
CA THR C 318 7.49 -10.19 56.25
C THR C 318 6.50 -9.04 56.05
N VAL C 319 5.59 -8.96 57.00
CA VAL C 319 4.55 -7.94 57.06
C VAL C 319 4.56 -7.32 58.45
N PRO C 320 4.79 -6.00 58.46
CA PRO C 320 4.93 -5.21 59.67
C PRO C 320 3.77 -5.28 60.65
N SER C 321 2.54 -5.28 60.10
CA SER C 321 1.36 -5.36 60.91
C SER C 321 1.08 -6.71 61.53
N ILE C 322 1.88 -7.73 61.18
CA ILE C 322 1.71 -9.10 61.67
C ILE C 322 2.92 -9.58 62.47
N ASP C 323 2.62 -10.26 63.60
CA ASP C 323 3.64 -10.79 64.50
C ASP C 323 3.59 -12.31 64.44
N ASP C 324 4.29 -12.84 63.45
CA ASP C 324 4.32 -14.26 63.16
C ASP C 324 4.58 -15.11 64.41
N GLN C 325 5.34 -14.55 65.32
CA GLN C 325 5.71 -15.24 66.54
C GLN C 325 4.55 -15.46 67.45
N GLU C 326 3.68 -14.46 67.56
CA GLU C 326 2.50 -14.48 68.44
C GLU C 326 1.43 -15.44 67.91
N GLU C 327 1.28 -15.33 66.62
CA GLU C 327 0.33 -16.13 65.93
C GLU C 327 0.61 -17.59 66.02
N LEU C 328 1.89 -17.93 65.85
CA LEU C 328 2.34 -19.30 65.93
C LEU C 328 1.78 -20.00 67.13
N MET C 329 1.78 -19.27 68.21
CA MET C 329 1.20 -19.82 69.43
C MET C 329 -0.26 -19.86 69.37
N ALA C 330 -0.82 -18.76 68.85
CA ALA C 330 -2.27 -18.67 68.75
C ALA C 330 -2.79 -19.90 68.05
N THR C 331 -2.12 -20.11 66.97
CA THR C 331 -2.38 -21.21 66.13
C THR C 331 -2.23 -22.46 66.88
N ASP C 332 -1.05 -22.59 67.43
CA ASP C 332 -0.67 -23.78 68.21
C ASP C 332 -1.72 -24.16 69.22
N SER C 333 -1.95 -23.21 70.12
CA SER C 333 -2.93 -23.33 71.17
C SER C 333 -4.32 -23.66 70.67
N ALA C 334 -4.71 -23.07 69.54
CA ALA C 334 -5.97 -23.34 68.97
C ALA C 334 -6.13 -24.82 68.61
N ILE C 335 -5.04 -25.37 68.09
CA ILE C 335 -5.07 -26.75 67.66
C ILE C 335 -5.50 -27.66 68.78
N ASP C 336 -4.82 -27.45 69.87
CA ASP C 336 -5.05 -28.13 71.11
C ASP C 336 -6.49 -28.03 71.53
N ILE C 337 -6.96 -26.81 71.67
CA ILE C 337 -8.32 -26.58 72.10
C ILE C 337 -9.28 -27.23 71.21
N LEU C 338 -8.84 -27.23 69.98
CA LEU C 338 -9.65 -27.89 69.00
C LEU C 338 -9.70 -29.41 69.18
N GLY C 339 -8.93 -29.92 70.14
CA GLY C 339 -8.96 -31.35 70.45
C GLY C 339 -8.11 -32.28 69.60
N PHE C 340 -7.24 -31.69 68.80
CA PHE C 340 -6.42 -32.51 67.96
C PHE C 340 -5.43 -33.31 68.79
N SER C 341 -5.15 -34.51 68.32
CA SER C 341 -4.12 -35.34 68.93
C SER C 341 -2.74 -34.79 68.66
N ALA C 342 -1.81 -34.98 69.60
CA ALA C 342 -0.49 -34.37 69.42
C ALA C 342 0.15 -34.81 68.14
N ASP C 343 -0.01 -36.08 67.95
CA ASP C 343 0.41 -36.76 66.76
C ASP C 343 -0.14 -36.00 65.53
N GLU C 344 -1.48 -35.80 65.50
CA GLU C 344 -2.08 -35.10 64.40
C GLU C 344 -1.50 -33.75 64.38
N LYS C 345 -1.39 -33.19 65.58
CA LYS C 345 -0.83 -31.86 65.71
C LYS C 345 0.61 -31.89 65.28
N THR C 346 1.11 -33.10 65.17
CA THR C 346 2.47 -33.30 64.73
C THR C 346 2.43 -33.53 63.20
N ALA C 347 1.43 -34.26 62.71
CA ALA C 347 1.29 -34.50 61.33
C ALA C 347 1.20 -33.19 60.58
N ILE C 348 0.36 -32.38 61.10
CA ILE C 348 0.08 -31.06 60.56
C ILE C 348 1.35 -30.33 60.36
N TYR C 349 2.11 -30.28 61.42
CA TYR C 349 3.31 -29.54 61.27
C TYR C 349 4.17 -30.25 60.29
N LYS C 350 4.63 -31.44 60.61
CA LYS C 350 5.51 -32.22 59.74
C LYS C 350 5.07 -32.20 58.28
N LEU C 351 3.76 -32.27 58.07
CA LEU C 351 3.21 -32.27 56.75
C LEU C 351 3.35 -30.93 56.04
N THR C 352 3.28 -29.86 56.80
CA THR C 352 3.37 -28.52 56.27
C THR C 352 4.77 -28.18 55.87
N GLY C 353 5.74 -28.93 56.33
CA GLY C 353 7.14 -28.68 56.02
C GLY C 353 7.56 -29.50 54.85
N ALA C 354 6.98 -30.70 54.74
CA ALA C 354 7.28 -31.56 53.60
C ALA C 354 7.09 -30.76 52.30
N VAL C 355 5.95 -30.12 52.28
CA VAL C 355 5.50 -29.29 51.20
C VAL C 355 6.51 -28.24 50.85
N MET C 356 7.11 -27.65 51.81
CA MET C 356 8.14 -26.62 51.57
C MET C 356 9.28 -27.24 50.86
N HIS C 357 9.65 -28.39 51.38
CA HIS C 357 10.75 -29.22 50.86
C HIS C 357 10.54 -29.65 49.44
N TYR C 358 9.32 -29.99 49.11
CA TYR C 358 9.03 -30.43 47.78
C TYR C 358 9.48 -29.41 46.76
N GLY C 359 9.15 -28.20 47.03
CA GLY C 359 9.51 -27.12 46.15
C GLY C 359 10.98 -26.97 46.02
N ASN C 360 11.70 -27.73 46.84
CA ASN C 360 13.18 -27.72 46.80
C ASN C 360 13.70 -28.94 46.06
N LEU C 361 12.80 -29.86 45.83
CA LEU C 361 13.13 -31.04 45.11
C LEU C 361 13.57 -30.64 43.73
N LYS C 362 14.76 -31.10 43.36
CA LYS C 362 15.40 -30.80 42.09
C LYS C 362 15.69 -32.04 41.29
N PHE C 363 15.67 -31.83 39.99
CA PHE C 363 15.91 -32.90 39.03
C PHE C 363 16.78 -32.45 37.89
N LYS C 364 17.30 -33.47 37.19
CA LYS C 364 18.15 -33.34 36.00
C LYS C 364 17.93 -34.41 34.94
N GLN C 365 18.17 -34.01 33.73
CA GLN C 365 18.04 -34.83 32.54
C GLN C 365 19.05 -35.94 32.52
N LYS C 366 18.54 -37.09 32.28
CA LYS C 366 19.42 -38.23 32.18
C LYS C 366 20.17 -38.00 30.89
N GLN C 367 21.44 -38.39 30.84
CA GLN C 367 22.26 -38.21 29.64
C GLN C 367 21.78 -38.97 28.42
N ARG C 368 21.73 -38.26 27.29
CA ARG C 368 21.33 -38.84 26.01
C ARG C 368 19.90 -39.27 26.01
N GLU C 369 19.26 -38.97 27.09
CA GLU C 369 17.87 -39.29 27.27
C GLU C 369 17.20 -37.99 27.65
N GLU C 370 15.91 -37.98 27.44
CA GLU C 370 15.10 -36.83 27.75
C GLU C 370 14.36 -37.11 29.05
N GLN C 371 14.89 -38.06 29.80
CA GLN C 371 14.26 -38.41 31.03
C GLN C 371 14.79 -37.64 32.16
N ALA C 372 13.93 -37.60 33.16
CA ALA C 372 14.22 -36.97 34.40
C ALA C 372 14.81 -37.97 35.33
N GLU C 373 15.87 -37.54 35.95
CA GLU C 373 16.56 -38.30 36.93
C GLU C 373 16.82 -37.36 38.10
N PRO C 374 16.66 -37.87 39.32
CA PRO C 374 16.86 -37.10 40.52
C PRO C 374 18.21 -36.42 40.57
N ASP C 375 18.21 -35.17 41.00
CA ASP C 375 19.42 -34.42 41.11
C ASP C 375 19.95 -34.46 42.54
N GLY C 376 19.69 -35.54 43.27
CA GLY C 376 20.18 -35.62 44.64
C GLY C 376 19.13 -36.20 45.57
N THR C 377 19.62 -36.81 46.66
CA THR C 377 18.75 -37.35 47.69
C THR C 377 19.11 -36.74 49.02
N GLU C 378 18.96 -35.45 49.04
CA GLU C 378 19.25 -34.62 50.17
C GLU C 378 17.91 -34.22 50.78
N VAL C 379 17.09 -33.68 49.88
CA VAL C 379 15.81 -33.17 50.19
C VAL C 379 14.77 -34.21 50.16
N ALA C 380 14.92 -35.10 49.27
CA ALA C 380 13.92 -36.12 49.14
C ALA C 380 13.85 -36.85 50.42
N ASP C 381 15.01 -36.98 50.98
CA ASP C 381 15.23 -37.74 52.20
C ASP C 381 14.38 -37.19 53.29
N LYS C 382 14.41 -35.87 53.36
CA LYS C 382 13.66 -35.14 54.37
C LYS C 382 12.19 -35.21 54.11
N ALA C 383 11.84 -34.97 52.86
CA ALA C 383 10.44 -34.99 52.52
C ALA C 383 9.95 -36.37 52.81
N ALA C 384 10.71 -37.35 52.44
CA ALA C 384 10.35 -38.73 52.63
C ALA C 384 10.11 -39.10 54.07
N TYR C 385 10.99 -38.69 54.92
CA TYR C 385 10.95 -38.99 56.32
C TYR C 385 9.79 -38.30 57.03
N LEU C 386 9.63 -37.05 56.69
CA LEU C 386 8.63 -36.20 57.26
C LEU C 386 7.27 -36.67 56.94
N MET C 387 7.13 -37.38 55.80
CA MET C 387 5.83 -37.90 55.40
C MET C 387 5.65 -39.38 55.76
N GLY C 388 6.70 -40.01 56.25
CA GLY C 388 6.64 -41.43 56.59
C GLY C 388 6.72 -42.27 55.32
N LEU C 389 7.61 -41.85 54.44
CA LEU C 389 7.86 -42.44 53.14
C LEU C 389 9.31 -42.97 53.01
N ASN C 390 9.60 -43.54 51.86
CA ASN C 390 10.87 -44.04 51.52
C ASN C 390 11.42 -43.23 50.34
N SER C 391 12.55 -42.60 50.56
CA SER C 391 13.22 -41.73 49.60
C SER C 391 13.19 -42.26 48.19
N ALA C 392 13.59 -43.49 48.06
CA ALA C 392 13.74 -44.12 46.75
C ALA C 392 12.46 -44.28 46.02
N GLU C 393 11.63 -45.08 46.66
CA GLU C 393 10.37 -45.49 46.17
C GLU C 393 9.69 -44.28 45.68
N LEU C 394 9.90 -43.21 46.45
CA LEU C 394 9.31 -41.90 46.17
C LEU C 394 9.87 -41.30 44.86
N LEU C 395 11.18 -41.25 44.75
CA LEU C 395 11.80 -40.65 43.59
C LEU C 395 11.57 -41.40 42.31
N LYS C 396 11.25 -42.69 42.46
CA LYS C 396 10.99 -43.53 41.32
C LYS C 396 9.65 -43.16 40.73
N ALA C 397 8.65 -43.39 41.57
CA ALA C 397 7.26 -43.11 41.30
C ALA C 397 7.15 -41.76 40.64
N LEU C 398 7.90 -40.82 41.17
CA LEU C 398 7.93 -39.47 40.63
C LEU C 398 8.49 -39.40 39.23
N CYS C 399 9.64 -40.10 39.02
CA CYS C 399 10.37 -40.11 37.76
C CYS C 399 9.82 -41.11 36.74
N TYR C 400 9.46 -42.29 37.21
CA TYR C 400 8.94 -43.35 36.39
C TYR C 400 7.56 -43.75 36.83
N PRO C 401 6.68 -42.82 36.70
CA PRO C 401 5.28 -42.98 37.01
C PRO C 401 4.78 -44.24 36.40
N ARG C 402 4.34 -45.19 37.23
CA ARG C 402 3.78 -46.45 36.72
C ARG C 402 2.26 -46.41 36.69
N VAL C 403 1.82 -46.18 35.47
CA VAL C 403 0.45 -46.02 35.01
C VAL C 403 -0.24 -47.36 34.76
N LYS C 404 -1.51 -47.29 34.32
CA LYS C 404 -2.36 -48.47 34.03
C LYS C 404 -3.33 -48.31 32.83
N VAL C 405 -2.76 -48.15 31.61
CA VAL C 405 -3.46 -47.99 30.30
C VAL C 405 -3.80 -49.34 29.64
N GLY C 406 -5.08 -49.59 29.53
CA GLY C 406 -5.58 -50.84 28.99
C GLY C 406 -6.17 -51.57 30.19
N ASN C 407 -5.66 -52.77 30.48
CA ASN C 407 -6.14 -53.52 31.63
C ASN C 407 -5.02 -53.85 32.60
N GLU C 408 -3.87 -53.26 32.31
CA GLU C 408 -2.68 -53.45 33.09
C GLU C 408 -2.14 -52.14 33.65
N PHE C 409 -0.85 -52.20 33.98
CA PHE C 409 -0.12 -51.10 34.54
C PHE C 409 1.22 -50.89 33.82
N VAL C 410 1.19 -49.89 32.93
CA VAL C 410 2.28 -49.49 32.07
C VAL C 410 3.19 -48.42 32.63
N THR C 411 4.44 -48.78 32.84
CA THR C 411 5.39 -47.80 33.36
C THR C 411 5.81 -46.73 32.36
N LYS C 412 5.47 -45.48 32.73
CA LYS C 412 5.72 -44.28 31.95
C LYS C 412 6.81 -43.39 32.48
N GLY C 413 7.59 -42.87 31.54
CA GLY C 413 8.69 -41.98 31.85
C GLY C 413 8.33 -40.51 31.64
N GLN C 414 8.83 -39.69 32.55
CA GLN C 414 8.57 -38.28 32.50
C GLN C 414 9.78 -37.41 32.27
N THR C 415 9.50 -36.18 31.85
CA THR C 415 10.49 -35.20 31.58
C THR C 415 10.76 -34.37 32.81
N VAL C 416 11.81 -33.59 32.75
CA VAL C 416 12.19 -32.75 33.84
C VAL C 416 11.00 -31.82 34.12
N SER C 417 10.57 -31.14 33.09
CA SER C 417 9.42 -30.23 33.19
C SER C 417 8.19 -30.91 33.71
N GLN C 418 8.06 -32.19 33.46
CA GLN C 418 6.89 -32.91 33.88
C GLN C 418 6.90 -33.22 35.36
N VAL C 419 8.10 -33.40 35.88
CA VAL C 419 8.26 -33.76 37.28
C VAL C 419 7.99 -32.57 38.14
N HIS C 420 8.74 -31.53 37.85
CA HIS C 420 8.63 -30.28 38.60
C HIS C 420 7.20 -29.90 38.73
N ASN C 421 6.45 -30.11 37.66
CA ASN C 421 5.05 -29.79 37.64
C ASN C 421 4.27 -30.81 38.46
N SER C 422 4.62 -32.09 38.39
CA SER C 422 3.83 -33.03 39.19
C SER C 422 4.00 -32.86 40.68
N VAL C 423 5.19 -32.57 41.03
CA VAL C 423 5.54 -32.35 42.41
C VAL C 423 4.65 -31.26 42.95
N GLY C 424 4.68 -30.15 42.26
CA GLY C 424 3.87 -29.04 42.58
C GLY C 424 2.42 -29.43 42.70
N ALA C 425 2.01 -30.37 41.87
CA ALA C 425 0.65 -30.81 41.98
C ALA C 425 0.35 -31.54 43.24
N LEU C 426 1.32 -32.33 43.69
CA LEU C 426 1.05 -33.02 44.97
C LEU C 426 1.08 -32.06 46.15
N ALA C 427 2.12 -31.18 46.17
CA ALA C 427 2.31 -30.20 47.16
C ALA C 427 1.00 -29.53 47.42
N LYS C 428 0.40 -29.06 46.34
CA LYS C 428 -0.89 -28.41 46.45
C LYS C 428 -1.95 -29.37 46.90
N ALA C 429 -2.00 -30.53 46.25
CA ALA C 429 -3.00 -31.53 46.58
C ALA C 429 -3.01 -31.85 48.06
N VAL C 430 -1.85 -32.17 48.56
CA VAL C 430 -1.67 -32.49 49.97
C VAL C 430 -2.11 -31.44 50.94
N TYR C 431 -1.64 -30.22 50.67
CA TYR C 431 -2.01 -29.08 51.50
C TYR C 431 -3.50 -28.94 51.62
N GLU C 432 -4.14 -28.89 50.43
CA GLU C 432 -5.56 -28.79 50.36
C GLU C 432 -6.26 -29.75 51.24
N LYS C 433 -6.24 -30.98 50.81
CA LYS C 433 -6.78 -32.14 51.56
C LYS C 433 -6.68 -31.98 53.05
N MET C 434 -5.46 -31.71 53.45
CA MET C 434 -5.14 -31.50 54.85
C MET C 434 -6.03 -30.46 55.43
N PHE C 435 -6.05 -29.36 54.73
CA PHE C 435 -6.88 -28.26 55.14
C PHE C 435 -8.29 -28.69 55.29
N LEU C 436 -8.71 -29.54 54.34
CA LEU C 436 -10.08 -30.04 54.39
C LEU C 436 -10.28 -30.87 55.63
N TRP C 437 -9.32 -31.73 55.87
CA TRP C 437 -9.35 -32.61 57.01
C TRP C 437 -9.48 -31.85 58.31
N MET C 438 -8.59 -30.86 58.47
CA MET C 438 -8.58 -30.04 59.67
C MET C 438 -9.96 -29.55 59.95
N VAL C 439 -10.57 -29.06 58.87
CA VAL C 439 -11.93 -28.58 59.02
C VAL C 439 -12.83 -29.65 59.57
N ILE C 440 -12.81 -30.80 58.93
CA ILE C 440 -13.61 -31.92 59.40
C ILE C 440 -13.36 -32.24 60.85
N ARG C 441 -12.12 -32.35 61.18
CA ARG C 441 -11.77 -32.66 62.53
C ARG C 441 -12.33 -31.62 63.47
N ILE C 442 -12.32 -30.39 63.01
CA ILE C 442 -12.83 -29.31 63.84
C ILE C 442 -14.30 -29.61 64.08
N ASN C 443 -15.04 -29.71 62.99
CA ASN C 443 -16.44 -30.02 62.95
C ASN C 443 -16.75 -31.16 63.93
N GLN C 444 -15.83 -32.11 63.96
CA GLN C 444 -16.01 -33.25 64.83
C GLN C 444 -16.08 -32.97 66.28
N GLN C 445 -15.27 -32.03 66.67
CA GLN C 445 -15.28 -31.64 68.04
C GLN C 445 -16.50 -30.80 68.29
N LEU C 446 -16.81 -29.98 67.29
CA LEU C 446 -17.94 -29.08 67.36
C LEU C 446 -19.26 -29.82 67.31
N ASP C 447 -18.14 -33.07 67.99
CA ASP C 447 -18.91 -34.27 67.72
C ASP C 447 -19.44 -34.83 68.99
N THR C 448 -20.76 -34.92 69.03
CA THR C 448 -21.35 -35.46 70.22
C THR C 448 -22.10 -36.68 69.81
N LYS C 449 -22.51 -37.43 70.82
CA LYS C 449 -23.27 -38.65 70.61
C LYS C 449 -24.75 -38.37 70.48
N GLN C 450 -25.24 -37.33 71.22
CA GLN C 450 -26.66 -36.94 71.18
C GLN C 450 -27.23 -36.91 69.78
N PRO C 451 -28.51 -37.28 69.66
CA PRO C 451 -29.17 -37.35 68.38
C PRO C 451 -29.32 -35.98 67.77
N ARG C 452 -29.39 -36.00 66.43
CA ARG C 452 -29.53 -34.81 65.61
C ARG C 452 -30.70 -35.01 64.66
N GLN C 453 -31.58 -33.97 64.55
CA GLN C 453 -32.71 -34.16 63.66
C GLN C 453 -32.67 -33.22 62.48
N TYR C 454 -32.06 -32.06 62.74
CA TYR C 454 -31.88 -31.04 61.71
C TYR C 454 -30.71 -30.15 62.03
N PHE C 455 -30.32 -29.39 61.01
CA PHE C 455 -29.19 -28.50 61.17
C PHE C 455 -29.47 -27.20 60.47
N ILE C 456 -28.64 -26.22 60.80
CA ILE C 456 -28.77 -24.93 60.17
C ILE C 456 -27.41 -24.55 59.65
N GLY C 457 -27.31 -24.51 58.34
CA GLY C 457 -26.05 -24.21 57.73
C GLY C 457 -25.84 -22.75 57.49
N VAL C 458 -24.65 -22.35 57.91
CA VAL C 458 -24.21 -21.01 57.79
C VAL C 458 -23.01 -20.98 56.87
N LEU C 459 -23.20 -20.48 55.70
CA LEU C 459 -22.20 -20.41 54.69
C LEU C 459 -21.64 -19.01 54.54
N ASP C 460 -20.33 -18.92 54.64
CA ASP C 460 -19.57 -17.70 54.50
C ASP C 460 -18.48 -17.94 53.48
N ILE C 461 -18.55 -17.20 52.39
CA ILE C 461 -17.68 -17.26 51.25
C ILE C 461 -17.73 -15.91 50.57
N ALA C 462 -16.83 -15.71 49.65
CA ALA C 462 -16.80 -14.53 48.88
C ALA C 462 -17.73 -14.49 47.69
N GLY C 463 -17.98 -13.26 47.27
CA GLY C 463 -18.84 -13.06 46.16
C GLY C 463 -18.05 -12.64 45.01
N PHE C 464 -18.68 -12.84 43.88
CA PHE C 464 -18.19 -12.50 42.59
C PHE C 464 -17.57 -11.14 42.62
N GLU C 465 -16.28 -11.15 42.42
CA GLU C 465 -15.46 -9.96 42.38
C GLU C 465 -14.81 -9.95 41.00
N ILE C 466 -14.76 -8.77 40.45
CA ILE C 466 -14.17 -8.66 39.16
C ILE C 466 -12.93 -7.84 39.24
N PHE C 467 -11.87 -8.34 38.71
CA PHE C 467 -10.66 -7.55 38.75
C PHE C 467 -10.12 -7.39 37.37
N ASP C 468 -9.31 -6.37 37.22
CA ASP C 468 -8.74 -6.16 35.91
C ASP C 468 -7.93 -7.37 35.59
N PHE C 469 -7.49 -8.02 36.70
CA PHE C 469 -6.72 -9.24 36.60
C PHE C 469 -7.43 -10.43 37.21
N ASN C 470 -7.91 -11.33 36.36
CA ASN C 470 -8.57 -12.48 36.88
C ASN C 470 -7.82 -13.75 36.58
N SER C 471 -7.40 -14.37 37.63
CA SER C 471 -6.69 -15.60 37.47
C SER C 471 -7.51 -16.74 38.00
N PHE C 472 -6.82 -17.88 38.05
CA PHE C 472 -7.40 -19.14 38.42
C PHE C 472 -8.31 -19.08 39.61
N GLU C 473 -7.79 -18.45 40.63
CA GLU C 473 -8.55 -18.35 41.88
C GLU C 473 -9.91 -17.67 41.67
N GLN C 474 -9.95 -16.70 40.75
CA GLN C 474 -11.15 -15.98 40.45
C GLN C 474 -12.20 -16.87 39.81
N LEU C 475 -11.72 -17.66 38.90
CA LEU C 475 -12.62 -18.59 38.25
C LEU C 475 -13.30 -19.48 39.32
N CYS C 476 -12.48 -20.08 40.19
CA CYS C 476 -13.00 -20.95 41.20
C CYS C 476 -14.07 -20.26 42.04
N ILE C 477 -13.80 -19.04 42.44
CA ILE C 477 -14.77 -18.34 43.25
C ILE C 477 -15.99 -17.94 42.46
N ASN C 478 -15.75 -17.35 41.28
CA ASN C 478 -16.86 -16.92 40.44
C ASN C 478 -17.76 -18.06 40.15
N PHE C 479 -17.15 -19.16 39.84
CA PHE C 479 -17.90 -20.34 39.54
C PHE C 479 -18.75 -20.72 40.71
N THR C 480 -18.21 -20.53 41.92
CA THR C 480 -18.95 -20.88 43.08
C THR C 480 -20.17 -20.03 43.16
N ASN C 481 -19.95 -18.75 42.96
CA ASN C 481 -21.03 -17.79 43.04
C ASN C 481 -22.07 -17.98 41.92
N GLU C 482 -21.62 -18.19 40.70
CA GLU C 482 -22.61 -18.32 39.66
C GLU C 482 -23.53 -19.48 39.92
N LYS C 483 -23.12 -20.38 40.73
CA LYS C 483 -23.88 -21.55 41.08
C LYS C 483 -24.88 -21.18 42.11
N LEU C 484 -24.36 -20.54 43.17
CA LEU C 484 -25.12 -20.05 44.32
C LEU C 484 -26.31 -19.21 43.85
N GLN C 485 -26.02 -18.35 42.87
CA GLN C 485 -27.01 -17.49 42.25
C GLN C 485 -28.17 -18.26 41.64
N GLN C 486 -27.86 -19.24 40.80
CA GLN C 486 -28.82 -20.09 40.16
C GLN C 486 -29.63 -20.77 41.17
N PHE C 487 -28.95 -20.97 42.29
CA PHE C 487 -29.57 -21.68 43.43
C PHE C 487 -30.70 -20.90 44.01
N PHE C 488 -30.48 -19.61 43.98
CA PHE C 488 -31.46 -18.66 44.42
C PHE C 488 -32.60 -18.50 43.40
N ASN C 489 -32.21 -18.06 42.20
CA ASN C 489 -33.12 -17.84 41.08
C ASN C 489 -34.16 -18.94 40.96
N HIS C 490 -33.76 -20.12 41.39
CA HIS C 490 -34.67 -21.22 41.31
C HIS C 490 -35.62 -21.18 42.46
N HIS C 491 -35.05 -21.06 43.66
CA HIS C 491 -35.81 -21.02 44.91
C HIS C 491 -36.85 -19.96 44.78
N MET C 492 -36.53 -18.95 44.04
CA MET C 492 -37.46 -17.88 43.85
C MET C 492 -38.53 -18.24 42.87
N PHE C 493 -38.15 -19.05 41.92
CA PHE C 493 -39.08 -19.46 40.93
C PHE C 493 -40.03 -20.40 41.55
N VAL C 494 -39.54 -21.23 42.32
CA VAL C 494 -40.37 -22.15 43.02
C VAL C 494 -41.34 -21.42 43.89
N LEU C 495 -40.78 -20.53 44.68
CA LEU C 495 -41.46 -19.67 45.65
C LEU C 495 -42.56 -18.83 45.02
N GLU C 496 -42.18 -18.07 44.00
CA GLU C 496 -43.11 -17.21 43.28
C GLU C 496 -44.38 -17.98 42.89
N GLN C 497 -44.14 -19.00 42.12
CA GLN C 497 -45.12 -19.89 41.59
C GLN C 497 -46.10 -20.46 42.62
N GLU C 498 -45.73 -20.39 43.88
CA GLU C 498 -46.62 -20.90 44.89
C GLU C 498 -47.72 -19.87 45.08
N GLU C 499 -47.32 -18.60 45.10
CA GLU C 499 -48.26 -17.50 45.30
C GLU C 499 -49.31 -17.56 44.24
N TYR C 500 -48.87 -17.43 43.00
CA TYR C 500 -49.83 -17.49 41.92
C TYR C 500 -50.72 -18.73 41.97
N LYS C 501 -50.34 -19.69 42.80
CA LYS C 501 -51.05 -20.93 42.92
C LYS C 501 -51.98 -20.82 44.10
N LYS C 502 -51.47 -20.16 45.12
CA LYS C 502 -52.22 -19.89 46.35
C LYS C 502 -53.38 -18.93 46.01
N GLU C 503 -53.03 -17.84 45.36
CA GLU C 503 -54.00 -16.86 44.95
C GLU C 503 -54.88 -17.34 43.82
N GLY C 504 -54.30 -17.92 42.84
CA GLY C 504 -55.21 -18.30 41.81
C GLY C 504 -54.96 -17.45 40.62
N ILE C 505 -53.80 -16.82 40.62
CA ILE C 505 -53.48 -16.05 39.45
C ILE C 505 -53.03 -17.01 38.36
N GLU C 506 -53.09 -16.56 37.13
CA GLU C 506 -52.68 -17.38 36.06
C GLU C 506 -51.43 -16.86 35.40
N TRP C 507 -50.27 -17.24 35.95
CA TRP C 507 -48.99 -16.81 35.45
C TRP C 507 -48.09 -18.00 35.16
N GLU C 508 -47.62 -18.13 33.90
CA GLU C 508 -46.73 -19.22 33.60
C GLU C 508 -45.35 -18.73 33.34
N PHE C 509 -44.40 -19.47 33.89
CA PHE C 509 -43.06 -19.07 33.72
C PHE C 509 -42.09 -20.21 33.97
N ILE C 510 -41.02 -20.08 33.24
CA ILE C 510 -39.88 -20.94 33.20
C ILE C 510 -38.97 -20.64 34.41
N ASP C 511 -38.29 -21.67 34.91
CA ASP C 511 -37.35 -21.57 36.01
C ASP C 511 -36.42 -20.43 35.78
N PHE C 512 -36.08 -19.63 36.78
CA PHE C 512 -35.19 -18.53 36.49
C PHE C 512 -33.78 -18.95 36.51
N GLY C 513 -33.53 -20.13 37.04
CA GLY C 513 -32.17 -20.60 37.07
C GLY C 513 -31.59 -20.81 35.66
N MET C 514 -32.36 -21.48 34.88
CA MET C 514 -32.10 -21.86 33.53
C MET C 514 -31.28 -20.89 32.78
N ASP C 515 -31.45 -19.65 33.12
CA ASP C 515 -30.68 -18.68 32.35
C ASP C 515 -29.21 -18.87 32.51
N LEU C 516 -28.83 -19.41 33.67
CA LEU C 516 -27.42 -19.56 33.94
C LEU C 516 -26.80 -20.87 33.59
N ALA C 517 -27.60 -21.88 33.35
CA ALA C 517 -27.09 -23.20 33.03
C ALA C 517 -26.06 -23.19 31.93
N ALA C 518 -26.18 -22.29 31.00
CA ALA C 518 -25.23 -22.17 29.94
C ALA C 518 -23.85 -22.01 30.48
N CYS C 519 -23.66 -21.00 31.32
CA CYS C 519 -22.33 -20.77 31.86
C CYS C 519 -21.81 -21.91 32.71
N ILE C 520 -22.65 -22.39 33.58
CA ILE C 520 -22.21 -23.51 34.39
C ILE C 520 -21.74 -24.72 33.59
N GLU C 521 -22.55 -25.18 32.63
CA GLU C 521 -22.13 -26.34 31.85
C GLU C 521 -20.73 -26.18 31.26
N LEU C 522 -20.44 -25.01 30.74
CA LEU C 522 -19.19 -24.68 30.07
C LEU C 522 -18.00 -24.87 30.99
N ILE C 523 -18.23 -24.65 32.27
CA ILE C 523 -17.17 -24.80 33.24
C ILE C 523 -17.01 -26.20 33.78
N GLU C 524 -18.11 -26.73 34.30
CA GLU C 524 -18.14 -28.03 34.96
C GLU C 524 -18.36 -29.27 34.13
N LYS C 525 -18.90 -29.13 32.96
CA LYS C 525 -19.18 -30.27 32.12
C LYS C 525 -17.88 -30.84 31.60
N PRO C 526 -17.97 -32.08 31.07
CA PRO C 526 -16.83 -32.82 30.55
C PRO C 526 -15.89 -32.18 29.55
N MET C 527 -16.38 -31.53 28.51
CA MET C 527 -15.33 -30.99 27.65
C MET C 527 -15.06 -29.56 27.98
N GLY C 528 -15.60 -29.14 29.13
CA GLY C 528 -15.50 -27.79 29.64
C GLY C 528 -14.17 -27.46 30.31
N ILE C 529 -13.95 -26.15 30.48
CA ILE C 529 -12.74 -25.55 31.05
C ILE C 529 -11.95 -26.36 32.02
N PHE C 530 -12.60 -26.71 33.10
CA PHE C 530 -11.93 -27.51 34.12
C PHE C 530 -11.32 -28.78 33.56
N SER C 531 -12.14 -29.57 32.83
CA SER C 531 -11.64 -30.78 32.23
C SER C 531 -10.39 -30.54 31.39
N ILE C 532 -10.55 -29.71 30.37
CA ILE C 532 -9.42 -29.35 29.53
C ILE C 532 -8.25 -28.90 30.42
N LEU C 533 -8.61 -28.27 31.53
CA LEU C 533 -7.62 -27.87 32.46
C LEU C 533 -7.01 -29.04 33.18
N GLU C 534 -7.82 -29.92 33.65
CA GLU C 534 -7.31 -31.05 34.38
C GLU C 534 -6.81 -32.19 33.56
N GLU C 535 -6.92 -32.09 32.26
CA GLU C 535 -6.45 -33.21 31.44
C GLU C 535 -5.03 -32.92 31.16
N GLU C 536 -4.88 -31.74 30.54
CA GLU C 536 -3.56 -31.23 30.19
C GLU C 536 -2.56 -31.38 31.35
N CYS C 537 -3.09 -31.40 32.55
CA CYS C 537 -2.26 -31.51 33.71
C CYS C 537 -1.63 -32.86 33.75
N MET C 538 -2.10 -33.73 32.85
CA MET C 538 -1.63 -35.14 32.79
C MET C 538 -0.53 -35.30 31.75
N PHE C 539 -0.39 -34.30 30.90
CA PHE C 539 0.57 -34.25 29.85
C PHE C 539 1.88 -33.66 30.40
N PRO C 540 2.85 -34.52 30.56
CA PRO C 540 4.15 -34.20 31.10
C PRO C 540 4.86 -33.07 30.42
N LYS C 541 4.39 -32.67 29.29
CA LYS C 541 5.09 -31.64 28.51
C LYS C 541 4.10 -30.64 27.92
N ALA C 542 3.10 -30.31 28.72
CA ALA C 542 2.11 -29.35 28.27
C ALA C 542 2.47 -27.95 28.70
N THR C 543 1.88 -26.97 28.05
CA THR C 543 2.17 -25.59 28.36
C THR C 543 0.88 -24.88 28.65
N ASP C 544 1.02 -23.74 29.28
CA ASP C 544 -0.12 -22.90 29.55
C ASP C 544 -0.68 -22.63 28.14
N THR C 545 0.25 -22.32 27.25
CA THR C 545 -0.05 -22.06 25.86
C THR C 545 -0.73 -23.25 25.22
N SER C 546 -0.24 -24.43 25.55
CA SER C 546 -0.84 -25.63 25.02
C SER C 546 -2.29 -25.66 25.43
N PHE C 547 -2.50 -25.65 26.74
CA PHE C 547 -3.78 -25.63 27.38
C PHE C 547 -4.70 -24.64 26.73
N LYS C 548 -4.15 -23.45 26.55
CA LYS C 548 -4.92 -22.36 25.95
C LYS C 548 -5.55 -22.81 24.65
N ASN C 549 -4.71 -23.24 23.72
CA ASN C 549 -5.20 -23.65 22.41
C ASN C 549 -6.28 -24.70 22.52
N LYS C 550 -6.09 -25.62 23.46
CA LYS C 550 -7.05 -26.68 23.58
C LYS C 550 -8.38 -26.12 23.99
N LEU C 551 -8.27 -25.07 24.76
CA LEU C 551 -9.43 -24.39 25.24
C LEU C 551 -10.18 -23.82 24.06
N TYR C 552 -9.43 -23.21 23.16
CA TYR C 552 -10.12 -22.57 22.04
C TYR C 552 -10.68 -23.51 21.02
N ASP C 553 -9.78 -24.27 20.42
CA ASP C 553 -10.11 -25.23 19.37
C ASP C 553 -11.45 -25.90 19.63
N GLN C 554 -11.71 -26.08 20.93
CA GLN C 554 -12.93 -26.75 21.36
C GLN C 554 -14.08 -25.87 21.77
N HIS C 555 -13.83 -24.67 22.25
CA HIS C 555 -14.99 -23.90 22.67
C HIS C 555 -15.26 -22.69 21.81
N LEU C 556 -14.18 -22.14 21.27
CA LEU C 556 -14.32 -20.97 20.46
C LEU C 556 -15.14 -21.13 19.20
N GLY C 557 -16.06 -20.19 19.07
CA GLY C 557 -16.98 -20.11 17.96
C GLY C 557 -18.16 -21.05 18.16
N LYS C 558 -17.94 -22.10 18.93
CA LYS C 558 -18.92 -23.10 19.19
C LYS C 558 -19.71 -22.81 20.44
N SER C 559 -19.12 -21.98 21.28
CA SER C 559 -19.76 -21.61 22.53
C SER C 559 -19.90 -20.14 22.71
N ASN C 560 -21.11 -19.75 23.10
CA ASN C 560 -21.54 -18.38 23.18
C ASN C 560 -20.98 -17.66 24.41
N ASN C 561 -20.93 -18.36 25.50
CA ASN C 561 -20.46 -17.76 26.71
C ASN C 561 -18.96 -17.63 26.69
N PHE C 562 -18.41 -18.30 25.70
CA PHE C 562 -16.99 -18.33 25.46
C PHE C 562 -16.59 -17.25 24.47
N GLN C 563 -15.56 -16.51 24.82
CA GLN C 563 -15.16 -15.39 24.02
C GLN C 563 -13.66 -15.12 24.16
N LYS C 564 -13.11 -14.41 23.19
CA LYS C 564 -11.71 -14.01 23.23
C LYS C 564 -11.66 -12.59 23.69
N PRO C 565 -10.77 -12.30 24.63
CA PRO C 565 -10.64 -10.98 25.21
C PRO C 565 -10.41 -9.86 24.23
N LYS C 566 -11.04 -8.73 24.58
CA LYS C 566 -10.99 -7.46 23.89
C LYS C 566 -9.91 -6.60 24.56
N PRO C 567 -8.72 -6.52 23.96
CA PRO C 567 -7.63 -5.75 24.55
C PRO C 567 -8.05 -4.33 24.97
N ALA C 568 -7.55 -3.91 26.14
CA ALA C 568 -7.82 -2.58 26.71
C ALA C 568 -6.68 -2.11 27.63
N ALA C 572 -3.86 -5.75 32.86
CA ALA C 572 -2.97 -6.62 32.13
C ALA C 572 -3.56 -7.27 30.87
N GLU C 573 -3.12 -8.50 30.61
CA GLU C 573 -3.50 -9.29 29.46
C GLU C 573 -4.71 -10.19 29.74
N ALA C 574 -5.19 -10.90 28.72
CA ALA C 574 -6.33 -11.74 28.95
C ALA C 574 -6.37 -12.85 27.92
N HIS C 575 -6.85 -14.02 28.32
CA HIS C 575 -6.88 -15.09 27.37
C HIS C 575 -8.24 -15.53 27.05
N PHE C 576 -9.14 -15.22 27.95
CA PHE C 576 -10.46 -15.63 27.67
C PHE C 576 -11.42 -15.08 28.64
N SER C 577 -12.51 -14.67 28.06
CA SER C 577 -13.55 -14.08 28.78
C SER C 577 -14.69 -15.04 28.78
N LEU C 578 -15.43 -14.93 29.84
CA LEU C 578 -16.62 -15.68 30.08
C LEU C 578 -17.77 -14.74 30.35
N VAL C 579 -18.95 -15.22 30.09
CA VAL C 579 -20.12 -14.41 30.31
C VAL C 579 -20.98 -14.90 31.47
N HIS C 580 -20.58 -14.46 32.65
CA HIS C 580 -21.25 -14.83 33.88
C HIS C 580 -22.48 -13.96 34.06
N TYR C 581 -23.38 -14.34 34.99
CA TYR C 581 -24.57 -13.54 35.19
C TYR C 581 -24.27 -12.07 35.51
N ALA C 582 -23.22 -11.87 36.34
CA ALA C 582 -22.81 -10.52 36.75
C ALA C 582 -22.18 -9.69 35.63
N GLY C 583 -21.60 -10.42 34.69
CA GLY C 583 -20.97 -9.81 33.54
C GLY C 583 -19.86 -10.65 32.96
N THR C 584 -19.02 -9.96 32.16
CA THR C 584 -17.90 -10.54 31.45
C THR C 584 -16.63 -10.50 32.24
N VAL C 585 -16.05 -11.66 32.40
CA VAL C 585 -14.80 -11.71 33.15
C VAL C 585 -13.68 -12.14 32.22
N ASP C 586 -12.64 -11.33 32.24
CA ASP C 586 -11.46 -11.54 31.42
C ASP C 586 -10.45 -12.32 32.23
N TYR C 587 -10.24 -13.56 31.81
CA TYR C 587 -9.35 -14.49 32.54
C TYR C 587 -8.00 -14.67 31.89
N ASN C 588 -6.98 -14.63 32.75
CA ASN C 588 -5.58 -14.84 32.39
C ASN C 588 -5.15 -16.19 32.88
N ILE C 589 -4.70 -17.00 31.96
CA ILE C 589 -4.29 -18.39 32.16
C ILE C 589 -2.82 -18.56 32.34
N SER C 590 -2.26 -18.13 33.42
CA SER C 590 -0.83 -18.29 33.43
C SER C 590 -0.33 -18.72 34.77
N GLY C 591 -0.15 -20.02 34.87
CA GLY C 591 0.36 -20.60 36.07
C GLY C 591 -0.56 -21.67 36.46
N TRP C 592 -1.65 -21.61 35.68
CA TRP C 592 -2.74 -22.51 35.97
C TRP C 592 -2.31 -23.92 36.05
N LEU C 593 -1.64 -24.31 34.97
CA LEU C 593 -1.18 -25.71 34.85
C LEU C 593 -0.48 -26.15 36.12
N GLU C 594 0.47 -25.34 36.52
CA GLU C 594 1.22 -25.57 37.75
C GLU C 594 0.40 -25.58 39.00
N LYS C 595 -0.23 -24.43 39.23
CA LYS C 595 -1.06 -24.20 40.38
C LYS C 595 -1.98 -25.33 40.54
N ASN C 596 -2.42 -25.80 39.40
CA ASN C 596 -3.33 -26.91 39.40
C ASN C 596 -2.65 -28.26 39.67
N LYS C 597 -1.36 -28.35 39.60
CA LYS C 597 -0.67 -29.64 39.80
C LYS C 597 -0.19 -29.88 41.22
N ASP C 598 -0.07 -28.80 41.93
CA ASP C 598 0.41 -28.82 43.29
C ASP C 598 1.65 -29.64 43.42
N PRO C 599 -5.20 -33.67 37.71
CA PRO C 599 -4.25 -34.72 37.44
C PRO C 599 -3.20 -34.86 38.54
N LEU C 600 -3.12 -36.06 39.09
CA LEU C 600 -2.20 -36.40 40.17
C LEU C 600 -1.49 -37.73 39.90
N ASN C 601 -0.18 -37.80 40.10
CA ASN C 601 0.57 -39.03 39.90
C ASN C 601 0.18 -40.05 40.92
N GLU C 602 -0.62 -40.92 40.45
CA GLU C 602 -1.20 -41.98 41.22
C GLU C 602 -0.23 -42.95 41.87
N THR C 603 1.00 -43.01 41.34
CA THR C 603 1.96 -43.91 41.92
C THR C 603 2.33 -43.43 43.28
N VAL C 604 2.62 -42.15 43.31
CA VAL C 604 2.97 -41.45 44.55
C VAL C 604 1.87 -41.53 45.59
N ILE C 605 0.68 -41.20 45.14
CA ILE C 605 -0.47 -41.22 45.99
C ILE C 605 -0.54 -42.56 46.65
N GLY C 606 -0.02 -43.52 45.90
CA GLY C 606 -0.01 -44.89 46.38
C GLY C 606 0.75 -44.92 47.65
N LEU C 607 1.96 -44.41 47.55
CA LEU C 607 2.86 -44.34 48.70
C LEU C 607 2.22 -43.65 49.88
N TYR C 608 1.53 -42.55 49.60
CA TYR C 608 0.90 -41.82 50.68
C TYR C 608 -0.05 -42.75 51.36
N GLN C 609 -0.81 -43.37 50.51
CA GLN C 609 -1.85 -44.28 50.97
C GLN C 609 -1.35 -45.33 51.95
N LYS C 610 -0.05 -45.61 51.92
CA LYS C 610 0.55 -46.58 52.82
C LYS C 610 1.66 -46.00 53.65
N SER C 611 1.48 -44.74 54.04
CA SER C 611 2.45 -44.04 54.87
C SER C 611 2.47 -44.52 56.31
N SER C 612 3.54 -44.17 56.97
CA SER C 612 3.70 -44.51 58.39
C SER C 612 3.04 -43.42 59.22
N VAL C 613 2.69 -42.34 58.51
CA VAL C 613 2.06 -41.17 59.07
C VAL C 613 0.59 -41.19 58.74
N LYS C 614 -0.14 -41.91 59.59
CA LYS C 614 -1.55 -42.25 59.52
C LYS C 614 -2.39 -41.16 58.90
N THR C 615 -2.24 -40.00 59.45
CA THR C 615 -2.93 -38.83 58.98
C THR C 615 -2.74 -38.63 57.49
N LEU C 616 -1.52 -38.67 57.05
CA LEU C 616 -1.23 -38.54 55.63
C LEU C 616 -1.90 -39.63 54.94
N ALA C 617 -1.82 -40.81 55.54
CA ALA C 617 -2.48 -41.94 54.95
C ALA C 617 -3.95 -41.67 54.80
N LEU C 618 -4.54 -41.17 55.82
CA LEU C 618 -5.95 -40.90 55.78
C LEU C 618 -6.43 -40.02 54.68
N LEU C 619 -5.85 -38.80 54.67
CA LEU C 619 -6.19 -37.76 53.70
C LEU C 619 -6.45 -38.29 52.30
N PHE C 620 -5.74 -39.35 51.96
CA PHE C 620 -5.82 -39.89 50.58
C PHE C 620 -6.39 -41.31 50.55
N ALA C 621 -7.57 -41.55 51.12
CA ALA C 621 -8.22 -42.89 51.10
C ALA C 621 -9.41 -42.95 50.16
N THR C 622 -9.88 -41.76 49.85
CA THR C 622 -10.99 -41.52 48.96
C THR C 622 -10.53 -41.51 47.48
N TYR C 623 -9.26 -41.80 47.29
CA TYR C 623 -8.73 -41.78 45.97
C TYR C 623 -9.06 -43.06 45.20
N GLN C 644 -4.19 -36.75 40.57
CA GLN C 644 -5.23 -35.87 41.12
C GLN C 644 -4.84 -34.39 41.17
N THR C 645 -5.75 -33.61 40.57
CA THR C 645 -5.61 -32.18 40.46
C THR C 645 -6.22 -31.40 41.64
N VAL C 646 -5.98 -30.10 41.65
CA VAL C 646 -6.44 -29.20 42.68
C VAL C 646 -7.89 -28.87 42.44
N SER C 647 -8.14 -28.50 41.19
CA SER C 647 -9.47 -28.17 40.76
C SER C 647 -10.35 -29.38 40.86
N ALA C 648 -9.74 -30.57 40.82
CA ALA C 648 -10.44 -31.83 40.95
C ALA C 648 -11.26 -31.94 42.23
N LEU C 649 -10.75 -31.40 43.32
CA LEU C 649 -11.47 -31.43 44.62
C LEU C 649 -12.50 -30.38 44.72
N PHE C 650 -11.95 -29.16 44.57
CA PHE C 650 -12.68 -27.91 44.63
C PHE C 650 -14.09 -28.20 44.13
N ARG C 651 -14.14 -28.88 43.01
CA ARG C 651 -15.35 -29.29 42.39
C ARG C 651 -16.10 -30.25 43.34
N GLU C 652 -15.45 -31.32 43.79
CA GLU C 652 -15.98 -32.37 44.68
C GLU C 652 -16.54 -31.82 45.98
N ASN C 653 -15.84 -30.84 46.47
CA ASN C 653 -16.18 -30.16 47.68
C ASN C 653 -17.38 -29.24 47.41
N LEU C 654 -17.26 -28.52 46.31
CA LEU C 654 -18.31 -27.62 45.84
C LEU C 654 -19.56 -28.37 45.49
N ASN C 655 -19.47 -29.66 45.36
CA ASN C 655 -20.64 -30.46 45.01
C ASN C 655 -21.34 -30.99 46.21
N LYS C 656 -20.51 -31.36 47.14
CA LYS C 656 -20.88 -31.91 48.39
C LYS C 656 -21.61 -30.84 49.15
N LEU C 657 -21.29 -29.60 48.77
CA LEU C 657 -21.77 -28.38 49.39
C LEU C 657 -23.10 -27.99 48.83
N MET C 658 -23.11 -27.76 47.53
CA MET C 658 -24.33 -27.38 46.81
C MET C 658 -25.41 -28.44 46.99
N ALA C 659 -25.02 -29.63 47.46
CA ALA C 659 -25.96 -30.72 47.69
C ALA C 659 -26.54 -30.57 49.06
N ASN C 660 -25.70 -30.11 49.94
CA ASN C 660 -26.07 -29.90 51.33
C ASN C 660 -26.98 -28.66 51.35
N LEU C 661 -26.72 -27.78 50.40
CA LEU C 661 -27.44 -26.54 50.29
C LEU C 661 -28.89 -26.80 49.82
N ARG C 662 -29.09 -27.86 49.05
CA ARG C 662 -30.38 -28.26 48.49
C ARG C 662 -31.35 -28.83 49.53
N SER C 663 -30.86 -29.76 50.36
CA SER C 663 -31.66 -30.36 51.43
C SER C 663 -31.83 -29.36 52.53
N THR C 664 -31.87 -28.10 52.11
CA THR C 664 -31.94 -26.96 52.95
C THR C 664 -32.95 -25.97 52.46
N HIS C 665 -33.52 -25.23 53.42
CA HIS C 665 -34.37 -24.10 53.11
C HIS C 665 -33.53 -22.82 53.12
N PRO C 666 -33.11 -22.38 51.97
CA PRO C 666 -32.19 -21.31 51.79
C PRO C 666 -32.71 -20.02 52.38
N HIS C 667 -31.82 -19.37 53.14
CA HIS C 667 -32.01 -18.08 53.75
C HIS C 667 -30.81 -17.24 53.35
N PHE C 668 -31.05 -16.14 52.68
CA PHE C 668 -30.06 -15.25 52.11
C PHE C 668 -29.76 -13.93 52.83
N VAL C 669 -28.49 -13.60 52.89
CA VAL C 669 -27.95 -12.42 53.50
C VAL C 669 -26.81 -11.84 52.67
N ARG C 670 -26.97 -10.63 52.19
CA ARG C 670 -26.04 -9.92 51.35
C ARG C 670 -25.41 -8.75 52.10
N CYS C 671 -24.09 -8.84 52.33
CA CYS C 671 -23.35 -7.84 53.07
C CYS C 671 -22.78 -6.77 52.15
N ILE C 672 -22.92 -5.49 52.50
CA ILE C 672 -22.47 -4.41 51.66
C ILE C 672 -21.44 -3.45 52.28
N ILE C 673 -20.60 -2.89 51.41
CA ILE C 673 -19.51 -2.00 51.79
C ILE C 673 -19.67 -0.65 51.12
N PRO C 674 -19.99 0.31 51.95
CA PRO C 674 -20.32 1.68 51.65
C PRO C 674 -19.32 2.46 50.89
N ASN C 675 -18.15 2.68 51.51
CA ASN C 675 -17.09 3.45 50.85
C ASN C 675 -15.72 2.93 51.17
N GLU C 676 -14.90 2.85 50.13
CA GLU C 676 -13.53 2.37 50.27
C GLU C 676 -12.78 3.12 51.34
N THR C 677 -13.18 4.36 51.52
CA THR C 677 -12.53 5.22 52.50
C THR C 677 -12.88 4.97 53.95
N LYS C 678 -13.70 4.00 54.31
CA LYS C 678 -13.98 3.80 55.75
C LYS C 678 -14.62 4.97 56.49
N THR C 679 -15.82 5.32 56.12
CA THR C 679 -16.51 6.44 56.74
C THR C 679 -17.93 6.07 57.03
N PRO C 680 -18.34 6.19 58.25
CA PRO C 680 -19.72 5.84 58.56
C PRO C 680 -20.64 6.86 57.93
N GLY C 681 -21.89 6.47 57.73
CA GLY C 681 -22.93 7.27 57.12
C GLY C 681 -22.67 7.73 55.67
N ALA C 682 -21.77 7.07 54.98
CA ALA C 682 -21.46 7.48 53.60
C ALA C 682 -21.51 6.35 52.57
N MET C 683 -21.59 6.71 51.30
CA MET C 683 -21.70 5.69 50.33
C MET C 683 -21.19 6.02 48.93
N GLU C 684 -20.22 5.32 48.36
CA GLU C 684 -19.96 5.77 46.99
C GLU C 684 -21.01 5.08 46.16
N HIS C 685 -21.51 5.77 45.18
CA HIS C 685 -22.53 5.18 44.38
C HIS C 685 -22.14 3.94 43.63
N GLU C 686 -21.39 4.16 42.58
CA GLU C 686 -21.00 3.09 41.72
C GLU C 686 -20.38 1.92 42.41
N LEU C 687 -19.87 2.17 43.57
CA LEU C 687 -19.27 1.11 44.36
C LEU C 687 -20.35 0.20 44.92
N VAL C 688 -21.41 0.78 45.46
CA VAL C 688 -22.54 0.02 45.95
C VAL C 688 -23.30 -0.61 44.75
N LEU C 689 -23.38 0.16 43.67
CA LEU C 689 -24.06 -0.29 42.48
C LEU C 689 -23.50 -1.61 42.00
N HIS C 690 -22.20 -1.67 42.00
CA HIS C 690 -21.50 -2.86 41.61
C HIS C 690 -21.98 -4.08 42.36
N GLN C 691 -21.81 -3.97 43.65
CA GLN C 691 -22.15 -5.03 44.52
C GLN C 691 -23.52 -5.52 44.26
N LEU C 692 -24.39 -4.57 44.06
CA LEU C 692 -25.77 -4.93 43.80
C LEU C 692 -26.00 -5.87 42.64
N ARG C 693 -25.16 -5.73 41.60
CA ARG C 693 -25.32 -6.55 40.42
C ARG C 693 -24.80 -7.95 40.60
N CYS C 694 -23.64 -7.97 41.24
CA CYS C 694 -22.92 -9.18 41.54
C CYS C 694 -23.49 -9.84 42.78
N ASN C 695 -24.35 -9.15 43.46
CA ASN C 695 -24.92 -9.66 44.70
C ASN C 695 -25.97 -10.69 44.46
N GLY C 696 -26.83 -10.32 43.52
CA GLY C 696 -28.02 -10.99 43.15
C GLY C 696 -29.23 -10.09 43.39
N VAL C 697 -29.01 -9.02 44.13
CA VAL C 697 -30.03 -8.08 44.51
C VAL C 697 -30.71 -7.48 43.30
N LEU C 698 -29.89 -7.09 42.34
CA LEU C 698 -30.46 -6.50 41.15
C LEU C 698 -31.11 -7.52 40.28
N GLU C 699 -30.77 -8.76 40.49
CA GLU C 699 -31.37 -9.80 39.66
C GLU C 699 -32.66 -10.26 40.29
N GLY C 700 -32.76 -10.04 41.58
CA GLY C 700 -33.97 -10.44 42.27
C GLY C 700 -35.05 -9.43 42.01
N ILE C 701 -34.62 -8.20 41.73
CA ILE C 701 -35.53 -7.14 41.46
C ILE C 701 -36.09 -7.34 40.09
N ARG C 702 -35.21 -7.74 39.18
CA ARG C 702 -35.57 -8.04 37.79
C ARG C 702 -36.70 -9.04 37.68
N ILE C 703 -36.39 -10.19 38.23
CA ILE C 703 -37.29 -11.33 38.30
C ILE C 703 -38.60 -10.96 38.97
N CYS C 704 -38.52 -9.94 39.82
CA CYS C 704 -39.68 -9.52 40.52
C CYS C 704 -40.57 -8.75 39.58
N ARG C 705 -39.92 -7.82 38.91
CA ARG C 705 -40.54 -6.95 37.97
C ARG C 705 -41.04 -7.62 36.71
N LYS C 706 -41.00 -8.93 36.68
CA LYS C 706 -41.44 -9.59 35.47
C LYS C 706 -42.80 -10.15 35.74
N GLY C 707 -43.20 -10.23 37.77
CA GLY C 707 -44.34 -11.01 37.34
C GLY C 707 -45.30 -10.08 36.60
N PHE C 708 -46.54 -10.14 37.02
CA PHE C 708 -47.57 -9.29 36.50
C PHE C 708 -48.14 -8.48 37.67
N PRO C 709 -47.51 -7.32 37.89
CA PRO C 709 -47.86 -6.43 38.98
C PRO C 709 -49.36 -6.13 39.07
N SER C 710 -49.75 -5.06 38.39
CA SER C 710 -51.13 -4.62 38.31
C SER C 710 -52.05 -5.71 37.76
N ARG C 711 -53.13 -5.93 38.51
CA ARG C 711 -54.13 -6.92 38.14
C ARG C 711 -55.52 -6.34 38.29
N VAL C 712 -56.20 -6.21 37.15
CA VAL C 712 -57.50 -5.63 37.09
C VAL C 712 -58.61 -6.62 37.17
N LEU C 713 -59.54 -6.27 38.01
CA LEU C 713 -60.77 -7.02 38.14
C LEU C 713 -61.62 -6.57 36.95
N TYR C 714 -62.19 -7.56 36.36
CA TYR C 714 -63.01 -7.46 35.14
C TYR C 714 -64.05 -6.35 34.98
N ALA C 715 -64.95 -6.17 35.92
CA ALA C 715 -65.93 -5.08 35.84
C ALA C 715 -65.27 -3.73 35.94
N ASP C 716 -64.32 -3.72 36.93
CA ASP C 716 -63.47 -2.60 37.23
C ASP C 716 -62.66 -2.27 35.97
N PHE C 717 -62.66 -3.29 35.08
CA PHE C 717 -61.95 -3.17 33.82
C PHE C 717 -62.83 -2.68 32.70
N LYS C 718 -64.07 -3.11 32.78
CA LYS C 718 -65.05 -2.74 31.76
C LYS C 718 -65.28 -1.24 31.81
N GLN C 719 -66.01 -0.85 32.86
CA GLN C 719 -66.34 0.51 33.14
C GLN C 719 -65.31 1.56 32.72
N ARG C 720 -64.12 1.43 33.30
CA ARG C 720 -63.04 2.39 33.06
C ARG C 720 -62.50 2.48 31.65
N TYR C 721 -62.63 1.37 30.90
CA TYR C 721 -62.01 1.36 29.58
C TYR C 721 -62.90 1.06 28.37
N ARG C 722 -64.16 0.73 28.63
CA ARG C 722 -65.14 0.43 27.55
C ARG C 722 -64.95 1.38 26.36
N VAL C 723 -64.90 2.65 26.73
CA VAL C 723 -64.71 3.81 25.88
C VAL C 723 -63.60 3.72 24.84
N LEU C 724 -62.70 2.79 25.00
CA LEU C 724 -61.55 2.72 24.11
C LEU C 724 -61.85 2.21 22.72
N ASN C 725 -62.85 1.36 22.64
CA ASN C 725 -63.28 0.75 21.38
C ASN C 725 -64.68 0.22 21.59
N ALA C 726 -65.37 0.96 22.45
CA ALA C 726 -66.73 0.71 22.89
C ALA C 726 -67.64 -0.01 21.92
N SER C 727 -67.27 0.00 20.66
CA SER C 727 -68.09 -0.65 19.65
C SER C 727 -67.87 -2.16 19.54
N ALA C 728 -66.76 -2.66 20.06
CA ALA C 728 -66.49 -4.09 19.98
C ALA C 728 -67.61 -4.83 20.70
N ILE C 729 -68.96 -3.80 19.83
CA ILE C 729 -70.21 -3.61 20.55
C ILE C 729 -71.33 -4.64 20.59
N PRO C 730 -72.03 -5.19 19.58
CA PRO C 730 -73.19 -6.05 19.90
C PRO C 730 -72.82 -7.28 20.77
N GLU C 731 -71.73 -7.94 20.36
CA GLU C 731 -71.15 -9.04 21.09
C GLU C 731 -70.33 -8.67 22.33
N GLY C 732 -69.91 -7.41 22.46
CA GLY C 732 -69.27 -6.88 23.68
C GLY C 732 -70.25 -6.33 24.73
N GLN C 733 -71.48 -6.01 24.32
CA GLN C 733 -72.57 -5.56 25.20
C GLN C 733 -73.61 -6.57 25.69
N PHE C 734 -74.07 -7.53 24.87
CA PHE C 734 -74.96 -8.61 25.32
C PHE C 734 -74.13 -9.58 26.18
N MET C 735 -73.81 -9.01 27.70
CA MET C 735 -72.46 -9.58 27.67
C MET C 735 -72.09 -10.10 29.05
N ASP C 736 -70.85 -10.54 29.12
CA ASP C 736 -70.25 -11.11 30.29
C ASP C 736 -69.24 -10.15 30.92
N SER C 737 -69.16 -10.18 32.24
CA SER C 737 -68.21 -9.32 32.97
C SER C 737 -66.77 -9.72 32.68
N LYS C 738 -66.59 -10.97 32.26
CA LYS C 738 -65.27 -11.48 31.92
C LYS C 738 -64.97 -11.47 30.43
N LYS C 739 -65.69 -12.30 29.68
CA LYS C 739 -65.52 -12.45 28.24
C LYS C 739 -65.40 -11.11 27.53
N ALA C 740 -66.03 -10.12 28.16
CA ALA C 740 -66.02 -8.76 27.67
C ALA C 740 -64.60 -8.21 27.57
N SER C 741 -63.98 -8.02 28.75
CA SER C 741 -62.62 -7.51 28.84
C SER C 741 -61.75 -8.21 27.86
N GLU C 742 -62.10 -9.50 27.68
CA GLU C 742 -61.39 -10.32 26.74
C GLU C 742 -61.53 -9.66 25.39
N LYS C 743 -62.78 -9.74 24.96
CA LYS C 743 -63.18 -9.17 23.70
C LYS C 743 -62.63 -7.77 23.53
N LEU C 744 -62.72 -6.93 24.58
CA LEU C 744 -62.25 -5.56 24.42
C LEU C 744 -60.85 -5.42 23.94
N LEU C 745 -59.96 -6.10 24.60
CA LEU C 745 -58.57 -5.97 24.23
C LEU C 745 -58.30 -6.29 22.78
N GLY C 746 -59.35 -6.74 22.10
CA GLY C 746 -59.31 -7.03 20.69
C GLY C 746 -58.68 -5.84 19.99
N SER C 747 -59.15 -4.61 20.30
CA SER C 747 -58.57 -3.42 19.68
C SER C 747 -57.37 -2.80 20.43
N ILE C 748 -56.74 -1.82 19.77
CA ILE C 748 -55.62 -1.09 20.31
C ILE C 748 -54.30 -1.50 19.68
N ASP C 749 -53.39 -0.55 19.49
CA ASP C 749 -52.12 -0.92 18.92
C ASP C 749 -51.12 -1.30 20.06
N VAL C 750 -51.67 -2.07 21.05
CA VAL C 750 -51.07 -2.58 22.31
C VAL C 750 -50.43 -3.99 22.29
N ASP C 751 -49.38 -4.23 23.12
CA ASP C 751 -48.73 -5.55 23.22
C ASP C 751 -49.64 -6.60 23.81
N HIS C 752 -50.11 -7.50 22.97
CA HIS C 752 -51.07 -8.51 23.38
C HIS C 752 -50.44 -9.64 24.22
N THR C 753 -49.21 -9.38 24.60
CA THR C 753 -48.30 -10.18 25.38
C THR C 753 -48.40 -9.83 26.87
N GLN C 754 -47.97 -8.59 27.10
CA GLN C 754 -47.96 -7.92 28.36
C GLN C 754 -49.11 -8.21 29.30
N TYR C 755 -50.15 -8.86 28.87
CA TYR C 755 -51.25 -9.13 29.78
C TYR C 755 -51.54 -10.61 29.85
N ARG C 756 -52.49 -10.94 30.71
CA ARG C 756 -52.83 -12.34 30.81
C ARG C 756 -54.07 -12.40 31.64
N PHE C 757 -54.97 -13.23 31.15
CA PHE C 757 -56.25 -13.33 31.77
C PHE C 757 -56.35 -14.54 32.60
N GLY C 758 -57.36 -14.51 33.48
CA GLY C 758 -57.63 -15.62 34.35
C GLY C 758 -58.95 -15.42 35.03
N HIS C 759 -59.47 -16.50 35.55
CA HIS C 759 -60.76 -16.57 36.24
C HIS C 759 -61.34 -15.37 36.96
N THR C 760 -60.53 -14.50 37.53
CA THR C 760 -61.16 -13.38 38.19
C THR C 760 -60.60 -12.05 37.73
N LYS C 761 -59.49 -12.14 37.00
CA LYS C 761 -58.90 -10.91 36.58
C LYS C 761 -57.81 -11.01 35.57
N VAL C 762 -57.43 -9.89 35.03
CA VAL C 762 -56.39 -9.84 34.03
C VAL C 762 -55.13 -9.48 34.74
N PHE C 763 -54.08 -9.95 34.15
CA PHE C 763 -52.82 -9.63 34.66
C PHE C 763 -52.17 -8.78 33.65
N PHE C 764 -51.43 -7.79 34.18
CA PHE C 764 -50.79 -6.81 33.33
C PHE C 764 -49.39 -6.47 33.79
N LYS C 765 -48.46 -6.21 32.88
CA LYS C 765 -47.12 -5.79 33.23
C LYS C 765 -47.21 -4.32 33.58
N ALA C 766 -46.03 -3.69 33.69
CA ALA C 766 -45.92 -2.29 34.00
C ALA C 766 -46.21 -1.39 32.82
N GLY C 767 -46.39 -0.11 33.18
CA GLY C 767 -46.62 1.00 32.28
C GLY C 767 -47.62 0.70 31.21
N LEU C 768 -48.41 -0.32 31.44
CA LEU C 768 -49.37 -0.69 30.46
C LEU C 768 -50.67 -0.01 30.73
N LEU C 769 -51.12 -0.31 31.94
CA LEU C 769 -52.30 0.29 32.46
C LEU C 769 -52.09 1.79 32.28
N GLY C 770 -50.84 2.19 32.37
CA GLY C 770 -50.49 3.55 32.15
C GLY C 770 -50.80 3.90 30.73
N LEU C 771 -50.51 2.97 29.85
CA LEU C 771 -50.78 3.21 28.44
C LEU C 771 -52.25 3.33 28.20
N LEU C 772 -52.99 2.38 28.78
CA LEU C 772 -54.42 2.39 28.66
C LEU C 772 -55.06 3.74 28.93
N GLU C 773 -54.93 4.17 30.15
CA GLU C 773 -55.39 5.44 30.62
C GLU C 773 -55.19 6.58 29.65
N GLU C 774 -53.93 6.62 29.13
CA GLU C 774 -53.58 7.68 28.23
C GLU C 774 -54.55 7.76 27.07
N MET C 775 -54.76 6.61 26.45
CA MET C 775 -55.68 6.51 25.36
C MET C 775 -57.01 7.00 25.84
N ARG C 776 -57.32 6.57 27.01
CA ARG C 776 -58.54 6.92 27.63
C ARG C 776 -58.62 8.40 27.76
N ASP C 777 -57.55 8.98 28.27
CA ASP C 777 -57.46 10.42 28.47
C ASP C 777 -57.87 11.15 27.21
N ASP C 778 -57.24 10.80 26.09
CA ASP C 778 -57.63 11.44 24.85
C ASP C 778 -59.11 11.24 24.60
N LYS C 779 -59.62 10.10 24.97
CA LYS C 779 -60.97 9.83 24.63
C LYS C 779 -61.99 10.62 25.36
N LEU C 780 -61.55 11.31 26.36
CA LEU C 780 -62.52 12.10 27.09
C LEU C 780 -62.51 13.53 26.64
N ALA C 781 -61.34 13.96 26.14
CA ALA C 781 -61.20 15.29 25.63
C ALA C 781 -62.31 15.35 24.61
N GLU C 782 -62.34 14.31 23.77
CA GLU C 782 -63.36 14.10 22.75
C GLU C 782 -64.69 14.27 23.50
N ILE C 783 -65.01 13.31 24.33
CA ILE C 783 -66.24 13.29 25.10
C ILE C 783 -66.57 14.54 25.82
N ILE C 784 -65.58 15.14 26.44
CA ILE C 784 -65.89 16.33 27.20
C ILE C 784 -66.10 17.54 26.34
N THR C 785 -65.01 17.91 25.64
CA THR C 785 -64.96 19.04 24.75
C THR C 785 -66.28 19.21 23.96
N ARG C 786 -66.80 18.10 23.49
CA ARG C 786 -68.05 18.05 22.79
C ARG C 786 -69.20 18.30 23.74
N THR C 787 -69.09 17.76 24.94
CA THR C 787 -70.19 17.97 25.88
C THR C 787 -70.16 19.36 26.46
N GLN C 788 -69.00 19.96 26.37
CA GLN C 788 -68.92 21.29 26.90
C GLN C 788 -69.71 22.19 26.00
N ALA C 789 -69.21 22.27 24.75
CA ALA C 789 -69.79 23.03 23.67
C ALA C 789 -71.32 23.25 23.75
N ARG C 790 -72.07 22.17 23.62
CA ARG C 790 -73.52 22.15 23.62
C ARG C 790 -74.00 22.99 24.79
N CYS C 791 -73.44 22.65 25.93
CA CYS C 791 -73.69 23.38 27.14
C CYS C 791 -73.52 24.88 26.89
N ARG C 792 -72.28 25.25 26.52
CA ARG C 792 -71.88 26.61 26.24
C ARG C 792 -72.93 27.19 25.33
N GLY C 793 -73.13 26.48 24.22
CA GLY C 793 -74.08 26.84 23.21
C GLY C 793 -75.33 27.14 23.96
N PHE C 794 -75.94 26.06 24.40
CA PHE C 794 -77.17 26.12 25.17
C PHE C 794 -77.20 27.18 26.22
N LEU C 795 -76.06 27.42 26.79
CA LEU C 795 -76.08 28.40 27.82
C LEU C 795 -76.49 29.77 27.35
N MET C 796 -75.91 30.12 26.23
CA MET C 796 -76.23 31.41 25.69
C MET C 796 -77.59 31.41 25.04
N ARG C 797 -78.01 30.24 24.59
CA ARG C 797 -79.32 30.12 23.94
C ARG C 797 -80.40 30.57 24.88
N VAL C 798 -80.15 30.56 26.19
CA VAL C 798 -81.19 30.91 27.18
C VAL C 798 -81.10 32.39 27.45
N GLU C 799 -79.91 32.89 27.15
CA GLU C 799 -79.65 34.30 27.34
C GLU C 799 -80.41 35.08 26.31
N TYR C 800 -80.42 34.58 25.07
CA TYR C 800 -81.18 35.25 24.10
C TYR C 800 -82.68 35.33 24.54
N ARG C 801 -83.28 34.25 25.06
CA ARG C 801 -84.71 34.16 25.51
C ARG C 801 -85.05 35.14 26.64
N ARG C 802 -84.01 35.56 27.32
CA ARG C 802 -84.14 36.49 28.41
C ARG C 802 -83.98 37.91 27.85
N MET C 803 -82.90 38.12 27.11
CA MET C 803 -82.61 39.40 26.46
C MET C 803 -83.83 39.94 25.78
N VAL C 804 -84.39 39.07 24.96
CA VAL C 804 -85.57 39.29 24.18
C VAL C 804 -86.82 39.64 25.03
N GLU C 805 -87.10 38.86 26.05
CA GLU C 805 -88.22 39.09 26.95
C GLU C 805 -88.16 40.53 27.45
N ARG C 806 -87.02 40.79 28.03
CA ARG C 806 -86.59 42.04 28.57
C ARG C 806 -86.81 43.24 27.68
N ARG C 807 -86.70 42.96 26.37
CA ARG C 807 -86.81 43.93 25.30
C ARG C 807 -87.64 45.14 25.62
N GLU C 808 -88.88 44.87 25.93
CA GLU C 808 -89.75 45.99 26.20
C GLU C 808 -89.73 46.52 27.61
N SER C 809 -89.70 45.63 28.59
CA SER C 809 -89.72 46.06 29.97
C SER C 809 -88.70 47.12 30.24
N ILE C 810 -87.66 47.12 29.41
CA ILE C 810 -86.64 48.12 29.54
C ILE C 810 -87.21 49.46 29.10
N PHE C 811 -87.58 49.49 27.82
CA PHE C 811 -88.15 50.62 27.13
C PHE C 811 -89.10 51.33 28.06
N CYS C 812 -89.97 50.53 28.58
CA CYS C 812 -90.95 51.00 29.52
C CYS C 812 -90.22 51.72 30.59
N ILE C 813 -89.23 51.06 31.10
CA ILE C 813 -88.45 51.71 32.13
C ILE C 813 -87.75 52.89 31.50
N GLN C 814 -87.15 52.65 30.33
CA GLN C 814 -86.37 53.69 29.63
C GLN C 814 -87.10 55.01 29.52
N TYR C 815 -88.07 55.03 28.65
CA TYR C 815 -88.87 56.22 28.41
C TYR C 815 -89.42 56.82 29.69
N ASN C 816 -90.06 55.97 30.48
CA ASN C 816 -90.71 56.34 31.72
C ASN C 816 -90.01 57.27 32.65
N VAL C 817 -88.69 57.09 32.73
CA VAL C 817 -87.82 57.90 33.58
C VAL C 817 -87.64 59.27 32.97
N ARG C 818 -87.25 59.23 31.70
CA ARG C 818 -87.03 60.42 30.91
C ARG C 818 -88.14 61.45 31.11
N SER C 819 -89.42 60.98 31.08
CA SER C 819 -90.58 61.80 31.28
C SER C 819 -90.29 62.70 32.44
N PHE C 820 -90.30 62.03 33.56
CA PHE C 820 -90.11 62.60 34.83
C PHE C 820 -89.02 63.63 34.91
N MET C 821 -87.90 63.34 34.33
CA MET C 821 -86.80 64.30 34.34
C MET C 821 -87.13 65.61 33.68
N ASN C 822 -88.11 65.56 32.84
CA ASN C 822 -88.54 66.70 32.08
C ASN C 822 -89.64 67.44 32.75
N VAL C 823 -90.53 66.62 33.24
CA VAL C 823 -91.71 67.05 33.87
C VAL C 823 -91.52 67.66 35.22
N LYS C 824 -90.88 66.93 36.11
CA LYS C 824 -90.62 67.35 37.48
C LYS C 824 -90.26 68.82 37.63
N HIS C 825 -89.82 69.48 36.52
CA HIS C 825 -89.46 70.89 36.61
C HIS C 825 -90.60 71.84 36.14
N TRP C 826 -91.68 71.26 35.56
CA TRP C 826 -92.90 71.90 35.01
C TRP C 826 -94.00 72.33 36.02
N PRO C 827 -94.25 73.64 36.10
CA PRO C 827 -95.22 74.26 36.98
C PRO C 827 -96.46 73.42 37.18
N TRP C 828 -97.05 73.13 36.06
CA TRP C 828 -98.28 72.38 35.98
C TRP C 828 -98.12 71.05 36.62
N MET C 829 -96.93 70.50 36.45
CA MET C 829 -96.77 69.19 37.05
C MET C 829 -96.53 69.27 38.55
N LYS C 830 -95.84 70.30 39.03
CA LYS C 830 -95.68 70.44 40.43
C LYS C 830 -96.99 70.69 41.07
N LEU C 831 -97.77 71.47 40.37
CA LEU C 831 -99.11 71.80 40.85
C LEU C 831 -99.92 70.55 41.10
N PHE C 832 -100.02 69.76 40.04
CA PHE C 832 -100.74 68.48 40.09
C PHE C 832 -100.26 67.68 41.27
N PHE C 833 -98.98 67.83 41.51
CA PHE C 833 -98.32 67.14 42.58
C PHE C 833 -98.82 67.58 43.94
N LYS C 834 -98.71 68.87 44.24
CA LYS C 834 -99.18 69.25 45.55
C LYS C 834 -100.65 68.91 45.66
N ILE C 835 -101.32 69.08 44.58
CA ILE C 835 -102.76 68.87 44.52
C ILE C 835 -103.24 67.42 44.50
N LYS C 836 -102.51 66.56 43.83
CA LYS C 836 -102.82 65.14 43.70
C LYS C 836 -103.31 64.50 44.98
N PRO C 837 -102.98 65.07 46.11
CA PRO C 837 -103.42 64.42 47.32
C PRO C 837 -104.82 64.73 47.76
N LEU C 838 -105.19 66.02 47.71
CA LEU C 838 -106.54 66.44 48.11
C LEU C 838 -107.65 65.62 47.44
N LEU C 839 -107.25 64.90 46.40
CA LEU C 839 -108.19 64.15 45.64
C LEU C 839 -108.55 62.88 46.31
N LYS C 840 -109.52 62.26 45.66
CA LYS C 840 -110.02 60.98 46.14
C LYS C 840 -110.41 60.12 44.94
N ASN A 1 -94.08 78.33 3.72
CA ASN A 1 -93.18 77.81 4.77
C ASN A 1 -93.96 77.41 6.03
N VAL A 2 -94.97 78.24 6.24
CA VAL A 2 -95.96 78.16 7.30
C VAL A 2 -96.99 77.02 7.30
N PHE A 3 -97.14 76.29 6.20
CA PHE A 3 -97.86 75.02 6.29
C PHE A 3 -96.91 73.80 6.29
N SER A 4 -95.62 73.97 5.94
CA SER A 4 -94.64 72.87 5.94
C SER A 4 -94.01 72.23 7.19
N MET A 5 -93.70 72.91 8.29
CA MET A 5 -93.39 72.24 9.58
C MET A 5 -94.82 71.90 10.07
N PHE A 6 -95.39 72.52 11.11
CA PHE A 6 -96.86 72.59 11.32
C PHE A 6 -97.79 71.37 11.32
N ASP A 7 -97.53 70.50 12.27
CA ASP A 7 -98.29 69.28 12.46
C ASP A 7 -99.74 69.39 12.93
N GLN A 8 -100.55 68.33 12.70
CA GLN A 8 -101.96 68.30 13.12
C GLN A 8 -102.25 68.70 14.57
N THR A 9 -101.42 68.23 15.51
CA THR A 9 -101.50 68.62 16.93
C THR A 9 -101.35 70.14 17.10
N GLN A 10 -100.24 70.75 16.65
CA GLN A 10 -100.06 72.21 16.65
C GLN A 10 -101.30 72.98 16.12
N ILE A 11 -101.78 72.53 14.95
CA ILE A 11 -102.97 73.09 14.33
C ILE A 11 -104.23 72.91 15.20
N GLN A 12 -104.43 71.78 15.88
CA GLN A 12 -105.56 71.61 16.82
C GLN A 12 -105.45 72.50 18.05
N ASP A 13 -104.26 72.63 18.67
CA ASP A 13 -103.99 73.59 19.74
C ASP A 13 -104.44 74.99 19.31
N PHE A 14 -104.02 75.42 18.11
CA PHE A 14 -104.50 76.66 17.50
C PHE A 14 -106.03 76.68 17.30
N LYS A 15 -106.68 75.68 16.70
CA LYS A 15 -108.15 75.62 16.57
C LYS A 15 -108.92 75.77 17.89
N GLU A 16 -108.51 75.07 18.95
CA GLU A 16 -109.08 75.25 20.27
C GLU A 16 -108.85 76.67 20.79
N ALA A 17 -107.62 77.21 20.66
CA ALA A 17 -107.33 78.60 21.02
C ALA A 17 -108.23 79.64 20.32
N PHE A 18 -108.45 79.44 19.02
CA PHE A 18 -109.39 80.26 18.24
C PHE A 18 -110.77 80.13 18.85
N THR A 19 -111.37 78.93 18.99
CA THR A 19 -112.70 78.78 19.60
C THR A 19 -112.85 79.33 21.03
N VAL A 20 -111.78 79.45 21.82
CA VAL A 20 -111.84 80.15 23.11
C VAL A 20 -111.87 81.68 22.95
N ILE A 21 -111.15 82.25 21.98
CA ILE A 21 -111.26 83.69 21.74
C ILE A 21 -112.56 84.04 20.96
N ASP A 22 -113.05 83.14 20.10
CA ASP A 22 -114.33 83.20 19.38
C ASP A 22 -115.59 83.21 20.26
N GLN A 23 -115.83 84.23 21.09
CA GLN A 23 -117.00 84.29 22.00
C GLN A 23 -118.37 83.93 21.46
N ASN A 24 -118.66 84.48 20.30
CA ASN A 24 -119.95 84.28 19.66
C ASN A 24 -120.21 82.93 18.99
N ARG A 25 -119.17 82.09 18.82
CA ARG A 25 -119.20 80.81 18.07
C ARG A 25 -119.44 80.88 16.55
N ASP A 26 -119.78 82.07 16.02
CA ASP A 26 -119.94 82.35 14.60
C ASP A 26 -118.90 81.80 13.59
N GLY A 27 -117.62 81.86 13.94
CA GLY A 27 -116.54 81.40 13.07
C GLY A 27 -115.48 82.45 12.73
N ILE A 28 -115.79 83.70 13.07
CA ILE A 28 -114.92 84.84 12.86
C ILE A 28 -114.66 85.57 14.20
N ILE A 29 -113.42 85.73 14.63
CA ILE A 29 -113.13 86.57 15.79
C ILE A 29 -113.13 88.03 15.40
N ASP A 30 -113.76 88.88 16.22
CA ASP A 30 -113.72 90.32 16.02
C ASP A 30 -113.31 91.12 17.25
N LYS A 31 -113.48 92.44 17.26
CA LYS A 31 -113.15 93.30 18.41
C LYS A 31 -113.86 92.92 19.70
N ASP A 32 -115.15 92.58 19.59
CA ASP A 32 -115.97 92.15 20.71
C ASP A 32 -115.43 90.85 21.32
N ASP A 33 -115.20 89.83 20.49
CA ASP A 33 -114.57 88.58 20.90
C ASP A 33 -113.25 88.75 21.65
N LEU A 34 -112.35 89.60 21.14
CA LEU A 34 -111.14 89.97 21.88
C LEU A 34 -111.44 90.67 23.22
N ARG A 35 -112.27 91.73 23.27
CA ARG A 35 -112.64 92.43 24.51
C ARG A 35 -113.07 91.55 25.69
N GLU A 36 -114.09 90.70 25.54
CA GLU A 36 -114.44 89.84 26.67
C GLU A 36 -113.47 88.68 26.86
N THR A 37 -112.65 88.18 25.92
CA THR A 37 -111.62 87.19 26.31
C THR A 37 -110.60 87.83 27.24
N PHE A 38 -110.19 89.08 26.94
CA PHE A 38 -109.34 89.83 27.87
C PHE A 38 -110.00 90.02 29.24
N ALA A 39 -111.26 90.45 29.26
CA ALA A 39 -112.05 90.55 30.49
C ALA A 39 -112.17 89.24 31.28
N ALA A 40 -112.47 88.11 30.64
CA ALA A 40 -112.49 86.79 31.26
C ALA A 40 -111.13 86.37 31.88
N MET A 41 -110.03 86.75 31.24
CA MET A 41 -108.70 86.57 31.80
C MET A 41 -108.28 87.58 32.88
N GLY A 42 -109.16 88.51 33.25
CA GLY A 42 -108.86 89.53 34.27
C GLY A 42 -108.49 90.92 33.76
N ARG A 43 -108.23 91.08 32.47
CA ARG A 43 -107.84 92.38 31.92
C ARG A 43 -109.00 93.31 31.54
N LEU A 44 -109.31 94.26 32.41
CA LEU A 44 -110.39 95.21 32.14
C LEU A 44 -109.99 96.55 31.49
N ASN A 45 -108.71 96.92 31.59
CA ASN A 45 -108.20 98.20 31.11
C ASN A 45 -107.90 98.36 29.60
N VAL A 46 -108.51 97.52 28.76
CA VAL A 46 -108.20 97.49 27.33
C VAL A 46 -108.72 98.67 26.50
N LYS A 47 -107.82 99.36 25.82
CA LYS A 47 -108.19 100.51 24.99
C LYS A 47 -108.38 100.13 23.52
N ASN A 48 -109.39 100.69 22.83
CA ASN A 48 -109.62 100.37 21.41
C ASN A 48 -108.39 100.30 20.49
N GLU A 49 -107.45 101.25 20.57
CA GLU A 49 -106.21 101.20 19.79
C GLU A 49 -105.40 99.89 19.86
N GLU A 50 -105.42 99.24 21.01
CA GLU A 50 -104.76 97.94 21.21
C GLU A 50 -105.54 96.84 20.50
N LEU A 51 -106.88 96.80 20.65
CA LEU A 51 -107.77 95.86 19.95
C LEU A 51 -107.69 95.97 18.42
N ASP A 52 -107.77 97.22 17.98
CA ASP A 52 -107.58 97.61 16.59
C ASP A 52 -106.21 97.22 16.06
N ALA A 53 -105.11 97.50 16.78
CA ALA A 53 -103.76 97.07 16.39
C ALA A 53 -103.67 95.56 16.10
N MET A 54 -104.25 94.75 17.00
CA MET A 54 -104.38 93.31 16.80
C MET A 54 -105.03 92.96 15.46
N ILE A 55 -106.27 93.44 15.26
CA ILE A 55 -107.02 93.17 14.02
C ILE A 55 -106.34 93.67 12.73
N LYS A 56 -105.77 94.88 12.75
CA LYS A 56 -105.04 95.46 11.61
C LYS A 56 -103.96 94.60 10.94
N GLU A 57 -103.41 93.62 11.66
CA GLU A 57 -102.45 92.70 11.08
C GLU A 57 -103.00 91.84 9.94
N ALA A 58 -104.32 91.61 9.87
CA ALA A 58 -104.93 90.86 8.80
C ALA A 58 -105.67 91.69 7.75
N SER A 59 -105.69 91.27 6.49
CA SER A 59 -106.39 92.01 5.44
C SER A 59 -107.91 91.83 5.36
N GLY A 60 -108.42 90.73 5.92
CA GLY A 60 -109.85 90.43 5.88
C GLY A 60 -110.47 90.07 7.23
N PRO A 61 -111.67 89.47 7.24
CA PRO A 61 -112.22 88.87 8.48
C PRO A 61 -111.27 87.84 9.10
N ILE A 62 -111.08 87.80 10.42
CA ILE A 62 -110.00 86.95 10.92
C ILE A 62 -110.15 85.42 10.89
N ASN A 63 -111.24 84.87 10.34
CA ASN A 63 -111.48 83.42 10.07
C ASN A 63 -110.39 82.35 10.26
N PHE A 64 -110.63 81.19 10.89
CA PHE A 64 -109.64 80.10 11.10
C PHE A 64 -108.36 80.04 10.25
N THR A 65 -108.53 80.06 8.92
CA THR A 65 -107.43 80.13 7.95
C THR A 65 -106.61 81.42 8.02
N VAL A 66 -107.25 82.60 8.02
CA VAL A 66 -106.57 83.90 8.12
C VAL A 66 -105.77 83.93 9.43
N PHE A 67 -106.34 83.47 10.56
CA PHE A 67 -105.59 83.29 11.80
C PHE A 67 -104.36 82.38 11.61
N LEU A 68 -104.56 81.10 11.27
CA LEU A 68 -103.49 80.13 11.05
C LEU A 68 -102.37 80.62 10.14
N THR A 69 -102.70 81.28 9.03
CA THR A 69 -101.70 81.89 8.16
C THR A 69 -100.97 83.01 8.89
N MET A 70 -101.65 84.00 9.50
CA MET A 70 -100.97 85.06 10.27
C MET A 70 -100.05 84.60 11.41
N PHE A 71 -100.44 83.56 12.13
CA PHE A 71 -99.62 83.02 13.23
C PHE A 71 -98.50 82.12 12.78
N GLY A 72 -98.75 81.38 11.70
CA GLY A 72 -97.69 80.63 11.07
C GLY A 72 -96.63 81.62 10.57
N GLU A 73 -97.00 82.62 9.77
CA GLU A 73 -96.08 83.64 9.24
C GLU A 73 -95.08 84.29 10.20
N LYS A 74 -95.42 84.39 11.47
CA LYS A 74 -94.50 84.90 12.48
C LYS A 74 -93.56 83.84 13.06
N LEU A 75 -93.99 82.58 13.00
CA LEU A 75 -93.20 81.44 13.44
C LEU A 75 -92.55 80.65 12.30
N LYS A 76 -92.25 81.26 11.15
CA LYS A 76 -91.61 80.63 9.99
C LYS A 76 -90.36 79.75 10.19
N GLY A 77 -89.74 79.91 11.34
CA GLY A 77 -88.61 79.11 11.77
C GLY A 77 -88.80 78.59 13.20
N ALA A 78 -89.97 78.06 13.49
CA ALA A 78 -90.27 77.48 14.80
C ALA A 78 -90.86 76.07 14.83
N ASP A 79 -90.14 75.18 15.49
CA ASP A 79 -90.56 73.80 15.64
C ASP A 79 -91.40 73.50 16.90
N PRO A 80 -92.03 72.33 17.00
CA PRO A 80 -92.56 71.86 18.29
C PRO A 80 -91.49 71.44 19.31
N GLU A 81 -91.72 71.62 20.62
CA GLU A 81 -90.72 71.31 21.66
C GLU A 81 -89.86 70.05 21.60
N ASP A 82 -90.41 68.86 21.39
CA ASP A 82 -89.61 67.64 21.22
C ASP A 82 -88.52 67.69 20.13
N VAL A 83 -88.86 68.31 18.99
CA VAL A 83 -87.94 68.48 17.86
C VAL A 83 -86.76 69.39 18.27
N ILE A 84 -87.08 70.48 18.96
CA ILE A 84 -86.06 71.42 19.48
C ILE A 84 -85.14 70.70 20.49
N MET A 85 -85.73 69.96 21.42
CA MET A 85 -85.00 69.11 22.35
C MET A 85 -84.05 68.12 21.66
N GLY A 86 -84.42 67.53 20.52
CA GLY A 86 -83.53 66.65 19.74
C GLY A 86 -82.20 67.31 19.35
N ALA A 87 -82.26 68.54 18.86
CA ALA A 87 -81.06 69.32 18.54
C ALA A 87 -80.10 69.47 19.74
N PHE A 88 -80.66 69.79 20.90
CA PHE A 88 -79.89 69.82 22.14
C PHE A 88 -79.40 68.42 22.51
N LYS A 89 -80.21 67.36 22.52
CA LYS A 89 -79.77 65.97 22.76
C LYS A 89 -78.62 65.47 21.86
N VAL A 90 -78.53 65.99 20.63
CA VAL A 90 -77.38 65.75 19.72
C VAL A 90 -76.13 66.48 20.23
N LEU A 91 -76.29 67.71 20.70
CA LEU A 91 -75.20 68.48 21.32
C LEU A 91 -74.79 67.95 22.70
N ASP A 92 -75.72 67.32 23.39
CA ASP A 92 -75.52 66.63 24.66
C ASP A 92 -74.75 65.30 24.52
N PRO A 93 -74.31 64.78 23.35
CA PRO A 93 -74.55 63.40 22.92
C PRO A 93 -74.42 62.24 23.92
N ASP A 94 -73.54 62.47 24.89
CA ASP A 94 -73.30 61.66 26.08
C ASP A 94 -74.56 61.46 26.96
N GLY A 95 -75.47 62.43 26.98
CA GLY A 95 -76.76 62.31 27.68
C GLY A 95 -77.03 63.22 28.91
N LYS A 96 -78.27 63.09 29.40
CA LYS A 96 -78.85 63.79 30.56
C LYS A 96 -78.56 65.19 31.12
N GLY A 97 -77.31 65.61 31.33
CA GLY A 97 -76.99 66.93 31.90
C GLY A 97 -76.64 67.92 30.81
N SER A 98 -77.36 69.03 30.67
CA SER A 98 -77.11 69.85 29.49
C SER A 98 -75.88 70.79 29.47
N ILE A 99 -75.58 71.26 28.26
CA ILE A 99 -74.31 71.93 27.91
C ILE A 99 -73.82 73.24 28.57
N LYS A 100 -72.55 73.58 28.34
CA LYS A 100 -71.93 74.78 28.88
C LYS A 100 -71.82 76.02 28.00
N LYS A 101 -71.97 77.19 28.63
CA LYS A 101 -71.70 78.46 27.96
C LYS A 101 -70.19 78.73 27.77
N SER A 102 -69.93 78.58 26.48
CA SER A 102 -68.66 78.72 25.74
C SER A 102 -68.80 77.76 24.57
N PHE A 103 -69.09 76.49 24.88
CA PHE A 103 -69.30 75.41 23.91
C PHE A 103 -70.36 75.79 22.86
N LEU A 104 -71.55 76.24 23.29
CA LEU A 104 -72.51 76.74 22.32
C LEU A 104 -72.28 78.17 21.82
N GLU A 105 -71.64 79.07 22.59
CA GLU A 105 -71.32 80.44 22.14
C GLU A 105 -70.53 80.36 20.82
N GLU A 106 -69.46 79.56 20.90
CA GLU A 106 -68.65 79.23 19.75
C GLU A 106 -69.47 78.53 18.67
N LEU A 107 -70.15 77.41 18.90
CA LEU A 107 -70.93 76.76 17.84
C LEU A 107 -72.06 77.55 17.16
N LEU A 108 -72.65 78.57 17.79
CA LEU A 108 -73.59 79.46 17.12
C LEU A 108 -72.88 80.52 16.26
N THR A 109 -71.70 80.99 16.69
CA THR A 109 -70.90 81.92 15.88
C THR A 109 -70.05 81.31 14.78
N THR A 110 -69.54 80.08 14.99
CA THR A 110 -68.56 79.51 14.09
C THR A 110 -68.99 79.01 12.70
N GLN A 111 -69.27 77.74 12.41
CA GLN A 111 -69.72 77.29 11.09
C GLN A 111 -70.93 78.12 10.59
N CYS A 112 -70.99 78.46 9.29
CA CYS A 112 -71.90 79.43 8.65
C CYS A 112 -71.36 80.86 8.75
N ASP A 113 -72.16 81.90 8.53
CA ASP A 113 -71.73 83.29 8.62
C ASP A 113 -71.83 83.94 10.00
N ARG A 114 -72.96 83.69 10.66
CA ARG A 114 -73.26 84.34 11.93
C ARG A 114 -74.56 84.06 12.68
N PHE A 115 -74.42 83.64 13.93
CA PHE A 115 -75.47 83.99 14.86
C PHE A 115 -74.72 85.07 15.66
N THR A 116 -75.10 86.30 15.34
CA THR A 116 -74.32 87.47 15.76
C THR A 116 -74.05 87.65 17.27
N PRO A 117 -72.89 88.17 17.65
CA PRO A 117 -72.66 88.56 19.05
C PRO A 117 -73.55 89.62 19.72
N GLU A 118 -74.54 90.15 18.99
CA GLU A 118 -75.59 90.99 19.58
C GLU A 118 -76.68 89.97 19.96
N GLU A 119 -77.14 89.16 18.99
CA GLU A 119 -78.11 88.06 19.21
C GLU A 119 -77.73 87.15 20.38
N ILE A 120 -76.49 86.66 20.44
CA ILE A 120 -76.02 85.80 21.55
C ILE A 120 -76.05 86.45 22.95
N LYS A 121 -75.68 87.72 23.16
CA LYS A 121 -75.83 88.35 24.48
C LYS A 121 -77.29 88.48 24.90
N ASN A 122 -78.17 88.84 23.94
CA ASN A 122 -79.62 88.83 24.16
C ASN A 122 -80.09 87.43 24.57
N MET A 123 -79.59 86.40 23.91
CA MET A 123 -79.79 85.00 24.31
C MET A 123 -79.40 84.76 25.77
N TRP A 124 -78.18 85.01 26.25
CA TRP A 124 -77.84 84.82 27.67
C TRP A 124 -78.69 85.59 28.70
N ALA A 125 -79.21 86.75 28.30
CA ALA A 125 -80.16 87.51 29.10
C ALA A 125 -81.63 87.05 29.08
N ALA A 126 -82.14 86.61 27.92
CA ALA A 126 -83.52 86.12 27.73
C ALA A 126 -83.77 84.61 27.89
N PHE A 127 -82.63 83.95 27.84
CA PHE A 127 -82.37 82.58 28.24
C PHE A 127 -81.20 82.79 29.20
N PRO A 128 -81.48 83.45 30.35
CA PRO A 128 -80.94 83.13 31.65
C PRO A 128 -79.67 82.75 32.43
N PRO A 129 -79.89 82.91 33.75
CA PRO A 129 -79.92 81.78 34.68
C PRO A 129 -79.89 80.37 34.07
N ASP A 130 -80.90 79.84 33.36
CA ASP A 130 -80.82 78.56 32.65
C ASP A 130 -79.50 78.38 31.89
N VAL A 131 -79.20 79.28 30.96
CA VAL A 131 -77.98 79.31 30.18
C VAL A 131 -76.70 79.46 31.03
N ALA A 132 -76.79 79.95 32.25
CA ALA A 132 -75.64 79.98 33.16
C ALA A 132 -75.40 78.69 33.94
N GLY A 133 -76.48 78.12 34.49
CA GLY A 133 -76.43 76.92 35.31
C GLY A 133 -76.14 75.60 34.62
N ASN A 134 -77.08 75.12 33.82
CA ASN A 134 -76.94 73.86 33.11
C ASN A 134 -77.08 74.15 31.60
N VAL A 135 -76.97 75.44 31.20
CA VAL A 135 -77.54 76.02 29.96
C VAL A 135 -78.82 75.23 29.69
N ASP A 136 -79.64 75.27 30.75
CA ASP A 136 -80.85 74.46 30.89
C ASP A 136 -81.71 74.27 29.65
N TYR A 137 -81.25 73.44 28.70
CA TYR A 137 -81.93 73.28 27.41
C TYR A 137 -83.36 72.80 27.47
N LYS A 138 -83.60 71.96 28.47
CA LYS A 138 -84.94 71.50 28.80
C LYS A 138 -85.83 72.73 29.05
N ASN A 139 -85.38 73.59 29.98
CA ASN A 139 -86.04 74.85 30.31
C ASN A 139 -86.16 75.79 29.09
N ILE A 140 -85.07 76.03 28.36
CA ILE A 140 -85.02 76.78 27.09
C ILE A 140 -86.17 76.38 26.14
N CYS A 141 -86.28 75.08 25.85
CA CYS A 141 -87.38 74.53 25.03
C CYS A 141 -88.78 74.83 25.60
N TYR A 142 -89.01 74.57 26.89
CA TYR A 142 -90.31 74.90 27.49
C TYR A 142 -90.67 76.38 27.47
N VAL A 143 -89.73 77.32 27.63
CA VAL A 143 -90.00 78.75 27.51
C VAL A 143 -90.30 79.23 26.09
N ILE A 144 -89.63 78.66 25.09
CA ILE A 144 -89.96 79.02 23.72
C ILE A 144 -91.30 78.47 23.25
N THR A 145 -91.65 77.22 23.57
CA THR A 145 -92.97 76.69 23.21
C THR A 145 -94.09 77.13 24.14
N HIS A 146 -93.83 77.26 25.43
CA HIS A 146 -94.83 77.63 26.43
C HIS A 146 -94.79 79.01 27.12
N GLY A 147 -94.15 80.04 26.57
CA GLY A 147 -94.17 81.37 27.21
C GLY A 147 -92.96 81.71 28.08
N GLU A 148 -92.73 82.99 28.36
CA GLU A 148 -91.53 83.44 29.10
C GLU A 148 -91.43 83.29 30.61
N ASP A 149 -92.54 83.44 31.31
CA ASP A 149 -92.62 83.34 32.78
C ASP A 149 -92.47 81.92 33.33
N LYS A 150 -93.13 81.00 32.63
CA LYS A 150 -93.13 79.56 32.92
C LYS A 150 -91.81 78.80 32.94
N ASP B 1 -55.32 72.54 -9.71
CA ASP B 1 -56.00 71.48 -8.97
C ASP B 1 -57.42 70.97 -9.39
N GLU B 2 -57.98 69.86 -8.82
CA GLU B 2 -59.38 69.40 -8.98
C GLU B 2 -60.08 68.19 -8.28
N ILE B 3 -61.41 68.38 -8.06
CA ILE B 3 -62.50 67.55 -7.46
C ILE B 3 -63.58 68.56 -6.92
N ASN B 4 -64.83 68.26 -6.53
CA ASN B 4 -65.76 69.26 -5.98
C ASN B 4 -65.98 69.29 -4.46
N ASP B 5 -66.52 68.25 -3.81
CA ASP B 5 -66.71 68.09 -2.35
C ASP B 5 -65.80 68.84 -1.37
N PHE B 6 -64.47 68.85 -1.62
CA PHE B 6 -63.51 69.56 -0.78
C PHE B 6 -63.80 71.06 -0.63
N LYS B 7 -64.34 71.68 -1.69
CA LYS B 7 -64.78 73.08 -1.64
C LYS B 7 -65.97 73.26 -0.71
N GLU B 8 -66.91 72.31 -0.74
CA GLU B 8 -68.06 72.29 0.17
C GLU B 8 -67.59 72.16 1.63
N ALA B 9 -66.66 71.24 1.87
CA ALA B 9 -66.03 71.07 3.18
C ALA B 9 -65.26 72.28 3.71
N PHE B 10 -64.60 73.08 2.85
CA PHE B 10 -63.94 74.32 3.31
C PHE B 10 -64.88 75.27 4.06
N LEU B 11 -66.05 75.59 3.51
CA LEU B 11 -67.05 76.43 4.19
C LEU B 11 -67.53 75.92 5.56
N LEU B 12 -67.47 74.60 5.76
CA LEU B 12 -67.82 73.99 7.03
C LEU B 12 -66.85 74.31 8.17
N PHE B 13 -65.66 74.79 7.81
CA PHE B 13 -64.62 75.16 8.77
C PHE B 13 -64.18 76.63 8.71
N ASP B 14 -65.01 77.46 8.07
CA ASP B 14 -64.82 78.91 7.96
C ASP B 14 -64.81 79.68 9.28
N ARG B 15 -65.85 79.42 10.07
CA ARG B 15 -66.04 79.96 11.40
C ARG B 15 -65.96 81.48 11.65
N THR B 16 -66.60 82.15 10.68
CA THR B 16 -66.66 83.62 10.52
C THR B 16 -67.68 83.94 9.42
N GLY B 17 -67.68 83.07 8.40
CA GLY B 17 -68.59 83.16 7.25
C GLY B 17 -68.00 83.76 5.97
N ASP B 18 -66.74 84.14 6.05
CA ASP B 18 -65.98 84.80 4.97
C ASP B 18 -65.42 83.93 3.84
N ALA B 19 -65.45 82.60 3.98
CA ALA B 19 -64.81 81.64 3.06
C ALA B 19 -63.28 81.74 2.91
N LYS B 20 -62.69 82.39 3.92
CA LYS B 20 -61.24 82.58 4.02
C LYS B 20 -60.64 81.99 5.31
N ILE B 21 -60.14 80.78 5.24
CA ILE B 21 -59.66 80.08 6.43
C ILE B 21 -58.21 80.45 6.81
N THR B 22 -57.78 80.36 8.06
CA THR B 22 -56.43 80.75 8.46
C THR B 22 -55.26 79.78 8.21
N LEU B 23 -54.05 80.32 8.01
CA LEU B 23 -52.81 79.55 7.84
C LEU B 23 -52.50 78.50 8.93
N SER B 24 -53.03 78.69 10.13
CA SER B 24 -52.93 77.70 11.19
C SER B 24 -53.95 76.58 10.97
N GLN B 25 -55.23 76.89 10.72
CA GLN B 25 -56.26 75.88 10.41
C GLN B 25 -55.96 75.00 9.19
N VAL B 26 -55.11 75.56 8.32
CA VAL B 26 -54.49 74.89 7.18
C VAL B 26 -53.99 73.46 7.46
N GLY B 27 -53.17 73.34 8.50
CA GLY B 27 -52.57 72.08 8.94
C GLY B 27 -53.58 71.04 9.42
N ASP B 28 -54.71 71.50 9.96
CA ASP B 28 -55.78 70.63 10.41
C ASP B 28 -56.75 70.20 9.29
N ILE B 29 -57.23 71.12 8.44
CA ILE B 29 -58.13 70.75 7.32
C ILE B 29 -57.53 69.70 6.38
N VAL B 30 -56.22 69.81 6.11
CA VAL B 30 -55.48 68.81 5.34
C VAL B 30 -55.54 67.37 5.87
N ARG B 31 -55.69 67.22 7.19
CA ARG B 31 -55.74 65.92 7.87
C ARG B 31 -56.99 65.08 7.65
N ALA B 32 -58.15 65.72 7.55
CA ALA B 32 -59.36 64.97 7.22
C ALA B 32 -59.65 64.80 5.74
N LEU B 33 -59.10 65.67 4.88
CA LEU B 33 -59.25 65.50 3.44
C LEU B 33 -58.36 64.39 2.85
N GLY B 34 -58.86 63.19 3.16
CA GLY B 34 -58.28 61.93 2.76
C GLY B 34 -57.10 61.39 3.56
N GLN B 35 -55.94 62.06 3.49
CA GLN B 35 -54.73 61.42 3.99
C GLN B 35 -53.78 62.27 4.84
N ASN B 36 -53.09 61.60 5.78
CA ASN B 36 -52.17 62.20 6.76
C ASN B 36 -51.06 63.16 6.29
N PRO B 37 -50.78 64.23 7.04
CA PRO B 37 -49.49 64.95 6.92
C PRO B 37 -48.78 65.24 8.25
N THR B 38 -47.46 65.14 8.41
CA THR B 38 -46.84 65.44 9.70
C THR B 38 -46.60 66.93 9.97
N ASN B 39 -46.55 67.33 11.24
CA ASN B 39 -46.21 68.70 11.57
C ASN B 39 -44.68 68.76 11.76
N ALA B 40 -44.14 69.44 10.76
CA ALA B 40 -42.72 69.56 10.43
C ALA B 40 -42.83 69.59 8.92
N GLU B 41 -43.51 68.64 8.26
CA GLU B 41 -43.74 68.74 6.82
C GLU B 41 -44.62 69.91 6.40
N ILE B 42 -45.76 70.08 7.08
CA ILE B 42 -46.63 71.25 6.87
C ILE B 42 -45.83 72.54 7.18
N ASN B 43 -45.16 72.54 8.34
CA ASN B 43 -44.26 73.63 8.74
C ASN B 43 -43.14 73.92 7.71
N LYS B 44 -42.64 72.93 6.95
CA LYS B 44 -41.61 73.15 5.93
C LYS B 44 -42.00 74.03 4.76
N ILE B 45 -42.88 73.54 3.88
CA ILE B 45 -43.21 74.32 2.71
C ILE B 45 -44.58 74.96 2.67
N LEU B 46 -44.35 76.25 2.40
CA LEU B 46 -45.31 77.34 2.43
C LEU B 46 -45.69 77.67 3.87
N GLY B 47 -45.84 76.69 4.78
CA GLY B 47 -45.97 76.94 6.23
C GLY B 47 -44.89 77.85 6.85
N ASN B 48 -43.60 77.51 6.71
CA ASN B 48 -42.50 78.35 7.21
C ASN B 48 -42.47 79.83 6.75
N PRO B 49 -42.90 80.22 5.55
CA PRO B 49 -43.10 81.65 5.30
C PRO B 49 -44.40 82.29 5.74
N SER B 50 -44.51 82.89 6.94
CA SER B 50 -45.76 83.52 7.44
C SER B 50 -46.52 84.42 6.47
N LYS B 51 -45.94 85.50 5.93
CA LYS B 51 -46.61 86.34 4.94
C LYS B 51 -46.99 85.58 3.67
N GLU B 52 -46.10 84.80 3.06
CA GLU B 52 -46.45 84.00 1.91
C GLU B 52 -47.55 82.99 2.23
N GLU B 53 -47.51 82.08 3.21
CA GLU B 53 -48.64 81.19 3.52
C GLU B 53 -49.92 81.95 3.88
N MET B 54 -49.83 83.08 4.58
CA MET B 54 -51.00 83.92 4.78
C MET B 54 -51.59 84.49 3.48
N ASN B 55 -50.74 84.70 2.49
CA ASN B 55 -51.12 85.05 1.12
C ASN B 55 -51.05 83.86 0.14
N ALA B 56 -50.92 82.65 0.70
CA ALA B 56 -50.90 81.36 -0.01
C ALA B 56 -51.65 80.17 0.64
N LYS B 57 -52.56 80.46 1.57
CA LYS B 57 -53.53 79.53 2.16
C LYS B 57 -54.38 80.15 3.29
N LYS B 58 -53.97 81.23 3.96
CA LYS B 58 -54.87 81.99 4.87
C LYS B 58 -55.76 82.89 4.00
N ILE B 59 -56.57 82.13 3.31
CA ILE B 59 -57.15 82.60 2.08
C ILE B 59 -58.40 81.85 1.65
N THR B 60 -58.72 82.11 0.41
CA THR B 60 -59.76 81.43 -0.35
C THR B 60 -59.29 80.06 -0.83
N PHE B 61 -60.15 79.36 -1.53
CA PHE B 61 -59.93 77.99 -1.99
C PHE B 61 -58.71 77.80 -2.91
N GLU B 62 -58.34 78.92 -3.54
CA GLU B 62 -57.26 79.03 -4.52
C GLU B 62 -55.87 78.54 -4.16
N GLU B 63 -55.58 78.61 -2.87
CA GLU B 63 -54.31 78.14 -2.36
C GLU B 63 -54.48 76.96 -1.40
N PHE B 64 -55.69 76.80 -0.84
CA PHE B 64 -56.02 75.59 -0.10
C PHE B 64 -55.79 74.33 -0.90
N LEU B 65 -56.45 74.29 -2.05
CA LEU B 65 -56.44 73.18 -2.98
C LEU B 65 -55.04 72.82 -3.53
N PRO B 66 -54.23 73.72 -4.13
CA PRO B 66 -52.81 73.40 -4.33
C PRO B 66 -51.97 72.94 -3.13
N MET B 67 -52.03 73.54 -1.92
CA MET B 67 -51.31 72.97 -0.76
C MET B 67 -51.70 71.53 -0.43
N LEU B 68 -53.01 71.28 -0.44
CA LEU B 68 -53.55 69.95 -0.19
C LEU B 68 -53.07 68.90 -1.19
N GLN B 69 -53.05 69.26 -2.47
CA GLN B 69 -52.45 68.40 -3.50
C GLN B 69 -50.96 68.13 -3.27
N ALA B 70 -50.19 69.15 -2.93
CA ALA B 70 -48.78 68.98 -2.55
C ALA B 70 -48.57 67.90 -1.48
N ALA B 71 -49.38 67.94 -0.42
CA ALA B 71 -49.40 66.86 0.56
C ALA B 71 -49.81 65.53 -0.07
N ALA B 72 -50.87 65.49 -0.90
CA ALA B 72 -51.31 64.26 -1.61
C ALA B 72 -50.23 63.41 -2.29
N ASN B 73 -49.22 64.07 -2.83
CA ASN B 73 -48.05 63.41 -3.41
C ASN B 73 -47.18 62.55 -2.48
N ASN B 74 -46.90 62.97 -1.23
CA ASN B 74 -46.06 62.20 -0.32
C ASN B 74 -46.77 61.09 0.46
N LYS B 75 -48.08 61.07 0.38
CA LYS B 75 -48.90 60.18 1.20
C LYS B 75 -48.82 58.66 1.03
N ASP B 76 -48.02 58.14 0.08
CA ASP B 76 -47.69 56.72 -0.04
C ASP B 76 -47.25 56.06 1.28
N GLN B 77 -46.63 56.88 2.16
CA GLN B 77 -46.27 56.48 3.53
C GLN B 77 -47.44 56.00 4.41
N GLY B 78 -48.67 56.04 3.90
CA GLY B 78 -49.86 55.45 4.53
C GLY B 78 -49.75 53.93 4.72
N THR B 79 -48.76 53.28 4.09
CA THR B 79 -48.44 51.86 4.26
C THR B 79 -48.46 51.37 5.71
N PHE B 80 -49.32 50.42 6.05
CA PHE B 80 -49.45 49.97 7.44
C PHE B 80 -48.36 49.04 7.93
N GLU B 81 -47.65 48.37 7.03
CA GLU B 81 -46.63 47.36 7.34
C GLU B 81 -45.74 47.67 8.55
N ASP B 82 -44.93 48.71 8.47
CA ASP B 82 -44.08 49.17 9.56
C ASP B 82 -44.81 49.58 10.86
N PHE B 83 -46.09 49.95 10.77
CA PHE B 83 -46.80 50.56 11.88
C PHE B 83 -47.65 49.76 12.86
N VAL B 84 -47.54 48.43 12.77
CA VAL B 84 -48.02 47.51 13.80
C VAL B 84 -46.72 46.99 14.44
N GLU B 85 -45.74 46.70 13.57
CA GLU B 85 -44.41 46.25 13.96
C GLU B 85 -43.62 47.17 14.89
N GLY B 86 -43.57 48.47 14.57
CA GLY B 86 -42.93 49.49 15.40
C GLY B 86 -43.48 49.54 16.81
N LEU B 87 -44.80 49.36 16.89
CA LEU B 87 -45.47 49.25 18.17
C LEU B 87 -44.99 48.01 18.90
N ARG B 88 -45.11 46.76 18.40
CA ARG B 88 -44.54 45.58 19.08
C ARG B 88 -43.11 45.72 19.66
N VAL B 89 -42.28 46.60 19.10
CA VAL B 89 -40.94 46.88 19.63
C VAL B 89 -40.91 47.51 21.02
N PHE B 90 -41.93 48.27 21.43
CA PHE B 90 -41.95 48.85 22.76
C PHE B 90 -42.25 47.79 23.84
N ASP B 91 -43.39 47.07 23.81
CA ASP B 91 -43.68 46.07 24.83
C ASP B 91 -43.81 44.56 24.45
N LYS B 92 -42.89 43.98 23.65
CA LYS B 92 -42.91 42.56 23.24
C LYS B 92 -42.76 41.38 24.23
N GLU B 93 -43.84 40.87 24.82
CA GLU B 93 -43.80 39.73 25.76
C GLU B 93 -44.87 38.66 25.47
N GLY B 94 -44.90 38.18 24.23
CA GLY B 94 -45.89 37.19 23.79
C GLY B 94 -46.77 37.74 22.67
N ASN B 95 -48.04 38.09 22.95
CA ASN B 95 -48.92 38.68 21.94
C ASN B 95 -48.63 40.17 21.66
N GLY B 96 -49.42 40.94 20.91
CA GLY B 96 -49.18 42.39 20.79
C GLY B 96 -49.46 43.17 22.08
N THR B 97 -48.69 42.90 23.12
CA THR B 97 -48.83 43.47 24.45
C THR B 97 -48.24 44.85 24.60
N VAL B 98 -48.98 45.81 25.14
CA VAL B 98 -48.48 47.16 25.46
C VAL B 98 -48.76 47.51 26.92
N MET B 99 -48.16 48.53 27.52
CA MET B 99 -48.64 49.05 28.79
C MET B 99 -49.12 50.48 28.58
N GLY B 100 -50.26 50.83 29.16
CA GLY B 100 -50.85 52.17 29.05
C GLY B 100 -49.83 53.31 29.20
N ALA B 101 -49.13 53.28 30.33
CA ALA B 101 -48.08 54.25 30.65
C ALA B 101 -47.01 54.52 29.58
N GLU B 102 -46.51 53.46 28.95
CA GLU B 102 -45.50 53.58 27.91
C GLU B 102 -46.05 54.28 26.68
N LEU B 103 -47.14 53.83 26.02
CA LEU B 103 -47.70 54.59 24.90
C LEU B 103 -48.12 56.02 25.28
N ARG B 104 -48.81 56.23 26.42
CA ARG B 104 -49.19 57.57 26.89
C ARG B 104 -48.05 58.57 26.98
N HIS B 105 -46.94 58.24 27.67
CA HIS B 105 -45.81 59.18 27.72
C HIS B 105 -45.05 59.26 26.40
N VAL B 106 -44.72 58.14 25.75
CA VAL B 106 -44.00 58.15 24.46
C VAL B 106 -44.69 59.00 23.39
N LEU B 107 -46.03 58.97 23.35
CA LEU B 107 -46.78 59.80 22.41
C LEU B 107 -47.23 61.17 22.93
N ALA B 108 -46.61 61.67 24.00
CA ALA B 108 -46.86 63.02 24.54
C ALA B 108 -45.55 63.80 24.65
N THR B 109 -44.49 63.11 25.09
CA THR B 109 -43.15 63.65 25.26
C THR B 109 -42.18 63.56 24.08
N LEU B 110 -42.33 62.61 23.16
CA LEU B 110 -41.35 62.42 22.10
C LEU B 110 -41.63 62.90 20.66
N GLY B 111 -40.57 63.18 19.90
CA GLY B 111 -40.67 63.64 18.51
C GLY B 111 -41.56 64.86 18.25
N GLU B 112 -42.77 64.61 17.79
CA GLU B 112 -43.73 65.66 17.50
C GLU B 112 -44.66 66.05 18.64
N LYS B 113 -44.56 65.41 19.82
CA LYS B 113 -45.43 65.60 21.01
C LYS B 113 -46.88 65.16 20.73
N MET B 114 -47.83 65.38 21.62
CA MET B 114 -49.28 65.27 21.41
C MET B 114 -49.83 65.76 22.74
N THR B 115 -50.90 66.53 22.85
CA THR B 115 -51.35 66.97 24.17
C THR B 115 -51.91 65.80 24.97
N GLU B 116 -51.73 65.81 26.29
CA GLU B 116 -52.27 64.75 27.15
C GLU B 116 -53.75 64.50 26.88
N GLU B 117 -54.53 65.58 26.72
CA GLU B 117 -55.93 65.54 26.27
C GLU B 117 -56.13 64.70 25.00
N GLU B 118 -55.43 65.01 23.90
CA GLU B 118 -55.48 64.23 22.66
C GLU B 118 -55.08 62.75 22.83
N VAL B 119 -54.02 62.46 23.61
CA VAL B 119 -53.63 61.07 23.88
C VAL B 119 -54.71 60.33 24.69
N GLU B 120 -55.25 60.90 25.77
CA GLU B 120 -56.38 60.34 26.53
C GLU B 120 -57.56 60.02 25.61
N GLU B 121 -57.82 60.94 24.67
CA GLU B 121 -58.78 60.72 23.59
C GLU B 121 -58.45 59.68 22.52
N LEU B 122 -57.19 59.32 22.31
CA LEU B 122 -56.84 58.18 21.48
C LEU B 122 -57.10 56.87 22.23
N MET B 123 -56.85 56.89 23.52
CA MET B 123 -57.13 55.78 24.42
C MET B 123 -58.62 55.62 24.82
N LYS B 124 -59.55 55.96 23.90
CA LYS B 124 -61.00 55.91 24.13
C LYS B 124 -61.62 54.53 24.44
N GLY B 125 -61.43 54.01 25.65
CA GLY B 125 -61.97 52.69 26.02
C GLY B 125 -61.43 51.51 25.21
N GLN B 126 -60.12 51.59 24.90
CA GLN B 126 -59.42 50.52 24.22
C GLN B 126 -58.34 49.85 25.09
N GLU B 127 -58.17 50.46 26.27
CA GLU B 127 -57.26 50.03 27.33
C GLU B 127 -57.95 49.85 28.67
N ASP B 128 -58.82 48.85 28.71
CA ASP B 128 -59.52 48.53 29.95
C ASP B 128 -58.64 48.13 31.15
N SER B 129 -59.26 47.96 32.32
CA SER B 129 -58.61 47.61 33.59
C SER B 129 -57.33 46.77 33.70
N ASN B 130 -57.03 45.97 32.67
CA ASN B 130 -55.87 45.08 32.62
C ASN B 130 -54.49 45.74 32.58
N GLY B 131 -54.36 47.05 32.35
CA GLY B 131 -53.06 47.73 32.32
C GLY B 131 -52.35 47.63 30.96
N CYS B 132 -52.37 46.41 30.45
CA CYS B 132 -51.90 46.07 29.12
C CYS B 132 -52.90 46.37 28.01
N ILE B 133 -52.37 46.96 26.96
CA ILE B 133 -53.14 47.30 25.78
C ILE B 133 -52.85 46.34 24.62
N ASN B 134 -53.76 46.02 23.69
CA ASN B 134 -53.44 45.10 22.58
C ASN B 134 -53.10 45.72 21.21
N TYR B 135 -51.82 46.04 20.97
CA TYR B 135 -51.30 46.70 19.76
C TYR B 135 -52.02 46.59 18.41
N GLU B 136 -52.18 45.34 17.99
CA GLU B 136 -52.79 44.96 16.71
C GLU B 136 -54.18 45.53 16.48
N ALA B 137 -54.95 45.64 17.55
CA ALA B 137 -56.29 46.22 17.46
C ALA B 137 -56.23 47.74 17.38
N PHE B 138 -55.25 48.40 18.00
CA PHE B 138 -55.17 49.87 17.93
C PHE B 138 -54.84 50.37 16.57
N VAL B 139 -53.82 49.83 15.89
CA VAL B 139 -53.50 50.25 14.53
C VAL B 139 -54.75 50.10 13.64
N LYS B 140 -55.52 49.01 13.76
CA LYS B 140 -56.80 48.90 13.06
C LYS B 140 -57.81 50.00 13.44
N HIS B 141 -58.10 50.26 14.72
CA HIS B 141 -59.02 51.35 15.14
C HIS B 141 -58.56 52.80 14.89
N ILE B 142 -57.24 52.96 14.82
CA ILE B 142 -56.58 54.22 14.49
C ILE B 142 -56.76 54.38 12.98
N MET B 143 -56.26 53.46 12.15
CA MET B 143 -56.43 53.54 10.70
C MET B 143 -57.87 53.46 10.17
N SER B 144 -58.82 53.02 11.01
CA SER B 144 -60.25 52.90 10.67
C SER B 144 -61.13 54.14 10.44
N VAL B 145 -60.59 55.34 10.21
CA VAL B 145 -61.46 56.45 9.90
C VAL B 145 -61.68 56.56 8.39
N ASP C 1 2.49 55.02 58.76
CA ASP C 1 3.35 55.62 59.77
C ASP C 1 3.27 54.85 61.05
N ALA C 2 2.05 54.81 61.59
CA ALA C 2 1.78 54.07 62.80
C ALA C 2 2.14 52.63 62.55
N GLU C 3 1.61 52.11 61.44
CA GLU C 3 1.85 50.76 61.00
C GLU C 3 3.32 50.45 60.90
N MET C 4 3.97 51.16 59.98
CA MET C 4 5.37 51.02 59.75
C MET C 4 6.16 51.27 61.01
N ALA C 5 6.87 50.23 61.37
CA ALA C 5 7.71 50.21 62.50
C ALA C 5 8.63 49.05 62.27
N ALA C 6 7.95 47.93 61.95
CA ALA C 6 8.60 46.67 61.65
C ALA C 6 9.81 46.92 60.76
N PHE C 7 9.53 47.68 59.68
CA PHE C 7 10.55 48.06 58.74
C PHE C 7 11.34 49.19 59.32
N GLY C 8 10.56 50.21 59.64
CA GLY C 8 11.09 51.40 60.20
C GLY C 8 12.18 51.93 59.28
N GLU C 9 13.39 51.42 59.47
CA GLU C 9 14.51 51.88 58.68
C GLU C 9 14.35 51.67 57.19
N ALA C 10 13.62 50.63 56.80
CA ALA C 10 13.42 50.32 55.40
C ALA C 10 12.29 51.13 54.79
N ALA C 11 11.35 51.46 55.67
CA ALA C 11 10.13 52.19 55.38
C ALA C 11 10.22 53.16 54.24
N PRO C 12 11.16 54.07 54.33
CA PRO C 12 11.31 55.08 53.31
C PRO C 12 11.45 54.55 51.91
N TYR C 13 11.90 53.29 51.79
CA TYR C 13 12.15 52.64 50.50
C TYR C 13 11.04 51.72 50.07
N LEU C 14 10.08 51.56 50.99
CA LEU C 14 8.89 50.75 50.82
C LEU C 14 7.64 51.58 50.63
N ARG C 15 7.50 52.53 51.56
CA ARG C 15 6.42 53.47 51.59
C ARG C 15 6.87 54.85 51.94
N LYS C 16 6.01 55.84 51.67
CA LYS C 16 6.32 57.23 51.95
C LYS C 16 5.55 57.80 53.14
N SER C 17 6.09 58.85 53.76
CA SER C 17 5.42 59.41 54.93
C SER C 17 4.02 59.82 54.57
N GLU C 18 3.13 59.59 55.51
CA GLU C 18 1.71 59.92 55.35
C GLU C 18 1.36 61.32 54.96
N LYS C 19 2.32 62.16 54.67
CA LYS C 19 1.92 63.47 54.26
C LYS C 19 2.56 63.71 52.91
N GLU C 20 3.67 62.95 52.74
CA GLU C 20 4.40 62.99 51.49
C GLU C 20 3.41 62.51 50.46
N ARG C 21 2.62 61.59 50.98
CA ARG C 21 1.57 60.98 50.22
C ARG C 21 0.55 62.07 49.98
N ILE C 22 -0.03 62.45 51.12
CA ILE C 22 -1.04 63.48 51.21
C ILE C 22 -0.73 64.75 50.45
N GLU C 23 0.50 65.17 50.52
CA GLU C 23 0.94 66.34 49.82
C GLU C 23 1.02 66.12 48.32
N ALA C 24 0.97 64.85 47.96
CA ALA C 24 1.08 64.48 46.57
C ALA C 24 -0.24 64.18 45.89
N GLN C 25 -1.12 63.50 46.63
CA GLN C 25 -2.42 63.14 46.08
C GLN C 25 -3.38 64.32 46.09
N ASN C 26 -3.20 65.19 47.08
CA ASN C 26 -4.05 66.33 47.28
C ASN C 26 -3.33 67.57 46.79
N LYS C 27 -3.39 67.75 45.49
CA LYS C 27 -2.78 68.86 44.84
C LYS C 27 -3.59 69.24 43.62
N PRO C 28 -3.34 70.43 43.09
CA PRO C 28 -4.09 70.89 41.94
C PRO C 28 -3.86 70.06 40.70
N PHE C 29 -4.96 69.78 39.98
CA PHE C 29 -4.90 69.03 38.74
C PHE C 29 -5.90 69.50 37.66
N ASP C 30 -5.40 69.70 36.44
CA ASP C 30 -6.28 70.06 35.32
C ASP C 30 -6.32 68.97 34.25
N ALA C 31 -7.24 68.05 34.44
CA ALA C 31 -7.39 66.95 33.53
C ALA C 31 -7.42 67.28 32.03
N LYS C 32 -8.40 68.06 31.64
CA LYS C 32 -8.60 68.42 30.26
C LYS C 32 -7.36 68.98 29.57
N SER C 33 -6.37 69.41 30.34
CA SER C 33 -5.22 69.99 29.70
C SER C 33 -3.96 69.21 29.89
N SER C 34 -3.80 68.64 31.11
CA SER C 34 -2.62 67.84 31.42
C SER C 34 -2.56 66.51 30.63
N VAL C 35 -1.42 66.22 30.04
CA VAL C 35 -1.29 65.05 29.21
C VAL C 35 0.12 64.52 29.05
N PHE C 36 0.21 63.29 28.52
CA PHE C 36 1.49 62.61 28.18
C PHE C 36 1.59 62.67 26.68
N VAL C 37 2.79 62.71 26.13
CA VAL C 37 2.87 62.77 24.66
C VAL C 37 4.13 62.13 24.08
N VAL C 38 3.99 61.80 22.80
CA VAL C 38 5.04 61.18 22.02
C VAL C 38 6.19 62.11 21.95
N HIS C 39 7.38 61.57 21.67
CA HIS C 39 8.51 62.46 21.57
C HIS C 39 9.68 61.83 20.87
N PRO C 40 10.02 62.41 19.74
CA PRO C 40 11.08 61.94 18.91
C PRO C 40 12.38 61.56 19.61
N LYS C 41 12.89 62.42 20.50
CA LYS C 41 14.12 62.09 21.20
C LYS C 41 13.83 61.26 22.45
N GLU C 42 13.14 61.87 23.41
CA GLU C 42 12.75 61.12 24.59
C GLU C 42 11.44 60.45 24.25
N SER C 43 11.30 59.21 24.65
CA SER C 43 10.13 58.39 24.32
C SER C 43 8.76 59.04 24.43
N PHE C 44 8.47 59.45 25.63
CA PHE C 44 7.20 60.08 26.00
C PHE C 44 7.50 61.06 27.08
N VAL C 45 7.20 62.31 26.88
CA VAL C 45 7.44 63.22 27.95
C VAL C 45 6.10 63.84 28.26
N LYS C 46 5.99 64.55 29.41
CA LYS C 46 4.71 65.16 29.76
C LYS C 46 4.58 66.60 29.31
N GLY C 47 3.33 67.04 29.21
CA GLY C 47 3.07 68.38 28.81
C GLY C 47 1.65 68.78 29.05
N THR C 48 1.41 70.05 28.68
CA THR C 48 0.13 70.67 28.80
C THR C 48 -0.39 70.96 27.40
N ILE C 49 -1.65 70.63 27.18
CA ILE C 49 -2.25 70.91 25.91
C ILE C 49 -2.49 72.41 25.75
N GLN C 50 -2.02 72.95 24.63
CA GLN C 50 -2.17 74.34 24.35
C GLN C 50 -3.38 74.55 23.46
N SER C 51 -3.28 74.03 22.25
CA SER C 51 -4.37 74.23 21.33
C SER C 51 -4.90 72.92 20.82
N LYS C 52 -5.71 72.99 19.77
CA LYS C 52 -6.27 71.81 19.17
C LYS C 52 -6.51 72.04 17.67
N GLU C 53 -5.69 71.37 16.84
CA GLU C 53 -5.75 71.48 15.39
C GLU C 53 -6.82 70.62 14.67
N GLY C 54 -7.85 70.25 15.42
CA GLY C 54 -8.97 69.45 14.93
C GLY C 54 -8.70 67.96 14.84
N GLY C 55 -7.42 67.59 14.96
CA GLY C 55 -6.95 66.21 14.87
C GLY C 55 -5.45 66.18 14.89
N LYS C 56 -4.95 67.26 15.47
CA LYS C 56 -3.56 67.54 15.68
C LYS C 56 -3.53 68.18 17.03
N VAL C 57 -2.38 68.12 17.67
CA VAL C 57 -2.32 68.70 18.96
C VAL C 57 -1.03 69.40 19.19
N THR C 58 -1.12 70.58 19.79
CA THR C 58 0.08 71.31 20.12
C THR C 58 0.24 71.28 21.60
N VAL C 59 1.43 70.89 22.05
CA VAL C 59 1.63 70.83 23.48
C VAL C 59 2.91 71.43 23.97
N LYS C 60 2.81 71.96 25.17
CA LYS C 60 3.97 72.50 25.81
C LYS C 60 4.64 71.34 26.45
N THR C 61 5.81 71.56 26.97
CA THR C 61 6.54 70.47 27.55
C THR C 61 6.90 70.81 28.95
N GLU C 62 7.52 69.84 29.53
CA GLU C 62 8.09 69.92 30.82
C GLU C 62 9.56 69.89 30.56
N GLY C 63 10.05 71.08 30.34
CA GLY C 63 11.43 71.37 30.01
C GLY C 63 11.36 72.55 29.11
N GLY C 64 10.15 72.64 28.48
CA GLY C 64 9.85 73.77 27.63
C GLY C 64 10.12 73.39 26.21
N GLU C 65 9.03 73.00 25.55
CA GLU C 65 9.11 72.59 24.17
C GLU C 65 7.70 72.57 23.66
N THR C 66 7.59 72.84 22.36
CA THR C 66 6.29 72.85 21.80
C THR C 66 6.28 71.98 20.56
N LEU C 67 5.34 71.02 20.53
CA LEU C 67 5.21 70.07 19.43
C LEU C 67 3.78 69.90 18.99
N THR C 68 3.55 69.77 17.68
CA THR C 68 2.20 69.55 17.24
C THR C 68 2.15 68.14 16.77
N VAL C 69 1.55 67.32 17.58
CA VAL C 69 1.49 65.92 17.30
C VAL C 69 0.06 65.40 17.17
N LYS C 70 -0.12 64.33 16.39
CA LYS C 70 -1.41 63.68 16.12
C LYS C 70 -2.31 63.62 17.34
N GLU C 71 -3.54 63.18 17.11
CA GLU C 71 -4.47 63.06 18.20
C GLU C 71 -4.10 61.87 19.06
N ASP C 72 -3.63 60.82 18.39
CA ASP C 72 -3.21 59.65 19.14
C ASP C 72 -1.74 59.52 19.43
N GLN C 73 -1.14 60.65 19.64
CA GLN C 73 0.24 60.73 19.98
C GLN C 73 0.23 61.38 21.35
N VAL C 74 -1.04 61.61 21.71
CA VAL C 74 -1.48 62.25 22.93
C VAL C 74 -2.24 61.28 23.85
N PHE C 75 -1.80 61.23 25.09
CA PHE C 75 -2.35 60.37 26.11
C PHE C 75 -2.57 61.07 27.42
N SER C 76 -3.76 60.83 27.97
CA SER C 76 -4.20 61.38 29.22
C SER C 76 -3.21 61.15 30.32
N MET C 77 -3.44 61.80 31.46
CA MET C 77 -2.59 61.73 32.61
C MET C 77 -3.40 61.53 33.89
N ASN C 78 -3.04 60.54 34.66
CA ASN C 78 -3.76 60.23 35.84
C ASN C 78 -3.79 61.32 36.87
N PRO C 79 -4.95 61.44 37.53
CA PRO C 79 -5.11 62.41 38.60
C PRO C 79 -4.04 62.07 39.58
N PRO C 80 -3.70 63.06 40.33
CA PRO C 80 -2.65 62.97 41.30
C PRO C 80 -2.90 61.86 42.32
N LYS C 81 -4.15 61.47 42.42
CA LYS C 81 -4.49 60.42 43.37
C LYS C 81 -3.66 59.18 43.14
N TYR C 82 -3.21 59.04 41.91
CA TYR C 82 -2.38 57.91 41.50
C TYR C 82 -0.98 58.38 41.28
N ASP C 83 -0.26 58.63 42.38
CA ASP C 83 1.05 59.17 42.20
C ASP C 83 2.10 58.09 42.01
N LYS C 84 2.29 57.34 43.11
CA LYS C 84 3.26 56.27 43.11
C LYS C 84 2.63 55.00 43.60
N ILE C 85 1.55 54.71 42.88
CA ILE C 85 0.68 53.59 43.06
C ILE C 85 1.43 52.29 43.15
N GLU C 86 1.11 51.58 44.19
CA GLU C 86 1.65 50.28 44.44
C GLU C 86 1.35 49.32 43.33
N ASP C 87 0.13 49.47 42.77
CA ASP C 87 -0.37 48.62 41.72
C ASP C 87 -0.85 49.44 40.58
N MET C 88 -0.02 49.62 39.59
CA MET C 88 -0.36 50.42 38.47
C MET C 88 -1.62 50.03 37.83
N ALA C 89 -1.98 48.80 38.03
CA ALA C 89 -3.22 48.27 37.44
C ALA C 89 -4.46 48.77 38.13
N MET C 90 -4.26 49.73 39.03
CA MET C 90 -5.39 50.28 39.70
C MET C 90 -5.67 51.64 39.12
N MET C 91 -4.70 52.10 38.38
CA MET C 91 -4.80 53.32 37.67
C MET C 91 -6.00 53.26 36.77
N THR C 92 -6.57 54.44 36.47
CA THR C 92 -7.75 54.52 35.63
C THR C 92 -7.32 54.87 34.27
N HIS C 93 -5.99 54.89 34.13
CA HIS C 93 -5.39 55.21 32.85
C HIS C 93 -4.27 54.26 32.50
N LEU C 94 -4.69 53.23 31.76
CA LEU C 94 -3.90 52.15 31.29
C LEU C 94 -3.35 52.46 29.91
N HIS C 95 -2.21 53.11 29.96
CA HIS C 95 -1.48 53.55 28.81
C HIS C 95 -0.15 52.93 28.83
N GLU C 96 0.59 53.36 27.85
CA GLU C 96 1.96 52.96 27.78
C GLU C 96 2.78 53.93 28.67
N PRO C 97 2.59 55.24 28.47
CA PRO C 97 3.31 56.22 29.23
C PRO C 97 3.10 56.19 30.74
N ALA C 98 1.86 56.15 31.13
CA ALA C 98 1.58 56.13 32.55
C ALA C 98 2.25 55.03 33.29
N VAL C 99 2.59 53.96 32.59
CA VAL C 99 3.24 52.87 33.27
C VAL C 99 4.70 53.14 33.41
N LEU C 100 5.24 53.67 32.38
CA LEU C 100 6.65 54.00 32.39
C LEU C 100 6.84 55.00 33.50
N TYR C 101 6.02 56.03 33.43
CA TYR C 101 6.08 57.11 34.37
C TYR C 101 5.91 56.78 35.81
N ASN C 102 5.09 55.78 36.13
CA ASN C 102 4.89 55.39 37.54
C ASN C 102 6.07 54.72 38.10
N LEU C 103 6.65 53.91 37.28
CA LEU C 103 7.79 53.12 37.72
C LEU C 103 8.86 54.09 38.06
N LYS C 104 9.15 54.90 37.04
CA LYS C 104 10.14 55.98 37.10
C LYS C 104 10.02 56.85 38.31
N GLU C 105 8.82 57.34 38.62
CA GLU C 105 8.70 58.23 39.74
C GLU C 105 9.03 57.59 41.07
N ARG C 106 8.60 56.34 41.27
CA ARG C 106 8.85 55.70 42.54
C ARG C 106 10.19 55.12 42.70
N TYR C 107 11.00 55.39 41.69
CA TYR C 107 12.35 54.89 41.63
C TYR C 107 13.25 56.04 42.01
N ALA C 108 12.90 57.20 41.47
CA ALA C 108 13.61 58.44 41.76
C ALA C 108 13.44 58.74 43.25
N ALA C 109 12.53 57.98 43.87
CA ALA C 109 12.22 58.09 45.26
C ALA C 109 12.75 56.87 45.96
N TRP C 110 13.48 56.11 45.18
CA TRP C 110 14.08 54.90 45.70
C TRP C 110 13.11 53.85 46.10
N MET C 111 12.02 53.69 45.36
CA MET C 111 11.20 52.53 45.60
C MET C 111 11.35 51.57 44.40
N ILE C 112 12.00 50.44 44.67
CA ILE C 112 12.27 49.47 43.62
C ILE C 112 11.14 48.48 43.37
N TYR C 113 10.23 48.34 44.29
CA TYR C 113 9.15 47.42 44.10
C TYR C 113 7.82 48.03 43.92
N THR C 114 7.38 47.92 42.69
CA THR C 114 6.07 48.37 42.34
C THR C 114 5.30 47.25 41.64
N TYR C 115 4.02 46.97 41.95
CA TYR C 115 3.26 45.89 41.28
C TYR C 115 2.54 46.41 40.07
N SER C 116 2.34 45.53 39.06
CA SER C 116 1.64 45.87 37.80
C SER C 116 0.66 44.82 37.46
N GLY C 117 -0.22 44.53 38.38
CA GLY C 117 -1.18 43.53 38.18
C GLY C 117 -0.80 42.43 39.08
N LEU C 118 -0.31 41.38 38.50
CA LEU C 118 0.05 40.23 39.31
C LEU C 118 1.52 40.27 39.51
N PHE C 119 2.13 40.96 38.56
CA PHE C 119 3.56 41.08 38.60
C PHE C 119 4.09 41.82 39.75
N CYS C 120 5.33 41.65 39.92
CA CYS C 120 6.07 42.32 40.94
C CYS C 120 7.26 42.90 40.27
N VAL C 121 7.06 44.09 39.75
CA VAL C 121 8.16 44.71 39.11
C VAL C 121 9.28 44.99 40.07
N THR C 122 10.50 44.89 39.62
CA THR C 122 11.71 45.14 40.43
C THR C 122 12.76 45.86 39.63
N VAL C 123 13.20 46.98 40.14
CA VAL C 123 14.22 47.76 39.44
C VAL C 123 15.55 47.75 40.16
N ASN C 124 16.64 47.53 39.37
CA ASN C 124 17.98 47.48 39.92
C ASN C 124 18.40 48.76 40.64
N PRO C 125 18.62 48.69 41.96
CA PRO C 125 18.96 49.90 42.68
C PRO C 125 20.29 50.50 42.24
N TYR C 126 21.25 49.65 42.11
CA TYR C 126 22.60 50.02 41.71
C TYR C 126 23.36 50.63 42.83
N LYS C 127 22.81 50.34 43.98
CA LYS C 127 23.36 50.78 45.23
C LYS C 127 22.74 49.93 46.33
N TRP C 128 23.10 50.16 47.61
CA TRP C 128 22.61 49.33 48.72
C TRP C 128 21.35 49.85 49.39
N LEU C 129 20.54 48.88 49.87
CA LEU C 129 19.28 49.23 50.52
C LEU C 129 18.99 48.30 51.72
N PRO C 130 18.38 48.89 52.74
CA PRO C 130 18.00 48.18 53.94
C PRO C 130 16.81 47.30 53.70
N VAL C 131 16.52 46.98 52.45
CA VAL C 131 15.33 46.19 52.15
C VAL C 131 15.40 44.72 52.44
N TYR C 132 16.59 44.18 52.34
CA TYR C 132 16.75 42.77 52.49
C TYR C 132 16.92 42.48 53.93
N ASN C 133 16.70 43.59 54.65
CA ASN C 133 16.76 43.70 56.09
C ASN C 133 15.96 42.72 56.85
N PRO C 134 16.73 42.14 57.70
CA PRO C 134 16.37 41.10 58.60
C PRO C 134 15.18 41.51 59.44
N LYS C 135 14.73 42.72 59.31
CA LYS C 135 13.56 43.10 60.09
C LYS C 135 12.38 42.93 59.21
N VAL C 136 12.65 43.23 57.95
CA VAL C 136 11.62 43.19 56.95
C VAL C 136 11.03 41.82 56.78
N VAL C 137 11.96 40.88 56.69
CA VAL C 137 11.69 39.49 56.55
C VAL C 137 10.52 39.06 57.43
N LEU C 138 10.53 39.50 58.68
CA LEU C 138 9.47 39.20 59.65
C LEU C 138 8.22 39.93 59.32
N ALA C 139 8.45 41.21 59.03
CA ALA C 139 7.37 42.11 58.74
C ALA C 139 6.43 41.58 57.69
N TYR C 140 7.03 41.01 56.64
CA TYR C 140 6.30 40.49 55.54
C TYR C 140 5.73 39.11 55.80
N ARG C 141 6.00 38.66 56.99
CA ARG C 141 5.60 37.36 57.45
C ARG C 141 4.17 37.30 57.96
N GLY C 142 3.30 36.62 57.19
CA GLY C 142 1.89 36.39 57.48
C GLY C 142 0.95 37.49 56.94
N LYS C 143 1.45 38.31 56.02
CA LYS C 143 0.76 39.45 55.43
C LYS C 143 0.29 39.37 53.99
N LYS C 144 -1.02 39.53 53.75
CA LYS C 144 -1.47 39.60 52.36
C LYS C 144 -0.86 40.83 51.70
N ARG C 145 -0.74 40.84 50.36
CA ARG C 145 -0.08 41.97 49.73
C ARG C 145 -0.84 43.25 49.79
N GLN C 146 -1.94 43.24 50.53
CA GLN C 146 -2.73 44.44 50.65
C GLN C 146 -2.51 45.05 52.02
N GLU C 147 -1.93 44.24 52.89
CA GLU C 147 -1.56 44.61 54.25
C GLU C 147 -0.15 45.19 54.33
N ALA C 148 0.58 45.14 53.22
CA ALA C 148 1.91 45.64 53.13
C ALA C 148 2.26 46.17 51.71
N PRO C 149 3.26 47.05 51.68
CA PRO C 149 3.71 47.68 50.45
C PRO C 149 4.42 46.70 49.49
N PRO C 150 4.49 47.06 48.23
CA PRO C 150 5.14 46.26 47.23
C PRO C 150 6.57 45.86 47.55
N HIS C 151 6.70 44.53 47.60
CA HIS C 151 7.93 43.82 47.88
C HIS C 151 7.84 42.30 47.59
N ILE C 152 8.97 41.77 47.22
CA ILE C 152 9.23 40.40 46.86
C ILE C 152 8.96 39.42 47.94
N PHE C 153 9.16 39.83 49.16
CA PHE C 153 8.89 38.92 50.19
C PHE C 153 7.37 38.82 50.21
N SER C 154 6.70 39.78 49.62
CA SER C 154 5.26 39.69 49.68
C SER C 154 4.87 38.52 48.90
N ILE C 155 5.46 38.47 47.71
CA ILE C 155 5.14 37.40 46.79
C ILE C 155 5.49 36.08 47.44
N SER C 156 6.73 36.06 47.92
CA SER C 156 7.32 34.91 48.52
C SER C 156 6.66 34.43 49.76
N ASP C 157 5.97 35.27 50.42
CA ASP C 157 5.35 34.78 51.64
C ASP C 157 3.99 34.25 51.31
N ASN C 158 3.36 35.01 50.44
CA ASN C 158 2.03 34.67 50.05
C ASN C 158 2.00 33.31 49.46
N ALA C 159 3.08 33.01 48.75
CA ALA C 159 3.20 31.70 48.13
C ALA C 159 3.06 30.63 49.16
N TYR C 160 3.91 30.78 50.15
CA TYR C 160 3.96 29.93 51.31
C TYR C 160 2.60 29.78 51.95
N GLN C 161 2.00 30.91 52.19
CA GLN C 161 0.69 30.96 52.81
C GLN C 161 -0.18 30.04 52.03
N PHE C 162 -0.47 30.56 50.86
CA PHE C 162 -1.24 29.93 49.87
C PHE C 162 -0.93 28.48 49.75
N MET C 163 0.34 28.19 49.95
CA MET C 163 0.77 26.85 49.84
C MET C 163 0.01 26.04 50.86
N LEU C 164 0.14 26.43 52.12
CA LEU C 164 -0.58 25.70 53.17
C LEU C 164 -2.09 25.91 53.18
N THR C 165 -2.56 27.10 52.81
CA THR C 165 -3.97 27.38 52.81
C THR C 165 -4.78 26.57 51.80
N ASP C 166 -4.33 26.61 50.53
CA ASP C 166 -5.00 25.92 49.43
C ASP C 166 -4.55 24.46 49.16
N ARG C 167 -3.43 24.08 49.76
CA ARG C 167 -2.90 22.74 49.56
C ARG C 167 -2.53 22.50 48.12
N GLU C 168 -2.00 23.53 47.49
CA GLU C 168 -1.54 23.49 46.11
C GLU C 168 -0.10 23.86 46.03
N ASN C 169 0.54 23.40 44.98
CA ASN C 169 1.95 23.77 44.87
C ASN C 169 2.02 25.12 44.24
N GLN C 170 3.19 25.73 44.43
CA GLN C 170 3.38 27.08 43.97
C GLN C 170 4.56 27.25 43.04
N SER C 171 4.66 28.46 42.47
CA SER C 171 5.79 28.82 41.62
C SER C 171 5.99 30.30 41.61
N ILE C 172 7.22 30.65 41.28
CA ILE C 172 7.64 32.00 41.19
C ILE C 172 8.45 32.10 39.94
N LEU C 173 8.03 32.95 39.04
CA LEU C 173 8.76 33.06 37.84
C LEU C 173 9.49 34.33 37.73
N ILE C 174 10.83 34.26 37.88
CA ILE C 174 11.65 35.44 37.79
C ILE C 174 12.20 35.58 36.39
N THR C 175 12.13 36.73 35.81
CA THR C 175 12.58 36.92 34.48
C THR C 175 12.97 38.35 34.17
N GLY C 176 14.05 38.52 33.35
CA GLY C 176 14.52 39.84 32.92
C GLY C 176 15.78 39.75 32.06
N GLU C 177 16.24 40.86 31.50
CA GLU C 177 17.47 40.82 30.71
C GLU C 177 18.73 40.65 31.58
N SER C 178 19.80 40.33 30.88
CA SER C 178 21.10 40.06 31.41
C SER C 178 21.48 40.90 32.61
N GLY C 179 21.16 42.16 32.56
CA GLY C 179 21.57 43.02 33.70
C GLY C 179 20.52 43.32 34.72
N ALA C 180 19.32 42.78 34.54
CA ALA C 180 18.24 43.04 35.45
C ALA C 180 18.47 42.62 36.89
N GLY C 181 19.36 41.63 37.10
CA GLY C 181 19.68 41.17 38.45
C GLY C 181 18.70 40.18 39.02
N LYS C 182 18.50 39.05 38.31
CA LYS C 182 17.56 38.06 38.80
C LYS C 182 18.14 37.14 39.85
N THR C 183 19.36 36.60 39.59
CA THR C 183 20.05 35.67 40.50
C THR C 183 19.94 36.14 41.91
N VAL C 184 20.23 37.44 41.98
CA VAL C 184 20.16 38.20 43.22
C VAL C 184 18.83 38.04 43.89
N ASN C 185 17.75 38.19 43.12
CA ASN C 185 16.45 38.04 43.68
C ASN C 185 16.20 36.62 44.05
N THR C 186 16.51 35.77 43.08
CA THR C 186 16.27 34.36 43.22
C THR C 186 16.87 33.86 44.47
N LYS C 187 18.13 34.22 44.64
CA LYS C 187 18.83 33.84 45.81
C LYS C 187 18.11 34.33 47.00
N ARG C 188 17.81 35.62 46.93
CA ARG C 188 17.13 36.30 48.05
C ARG C 188 15.78 35.71 48.39
N VAL C 189 15.12 35.17 47.39
CA VAL C 189 13.85 34.54 47.66
C VAL C 189 14.08 33.26 48.42
N ILE C 190 15.08 32.57 47.92
CA ILE C 190 15.47 31.30 48.50
C ILE C 190 15.79 31.39 49.98
N GLN C 191 16.65 32.36 50.33
CA GLN C 191 16.99 32.56 51.73
C GLN C 191 15.72 32.65 52.52
N TYR C 192 14.83 33.46 51.96
CA TYR C 192 13.54 33.69 52.56
C TYR C 192 12.84 32.40 52.95
N PHE C 193 12.77 31.48 52.02
CA PHE C 193 12.15 30.21 52.33
C PHE C 193 12.84 29.52 53.44
N ALA C 194 14.12 29.43 53.27
CA ALA C 194 14.93 28.71 54.25
C ALA C 194 14.72 29.26 55.64
N THR C 195 14.79 30.57 55.76
CA THR C 195 14.60 31.21 57.06
C THR C 195 13.24 30.94 57.69
N ILE C 196 12.22 31.49 57.06
CA ILE C 196 10.86 31.37 57.53
C ILE C 196 10.29 29.96 57.70
N ALA C 197 11.03 28.91 57.41
CA ALA C 197 10.44 27.61 57.63
C ALA C 197 11.48 26.49 57.73
N ALA C 198 12.45 26.68 58.63
CA ALA C 198 13.58 25.76 58.81
C ALA C 198 13.45 24.63 59.84
N SER C 199 13.88 23.42 59.44
CA SER C 199 13.86 22.24 60.32
C SER C 199 15.23 21.55 60.48
N GLY C 200 16.27 22.39 60.70
CA GLY C 200 17.64 21.93 60.92
C GLY C 200 17.93 22.11 62.40
N GLU C 201 17.16 21.36 63.18
CA GLU C 201 17.16 21.38 64.64
C GLU C 201 18.52 21.31 65.27
N LEU C 215 22.93 22.67 53.91
CA LEU C 215 22.10 23.04 52.79
C LEU C 215 22.54 24.36 52.20
N GLU C 216 22.51 25.27 53.12
CA GLU C 216 22.88 26.63 52.90
C GLU C 216 24.12 26.83 52.08
N ASP C 217 24.95 25.84 52.04
CA ASP C 217 26.18 25.93 51.26
C ASP C 217 25.99 25.23 49.94
N GLN C 218 25.42 24.01 50.04
CA GLN C 218 25.16 23.21 48.85
C GLN C 218 24.39 24.08 47.93
N ILE C 219 23.38 24.67 48.56
CA ILE C 219 22.46 25.61 47.94
C ILE C 219 23.29 26.57 47.15
N ILE C 220 24.24 27.11 47.83
CA ILE C 220 25.11 28.08 47.23
C ILE C 220 26.08 27.43 46.26
N SER C 221 26.85 26.48 46.77
CA SER C 221 27.86 25.81 45.98
C SER C 221 27.37 25.39 44.64
N ALA C 222 26.05 25.27 44.55
CA ALA C 222 25.42 24.86 43.33
C ALA C 222 25.88 25.66 42.16
N ASN C 223 25.70 26.94 42.33
CA ASN C 223 25.99 27.91 41.28
C ASN C 223 27.28 27.72 40.53
N PRO C 224 28.37 27.85 41.27
CA PRO C 224 29.72 27.73 40.73
C PRO C 224 30.05 26.47 39.94
N LEU C 225 29.14 25.51 39.97
CA LEU C 225 29.37 24.28 39.20
C LEU C 225 28.68 24.52 37.86
N LEU C 226 27.39 24.80 37.96
CA LEU C 226 26.56 25.10 36.84
C LEU C 226 27.21 26.14 35.95
N GLU C 227 27.80 27.13 36.59
CA GLU C 227 28.47 28.28 35.95
C GLU C 227 29.68 27.86 35.14
N ALA C 228 30.37 26.85 35.63
CA ALA C 228 31.52 26.37 34.89
C ALA C 228 31.15 25.71 33.63
N PHE C 229 29.93 25.11 33.68
CA PHE C 229 29.36 24.37 32.55
C PHE C 229 28.34 25.06 31.73
N GLY C 230 27.53 25.89 32.35
CA GLY C 230 26.54 26.65 31.60
C GLY C 230 26.82 28.11 31.45
N ASN C 231 28.04 28.59 31.74
CA ASN C 231 28.41 30.01 31.63
C ASN C 231 29.62 30.22 30.77
N ALA C 232 29.70 31.38 30.18
CA ALA C 232 30.78 31.70 29.31
C ALA C 232 30.94 33.17 29.03
N LYS C 233 32.06 33.54 28.49
CA LYS C 233 32.31 34.88 28.11
C LYS C 233 31.59 35.25 26.89
N THR C 234 30.63 36.09 27.04
CA THR C 234 29.83 36.64 25.96
C THR C 234 30.48 37.95 25.63
N VAL C 235 30.16 38.48 24.47
CA VAL C 235 30.72 39.75 24.05
C VAL C 235 30.16 40.89 24.92
N ARG C 236 29.07 40.62 25.62
CA ARG C 236 28.42 41.57 26.50
C ARG C 236 28.85 41.42 27.96
N ASN C 237 28.73 40.21 28.45
CA ASN C 237 29.13 39.88 29.80
C ASN C 237 30.40 39.02 29.74
N ASP C 238 31.03 38.80 30.87
CA ASP C 238 32.27 38.03 30.93
C ASP C 238 31.97 36.69 31.53
N ASN C 239 30.81 36.66 32.17
CA ASN C 239 30.23 35.49 32.81
C ASN C 239 28.76 35.43 32.49
N SER C 240 28.38 35.30 31.19
CA SER C 240 26.98 35.25 30.82
C SER C 240 26.35 33.93 31.04
N SER C 241 25.10 33.98 31.50
CA SER C 241 24.30 32.77 31.76
C SER C 241 23.82 32.20 30.43
N ARG C 242 24.28 31.02 30.01
CA ARG C 242 23.84 30.51 28.74
C ARG C 242 22.72 29.57 28.83
N PHE C 243 23.21 30.59 32.52
CA PHE C 243 22.29 29.48 32.41
C PHE C 243 21.01 29.72 33.16
N GLY C 244 20.01 28.89 32.87
CA GLY C 244 18.70 29.00 33.50
C GLY C 244 18.53 28.00 34.59
N LYS C 245 17.53 28.19 35.45
CA LYS C 245 17.40 27.22 36.50
C LYS C 245 16.08 27.14 37.19
N PHE C 246 15.81 25.94 37.72
CA PHE C 246 14.59 25.63 38.37
C PHE C 246 14.77 24.77 39.57
N ILE C 247 14.49 25.36 40.72
CA ILE C 247 14.56 24.72 42.02
C ILE C 247 13.24 24.34 42.61
N ARG C 248 13.17 23.13 43.13
CA ARG C 248 11.94 22.77 43.71
C ARG C 248 12.11 22.66 45.19
N ILE C 249 11.58 23.59 45.91
CA ILE C 249 11.71 23.46 47.33
C ILE C 249 10.56 22.72 47.84
N HIS C 250 10.89 21.54 48.27
CA HIS C 250 9.87 20.64 48.72
C HIS C 250 9.59 20.82 50.17
N PHE C 251 8.47 21.44 50.42
CA PHE C 251 8.09 21.65 51.78
C PHE C 251 7.45 20.41 52.32
N GLY C 252 7.50 20.24 53.62
CA GLY C 252 6.91 19.10 54.26
C GLY C 252 5.39 19.23 54.46
N ALA C 253 4.85 18.41 55.37
CA ALA C 253 3.44 18.36 55.67
C ALA C 253 3.06 19.42 56.69
N THR C 254 3.93 19.50 57.67
CA THR C 254 3.83 20.48 58.72
C THR C 254 3.85 21.81 58.02
N GLY C 255 4.93 22.01 57.27
CA GLY C 255 5.15 23.24 56.55
C GLY C 255 6.67 23.53 56.61
N LYS C 256 7.41 22.61 57.20
CA LYS C 256 8.84 22.78 57.34
C LYS C 256 9.60 22.09 56.20
N LEU C 257 10.71 22.73 55.81
CA LEU C 257 11.60 22.27 54.74
C LEU C 257 11.84 20.78 54.71
N ALA C 258 11.88 20.20 53.49
CA ALA C 258 12.10 18.74 53.34
C ALA C 258 13.04 18.34 52.18
N SER C 259 12.96 19.02 51.03
CA SER C 259 13.83 18.73 49.91
C SER C 259 13.92 19.86 48.93
N ALA C 260 14.90 19.70 48.05
CA ALA C 260 15.19 20.63 46.97
C ALA C 260 15.50 19.88 45.69
N ASP C 261 15.51 20.61 44.61
CA ASP C 261 15.68 20.00 43.31
C ASP C 261 16.16 20.94 42.22
N ILE C 262 17.39 20.88 41.84
CA ILE C 262 17.77 21.76 40.75
C ILE C 262 17.76 21.16 39.40
N GLU C 263 17.56 22.03 38.41
CA GLU C 263 17.59 21.70 37.01
C GLU C 263 18.13 22.84 36.20
N THR C 264 19.04 22.50 35.31
CA THR C 264 19.72 23.50 34.53
C THR C 264 19.32 23.45 33.07
N TYR C 265 19.27 24.61 32.46
CA TYR C 265 18.87 24.77 31.10
C TYR C 265 19.81 25.70 30.37
N LEU C 266 20.11 25.35 29.18
CA LEU C 266 20.88 26.17 28.30
C LEU C 266 22.09 26.87 28.84
N LEU C 267 23.17 26.17 28.95
CA LEU C 267 24.38 26.70 29.42
C LEU C 267 25.18 27.31 28.31
N GLU C 268 22.67 26.62 25.76
CA GLU C 268 23.32 26.99 24.53
C GLU C 268 24.25 25.91 24.08
N LYS C 269 23.70 24.83 23.51
CA LYS C 269 24.47 23.68 23.03
C LYS C 269 25.54 24.04 22.01
N SER C 270 25.25 25.01 21.23
CA SER C 270 26.17 25.45 20.22
C SER C 270 27.56 25.87 20.70
N ARG C 271 27.70 26.46 21.91
CA ARG C 271 28.98 26.93 22.39
C ARG C 271 29.95 25.78 22.39
N VAL C 272 29.46 24.62 22.85
CA VAL C 272 30.24 23.44 22.92
C VAL C 272 31.02 23.15 21.64
N THR C 273 30.53 23.62 20.52
CA THR C 273 31.11 23.32 19.21
C THR C 273 31.54 24.54 18.47
N PHE C 274 31.01 25.64 18.89
CA PHE C 274 31.25 26.88 18.26
C PHE C 274 31.39 27.99 19.20
N GLN C 275 31.80 29.09 18.61
CA GLN C 275 32.05 30.30 19.31
C GLN C 275 32.34 31.46 18.38
N LEU C 276 31.70 32.55 18.70
CA LEU C 276 31.94 33.74 17.96
C LEU C 276 33.35 34.23 18.32
N PRO C 277 33.85 35.09 17.49
CA PRO C 277 35.16 35.68 17.54
C PRO C 277 35.58 36.41 18.77
N ALA C 278 34.63 37.06 19.42
CA ALA C 278 34.98 37.77 20.64
C ALA C 278 34.55 37.02 21.86
N GLU C 279 34.01 35.83 21.63
CA GLU C 279 33.49 35.05 22.71
C GLU C 279 34.29 33.79 22.97
N ARG C 280 33.74 33.03 23.86
CA ARG C 280 34.36 31.82 24.19
C ARG C 280 33.41 30.80 24.73
N SER C 281 33.86 29.59 24.78
CA SER C 281 33.01 28.56 25.24
C SER C 281 32.94 28.55 26.72
N TYR C 282 32.21 27.52 27.21
CA TYR C 282 31.99 27.34 28.60
C TYR C 282 33.28 27.48 29.35
N HIS C 283 33.24 27.79 30.61
CA HIS C 283 34.47 28.02 31.31
C HIS C 283 35.30 26.80 31.53
N ILE C 284 34.59 25.76 31.98
CA ILE C 284 35.17 24.52 32.35
C ILE C 284 36.41 24.14 31.58
N PHE C 285 36.27 24.29 30.32
CA PHE C 285 37.33 23.91 29.38
C PHE C 285 38.52 24.65 29.67
N TYR C 286 38.35 25.95 29.77
CA TYR C 286 39.50 26.81 30.03
C TYR C 286 39.94 26.65 31.44
N GLN C 287 39.01 26.28 32.30
CA GLN C 287 39.36 26.08 33.67
C GLN C 287 40.42 24.97 33.70
N ILE C 288 40.00 23.81 33.28
CA ILE C 288 40.76 22.58 33.20
C ILE C 288 42.16 22.67 32.54
N MET C 289 42.23 23.35 31.43
CA MET C 289 43.49 23.51 30.74
C MET C 289 44.38 24.56 31.38
N SER C 290 43.86 25.16 32.45
CA SER C 290 44.59 26.20 33.16
C SER C 290 45.82 25.64 33.80
N ASN C 291 45.73 24.39 34.24
CA ASN C 291 46.80 23.63 34.85
C ASN C 291 46.92 23.77 36.35
N LYS C 292 45.89 23.95 37.06
CA LYS C 292 46.07 24.05 38.48
C LYS C 292 46.14 22.69 39.19
N LYS C 293 45.64 21.73 38.47
CA LYS C 293 45.53 20.33 38.83
C LYS C 293 46.10 19.53 37.66
N PRO C 294 47.44 19.59 37.51
CA PRO C 294 48.09 18.95 36.37
C PRO C 294 47.70 17.51 36.02
N GLU C 295 47.34 16.69 37.02
CA GLU C 295 46.92 15.31 36.78
C GLU C 295 45.86 15.24 35.77
N LEU C 296 44.94 16.14 35.93
CA LEU C 296 43.77 16.30 35.05
C LEU C 296 44.16 16.30 33.58
N ILE C 297 45.19 17.09 33.26
CA ILE C 297 45.68 17.21 31.91
C ILE C 297 46.13 15.87 31.28
N ASP C 298 46.78 15.07 32.11
CA ASP C 298 47.32 13.80 31.72
C ASP C 298 46.22 12.76 31.83
N MET C 299 45.37 13.00 32.76
CA MET C 299 44.26 12.12 32.99
C MET C 299 43.31 12.12 31.79
N LEU C 300 43.08 13.33 31.28
CA LEU C 300 42.17 13.54 30.16
C LEU C 300 42.87 13.35 28.85
N LEU C 301 44.18 13.40 28.89
CA LEU C 301 44.96 13.22 27.71
C LEU C 301 44.92 14.39 26.80
N ILE C 302 45.09 15.57 27.39
CA ILE C 302 45.07 16.75 26.57
C ILE C 302 46.30 17.57 26.85
N THR C 303 46.33 18.67 26.19
CA THR C 303 47.35 19.61 26.42
C THR C 303 46.80 20.77 27.18
N THR C 304 47.60 21.82 27.32
CA THR C 304 47.26 23.03 28.07
C THR C 304 46.97 24.21 27.10
N ASN C 305 47.28 24.02 25.83
CA ASN C 305 47.09 24.91 24.71
C ASN C 305 45.83 24.58 23.98
N PRO C 306 44.85 25.46 24.06
CA PRO C 306 43.51 25.29 23.55
C PRO C 306 43.43 25.28 22.09
N TYR C 307 44.47 25.77 21.50
CA TYR C 307 44.42 25.75 20.06
C TYR C 307 44.57 24.35 19.50
N ASP C 308 44.50 23.35 20.39
CA ASP C 308 44.61 21.92 20.04
C ASP C 308 43.22 21.32 20.00
N TYR C 309 42.25 22.16 20.37
CA TYR C 309 40.92 21.79 20.44
C TYR C 309 40.05 22.79 19.83
N HIS C 310 39.97 22.63 18.52
CA HIS C 310 39.15 23.43 17.63
C HIS C 310 37.76 23.87 18.18
N TYR C 311 37.04 22.97 18.75
CA TYR C 311 35.75 23.15 19.33
C TYR C 311 35.75 24.29 20.30
N VAL C 312 36.85 24.45 21.05
CA VAL C 312 36.96 25.46 22.09
C VAL C 312 37.92 26.63 21.91
N SER C 313 38.46 26.84 20.74
CA SER C 313 39.29 27.99 20.59
C SER C 313 38.97 28.67 19.29
N GLN C 314 37.71 28.73 18.96
CA GLN C 314 37.35 29.35 17.72
C GLN C 314 37.25 30.84 17.97
N GLY C 315 37.00 31.15 19.23
CA GLY C 315 36.86 32.53 19.57
C GLY C 315 38.04 32.93 20.36
N GLU C 316 37.83 33.19 21.67
CA GLU C 316 38.88 33.62 22.52
C GLU C 316 39.14 32.54 23.55
N ILE C 317 40.31 32.60 24.16
CA ILE C 317 40.75 31.62 25.14
C ILE C 317 40.93 32.19 26.52
N THR C 318 41.39 33.42 26.56
CA THR C 318 41.61 34.02 27.85
C THR C 318 40.88 35.35 28.05
N VAL C 319 40.43 35.51 29.29
CA VAL C 319 39.73 36.70 29.76
C VAL C 319 40.39 37.18 31.03
N PRO C 320 40.86 38.44 30.96
CA PRO C 320 41.61 39.09 32.03
C PRO C 320 40.91 39.15 33.37
N SER C 321 39.61 39.42 33.35
CA SER C 321 38.83 39.48 34.56
C SER C 321 38.54 38.16 35.24
N ILE C 322 38.94 37.04 34.59
CA ILE C 322 38.72 35.70 35.10
C ILE C 322 40.01 34.95 35.37
N ASP C 323 40.05 34.25 36.52
CA ASP C 323 41.21 33.46 36.95
C ASP C 323 40.84 32.00 36.91
N ASP C 324 40.99 31.43 35.72
CA ASP C 324 40.62 30.06 35.43
C ASP C 324 41.16 29.07 36.47
N GLN C 325 42.31 29.40 37.01
CA GLN C 325 42.97 28.57 37.99
C GLN C 325 42.24 28.48 39.29
N GLU C 326 41.69 29.61 39.72
CA GLU C 326 40.96 29.73 41.00
C GLU C 326 39.60 29.03 40.93
N GLU C 327 38.99 29.26 39.80
CA GLU C 327 37.71 28.70 39.55
C GLU C 327 37.72 27.21 39.51
N LEU C 328 38.74 26.67 38.86
CA LEU C 328 38.90 25.24 38.74
C LEU C 328 38.72 24.57 40.06
N MET C 329 39.28 25.18 41.06
CA MET C 329 39.12 24.64 42.40
C MET C 329 37.76 24.88 42.92
N ALA C 330 37.29 26.10 42.68
CA ALA C 330 35.96 26.45 43.15
C ALA C 330 34.98 25.39 42.71
N THR C 331 35.13 25.16 41.45
CA THR C 331 34.35 24.19 40.77
C THR C 331 34.53 22.88 41.41
N ASP C 332 35.78 22.49 41.44
CA ASP C 332 36.19 21.20 42.00
C ASP C 332 35.55 20.93 43.36
N SER C 333 35.87 21.84 44.25
CA SER C 333 35.37 21.82 45.62
C SER C 333 33.85 21.78 45.70
N ALA C 334 33.19 22.51 44.82
CA ALA C 334 31.79 22.53 44.79
C ALA C 334 31.22 21.13 44.52
N ILE C 335 31.89 20.44 43.61
CA ILE C 335 31.41 19.12 43.22
C ILE C 335 31.28 18.22 44.41
N ASP C 336 32.36 18.22 45.14
CA ASP C 336 32.49 17.48 46.38
C ASP C 336 31.38 17.81 47.34
N ILE C 337 31.25 19.09 47.64
CA ILE C 337 30.22 19.53 48.57
C ILE C 337 28.90 19.12 48.14
N LEU C 338 28.81 19.14 46.83
CA LEU C 338 27.59 18.73 46.25
C LEU C 338 27.31 17.22 46.43
N GLY C 339 28.28 16.51 47.00
CA GLY C 339 28.08 15.09 47.29
C GLY C 339 28.33 14.10 46.18
N PHE C 340 28.92 14.58 45.10
CA PHE C 340 29.18 13.69 44.00
C PHE C 340 30.23 12.66 44.37
N SER C 341 30.08 11.47 43.82
CA SER C 341 31.07 10.42 43.98
C SER C 341 32.33 10.74 43.19
N ALA C 342 33.48 10.31 43.68
CA ALA C 342 34.73 10.70 43.01
C ALA C 342 34.72 10.25 41.58
N ASP C 343 34.26 9.04 41.46
CA ASP C 343 34.04 8.40 40.21
C ASP C 343 33.22 9.34 39.29
N GLU C 344 32.05 9.78 39.78
CA GLU C 344 31.22 10.66 39.02
C GLU C 344 32.00 11.90 38.77
N LYS C 345 32.67 12.32 39.84
CA LYS C 345 33.49 13.51 39.73
C LYS C 345 34.61 13.26 38.79
N THR C 346 34.79 12.00 38.48
CA THR C 346 35.80 11.59 37.54
C THR C 346 35.14 11.49 36.15
N ALA C 347 33.91 10.99 36.09
CA ALA C 347 33.21 10.90 34.87
C ALA C 347 33.09 12.26 34.23
N ILE C 348 32.69 13.17 35.03
CA ILE C 348 32.49 14.55 34.64
C ILE C 348 33.70 15.05 33.97
N TYR C 349 34.81 14.88 34.65
CA TYR C 349 35.98 15.41 34.05
C TYR C 349 36.24 14.63 32.79
N LYS C 350 36.54 13.35 32.91
CA LYS C 350 36.84 12.50 31.76
C LYS C 350 35.89 12.72 30.58
N LEU C 351 34.61 12.90 30.92
CA LEU C 351 33.61 13.10 29.91
C LEU C 351 33.72 14.44 29.20
N THR C 352 34.16 15.45 29.94
CA THR C 352 34.31 16.78 29.42
C THR C 352 35.48 16.91 28.49
N GLY C 353 36.39 15.96 28.54
CA GLY C 353 37.58 15.97 27.71
C GLY C 353 37.35 15.19 26.47
N ALA C 354 36.54 14.12 26.59
CA ALA C 354 36.21 13.33 25.42
C ALA C 354 35.69 14.24 24.30
N VAL C 355 34.79 15.08 24.73
CA VAL C 355 34.12 16.06 23.92
C VAL C 355 35.11 16.95 23.20
N MET C 356 36.14 17.34 23.86
CA MET C 356 37.18 18.18 23.23
C MET C 356 37.81 17.43 22.13
N HIS C 357 38.12 16.18 22.46
CA HIS C 357 38.74 15.21 21.55
C HIS C 357 37.92 14.94 20.31
N TYR C 358 36.63 14.85 20.49
CA TYR C 358 35.78 14.60 19.38
C TYR C 358 35.98 15.60 18.26
N GLY C 359 36.03 16.80 18.64
CA GLY C 359 36.22 17.88 17.71
C GLY C 359 37.53 17.77 17.01
N ASN C 360 38.35 16.82 17.48
CA ASN C 360 39.67 16.57 16.87
C ASN C 360 39.62 15.35 15.98
N LEU C 361 38.54 14.63 16.11
CA LEU C 361 38.32 13.47 15.31
C LEU C 361 38.26 13.89 13.87
N LYS C 362 39.11 13.25 13.06
CA LYS C 362 39.26 13.54 11.66
C LYS C 362 38.97 12.34 10.79
N PHE C 363 38.48 12.65 9.60
CA PHE C 363 38.13 11.64 8.63
C PHE C 363 38.55 12.01 7.24
N LYS C 364 38.57 10.97 6.39
CA LYS C 364 38.89 11.05 4.96
C LYS C 364 38.07 10.12 4.06
N GLN C 365 37.91 10.57 2.87
CA GLN C 365 37.17 9.89 1.81
C GLN C 365 37.85 8.62 1.40
N LYS C 366 37.08 7.59 1.36
CA LYS C 366 37.61 6.33 0.93
C LYS C 366 37.84 6.53 -0.55
N GLN C 367 38.88 5.91 -1.10
CA GLN C 367 39.20 6.05 -2.53
C GLN C 367 38.15 5.48 -3.46
N ARG C 368 37.80 6.28 -4.48
CA ARG C 368 36.84 5.88 -5.49
C ARG C 368 35.45 5.72 -4.94
N GLU C 369 35.36 6.04 -3.70
CA GLU C 369 34.11 5.96 -2.98
C GLU C 369 33.91 7.32 -2.37
N GLU C 370 32.67 7.59 -2.05
CA GLU C 370 32.29 8.84 -1.44
C GLU C 370 32.06 8.59 0.05
N GLN C 371 32.64 7.50 0.52
CA GLN C 371 32.48 7.18 1.89
C GLN C 371 33.54 7.74 2.73
N ALA C 372 33.15 7.85 3.99
CA ALA C 372 34.02 8.33 5.00
C ALA C 372 34.71 7.16 5.63
N GLU C 373 36.00 7.35 5.79
CA GLU C 373 36.84 6.39 6.41
C GLU C 373 37.72 7.18 7.40
N PRO C 374 37.94 6.61 8.58
CA PRO C 374 38.74 7.21 9.60
C PRO C 374 40.09 7.64 9.13
N ASP C 375 40.51 8.83 9.54
CA ASP C 375 41.80 9.35 9.16
C ASP C 375 42.80 9.10 10.26
N GLY C 376 42.64 8.03 11.03
CA GLY C 376 43.59 7.74 12.10
C GLY C 376 42.90 7.30 13.36
N THR C 377 43.63 6.52 14.16
CA THR C 377 43.14 6.06 15.46
C THR C 377 44.11 6.50 16.53
N GLU C 378 44.23 7.78 16.62
CA GLU C 378 45.09 8.45 17.56
C GLU C 378 44.19 9.03 18.64
N VAL C 379 43.21 9.79 18.14
CA VAL C 379 42.28 10.49 18.92
C VAL C 379 41.12 9.66 19.31
N ALA C 380 40.74 8.83 18.42
CA ALA C 380 39.58 8.02 18.68
C ALA C 380 39.87 7.21 19.90
N ASP C 381 41.11 6.83 19.96
CA ASP C 381 41.63 5.95 20.99
C ASP C 381 41.39 6.55 22.33
N LYS C 382 41.69 7.84 22.39
CA LYS C 382 41.55 8.61 23.62
C LYS C 382 40.11 8.82 23.94
N ALA C 383 39.36 9.22 22.93
CA ALA C 383 37.97 9.47 23.17
C ALA C 383 37.36 8.19 23.63
N ALA C 384 37.72 7.14 22.99
CA ALA C 384 37.18 5.83 23.30
C ALA C 384 37.45 5.39 24.71
N TYR C 385 38.66 5.57 25.15
CA TYR C 385 39.09 5.16 26.46
C TYR C 385 38.46 5.99 27.56
N LEU C 386 38.44 7.27 27.32
CA LEU C 386 37.91 8.24 28.23
C LEU C 386 36.47 8.05 28.48
N MET C 387 35.77 7.47 27.49
CA MET C 387 34.34 7.22 27.62
C MET C 387 34.04 5.77 28.01
N GLY C 388 35.03 4.92 28.05
CA GLY C 388 34.84 3.53 28.38
C GLY C 388 34.26 2.78 27.19
N LEU C 389 34.80 3.10 26.02
CA LEU C 389 34.41 2.59 24.73
C LEU C 389 35.56 1.82 24.04
N ASN C 390 35.27 1.30 22.86
CA ASN C 390 36.19 0.61 22.05
C ASN C 390 36.39 1.39 20.75
N SER C 391 37.62 1.80 20.52
CA SER C 391 38.02 2.60 19.37
C SER C 391 37.35 2.21 18.09
N ALA C 392 37.42 0.95 17.80
CA ALA C 392 36.92 0.40 16.53
C ALA C 392 35.46 0.54 16.38
N GLU C 393 34.80 -0.16 17.28
CA GLU C 393 33.39 -0.28 17.33
C GLU C 393 32.83 1.06 17.14
N LEU C 394 33.53 2.01 17.77
CA LEU C 394 33.14 3.42 17.74
C LEU C 394 33.27 4.01 16.33
N LEU C 395 34.41 3.84 15.71
CA LEU C 395 34.65 4.41 14.41
C LEU C 395 33.80 3.81 13.32
N LYS C 396 33.31 2.59 13.57
CA LYS C 396 32.47 1.91 12.62
C LYS C 396 31.11 2.57 12.61
N ALA C 397 30.50 2.44 13.77
CA ALA C 397 29.19 3.00 14.09
C ALA C 397 29.09 4.39 13.51
N LEU C 398 30.16 5.14 13.72
CA LEU C 398 30.25 6.49 13.21
C LEU C 398 30.23 6.57 11.69
N CYS C 399 31.05 5.71 11.05
CA CYS C 399 31.23 5.66 9.61
C CYS C 399 30.14 4.86 8.88
N TYR C 400 29.75 3.73 9.45
CA TYR C 400 28.76 2.85 8.90
C TYR C 400 27.62 2.67 9.85
N PRO C 401 26.96 3.75 10.07
CA PRO C 401 25.78 3.82 10.90
C PRO C 401 24.84 2.72 10.54
N ARG C 402 24.57 1.82 11.47
CA ARG C 402 23.63 0.72 11.22
C ARG C 402 22.26 1.03 11.79
N VAL C 403 21.43 1.43 10.84
CA VAL C 403 20.06 1.87 10.96
C VAL C 403 19.06 0.70 10.99
N LYS C 404 17.77 1.03 11.09
CA LYS C 404 16.66 0.05 11.14
C LYS C 404 15.35 0.48 10.43
N VAL C 405 15.43 0.65 9.07
CA VAL C 405 14.33 1.02 8.14
C VAL C 405 13.51 -0.19 7.67
N GLY C 406 12.26 -0.20 8.08
CA GLY C 406 11.35 -1.28 7.78
C GLY C 406 11.14 -1.99 9.10
N ASN C 407 11.47 -3.28 9.16
CA ASN C 407 11.34 -4.02 10.41
C ASN C 407 12.65 -4.63 10.86
N GLU C 408 13.70 -4.23 10.14
CA GLU C 408 15.03 -4.70 10.39
C GLU C 408 16.00 -3.55 10.70
N PHE C 409 17.26 -3.86 10.50
CA PHE C 409 18.35 -2.96 10.73
C PHE C 409 19.33 -2.94 9.54
N VAL C 410 19.15 -1.88 8.74
CA VAL C 410 19.90 -1.62 7.52
C VAL C 410 21.14 -0.78 7.68
N THR C 411 22.27 -1.37 7.38
CA THR C 411 23.52 -0.63 7.49
C THR C 411 23.72 0.42 6.42
N LYS C 412 23.82 1.67 6.89
CA LYS C 412 23.97 2.88 6.08
C LYS C 412 25.34 3.51 6.15
N GLY C 413 25.78 3.95 4.97
CA GLY C 413 27.05 4.60 4.82
C GLY C 413 26.95 6.13 4.79
N GLN C 414 27.91 6.77 5.42
CA GLN C 414 27.93 8.20 5.49
C GLN C 414 29.10 8.86 4.80
N THR C 415 28.93 10.15 4.53
CA THR C 415 29.92 10.96 3.90
C THR C 415 30.79 11.62 4.93
N VAL C 416 31.88 12.20 4.46
CA VAL C 416 32.80 12.87 5.31
C VAL C 416 32.01 13.97 6.04
N SER C 417 31.37 14.79 5.27
CA SER C 417 30.55 15.88 5.82
C SER C 417 29.52 15.40 6.78
N GLN C 418 29.04 14.20 6.58
CA GLN C 418 28.01 13.66 7.44
C GLN C 418 28.53 13.24 8.79
N VAL C 419 29.78 12.80 8.80
CA VAL C 419 30.38 12.31 10.02
C VAL C 419 30.70 13.45 10.91
N HIS C 420 31.47 14.36 10.37
CA HIS C 420 31.91 15.55 11.09
C HIS C 420 30.73 16.16 11.78
N ASN C 421 29.61 16.17 11.09
CA ASN C 421 28.41 16.75 11.63
C ASN C 421 27.83 15.82 12.68
N SER C 422 27.85 14.51 12.47
CA SER C 422 27.26 13.66 13.51
C SER C 422 28.02 13.68 14.82
N VAL C 423 29.29 13.72 14.68
CA VAL C 423 30.18 13.76 15.80
C VAL C 423 29.79 14.94 16.66
N GLY C 424 29.78 16.08 16.01
CA GLY C 424 29.39 17.30 16.64
C GLY C 424 28.05 17.16 17.31
N ALA C 425 27.18 16.38 16.70
CA ALA C 425 25.91 16.18 17.33
C ALA C 425 25.97 15.42 18.61
N LEU C 426 26.87 14.44 18.65
CA LEU C 426 26.97 13.70 19.92
C LEU C 426 27.65 14.54 21.00
N ALA C 427 28.76 15.22 20.61
CA ALA C 427 29.51 16.07 21.46
C ALA C 427 28.56 16.94 22.21
N LYS C 428 27.70 17.60 21.46
CA LYS C 428 26.70 18.46 22.05
C LYS C 428 25.73 17.67 22.89
N ALA C 429 25.21 16.59 22.30
CA ALA C 429 24.24 15.77 23.00
C ALA C 429 24.73 15.34 24.36
N VAL C 430 25.91 14.77 24.37
CA VAL C 430 26.55 14.31 25.58
C VAL C 430 26.74 15.34 26.66
N TYR C 431 27.30 16.47 26.24
CA TYR C 431 27.51 17.60 27.13
C TYR C 431 26.24 18.00 27.83
N GLU C 432 25.21 18.26 27.00
CA GLU C 432 23.92 18.61 27.49
C GLU C 432 23.44 17.72 28.57
N LYS C 433 23.06 16.54 28.17
CA LYS C 433 22.61 15.45 29.06
C LYS C 433 23.33 15.47 30.39
N MET C 434 24.63 15.48 30.29
CA MET C 434 25.50 15.51 31.45
C MET C 434 25.12 16.65 32.34
N PHE C 435 25.04 17.78 31.70
CA PHE C 435 24.67 18.98 32.41
C PHE C 435 23.38 18.79 33.10
N LEU C 436 22.46 18.12 32.38
CA LEU C 436 21.16 17.87 32.98
C LEU C 436 21.29 16.99 34.19
N TRP C 437 22.07 15.95 34.02
CA TRP C 437 22.31 15.01 35.08
C TRP C 437 22.84 15.67 36.33
N MET C 438 23.90 16.47 36.14
CA MET C 438 24.54 17.17 37.24
C MET C 438 23.50 17.88 38.03
N VAL C 439 22.62 18.55 37.29
CA VAL C 439 21.56 19.26 37.97
C VAL C 439 20.74 18.32 38.81
N ILE C 440 20.28 17.25 38.22
CA ILE C 440 19.52 16.25 38.95
C ILE C 440 20.25 15.78 40.19
N ARG C 441 21.47 15.43 40.01
CA ARG C 441 22.24 14.95 41.12
C ARG C 441 22.30 16.00 42.20
N ILE C 442 22.39 17.24 41.78
CA ILE C 442 22.44 18.33 42.74
C ILE C 442 21.15 18.27 43.54
N ASN C 443 20.05 18.38 42.82
CA ASN C 443 18.71 18.33 43.34
C ASN C 443 18.59 17.21 44.35
N GLN C 444 19.25 16.10 44.03
CA GLN C 444 19.18 14.95 44.88
C GLN C 444 19.74 15.12 46.25
N GLN C 445 20.80 15.86 46.29
CA GLN C 445 21.41 16.13 47.56
C GLN C 445 20.55 17.16 48.26
N LEU C 446 20.06 18.09 47.47
CA LEU C 446 19.24 19.18 47.99
C LEU C 446 17.89 18.70 48.45
N ASP C 447 18.52 15.26 48.63
CA ASP C 447 17.48 14.24 48.67
C ASP C 447 17.38 13.68 50.07
N THR C 448 16.19 13.83 50.61
CA THR C 448 16.01 13.30 51.93
C THR C 448 14.93 12.27 51.85
N LYS C 449 14.81 11.53 52.93
CA LYS C 449 13.81 10.50 53.03
C LYS C 449 12.46 11.05 53.50
N GLN C 450 12.50 12.08 54.37
CA GLN C 450 11.30 12.72 54.89
C GLN C 450 10.24 12.98 53.83
N PRO C 451 8.98 12.85 54.23
CA PRO C 451 7.87 13.01 53.31
C PRO C 451 7.78 14.42 52.81
N ARG C 452 7.19 14.53 51.62
CA ARG C 452 6.99 15.79 50.91
C ARG C 452 5.52 15.87 50.50
N GLN C 453 4.90 17.05 50.74
CA GLN C 453 3.49 17.16 50.37
C GLN C 453 3.27 18.16 49.27
N TYR C 454 4.14 19.16 49.28
CA TYR C 454 4.11 20.22 48.26
C TYR C 454 5.45 20.85 48.10
N PHE C 455 5.56 21.61 47.01
CA PHE C 455 6.82 22.26 46.71
C PHE C 455 6.57 23.65 46.19
N ILE C 456 7.62 24.44 46.17
CA ILE C 456 7.52 25.77 45.65
C ILE C 456 8.63 25.95 44.64
N GLY C 457 8.23 26.06 43.39
CA GLY C 457 9.19 26.18 42.34
C GLY C 457 9.56 27.60 42.05
N VAL C 458 10.88 27.74 41.95
CA VAL C 458 11.49 28.99 41.67
C VAL C 458 12.23 28.87 40.36
N LEU C 459 11.70 29.50 39.36
CA LEU C 459 12.24 29.47 38.04
C LEU C 459 12.96 30.75 37.69
N ASP C 460 14.19 30.60 37.27
CA ASP C 460 15.07 31.67 36.84
C ASP C 460 15.61 31.32 35.47
N ILE C 461 15.27 32.13 34.50
CA ILE C 461 15.61 32.01 33.11
C ILE C 461 15.57 33.40 32.52
N ALA C 462 16.06 33.51 31.31
CA ALA C 462 16.03 34.73 30.59
C ALA C 462 14.74 35.02 29.87
N GLY C 463 14.60 36.32 29.58
CA GLY C 463 13.44 36.76 28.91
C GLY C 463 13.78 37.12 27.53
N PHE C 464 12.74 37.12 26.75
CA PHE C 464 12.76 37.47 25.37
C PHE C 464 13.60 38.70 25.16
N GLU C 465 14.68 38.46 24.46
CA GLU C 465 15.63 39.49 24.11
C GLU C 465 15.70 39.50 22.58
N ILE C 466 15.76 40.69 22.07
CA ILE C 466 15.82 40.80 20.64
C ILE C 466 17.13 41.37 20.24
N PHE C 467 17.79 40.74 19.33
CA PHE C 467 19.03 41.28 18.90
C PHE C 467 19.03 41.46 17.43
N ASP C 468 19.90 42.32 16.96
CA ASP C 468 19.95 42.53 15.54
C ASP C 468 20.33 41.22 14.92
N PHE C 469 21.02 40.41 15.76
CA PHE C 469 21.43 39.09 15.36
C PHE C 469 20.80 38.00 16.19
N ASN C 470 19.87 37.27 15.61
CA ASN C 470 19.24 36.22 16.34
C ASN C 470 19.55 34.87 15.76
N SER C 471 20.22 34.10 16.56
CA SER C 471 20.56 32.78 16.13
C SER C 471 19.80 31.77 16.93
N PHE C 472 20.20 30.53 16.70
CA PHE C 472 19.57 29.35 17.26
C PHE C 472 19.23 29.48 18.72
N GLU C 473 20.20 29.92 19.46
CA GLU C 473 20.02 30.07 20.92
C GLU C 473 18.85 30.99 21.25
N GLN C 474 18.65 32.02 20.43
CA GLN C 474 17.61 32.97 20.62
C GLN C 474 16.23 32.35 20.44
N LEU C 475 16.14 31.55 19.41
CA LEU C 475 14.90 30.85 19.17
C LEU C 475 14.53 30.02 20.41
N CYS C 476 15.48 29.21 20.89
CA CYS C 476 15.24 28.37 22.02
C CYS C 476 14.73 29.18 23.21
N ILE C 477 15.37 30.29 23.48
CA ILE C 477 14.94 31.08 24.61
C ILE C 477 13.62 31.75 24.36
N ASN C 478 13.49 32.38 23.19
CA ASN C 478 12.26 33.08 22.86
C ASN C 478 11.11 32.14 22.94
N PHE C 479 11.32 30.97 22.40
CA PHE C 479 10.30 29.98 22.42
C PHE C 479 9.90 29.67 23.83
N THR C 480 10.91 29.66 24.73
CA THR C 480 10.60 29.35 26.09
C THR C 480 9.70 30.40 26.63
N ASN C 481 10.08 31.63 26.38
CA ASN C 481 9.32 32.76 26.88
C ASN C 481 7.92 32.85 26.26
N GLU C 482 7.81 32.66 24.96
CA GLU C 482 6.50 32.80 24.39
C GLU C 482 5.53 31.80 24.98
N LYS C 483 6.04 30.78 25.57
CA LYS C 483 5.27 29.75 26.17
C LYS C 483 4.84 30.22 27.52
N LEU C 484 5.83 30.65 28.29
CA LEU C 484 5.69 31.19 29.64
C LEU C 484 4.60 32.25 29.69
N GLN C 485 4.65 33.13 28.68
CA GLN C 485 3.68 34.19 28.50
C GLN C 485 2.25 33.70 28.39
N GLN C 486 2.03 32.75 27.49
CA GLN C 486 0.74 32.14 27.28
C GLN C 486 0.27 31.54 28.53
N PHE C 487 1.26 31.13 29.29
CA PHE C 487 1.01 30.46 30.57
C PHE C 487 0.36 31.37 31.55
N PHE C 488 0.80 32.60 31.45
CA PHE C 488 0.27 33.67 32.24
C PHE C 488 -1.10 34.12 31.75
N ASN C 489 -1.14 34.57 30.50
CA ASN C 489 -2.34 35.04 29.82
C ASN C 489 -3.54 34.16 30.12
N HIS C 490 -3.26 32.91 30.35
CA HIS C 490 -4.31 31.99 30.63
C HIS C 490 -4.73 32.11 32.07
N HIS C 491 -3.73 32.03 32.94
CA HIS C 491 -3.93 32.09 34.39
C HIS C 491 -4.71 33.34 34.69
N MET C 492 -4.50 34.34 33.89
CA MET C 492 -5.19 35.56 34.07
C MET C 492 -6.62 35.48 33.59
N PHE C 493 -6.79 34.69 32.57
CA PHE C 493 -8.08 34.54 32.03
C PHE C 493 -8.90 33.74 32.95
N VAL C 494 -8.32 32.77 33.48
CA VAL C 494 -8.99 31.96 34.44
C VAL C 494 -9.37 32.78 35.62
N LEU C 495 -8.39 33.50 36.13
CA LEU C 495 -8.48 34.38 37.29
C LEU C 495 -9.54 35.45 37.16
N GLU C 496 -9.43 36.21 36.07
CA GLU C 496 -10.38 37.27 35.77
C GLU C 496 -11.82 36.79 35.91
N GLN C 497 -12.12 35.80 35.11
CA GLN C 497 -13.37 35.15 35.00
C GLN C 497 -13.97 34.69 36.34
N GLU C 498 -13.15 34.58 37.34
CA GLU C 498 -13.65 34.16 38.62
C GLU C 498 -14.37 35.35 39.24
N GLU C 499 -13.75 36.53 39.09
CA GLU C 499 -14.31 37.75 39.66
C GLU C 499 -15.68 37.98 39.08
N TYR C 500 -15.73 38.12 37.78
CA TYR C 500 -17.01 38.32 37.16
C TYR C 500 -18.05 37.26 37.55
N LYS C 501 -17.58 36.18 38.16
CA LYS C 501 -18.41 35.08 38.55
C LYS C 501 -18.78 35.26 40.00
N LYS C 502 -17.79 35.74 40.74
CA LYS C 502 -17.94 36.03 42.17
C LYS C 502 -18.93 37.21 42.30
N GLU C 503 -18.66 38.27 41.58
CA GLU C 503 -19.49 39.44 41.60
C GLU C 503 -20.82 39.22 40.90
N GLY C 504 -20.79 38.63 39.76
CA GLY C 504 -22.08 38.50 39.17
C GLY C 504 -22.14 39.38 37.98
N ILE C 505 -20.97 39.80 37.52
CA ILE C 505 -20.97 40.59 36.32
C ILE C 505 -21.18 39.66 35.16
N GLU C 506 -21.61 40.21 34.04
CA GLU C 506 -21.83 39.41 32.90
C GLU C 506 -20.85 39.76 31.79
N TRP C 507 -19.67 39.13 31.85
CA TRP C 507 -18.62 39.36 30.88
C TRP C 507 -18.16 38.06 30.26
N GLU C 508 -18.25 37.94 28.91
CA GLU C 508 -17.77 36.73 28.28
C GLU C 508 -16.52 36.99 27.50
N PHE C 509 -15.60 36.06 27.64
CA PHE C 509 -14.38 36.22 26.96
C PHE C 509 -13.64 34.90 26.81
N ILE C 510 -12.93 34.89 25.71
CA ILE C 510 -12.07 33.85 25.22
C ILE C 510 -10.73 33.89 25.97
N ASP C 511 -10.12 32.72 26.17
CA ASP C 511 -8.84 32.55 26.81
C ASP C 511 -7.87 33.52 26.24
N PHE C 512 -7.02 34.17 27.03
CA PHE C 512 -6.11 35.11 26.41
C PHE C 512 -4.91 34.44 25.88
N GLY C 513 -4.71 33.20 26.26
CA GLY C 513 -3.57 32.48 25.75
C GLY C 513 -3.63 32.30 24.23
N MET C 514 -4.77 31.84 23.81
CA MET C 514 -5.12 31.53 22.47
C MET C 514 -4.47 32.39 21.47
N ASP C 515 -4.26 33.61 21.84
CA ASP C 515 -3.68 34.49 20.83
C ASP C 515 -2.30 34.02 20.41
N LEU C 516 -1.64 33.33 21.32
CA LEU C 516 -0.29 32.90 21.02
C LEU C 516 -0.11 31.53 20.44
N ALA C 517 -1.14 30.71 20.54
CA ALA C 517 -1.06 29.35 20.03
C ALA C 517 -0.54 29.26 18.61
N ALA C 518 -0.83 30.25 17.81
CA ALA C 518 -0.37 30.28 16.46
C ALA C 518 1.12 30.15 16.43
N CYS C 519 1.81 31.03 17.12
CA CYS C 519 3.26 30.98 17.10
C CYS C 519 3.83 29.70 17.67
N ILE C 520 3.32 29.31 18.80
CA ILE C 520 3.80 28.06 19.37
C ILE C 520 3.69 26.86 18.44
N GLU C 521 2.49 26.62 17.87
CA GLU C 521 2.34 25.47 16.98
C GLU C 521 3.41 25.43 15.89
N LEU C 522 3.70 26.56 15.31
CA LEU C 522 4.64 26.72 14.20
C LEU C 522 6.03 26.25 14.59
N ILE C 523 6.35 26.40 15.85
CA ILE C 523 7.66 25.98 16.33
C ILE C 523 7.73 24.54 16.76
N GLU C 524 6.85 24.17 17.66
CA GLU C 524 6.81 22.87 18.28
C GLU C 524 6.05 21.75 17.60
N LYS C 525 5.13 22.07 16.72
CA LYS C 525 4.35 21.07 16.07
C LYS C 525 5.20 20.32 15.07
N PRO C 526 4.67 19.17 14.61
CA PRO C 526 5.36 18.28 13.69
C PRO C 526 5.95 18.82 12.40
N MET C 527 5.23 19.63 11.64
CA MET C 527 5.95 20.03 10.44
C MET C 527 6.60 21.37 10.64
N GLY C 528 6.63 21.78 11.91
CA GLY C 528 7.19 23.04 12.34
C GLY C 528 8.71 23.08 12.45
N ILE C 529 9.24 24.30 12.52
CA ILE C 529 10.66 24.62 12.56
C ILE C 529 11.59 23.62 13.15
N PHE C 530 11.35 23.30 14.39
CA PHE C 530 12.18 22.31 15.06
C PHE C 530 12.27 21.01 14.31
N SER C 531 11.10 20.44 13.96
CA SER C 531 11.08 19.21 13.20
C SER C 531 11.92 19.28 11.94
N ILE C 532 11.55 20.21 11.07
CA ILE C 532 12.33 20.43 9.85
C ILE C 532 13.81 20.59 10.21
N LEU C 533 14.04 21.18 11.37
CA LEU C 533 15.37 21.32 11.84
C LEU C 533 15.97 20.01 12.26
N GLU C 534 15.23 19.26 13.01
CA GLU C 534 15.76 18.00 13.48
C GLU C 534 15.67 16.85 12.52
N GLU C 535 15.08 17.09 11.36
CA GLU C 535 14.97 15.96 10.43
C GLU C 535 16.21 16.02 9.62
N GLU C 536 16.34 17.19 8.99
CA GLU C 536 17.49 17.48 8.15
C GLU C 536 18.81 17.06 8.82
N CYS C 537 18.80 17.04 10.13
CA CYS C 537 19.96 16.69 10.87
C CYS C 537 20.28 15.24 10.65
N MET C 538 19.35 14.56 10.02
CA MET C 538 19.47 13.10 9.77
C MET C 538 20.02 12.82 8.38
N PHE C 539 20.02 13.85 7.55
CA PHE C 539 20.50 13.80 6.21
C PHE C 539 22.01 14.10 6.19
N PRO C 540 22.77 13.08 5.96
CA PRO C 540 24.22 13.10 5.94
C PRO C 540 24.81 14.15 5.05
N LYS C 541 24.04 14.71 4.20
CA LYS C 541 24.57 15.67 3.20
C LYS C 541 23.65 16.87 3.05
N ALA C 542 23.12 17.31 4.18
CA ALA C 542 22.23 18.46 4.16
C ALA C 542 23.01 19.73 4.42
N THR C 543 22.42 20.85 4.05
CA THR C 543 23.07 22.13 4.24
C THR C 543 22.16 23.03 5.00
N ASP C 544 22.75 24.08 5.53
CA ASP C 544 21.99 25.08 6.24
C ASP C 544 21.00 25.56 5.16
N THR C 545 21.55 25.77 3.98
CA THR C 545 20.80 26.19 2.82
C THR C 545 19.71 25.20 2.50
N SER C 546 20.04 23.93 2.60
CA SER C 546 19.06 22.90 2.36
C SER C 546 17.90 23.10 3.29
N PHE C 547 18.23 23.04 4.58
CA PHE C 547 17.31 23.25 5.67
C PHE C 547 16.44 24.42 5.44
N LYS C 548 17.10 25.51 5.06
CA LYS C 548 16.39 26.76 4.82
C LYS C 548 15.23 26.53 3.86
N ASN C 549 15.54 26.04 2.68
CA ASN C 549 14.52 25.83 1.67
C ASN C 549 13.38 24.99 2.19
N LYS C 550 13.73 23.98 2.97
CA LYS C 550 12.69 23.10 3.46
C LYS C 550 11.78 23.86 4.36
N LEU C 551 12.38 24.81 5.03
CA LEU C 551 11.64 25.64 5.93
C LEU C 551 10.63 26.43 5.14
N TYR C 552 11.06 26.96 4.02
CA TYR C 552 10.15 27.82 3.26
C TYR C 552 9.07 27.07 2.54
N ASP C 553 9.50 26.21 1.63
CA ASP C 553 8.60 25.41 0.79
C ASP C 553 7.37 24.98 1.56
N GLN C 554 7.60 24.74 2.85
CA GLN C 554 6.53 24.27 3.73
C GLN C 554 5.82 25.30 4.56
N HIS C 555 6.47 26.40 4.91
CA HIS C 555 5.74 27.33 5.75
C HIS C 555 5.41 28.63 5.07
N LEU C 556 6.27 29.02 4.15
CA LEU C 556 6.07 30.26 3.47
C LEU C 556 4.81 30.35 2.63
N GLY C 557 4.12 31.45 2.87
CA GLY C 557 2.88 31.78 2.21
C GLY C 557 1.70 31.06 2.86
N LYS C 558 2.00 29.92 3.47
CA LYS C 558 1.01 29.10 4.10
C LYS C 558 0.83 29.42 5.56
N SER C 559 1.85 30.07 6.10
CA SER C 559 1.82 30.44 7.51
C SER C 559 2.06 31.91 7.74
N ASN C 560 1.19 32.45 8.57
CA ASN C 560 1.12 33.87 8.82
C ASN C 560 2.24 34.38 9.72
N ASN C 561 2.56 33.59 10.70
CA ASN C 561 3.56 34.00 11.63
C ASN C 561 4.93 33.86 11.03
N PHE C 562 4.91 33.20 9.91
CA PHE C 562 6.11 32.92 9.12
C PHE C 562 6.29 33.99 8.06
N GLN C 563 7.50 34.51 7.98
CA GLN C 563 7.78 35.60 7.09
C GLN C 563 9.23 35.58 6.64
N LYS C 564 9.50 36.25 5.53
CA LYS C 564 10.85 36.38 5.00
C LYS C 564 11.36 37.74 5.43
N PRO C 565 12.59 37.79 5.94
CA PRO C 565 13.18 39.01 6.43
C PRO C 565 13.23 40.14 5.43
N LYS C 566 13.02 41.34 6.01
CA LYS C 566 13.06 42.63 5.36
C LYS C 566 14.45 43.22 5.56
N PRO C 567 15.31 43.13 4.53
CA PRO C 567 16.67 43.64 4.65
C PRO C 567 16.74 45.08 5.20
N ALA C 568 17.72 45.32 6.09
CA ALA C 568 17.95 46.61 6.73
C ALA C 568 19.43 46.80 7.13
N ALA C 572 23.27 42.30 10.82
CA ALA C 572 23.63 41.34 9.78
C ALA C 572 22.48 40.93 8.86
N GLU C 573 22.53 39.66 8.45
CA GLU C 573 21.58 39.04 7.53
C GLU C 573 20.42 38.36 8.27
N ALA C 574 19.45 37.83 7.51
CA ALA C 574 18.36 37.19 8.16
C ALA C 574 17.71 36.18 7.23
N HIS C 575 17.20 35.10 7.78
CA HIS C 575 16.59 34.13 6.92
C HIS C 575 15.15 33.97 7.16
N PHE C 576 14.76 34.36 8.34
CA PHE C 576 13.37 34.22 8.61
C PHE C 576 12.98 34.85 9.87
N SER C 577 11.86 35.50 9.76
CA SER C 577 11.32 36.20 10.84
C SER C 577 10.10 35.47 11.29
N LEU C 578 9.87 35.62 12.55
CA LEU C 578 8.74 35.09 13.23
C LEU C 578 7.98 36.19 13.95
N VAL C 579 6.73 35.95 14.16
CA VAL C 579 5.91 36.93 14.83
C VAL C 579 5.49 36.52 16.23
N HIS C 580 6.39 36.78 17.15
CA HIS C 580 6.19 36.45 18.56
C HIS C 580 5.31 37.50 19.20
N TYR C 581 4.79 37.21 20.41
CA TYR C 581 3.95 38.20 21.06
C TYR C 581 4.63 39.56 21.24
N ALA C 582 5.93 39.50 21.59
CA ALA C 582 6.73 40.71 21.82
C ALA C 582 7.03 41.50 20.54
N GLY C 583 7.05 40.76 19.45
CA GLY C 583 7.29 41.34 18.15
C GLY C 583 7.92 40.36 17.17
N THR C 584 8.50 40.95 16.11
CA THR C 584 9.12 40.24 15.02
C THR C 584 10.57 39.99 15.24
N VAL C 585 10.94 38.74 15.15
CA VAL C 585 12.34 38.40 15.36
C VAL C 585 12.91 37.85 14.05
N ASP C 586 14.01 38.46 13.68
CA ASP C 586 14.71 38.11 12.46
C ASP C 586 15.79 37.09 12.80
N TYR C 587 15.58 35.87 12.33
CA TYR C 587 16.47 34.74 12.64
C TYR C 587 17.41 34.39 11.52
N ASN C 588 18.67 34.17 11.91
CA ASN C 588 19.75 33.74 11.03
C ASN C 588 20.05 32.29 11.30
N ILE C 589 19.94 31.50 10.28
CA ILE C 589 20.12 30.05 10.29
C ILE C 589 21.49 29.60 9.88
N SER C 590 22.50 29.83 10.65
CA SER C 590 23.75 29.42 10.10
C SER C 590 24.63 28.79 11.14
N GLY C 591 24.57 27.49 11.16
CA GLY C 591 25.38 26.73 12.06
C GLY C 591 24.49 25.81 12.77
N TRP C 592 23.22 26.12 12.47
CA TRP C 592 22.18 25.41 13.18
C TRP C 592 22.31 23.95 13.08
N LEU C 593 22.43 23.53 11.82
CA LEU C 593 22.52 22.09 11.53
C LEU C 593 23.55 21.43 12.41
N GLU C 594 24.72 22.02 12.40
CA GLU C 594 25.83 21.56 13.24
C GLU C 594 25.57 21.60 14.72
N LYS C 595 25.31 22.82 15.17
CA LYS C 595 25.05 23.11 16.57
C LYS C 595 24.06 22.15 17.07
N ASN C 596 23.13 21.86 16.19
CA ASN C 596 22.08 20.94 16.54
C ASN C 596 22.55 19.46 16.53
N LYS C 597 23.67 19.15 15.95
CA LYS C 597 24.10 17.74 15.86
C LYS C 597 25.03 17.31 16.97
N ASP C 598 25.64 18.30 17.59
CA ASP C 598 26.58 18.08 18.65
C ASP C 598 27.59 17.04 18.27
N PRO C 599 18.43 14.78 15.70
CA PRO C 599 18.98 13.60 15.08
C PRO C 599 20.32 13.19 15.68
N LEU C 600 20.36 11.95 16.15
CA LEU C 600 21.54 11.36 16.78
C LEU C 600 21.81 9.95 16.25
N ASN C 601 23.06 9.63 15.91
CA ASN C 601 23.42 8.31 15.43
C ASN C 601 23.26 7.30 16.51
N GLU C 602 22.18 6.62 16.39
CA GLU C 602 21.76 5.62 17.33
C GLU C 602 22.68 4.45 17.53
N THR C 603 23.58 4.21 16.58
CA THR C 603 24.48 3.11 16.72
C THR C 603 25.44 3.41 17.84
N VAL C 604 25.96 4.61 17.75
CA VAL C 604 26.89 5.13 18.75
C VAL C 604 26.28 5.17 20.14
N ILE C 605 25.10 5.73 20.19
CA ILE C 605 24.39 5.85 21.43
C ILE C 605 24.32 4.50 22.05
N GLY C 606 24.30 3.53 21.15
CA GLY C 606 24.23 2.15 21.59
C GLY C 606 25.40 1.88 22.47
N LEU C 607 26.55 2.17 21.90
CA LEU C 607 27.82 1.99 22.59
C LEU C 607 27.83 2.67 23.94
N TYR C 608 27.31 3.90 23.96
CA TYR C 608 27.31 4.65 25.20
C TYR C 608 26.53 3.85 26.19
N GLN C 609 25.39 3.45 25.72
CA GLN C 609 24.46 2.71 26.54
C GLN C 609 25.09 1.50 27.24
N LYS C 610 26.19 1.01 26.70
CA LYS C 610 26.87 -0.13 27.29
C LYS C 610 28.33 0.18 27.62
N SER C 611 28.56 1.41 28.05
CA SER C 611 29.88 1.85 28.44
C SER C 611 30.36 1.27 29.75
N SER C 612 31.65 1.36 29.94
CA SER C 612 32.26 0.88 31.18
C SER C 612 32.21 2.01 32.20
N VAL C 613 31.83 3.18 31.69
CA VAL C 613 31.71 4.39 32.46
C VAL C 613 30.25 4.66 32.74
N LYS C 614 29.78 4.03 33.80
CA LYS C 614 28.42 3.96 34.29
C LYS C 614 27.63 5.22 34.05
N THR C 615 28.21 6.28 34.51
CA THR C 615 27.64 7.60 34.36
C THR C 615 27.27 7.88 32.91
N LEU C 616 28.20 7.65 32.02
CA LEU C 616 27.94 7.85 30.61
C LEU C 616 26.85 6.95 30.22
N ALA C 617 26.93 5.74 30.75
CA ALA C 617 25.88 4.79 30.45
C ALA C 617 24.55 5.33 30.90
N LEU C 618 24.52 5.86 32.07
CA LEU C 618 23.28 6.37 32.59
C LEU C 618 22.59 7.41 31.77
N LEU C 619 23.34 8.49 31.53
CA LEU C 619 22.88 9.65 30.78
C LEU C 619 22.01 9.30 29.60
N PHE C 620 22.30 8.15 28.99
CA PHE C 620 21.59 7.77 27.75
C PHE C 620 20.79 6.46 27.94
N ALA C 621 19.89 6.39 28.94
CA ALA C 621 19.04 5.21 29.18
C ALA C 621 17.58 5.44 28.77
N THR C 622 17.27 6.70 28.67
CA THR C 622 15.98 7.22 28.29
C THR C 622 15.84 7.26 26.75
N TYR C 623 16.84 6.77 26.06
CA TYR C 623 16.83 6.79 24.65
C TYR C 623 15.98 5.66 24.07
N GLN C 644 19.84 11.35 17.93
CA GLN C 644 19.27 12.35 18.84
C GLN C 644 19.93 13.73 18.74
N THR C 645 19.05 14.71 18.55
CA THR C 645 19.40 16.09 18.40
C THR C 645 19.46 16.87 19.72
N VAL C 646 19.95 18.10 19.65
CA VAL C 646 20.10 18.98 20.77
C VAL C 646 18.77 19.58 21.11
N SER C 647 18.13 20.09 20.08
CA SER C 647 16.82 20.69 20.20
C SER C 647 15.83 19.66 20.64
N ALA C 648 16.14 18.39 20.36
CA ALA C 648 15.31 17.26 20.76
C ALA C 648 15.04 17.20 22.25
N LEU C 649 16.02 17.55 23.05
CA LEU C 649 15.86 17.54 24.52
C LEU C 649 15.19 18.75 25.03
N PHE C 650 15.87 19.86 24.68
CA PHE C 650 15.47 21.21 25.02
C PHE C 650 13.94 21.22 25.12
N ARG C 651 13.34 20.65 24.10
CA ARG C 651 11.93 20.51 24.01
C ARG C 651 11.43 19.63 25.18
N GLU C 652 11.98 18.43 25.33
CA GLU C 652 11.64 17.42 26.35
C GLU C 652 11.74 17.96 27.77
N ASN C 653 12.76 18.76 27.95
CA ASN C 653 13.05 19.39 29.20
C ASN C 653 12.05 20.53 29.41
N LEU C 654 11.87 21.30 28.37
CA LEU C 654 10.92 22.41 28.35
C LEU C 654 9.50 21.93 28.52
N ASN C 655 9.28 20.65 28.36
CA ASN C 655 7.93 20.11 28.50
C ASN C 655 7.67 19.63 29.87
N LYS C 656 8.70 19.03 30.39
CA LYS C 656 8.73 18.46 31.69
C LYS C 656 8.59 19.59 32.68
N LEU C 657 8.97 20.77 32.21
CA LEU C 657 9.00 22.00 32.98
C LEU C 657 7.68 22.66 32.99
N MET C 658 7.21 23.00 31.79
CA MET C 658 5.91 23.65 31.60
C MET C 658 4.79 22.78 32.19
N ALA C 659 5.09 21.51 32.47
CA ALA C 659 4.12 20.59 33.04
C ALA C 659 4.15 20.74 34.53
N ASN C 660 5.34 20.97 35.02
CA ASN C 660 5.58 21.13 36.44
C ASN C 660 5.01 22.50 36.82
N LEU C 661 5.06 23.40 35.85
CA LEU C 661 4.60 24.75 36.03
C LEU C 661 3.08 24.80 36.17
N ARG C 662 2.38 23.85 35.53
CA ARG C 662 0.93 23.74 35.53
C ARG C 662 0.34 23.28 36.85
N SER C 663 0.92 22.20 37.42
CA SER C 663 0.48 21.68 38.72
C SER C 663 0.96 22.59 39.81
N THR C 664 1.01 23.87 39.43
CA THR C 664 1.49 24.94 40.25
C THR C 664 0.58 26.12 40.19
N HIS C 665 0.58 26.87 41.30
CA HIS C 665 -0.08 28.17 41.36
C HIS C 665 0.94 29.26 41.04
N PRO C 666 0.96 29.71 39.82
CA PRO C 666 1.93 30.61 39.30
C PRO C 666 1.94 31.93 40.04
N HIS C 667 3.17 32.35 40.40
CA HIS C 667 3.48 33.58 41.04
C HIS C 667 4.58 34.22 40.20
N PHE C 668 4.31 35.40 39.69
CA PHE C 668 5.16 36.15 38.77
C PHE C 668 5.97 37.32 39.32
N VAL C 669 7.20 37.41 38.89
CA VAL C 669 8.17 38.42 39.23
C VAL C 669 8.98 38.86 38.02
N ARG C 670 8.89 40.11 37.65
CA ARG C 670 9.55 40.72 36.51
C ARG C 670 10.64 41.68 36.97
N CYS C 671 11.90 41.34 36.66
CA CYS C 671 13.04 42.14 37.05
C CYS C 671 13.41 43.15 35.98
N ILE C 672 13.67 44.39 36.35
CA ILE C 672 13.98 45.45 35.41
C ILE C 672 15.33 46.15 35.58
N ILE C 673 15.87 46.62 34.47
CA ILE C 673 17.16 47.26 34.38
C ILE C 673 17.02 48.67 33.83
N PRO C 674 17.25 49.61 34.73
CA PRO C 674 17.10 51.02 34.58
C PRO C 674 17.88 51.67 33.49
N ASN C 675 19.20 51.63 33.60
CA ASN C 675 20.06 52.24 32.59
C ASN C 675 21.32 51.46 32.34
N GLU C 676 21.65 51.33 31.06
CA GLU C 676 22.83 50.60 30.64
C GLU C 676 24.07 51.11 31.34
N THR C 677 24.03 52.38 31.68
CA THR C 677 25.15 53.04 32.32
C THR C 677 25.35 52.74 33.79
N LYS C 678 24.55 51.90 34.44
CA LYS C 678 24.82 51.64 35.87
C LYS C 678 24.76 52.84 36.81
N THR C 679 23.60 53.42 36.95
CA THR C 679 23.44 54.60 37.79
C THR C 679 22.20 54.46 38.61
N PRO C 680 22.32 54.56 39.90
CA PRO C 680 21.14 54.44 40.72
C PRO C 680 20.26 55.66 40.50
N GLY C 681 18.97 55.51 40.81
CA GLY C 681 17.96 56.54 40.66
C GLY C 681 17.73 57.05 39.23
N ALA C 682 18.14 56.30 38.23
CA ALA C 682 17.97 56.76 36.85
C ALA C 682 17.31 55.75 35.91
N MET C 683 16.82 56.22 34.79
CA MET C 683 16.15 55.31 33.92
C MET C 683 16.13 55.66 32.44
N GLU C 684 16.65 54.84 31.54
CA GLU C 684 16.44 55.35 30.18
C GLU C 684 15.05 54.93 29.83
N HIS C 685 14.37 55.78 29.12
CA HIS C 685 13.01 55.44 28.78
C HIS C 685 12.83 54.21 27.94
N GLU C 686 13.14 54.39 26.68
CA GLU C 686 12.95 53.33 25.73
C GLU C 686 13.54 52.01 26.12
N LEU C 687 14.51 52.08 26.98
CA LEU C 687 15.14 50.88 27.47
C LEU C 687 14.20 50.13 28.40
N VAL C 688 13.58 50.84 29.32
CA VAL C 688 12.58 50.27 30.22
C VAL C 688 11.32 49.87 29.40
N LEU C 689 10.98 50.73 28.45
CA LEU C 689 9.83 50.51 27.61
C LEU C 689 9.89 49.15 26.95
N HIS C 690 11.05 48.86 26.44
CA HIS C 690 11.29 47.60 25.80
C HIS C 690 10.91 46.43 26.67
N GLN C 691 11.58 46.40 27.80
CA GLN C 691 11.40 45.36 28.72
C GLN C 691 9.96 45.14 29.02
N LEU C 692 9.29 46.25 29.18
CA LEU C 692 7.87 46.16 29.48
C LEU C 692 7.03 45.38 28.50
N ARG C 693 7.43 45.44 27.22
CA ARG C 693 6.66 44.75 26.18
C ARG C 693 6.93 43.28 26.16
N CYS C 694 8.20 43.01 26.28
CA CYS C 694 8.74 41.66 26.28
C CYS C 694 8.57 41.02 27.63
N ASN C 695 8.19 41.79 28.60
CA ASN C 695 8.06 41.30 29.97
C ASN C 695 6.82 40.50 30.15
N GLY C 696 5.75 41.09 29.62
CA GLY C 696 4.40 40.68 29.75
C GLY C 696 3.58 41.76 30.44
N VAL C 697 4.28 42.71 31.05
CA VAL C 697 3.68 43.78 31.80
C VAL C 697 2.73 44.58 30.95
N LEU C 698 3.17 44.90 29.76
CA LEU C 698 2.32 45.67 28.88
C LEU C 698 1.20 44.87 28.34
N GLU C 699 1.33 43.57 28.39
CA GLU C 699 0.27 42.72 27.86
C GLU C 699 -0.73 42.45 28.94
N GLY C 700 -0.29 42.58 30.16
CA GLY C 700 -1.19 42.35 31.28
C GLY C 700 -2.07 43.56 31.46
N ILE C 701 -1.55 44.72 31.04
CA ILE C 701 -2.26 45.94 31.16
C ILE C 701 -3.34 45.95 30.11
N ARG C 702 -2.96 45.47 28.93
CA ARG C 702 -3.89 45.35 27.80
C ARG C 702 -5.14 44.58 28.13
N ILE C 703 -4.89 43.35 28.51
CA ILE C 703 -5.89 42.40 28.93
C ILE C 703 -6.73 42.94 30.06
N CYS C 704 -6.15 43.85 30.81
CA CYS C 704 -6.84 44.43 31.92
C CYS C 704 -7.86 45.41 31.41
N ARG C 705 -7.34 46.27 30.54
CA ARG C 705 -8.09 47.31 29.92
C ARG C 705 -9.16 46.83 28.95
N LYS C 706 -9.39 45.55 28.91
CA LYS C 706 -10.38 45.08 27.97
C LYS C 706 -11.62 44.75 28.74
N GLY C 707 -12.09 45.26 31.51
CA GLY C 707 -12.56 44.06 30.81
C GLY C 707 -13.71 44.46 29.90
N PHE C 708 -14.78 43.71 30.03
CA PHE C 708 -16.00 43.97 29.33
C PHE C 708 -17.11 44.22 30.35
N PRO C 709 -17.24 45.49 30.74
CA PRO C 709 -18.20 45.92 31.73
C PRO C 709 -19.62 45.39 31.50
N SER C 710 -20.38 46.19 30.78
CA SER C 710 -21.75 45.85 30.40
C SER C 710 -21.84 44.54 29.64
N ARG C 711 -22.74 43.71 30.13
CA ARG C 711 -22.99 42.39 29.53
C ARG C 711 -24.48 42.17 29.37
N VAL C 712 -24.90 42.07 28.12
CA VAL C 712 -26.28 41.90 27.78
C VAL C 712 -26.69 40.48 27.61
N LEU C 713 -27.80 40.19 28.23
CA LEU C 713 -28.44 38.91 28.07
C LEU C 713 -29.17 39.00 26.72
N TYR C 714 -29.02 37.95 26.00
CA TYR C 714 -29.53 37.78 24.65
C TYR C 714 -30.97 38.21 24.27
N ALA C 715 -31.98 37.78 25.00
CA ALA C 715 -33.35 38.22 24.72
C ALA C 715 -33.54 39.68 25.01
N ASP C 716 -32.93 40.05 26.17
CA ASP C 716 -32.86 41.39 26.66
C ASP C 716 -32.15 42.24 25.62
N PHE C 717 -31.44 41.50 24.73
CA PHE C 717 -30.69 42.13 23.67
C PHE C 717 -31.48 42.25 22.39
N LYS C 718 -32.31 41.24 22.18
CA LYS C 718 -33.14 41.19 20.99
C LYS C 718 -34.12 42.33 21.01
N GLN C 719 -35.13 42.15 21.88
CA GLN C 719 -36.17 43.11 22.11
C GLN C 719 -35.81 44.58 21.95
N ARG C 720 -34.85 45.00 22.78
CA ARG C 720 -34.41 46.39 22.80
C ARG C 720 -33.76 46.93 21.53
N TYR C 721 -33.15 46.03 20.76
CA TYR C 721 -32.40 46.51 19.60
C TYR C 721 -32.76 45.96 18.23
N ARG C 722 -33.68 45.00 18.19
CA ARG C 722 -34.14 44.40 16.92
C ARG C 722 -34.28 45.44 15.82
N VAL C 723 -34.98 46.51 16.22
CA VAL C 723 -35.28 47.69 15.45
C VAL C 723 -34.13 48.32 14.68
N LEU C 724 -32.92 47.97 15.01
CA LEU C 724 -31.78 48.62 14.39
C LEU C 724 -31.50 48.23 12.96
N ASN C 725 -31.87 47.00 12.65
CA ASN C 725 -31.68 46.43 11.32
C ASN C 725 -32.59 45.23 11.21
N ALA C 726 -33.72 45.40 11.92
CA ALA C 726 -34.80 44.42 12.04
C ALA C 726 -35.00 43.47 10.86
N SER C 727 -34.48 43.84 9.72
CA SER C 727 -34.63 43.00 8.55
C SER C 727 -33.62 41.85 8.45
N ALA C 728 -32.53 41.93 9.22
CA ALA C 728 -31.54 40.86 9.15
C ALA C 728 -32.20 39.56 9.60
N ILE C 729 -33.72 39.86 8.47
CA ILE C 729 -34.97 39.28 8.90
C ILE C 729 -35.37 37.83 8.68
N PRO C 730 -35.48 37.14 7.52
CA PRO C 730 -36.04 35.77 7.57
C PRO C 730 -35.24 34.80 8.47
N GLU C 731 -33.92 34.86 8.30
CA GLU C 731 -32.98 34.13 9.12
C GLU C 731 -32.71 34.69 10.52
N GLY C 732 -33.06 35.97 10.77
CA GLY C 732 -33.02 36.58 12.10
C GLY C 732 -34.31 36.41 12.92
N GLN C 733 -35.43 36.10 12.26
CA GLN C 733 -36.73 35.81 12.88
C GLN C 733 -37.14 34.35 13.10
N PHE C 734 -36.87 33.41 12.19
CA PHE C 734 -37.11 31.97 12.41
C PHE C 734 -36.06 31.46 13.42
N MET C 735 -36.37 31.91 14.98
CA MET C 735 -34.94 32.13 15.24
C MET C 735 -34.60 31.69 16.65
N ASP C 736 -33.34 31.94 16.98
CA ASP C 736 -32.77 31.62 18.25
C ASP C 736 -32.55 32.86 19.10
N SER C 737 -32.70 32.70 20.40
CA SER C 737 -32.49 33.81 21.35
C SER C 737 -31.03 34.26 21.37
N LYS C 738 -30.14 33.35 20.97
CA LYS C 738 -28.72 33.64 20.93
C LYS C 738 -28.21 33.99 19.53
N LYS C 739 -28.23 33.02 18.62
CA LYS C 739 -27.77 33.17 17.25
C LYS C 739 -28.25 34.47 16.63
N ALA C 740 -29.41 34.90 17.12
CA ALA C 740 -30.03 36.12 16.67
C ALA C 740 -29.12 37.33 16.89
N SER C 741 -28.92 37.65 18.18
CA SER C 741 -28.09 38.77 18.58
C SER C 741 -26.81 38.75 17.80
N GLU C 742 -26.40 37.50 17.52
CA GLU C 742 -25.20 37.31 16.74
C GLU C 742 -25.42 37.97 15.41
N LYS C 743 -26.35 37.32 14.73
CA LYS C 743 -26.75 37.76 13.41
C LYS C 743 -27.01 39.25 13.39
N LEU C 744 -27.71 39.78 14.41
CA LEU C 744 -28.03 41.20 14.39
C LEU C 744 -26.85 42.10 14.22
N LEU C 745 -25.86 41.90 15.06
CA LEU C 745 -24.72 42.77 15.00
C LEU C 745 -24.07 42.83 13.65
N GLY C 746 -24.59 42.00 12.74
CA GLY C 746 -24.16 41.96 11.36
C GLY C 746 -24.14 43.38 10.85
N SER C 747 -25.23 44.14 11.07
CA SER C 747 -25.26 45.52 10.62
C SER C 747 -24.74 46.58 11.62
N ILE C 748 -24.61 47.82 11.14
CA ILE C 748 -24.17 48.94 11.92
C ILE C 748 -22.75 49.35 11.59
N ASP C 749 -22.45 50.65 11.62
CA ASP C 749 -21.10 51.06 11.34
C ASP C 749 -20.28 51.10 12.67
N VAL C 750 -20.50 50.04 13.49
CA VAL C 750 -19.95 49.74 14.84
C VAL C 750 -18.67 48.88 14.94
N ASP C 751 -17.83 49.11 15.97
CA ASP C 751 -16.60 48.32 16.19
C ASP C 751 -16.91 46.87 16.55
N HIS C 752 -16.66 45.98 15.60
CA HIS C 752 -17.00 44.58 15.77
C HIS C 752 -16.03 43.83 16.72
N THR C 753 -15.21 44.63 17.35
CA THR C 753 -14.17 44.31 18.30
C THR C 753 -14.70 44.36 19.73
N GLN C 754 -15.04 45.60 20.08
CA GLN C 754 -15.61 46.01 21.33
C GLN C 754 -16.59 45.05 21.98
N TYR C 755 -17.02 44.03 21.32
CA TYR C 755 -17.95 43.11 21.97
C TYR C 755 -17.43 41.69 21.93
N ARG C 756 -18.18 40.81 22.57
CA ARG C 756 -17.75 39.43 22.56
C ARG C 756 -18.89 38.64 23.10
N PHE C 757 -19.11 37.55 22.40
CA PHE C 757 -20.24 36.71 22.73
C PHE C 757 -19.82 35.53 23.49
N GLY C 758 -20.82 34.92 24.12
CA GLY C 758 -20.62 33.72 24.89
C GLY C 758 -21.95 33.14 25.27
N HIS C 759 -21.89 31.88 25.65
CA HIS C 759 -23.04 31.06 26.04
C HIS C 759 -24.28 31.69 26.62
N THR C 760 -24.18 32.77 27.39
CA THR C 760 -25.42 33.31 27.91
C THR C 760 -25.57 34.78 27.61
N LYS C 761 -24.47 35.38 27.14
CA LYS C 761 -24.56 36.78 26.87
C LYS C 761 -23.42 37.37 26.12
N VAL C 762 -23.60 38.60 25.72
CA VAL C 762 -22.59 39.30 24.98
C VAL C 762 -21.87 40.16 25.93
N PHE C 763 -20.64 40.39 25.59
CA PHE C 763 -19.86 41.23 26.38
C PHE C 763 -19.59 42.43 25.55
N PHE C 764 -19.58 43.57 26.24
CA PHE C 764 -19.42 44.85 25.57
C PHE C 764 -18.52 45.79 26.33
N LYS C 765 -17.74 46.62 25.66
CA LYS C 765 -16.90 47.60 26.30
C LYS C 765 -17.82 48.77 26.66
N ALA C 766 -17.19 49.88 27.03
CA ALA C 766 -17.90 51.09 27.39
C ALA C 766 -18.40 51.87 26.19
N GLY C 767 -19.29 52.80 26.53
CA GLY C 767 -19.92 53.75 25.61
C GLY C 767 -20.39 53.11 24.34
N LEU C 768 -20.56 51.81 24.37
CA LEU C 768 -20.98 51.13 23.20
C LEU C 768 -22.47 51.02 23.19
N LEU C 769 -22.90 50.37 24.27
CA LEU C 769 -24.28 50.20 24.53
C LEU C 769 -24.87 51.62 24.43
N GLY C 770 -24.06 52.58 24.80
CA GLY C 770 -24.45 53.94 24.69
C GLY C 770 -24.64 54.26 23.24
N LEU C 771 -23.76 53.75 22.43
CA LEU C 771 -23.86 54.00 21.00
C LEU C 771 -25.10 53.37 20.44
N LEU C 772 -25.30 52.11 20.82
CA LEU C 772 -26.48 51.40 20.40
C LEU C 772 -27.77 52.18 20.55
N GLU C 773 -28.11 52.45 21.77
CA GLU C 773 -29.25 53.23 22.17
C GLU C 773 -29.51 54.43 21.27
N GLU C 774 -28.41 55.18 21.05
CA GLU C 774 -28.51 56.38 20.26
C GLU C 774 -29.15 56.10 18.92
N MET C 775 -28.62 55.10 18.26
CA MET C 775 -29.12 54.68 16.99
C MET C 775 -30.59 54.35 17.16
N ARG C 776 -30.81 53.68 18.24
CA ARG C 776 -32.13 53.27 18.58
C ARG C 776 -33.00 54.47 18.71
N ASP C 777 -32.49 55.44 19.46
CA ASP C 777 -33.21 56.68 19.70
C ASP C 777 -33.73 57.25 18.40
N ASP C 778 -32.83 57.42 17.42
CA ASP C 778 -33.27 57.93 16.15
C ASP C 778 -34.34 57.04 15.57
N LYS C 779 -34.23 55.76 15.81
CA LYS C 779 -35.15 54.89 15.17
C LYS C 779 -36.55 54.94 15.68
N LEU C 780 -36.71 55.62 16.77
CA LEU C 780 -38.07 55.69 17.28
C LEU C 780 -38.74 56.96 16.87
N ALA C 781 -37.90 57.99 16.65
CA ALA C 781 -38.41 59.26 16.21
C ALA C 781 -39.17 58.88 14.96
N GLU C 782 -38.50 58.09 14.13
CA GLU C 782 -39.06 57.54 12.90
C GLU C 782 -40.38 56.89 13.34
N ILE C 783 -40.29 55.80 14.06
CA ILE C 783 -41.43 55.05 14.54
C ILE C 783 -42.50 55.85 15.20
N ILE C 784 -42.10 56.78 16.03
CA ILE C 784 -43.13 57.53 16.72
C ILE C 784 -43.79 58.57 15.85
N THR C 785 -42.96 59.53 15.42
CA THR C 785 -43.36 60.64 14.58
C THR C 785 -44.39 60.20 13.54
N ARG C 786 -44.15 59.05 12.94
CA ARG C 786 -45.05 58.47 11.99
C ARG C 786 -46.29 57.97 12.65
N THR C 787 -46.14 57.42 13.85
CA THR C 787 -47.33 56.89 14.52
C THR C 787 -48.13 58.01 15.12
N GLN C 788 -47.48 59.14 15.30
CA GLN C 788 -48.21 60.23 15.86
C GLN C 788 -49.18 60.70 14.82
N ALA C 789 -48.60 61.19 13.72
CA ALA C 789 -49.29 61.69 12.56
C ALA C 789 -50.68 61.07 12.30
N ARG C 790 -50.71 59.79 11.98
CA ARG C 790 -51.91 59.03 11.67
C ARG C 790 -52.96 59.35 12.72
N CYS C 791 -52.50 59.19 13.96
CA CYS C 791 -53.33 59.52 15.09
C CYS C 791 -53.93 60.92 14.91
N ARG C 792 -53.03 61.91 14.83
CA ARG C 792 -53.37 63.31 14.66
C ARG C 792 -54.39 63.37 13.56
N GLY C 793 -53.99 62.83 12.43
CA GLY C 793 -54.79 62.77 11.24
C GLY C 793 -56.11 62.28 11.70
N PHE C 794 -56.13 61.01 11.97
CA PHE C 794 -57.30 60.32 12.45
C PHE C 794 -58.08 61.06 13.48
N LEU C 795 -57.36 61.77 14.29
CA LEU C 795 -58.09 62.46 15.32
C LEU C 795 -59.06 63.47 14.79
N MET C 796 -58.57 64.21 13.85
CA MET C 796 -59.42 65.22 13.26
C MET C 796 -60.44 64.60 12.34
N ARG C 797 -60.09 63.45 11.78
CA ARG C 797 -60.99 62.78 10.86
C ARG C 797 -62.30 62.47 11.54
N VAL C 798 -62.32 62.42 12.88
CA VAL C 798 -63.54 62.05 13.62
C VAL C 798 -64.29 63.31 13.94
N GLU C 799 -63.52 64.39 13.91
CA GLU C 799 -64.08 65.69 14.18
C GLU C 799 -64.94 66.12 13.03
N TYR C 800 -64.47 65.83 11.81
CA TYR C 800 -65.29 66.14 10.71
C TYR C 800 -66.65 65.39 10.81
N ARG C 801 -66.67 64.09 11.16
CA ARG C 801 -67.88 63.23 11.30
C ARG C 801 -68.89 63.73 12.32
N ARG C 802 -68.36 64.53 13.23
CA ARG C 802 -69.15 65.11 14.28
C ARG C 802 -69.67 66.47 13.81
N MET C 803 -68.76 67.30 13.31
CA MET C 803 -69.08 68.63 12.77
C MET C 803 -70.26 68.54 11.85
N VAL C 804 -70.12 67.63 10.92
CA VAL C 804 -71.09 67.31 9.90
C VAL C 804 -72.45 66.85 10.45
N GLU C 805 -72.45 65.91 11.38
CA GLU C 805 -73.67 65.41 12.02
C GLU C 805 -74.46 66.60 12.54
N ARG C 806 -73.76 67.33 13.36
CA ARG C 806 -74.15 68.54 14.02
C ARG C 806 -74.82 69.56 13.11
N ARG C 807 -74.35 69.55 11.87
CA ARG C 807 -74.76 70.46 10.81
C ARG C 807 -76.14 71.01 10.97
N GLU C 808 -77.09 70.12 10.98
CA GLU C 808 -78.45 70.58 11.09
C GLU C 808 -78.96 70.85 12.47
N SER C 809 -78.63 69.98 13.42
CA SER C 809 -79.13 70.16 14.77
C SER C 809 -78.89 71.54 15.27
N ILE C 810 -77.88 72.18 14.69
CA ILE C 810 -77.59 73.54 15.06
C ILE C 810 -78.68 74.44 14.53
N PHE C 811 -78.79 74.46 13.20
CA PHE C 811 -79.74 75.20 12.44
C PHE C 811 -81.06 75.20 13.14
N CYS C 812 -81.46 73.99 13.45
CA CYS C 812 -82.69 73.78 14.16
C CYS C 812 -82.66 74.62 15.37
N ILE C 813 -81.57 74.50 16.07
CA ILE C 813 -81.44 75.31 17.25
C ILE C 813 -81.38 76.76 16.82
N GLN C 814 -80.54 77.02 15.81
CA GLN C 814 -80.33 78.38 15.32
C GLN C 814 -81.61 79.15 15.08
N TYR C 815 -82.28 78.79 14.01
CA TYR C 815 -83.53 79.41 13.63
C TYR C 815 -84.53 79.48 14.77
N ASN C 816 -84.74 78.32 15.38
CA ASN C 816 -85.71 78.13 16.45
C ASN C 816 -85.78 79.16 17.52
N VAL C 817 -84.61 79.66 17.90
CA VAL C 817 -84.46 80.69 18.92
C VAL C 817 -84.93 82.03 18.41
N ARG C 818 -84.36 82.36 17.26
CA ARG C 818 -84.67 83.58 16.55
C ARG C 818 -86.17 83.86 16.52
N SER C 819 -86.97 82.81 16.19
CA SER C 819 -88.41 82.88 16.15
C SER C 819 -88.85 83.64 17.37
N PHE C 820 -88.71 82.93 18.45
CA PHE C 820 -89.07 83.33 19.74
C PHE C 820 -88.72 84.77 20.09
N MET C 821 -87.53 85.18 19.75
CA MET C 821 -87.13 86.54 20.02
C MET C 821 -88.00 87.57 19.33
N ASN C 822 -88.62 87.13 18.30
CA ASN C 822 -89.44 87.98 17.49
C ASN C 822 -90.87 87.96 17.91
N VAL C 823 -91.26 86.74 18.17
CA VAL C 823 -92.58 86.42 18.53
C VAL C 823 -92.99 86.85 19.91
N LYS C 824 -92.23 86.45 20.90
CA LYS C 824 -92.47 86.75 22.31
C LYS C 824 -92.98 88.18 22.56
N HIS C 825 -92.77 89.09 21.59
CA HIS C 825 -93.24 90.47 21.78
C HIS C 825 -94.59 90.75 21.09
N TRP C 826 -95.08 89.78 20.28
CA TRP C 826 -96.35 89.77 19.48
C TRP C 826 -97.66 89.44 20.23
N PRO C 827 -98.57 90.41 20.28
CA PRO C 827 -99.87 90.32 20.94
C PRO C 827 -100.48 88.94 20.85
N TRP C 828 -100.62 88.55 19.61
CA TRP C 828 -101.22 87.28 19.25
C TRP C 828 -100.50 86.16 19.88
N MET C 829 -99.19 86.32 19.99
CA MET C 829 -98.47 85.22 20.57
C MET C 829 -98.59 85.21 22.09
N LYS C 830 -98.64 86.37 22.73
CA LYS C 830 -98.82 86.39 24.13
C LYS C 830 -100.16 85.84 24.47
N LEU C 831 -101.10 86.20 23.64
CA LEU C 831 -102.47 85.73 23.81
C LEU C 831 -102.51 84.22 23.85
N PHE C 832 -102.00 83.63 22.77
CA PHE C 832 -101.92 82.17 22.65
C PHE C 832 -101.32 81.58 23.89
N PHE C 833 -100.38 82.34 24.41
CA PHE C 833 -99.65 81.94 25.58
C PHE C 833 -100.53 81.89 26.81
N LYS C 834 -101.18 83.00 27.15
CA LYS C 834 -102.01 82.92 28.35
C LYS C 834 -103.07 81.85 28.12
N ILE C 835 -103.52 81.79 26.90
CA ILE C 835 -104.59 80.88 26.53
C ILE C 835 -104.23 79.41 26.38
N LYS C 836 -103.03 79.14 25.86
CA LYS C 836 -102.52 77.79 25.65
C LYS C 836 -102.81 76.84 26.78
N PRO C 837 -103.05 77.33 27.96
CA PRO C 837 -103.29 76.39 29.04
C PRO C 837 -104.69 75.89 29.16
N LEU C 838 -105.67 76.79 29.06
CA LEU C 838 -107.07 76.41 29.16
C LEU C 838 -107.44 75.24 28.24
N LEU C 839 -106.55 74.97 27.30
CA LEU C 839 -106.79 73.96 26.34
C LEU C 839 -106.54 72.60 26.88
N LYS C 840 -106.90 71.65 26.03
CA LYS C 840 -106.72 70.25 26.36
C LYS C 840 -106.38 69.48 25.10
N ASN A 1 -96.05 83.06 38.74
CA ASN A 1 -94.92 82.28 39.29
C ASN A 1 -95.36 81.50 40.55
N VAL A 2 -96.21 82.23 41.26
CA VAL A 2 -96.89 81.81 42.49
C VAL A 2 -97.95 80.70 42.45
N PHE A 3 -98.43 80.32 41.28
CA PHE A 3 -99.17 79.07 41.20
C PHE A 3 -98.34 77.92 40.58
N SER A 4 -97.20 78.21 39.95
CA SER A 4 -96.32 77.18 39.35
C SER A 4 -95.41 76.21 40.14
N MET A 5 -94.78 76.56 41.26
CA MET A 5 -94.17 75.54 42.16
C MET A 5 -95.42 75.03 42.91
N PHE A 6 -95.65 75.31 44.20
CA PHE A 6 -96.99 75.28 44.82
C PHE A 6 -97.96 74.10 44.73
N ASP A 7 -97.51 73.00 45.29
CA ASP A 7 -98.26 71.75 45.31
C ASP A 7 -99.52 71.68 46.18
N GLN A 8 -100.42 70.73 45.90
CA GLN A 8 -101.66 70.55 46.66
C GLN A 8 -101.53 70.50 48.18
N THR A 9 -100.50 69.79 48.68
CA THR A 9 -100.16 69.75 50.11
C THR A 9 -99.87 71.15 50.67
N GLN A 10 -98.90 71.90 50.12
CA GLN A 10 -98.64 73.30 50.49
C GLN A 10 -99.92 74.14 50.57
N ILE A 11 -100.72 74.06 49.50
CA ILE A 11 -102.00 74.76 49.44
C ILE A 11 -102.98 74.29 50.53
N GLN A 12 -103.06 73.01 50.90
CA GLN A 12 -103.89 72.55 52.02
C GLN A 12 -103.39 73.04 53.37
N ASP A 13 -102.08 73.00 53.64
CA ASP A 13 -101.47 73.62 54.83
C ASP A 13 -101.93 75.08 54.95
N PHE A 14 -101.83 75.85 53.87
CA PHE A 14 -102.38 77.20 53.80
C PHE A 14 -103.89 77.24 54.05
N LYS A 15 -104.75 76.46 53.39
CA LYS A 15 -106.20 76.40 53.66
C LYS A 15 -106.57 76.15 55.14
N GLU A 16 -105.93 75.17 55.79
CA GLU A 16 -106.11 74.94 57.21
C GLU A 16 -105.64 76.16 58.03
N ALA A 17 -104.47 76.73 57.73
CA ALA A 17 -104.00 77.96 58.37
C ALA A 17 -104.99 79.13 58.27
N PHE A 18 -105.57 79.33 57.09
CA PHE A 18 -106.63 80.32 56.89
C PHE A 18 -107.81 79.98 57.79
N THR A 19 -108.40 78.78 57.74
CA THR A 19 -109.52 78.43 58.63
C THR A 19 -109.26 78.54 60.15
N VAL A 20 -108.00 78.44 60.60
CA VAL A 20 -107.66 78.73 62.00
C VAL A 20 -107.64 80.23 62.31
N ILE A 21 -107.18 81.08 61.38
CA ILE A 21 -107.26 82.52 61.59
C ILE A 21 -108.69 83.06 61.35
N ASP A 22 -109.46 82.45 60.44
CA ASP A 22 -110.88 82.70 60.15
C ASP A 22 -111.84 82.41 61.32
N GLN A 23 -111.78 83.14 62.45
CA GLN A 23 -112.65 82.91 63.62
C GLN A 23 -114.13 82.68 63.40
N ASN A 24 -114.70 83.55 62.58
CA ASN A 24 -116.13 83.52 62.30
C ASN A 24 -116.64 82.42 61.37
N ARG A 25 -115.75 81.69 60.68
CA ARG A 25 -116.06 80.69 59.65
C ARG A 25 -116.71 81.20 58.33
N ASP A 26 -117.10 82.47 58.29
CA ASP A 26 -117.62 83.17 57.10
C ASP A 26 -116.94 82.96 55.75
N GLY A 27 -115.61 82.94 55.72
CA GLY A 27 -114.84 82.77 54.48
C GLY A 27 -113.84 83.91 54.17
N ILE A 28 -113.99 84.99 54.94
CA ILE A 28 -113.13 86.17 54.83
C ILE A 28 -112.47 86.47 56.19
N ILE A 29 -111.14 86.51 56.28
CA ILE A 29 -110.49 86.98 57.51
C ILE A 29 -110.52 88.51 57.57
N ASP A 30 -110.84 89.06 58.74
CA ASP A 30 -110.77 90.49 58.95
C ASP A 30 -109.98 90.90 60.21
N LYS A 31 -110.07 92.16 60.64
CA LYS A 31 -109.38 92.65 61.85
C LYS A 31 -109.73 91.90 63.12
N ASP A 32 -111.01 91.57 63.28
CA ASP A 32 -111.52 90.81 64.41
C ASP A 32 -110.92 89.41 64.45
N ASP A 33 -110.98 88.68 63.33
CA ASP A 33 -110.36 87.38 63.16
C ASP A 33 -108.86 87.36 63.53
N LEU A 34 -108.09 88.32 63.05
CA LEU A 34 -106.71 88.50 63.50
C LEU A 34 -106.58 88.76 65.01
N ARG A 35 -107.30 89.75 65.59
CA ARG A 35 -107.26 90.04 67.04
C ARG A 35 -107.41 88.84 67.98
N GLU A 36 -108.48 88.05 67.89
CA GLU A 36 -108.57 86.90 68.78
C GLU A 36 -107.66 85.75 68.34
N THR A 37 -107.16 85.56 67.11
CA THR A 37 -106.13 84.52 66.89
C THR A 37 -104.85 84.89 67.63
N PHE A 38 -104.46 86.17 67.62
CA PHE A 38 -103.34 86.64 68.44
C PHE A 38 -103.59 86.40 69.93
N ALA A 39 -104.77 86.78 70.43
CA ALA A 39 -105.19 86.50 71.81
C ALA A 39 -105.16 85.01 72.19
N ALA A 40 -105.69 84.11 71.35
CA ALA A 40 -105.63 82.66 71.55
C ALA A 40 -104.19 82.11 71.62
N MET A 41 -103.28 82.69 70.83
CA MET A 41 -101.86 82.37 70.92
C MET A 41 -101.10 83.03 72.09
N GLY A 42 -101.78 83.80 72.94
CA GLY A 42 -101.15 84.46 74.08
C GLY A 42 -100.86 85.97 73.91
N ARG A 43 -100.94 86.51 72.70
CA ARG A 43 -100.63 87.92 72.45
C ARG A 43 -101.79 88.88 72.70
N LEU A 44 -101.78 89.54 73.86
CA LEU A 44 -102.84 90.50 74.19
C LEU A 44 -102.54 91.98 73.86
N ASN A 45 -101.27 92.32 73.71
CA ASN A 45 -100.83 93.71 73.50
C ASN A 45 -100.95 94.31 72.08
N VAL A 46 -101.81 93.74 71.24
CA VAL A 46 -101.91 94.13 69.83
C VAL A 46 -102.56 95.50 69.56
N LYS A 47 -101.85 96.37 68.88
CA LYS A 47 -102.35 97.70 68.55
C LYS A 47 -102.96 97.77 67.15
N ASN A 48 -104.08 98.49 66.96
CA ASN A 48 -104.72 98.60 65.63
C ASN A 48 -103.80 98.83 64.44
N GLU A 49 -102.81 99.73 64.52
CA GLU A 49 -101.83 99.94 63.44
C GLU A 49 -101.12 98.69 62.89
N GLU A 50 -100.86 97.72 63.76
CA GLU A 50 -100.26 96.44 63.40
C GLU A 50 -101.28 95.57 62.64
N LEU A 51 -102.52 95.47 63.15
CA LEU A 51 -103.63 94.75 62.48
C LEU A 51 -103.96 95.31 61.10
N ASP A 52 -104.08 96.64 61.07
CA ASP A 52 -104.27 97.42 59.86
C ASP A 52 -103.11 97.23 58.89
N ALA A 53 -101.84 97.31 59.31
CA ALA A 53 -100.68 97.04 58.45
C ALA A 53 -100.77 95.70 57.73
N MET A 54 -101.13 94.64 58.48
CA MET A 54 -101.40 93.32 57.92
C MET A 54 -102.42 93.36 56.77
N ILE A 55 -103.62 93.86 57.06
CA ILE A 55 -104.70 93.94 56.07
C ILE A 55 -104.37 94.82 54.84
N LYS A 56 -103.74 95.98 55.05
CA LYS A 56 -103.32 96.88 53.96
C LYS A 56 -102.52 96.29 52.81
N GLU A 57 -101.87 95.15 53.02
CA GLU A 57 -101.16 94.46 51.96
C GLU A 57 -102.05 93.95 50.81
N ALA A 58 -103.34 93.74 51.07
CA ALA A 58 -104.28 93.31 50.04
C ALA A 58 -105.22 94.40 49.54
N SER A 59 -105.61 94.37 48.26
CA SER A 59 -106.54 95.38 47.70
C SER A 59 -108.03 95.19 48.00
N GLY A 60 -108.42 93.96 48.34
CA GLY A 60 -109.82 93.66 48.63
C GLY A 60 -110.07 92.91 49.93
N PRO A 61 -111.25 92.30 50.11
CA PRO A 61 -111.49 91.35 51.22
C PRO A 61 -110.47 90.21 51.23
N ILE A 62 -109.93 89.78 52.36
CA ILE A 62 -108.80 88.85 52.28
C ILE A 62 -109.05 87.40 51.84
N ASN A 63 -110.29 86.99 51.50
CA ASN A 63 -110.68 85.70 50.90
C ASN A 63 -109.66 84.64 50.46
N PHE A 64 -109.78 83.34 50.76
CA PHE A 64 -108.84 82.26 50.37
C PHE A 64 -107.85 82.48 49.21
N THR A 65 -108.38 82.90 48.06
CA THR A 65 -107.58 83.26 46.88
C THR A 65 -106.70 84.49 47.07
N VAL A 66 -107.24 85.61 47.59
CA VAL A 66 -106.47 86.83 47.88
C VAL A 66 -105.34 86.49 48.87
N PHE A 67 -105.62 85.71 49.92
CA PHE A 67 -104.56 85.17 50.79
C PHE A 67 -103.49 84.40 50.01
N LEU A 68 -103.87 83.28 49.39
CA LEU A 68 -102.96 82.43 48.61
C LEU A 68 -102.10 83.19 47.60
N THR A 69 -102.68 84.15 46.87
CA THR A 69 -101.91 85.00 45.96
C THR A 69 -100.95 85.88 46.75
N MET A 70 -101.37 86.62 47.79
CA MET A 70 -100.44 87.42 48.61
C MET A 70 -99.28 86.67 49.27
N PHE A 71 -99.52 85.45 49.73
CA PHE A 71 -98.46 84.64 50.34
C PHE A 71 -97.57 83.93 49.36
N GLY A 72 -98.15 83.53 48.23
CA GLY A 72 -97.35 83.02 47.14
C GLY A 72 -96.41 84.13 46.68
N GLU A 73 -96.93 85.33 46.33
CA GLU A 73 -96.12 86.46 45.87
C GLU A 73 -94.85 86.83 46.66
N LYS A 74 -94.83 86.55 47.95
CA LYS A 74 -93.64 86.76 48.77
C LYS A 74 -92.63 85.60 48.73
N LEU A 75 -93.14 84.41 48.43
CA LEU A 75 -92.34 83.20 48.28
C LEU A 75 -92.08 82.78 46.84
N LYS A 76 -92.07 83.72 45.88
CA LYS A 76 -91.81 83.47 44.44
C LYS A 76 -90.63 82.60 44.02
N GLY A 77 -89.70 82.43 44.96
CA GLY A 77 -88.54 81.56 44.80
C GLY A 77 -88.35 80.64 46.00
N ALA A 78 -89.44 80.01 46.46
CA ALA A 78 -89.40 79.07 47.57
C ALA A 78 -90.06 77.71 47.35
N ASP A 79 -89.24 76.68 47.50
CA ASP A 79 -89.67 75.30 47.36
C ASP A 79 -90.17 74.63 48.66
N PRO A 80 -90.83 73.46 48.59
CA PRO A 80 -91.00 72.63 49.79
C PRO A 80 -89.73 71.95 50.30
N GLU A 81 -89.57 71.73 51.61
CA GLU A 81 -88.35 71.15 52.19
C GLU A 81 -87.61 69.98 51.54
N ASP A 82 -88.27 68.89 51.16
CA ASP A 82 -87.63 67.80 50.43
C ASP A 82 -86.89 68.19 49.15
N VAL A 83 -87.48 69.10 48.37
CA VAL A 83 -86.90 69.62 47.12
C VAL A 83 -85.60 70.40 47.43
N ILE A 84 -85.64 71.23 48.46
CA ILE A 84 -84.47 71.99 48.93
C ILE A 84 -83.35 71.03 49.38
N MET A 85 -83.71 70.04 50.19
CA MET A 85 -82.81 68.96 50.60
C MET A 85 -82.16 68.25 49.41
N GLY A 86 -82.86 68.01 48.30
CA GLY A 86 -82.27 67.42 47.09
C GLY A 86 -81.06 68.18 46.55
N ALA A 87 -81.17 69.51 46.47
CA ALA A 87 -80.06 70.38 46.07
C ALA A 87 -78.80 70.18 46.94
N PHE A 88 -79.00 70.13 48.25
CA PHE A 88 -77.92 69.81 49.18
C PHE A 88 -77.44 68.37 48.97
N LYS A 89 -78.28 67.34 48.89
CA LYS A 89 -77.88 65.95 48.60
C LYS A 89 -77.05 65.77 47.30
N VAL A 90 -77.26 66.63 46.30
CA VAL A 90 -76.44 66.68 45.09
C VAL A 90 -75.04 67.26 45.41
N LEU A 91 -74.99 68.30 46.24
CA LEU A 91 -73.73 68.87 46.72
C LEU A 91 -72.99 67.97 47.72
N ASP A 92 -73.73 67.14 48.43
CA ASP A 92 -73.24 66.12 49.34
C ASP A 92 -72.62 64.90 48.61
N PRO A 93 -72.55 64.77 47.27
CA PRO A 93 -72.99 63.55 46.55
C PRO A 93 -72.66 62.16 47.09
N ASP A 94 -71.54 62.11 47.81
CA ASP A 94 -71.03 60.99 48.59
C ASP A 94 -72.01 60.52 49.69
N GLY A 95 -72.83 61.42 50.24
CA GLY A 95 -73.88 61.09 51.21
C GLY A 95 -73.74 61.57 52.67
N LYS A 96 -74.80 61.28 53.43
CA LYS A 96 -74.99 61.59 54.86
C LYS A 96 -74.47 62.78 55.68
N GLY A 97 -73.19 63.15 55.66
CA GLY A 97 -72.65 64.24 56.47
C GLY A 97 -72.55 65.52 55.65
N SER A 98 -73.20 66.61 56.05
CA SER A 98 -73.24 67.74 55.13
C SER A 98 -72.01 68.67 55.04
N ILE A 99 -72.01 69.48 53.99
CA ILE A 99 -70.86 70.25 53.51
C ILE A 99 -70.12 71.31 54.34
N LYS A 100 -68.94 71.74 53.87
CA LYS A 100 -68.12 72.74 54.55
C LYS A 100 -68.17 74.20 54.06
N LYS A 101 -68.08 75.12 55.01
CA LYS A 101 -67.93 76.53 54.70
C LYS A 101 -66.52 76.88 54.17
N SER A 102 -66.62 77.12 52.87
CA SER A 102 -65.60 77.49 51.88
C SER A 102 -66.12 76.93 50.56
N PHE A 103 -66.38 75.61 50.57
CA PHE A 103 -66.93 74.86 49.44
C PHE A 103 -68.20 75.51 48.87
N LEU A 104 -69.19 75.78 49.73
CA LEU A 104 -70.35 76.53 49.26
C LEU A 104 -70.18 78.04 49.15
N GLU A 105 -69.30 78.69 49.93
CA GLU A 105 -69.03 80.14 49.83
C GLU A 105 -68.63 80.47 48.38
N GLU A 106 -67.64 79.71 47.92
CA GLU A 106 -67.19 79.75 46.54
C GLU A 106 -68.32 79.38 45.57
N LEU A 107 -68.98 78.22 45.65
CA LEU A 107 -70.07 77.90 44.72
C LEU A 107 -71.29 78.83 44.64
N LEU A 108 -71.61 79.60 45.68
CA LEU A 108 -72.64 80.64 45.58
C LEU A 108 -72.12 81.91 44.91
N THR A 109 -70.85 82.27 45.11
CA THR A 109 -70.24 83.40 44.40
C THR A 109 -69.77 83.16 42.98
N THR A 110 -69.30 81.94 42.68
CA THR A 110 -68.64 81.67 41.41
C THR A 110 -69.46 81.61 40.12
N GLN A 111 -69.90 80.46 39.56
CA GLN A 111 -70.72 80.42 38.35
C GLN A 111 -71.97 81.33 38.47
N CYS A 112 -72.35 82.03 37.40
CA CYS A 112 -73.33 83.13 37.35
C CYS A 112 -72.71 84.49 37.71
N ASP A 113 -73.47 85.53 38.02
CA ASP A 113 -72.94 86.83 38.38
C ASP A 113 -72.61 87.04 39.85
N ARG A 114 -73.54 86.59 40.71
CA ARG A 114 -73.44 86.84 42.14
C ARG A 114 -74.50 86.32 43.12
N PHE A 115 -74.04 85.55 44.09
CA PHE A 115 -74.77 85.59 45.35
C PHE A 115 -73.77 86.39 46.18
N THR A 116 -74.14 87.66 46.34
CA THR A 116 -73.20 88.67 46.86
C THR A 116 -72.52 88.40 48.21
N PRO A 117 -71.27 88.82 48.38
CA PRO A 117 -70.64 88.78 49.71
C PRO A 117 -71.25 89.57 50.88
N GLU A 118 -72.36 90.28 50.64
CA GLU A 118 -73.15 90.88 51.70
C GLU A 118 -74.16 89.78 52.08
N GLU A 119 -74.92 89.28 51.09
CA GLU A 119 -75.86 88.14 51.24
C GLU A 119 -75.23 86.93 51.94
N ILE A 120 -74.06 86.48 51.52
CA ILE A 120 -73.36 85.35 52.15
C ILE A 120 -72.97 85.55 53.63
N LYS A 121 -72.47 86.71 54.08
CA LYS A 121 -72.20 86.93 55.51
C LYS A 121 -73.50 86.89 56.35
N ASN A 122 -74.57 87.49 55.82
CA ASN A 122 -75.90 87.39 56.42
C ASN A 122 -76.33 85.93 56.53
N MET A 123 -76.09 85.13 55.48
CA MET A 123 -76.27 83.69 55.50
C MET A 123 -75.51 83.04 56.65
N TRP A 124 -74.19 83.15 56.83
CA TRP A 124 -73.49 82.57 57.99
C TRP A 124 -73.97 82.98 59.39
N ALA A 125 -74.51 84.20 59.49
CA ALA A 125 -75.15 84.67 60.72
C ALA A 125 -76.59 84.20 60.98
N ALA A 126 -77.43 84.11 59.93
CA ALA A 126 -78.84 83.67 60.00
C ALA A 126 -79.13 82.18 59.78
N PHE A 127 -78.09 81.59 59.23
CA PHE A 127 -77.82 80.16 59.13
C PHE A 127 -76.42 80.10 59.75
N PRO A 128 -76.33 80.38 61.06
CA PRO A 128 -75.48 79.70 62.01
C PRO A 128 -74.07 79.15 62.25
N PRO A 129 -73.91 78.91 63.57
CA PRO A 129 -73.76 77.55 64.11
C PRO A 129 -73.98 76.38 63.14
N ASP A 130 -75.18 76.07 62.62
CA ASP A 130 -75.37 75.06 61.58
C ASP A 130 -74.34 75.14 60.46
N VAL A 131 -74.25 76.28 59.78
CA VAL A 131 -73.28 76.56 58.73
C VAL A 131 -71.82 76.48 59.18
N ALA A 132 -71.53 76.59 60.48
CA ALA A 132 -70.18 76.37 60.99
C ALA A 132 -69.82 74.92 61.28
N GLY A 133 -70.74 74.19 61.91
CA GLY A 133 -70.54 72.81 62.32
C GLY A 133 -70.53 71.76 61.21
N ASN A 134 -71.68 71.50 60.61
CA ASN A 134 -71.83 70.52 59.55
C ASN A 134 -72.36 71.23 58.30
N VAL A 135 -72.28 72.58 58.27
CA VAL A 135 -73.13 73.49 57.45
C VAL A 135 -74.48 72.78 57.35
N ASP A 136 -74.98 72.49 58.56
CA ASP A 136 -76.15 71.66 58.79
C ASP A 136 -77.33 71.82 57.84
N TYR A 137 -77.21 71.31 56.61
CA TYR A 137 -78.21 71.53 55.57
C TYR A 137 -79.60 71.02 55.87
N LYS A 138 -79.61 69.91 56.62
CA LYS A 138 -80.84 69.36 57.17
C LYS A 138 -81.54 70.44 58.01
N ASN A 139 -80.80 71.00 58.98
CA ASN A 139 -81.27 72.08 59.82
C ASN A 139 -81.66 73.34 59.01
N ILE A 140 -80.78 73.81 58.10
CA ILE A 140 -81.05 74.91 57.16
C ILE A 140 -82.43 74.76 56.48
N CYS A 141 -82.71 73.61 55.88
CA CYS A 141 -84.01 73.32 55.28
C CYS A 141 -85.18 73.39 56.28
N TYR A 142 -85.08 72.77 57.45
CA TYR A 142 -86.13 72.87 58.46
C TYR A 142 -86.38 74.30 58.97
N VAL A 143 -85.38 75.15 59.12
CA VAL A 143 -85.58 76.56 59.50
C VAL A 143 -86.23 77.42 58.42
N ILE A 144 -85.89 77.18 57.15
CA ILE A 144 -86.57 77.94 56.09
C ILE A 144 -88.02 77.51 55.87
N THR A 145 -88.34 76.22 55.90
CA THR A 145 -89.74 75.79 55.79
C THR A 145 -90.54 75.91 57.09
N HIS A 146 -89.92 75.66 58.24
CA HIS A 146 -90.59 75.70 59.54
C HIS A 146 -90.27 76.82 60.55
N GLY A 147 -89.74 77.99 60.18
CA GLY A 147 -89.50 79.06 61.14
C GLY A 147 -88.08 79.16 61.71
N GLU A 148 -87.70 80.30 62.26
CA GLU A 148 -86.32 80.54 62.72
C GLU A 148 -85.82 79.96 64.05
N ASP A 149 -86.69 79.87 65.05
CA ASP A 149 -86.36 79.34 66.38
C ASP A 149 -86.17 77.83 66.44
N LYS A 150 -87.04 77.13 65.71
CA LYS A 150 -87.04 75.68 65.57
C LYS A 150 -85.83 74.97 65.00
N ASP B 1 -62.90 82.30 13.91
CA ASP B 1 -63.41 81.04 14.47
C ASP B 1 -64.92 80.66 14.33
N GLU B 2 -65.37 79.41 14.69
CA GLU B 2 -66.79 78.99 14.81
C GLU B 2 -67.34 77.62 15.30
N ILE B 3 -68.55 77.70 15.92
CA ILE B 3 -69.49 76.71 16.54
C ILE B 3 -70.31 77.50 17.62
N ASN B 4 -71.43 77.06 18.25
CA ASN B 4 -72.10 77.85 19.30
C ASN B 4 -71.88 77.41 20.76
N ASP B 5 -72.31 76.23 21.21
CA ASP B 5 -72.09 75.64 22.55
C ASP B 5 -70.89 76.09 23.41
N PHE B 6 -69.70 76.20 22.82
CA PHE B 6 -68.50 76.65 23.52
C PHE B 6 -68.64 78.03 24.17
N LYS B 7 -69.40 78.92 23.53
CA LYS B 7 -69.72 80.23 24.09
C LYS B 7 -70.61 80.11 25.34
N GLU B 8 -71.59 79.19 25.29
CA GLU B 8 -72.43 78.88 26.46
C GLU B 8 -71.59 78.34 27.63
N ALA B 9 -70.69 77.41 27.31
CA ALA B 9 -69.73 76.87 28.28
C ALA B 9 -68.77 77.89 28.90
N PHE B 10 -68.32 78.93 28.17
CA PHE B 10 -67.49 79.98 28.75
C PHE B 10 -68.12 80.65 29.98
N LEU B 11 -69.38 81.10 29.89
CA LEU B 11 -70.10 81.67 31.04
C LEU B 11 -70.22 80.77 32.29
N LEU B 12 -70.18 79.47 32.06
CA LEU B 12 -70.22 78.50 33.16
C LEU B 12 -68.95 78.48 34.01
N PHE B 13 -67.87 79.07 33.49
CA PHE B 13 -66.59 79.17 34.18
C PHE B 13 -66.09 80.60 34.42
N ASP B 14 -67.01 81.56 34.31
CA ASP B 14 -66.77 82.98 34.58
C ASP B 14 -66.34 83.34 36.00
N ARG B 15 -67.14 82.83 36.94
CA ARG B 15 -66.93 82.94 38.38
C ARG B 15 -66.69 84.33 39.01
N THR B 16 -67.52 85.24 38.51
CA THR B 16 -67.53 86.69 38.79
C THR B 16 -68.80 87.30 38.17
N GLY B 17 -69.14 86.77 36.99
CA GLY B 17 -70.31 87.18 36.21
C GLY B 17 -70.06 88.14 35.04
N ASP B 18 -68.80 88.51 34.88
CA ASP B 18 -68.33 89.47 33.87
C ASP B 18 -68.15 88.98 32.41
N ALA B 19 -68.23 87.67 32.17
CA ALA B 19 -67.94 87.03 30.88
C ALA B 19 -66.50 87.20 30.35
N LYS B 20 -65.61 87.54 31.28
CA LYS B 20 -64.18 87.72 31.02
C LYS B 20 -63.30 86.80 31.86
N ILE B 21 -62.91 85.66 31.31
CA ILE B 21 -62.16 84.65 32.08
C ILE B 21 -60.65 84.93 32.12
N THR B 22 -59.90 84.50 33.11
CA THR B 22 -58.45 84.78 33.21
C THR B 22 -57.47 83.95 32.38
N LEU B 23 -56.33 84.55 32.01
CA LEU B 23 -55.23 83.88 31.29
C LEU B 23 -54.70 82.58 31.90
N SER B 24 -54.87 82.39 33.20
CA SER B 24 -54.54 81.13 33.85
C SER B 24 -55.66 80.10 33.62
N GLN B 25 -56.94 80.44 33.84
CA GLN B 25 -58.07 79.54 33.55
C GLN B 25 -58.18 79.07 32.09
N VAL B 26 -57.57 79.88 31.22
CA VAL B 26 -57.32 79.58 29.81
C VAL B 26 -56.85 78.15 29.51
N GLY B 27 -55.79 77.75 30.20
CA GLY B 27 -55.18 76.43 30.07
C GLY B 27 -56.08 75.27 30.50
N ASP B 28 -56.98 75.53 31.44
CA ASP B 28 -57.95 74.53 31.90
C ASP B 28 -59.21 74.44 31.03
N ILE B 29 -59.85 75.55 30.64
CA ILE B 29 -61.03 75.52 29.77
C ILE B 29 -60.78 74.80 28.44
N VAL B 30 -59.60 75.02 27.86
CA VAL B 30 -59.17 74.30 26.65
C VAL B 30 -59.17 72.77 26.74
N ARG B 31 -58.95 72.24 27.95
CA ARG B 31 -58.90 70.79 28.21
C ARG B 31 -60.21 70.02 28.12
N ALA B 32 -61.32 70.64 28.53
CA ALA B 32 -62.62 70.00 28.36
C ALA B 32 -63.31 70.26 27.02
N LEU B 33 -62.97 71.36 26.35
CA LEU B 33 -63.51 71.61 25.02
C LEU B 33 -62.89 70.74 23.91
N GLY B 34 -63.35 69.50 23.99
CA GLY B 34 -63.00 68.42 23.10
C GLY B 34 -61.67 67.71 23.34
N GLN B 35 -60.54 68.38 23.14
CA GLN B 35 -59.29 67.65 23.08
C GLN B 35 -58.08 68.23 23.83
N ASN B 36 -57.21 67.33 24.30
CA ASN B 36 -56.01 67.63 25.12
C ASN B 36 -55.02 68.72 24.65
N PRO B 37 -54.47 69.53 25.57
CA PRO B 37 -53.23 70.27 25.31
C PRO B 37 -52.16 70.17 26.41
N THR B 38 -50.85 70.06 26.15
CA THR B 38 -49.89 69.98 27.25
C THR B 38 -49.50 71.33 27.87
N ASN B 39 -49.07 71.34 29.13
CA ASN B 39 -48.57 72.56 29.73
C ASN B 39 -47.05 72.59 29.49
N ALA B 40 -46.75 73.55 28.62
CA ALA B 40 -45.48 73.79 27.95
C ALA B 40 -46.00 74.27 26.61
N GLU B 41 -46.88 73.53 25.91
CA GLU B 41 -47.50 74.05 24.69
C GLU B 41 -48.38 75.27 24.89
N ILE B 42 -49.28 75.21 25.89
CA ILE B 42 -50.09 76.37 26.27
C ILE B 42 -49.17 77.53 26.71
N ASN B 43 -48.20 77.20 27.58
CA ASN B 43 -47.16 78.14 28.00
C ASN B 43 -46.35 78.75 26.84
N LYS B 44 -46.13 78.04 25.72
CA LYS B 44 -45.41 78.56 24.56
C LYS B 44 -46.06 79.74 23.84
N ILE B 45 -47.18 79.52 23.15
CA ILE B 45 -47.76 80.60 22.39
C ILE B 45 -49.04 81.19 22.91
N LEU B 46 -48.81 82.50 22.98
CA LEU B 46 -49.66 83.52 23.59
C LEU B 46 -49.61 83.39 25.12
N GLY B 47 -49.57 82.19 25.71
CA GLY B 47 -49.29 82.01 27.13
C GLY B 47 -48.01 82.71 27.66
N ASN B 48 -46.84 82.45 27.07
CA ASN B 48 -45.60 83.14 27.46
C ASN B 48 -45.59 84.68 27.47
N PRO B 49 -46.32 85.41 26.60
CA PRO B 49 -46.48 86.84 26.84
C PRO B 49 -47.58 87.31 27.80
N SER B 50 -47.31 87.51 29.10
CA SER B 50 -48.33 87.95 30.08
C SER B 50 -49.27 89.08 29.67
N LYS B 51 -48.79 90.28 29.33
CA LYS B 51 -49.65 91.36 28.84
C LYS B 51 -50.42 90.99 27.56
N GLU B 52 -49.77 90.45 26.53
CA GLU B 52 -50.48 90.00 25.34
C GLU B 52 -51.50 88.92 25.66
N GLU B 53 -51.26 87.77 26.29
CA GLU B 53 -52.32 86.80 26.63
C GLU B 53 -53.40 87.39 27.54
N MET B 54 -53.05 88.28 28.48
CA MET B 54 -54.06 89.00 29.23
C MET B 54 -54.95 89.92 28.37
N ASN B 55 -54.39 90.42 27.28
CA ASN B 55 -55.12 91.15 26.24
C ASN B 55 -55.39 90.31 24.98
N ALA B 56 -55.19 88.98 25.10
CA ALA B 56 -55.45 87.96 24.07
C ALA B 56 -56.05 86.63 24.54
N LYS B 57 -56.66 86.60 25.74
CA LYS B 57 -57.49 85.52 26.29
C LYS B 57 -57.94 85.75 27.73
N LYS B 58 -57.31 86.61 28.54
CA LYS B 58 -57.86 87.04 29.84
C LYS B 58 -58.90 88.15 29.55
N ILE B 59 -59.91 87.60 28.93
CA ILE B 59 -60.78 88.40 28.11
C ILE B 59 -62.15 87.79 27.85
N THR B 60 -62.79 88.40 26.87
CA THR B 60 -64.03 87.94 26.28
C THR B 60 -63.80 86.78 25.31
N PHE B 61 -64.87 86.31 24.71
CA PHE B 61 -64.86 85.13 23.84
C PHE B 61 -63.95 85.25 22.60
N GLU B 62 -63.70 86.50 22.23
CA GLU B 62 -62.93 86.93 21.06
C GLU B 62 -61.53 86.37 20.86
N GLU B 63 -60.89 86.07 21.99
CA GLU B 63 -59.56 85.50 21.95
C GLU B 63 -59.53 84.08 22.55
N PHE B 64 -60.55 83.75 23.35
CA PHE B 64 -60.75 82.36 23.77
C PHE B 64 -60.82 81.40 22.61
N LEU B 65 -61.78 81.69 21.73
CA LEU B 65 -62.09 80.90 20.56
C LEU B 65 -60.92 80.75 19.56
N PRO B 66 -60.25 81.79 19.04
CA PRO B 66 -58.96 81.59 18.37
C PRO B 66 -57.87 80.82 19.11
N MET B 67 -57.55 81.02 20.40
CA MET B 67 -56.57 80.16 21.10
C MET B 67 -56.95 78.68 21.09
N LEU B 68 -58.22 78.41 21.38
CA LEU B 68 -58.76 77.05 21.38
C LEU B 68 -58.64 76.36 20.03
N GLN B 69 -58.94 77.08 18.94
CA GLN B 69 -58.70 76.57 17.59
C GLN B 69 -57.23 76.28 17.30
N ALA B 70 -56.33 77.18 17.69
CA ALA B 70 -54.88 76.93 17.60
C ALA B 70 -54.45 75.58 18.20
N ALA B 71 -54.95 75.29 19.41
CA ALA B 71 -54.76 73.97 20.02
C ALA B 71 -55.42 72.87 19.16
N ALA B 72 -56.67 73.05 18.69
CA ALA B 72 -57.35 72.09 17.81
C ALA B 72 -56.56 71.50 16.64
N ASN B 73 -55.69 72.31 16.05
CA ASN B 73 -54.78 71.87 14.99
C ASN B 73 -53.74 70.79 15.37
N ASN B 74 -53.11 70.84 16.54
CA ASN B 74 -52.09 69.84 16.92
C ASN B 74 -52.63 68.54 17.52
N LYS B 75 -53.91 68.52 17.81
CA LYS B 75 -54.53 67.41 18.53
C LYS B 75 -54.60 66.01 17.91
N ASP B 76 -54.12 65.80 16.68
CA ASP B 76 -53.92 64.49 16.05
C ASP B 76 -53.18 63.48 16.96
N GLN B 77 -52.30 64.02 17.82
CA GLN B 77 -51.60 63.24 18.87
C GLN B 77 -52.52 62.50 19.86
N GLY B 78 -53.84 62.66 19.75
CA GLY B 78 -54.83 61.89 20.49
C GLY B 78 -54.77 60.39 20.20
N THR B 79 -54.04 59.97 19.16
CA THR B 79 -53.78 58.56 18.81
C THR B 79 -53.43 57.67 20.01
N PHE B 80 -54.22 56.64 20.29
CA PHE B 80 -54.00 55.81 21.46
C PHE B 80 -52.87 54.79 21.35
N GLU B 81 -52.49 54.43 20.12
CA GLU B 81 -51.47 53.40 19.82
C GLU B 81 -50.27 53.36 20.77
N ASP B 82 -49.45 54.40 20.77
CA ASP B 82 -48.30 54.54 21.66
C ASP B 82 -48.63 54.53 23.18
N PHE B 83 -49.86 54.88 23.56
CA PHE B 83 -50.20 55.12 24.96
C PHE B 83 -50.79 54.05 25.86
N VAL B 84 -50.80 52.81 25.36
CA VAL B 84 -51.03 51.62 26.17
C VAL B 84 -49.64 50.95 26.25
N GLU B 85 -48.96 50.96 25.10
CA GLU B 85 -47.60 50.44 24.94
C GLU B 85 -46.54 51.07 25.84
N GLY B 86 -46.49 52.41 25.90
CA GLY B 86 -45.59 53.15 26.79
C GLY B 86 -45.73 52.76 28.25
N LEU B 87 -46.98 52.54 28.63
CA LEU B 87 -47.28 52.05 29.96
C LEU B 87 -46.70 50.65 30.14
N ARG B 88 -47.02 49.60 29.35
CA ARG B 88 -46.37 48.28 29.48
C ARG B 88 -44.83 48.29 29.64
N VAL B 89 -44.13 49.31 29.16
CA VAL B 89 -42.68 49.44 29.35
C VAL B 89 -42.23 49.64 30.79
N PHE B 90 -43.04 50.22 31.68
CA PHE B 90 -42.66 50.40 33.07
C PHE B 90 -42.73 49.05 33.83
N ASP B 91 -43.86 48.35 33.91
CA ASP B 91 -43.94 47.08 34.65
C ASP B 91 -44.26 45.74 33.89
N LYS B 92 -43.64 45.45 32.74
CA LYS B 92 -43.85 44.22 31.96
C LYS B 92 -43.51 42.80 32.50
N GLU B 93 -44.43 42.11 33.18
CA GLU B 93 -44.19 40.76 33.71
C GLU B 93 -45.37 39.79 33.43
N GLY B 94 -45.77 39.70 32.16
CA GLY B 94 -46.90 38.87 31.76
C GLY B 94 -48.03 39.70 31.13
N ASN B 95 -49.13 39.91 31.85
CA ASN B 95 -50.22 40.77 31.34
C ASN B 95 -49.92 42.28 31.43
N GLY B 96 -50.84 43.22 31.20
CA GLY B 96 -50.55 44.64 31.43
C GLY B 96 -50.42 45.01 32.91
N THR B 97 -49.41 44.45 33.57
CA THR B 97 -49.14 44.61 35.00
C THR B 97 -48.45 45.90 35.37
N VAL B 98 -48.95 46.63 36.34
CA VAL B 98 -48.30 47.84 36.89
C VAL B 98 -48.15 47.75 38.40
N MET B 99 -47.35 48.55 39.07
CA MET B 99 -47.41 48.67 40.51
C MET B 99 -47.85 50.08 40.87
N GLY B 100 -48.77 50.22 41.82
CA GLY B 100 -49.27 51.52 42.28
C GLY B 100 -48.18 52.59 42.46
N ALA B 101 -47.20 52.25 43.29
CA ALA B 101 -46.04 53.11 43.56
C ALA B 101 -45.29 53.69 42.37
N GLU B 102 -45.05 52.88 41.34
CA GLU B 102 -44.36 53.32 40.14
C GLU B 102 -45.19 54.34 39.35
N LEU B 103 -46.43 54.07 38.94
CA LEU B 103 -47.23 55.13 38.29
C LEU B 103 -47.44 56.37 39.16
N ARG B 104 -47.78 56.22 40.45
CA ARG B 104 -47.93 57.35 41.39
C ARG B 104 -46.74 58.31 41.44
N HIS B 105 -45.52 57.81 41.65
CA HIS B 105 -44.37 58.72 41.65
C HIS B 105 -44.00 59.19 40.26
N VAL B 106 -43.92 58.33 39.25
CA VAL B 106 -43.57 58.74 37.89
C VAL B 106 -44.49 59.85 37.33
N LEU B 107 -45.78 59.81 37.65
CA LEU B 107 -46.70 60.85 37.25
C LEU B 107 -46.91 62.00 38.25
N ALA B 108 -45.99 62.18 39.20
CA ALA B 108 -46.00 63.30 40.14
C ALA B 108 -44.65 64.04 40.11
N THR B 109 -43.56 63.27 40.01
CA THR B 109 -42.20 63.77 39.95
C THR B 109 -41.59 64.05 38.58
N LEU B 110 -42.06 63.41 37.50
CA LEU B 110 -41.41 63.57 36.20
C LEU B 110 -42.04 64.43 35.10
N GLY B 111 -41.22 64.96 34.18
CA GLY B 111 -41.68 65.80 33.07
C GLY B 111 -42.51 67.03 33.44
N GLU B 112 -43.83 66.89 33.27
CA GLU B 112 -44.76 67.97 33.58
C GLU B 112 -45.31 67.98 35.01
N LYS B 113 -44.93 67.02 35.88
CA LYS B 113 -45.43 66.84 37.25
C LYS B 113 -46.93 66.47 37.28
N MET B 114 -47.58 66.40 38.42
CA MET B 114 -49.03 66.32 38.62
C MET B 114 -49.17 66.38 40.13
N THR B 115 -50.11 67.07 40.75
CA THR B 115 -50.15 67.09 42.21
C THR B 115 -50.54 65.73 42.76
N GLU B 116 -50.02 65.35 43.92
CA GLU B 116 -50.36 64.08 44.56
C GLU B 116 -51.87 63.88 44.65
N GLU B 117 -52.59 64.94 45.03
CA GLU B 117 -54.06 65.01 45.01
C GLU B 117 -54.66 64.58 43.66
N GLU B 118 -54.26 65.21 42.55
CA GLU B 118 -54.71 64.83 41.20
C GLU B 118 -54.37 63.38 40.81
N VAL B 119 -53.15 62.89 41.14
CA VAL B 119 -52.79 61.49 40.88
C VAL B 119 -53.66 60.52 41.71
N GLU B 120 -53.85 60.74 43.02
CA GLU B 120 -54.76 59.96 43.87
C GLU B 120 -56.17 59.90 43.26
N GLU B 121 -56.61 61.04 42.75
CA GLU B 121 -57.83 61.14 41.96
C GLU B 121 -57.89 60.46 40.59
N LEU B 122 -56.75 60.21 39.94
CA LEU B 122 -56.72 59.37 38.74
C LEU B 122 -56.84 57.89 39.12
N MET B 123 -56.24 57.54 40.26
CA MET B 123 -56.34 56.20 40.84
C MET B 123 -57.68 55.91 41.57
N LYS B 124 -58.80 56.47 41.10
CA LYS B 124 -60.12 56.33 41.70
C LYS B 124 -60.72 54.92 41.75
N GLY B 125 -60.24 54.06 42.65
CA GLY B 125 -60.74 52.68 42.78
C GLY B 125 -60.51 51.81 41.53
N GLN B 126 -59.35 52.00 40.91
CA GLN B 126 -58.93 51.19 39.78
C GLN B 126 -57.69 50.32 40.08
N GLU B 127 -57.17 50.56 41.28
CA GLU B 127 -56.03 49.86 41.88
C GLU B 127 -56.35 49.27 43.26
N ASP B 128 -57.23 48.28 43.25
CA ASP B 128 -57.58 47.59 44.48
C ASP B 128 -56.44 46.88 45.22
N SER B 129 -56.72 46.36 46.42
CA SER B 129 -55.76 45.67 47.30
C SER B 129 -54.56 44.86 46.79
N ASN B 130 -54.61 44.40 45.54
CA ASN B 130 -53.57 43.60 44.91
C ASN B 130 -52.21 44.27 44.68
N GLY B 131 -52.06 45.60 44.81
CA GLY B 131 -50.77 46.28 44.61
C GLY B 131 -50.47 46.60 43.14
N CYS B 132 -50.72 45.57 42.32
CA CYS B 132 -50.65 45.66 40.88
C CYS B 132 -51.89 46.24 40.23
N ILE B 133 -51.63 47.13 39.30
CA ILE B 133 -52.67 47.78 38.52
C ILE B 133 -52.77 47.20 37.10
N ASN B 134 -53.93 47.16 36.41
CA ASN B 134 -53.99 46.61 35.04
C ASN B 134 -53.99 47.62 33.87
N TYR B 135 -52.81 48.02 33.38
CA TYR B 135 -52.61 49.02 32.32
C TYR B 135 -53.67 49.30 31.24
N GLU B 136 -54.01 48.22 30.56
CA GLU B 136 -54.97 48.22 29.44
C GLU B 136 -56.33 48.81 29.78
N ALA B 137 -56.78 48.58 31.01
CA ALA B 137 -58.04 49.14 31.48
C ALA B 137 -57.91 50.61 31.82
N PHE B 138 -56.77 51.08 32.32
CA PHE B 138 -56.61 52.50 32.64
C PHE B 138 -56.63 53.39 31.44
N VAL B 139 -55.87 53.09 30.39
CA VAL B 139 -55.92 53.90 29.17
C VAL B 139 -57.37 54.00 28.66
N LYS B 140 -58.14 52.90 28.67
CA LYS B 140 -59.57 52.98 28.36
C LYS B 140 -60.37 53.89 29.31
N HIS B 141 -60.28 53.77 30.64
CA HIS B 141 -60.98 54.66 31.59
C HIS B 141 -60.51 56.12 31.65
N ILE B 142 -59.26 56.33 31.26
CA ILE B 142 -58.64 57.65 31.14
C ILE B 142 -59.21 58.24 29.84
N MET B 143 -59.03 57.62 28.69
CA MET B 143 -59.57 58.11 27.43
C MET B 143 -61.11 58.16 27.33
N SER B 144 -61.81 57.48 28.23
CA SER B 144 -63.28 57.43 28.29
C SER B 144 -64.12 58.66 28.69
N VAL B 145 -63.59 59.88 28.67
CA VAL B 145 -64.44 61.02 28.95
C VAL B 145 -65.06 61.57 27.65
N ASP C 1 2.49 55.02 58.76
CA ASP C 1 3.35 55.62 59.77
C ASP C 1 3.27 54.85 61.05
N ALA C 2 2.05 54.81 61.59
CA ALA C 2 1.78 54.07 62.80
C ALA C 2 2.14 52.63 62.55
N GLU C 3 1.61 52.11 61.44
CA GLU C 3 1.85 50.76 61.00
C GLU C 3 3.32 50.45 60.90
N MET C 4 3.97 51.16 59.98
CA MET C 4 5.37 51.02 59.75
C MET C 4 6.16 51.27 61.01
N ALA C 5 6.87 50.23 61.37
CA ALA C 5 7.71 50.21 62.50
C ALA C 5 8.63 49.05 62.27
N ALA C 6 7.95 47.93 61.95
CA ALA C 6 8.60 46.67 61.65
C ALA C 6 9.81 46.92 60.76
N PHE C 7 9.53 47.68 59.68
CA PHE C 7 10.55 48.06 58.74
C PHE C 7 11.34 49.19 59.32
N GLY C 8 10.56 50.21 59.64
CA GLY C 8 11.09 51.40 60.20
C GLY C 8 12.18 51.93 59.28
N GLU C 9 13.39 51.42 59.47
CA GLU C 9 14.51 51.88 58.68
C GLU C 9 14.35 51.67 57.19
N ALA C 10 13.62 50.63 56.80
CA ALA C 10 13.42 50.32 55.40
C ALA C 10 12.29 51.13 54.79
N ALA C 11 11.35 51.46 55.67
CA ALA C 11 10.13 52.19 55.38
C ALA C 11 10.22 53.16 54.24
N PRO C 12 11.16 54.07 54.33
CA PRO C 12 11.31 55.08 53.31
C PRO C 12 11.45 54.55 51.91
N TYR C 13 11.90 53.29 51.79
CA TYR C 13 12.15 52.64 50.50
C TYR C 13 11.04 51.72 50.07
N LEU C 14 10.08 51.56 50.99
CA LEU C 14 8.89 50.75 50.82
C LEU C 14 7.64 51.58 50.63
N ARG C 15 7.50 52.53 51.56
CA ARG C 15 6.42 53.47 51.59
C ARG C 15 6.87 54.85 51.94
N LYS C 16 6.01 55.84 51.67
CA LYS C 16 6.32 57.23 51.95
C LYS C 16 5.55 57.80 53.14
N SER C 17 6.09 58.85 53.76
CA SER C 17 5.42 59.41 54.93
C SER C 17 4.02 59.82 54.57
N GLU C 18 3.13 59.59 55.51
CA GLU C 18 1.71 59.92 55.35
C GLU C 18 1.36 61.32 54.96
N LYS C 19 2.32 62.16 54.67
CA LYS C 19 1.92 63.47 54.26
C LYS C 19 2.56 63.71 52.91
N GLU C 20 3.67 62.95 52.74
CA GLU C 20 4.40 62.99 51.49
C GLU C 20 3.41 62.51 50.46
N ARG C 21 2.62 61.59 50.98
CA ARG C 21 1.57 60.98 50.22
C ARG C 21 0.55 62.07 49.98
N ILE C 22 -0.03 62.45 51.12
CA ILE C 22 -1.04 63.48 51.21
C ILE C 22 -0.73 64.75 50.45
N GLU C 23 0.50 65.17 50.52
CA GLU C 23 0.94 66.34 49.82
C GLU C 23 1.02 66.12 48.32
N ALA C 24 0.97 64.85 47.96
CA ALA C 24 1.08 64.48 46.57
C ALA C 24 -0.24 64.18 45.89
N GLN C 25 -1.12 63.50 46.63
CA GLN C 25 -2.42 63.14 46.08
C GLN C 25 -3.38 64.32 46.09
N ASN C 26 -3.20 65.19 47.08
CA ASN C 26 -4.05 66.33 47.28
C ASN C 26 -3.33 67.57 46.79
N LYS C 27 -3.39 67.75 45.49
CA LYS C 27 -2.78 68.86 44.84
C LYS C 27 -3.59 69.24 43.62
N PRO C 28 -3.34 70.43 43.09
CA PRO C 28 -4.09 70.89 41.94
C PRO C 28 -3.86 70.06 40.70
N PHE C 29 -4.96 69.78 39.98
CA PHE C 29 -4.90 69.03 38.74
C PHE C 29 -5.90 69.50 37.66
N ASP C 30 -5.40 69.70 36.44
CA ASP C 30 -6.28 70.06 35.32
C ASP C 30 -6.32 68.97 34.25
N ALA C 31 -7.24 68.05 34.44
CA ALA C 31 -7.39 66.95 33.53
C ALA C 31 -7.42 67.28 32.03
N LYS C 32 -8.40 68.06 31.64
CA LYS C 32 -8.60 68.42 30.26
C LYS C 32 -7.36 68.98 29.57
N SER C 33 -6.37 69.41 30.34
CA SER C 33 -5.22 69.99 29.70
C SER C 33 -3.96 69.21 29.89
N SER C 34 -3.80 68.64 31.11
CA SER C 34 -2.62 67.84 31.42
C SER C 34 -2.56 66.51 30.63
N VAL C 35 -1.42 66.22 30.04
CA VAL C 35 -1.29 65.05 29.21
C VAL C 35 0.12 64.52 29.05
N PHE C 36 0.21 63.29 28.52
CA PHE C 36 1.49 62.61 28.18
C PHE C 36 1.59 62.67 26.68
N VAL C 37 2.79 62.71 26.13
CA VAL C 37 2.87 62.77 24.66
C VAL C 37 4.13 62.13 24.08
N VAL C 38 3.99 61.80 22.80
CA VAL C 38 5.04 61.18 22.02
C VAL C 38 6.19 62.11 21.95
N HIS C 39 7.38 61.57 21.67
CA HIS C 39 8.51 62.46 21.57
C HIS C 39 9.68 61.83 20.87
N PRO C 40 10.02 62.41 19.74
CA PRO C 40 11.08 61.94 18.91
C PRO C 40 12.38 61.56 19.61
N LYS C 41 12.89 62.42 20.50
CA LYS C 41 14.12 62.09 21.20
C LYS C 41 13.83 61.26 22.45
N GLU C 42 13.14 61.87 23.41
CA GLU C 42 12.75 61.12 24.59
C GLU C 42 11.44 60.45 24.25
N SER C 43 11.30 59.21 24.65
CA SER C 43 10.13 58.39 24.32
C SER C 43 8.76 59.04 24.43
N PHE C 44 8.47 59.45 25.63
CA PHE C 44 7.20 60.08 26.00
C PHE C 44 7.50 61.06 27.08
N VAL C 45 7.20 62.31 26.88
CA VAL C 45 7.44 63.22 27.95
C VAL C 45 6.10 63.84 28.26
N LYS C 46 5.99 64.55 29.41
CA LYS C 46 4.71 65.16 29.76
C LYS C 46 4.58 66.60 29.31
N GLY C 47 3.33 67.04 29.21
CA GLY C 47 3.07 68.38 28.81
C GLY C 47 1.65 68.78 29.05
N THR C 48 1.41 70.05 28.68
CA THR C 48 0.13 70.67 28.80
C THR C 48 -0.39 70.96 27.40
N ILE C 49 -1.65 70.63 27.18
CA ILE C 49 -2.25 70.91 25.91
C ILE C 49 -2.49 72.41 25.75
N GLN C 50 -2.02 72.95 24.63
CA GLN C 50 -2.17 74.34 24.35
C GLN C 50 -3.38 74.55 23.46
N SER C 51 -3.28 74.03 22.25
CA SER C 51 -4.37 74.23 21.33
C SER C 51 -4.90 72.92 20.82
N LYS C 52 -5.71 72.99 19.77
CA LYS C 52 -6.27 71.81 19.17
C LYS C 52 -6.51 72.04 17.67
N GLU C 53 -5.69 71.37 16.84
CA GLU C 53 -5.75 71.48 15.39
C GLU C 53 -6.82 70.62 14.67
N GLY C 54 -7.85 70.25 15.42
CA GLY C 54 -8.97 69.45 14.93
C GLY C 54 -8.70 67.96 14.84
N GLY C 55 -7.42 67.59 14.96
CA GLY C 55 -6.95 66.21 14.87
C GLY C 55 -5.45 66.18 14.89
N LYS C 56 -4.95 67.26 15.47
CA LYS C 56 -3.56 67.54 15.68
C LYS C 56 -3.53 68.18 17.03
N VAL C 57 -2.38 68.12 17.67
CA VAL C 57 -2.32 68.70 18.96
C VAL C 57 -1.03 69.40 19.19
N THR C 58 -1.12 70.58 19.79
CA THR C 58 0.08 71.31 20.12
C THR C 58 0.24 71.28 21.60
N VAL C 59 1.43 70.89 22.05
CA VAL C 59 1.63 70.83 23.48
C VAL C 59 2.91 71.43 23.97
N LYS C 60 2.81 71.96 25.17
CA LYS C 60 3.97 72.50 25.81
C LYS C 60 4.64 71.34 26.45
N THR C 61 5.81 71.56 26.97
CA THR C 61 6.54 70.47 27.55
C THR C 61 6.90 70.81 28.95
N GLU C 62 7.52 69.84 29.53
CA GLU C 62 8.09 69.92 30.82
C GLU C 62 9.56 69.89 30.56
N GLY C 63 10.05 71.08 30.34
CA GLY C 63 11.43 71.37 30.01
C GLY C 63 11.36 72.55 29.11
N GLY C 64 10.15 72.64 28.48
CA GLY C 64 9.85 73.77 27.63
C GLY C 64 10.12 73.39 26.21
N GLU C 65 9.03 73.00 25.55
CA GLU C 65 9.11 72.59 24.17
C GLU C 65 7.70 72.57 23.66
N THR C 66 7.59 72.84 22.36
CA THR C 66 6.29 72.85 21.80
C THR C 66 6.28 71.98 20.56
N LEU C 67 5.34 71.02 20.53
CA LEU C 67 5.21 70.07 19.43
C LEU C 67 3.78 69.90 18.99
N THR C 68 3.55 69.77 17.68
CA THR C 68 2.20 69.55 17.24
C THR C 68 2.15 68.14 16.77
N VAL C 69 1.55 67.32 17.58
CA VAL C 69 1.49 65.92 17.30
C VAL C 69 0.06 65.40 17.17
N LYS C 70 -0.12 64.33 16.39
CA LYS C 70 -1.41 63.68 16.12
C LYS C 70 -2.31 63.62 17.34
N GLU C 71 -3.54 63.18 17.11
CA GLU C 71 -4.47 63.06 18.20
C GLU C 71 -4.10 61.87 19.06
N ASP C 72 -3.63 60.82 18.39
CA ASP C 72 -3.21 59.65 19.14
C ASP C 72 -1.74 59.52 19.43
N GLN C 73 -1.14 60.65 19.64
CA GLN C 73 0.24 60.73 19.98
C GLN C 73 0.23 61.38 21.35
N VAL C 74 -1.04 61.61 21.71
CA VAL C 74 -1.48 62.25 22.93
C VAL C 74 -2.24 61.28 23.85
N PHE C 75 -1.80 61.23 25.09
CA PHE C 75 -2.35 60.37 26.11
C PHE C 75 -2.57 61.07 27.42
N SER C 76 -3.76 60.83 27.97
CA SER C 76 -4.20 61.38 29.22
C SER C 76 -3.21 61.15 30.32
N MET C 77 -3.44 61.80 31.46
CA MET C 77 -2.59 61.73 32.61
C MET C 77 -3.40 61.53 33.89
N ASN C 78 -3.04 60.54 34.66
CA ASN C 78 -3.76 60.23 35.84
C ASN C 78 -3.79 61.32 36.87
N PRO C 79 -4.95 61.44 37.53
CA PRO C 79 -5.11 62.41 38.60
C PRO C 79 -4.04 62.07 39.58
N PRO C 80 -3.70 63.06 40.33
CA PRO C 80 -2.65 62.97 41.30
C PRO C 80 -2.90 61.86 42.32
N LYS C 81 -4.15 61.47 42.42
CA LYS C 81 -4.49 60.42 43.37
C LYS C 81 -3.66 59.18 43.14
N TYR C 82 -3.21 59.04 41.91
CA TYR C 82 -2.38 57.91 41.50
C TYR C 82 -0.98 58.38 41.28
N ASP C 83 -0.26 58.63 42.38
CA ASP C 83 1.05 59.17 42.20
C ASP C 83 2.10 58.09 42.01
N LYS C 84 2.29 57.34 43.11
CA LYS C 84 3.26 56.27 43.11
C LYS C 84 2.63 55.00 43.60
N ILE C 85 1.55 54.71 42.88
CA ILE C 85 0.68 53.59 43.06
C ILE C 85 1.43 52.29 43.15
N GLU C 86 1.11 51.58 44.19
CA GLU C 86 1.65 50.28 44.44
C GLU C 86 1.35 49.32 43.33
N ASP C 87 0.13 49.47 42.77
CA ASP C 87 -0.37 48.62 41.72
C ASP C 87 -0.85 49.44 40.58
N MET C 88 -0.02 49.62 39.59
CA MET C 88 -0.36 50.42 38.47
C MET C 88 -1.62 50.03 37.83
N ALA C 89 -1.98 48.80 38.03
CA ALA C 89 -3.22 48.27 37.44
C ALA C 89 -4.46 48.77 38.13
N MET C 90 -4.26 49.73 39.03
CA MET C 90 -5.39 50.28 39.70
C MET C 90 -5.67 51.64 39.12
N MET C 91 -4.70 52.10 38.38
CA MET C 91 -4.80 53.32 37.67
C MET C 91 -6.00 53.26 36.77
N THR C 92 -6.57 54.44 36.47
CA THR C 92 -7.75 54.52 35.63
C THR C 92 -7.32 54.87 34.27
N HIS C 93 -5.99 54.89 34.13
CA HIS C 93 -5.39 55.21 32.85
C HIS C 93 -4.27 54.26 32.50
N LEU C 94 -4.69 53.23 31.76
CA LEU C 94 -3.90 52.15 31.29
C LEU C 94 -3.35 52.46 29.91
N HIS C 95 -2.21 53.11 29.96
CA HIS C 95 -1.48 53.55 28.81
C HIS C 95 -0.15 52.93 28.83
N GLU C 96 0.59 53.36 27.85
CA GLU C 96 1.96 52.96 27.78
C GLU C 96 2.78 53.93 28.67
N PRO C 97 2.59 55.24 28.47
CA PRO C 97 3.31 56.22 29.23
C PRO C 97 3.10 56.19 30.74
N ALA C 98 1.86 56.15 31.13
CA ALA C 98 1.58 56.13 32.55
C ALA C 98 2.25 55.03 33.29
N VAL C 99 2.59 53.96 32.59
CA VAL C 99 3.24 52.87 33.27
C VAL C 99 4.70 53.14 33.41
N LEU C 100 5.24 53.67 32.38
CA LEU C 100 6.65 54.00 32.39
C LEU C 100 6.84 55.00 33.50
N TYR C 101 6.02 56.03 33.43
CA TYR C 101 6.08 57.11 34.37
C TYR C 101 5.91 56.78 35.81
N ASN C 102 5.09 55.78 36.13
CA ASN C 102 4.89 55.39 37.54
C ASN C 102 6.07 54.72 38.10
N LEU C 103 6.65 53.91 37.28
CA LEU C 103 7.79 53.12 37.72
C LEU C 103 8.86 54.09 38.06
N LYS C 104 9.15 54.90 37.04
CA LYS C 104 10.14 55.98 37.10
C LYS C 104 10.02 56.85 38.31
N GLU C 105 8.82 57.34 38.62
CA GLU C 105 8.70 58.23 39.74
C GLU C 105 9.03 57.59 41.07
N ARG C 106 8.60 56.34 41.27
CA ARG C 106 8.85 55.70 42.54
C ARG C 106 10.19 55.12 42.70
N TYR C 107 11.00 55.39 41.69
CA TYR C 107 12.35 54.89 41.63
C TYR C 107 13.25 56.04 42.01
N ALA C 108 12.90 57.20 41.47
CA ALA C 108 13.61 58.44 41.76
C ALA C 108 13.44 58.74 43.25
N ALA C 109 12.53 57.98 43.87
CA ALA C 109 12.22 58.09 45.26
C ALA C 109 12.75 56.87 45.96
N TRP C 110 13.48 56.11 45.18
CA TRP C 110 14.08 54.90 45.70
C TRP C 110 13.11 53.85 46.10
N MET C 111 12.02 53.69 45.36
CA MET C 111 11.20 52.53 45.60
C MET C 111 11.35 51.57 44.40
N ILE C 112 12.00 50.44 44.67
CA ILE C 112 12.27 49.47 43.62
C ILE C 112 11.14 48.48 43.37
N TYR C 113 10.23 48.34 44.29
CA TYR C 113 9.15 47.42 44.10
C TYR C 113 7.82 48.03 43.92
N THR C 114 7.38 47.92 42.69
CA THR C 114 6.07 48.37 42.34
C THR C 114 5.30 47.25 41.64
N TYR C 115 4.02 46.97 41.95
CA TYR C 115 3.26 45.89 41.28
C TYR C 115 2.54 46.41 40.07
N SER C 116 2.34 45.53 39.06
CA SER C 116 1.64 45.87 37.80
C SER C 116 0.66 44.82 37.46
N GLY C 117 -0.22 44.53 38.38
CA GLY C 117 -1.18 43.53 38.18
C GLY C 117 -0.80 42.43 39.08
N LEU C 118 -0.31 41.38 38.50
CA LEU C 118 0.05 40.23 39.31
C LEU C 118 1.52 40.27 39.51
N PHE C 119 2.13 40.96 38.56
CA PHE C 119 3.56 41.08 38.60
C PHE C 119 4.09 41.82 39.75
N CYS C 120 5.33 41.65 39.92
CA CYS C 120 6.07 42.32 40.94
C CYS C 120 7.26 42.90 40.27
N VAL C 121 7.06 44.09 39.75
CA VAL C 121 8.16 44.71 39.11
C VAL C 121 9.28 44.99 40.07
N THR C 122 10.50 44.89 39.62
CA THR C 122 11.71 45.14 40.43
C THR C 122 12.76 45.86 39.63
N VAL C 123 13.20 46.98 40.14
CA VAL C 123 14.22 47.76 39.44
C VAL C 123 15.55 47.75 40.16
N ASN C 124 16.64 47.53 39.37
CA ASN C 124 17.98 47.48 39.92
C ASN C 124 18.40 48.76 40.64
N PRO C 125 18.62 48.69 41.96
CA PRO C 125 18.96 49.90 42.68
C PRO C 125 20.29 50.50 42.24
N TYR C 126 21.25 49.65 42.11
CA TYR C 126 22.60 50.02 41.71
C TYR C 126 23.36 50.63 42.83
N LYS C 127 22.81 50.34 43.98
CA LYS C 127 23.36 50.78 45.23
C LYS C 127 22.74 49.93 46.33
N TRP C 128 23.10 50.16 47.61
CA TRP C 128 22.61 49.33 48.72
C TRP C 128 21.35 49.85 49.39
N LEU C 129 20.54 48.88 49.87
CA LEU C 129 19.28 49.23 50.52
C LEU C 129 18.99 48.30 51.72
N PRO C 130 18.38 48.89 52.74
CA PRO C 130 18.00 48.18 53.94
C PRO C 130 16.81 47.30 53.70
N VAL C 131 16.52 46.98 52.45
CA VAL C 131 15.33 46.19 52.15
C VAL C 131 15.40 44.72 52.44
N TYR C 132 16.59 44.18 52.34
CA TYR C 132 16.75 42.77 52.49
C TYR C 132 16.92 42.48 53.93
N ASN C 133 16.70 43.59 54.65
CA ASN C 133 16.76 43.70 56.09
C ASN C 133 15.96 42.72 56.85
N PRO C 134 16.73 42.14 57.70
CA PRO C 134 16.37 41.10 58.60
C PRO C 134 15.18 41.51 59.44
N LYS C 135 14.73 42.72 59.31
CA LYS C 135 13.56 43.10 60.09
C LYS C 135 12.38 42.93 59.21
N VAL C 136 12.65 43.23 57.95
CA VAL C 136 11.62 43.19 56.95
C VAL C 136 11.03 41.82 56.78
N VAL C 137 11.96 40.88 56.69
CA VAL C 137 11.69 39.49 56.55
C VAL C 137 10.52 39.06 57.43
N LEU C 138 10.53 39.50 58.68
CA LEU C 138 9.47 39.20 59.65
C LEU C 138 8.22 39.93 59.32
N ALA C 139 8.45 41.21 59.03
CA ALA C 139 7.37 42.11 58.74
C ALA C 139 6.43 41.58 57.69
N TYR C 140 7.03 41.01 56.64
CA TYR C 140 6.30 40.49 55.54
C TYR C 140 5.73 39.11 55.80
N ARG C 141 6.00 38.66 56.99
CA ARG C 141 5.60 37.36 57.45
C ARG C 141 4.17 37.30 57.96
N GLY C 142 3.30 36.62 57.19
CA GLY C 142 1.89 36.39 57.48
C GLY C 142 0.95 37.49 56.94
N LYS C 143 1.45 38.31 56.02
CA LYS C 143 0.76 39.45 55.43
C LYS C 143 0.29 39.37 53.99
N LYS C 144 -1.02 39.53 53.75
CA LYS C 144 -1.47 39.60 52.36
C LYS C 144 -0.86 40.83 51.70
N ARG C 145 -0.74 40.84 50.36
CA ARG C 145 -0.08 41.97 49.73
C ARG C 145 -0.84 43.25 49.79
N GLN C 146 -1.94 43.24 50.53
CA GLN C 146 -2.73 44.44 50.65
C GLN C 146 -2.51 45.05 52.02
N GLU C 147 -1.93 44.24 52.89
CA GLU C 147 -1.56 44.61 54.25
C GLU C 147 -0.15 45.19 54.33
N ALA C 148 0.58 45.14 53.22
CA ALA C 148 1.91 45.64 53.13
C ALA C 148 2.26 46.17 51.71
N PRO C 149 3.26 47.05 51.68
CA PRO C 149 3.71 47.68 50.45
C PRO C 149 4.42 46.70 49.49
N PRO C 150 4.49 47.06 48.23
CA PRO C 150 5.14 46.26 47.23
C PRO C 150 6.57 45.86 47.55
N HIS C 151 6.70 44.53 47.60
CA HIS C 151 7.93 43.82 47.88
C HIS C 151 7.84 42.30 47.59
N ILE C 152 8.97 41.77 47.22
CA ILE C 152 9.23 40.40 46.86
C ILE C 152 8.96 39.42 47.94
N PHE C 153 9.16 39.83 49.16
CA PHE C 153 8.89 38.92 50.19
C PHE C 153 7.37 38.82 50.21
N SER C 154 6.70 39.78 49.62
CA SER C 154 5.26 39.69 49.68
C SER C 154 4.87 38.52 48.90
N ILE C 155 5.46 38.47 47.71
CA ILE C 155 5.14 37.40 46.79
C ILE C 155 5.49 36.08 47.44
N SER C 156 6.73 36.06 47.92
CA SER C 156 7.32 34.91 48.52
C SER C 156 6.66 34.43 49.76
N ASP C 157 5.97 35.27 50.42
CA ASP C 157 5.35 34.78 51.64
C ASP C 157 3.99 34.25 51.31
N ASN C 158 3.36 35.01 50.44
CA ASN C 158 2.03 34.67 50.05
C ASN C 158 2.00 33.31 49.46
N ALA C 159 3.08 33.01 48.75
CA ALA C 159 3.20 31.70 48.13
C ALA C 159 3.06 30.63 49.16
N TYR C 160 3.91 30.78 50.15
CA TYR C 160 3.96 29.93 51.31
C TYR C 160 2.60 29.78 51.95
N GLN C 161 2.00 30.91 52.19
CA GLN C 161 0.69 30.96 52.81
C GLN C 161 -0.18 30.04 52.03
N PHE C 162 -0.47 30.56 50.86
CA PHE C 162 -1.24 29.93 49.87
C PHE C 162 -0.93 28.48 49.75
N MET C 163 0.34 28.19 49.95
CA MET C 163 0.77 26.85 49.84
C MET C 163 0.01 26.04 50.86
N LEU C 164 0.14 26.43 52.12
CA LEU C 164 -0.58 25.70 53.17
C LEU C 164 -2.09 25.91 53.18
N THR C 165 -2.56 27.10 52.81
CA THR C 165 -3.97 27.38 52.81
C THR C 165 -4.78 26.57 51.80
N ASP C 166 -4.33 26.61 50.53
CA ASP C 166 -5.00 25.92 49.43
C ASP C 166 -4.55 24.46 49.16
N ARG C 167 -3.43 24.08 49.76
CA ARG C 167 -2.90 22.74 49.56
C ARG C 167 -2.53 22.50 48.12
N GLU C 168 -2.00 23.53 47.49
CA GLU C 168 -1.54 23.49 46.11
C GLU C 168 -0.10 23.86 46.03
N ASN C 169 0.54 23.40 44.98
CA ASN C 169 1.95 23.77 44.87
C ASN C 169 2.02 25.12 44.24
N GLN C 170 3.19 25.73 44.43
CA GLN C 170 3.38 27.08 43.97
C GLN C 170 4.56 27.25 43.04
N SER C 171 4.66 28.46 42.47
CA SER C 171 5.79 28.82 41.62
C SER C 171 5.99 30.30 41.61
N ILE C 172 7.22 30.65 41.28
CA ILE C 172 7.64 32.00 41.19
C ILE C 172 8.45 32.10 39.94
N LEU C 173 8.03 32.95 39.04
CA LEU C 173 8.76 33.06 37.84
C LEU C 173 9.49 34.33 37.73
N ILE C 174 10.83 34.26 37.88
CA ILE C 174 11.65 35.44 37.79
C ILE C 174 12.20 35.58 36.39
N THR C 175 12.13 36.73 35.81
CA THR C 175 12.58 36.92 34.48
C THR C 175 12.97 38.35 34.17
N GLY C 176 14.05 38.52 33.35
CA GLY C 176 14.52 39.84 32.92
C GLY C 176 15.78 39.75 32.06
N GLU C 177 16.24 40.86 31.50
CA GLU C 177 17.47 40.82 30.71
C GLU C 177 18.73 40.65 31.58
N SER C 178 19.80 40.33 30.88
CA SER C 178 21.10 40.06 31.41
C SER C 178 21.48 40.90 32.61
N GLY C 179 21.16 42.16 32.56
CA GLY C 179 21.57 43.02 33.70
C GLY C 179 20.52 43.32 34.72
N ALA C 180 19.32 42.78 34.54
CA ALA C 180 18.24 43.04 35.45
C ALA C 180 18.47 42.62 36.89
N GLY C 181 19.36 41.63 37.10
CA GLY C 181 19.68 41.17 38.45
C GLY C 181 18.70 40.18 39.02
N LYS C 182 18.50 39.05 38.31
CA LYS C 182 17.56 38.06 38.80
C LYS C 182 18.14 37.14 39.85
N THR C 183 19.36 36.60 39.59
CA THR C 183 20.05 35.67 40.50
C THR C 183 19.94 36.14 41.91
N VAL C 184 20.23 37.44 41.98
CA VAL C 184 20.16 38.20 43.22
C VAL C 184 18.83 38.04 43.89
N ASN C 185 17.75 38.19 43.12
CA ASN C 185 16.45 38.04 43.68
C ASN C 185 16.20 36.62 44.05
N THR C 186 16.51 35.77 43.08
CA THR C 186 16.27 34.36 43.22
C THR C 186 16.87 33.86 44.47
N LYS C 187 18.13 34.22 44.64
CA LYS C 187 18.83 33.84 45.81
C LYS C 187 18.11 34.33 47.00
N ARG C 188 17.81 35.62 46.93
CA ARG C 188 17.13 36.30 48.05
C ARG C 188 15.78 35.71 48.39
N VAL C 189 15.12 35.17 47.39
CA VAL C 189 13.85 34.54 47.66
C VAL C 189 14.08 33.26 48.42
N ILE C 190 15.08 32.57 47.92
CA ILE C 190 15.47 31.30 48.50
C ILE C 190 15.79 31.39 49.98
N GLN C 191 16.65 32.36 50.33
CA GLN C 191 16.99 32.56 51.73
C GLN C 191 15.72 32.65 52.52
N TYR C 192 14.83 33.46 51.96
CA TYR C 192 13.54 33.69 52.56
C TYR C 192 12.84 32.40 52.95
N PHE C 193 12.77 31.48 52.02
CA PHE C 193 12.15 30.21 52.33
C PHE C 193 12.84 29.52 53.44
N ALA C 194 14.12 29.43 53.27
CA ALA C 194 14.93 28.71 54.25
C ALA C 194 14.72 29.26 55.64
N THR C 195 14.79 30.57 55.76
CA THR C 195 14.60 31.21 57.06
C THR C 195 13.24 30.94 57.69
N ILE C 196 12.22 31.49 57.06
CA ILE C 196 10.86 31.37 57.53
C ILE C 196 10.29 29.96 57.70
N ALA C 197 11.03 28.91 57.41
CA ALA C 197 10.44 27.61 57.63
C ALA C 197 11.48 26.49 57.73
N ALA C 198 12.45 26.68 58.63
CA ALA C 198 13.58 25.76 58.81
C ALA C 198 13.45 24.63 59.84
N SER C 199 13.88 23.42 59.44
CA SER C 199 13.86 22.24 60.32
C SER C 199 15.23 21.55 60.48
N GLY C 200 16.27 22.39 60.70
CA GLY C 200 17.64 21.93 60.92
C GLY C 200 17.93 22.11 62.40
N GLU C 201 17.16 21.36 63.18
CA GLU C 201 17.16 21.38 64.64
C GLU C 201 18.52 21.31 65.27
N LEU C 215 22.93 22.67 53.91
CA LEU C 215 22.10 23.04 52.79
C LEU C 215 22.54 24.36 52.20
N GLU C 216 22.51 25.27 53.12
CA GLU C 216 22.88 26.63 52.90
C GLU C 216 24.12 26.83 52.08
N ASP C 217 24.95 25.84 52.04
CA ASP C 217 26.18 25.93 51.26
C ASP C 217 25.99 25.23 49.94
N GLN C 218 25.42 24.01 50.04
CA GLN C 218 25.16 23.21 48.85
C GLN C 218 24.39 24.08 47.93
N ILE C 219 23.38 24.67 48.56
CA ILE C 219 22.46 25.61 47.94
C ILE C 219 23.29 26.57 47.15
N ILE C 220 24.24 27.11 47.83
CA ILE C 220 25.11 28.08 47.23
C ILE C 220 26.08 27.43 46.26
N SER C 221 26.85 26.48 46.77
CA SER C 221 27.86 25.81 45.98
C SER C 221 27.37 25.39 44.64
N ALA C 222 26.05 25.27 44.55
CA ALA C 222 25.42 24.86 43.33
C ALA C 222 25.88 25.66 42.16
N ASN C 223 25.70 26.94 42.33
CA ASN C 223 25.99 27.91 41.28
C ASN C 223 27.28 27.72 40.53
N PRO C 224 28.37 27.85 41.27
CA PRO C 224 29.72 27.73 40.73
C PRO C 224 30.05 26.47 39.94
N LEU C 225 29.14 25.51 39.97
CA LEU C 225 29.37 24.28 39.20
C LEU C 225 28.68 24.52 37.86
N LEU C 226 27.39 24.80 37.96
CA LEU C 226 26.56 25.10 36.84
C LEU C 226 27.21 26.14 35.95
N GLU C 227 27.80 27.13 36.59
CA GLU C 227 28.47 28.28 35.95
C GLU C 227 29.68 27.86 35.14
N ALA C 228 30.37 26.85 35.63
CA ALA C 228 31.52 26.37 34.89
C ALA C 228 31.15 25.71 33.63
N PHE C 229 29.93 25.11 33.68
CA PHE C 229 29.36 24.37 32.55
C PHE C 229 28.34 25.06 31.73
N GLY C 230 27.53 25.89 32.35
CA GLY C 230 26.54 26.65 31.60
C GLY C 230 26.82 28.11 31.45
N ASN C 231 28.04 28.59 31.74
CA ASN C 231 28.41 30.01 31.63
C ASN C 231 29.62 30.22 30.77
N ALA C 232 29.70 31.38 30.18
CA ALA C 232 30.78 31.70 29.31
C ALA C 232 30.94 33.17 29.03
N LYS C 233 32.06 33.54 28.49
CA LYS C 233 32.31 34.88 28.11
C LYS C 233 31.59 35.25 26.89
N THR C 234 30.63 36.09 27.04
CA THR C 234 29.83 36.64 25.96
C THR C 234 30.48 37.95 25.63
N VAL C 235 30.16 38.48 24.47
CA VAL C 235 30.72 39.75 24.05
C VAL C 235 30.16 40.89 24.92
N ARG C 236 29.07 40.62 25.62
CA ARG C 236 28.42 41.57 26.50
C ARG C 236 28.85 41.42 27.96
N ASN C 237 28.73 40.21 28.45
CA ASN C 237 29.13 39.88 29.80
C ASN C 237 30.40 39.02 29.74
N ASP C 238 31.03 38.80 30.87
CA ASP C 238 32.27 38.03 30.93
C ASP C 238 31.97 36.69 31.53
N ASN C 239 30.81 36.66 32.17
CA ASN C 239 30.23 35.49 32.81
C ASN C 239 28.76 35.43 32.49
N SER C 240 28.38 35.30 31.19
CA SER C 240 26.98 35.25 30.82
C SER C 240 26.35 33.93 31.04
N SER C 241 25.10 33.98 31.50
CA SER C 241 24.30 32.77 31.76
C SER C 241 23.82 32.20 30.43
N ARG C 242 24.28 31.02 30.01
CA ARG C 242 23.84 30.51 28.74
C ARG C 242 22.72 29.57 28.83
N PHE C 243 23.21 30.59 32.52
CA PHE C 243 22.29 29.48 32.41
C PHE C 243 21.01 29.72 33.16
N GLY C 244 20.01 28.89 32.87
CA GLY C 244 18.70 29.00 33.50
C GLY C 244 18.53 28.00 34.59
N LYS C 245 17.53 28.19 35.45
CA LYS C 245 17.40 27.22 36.50
C LYS C 245 16.08 27.14 37.19
N PHE C 246 15.81 25.94 37.72
CA PHE C 246 14.59 25.63 38.37
C PHE C 246 14.77 24.77 39.57
N ILE C 247 14.49 25.36 40.72
CA ILE C 247 14.56 24.72 42.02
C ILE C 247 13.24 24.34 42.61
N ARG C 248 13.17 23.13 43.13
CA ARG C 248 11.94 22.77 43.71
C ARG C 248 12.11 22.66 45.19
N ILE C 249 11.58 23.59 45.91
CA ILE C 249 11.71 23.46 47.33
C ILE C 249 10.56 22.72 47.84
N HIS C 250 10.89 21.54 48.27
CA HIS C 250 9.87 20.64 48.72
C HIS C 250 9.59 20.82 50.17
N PHE C 251 8.47 21.44 50.42
CA PHE C 251 8.09 21.65 51.78
C PHE C 251 7.45 20.41 52.32
N GLY C 252 7.50 20.24 53.62
CA GLY C 252 6.91 19.10 54.26
C GLY C 252 5.39 19.23 54.46
N ALA C 253 4.85 18.41 55.37
CA ALA C 253 3.44 18.36 55.67
C ALA C 253 3.06 19.42 56.69
N THR C 254 3.93 19.50 57.67
CA THR C 254 3.83 20.48 58.72
C THR C 254 3.85 21.81 58.02
N GLY C 255 4.93 22.01 57.27
CA GLY C 255 5.15 23.24 56.55
C GLY C 255 6.67 23.53 56.61
N LYS C 256 7.41 22.61 57.20
CA LYS C 256 8.84 22.78 57.34
C LYS C 256 9.60 22.09 56.20
N LEU C 257 10.71 22.73 55.81
CA LEU C 257 11.60 22.27 54.74
C LEU C 257 11.84 20.78 54.71
N ALA C 258 11.88 20.20 53.49
CA ALA C 258 12.10 18.74 53.34
C ALA C 258 13.04 18.34 52.18
N SER C 259 12.96 19.02 51.03
CA SER C 259 13.83 18.73 49.91
C SER C 259 13.92 19.86 48.93
N ALA C 260 14.90 19.70 48.05
CA ALA C 260 15.19 20.63 46.97
C ALA C 260 15.50 19.88 45.69
N ASP C 261 15.51 20.61 44.61
CA ASP C 261 15.68 20.00 43.31
C ASP C 261 16.16 20.94 42.22
N ILE C 262 17.39 20.88 41.84
CA ILE C 262 17.77 21.76 40.75
C ILE C 262 17.76 21.16 39.40
N GLU C 263 17.56 22.03 38.41
CA GLU C 263 17.59 21.70 37.01
C GLU C 263 18.13 22.84 36.20
N THR C 264 19.04 22.50 35.31
CA THR C 264 19.72 23.50 34.53
C THR C 264 19.32 23.45 33.07
N TYR C 265 19.27 24.61 32.46
CA TYR C 265 18.87 24.77 31.10
C TYR C 265 19.81 25.70 30.37
N LEU C 266 20.11 25.35 29.18
CA LEU C 266 20.88 26.17 28.30
C LEU C 266 22.09 26.87 28.84
N LEU C 267 23.17 26.17 28.95
CA LEU C 267 24.38 26.70 29.42
C LEU C 267 25.18 27.31 28.31
N GLU C 268 22.67 26.62 25.76
CA GLU C 268 23.32 26.99 24.53
C GLU C 268 24.25 25.91 24.08
N LYS C 269 23.70 24.83 23.51
CA LYS C 269 24.47 23.68 23.03
C LYS C 269 25.54 24.04 22.01
N SER C 270 25.25 25.01 21.23
CA SER C 270 26.17 25.45 20.22
C SER C 270 27.56 25.87 20.70
N ARG C 271 27.70 26.46 21.91
CA ARG C 271 28.98 26.93 22.39
C ARG C 271 29.95 25.78 22.39
N VAL C 272 29.46 24.62 22.85
CA VAL C 272 30.24 23.44 22.92
C VAL C 272 31.02 23.15 21.64
N THR C 273 30.53 23.62 20.52
CA THR C 273 31.11 23.32 19.21
C THR C 273 31.54 24.54 18.47
N PHE C 274 31.01 25.64 18.89
CA PHE C 274 31.25 26.88 18.26
C PHE C 274 31.39 27.99 19.20
N GLN C 275 31.80 29.09 18.61
CA GLN C 275 32.05 30.30 19.31
C GLN C 275 32.34 31.46 18.38
N LEU C 276 31.70 32.55 18.70
CA LEU C 276 31.94 33.74 17.96
C LEU C 276 33.35 34.23 18.32
N PRO C 277 33.85 35.09 17.49
CA PRO C 277 35.16 35.68 17.54
C PRO C 277 35.58 36.41 18.77
N ALA C 278 34.63 37.06 19.42
CA ALA C 278 34.98 37.77 20.64
C ALA C 278 34.55 37.02 21.86
N GLU C 279 34.01 35.83 21.63
CA GLU C 279 33.49 35.05 22.71
C GLU C 279 34.29 33.79 22.97
N ARG C 280 33.74 33.03 23.86
CA ARG C 280 34.36 31.82 24.19
C ARG C 280 33.41 30.80 24.73
N SER C 281 33.86 29.59 24.78
CA SER C 281 33.01 28.56 25.24
C SER C 281 32.94 28.55 26.72
N TYR C 282 32.21 27.52 27.21
CA TYR C 282 31.99 27.34 28.60
C TYR C 282 33.28 27.48 29.35
N HIS C 283 33.24 27.79 30.61
CA HIS C 283 34.47 28.02 31.31
C HIS C 283 35.30 26.80 31.53
N ILE C 284 34.59 25.76 31.98
CA ILE C 284 35.17 24.52 32.35
C ILE C 284 36.41 24.14 31.58
N PHE C 285 36.27 24.29 30.32
CA PHE C 285 37.33 23.91 29.38
C PHE C 285 38.52 24.65 29.67
N TYR C 286 38.35 25.95 29.77
CA TYR C 286 39.50 26.81 30.03
C TYR C 286 39.94 26.65 31.44
N GLN C 287 39.01 26.28 32.30
CA GLN C 287 39.36 26.08 33.67
C GLN C 287 40.42 24.97 33.70
N ILE C 288 40.00 23.81 33.28
CA ILE C 288 40.76 22.58 33.20
C ILE C 288 42.16 22.67 32.54
N MET C 289 42.23 23.35 31.43
CA MET C 289 43.49 23.51 30.74
C MET C 289 44.38 24.56 31.38
N SER C 290 43.86 25.16 32.45
CA SER C 290 44.59 26.20 33.16
C SER C 290 45.82 25.64 33.80
N ASN C 291 45.73 24.39 34.24
CA ASN C 291 46.80 23.63 34.85
C ASN C 291 46.92 23.77 36.35
N LYS C 292 45.89 23.95 37.06
CA LYS C 292 46.07 24.05 38.48
C LYS C 292 46.14 22.69 39.19
N LYS C 293 45.64 21.73 38.47
CA LYS C 293 45.53 20.33 38.83
C LYS C 293 46.10 19.53 37.66
N PRO C 294 47.44 19.59 37.51
CA PRO C 294 48.09 18.95 36.37
C PRO C 294 47.70 17.51 36.02
N GLU C 295 47.34 16.69 37.02
CA GLU C 295 46.92 15.31 36.78
C GLU C 295 45.86 15.24 35.77
N LEU C 296 44.94 16.14 35.93
CA LEU C 296 43.77 16.30 35.05
C LEU C 296 44.16 16.30 33.58
N ILE C 297 45.19 17.09 33.26
CA ILE C 297 45.68 17.21 31.91
C ILE C 297 46.13 15.87 31.28
N ASP C 298 46.78 15.07 32.11
CA ASP C 298 47.32 13.80 31.72
C ASP C 298 46.22 12.76 31.83
N MET C 299 45.37 13.00 32.76
CA MET C 299 44.26 12.12 32.99
C MET C 299 43.31 12.12 31.79
N LEU C 300 43.08 13.33 31.28
CA LEU C 300 42.17 13.54 30.16
C LEU C 300 42.87 13.35 28.85
N LEU C 301 44.18 13.40 28.89
CA LEU C 301 44.96 13.22 27.71
C LEU C 301 44.92 14.39 26.80
N ILE C 302 45.09 15.57 27.39
CA ILE C 302 45.07 16.75 26.57
C ILE C 302 46.30 17.57 26.85
N THR C 303 46.33 18.67 26.19
CA THR C 303 47.35 19.61 26.42
C THR C 303 46.80 20.77 27.18
N THR C 304 47.60 21.82 27.32
CA THR C 304 47.26 23.03 28.07
C THR C 304 46.97 24.21 27.10
N ASN C 305 47.28 24.02 25.83
CA ASN C 305 47.09 24.91 24.71
C ASN C 305 45.83 24.58 23.98
N PRO C 306 44.85 25.46 24.06
CA PRO C 306 43.51 25.29 23.55
C PRO C 306 43.43 25.28 22.09
N TYR C 307 44.47 25.77 21.50
CA TYR C 307 44.42 25.75 20.06
C TYR C 307 44.57 24.35 19.50
N ASP C 308 44.50 23.35 20.39
CA ASP C 308 44.61 21.92 20.04
C ASP C 308 43.22 21.32 20.00
N TYR C 309 42.25 22.16 20.37
CA TYR C 309 40.92 21.79 20.44
C TYR C 309 40.05 22.79 19.83
N HIS C 310 39.97 22.63 18.52
CA HIS C 310 39.15 23.43 17.63
C HIS C 310 37.76 23.87 18.18
N TYR C 311 37.04 22.97 18.75
CA TYR C 311 35.75 23.15 19.33
C TYR C 311 35.75 24.29 20.30
N VAL C 312 36.85 24.45 21.05
CA VAL C 312 36.96 25.46 22.09
C VAL C 312 37.92 26.63 21.91
N SER C 313 38.46 26.84 20.74
CA SER C 313 39.29 27.99 20.59
C SER C 313 38.97 28.67 19.29
N GLN C 314 37.71 28.73 18.96
CA GLN C 314 37.35 29.35 17.72
C GLN C 314 37.25 30.84 17.97
N GLY C 315 37.00 31.15 19.23
CA GLY C 315 36.86 32.53 19.57
C GLY C 315 38.04 32.93 20.36
N GLU C 316 37.83 33.19 21.67
CA GLU C 316 38.88 33.62 22.52
C GLU C 316 39.14 32.54 23.55
N ILE C 317 40.31 32.60 24.16
CA ILE C 317 40.75 31.62 25.14
C ILE C 317 40.93 32.19 26.52
N THR C 318 41.39 33.42 26.56
CA THR C 318 41.61 34.02 27.85
C THR C 318 40.88 35.35 28.05
N VAL C 319 40.43 35.51 29.29
CA VAL C 319 39.73 36.70 29.76
C VAL C 319 40.39 37.18 31.03
N PRO C 320 40.86 38.44 30.96
CA PRO C 320 41.61 39.09 32.03
C PRO C 320 40.91 39.15 33.37
N SER C 321 39.61 39.42 33.35
CA SER C 321 38.83 39.48 34.56
C SER C 321 38.54 38.16 35.24
N ILE C 322 38.94 37.04 34.59
CA ILE C 322 38.72 35.70 35.10
C ILE C 322 40.01 34.95 35.37
N ASP C 323 40.05 34.25 36.52
CA ASP C 323 41.21 33.46 36.95
C ASP C 323 40.84 32.00 36.91
N ASP C 324 40.99 31.43 35.72
CA ASP C 324 40.62 30.06 35.43
C ASP C 324 41.16 29.07 36.47
N GLN C 325 42.31 29.40 37.01
CA GLN C 325 42.97 28.57 37.99
C GLN C 325 42.24 28.48 39.29
N GLU C 326 41.69 29.61 39.72
CA GLU C 326 40.96 29.73 41.00
C GLU C 326 39.60 29.03 40.93
N GLU C 327 38.99 29.26 39.80
CA GLU C 327 37.71 28.70 39.55
C GLU C 327 37.72 27.21 39.51
N LEU C 328 38.74 26.67 38.86
CA LEU C 328 38.90 25.24 38.74
C LEU C 328 38.72 24.57 40.06
N MET C 329 39.28 25.18 41.06
CA MET C 329 39.12 24.64 42.40
C MET C 329 37.76 24.88 42.92
N ALA C 330 37.29 26.10 42.68
CA ALA C 330 35.96 26.45 43.15
C ALA C 330 34.98 25.39 42.71
N THR C 331 35.13 25.16 41.45
CA THR C 331 34.35 24.19 40.77
C THR C 331 34.53 22.88 41.41
N ASP C 332 35.78 22.49 41.44
CA ASP C 332 36.19 21.20 42.00
C ASP C 332 35.55 20.93 43.36
N SER C 333 35.87 21.84 44.25
CA SER C 333 35.37 21.82 45.62
C SER C 333 33.85 21.78 45.70
N ALA C 334 33.19 22.51 44.82
CA ALA C 334 31.79 22.53 44.79
C ALA C 334 31.22 21.13 44.52
N ILE C 335 31.89 20.44 43.61
CA ILE C 335 31.41 19.12 43.22
C ILE C 335 31.28 18.22 44.41
N ASP C 336 32.36 18.22 45.14
CA ASP C 336 32.49 17.48 46.38
C ASP C 336 31.38 17.81 47.34
N ILE C 337 31.25 19.09 47.64
CA ILE C 337 30.22 19.53 48.57
C ILE C 337 28.90 19.12 48.14
N LEU C 338 28.81 19.14 46.83
CA LEU C 338 27.59 18.73 46.25
C LEU C 338 27.31 17.22 46.43
N GLY C 339 28.28 16.51 47.00
CA GLY C 339 28.08 15.09 47.29
C GLY C 339 28.33 14.10 46.18
N PHE C 340 28.92 14.58 45.10
CA PHE C 340 29.18 13.69 44.00
C PHE C 340 30.23 12.66 44.37
N SER C 341 30.08 11.47 43.82
CA SER C 341 31.07 10.42 43.98
C SER C 341 32.33 10.74 43.19
N ALA C 342 33.48 10.31 43.68
CA ALA C 342 34.73 10.70 43.01
C ALA C 342 34.72 10.25 41.58
N ASP C 343 34.26 9.04 41.46
CA ASP C 343 34.04 8.40 40.21
C ASP C 343 33.22 9.34 39.29
N GLU C 344 32.05 9.78 39.78
CA GLU C 344 31.22 10.66 39.02
C GLU C 344 32.00 11.90 38.77
N LYS C 345 32.67 12.32 39.84
CA LYS C 345 33.49 13.51 39.73
C LYS C 345 34.61 13.26 38.79
N THR C 346 34.79 12.00 38.48
CA THR C 346 35.80 11.59 37.54
C THR C 346 35.14 11.49 36.15
N ALA C 347 33.91 10.99 36.09
CA ALA C 347 33.21 10.90 34.87
C ALA C 347 33.09 12.26 34.23
N ILE C 348 32.69 13.17 35.03
CA ILE C 348 32.49 14.55 34.64
C ILE C 348 33.70 15.05 33.97
N TYR C 349 34.81 14.88 34.65
CA TYR C 349 35.98 15.41 34.05
C TYR C 349 36.24 14.63 32.79
N LYS C 350 36.54 13.35 32.91
CA LYS C 350 36.84 12.50 31.76
C LYS C 350 35.89 12.72 30.58
N LEU C 351 34.61 12.90 30.92
CA LEU C 351 33.61 13.10 29.91
C LEU C 351 33.72 14.44 29.20
N THR C 352 34.16 15.45 29.94
CA THR C 352 34.31 16.78 29.42
C THR C 352 35.48 16.91 28.49
N GLY C 353 36.39 15.96 28.54
CA GLY C 353 37.58 15.97 27.71
C GLY C 353 37.35 15.19 26.47
N ALA C 354 36.54 14.12 26.59
CA ALA C 354 36.21 13.33 25.42
C ALA C 354 35.69 14.24 24.30
N VAL C 355 34.79 15.08 24.73
CA VAL C 355 34.12 16.06 23.92
C VAL C 355 35.11 16.95 23.20
N MET C 356 36.14 17.34 23.86
CA MET C 356 37.18 18.18 23.23
C MET C 356 37.81 17.43 22.13
N HIS C 357 38.12 16.18 22.46
CA HIS C 357 38.74 15.21 21.55
C HIS C 357 37.92 14.94 20.31
N TYR C 358 36.63 14.85 20.49
CA TYR C 358 35.78 14.60 19.38
C TYR C 358 35.98 15.60 18.26
N GLY C 359 36.03 16.80 18.64
CA GLY C 359 36.22 17.88 17.71
C GLY C 359 37.53 17.77 17.01
N ASN C 360 38.35 16.82 17.48
CA ASN C 360 39.67 16.57 16.87
C ASN C 360 39.62 15.35 15.98
N LEU C 361 38.54 14.63 16.11
CA LEU C 361 38.32 13.47 15.31
C LEU C 361 38.26 13.89 13.87
N LYS C 362 39.11 13.25 13.06
CA LYS C 362 39.26 13.54 11.66
C LYS C 362 38.97 12.34 10.79
N PHE C 363 38.48 12.65 9.60
CA PHE C 363 38.13 11.64 8.63
C PHE C 363 38.55 12.01 7.24
N LYS C 364 38.57 10.97 6.39
CA LYS C 364 38.89 11.05 4.96
C LYS C 364 38.07 10.12 4.06
N GLN C 365 37.91 10.57 2.87
CA GLN C 365 37.17 9.89 1.81
C GLN C 365 37.85 8.62 1.40
N LYS C 366 37.08 7.59 1.36
CA LYS C 366 37.61 6.33 0.93
C LYS C 366 37.84 6.53 -0.55
N GLN C 367 38.88 5.91 -1.10
CA GLN C 367 39.20 6.05 -2.53
C GLN C 367 38.15 5.48 -3.46
N ARG C 368 37.80 6.28 -4.48
CA ARG C 368 36.84 5.88 -5.49
C ARG C 368 35.45 5.72 -4.94
N GLU C 369 35.36 6.04 -3.70
CA GLU C 369 34.11 5.96 -2.98
C GLU C 369 33.91 7.32 -2.37
N GLU C 370 32.67 7.59 -2.05
CA GLU C 370 32.29 8.84 -1.44
C GLU C 370 32.06 8.59 0.05
N GLN C 371 32.64 7.50 0.52
CA GLN C 371 32.48 7.18 1.89
C GLN C 371 33.54 7.74 2.73
N ALA C 372 33.15 7.85 3.99
CA ALA C 372 34.02 8.33 5.00
C ALA C 372 34.71 7.16 5.63
N GLU C 373 36.00 7.35 5.79
CA GLU C 373 36.84 6.39 6.41
C GLU C 373 37.72 7.18 7.40
N PRO C 374 37.94 6.61 8.58
CA PRO C 374 38.74 7.21 9.60
C PRO C 374 40.09 7.64 9.13
N ASP C 375 40.51 8.83 9.54
CA ASP C 375 41.80 9.35 9.16
C ASP C 375 42.80 9.10 10.26
N GLY C 376 42.64 8.03 11.03
CA GLY C 376 43.59 7.74 12.10
C GLY C 376 42.90 7.30 13.36
N THR C 377 43.63 6.52 14.16
CA THR C 377 43.14 6.06 15.46
C THR C 377 44.11 6.50 16.53
N GLU C 378 44.23 7.78 16.62
CA GLU C 378 45.09 8.45 17.56
C GLU C 378 44.19 9.03 18.64
N VAL C 379 43.21 9.79 18.14
CA VAL C 379 42.28 10.49 18.92
C VAL C 379 41.12 9.66 19.31
N ALA C 380 40.74 8.83 18.42
CA ALA C 380 39.58 8.02 18.68
C ALA C 380 39.87 7.21 19.90
N ASP C 381 41.11 6.83 19.96
CA ASP C 381 41.63 5.95 20.99
C ASP C 381 41.39 6.55 22.33
N LYS C 382 41.69 7.84 22.39
CA LYS C 382 41.55 8.61 23.62
C LYS C 382 40.11 8.82 23.94
N ALA C 383 39.36 9.22 22.93
CA ALA C 383 37.97 9.47 23.17
C ALA C 383 37.36 8.19 23.63
N ALA C 384 37.72 7.14 22.99
CA ALA C 384 37.18 5.83 23.30
C ALA C 384 37.45 5.39 24.71
N TYR C 385 38.66 5.57 25.15
CA TYR C 385 39.09 5.16 26.46
C TYR C 385 38.46 5.99 27.56
N LEU C 386 38.44 7.27 27.32
CA LEU C 386 37.91 8.24 28.23
C LEU C 386 36.47 8.05 28.48
N MET C 387 35.77 7.47 27.49
CA MET C 387 34.34 7.22 27.62
C MET C 387 34.04 5.77 28.01
N GLY C 388 35.03 4.92 28.05
CA GLY C 388 34.84 3.53 28.38
C GLY C 388 34.26 2.78 27.19
N LEU C 389 34.80 3.10 26.02
CA LEU C 389 34.41 2.59 24.73
C LEU C 389 35.56 1.82 24.04
N ASN C 390 35.27 1.30 22.86
CA ASN C 390 36.19 0.61 22.05
C ASN C 390 36.39 1.39 20.75
N SER C 391 37.62 1.80 20.52
CA SER C 391 38.02 2.60 19.37
C SER C 391 37.35 2.21 18.09
N ALA C 392 37.42 0.95 17.80
CA ALA C 392 36.92 0.40 16.53
C ALA C 392 35.46 0.54 16.38
N GLU C 393 34.80 -0.16 17.28
CA GLU C 393 33.39 -0.28 17.33
C GLU C 393 32.83 1.06 17.14
N LEU C 394 33.53 2.01 17.77
CA LEU C 394 33.14 3.42 17.74
C LEU C 394 33.27 4.01 16.33
N LEU C 395 34.41 3.84 15.71
CA LEU C 395 34.65 4.41 14.41
C LEU C 395 33.80 3.81 13.32
N LYS C 396 33.31 2.59 13.57
CA LYS C 396 32.47 1.91 12.62
C LYS C 396 31.11 2.57 12.61
N ALA C 397 30.50 2.44 13.77
CA ALA C 397 29.19 3.00 14.09
C ALA C 397 29.09 4.39 13.51
N LEU C 398 30.16 5.14 13.72
CA LEU C 398 30.25 6.49 13.21
C LEU C 398 30.23 6.57 11.69
N CYS C 399 31.05 5.71 11.05
CA CYS C 399 31.23 5.66 9.61
C CYS C 399 30.14 4.86 8.88
N TYR C 400 29.75 3.73 9.45
CA TYR C 400 28.76 2.85 8.90
C TYR C 400 27.62 2.67 9.85
N PRO C 401 26.96 3.75 10.07
CA PRO C 401 25.78 3.82 10.90
C PRO C 401 24.84 2.72 10.54
N ARG C 402 24.57 1.82 11.47
CA ARG C 402 23.63 0.72 11.22
C ARG C 402 22.26 1.03 11.79
N VAL C 403 21.43 1.43 10.84
CA VAL C 403 20.06 1.87 10.96
C VAL C 403 19.06 0.70 10.99
N LYS C 404 17.77 1.03 11.09
CA LYS C 404 16.66 0.05 11.14
C LYS C 404 15.35 0.48 10.43
N VAL C 405 15.43 0.65 9.07
CA VAL C 405 14.33 1.02 8.14
C VAL C 405 13.51 -0.19 7.67
N GLY C 406 12.26 -0.20 8.08
CA GLY C 406 11.35 -1.28 7.78
C GLY C 406 11.14 -1.99 9.10
N ASN C 407 11.47 -3.28 9.16
CA ASN C 407 11.34 -4.02 10.41
C ASN C 407 12.65 -4.63 10.86
N GLU C 408 13.70 -4.23 10.14
CA GLU C 408 15.03 -4.70 10.39
C GLU C 408 16.00 -3.55 10.70
N PHE C 409 17.26 -3.86 10.50
CA PHE C 409 18.35 -2.96 10.73
C PHE C 409 19.33 -2.94 9.54
N VAL C 410 19.15 -1.88 8.74
CA VAL C 410 19.90 -1.62 7.52
C VAL C 410 21.14 -0.78 7.68
N THR C 411 22.27 -1.37 7.38
CA THR C 411 23.52 -0.63 7.49
C THR C 411 23.72 0.42 6.42
N LYS C 412 23.82 1.67 6.89
CA LYS C 412 23.97 2.88 6.08
C LYS C 412 25.34 3.51 6.15
N GLY C 413 25.78 3.95 4.97
CA GLY C 413 27.05 4.60 4.82
C GLY C 413 26.95 6.13 4.79
N GLN C 414 27.91 6.77 5.42
CA GLN C 414 27.93 8.20 5.49
C GLN C 414 29.10 8.86 4.80
N THR C 415 28.93 10.15 4.53
CA THR C 415 29.92 10.96 3.90
C THR C 415 30.79 11.62 4.93
N VAL C 416 31.88 12.20 4.46
CA VAL C 416 32.80 12.87 5.31
C VAL C 416 32.01 13.97 6.04
N SER C 417 31.37 14.79 5.27
CA SER C 417 30.55 15.88 5.82
C SER C 417 29.52 15.40 6.78
N GLN C 418 29.04 14.20 6.58
CA GLN C 418 28.01 13.66 7.44
C GLN C 418 28.53 13.24 8.79
N VAL C 419 29.78 12.80 8.80
CA VAL C 419 30.38 12.31 10.02
C VAL C 419 30.70 13.45 10.91
N HIS C 420 31.47 14.36 10.37
CA HIS C 420 31.91 15.55 11.09
C HIS C 420 30.73 16.16 11.78
N ASN C 421 29.61 16.17 11.09
CA ASN C 421 28.41 16.75 11.63
C ASN C 421 27.83 15.82 12.68
N SER C 422 27.85 14.51 12.47
CA SER C 422 27.26 13.66 13.51
C SER C 422 28.02 13.68 14.82
N VAL C 423 29.29 13.72 14.68
CA VAL C 423 30.18 13.76 15.80
C VAL C 423 29.79 14.94 16.66
N GLY C 424 29.78 16.08 16.01
CA GLY C 424 29.39 17.30 16.64
C GLY C 424 28.05 17.16 17.31
N ALA C 425 27.18 16.38 16.70
CA ALA C 425 25.91 16.18 17.33
C ALA C 425 25.97 15.42 18.61
N LEU C 426 26.87 14.44 18.65
CA LEU C 426 26.97 13.70 19.92
C LEU C 426 27.65 14.54 21.00
N ALA C 427 28.76 15.22 20.61
CA ALA C 427 29.51 16.07 21.46
C ALA C 427 28.56 16.94 22.21
N LYS C 428 27.70 17.60 21.46
CA LYS C 428 26.70 18.46 22.05
C LYS C 428 25.73 17.67 22.89
N ALA C 429 25.21 16.59 22.30
CA ALA C 429 24.24 15.77 23.00
C ALA C 429 24.73 15.34 24.36
N VAL C 430 25.91 14.77 24.37
CA VAL C 430 26.55 14.31 25.58
C VAL C 430 26.74 15.34 26.66
N TYR C 431 27.30 16.47 26.24
CA TYR C 431 27.51 17.60 27.13
C TYR C 431 26.24 18.00 27.83
N GLU C 432 25.21 18.26 27.00
CA GLU C 432 23.92 18.61 27.49
C GLU C 432 23.44 17.72 28.57
N LYS C 433 23.06 16.54 28.17
CA LYS C 433 22.61 15.45 29.06
C LYS C 433 23.33 15.47 30.39
N MET C 434 24.63 15.48 30.29
CA MET C 434 25.50 15.51 31.45
C MET C 434 25.12 16.65 32.34
N PHE C 435 25.04 17.78 31.70
CA PHE C 435 24.67 18.98 32.41
C PHE C 435 23.38 18.79 33.10
N LEU C 436 22.46 18.12 32.38
CA LEU C 436 21.16 17.87 32.98
C LEU C 436 21.29 16.99 34.19
N TRP C 437 22.07 15.95 34.02
CA TRP C 437 22.31 15.01 35.08
C TRP C 437 22.84 15.67 36.33
N MET C 438 23.90 16.47 36.14
CA MET C 438 24.54 17.17 37.24
C MET C 438 23.50 17.88 38.03
N VAL C 439 22.62 18.55 37.29
CA VAL C 439 21.56 19.26 37.97
C VAL C 439 20.74 18.32 38.81
N ILE C 440 20.28 17.25 38.22
CA ILE C 440 19.52 16.25 38.95
C ILE C 440 20.25 15.78 40.19
N ARG C 441 21.47 15.43 40.01
CA ARG C 441 22.24 14.95 41.12
C ARG C 441 22.30 16.00 42.20
N ILE C 442 22.39 17.24 41.78
CA ILE C 442 22.44 18.33 42.74
C ILE C 442 21.15 18.27 43.54
N ASN C 443 20.05 18.38 42.82
CA ASN C 443 18.71 18.33 43.34
C ASN C 443 18.59 17.21 44.35
N GLN C 444 19.25 16.10 44.03
CA GLN C 444 19.18 14.95 44.88
C GLN C 444 19.74 15.12 46.25
N GLN C 445 20.80 15.86 46.29
CA GLN C 445 21.41 16.13 47.56
C GLN C 445 20.55 17.16 48.26
N LEU C 446 20.06 18.09 47.47
CA LEU C 446 19.24 19.18 47.99
C LEU C 446 17.89 18.70 48.45
N ASP C 447 18.52 15.26 48.63
CA ASP C 447 17.48 14.24 48.67
C ASP C 447 17.38 13.68 50.07
N THR C 448 16.19 13.83 50.61
CA THR C 448 16.01 13.30 51.93
C THR C 448 14.93 12.27 51.85
N LYS C 449 14.81 11.53 52.93
CA LYS C 449 13.81 10.50 53.03
C LYS C 449 12.46 11.05 53.50
N GLN C 450 12.50 12.08 54.37
CA GLN C 450 11.30 12.72 54.89
C GLN C 450 10.24 12.98 53.83
N PRO C 451 8.98 12.85 54.23
CA PRO C 451 7.87 13.01 53.31
C PRO C 451 7.78 14.42 52.81
N ARG C 452 7.19 14.53 51.62
CA ARG C 452 6.99 15.79 50.91
C ARG C 452 5.52 15.87 50.50
N GLN C 453 4.90 17.05 50.74
CA GLN C 453 3.49 17.16 50.37
C GLN C 453 3.27 18.16 49.27
N TYR C 454 4.14 19.16 49.28
CA TYR C 454 4.11 20.22 48.26
C TYR C 454 5.45 20.85 48.10
N PHE C 455 5.56 21.61 47.01
CA PHE C 455 6.82 22.26 46.71
C PHE C 455 6.57 23.65 46.19
N ILE C 456 7.62 24.44 46.17
CA ILE C 456 7.52 25.77 45.65
C ILE C 456 8.63 25.95 44.64
N GLY C 457 8.23 26.06 43.39
CA GLY C 457 9.19 26.18 42.34
C GLY C 457 9.56 27.60 42.05
N VAL C 458 10.88 27.74 41.95
CA VAL C 458 11.49 28.99 41.67
C VAL C 458 12.23 28.87 40.36
N LEU C 459 11.70 29.50 39.36
CA LEU C 459 12.24 29.47 38.04
C LEU C 459 12.96 30.75 37.69
N ASP C 460 14.19 30.60 37.27
CA ASP C 460 15.07 31.67 36.84
C ASP C 460 15.61 31.32 35.47
N ILE C 461 15.27 32.13 34.50
CA ILE C 461 15.61 32.01 33.11
C ILE C 461 15.57 33.40 32.52
N ALA C 462 16.06 33.51 31.31
CA ALA C 462 16.03 34.73 30.59
C ALA C 462 14.74 35.02 29.87
N GLY C 463 14.60 36.32 29.58
CA GLY C 463 13.44 36.76 28.91
C GLY C 463 13.78 37.12 27.53
N PHE C 464 12.74 37.12 26.75
CA PHE C 464 12.76 37.47 25.37
C PHE C 464 13.60 38.70 25.16
N GLU C 465 14.68 38.46 24.46
CA GLU C 465 15.63 39.49 24.11
C GLU C 465 15.70 39.50 22.58
N ILE C 466 15.76 40.69 22.07
CA ILE C 466 15.82 40.80 20.64
C ILE C 466 17.13 41.37 20.24
N PHE C 467 17.79 40.74 19.33
CA PHE C 467 19.03 41.28 18.90
C PHE C 467 19.03 41.46 17.43
N ASP C 468 19.90 42.32 16.96
CA ASP C 468 19.95 42.53 15.54
C ASP C 468 20.33 41.22 14.92
N PHE C 469 21.02 40.41 15.76
CA PHE C 469 21.43 39.09 15.36
C PHE C 469 20.80 38.00 16.19
N ASN C 470 19.87 37.27 15.61
CA ASN C 470 19.24 36.22 16.34
C ASN C 470 19.55 34.87 15.76
N SER C 471 20.22 34.10 16.56
CA SER C 471 20.56 32.78 16.13
C SER C 471 19.80 31.77 16.93
N PHE C 472 20.20 30.53 16.70
CA PHE C 472 19.57 29.35 17.26
C PHE C 472 19.23 29.48 18.72
N GLU C 473 20.20 29.92 19.46
CA GLU C 473 20.02 30.07 20.92
C GLU C 473 18.85 30.99 21.25
N GLN C 474 18.65 32.02 20.43
CA GLN C 474 17.61 32.97 20.62
C GLN C 474 16.23 32.35 20.44
N LEU C 475 16.14 31.55 19.41
CA LEU C 475 14.90 30.85 19.17
C LEU C 475 14.53 30.02 20.41
N CYS C 476 15.48 29.21 20.89
CA CYS C 476 15.24 28.37 22.02
C CYS C 476 14.73 29.18 23.21
N ILE C 477 15.37 30.29 23.48
CA ILE C 477 14.94 31.08 24.61
C ILE C 477 13.62 31.75 24.36
N ASN C 478 13.49 32.38 23.19
CA ASN C 478 12.26 33.08 22.86
C ASN C 478 11.11 32.14 22.94
N PHE C 479 11.32 30.97 22.40
CA PHE C 479 10.30 29.98 22.42
C PHE C 479 9.90 29.67 23.83
N THR C 480 10.91 29.66 24.73
CA THR C 480 10.60 29.35 26.09
C THR C 480 9.70 30.40 26.63
N ASN C 481 10.08 31.63 26.38
CA ASN C 481 9.32 32.76 26.88
C ASN C 481 7.92 32.85 26.26
N GLU C 482 7.81 32.66 24.96
CA GLU C 482 6.50 32.80 24.39
C GLU C 482 5.53 31.80 24.98
N LYS C 483 6.04 30.78 25.57
CA LYS C 483 5.27 29.75 26.17
C LYS C 483 4.84 30.22 27.52
N LEU C 484 5.83 30.65 28.29
CA LEU C 484 5.69 31.19 29.64
C LEU C 484 4.60 32.25 29.69
N GLN C 485 4.65 33.13 28.68
CA GLN C 485 3.68 34.19 28.50
C GLN C 485 2.25 33.70 28.39
N GLN C 486 2.03 32.75 27.49
CA GLN C 486 0.74 32.14 27.28
C GLN C 486 0.27 31.54 28.53
N PHE C 487 1.26 31.13 29.29
CA PHE C 487 1.01 30.46 30.57
C PHE C 487 0.36 31.37 31.55
N PHE C 488 0.80 32.60 31.45
CA PHE C 488 0.27 33.67 32.24
C PHE C 488 -1.10 34.12 31.75
N ASN C 489 -1.14 34.57 30.50
CA ASN C 489 -2.34 35.04 29.82
C ASN C 489 -3.54 34.16 30.12
N HIS C 490 -3.26 32.91 30.35
CA HIS C 490 -4.31 31.99 30.63
C HIS C 490 -4.73 32.11 32.07
N HIS C 491 -3.73 32.03 32.94
CA HIS C 491 -3.93 32.09 34.39
C HIS C 491 -4.71 33.34 34.69
N MET C 492 -4.50 34.34 33.89
CA MET C 492 -5.19 35.56 34.07
C MET C 492 -6.62 35.48 33.59
N PHE C 493 -6.79 34.69 32.57
CA PHE C 493 -8.08 34.54 32.03
C PHE C 493 -8.90 33.74 32.95
N VAL C 494 -8.32 32.77 33.48
CA VAL C 494 -8.99 31.96 34.44
C VAL C 494 -9.37 32.78 35.62
N LEU C 495 -8.39 33.50 36.13
CA LEU C 495 -8.48 34.38 37.29
C LEU C 495 -9.54 35.45 37.16
N GLU C 496 -9.43 36.21 36.07
CA GLU C 496 -10.38 37.27 35.77
C GLU C 496 -11.82 36.79 35.91
N GLN C 497 -12.12 35.80 35.11
CA GLN C 497 -13.37 35.15 35.00
C GLN C 497 -13.97 34.69 36.34
N GLU C 498 -13.15 34.58 37.34
CA GLU C 498 -13.65 34.16 38.62
C GLU C 498 -14.37 35.35 39.24
N GLU C 499 -13.75 36.53 39.09
CA GLU C 499 -14.31 37.75 39.66
C GLU C 499 -15.68 37.98 39.08
N TYR C 500 -15.73 38.12 37.78
CA TYR C 500 -17.01 38.32 37.16
C TYR C 500 -18.05 37.26 37.55
N LYS C 501 -17.58 36.18 38.16
CA LYS C 501 -18.41 35.08 38.55
C LYS C 501 -18.78 35.26 40.00
N LYS C 502 -17.79 35.74 40.74
CA LYS C 502 -17.94 36.03 42.17
C LYS C 502 -18.93 37.21 42.30
N GLU C 503 -18.66 38.27 41.58
CA GLU C 503 -19.49 39.44 41.60
C GLU C 503 -20.82 39.22 40.90
N GLY C 504 -20.79 38.63 39.76
CA GLY C 504 -22.08 38.50 39.17
C GLY C 504 -22.14 39.38 37.98
N ILE C 505 -20.97 39.80 37.52
CA ILE C 505 -20.97 40.59 36.32
C ILE C 505 -21.18 39.66 35.16
N GLU C 506 -21.61 40.21 34.04
CA GLU C 506 -21.83 39.41 32.90
C GLU C 506 -20.85 39.76 31.79
N TRP C 507 -19.67 39.13 31.85
CA TRP C 507 -18.62 39.36 30.88
C TRP C 507 -18.16 38.06 30.26
N GLU C 508 -18.25 37.94 28.91
CA GLU C 508 -17.77 36.73 28.28
C GLU C 508 -16.52 36.99 27.50
N PHE C 509 -15.60 36.06 27.64
CA PHE C 509 -14.38 36.22 26.96
C PHE C 509 -13.64 34.90 26.81
N ILE C 510 -12.93 34.89 25.71
CA ILE C 510 -12.07 33.85 25.22
C ILE C 510 -10.73 33.89 25.97
N ASP C 511 -10.12 32.72 26.17
CA ASP C 511 -8.84 32.55 26.81
C ASP C 511 -7.87 33.52 26.24
N PHE C 512 -7.02 34.17 27.03
CA PHE C 512 -6.11 35.11 26.41
C PHE C 512 -4.91 34.44 25.88
N GLY C 513 -4.71 33.20 26.26
CA GLY C 513 -3.57 32.48 25.75
C GLY C 513 -3.63 32.30 24.23
N MET C 514 -4.77 31.84 23.81
CA MET C 514 -5.12 31.53 22.47
C MET C 514 -4.47 32.39 21.47
N ASP C 515 -4.26 33.61 21.84
CA ASP C 515 -3.68 34.49 20.83
C ASP C 515 -2.30 34.02 20.41
N LEU C 516 -1.64 33.33 21.32
CA LEU C 516 -0.29 32.90 21.02
C LEU C 516 -0.11 31.53 20.44
N ALA C 517 -1.14 30.71 20.54
CA ALA C 517 -1.06 29.35 20.03
C ALA C 517 -0.54 29.26 18.61
N ALA C 518 -0.83 30.25 17.81
CA ALA C 518 -0.37 30.28 16.46
C ALA C 518 1.12 30.15 16.43
N CYS C 519 1.81 31.03 17.12
CA CYS C 519 3.26 30.98 17.10
C CYS C 519 3.83 29.70 17.67
N ILE C 520 3.32 29.31 18.80
CA ILE C 520 3.80 28.06 19.37
C ILE C 520 3.69 26.86 18.44
N GLU C 521 2.49 26.62 17.87
CA GLU C 521 2.34 25.47 16.98
C GLU C 521 3.41 25.43 15.89
N LEU C 522 3.70 26.56 15.31
CA LEU C 522 4.64 26.72 14.20
C LEU C 522 6.03 26.25 14.59
N ILE C 523 6.35 26.40 15.85
CA ILE C 523 7.66 25.98 16.33
C ILE C 523 7.73 24.54 16.76
N GLU C 524 6.85 24.17 17.66
CA GLU C 524 6.81 22.87 18.28
C GLU C 524 6.05 21.75 17.60
N LYS C 525 5.13 22.07 16.72
CA LYS C 525 4.35 21.07 16.07
C LYS C 525 5.20 20.32 15.07
N PRO C 526 4.67 19.17 14.61
CA PRO C 526 5.36 18.28 13.69
C PRO C 526 5.95 18.82 12.40
N MET C 527 5.23 19.63 11.64
CA MET C 527 5.95 20.03 10.44
C MET C 527 6.60 21.37 10.64
N GLY C 528 6.63 21.78 11.91
CA GLY C 528 7.19 23.04 12.34
C GLY C 528 8.71 23.08 12.45
N ILE C 529 9.24 24.30 12.52
CA ILE C 529 10.66 24.62 12.56
C ILE C 529 11.59 23.62 13.15
N PHE C 530 11.35 23.30 14.39
CA PHE C 530 12.18 22.31 15.06
C PHE C 530 12.27 21.01 14.31
N SER C 531 11.10 20.44 13.96
CA SER C 531 11.08 19.21 13.20
C SER C 531 11.92 19.28 11.94
N ILE C 532 11.55 20.21 11.07
CA ILE C 532 12.33 20.43 9.85
C ILE C 532 13.81 20.59 10.21
N LEU C 533 14.04 21.18 11.37
CA LEU C 533 15.37 21.32 11.84
C LEU C 533 15.97 20.01 12.26
N GLU C 534 15.23 19.26 13.01
CA GLU C 534 15.76 18.00 13.48
C GLU C 534 15.67 16.85 12.52
N GLU C 535 15.08 17.09 11.36
CA GLU C 535 14.97 15.96 10.43
C GLU C 535 16.21 16.02 9.62
N GLU C 536 16.34 17.19 8.99
CA GLU C 536 17.49 17.48 8.15
C GLU C 536 18.81 17.06 8.82
N CYS C 537 18.80 17.04 10.13
CA CYS C 537 19.96 16.69 10.87
C CYS C 537 20.28 15.24 10.65
N MET C 538 19.35 14.56 10.02
CA MET C 538 19.47 13.10 9.77
C MET C 538 20.02 12.82 8.38
N PHE C 539 20.02 13.85 7.55
CA PHE C 539 20.50 13.80 6.21
C PHE C 539 22.01 14.10 6.19
N PRO C 540 22.77 13.08 5.96
CA PRO C 540 24.22 13.10 5.94
C PRO C 540 24.81 14.15 5.05
N LYS C 541 24.04 14.71 4.20
CA LYS C 541 24.57 15.67 3.20
C LYS C 541 23.65 16.87 3.05
N ALA C 542 23.12 17.31 4.18
CA ALA C 542 22.23 18.46 4.16
C ALA C 542 23.01 19.73 4.42
N THR C 543 22.42 20.85 4.05
CA THR C 543 23.07 22.13 4.24
C THR C 543 22.16 23.03 5.00
N ASP C 544 22.75 24.08 5.53
CA ASP C 544 21.99 25.08 6.24
C ASP C 544 21.00 25.56 5.16
N THR C 545 21.55 25.77 3.98
CA THR C 545 20.80 26.19 2.82
C THR C 545 19.71 25.20 2.50
N SER C 546 20.04 23.93 2.60
CA SER C 546 19.06 22.90 2.36
C SER C 546 17.90 23.10 3.29
N PHE C 547 18.23 23.04 4.58
CA PHE C 547 17.31 23.25 5.67
C PHE C 547 16.44 24.42 5.44
N LYS C 548 17.10 25.51 5.06
CA LYS C 548 16.39 26.76 4.82
C LYS C 548 15.23 26.53 3.86
N ASN C 549 15.54 26.04 2.68
CA ASN C 549 14.52 25.83 1.67
C ASN C 549 13.38 24.99 2.19
N LYS C 550 13.73 23.98 2.97
CA LYS C 550 12.69 23.10 3.46
C LYS C 550 11.78 23.86 4.36
N LEU C 551 12.38 24.81 5.03
CA LEU C 551 11.64 25.64 5.93
C LEU C 551 10.63 26.43 5.14
N TYR C 552 11.06 26.96 4.02
CA TYR C 552 10.15 27.82 3.26
C TYR C 552 9.07 27.07 2.54
N ASP C 553 9.50 26.21 1.63
CA ASP C 553 8.60 25.41 0.79
C ASP C 553 7.37 24.98 1.56
N GLN C 554 7.60 24.74 2.85
CA GLN C 554 6.53 24.27 3.73
C GLN C 554 5.82 25.30 4.56
N HIS C 555 6.47 26.40 4.91
CA HIS C 555 5.74 27.33 5.75
C HIS C 555 5.41 28.63 5.07
N LEU C 556 6.27 29.02 4.15
CA LEU C 556 6.07 30.26 3.47
C LEU C 556 4.81 30.35 2.63
N GLY C 557 4.12 31.45 2.87
CA GLY C 557 2.88 31.78 2.21
C GLY C 557 1.70 31.06 2.86
N LYS C 558 2.00 29.92 3.47
CA LYS C 558 1.01 29.10 4.10
C LYS C 558 0.83 29.42 5.56
N SER C 559 1.85 30.07 6.10
CA SER C 559 1.82 30.44 7.51
C SER C 559 2.06 31.91 7.74
N ASN C 560 1.19 32.45 8.57
CA ASN C 560 1.12 33.87 8.82
C ASN C 560 2.24 34.38 9.72
N ASN C 561 2.56 33.59 10.70
CA ASN C 561 3.56 34.00 11.63
C ASN C 561 4.93 33.86 11.03
N PHE C 562 4.91 33.20 9.91
CA PHE C 562 6.11 32.92 9.12
C PHE C 562 6.29 33.99 8.06
N GLN C 563 7.50 34.51 7.98
CA GLN C 563 7.78 35.60 7.09
C GLN C 563 9.23 35.58 6.64
N LYS C 564 9.50 36.25 5.53
CA LYS C 564 10.85 36.38 5.00
C LYS C 564 11.36 37.74 5.43
N PRO C 565 12.59 37.79 5.94
CA PRO C 565 13.18 39.01 6.43
C PRO C 565 13.23 40.14 5.43
N LYS C 566 13.02 41.34 6.01
CA LYS C 566 13.06 42.63 5.36
C LYS C 566 14.45 43.22 5.56
N PRO C 567 15.31 43.13 4.53
CA PRO C 567 16.67 43.64 4.65
C PRO C 567 16.74 45.08 5.20
N ALA C 568 17.72 45.32 6.09
CA ALA C 568 17.95 46.61 6.73
C ALA C 568 19.43 46.80 7.13
N ALA C 572 23.27 42.30 10.82
CA ALA C 572 23.63 41.34 9.78
C ALA C 572 22.48 40.93 8.86
N GLU C 573 22.53 39.66 8.45
CA GLU C 573 21.58 39.04 7.53
C GLU C 573 20.42 38.36 8.27
N ALA C 574 19.45 37.83 7.51
CA ALA C 574 18.36 37.19 8.16
C ALA C 574 17.71 36.18 7.23
N HIS C 575 17.20 35.10 7.78
CA HIS C 575 16.59 34.13 6.92
C HIS C 575 15.15 33.97 7.16
N PHE C 576 14.76 34.36 8.34
CA PHE C 576 13.37 34.22 8.61
C PHE C 576 12.98 34.85 9.87
N SER C 577 11.86 35.50 9.76
CA SER C 577 11.32 36.20 10.84
C SER C 577 10.10 35.47 11.29
N LEU C 578 9.87 35.62 12.55
CA LEU C 578 8.74 35.09 13.23
C LEU C 578 7.98 36.19 13.95
N VAL C 579 6.73 35.95 14.16
CA VAL C 579 5.91 36.93 14.83
C VAL C 579 5.49 36.52 16.23
N HIS C 580 6.39 36.78 17.15
CA HIS C 580 6.19 36.45 18.56
C HIS C 580 5.31 37.50 19.20
N TYR C 581 4.79 37.21 20.41
CA TYR C 581 3.95 38.20 21.06
C TYR C 581 4.63 39.56 21.24
N ALA C 582 5.93 39.50 21.59
CA ALA C 582 6.73 40.71 21.82
C ALA C 582 7.03 41.50 20.54
N GLY C 583 7.05 40.76 19.45
CA GLY C 583 7.29 41.34 18.15
C GLY C 583 7.92 40.36 17.17
N THR C 584 8.50 40.95 16.11
CA THR C 584 9.12 40.24 15.02
C THR C 584 10.57 39.99 15.24
N VAL C 585 10.94 38.74 15.15
CA VAL C 585 12.34 38.40 15.36
C VAL C 585 12.91 37.85 14.05
N ASP C 586 14.01 38.46 13.68
CA ASP C 586 14.71 38.11 12.46
C ASP C 586 15.79 37.09 12.80
N TYR C 587 15.58 35.87 12.33
CA TYR C 587 16.47 34.74 12.64
C TYR C 587 17.41 34.39 11.52
N ASN C 588 18.67 34.17 11.91
CA ASN C 588 19.75 33.74 11.03
C ASN C 588 20.05 32.29 11.30
N ILE C 589 19.94 31.50 10.28
CA ILE C 589 20.12 30.05 10.29
C ILE C 589 21.49 29.60 9.88
N SER C 590 22.50 29.83 10.65
CA SER C 590 23.75 29.42 10.10
C SER C 590 24.63 28.79 11.14
N GLY C 591 24.57 27.49 11.16
CA GLY C 591 25.38 26.73 12.06
C GLY C 591 24.49 25.81 12.77
N TRP C 592 23.22 26.12 12.47
CA TRP C 592 22.18 25.41 13.18
C TRP C 592 22.31 23.95 13.08
N LEU C 593 22.43 23.53 11.82
CA LEU C 593 22.52 22.09 11.53
C LEU C 593 23.55 21.43 12.41
N GLU C 594 24.72 22.02 12.40
CA GLU C 594 25.83 21.56 13.24
C GLU C 594 25.57 21.60 14.72
N LYS C 595 25.31 22.82 15.17
CA LYS C 595 25.05 23.11 16.57
C LYS C 595 24.06 22.15 17.07
N ASN C 596 23.13 21.86 16.19
CA ASN C 596 22.08 20.94 16.54
C ASN C 596 22.55 19.46 16.53
N LYS C 597 23.67 19.15 15.95
CA LYS C 597 24.10 17.74 15.86
C LYS C 597 25.03 17.31 16.97
N ASP C 598 25.64 18.30 17.59
CA ASP C 598 26.58 18.08 18.65
C ASP C 598 27.59 17.04 18.27
N PRO C 599 18.43 14.78 15.70
CA PRO C 599 18.98 13.60 15.08
C PRO C 599 20.32 13.19 15.68
N LEU C 600 20.36 11.95 16.15
CA LEU C 600 21.54 11.36 16.78
C LEU C 600 21.81 9.95 16.25
N ASN C 601 23.06 9.63 15.91
CA ASN C 601 23.42 8.31 15.43
C ASN C 601 23.26 7.30 16.51
N GLU C 602 22.18 6.62 16.39
CA GLU C 602 21.76 5.62 17.33
C GLU C 602 22.68 4.45 17.53
N THR C 603 23.58 4.21 16.58
CA THR C 603 24.48 3.11 16.72
C THR C 603 25.44 3.41 17.84
N VAL C 604 25.96 4.61 17.75
CA VAL C 604 26.89 5.13 18.75
C VAL C 604 26.28 5.17 20.14
N ILE C 605 25.10 5.73 20.19
CA ILE C 605 24.39 5.85 21.43
C ILE C 605 24.32 4.50 22.05
N GLY C 606 24.30 3.53 21.15
CA GLY C 606 24.23 2.15 21.59
C GLY C 606 25.40 1.88 22.47
N LEU C 607 26.55 2.17 21.90
CA LEU C 607 27.82 1.99 22.59
C LEU C 607 27.83 2.67 23.94
N TYR C 608 27.31 3.90 23.96
CA TYR C 608 27.31 4.65 25.20
C TYR C 608 26.53 3.85 26.19
N GLN C 609 25.39 3.45 25.72
CA GLN C 609 24.46 2.71 26.54
C GLN C 609 25.09 1.50 27.24
N LYS C 610 26.19 1.01 26.70
CA LYS C 610 26.87 -0.13 27.29
C LYS C 610 28.33 0.18 27.62
N SER C 611 28.56 1.41 28.05
CA SER C 611 29.88 1.85 28.44
C SER C 611 30.36 1.27 29.75
N SER C 612 31.65 1.36 29.94
CA SER C 612 32.26 0.88 31.18
C SER C 612 32.21 2.01 32.20
N VAL C 613 31.83 3.18 31.69
CA VAL C 613 31.71 4.39 32.46
C VAL C 613 30.25 4.66 32.74
N LYS C 614 29.78 4.03 33.80
CA LYS C 614 28.42 3.96 34.29
C LYS C 614 27.63 5.22 34.05
N THR C 615 28.21 6.28 34.51
CA THR C 615 27.64 7.60 34.36
C THR C 615 27.27 7.88 32.91
N LEU C 616 28.20 7.65 32.02
CA LEU C 616 27.94 7.85 30.61
C LEU C 616 26.85 6.95 30.22
N ALA C 617 26.93 5.74 30.75
CA ALA C 617 25.88 4.79 30.45
C ALA C 617 24.55 5.33 30.90
N LEU C 618 24.52 5.86 32.07
CA LEU C 618 23.28 6.37 32.59
C LEU C 618 22.59 7.41 31.77
N LEU C 619 23.34 8.49 31.53
CA LEU C 619 22.88 9.65 30.78
C LEU C 619 22.01 9.30 29.60
N PHE C 620 22.30 8.15 28.99
CA PHE C 620 21.59 7.77 27.75
C PHE C 620 20.79 6.46 27.94
N ALA C 621 19.89 6.39 28.94
CA ALA C 621 19.04 5.21 29.18
C ALA C 621 17.58 5.44 28.77
N THR C 622 17.27 6.70 28.67
CA THR C 622 15.98 7.22 28.29
C THR C 622 15.84 7.26 26.75
N TYR C 623 16.84 6.77 26.06
CA TYR C 623 16.83 6.79 24.65
C TYR C 623 15.98 5.66 24.07
N GLN C 644 19.84 11.35 17.93
CA GLN C 644 19.27 12.35 18.84
C GLN C 644 19.93 13.73 18.74
N THR C 645 19.05 14.71 18.55
CA THR C 645 19.40 16.09 18.40
C THR C 645 19.46 16.87 19.72
N VAL C 646 19.95 18.10 19.65
CA VAL C 646 20.10 18.98 20.77
C VAL C 646 18.77 19.58 21.11
N SER C 647 18.13 20.09 20.08
CA SER C 647 16.82 20.69 20.20
C SER C 647 15.83 19.66 20.64
N ALA C 648 16.14 18.39 20.36
CA ALA C 648 15.31 17.26 20.76
C ALA C 648 15.04 17.20 22.25
N LEU C 649 16.02 17.55 23.05
CA LEU C 649 15.86 17.54 24.52
C LEU C 649 15.19 18.75 25.03
N PHE C 650 15.87 19.86 24.68
CA PHE C 650 15.47 21.21 25.02
C PHE C 650 13.94 21.22 25.12
N ARG C 651 13.34 20.65 24.10
CA ARG C 651 11.93 20.51 24.01
C ARG C 651 11.43 19.63 25.18
N GLU C 652 11.98 18.43 25.33
CA GLU C 652 11.64 17.42 26.35
C GLU C 652 11.74 17.96 27.77
N ASN C 653 12.76 18.76 27.95
CA ASN C 653 13.05 19.39 29.20
C ASN C 653 12.05 20.53 29.41
N LEU C 654 11.87 21.30 28.37
CA LEU C 654 10.92 22.41 28.35
C LEU C 654 9.50 21.93 28.52
N ASN C 655 9.28 20.65 28.36
CA ASN C 655 7.93 20.11 28.50
C ASN C 655 7.67 19.63 29.87
N LYS C 656 8.70 19.03 30.39
CA LYS C 656 8.73 18.46 31.69
C LYS C 656 8.59 19.59 32.68
N LEU C 657 8.97 20.77 32.21
CA LEU C 657 9.00 22.00 32.98
C LEU C 657 7.68 22.66 32.99
N MET C 658 7.21 23.00 31.79
CA MET C 658 5.91 23.65 31.60
C MET C 658 4.79 22.78 32.19
N ALA C 659 5.09 21.51 32.47
CA ALA C 659 4.12 20.59 33.04
C ALA C 659 4.15 20.74 34.53
N ASN C 660 5.34 20.97 35.02
CA ASN C 660 5.58 21.13 36.44
C ASN C 660 5.01 22.50 36.82
N LEU C 661 5.06 23.40 35.85
CA LEU C 661 4.60 24.75 36.03
C LEU C 661 3.08 24.80 36.17
N ARG C 662 2.38 23.85 35.53
CA ARG C 662 0.93 23.74 35.53
C ARG C 662 0.34 23.28 36.85
N SER C 663 0.92 22.20 37.42
CA SER C 663 0.48 21.68 38.72
C SER C 663 0.96 22.59 39.81
N THR C 664 1.01 23.87 39.43
CA THR C 664 1.49 24.94 40.25
C THR C 664 0.58 26.12 40.19
N HIS C 665 0.58 26.87 41.30
CA HIS C 665 -0.08 28.17 41.36
C HIS C 665 0.94 29.26 41.04
N PRO C 666 0.96 29.71 39.82
CA PRO C 666 1.93 30.61 39.30
C PRO C 666 1.94 31.93 40.04
N HIS C 667 3.17 32.35 40.40
CA HIS C 667 3.48 33.58 41.04
C HIS C 667 4.58 34.22 40.20
N PHE C 668 4.31 35.40 39.69
CA PHE C 668 5.16 36.15 38.77
C PHE C 668 5.97 37.32 39.32
N VAL C 669 7.20 37.41 38.89
CA VAL C 669 8.17 38.42 39.23
C VAL C 669 8.98 38.86 38.02
N ARG C 670 8.89 40.11 37.65
CA ARG C 670 9.55 40.72 36.51
C ARG C 670 10.64 41.68 36.97
N CYS C 671 11.90 41.34 36.66
CA CYS C 671 13.04 42.14 37.05
C CYS C 671 13.41 43.15 35.98
N ILE C 672 13.67 44.39 36.35
CA ILE C 672 13.98 45.45 35.41
C ILE C 672 15.33 46.15 35.58
N ILE C 673 15.87 46.62 34.47
CA ILE C 673 17.16 47.26 34.38
C ILE C 673 17.02 48.67 33.83
N PRO C 674 17.25 49.61 34.73
CA PRO C 674 17.10 51.02 34.58
C PRO C 674 17.88 51.67 33.49
N ASN C 675 19.20 51.63 33.60
CA ASN C 675 20.06 52.24 32.59
C ASN C 675 21.32 51.46 32.34
N GLU C 676 21.65 51.33 31.06
CA GLU C 676 22.83 50.60 30.64
C GLU C 676 24.07 51.11 31.34
N THR C 677 24.03 52.38 31.68
CA THR C 677 25.15 53.04 32.32
C THR C 677 25.35 52.74 33.79
N LYS C 678 24.55 51.90 34.44
CA LYS C 678 24.82 51.64 35.87
C LYS C 678 24.76 52.84 36.81
N THR C 679 23.60 53.42 36.95
CA THR C 679 23.44 54.60 37.79
C THR C 679 22.20 54.46 38.61
N PRO C 680 22.32 54.56 39.90
CA PRO C 680 21.14 54.44 40.72
C PRO C 680 20.26 55.66 40.50
N GLY C 681 18.97 55.51 40.81
CA GLY C 681 17.96 56.54 40.66
C GLY C 681 17.73 57.05 39.23
N ALA C 682 18.14 56.30 38.23
CA ALA C 682 17.97 56.76 36.85
C ALA C 682 17.31 55.75 35.91
N MET C 683 16.82 56.22 34.79
CA MET C 683 16.15 55.31 33.92
C MET C 683 16.13 55.66 32.44
N GLU C 684 16.65 54.84 31.54
CA GLU C 684 16.44 55.35 30.18
C GLU C 684 15.05 54.93 29.83
N HIS C 685 14.37 55.78 29.12
CA HIS C 685 13.01 55.44 28.78
C HIS C 685 12.83 54.21 27.94
N GLU C 686 13.14 54.39 26.68
CA GLU C 686 12.95 53.33 25.73
C GLU C 686 13.54 52.01 26.12
N LEU C 687 14.51 52.08 26.98
CA LEU C 687 15.14 50.88 27.47
C LEU C 687 14.20 50.13 28.40
N VAL C 688 13.58 50.84 29.32
CA VAL C 688 12.58 50.27 30.22
C VAL C 688 11.32 49.87 29.40
N LEU C 689 10.98 50.73 28.45
CA LEU C 689 9.83 50.51 27.61
C LEU C 689 9.89 49.15 26.95
N HIS C 690 11.05 48.86 26.44
CA HIS C 690 11.29 47.60 25.80
C HIS C 690 10.91 46.43 26.67
N GLN C 691 11.58 46.40 27.80
CA GLN C 691 11.40 45.36 28.72
C GLN C 691 9.96 45.14 29.02
N LEU C 692 9.29 46.25 29.18
CA LEU C 692 7.87 46.16 29.48
C LEU C 692 7.03 45.38 28.50
N ARG C 693 7.43 45.44 27.22
CA ARG C 693 6.66 44.75 26.18
C ARG C 693 6.93 43.28 26.16
N CYS C 694 8.20 43.01 26.28
CA CYS C 694 8.74 41.66 26.28
C CYS C 694 8.57 41.02 27.63
N ASN C 695 8.19 41.79 28.60
CA ASN C 695 8.06 41.30 29.97
C ASN C 695 6.82 40.50 30.15
N GLY C 696 5.75 41.09 29.62
CA GLY C 696 4.40 40.68 29.75
C GLY C 696 3.58 41.76 30.44
N VAL C 697 4.28 42.71 31.05
CA VAL C 697 3.68 43.78 31.80
C VAL C 697 2.73 44.58 30.95
N LEU C 698 3.17 44.90 29.76
CA LEU C 698 2.32 45.67 28.88
C LEU C 698 1.20 44.87 28.34
N GLU C 699 1.33 43.57 28.39
CA GLU C 699 0.27 42.72 27.86
C GLU C 699 -0.73 42.45 28.94
N GLY C 700 -0.29 42.58 30.16
CA GLY C 700 -1.19 42.35 31.28
C GLY C 700 -2.07 43.56 31.46
N ILE C 701 -1.55 44.72 31.04
CA ILE C 701 -2.26 45.94 31.16
C ILE C 701 -3.34 45.95 30.11
N ARG C 702 -2.96 45.47 28.93
CA ARG C 702 -3.89 45.35 27.80
C ARG C 702 -5.14 44.58 28.13
N ILE C 703 -4.89 43.35 28.51
CA ILE C 703 -5.89 42.40 28.93
C ILE C 703 -6.73 42.94 30.06
N CYS C 704 -6.15 43.85 30.81
CA CYS C 704 -6.84 44.43 31.92
C CYS C 704 -7.86 45.41 31.41
N ARG C 705 -7.34 46.27 30.54
CA ARG C 705 -8.09 47.31 29.92
C ARG C 705 -9.16 46.83 28.95
N LYS C 706 -9.39 45.55 28.91
CA LYS C 706 -10.38 45.08 27.97
C LYS C 706 -11.62 44.75 28.74
N GLY C 707 -11.85 45.01 31.66
CA GLY C 707 -12.56 44.06 30.81
C GLY C 707 -13.88 44.69 30.42
N PHE C 708 -14.92 43.90 30.63
CA PHE C 708 -16.27 44.34 30.39
C PHE C 708 -17.05 44.25 31.72
N PRO C 709 -16.98 45.35 32.47
CA PRO C 709 -17.60 45.45 33.77
C PRO C 709 -19.06 45.00 33.80
N SER C 710 -19.94 45.95 33.59
CA SER C 710 -21.37 45.71 33.53
C SER C 710 -21.76 44.67 32.48
N ARG C 711 -22.54 43.71 32.95
CA ARG C 711 -23.02 42.63 32.09
C ARG C 711 -24.51 42.42 32.29
N VAL C 712 -25.27 42.70 31.23
CA VAL C 712 -26.69 42.60 31.27
C VAL C 712 -27.24 41.29 30.81
N LEU C 713 -28.14 40.80 31.61
CA LEU C 713 -28.88 39.60 31.28
C LEU C 713 -29.94 40.08 30.28
N TYR C 714 -30.06 39.29 29.27
CA TYR C 714 -30.94 39.52 28.11
C TYR C 714 -32.39 40.02 28.31
N ALA C 715 -33.19 39.35 29.13
CA ALA C 715 -34.55 39.83 29.39
C ALA C 715 -34.56 41.14 30.12
N ASP C 716 -33.63 41.16 31.12
CA ASP C 716 -33.35 42.31 31.94
C ASP C 716 -32.89 43.44 31.04
N PHE C 717 -32.51 43.01 29.82
CA PHE C 717 -32.04 43.94 28.80
C PHE C 717 -33.15 44.41 27.90
N LYS C 718 -34.05 43.48 27.64
CA LYS C 718 -35.18 43.77 26.76
C LYS C 718 -36.05 44.84 27.39
N GLN C 719 -36.78 44.38 28.42
CA GLN C 719 -37.66 45.21 29.19
C GLN C 719 -37.26 46.67 29.37
N ARG C 720 -36.09 46.85 29.98
CA ARG C 720 -35.58 48.18 30.27
C ARG C 720 -35.26 49.10 29.09
N TYR C 721 -34.96 48.46 27.95
CA TYR C 721 -34.52 49.28 26.82
C TYR C 721 -35.27 49.15 25.50
N ARG C 722 -36.23 48.22 25.45
CA ARG C 722 -37.05 48.00 24.25
C ARG C 722 -37.43 49.34 23.58
N VAL C 723 -37.92 50.22 24.44
CA VAL C 723 -38.35 51.58 24.17
C VAL C 723 -37.42 52.43 23.32
N LEU C 724 -36.18 52.02 23.19
CA LEU C 724 -35.21 52.84 22.48
C LEU C 724 -35.37 52.89 20.98
N ASN C 725 -35.88 51.81 20.45
CA ASN C 725 -36.10 51.65 19.01
C ASN C 725 -37.09 50.53 18.83
N ALA C 726 -37.95 50.45 19.82
CA ALA C 726 -39.02 49.46 19.96
C ALA C 726 -39.60 48.89 18.68
N SER C 727 -39.38 49.60 17.59
CA SER C 727 -39.90 49.13 16.31
C SER C 727 -39.04 48.09 15.62
N ALA C 728 -37.78 47.95 16.02
CA ALA C 728 -36.92 46.97 15.38
C ALA C 728 -37.51 45.59 15.61
N ILE C 729 -39.26 46.18 15.09
CA ILE C 729 -40.38 45.47 15.67
C ILE C 729 -40.90 44.14 15.16
N PRO C 730 -41.37 43.81 13.93
CA PRO C 730 -41.98 42.48 13.73
C PRO C 730 -41.03 41.32 14.05
N GLU C 731 -39.81 41.44 13.53
CA GLU C 731 -38.73 40.52 13.81
C GLU C 731 -38.05 40.66 15.19
N GLY C 732 -38.24 41.79 15.88
CA GLY C 732 -37.79 41.99 17.26
C GLY C 732 -38.82 41.55 18.32
N GLN C 733 -40.10 41.43 17.94
CA GLN C 733 -41.19 40.94 18.79
C GLN C 733 -41.62 39.48 18.70
N PHE C 734 -41.66 38.85 17.52
CA PHE C 734 -41.93 37.41 17.37
C PHE C 734 -40.68 36.65 17.85
N MET C 735 -40.52 36.61 19.49
CA MET C 735 -39.06 36.77 19.39
C MET C 735 -38.38 35.94 20.47
N ASP C 736 -37.07 36.12 20.49
CA ASP C 736 -36.18 35.44 21.39
C ASP C 736 -35.65 36.38 22.46
N SER C 737 -35.45 35.85 23.66
CA SER C 737 -34.93 36.63 24.79
C SER C 737 -33.50 37.09 24.52
N LYS C 738 -32.80 36.35 23.65
CA LYS C 738 -31.43 36.67 23.29
C LYS C 738 -31.30 37.43 21.97
N LYS C 739 -31.64 36.77 20.87
CA LYS C 739 -31.55 37.33 19.53
C LYS C 739 -32.11 38.74 19.46
N ALA C 740 -33.06 38.98 20.37
CA ALA C 740 -33.70 40.27 20.47
C ALA C 740 -32.70 41.37 20.78
N SER C 741 -32.12 41.31 21.99
CA SER C 741 -31.15 42.28 22.45
C SER C 741 -30.14 42.52 21.36
N GLU C 742 -29.90 41.41 20.63
CA GLU C 742 -28.97 41.48 19.53
C GLU C 742 -29.51 42.50 18.57
N LYS C 743 -30.63 42.06 18.01
CA LYS C 743 -31.35 42.86 17.05
C LYS C 743 -31.51 44.28 17.53
N LEU C 744 -31.87 44.47 18.82
CA LEU C 744 -32.08 45.83 19.29
C LEU C 744 -30.95 46.77 19.07
N LEU C 745 -29.79 46.35 19.50
CA LEU C 745 -28.64 47.22 19.38
C LEU C 745 -28.39 47.69 17.97
N GLY C 746 -29.18 47.15 17.04
CA GLY C 746 -29.15 47.53 15.66
C GLY C 746 -29.18 49.04 15.59
N SER C 747 -30.12 49.68 16.31
CA SER C 747 -30.20 51.14 16.31
C SER C 747 -29.34 51.85 17.39
N ILE C 748 -29.28 53.18 17.27
CA ILE C 748 -28.57 54.03 18.18
C ILE C 748 -27.26 54.56 17.59
N ASP C 749 -26.90 55.79 17.91
CA ASP C 749 -25.65 56.30 17.40
C ASP C 749 -24.49 55.96 18.39
N VAL C 750 -24.54 54.70 18.90
CA VAL C 750 -23.67 54.03 19.90
C VAL C 750 -22.47 53.21 19.38
N ASP C 751 -21.36 53.14 20.16
CA ASP C 751 -20.18 52.35 19.78
C ASP C 751 -20.47 50.85 19.78
N HIS C 752 -20.55 50.28 18.58
CA HIS C 752 -20.91 48.88 18.43
C HIS C 752 -19.77 47.91 18.81
N THR C 753 -18.75 48.50 19.40
CA THR C 753 -17.52 47.94 19.88
C THR C 753 -17.64 47.55 21.36
N GLN C 754 -17.78 48.64 22.12
CA GLN C 754 -17.97 48.65 23.55
C GLN C 754 -18.79 47.52 24.15
N TYR C 755 -19.45 46.73 23.37
CA TYR C 755 -20.22 45.64 23.95
C TYR C 755 -19.81 44.31 23.36
N ARG C 756 -20.42 43.26 23.91
CA ARG C 756 -20.09 41.96 23.38
C ARG C 756 -21.09 41.02 23.96
N PHE C 757 -21.56 40.17 23.07
CA PHE C 757 -22.61 39.26 23.44
C PHE C 757 -22.08 37.90 23.69
N GLY C 758 -22.90 37.12 24.38
CA GLY C 758 -22.56 35.75 24.68
C GLY C 758 -23.77 35.05 25.22
N HIS C 759 -23.70 33.75 25.19
CA HIS C 759 -24.75 32.83 25.63
C HIS C 759 -25.74 33.23 26.70
N THR C 760 -25.36 34.03 27.68
CA THR C 760 -26.38 34.37 28.67
C THR C 760 -26.51 35.86 28.86
N LYS C 761 -25.54 36.59 28.29
CA LYS C 761 -25.62 38.00 28.48
C LYS C 761 -24.69 38.82 27.65
N VAL C 762 -24.90 40.11 27.67
CA VAL C 762 -24.09 41.02 26.92
C VAL C 762 -23.08 41.57 27.84
N PHE C 763 -21.98 41.91 27.25
CA PHE C 763 -20.95 42.51 27.99
C PHE C 763 -20.85 43.90 27.49
N PHE C 764 -20.59 44.78 28.45
CA PHE C 764 -20.54 46.21 28.17
C PHE C 764 -19.40 46.91 28.87
N LYS C 765 -18.77 47.91 28.28
CA LYS C 765 -17.74 48.67 28.92
C LYS C 765 -18.45 49.67 29.83
N ALA C 766 -17.68 50.64 30.32
CA ALA C 766 -18.18 51.67 31.20
C ALA C 766 -18.94 52.75 30.47
N GLY C 767 -19.65 53.53 31.30
CA GLY C 767 -20.44 54.69 30.90
C GLY C 767 -21.28 54.44 29.69
N LEU C 768 -21.50 53.20 29.39
CA LEU C 768 -22.29 52.88 28.24
C LEU C 768 -23.72 52.75 28.62
N LEU C 769 -23.88 51.79 29.53
CA LEU C 769 -25.14 51.54 30.11
C LEU C 769 -25.64 52.89 30.60
N GLY C 770 -24.71 53.72 30.98
CA GLY C 770 -25.02 55.06 31.39
C GLY C 770 -25.59 55.79 30.21
N LEU C 771 -24.99 55.55 29.06
CA LEU C 771 -25.47 56.20 27.86
C LEU C 771 -26.85 55.75 27.52
N LEU C 772 -27.02 54.43 27.56
CA LEU C 772 -28.31 53.83 27.29
C LEU C 772 -29.46 54.52 28.02
N GLU C 773 -29.43 54.41 29.32
CA GLU C 773 -30.37 55.02 30.22
C GLU C 773 -30.79 56.42 29.81
N GLU C 774 -29.74 57.22 29.52
CA GLU C 774 -29.98 58.60 29.17
C GLU C 774 -30.98 58.72 28.04
N MET C 775 -30.72 57.96 27.00
CA MET C 775 -31.58 57.93 25.85
C MET C 775 -32.95 57.53 26.34
N ARG C 776 -32.92 56.57 27.18
CA ARG C 776 -34.11 56.05 27.74
C ARG C 776 -34.83 57.13 28.47
N ASP C 777 -34.09 57.86 29.28
CA ASP C 777 -34.63 58.95 30.06
C ASP C 777 -35.44 59.87 29.18
N ASP C 778 -34.83 60.34 28.09
CA ASP C 778 -35.57 61.19 27.18
C ASP C 778 -36.82 60.48 26.71
N LYS C 779 -36.72 59.19 26.51
CA LYS C 779 -37.84 58.53 25.94
C LYS C 779 -39.03 58.40 26.81
N LEU C 780 -38.86 58.73 28.05
CA LEU C 780 -40.01 58.62 28.92
C LEU C 780 -40.69 59.94 29.11
N ALA C 781 -39.88 61.01 28.96
CA ALA C 781 -40.41 62.34 29.07
C ALA C 781 -41.52 62.32 28.03
N GLU C 782 -41.14 61.83 26.85
CA GLU C 782 -42.05 61.64 25.72
C GLU C 782 -43.24 60.87 26.32
N ILE C 783 -43.02 59.62 26.63
CA ILE C 783 -44.03 58.74 27.18
C ILE C 783 -44.83 59.29 28.31
N ILE C 784 -44.16 59.95 29.22
CA ILE C 784 -44.90 60.44 30.37
C ILE C 784 -45.71 61.66 30.05
N THR C 785 -44.97 62.72 29.70
CA THR C 785 -45.52 64.03 29.36
C THR C 785 -46.83 63.90 28.57
N ARG C 786 -46.83 62.98 27.63
CA ARG C 786 -47.99 62.68 26.84
C ARG C 786 -49.03 61.98 27.65
N THR C 787 -48.59 61.10 28.54
CA THR C 787 -49.59 60.38 29.34
C THR C 787 -50.12 61.27 30.44
N GLN C 788 -49.37 62.29 30.74
CA GLN C 788 -49.85 63.15 31.78
C GLN C 788 -51.04 63.90 31.24
N ALA C 789 -50.75 64.71 30.19
CA ALA C 789 -51.70 65.50 29.47
C ALA C 789 -53.14 64.96 29.44
N ARG C 790 -53.33 63.82 28.80
CA ARG C 790 -54.63 63.16 28.63
C ARG C 790 -55.32 63.14 29.99
N CYS C 791 -54.56 62.64 30.94
CA CYS C 791 -55.02 62.60 32.31
C CYS C 791 -55.56 63.97 32.71
N ARG C 792 -54.65 64.97 32.67
CA ARG C 792 -54.93 66.35 33.02
C ARG C 792 -56.21 66.72 32.31
N GLY C 793 -56.16 66.53 30.99
CA GLY C 793 -57.26 66.81 30.12
C GLY C 793 -58.44 66.18 30.78
N PHE C 794 -58.46 64.88 30.66
CA PHE C 794 -59.51 64.05 31.23
C PHE C 794 -59.92 64.45 32.61
N LEU C 795 -58.95 64.91 33.36
CA LEU C 795 -59.33 65.24 34.69
C LEU C 795 -60.34 66.34 34.78
N MET C 796 -60.09 67.35 33.99
CA MET C 796 -61.00 68.46 33.98
C MET C 796 -62.27 68.11 33.24
N ARG C 797 -62.16 67.19 32.30
CA ARG C 797 -63.32 66.80 31.52
C ARG C 797 -64.41 66.27 32.42
N VAL C 798 -64.06 65.83 33.64
CA VAL C 798 -65.06 65.24 34.56
C VAL C 798 -65.61 66.33 35.41
N GLU C 799 -64.81 67.39 35.48
CA GLU C 799 -65.18 68.54 36.26
C GLU C 799 -66.31 69.27 35.57
N TYR C 800 -66.21 69.36 34.24
CA TYR C 800 -67.27 69.97 33.55
C TYR C 800 -68.60 69.19 33.82
N ARG C 801 -68.59 67.85 33.76
CA ARG C 801 -69.79 66.96 33.98
C ARG C 801 -70.43 67.12 35.34
N ARG C 802 -69.63 67.63 36.25
CA ARG C 802 -70.07 67.85 37.62
C ARG C 802 -70.62 69.28 37.71
N MET C 803 -69.82 70.24 37.24
CA MET C 803 -70.19 71.65 37.22
C MET C 803 -71.58 71.82 36.69
N VAL C 804 -71.76 71.22 35.52
CA VAL C 804 -72.98 71.19 34.77
C VAL C 804 -74.17 70.57 35.53
N GLU C 805 -73.98 69.40 36.10
CA GLU C 805 -74.99 68.71 36.89
C GLU C 805 -75.54 69.67 37.93
N ARG C 806 -74.59 70.14 38.70
CA ARG C 806 -74.73 71.09 39.76
C ARG C 806 -75.54 72.32 39.41
N ARG C 807 -75.44 72.69 38.13
CA ARG C 807 -76.06 73.87 37.53
C ARG C 807 -77.31 74.32 38.23
N GLU C 808 -78.28 73.43 38.26
CA GLU C 808 -79.51 73.82 38.87
C GLU C 808 -79.62 73.66 40.36
N SER C 809 -79.09 72.56 40.88
CA SER C 809 -79.19 72.32 42.31
C SER C 809 -78.73 73.49 43.10
N ILE C 810 -77.89 74.31 42.47
CA ILE C 810 -77.41 75.50 43.12
C ILE C 810 -78.55 76.49 43.20
N PHE C 811 -79.02 76.89 42.02
CA PHE C 811 -80.10 77.81 41.79
C PHE C 811 -81.17 77.58 42.81
N CYS C 812 -81.55 76.33 42.85
CA CYS C 812 -82.54 75.88 43.79
C CYS C 812 -82.12 76.33 45.13
N ILE C 813 -80.90 76.03 45.43
CA ILE C 813 -80.40 76.47 46.72
C ILE C 813 -80.37 77.97 46.72
N GLN C 814 -79.82 78.54 45.64
CA GLN C 814 -79.67 79.99 45.52
C GLN C 814 -80.92 80.76 45.88
N TYR C 815 -81.88 80.72 44.98
CA TYR C 815 -83.14 81.40 45.16
C TYR C 815 -83.78 81.12 46.50
N ASN C 816 -83.89 79.82 46.79
CA ASN C 816 -84.54 79.31 47.99
C ASN C 816 -84.25 79.97 49.29
N VAL C 817 -82.99 80.37 49.44
CA VAL C 817 -82.49 81.05 50.65
C VAL C 817 -83.00 82.48 50.68
N ARG C 818 -82.75 83.15 49.57
CA ARG C 818 -83.17 84.51 49.36
C ARG C 818 -84.60 84.76 49.83
N SER C 819 -85.53 83.83 49.46
CA SER C 819 -86.90 83.88 49.84
C SER C 819 -86.94 84.23 51.30
N PHE C 820 -86.56 83.24 52.04
CA PHE C 820 -86.53 83.24 53.44
C PHE C 820 -86.02 84.52 54.06
N MET C 821 -84.94 85.03 53.56
CA MET C 821 -84.39 86.26 54.07
C MET C 821 -85.34 87.44 53.99
N ASN C 822 -86.26 87.30 53.08
CA ASN C 822 -87.22 88.34 52.82
C ASN C 822 -88.47 88.16 53.61
N VAL C 823 -88.84 86.90 53.60
CA VAL C 823 -90.03 86.47 54.21
C VAL C 823 -90.03 86.47 55.71
N LYS C 824 -89.05 85.80 56.29
CA LYS C 824 -88.88 85.68 57.73
C LYS C 824 -89.21 86.95 58.51
N HIS C 825 -89.22 88.12 57.83
CA HIS C 825 -89.52 89.37 58.53
C HIS C 825 -90.99 89.81 58.36
N TRP C 826 -91.75 89.11 57.48
CA TRP C 826 -93.18 89.32 57.09
C TRP C 826 -94.25 88.76 58.06
N PRO C 827 -95.05 89.65 58.63
CA PRO C 827 -96.13 89.34 59.57
C PRO C 827 -96.82 88.04 59.27
N TRP C 828 -97.32 88.02 58.06
CA TRP C 828 -98.07 86.90 57.55
C TRP C 828 -97.28 85.66 57.59
N MET C 829 -95.99 85.82 57.36
CA MET C 829 -95.22 84.60 57.38
C MET C 829 -94.91 84.14 58.80
N LYS C 830 -94.71 85.06 59.73
CA LYS C 830 -94.50 84.67 61.08
C LYS C 830 -95.72 84.02 61.61
N LEU C 831 -96.83 84.58 61.21
CA LEU C 831 -98.13 84.05 61.62
C LEU C 831 -98.25 82.60 61.24
N PHE C 832 -98.10 82.37 59.94
CA PHE C 832 -98.14 81.01 59.38
C PHE C 832 -97.26 80.08 60.17
N PHE C 833 -96.16 80.68 60.60
CA PHE C 833 -95.17 79.98 61.35
C PHE C 833 -95.69 79.54 62.70
N LYS C 834 -96.15 80.48 63.53
CA LYS C 834 -96.61 80.03 64.83
C LYS C 834 -97.76 79.07 64.61
N ILE C 835 -98.54 79.36 63.61
CA ILE C 835 -99.72 78.58 63.31
C ILE C 835 -99.51 77.22 62.64
N LYS C 836 -98.52 77.14 61.76
CA LYS C 836 -98.17 75.92 61.04
C LYS C 836 -98.19 74.68 61.87
N PRO C 837 -98.07 74.80 63.17
CA PRO C 837 -98.07 73.58 63.95
C PRO C 837 -99.40 73.02 64.30
N LEU C 838 -100.32 73.91 64.75
CA LEU C 838 -101.67 73.47 65.12
C LEU C 838 -102.35 72.62 64.05
N LEU C 839 -101.77 72.66 62.86
CA LEU C 839 -102.33 71.96 61.75
C LEU C 839 -102.02 70.51 61.79
N LYS C 840 -102.67 69.85 60.85
CA LYS C 840 -102.48 68.42 60.70
C LYS C 840 -102.55 68.07 59.21
N ASN A 1 -102.82 56.86 60.33
CA ASN A 1 -101.82 55.85 60.68
C ASN A 1 -101.84 55.54 62.19
N VAL A 2 -102.09 56.65 62.88
CA VAL A 2 -102.24 56.76 64.32
C VAL A 2 -103.45 56.14 65.02
N PHE A 3 -104.48 55.75 64.28
CA PHE A 3 -105.48 54.86 64.88
C PHE A 3 -105.33 53.40 64.43
N SER A 4 -104.54 53.11 63.38
CA SER A 4 -104.31 51.74 62.89
C SER A 4 -103.43 50.67 63.59
N MET A 5 -102.31 50.97 64.24
CA MET A 5 -101.66 49.99 65.15
C MET A 5 -102.55 50.14 66.42
N PHE A 6 -102.10 50.73 67.53
CA PHE A 6 -102.99 51.33 68.55
C PHE A 6 -104.18 50.59 69.19
N ASP A 7 -103.83 49.53 69.89
CA ASP A 7 -104.78 48.67 70.59
C ASP A 7 -105.52 49.26 71.81
N GLN A 8 -106.66 48.67 72.18
CA GLN A 8 -107.45 49.11 73.35
C GLN A 8 -106.68 49.31 74.64
N THR A 9 -105.77 48.38 74.96
CA THR A 9 -104.86 48.49 76.12
C THR A 9 -104.00 49.77 76.05
N GLN A 10 -103.21 49.98 74.99
CA GLN A 10 -102.46 51.23 74.76
C GLN A 10 -103.31 52.48 74.99
N ILE A 11 -104.49 52.50 74.36
CA ILE A 11 -105.45 53.59 74.52
C ILE A 11 -105.93 53.75 75.97
N GLN A 12 -106.17 52.69 76.74
CA GLN A 12 -106.52 52.79 78.16
C GLN A 12 -105.38 53.31 79.01
N ASP A 13 -104.14 52.86 78.81
CA ASP A 13 -102.93 53.40 79.44
C ASP A 13 -102.90 54.93 79.24
N PHE A 14 -103.09 55.37 77.99
CA PHE A 14 -103.24 56.80 77.68
C PHE A 14 -104.43 57.45 78.41
N LYS A 15 -105.66 56.92 78.38
CA LYS A 15 -106.80 57.46 79.15
C LYS A 15 -106.54 57.66 80.64
N GLU A 16 -105.96 56.66 81.32
CA GLU A 16 -105.55 56.79 82.71
C GLU A 16 -104.48 57.88 82.87
N ALA A 17 -103.45 57.91 82.01
CA ALA A 17 -102.45 58.98 82.01
C ALA A 17 -103.04 60.39 81.88
N PHE A 18 -104.01 60.56 80.97
CA PHE A 18 -104.76 61.81 80.83
C PHE A 18 -105.47 62.11 82.14
N THR A 19 -106.32 61.23 82.71
CA THR A 19 -106.98 61.51 84.00
C THR A 19 -106.06 61.79 85.21
N VAL A 20 -104.80 61.32 85.19
CA VAL A 20 -103.83 61.74 86.21
C VAL A 20 -103.29 63.16 85.98
N ILE A 21 -103.08 63.57 84.72
CA ILE A 21 -102.68 64.95 84.47
C ILE A 21 -103.89 65.93 84.57
N ASP A 22 -105.09 65.47 84.23
CA ASP A 22 -106.39 66.17 84.39
C ASP A 22 -106.78 66.50 85.85
N GLN A 23 -106.05 67.36 86.58
CA GLN A 23 -106.34 67.69 87.98
C GLN A 23 -107.78 67.99 88.38
N ASN A 24 -108.41 68.83 87.57
CA ASN A 24 -109.77 69.28 87.83
C ASN A 24 -110.90 68.29 87.55
N ARG A 25 -110.62 67.16 86.87
CA ARG A 25 -111.60 66.17 86.39
C ARG A 25 -112.58 66.61 85.31
N ASP A 26 -112.62 67.91 84.98
CA ASP A 26 -113.41 68.50 83.89
C ASP A 26 -113.46 67.79 82.53
N GLY A 27 -112.33 67.28 82.04
CA GLY A 27 -112.25 66.61 80.75
C GLY A 27 -111.23 67.21 79.76
N ILE A 28 -110.75 68.39 80.12
CA ILE A 28 -109.75 69.13 79.35
C ILE A 28 -108.51 69.41 80.23
N ILE A 29 -107.31 68.99 79.83
CA ILE A 29 -106.10 69.41 80.53
C ILE A 29 -105.69 70.82 80.09
N ASP A 30 -105.33 71.67 81.05
CA ASP A 30 -104.80 72.98 80.75
C ASP A 30 -103.48 73.31 81.44
N LYS A 31 -103.03 74.56 81.43
CA LYS A 31 -101.78 74.98 82.10
C LYS A 31 -101.73 74.67 83.59
N ASP A 32 -102.85 74.89 84.27
CA ASP A 32 -102.99 74.61 85.70
C ASP A 32 -102.82 73.13 85.98
N ASP A 33 -103.55 72.27 85.25
CA ASP A 33 -103.42 70.81 85.32
C ASP A 33 -101.97 70.32 85.14
N LEU A 34 -101.27 70.82 84.13
CA LEU A 34 -99.83 70.55 83.99
C LEU A 34 -99.00 71.03 85.19
N ARG A 35 -99.10 72.30 85.62
CA ARG A 35 -98.37 72.83 86.79
C ARG A 35 -98.40 71.99 88.06
N GLU A 36 -99.57 71.65 88.61
CA GLU A 36 -99.55 70.80 89.80
C GLU A 36 -99.25 69.34 89.48
N THR A 37 -99.41 68.75 88.29
CA THR A 37 -98.88 67.38 88.07
C THR A 37 -97.36 67.39 88.17
N PHE A 38 -96.71 68.40 87.60
CA PHE A 38 -95.26 68.58 87.78
C PHE A 38 -94.88 68.74 89.25
N ALA A 39 -95.59 69.61 89.98
CA ALA A 39 -95.42 69.78 91.42
C ALA A 39 -95.62 68.49 92.24
N ALA A 40 -96.67 67.71 91.98
CA ALA A 40 -96.90 66.41 92.61
C ALA A 40 -95.77 65.39 92.36
N MET A 41 -95.19 65.43 91.16
CA MET A 41 -94.00 64.62 90.85
C MET A 41 -92.67 65.18 91.39
N GLY A 42 -92.69 66.29 92.13
CA GLY A 42 -91.47 66.89 92.70
C GLY A 42 -90.90 68.10 91.96
N ARG A 43 -91.37 68.39 90.74
CA ARG A 43 -90.84 69.51 89.96
C ARG A 43 -91.48 70.87 90.26
N LEU A 44 -90.81 71.68 91.06
CA LEU A 44 -91.32 73.01 91.40
C LEU A 44 -90.84 74.18 90.52
N ASN A 45 -89.72 74.00 89.83
CA ASN A 45 -89.06 75.05 89.04
C ASN A 45 -89.63 75.36 87.63
N VAL A 46 -90.88 75.00 87.39
CA VAL A 46 -91.49 75.12 86.05
C VAL A 46 -91.81 76.55 85.58
N LYS A 47 -91.26 76.95 84.46
CA LYS A 47 -91.50 78.29 83.91
C LYS A 47 -92.62 78.29 82.87
N ASN A 48 -93.48 79.32 82.85
CA ASN A 48 -94.58 79.40 81.86
C ASN A 48 -94.24 79.04 80.42
N GLU A 49 -93.12 79.50 79.85
CA GLU A 49 -92.70 79.13 78.49
C GLU A 49 -92.65 77.62 78.18
N GLU A 50 -92.29 76.81 79.17
CA GLU A 50 -92.27 75.35 79.07
C GLU A 50 -93.70 74.80 79.04
N LEU A 51 -94.58 75.27 79.94
CA LEU A 51 -96.01 74.89 79.98
C LEU A 51 -96.74 75.26 78.69
N ASP A 52 -96.52 76.50 78.27
CA ASP A 52 -97.00 77.04 77.02
C ASP A 52 -96.48 76.26 75.82
N ALA A 53 -95.18 75.94 75.73
CA ALA A 53 -94.62 75.11 74.67
C ALA A 53 -95.36 73.77 74.50
N MET A 54 -95.62 73.09 75.63
CA MET A 54 -96.43 71.88 75.67
C MET A 54 -97.80 72.07 75.00
N ILE A 55 -98.59 73.03 75.51
CA ILE A 55 -99.92 73.31 74.97
C ILE A 55 -99.94 73.74 73.50
N LYS A 56 -99.02 74.61 73.08
CA LYS A 56 -98.89 75.06 71.69
C LYS A 56 -98.87 74.00 70.58
N GLU A 57 -98.50 72.76 70.92
CA GLU A 57 -98.53 71.67 69.97
C GLU A 57 -99.93 71.32 69.45
N ALA A 58 -100.99 71.65 70.18
CA ALA A 58 -102.35 71.41 69.73
C ALA A 58 -103.10 72.65 69.26
N SER A 59 -104.01 72.52 68.29
CA SER A 59 -104.78 73.67 67.79
C SER A 59 -105.98 74.10 68.62
N GLY A 60 -106.49 73.20 69.46
CA GLY A 60 -107.66 73.50 70.29
C GLY A 60 -107.50 73.17 71.77
N PRO A 61 -108.60 73.09 72.53
CA PRO A 61 -108.56 72.53 73.90
C PRO A 61 -107.98 71.12 73.93
N ILE A 62 -107.12 70.74 74.88
CA ILE A 62 -106.43 69.47 74.73
C ILE A 62 -107.21 68.15 74.91
N ASN A 63 -108.53 68.18 75.17
CA ASN A 63 -109.47 67.03 75.20
C ASN A 63 -109.05 65.60 74.81
N PHE A 64 -109.36 64.53 75.55
CA PHE A 64 -109.00 63.13 75.23
C PHE A 64 -108.59 62.74 73.80
N THR A 65 -109.45 63.07 72.83
CA THR A 65 -109.17 62.89 71.40
C THR A 65 -108.01 63.72 70.86
N VAL A 66 -107.96 65.03 71.14
CA VAL A 66 -106.86 65.91 70.72
C VAL A 66 -105.54 65.38 71.31
N PHE A 67 -105.53 64.98 72.59
CA PHE A 67 -104.37 64.27 73.16
C PHE A 67 -103.98 63.02 72.37
N LEU A 68 -104.87 62.01 72.32
CA LEU A 68 -104.64 60.76 71.60
C LEU A 68 -104.15 60.94 70.16
N THR A 69 -104.72 61.87 69.41
CA THR A 69 -104.24 62.19 68.07
C THR A 69 -102.84 62.79 68.14
N MET A 70 -102.54 63.82 68.95
CA MET A 70 -101.19 64.37 69.09
C MET A 70 -100.09 63.37 69.51
N PHE A 71 -100.41 62.45 70.41
CA PHE A 71 -99.44 61.43 70.85
C PHE A 71 -99.28 60.27 69.90
N GLY A 72 -100.38 59.90 69.25
CA GLY A 72 -100.29 58.94 68.19
C GLY A 72 -99.40 59.51 67.07
N GLU A 73 -99.69 60.72 66.56
CA GLU A 73 -98.90 61.36 65.51
C GLU A 73 -97.37 61.38 65.64
N LYS A 74 -96.86 61.36 66.86
CA LYS A 74 -95.42 61.28 67.10
C LYS A 74 -94.87 59.84 67.09
N LEU A 75 -95.74 58.89 67.40
CA LEU A 75 -95.43 57.46 67.40
C LEU A 75 -95.95 56.72 66.16
N LYS A 76 -96.11 57.37 65.01
CA LYS A 76 -96.58 56.77 63.74
C LYS A 76 -95.96 55.45 63.25
N GLY A 77 -94.80 55.14 63.80
CA GLY A 77 -94.10 53.89 63.55
C GLY A 77 -93.66 53.22 64.86
N ALA A 78 -94.56 53.14 65.83
CA ALA A 78 -94.28 52.49 67.11
C ALA A 78 -95.29 51.45 67.58
N ASP A 79 -94.79 50.24 67.78
CA ASP A 79 -95.58 49.13 68.26
C ASP A 79 -95.61 48.95 69.79
N PRO A 80 -96.51 48.13 70.34
CA PRO A 80 -96.36 47.65 71.72
C PRO A 80 -95.20 46.67 71.96
N GLU A 81 -94.56 46.67 73.13
CA GLU A 81 -93.40 45.80 73.41
C GLU A 81 -93.35 44.34 72.96
N ASP A 82 -94.37 43.52 73.22
CA ASP A 82 -94.42 42.15 72.70
C ASP A 82 -94.24 41.97 71.19
N VAL A 83 -94.85 42.88 70.42
CA VAL A 83 -94.75 42.89 68.96
C VAL A 83 -93.30 43.17 68.52
N ILE A 84 -92.67 44.15 69.17
CA ILE A 84 -91.26 44.49 68.92
C ILE A 84 -90.34 43.30 69.25
N MET A 85 -90.57 42.69 70.42
CA MET A 85 -89.89 41.45 70.81
C MET A 85 -90.02 40.33 69.78
N GLY A 86 -91.17 40.16 69.12
CA GLY A 86 -91.35 39.18 68.04
C GLY A 86 -90.34 39.31 66.89
N ALA A 87 -90.12 40.54 66.44
CA ALA A 87 -89.12 40.83 65.41
C ALA A 87 -87.71 40.37 65.81
N PHE A 88 -87.32 40.65 67.04
CA PHE A 88 -86.08 40.14 67.59
C PHE A 88 -86.11 38.61 67.72
N LYS A 89 -87.14 37.97 68.28
CA LYS A 89 -87.28 36.51 68.34
C LYS A 89 -87.18 35.78 66.97
N VAL A 90 -87.57 36.45 65.89
CA VAL A 90 -87.37 35.95 64.52
C VAL A 90 -85.88 36.03 64.13
N LEU A 91 -85.20 37.11 64.50
CA LEU A 91 -83.77 37.25 64.30
C LEU A 91 -82.92 36.36 65.21
N ASP A 92 -83.47 36.01 66.37
CA ASP A 92 -82.91 35.08 67.33
C ASP A 92 -83.02 33.61 66.88
N PRO A 93 -83.57 33.20 65.72
CA PRO A 93 -84.58 32.13 65.63
C PRO A 93 -84.42 30.84 66.46
N ASP A 94 -83.15 30.52 66.71
CA ASP A 94 -82.66 29.46 67.59
C ASP A 94 -83.15 29.61 69.05
N GLY A 95 -83.39 30.83 69.52
CA GLY A 95 -83.95 31.10 70.85
C GLY A 95 -83.08 31.79 71.93
N LYS A 96 -83.73 32.06 73.06
CA LYS A 96 -83.20 32.69 74.28
C LYS A 96 -82.08 33.74 74.44
N GLY A 97 -80.88 33.59 73.85
CA GLY A 97 -79.78 34.54 74.01
C GLY A 97 -79.73 35.51 72.84
N SER A 98 -79.84 36.82 73.06
CA SER A 98 -79.97 37.68 71.89
C SER A 98 -78.71 38.05 71.08
N ILE A 99 -78.96 38.58 69.89
CA ILE A 99 -77.97 38.76 68.82
C ILE A 99 -76.70 39.61 68.95
N LYS A 100 -75.79 39.47 67.99
CA LYS A 100 -74.52 40.22 67.97
C LYS A 100 -74.40 41.46 67.08
N LYS A 101 -73.67 42.45 67.58
CA LYS A 101 -73.31 43.62 66.79
C LYS A 101 -72.23 43.30 65.73
N SER A 102 -72.83 43.31 64.54
CA SER A 102 -72.28 43.07 63.19
C SER A 102 -73.44 42.50 62.40
N PHE A 103 -74.01 41.41 62.94
CA PHE A 103 -75.17 40.71 62.37
C PHE A 103 -76.34 41.66 62.10
N LEU A 104 -76.75 42.44 63.11
CA LEU A 104 -77.76 43.45 62.84
C LEU A 104 -77.28 44.75 62.19
N GLU A 105 -76.01 45.16 62.36
CA GLU A 105 -75.44 46.36 61.69
C GLU A 105 -75.65 46.23 60.18
N GLU A 106 -75.19 45.09 59.69
CA GLU A 106 -75.40 44.68 58.30
C GLU A 106 -76.88 44.58 57.96
N LEU A 107 -77.72 43.79 58.65
CA LEU A 107 -79.14 43.72 58.31
C LEU A 107 -79.99 45.00 58.36
N LEU A 108 -79.61 46.02 59.13
CA LEU A 108 -80.28 47.32 59.05
C LEU A 108 -79.81 48.16 57.86
N THR A 109 -78.52 48.04 57.49
CA THR A 109 -78.01 48.72 56.28
C THR A 109 -78.28 48.05 54.95
N THR A 110 -78.32 46.71 54.92
CA THR A 110 -78.38 45.97 53.66
C THR A 110 -79.67 45.96 52.84
N GLN A 111 -80.58 44.98 52.88
CA GLN A 111 -81.83 45.01 52.11
C GLN A 111 -82.61 46.32 52.35
N CYS A 112 -83.24 46.90 51.30
CA CYS A 112 -83.82 48.25 51.24
C CYS A 112 -82.78 49.32 50.89
N ASP A 113 -83.03 50.60 51.09
CA ASP A 113 -82.09 51.66 50.80
C ASP A 113 -81.10 52.03 51.91
N ARG A 114 -81.64 52.12 53.13
CA ARG A 114 -80.87 52.58 54.27
C ARG A 114 -81.49 52.70 55.67
N PHE A 115 -80.87 52.01 56.63
CA PHE A 115 -80.94 52.57 57.97
C PHE A 115 -79.52 53.09 58.08
N THR A 116 -79.43 54.41 57.94
CA THR A 116 -78.14 55.08 57.74
C THR A 116 -77.04 54.85 58.78
N PRO A 117 -75.77 54.80 58.35
CA PRO A 117 -74.65 54.79 59.32
C PRO A 117 -74.46 55.95 60.30
N GLU A 118 -75.34 56.96 60.24
CA GLU A 118 -75.42 58.00 61.25
C GLU A 118 -76.40 57.45 62.29
N GLU A 119 -77.62 57.09 61.85
CA GLU A 119 -78.66 56.43 62.67
C GLU A 119 -78.12 55.24 63.47
N ILE A 120 -77.41 54.30 62.84
CA ILE A 120 -76.82 53.14 63.52
C ILE A 120 -75.79 53.47 64.63
N LYS A 121 -74.86 54.43 64.48
CA LYS A 121 -73.96 54.80 65.57
C LYS A 121 -74.72 55.41 66.75
N ASN A 122 -75.72 56.24 66.47
CA ASN A 122 -76.64 56.77 67.49
C ASN A 122 -77.33 55.62 68.22
N MET A 123 -77.79 54.61 67.47
CA MET A 123 -78.30 53.36 68.03
C MET A 123 -77.32 52.72 69.00
N TRP A 124 -76.07 52.37 68.65
CA TRP A 124 -75.11 51.79 69.61
C TRP A 124 -74.82 52.62 70.88
N ALA A 125 -74.92 53.95 70.76
CA ALA A 125 -74.81 54.85 71.91
C ALA A 125 -76.07 55.01 72.79
N ALA A 126 -77.26 55.04 72.18
CA ALA A 126 -78.56 55.17 72.88
C ALA A 126 -79.30 53.88 73.28
N PHE A 127 -78.79 52.85 72.63
CA PHE A 127 -78.97 51.44 72.92
C PHE A 127 -77.50 50.99 72.98
N PRO A 128 -76.79 51.46 74.02
CA PRO A 128 -75.82 50.72 74.79
C PRO A 128 -74.63 49.74 74.70
N PRO A 129 -74.00 49.72 75.88
CA PRO A 129 -73.97 48.53 76.74
C PRO A 129 -74.89 47.37 76.35
N ASP A 130 -76.23 47.42 76.41
CA ASP A 130 -77.12 46.37 75.90
C ASP A 130 -76.69 45.84 74.52
N VAL A 131 -76.61 46.72 73.52
CA VAL A 131 -76.16 46.41 72.18
C VAL A 131 -74.72 45.89 72.09
N ALA A 132 -73.88 46.13 73.10
CA ALA A 132 -72.55 45.53 73.16
C ALA A 132 -72.49 44.12 73.76
N GLY A 133 -73.20 43.93 74.87
CA GLY A 133 -73.21 42.67 75.61
C GLY A 133 -73.96 41.50 74.98
N ASN A 134 -75.27 41.59 74.94
CA ASN A 134 -76.12 40.54 74.38
C ASN A 134 -76.92 41.14 73.22
N VAL A 135 -76.53 42.34 72.73
CA VAL A 135 -77.38 43.31 72.01
C VAL A 135 -78.77 43.15 72.61
N ASP A 136 -78.76 43.31 73.95
CA ASP A 136 -79.88 43.03 74.83
C ASP A 136 -81.27 43.43 74.35
N TYR A 137 -81.82 42.68 73.39
CA TYR A 137 -83.09 43.05 72.75
C TYR A 137 -84.29 43.15 73.67
N LYS A 138 -84.25 42.30 74.69
CA LYS A 138 -85.23 42.36 75.78
C LYS A 138 -85.18 43.76 76.40
N ASN A 139 -83.98 44.18 76.81
CA ASN A 139 -83.73 45.51 77.36
C ASN A 139 -84.09 46.64 76.38
N ILE A 140 -83.62 46.57 75.12
CA ILE A 140 -83.98 47.48 74.02
C ILE A 140 -85.49 47.73 73.94
N CYS A 141 -86.30 46.66 73.89
CA CYS A 141 -87.76 46.76 73.92
C CYS A 141 -88.31 47.45 75.16
N TYR A 142 -87.87 47.08 76.37
CA TYR A 142 -88.31 47.77 77.58
C TYR A 142 -87.95 49.24 77.65
N VAL A 143 -86.79 49.68 77.15
CA VAL A 143 -86.44 51.10 77.10
C VAL A 143 -87.25 51.92 76.09
N ILE A 144 -87.57 51.34 74.93
CA ILE A 144 -88.42 52.06 73.99
C ILE A 144 -89.88 52.17 74.44
N THR A 145 -90.47 51.12 75.00
CA THR A 145 -91.83 51.23 75.53
C THR A 145 -91.93 51.89 76.90
N HIS A 146 -90.95 51.65 77.79
CA HIS A 146 -90.96 52.19 79.15
C HIS A 146 -89.95 53.28 79.57
N GLY A 147 -89.37 54.08 78.66
CA GLY A 147 -88.46 55.15 79.08
C GLY A 147 -86.96 54.82 79.05
N GLU A 148 -86.09 55.82 79.03
CA GLU A 148 -84.64 55.62 78.88
C GLU A 148 -83.79 55.17 80.07
N ASP A 149 -84.13 55.61 81.27
CA ASP A 149 -83.40 55.26 82.50
C ASP A 149 -83.59 53.82 82.98
N LYS A 150 -84.84 53.38 82.87
CA LYS A 150 -85.28 52.03 83.23
C LYS A 150 -84.67 50.82 82.53
N ASP B 1 -85.25 39.08 27.30
CA ASP B 1 -85.77 38.24 28.38
C ASP B 1 -87.22 38.42 28.91
N GLU B 2 -87.78 37.53 29.79
CA GLU B 2 -89.06 37.69 30.52
C GLU B 2 -89.67 36.74 31.60
N ILE B 3 -90.42 37.39 32.53
CA ILE B 3 -91.21 36.96 33.73
C ILE B 3 -91.26 38.19 34.70
N ASN B 4 -92.06 38.33 35.78
CA ASN B 4 -91.98 39.49 36.68
C ASN B 4 -91.27 39.31 38.03
N ASP B 5 -91.74 38.46 38.96
CA ASP B 5 -91.13 38.10 40.26
C ASP B 5 -89.61 38.24 40.46
N PHE B 6 -88.81 37.78 39.48
CA PHE B 6 -87.35 37.88 39.54
C PHE B 6 -86.83 39.32 39.70
N LYS B 7 -87.54 40.29 39.12
CA LYS B 7 -87.23 41.70 39.29
C LYS B 7 -87.48 42.16 40.73
N GLU B 8 -88.57 41.68 41.33
CA GLU B 8 -88.88 41.94 42.74
C GLU B 8 -87.79 41.36 43.66
N ALA B 9 -87.39 40.13 43.38
CA ALA B 9 -86.28 39.47 44.07
C ALA B 9 -84.92 40.16 43.96
N PHE B 10 -84.58 40.79 42.82
CA PHE B 10 -83.33 41.56 42.69
C PHE B 10 -83.17 42.64 43.77
N LEU B 11 -84.18 43.49 44.00
CA LEU B 11 -84.16 44.50 45.05
C LEU B 11 -83.94 43.97 46.48
N LEU B 12 -84.35 42.73 46.71
CA LEU B 12 -84.16 42.07 48.00
C LEU B 12 -82.69 41.75 48.32
N PHE B 13 -81.83 41.79 47.29
CA PHE B 13 -80.41 41.53 47.43
C PHE B 13 -79.50 42.70 47.00
N ASP B 14 -80.09 43.90 46.89
CA ASP B 14 -79.39 45.14 46.59
C ASP B 14 -78.32 45.59 47.58
N ARG B 15 -78.74 45.60 48.85
CA ARG B 15 -77.89 45.92 49.99
C ARG B 15 -77.06 47.20 50.01
N THR B 16 -77.76 48.24 49.56
CA THR B 16 -77.26 49.61 49.33
C THR B 16 -78.47 50.51 49.02
N GLY B 17 -79.42 49.93 48.27
CA GLY B 17 -80.66 50.59 47.86
C GLY B 17 -80.71 51.13 46.43
N ASP B 18 -79.59 50.98 45.73
CA ASP B 18 -79.39 51.48 44.38
C ASP B 18 -79.98 50.69 43.19
N ALA B 19 -80.49 49.48 43.44
CA ALA B 19 -80.97 48.53 42.40
C ALA B 19 -79.92 48.06 41.38
N LYS B 20 -78.66 48.22 41.78
CA LYS B 20 -77.49 47.80 41.00
C LYS B 20 -76.60 46.80 41.74
N ILE B 21 -76.80 45.52 41.50
CA ILE B 21 -76.08 44.48 42.24
C ILE B 21 -74.70 44.18 41.66
N THR B 22 -73.72 43.69 42.42
CA THR B 22 -72.37 43.44 41.92
C THR B 22 -72.08 42.15 41.12
N LEU B 23 -71.12 42.21 40.21
CA LEU B 23 -70.66 41.06 39.41
C LEU B 23 -70.27 39.79 40.20
N SER B 24 -69.90 39.94 41.46
CA SER B 24 -69.66 38.79 42.34
C SER B 24 -70.98 38.22 42.85
N GLN B 25 -71.91 39.06 43.37
CA GLN B 25 -73.24 38.60 43.81
C GLN B 25 -74.08 37.94 42.72
N VAL B 26 -73.73 38.27 41.48
CA VAL B 26 -74.20 37.64 40.25
C VAL B 26 -74.31 36.10 40.29
N GLY B 27 -73.19 35.48 40.66
CA GLY B 27 -73.06 34.03 40.78
C GLY B 27 -73.96 33.39 41.84
N ASP B 28 -74.26 34.15 42.90
CA ASP B 28 -75.14 33.68 43.96
C ASP B 28 -76.64 33.89 43.66
N ILE B 29 -77.07 35.07 43.18
CA ILE B 29 -78.48 35.31 42.83
C ILE B 29 -79.02 34.31 41.80
N VAL B 30 -78.20 33.95 40.81
CA VAL B 30 -78.54 32.91 39.84
C VAL B 30 -78.90 31.53 40.42
N ARG B 31 -78.33 31.19 41.58
CA ARG B 31 -78.54 29.92 42.27
C ARG B 31 -79.91 29.69 42.89
N ALA B 32 -80.52 30.74 43.43
CA ALA B 32 -81.89 30.60 43.95
C ALA B 32 -82.99 30.84 42.93
N LEU B 33 -82.70 31.58 41.85
CA LEU B 33 -83.69 31.75 40.79
C LEU B 33 -83.86 30.52 39.88
N GLY B 34 -84.55 29.58 40.53
CA GLY B 34 -84.91 28.29 39.97
C GLY B 34 -83.85 27.19 39.96
N GLN B 35 -82.78 27.35 39.17
CA GLN B 35 -81.91 26.21 38.93
C GLN B 35 -80.39 26.44 38.98
N ASN B 36 -79.67 25.39 39.38
CA ASN B 36 -78.20 25.38 39.60
C ASN B 36 -77.27 25.92 38.48
N PRO B 37 -76.19 26.63 38.83
CA PRO B 37 -75.04 26.79 37.93
C PRO B 37 -73.66 26.52 38.56
N THR B 38 -72.68 25.88 37.92
CA THR B 38 -71.39 25.66 38.58
C THR B 38 -70.44 26.87 38.54
N ASN B 39 -69.52 26.96 39.50
CA ASN B 39 -68.50 28.00 39.45
C ASN B 39 -67.30 27.42 38.71
N ALA B 40 -67.17 28.01 37.54
CA ALA B 40 -66.29 27.62 36.43
C ALA B 40 -67.21 27.99 35.26
N GLU B 41 -68.46 27.52 35.20
CA GLU B 41 -69.40 27.97 34.17
C GLU B 41 -69.76 29.45 34.26
N ILE B 42 -70.11 29.93 35.46
CA ILE B 42 -70.34 31.36 35.70
C ILE B 42 -69.06 32.15 35.37
N ASN B 43 -67.93 31.66 35.91
CA ASN B 43 -66.61 32.21 35.62
C ASN B 43 -66.26 32.24 34.11
N LYS B 44 -66.73 31.29 33.29
CA LYS B 44 -66.49 31.28 31.85
C LYS B 44 -67.06 32.46 31.05
N ILE B 45 -68.38 32.52 30.91
CA ILE B 45 -68.93 33.58 30.09
C ILE B 45 -69.66 34.70 30.80
N LEU B 46 -69.09 35.82 30.34
CA LEU B 46 -69.28 37.18 30.84
C LEU B 46 -68.62 37.33 32.21
N GLY B 47 -68.63 36.34 33.10
CA GLY B 47 -67.82 36.35 34.32
C GLY B 47 -66.30 36.62 34.12
N ASN B 48 -65.61 35.83 33.28
CA ASN B 48 -64.19 36.08 32.96
C ASN B 48 -63.80 37.48 32.46
N PRO B 49 -64.62 38.23 31.71
CA PRO B 49 -64.27 39.64 31.51
C PRO B 49 -64.68 40.66 32.58
N SER B 50 -63.84 40.99 33.55
CA SER B 50 -64.18 41.95 34.62
C SER B 50 -64.87 43.25 34.22
N LYS B 51 -64.29 44.10 33.36
CA LYS B 51 -64.98 45.31 32.88
C LYS B 51 -66.29 45.01 32.15
N GLU B 52 -66.31 44.08 31.19
CA GLU B 52 -67.55 43.71 30.53
C GLU B 52 -68.58 43.17 31.52
N GLU B 53 -68.40 42.15 32.37
CA GLU B 53 -69.41 41.72 33.35
C GLU B 53 -69.79 42.84 34.33
N MET B 54 -68.86 43.69 34.74
CA MET B 54 -69.23 44.87 35.52
C MET B 54 -70.12 45.86 34.78
N ASN B 55 -69.99 45.91 33.46
CA ASN B 55 -70.87 46.64 32.54
C ASN B 55 -71.87 45.73 31.80
N ALA B 56 -71.99 44.47 32.27
CA ALA B 56 -72.93 43.44 31.80
C ALA B 56 -73.59 42.54 32.87
N LYS B 57 -73.59 42.98 34.13
CA LYS B 57 -74.35 42.40 35.26
C LYS B 57 -74.06 43.07 36.61
N LYS B 58 -72.93 43.77 36.82
CA LYS B 58 -72.74 44.62 38.01
C LYS B 58 -73.47 45.95 37.75
N ILE B 59 -74.76 45.71 37.74
CA ILE B 59 -75.66 46.60 37.06
C ILE B 59 -77.10 46.50 37.50
N THR B 60 -77.93 47.10 36.66
CA THR B 60 -79.37 47.03 36.70
C THR B 60 -79.89 45.70 36.16
N PHE B 61 -81.20 45.54 36.15
CA PHE B 61 -81.87 44.31 35.77
C PHE B 61 -81.61 43.84 34.33
N GLU B 62 -81.22 44.81 33.51
CA GLU B 62 -80.95 44.69 32.08
C GLU B 62 -79.98 43.63 31.60
N GLU B 63 -79.01 43.33 32.47
CA GLU B 63 -78.03 42.31 32.18
C GLU B 63 -78.11 41.14 33.14
N PHE B 64 -78.73 41.36 34.31
CA PHE B 64 -79.08 40.26 35.21
C PHE B 64 -79.90 39.18 34.53
N LEU B 65 -81.02 39.63 33.99
CA LEU B 65 -82.00 38.80 33.33
C LEU B 65 -81.47 38.04 32.10
N PRO B 66 -80.85 38.64 31.07
CA PRO B 66 -80.08 37.84 30.10
C PRO B 66 -79.02 36.88 30.61
N MET B 67 -78.12 37.20 31.58
CA MET B 67 -77.21 36.19 32.14
C MET B 67 -77.92 34.98 32.75
N LEU B 68 -78.96 35.27 33.54
CA LEU B 68 -79.77 34.23 34.16
C LEU B 68 -80.44 33.29 33.15
N GLN B 69 -80.98 33.85 32.07
CA GLN B 69 -81.50 33.04 30.97
C GLN B 69 -80.42 32.18 30.31
N ALA B 70 -79.24 32.73 30.05
CA ALA B 70 -78.11 31.94 29.53
C ALA B 70 -77.82 30.69 30.37
N ALA B 71 -77.79 30.83 31.70
CA ALA B 71 -77.72 29.69 32.60
C ALA B 71 -78.93 28.77 32.44
N ALA B 72 -80.17 29.30 32.39
CA ALA B 72 -81.40 28.51 32.17
C ALA B 72 -81.37 27.45 31.06
N ASN B 73 -80.67 27.75 29.97
CA ASN B 73 -80.46 26.81 28.88
C ASN B 73 -79.68 25.52 29.19
N ASN B 74 -78.61 25.56 30.00
CA ASN B 74 -77.82 24.35 30.31
C ASN B 74 -78.36 23.47 31.45
N LYS B 75 -79.35 23.99 32.16
CA LYS B 75 -79.86 23.36 33.36
C LYS B 75 -80.54 21.98 33.30
N ASP B 76 -80.73 21.39 32.12
CA ASP B 76 -81.17 19.99 31.94
C ASP B 76 -80.39 18.98 32.80
N GLN B 77 -79.12 19.30 33.08
CA GLN B 77 -78.26 18.55 34.01
C GLN B 77 -78.81 18.40 35.45
N GLY B 78 -79.95 19.02 35.75
CA GLY B 78 -80.69 18.84 37.00
C GLY B 78 -81.15 17.39 37.22
N THR B 79 -81.08 16.53 36.19
CA THR B 79 -81.37 15.09 36.25
C THR B 79 -80.78 14.39 37.48
N PHE B 80 -81.60 13.80 38.33
CA PHE B 80 -81.11 13.18 39.57
C PHE B 80 -80.46 11.83 39.41
N GLU B 81 -80.76 11.12 38.31
CA GLU B 81 -80.28 9.74 38.05
C GLU B 81 -78.84 9.45 38.48
N ASP B 82 -77.86 10.08 37.84
CA ASP B 82 -76.44 9.96 38.20
C ASP B 82 -76.07 10.36 39.64
N PHE B 83 -76.87 11.22 40.29
CA PHE B 83 -76.49 11.83 41.56
C PHE B 83 -76.89 11.25 42.90
N VAL B 84 -77.44 10.04 42.86
CA VAL B 84 -77.60 9.20 44.06
C VAL B 84 -76.53 8.10 43.86
N GLU B 85 -76.44 7.62 42.62
CA GLU B 85 -75.47 6.62 42.18
C GLU B 85 -74.01 6.97 42.40
N GLY B 86 -73.59 8.18 42.00
CA GLY B 86 -72.24 8.69 42.22
C GLY B 86 -71.82 8.67 43.68
N LEU B 87 -72.78 9.02 44.52
CA LEU B 87 -72.60 8.93 45.95
C LEU B 87 -72.38 7.48 46.37
N ARG B 88 -73.26 6.50 46.13
CA ARG B 88 -72.99 5.08 46.45
C ARG B 88 -71.59 4.55 46.06
N VAL B 89 -70.93 5.12 45.06
CA VAL B 89 -69.57 4.75 44.68
C VAL B 89 -68.50 5.03 45.74
N PHE B 90 -68.68 6.04 46.60
CA PHE B 90 -67.69 6.32 47.64
C PHE B 90 -67.76 5.28 48.77
N ASP B 91 -68.89 5.08 49.46
CA ASP B 91 -68.96 4.10 50.55
C ASP B 91 -69.90 2.85 50.44
N LYS B 92 -69.95 2.14 49.31
CA LYS B 92 -70.79 0.94 49.10
C LYS B 92 -70.63 -0.37 49.92
N GLU B 93 -71.30 -0.53 51.06
CA GLU B 93 -71.22 -1.74 51.88
C GLU B 93 -72.61 -2.24 52.37
N GLY B 94 -73.53 -2.42 51.43
CA GLY B 94 -74.90 -2.84 51.73
C GLY B 94 -75.92 -1.78 51.30
N ASN B 95 -76.51 -1.03 52.24
CA ASN B 95 -77.45 0.04 51.88
C ASN B 95 -76.77 1.31 51.37
N GLY B 96 -77.41 2.47 51.17
CA GLY B 96 -76.70 3.70 50.80
C GLY B 96 -75.84 4.27 51.94
N THR B 97 -74.82 3.52 52.35
CA THR B 97 -73.93 3.84 53.47
C THR B 97 -72.83 4.83 53.12
N VAL B 98 -72.66 5.87 53.92
CA VAL B 98 -71.55 6.83 53.77
C VAL B 98 -70.78 6.98 55.09
N MET B 99 -69.59 7.55 55.13
CA MET B 99 -68.99 7.96 56.39
C MET B 99 -68.84 9.47 56.39
N GLY B 100 -69.19 10.13 57.51
CA GLY B 100 -69.09 11.59 57.63
C GLY B 100 -67.79 12.18 57.07
N ALA B 101 -66.67 11.67 57.57
CA ALA B 101 -65.35 12.08 57.13
C ALA B 101 -65.06 12.10 55.64
N GLU B 102 -65.51 11.08 54.92
CA GLU B 102 -65.32 10.98 53.48
C GLU B 102 -66.11 12.06 52.74
N LEU B 103 -67.43 12.21 52.88
CA LEU B 103 -68.14 13.33 52.25
C LEU B 103 -67.62 14.71 52.68
N ARG B 104 -67.38 14.95 53.98
CA ARG B 104 -66.81 16.21 54.48
C ARG B 104 -65.52 16.65 53.80
N HIS B 105 -64.49 15.78 53.73
CA HIS B 105 -63.27 16.18 53.05
C HIS B 105 -63.42 16.21 51.53
N VAL B 106 -64.03 15.19 50.89
CA VAL B 106 -64.22 15.17 49.44
C VAL B 106 -64.96 16.42 48.91
N LEU B 107 -65.94 16.92 49.65
CA LEU B 107 -66.65 18.13 49.27
C LEU B 107 -66.09 19.45 49.85
N ALA B 108 -64.84 19.45 50.30
CA ALA B 108 -64.16 20.65 50.77
C ALA B 108 -62.81 20.83 50.03
N THR B 109 -62.13 19.70 49.81
CA THR B 109 -60.83 19.64 49.13
C THR B 109 -60.84 19.40 47.62
N LEU B 110 -61.87 18.78 47.05
CA LEU B 110 -61.84 18.44 45.63
C LEU B 110 -62.65 19.24 44.60
N GLY B 111 -62.20 19.24 43.34
CA GLY B 111 -62.86 19.95 42.23
C GLY B 111 -63.10 21.45 42.44
N GLU B 112 -64.34 21.78 42.80
CA GLU B 112 -64.74 23.17 43.04
C GLU B 112 -64.58 23.66 44.48
N LYS B 113 -64.12 22.81 45.42
CA LYS B 113 -64.00 23.10 46.87
C LYS B 113 -65.37 23.33 47.53
N MET B 114 -65.46 23.72 48.78
CA MET B 114 -66.65 24.23 49.48
C MET B 114 -66.10 24.63 50.84
N THR B 115 -66.47 25.72 51.48
CA THR B 115 -65.85 26.04 52.77
C THR B 115 -66.31 25.04 53.84
N GLU B 116 -65.44 24.74 54.80
CA GLU B 116 -65.79 23.84 55.89
C GLU B 116 -67.11 24.23 56.57
N GLU B 117 -67.28 25.54 56.80
CA GLU B 117 -68.54 26.14 57.27
C GLU B 117 -69.76 25.70 56.43
N GLU B 118 -69.74 25.92 55.11
CA GLU B 118 -70.81 25.47 54.20
C GLU B 118 -71.06 23.96 54.22
N VAL B 119 -70.00 23.13 54.25
CA VAL B 119 -70.15 21.67 54.36
C VAL B 119 -70.78 21.27 55.71
N GLU B 120 -70.32 21.79 56.85
CA GLU B 120 -70.94 21.59 58.17
C GLU B 120 -72.44 21.94 58.14
N GLU B 121 -72.76 23.04 57.46
CA GLU B 121 -74.12 23.42 57.16
C GLU B 121 -74.94 22.57 56.19
N LEU B 122 -74.31 21.78 55.32
CA LEU B 122 -75.02 20.77 54.53
C LEU B 122 -75.34 19.56 55.40
N MET B 123 -74.42 19.23 56.30
CA MET B 123 -74.60 18.17 57.29
C MET B 123 -75.52 18.54 58.48
N LYS B 124 -76.54 19.38 58.26
CA LYS B 124 -77.45 19.86 59.30
C LYS B 124 -78.31 18.80 60.02
N GLY B 125 -77.72 18.01 60.93
CA GLY B 125 -78.46 16.98 61.66
C GLY B 125 -79.03 15.86 60.77
N GLN B 126 -78.24 15.48 59.77
CA GLN B 126 -78.59 14.36 58.89
C GLN B 126 -77.61 13.18 59.02
N GLU B 127 -76.58 13.43 59.82
CA GLU B 127 -75.53 12.50 60.17
C GLU B 127 -75.35 12.34 61.68
N ASP B 128 -76.36 11.77 62.30
CA ASP B 128 -76.30 11.52 63.73
C ASP B 128 -75.18 10.60 64.23
N SER B 129 -75.04 10.46 65.55
CA SER B 129 -74.01 9.64 66.23
C SER B 129 -73.41 8.37 65.63
N ASN B 130 -74.12 7.72 64.69
CA ASN B 130 -73.70 6.48 64.04
C ASN B 130 -72.44 6.55 63.14
N GLY B 131 -71.92 7.72 62.78
CA GLY B 131 -70.73 7.83 61.94
C GLY B 131 -71.02 7.72 60.44
N CYS B 132 -71.85 6.72 60.13
CA CYS B 132 -72.40 6.49 58.81
C CYS B 132 -73.60 7.36 58.47
N ILE B 133 -73.56 7.88 57.27
CA ILE B 133 -74.62 8.72 56.74
C ILE B 133 -75.48 7.96 55.72
N ASN B 134 -76.78 8.21 55.52
CA ASN B 134 -77.57 7.46 54.53
C ASN B 134 -77.83 8.15 53.17
N TYR B 135 -76.91 7.99 52.19
CA TYR B 135 -76.94 8.62 50.86
C TYR B 135 -78.26 9.04 50.19
N GLU B 136 -79.13 8.07 50.06
CA GLU B 136 -80.44 8.21 49.41
C GLU B 136 -81.32 9.31 49.98
N ALA B 137 -81.23 9.50 51.29
CA ALA B 137 -81.96 10.56 51.96
C ALA B 137 -81.33 11.93 51.73
N PHE B 138 -80.00 12.02 51.62
CA PHE B 138 -79.36 13.31 51.39
C PHE B 138 -79.67 13.90 50.04
N VAL B 139 -79.55 13.14 48.96
CA VAL B 139 -79.91 13.66 47.64
C VAL B 139 -81.35 14.19 47.65
N LYS B 140 -82.30 13.48 48.29
CA LYS B 140 -83.66 14.01 48.48
C LYS B 140 -83.69 15.33 49.30
N HIS B 141 -83.06 15.44 50.48
CA HIS B 141 -83.02 16.70 51.26
C HIS B 141 -82.22 17.87 50.67
N ILE B 142 -81.25 17.52 49.82
CA ILE B 142 -80.43 18.45 49.08
C ILE B 142 -81.33 18.96 47.94
N MET B 143 -81.84 18.09 47.07
CA MET B 143 -82.73 18.50 45.99
C MET B 143 -84.09 19.08 46.41
N SER B 144 -84.48 18.91 47.66
CA SER B 144 -85.73 19.43 48.25
C SER B 144 -85.96 20.93 48.48
N VAL B 145 -85.20 21.84 47.87
CA VAL B 145 -85.52 23.23 48.04
C VAL B 145 -86.48 23.71 46.94
N ASP C 1 -43.72 2.80 67.93
CA ASP C 1 -43.44 3.57 69.16
C ASP C 1 -43.88 2.79 70.36
N ALA C 2 -45.19 2.52 70.38
CA ALA C 2 -45.78 1.75 71.45
C ALA C 2 -45.08 0.40 71.49
N GLU C 3 -45.04 -0.21 70.29
CA GLU C 3 -44.41 -1.50 70.09
C GLU C 3 -42.99 -1.50 70.59
N MET C 4 -42.17 -0.68 69.93
CA MET C 4 -40.79 -0.54 70.28
C MET C 4 -40.61 -0.14 71.72
N ALA C 5 -39.93 -1.02 72.41
CA ALA C 5 -39.62 -0.86 73.78
C ALA C 5 -38.49 -1.82 74.01
N ALA C 6 -38.77 -3.07 73.54
CA ALA C 6 -37.84 -4.17 73.61
C ALA C 6 -36.45 -3.69 73.24
N PHE C 7 -36.41 -3.00 72.08
CA PHE C 7 -35.19 -2.44 71.58
C PHE C 7 -34.90 -1.17 72.32
N GLY C 8 -35.92 -0.32 72.24
CA GLY C 8 -35.87 0.95 72.86
C GLY C 8 -34.63 1.69 72.39
N GLU C 9 -33.52 1.43 73.07
CA GLU C 9 -32.27 2.08 72.74
C GLU C 9 -31.80 1.84 71.32
N ALA C 10 -32.12 0.68 70.77
CA ALA C 10 -31.70 0.33 69.43
C ALA C 10 -32.62 0.90 68.36
N ALA C 11 -33.87 1.04 68.80
CA ALA C 11 -35.00 1.52 68.00
C ALA C 11 -34.64 2.49 66.90
N PRO C 12 -33.99 3.56 67.28
CA PRO C 12 -33.63 4.58 66.32
C PRO C 12 -32.86 4.08 65.12
N TYR C 13 -32.18 2.93 65.29
CA TYR C 13 -31.33 2.33 64.25
C TYR C 13 -32.01 1.22 63.49
N LEU C 14 -33.19 0.87 63.99
CA LEU C 14 -34.07 -0.15 63.44
C LEU C 14 -35.27 0.42 62.72
N ARG C 15 -35.92 1.32 63.45
CA ARG C 15 -37.09 2.03 62.99
C ARG C 15 -37.06 3.47 63.36
N LYS C 16 -37.91 4.28 62.70
CA LYS C 16 -37.98 5.71 62.98
C LYS C 16 -39.25 6.11 63.72
N SER C 17 -39.19 7.25 64.43
CA SER C 17 -40.36 7.67 65.18
C SER C 17 -41.55 7.79 64.29
N GLU C 18 -42.68 7.40 64.82
CA GLU C 18 -43.96 7.43 64.11
C GLU C 18 -44.37 8.74 63.50
N LYS C 19 -43.55 9.76 63.53
CA LYS C 19 -43.99 10.96 62.89
C LYS C 19 -42.93 11.31 61.88
N GLU C 20 -41.71 10.80 62.23
CA GLU C 20 -40.58 10.97 61.35
C GLU C 20 -40.97 10.29 60.06
N ARG C 21 -41.73 9.23 60.31
CA ARG C 21 -42.26 8.44 59.24
C ARG C 21 -43.29 9.31 58.55
N ILE C 22 -44.33 9.57 59.34
CA ILE C 22 -45.46 10.37 58.95
C ILE C 22 -45.11 11.68 58.27
N GLU C 23 -44.09 12.34 58.77
CA GLU C 23 -43.64 13.57 58.21
C GLU C 23 -42.94 13.36 56.89
N ALA C 24 -42.61 12.11 56.62
CA ALA C 24 -41.91 11.76 55.42
C ALA C 24 -42.78 11.20 54.31
N GLN C 25 -43.73 10.36 54.70
CA GLN C 25 -44.62 9.75 53.75
C GLN C 25 -45.71 10.72 53.28
N ASN C 26 -46.09 11.60 54.20
CA ASN C 26 -47.14 12.57 53.96
C ASN C 26 -46.53 13.92 53.69
N LYS C 27 -46.10 14.08 52.45
CA LYS C 27 -45.49 15.28 52.00
C LYS C 27 -45.81 15.50 50.54
N PRO C 28 -45.59 16.71 50.04
CA PRO C 28 -45.90 17.01 48.66
C PRO C 28 -45.05 16.24 47.68
N PHE C 29 -45.71 15.75 46.62
CA PHE C 29 -45.04 15.02 45.56
C PHE C 29 -45.60 15.27 44.14
N ASP C 30 -44.70 15.55 43.20
CA ASP C 30 -45.12 15.73 41.80
C ASP C 30 -44.55 14.65 40.88
N ALA C 31 -45.28 13.58 40.78
CA ALA C 31 -44.87 12.46 39.97
C ALA C 31 -44.36 12.78 38.56
N LYS C 32 -45.23 13.34 37.76
CA LYS C 32 -44.92 13.65 36.39
C LYS C 32 -43.64 14.43 36.19
N SER C 33 -43.14 15.05 37.24
CA SER C 33 -41.94 15.86 37.04
C SER C 33 -40.75 15.34 37.76
N SER C 34 -40.98 14.82 38.99
CA SER C 34 -39.88 14.27 39.80
C SER C 34 -39.30 12.97 39.20
N VAL C 35 -37.97 12.91 39.11
CA VAL C 35 -37.33 11.78 38.49
C VAL C 35 -35.90 11.54 38.94
N PHE C 36 -35.38 10.36 38.59
CA PHE C 36 -33.98 9.94 38.82
C PHE C 36 -33.30 10.01 37.48
N VAL C 37 -32.02 10.29 37.43
CA VAL C 37 -31.38 10.35 36.11
C VAL C 37 -29.90 9.98 36.11
N VAL C 38 -29.45 9.62 34.90
CA VAL C 38 -28.09 9.21 34.63
C VAL C 38 -27.19 10.35 34.95
N HIS C 39 -25.91 10.05 35.18
CA HIS C 39 -25.02 11.15 35.45
C HIS C 39 -23.57 10.76 35.31
N PRO C 40 -22.93 11.39 34.35
CA PRO C 40 -21.56 11.14 34.03
C PRO C 40 -20.59 11.02 35.21
N LYS C 41 -20.64 11.95 36.15
CA LYS C 41 -19.74 11.88 37.29
C LYS C 41 -20.34 11.03 38.41
N GLU C 42 -21.45 11.48 38.97
CA GLU C 42 -22.13 10.68 39.96
C GLU C 42 -23.06 9.77 39.21
N SER C 43 -23.12 8.52 39.63
CA SER C 43 -23.90 7.49 38.93
C SER C 43 -25.30 7.85 38.46
N PHE C 44 -26.11 8.20 39.42
CA PHE C 44 -27.51 8.57 39.20
C PHE C 44 -27.84 9.60 40.24
N VAL C 45 -28.26 10.76 39.84
CA VAL C 45 -28.63 11.70 40.85
C VAL C 45 -30.06 12.05 40.56
N LYS C 46 -30.75 12.73 41.52
CA LYS C 46 -32.14 13.08 41.31
C LYS C 46 -32.35 14.46 40.73
N GLY C 47 -33.51 14.64 40.12
CA GLY C 47 -33.83 15.91 39.54
C GLY C 47 -35.28 16.02 39.18
N THR C 48 -35.57 17.22 38.65
CA THR C 48 -36.89 17.58 38.22
C THR C 48 -36.86 17.75 36.70
N ILE C 49 -37.85 17.18 36.05
CA ILE C 49 -37.94 17.33 34.62
C ILE C 49 -38.37 18.76 34.27
N GLN C 50 -37.59 19.37 33.37
CA GLN C 50 -37.87 20.70 32.93
C GLN C 50 -38.64 20.67 31.64
N SER C 51 -38.00 20.18 30.62
CA SER C 51 -38.66 20.14 29.34
C SER C 51 -38.70 18.75 28.76
N LYS C 52 -39.03 18.67 27.49
CA LYS C 52 -39.08 17.39 26.80
C LYS C 52 -38.74 17.57 25.32
N GLU C 53 -37.57 17.07 24.92
CA GLU C 53 -37.08 17.16 23.56
C GLU C 53 -37.59 16.09 22.56
N GLY C 54 -38.76 15.53 22.89
CA GLY C 54 -39.43 14.53 22.06
C GLY C 54 -38.88 13.12 22.20
N GLY C 55 -37.70 13.01 22.83
CA GLY C 55 -37.00 11.75 23.04
C GLY C 55 -35.65 12.02 23.64
N LYS C 56 -35.62 13.18 24.28
CA LYS C 56 -34.50 13.72 25.00
C LYS C 56 -35.12 14.37 26.19
N VAL C 57 -34.32 14.54 27.22
CA VAL C 57 -34.88 15.13 28.38
C VAL C 57 -33.93 16.06 29.03
N THR C 58 -34.46 17.21 29.46
CA THR C 58 -33.64 18.17 30.17
C THR C 58 -34.08 18.17 31.59
N VAL C 59 -33.10 18.02 32.49
CA VAL C 59 -33.47 18.01 33.88
C VAL C 59 -32.62 18.85 34.78
N LYS C 60 -33.27 19.36 35.81
CA LYS C 60 -32.58 20.12 36.80
C LYS C 60 -32.02 19.12 37.74
N THR C 61 -31.21 19.57 38.64
CA THR C 61 -30.59 18.64 39.55
C THR C 61 -30.87 19.04 40.94
N GLU C 62 -30.35 18.22 41.79
CA GLU C 62 -30.37 18.41 43.20
C GLU C 62 -28.93 18.66 43.53
N GLY C 63 -28.62 19.94 43.42
CA GLY C 63 -27.30 20.49 43.62
C GLY C 63 -27.22 21.63 42.67
N GLY C 64 -28.07 21.48 41.62
CA GLY C 64 -28.22 22.53 40.63
C GLY C 64 -27.36 22.20 39.46
N GLU C 65 -28.00 21.60 38.47
CA GLU C 65 -27.31 21.21 37.25
C GLU C 65 -28.38 20.91 36.24
N THR C 66 -28.02 21.15 35.00
CA THR C 66 -28.97 20.90 33.97
C THR C 66 -28.35 20.04 32.91
N LEU C 67 -29.01 18.91 32.58
CA LEU C 67 -28.51 17.95 31.60
C LEU C 67 -29.61 17.50 30.66
N THR C 68 -29.27 17.33 29.39
CA THR C 68 -30.28 16.84 28.47
C THR C 68 -29.88 15.45 28.13
N VAL C 69 -30.60 14.53 28.71
CA VAL C 69 -30.28 13.14 28.55
C VAL C 69 -31.44 12.35 27.92
N LYS C 70 -31.10 11.26 27.21
CA LYS C 70 -32.04 10.37 26.53
C LYS C 70 -33.32 10.14 27.30
N GLU C 71 -34.26 9.47 26.66
CA GLU C 71 -35.51 9.17 27.32
C GLU C 71 -35.30 8.07 28.34
N ASP C 72 -34.42 7.14 27.99
CA ASP C 72 -34.13 6.08 28.94
C ASP C 72 -32.89 6.24 29.78
N GLN C 73 -32.64 7.47 30.12
CA GLN C 73 -31.54 7.82 30.95
C GLN C 73 -32.20 8.46 32.16
N VAL C 74 -33.53 8.44 31.98
CA VAL C 74 -34.53 8.97 32.88
C VAL C 74 -35.39 7.88 33.51
N PHE C 75 -35.47 7.93 34.82
CA PHE C 75 -36.22 6.98 35.62
C PHE C 75 -37.07 7.62 36.69
N SER C 76 -38.31 7.16 36.75
CA SER C 76 -39.29 7.62 37.68
C SER C 76 -38.79 7.59 39.10
N MET C 77 -39.57 8.18 40.01
CA MET C 77 -39.23 8.28 41.40
C MET C 77 -40.43 7.94 42.28
N ASN C 78 -40.23 7.04 43.20
CA ASN C 78 -41.29 6.60 44.04
C ASN C 78 -41.91 7.67 44.89
N PRO C 79 -43.25 7.55 45.05
CA PRO C 79 -43.98 8.48 45.87
C PRO C 79 -43.34 8.36 47.22
N PRO C 80 -43.50 9.40 47.96
CA PRO C 80 -42.93 9.53 49.26
C PRO C 80 -43.34 8.39 50.20
N LYS C 81 -44.44 7.76 49.84
CA LYS C 81 -44.94 6.68 50.68
C LYS C 81 -43.88 5.62 50.87
N TYR C 82 -42.96 5.56 49.93
CA TYR C 82 -41.86 4.62 49.96
C TYR C 82 -40.58 5.36 50.26
N ASP C 83 -40.41 5.75 51.52
CA ASP C 83 -39.25 6.53 51.82
C ASP C 83 -38.05 5.67 52.13
N LYS C 84 -38.17 4.97 53.29
CA LYS C 84 -37.10 4.13 53.74
C LYS C 84 -37.64 2.75 54.05
N ILE C 85 -38.27 2.26 53.00
CA ILE C 85 -38.93 0.99 52.92
C ILE C 85 -38.05 -0.13 53.39
N GLU C 86 -38.62 -0.90 54.30
CA GLU C 86 -38.00 -2.06 54.83
C GLU C 86 -37.66 -3.07 53.76
N ASP C 87 -38.57 -3.16 52.77
CA ASP C 87 -38.45 -4.09 51.67
C ASP C 87 -38.59 -3.39 50.38
N MET C 88 -37.48 -3.05 49.79
CA MET C 88 -37.49 -2.35 48.55
C MET C 88 -38.31 -2.99 47.52
N ALA C 89 -38.49 -4.26 47.66
CA ALA C 89 -39.28 -5.02 46.68
C ALA C 89 -40.76 -4.76 46.80
N MET C 90 -41.10 -3.78 47.62
CA MET C 90 -42.48 -3.47 47.77
C MET C 90 -42.75 -2.20 47.02
N MET C 91 -41.67 -1.55 46.66
CA MET C 91 -41.70 -0.38 45.87
C MET C 91 -42.42 -0.67 44.60
N THR C 92 -43.04 0.37 44.00
CA THR C 92 -43.78 0.21 42.77
C THR C 92 -42.92 0.64 41.66
N HIS C 93 -41.66 0.92 42.04
CA HIS C 93 -40.68 1.35 41.07
C HIS C 93 -39.36 0.63 41.25
N LEU C 94 -39.27 -0.47 40.50
CA LEU C 94 -38.18 -1.38 40.45
C LEU C 94 -37.18 -0.96 39.37
N HIS C 95 -36.29 -0.11 39.81
CA HIS C 95 -35.27 0.47 38.99
C HIS C 95 -33.97 0.12 39.56
N GLU C 96 -32.98 0.68 38.91
CA GLU C 96 -31.66 0.57 39.42
C GLU C 96 -31.44 1.68 40.46
N PRO C 97 -31.77 2.93 40.10
CA PRO C 97 -31.60 4.03 41.00
C PRO C 97 -32.38 3.97 42.31
N ALA C 98 -33.64 3.68 42.20
CA ALA C 98 -34.44 3.60 43.39
C ALA C 98 -33.92 2.67 44.43
N VAL C 99 -33.16 1.69 43.99
CA VAL C 99 -32.64 0.75 44.95
C VAL C 99 -31.44 1.29 45.63
N LEU C 100 -30.63 1.93 44.84
CA LEU C 100 -29.42 2.53 45.35
C LEU C 100 -29.87 3.55 46.37
N TYR C 101 -30.77 4.40 45.92
CA TYR C 101 -31.27 5.48 46.72
C TYR C 101 -31.94 5.11 48.01
N ASN C 102 -32.62 3.97 48.08
CA ASN C 102 -33.29 3.57 49.31
C ASN C 102 -32.32 3.13 50.34
N LEU C 103 -31.32 2.45 49.87
CA LEU C 103 -30.32 1.91 50.77
C LEU C 103 -29.68 3.07 51.42
N LYS C 104 -29.16 3.92 50.54
CA LYS C 104 -28.48 5.16 50.88
C LYS C 104 -29.23 6.01 51.87
N GLU C 105 -30.51 6.25 51.65
CA GLU C 105 -31.22 7.11 52.58
C GLU C 105 -31.33 6.55 53.98
N ARG C 106 -31.57 5.24 54.10
CA ARG C 106 -31.73 4.66 55.41
C ARG C 106 -30.48 4.36 56.12
N TYR C 107 -29.41 4.78 55.48
CA TYR C 107 -28.08 4.56 55.99
C TYR C 107 -27.61 5.85 56.59
N ALA C 108 -27.93 6.93 55.85
CA ALA C 108 -27.64 8.29 56.31
C ALA C 108 -28.42 8.56 57.59
N ALA C 109 -29.35 7.63 57.86
CA ALA C 109 -30.19 7.68 59.02
C ALA C 109 -29.77 6.59 59.96
N TRP C 110 -28.67 5.99 59.59
CA TRP C 110 -28.11 4.92 60.39
C TRP C 110 -28.95 3.70 60.47
N MET C 111 -29.61 3.33 59.38
CA MET C 111 -30.24 2.03 59.39
C MET C 111 -29.46 1.10 58.43
N ILE C 112 -28.79 0.13 59.00
CA ILE C 112 -27.95 -0.77 58.23
C ILE C 112 -28.69 -1.97 57.64
N TYR C 113 -29.85 -2.28 58.15
CA TYR C 113 -30.59 -3.39 57.63
C TYR C 113 -31.82 -3.06 56.90
N THR C 114 -31.71 -3.25 55.61
CA THR C 114 -32.85 -3.07 54.75
C THR C 114 -33.06 -4.33 53.89
N TYR C 115 -34.29 -4.85 53.72
CA TYR C 115 -34.52 -6.06 52.89
C TYR C 115 -34.78 -5.69 51.46
N SER C 116 -34.41 -6.61 50.53
CA SER C 116 -34.61 -6.41 49.07
C SER C 116 -35.16 -7.64 48.46
N GLY C 117 -36.27 -8.09 48.99
CA GLY C 117 -36.89 -9.26 48.52
C GLY C 117 -36.70 -10.27 49.59
N LEU C 118 -35.84 -11.21 49.33
CA LEU C 118 -35.62 -12.24 50.31
C LEU C 118 -34.37 -11.92 51.04
N PHE C 119 -33.58 -11.13 50.35
CA PHE C 119 -32.33 -10.72 50.93
C PHE C 119 -32.44 -9.89 52.14
N CYS C 120 -31.35 -9.82 52.79
CA CYS C 120 -31.21 -9.00 53.95
C CYS C 120 -29.97 -8.21 53.75
N VAL C 121 -30.16 -7.09 53.09
CA VAL C 121 -29.04 -6.26 52.88
C VAL C 121 -28.46 -5.77 54.17
N THR C 122 -27.15 -5.62 54.24
CA THR C 122 -26.42 -5.13 55.43
C THR C 122 -25.28 -4.22 55.03
N VAL C 123 -25.29 -3.04 55.58
CA VAL C 123 -24.25 -2.08 55.26
C VAL C 123 -23.33 -1.82 56.43
N ASN C 124 -22.00 -1.83 56.15
CA ASN C 124 -20.98 -1.61 57.17
C ASN C 124 -21.12 -0.27 57.89
N PRO C 125 -21.44 -0.29 59.20
CA PRO C 125 -21.62 0.97 59.90
C PRO C 125 -20.36 1.81 59.96
N TYR C 126 -19.29 1.17 60.27
CA TYR C 126 -17.98 1.80 60.40
C TYR C 126 -17.85 2.55 61.66
N LYS C 127 -18.74 2.17 62.53
CA LYS C 127 -18.82 2.70 63.86
C LYS C 127 -19.64 1.75 64.71
N TRP C 128 -19.88 2.06 65.99
CA TRP C 128 -20.60 1.15 66.90
C TRP C 128 -22.10 1.41 66.99
N LEU C 129 -22.84 0.31 67.19
CA LEU C 129 -24.29 0.40 67.28
C LEU C 129 -24.87 -0.57 68.35
N PRO C 130 -25.92 -0.09 69.01
CA PRO C 130 -26.61 -0.87 70.02
C PRO C 130 -27.43 -1.97 69.41
N VAL C 131 -27.14 -2.35 68.18
CA VAL C 131 -27.96 -3.35 67.50
C VAL C 131 -27.74 -4.78 67.92
N TYR C 132 -26.53 -5.07 68.33
CA TYR C 132 -26.19 -6.42 68.63
C TYR C 132 -26.55 -6.67 70.07
N ASN C 133 -27.24 -5.62 70.53
CA ASN C 133 -27.77 -5.49 71.89
C ASN C 133 -28.60 -6.61 72.35
N PRO C 134 -28.15 -7.03 73.47
CA PRO C 134 -28.64 -8.12 74.25
C PRO C 134 -30.11 -7.94 74.54
N LYS C 135 -30.69 -6.84 74.13
CA LYS C 135 -32.11 -6.71 74.38
C LYS C 135 -32.80 -7.10 73.13
N VAL C 136 -32.12 -6.76 72.05
CA VAL C 136 -32.65 -7.00 70.74
C VAL C 136 -32.86 -8.47 70.46
N VAL C 137 -31.82 -9.21 70.81
CA VAL C 137 -31.76 -10.63 70.70
C VAL C 137 -33.09 -11.27 71.08
N LEU C 138 -33.65 -10.83 72.21
CA LEU C 138 -34.93 -11.34 72.72
C LEU C 138 -36.06 -10.86 71.87
N ALA C 139 -35.96 -9.57 71.59
CA ALA C 139 -36.99 -8.90 70.84
C ALA C 139 -37.32 -9.60 69.55
N TYR C 140 -36.27 -10.05 68.87
CA TYR C 140 -36.41 -10.70 67.61
C TYR C 140 -36.78 -12.17 67.73
N ARG C 141 -36.91 -12.55 68.98
CA ARG C 141 -37.22 -13.90 69.35
C ARG C 141 -38.71 -14.24 69.27
N GLY C 142 -39.06 -15.09 68.29
CA GLY C 142 -40.40 -15.59 68.03
C GLY C 142 -41.24 -14.69 67.08
N LYS C 143 -40.57 -13.80 66.37
CA LYS C 143 -41.17 -12.82 65.47
C LYS C 143 -41.01 -13.00 63.96
N LYS C 144 -42.13 -13.10 63.23
CA LYS C 144 -42.00 -13.13 61.78
C LYS C 144 -41.40 -11.80 61.30
N ARG C 145 -40.79 -11.76 60.12
CA ARG C 145 -40.15 -10.54 59.70
C ARG C 145 -41.08 -9.42 59.36
N GLN C 146 -42.36 -9.66 59.62
CA GLN C 146 -43.34 -8.63 59.34
C GLN C 146 -43.80 -7.98 60.62
N GLU C 147 -43.47 -8.67 61.72
CA GLU C 147 -43.73 -8.22 63.08
C GLU C 147 -42.59 -7.38 63.65
N ALA C 148 -41.49 -7.27 62.91
CA ALA C 148 -40.34 -6.52 63.29
C ALA C 148 -39.56 -5.94 62.09
N PRO C 149 -38.80 -4.88 62.36
CA PRO C 149 -38.03 -4.18 61.36
C PRO C 149 -36.85 -5.00 60.82
N PRO C 150 -36.35 -4.64 59.66
CA PRO C 150 -35.22 -5.30 59.06
C PRO C 150 -33.99 -5.41 59.93
N HIS C 151 -33.65 -6.69 60.14
CA HIS C 151 -32.53 -7.15 60.92
C HIS C 151 -32.22 -8.66 60.75
N ILE C 152 -30.96 -8.95 60.89
CA ILE C 152 -30.34 -10.24 60.76
C ILE C 152 -30.82 -11.26 61.73
N PHE C 153 -31.20 -10.82 62.90
CA PHE C 153 -31.69 -11.77 63.81
C PHE C 153 -33.05 -12.15 63.26
N SER C 154 -33.59 -11.34 62.38
CA SER C 154 -34.90 -11.72 61.88
C SER C 154 -34.74 -12.95 61.11
N ILE C 155 -33.72 -12.89 60.25
CA ILE C 155 -33.46 -14.00 59.36
C ILE C 155 -33.16 -15.22 60.21
N SER C 156 -32.24 -15.00 61.13
CA SER C 156 -31.72 -16.00 62.00
C SER C 156 -32.72 -16.60 62.93
N ASP C 157 -33.75 -15.90 63.20
CA ASP C 157 -34.70 -16.50 64.12
C ASP C 157 -35.70 -17.29 63.33
N ASN C 158 -36.07 -16.68 62.23
CA ASN C 158 -37.06 -17.28 61.40
C ASN C 158 -36.61 -18.61 60.95
N ALA C 159 -35.30 -18.70 60.74
CA ALA C 159 -34.71 -19.96 60.31
C ALA C 159 -35.05 -21.03 61.29
N TYR C 160 -34.69 -20.71 62.52
CA TYR C 160 -34.95 -21.52 63.68
C TYR C 160 -36.40 -21.94 63.75
N GLN C 161 -37.24 -20.96 63.64
CA GLN C 161 -38.68 -21.16 63.72
C GLN C 161 -39.00 -22.23 62.74
N PHE C 162 -38.88 -21.79 61.51
CA PHE C 162 -39.08 -22.56 60.35
C PHE C 162 -38.49 -23.92 60.48
N MET C 163 -37.38 -23.96 61.18
CA MET C 163 -36.71 -25.19 61.34
C MET C 163 -37.64 -26.12 62.07
N LEU C 164 -38.08 -25.72 63.24
CA LEU C 164 -39.01 -26.56 63.98
C LEU C 164 -40.43 -26.65 63.38
N THR C 165 -40.91 -25.58 62.77
CA THR C 165 -42.23 -25.59 62.20
C THR C 165 -42.42 -26.55 61.04
N ASP C 166 -41.54 -26.43 60.04
CA ASP C 166 -41.58 -27.23 58.82
C ASP C 166 -40.81 -28.58 58.88
N ARG C 167 -39.97 -28.73 59.87
CA ARG C 167 -39.17 -29.94 60.02
C ARG C 167 -38.22 -30.12 58.84
N GLU C 168 -37.68 -29.00 58.38
CA GLU C 168 -36.72 -28.94 57.30
C GLU C 168 -35.45 -28.30 57.75
N ASN C 169 -34.37 -28.63 57.07
CA ASN C 169 -33.13 -27.99 57.47
C ASN C 169 -33.06 -26.65 56.81
N GLN C 170 -32.20 -25.84 57.40
CA GLN C 170 -32.09 -24.47 56.92
C GLN C 170 -30.69 -24.07 56.51
N SER C 171 -30.59 -22.87 55.93
CA SER C 171 -29.29 -22.31 55.56
C SER C 171 -29.37 -20.81 55.50
N ILE C 172 -28.21 -20.22 55.64
CA ILE C 172 -28.03 -18.82 55.61
C ILE C 172 -26.83 -18.56 54.76
N LEU C 173 -27.00 -17.82 53.71
CA LEU C 173 -25.91 -17.56 52.88
C LEU C 173 -25.42 -16.18 52.96
N ILE C 174 -24.26 -15.99 53.62
CA ILE C 174 -23.71 -14.67 53.75
C ILE C 174 -22.68 -14.42 52.67
N THR C 175 -22.72 -13.31 52.01
CA THR C 175 -21.82 -13.05 50.96
C THR C 175 -21.62 -11.56 50.70
N GLY C 176 -20.35 -11.19 50.35
CA GLY C 176 -19.99 -9.80 50.02
C GLY C 176 -18.51 -9.65 49.73
N GLU C 177 -18.07 -8.47 49.29
CA GLU C 177 -16.64 -8.27 49.05
C GLU C 177 -15.81 -8.19 50.34
N SER C 178 -14.52 -8.30 50.14
CA SER C 178 -13.50 -8.30 51.16
C SER C 178 -13.78 -7.40 52.33
N GLY C 179 -14.28 -6.22 52.06
CA GLY C 179 -14.51 -5.31 53.20
C GLY C 179 -15.91 -5.20 53.69
N ALA C 180 -16.83 -5.97 53.12
CA ALA C 180 -18.20 -5.92 53.52
C ALA C 180 -18.49 -6.28 54.97
N GLY C 181 -17.59 -7.08 55.58
CA GLY C 181 -17.75 -7.47 56.98
C GLY C 181 -18.68 -8.64 57.21
N LYS C 182 -18.38 -9.77 56.57
CA LYS C 182 -19.23 -10.93 56.74
C LYS C 182 -18.96 -11.72 58.00
N THR C 183 -17.67 -12.00 58.28
CA THR C 183 -17.23 -12.79 59.46
C THR C 183 -17.97 -12.33 60.67
N VAL C 184 -17.97 -11.01 60.75
CA VAL C 184 -18.66 -10.26 61.81
C VAL C 184 -20.09 -10.69 61.91
N ASN C 185 -20.78 -10.76 60.78
CA ASN C 185 -22.15 -11.15 60.80
C ASN C 185 -22.26 -12.59 61.16
N THR C 186 -21.46 -13.37 60.46
CA THR C 186 -21.47 -14.80 60.61
C THR C 186 -21.34 -15.17 62.04
N LYS C 187 -20.33 -14.57 62.63
CA LYS C 187 -20.09 -14.80 64.02
C LYS C 187 -21.30 -14.45 64.81
N ARG C 188 -21.77 -13.25 64.51
CA ARG C 188 -22.95 -12.71 65.22
C ARG C 188 -24.19 -13.56 65.06
N VAL C 189 -24.29 -14.22 63.94
CA VAL C 189 -25.43 -15.08 63.74
C VAL C 189 -25.29 -16.28 64.64
N ILE C 190 -24.07 -16.77 64.63
CA ILE C 190 -23.72 -17.94 65.40
C ILE C 190 -24.02 -17.78 66.88
N GLN C 191 -23.57 -16.65 67.46
CA GLN C 191 -23.85 -16.39 68.86
C GLN C 191 -25.31 -16.54 69.08
N TYR C 192 -26.04 -15.93 68.17
CA TYR C 192 -27.49 -15.97 68.20
C TYR C 192 -28.03 -17.35 68.40
N PHE C 193 -27.57 -18.29 67.59
CA PHE C 193 -28.03 -19.64 67.74
C PHE C 193 -27.71 -20.18 69.08
N ALA C 194 -26.47 -20.01 69.43
CA ALA C 194 -25.99 -20.57 70.70
C ALA C 194 -26.84 -20.06 71.85
N THR C 195 -27.07 -18.76 71.89
CA THR C 195 -27.85 -18.16 72.95
C THR C 195 -29.28 -18.69 73.02
N ILE C 196 -30.05 -18.35 72.02
CA ILE C 196 -31.44 -18.74 71.93
C ILE C 196 -31.76 -20.24 71.99
N ALA C 197 -30.80 -21.13 72.09
CA ALA C 197 -31.18 -22.52 72.16
C ALA C 197 -30.08 -23.41 72.74
N ALA C 198 -29.59 -23.02 73.93
CA ALA C 198 -28.48 -23.70 74.60
C ALA C 198 -28.80 -24.82 75.61
N SER C 199 -28.04 -25.92 75.50
CA SER C 199 -28.19 -27.09 76.38
C SER C 199 -26.89 -27.50 77.12
N GLY C 200 -26.19 -26.47 77.65
CA GLY C 200 -24.95 -26.65 78.41
C GLY C 200 -25.31 -26.41 79.88
N GLU C 201 -26.17 -27.29 80.35
CA GLU C 201 -26.76 -27.27 81.69
C GLU C 201 -25.76 -27.07 82.81
N LEU C 215 -17.57 -24.90 73.94
CA LEU C 215 -17.94 -24.72 72.56
C LEU C 215 -17.55 -23.34 72.09
N GLU C 216 -18.10 -22.44 72.84
CA GLU C 216 -17.94 -21.03 72.67
C GLU C 216 -16.52 -20.60 72.38
N ASP C 217 -15.59 -21.41 72.74
CA ASP C 217 -14.18 -21.08 72.50
C ASP C 217 -13.71 -21.81 71.26
N GLN C 218 -14.04 -23.12 71.22
CA GLN C 218 -13.66 -23.97 70.11
C GLN C 218 -14.16 -23.26 68.89
N ILE C 219 -15.41 -22.88 69.03
CA ILE C 219 -16.17 -22.15 68.04
C ILE C 219 -15.29 -21.04 67.55
N ILE C 220 -14.79 -20.32 68.49
CA ILE C 220 -13.94 -19.21 68.21
C ILE C 220 -12.58 -19.64 67.73
N SER C 221 -11.92 -20.42 68.57
CA SER C 221 -10.56 -20.89 68.30
C SER C 221 -10.41 -21.40 66.90
N ALA C 222 -11.54 -21.78 66.32
CA ALA C 222 -11.54 -22.32 65.00
C ALA C 222 -10.83 -21.43 64.04
N ASN C 223 -11.28 -20.21 64.01
CA ASN C 223 -10.78 -19.21 63.08
C ASN C 223 -9.29 -19.14 62.91
N PRO C 224 -8.62 -18.80 64.00
CA PRO C 224 -7.18 -18.66 64.04
C PRO C 224 -6.34 -19.83 63.53
N LEU C 225 -6.99 -20.95 63.28
CA LEU C 225 -6.27 -22.11 62.76
C LEU C 225 -6.40 -22.02 61.24
N LEU C 226 -7.65 -22.01 60.82
CA LEU C 226 -8.02 -21.86 59.45
C LEU C 226 -7.28 -20.73 58.79
N GLU C 227 -7.18 -19.64 59.53
CA GLU C 227 -6.53 -18.38 59.11
C GLU C 227 -5.03 -18.55 58.86
N ALA C 228 -4.42 -19.40 59.66
CA ALA C 228 -3.00 -19.66 59.45
C ALA C 228 -2.73 -20.39 58.21
N PHE C 229 -3.74 -21.21 57.83
CA PHE C 229 -3.69 -22.05 56.64
C PHE C 229 -4.40 -21.58 55.44
N GLY C 230 -5.53 -20.91 55.63
CA GLY C 230 -6.25 -20.38 54.50
C GLY C 230 -6.21 -18.88 54.34
N ASN C 231 -5.32 -18.17 55.04
CA ASN C 231 -5.20 -16.72 54.96
C ASN C 231 -3.80 -16.27 54.63
N ALA C 232 -3.71 -15.12 54.02
CA ALA C 232 -2.44 -14.61 53.62
C ALA C 232 -2.45 -13.13 53.30
N LYS C 233 -1.30 -12.55 53.19
CA LYS C 233 -1.16 -11.18 52.84
C LYS C 233 -1.41 -10.96 51.41
N THR C 234 -2.48 -10.33 51.11
CA THR C 234 -2.87 -9.96 49.75
C THR C 234 -2.39 -8.54 49.60
N VAL C 235 -2.31 -8.08 48.38
CA VAL C 235 -1.89 -6.73 48.10
C VAL C 235 -2.92 -5.72 48.60
N ARG C 236 -4.13 -6.20 48.84
CA ARG C 236 -5.25 -5.40 49.33
C ARG C 236 -5.40 -5.45 50.84
N ASN C 237 -5.49 -6.66 51.36
CA ASN C 237 -5.60 -6.90 52.77
C ASN C 237 -4.27 -7.49 53.28
N ASP C 238 -4.11 -7.58 54.58
CA ASP C 238 -2.87 -8.09 55.16
C ASP C 238 -3.14 -9.46 55.70
N ASN C 239 -4.43 -9.72 55.85
CA ASN C 239 -5.00 -10.98 56.32
C ASN C 239 -6.18 -11.32 55.46
N SER C 240 -6.00 -11.54 54.13
CA SER C 240 -7.10 -11.85 53.26
C SER C 240 -7.52 -13.27 53.32
N SER C 241 -8.84 -13.49 53.25
CA SER C 241 -9.44 -14.82 53.28
C SER C 241 -9.24 -15.47 51.92
N ARG C 242 -8.46 -16.55 51.82
CA ARG C 242 -8.27 -17.14 50.52
C ARG C 242 -9.14 -18.27 50.25
N PHE C 243 -10.33 -17.16 53.74
CA PHE C 243 -10.92 -18.43 53.37
C PHE C 243 -12.41 -18.46 53.55
N GLY C 244 -13.06 -19.46 52.97
CA GLY C 244 -14.51 -19.62 53.04
C GLY C 244 -14.90 -20.61 54.06
N LYS C 245 -16.18 -20.62 54.44
CA LYS C 245 -16.54 -21.59 55.44
C LYS C 245 -17.98 -21.93 55.57
N PHE C 246 -18.20 -23.16 56.05
CA PHE C 246 -19.51 -23.70 56.21
C PHE C 246 -19.67 -24.50 57.45
N ILE C 247 -20.48 -23.99 58.36
CA ILE C 247 -20.81 -24.59 59.62
C ILE C 247 -22.16 -25.22 59.70
N ARG C 248 -22.21 -26.42 60.24
CA ARG C 248 -23.49 -27.01 60.34
C ARG C 248 -23.90 -27.09 61.76
N ILE C 249 -24.82 -26.26 62.15
CA ILE C 249 -25.23 -26.36 63.51
C ILE C 249 -26.35 -27.33 63.60
N HIS C 250 -26.00 -28.40 64.23
CA HIS C 250 -26.93 -29.50 64.32
C HIS C 250 -27.79 -29.36 65.52
N PHE C 251 -29.01 -28.97 65.28
CA PHE C 251 -29.92 -28.84 66.36
C PHE C 251 -30.50 -30.18 66.70
N GLY C 252 -30.94 -30.32 67.94
CA GLY C 252 -31.50 -31.57 68.40
C GLY C 252 -32.97 -31.73 67.99
N ALA C 253 -33.67 -32.64 68.67
CA ALA C 253 -35.07 -32.97 68.42
C ALA C 253 -35.99 -31.99 69.12
N THR C 254 -35.60 -31.74 70.35
CA THR C 254 -36.28 -30.81 71.20
C THR C 254 -36.23 -29.50 70.46
N GLY C 255 -35.01 -29.09 70.16
CA GLY C 255 -34.75 -27.85 69.50
C GLY C 255 -33.45 -27.25 70.10
N LYS C 256 -32.84 -28.00 71.01
CA LYS C 256 -31.65 -27.55 71.68
C LYS C 256 -30.39 -28.10 70.97
N LEU C 257 -29.35 -27.25 70.99
CA LEU C 257 -28.04 -27.53 70.38
C LEU C 257 -27.54 -28.94 70.56
N ALA C 258 -26.93 -29.51 69.51
CA ALA C 258 -26.40 -30.90 69.56
C ALA C 258 -25.02 -31.11 68.91
N SER C 259 -24.77 -30.46 67.76
CA SER C 259 -23.49 -30.57 67.08
C SER C 259 -23.23 -29.46 66.13
N ALA C 260 -21.97 -29.43 65.71
CA ALA C 260 -21.45 -28.46 64.76
C ALA C 260 -20.54 -29.13 63.76
N ASP C 261 -20.23 -28.42 62.70
CA ASP C 261 -19.46 -28.99 61.63
C ASP C 261 -18.77 -27.98 60.74
N ILE C 262 -17.50 -27.80 60.85
CA ILE C 262 -16.89 -26.87 59.93
C ILE C 262 -16.25 -27.46 58.73
N GLU C 263 -16.21 -26.64 57.68
CA GLU C 263 -15.56 -26.97 56.43
C GLU C 263 -14.97 -25.74 55.80
N THR C 264 -13.74 -25.90 55.36
CA THR C 264 -12.99 -24.79 54.82
C THR C 264 -12.77 -24.92 53.34
N TYR C 265 -12.79 -23.80 52.66
CA TYR C 265 -12.63 -23.73 51.23
C TYR C 265 -11.68 -22.64 50.86
N LEU C 266 -10.87 -22.92 49.89
CA LEU C 266 -9.98 -21.98 49.32
C LEU C 266 -9.23 -21.04 50.23
N LEU C 267 -8.17 -21.52 50.80
CA LEU C 267 -7.37 -20.77 51.65
C LEU C 267 -6.32 -20.01 50.89
N GLU C 268 -7.46 -21.18 47.64
CA GLU C 268 -6.45 -20.71 46.73
C GLU C 268 -5.24 -21.58 46.76
N LYS C 269 -5.32 -22.74 46.11
CA LYS C 269 -4.23 -23.73 46.06
C LYS C 269 -2.93 -23.18 45.50
N SER C 270 -3.06 -22.28 44.59
CA SER C 270 -1.90 -21.68 43.98
C SER C 270 -0.91 -20.98 44.93
N ARG C 271 -1.37 -20.37 46.04
CA ARG C 271 -0.49 -19.66 46.95
C ARG C 271 0.59 -20.58 47.40
N VAL C 272 0.17 -21.81 47.74
CA VAL C 272 1.07 -22.82 48.19
C VAL C 272 2.32 -22.96 47.35
N THR C 273 2.23 -22.59 46.08
CA THR C 273 3.33 -22.79 45.13
C THR C 273 3.79 -21.51 44.51
N PHE C 274 2.94 -20.53 44.61
CA PHE C 274 3.19 -19.26 44.02
C PHE C 274 2.73 -18.16 44.85
N GLN C 275 3.14 -17.00 44.38
CA GLN C 275 2.87 -15.76 45.03
C GLN C 275 3.31 -14.57 44.18
N LEU C 276 2.40 -13.62 44.14
CA LEU C 276 2.69 -12.40 43.46
C LEU C 276 3.74 -11.65 44.30
N PRO C 277 4.36 -10.71 43.64
CA PRO C 277 5.43 -9.88 44.15
C PRO C 277 5.18 -9.07 45.38
N ALA C 278 3.95 -8.62 45.57
CA ALA C 278 3.67 -7.85 46.76
C ALA C 278 2.92 -8.67 47.79
N GLU C 279 2.74 -9.94 47.46
CA GLU C 279 1.99 -10.82 48.31
C GLU C 279 2.83 -11.88 48.95
N ARG C 280 2.13 -12.73 49.63
CA ARG C 280 2.77 -13.79 50.26
C ARG C 280 1.89 -14.98 50.48
N SER C 281 2.49 -16.07 50.80
CA SER C 281 1.73 -17.25 50.98
C SER C 281 1.08 -17.27 52.31
N TYR C 282 0.42 -18.42 52.57
CA TYR C 282 -0.29 -18.63 53.77
C TYR C 282 0.55 -18.25 54.96
N HIS C 283 -0.03 -17.94 56.07
CA HIS C 283 0.76 -17.47 57.16
C HIS C 283 1.64 -18.51 57.79
N ILE C 284 1.00 -19.66 58.01
CA ILE C 284 1.61 -20.76 58.67
C ILE C 284 3.09 -20.89 58.47
N PHE C 285 3.45 -20.78 57.25
CA PHE C 285 4.85 -20.95 56.82
C PHE C 285 5.66 -19.98 57.48
N TYR C 286 5.24 -18.74 57.42
CA TYR C 286 6.01 -17.68 58.02
C TYR C 286 5.88 -17.74 59.50
N GLN C 287 4.78 -18.29 59.97
CA GLN C 287 4.60 -18.40 61.38
C GLN C 287 5.73 -19.28 61.89
N ILE C 288 5.73 -20.51 61.44
CA ILE C 288 6.67 -21.55 61.76
C ILE C 288 8.16 -21.20 61.68
N MET C 289 8.55 -20.53 60.64
CA MET C 289 9.93 -20.12 60.47
C MET C 289 10.29 -18.91 61.32
N SER C 290 9.29 -18.42 62.05
CA SER C 290 9.49 -17.26 62.90
C SER C 290 10.45 -17.56 64.01
N ASN C 291 10.42 -18.80 64.48
CA ASN C 291 11.27 -19.32 65.53
C ASN C 291 10.78 -19.16 66.93
N LYS C 292 9.53 -19.19 67.17
CA LYS C 292 9.11 -19.06 68.54
C LYS C 292 9.15 -20.37 69.32
N LYS C 293 9.15 -21.41 68.55
CA LYS C 293 9.16 -22.81 68.95
C LYS C 293 10.27 -23.48 68.16
N PRO C 294 11.54 -23.17 68.53
CA PRO C 294 12.69 -23.67 67.78
C PRO C 294 12.73 -25.15 67.43
N GLU C 295 12.16 -26.04 68.28
CA GLU C 295 12.11 -27.46 68.01
C GLU C 295 11.58 -27.76 66.67
N LEU C 296 10.52 -27.04 66.40
CA LEU C 296 9.78 -27.11 65.13
C LEU C 296 10.71 -27.04 63.92
N ILE C 297 11.62 -26.07 63.96
CA ILE C 297 12.57 -25.86 62.89
C ILE C 297 13.47 -27.09 62.60
N ASP C 298 13.88 -27.74 63.68
CA ASP C 298 14.74 -28.88 63.64
C ASP C 298 13.89 -30.12 63.39
N MET C 299 12.71 -30.04 63.89
CA MET C 299 11.79 -31.13 63.76
C MET C 299 11.39 -31.32 62.29
N LEU C 300 11.17 -30.19 61.63
CA LEU C 300 10.76 -30.15 60.23
C LEU C 300 11.94 -30.21 59.32
N LEU C 301 13.09 -29.90 59.85
CA LEU C 301 14.29 -29.93 59.08
C LEU C 301 14.40 -28.80 58.14
N ILE C 302 14.11 -27.61 58.65
CA ILE C 302 14.21 -26.45 57.80
C ILE C 302 15.05 -25.40 58.45
N THR C 303 15.15 -24.32 57.76
CA THR C 303 15.81 -23.20 58.28
C THR C 303 14.80 -22.16 58.69
N THR C 304 15.29 -20.99 59.06
CA THR C 304 14.47 -19.85 59.50
C THR C 304 14.36 -18.76 58.42
N ASN C 305 15.19 -18.89 57.37
CA ASN C 305 15.30 -18.06 56.20
C ASN C 305 14.50 -18.63 55.07
N PRO C 306 13.42 -17.96 54.70
CA PRO C 306 12.45 -18.39 53.72
C PRO C 306 12.95 -18.42 52.34
N TYR C 307 14.04 -17.75 52.17
CA TYR C 307 14.56 -17.78 50.83
C TYR C 307 15.16 -19.12 50.49
N ASP C 308 14.94 -20.11 51.35
CA ASP C 308 15.43 -21.50 51.19
C ASP C 308 14.30 -22.36 50.67
N TYR C 309 13.13 -21.73 50.58
CA TYR C 309 11.96 -22.36 50.16
C TYR C 309 11.25 -21.54 49.17
N HIS C 310 11.71 -21.72 47.94
CA HIS C 310 11.18 -21.10 46.75
C HIS C 310 9.63 -20.93 46.70
N TYR C 311 8.91 -21.98 47.01
CA TYR C 311 7.50 -22.04 47.03
C TYR C 311 6.92 -20.91 47.83
N VAL C 312 7.57 -20.54 48.94
CA VAL C 312 7.08 -19.52 49.85
C VAL C 312 7.81 -18.19 49.96
N SER C 313 8.72 -17.89 49.07
CA SER C 313 9.33 -16.59 49.16
C SER C 313 9.42 -15.99 47.79
N GLN C 314 8.41 -16.18 47.00
CA GLN C 314 8.46 -15.65 45.67
C GLN C 314 7.99 -14.21 45.74
N GLY C 315 7.22 -13.95 46.77
CA GLY C 315 6.71 -12.62 46.93
C GLY C 315 7.39 -12.00 48.08
N GLU C 316 6.65 -11.78 49.17
CA GLU C 316 7.17 -11.14 50.33
C GLU C 316 7.21 -12.15 51.46
N ILE C 317 8.02 -11.85 52.47
CA ILE C 317 8.20 -12.73 53.61
C ILE C 317 7.70 -12.13 54.91
N THR C 318 7.90 -10.83 55.02
CA THR C 318 7.49 -10.19 56.25
C THR C 318 6.50 -9.04 56.05
N VAL C 319 5.59 -8.96 57.00
CA VAL C 319 4.55 -7.94 57.06
C VAL C 319 4.56 -7.32 58.45
N PRO C 320 4.79 -6.00 58.46
CA PRO C 320 4.93 -5.21 59.67
C PRO C 320 3.77 -5.28 60.65
N SER C 321 2.54 -5.28 60.10
CA SER C 321 1.36 -5.36 60.91
C SER C 321 1.08 -6.71 61.53
N ILE C 322 1.88 -7.73 61.18
CA ILE C 322 1.71 -9.10 61.67
C ILE C 322 2.92 -9.58 62.47
N ASP C 323 2.62 -10.26 63.60
CA ASP C 323 3.64 -10.79 64.50
C ASP C 323 3.59 -12.31 64.44
N ASP C 324 4.29 -12.84 63.45
CA ASP C 324 4.32 -14.26 63.16
C ASP C 324 4.58 -15.11 64.41
N GLN C 325 5.34 -14.55 65.32
CA GLN C 325 5.71 -15.24 66.54
C GLN C 325 4.55 -15.46 67.45
N GLU C 326 3.68 -14.46 67.56
CA GLU C 326 2.50 -14.48 68.44
C GLU C 326 1.43 -15.44 67.91
N GLU C 327 1.28 -15.33 66.62
CA GLU C 327 0.33 -16.13 65.93
C GLU C 327 0.61 -17.59 66.02
N LEU C 328 1.89 -17.93 65.85
CA LEU C 328 2.34 -19.30 65.93
C LEU C 328 1.78 -20.00 67.13
N MET C 329 1.78 -19.27 68.21
CA MET C 329 1.20 -19.82 69.43
C MET C 329 -0.26 -19.86 69.37
N ALA C 330 -0.82 -18.76 68.85
CA ALA C 330 -2.27 -18.67 68.75
C ALA C 330 -2.79 -19.90 68.05
N THR C 331 -2.12 -20.11 66.97
CA THR C 331 -2.38 -21.21 66.13
C THR C 331 -2.23 -22.46 66.88
N ASP C 332 -1.05 -22.59 67.43
CA ASP C 332 -0.67 -23.78 68.21
C ASP C 332 -1.72 -24.16 69.22
N SER C 333 -1.95 -23.21 70.12
CA SER C 333 -2.93 -23.33 71.17
C SER C 333 -4.32 -23.66 70.67
N ALA C 334 -4.71 -23.07 69.54
CA ALA C 334 -5.97 -23.34 68.97
C ALA C 334 -6.13 -24.82 68.61
N ILE C 335 -5.04 -25.37 68.09
CA ILE C 335 -5.07 -26.75 67.66
C ILE C 335 -5.50 -27.66 68.78
N ASP C 336 -4.82 -27.45 69.87
CA ASP C 336 -5.05 -28.13 71.11
C ASP C 336 -6.49 -28.03 71.53
N ILE C 337 -6.96 -26.81 71.67
CA ILE C 337 -8.32 -26.58 72.10
C ILE C 337 -9.28 -27.23 71.21
N LEU C 338 -8.84 -27.23 69.98
CA LEU C 338 -9.65 -27.89 69.00
C LEU C 338 -9.70 -29.41 69.18
N GLY C 339 -8.93 -29.92 70.14
CA GLY C 339 -8.96 -31.35 70.45
C GLY C 339 -8.11 -32.28 69.60
N PHE C 340 -7.24 -31.69 68.80
CA PHE C 340 -6.42 -32.51 67.96
C PHE C 340 -5.43 -33.31 68.79
N SER C 341 -5.15 -34.51 68.32
CA SER C 341 -4.12 -35.34 68.93
C SER C 341 -2.74 -34.79 68.66
N ALA C 342 -1.81 -34.98 69.60
CA ALA C 342 -0.49 -34.37 69.42
C ALA C 342 0.15 -34.81 68.14
N ASP C 343 -0.01 -36.08 67.95
CA ASP C 343 0.41 -36.76 66.76
C ASP C 343 -0.14 -36.00 65.53
N GLU C 344 -1.48 -35.80 65.50
CA GLU C 344 -2.08 -35.10 64.40
C GLU C 344 -1.50 -33.75 64.38
N LYS C 345 -1.39 -33.19 65.58
CA LYS C 345 -0.83 -31.86 65.71
C LYS C 345 0.61 -31.89 65.28
N THR C 346 1.11 -33.10 65.17
CA THR C 346 2.47 -33.30 64.73
C THR C 346 2.43 -33.53 63.20
N ALA C 347 1.43 -34.26 62.71
CA ALA C 347 1.29 -34.50 61.33
C ALA C 347 1.20 -33.19 60.58
N ILE C 348 0.36 -32.38 61.10
CA ILE C 348 0.08 -31.06 60.56
C ILE C 348 1.35 -30.33 60.36
N TYR C 349 2.11 -30.28 61.42
CA TYR C 349 3.31 -29.54 61.27
C TYR C 349 4.17 -30.25 60.29
N LYS C 350 4.63 -31.44 60.61
CA LYS C 350 5.51 -32.22 59.74
C LYS C 350 5.07 -32.20 58.28
N LEU C 351 3.76 -32.27 58.07
CA LEU C 351 3.21 -32.27 56.75
C LEU C 351 3.35 -30.93 56.04
N THR C 352 3.28 -29.86 56.80
CA THR C 352 3.37 -28.52 56.27
C THR C 352 4.77 -28.18 55.87
N GLY C 353 5.74 -28.93 56.33
CA GLY C 353 7.14 -28.68 56.02
C GLY C 353 7.56 -29.50 54.85
N ALA C 354 6.98 -30.70 54.74
CA ALA C 354 7.28 -31.56 53.60
C ALA C 354 7.09 -30.76 52.30
N VAL C 355 5.95 -30.12 52.28
CA VAL C 355 5.50 -29.29 51.20
C VAL C 355 6.51 -28.24 50.85
N MET C 356 7.11 -27.65 51.81
CA MET C 356 8.14 -26.62 51.57
C MET C 356 9.28 -27.24 50.86
N HIS C 357 9.65 -28.39 51.38
CA HIS C 357 10.75 -29.22 50.86
C HIS C 357 10.54 -29.65 49.44
N TYR C 358 9.32 -29.99 49.11
CA TYR C 358 9.03 -30.43 47.78
C TYR C 358 9.48 -29.41 46.76
N GLY C 359 9.15 -28.20 47.03
CA GLY C 359 9.51 -27.12 46.15
C GLY C 359 10.98 -26.97 46.02
N ASN C 360 11.70 -27.73 46.84
CA ASN C 360 13.18 -27.72 46.80
C ASN C 360 13.70 -28.94 46.06
N LEU C 361 12.80 -29.86 45.83
CA LEU C 361 13.13 -31.04 45.11
C LEU C 361 13.57 -30.64 43.73
N LYS C 362 14.76 -31.10 43.36
CA LYS C 362 15.40 -30.80 42.09
C LYS C 362 15.69 -32.04 41.29
N PHE C 363 15.67 -31.83 39.99
CA PHE C 363 15.91 -32.90 39.03
C PHE C 363 16.78 -32.45 37.89
N LYS C 364 17.30 -33.47 37.19
CA LYS C 364 18.15 -33.34 36.00
C LYS C 364 17.93 -34.41 34.94
N GLN C 365 18.17 -34.01 33.73
CA GLN C 365 18.04 -34.83 32.54
C GLN C 365 19.05 -35.94 32.52
N LYS C 366 18.54 -37.09 32.28
CA LYS C 366 19.42 -38.23 32.18
C LYS C 366 20.17 -38.00 30.89
N GLN C 367 21.44 -38.39 30.84
CA GLN C 367 22.26 -38.21 29.64
C GLN C 367 21.78 -38.97 28.42
N ARG C 368 21.73 -38.26 27.29
CA ARG C 368 21.33 -38.84 26.01
C ARG C 368 19.90 -39.27 26.01
N GLU C 369 19.26 -38.97 27.09
CA GLU C 369 17.87 -39.29 27.27
C GLU C 369 17.20 -37.99 27.65
N GLU C 370 15.91 -37.98 27.44
CA GLU C 370 15.10 -36.83 27.75
C GLU C 370 14.36 -37.11 29.05
N GLN C 371 14.89 -38.06 29.80
CA GLN C 371 14.26 -38.41 31.03
C GLN C 371 14.79 -37.64 32.16
N ALA C 372 13.93 -37.60 33.16
CA ALA C 372 14.22 -36.97 34.40
C ALA C 372 14.81 -37.97 35.33
N GLU C 373 15.87 -37.54 35.95
CA GLU C 373 16.56 -38.30 36.93
C GLU C 373 16.82 -37.36 38.10
N PRO C 374 16.66 -37.87 39.32
CA PRO C 374 16.86 -37.10 40.52
C PRO C 374 18.21 -36.42 40.57
N ASP C 375 18.21 -35.17 41.00
CA ASP C 375 19.42 -34.42 41.11
C ASP C 375 19.95 -34.46 42.54
N GLY C 376 19.69 -35.54 43.27
CA GLY C 376 20.18 -35.62 44.64
C GLY C 376 19.13 -36.20 45.57
N THR C 377 19.62 -36.81 46.66
CA THR C 377 18.75 -37.35 47.69
C THR C 377 19.11 -36.74 49.02
N GLU C 378 18.96 -35.45 49.04
CA GLU C 378 19.25 -34.62 50.17
C GLU C 378 17.91 -34.22 50.78
N VAL C 379 17.09 -33.68 49.88
CA VAL C 379 15.81 -33.17 50.19
C VAL C 379 14.77 -34.21 50.16
N ALA C 380 14.92 -35.10 49.27
CA ALA C 380 13.92 -36.12 49.14
C ALA C 380 13.85 -36.85 50.42
N ASP C 381 15.01 -36.98 50.98
CA ASP C 381 15.23 -37.74 52.20
C ASP C 381 14.38 -37.19 53.29
N LYS C 382 14.41 -35.87 53.36
CA LYS C 382 13.66 -35.14 54.37
C LYS C 382 12.19 -35.21 54.11
N ALA C 383 11.84 -34.97 52.86
CA ALA C 383 10.44 -34.99 52.52
C ALA C 383 9.95 -36.37 52.81
N ALA C 384 10.71 -37.35 52.44
CA ALA C 384 10.35 -38.73 52.63
C ALA C 384 10.11 -39.10 54.07
N TYR C 385 10.99 -38.69 54.92
CA TYR C 385 10.95 -38.99 56.32
C TYR C 385 9.79 -38.30 57.03
N LEU C 386 9.63 -37.05 56.69
CA LEU C 386 8.63 -36.20 57.26
C LEU C 386 7.27 -36.67 56.94
N MET C 387 7.13 -37.38 55.80
CA MET C 387 5.83 -37.90 55.40
C MET C 387 5.65 -39.38 55.76
N GLY C 388 6.70 -40.01 56.25
CA GLY C 388 6.64 -41.43 56.59
C GLY C 388 6.72 -42.27 55.32
N LEU C 389 7.61 -41.85 54.44
CA LEU C 389 7.86 -42.44 53.14
C LEU C 389 9.31 -42.97 53.01
N ASN C 390 9.60 -43.54 51.86
CA ASN C 390 10.87 -44.04 51.52
C ASN C 390 11.42 -43.23 50.34
N SER C 391 12.55 -42.60 50.56
CA SER C 391 13.22 -41.73 49.60
C SER C 391 13.19 -42.26 48.19
N ALA C 392 13.59 -43.49 48.06
CA ALA C 392 13.74 -44.12 46.75
C ALA C 392 12.46 -44.28 46.02
N GLU C 393 11.63 -45.08 46.66
CA GLU C 393 10.37 -45.49 46.17
C GLU C 393 9.69 -44.28 45.68
N LEU C 394 9.90 -43.21 46.45
CA LEU C 394 9.31 -41.90 46.17
C LEU C 394 9.87 -41.30 44.86
N LEU C 395 11.18 -41.25 44.75
CA LEU C 395 11.80 -40.65 43.59
C LEU C 395 11.57 -41.40 42.31
N LYS C 396 11.25 -42.69 42.46
CA LYS C 396 10.99 -43.53 41.32
C LYS C 396 9.65 -43.16 40.73
N ALA C 397 8.65 -43.39 41.57
CA ALA C 397 7.26 -43.11 41.30
C ALA C 397 7.15 -41.76 40.64
N LEU C 398 7.90 -40.82 41.17
CA LEU C 398 7.93 -39.47 40.63
C LEU C 398 8.49 -39.40 39.23
N CYS C 399 9.64 -40.10 39.02
CA CYS C 399 10.37 -40.11 37.76
C CYS C 399 9.82 -41.11 36.74
N TYR C 400 9.46 -42.29 37.21
CA TYR C 400 8.94 -43.35 36.39
C TYR C 400 7.56 -43.75 36.83
N PRO C 401 6.68 -42.82 36.70
CA PRO C 401 5.28 -42.98 37.01
C PRO C 401 4.78 -44.24 36.40
N ARG C 402 4.34 -45.19 37.23
CA ARG C 402 3.78 -46.45 36.72
C ARG C 402 2.26 -46.41 36.69
N VAL C 403 1.82 -46.18 35.47
CA VAL C 403 0.45 -46.02 35.01
C VAL C 403 -0.24 -47.36 34.76
N LYS C 404 -1.51 -47.29 34.32
CA LYS C 404 -2.36 -48.47 34.03
C LYS C 404 -3.33 -48.31 32.83
N VAL C 405 -2.76 -48.15 31.61
CA VAL C 405 -3.46 -47.99 30.30
C VAL C 405 -3.80 -49.34 29.64
N GLY C 406 -5.08 -49.59 29.53
CA GLY C 406 -5.58 -50.84 28.99
C GLY C 406 -6.17 -51.57 30.19
N ASN C 407 -5.66 -52.77 30.48
CA ASN C 407 -6.14 -53.52 31.63
C ASN C 407 -5.02 -53.85 32.60
N GLU C 408 -3.87 -53.26 32.31
CA GLU C 408 -2.68 -53.45 33.09
C GLU C 408 -2.14 -52.14 33.65
N PHE C 409 -0.85 -52.20 33.98
CA PHE C 409 -0.12 -51.10 34.54
C PHE C 409 1.22 -50.89 33.82
N VAL C 410 1.19 -49.89 32.93
CA VAL C 410 2.28 -49.49 32.07
C VAL C 410 3.19 -48.42 32.63
N THR C 411 4.44 -48.78 32.84
CA THR C 411 5.39 -47.80 33.36
C THR C 411 5.81 -46.73 32.36
N LYS C 412 5.47 -45.48 32.73
CA LYS C 412 5.72 -44.28 31.95
C LYS C 412 6.81 -43.39 32.48
N GLY C 413 7.59 -42.87 31.54
CA GLY C 413 8.69 -41.98 31.85
C GLY C 413 8.33 -40.51 31.64
N GLN C 414 8.83 -39.69 32.55
CA GLN C 414 8.57 -38.28 32.50
C GLN C 414 9.78 -37.41 32.27
N THR C 415 9.50 -36.18 31.85
CA THR C 415 10.49 -35.20 31.58
C THR C 415 10.76 -34.37 32.81
N VAL C 416 11.81 -33.59 32.75
CA VAL C 416 12.19 -32.75 33.84
C VAL C 416 11.00 -31.82 34.12
N SER C 417 10.57 -31.14 33.09
CA SER C 417 9.42 -30.23 33.19
C SER C 417 8.19 -30.91 33.71
N GLN C 418 8.06 -32.19 33.46
CA GLN C 418 6.89 -32.91 33.88
C GLN C 418 6.90 -33.22 35.36
N VAL C 419 8.10 -33.40 35.88
CA VAL C 419 8.26 -33.76 37.28
C VAL C 419 7.99 -32.57 38.14
N HIS C 420 8.74 -31.53 37.85
CA HIS C 420 8.63 -30.28 38.60
C HIS C 420 7.20 -29.90 38.73
N ASN C 421 6.45 -30.11 37.66
CA ASN C 421 5.05 -29.79 37.64
C ASN C 421 4.27 -30.81 38.46
N SER C 422 4.62 -32.09 38.39
CA SER C 422 3.83 -33.03 39.19
C SER C 422 4.00 -32.86 40.68
N VAL C 423 5.19 -32.57 41.03
CA VAL C 423 5.54 -32.35 42.41
C VAL C 423 4.65 -31.26 42.95
N GLY C 424 4.68 -30.15 42.26
CA GLY C 424 3.87 -29.04 42.58
C GLY C 424 2.42 -29.43 42.70
N ALA C 425 2.01 -30.37 41.87
CA ALA C 425 0.65 -30.81 41.98
C ALA C 425 0.35 -31.54 43.24
N LEU C 426 1.32 -32.33 43.69
CA LEU C 426 1.05 -33.02 44.97
C LEU C 426 1.08 -32.06 46.15
N ALA C 427 2.12 -31.18 46.17
CA ALA C 427 2.31 -30.20 47.16
C ALA C 427 1.00 -29.53 47.42
N LYS C 428 0.40 -29.06 46.34
CA LYS C 428 -0.89 -28.41 46.45
C LYS C 428 -1.95 -29.37 46.90
N ALA C 429 -2.00 -30.53 46.25
CA ALA C 429 -3.00 -31.53 46.58
C ALA C 429 -3.01 -31.85 48.06
N VAL C 430 -1.85 -32.17 48.56
CA VAL C 430 -1.67 -32.49 49.97
C VAL C 430 -2.11 -31.44 50.94
N TYR C 431 -1.64 -30.22 50.67
CA TYR C 431 -2.01 -29.08 51.50
C TYR C 431 -3.50 -28.94 51.62
N GLU C 432 -4.14 -28.89 50.43
CA GLU C 432 -5.56 -28.79 50.36
C GLU C 432 -6.26 -29.75 51.24
N LYS C 433 -6.24 -30.98 50.81
CA LYS C 433 -6.78 -32.14 51.56
C LYS C 433 -6.68 -31.98 53.05
N MET C 434 -5.46 -31.71 53.45
CA MET C 434 -5.14 -31.50 54.85
C MET C 434 -6.03 -30.46 55.43
N PHE C 435 -6.05 -29.36 54.73
CA PHE C 435 -6.88 -28.26 55.14
C PHE C 435 -8.29 -28.69 55.29
N LEU C 436 -8.71 -29.54 54.34
CA LEU C 436 -10.08 -30.04 54.39
C LEU C 436 -10.28 -30.87 55.63
N TRP C 437 -9.32 -31.73 55.87
CA TRP C 437 -9.35 -32.61 57.01
C TRP C 437 -9.48 -31.85 58.31
N MET C 438 -8.59 -30.86 58.47
CA MET C 438 -8.58 -30.04 59.67
C MET C 438 -9.96 -29.55 59.95
N VAL C 439 -10.57 -29.06 58.87
CA VAL C 439 -11.93 -28.58 59.02
C VAL C 439 -12.83 -29.65 59.57
N ILE C 440 -12.81 -30.80 58.93
CA ILE C 440 -13.61 -31.92 59.40
C ILE C 440 -13.36 -32.24 60.85
N ARG C 441 -12.12 -32.35 61.18
CA ARG C 441 -11.77 -32.66 62.53
C ARG C 441 -12.33 -31.62 63.47
N ILE C 442 -12.32 -30.39 63.01
CA ILE C 442 -12.83 -29.31 63.84
C ILE C 442 -14.30 -29.61 64.08
N ASN C 443 -15.04 -29.71 62.99
CA ASN C 443 -16.44 -30.02 62.95
C ASN C 443 -16.75 -31.16 63.93
N GLN C 444 -15.83 -32.11 63.96
CA GLN C 444 -16.01 -33.25 64.83
C GLN C 444 -16.08 -32.97 66.28
N GLN C 445 -15.27 -32.03 66.67
CA GLN C 445 -15.28 -31.64 68.04
C GLN C 445 -16.50 -30.80 68.29
N LEU C 446 -16.81 -29.98 67.29
CA LEU C 446 -17.94 -29.08 67.36
C LEU C 446 -19.26 -29.82 67.31
N ASP C 447 -18.14 -33.07 67.99
CA ASP C 447 -18.91 -34.27 67.72
C ASP C 447 -19.44 -34.83 68.99
N THR C 448 -20.76 -34.92 69.03
CA THR C 448 -21.35 -35.46 70.22
C THR C 448 -22.10 -36.68 69.81
N LYS C 449 -22.51 -37.43 70.82
CA LYS C 449 -23.27 -38.65 70.61
C LYS C 449 -24.75 -38.37 70.48
N GLN C 450 -25.24 -37.33 71.22
CA GLN C 450 -26.66 -36.94 71.18
C GLN C 450 -27.23 -36.91 69.78
N PRO C 451 -28.51 -37.28 69.66
CA PRO C 451 -29.17 -37.35 68.38
C PRO C 451 -29.32 -35.98 67.77
N ARG C 452 -29.39 -36.00 66.43
CA ARG C 452 -29.53 -34.81 65.61
C ARG C 452 -30.70 -35.01 64.66
N GLN C 453 -31.58 -33.97 64.55
CA GLN C 453 -32.71 -34.16 63.66
C GLN C 453 -32.67 -33.22 62.48
N TYR C 454 -32.06 -32.06 62.74
CA TYR C 454 -31.88 -31.04 61.71
C TYR C 454 -30.71 -30.15 62.03
N PHE C 455 -30.32 -29.39 61.01
CA PHE C 455 -29.19 -28.50 61.17
C PHE C 455 -29.47 -27.20 60.47
N ILE C 456 -28.64 -26.22 60.80
CA ILE C 456 -28.77 -24.93 60.17
C ILE C 456 -27.41 -24.55 59.65
N GLY C 457 -27.31 -24.51 58.34
CA GLY C 457 -26.05 -24.21 57.73
C GLY C 457 -25.84 -22.75 57.49
N VAL C 458 -24.65 -22.35 57.91
CA VAL C 458 -24.21 -21.01 57.79
C VAL C 458 -23.01 -20.98 56.87
N LEU C 459 -23.20 -20.48 55.70
CA LEU C 459 -22.20 -20.41 54.69
C LEU C 459 -21.64 -19.01 54.54
N ASP C 460 -20.33 -18.92 54.64
CA ASP C 460 -19.57 -17.70 54.50
C ASP C 460 -18.48 -17.94 53.48
N ILE C 461 -18.55 -17.20 52.39
CA ILE C 461 -17.68 -17.26 51.25
C ILE C 461 -17.73 -15.91 50.57
N ALA C 462 -16.83 -15.71 49.65
CA ALA C 462 -16.80 -14.53 48.88
C ALA C 462 -17.73 -14.49 47.69
N GLY C 463 -17.98 -13.26 47.27
CA GLY C 463 -18.84 -13.06 46.16
C GLY C 463 -18.05 -12.64 45.01
N PHE C 464 -18.68 -12.84 43.88
CA PHE C 464 -18.19 -12.50 42.59
C PHE C 464 -17.57 -11.14 42.62
N GLU C 465 -16.28 -11.15 42.42
CA GLU C 465 -15.46 -9.96 42.38
C GLU C 465 -14.81 -9.95 41.00
N ILE C 466 -14.76 -8.77 40.45
CA ILE C 466 -14.17 -8.66 39.16
C ILE C 466 -12.93 -7.84 39.24
N PHE C 467 -11.87 -8.34 38.71
CA PHE C 467 -10.66 -7.55 38.75
C PHE C 467 -10.12 -7.39 37.37
N ASP C 468 -9.31 -6.37 37.22
CA ASP C 468 -8.74 -6.16 35.91
C ASP C 468 -7.93 -7.37 35.59
N PHE C 469 -7.49 -8.02 36.70
CA PHE C 469 -6.72 -9.24 36.60
C PHE C 469 -7.43 -10.43 37.21
N ASN C 470 -7.91 -11.33 36.36
CA ASN C 470 -8.57 -12.48 36.88
C ASN C 470 -7.82 -13.75 36.58
N SER C 471 -7.40 -14.37 37.63
CA SER C 471 -6.69 -15.60 37.47
C SER C 471 -7.51 -16.74 38.00
N PHE C 472 -6.82 -17.88 38.05
CA PHE C 472 -7.40 -19.14 38.42
C PHE C 472 -8.31 -19.08 39.61
N GLU C 473 -7.79 -18.45 40.63
CA GLU C 473 -8.55 -18.35 41.88
C GLU C 473 -9.91 -17.67 41.67
N GLN C 474 -9.95 -16.70 40.75
CA GLN C 474 -11.15 -15.98 40.45
C GLN C 474 -12.20 -16.87 39.81
N LEU C 475 -11.72 -17.66 38.90
CA LEU C 475 -12.62 -18.59 38.25
C LEU C 475 -13.30 -19.48 39.32
N CYS C 476 -12.48 -20.08 40.19
CA CYS C 476 -13.00 -20.95 41.20
C CYS C 476 -14.07 -20.26 42.04
N ILE C 477 -13.80 -19.04 42.44
CA ILE C 477 -14.77 -18.34 43.25
C ILE C 477 -15.99 -17.94 42.46
N ASN C 478 -15.75 -17.35 41.28
CA ASN C 478 -16.86 -16.92 40.44
C ASN C 478 -17.76 -18.06 40.15
N PHE C 479 -17.15 -19.16 39.84
CA PHE C 479 -17.90 -20.34 39.54
C PHE C 479 -18.75 -20.72 40.71
N THR C 480 -18.21 -20.53 41.92
CA THR C 480 -18.95 -20.88 43.08
C THR C 480 -20.17 -20.03 43.16
N ASN C 481 -19.95 -18.75 42.96
CA ASN C 481 -21.03 -17.79 43.04
C ASN C 481 -22.07 -17.98 41.92
N GLU C 482 -21.62 -18.19 40.70
CA GLU C 482 -22.61 -18.32 39.66
C GLU C 482 -23.53 -19.48 39.92
N LYS C 483 -23.12 -20.38 40.73
CA LYS C 483 -23.88 -21.55 41.08
C LYS C 483 -24.88 -21.18 42.11
N LEU C 484 -24.36 -20.54 43.17
CA LEU C 484 -25.12 -20.05 44.32
C LEU C 484 -26.31 -19.21 43.85
N GLN C 485 -26.02 -18.35 42.87
CA GLN C 485 -27.01 -17.49 42.25
C GLN C 485 -28.17 -18.26 41.64
N GLN C 486 -27.86 -19.24 40.80
CA GLN C 486 -28.82 -20.09 40.16
C GLN C 486 -29.63 -20.77 41.17
N PHE C 487 -28.95 -20.97 42.29
CA PHE C 487 -29.57 -21.68 43.43
C PHE C 487 -30.70 -20.90 44.01
N PHE C 488 -30.48 -19.61 43.98
CA PHE C 488 -31.46 -18.66 44.42
C PHE C 488 -32.60 -18.50 43.40
N ASN C 489 -32.21 -18.06 42.20
CA ASN C 489 -33.12 -17.84 41.08
C ASN C 489 -34.16 -18.94 40.96
N HIS C 490 -33.76 -20.12 41.39
CA HIS C 490 -34.67 -21.22 41.31
C HIS C 490 -35.62 -21.18 42.46
N HIS C 491 -35.05 -21.06 43.66
CA HIS C 491 -35.81 -21.02 44.91
C HIS C 491 -36.85 -19.96 44.78
N MET C 492 -36.53 -18.95 44.04
CA MET C 492 -37.46 -17.88 43.85
C MET C 492 -38.53 -18.24 42.87
N PHE C 493 -38.15 -19.05 41.92
CA PHE C 493 -39.08 -19.46 40.93
C PHE C 493 -40.03 -20.40 41.55
N VAL C 494 -39.54 -21.23 42.32
CA VAL C 494 -40.37 -22.15 43.02
C VAL C 494 -41.34 -21.42 43.89
N LEU C 495 -40.78 -20.53 44.68
CA LEU C 495 -41.46 -19.67 45.65
C LEU C 495 -42.56 -18.83 45.02
N GLU C 496 -42.18 -18.07 44.00
CA GLU C 496 -43.11 -17.21 43.28
C GLU C 496 -44.38 -17.98 42.89
N GLN C 497 -44.14 -19.00 42.12
CA GLN C 497 -45.12 -19.89 41.59
C GLN C 497 -46.10 -20.46 42.62
N GLU C 498 -45.73 -20.39 43.88
CA GLU C 498 -46.62 -20.90 44.89
C GLU C 498 -47.72 -19.87 45.08
N GLU C 499 -47.32 -18.60 45.10
CA GLU C 499 -48.26 -17.50 45.30
C GLU C 499 -49.31 -17.56 44.24
N TYR C 500 -48.87 -17.43 43.00
CA TYR C 500 -49.83 -17.49 41.92
C TYR C 500 -50.72 -18.73 41.97
N LYS C 501 -50.34 -19.69 42.80
CA LYS C 501 -51.05 -20.93 42.92
C LYS C 501 -51.98 -20.82 44.10
N LYS C 502 -51.47 -20.16 45.12
CA LYS C 502 -52.22 -19.89 46.35
C LYS C 502 -53.38 -18.93 46.01
N GLU C 503 -53.03 -17.84 45.36
CA GLU C 503 -54.00 -16.86 44.95
C GLU C 503 -54.88 -17.34 43.82
N GLY C 504 -54.30 -17.92 42.84
CA GLY C 504 -55.21 -18.30 41.81
C GLY C 504 -54.96 -17.45 40.62
N ILE C 505 -53.80 -16.82 40.62
CA ILE C 505 -53.48 -16.05 39.45
C ILE C 505 -53.03 -17.01 38.36
N GLU C 506 -53.09 -16.56 37.13
CA GLU C 506 -52.68 -17.38 36.06
C GLU C 506 -51.43 -16.86 35.40
N TRP C 507 -50.27 -17.24 35.95
CA TRP C 507 -48.99 -16.81 35.45
C TRP C 507 -48.09 -18.00 35.16
N GLU C 508 -47.62 -18.13 33.90
CA GLU C 508 -46.73 -19.22 33.60
C GLU C 508 -45.35 -18.73 33.34
N PHE C 509 -44.40 -19.47 33.89
CA PHE C 509 -43.06 -19.07 33.72
C PHE C 509 -42.09 -20.21 33.97
N ILE C 510 -41.02 -20.08 33.24
CA ILE C 510 -39.88 -20.94 33.20
C ILE C 510 -38.97 -20.64 34.41
N ASP C 511 -38.29 -21.67 34.91
CA ASP C 511 -37.35 -21.57 36.01
C ASP C 511 -36.42 -20.43 35.78
N PHE C 512 -36.08 -19.63 36.78
CA PHE C 512 -35.19 -18.53 36.49
C PHE C 512 -33.78 -18.95 36.51
N GLY C 513 -33.53 -20.13 37.04
CA GLY C 513 -32.17 -20.60 37.07
C GLY C 513 -31.59 -20.81 35.66
N MET C 514 -32.36 -21.48 34.88
CA MET C 514 -32.10 -21.86 33.53
C MET C 514 -31.28 -20.89 32.78
N ASP C 515 -31.45 -19.65 33.12
CA ASP C 515 -30.68 -18.68 32.35
C ASP C 515 -29.21 -18.87 32.51
N LEU C 516 -28.83 -19.41 33.67
CA LEU C 516 -27.42 -19.56 33.94
C LEU C 516 -26.80 -20.87 33.59
N ALA C 517 -27.60 -21.88 33.35
CA ALA C 517 -27.09 -23.20 33.03
C ALA C 517 -26.06 -23.19 31.93
N ALA C 518 -26.18 -22.29 31.00
CA ALA C 518 -25.23 -22.17 29.94
C ALA C 518 -23.85 -22.01 30.48
N CYS C 519 -23.66 -21.00 31.32
CA CYS C 519 -22.33 -20.77 31.86
C CYS C 519 -21.81 -21.91 32.71
N ILE C 520 -22.65 -22.39 33.58
CA ILE C 520 -22.21 -23.51 34.39
C ILE C 520 -21.74 -24.72 33.59
N GLU C 521 -22.55 -25.18 32.63
CA GLU C 521 -22.13 -26.34 31.85
C GLU C 521 -20.73 -26.18 31.26
N LEU C 522 -20.44 -25.01 30.74
CA LEU C 522 -19.19 -24.68 30.07
C LEU C 522 -18.00 -24.87 30.99
N ILE C 523 -18.23 -24.65 32.27
CA ILE C 523 -17.17 -24.80 33.24
C ILE C 523 -17.01 -26.20 33.78
N GLU C 524 -18.11 -26.73 34.30
CA GLU C 524 -18.14 -28.03 34.96
C GLU C 524 -18.36 -29.27 34.13
N LYS C 525 -18.90 -29.13 32.96
CA LYS C 525 -19.18 -30.27 32.12
C LYS C 525 -17.88 -30.84 31.60
N PRO C 526 -17.97 -32.08 31.07
CA PRO C 526 -16.83 -32.82 30.55
C PRO C 526 -15.89 -32.18 29.55
N MET C 527 -16.38 -31.53 28.51
CA MET C 527 -15.33 -30.99 27.65
C MET C 527 -15.06 -29.56 27.98
N GLY C 528 -15.60 -29.14 29.13
CA GLY C 528 -15.50 -27.79 29.64
C GLY C 528 -14.17 -27.46 30.31
N ILE C 529 -13.95 -26.15 30.48
CA ILE C 529 -12.74 -25.55 31.05
C ILE C 529 -11.95 -26.36 32.02
N PHE C 530 -12.60 -26.71 33.10
CA PHE C 530 -11.93 -27.51 34.12
C PHE C 530 -11.32 -28.78 33.56
N SER C 531 -12.14 -29.57 32.83
CA SER C 531 -11.64 -30.78 32.23
C SER C 531 -10.39 -30.54 31.39
N ILE C 532 -10.55 -29.71 30.37
CA ILE C 532 -9.42 -29.35 29.53
C ILE C 532 -8.25 -28.90 30.42
N LEU C 533 -8.61 -28.27 31.53
CA LEU C 533 -7.62 -27.87 32.46
C LEU C 533 -7.01 -29.04 33.18
N GLU C 534 -7.82 -29.92 33.65
CA GLU C 534 -7.31 -31.05 34.38
C GLU C 534 -6.81 -32.19 33.56
N GLU C 535 -6.92 -32.09 32.26
CA GLU C 535 -6.45 -33.21 31.44
C GLU C 535 -5.03 -32.92 31.16
N GLU C 536 -4.88 -31.74 30.54
CA GLU C 536 -3.56 -31.23 30.19
C GLU C 536 -2.56 -31.38 31.35
N CYS C 537 -3.09 -31.40 32.55
CA CYS C 537 -2.26 -31.51 33.71
C CYS C 537 -1.63 -32.86 33.75
N MET C 538 -2.10 -33.73 32.85
CA MET C 538 -1.63 -35.14 32.79
C MET C 538 -0.53 -35.30 31.75
N PHE C 539 -0.39 -34.30 30.90
CA PHE C 539 0.57 -34.25 29.85
C PHE C 539 1.88 -33.66 30.40
N PRO C 540 2.85 -34.52 30.56
CA PRO C 540 4.15 -34.20 31.10
C PRO C 540 4.86 -33.07 30.42
N LYS C 541 4.39 -32.67 29.29
CA LYS C 541 5.09 -31.64 28.51
C LYS C 541 4.10 -30.64 27.92
N ALA C 542 3.10 -30.31 28.72
CA ALA C 542 2.11 -29.35 28.27
C ALA C 542 2.47 -27.95 28.70
N THR C 543 1.88 -26.97 28.05
CA THR C 543 2.17 -25.59 28.36
C THR C 543 0.88 -24.88 28.65
N ASP C 544 1.02 -23.74 29.28
CA ASP C 544 -0.12 -22.90 29.55
C ASP C 544 -0.68 -22.63 28.14
N THR C 545 0.25 -22.32 27.25
CA THR C 545 -0.05 -22.06 25.86
C THR C 545 -0.73 -23.25 25.22
N SER C 546 -0.24 -24.43 25.55
CA SER C 546 -0.84 -25.63 25.02
C SER C 546 -2.29 -25.66 25.43
N PHE C 547 -2.50 -25.65 26.74
CA PHE C 547 -3.78 -25.63 27.38
C PHE C 547 -4.70 -24.64 26.73
N LYS C 548 -4.15 -23.45 26.55
CA LYS C 548 -4.92 -22.36 25.95
C LYS C 548 -5.55 -22.81 24.65
N ASN C 549 -4.71 -23.24 23.72
CA ASN C 549 -5.20 -23.65 22.41
C ASN C 549 -6.28 -24.70 22.52
N LYS C 550 -6.09 -25.62 23.46
CA LYS C 550 -7.05 -26.68 23.58
C LYS C 550 -8.38 -26.12 23.99
N LEU C 551 -8.27 -25.07 24.76
CA LEU C 551 -9.43 -24.39 25.24
C LEU C 551 -10.18 -23.82 24.06
N TYR C 552 -9.43 -23.21 23.16
CA TYR C 552 -10.12 -22.57 22.04
C TYR C 552 -10.68 -23.51 21.02
N ASP C 553 -9.78 -24.27 20.42
CA ASP C 553 -10.11 -25.23 19.37
C ASP C 553 -11.45 -25.90 19.63
N GLN C 554 -11.71 -26.08 20.93
CA GLN C 554 -12.93 -26.75 21.36
C GLN C 554 -14.08 -25.87 21.77
N HIS C 555 -13.83 -24.67 22.25
CA HIS C 555 -14.99 -23.90 22.67
C HIS C 555 -15.26 -22.69 21.81
N LEU C 556 -14.18 -22.14 21.27
CA LEU C 556 -14.32 -20.97 20.46
C LEU C 556 -15.14 -21.13 19.20
N GLY C 557 -16.06 -20.19 19.07
CA GLY C 557 -16.98 -20.11 17.96
C GLY C 557 -18.16 -21.05 18.16
N LYS C 558 -17.94 -22.10 18.93
CA LYS C 558 -18.92 -23.10 19.19
C LYS C 558 -19.71 -22.81 20.44
N SER C 559 -19.12 -21.98 21.28
CA SER C 559 -19.76 -21.61 22.53
C SER C 559 -19.90 -20.14 22.71
N ASN C 560 -21.11 -19.75 23.10
CA ASN C 560 -21.54 -18.38 23.18
C ASN C 560 -20.98 -17.66 24.41
N ASN C 561 -20.93 -18.36 25.50
CA ASN C 561 -20.46 -17.76 26.71
C ASN C 561 -18.96 -17.63 26.69
N PHE C 562 -18.41 -18.30 25.70
CA PHE C 562 -16.99 -18.33 25.46
C PHE C 562 -16.59 -17.25 24.47
N GLN C 563 -15.56 -16.51 24.82
CA GLN C 563 -15.16 -15.39 24.02
C GLN C 563 -13.66 -15.12 24.16
N LYS C 564 -13.11 -14.41 23.19
CA LYS C 564 -11.71 -14.01 23.23
C LYS C 564 -11.66 -12.59 23.69
N PRO C 565 -10.77 -12.30 24.63
CA PRO C 565 -10.64 -10.98 25.21
C PRO C 565 -10.41 -9.86 24.23
N LYS C 566 -11.04 -8.73 24.58
CA LYS C 566 -10.99 -7.46 23.89
C LYS C 566 -9.91 -6.60 24.56
N PRO C 567 -8.72 -6.52 23.96
CA PRO C 567 -7.63 -5.75 24.55
C PRO C 567 -8.05 -4.33 24.97
N ALA C 568 -7.55 -3.91 26.14
CA ALA C 568 -7.82 -2.58 26.71
C ALA C 568 -6.68 -2.11 27.63
N ALA C 572 -3.86 -5.75 32.86
CA ALA C 572 -2.97 -6.62 32.13
C ALA C 572 -3.56 -7.27 30.87
N GLU C 573 -3.12 -8.50 30.61
CA GLU C 573 -3.50 -9.29 29.46
C GLU C 573 -4.71 -10.19 29.74
N ALA C 574 -5.19 -10.90 28.72
CA ALA C 574 -6.33 -11.74 28.95
C ALA C 574 -6.37 -12.85 27.92
N HIS C 575 -6.85 -14.02 28.32
CA HIS C 575 -6.88 -15.09 27.37
C HIS C 575 -8.24 -15.53 27.05
N PHE C 576 -9.14 -15.22 27.95
CA PHE C 576 -10.46 -15.63 27.67
C PHE C 576 -11.42 -15.08 28.64
N SER C 577 -12.51 -14.67 28.06
CA SER C 577 -13.55 -14.08 28.78
C SER C 577 -14.69 -15.04 28.78
N LEU C 578 -15.43 -14.93 29.84
CA LEU C 578 -16.62 -15.68 30.08
C LEU C 578 -17.77 -14.74 30.35
N VAL C 579 -18.95 -15.22 30.09
CA VAL C 579 -20.12 -14.41 30.31
C VAL C 579 -20.98 -14.90 31.47
N HIS C 580 -20.58 -14.46 32.65
CA HIS C 580 -21.25 -14.83 33.88
C HIS C 580 -22.48 -13.96 34.06
N TYR C 581 -23.38 -14.34 34.99
CA TYR C 581 -24.57 -13.54 35.19
C TYR C 581 -24.27 -12.07 35.51
N ALA C 582 -23.22 -11.87 36.34
CA ALA C 582 -22.81 -10.52 36.75
C ALA C 582 -22.18 -9.69 35.63
N GLY C 583 -21.60 -10.42 34.69
CA GLY C 583 -20.97 -9.81 33.54
C GLY C 583 -19.86 -10.65 32.96
N THR C 584 -19.02 -9.96 32.16
CA THR C 584 -17.90 -10.54 31.45
C THR C 584 -16.63 -10.50 32.24
N VAL C 585 -16.05 -11.66 32.40
CA VAL C 585 -14.80 -11.71 33.15
C VAL C 585 -13.68 -12.14 32.22
N ASP C 586 -12.64 -11.33 32.24
CA ASP C 586 -11.46 -11.54 31.42
C ASP C 586 -10.45 -12.32 32.23
N TYR C 587 -10.24 -13.56 31.81
CA TYR C 587 -9.35 -14.49 32.54
C TYR C 587 -8.00 -14.67 31.89
N ASN C 588 -6.98 -14.63 32.75
CA ASN C 588 -5.58 -14.84 32.39
C ASN C 588 -5.15 -16.19 32.88
N ILE C 589 -4.70 -17.00 31.96
CA ILE C 589 -4.29 -18.39 32.16
C ILE C 589 -2.82 -18.56 32.34
N SER C 590 -2.26 -18.13 33.42
CA SER C 590 -0.83 -18.29 33.43
C SER C 590 -0.33 -18.72 34.77
N GLY C 591 -0.15 -20.02 34.87
CA GLY C 591 0.36 -20.60 36.07
C GLY C 591 -0.56 -21.67 36.46
N TRP C 592 -1.65 -21.61 35.68
CA TRP C 592 -2.74 -22.51 35.97
C TRP C 592 -2.31 -23.92 36.05
N LEU C 593 -1.64 -24.31 34.97
CA LEU C 593 -1.18 -25.71 34.85
C LEU C 593 -0.48 -26.15 36.12
N GLU C 594 0.47 -25.34 36.52
CA GLU C 594 1.22 -25.57 37.75
C GLU C 594 0.40 -25.58 39.00
N LYS C 595 -0.23 -24.43 39.23
CA LYS C 595 -1.06 -24.20 40.38
C LYS C 595 -1.98 -25.33 40.54
N ASN C 596 -2.42 -25.80 39.40
CA ASN C 596 -3.33 -26.91 39.40
C ASN C 596 -2.65 -28.26 39.67
N LYS C 597 -1.36 -28.35 39.60
CA LYS C 597 -0.67 -29.64 39.80
C LYS C 597 -0.19 -29.88 41.22
N ASP C 598 -0.07 -28.80 41.93
CA ASP C 598 0.41 -28.82 43.29
C ASP C 598 1.65 -29.64 43.42
N PRO C 599 -5.20 -33.67 37.71
CA PRO C 599 -4.25 -34.72 37.44
C PRO C 599 -3.20 -34.86 38.54
N LEU C 600 -3.12 -36.06 39.09
CA LEU C 600 -2.20 -36.40 40.17
C LEU C 600 -1.49 -37.73 39.90
N ASN C 601 -0.18 -37.80 40.10
CA ASN C 601 0.57 -39.03 39.90
C ASN C 601 0.18 -40.05 40.92
N GLU C 602 -0.62 -40.92 40.45
CA GLU C 602 -1.20 -41.98 41.22
C GLU C 602 -0.23 -42.95 41.87
N THR C 603 1.00 -43.01 41.34
CA THR C 603 1.96 -43.91 41.92
C THR C 603 2.33 -43.43 43.28
N VAL C 604 2.62 -42.15 43.31
CA VAL C 604 2.97 -41.45 44.55
C VAL C 604 1.87 -41.53 45.59
N ILE C 605 0.68 -41.20 45.14
CA ILE C 605 -0.47 -41.22 45.99
C ILE C 605 -0.54 -42.56 46.65
N GLY C 606 -0.02 -43.52 45.90
CA GLY C 606 -0.01 -44.89 46.38
C GLY C 606 0.75 -44.92 47.65
N LEU C 607 1.96 -44.41 47.55
CA LEU C 607 2.86 -44.34 48.70
C LEU C 607 2.22 -43.65 49.88
N TYR C 608 1.53 -42.55 49.60
CA TYR C 608 0.90 -41.82 50.68
C TYR C 608 -0.05 -42.75 51.36
N GLN C 609 -0.81 -43.37 50.51
CA GLN C 609 -1.85 -44.28 50.97
C GLN C 609 -1.35 -45.33 51.95
N LYS C 610 -0.05 -45.61 51.92
CA LYS C 610 0.55 -46.58 52.82
C LYS C 610 1.66 -46.00 53.65
N SER C 611 1.48 -44.74 54.04
CA SER C 611 2.45 -44.04 54.87
C SER C 611 2.47 -44.52 56.31
N SER C 612 3.54 -44.17 56.97
CA SER C 612 3.70 -44.51 58.39
C SER C 612 3.04 -43.42 59.22
N VAL C 613 2.69 -42.34 58.51
CA VAL C 613 2.06 -41.17 59.07
C VAL C 613 0.59 -41.19 58.74
N LYS C 614 -0.14 -41.91 59.59
CA LYS C 614 -1.55 -42.25 59.52
C LYS C 614 -2.39 -41.16 58.90
N THR C 615 -2.24 -40.00 59.45
CA THR C 615 -2.93 -38.83 58.98
C THR C 615 -2.74 -38.63 57.49
N LEU C 616 -1.52 -38.67 57.05
CA LEU C 616 -1.23 -38.54 55.63
C LEU C 616 -1.90 -39.63 54.94
N ALA C 617 -1.82 -40.81 55.54
CA ALA C 617 -2.48 -41.94 54.95
C ALA C 617 -3.95 -41.67 54.80
N LEU C 618 -4.54 -41.17 55.82
CA LEU C 618 -5.95 -40.90 55.78
C LEU C 618 -6.43 -40.02 54.68
N LEU C 619 -5.85 -38.80 54.67
CA LEU C 619 -6.19 -37.76 53.70
C LEU C 619 -6.45 -38.29 52.30
N PHE C 620 -5.74 -39.35 51.96
CA PHE C 620 -5.82 -39.89 50.58
C PHE C 620 -6.39 -41.31 50.55
N ALA C 621 -7.57 -41.55 51.12
CA ALA C 621 -8.22 -42.89 51.10
C ALA C 621 -9.41 -42.95 50.16
N THR C 622 -9.88 -41.76 49.85
CA THR C 622 -10.99 -41.52 48.96
C THR C 622 -10.53 -41.51 47.48
N TYR C 623 -9.26 -41.80 47.29
CA TYR C 623 -8.73 -41.78 45.97
C TYR C 623 -9.06 -43.06 45.20
N GLN C 644 -4.19 -36.75 40.57
CA GLN C 644 -5.23 -35.87 41.12
C GLN C 644 -4.84 -34.39 41.17
N THR C 645 -5.75 -33.61 40.57
CA THR C 645 -5.61 -32.18 40.46
C THR C 645 -6.22 -31.40 41.64
N VAL C 646 -5.98 -30.10 41.65
CA VAL C 646 -6.44 -29.20 42.68
C VAL C 646 -7.89 -28.87 42.44
N SER C 647 -8.14 -28.50 41.19
CA SER C 647 -9.47 -28.17 40.76
C SER C 647 -10.35 -29.38 40.86
N ALA C 648 -9.74 -30.57 40.82
CA ALA C 648 -10.44 -31.83 40.95
C ALA C 648 -11.26 -31.94 42.23
N LEU C 649 -10.75 -31.40 43.32
CA LEU C 649 -11.47 -31.43 44.62
C LEU C 649 -12.50 -30.38 44.72
N PHE C 650 -11.95 -29.16 44.57
CA PHE C 650 -12.68 -27.91 44.63
C PHE C 650 -14.09 -28.20 44.13
N ARG C 651 -14.14 -28.88 43.01
CA ARG C 651 -15.35 -29.29 42.39
C ARG C 651 -16.10 -30.25 43.34
N GLU C 652 -15.45 -31.32 43.79
CA GLU C 652 -15.98 -32.37 44.68
C GLU C 652 -16.54 -31.82 45.98
N ASN C 653 -15.84 -30.84 46.47
CA ASN C 653 -16.18 -30.16 47.68
C ASN C 653 -17.38 -29.24 47.41
N LEU C 654 -17.26 -28.52 46.31
CA LEU C 654 -18.31 -27.62 45.84
C LEU C 654 -19.56 -28.37 45.49
N ASN C 655 -19.47 -29.66 45.36
CA ASN C 655 -20.64 -30.46 45.01
C ASN C 655 -21.34 -30.99 46.21
N LYS C 656 -20.51 -31.36 47.14
CA LYS C 656 -20.88 -31.91 48.39
C LYS C 656 -21.61 -30.84 49.15
N LEU C 657 -21.29 -29.60 48.77
CA LEU C 657 -21.77 -28.38 49.39
C LEU C 657 -23.10 -27.99 48.83
N MET C 658 -23.11 -27.76 47.53
CA MET C 658 -24.33 -27.38 46.81
C MET C 658 -25.41 -28.44 46.99
N ALA C 659 -25.02 -29.63 47.46
CA ALA C 659 -25.96 -30.72 47.69
C ALA C 659 -26.54 -30.57 49.06
N ASN C 660 -25.70 -30.11 49.94
CA ASN C 660 -26.07 -29.90 51.33
C ASN C 660 -26.98 -28.66 51.35
N LEU C 661 -26.72 -27.78 50.40
CA LEU C 661 -27.44 -26.54 50.29
C LEU C 661 -28.89 -26.80 49.82
N ARG C 662 -29.09 -27.86 49.05
CA ARG C 662 -30.38 -28.26 48.49
C ARG C 662 -31.35 -28.83 49.53
N SER C 663 -30.86 -29.76 50.36
CA SER C 663 -31.66 -30.36 51.43
C SER C 663 -31.83 -29.36 52.53
N THR C 664 -31.87 -28.10 52.11
CA THR C 664 -31.94 -26.96 52.95
C THR C 664 -32.95 -25.97 52.46
N HIS C 665 -33.52 -25.23 53.42
CA HIS C 665 -34.37 -24.10 53.11
C HIS C 665 -33.53 -22.82 53.12
N PRO C 666 -33.11 -22.38 51.97
CA PRO C 666 -32.19 -21.31 51.79
C PRO C 666 -32.71 -20.02 52.38
N HIS C 667 -31.82 -19.37 53.14
CA HIS C 667 -32.01 -18.08 53.75
C HIS C 667 -30.81 -17.24 53.35
N PHE C 668 -31.05 -16.14 52.68
CA PHE C 668 -30.06 -15.25 52.11
C PHE C 668 -29.76 -13.93 52.83
N VAL C 669 -28.49 -13.60 52.89
CA VAL C 669 -27.95 -12.42 53.50
C VAL C 669 -26.81 -11.84 52.67
N ARG C 670 -26.97 -10.63 52.19
CA ARG C 670 -26.04 -9.92 51.35
C ARG C 670 -25.41 -8.75 52.10
N CYS C 671 -24.09 -8.84 52.33
CA CYS C 671 -23.35 -7.84 53.07
C CYS C 671 -22.78 -6.77 52.15
N ILE C 672 -22.92 -5.49 52.50
CA ILE C 672 -22.47 -4.41 51.66
C ILE C 672 -21.44 -3.45 52.28
N ILE C 673 -20.60 -2.89 51.41
CA ILE C 673 -19.51 -2.00 51.79
C ILE C 673 -19.67 -0.65 51.12
N PRO C 674 -19.99 0.31 51.95
CA PRO C 674 -20.32 1.68 51.65
C PRO C 674 -19.32 2.46 50.89
N ASN C 675 -18.15 2.68 51.51
CA ASN C 675 -17.09 3.45 50.85
C ASN C 675 -15.72 2.93 51.17
N GLU C 676 -14.90 2.85 50.13
CA GLU C 676 -13.53 2.37 50.27
C GLU C 676 -12.78 3.12 51.34
N THR C 677 -13.18 4.36 51.52
CA THR C 677 -12.53 5.22 52.50
C THR C 677 -12.88 4.97 53.95
N LYS C 678 -13.70 4.00 54.31
CA LYS C 678 -13.98 3.80 55.75
C LYS C 678 -14.62 4.97 56.49
N THR C 679 -15.82 5.32 56.12
CA THR C 679 -16.51 6.44 56.74
C THR C 679 -17.93 6.07 57.03
N PRO C 680 -18.34 6.19 58.25
CA PRO C 680 -19.72 5.84 58.56
C PRO C 680 -20.64 6.86 57.93
N GLY C 681 -21.89 6.47 57.73
CA GLY C 681 -22.93 7.27 57.12
C GLY C 681 -22.67 7.73 55.67
N ALA C 682 -21.77 7.07 54.98
CA ALA C 682 -21.46 7.48 53.60
C ALA C 682 -21.51 6.35 52.57
N MET C 683 -21.59 6.71 51.30
CA MET C 683 -21.70 5.69 50.33
C MET C 683 -21.19 6.02 48.93
N GLU C 684 -20.22 5.32 48.36
CA GLU C 684 -19.96 5.77 46.99
C GLU C 684 -21.01 5.08 46.16
N HIS C 685 -21.51 5.77 45.18
CA HIS C 685 -22.53 5.18 44.38
C HIS C 685 -22.14 3.94 43.63
N GLU C 686 -21.39 4.16 42.58
CA GLU C 686 -21.00 3.09 41.72
C GLU C 686 -20.38 1.92 42.41
N LEU C 687 -19.87 2.17 43.57
CA LEU C 687 -19.27 1.11 44.36
C LEU C 687 -20.35 0.20 44.92
N VAL C 688 -21.41 0.78 45.46
CA VAL C 688 -22.54 0.02 45.95
C VAL C 688 -23.30 -0.61 44.75
N LEU C 689 -23.38 0.16 43.67
CA LEU C 689 -24.06 -0.29 42.48
C LEU C 689 -23.50 -1.61 42.00
N HIS C 690 -22.20 -1.67 42.00
CA HIS C 690 -21.50 -2.86 41.61
C HIS C 690 -21.98 -4.08 42.36
N GLN C 691 -21.81 -3.97 43.65
CA GLN C 691 -22.15 -5.03 44.52
C GLN C 691 -23.52 -5.52 44.26
N LEU C 692 -24.39 -4.57 44.06
CA LEU C 692 -25.77 -4.93 43.80
C LEU C 692 -26.00 -5.87 42.64
N ARG C 693 -25.16 -5.73 41.60
CA ARG C 693 -25.32 -6.55 40.42
C ARG C 693 -24.80 -7.95 40.60
N CYS C 694 -23.64 -7.97 41.24
CA CYS C 694 -22.92 -9.18 41.54
C CYS C 694 -23.49 -9.84 42.78
N ASN C 695 -24.35 -9.15 43.46
CA ASN C 695 -24.92 -9.66 44.70
C ASN C 695 -25.97 -10.69 44.46
N GLY C 696 -26.83 -10.32 43.52
CA GLY C 696 -28.02 -10.99 43.15
C GLY C 696 -29.23 -10.09 43.39
N VAL C 697 -29.01 -9.02 44.13
CA VAL C 697 -30.03 -8.08 44.51
C VAL C 697 -30.71 -7.48 43.30
N LEU C 698 -29.89 -7.09 42.34
CA LEU C 698 -30.46 -6.50 41.15
C LEU C 698 -31.11 -7.52 40.28
N GLU C 699 -30.77 -8.76 40.49
CA GLU C 699 -31.37 -9.80 39.66
C GLU C 699 -32.66 -10.26 40.29
N GLY C 700 -32.76 -10.04 41.58
CA GLY C 700 -33.97 -10.44 42.27
C GLY C 700 -35.05 -9.43 42.01
N ILE C 701 -34.62 -8.20 41.73
CA ILE C 701 -35.53 -7.14 41.46
C ILE C 701 -36.09 -7.34 40.09
N ARG C 702 -35.21 -7.74 39.18
CA ARG C 702 -35.57 -8.04 37.79
C ARG C 702 -36.70 -9.04 37.68
N ILE C 703 -36.39 -10.19 38.23
CA ILE C 703 -37.29 -11.33 38.30
C ILE C 703 -38.60 -10.96 38.97
N CYS C 704 -38.52 -9.94 39.82
CA CYS C 704 -39.68 -9.52 40.52
C CYS C 704 -40.57 -8.75 39.58
N ARG C 705 -39.92 -7.82 38.91
CA ARG C 705 -40.54 -6.95 37.97
C ARG C 705 -41.04 -7.62 36.71
N LYS C 706 -41.00 -8.93 36.68
CA LYS C 706 -41.44 -9.59 35.47
C LYS C 706 -42.80 -10.15 35.74
N GLY C 707 -43.11 -10.24 37.52
CA GLY C 707 -44.34 -11.01 37.34
C GLY C 707 -45.50 -10.03 37.25
N PHE C 708 -46.50 -10.31 38.04
CA PHE C 708 -47.66 -9.46 38.16
C PHE C 708 -47.77 -9.00 39.61
N PRO C 709 -47.10 -7.87 39.89
CA PRO C 709 -47.04 -7.31 41.22
C PRO C 709 -48.41 -7.18 41.90
N SER C 710 -49.02 -6.03 41.70
CA SER C 710 -50.34 -5.73 42.23
C SER C 710 -51.40 -6.72 41.77
N ARG C 711 -52.12 -7.23 42.77
CA ARG C 711 -53.18 -8.18 42.54
C ARG C 711 -54.43 -7.79 43.30
N VAL C 712 -55.48 -7.46 42.54
CA VAL C 712 -56.72 -7.01 43.10
C VAL C 712 -57.72 -8.10 43.31
N LEU C 713 -58.28 -8.05 44.48
CA LEU C 713 -59.37 -8.92 44.83
C LEU C 713 -60.60 -8.29 44.18
N TYR C 714 -61.34 -9.17 43.59
CA TYR C 714 -62.54 -8.86 42.80
C TYR C 714 -63.58 -7.83 43.31
N ALA C 715 -64.08 -7.97 44.53
CA ALA C 715 -65.02 -6.99 45.07
C ALA C 715 -64.38 -5.65 45.28
N ASP C 716 -63.14 -5.79 45.83
CA ASP C 716 -62.23 -4.69 46.09
C ASP C 716 -61.94 -4.00 44.76
N PHE C 717 -62.26 -4.78 43.69
CA PHE C 717 -62.05 -4.30 42.33
C PHE C 717 -63.28 -3.63 41.76
N LYS C 718 -64.41 -4.19 42.16
CA LYS C 718 -65.70 -3.69 41.69
C LYS C 718 -65.89 -2.27 42.18
N GLN C 719 -66.19 -2.21 43.49
CA GLN C 719 -66.40 -0.99 44.20
C GLN C 719 -65.60 0.22 43.73
N ARG C 720 -64.28 0.08 43.81
CA ARG C 720 -63.37 1.15 43.46
C ARG C 720 -63.37 1.64 42.02
N TYR C 721 -63.77 0.72 41.10
CA TYR C 721 -63.67 1.09 39.69
C TYR C 721 -64.93 0.99 38.84
N ARG C 722 -66.02 0.49 39.43
CA ARG C 722 -67.31 0.37 38.72
C ARG C 722 -67.58 1.58 37.83
N VAL C 723 -67.40 2.74 38.46
CA VAL C 723 -67.54 4.07 37.94
C VAL C 723 -66.88 4.34 36.58
N LEU C 724 -65.98 3.48 36.17
CA LEU C 724 -65.23 3.74 34.95
C LEU C 724 -66.02 3.55 33.67
N ASN C 725 -66.97 2.65 33.73
CA ASN C 725 -67.83 2.31 32.59
C ASN C 725 -69.04 1.61 33.15
N ALA C 726 -69.38 2.06 34.35
CA ALA C 726 -70.49 1.59 35.16
C ALA C 726 -71.69 1.03 34.41
N SER C 727 -71.81 1.38 33.15
CA SER C 727 -72.93 0.91 32.36
C SER C 727 -72.76 -0.50 31.80
N ALA C 728 -71.53 -1.01 31.76
CA ALA C 728 -71.32 -2.34 31.22
C ALA C 728 -72.09 -3.34 32.08
N ILE C 729 -73.67 -2.25 32.03
CA ILE C 729 -74.57 -2.37 33.15
C ILE C 729 -75.59 -3.48 33.33
N PRO C 730 -76.61 -3.85 32.52
CA PRO C 730 -77.56 -4.87 33.00
C PRO C 730 -76.91 -6.21 33.34
N GLU C 731 -76.04 -6.65 32.42
CA GLU C 731 -75.23 -7.84 32.60
C GLU C 731 -74.01 -7.69 33.52
N GLY C 732 -73.58 -6.47 33.81
CA GLY C 732 -72.54 -6.18 34.82
C GLY C 732 -73.07 -5.99 36.25
N GLN C 733 -74.38 -5.70 36.40
CA GLN C 733 -75.07 -5.57 37.68
C GLN C 733 -75.86 -6.78 38.22
N PHE C 734 -76.57 -7.55 37.41
CA PHE C 734 -77.25 -8.80 37.84
C PHE C 734 -76.16 -9.85 38.08
N MET C 735 -75.30 -9.63 39.49
CA MET C 735 -74.05 -10.04 38.84
C MET C 735 -73.21 -10.84 39.83
N ASP C 736 -72.02 -11.16 39.35
CA ASP C 736 -71.04 -11.93 40.05
C ASP C 736 -69.88 -11.05 40.50
N SER C 737 -69.32 -11.39 41.65
CA SER C 737 -68.18 -10.64 42.20
C SER C 737 -66.94 -10.82 41.32
N LYS C 738 -66.92 -11.91 40.56
CA LYS C 738 -65.80 -12.19 39.67
C LYS C 738 -66.07 -11.80 38.22
N LYS C 739 -67.02 -12.50 37.58
CA LYS C 739 -67.38 -12.28 36.19
C LYS C 739 -67.52 -10.81 35.86
N ALA C 740 -67.89 -10.06 36.90
CA ALA C 740 -68.06 -8.63 36.79
C ALA C 740 -66.78 -7.94 36.34
N SER C 741 -65.77 -7.98 37.24
CA SER C 741 -64.47 -7.37 36.99
C SER C 741 -64.02 -7.74 35.61
N GLU C 742 -64.41 -8.97 35.24
CA GLU C 742 -64.08 -9.46 33.93
C GLU C 742 -64.70 -8.52 32.94
N LYS C 743 -66.01 -8.62 32.98
CA LYS C 743 -66.85 -7.82 32.12
C LYS C 743 -66.41 -6.37 32.13
N LEU C 744 -66.11 -5.81 33.31
CA LEU C 744 -65.73 -4.41 33.37
C LEU C 744 -64.61 -4.02 32.47
N LEU C 745 -63.53 -4.75 32.59
CA LEU C 745 -62.38 -4.40 31.80
C LEU C 745 -62.65 -4.35 30.32
N GLY C 746 -63.88 -4.72 29.95
CA GLY C 746 -64.36 -4.66 28.60
C GLY C 746 -64.02 -3.28 28.06
N SER C 747 -64.35 -2.21 28.81
CA SER C 747 -64.04 -0.87 28.35
C SER C 747 -62.65 -0.32 28.77
N ILE C 748 -62.31 0.83 28.21
CA ILE C 748 -61.07 1.53 28.48
C ILE C 748 -60.07 1.40 27.35
N ASP C 749 -59.30 2.46 27.10
CA ASP C 749 -58.32 2.35 26.05
C ASP C 749 -56.97 1.81 26.63
N VAL C 750 -57.12 0.78 27.51
CA VAL C 750 -56.10 0.04 28.30
C VAL C 750 -55.51 -1.25 27.71
N ASP C 751 -54.23 -1.57 28.02
CA ASP C 751 -53.58 -2.80 27.54
C ASP C 751 -54.21 -4.05 28.14
N HIS C 752 -54.94 -4.77 27.30
CA HIS C 752 -55.70 -5.93 27.75
C HIS C 752 -54.80 -7.17 28.00
N THR C 753 -53.51 -6.90 27.98
CA THR C 753 -52.38 -7.77 28.16
C THR C 753 -51.94 -7.79 29.62
N GLN C 754 -51.45 -6.61 30.00
CA GLN C 754 -50.98 -6.24 31.31
C GLN C 754 -51.72 -6.85 32.49
N TYR C 755 -52.84 -7.48 32.30
CA TYR C 755 -53.52 -8.07 33.43
C TYR C 755 -53.78 -9.54 33.21
N ARG C 756 -54.34 -10.16 34.24
CA ARG C 756 -54.62 -11.57 34.09
C ARG C 756 -55.47 -11.94 35.26
N PHE C 757 -56.48 -12.71 34.92
CA PHE C 757 -57.45 -13.08 35.90
C PHE C 757 -57.24 -14.46 36.37
N GLY C 758 -57.86 -14.74 37.53
CA GLY C 758 -57.79 -16.04 38.12
C GLY C 758 -58.78 -16.13 39.25
N HIS C 759 -59.07 -17.35 39.63
CA HIS C 759 -60.01 -17.71 40.68
C HIS C 759 -60.30 -16.77 41.83
N THR C 760 -59.34 -15.98 42.30
CA THR C 760 -59.69 -15.11 43.40
C THR C 760 -59.34 -13.67 43.12
N LYS C 761 -58.57 -13.47 42.06
CA LYS C 761 -58.19 -12.13 41.78
C LYS C 761 -57.53 -11.90 40.46
N VAL C 762 -57.37 -10.64 40.13
CA VAL C 762 -56.77 -10.27 38.89
C VAL C 762 -55.35 -9.95 39.16
N PHE C 763 -54.57 -10.16 38.15
CA PHE C 763 -53.22 -9.86 38.25
C PHE C 763 -52.98 -8.73 37.33
N PHE C 764 -52.10 -7.84 37.80
CA PHE C 764 -51.82 -6.62 37.06
C PHE C 764 -50.36 -6.26 37.06
N LYS C 765 -49.81 -5.70 35.99
CA LYS C 765 -48.44 -5.26 35.95
C LYS C 765 -48.39 -3.92 36.67
N ALA C 766 -47.27 -3.23 36.51
CA ALA C 766 -47.07 -1.94 37.11
C ALA C 766 -47.75 -0.81 36.38
N GLY C 767 -47.80 0.32 37.10
CA GLY C 767 -48.35 1.58 36.63
C GLY C 767 -49.67 1.44 35.95
N LEU C 768 -50.32 0.33 36.18
CA LEU C 768 -51.57 0.11 35.54
C LEU C 768 -52.68 0.58 36.40
N LEU C 769 -52.66 -0.04 37.58
CA LEU C 769 -53.57 0.30 38.61
C LEU C 769 -53.44 1.81 38.76
N GLY C 770 -52.25 2.30 38.51
CA GLY C 770 -52.00 3.70 38.53
C GLY C 770 -52.82 4.35 37.45
N LEU C 771 -52.85 3.69 36.32
CA LEU C 771 -53.63 4.23 35.20
C LEU C 771 -55.09 4.25 35.54
N LEU C 772 -55.55 3.13 36.06
CA LEU C 772 -56.93 3.03 36.47
C LEU C 772 -57.44 4.21 37.28
N GLU C 773 -56.87 4.36 38.44
CA GLU C 773 -57.14 5.42 39.36
C GLU C 773 -57.30 6.77 38.70
N GLU C 774 -56.32 7.06 37.80
CA GLU C 774 -56.33 8.33 37.14
C GLU C 774 -57.64 8.59 36.45
N MET C 775 -58.07 7.61 35.69
CA MET C 775 -59.32 7.67 34.99
C MET C 775 -60.39 7.91 36.02
N ARG C 776 -60.25 7.19 37.07
CA ARG C 776 -61.16 7.27 38.14
C ARG C 776 -61.20 8.66 38.67
N ASP C 777 -60.01 9.20 38.89
CA ASP C 777 -59.85 10.54 39.41
C ASP C 777 -60.70 11.51 38.61
N ASP C 778 -60.53 11.50 37.28
CA ASP C 778 -61.34 12.37 36.46
C ASP C 778 -62.81 12.10 36.71
N LYS C 779 -63.14 10.85 36.93
CA LYS C 779 -64.53 10.55 37.03
C LYS C 779 -65.22 11.04 38.25
N LEU C 780 -64.43 11.52 39.18
CA LEU C 780 -65.09 12.01 40.37
C LEU C 780 -65.25 13.49 40.33
N ALA C 781 -64.33 14.14 39.57
CA ALA C 781 -64.40 15.57 39.41
C ALA C 781 -65.81 15.76 38.89
N GLU C 782 -66.13 14.95 37.88
CA GLU C 782 -67.44 14.89 37.27
C GLU C 782 -68.41 14.75 38.46
N ILE C 783 -68.42 13.59 39.06
CA ILE C 783 -69.28 13.27 40.18
C ILE C 783 -69.34 14.28 41.27
N ILE C 784 -68.19 14.81 41.64
CA ILE C 784 -68.20 15.76 42.73
C ILE C 784 -68.72 17.11 42.33
N THR C 785 -67.96 17.73 41.42
CA THR C 785 -68.24 19.05 40.89
C THR C 785 -69.75 19.25 40.68
N ARG C 786 -70.39 18.24 40.15
CA ARG C 786 -71.82 18.26 39.95
C ARG C 786 -72.54 18.16 41.27
N THR C 787 -72.00 17.37 42.18
CA THR C 787 -72.70 17.24 43.47
C THR C 787 -72.45 18.46 44.33
N GLN C 788 -71.41 19.17 44.00
CA GLN C 788 -71.14 20.33 44.79
C GLN C 788 -72.21 21.33 44.48
N ALA C 789 -72.21 21.76 43.20
CA ALA C 789 -73.14 22.69 42.64
C ALA C 789 -74.54 22.73 43.28
N ARG C 790 -75.28 21.65 43.16
CA ARG C 790 -76.64 21.49 43.67
C ARG C 790 -76.65 21.99 45.11
N CYS C 791 -75.71 21.44 45.85
CA CYS C 791 -75.52 21.84 47.22
C CYS C 791 -75.45 23.37 47.32
N ARG C 792 -74.43 23.92 46.64
CA ARG C 792 -74.17 25.34 46.59
C ARG C 792 -75.49 26.02 46.29
N GLY C 793 -76.06 25.58 45.18
CA GLY C 793 -77.32 26.07 44.69
C GLY C 793 -78.22 26.06 45.88
N PHE C 794 -78.62 24.86 46.22
CA PHE C 794 -79.48 24.61 47.34
C PHE C 794 -79.14 25.39 48.58
N LEU C 795 -77.87 25.59 48.75
CA LEU C 795 -77.52 26.30 49.95
C LEU C 795 -78.07 27.69 50.00
N MET C 796 -77.94 28.35 48.89
CA MET C 796 -78.43 29.70 48.84
C MET C 796 -79.95 29.71 48.74
N ARG C 797 -80.49 28.65 48.18
CA ARG C 797 -81.94 28.57 48.02
C ARG C 797 -82.63 28.67 49.36
N VAL C 798 -81.91 28.38 50.46
CA VAL C 798 -82.52 28.39 51.80
C VAL C 798 -82.34 29.75 52.39
N GLU C 799 -81.34 30.43 51.83
CA GLU C 799 -81.04 31.76 52.27
C GLU C 799 -82.11 32.71 51.81
N TYR C 800 -82.58 32.49 50.57
CA TYR C 800 -83.64 33.31 50.13
C TYR C 800 -84.88 33.14 51.07
N ARG C 801 -85.25 31.91 51.47
CA ARG C 801 -86.41 31.59 52.36
C ARG C 801 -86.32 32.23 53.73
N ARG C 802 -85.11 32.58 54.09
CA ARG C 802 -84.84 33.21 55.35
C ARG C 802 -84.89 34.72 55.16
N MET C 803 -84.16 35.21 54.16
CA MET C 803 -84.12 36.63 53.81
C MET C 803 -85.52 37.20 53.76
N VAL C 804 -86.33 36.49 53.00
CA VAL C 804 -87.72 36.77 52.77
C VAL C 804 -88.58 36.80 54.06
N GLU C 805 -88.45 35.76 54.88
CA GLU C 805 -89.18 35.67 56.15
C GLU C 805 -88.95 36.95 56.94
N ARG C 806 -87.68 37.18 57.12
CA ARG C 806 -87.08 38.30 57.78
C ARG C 806 -87.62 39.65 57.36
N ARG C 807 -87.99 39.70 56.08
CA ARG C 807 -88.49 40.88 55.38
C ARG C 807 -89.15 41.89 56.28
N GLU C 808 -90.20 41.45 56.93
CA GLU C 808 -90.89 42.37 57.76
C GLU C 808 -90.37 42.55 59.16
N SER C 809 -89.97 41.45 59.80
CA SER C 809 -89.50 41.55 61.18
C SER C 809 -88.46 42.62 61.32
N ILE C 810 -87.78 42.90 60.21
CA ILE C 810 -86.80 43.95 60.23
C ILE C 810 -87.49 45.29 60.36
N PHE C 811 -88.31 45.59 59.35
CA PHE C 811 -89.09 46.78 59.22
C PHE C 811 -89.64 47.16 60.57
N CYS C 812 -90.27 46.18 61.15
CA CYS C 812 -90.83 46.32 62.47
C CYS C 812 -89.77 46.83 63.35
N ILE C 813 -88.66 46.17 63.29
CA ILE C 813 -87.56 46.63 64.11
C ILE C 813 -87.14 47.98 63.59
N GLN C 814 -87.00 48.09 62.28
CA GLN C 814 -86.54 49.32 61.63
C GLN C 814 -87.26 50.56 62.14
N TYR C 815 -88.49 50.70 61.69
CA TYR C 815 -89.32 51.83 62.06
C TYR C 815 -89.37 52.06 63.56
N ASN C 816 -89.67 50.98 64.27
CA ASN C 816 -89.83 50.98 65.72
C ASN C 816 -88.85 51.73 66.54
N VAL C 817 -87.58 51.66 66.11
CA VAL C 817 -86.47 52.33 66.77
C VAL C 817 -86.52 53.82 66.51
N ARG C 818 -86.63 54.11 65.23
CA ARG C 818 -86.72 55.47 64.74
C ARG C 818 -87.68 56.31 65.57
N SER C 819 -88.88 55.75 65.87
CA SER C 819 -89.90 56.37 66.67
C SER C 819 -89.20 57.00 67.84
N PHE C 820 -88.81 56.09 68.69
CA PHE C 820 -88.16 56.35 69.90
C PHE C 820 -87.12 57.45 69.86
N MET C 821 -86.28 57.40 68.87
CA MET C 821 -85.27 58.43 68.73
C MET C 821 -85.82 59.83 68.60
N ASN C 822 -87.03 59.88 68.16
CA ASN C 822 -87.71 61.12 67.92
C ASN C 822 -88.50 61.58 69.10
N VAL C 823 -89.15 60.57 69.65
CA VAL C 823 -90.02 60.73 70.73
C VAL C 823 -89.36 61.03 72.04
N LYS C 824 -88.43 60.17 72.43
CA LYS C 824 -87.70 60.27 73.68
C LYS C 824 -87.31 61.70 74.06
N HIS C 825 -87.30 62.64 73.08
CA HIS C 825 -86.94 64.01 73.40
C HIS C 825 -88.18 64.92 73.61
N TRP C 826 -89.39 64.40 73.33
CA TRP C 826 -90.74 65.04 73.41
C TRP C 826 -91.39 65.12 74.83
N PRO C 827 -91.60 66.34 75.31
CA PRO C 827 -92.19 66.63 76.61
C PRO C 827 -93.26 65.65 77.01
N TRP C 828 -94.22 65.58 76.13
CA TRP C 828 -95.39 64.75 76.30
C TRP C 828 -95.00 63.34 76.48
N MET C 829 -93.95 62.95 75.77
CA MET C 829 -93.59 61.57 75.92
C MET C 829 -92.82 61.31 77.22
N LYS C 830 -92.00 62.25 77.66
CA LYS C 830 -91.34 62.09 78.90
C LYS C 830 -92.34 62.05 80.00
N LEU C 831 -93.31 62.89 79.85
CA LEU C 831 -94.40 62.98 80.83
C LEU C 831 -95.05 61.62 81.02
N PHE C 832 -95.53 61.10 79.89
CA PHE C 832 -96.17 59.77 79.87
C PHE C 832 -95.30 58.77 80.57
N PHE C 833 -94.02 58.98 80.37
CA PHE C 833 -93.01 58.12 80.92
C PHE C 833 -92.98 58.18 82.43
N LYS C 834 -92.79 59.36 83.01
CA LYS C 834 -92.74 59.39 84.45
C LYS C 834 -94.07 58.88 84.98
N ILE C 835 -95.10 59.24 84.26
CA ILE C 835 -96.45 58.91 84.67
C ILE C 835 -96.91 57.47 84.45
N LYS C 836 -96.46 56.86 83.37
CA LYS C 836 -96.79 55.49 83.00
C LYS C 836 -96.77 54.53 84.17
N PRO C 837 -96.07 54.84 85.21
CA PRO C 837 -96.03 53.89 86.30
C PRO C 837 -97.19 53.94 87.26
N LEU C 838 -97.55 55.17 87.68
CA LEU C 838 -98.66 55.34 88.62
C LEU C 838 -99.94 54.61 88.18
N LEU C 839 -99.95 54.20 86.93
CA LEU C 839 -101.09 53.57 86.37
C LEU C 839 -101.18 52.14 86.78
N LYS C 840 -102.31 51.60 86.39
CA LYS C 840 -102.60 50.21 86.66
C LYS C 840 -103.40 49.62 85.50
N ASN A 1 -72.04 64.39 83.20
CA ASN A 1 -71.22 63.16 83.08
C ASN A 1 -70.68 62.73 84.47
N VAL A 2 -70.38 63.80 85.19
CA VAL A 2 -69.89 63.81 86.57
C VAL A 2 -70.81 63.37 87.71
N PHE A 3 -72.10 63.25 87.48
CA PHE A 3 -72.92 62.52 88.44
C PHE A 3 -73.29 61.10 87.96
N SER A 4 -73.09 60.76 86.69
CA SER A 4 -73.38 59.42 86.14
C SER A 4 -72.55 58.16 86.39
N MET A 5 -71.22 58.17 86.51
CA MET A 5 -70.47 56.99 87.05
C MET A 5 -70.70 57.20 88.58
N PHE A 6 -69.71 57.59 89.40
CA PHE A 6 -69.96 58.24 90.71
C PHE A 6 -70.90 57.70 91.78
N ASP A 7 -70.53 56.52 92.27
CA ASP A 7 -71.26 55.81 93.29
C ASP A 7 -71.27 56.40 94.71
N GLN A 8 -72.25 56.02 95.54
CA GLN A 8 -72.38 56.48 96.93
C GLN A 8 -71.11 56.42 97.77
N THR A 9 -70.37 55.30 97.67
CA THR A 9 -69.07 55.14 98.33
C THR A 9 -68.06 56.22 97.92
N GLN A 10 -67.76 56.37 96.61
CA GLN A 10 -66.93 57.47 96.09
C GLN A 10 -67.31 58.84 96.66
N ILE A 11 -68.61 59.14 96.60
CA ILE A 11 -69.16 60.38 97.15
C ILE A 11 -68.95 60.49 98.67
N GLN A 12 -69.08 59.43 99.46
CA GLN A 12 -68.77 59.46 100.90
C GLN A 12 -67.29 59.68 101.18
N ASP A 13 -66.38 59.01 100.47
CA ASP A 13 -64.93 59.25 100.54
C ASP A 13 -64.66 60.76 100.34
N PHE A 14 -65.26 61.34 99.29
CA PHE A 14 -65.21 62.80 99.08
C PHE A 14 -65.82 63.59 100.24
N LYS A 15 -67.03 63.31 100.74
CA LYS A 15 -67.61 63.99 101.92
C LYS A 15 -66.72 63.98 103.17
N GLU A 16 -66.13 62.84 103.53
CA GLU A 16 -65.16 62.76 104.61
C GLU A 16 -63.92 63.60 104.30
N ALA A 17 -63.36 63.51 103.09
CA ALA A 17 -62.26 64.37 102.67
C ALA A 17 -62.53 65.87 102.80
N PHE A 18 -63.73 66.31 102.39
CA PHE A 18 -64.18 67.69 102.59
C PHE A 18 -64.20 68.00 104.08
N THR A 19 -64.90 67.25 104.94
CA THR A 19 -64.89 67.52 106.39
C THR A 19 -63.52 67.51 107.09
N VAL A 20 -62.51 66.82 106.54
CA VAL A 20 -61.15 66.94 107.06
C VAL A 20 -60.46 68.24 106.61
N ILE A 21 -60.70 68.73 105.39
CA ILE A 21 -60.16 70.03 105.00
C ILE A 21 -60.98 71.20 105.61
N ASP A 22 -62.28 71.01 105.82
CA ASP A 22 -63.21 71.93 106.51
C ASP A 22 -62.88 72.20 108.01
N GLN A 23 -61.75 72.82 108.35
CA GLN A 23 -61.36 73.08 109.75
C GLN A 23 -62.40 73.62 110.73
N ASN A 24 -63.11 74.63 110.25
CA ASN A 24 -64.11 75.30 111.07
C ASN A 24 -65.44 74.58 111.29
N ARG A 25 -65.71 73.48 110.56
CA ARG A 25 -66.99 72.74 110.55
C ARG A 25 -68.22 73.47 109.98
N ASP A 26 -68.11 74.77 109.69
CA ASP A 26 -69.13 75.60 109.05
C ASP A 26 -69.90 75.05 107.84
N GLY A 27 -69.21 74.37 106.92
CA GLY A 27 -69.82 73.82 105.71
C GLY A 27 -69.20 74.30 104.39
N ILE A 28 -68.37 75.33 104.52
CA ILE A 28 -67.65 75.92 103.39
C ILE A 28 -66.14 75.90 103.65
N ILE A 29 -65.33 75.29 102.78
CA ILE A 29 -63.88 75.40 102.90
C ILE A 29 -63.40 76.73 102.34
N ASP A 30 -62.50 77.41 103.05
CA ASP A 30 -61.88 78.62 102.55
C ASP A 30 -60.34 78.61 102.62
N LYS A 31 -59.69 79.76 102.43
CA LYS A 31 -58.22 79.87 102.49
C LYS A 31 -57.62 79.42 103.82
N ASP A 32 -58.27 79.79 104.91
CA ASP A 32 -57.87 79.41 106.25
C ASP A 32 -57.91 77.89 106.45
N ASP A 33 -59.05 77.26 106.10
CA ASP A 33 -59.21 75.81 106.10
C ASP A 33 -58.11 75.07 105.32
N LEU A 34 -57.80 75.52 104.11
CA LEU A 34 -56.65 74.99 103.37
C LEU A 34 -55.31 75.19 104.10
N ARG A 35 -54.95 76.41 104.54
CA ARG A 35 -53.71 76.69 105.28
C ARG A 35 -53.39 75.75 106.45
N GLU A 36 -54.26 75.58 107.43
CA GLU A 36 -53.94 74.64 108.51
C GLU A 36 -54.11 73.19 108.09
N THR A 37 -54.88 72.75 107.07
CA THR A 37 -54.79 71.33 106.66
C THR A 37 -53.40 71.03 106.10
N PHE A 38 -52.84 71.96 105.30
CA PHE A 38 -51.45 71.83 104.84
C PHE A 38 -50.47 71.79 106.02
N ALA A 39 -50.61 72.71 106.98
CA ALA A 39 -49.82 72.70 108.21
C ALA A 39 -49.93 71.40 109.03
N ALA A 40 -51.14 70.86 109.25
CA ALA A 40 -51.36 69.58 109.91
C ALA A 40 -50.69 68.39 109.20
N MET A 41 -50.65 68.43 107.87
CA MET A 41 -49.90 67.45 107.08
C MET A 41 -48.38 67.68 107.01
N GLY A 42 -47.85 68.70 107.68
CA GLY A 42 -46.42 69.00 107.69
C GLY A 42 -45.97 70.14 106.76
N ARG A 43 -46.82 70.63 105.87
CA ARG A 43 -46.45 71.70 104.94
C ARG A 43 -46.59 73.12 105.49
N LEU A 44 -45.49 73.71 105.92
CA LEU A 44 -45.53 75.07 106.45
C LEU A 44 -45.20 76.21 105.46
N ASN A 45 -44.55 75.87 104.35
CA ASN A 45 -44.07 76.85 103.37
C ASN A 45 -45.09 77.40 102.34
N VAL A 46 -46.38 77.32 102.64
CA VAL A 46 -47.44 77.66 101.69
C VAL A 46 -47.62 79.17 101.41
N LYS A 47 -47.51 79.56 100.15
CA LYS A 47 -47.67 80.95 99.76
C LYS A 47 -49.09 81.28 99.29
N ASN A 48 -49.64 82.45 99.65
CA ASN A 48 -51.00 82.83 99.23
C ASN A 48 -51.38 82.55 97.77
N GLU A 49 -50.53 82.84 96.79
CA GLU A 49 -50.80 82.52 95.38
C GLU A 49 -51.20 81.06 95.07
N GLU A 50 -50.65 80.11 95.81
CA GLU A 50 -50.99 78.70 95.70
C GLU A 50 -52.38 78.43 96.29
N LEU A 51 -52.68 78.96 97.48
CA LEU A 51 -54.00 78.87 98.12
C LEU A 51 -55.12 79.49 97.27
N ASP A 52 -54.83 80.69 96.79
CA ASP A 52 -55.67 81.44 95.87
C ASP A 52 -55.87 80.68 94.56
N ALA A 53 -54.82 80.13 93.92
CA ALA A 53 -54.96 79.31 92.72
C ALA A 53 -55.96 78.16 92.88
N MET A 54 -55.85 77.44 94.01
CA MET A 54 -56.82 76.41 94.40
C MET A 54 -58.28 76.92 94.37
N ILE A 55 -58.55 77.96 95.18
CA ILE A 55 -59.89 78.53 95.25
C ILE A 55 -60.44 79.10 93.93
N LYS A 56 -59.61 79.81 93.17
CA LYS A 56 -59.97 80.36 91.84
C LYS A 56 -60.63 79.42 90.84
N GLU A 57 -60.43 78.11 90.98
CA GLU A 57 -61.08 77.13 90.13
C GLU A 57 -62.61 77.11 90.25
N ALA A 58 -63.18 77.56 91.37
CA ALA A 58 -64.62 77.64 91.54
C ALA A 58 -65.22 79.04 91.44
N SER A 59 -66.45 79.17 90.94
CA SER A 59 -67.10 80.48 90.82
C SER A 59 -67.72 81.06 92.09
N GLY A 60 -68.01 80.21 93.07
CA GLY A 60 -68.63 80.64 94.31
C GLY A 60 -67.96 80.15 95.59
N PRO A 61 -68.63 80.21 96.74
CA PRO A 61 -68.14 79.54 97.97
C PRO A 61 -67.92 78.04 97.74
N ILE A 62 -66.84 77.43 98.24
CA ILE A 62 -66.56 76.06 97.80
C ILE A 62 -67.46 74.90 98.30
N ASN A 63 -68.52 75.16 99.09
CA ASN A 63 -69.57 74.21 99.51
C ASN A 63 -69.67 72.78 98.97
N PHE A 64 -69.87 71.72 99.77
CA PHE A 64 -69.98 70.31 99.32
C PHE A 64 -70.30 69.98 97.86
N THR A 65 -71.38 70.57 97.35
CA THR A 65 -71.78 70.46 95.93
C THR A 65 -70.80 71.10 94.97
N VAL A 66 -70.35 72.34 95.19
CA VAL A 66 -69.37 73.04 94.35
C VAL A 66 -68.07 72.21 94.32
N PHE A 67 -67.61 71.69 95.47
CA PHE A 67 -66.51 70.73 95.50
C PHE A 67 -66.76 69.50 94.60
N LEU A 68 -67.78 68.69 94.93
CA LEU A 68 -68.13 67.50 94.18
C LEU A 68 -68.26 67.70 92.67
N THR A 69 -68.88 68.80 92.23
CA THR A 69 -68.94 69.15 90.82
C THR A 69 -67.55 69.45 90.29
N MET A 70 -66.74 70.33 90.90
CA MET A 70 -65.37 70.59 90.45
C MET A 70 -64.42 69.37 90.36
N PHE A 71 -64.54 68.45 91.30
CA PHE A 71 -63.71 67.23 91.29
C PHE A 71 -64.21 66.15 90.37
N GLY A 72 -65.53 66.06 90.24
CA GLY A 72 -66.10 65.20 89.23
C GLY A 72 -65.66 65.69 87.85
N GLU A 73 -65.86 66.97 87.52
CA GLU A 73 -65.46 67.55 86.23
C GLU A 73 -64.05 67.26 85.69
N LYS A 74 -63.10 67.03 86.58
CA LYS A 74 -61.74 66.65 86.19
C LYS A 74 -61.57 65.14 85.95
N LEU A 75 -62.42 64.35 86.60
CA LEU A 75 -62.45 62.90 86.45
C LEU A 75 -63.57 62.37 85.55
N LYS A 76 -64.06 63.16 84.58
CA LYS A 76 -65.13 62.78 83.63
C LYS A 76 -65.06 61.43 82.92
N GLY A 77 -63.87 60.84 82.93
CA GLY A 77 -63.62 59.51 82.39
C GLY A 77 -62.83 58.65 83.38
N ALA A 78 -63.24 58.65 84.66
CA ALA A 78 -62.60 57.86 85.69
C ALA A 78 -63.52 56.98 86.55
N ASP A 79 -63.25 55.69 86.50
CA ASP A 79 -63.99 54.70 87.28
C ASP A 79 -63.42 54.39 88.68
N PRO A 80 -64.16 53.70 89.56
CA PRO A 80 -63.55 53.09 90.73
C PRO A 80 -62.65 51.89 90.46
N GLU A 81 -61.59 51.65 91.24
CA GLU A 81 -60.63 50.56 91.00
C GLU A 81 -61.09 49.16 90.57
N ASP A 82 -62.06 48.53 91.23
CA ASP A 82 -62.59 47.24 90.79
C ASP A 82 -63.10 47.19 89.34
N VAL A 83 -63.78 48.26 88.91
CA VAL A 83 -64.30 48.39 87.54
C VAL A 83 -63.14 48.42 86.53
N ILE A 84 -62.11 49.20 86.85
CA ILE A 84 -60.89 49.29 86.02
C ILE A 84 -60.20 47.91 85.93
N MET A 85 -60.04 47.24 87.08
CA MET A 85 -59.53 45.88 87.14
C MET A 85 -60.31 44.90 86.26
N GLY A 86 -61.64 45.02 86.16
CA GLY A 86 -62.46 44.18 85.26
C GLY A 86 -62.01 44.23 83.79
N ALA A 87 -61.75 45.44 83.28
CA ALA A 87 -61.23 45.62 81.93
C ALA A 87 -59.92 44.86 81.68
N PHE A 88 -59.00 44.96 82.64
CA PHE A 88 -57.78 44.16 82.60
C PHE A 88 -58.08 42.66 82.72
N LYS A 89 -58.89 42.19 83.68
CA LYS A 89 -59.31 40.78 83.78
C LYS A 89 -59.94 40.17 82.50
N VAL A 90 -60.60 41.00 81.69
CA VAL A 90 -61.09 40.60 80.35
C VAL A 90 -59.92 40.43 79.37
N LEU A 91 -58.94 41.33 79.42
CA LEU A 91 -57.72 41.20 78.64
C LEU A 91 -56.78 40.08 79.09
N ASP A 92 -56.86 39.74 80.37
CA ASP A 92 -56.17 38.63 81.00
C ASP A 92 -56.76 37.26 80.64
N PRO A 93 -57.82 37.08 79.82
CA PRO A 93 -58.98 36.23 80.17
C PRO A 93 -58.76 34.86 80.85
N ASP A 94 -57.61 34.28 80.54
CA ASP A 94 -57.03 33.07 81.13
C ASP A 94 -56.82 33.17 82.65
N GLY A 95 -56.57 34.37 83.18
CA GLY A 95 -56.46 34.63 84.63
C GLY A 95 -55.10 35.03 85.22
N LYS A 96 -55.15 35.31 86.53
CA LYS A 96 -54.04 35.72 87.40
C LYS A 96 -52.76 36.51 87.08
N GLY A 97 -51.98 36.19 86.04
CA GLY A 97 -50.74 36.89 85.72
C GLY A 97 -50.97 37.93 84.64
N SER A 98 -50.70 39.22 84.88
CA SER A 98 -51.11 40.19 83.89
C SER A 98 -50.26 40.38 82.61
N ILE A 99 -50.86 41.06 81.65
CA ILE A 99 -50.40 41.15 80.25
C ILE A 99 -49.04 41.73 79.83
N LYS A 100 -48.65 41.50 78.58
CA LYS A 100 -47.39 41.99 78.02
C LYS A 100 -47.39 43.26 77.17
N LYS A 101 -46.32 44.04 77.31
CA LYS A 101 -46.08 45.19 76.44
C LYS A 101 -45.63 44.77 75.03
N SER A 102 -46.66 45.00 74.20
CA SER A 102 -46.78 44.79 72.75
C SER A 102 -48.26 44.53 72.54
N PHE A 103 -48.78 43.52 73.25
CA PHE A 103 -50.19 43.11 73.23
C PHE A 103 -51.13 44.29 73.50
N LEU A 104 -50.91 45.03 74.58
CA LEU A 104 -51.70 46.25 74.77
C LEU A 104 -51.26 47.48 73.97
N GLU A 105 -49.98 47.63 73.60
CA GLU A 105 -49.50 48.75 72.75
C GLU A 105 -50.33 48.80 71.48
N GLU A 106 -50.39 47.63 70.82
CA GLU A 106 -51.23 47.41 69.67
C GLU A 106 -52.70 47.63 69.99
N LEU A 107 -53.32 46.96 70.96
CA LEU A 107 -54.74 47.19 71.26
C LEU A 107 -55.20 48.60 71.67
N LEU A 108 -54.33 49.45 72.20
CA LEU A 108 -54.67 50.86 72.43
C LEU A 108 -54.56 51.69 71.14
N THR A 109 -53.61 51.37 70.26
CA THR A 109 -53.53 52.05 68.95
C THR A 109 -54.46 51.56 67.86
N THR A 110 -54.79 50.27 67.86
CA THR A 110 -55.52 49.68 66.74
C THR A 110 -57.01 49.99 66.53
N GLN A 111 -58.00 49.21 66.95
CA GLN A 111 -59.42 49.54 66.80
C GLN A 111 -59.73 50.95 67.34
N CYS A 112 -60.60 51.73 66.67
CA CYS A 112 -60.86 53.17 66.87
C CYS A 112 -59.84 54.04 66.10
N ASP A 113 -59.71 55.33 66.40
CA ASP A 113 -58.77 56.21 65.72
C ASP A 113 -57.37 56.28 66.32
N ARG A 114 -57.32 56.35 67.66
CA ARG A 114 -56.06 56.56 68.37
C ARG A 114 -56.00 56.65 69.89
N PHE A 115 -55.21 55.79 70.49
CA PHE A 115 -54.60 56.21 71.74
C PHE A 115 -53.18 56.44 71.23
N THR A 116 -52.87 57.73 71.07
CA THR A 116 -51.67 58.14 70.34
C THR A 116 -50.32 57.61 70.81
N PRO A 117 -49.38 57.36 69.90
CA PRO A 117 -48.00 57.05 70.28
C PRO A 117 -47.18 58.07 71.09
N GLU A 118 -47.76 59.23 71.42
CA GLU A 118 -47.18 60.16 72.37
C GLU A 118 -47.74 59.72 73.73
N GLU A 119 -49.08 59.64 73.84
CA GLU A 119 -49.79 59.12 75.03
C GLU A 119 -49.24 57.77 75.53
N ILE A 120 -49.07 56.78 74.65
CA ILE A 120 -48.51 55.47 75.01
C ILE A 120 -47.08 55.49 75.57
N LYS A 121 -46.12 56.26 75.04
CA LYS A 121 -44.78 56.35 75.65
C LYS A 121 -44.84 56.98 77.05
N ASN A 122 -45.66 58.02 77.21
CA ASN A 122 -45.93 58.61 78.53
C ASN A 122 -46.49 57.55 79.48
N MET A 123 -47.42 56.72 79.00
CA MET A 123 -47.91 55.55 79.72
C MET A 123 -46.77 54.64 80.17
N TRP A 124 -45.88 54.09 79.33
CA TRP A 124 -44.76 53.26 79.79
C TRP A 124 -43.80 53.89 80.81
N ALA A 125 -43.65 55.22 80.75
CA ALA A 125 -42.89 55.98 81.74
C ALA A 125 -43.61 56.29 83.07
N ALA A 126 -44.91 56.61 83.04
CA ALA A 126 -45.74 56.91 84.22
C ALA A 126 -46.50 55.76 84.90
N PHE A 127 -46.54 54.71 84.08
CA PHE A 127 -46.88 53.34 84.42
C PHE A 127 -45.65 52.62 83.86
N PRO A 128 -44.48 52.85 84.48
CA PRO A 128 -43.47 51.86 84.77
C PRO A 128 -42.66 50.69 84.18
N PRO A 129 -41.61 50.44 84.98
CA PRO A 129 -41.49 49.20 85.75
C PRO A 129 -42.71 48.26 85.78
N ASP A 130 -43.86 48.57 86.40
CA ASP A 130 -45.08 47.77 86.32
C ASP A 130 -45.38 47.29 84.89
N VAL A 131 -45.54 48.22 83.95
CA VAL A 131 -45.78 47.96 82.55
C VAL A 131 -44.65 47.17 81.85
N ALA A 132 -43.43 47.15 82.41
CA ALA A 132 -42.36 46.32 81.89
C ALA A 132 -42.36 44.88 82.41
N GLY A 133 -42.56 44.72 83.71
CA GLY A 133 -42.53 43.43 84.39
C GLY A 133 -43.70 42.48 84.13
N ASN A 134 -44.86 42.82 84.65
CA ASN A 134 -46.07 42.01 84.50
C ASN A 134 -47.13 42.86 83.81
N VAL A 135 -46.73 44.00 83.18
CA VAL A 135 -47.57 45.18 82.90
C VAL A 135 -48.59 45.24 84.05
N ASP A 136 -47.99 45.26 85.25
CA ASP A 136 -48.68 45.12 86.51
C ASP A 136 -50.02 45.83 86.68
N TYR A 137 -51.06 45.30 86.04
CA TYR A 137 -52.37 45.96 86.00
C TYR A 137 -53.03 46.20 87.34
N LYS A 138 -52.76 45.27 88.25
CA LYS A 138 -53.15 45.41 89.65
C LYS A 138 -52.55 46.71 90.20
N ASN A 139 -51.23 46.85 90.06
CA ASN A 139 -50.49 48.05 90.46
C ASN A 139 -51.00 49.31 89.73
N ILE A 140 -51.11 49.26 88.39
CA ILE A 140 -51.69 50.32 87.54
C ILE A 140 -53.01 50.88 88.13
N CYS A 141 -53.97 49.99 88.41
CA CYS A 141 -55.23 50.36 89.06
C CYS A 141 -55.05 51.04 90.42
N TYR A 142 -54.24 50.47 91.32
CA TYR A 142 -53.98 51.11 92.61
C TYR A 142 -53.31 52.49 92.53
N VAL A 143 -52.40 52.74 91.58
CA VAL A 143 -51.81 54.06 91.38
C VAL A 143 -52.77 55.11 90.81
N ILE A 144 -53.67 54.70 89.91
CA ILE A 144 -54.65 55.66 89.41
C ILE A 144 -55.73 56.01 90.45
N THR A 145 -56.24 55.05 91.20
CA THR A 145 -57.21 55.36 92.26
C THR A 145 -56.58 55.90 93.55
N HIS A 146 -55.40 55.40 93.93
CA HIS A 146 -54.73 55.80 95.17
C HIS A 146 -53.43 56.63 95.12
N GLY A 147 -53.12 57.38 94.06
CA GLY A 147 -51.91 58.22 94.04
C GLY A 147 -50.68 57.61 93.37
N GLU A 148 -49.70 58.43 93.00
CA GLU A 148 -48.53 57.96 92.24
C GLU A 148 -47.37 57.24 92.95
N ASP A 149 -47.08 57.62 94.18
CA ASP A 149 -46.00 57.04 94.99
C ASP A 149 -46.26 55.61 95.50
N LYS A 150 -47.51 55.44 95.93
CA LYS A 150 -48.05 54.18 96.45
C LYS A 150 -48.04 52.94 95.55
N ASP B 1 -74.01 46.70 45.78
CA ASP B 1 -74.21 45.88 46.99
C ASP B 1 -75.24 46.29 48.09
N GLU B 2 -75.55 45.44 49.11
CA GLU B 2 -76.35 45.79 50.32
C GLU B 2 -76.64 44.87 51.56
N ILE B 3 -76.78 45.56 52.72
CA ILE B 3 -77.07 45.18 54.15
C ILE B 3 -76.44 46.29 55.05
N ASN B 4 -76.68 46.49 56.36
CA ASN B 4 -75.98 47.52 57.14
C ASN B 4 -74.83 47.08 58.06
N ASP B 5 -75.05 46.26 59.10
CA ASP B 5 -74.04 45.68 60.01
C ASP B 5 -72.58 45.50 59.54
N PHE B 6 -72.38 44.98 58.33
CA PHE B 6 -71.05 44.80 57.75
C PHE B 6 -70.21 46.09 57.69
N LYS B 7 -70.87 47.22 57.46
CA LYS B 7 -70.22 48.54 57.48
C LYS B 7 -69.76 48.89 58.90
N GLU B 8 -70.57 48.58 59.92
CA GLU B 8 -70.20 48.76 61.32
C GLU B 8 -68.98 47.90 61.68
N ALA B 9 -69.00 46.64 61.25
CA ALA B 9 -67.87 45.73 61.41
C ALA B 9 -66.57 46.16 60.72
N PHE B 10 -66.61 46.81 59.54
CA PHE B 10 -65.40 47.33 58.91
C PHE B 10 -64.58 48.25 59.82
N LEU B 11 -65.20 49.26 60.45
CA LEU B 11 -64.52 50.15 61.40
C LEU B 11 -63.85 49.45 62.60
N LEU B 12 -64.39 48.30 62.98
CA LEU B 12 -63.81 47.50 64.07
C LEU B 12 -62.46 46.87 63.72
N PHE B 13 -62.12 46.84 62.43
CA PHE B 13 -60.85 46.31 61.95
C PHE B 13 -59.98 47.31 61.17
N ASP B 14 -60.29 48.60 61.34
CA ASP B 14 -59.54 49.72 60.76
C ASP B 14 -58.08 49.86 61.20
N ARG B 15 -57.92 49.83 62.53
CA ARG B 15 -56.63 49.87 63.21
C ARG B 15 -55.60 50.97 62.87
N THR B 16 -56.19 52.15 62.76
CA THR B 16 -55.56 53.42 62.34
C THR B 16 -56.57 54.56 62.59
N GLY B 17 -57.83 54.24 62.31
CA GLY B 17 -58.97 55.16 62.48
C GLY B 17 -59.49 55.83 61.19
N ASP B 18 -58.83 55.54 60.08
CA ASP B 18 -59.10 56.10 58.77
C ASP B 18 -60.29 55.57 57.95
N ALA B 19 -60.90 54.46 58.38
CA ALA B 19 -61.94 53.73 57.66
C ALA B 19 -61.55 53.15 56.28
N LYS B 20 -60.22 53.03 56.11
CA LYS B 20 -59.60 52.47 54.91
C LYS B 20 -58.72 51.26 55.19
N ILE B 21 -59.28 50.06 55.06
CA ILE B 21 -58.55 48.84 55.42
C ILE B 21 -57.64 48.33 54.30
N THR B 22 -56.56 47.60 54.58
CA THR B 22 -55.62 47.13 53.55
C THR B 22 -55.98 45.90 52.71
N LEU B 23 -55.49 45.85 51.46
CA LEU B 23 -55.66 44.71 50.55
C LEU B 23 -55.27 43.32 51.08
N SER B 24 -54.37 43.29 52.07
CA SER B 24 -54.04 42.04 52.75
C SER B 24 -55.12 41.69 53.79
N GLN B 25 -55.55 42.63 54.65
CA GLN B 25 -56.64 42.40 55.61
C GLN B 25 -57.98 42.02 54.98
N VAL B 26 -58.12 42.39 53.72
CA VAL B 26 -59.18 41.98 52.80
C VAL B 26 -59.59 40.49 52.88
N GLY B 27 -58.57 39.64 52.74
CA GLY B 27 -58.72 38.19 52.78
C GLY B 27 -59.20 37.63 54.13
N ASP B 28 -58.86 38.33 55.21
CA ASP B 28 -59.31 37.95 56.55
C ASP B 28 -60.71 38.47 56.91
N ILE B 29 -61.04 39.75 56.66
CA ILE B 29 -62.38 40.28 56.96
C ILE B 29 -63.50 39.51 56.25
N VAL B 30 -63.26 39.09 55.01
CA VAL B 30 -64.18 38.22 54.27
C VAL B 30 -64.56 36.89 54.95
N ARG B 31 -63.63 36.35 55.75
CA ARG B 31 -63.81 35.08 56.45
C ARG B 31 -64.82 35.06 57.61
N ALA B 32 -64.91 36.16 58.37
CA ALA B 32 -65.93 36.24 59.40
C ALA B 32 -67.28 36.77 58.95
N LEU B 33 -67.32 37.54 57.86
CA LEU B 33 -68.59 38.00 57.32
C LEU B 33 -69.38 36.91 56.56
N GLY B 34 -69.93 36.06 57.43
CA GLY B 34 -70.75 34.92 57.08
C GLY B 34 -70.05 33.65 56.62
N GLN B 35 -69.40 33.68 55.46
CA GLN B 35 -68.98 32.42 54.86
C GLN B 35 -67.56 32.34 54.26
N ASN B 36 -66.98 31.14 54.32
CA ASN B 36 -65.60 30.83 53.89
C ASN B 36 -65.13 31.27 52.49
N PRO B 37 -63.87 31.73 52.35
CA PRO B 37 -63.20 31.75 51.04
C PRO B 37 -61.77 31.17 51.03
N THR B 38 -61.30 30.41 50.02
CA THR B 38 -59.93 29.89 50.07
C THR B 38 -58.84 30.89 49.62
N ASN B 39 -57.62 30.71 50.11
CA ASN B 39 -56.52 31.54 49.63
C ASN B 39 -55.88 30.81 48.45
N ALA B 40 -56.13 31.48 47.32
CA ALA B 40 -55.91 31.04 45.96
C ALA B 40 -57.12 31.67 45.29
N GLU B 41 -58.35 31.47 45.77
CA GLU B 41 -59.51 32.18 45.23
C GLU B 41 -59.48 33.68 45.46
N ILE B 42 -59.19 34.10 46.71
CA ILE B 42 -58.99 35.53 47.02
C ILE B 42 -57.82 36.08 46.18
N ASN B 43 -56.70 35.33 46.19
CA ASN B 43 -55.54 35.65 45.36
C ASN B 43 -55.85 35.75 43.85
N LYS B 44 -56.82 34.99 43.32
CA LYS B 44 -57.20 35.06 41.90
C LYS B 44 -57.78 36.40 41.42
N ILE B 45 -58.99 36.73 41.85
CA ILE B 45 -59.60 37.95 41.35
C ILE B 45 -59.71 39.10 42.30
N LEU B 46 -59.16 40.13 41.65
CA LEU B 46 -58.84 41.46 42.19
C LEU B 46 -57.64 41.36 43.14
N GLY B 47 -57.50 40.30 43.96
CA GLY B 47 -56.26 40.04 44.71
C GLY B 47 -54.96 40.04 43.89
N ASN B 48 -54.86 39.21 42.83
CA ASN B 48 -53.69 39.20 41.94
C ASN B 48 -53.24 40.55 41.33
N PRO B 49 -54.12 41.51 40.99
CA PRO B 49 -53.60 42.84 40.67
C PRO B 49 -53.31 43.81 41.81
N SER B 50 -52.08 43.88 42.34
CA SER B 50 -51.73 44.79 43.46
C SER B 50 -52.24 46.23 43.38
N LYS B 51 -51.90 47.04 42.36
CA LYS B 51 -52.44 48.39 42.22
C LYS B 51 -53.97 48.41 42.12
N GLU B 52 -54.59 47.60 41.25
CA GLU B 52 -56.05 47.53 41.19
C GLU B 52 -56.66 47.11 42.52
N GLU B 53 -56.35 46.00 43.21
CA GLU B 53 -56.93 45.68 44.53
C GLU B 53 -56.63 46.77 45.58
N MET B 54 -55.45 47.38 45.56
CA MET B 54 -55.19 48.53 46.42
C MET B 54 -56.09 49.74 46.13
N ASN B 55 -56.51 49.88 44.87
CA ASN B 55 -57.52 50.85 44.43
C ASN B 55 -58.90 50.21 44.19
N ALA B 56 -59.07 48.97 44.66
CA ALA B 56 -60.33 48.19 44.62
C ALA B 56 -60.66 47.33 45.87
N LYS B 57 -60.05 47.64 47.02
CA LYS B 57 -60.37 47.12 48.36
C LYS B 57 -59.41 47.60 49.46
N LYS B 58 -58.18 48.05 49.17
CA LYS B 58 -57.33 48.73 50.17
C LYS B 58 -57.79 50.19 50.25
N ILE B 59 -59.00 50.20 50.78
CA ILE B 59 -59.89 51.30 50.56
C ILE B 59 -61.00 51.45 51.57
N THR B 60 -61.94 52.27 51.16
CA THR B 60 -63.21 52.47 51.82
C THR B 60 -64.19 51.33 51.55
N PHE B 61 -65.38 51.43 52.10
CA PHE B 61 -66.39 50.38 52.03
C PHE B 61 -66.86 50.00 50.61
N GLU B 62 -66.65 50.96 49.71
CA GLU B 62 -67.04 50.92 48.30
C GLU B 62 -66.60 49.74 47.45
N GLU B 63 -65.45 49.18 47.82
CA GLU B 63 -64.92 48.03 47.14
C GLU B 63 -64.85 46.81 48.04
N PHE B 64 -64.85 47.04 49.37
CA PHE B 64 -65.02 45.94 50.32
C PHE B 64 -66.26 45.11 50.06
N LEU B 65 -67.38 45.81 50.05
CA LEU B 65 -68.71 45.25 49.86
C LEU B 65 -68.90 44.51 48.53
N PRO B 66 -68.65 45.08 47.32
CA PRO B 66 -68.55 44.25 46.12
C PRO B 66 -67.60 43.05 46.13
N MET B 67 -66.34 43.11 46.63
CA MET B 67 -65.51 41.89 46.74
C MET B 67 -66.15 40.79 47.59
N LEU B 68 -66.67 41.20 48.74
CA LEU B 68 -67.36 40.28 49.66
C LEU B 68 -68.57 39.58 49.03
N GLN B 69 -69.37 40.33 48.28
CA GLN B 69 -70.46 39.74 47.50
C GLN B 69 -69.98 38.75 46.44
N ALA B 70 -68.92 39.09 45.70
CA ALA B 70 -68.29 38.15 44.76
C ALA B 70 -67.96 36.80 45.38
N ALA B 71 -67.36 36.81 46.58
CA ALA B 71 -67.16 35.59 47.35
C ALA B 71 -68.49 34.94 47.72
N ALA B 72 -69.50 35.70 48.21
CA ALA B 72 -70.84 35.19 48.54
C ALA B 72 -71.51 34.26 47.52
N ASN B 73 -71.27 34.51 46.23
CA ASN B 73 -71.74 33.65 45.15
C ASN B 73 -71.19 32.21 45.10
N ASN B 74 -69.90 31.97 45.37
CA ASN B 74 -69.34 30.61 45.32
C ASN B 74 -69.53 29.75 46.57
N LYS B 75 -70.00 30.38 47.65
CA LYS B 75 -70.08 29.75 48.94
C LYS B 75 -71.01 28.54 49.18
N ASP B 76 -71.78 28.10 48.18
CA ASP B 76 -72.55 26.84 48.20
C ASP B 76 -71.71 25.62 48.66
N GLN B 77 -70.40 25.67 48.37
CA GLN B 77 -69.42 24.68 48.84
C GLN B 77 -69.33 24.51 50.38
N GLY B 78 -70.09 25.30 51.13
CA GLY B 78 -70.26 25.15 52.57
C GLY B 78 -70.90 23.80 52.97
N THR B 79 -71.45 23.05 52.01
CA THR B 79 -71.98 21.69 52.19
C THR B 79 -71.09 20.78 53.04
N PHE B 80 -71.59 20.28 54.16
CA PHE B 80 -70.78 19.47 55.07
C PHE B 80 -70.55 18.03 54.64
N GLU B 81 -71.42 17.49 53.77
CA GLU B 81 -71.40 16.09 53.33
C GLU B 81 -70.01 15.49 53.11
N ASP B 82 -69.28 15.98 52.12
CA ASP B 82 -67.91 15.56 51.83
C ASP B 82 -66.89 15.75 52.98
N PHE B 83 -67.15 16.67 53.91
CA PHE B 83 -66.16 17.08 54.90
C PHE B 83 -66.07 16.47 56.29
N VAL B 84 -66.82 15.38 56.48
CA VAL B 84 -66.65 14.49 57.63
C VAL B 84 -66.03 13.22 56.99
N GLU B 85 -66.57 12.86 55.83
CA GLU B 85 -66.11 11.74 55.02
C GLU B 85 -64.64 11.77 54.59
N GLY B 86 -64.18 12.91 54.05
CA GLY B 86 -62.78 13.14 53.67
C GLY B 86 -61.82 12.90 54.82
N LEU B 87 -62.24 13.34 56.00
CA LEU B 87 -61.50 13.09 57.21
C LEU B 87 -61.44 11.60 57.49
N ARG B 88 -62.53 10.83 57.65
CA ARG B 88 -62.46 9.36 57.82
C ARG B 88 -61.50 8.61 56.87
N VAL B 89 -61.21 9.14 55.68
CA VAL B 89 -60.24 8.54 54.76
C VAL B 89 -58.80 8.52 55.26
N PHE B 90 -58.37 9.45 56.12
CA PHE B 90 -57.01 9.45 56.64
C PHE B 90 -56.83 8.33 57.69
N ASP B 91 -57.58 8.29 58.80
CA ASP B 91 -57.40 7.24 59.81
C ASP B 91 -58.54 6.22 60.10
N LYS B 92 -59.21 5.63 59.10
CA LYS B 92 -60.29 4.64 59.26
C LYS B 92 -60.10 3.25 59.94
N GLU B 93 -60.24 3.13 61.25
CA GLU B 93 -60.09 1.85 61.97
C GLU B 93 -61.22 1.58 63.00
N GLY B 94 -62.47 1.67 62.53
CA GLY B 94 -63.64 1.50 63.39
C GLY B 94 -64.50 2.77 63.44
N ASN B 95 -64.47 3.52 64.54
CA ASN B 95 -65.21 4.78 64.63
C ASN B 95 -64.55 5.95 63.88
N GLY B 96 -64.97 7.22 63.97
CA GLY B 96 -64.22 8.31 63.32
C GLY B 96 -62.87 8.60 64.00
N THR B 97 -61.96 7.64 63.94
CA THR B 97 -60.64 7.68 64.57
C THR B 97 -59.61 8.46 63.79
N VAL B 98 -58.90 9.38 64.44
CA VAL B 98 -57.78 10.12 63.83
C VAL B 98 -56.52 9.99 64.69
N MET B 99 -55.32 10.31 64.24
CA MET B 99 -54.18 10.48 65.11
C MET B 99 -53.72 11.93 65.06
N GLY B 100 -53.43 12.54 66.21
CA GLY B 100 -52.98 13.93 66.29
C GLY B 100 -51.94 14.31 65.24
N ALA B 101 -50.84 13.55 65.21
CA ALA B 101 -49.76 13.73 64.24
C ALA B 101 -50.14 13.84 62.77
N GLU B 102 -51.05 13.00 62.31
CA GLU B 102 -51.50 13.00 60.92
C GLU B 102 -52.27 14.28 60.59
N LEU B 103 -53.35 14.66 61.30
CA LEU B 103 -54.01 15.95 61.01
C LEU B 103 -53.07 17.15 61.19
N ARG B 104 -52.27 17.23 62.26
CA ARG B 104 -51.29 18.30 62.48
C ARG B 104 -50.33 18.55 61.31
N HIS B 105 -49.64 17.52 60.82
CA HIS B 105 -48.76 17.74 59.67
C HIS B 105 -49.53 17.93 58.37
N VAL B 106 -50.54 17.11 58.04
CA VAL B 106 -51.32 17.26 56.82
C VAL B 106 -51.93 18.67 56.65
N LEU B 107 -52.39 19.28 57.74
CA LEU B 107 -52.90 20.63 57.70
C LEU B 107 -51.90 21.76 57.99
N ALA B 108 -50.60 21.48 57.87
CA ALA B 108 -49.53 22.48 58.00
C ALA B 108 -48.62 22.46 56.76
N THR B 109 -48.34 21.26 56.27
CA THR B 109 -47.50 21.01 55.10
C THR B 109 -48.19 20.92 53.74
N LEU B 110 -49.47 20.56 53.66
CA LEU B 110 -50.10 20.34 52.36
C LEU B 110 -51.07 21.39 51.77
N GLY B 111 -51.20 21.41 50.44
CA GLY B 111 -52.09 22.33 49.72
C GLY B 111 -51.90 23.83 50.03
N GLU B 112 -52.78 24.36 50.87
CA GLU B 112 -52.72 25.76 51.25
C GLU B 112 -51.89 26.08 52.50
N LYS B 113 -51.28 25.08 53.16
CA LYS B 113 -50.50 25.20 54.41
C LYS B 113 -51.39 25.63 55.60
N MET B 114 -50.86 25.91 56.76
CA MET B 114 -51.52 26.57 57.91
C MET B 114 -50.39 26.73 58.90
N THR B 115 -50.20 27.81 59.63
CA THR B 115 -49.06 27.89 60.55
C THR B 115 -49.23 26.90 61.70
N GLU B 116 -48.13 26.35 62.21
CA GLU B 116 -48.17 25.43 63.35
C GLU B 116 -48.97 26.00 64.51
N GLU B 117 -48.75 27.30 64.80
CA GLU B 117 -49.55 28.08 65.76
C GLU B 117 -51.07 27.96 65.51
N GLU B 118 -51.55 28.29 64.31
CA GLU B 118 -52.97 28.15 63.95
C GLU B 118 -53.49 26.71 64.07
N VAL B 119 -52.73 25.70 63.65
CA VAL B 119 -53.13 24.29 63.81
C VAL B 119 -53.21 23.90 65.29
N GLU B 120 -52.22 24.21 66.14
CA GLU B 120 -52.26 24.00 67.59
C GLU B 120 -53.53 24.64 68.20
N GLU B 121 -53.85 25.84 67.72
CA GLU B 121 -55.11 26.51 68.04
C GLU B 121 -56.41 25.91 67.50
N LEU B 122 -56.38 25.11 66.44
CA LEU B 122 -57.56 24.34 66.03
C LEU B 122 -57.74 23.13 66.94
N MET B 123 -56.62 22.55 67.37
CA MET B 123 -56.60 21.46 68.34
C MET B 123 -56.83 21.88 69.81
N LYS B 124 -57.64 22.91 70.05
CA LYS B 124 -57.92 23.46 71.38
C LYS B 124 -58.60 22.52 72.40
N GLY B 125 -57.88 21.56 72.97
CA GLY B 125 -58.44 20.62 73.94
C GLY B 125 -59.56 19.72 73.37
N GLN B 126 -59.36 19.29 72.14
CA GLN B 126 -60.27 18.35 71.48
C GLN B 126 -59.60 16.99 71.17
N GLU B 127 -58.30 16.97 71.46
CA GLU B 127 -57.42 15.81 71.33
C GLU B 127 -56.67 15.49 72.62
N ASP B 128 -57.42 15.07 73.62
CA ASP B 128 -56.83 14.68 74.89
C ASP B 128 -55.84 13.52 74.85
N SER B 129 -55.19 13.24 75.98
CA SER B 129 -54.17 12.18 76.16
C SER B 129 -54.16 10.87 75.35
N ASN B 130 -55.31 10.46 74.80
CA ASN B 130 -55.48 9.24 74.04
C ASN B 130 -54.73 9.13 72.70
N GLY B 131 -54.16 10.22 72.14
CA GLY B 131 -53.44 10.17 70.87
C GLY B 131 -54.34 10.26 69.64
N CYS B 132 -55.41 9.47 69.72
CA CYS B 132 -56.50 9.48 68.76
C CYS B 132 -57.52 10.59 68.97
N ILE B 133 -57.87 11.20 67.86
CA ILE B 133 -58.85 12.27 67.83
C ILE B 133 -60.19 11.78 67.27
N ASN B 134 -61.37 12.30 67.65
CA ASN B 134 -62.65 11.81 67.08
C ASN B 134 -63.29 12.66 65.96
N TYR B 135 -62.92 12.42 64.70
CA TYR B 135 -63.37 13.16 63.50
C TYR B 135 -64.71 13.90 63.45
N GLU B 136 -65.76 13.12 63.71
CA GLU B 136 -67.15 13.57 63.68
C GLU B 136 -67.45 14.76 64.57
N ALA B 137 -66.79 14.81 65.72
CA ALA B 137 -66.95 15.93 66.64
C ALA B 137 -66.19 17.16 66.16
N PHE B 138 -65.04 17.01 65.49
CA PHE B 138 -64.29 18.17 65.01
C PHE B 138 -64.99 18.92 63.93
N VAL B 139 -65.50 18.26 62.90
CA VAL B 139 -66.27 18.95 61.86
C VAL B 139 -67.41 19.74 62.49
N LYS B 140 -68.14 19.19 63.46
CA LYS B 140 -69.14 19.94 64.22
C LYS B 140 -68.56 21.16 64.98
N HIS B 141 -67.49 21.04 65.78
CA HIS B 141 -66.86 22.19 66.47
C HIS B 141 -66.14 23.23 65.59
N ILE B 142 -65.71 22.78 64.42
CA ILE B 142 -65.10 23.61 63.39
C ILE B 142 -66.26 24.38 62.75
N MET B 143 -67.26 23.71 62.17
CA MET B 143 -68.41 24.37 61.57
C MET B 143 -69.31 25.17 62.54
N SER B 144 -69.17 24.95 63.85
CA SER B 144 -69.93 25.65 64.90
C SER B 144 -69.71 27.14 65.21
N VAL B 145 -69.09 27.93 64.34
CA VAL B 145 -69.01 29.35 64.64
C VAL B 145 -70.21 30.11 64.04
N ASP C 1 -43.72 2.80 67.93
CA ASP C 1 -43.44 3.57 69.16
C ASP C 1 -43.88 2.79 70.36
N ALA C 2 -45.19 2.52 70.38
CA ALA C 2 -45.78 1.75 71.45
C ALA C 2 -45.08 0.40 71.49
N GLU C 3 -45.04 -0.21 70.29
CA GLU C 3 -44.41 -1.50 70.09
C GLU C 3 -42.99 -1.50 70.59
N MET C 4 -42.17 -0.68 69.93
CA MET C 4 -40.79 -0.54 70.28
C MET C 4 -40.61 -0.14 71.72
N ALA C 5 -39.93 -1.02 72.41
CA ALA C 5 -39.62 -0.86 73.78
C ALA C 5 -38.49 -1.82 74.01
N ALA C 6 -38.77 -3.07 73.54
CA ALA C 6 -37.84 -4.17 73.61
C ALA C 6 -36.45 -3.69 73.24
N PHE C 7 -36.41 -3.00 72.08
CA PHE C 7 -35.19 -2.44 71.58
C PHE C 7 -34.90 -1.17 72.32
N GLY C 8 -35.92 -0.32 72.24
CA GLY C 8 -35.87 0.95 72.86
C GLY C 8 -34.63 1.69 72.39
N GLU C 9 -33.52 1.43 73.07
CA GLU C 9 -32.27 2.08 72.74
C GLU C 9 -31.80 1.84 71.32
N ALA C 10 -32.12 0.68 70.77
CA ALA C 10 -31.70 0.33 69.43
C ALA C 10 -32.62 0.90 68.36
N ALA C 11 -33.87 1.04 68.80
CA ALA C 11 -35.00 1.52 68.00
C ALA C 11 -34.64 2.49 66.90
N PRO C 12 -33.99 3.56 67.28
CA PRO C 12 -33.63 4.58 66.32
C PRO C 12 -32.86 4.08 65.12
N TYR C 13 -32.18 2.93 65.29
CA TYR C 13 -31.33 2.33 64.25
C TYR C 13 -32.01 1.22 63.49
N LEU C 14 -33.19 0.87 63.99
CA LEU C 14 -34.07 -0.15 63.44
C LEU C 14 -35.27 0.42 62.72
N ARG C 15 -35.92 1.32 63.45
CA ARG C 15 -37.09 2.03 62.99
C ARG C 15 -37.06 3.47 63.36
N LYS C 16 -37.91 4.28 62.70
CA LYS C 16 -37.98 5.71 62.98
C LYS C 16 -39.25 6.11 63.72
N SER C 17 -39.19 7.25 64.43
CA SER C 17 -40.36 7.67 65.18
C SER C 17 -41.55 7.79 64.29
N GLU C 18 -42.68 7.40 64.82
CA GLU C 18 -43.96 7.43 64.11
C GLU C 18 -44.37 8.74 63.50
N LYS C 19 -43.55 9.76 63.53
CA LYS C 19 -43.99 10.96 62.89
C LYS C 19 -42.93 11.31 61.88
N GLU C 20 -41.71 10.80 62.23
CA GLU C 20 -40.58 10.97 61.35
C GLU C 20 -40.97 10.29 60.06
N ARG C 21 -41.73 9.23 60.31
CA ARG C 21 -42.26 8.44 59.24
C ARG C 21 -43.29 9.31 58.55
N ILE C 22 -44.33 9.57 59.34
CA ILE C 22 -45.46 10.37 58.95
C ILE C 22 -45.11 11.68 58.27
N GLU C 23 -44.09 12.34 58.77
CA GLU C 23 -43.64 13.57 58.21
C GLU C 23 -42.94 13.36 56.89
N ALA C 24 -42.61 12.11 56.62
CA ALA C 24 -41.91 11.76 55.42
C ALA C 24 -42.78 11.20 54.31
N GLN C 25 -43.73 10.36 54.70
CA GLN C 25 -44.62 9.75 53.75
C GLN C 25 -45.71 10.72 53.28
N ASN C 26 -46.09 11.60 54.20
CA ASN C 26 -47.14 12.57 53.96
C ASN C 26 -46.53 13.92 53.69
N LYS C 27 -46.10 14.08 52.45
CA LYS C 27 -45.49 15.28 52.00
C LYS C 27 -45.81 15.50 50.54
N PRO C 28 -45.59 16.71 50.04
CA PRO C 28 -45.90 17.01 48.66
C PRO C 28 -45.05 16.24 47.68
N PHE C 29 -45.71 15.75 46.62
CA PHE C 29 -45.04 15.02 45.56
C PHE C 29 -45.60 15.27 44.14
N ASP C 30 -44.70 15.55 43.20
CA ASP C 30 -45.12 15.73 41.80
C ASP C 30 -44.55 14.65 40.88
N ALA C 31 -45.28 13.58 40.78
CA ALA C 31 -44.87 12.46 39.97
C ALA C 31 -44.36 12.78 38.56
N LYS C 32 -45.23 13.34 37.76
CA LYS C 32 -44.92 13.65 36.39
C LYS C 32 -43.64 14.43 36.19
N SER C 33 -43.14 15.05 37.24
CA SER C 33 -41.94 15.86 37.04
C SER C 33 -40.75 15.34 37.76
N SER C 34 -40.98 14.82 38.99
CA SER C 34 -39.88 14.27 39.80
C SER C 34 -39.30 12.97 39.20
N VAL C 35 -37.97 12.91 39.11
CA VAL C 35 -37.33 11.78 38.49
C VAL C 35 -35.90 11.54 38.94
N PHE C 36 -35.38 10.36 38.59
CA PHE C 36 -33.98 9.94 38.82
C PHE C 36 -33.30 10.01 37.48
N VAL C 37 -32.02 10.29 37.43
CA VAL C 37 -31.38 10.35 36.11
C VAL C 37 -29.90 9.98 36.11
N VAL C 38 -29.45 9.62 34.90
CA VAL C 38 -28.09 9.21 34.63
C VAL C 38 -27.19 10.35 34.95
N HIS C 39 -25.91 10.05 35.18
CA HIS C 39 -25.02 11.15 35.45
C HIS C 39 -23.57 10.76 35.31
N PRO C 40 -22.93 11.39 34.35
CA PRO C 40 -21.56 11.14 34.03
C PRO C 40 -20.59 11.02 35.21
N LYS C 41 -20.64 11.95 36.15
CA LYS C 41 -19.74 11.88 37.29
C LYS C 41 -20.34 11.03 38.41
N GLU C 42 -21.45 11.48 38.97
CA GLU C 42 -22.13 10.68 39.96
C GLU C 42 -23.06 9.77 39.21
N SER C 43 -23.12 8.52 39.63
CA SER C 43 -23.90 7.49 38.93
C SER C 43 -25.30 7.85 38.46
N PHE C 44 -26.11 8.20 39.42
CA PHE C 44 -27.51 8.57 39.20
C PHE C 44 -27.84 9.60 40.24
N VAL C 45 -28.26 10.76 39.84
CA VAL C 45 -28.63 11.70 40.85
C VAL C 45 -30.06 12.05 40.56
N LYS C 46 -30.75 12.73 41.52
CA LYS C 46 -32.14 13.08 41.31
C LYS C 46 -32.35 14.46 40.73
N GLY C 47 -33.51 14.64 40.12
CA GLY C 47 -33.83 15.91 39.54
C GLY C 47 -35.28 16.02 39.18
N THR C 48 -35.57 17.22 38.65
CA THR C 48 -36.89 17.58 38.22
C THR C 48 -36.86 17.75 36.70
N ILE C 49 -37.85 17.18 36.05
CA ILE C 49 -37.94 17.33 34.62
C ILE C 49 -38.37 18.76 34.27
N GLN C 50 -37.59 19.37 33.37
CA GLN C 50 -37.87 20.70 32.93
C GLN C 50 -38.64 20.67 31.64
N SER C 51 -38.00 20.18 30.62
CA SER C 51 -38.66 20.14 29.34
C SER C 51 -38.70 18.75 28.76
N LYS C 52 -39.03 18.67 27.49
CA LYS C 52 -39.08 17.39 26.80
C LYS C 52 -38.74 17.57 25.32
N GLU C 53 -37.57 17.07 24.92
CA GLU C 53 -37.08 17.16 23.56
C GLU C 53 -37.59 16.09 22.56
N GLY C 54 -38.76 15.53 22.89
CA GLY C 54 -39.43 14.53 22.06
C GLY C 54 -38.88 13.12 22.20
N GLY C 55 -37.70 13.01 22.83
CA GLY C 55 -37.00 11.75 23.04
C GLY C 55 -35.65 12.02 23.64
N LYS C 56 -35.62 13.18 24.28
CA LYS C 56 -34.50 13.72 25.00
C LYS C 56 -35.12 14.37 26.19
N VAL C 57 -34.32 14.54 27.22
CA VAL C 57 -34.88 15.13 28.38
C VAL C 57 -33.93 16.06 29.03
N THR C 58 -34.46 17.21 29.46
CA THR C 58 -33.64 18.17 30.17
C THR C 58 -34.08 18.17 31.59
N VAL C 59 -33.10 18.02 32.49
CA VAL C 59 -33.47 18.01 33.88
C VAL C 59 -32.62 18.85 34.78
N LYS C 60 -33.27 19.36 35.81
CA LYS C 60 -32.58 20.12 36.80
C LYS C 60 -32.02 19.12 37.74
N THR C 61 -31.21 19.57 38.64
CA THR C 61 -30.59 18.64 39.55
C THR C 61 -30.87 19.04 40.94
N GLU C 62 -30.35 18.22 41.79
CA GLU C 62 -30.37 18.41 43.20
C GLU C 62 -28.93 18.66 43.53
N GLY C 63 -28.62 19.94 43.42
CA GLY C 63 -27.30 20.49 43.62
C GLY C 63 -27.22 21.63 42.67
N GLY C 64 -28.07 21.48 41.62
CA GLY C 64 -28.22 22.53 40.63
C GLY C 64 -27.36 22.20 39.46
N GLU C 65 -28.00 21.60 38.47
CA GLU C 65 -27.31 21.21 37.25
C GLU C 65 -28.38 20.91 36.24
N THR C 66 -28.02 21.15 35.00
CA THR C 66 -28.97 20.90 33.97
C THR C 66 -28.35 20.04 32.91
N LEU C 67 -29.01 18.91 32.58
CA LEU C 67 -28.51 17.95 31.60
C LEU C 67 -29.61 17.50 30.66
N THR C 68 -29.27 17.33 29.39
CA THR C 68 -30.28 16.84 28.47
C THR C 68 -29.88 15.45 28.13
N VAL C 69 -30.60 14.53 28.71
CA VAL C 69 -30.28 13.14 28.55
C VAL C 69 -31.44 12.35 27.92
N LYS C 70 -31.10 11.26 27.21
CA LYS C 70 -32.04 10.37 26.53
C LYS C 70 -33.32 10.14 27.30
N GLU C 71 -34.26 9.47 26.66
CA GLU C 71 -35.51 9.17 27.32
C GLU C 71 -35.30 8.07 28.34
N ASP C 72 -34.42 7.14 27.99
CA ASP C 72 -34.13 6.08 28.94
C ASP C 72 -32.89 6.24 29.78
N GLN C 73 -32.64 7.47 30.12
CA GLN C 73 -31.54 7.82 30.95
C GLN C 73 -32.20 8.46 32.16
N VAL C 74 -33.53 8.44 31.98
CA VAL C 74 -34.53 8.97 32.88
C VAL C 74 -35.39 7.88 33.51
N PHE C 75 -35.47 7.93 34.82
CA PHE C 75 -36.22 6.98 35.62
C PHE C 75 -37.07 7.62 36.69
N SER C 76 -38.31 7.16 36.75
CA SER C 76 -39.29 7.62 37.68
C SER C 76 -38.79 7.59 39.10
N MET C 77 -39.57 8.18 40.01
CA MET C 77 -39.23 8.28 41.40
C MET C 77 -40.43 7.94 42.28
N ASN C 78 -40.23 7.04 43.20
CA ASN C 78 -41.29 6.60 44.04
C ASN C 78 -41.91 7.67 44.89
N PRO C 79 -43.25 7.55 45.05
CA PRO C 79 -43.98 8.48 45.87
C PRO C 79 -43.34 8.36 47.22
N PRO C 80 -43.50 9.40 47.96
CA PRO C 80 -42.93 9.53 49.26
C PRO C 80 -43.34 8.39 50.20
N LYS C 81 -44.44 7.76 49.84
CA LYS C 81 -44.94 6.68 50.68
C LYS C 81 -43.88 5.62 50.87
N TYR C 82 -42.96 5.56 49.93
CA TYR C 82 -41.86 4.62 49.96
C TYR C 82 -40.58 5.36 50.26
N ASP C 83 -40.41 5.75 51.52
CA ASP C 83 -39.25 6.53 51.82
C ASP C 83 -38.05 5.67 52.13
N LYS C 84 -38.17 4.97 53.29
CA LYS C 84 -37.10 4.13 53.74
C LYS C 84 -37.64 2.75 54.05
N ILE C 85 -38.27 2.26 53.00
CA ILE C 85 -38.93 0.99 52.92
C ILE C 85 -38.05 -0.13 53.39
N GLU C 86 -38.62 -0.90 54.30
CA GLU C 86 -38.00 -2.06 54.83
C GLU C 86 -37.66 -3.07 53.76
N ASP C 87 -38.57 -3.16 52.77
CA ASP C 87 -38.45 -4.09 51.67
C ASP C 87 -38.59 -3.39 50.38
N MET C 88 -37.48 -3.05 49.79
CA MET C 88 -37.49 -2.35 48.55
C MET C 88 -38.31 -2.99 47.52
N ALA C 89 -38.49 -4.26 47.66
CA ALA C 89 -39.28 -5.02 46.68
C ALA C 89 -40.76 -4.76 46.80
N MET C 90 -41.10 -3.78 47.62
CA MET C 90 -42.48 -3.47 47.77
C MET C 90 -42.75 -2.20 47.02
N MET C 91 -41.67 -1.55 46.66
CA MET C 91 -41.70 -0.38 45.87
C MET C 91 -42.42 -0.67 44.60
N THR C 92 -43.04 0.37 44.00
CA THR C 92 -43.78 0.21 42.77
C THR C 92 -42.92 0.64 41.66
N HIS C 93 -41.66 0.92 42.04
CA HIS C 93 -40.68 1.35 41.07
C HIS C 93 -39.36 0.63 41.25
N LEU C 94 -39.27 -0.47 40.50
CA LEU C 94 -38.18 -1.38 40.45
C LEU C 94 -37.18 -0.96 39.37
N HIS C 95 -36.29 -0.11 39.81
CA HIS C 95 -35.27 0.47 38.99
C HIS C 95 -33.97 0.12 39.56
N GLU C 96 -32.98 0.68 38.91
CA GLU C 96 -31.66 0.57 39.42
C GLU C 96 -31.44 1.68 40.46
N PRO C 97 -31.77 2.93 40.10
CA PRO C 97 -31.60 4.03 41.00
C PRO C 97 -32.38 3.97 42.31
N ALA C 98 -33.64 3.68 42.20
CA ALA C 98 -34.44 3.60 43.39
C ALA C 98 -33.92 2.67 44.43
N VAL C 99 -33.16 1.69 43.99
CA VAL C 99 -32.64 0.75 44.95
C VAL C 99 -31.44 1.29 45.63
N LEU C 100 -30.63 1.93 44.84
CA LEU C 100 -29.42 2.53 45.35
C LEU C 100 -29.87 3.55 46.37
N TYR C 101 -30.77 4.40 45.92
CA TYR C 101 -31.27 5.48 46.72
C TYR C 101 -31.94 5.11 48.01
N ASN C 102 -32.62 3.97 48.08
CA ASN C 102 -33.29 3.57 49.31
C ASN C 102 -32.32 3.13 50.34
N LEU C 103 -31.32 2.45 49.87
CA LEU C 103 -30.32 1.91 50.77
C LEU C 103 -29.68 3.07 51.42
N LYS C 104 -29.16 3.92 50.54
CA LYS C 104 -28.48 5.16 50.88
C LYS C 104 -29.23 6.01 51.87
N GLU C 105 -30.51 6.25 51.65
CA GLU C 105 -31.22 7.11 52.58
C GLU C 105 -31.33 6.55 53.98
N ARG C 106 -31.57 5.24 54.10
CA ARG C 106 -31.73 4.66 55.41
C ARG C 106 -30.48 4.36 56.12
N TYR C 107 -29.41 4.78 55.48
CA TYR C 107 -28.08 4.56 55.99
C TYR C 107 -27.61 5.85 56.59
N ALA C 108 -27.93 6.93 55.85
CA ALA C 108 -27.64 8.29 56.31
C ALA C 108 -28.42 8.56 57.59
N ALA C 109 -29.35 7.63 57.86
CA ALA C 109 -30.19 7.68 59.02
C ALA C 109 -29.77 6.59 59.96
N TRP C 110 -28.67 5.99 59.59
CA TRP C 110 -28.11 4.92 60.39
C TRP C 110 -28.95 3.70 60.47
N MET C 111 -29.61 3.33 59.38
CA MET C 111 -30.24 2.03 59.39
C MET C 111 -29.46 1.10 58.43
N ILE C 112 -28.79 0.13 59.00
CA ILE C 112 -27.95 -0.77 58.23
C ILE C 112 -28.69 -1.97 57.64
N TYR C 113 -29.85 -2.28 58.15
CA TYR C 113 -30.59 -3.39 57.63
C TYR C 113 -31.82 -3.06 56.90
N THR C 114 -31.71 -3.25 55.61
CA THR C 114 -32.85 -3.07 54.75
C THR C 114 -33.06 -4.33 53.89
N TYR C 115 -34.29 -4.85 53.72
CA TYR C 115 -34.52 -6.06 52.89
C TYR C 115 -34.78 -5.69 51.46
N SER C 116 -34.41 -6.61 50.53
CA SER C 116 -34.61 -6.41 49.07
C SER C 116 -35.16 -7.64 48.46
N GLY C 117 -36.27 -8.09 48.99
CA GLY C 117 -36.89 -9.26 48.52
C GLY C 117 -36.70 -10.27 49.59
N LEU C 118 -35.84 -11.21 49.33
CA LEU C 118 -35.62 -12.24 50.31
C LEU C 118 -34.37 -11.92 51.04
N PHE C 119 -33.58 -11.13 50.35
CA PHE C 119 -32.33 -10.72 50.93
C PHE C 119 -32.44 -9.89 52.14
N CYS C 120 -31.35 -9.82 52.79
CA CYS C 120 -31.21 -9.00 53.95
C CYS C 120 -29.97 -8.21 53.75
N VAL C 121 -30.16 -7.09 53.09
CA VAL C 121 -29.04 -6.26 52.88
C VAL C 121 -28.46 -5.77 54.17
N THR C 122 -27.15 -5.62 54.24
CA THR C 122 -26.42 -5.13 55.43
C THR C 122 -25.28 -4.22 55.03
N VAL C 123 -25.29 -3.04 55.58
CA VAL C 123 -24.25 -2.08 55.26
C VAL C 123 -23.33 -1.82 56.43
N ASN C 124 -22.00 -1.83 56.15
CA ASN C 124 -20.98 -1.61 57.17
C ASN C 124 -21.12 -0.27 57.89
N PRO C 125 -21.44 -0.29 59.20
CA PRO C 125 -21.62 0.97 59.90
C PRO C 125 -20.36 1.81 59.96
N TYR C 126 -19.29 1.17 60.27
CA TYR C 126 -17.98 1.80 60.40
C TYR C 126 -17.85 2.55 61.66
N LYS C 127 -18.74 2.17 62.53
CA LYS C 127 -18.82 2.70 63.86
C LYS C 127 -19.64 1.75 64.71
N TRP C 128 -19.88 2.06 65.99
CA TRP C 128 -20.60 1.15 66.90
C TRP C 128 -22.10 1.41 66.99
N LEU C 129 -22.84 0.31 67.19
CA LEU C 129 -24.29 0.40 67.28
C LEU C 129 -24.87 -0.57 68.35
N PRO C 130 -25.92 -0.09 69.01
CA PRO C 130 -26.61 -0.87 70.02
C PRO C 130 -27.43 -1.97 69.41
N VAL C 131 -27.14 -2.35 68.18
CA VAL C 131 -27.96 -3.35 67.50
C VAL C 131 -27.74 -4.78 67.92
N TYR C 132 -26.53 -5.07 68.33
CA TYR C 132 -26.19 -6.42 68.63
C TYR C 132 -26.55 -6.67 70.07
N ASN C 133 -27.24 -5.62 70.53
CA ASN C 133 -27.77 -5.49 71.89
C ASN C 133 -28.60 -6.61 72.35
N PRO C 134 -28.15 -7.03 73.47
CA PRO C 134 -28.64 -8.12 74.25
C PRO C 134 -30.11 -7.94 74.54
N LYS C 135 -30.69 -6.84 74.13
CA LYS C 135 -32.11 -6.71 74.38
C LYS C 135 -32.80 -7.10 73.13
N VAL C 136 -32.12 -6.76 72.05
CA VAL C 136 -32.65 -7.00 70.74
C VAL C 136 -32.86 -8.47 70.46
N VAL C 137 -31.82 -9.21 70.81
CA VAL C 137 -31.76 -10.63 70.70
C VAL C 137 -33.09 -11.27 71.08
N LEU C 138 -33.65 -10.83 72.21
CA LEU C 138 -34.93 -11.34 72.72
C LEU C 138 -36.06 -10.86 71.87
N ALA C 139 -35.96 -9.57 71.59
CA ALA C 139 -36.99 -8.90 70.84
C ALA C 139 -37.32 -9.60 69.55
N TYR C 140 -36.27 -10.05 68.87
CA TYR C 140 -36.41 -10.70 67.61
C TYR C 140 -36.78 -12.17 67.73
N ARG C 141 -36.91 -12.55 68.98
CA ARG C 141 -37.22 -13.90 69.35
C ARG C 141 -38.71 -14.24 69.27
N GLY C 142 -39.06 -15.09 68.29
CA GLY C 142 -40.40 -15.59 68.03
C GLY C 142 -41.24 -14.69 67.08
N LYS C 143 -40.57 -13.80 66.37
CA LYS C 143 -41.17 -12.82 65.47
C LYS C 143 -41.01 -13.00 63.96
N LYS C 144 -42.13 -13.10 63.23
CA LYS C 144 -42.00 -13.13 61.78
C LYS C 144 -41.40 -11.80 61.30
N ARG C 145 -40.79 -11.76 60.12
CA ARG C 145 -40.15 -10.54 59.70
C ARG C 145 -41.08 -9.42 59.36
N GLN C 146 -42.36 -9.66 59.62
CA GLN C 146 -43.34 -8.63 59.34
C GLN C 146 -43.80 -7.98 60.62
N GLU C 147 -43.47 -8.67 61.72
CA GLU C 147 -43.73 -8.22 63.08
C GLU C 147 -42.59 -7.38 63.65
N ALA C 148 -41.49 -7.27 62.91
CA ALA C 148 -40.34 -6.52 63.29
C ALA C 148 -39.56 -5.94 62.09
N PRO C 149 -38.80 -4.88 62.36
CA PRO C 149 -38.03 -4.18 61.36
C PRO C 149 -36.85 -5.00 60.82
N PRO C 150 -36.35 -4.64 59.66
CA PRO C 150 -35.22 -5.30 59.06
C PRO C 150 -33.99 -5.41 59.93
N HIS C 151 -33.65 -6.69 60.14
CA HIS C 151 -32.53 -7.15 60.92
C HIS C 151 -32.22 -8.66 60.75
N ILE C 152 -30.96 -8.95 60.89
CA ILE C 152 -30.34 -10.24 60.76
C ILE C 152 -30.82 -11.26 61.73
N PHE C 153 -31.20 -10.82 62.90
CA PHE C 153 -31.69 -11.77 63.81
C PHE C 153 -33.05 -12.15 63.26
N SER C 154 -33.59 -11.34 62.38
CA SER C 154 -34.90 -11.72 61.88
C SER C 154 -34.74 -12.95 61.11
N ILE C 155 -33.72 -12.89 60.25
CA ILE C 155 -33.46 -14.00 59.36
C ILE C 155 -33.16 -15.22 60.21
N SER C 156 -32.24 -15.00 61.13
CA SER C 156 -31.72 -16.00 62.00
C SER C 156 -32.72 -16.60 62.93
N ASP C 157 -33.75 -15.90 63.20
CA ASP C 157 -34.70 -16.50 64.12
C ASP C 157 -35.70 -17.29 63.33
N ASN C 158 -36.07 -16.68 62.23
CA ASN C 158 -37.06 -17.28 61.40
C ASN C 158 -36.61 -18.61 60.95
N ALA C 159 -35.30 -18.70 60.74
CA ALA C 159 -34.71 -19.96 60.31
C ALA C 159 -35.05 -21.03 61.29
N TYR C 160 -34.69 -20.71 62.52
CA TYR C 160 -34.95 -21.52 63.68
C TYR C 160 -36.40 -21.94 63.75
N GLN C 161 -37.24 -20.96 63.64
CA GLN C 161 -38.68 -21.16 63.72
C GLN C 161 -39.00 -22.23 62.74
N PHE C 162 -38.88 -21.79 61.51
CA PHE C 162 -39.08 -22.56 60.35
C PHE C 162 -38.49 -23.92 60.48
N MET C 163 -37.38 -23.96 61.18
CA MET C 163 -36.71 -25.19 61.34
C MET C 163 -37.64 -26.12 62.07
N LEU C 164 -38.08 -25.72 63.24
CA LEU C 164 -39.01 -26.56 63.98
C LEU C 164 -40.43 -26.65 63.38
N THR C 165 -40.91 -25.58 62.77
CA THR C 165 -42.23 -25.59 62.20
C THR C 165 -42.42 -26.55 61.04
N ASP C 166 -41.54 -26.43 60.04
CA ASP C 166 -41.58 -27.23 58.82
C ASP C 166 -40.81 -28.58 58.88
N ARG C 167 -39.97 -28.73 59.87
CA ARG C 167 -39.17 -29.94 60.02
C ARG C 167 -38.22 -30.12 58.84
N GLU C 168 -37.68 -29.00 58.38
CA GLU C 168 -36.72 -28.94 57.30
C GLU C 168 -35.45 -28.30 57.75
N ASN C 169 -34.37 -28.63 57.07
CA ASN C 169 -33.13 -27.99 57.47
C ASN C 169 -33.06 -26.65 56.81
N GLN C 170 -32.20 -25.84 57.40
CA GLN C 170 -32.09 -24.47 56.92
C GLN C 170 -30.69 -24.07 56.51
N SER C 171 -30.59 -22.87 55.93
CA SER C 171 -29.29 -22.31 55.56
C SER C 171 -29.37 -20.81 55.50
N ILE C 172 -28.21 -20.22 55.64
CA ILE C 172 -28.03 -18.82 55.61
C ILE C 172 -26.83 -18.56 54.76
N LEU C 173 -27.00 -17.82 53.71
CA LEU C 173 -25.91 -17.56 52.88
C LEU C 173 -25.42 -16.18 52.96
N ILE C 174 -24.26 -15.99 53.62
CA ILE C 174 -23.71 -14.67 53.75
C ILE C 174 -22.68 -14.42 52.67
N THR C 175 -22.72 -13.31 52.01
CA THR C 175 -21.82 -13.05 50.96
C THR C 175 -21.62 -11.56 50.70
N GLY C 176 -20.35 -11.19 50.35
CA GLY C 176 -19.99 -9.80 50.02
C GLY C 176 -18.51 -9.65 49.73
N GLU C 177 -18.07 -8.47 49.29
CA GLU C 177 -16.64 -8.27 49.05
C GLU C 177 -15.81 -8.19 50.34
N SER C 178 -14.52 -8.30 50.14
CA SER C 178 -13.50 -8.30 51.16
C SER C 178 -13.78 -7.40 52.33
N GLY C 179 -14.28 -6.22 52.06
CA GLY C 179 -14.51 -5.31 53.20
C GLY C 179 -15.91 -5.20 53.69
N ALA C 180 -16.83 -5.97 53.12
CA ALA C 180 -18.20 -5.92 53.52
C ALA C 180 -18.49 -6.28 54.97
N GLY C 181 -17.59 -7.08 55.58
CA GLY C 181 -17.75 -7.47 56.98
C GLY C 181 -18.68 -8.64 57.21
N LYS C 182 -18.38 -9.77 56.57
CA LYS C 182 -19.23 -10.93 56.74
C LYS C 182 -18.96 -11.72 58.00
N THR C 183 -17.67 -12.00 58.28
CA THR C 183 -17.23 -12.79 59.46
C THR C 183 -17.97 -12.33 60.67
N VAL C 184 -17.97 -11.01 60.75
CA VAL C 184 -18.66 -10.26 61.81
C VAL C 184 -20.09 -10.69 61.91
N ASN C 185 -20.78 -10.76 60.78
CA ASN C 185 -22.15 -11.15 60.80
C ASN C 185 -22.26 -12.59 61.16
N THR C 186 -21.46 -13.37 60.46
CA THR C 186 -21.47 -14.80 60.61
C THR C 186 -21.34 -15.17 62.04
N LYS C 187 -20.33 -14.57 62.63
CA LYS C 187 -20.09 -14.80 64.02
C LYS C 187 -21.30 -14.45 64.81
N ARG C 188 -21.77 -13.25 64.51
CA ARG C 188 -22.95 -12.71 65.22
C ARG C 188 -24.19 -13.56 65.06
N VAL C 189 -24.29 -14.22 63.94
CA VAL C 189 -25.43 -15.08 63.74
C VAL C 189 -25.29 -16.28 64.64
N ILE C 190 -24.07 -16.77 64.63
CA ILE C 190 -23.72 -17.94 65.40
C ILE C 190 -24.02 -17.78 66.88
N GLN C 191 -23.57 -16.65 67.46
CA GLN C 191 -23.85 -16.39 68.86
C GLN C 191 -25.31 -16.54 69.08
N TYR C 192 -26.04 -15.93 68.17
CA TYR C 192 -27.49 -15.97 68.20
C TYR C 192 -28.03 -17.35 68.40
N PHE C 193 -27.57 -18.29 67.59
CA PHE C 193 -28.03 -19.64 67.74
C PHE C 193 -27.71 -20.18 69.08
N ALA C 194 -26.47 -20.01 69.43
CA ALA C 194 -25.99 -20.57 70.70
C ALA C 194 -26.84 -20.06 71.85
N THR C 195 -27.07 -18.76 71.89
CA THR C 195 -27.85 -18.16 72.95
C THR C 195 -29.28 -18.69 73.02
N ILE C 196 -30.05 -18.35 72.02
CA ILE C 196 -31.44 -18.74 71.93
C ILE C 196 -31.76 -20.24 71.99
N ALA C 197 -30.80 -21.13 72.09
CA ALA C 197 -31.18 -22.52 72.16
C ALA C 197 -30.08 -23.41 72.74
N ALA C 198 -29.59 -23.02 73.93
CA ALA C 198 -28.48 -23.70 74.60
C ALA C 198 -28.80 -24.82 75.61
N SER C 199 -28.04 -25.92 75.50
CA SER C 199 -28.19 -27.09 76.38
C SER C 199 -26.89 -27.50 77.12
N GLY C 200 -26.19 -26.47 77.65
CA GLY C 200 -24.95 -26.65 78.41
C GLY C 200 -25.31 -26.41 79.88
N GLU C 201 -26.17 -27.29 80.35
CA GLU C 201 -26.76 -27.27 81.69
C GLU C 201 -25.76 -27.07 82.81
N LEU C 215 -17.57 -24.90 73.94
CA LEU C 215 -17.94 -24.72 72.56
C LEU C 215 -17.55 -23.34 72.09
N GLU C 216 -18.10 -22.44 72.84
CA GLU C 216 -17.94 -21.03 72.67
C GLU C 216 -16.52 -20.60 72.38
N ASP C 217 -15.59 -21.41 72.74
CA ASP C 217 -14.18 -21.08 72.50
C ASP C 217 -13.71 -21.81 71.26
N GLN C 218 -14.04 -23.12 71.22
CA GLN C 218 -13.66 -23.97 70.11
C GLN C 218 -14.16 -23.26 68.89
N ILE C 219 -15.41 -22.88 69.03
CA ILE C 219 -16.17 -22.15 68.04
C ILE C 219 -15.29 -21.04 67.55
N ILE C 220 -14.79 -20.32 68.49
CA ILE C 220 -13.94 -19.21 68.21
C ILE C 220 -12.58 -19.64 67.73
N SER C 221 -11.92 -20.42 68.57
CA SER C 221 -10.56 -20.89 68.30
C SER C 221 -10.41 -21.40 66.90
N ALA C 222 -11.54 -21.78 66.32
CA ALA C 222 -11.54 -22.32 65.00
C ALA C 222 -10.83 -21.43 64.04
N ASN C 223 -11.28 -20.21 64.01
CA ASN C 223 -10.78 -19.21 63.08
C ASN C 223 -9.29 -19.14 62.91
N PRO C 224 -8.62 -18.80 64.00
CA PRO C 224 -7.18 -18.66 64.04
C PRO C 224 -6.34 -19.83 63.53
N LEU C 225 -6.99 -20.95 63.28
CA LEU C 225 -6.27 -22.11 62.76
C LEU C 225 -6.40 -22.02 61.24
N LEU C 226 -7.65 -22.01 60.82
CA LEU C 226 -8.02 -21.86 59.45
C LEU C 226 -7.28 -20.73 58.79
N GLU C 227 -7.18 -19.64 59.53
CA GLU C 227 -6.53 -18.38 59.11
C GLU C 227 -5.03 -18.55 58.86
N ALA C 228 -4.42 -19.40 59.66
CA ALA C 228 -3.00 -19.66 59.45
C ALA C 228 -2.73 -20.39 58.21
N PHE C 229 -3.74 -21.21 57.83
CA PHE C 229 -3.69 -22.05 56.64
C PHE C 229 -4.40 -21.58 55.44
N GLY C 230 -5.53 -20.91 55.63
CA GLY C 230 -6.25 -20.38 54.50
C GLY C 230 -6.21 -18.88 54.34
N ASN C 231 -5.32 -18.17 55.04
CA ASN C 231 -5.20 -16.72 54.96
C ASN C 231 -3.80 -16.27 54.63
N ALA C 232 -3.71 -15.12 54.02
CA ALA C 232 -2.44 -14.61 53.62
C ALA C 232 -2.45 -13.13 53.30
N LYS C 233 -1.30 -12.55 53.19
CA LYS C 233 -1.16 -11.18 52.84
C LYS C 233 -1.41 -10.96 51.41
N THR C 234 -2.48 -10.33 51.11
CA THR C 234 -2.87 -9.96 49.75
C THR C 234 -2.39 -8.54 49.60
N VAL C 235 -2.31 -8.08 48.38
CA VAL C 235 -1.89 -6.73 48.10
C VAL C 235 -2.92 -5.72 48.60
N ARG C 236 -4.13 -6.20 48.84
CA ARG C 236 -5.25 -5.40 49.33
C ARG C 236 -5.40 -5.45 50.84
N ASN C 237 -5.49 -6.66 51.36
CA ASN C 237 -5.60 -6.90 52.77
C ASN C 237 -4.27 -7.49 53.28
N ASP C 238 -4.11 -7.58 54.58
CA ASP C 238 -2.87 -8.09 55.16
C ASP C 238 -3.14 -9.46 55.70
N ASN C 239 -4.43 -9.72 55.85
CA ASN C 239 -5.00 -10.98 56.32
C ASN C 239 -6.18 -11.32 55.46
N SER C 240 -6.00 -11.54 54.13
CA SER C 240 -7.10 -11.85 53.26
C SER C 240 -7.52 -13.27 53.32
N SER C 241 -8.84 -13.49 53.25
CA SER C 241 -9.44 -14.82 53.28
C SER C 241 -9.24 -15.47 51.92
N ARG C 242 -8.46 -16.55 51.82
CA ARG C 242 -8.27 -17.14 50.52
C ARG C 242 -9.14 -18.27 50.25
N PHE C 243 -10.33 -17.16 53.74
CA PHE C 243 -10.92 -18.43 53.37
C PHE C 243 -12.41 -18.46 53.55
N GLY C 244 -13.06 -19.46 52.97
CA GLY C 244 -14.51 -19.62 53.04
C GLY C 244 -14.90 -20.61 54.06
N LYS C 245 -16.18 -20.62 54.44
CA LYS C 245 -16.54 -21.59 55.44
C LYS C 245 -17.98 -21.93 55.57
N PHE C 246 -18.20 -23.16 56.05
CA PHE C 246 -19.51 -23.70 56.21
C PHE C 246 -19.67 -24.50 57.45
N ILE C 247 -20.48 -23.99 58.36
CA ILE C 247 -20.81 -24.59 59.62
C ILE C 247 -22.16 -25.22 59.70
N ARG C 248 -22.21 -26.42 60.24
CA ARG C 248 -23.49 -27.01 60.34
C ARG C 248 -23.90 -27.09 61.76
N ILE C 249 -24.82 -26.26 62.15
CA ILE C 249 -25.23 -26.36 63.51
C ILE C 249 -26.35 -27.33 63.60
N HIS C 250 -26.00 -28.40 64.23
CA HIS C 250 -26.93 -29.50 64.32
C HIS C 250 -27.79 -29.36 65.52
N PHE C 251 -29.01 -28.97 65.28
CA PHE C 251 -29.92 -28.84 66.36
C PHE C 251 -30.50 -30.18 66.70
N GLY C 252 -30.94 -30.32 67.94
CA GLY C 252 -31.50 -31.57 68.40
C GLY C 252 -32.97 -31.73 67.99
N ALA C 253 -33.67 -32.64 68.67
CA ALA C 253 -35.07 -32.97 68.42
C ALA C 253 -35.99 -31.99 69.12
N THR C 254 -35.60 -31.74 70.35
CA THR C 254 -36.28 -30.81 71.20
C THR C 254 -36.23 -29.50 70.46
N GLY C 255 -35.01 -29.09 70.16
CA GLY C 255 -34.75 -27.85 69.50
C GLY C 255 -33.45 -27.25 70.10
N LYS C 256 -32.84 -28.00 71.01
CA LYS C 256 -31.65 -27.55 71.68
C LYS C 256 -30.39 -28.10 70.97
N LEU C 257 -29.35 -27.25 70.99
CA LEU C 257 -28.04 -27.53 70.38
C LEU C 257 -27.54 -28.94 70.56
N ALA C 258 -26.93 -29.51 69.51
CA ALA C 258 -26.40 -30.90 69.56
C ALA C 258 -25.02 -31.11 68.91
N SER C 259 -24.77 -30.46 67.76
CA SER C 259 -23.49 -30.57 67.08
C SER C 259 -23.23 -29.46 66.13
N ALA C 260 -21.97 -29.43 65.71
CA ALA C 260 -21.45 -28.46 64.76
C ALA C 260 -20.54 -29.13 63.76
N ASP C 261 -20.23 -28.42 62.70
CA ASP C 261 -19.46 -28.99 61.63
C ASP C 261 -18.77 -27.98 60.74
N ILE C 262 -17.50 -27.80 60.85
CA ILE C 262 -16.89 -26.87 59.93
C ILE C 262 -16.25 -27.46 58.73
N GLU C 263 -16.21 -26.64 57.68
CA GLU C 263 -15.56 -26.97 56.43
C GLU C 263 -14.97 -25.74 55.80
N THR C 264 -13.74 -25.90 55.36
CA THR C 264 -12.99 -24.79 54.82
C THR C 264 -12.77 -24.92 53.34
N TYR C 265 -12.79 -23.80 52.66
CA TYR C 265 -12.63 -23.73 51.23
C TYR C 265 -11.68 -22.64 50.86
N LEU C 266 -10.87 -22.92 49.89
CA LEU C 266 -9.98 -21.98 49.32
C LEU C 266 -9.23 -21.04 50.23
N LEU C 267 -8.17 -21.52 50.80
CA LEU C 267 -7.37 -20.77 51.65
C LEU C 267 -6.32 -20.01 50.89
N GLU C 268 -7.46 -21.18 47.64
CA GLU C 268 -6.45 -20.71 46.73
C GLU C 268 -5.24 -21.58 46.76
N LYS C 269 -5.32 -22.74 46.11
CA LYS C 269 -4.23 -23.73 46.06
C LYS C 269 -2.93 -23.18 45.50
N SER C 270 -3.06 -22.28 44.59
CA SER C 270 -1.90 -21.68 43.98
C SER C 270 -0.91 -20.98 44.93
N ARG C 271 -1.37 -20.37 46.04
CA ARG C 271 -0.49 -19.66 46.95
C ARG C 271 0.59 -20.58 47.40
N VAL C 272 0.17 -21.81 47.74
CA VAL C 272 1.07 -22.82 48.19
C VAL C 272 2.32 -22.96 47.35
N THR C 273 2.23 -22.59 46.08
CA THR C 273 3.33 -22.79 45.13
C THR C 273 3.79 -21.51 44.51
N PHE C 274 2.94 -20.53 44.61
CA PHE C 274 3.19 -19.26 44.02
C PHE C 274 2.73 -18.16 44.85
N GLN C 275 3.14 -17.00 44.38
CA GLN C 275 2.87 -15.76 45.03
C GLN C 275 3.31 -14.57 44.18
N LEU C 276 2.40 -13.62 44.14
CA LEU C 276 2.69 -12.40 43.46
C LEU C 276 3.74 -11.65 44.30
N PRO C 277 4.36 -10.71 43.64
CA PRO C 277 5.43 -9.88 44.15
C PRO C 277 5.18 -9.07 45.38
N ALA C 278 3.95 -8.62 45.57
CA ALA C 278 3.67 -7.85 46.76
C ALA C 278 2.92 -8.67 47.79
N GLU C 279 2.74 -9.94 47.46
CA GLU C 279 1.99 -10.82 48.31
C GLU C 279 2.83 -11.88 48.95
N ARG C 280 2.13 -12.73 49.63
CA ARG C 280 2.77 -13.79 50.26
C ARG C 280 1.89 -14.98 50.48
N SER C 281 2.49 -16.07 50.80
CA SER C 281 1.73 -17.25 50.98
C SER C 281 1.08 -17.27 52.31
N TYR C 282 0.42 -18.42 52.57
CA TYR C 282 -0.29 -18.63 53.77
C TYR C 282 0.55 -18.25 54.96
N HIS C 283 -0.03 -17.94 56.07
CA HIS C 283 0.76 -17.47 57.16
C HIS C 283 1.64 -18.51 57.79
N ILE C 284 1.00 -19.66 58.01
CA ILE C 284 1.61 -20.76 58.67
C ILE C 284 3.09 -20.89 58.47
N PHE C 285 3.45 -20.78 57.25
CA PHE C 285 4.85 -20.95 56.82
C PHE C 285 5.66 -19.98 57.48
N TYR C 286 5.24 -18.74 57.42
CA TYR C 286 6.01 -17.68 58.02
C TYR C 286 5.88 -17.74 59.50
N GLN C 287 4.78 -18.29 59.97
CA GLN C 287 4.60 -18.40 61.38
C GLN C 287 5.73 -19.28 61.89
N ILE C 288 5.73 -20.51 61.44
CA ILE C 288 6.67 -21.55 61.76
C ILE C 288 8.16 -21.20 61.68
N MET C 289 8.55 -20.53 60.64
CA MET C 289 9.93 -20.12 60.47
C MET C 289 10.29 -18.91 61.32
N SER C 290 9.29 -18.42 62.05
CA SER C 290 9.49 -17.26 62.90
C SER C 290 10.45 -17.56 64.01
N ASN C 291 10.42 -18.80 64.48
CA ASN C 291 11.27 -19.32 65.53
C ASN C 291 10.78 -19.16 66.93
N LYS C 292 9.53 -19.19 67.17
CA LYS C 292 9.11 -19.06 68.54
C LYS C 292 9.15 -20.37 69.32
N LYS C 293 9.15 -21.41 68.55
CA LYS C 293 9.16 -22.81 68.95
C LYS C 293 10.27 -23.48 68.16
N PRO C 294 11.54 -23.17 68.53
CA PRO C 294 12.69 -23.67 67.78
C PRO C 294 12.73 -25.15 67.43
N GLU C 295 12.16 -26.04 68.28
CA GLU C 295 12.11 -27.46 68.01
C GLU C 295 11.58 -27.76 66.67
N LEU C 296 10.52 -27.04 66.40
CA LEU C 296 9.78 -27.11 65.13
C LEU C 296 10.71 -27.04 63.92
N ILE C 297 11.62 -26.07 63.96
CA ILE C 297 12.57 -25.86 62.89
C ILE C 297 13.47 -27.09 62.60
N ASP C 298 13.88 -27.74 63.68
CA ASP C 298 14.74 -28.88 63.64
C ASP C 298 13.89 -30.12 63.39
N MET C 299 12.71 -30.04 63.89
CA MET C 299 11.79 -31.13 63.76
C MET C 299 11.39 -31.32 62.29
N LEU C 300 11.17 -30.19 61.63
CA LEU C 300 10.76 -30.15 60.23
C LEU C 300 11.94 -30.21 59.32
N LEU C 301 13.09 -29.90 59.85
CA LEU C 301 14.29 -29.93 59.08
C LEU C 301 14.40 -28.80 58.14
N ILE C 302 14.11 -27.61 58.65
CA ILE C 302 14.21 -26.45 57.80
C ILE C 302 15.05 -25.40 58.45
N THR C 303 15.15 -24.32 57.76
CA THR C 303 15.81 -23.20 58.28
C THR C 303 14.80 -22.16 58.69
N THR C 304 15.29 -20.99 59.06
CA THR C 304 14.47 -19.85 59.50
C THR C 304 14.36 -18.76 58.42
N ASN C 305 15.19 -18.89 57.37
CA ASN C 305 15.30 -18.06 56.20
C ASN C 305 14.50 -18.63 55.07
N PRO C 306 13.42 -17.96 54.70
CA PRO C 306 12.45 -18.39 53.72
C PRO C 306 12.95 -18.42 52.34
N TYR C 307 14.04 -17.75 52.17
CA TYR C 307 14.56 -17.78 50.83
C TYR C 307 15.16 -19.12 50.49
N ASP C 308 14.94 -20.11 51.35
CA ASP C 308 15.43 -21.50 51.19
C ASP C 308 14.30 -22.36 50.67
N TYR C 309 13.13 -21.73 50.58
CA TYR C 309 11.96 -22.36 50.16
C TYR C 309 11.25 -21.54 49.17
N HIS C 310 11.71 -21.72 47.94
CA HIS C 310 11.18 -21.10 46.75
C HIS C 310 9.63 -20.93 46.70
N TYR C 311 8.91 -21.98 47.01
CA TYR C 311 7.50 -22.04 47.03
C TYR C 311 6.92 -20.91 47.83
N VAL C 312 7.57 -20.54 48.94
CA VAL C 312 7.08 -19.52 49.85
C VAL C 312 7.81 -18.19 49.96
N SER C 313 8.72 -17.89 49.07
CA SER C 313 9.33 -16.59 49.16
C SER C 313 9.42 -15.99 47.79
N GLN C 314 8.41 -16.18 47.00
CA GLN C 314 8.46 -15.65 45.67
C GLN C 314 7.99 -14.21 45.74
N GLY C 315 7.22 -13.95 46.77
CA GLY C 315 6.71 -12.62 46.93
C GLY C 315 7.39 -12.00 48.08
N GLU C 316 6.65 -11.78 49.17
CA GLU C 316 7.17 -11.14 50.33
C GLU C 316 7.21 -12.15 51.46
N ILE C 317 8.02 -11.85 52.47
CA ILE C 317 8.20 -12.73 53.61
C ILE C 317 7.70 -12.13 54.91
N THR C 318 7.90 -10.83 55.02
CA THR C 318 7.49 -10.19 56.25
C THR C 318 6.50 -9.04 56.05
N VAL C 319 5.59 -8.96 57.00
CA VAL C 319 4.55 -7.94 57.06
C VAL C 319 4.56 -7.32 58.45
N PRO C 320 4.79 -6.00 58.46
CA PRO C 320 4.93 -5.21 59.67
C PRO C 320 3.77 -5.28 60.65
N SER C 321 2.54 -5.28 60.10
CA SER C 321 1.36 -5.36 60.91
C SER C 321 1.08 -6.71 61.53
N ILE C 322 1.88 -7.73 61.18
CA ILE C 322 1.71 -9.10 61.67
C ILE C 322 2.92 -9.58 62.47
N ASP C 323 2.62 -10.26 63.60
CA ASP C 323 3.64 -10.79 64.50
C ASP C 323 3.59 -12.31 64.44
N ASP C 324 4.29 -12.84 63.45
CA ASP C 324 4.32 -14.26 63.16
C ASP C 324 4.58 -15.11 64.41
N GLN C 325 5.34 -14.55 65.32
CA GLN C 325 5.71 -15.24 66.54
C GLN C 325 4.55 -15.46 67.45
N GLU C 326 3.68 -14.46 67.56
CA GLU C 326 2.50 -14.48 68.44
C GLU C 326 1.43 -15.44 67.91
N GLU C 327 1.28 -15.33 66.62
CA GLU C 327 0.33 -16.13 65.93
C GLU C 327 0.61 -17.59 66.02
N LEU C 328 1.89 -17.93 65.85
CA LEU C 328 2.34 -19.30 65.93
C LEU C 328 1.78 -20.00 67.13
N MET C 329 1.78 -19.27 68.21
CA MET C 329 1.20 -19.82 69.43
C MET C 329 -0.26 -19.86 69.37
N ALA C 330 -0.82 -18.76 68.85
CA ALA C 330 -2.27 -18.67 68.75
C ALA C 330 -2.79 -19.90 68.05
N THR C 331 -2.12 -20.11 66.97
CA THR C 331 -2.38 -21.21 66.13
C THR C 331 -2.23 -22.46 66.88
N ASP C 332 -1.05 -22.59 67.43
CA ASP C 332 -0.67 -23.78 68.21
C ASP C 332 -1.72 -24.16 69.22
N SER C 333 -1.95 -23.21 70.12
CA SER C 333 -2.93 -23.33 71.17
C SER C 333 -4.32 -23.66 70.67
N ALA C 334 -4.71 -23.07 69.54
CA ALA C 334 -5.97 -23.34 68.97
C ALA C 334 -6.13 -24.82 68.61
N ILE C 335 -5.04 -25.37 68.09
CA ILE C 335 -5.07 -26.75 67.66
C ILE C 335 -5.50 -27.66 68.78
N ASP C 336 -4.82 -27.45 69.87
CA ASP C 336 -5.05 -28.13 71.11
C ASP C 336 -6.49 -28.03 71.53
N ILE C 337 -6.96 -26.81 71.67
CA ILE C 337 -8.32 -26.58 72.10
C ILE C 337 -9.28 -27.23 71.21
N LEU C 338 -8.84 -27.23 69.98
CA LEU C 338 -9.65 -27.89 69.00
C LEU C 338 -9.70 -29.41 69.18
N GLY C 339 -8.93 -29.92 70.14
CA GLY C 339 -8.96 -31.35 70.45
C GLY C 339 -8.11 -32.28 69.60
N PHE C 340 -7.24 -31.69 68.80
CA PHE C 340 -6.42 -32.51 67.96
C PHE C 340 -5.43 -33.31 68.79
N SER C 341 -5.15 -34.51 68.32
CA SER C 341 -4.12 -35.34 68.93
C SER C 341 -2.74 -34.79 68.66
N ALA C 342 -1.81 -34.98 69.60
CA ALA C 342 -0.49 -34.37 69.42
C ALA C 342 0.15 -34.81 68.14
N ASP C 343 -0.01 -36.08 67.95
CA ASP C 343 0.41 -36.76 66.76
C ASP C 343 -0.14 -36.00 65.53
N GLU C 344 -1.48 -35.80 65.50
CA GLU C 344 -2.08 -35.10 64.40
C GLU C 344 -1.50 -33.75 64.38
N LYS C 345 -1.39 -33.19 65.58
CA LYS C 345 -0.83 -31.86 65.71
C LYS C 345 0.61 -31.89 65.28
N THR C 346 1.11 -33.10 65.17
CA THR C 346 2.47 -33.30 64.73
C THR C 346 2.43 -33.53 63.20
N ALA C 347 1.43 -34.26 62.71
CA ALA C 347 1.29 -34.50 61.33
C ALA C 347 1.20 -33.19 60.58
N ILE C 348 0.36 -32.38 61.10
CA ILE C 348 0.08 -31.06 60.56
C ILE C 348 1.35 -30.33 60.36
N TYR C 349 2.11 -30.28 61.42
CA TYR C 349 3.31 -29.54 61.27
C TYR C 349 4.17 -30.25 60.29
N LYS C 350 4.63 -31.44 60.61
CA LYS C 350 5.51 -32.22 59.74
C LYS C 350 5.07 -32.20 58.28
N LEU C 351 3.76 -32.27 58.07
CA LEU C 351 3.21 -32.27 56.75
C LEU C 351 3.35 -30.93 56.04
N THR C 352 3.28 -29.86 56.80
CA THR C 352 3.37 -28.52 56.27
C THR C 352 4.77 -28.18 55.87
N GLY C 353 5.74 -28.93 56.33
CA GLY C 353 7.14 -28.68 56.02
C GLY C 353 7.56 -29.50 54.85
N ALA C 354 6.98 -30.70 54.74
CA ALA C 354 7.28 -31.56 53.60
C ALA C 354 7.09 -30.76 52.30
N VAL C 355 5.95 -30.12 52.28
CA VAL C 355 5.50 -29.29 51.20
C VAL C 355 6.51 -28.24 50.85
N MET C 356 7.11 -27.65 51.81
CA MET C 356 8.14 -26.62 51.57
C MET C 356 9.28 -27.24 50.86
N HIS C 357 9.65 -28.39 51.38
CA HIS C 357 10.75 -29.22 50.86
C HIS C 357 10.54 -29.65 49.44
N TYR C 358 9.32 -29.99 49.11
CA TYR C 358 9.03 -30.43 47.78
C TYR C 358 9.48 -29.41 46.76
N GLY C 359 9.15 -28.20 47.03
CA GLY C 359 9.51 -27.12 46.15
C GLY C 359 10.98 -26.97 46.02
N ASN C 360 11.70 -27.73 46.84
CA ASN C 360 13.18 -27.72 46.80
C ASN C 360 13.70 -28.94 46.06
N LEU C 361 12.80 -29.86 45.83
CA LEU C 361 13.13 -31.04 45.11
C LEU C 361 13.57 -30.64 43.73
N LYS C 362 14.76 -31.10 43.36
CA LYS C 362 15.40 -30.80 42.09
C LYS C 362 15.69 -32.04 41.29
N PHE C 363 15.67 -31.83 39.99
CA PHE C 363 15.91 -32.90 39.03
C PHE C 363 16.78 -32.45 37.89
N LYS C 364 17.30 -33.47 37.19
CA LYS C 364 18.15 -33.34 36.00
C LYS C 364 17.93 -34.41 34.94
N GLN C 365 18.17 -34.01 33.73
CA GLN C 365 18.04 -34.83 32.54
C GLN C 365 19.05 -35.94 32.52
N LYS C 366 18.54 -37.09 32.28
CA LYS C 366 19.42 -38.23 32.18
C LYS C 366 20.17 -38.00 30.89
N GLN C 367 21.44 -38.39 30.84
CA GLN C 367 22.26 -38.21 29.64
C GLN C 367 21.78 -38.97 28.42
N ARG C 368 21.73 -38.26 27.29
CA ARG C 368 21.33 -38.84 26.01
C ARG C 368 19.90 -39.27 26.01
N GLU C 369 19.26 -38.97 27.09
CA GLU C 369 17.87 -39.29 27.27
C GLU C 369 17.20 -37.99 27.65
N GLU C 370 15.91 -37.98 27.44
CA GLU C 370 15.10 -36.83 27.75
C GLU C 370 14.36 -37.11 29.05
N GLN C 371 14.89 -38.06 29.80
CA GLN C 371 14.26 -38.41 31.03
C GLN C 371 14.79 -37.64 32.16
N ALA C 372 13.93 -37.60 33.16
CA ALA C 372 14.22 -36.97 34.40
C ALA C 372 14.81 -37.97 35.33
N GLU C 373 15.87 -37.54 35.95
CA GLU C 373 16.56 -38.30 36.93
C GLU C 373 16.82 -37.36 38.10
N PRO C 374 16.66 -37.87 39.32
CA PRO C 374 16.86 -37.10 40.52
C PRO C 374 18.21 -36.42 40.57
N ASP C 375 18.21 -35.17 41.00
CA ASP C 375 19.42 -34.42 41.11
C ASP C 375 19.95 -34.46 42.54
N GLY C 376 19.69 -35.54 43.27
CA GLY C 376 20.18 -35.62 44.64
C GLY C 376 19.13 -36.20 45.57
N THR C 377 19.62 -36.81 46.66
CA THR C 377 18.75 -37.35 47.69
C THR C 377 19.11 -36.74 49.02
N GLU C 378 18.96 -35.45 49.04
CA GLU C 378 19.25 -34.62 50.17
C GLU C 378 17.91 -34.22 50.78
N VAL C 379 17.09 -33.68 49.88
CA VAL C 379 15.81 -33.17 50.19
C VAL C 379 14.77 -34.21 50.16
N ALA C 380 14.92 -35.10 49.27
CA ALA C 380 13.92 -36.12 49.14
C ALA C 380 13.85 -36.85 50.42
N ASP C 381 15.01 -36.98 50.98
CA ASP C 381 15.23 -37.74 52.20
C ASP C 381 14.38 -37.19 53.29
N LYS C 382 14.41 -35.87 53.36
CA LYS C 382 13.66 -35.14 54.37
C LYS C 382 12.19 -35.21 54.11
N ALA C 383 11.84 -34.97 52.86
CA ALA C 383 10.44 -34.99 52.52
C ALA C 383 9.95 -36.37 52.81
N ALA C 384 10.71 -37.35 52.44
CA ALA C 384 10.35 -38.73 52.63
C ALA C 384 10.11 -39.10 54.07
N TYR C 385 10.99 -38.69 54.92
CA TYR C 385 10.95 -38.99 56.32
C TYR C 385 9.79 -38.30 57.03
N LEU C 386 9.63 -37.05 56.69
CA LEU C 386 8.63 -36.20 57.26
C LEU C 386 7.27 -36.67 56.94
N MET C 387 7.13 -37.38 55.80
CA MET C 387 5.83 -37.90 55.40
C MET C 387 5.65 -39.38 55.76
N GLY C 388 6.70 -40.01 56.25
CA GLY C 388 6.64 -41.43 56.59
C GLY C 388 6.72 -42.27 55.32
N LEU C 389 7.61 -41.85 54.44
CA LEU C 389 7.86 -42.44 53.14
C LEU C 389 9.31 -42.97 53.01
N ASN C 390 9.60 -43.54 51.86
CA ASN C 390 10.87 -44.04 51.52
C ASN C 390 11.42 -43.23 50.34
N SER C 391 12.55 -42.60 50.56
CA SER C 391 13.22 -41.73 49.60
C SER C 391 13.19 -42.26 48.19
N ALA C 392 13.59 -43.49 48.06
CA ALA C 392 13.74 -44.12 46.75
C ALA C 392 12.46 -44.28 46.02
N GLU C 393 11.63 -45.08 46.66
CA GLU C 393 10.37 -45.49 46.17
C GLU C 393 9.69 -44.28 45.68
N LEU C 394 9.90 -43.21 46.45
CA LEU C 394 9.31 -41.90 46.17
C LEU C 394 9.87 -41.30 44.86
N LEU C 395 11.18 -41.25 44.75
CA LEU C 395 11.80 -40.65 43.59
C LEU C 395 11.57 -41.40 42.31
N LYS C 396 11.25 -42.69 42.46
CA LYS C 396 10.99 -43.53 41.32
C LYS C 396 9.65 -43.16 40.73
N ALA C 397 8.65 -43.39 41.57
CA ALA C 397 7.26 -43.11 41.30
C ALA C 397 7.15 -41.76 40.64
N LEU C 398 7.90 -40.82 41.17
CA LEU C 398 7.93 -39.47 40.63
C LEU C 398 8.49 -39.40 39.23
N CYS C 399 9.64 -40.10 39.02
CA CYS C 399 10.37 -40.11 37.76
C CYS C 399 9.82 -41.11 36.74
N TYR C 400 9.46 -42.29 37.21
CA TYR C 400 8.94 -43.35 36.39
C TYR C 400 7.56 -43.75 36.83
N PRO C 401 6.68 -42.82 36.70
CA PRO C 401 5.28 -42.98 37.01
C PRO C 401 4.78 -44.24 36.40
N ARG C 402 4.34 -45.19 37.23
CA ARG C 402 3.78 -46.45 36.72
C ARG C 402 2.26 -46.41 36.69
N VAL C 403 1.82 -46.18 35.47
CA VAL C 403 0.45 -46.02 35.01
C VAL C 403 -0.24 -47.36 34.76
N LYS C 404 -1.51 -47.29 34.32
CA LYS C 404 -2.36 -48.47 34.03
C LYS C 404 -3.33 -48.31 32.83
N VAL C 405 -2.76 -48.15 31.61
CA VAL C 405 -3.46 -47.99 30.30
C VAL C 405 -3.80 -49.34 29.64
N GLY C 406 -5.08 -49.59 29.53
CA GLY C 406 -5.58 -50.84 28.99
C GLY C 406 -6.17 -51.57 30.19
N ASN C 407 -5.66 -52.77 30.48
CA ASN C 407 -6.14 -53.52 31.63
C ASN C 407 -5.02 -53.85 32.60
N GLU C 408 -3.87 -53.26 32.31
CA GLU C 408 -2.68 -53.45 33.09
C GLU C 408 -2.14 -52.14 33.65
N PHE C 409 -0.85 -52.20 33.98
CA PHE C 409 -0.12 -51.10 34.54
C PHE C 409 1.22 -50.89 33.82
N VAL C 410 1.19 -49.89 32.93
CA VAL C 410 2.28 -49.49 32.07
C VAL C 410 3.19 -48.42 32.63
N THR C 411 4.44 -48.78 32.84
CA THR C 411 5.39 -47.80 33.36
C THR C 411 5.81 -46.73 32.36
N LYS C 412 5.47 -45.48 32.73
CA LYS C 412 5.72 -44.28 31.95
C LYS C 412 6.81 -43.39 32.48
N GLY C 413 7.59 -42.87 31.54
CA GLY C 413 8.69 -41.98 31.85
C GLY C 413 8.33 -40.51 31.64
N GLN C 414 8.83 -39.69 32.55
CA GLN C 414 8.57 -38.28 32.50
C GLN C 414 9.78 -37.41 32.27
N THR C 415 9.50 -36.18 31.85
CA THR C 415 10.49 -35.20 31.58
C THR C 415 10.76 -34.37 32.81
N VAL C 416 11.81 -33.59 32.75
CA VAL C 416 12.19 -32.75 33.84
C VAL C 416 11.00 -31.82 34.12
N SER C 417 10.57 -31.14 33.09
CA SER C 417 9.42 -30.23 33.19
C SER C 417 8.19 -30.91 33.71
N GLN C 418 8.06 -32.19 33.46
CA GLN C 418 6.89 -32.91 33.88
C GLN C 418 6.90 -33.22 35.36
N VAL C 419 8.10 -33.40 35.88
CA VAL C 419 8.26 -33.76 37.28
C VAL C 419 7.99 -32.57 38.14
N HIS C 420 8.74 -31.53 37.85
CA HIS C 420 8.63 -30.28 38.60
C HIS C 420 7.20 -29.90 38.73
N ASN C 421 6.45 -30.11 37.66
CA ASN C 421 5.05 -29.79 37.64
C ASN C 421 4.27 -30.81 38.46
N SER C 422 4.62 -32.09 38.39
CA SER C 422 3.83 -33.03 39.19
C SER C 422 4.00 -32.86 40.68
N VAL C 423 5.19 -32.57 41.03
CA VAL C 423 5.54 -32.35 42.41
C VAL C 423 4.65 -31.26 42.95
N GLY C 424 4.68 -30.15 42.26
CA GLY C 424 3.87 -29.04 42.58
C GLY C 424 2.42 -29.43 42.70
N ALA C 425 2.01 -30.37 41.87
CA ALA C 425 0.65 -30.81 41.98
C ALA C 425 0.35 -31.54 43.24
N LEU C 426 1.32 -32.33 43.69
CA LEU C 426 1.05 -33.02 44.97
C LEU C 426 1.08 -32.06 46.15
N ALA C 427 2.12 -31.18 46.17
CA ALA C 427 2.31 -30.20 47.16
C ALA C 427 1.00 -29.53 47.42
N LYS C 428 0.40 -29.06 46.34
CA LYS C 428 -0.89 -28.41 46.45
C LYS C 428 -1.95 -29.37 46.90
N ALA C 429 -2.00 -30.53 46.25
CA ALA C 429 -3.00 -31.53 46.58
C ALA C 429 -3.01 -31.85 48.06
N VAL C 430 -1.85 -32.17 48.56
CA VAL C 430 -1.67 -32.49 49.97
C VAL C 430 -2.11 -31.44 50.94
N TYR C 431 -1.64 -30.22 50.67
CA TYR C 431 -2.01 -29.08 51.50
C TYR C 431 -3.50 -28.94 51.62
N GLU C 432 -4.14 -28.89 50.43
CA GLU C 432 -5.56 -28.79 50.36
C GLU C 432 -6.26 -29.75 51.24
N LYS C 433 -6.24 -30.98 50.81
CA LYS C 433 -6.78 -32.14 51.56
C LYS C 433 -6.68 -31.98 53.05
N MET C 434 -5.46 -31.71 53.45
CA MET C 434 -5.14 -31.50 54.85
C MET C 434 -6.03 -30.46 55.43
N PHE C 435 -6.05 -29.36 54.73
CA PHE C 435 -6.88 -28.26 55.14
C PHE C 435 -8.29 -28.69 55.29
N LEU C 436 -8.71 -29.54 54.34
CA LEU C 436 -10.08 -30.04 54.39
C LEU C 436 -10.28 -30.87 55.63
N TRP C 437 -9.32 -31.73 55.87
CA TRP C 437 -9.35 -32.61 57.01
C TRP C 437 -9.48 -31.85 58.31
N MET C 438 -8.59 -30.86 58.47
CA MET C 438 -8.58 -30.04 59.67
C MET C 438 -9.96 -29.55 59.95
N VAL C 439 -10.57 -29.06 58.87
CA VAL C 439 -11.93 -28.58 59.02
C VAL C 439 -12.83 -29.65 59.57
N ILE C 440 -12.81 -30.80 58.93
CA ILE C 440 -13.61 -31.92 59.40
C ILE C 440 -13.36 -32.24 60.85
N ARG C 441 -12.12 -32.35 61.18
CA ARG C 441 -11.77 -32.66 62.53
C ARG C 441 -12.33 -31.62 63.47
N ILE C 442 -12.32 -30.39 63.01
CA ILE C 442 -12.83 -29.31 63.84
C ILE C 442 -14.30 -29.61 64.08
N ASN C 443 -15.04 -29.71 62.99
CA ASN C 443 -16.44 -30.02 62.95
C ASN C 443 -16.75 -31.16 63.93
N GLN C 444 -15.83 -32.11 63.96
CA GLN C 444 -16.01 -33.25 64.83
C GLN C 444 -16.08 -32.97 66.28
N GLN C 445 -15.27 -32.03 66.67
CA GLN C 445 -15.28 -31.64 68.04
C GLN C 445 -16.50 -30.80 68.29
N LEU C 446 -16.81 -29.98 67.29
CA LEU C 446 -17.94 -29.08 67.36
C LEU C 446 -19.26 -29.82 67.31
N ASP C 447 -18.14 -33.07 67.99
CA ASP C 447 -18.91 -34.27 67.72
C ASP C 447 -19.44 -34.83 68.99
N THR C 448 -20.76 -34.92 69.03
CA THR C 448 -21.35 -35.46 70.22
C THR C 448 -22.10 -36.68 69.81
N LYS C 449 -22.51 -37.43 70.82
CA LYS C 449 -23.27 -38.65 70.61
C LYS C 449 -24.75 -38.37 70.48
N GLN C 450 -25.24 -37.33 71.22
CA GLN C 450 -26.66 -36.94 71.18
C GLN C 450 -27.23 -36.91 69.78
N PRO C 451 -28.51 -37.28 69.66
CA PRO C 451 -29.17 -37.35 68.38
C PRO C 451 -29.32 -35.98 67.77
N ARG C 452 -29.39 -36.00 66.43
CA ARG C 452 -29.53 -34.81 65.61
C ARG C 452 -30.70 -35.01 64.66
N GLN C 453 -31.58 -33.97 64.55
CA GLN C 453 -32.71 -34.16 63.66
C GLN C 453 -32.67 -33.22 62.48
N TYR C 454 -32.06 -32.06 62.74
CA TYR C 454 -31.88 -31.04 61.71
C TYR C 454 -30.71 -30.15 62.03
N PHE C 455 -30.32 -29.39 61.01
CA PHE C 455 -29.19 -28.50 61.17
C PHE C 455 -29.47 -27.20 60.47
N ILE C 456 -28.64 -26.22 60.80
CA ILE C 456 -28.77 -24.93 60.17
C ILE C 456 -27.41 -24.55 59.65
N GLY C 457 -27.31 -24.51 58.34
CA GLY C 457 -26.05 -24.21 57.73
C GLY C 457 -25.84 -22.75 57.49
N VAL C 458 -24.65 -22.35 57.91
CA VAL C 458 -24.21 -21.01 57.79
C VAL C 458 -23.01 -20.98 56.87
N LEU C 459 -23.20 -20.48 55.70
CA LEU C 459 -22.20 -20.41 54.69
C LEU C 459 -21.64 -19.01 54.54
N ASP C 460 -20.33 -18.92 54.64
CA ASP C 460 -19.57 -17.70 54.50
C ASP C 460 -18.48 -17.94 53.48
N ILE C 461 -18.55 -17.20 52.39
CA ILE C 461 -17.68 -17.26 51.25
C ILE C 461 -17.73 -15.91 50.57
N ALA C 462 -16.83 -15.71 49.65
CA ALA C 462 -16.80 -14.53 48.88
C ALA C 462 -17.73 -14.49 47.69
N GLY C 463 -17.98 -13.26 47.27
CA GLY C 463 -18.84 -13.06 46.16
C GLY C 463 -18.05 -12.64 45.01
N PHE C 464 -18.68 -12.84 43.88
CA PHE C 464 -18.19 -12.50 42.59
C PHE C 464 -17.57 -11.14 42.62
N GLU C 465 -16.28 -11.15 42.42
CA GLU C 465 -15.46 -9.96 42.38
C GLU C 465 -14.81 -9.95 41.00
N ILE C 466 -14.76 -8.77 40.45
CA ILE C 466 -14.17 -8.66 39.16
C ILE C 466 -12.93 -7.84 39.24
N PHE C 467 -11.87 -8.34 38.71
CA PHE C 467 -10.66 -7.55 38.75
C PHE C 467 -10.12 -7.39 37.37
N ASP C 468 -9.31 -6.37 37.22
CA ASP C 468 -8.74 -6.16 35.91
C ASP C 468 -7.93 -7.37 35.59
N PHE C 469 -7.49 -8.02 36.70
CA PHE C 469 -6.72 -9.24 36.60
C PHE C 469 -7.43 -10.43 37.21
N ASN C 470 -7.91 -11.33 36.36
CA ASN C 470 -8.57 -12.48 36.88
C ASN C 470 -7.82 -13.75 36.58
N SER C 471 -7.40 -14.37 37.63
CA SER C 471 -6.69 -15.60 37.47
C SER C 471 -7.51 -16.74 38.00
N PHE C 472 -6.82 -17.88 38.05
CA PHE C 472 -7.40 -19.14 38.42
C PHE C 472 -8.31 -19.08 39.61
N GLU C 473 -7.79 -18.45 40.63
CA GLU C 473 -8.55 -18.35 41.88
C GLU C 473 -9.91 -17.67 41.67
N GLN C 474 -9.95 -16.70 40.75
CA GLN C 474 -11.15 -15.98 40.45
C GLN C 474 -12.20 -16.87 39.81
N LEU C 475 -11.72 -17.66 38.90
CA LEU C 475 -12.62 -18.59 38.25
C LEU C 475 -13.30 -19.48 39.32
N CYS C 476 -12.48 -20.08 40.19
CA CYS C 476 -13.00 -20.95 41.20
C CYS C 476 -14.07 -20.26 42.04
N ILE C 477 -13.80 -19.04 42.44
CA ILE C 477 -14.77 -18.34 43.25
C ILE C 477 -15.99 -17.94 42.46
N ASN C 478 -15.75 -17.35 41.28
CA ASN C 478 -16.86 -16.92 40.44
C ASN C 478 -17.76 -18.06 40.15
N PHE C 479 -17.15 -19.16 39.84
CA PHE C 479 -17.90 -20.34 39.54
C PHE C 479 -18.75 -20.72 40.71
N THR C 480 -18.21 -20.53 41.92
CA THR C 480 -18.95 -20.88 43.08
C THR C 480 -20.17 -20.03 43.16
N ASN C 481 -19.95 -18.75 42.96
CA ASN C 481 -21.03 -17.79 43.04
C ASN C 481 -22.07 -17.98 41.92
N GLU C 482 -21.62 -18.19 40.70
CA GLU C 482 -22.61 -18.32 39.66
C GLU C 482 -23.53 -19.48 39.92
N LYS C 483 -23.12 -20.38 40.73
CA LYS C 483 -23.88 -21.55 41.08
C LYS C 483 -24.88 -21.18 42.11
N LEU C 484 -24.36 -20.54 43.17
CA LEU C 484 -25.12 -20.05 44.32
C LEU C 484 -26.31 -19.21 43.85
N GLN C 485 -26.02 -18.35 42.87
CA GLN C 485 -27.01 -17.49 42.25
C GLN C 485 -28.17 -18.26 41.64
N GLN C 486 -27.86 -19.24 40.80
CA GLN C 486 -28.82 -20.09 40.16
C GLN C 486 -29.63 -20.77 41.17
N PHE C 487 -28.95 -20.97 42.29
CA PHE C 487 -29.57 -21.68 43.43
C PHE C 487 -30.70 -20.90 44.01
N PHE C 488 -30.48 -19.61 43.98
CA PHE C 488 -31.46 -18.66 44.42
C PHE C 488 -32.60 -18.50 43.40
N ASN C 489 -32.21 -18.06 42.20
CA ASN C 489 -33.12 -17.84 41.08
C ASN C 489 -34.16 -18.94 40.96
N HIS C 490 -33.76 -20.12 41.39
CA HIS C 490 -34.67 -21.22 41.31
C HIS C 490 -35.62 -21.18 42.46
N HIS C 491 -35.05 -21.06 43.66
CA HIS C 491 -35.81 -21.02 44.91
C HIS C 491 -36.85 -19.96 44.78
N MET C 492 -36.53 -18.95 44.04
CA MET C 492 -37.46 -17.88 43.85
C MET C 492 -38.53 -18.24 42.87
N PHE C 493 -38.15 -19.05 41.92
CA PHE C 493 -39.08 -19.46 40.93
C PHE C 493 -40.03 -20.40 41.55
N VAL C 494 -39.54 -21.23 42.32
CA VAL C 494 -40.37 -22.15 43.02
C VAL C 494 -41.34 -21.42 43.89
N LEU C 495 -40.78 -20.53 44.68
CA LEU C 495 -41.46 -19.67 45.65
C LEU C 495 -42.56 -18.83 45.02
N GLU C 496 -42.18 -18.07 44.00
CA GLU C 496 -43.11 -17.21 43.28
C GLU C 496 -44.38 -17.98 42.89
N GLN C 497 -44.14 -19.00 42.12
CA GLN C 497 -45.12 -19.89 41.59
C GLN C 497 -46.10 -20.46 42.62
N GLU C 498 -45.73 -20.39 43.88
CA GLU C 498 -46.62 -20.90 44.89
C GLU C 498 -47.72 -19.87 45.08
N GLU C 499 -47.32 -18.60 45.10
CA GLU C 499 -48.26 -17.50 45.30
C GLU C 499 -49.31 -17.56 44.24
N TYR C 500 -48.87 -17.43 43.00
CA TYR C 500 -49.83 -17.49 41.92
C TYR C 500 -50.72 -18.73 41.97
N LYS C 501 -50.34 -19.69 42.80
CA LYS C 501 -51.05 -20.93 42.92
C LYS C 501 -51.98 -20.82 44.10
N LYS C 502 -51.47 -20.16 45.12
CA LYS C 502 -52.22 -19.89 46.35
C LYS C 502 -53.38 -18.93 46.01
N GLU C 503 -53.03 -17.84 45.36
CA GLU C 503 -54.00 -16.86 44.95
C GLU C 503 -54.88 -17.34 43.82
N GLY C 504 -54.30 -17.92 42.84
CA GLY C 504 -55.21 -18.30 41.81
C GLY C 504 -54.96 -17.45 40.62
N ILE C 505 -53.80 -16.82 40.62
CA ILE C 505 -53.48 -16.05 39.45
C ILE C 505 -53.03 -17.01 38.36
N GLU C 506 -53.09 -16.56 37.13
CA GLU C 506 -52.68 -17.38 36.06
C GLU C 506 -51.43 -16.86 35.40
N TRP C 507 -50.27 -17.24 35.95
CA TRP C 507 -48.99 -16.81 35.45
C TRP C 507 -48.09 -18.00 35.16
N GLU C 508 -47.62 -18.13 33.90
CA GLU C 508 -46.73 -19.22 33.60
C GLU C 508 -45.35 -18.73 33.34
N PHE C 509 -44.40 -19.47 33.89
CA PHE C 509 -43.06 -19.07 33.72
C PHE C 509 -42.09 -20.21 33.97
N ILE C 510 -41.02 -20.08 33.24
CA ILE C 510 -39.88 -20.94 33.20
C ILE C 510 -38.97 -20.64 34.41
N ASP C 511 -38.29 -21.67 34.91
CA ASP C 511 -37.35 -21.57 36.01
C ASP C 511 -36.42 -20.43 35.78
N PHE C 512 -36.08 -19.63 36.78
CA PHE C 512 -35.19 -18.53 36.49
C PHE C 512 -33.78 -18.95 36.51
N GLY C 513 -33.53 -20.13 37.04
CA GLY C 513 -32.17 -20.60 37.07
C GLY C 513 -31.59 -20.81 35.66
N MET C 514 -32.36 -21.48 34.88
CA MET C 514 -32.10 -21.86 33.53
C MET C 514 -31.28 -20.89 32.78
N ASP C 515 -31.45 -19.65 33.12
CA ASP C 515 -30.68 -18.68 32.35
C ASP C 515 -29.21 -18.87 32.51
N LEU C 516 -28.83 -19.41 33.67
CA LEU C 516 -27.42 -19.56 33.94
C LEU C 516 -26.80 -20.87 33.59
N ALA C 517 -27.60 -21.88 33.35
CA ALA C 517 -27.09 -23.20 33.03
C ALA C 517 -26.06 -23.19 31.93
N ALA C 518 -26.18 -22.29 31.00
CA ALA C 518 -25.23 -22.17 29.94
C ALA C 518 -23.85 -22.01 30.48
N CYS C 519 -23.66 -21.00 31.32
CA CYS C 519 -22.33 -20.77 31.86
C CYS C 519 -21.81 -21.91 32.71
N ILE C 520 -22.65 -22.39 33.58
CA ILE C 520 -22.21 -23.51 34.39
C ILE C 520 -21.74 -24.72 33.59
N GLU C 521 -22.55 -25.18 32.63
CA GLU C 521 -22.13 -26.34 31.85
C GLU C 521 -20.73 -26.18 31.26
N LEU C 522 -20.44 -25.01 30.74
CA LEU C 522 -19.19 -24.68 30.07
C LEU C 522 -18.00 -24.87 30.99
N ILE C 523 -18.23 -24.65 32.27
CA ILE C 523 -17.17 -24.80 33.24
C ILE C 523 -17.01 -26.20 33.78
N GLU C 524 -18.11 -26.73 34.30
CA GLU C 524 -18.14 -28.03 34.96
C GLU C 524 -18.36 -29.27 34.13
N LYS C 525 -18.90 -29.13 32.96
CA LYS C 525 -19.18 -30.27 32.12
C LYS C 525 -17.88 -30.84 31.60
N PRO C 526 -17.97 -32.08 31.07
CA PRO C 526 -16.83 -32.82 30.55
C PRO C 526 -15.89 -32.18 29.55
N MET C 527 -16.38 -31.53 28.51
CA MET C 527 -15.33 -30.99 27.65
C MET C 527 -15.06 -29.56 27.98
N GLY C 528 -15.60 -29.14 29.13
CA GLY C 528 -15.50 -27.79 29.64
C GLY C 528 -14.17 -27.46 30.31
N ILE C 529 -13.95 -26.15 30.48
CA ILE C 529 -12.74 -25.55 31.05
C ILE C 529 -11.95 -26.36 32.02
N PHE C 530 -12.60 -26.71 33.10
CA PHE C 530 -11.93 -27.51 34.12
C PHE C 530 -11.32 -28.78 33.56
N SER C 531 -12.14 -29.57 32.83
CA SER C 531 -11.64 -30.78 32.23
C SER C 531 -10.39 -30.54 31.39
N ILE C 532 -10.55 -29.71 30.37
CA ILE C 532 -9.42 -29.35 29.53
C ILE C 532 -8.25 -28.90 30.42
N LEU C 533 -8.61 -28.27 31.53
CA LEU C 533 -7.62 -27.87 32.46
C LEU C 533 -7.01 -29.04 33.18
N GLU C 534 -7.82 -29.92 33.65
CA GLU C 534 -7.31 -31.05 34.38
C GLU C 534 -6.81 -32.19 33.56
N GLU C 535 -6.92 -32.09 32.26
CA GLU C 535 -6.45 -33.21 31.44
C GLU C 535 -5.03 -32.92 31.16
N GLU C 536 -4.88 -31.74 30.54
CA GLU C 536 -3.56 -31.23 30.19
C GLU C 536 -2.56 -31.38 31.35
N CYS C 537 -3.09 -31.40 32.55
CA CYS C 537 -2.26 -31.51 33.71
C CYS C 537 -1.63 -32.86 33.75
N MET C 538 -2.10 -33.73 32.85
CA MET C 538 -1.63 -35.14 32.79
C MET C 538 -0.53 -35.30 31.75
N PHE C 539 -0.39 -34.30 30.90
CA PHE C 539 0.57 -34.25 29.85
C PHE C 539 1.88 -33.66 30.40
N PRO C 540 2.85 -34.52 30.56
CA PRO C 540 4.15 -34.20 31.10
C PRO C 540 4.86 -33.07 30.42
N LYS C 541 4.39 -32.67 29.29
CA LYS C 541 5.09 -31.64 28.51
C LYS C 541 4.10 -30.64 27.92
N ALA C 542 3.10 -30.31 28.72
CA ALA C 542 2.11 -29.35 28.27
C ALA C 542 2.47 -27.95 28.70
N THR C 543 1.88 -26.97 28.05
CA THR C 543 2.17 -25.59 28.36
C THR C 543 0.88 -24.88 28.65
N ASP C 544 1.02 -23.74 29.28
CA ASP C 544 -0.12 -22.90 29.55
C ASP C 544 -0.68 -22.63 28.14
N THR C 545 0.25 -22.32 27.25
CA THR C 545 -0.05 -22.06 25.86
C THR C 545 -0.73 -23.25 25.22
N SER C 546 -0.24 -24.43 25.55
CA SER C 546 -0.84 -25.63 25.02
C SER C 546 -2.29 -25.66 25.43
N PHE C 547 -2.50 -25.65 26.74
CA PHE C 547 -3.78 -25.63 27.38
C PHE C 547 -4.70 -24.64 26.73
N LYS C 548 -4.15 -23.45 26.55
CA LYS C 548 -4.92 -22.36 25.95
C LYS C 548 -5.55 -22.81 24.65
N ASN C 549 -4.71 -23.24 23.72
CA ASN C 549 -5.20 -23.65 22.41
C ASN C 549 -6.28 -24.70 22.52
N LYS C 550 -6.09 -25.62 23.46
CA LYS C 550 -7.05 -26.68 23.58
C LYS C 550 -8.38 -26.12 23.99
N LEU C 551 -8.27 -25.07 24.76
CA LEU C 551 -9.43 -24.39 25.24
C LEU C 551 -10.18 -23.82 24.06
N TYR C 552 -9.43 -23.21 23.16
CA TYR C 552 -10.12 -22.57 22.04
C TYR C 552 -10.68 -23.51 21.02
N ASP C 553 -9.78 -24.27 20.42
CA ASP C 553 -10.11 -25.23 19.37
C ASP C 553 -11.45 -25.90 19.63
N GLN C 554 -11.71 -26.08 20.93
CA GLN C 554 -12.93 -26.75 21.36
C GLN C 554 -14.08 -25.87 21.77
N HIS C 555 -13.83 -24.67 22.25
CA HIS C 555 -14.99 -23.90 22.67
C HIS C 555 -15.26 -22.69 21.81
N LEU C 556 -14.18 -22.14 21.27
CA LEU C 556 -14.32 -20.97 20.46
C LEU C 556 -15.14 -21.13 19.20
N GLY C 557 -16.06 -20.19 19.07
CA GLY C 557 -16.98 -20.11 17.96
C GLY C 557 -18.16 -21.05 18.16
N LYS C 558 -17.94 -22.10 18.93
CA LYS C 558 -18.92 -23.10 19.19
C LYS C 558 -19.71 -22.81 20.44
N SER C 559 -19.12 -21.98 21.28
CA SER C 559 -19.76 -21.61 22.53
C SER C 559 -19.90 -20.14 22.71
N ASN C 560 -21.11 -19.75 23.10
CA ASN C 560 -21.54 -18.38 23.18
C ASN C 560 -20.98 -17.66 24.41
N ASN C 561 -20.93 -18.36 25.50
CA ASN C 561 -20.46 -17.76 26.71
C ASN C 561 -18.96 -17.63 26.69
N PHE C 562 -18.41 -18.30 25.70
CA PHE C 562 -16.99 -18.33 25.46
C PHE C 562 -16.59 -17.25 24.47
N GLN C 563 -15.56 -16.51 24.82
CA GLN C 563 -15.16 -15.39 24.02
C GLN C 563 -13.66 -15.12 24.16
N LYS C 564 -13.11 -14.41 23.19
CA LYS C 564 -11.71 -14.01 23.23
C LYS C 564 -11.66 -12.59 23.69
N PRO C 565 -10.77 -12.30 24.63
CA PRO C 565 -10.64 -10.98 25.21
C PRO C 565 -10.41 -9.86 24.23
N LYS C 566 -11.04 -8.73 24.58
CA LYS C 566 -10.99 -7.46 23.89
C LYS C 566 -9.91 -6.60 24.56
N PRO C 567 -8.72 -6.52 23.96
CA PRO C 567 -7.63 -5.75 24.55
C PRO C 567 -8.05 -4.33 24.97
N ALA C 568 -7.55 -3.91 26.14
CA ALA C 568 -7.82 -2.58 26.71
C ALA C 568 -6.68 -2.11 27.63
N ALA C 572 -3.86 -5.75 32.86
CA ALA C 572 -2.97 -6.62 32.13
C ALA C 572 -3.56 -7.27 30.87
N GLU C 573 -3.12 -8.50 30.61
CA GLU C 573 -3.50 -9.29 29.46
C GLU C 573 -4.71 -10.19 29.74
N ALA C 574 -5.19 -10.90 28.72
CA ALA C 574 -6.33 -11.74 28.95
C ALA C 574 -6.37 -12.85 27.92
N HIS C 575 -6.85 -14.02 28.32
CA HIS C 575 -6.88 -15.09 27.37
C HIS C 575 -8.24 -15.53 27.05
N PHE C 576 -9.14 -15.22 27.95
CA PHE C 576 -10.46 -15.63 27.67
C PHE C 576 -11.42 -15.08 28.64
N SER C 577 -12.51 -14.67 28.06
CA SER C 577 -13.55 -14.08 28.78
C SER C 577 -14.69 -15.04 28.78
N LEU C 578 -15.43 -14.93 29.84
CA LEU C 578 -16.62 -15.68 30.08
C LEU C 578 -17.77 -14.74 30.35
N VAL C 579 -18.95 -15.22 30.09
CA VAL C 579 -20.12 -14.41 30.31
C VAL C 579 -20.98 -14.90 31.47
N HIS C 580 -20.58 -14.46 32.65
CA HIS C 580 -21.25 -14.83 33.88
C HIS C 580 -22.48 -13.96 34.06
N TYR C 581 -23.38 -14.34 34.99
CA TYR C 581 -24.57 -13.54 35.19
C TYR C 581 -24.27 -12.07 35.51
N ALA C 582 -23.22 -11.87 36.34
CA ALA C 582 -22.81 -10.52 36.75
C ALA C 582 -22.18 -9.69 35.63
N GLY C 583 -21.60 -10.42 34.69
CA GLY C 583 -20.97 -9.81 33.54
C GLY C 583 -19.86 -10.65 32.96
N THR C 584 -19.02 -9.96 32.16
CA THR C 584 -17.90 -10.54 31.45
C THR C 584 -16.63 -10.50 32.24
N VAL C 585 -16.05 -11.66 32.40
CA VAL C 585 -14.80 -11.71 33.15
C VAL C 585 -13.68 -12.14 32.22
N ASP C 586 -12.64 -11.33 32.24
CA ASP C 586 -11.46 -11.54 31.42
C ASP C 586 -10.45 -12.32 32.23
N TYR C 587 -10.24 -13.56 31.81
CA TYR C 587 -9.35 -14.49 32.54
C TYR C 587 -8.00 -14.67 31.89
N ASN C 588 -6.98 -14.63 32.75
CA ASN C 588 -5.58 -14.84 32.39
C ASN C 588 -5.15 -16.19 32.88
N ILE C 589 -4.70 -17.00 31.96
CA ILE C 589 -4.29 -18.39 32.16
C ILE C 589 -2.82 -18.56 32.34
N SER C 590 -2.26 -18.13 33.42
CA SER C 590 -0.83 -18.29 33.43
C SER C 590 -0.33 -18.72 34.77
N GLY C 591 -0.15 -20.02 34.87
CA GLY C 591 0.36 -20.60 36.07
C GLY C 591 -0.56 -21.67 36.46
N TRP C 592 -1.65 -21.61 35.68
CA TRP C 592 -2.74 -22.51 35.97
C TRP C 592 -2.31 -23.92 36.05
N LEU C 593 -1.64 -24.31 34.97
CA LEU C 593 -1.18 -25.71 34.85
C LEU C 593 -0.48 -26.15 36.12
N GLU C 594 0.47 -25.34 36.52
CA GLU C 594 1.22 -25.57 37.75
C GLU C 594 0.40 -25.58 39.00
N LYS C 595 -0.23 -24.43 39.23
CA LYS C 595 -1.06 -24.20 40.38
C LYS C 595 -1.98 -25.33 40.54
N ASN C 596 -2.42 -25.80 39.40
CA ASN C 596 -3.33 -26.91 39.40
C ASN C 596 -2.65 -28.26 39.67
N LYS C 597 -1.36 -28.35 39.60
CA LYS C 597 -0.67 -29.64 39.80
C LYS C 597 -0.19 -29.88 41.22
N ASP C 598 -0.07 -28.80 41.93
CA ASP C 598 0.41 -28.82 43.29
C ASP C 598 1.65 -29.64 43.42
N PRO C 599 -5.20 -33.67 37.71
CA PRO C 599 -4.25 -34.72 37.44
C PRO C 599 -3.20 -34.86 38.54
N LEU C 600 -3.12 -36.06 39.09
CA LEU C 600 -2.20 -36.40 40.17
C LEU C 600 -1.49 -37.73 39.90
N ASN C 601 -0.18 -37.80 40.10
CA ASN C 601 0.57 -39.03 39.90
C ASN C 601 0.18 -40.05 40.92
N GLU C 602 -0.62 -40.92 40.45
CA GLU C 602 -1.20 -41.98 41.22
C GLU C 602 -0.23 -42.95 41.87
N THR C 603 1.00 -43.01 41.34
CA THR C 603 1.96 -43.91 41.92
C THR C 603 2.33 -43.43 43.28
N VAL C 604 2.62 -42.15 43.31
CA VAL C 604 2.97 -41.45 44.55
C VAL C 604 1.87 -41.53 45.59
N ILE C 605 0.68 -41.20 45.14
CA ILE C 605 -0.47 -41.22 45.99
C ILE C 605 -0.54 -42.56 46.65
N GLY C 606 -0.02 -43.52 45.90
CA GLY C 606 -0.01 -44.89 46.38
C GLY C 606 0.75 -44.92 47.65
N LEU C 607 1.96 -44.41 47.55
CA LEU C 607 2.86 -44.34 48.70
C LEU C 607 2.22 -43.65 49.88
N TYR C 608 1.53 -42.55 49.60
CA TYR C 608 0.90 -41.82 50.68
C TYR C 608 -0.05 -42.75 51.36
N GLN C 609 -0.81 -43.37 50.51
CA GLN C 609 -1.85 -44.28 50.97
C GLN C 609 -1.35 -45.33 51.95
N LYS C 610 -0.05 -45.61 51.92
CA LYS C 610 0.55 -46.58 52.82
C LYS C 610 1.66 -46.00 53.65
N SER C 611 1.48 -44.74 54.04
CA SER C 611 2.45 -44.04 54.87
C SER C 611 2.47 -44.52 56.31
N SER C 612 3.54 -44.17 56.97
CA SER C 612 3.70 -44.51 58.39
C SER C 612 3.04 -43.42 59.22
N VAL C 613 2.69 -42.34 58.51
CA VAL C 613 2.06 -41.17 59.07
C VAL C 613 0.59 -41.19 58.74
N LYS C 614 -0.14 -41.91 59.59
CA LYS C 614 -1.55 -42.25 59.52
C LYS C 614 -2.39 -41.16 58.90
N THR C 615 -2.24 -40.00 59.45
CA THR C 615 -2.93 -38.83 58.98
C THR C 615 -2.74 -38.63 57.49
N LEU C 616 -1.52 -38.67 57.05
CA LEU C 616 -1.23 -38.54 55.63
C LEU C 616 -1.90 -39.63 54.94
N ALA C 617 -1.82 -40.81 55.54
CA ALA C 617 -2.48 -41.94 54.95
C ALA C 617 -3.95 -41.67 54.80
N LEU C 618 -4.54 -41.17 55.82
CA LEU C 618 -5.95 -40.90 55.78
C LEU C 618 -6.43 -40.02 54.68
N LEU C 619 -5.85 -38.80 54.67
CA LEU C 619 -6.19 -37.76 53.70
C LEU C 619 -6.45 -38.29 52.30
N PHE C 620 -5.74 -39.35 51.96
CA PHE C 620 -5.82 -39.89 50.58
C PHE C 620 -6.39 -41.31 50.55
N ALA C 621 -7.57 -41.55 51.12
CA ALA C 621 -8.22 -42.89 51.10
C ALA C 621 -9.41 -42.95 50.16
N THR C 622 -9.88 -41.76 49.85
CA THR C 622 -10.99 -41.52 48.96
C THR C 622 -10.53 -41.51 47.48
N TYR C 623 -9.26 -41.80 47.29
CA TYR C 623 -8.73 -41.78 45.97
C TYR C 623 -9.06 -43.06 45.20
N GLN C 644 -4.19 -36.75 40.57
CA GLN C 644 -5.23 -35.87 41.12
C GLN C 644 -4.84 -34.39 41.17
N THR C 645 -5.75 -33.61 40.57
CA THR C 645 -5.61 -32.18 40.46
C THR C 645 -6.22 -31.40 41.64
N VAL C 646 -5.98 -30.10 41.65
CA VAL C 646 -6.44 -29.20 42.68
C VAL C 646 -7.89 -28.87 42.44
N SER C 647 -8.14 -28.50 41.19
CA SER C 647 -9.47 -28.17 40.76
C SER C 647 -10.35 -29.38 40.86
N ALA C 648 -9.74 -30.57 40.82
CA ALA C 648 -10.44 -31.83 40.95
C ALA C 648 -11.26 -31.94 42.23
N LEU C 649 -10.75 -31.40 43.32
CA LEU C 649 -11.47 -31.43 44.62
C LEU C 649 -12.50 -30.38 44.72
N PHE C 650 -11.95 -29.16 44.57
CA PHE C 650 -12.68 -27.91 44.63
C PHE C 650 -14.09 -28.20 44.13
N ARG C 651 -14.14 -28.88 43.01
CA ARG C 651 -15.35 -29.29 42.39
C ARG C 651 -16.10 -30.25 43.34
N GLU C 652 -15.45 -31.32 43.79
CA GLU C 652 -15.98 -32.37 44.68
C GLU C 652 -16.54 -31.82 45.98
N ASN C 653 -15.84 -30.84 46.47
CA ASN C 653 -16.18 -30.16 47.68
C ASN C 653 -17.38 -29.24 47.41
N LEU C 654 -17.26 -28.52 46.31
CA LEU C 654 -18.31 -27.62 45.84
C LEU C 654 -19.56 -28.37 45.49
N ASN C 655 -19.47 -29.66 45.36
CA ASN C 655 -20.64 -30.46 45.01
C ASN C 655 -21.34 -30.99 46.21
N LYS C 656 -20.51 -31.36 47.14
CA LYS C 656 -20.88 -31.91 48.39
C LYS C 656 -21.61 -30.84 49.15
N LEU C 657 -21.29 -29.60 48.77
CA LEU C 657 -21.77 -28.38 49.39
C LEU C 657 -23.10 -27.99 48.83
N MET C 658 -23.11 -27.76 47.53
CA MET C 658 -24.33 -27.38 46.81
C MET C 658 -25.41 -28.44 46.99
N ALA C 659 -25.02 -29.63 47.46
CA ALA C 659 -25.96 -30.72 47.69
C ALA C 659 -26.54 -30.57 49.06
N ASN C 660 -25.70 -30.11 49.94
CA ASN C 660 -26.07 -29.90 51.33
C ASN C 660 -26.98 -28.66 51.35
N LEU C 661 -26.72 -27.78 50.40
CA LEU C 661 -27.44 -26.54 50.29
C LEU C 661 -28.89 -26.80 49.82
N ARG C 662 -29.09 -27.86 49.05
CA ARG C 662 -30.38 -28.26 48.49
C ARG C 662 -31.35 -28.83 49.53
N SER C 663 -30.86 -29.76 50.36
CA SER C 663 -31.66 -30.36 51.43
C SER C 663 -31.83 -29.36 52.53
N THR C 664 -31.87 -28.10 52.11
CA THR C 664 -31.94 -26.96 52.95
C THR C 664 -32.95 -25.97 52.46
N HIS C 665 -33.52 -25.23 53.42
CA HIS C 665 -34.37 -24.10 53.11
C HIS C 665 -33.53 -22.82 53.12
N PRO C 666 -33.11 -22.38 51.97
CA PRO C 666 -32.19 -21.31 51.79
C PRO C 666 -32.71 -20.02 52.38
N HIS C 667 -31.82 -19.37 53.14
CA HIS C 667 -32.01 -18.08 53.75
C HIS C 667 -30.81 -17.24 53.35
N PHE C 668 -31.05 -16.14 52.68
CA PHE C 668 -30.06 -15.25 52.11
C PHE C 668 -29.76 -13.93 52.83
N VAL C 669 -28.49 -13.60 52.89
CA VAL C 669 -27.95 -12.42 53.50
C VAL C 669 -26.81 -11.84 52.67
N ARG C 670 -26.97 -10.63 52.19
CA ARG C 670 -26.04 -9.92 51.35
C ARG C 670 -25.41 -8.75 52.10
N CYS C 671 -24.09 -8.84 52.33
CA CYS C 671 -23.35 -7.84 53.07
C CYS C 671 -22.78 -6.77 52.15
N ILE C 672 -22.92 -5.49 52.50
CA ILE C 672 -22.47 -4.41 51.66
C ILE C 672 -21.44 -3.45 52.28
N ILE C 673 -20.60 -2.89 51.41
CA ILE C 673 -19.51 -2.00 51.79
C ILE C 673 -19.67 -0.65 51.12
N PRO C 674 -19.99 0.31 51.95
CA PRO C 674 -20.32 1.68 51.65
C PRO C 674 -19.32 2.46 50.89
N ASN C 675 -18.15 2.68 51.51
CA ASN C 675 -17.09 3.45 50.85
C ASN C 675 -15.72 2.93 51.17
N GLU C 676 -14.90 2.85 50.13
CA GLU C 676 -13.53 2.37 50.27
C GLU C 676 -12.78 3.12 51.34
N THR C 677 -13.18 4.36 51.52
CA THR C 677 -12.53 5.22 52.50
C THR C 677 -12.88 4.97 53.95
N LYS C 678 -13.70 4.00 54.31
CA LYS C 678 -13.98 3.80 55.75
C LYS C 678 -14.62 4.97 56.49
N THR C 679 -15.82 5.32 56.12
CA THR C 679 -16.51 6.44 56.74
C THR C 679 -17.93 6.07 57.03
N PRO C 680 -18.34 6.19 58.25
CA PRO C 680 -19.72 5.84 58.56
C PRO C 680 -20.64 6.86 57.93
N GLY C 681 -21.89 6.47 57.73
CA GLY C 681 -22.93 7.27 57.12
C GLY C 681 -22.67 7.73 55.67
N ALA C 682 -21.77 7.07 54.98
CA ALA C 682 -21.46 7.48 53.60
C ALA C 682 -21.51 6.35 52.57
N MET C 683 -21.59 6.71 51.30
CA MET C 683 -21.70 5.69 50.33
C MET C 683 -21.19 6.02 48.93
N GLU C 684 -20.22 5.32 48.36
CA GLU C 684 -19.96 5.77 46.99
C GLU C 684 -21.01 5.08 46.16
N HIS C 685 -21.51 5.77 45.18
CA HIS C 685 -22.53 5.18 44.38
C HIS C 685 -22.14 3.94 43.63
N GLU C 686 -21.39 4.16 42.58
CA GLU C 686 -21.00 3.09 41.72
C GLU C 686 -20.38 1.92 42.41
N LEU C 687 -19.87 2.17 43.57
CA LEU C 687 -19.27 1.11 44.36
C LEU C 687 -20.35 0.20 44.92
N VAL C 688 -21.41 0.78 45.46
CA VAL C 688 -22.54 0.02 45.95
C VAL C 688 -23.30 -0.61 44.75
N LEU C 689 -23.38 0.16 43.67
CA LEU C 689 -24.06 -0.29 42.48
C LEU C 689 -23.50 -1.61 42.00
N HIS C 690 -22.20 -1.67 42.00
CA HIS C 690 -21.50 -2.86 41.61
C HIS C 690 -21.98 -4.08 42.36
N GLN C 691 -21.81 -3.97 43.65
CA GLN C 691 -22.15 -5.03 44.52
C GLN C 691 -23.52 -5.52 44.26
N LEU C 692 -24.39 -4.57 44.06
CA LEU C 692 -25.77 -4.93 43.80
C LEU C 692 -26.00 -5.87 42.64
N ARG C 693 -25.16 -5.73 41.60
CA ARG C 693 -25.32 -6.55 40.42
C ARG C 693 -24.80 -7.95 40.60
N CYS C 694 -23.64 -7.97 41.24
CA CYS C 694 -22.92 -9.18 41.54
C CYS C 694 -23.49 -9.84 42.78
N ASN C 695 -24.35 -9.15 43.46
CA ASN C 695 -24.92 -9.66 44.70
C ASN C 695 -25.97 -10.69 44.46
N GLY C 696 -26.83 -10.32 43.52
CA GLY C 696 -28.02 -10.99 43.15
C GLY C 696 -29.23 -10.09 43.39
N VAL C 697 -29.01 -9.02 44.13
CA VAL C 697 -30.03 -8.08 44.51
C VAL C 697 -30.71 -7.48 43.30
N LEU C 698 -29.89 -7.09 42.34
CA LEU C 698 -30.46 -6.50 41.15
C LEU C 698 -31.11 -7.52 40.28
N GLU C 699 -30.77 -8.76 40.49
CA GLU C 699 -31.37 -9.80 39.66
C GLU C 699 -32.66 -10.26 40.29
N GLY C 700 -32.76 -10.04 41.58
CA GLY C 700 -33.97 -10.44 42.27
C GLY C 700 -35.05 -9.43 42.01
N ILE C 701 -34.62 -8.20 41.73
CA ILE C 701 -35.53 -7.14 41.46
C ILE C 701 -36.09 -7.34 40.09
N ARG C 702 -35.21 -7.74 39.18
CA ARG C 702 -35.57 -8.04 37.79
C ARG C 702 -36.70 -9.04 37.68
N ILE C 703 -36.39 -10.19 38.23
CA ILE C 703 -37.29 -11.33 38.30
C ILE C 703 -38.60 -10.96 38.97
N CYS C 704 -38.52 -9.94 39.82
CA CYS C 704 -39.68 -9.52 40.52
C CYS C 704 -40.57 -8.75 39.58
N ARG C 705 -39.92 -7.82 38.91
CA ARG C 705 -40.54 -6.95 37.97
C ARG C 705 -41.04 -7.62 36.71
N LYS C 706 -41.00 -8.93 36.68
CA LYS C 706 -41.44 -9.59 35.47
C LYS C 706 -42.80 -10.15 35.74
N GLY C 707 -43.02 -10.52 36.98
CA GLY C 707 -44.34 -11.01 37.34
C GLY C 707 -45.19 -9.82 37.75
N PHE C 708 -45.81 -9.97 38.89
CA PHE C 708 -46.60 -8.94 39.49
C PHE C 708 -46.00 -8.60 40.87
N PRO C 709 -45.05 -7.66 40.83
CA PRO C 709 -44.33 -7.24 42.00
C PRO C 709 -45.23 -6.92 43.20
N SER C 710 -45.60 -5.65 43.29
CA SER C 710 -46.49 -5.15 44.33
C SER C 710 -47.81 -5.88 44.37
N ARG C 711 -48.15 -6.32 45.57
CA ARG C 711 -49.40 -7.04 45.81
C ARG C 711 -50.09 -6.48 47.04
N VAL C 712 -51.27 -5.89 46.80
CA VAL C 712 -52.04 -5.27 47.83
C VAL C 712 -53.07 -6.15 48.43
N LEU C 713 -53.07 -6.11 49.74
CA LEU C 713 -54.08 -6.78 50.53
C LEU C 713 -55.30 -5.87 50.45
N TYR C 714 -56.39 -6.53 50.23
CA TYR C 714 -57.70 -5.92 50.04
C TYR C 714 -58.20 -4.78 50.94
N ALA C 715 -58.16 -4.93 52.25
CA ALA C 715 -58.56 -3.84 53.14
C ALA C 715 -57.61 -2.67 53.07
N ASP C 716 -56.32 -3.09 53.03
CA ASP C 716 -55.18 -2.22 52.88
C ASP C 716 -55.33 -1.48 51.56
N PHE C 717 -56.22 -2.08 50.73
CA PHE C 717 -56.50 -1.52 49.42
C PHE C 717 -57.69 -0.59 49.42
N LYS C 718 -58.63 -0.95 50.26
CA LYS C 718 -59.86 -0.16 50.38
C LYS C 718 -59.53 1.21 50.92
N GLN C 719 -59.23 1.20 52.23
CA GLN C 719 -58.86 2.37 52.96
C GLN C 719 -58.09 3.45 52.20
N ARG C 720 -56.92 3.04 51.71
CA ARG C 720 -56.03 3.95 51.01
C ARG C 720 -56.54 4.56 49.70
N TYR C 721 -57.46 3.83 49.04
CA TYR C 721 -57.88 4.30 47.73
C TYR C 721 -59.37 4.52 47.49
N ARG C 722 -60.19 4.19 48.49
CA ARG C 722 -61.65 4.39 48.40
C ARG C 722 -62.01 5.70 47.70
N VAL C 723 -61.32 6.73 48.21
CA VAL C 723 -61.39 8.11 47.79
C VAL C 723 -61.32 8.37 46.29
N LEU C 724 -60.87 7.41 45.53
CA LEU C 724 -60.67 7.63 44.11
C LEU C 724 -61.93 7.72 43.28
N ASN C 725 -62.94 7.00 43.75
CA ASN C 725 -64.24 6.94 43.08
C ASN C 725 -65.24 6.45 44.09
N ALA C 726 -64.94 6.84 45.33
CA ALA C 726 -65.69 6.51 46.54
C ALA C 726 -67.18 6.27 46.37
N SER C 727 -67.73 6.74 45.27
CA SER C 727 -69.15 6.58 45.04
C SER C 727 -69.53 5.23 44.45
N ALA C 728 -68.57 4.49 43.89
CA ALA C 728 -68.89 3.19 43.31
C ALA C 728 -69.43 2.29 44.41
N ILE C 729 -70.61 3.65 45.05
CA ILE C 729 -70.97 3.61 46.44
C ILE C 729 -72.03 2.70 47.03
N PRO C 730 -73.35 2.62 46.74
CA PRO C 730 -74.22 1.76 47.57
C PRO C 730 -73.78 0.29 47.60
N GLU C 731 -73.49 -0.22 46.40
CA GLU C 731 -72.95 -1.56 46.20
C GLU C 731 -71.46 -1.72 46.52
N GLY C 732 -70.69 -0.64 46.61
CA GLY C 732 -69.30 -0.65 47.08
C GLY C 732 -69.14 -0.50 48.60
N GLN C 733 -70.16 0.02 49.29
CA GLN C 733 -70.22 0.15 50.75
C GLN C 733 -70.93 -0.91 51.57
N PHE C 734 -72.08 -1.45 51.14
CA PHE C 734 -72.75 -2.58 51.81
C PHE C 734 -71.92 -3.85 51.56
N MET C 735 -70.53 -3.92 52.48
CA MET C 735 -69.78 -4.51 51.35
C MET C 735 -68.80 -5.53 51.88
N ASP C 736 -68.02 -6.03 50.94
CA ASP C 736 -67.02 -7.04 51.15
C ASP C 736 -65.62 -6.45 51.07
N SER C 737 -64.72 -6.99 51.87
CA SER C 737 -63.32 -6.53 51.88
C SER C 737 -62.62 -6.85 50.56
N LYS C 738 -63.16 -7.86 49.87
CA LYS C 738 -62.60 -8.26 48.58
C LYS C 738 -63.36 -7.70 47.39
N LYS C 739 -64.61 -8.14 47.21
CA LYS C 739 -65.46 -7.74 46.11
C LYS C 739 -65.41 -6.24 45.87
N ALA C 740 -65.14 -5.52 46.96
CA ALA C 740 -65.03 -4.09 46.95
C ALA C 740 -63.94 -3.62 46.00
N SER C 741 -62.68 -3.93 46.37
CA SER C 741 -61.51 -3.56 45.60
C SER C 741 -61.77 -3.88 44.16
N GLU C 742 -62.53 -4.98 43.99
CA GLU C 742 -62.88 -5.40 42.66
C GLU C 742 -63.64 -4.28 42.03
N LYS C 743 -64.82 -4.11 42.62
CA LYS C 743 -65.73 -3.09 42.21
C LYS C 743 -65.04 -1.76 42.03
N LEU C 744 -64.16 -1.39 42.98
CA LEU C 744 -63.51 -0.09 42.87
C LEU C 744 -62.80 0.16 41.58
N LEU C 745 -61.95 -0.78 41.23
CA LEU C 745 -61.18 -0.59 40.02
C LEU C 745 -62.03 -0.34 38.80
N GLY C 746 -63.34 -0.44 38.99
CA GLY C 746 -64.31 -0.16 37.97
C GLY C 746 -63.95 1.17 37.34
N SER C 747 -63.71 2.21 38.16
CA SER C 747 -63.33 3.51 37.62
C SER C 747 -61.82 3.74 37.40
N ILE C 748 -61.50 4.85 36.75
CA ILE C 748 -60.15 5.27 36.48
C ILE C 748 -59.76 5.07 35.03
N ASP C 749 -58.96 5.96 34.47
CA ASP C 749 -58.55 5.77 33.11
C ASP C 749 -57.23 4.93 33.05
N VAL C 750 -57.22 3.87 33.91
CA VAL C 750 -56.14 2.88 34.19
C VAL C 750 -56.14 1.55 33.40
N ASP C 751 -54.94 0.97 33.13
CA ASP C 751 -54.83 -0.31 32.42
C ASP C 751 -55.41 -1.48 33.23
N HIS C 752 -56.56 -1.95 32.79
CA HIS C 752 -57.27 -2.99 33.51
C HIS C 752 -56.64 -4.39 33.35
N THR C 753 -55.46 -4.36 32.78
CA THR C 753 -54.57 -5.44 32.47
C THR C 753 -53.57 -5.68 33.60
N GLN C 754 -52.74 -4.66 33.74
CA GLN C 754 -51.70 -4.52 34.72
C GLN C 754 -52.00 -5.08 36.09
N TYR C 755 -53.20 -5.46 36.40
CA TYR C 755 -53.46 -6.01 37.72
C TYR C 755 -54.09 -7.38 37.63
N ARG C 756 -54.28 -7.98 38.79
CA ARG C 756 -54.90 -9.28 38.78
C ARG C 756 -55.25 -9.60 40.20
N PHE C 757 -56.44 -10.12 40.30
CA PHE C 757 -56.97 -10.38 41.62
C PHE C 757 -56.88 -11.82 41.95
N GLY C 758 -57.01 -12.08 43.26
CA GLY C 758 -56.98 -13.42 43.77
C GLY C 758 -57.39 -13.41 45.20
N HIS C 759 -57.76 -14.59 45.67
CA HIS C 759 -58.24 -14.86 47.02
C HIS C 759 -57.81 -14.00 48.18
N THR C 760 -56.60 -13.46 48.19
CA THR C 760 -56.26 -12.64 49.35
C THR C 760 -55.77 -11.27 48.95
N LYS C 761 -55.49 -11.12 47.66
CA LYS C 761 -54.98 -9.86 47.24
C LYS C 761 -54.90 -9.63 45.78
N VAL C 762 -54.62 -8.41 45.41
CA VAL C 762 -54.53 -8.04 44.03
C VAL C 762 -53.09 -8.04 43.68
N PHE C 763 -52.87 -8.29 42.43
CA PHE C 763 -51.57 -8.27 41.94
C PHE C 763 -51.49 -7.13 41.01
N PHE C 764 -50.35 -6.46 41.06
CA PHE C 764 -50.14 -5.26 40.27
C PHE C 764 -48.76 -5.19 39.66
N LYS C 765 -48.61 -4.66 38.46
CA LYS C 765 -47.33 -4.48 37.83
C LYS C 765 -46.70 -3.24 38.47
N ALA C 766 -45.62 -2.77 37.85
CA ALA C 766 -44.90 -1.61 38.31
C ALA C 766 -45.58 -0.30 37.94
N GLY C 767 -45.09 0.74 38.62
CA GLY C 767 -45.49 2.13 38.44
C GLY C 767 -46.98 2.30 38.38
N LEU C 768 -47.70 1.32 38.86
CA LEU C 768 -49.12 1.41 38.82
C LEU C 768 -49.63 2.00 40.07
N LEU C 769 -49.27 1.28 41.13
CA LEU C 769 -49.57 1.70 42.45
C LEU C 769 -49.07 3.13 42.53
N GLY C 770 -48.01 3.40 41.79
CA GLY C 770 -47.49 4.72 41.71
C GLY C 770 -48.52 5.61 41.08
N LEU C 771 -49.16 5.08 40.08
CA LEU C 771 -50.19 5.86 39.40
C LEU C 771 -51.33 6.13 40.32
N LEU C 772 -51.77 5.07 40.99
CA LEU C 772 -52.85 5.20 41.95
C LEU C 772 -52.71 6.37 42.90
N GLU C 773 -51.69 6.30 43.71
CA GLU C 773 -51.31 7.31 44.65
C GLU C 773 -51.45 8.72 44.12
N GLU C 774 -50.90 8.90 42.91
CA GLU C 774 -50.91 10.20 42.30
C GLU C 774 -52.30 10.77 42.25
N MET C 775 -53.20 9.96 41.72
CA MET C 775 -54.59 10.33 41.63
C MET C 775 -55.05 10.67 43.02
N ARG C 776 -54.64 9.84 43.91
CA ARG C 776 -54.99 9.99 45.27
C ARG C 776 -54.50 11.32 45.76
N ASP C 777 -53.25 11.59 45.46
CA ASP C 777 -52.62 12.83 45.87
C ASP C 777 -53.49 14.01 45.50
N ASP C 778 -53.89 14.09 44.23
CA ASP C 778 -54.76 15.17 43.84
C ASP C 778 -56.02 15.16 44.69
N LYS C 779 -56.48 13.99 45.03
CA LYS C 779 -57.73 13.95 45.71
C LYS C 779 -57.73 14.45 47.11
N LEU C 780 -56.55 14.68 47.61
CA LEU C 780 -56.52 15.18 48.97
C LEU C 780 -56.36 16.66 49.01
N ALA C 781 -55.73 17.19 47.93
CA ALA C 781 -55.55 18.61 47.81
C ALA C 781 -56.98 19.12 47.95
N GLU C 782 -57.85 18.48 47.17
CA GLU C 782 -59.28 18.74 47.17
C GLU C 782 -59.68 18.68 48.66
N ILE C 783 -59.67 17.48 49.21
CA ILE C 783 -60.04 17.23 50.59
C ILE C 783 -59.41 18.13 51.60
N ILE C 784 -58.14 18.39 51.43
CA ILE C 784 -57.50 19.21 52.43
C ILE C 784 -57.83 20.67 52.30
N THR C 785 -57.41 21.22 51.15
CA THR C 785 -57.59 22.61 50.80
C THR C 785 -58.98 23.12 51.26
N ARG C 786 -59.98 22.31 51.04
CA ARG C 786 -61.32 22.61 51.47
C ARG C 786 -61.43 22.53 52.97
N THR C 787 -60.74 21.57 53.57
CA THR C 787 -60.86 21.45 55.03
C THR C 787 -60.02 22.52 55.70
N GLN C 788 -59.09 23.05 54.96
CA GLN C 788 -58.27 24.06 55.56
C GLN C 788 -59.13 25.28 55.75
N ALA C 789 -59.57 25.80 54.59
CA ALA C 789 -60.44 26.95 54.47
C ALA C 789 -61.38 27.20 55.66
N ARG C 790 -62.33 26.29 55.86
CA ARG C 790 -63.35 26.34 56.89
C ARG C 790 -62.66 26.71 58.20
N CYS C 791 -61.63 25.92 58.47
CA CYS C 791 -60.81 26.15 59.63
C CYS C 791 -60.39 27.62 59.69
N ARG C 792 -59.64 28.03 58.65
CA ARG C 792 -59.13 29.38 58.49
C ARG C 792 -60.27 30.31 58.78
N GLY C 793 -61.34 30.09 58.03
CA GLY C 793 -62.55 30.86 58.12
C GLY C 793 -62.85 30.91 59.58
N PHE C 794 -63.32 29.78 60.05
CA PHE C 794 -63.67 29.60 61.44
C PHE C 794 -62.68 30.18 62.40
N LEU C 795 -61.45 30.12 62.02
CA LEU C 795 -60.49 30.64 62.95
C LEU C 795 -60.66 32.09 63.25
N MET C 796 -60.86 32.82 62.19
CA MET C 796 -61.04 34.23 62.37
C MET C 796 -62.41 34.55 62.91
N ARG C 797 -63.36 33.67 62.63
CA ARG C 797 -64.72 33.88 63.10
C ARG C 797 -64.74 33.98 64.60
N VAL C 798 -63.72 33.46 65.29
CA VAL C 798 -63.70 33.46 66.78
C VAL C 798 -63.01 34.71 67.23
N GLU C 799 -62.21 35.24 66.30
CA GLU C 799 -61.48 36.44 66.57
C GLU C 799 -62.42 37.60 66.61
N TYR C 800 -63.39 37.60 65.69
CA TYR C 800 -64.33 38.64 65.75
C TYR C 800 -65.07 38.63 67.13
N ARG C 801 -65.50 37.46 67.64
CA ARG C 801 -66.22 37.29 68.94
C ARG C 801 -65.44 37.77 70.15
N ARG C 802 -64.15 37.84 69.96
CA ARG C 802 -63.24 38.29 70.99
C ARG C 802 -63.05 39.79 70.84
N MET C 803 -62.72 40.22 69.63
CA MET C 803 -62.53 41.63 69.30
C MET C 803 -63.65 42.46 69.85
N VAL C 804 -64.85 42.00 69.50
CA VAL C 804 -66.11 42.57 69.89
C VAL C 804 -66.34 42.63 71.41
N GLU C 805 -66.11 41.53 72.10
CA GLU C 805 -66.23 41.46 73.56
C GLU C 805 -65.43 42.58 74.18
N ARG C 806 -64.18 42.54 73.80
CA ARG C 806 -63.13 43.46 74.15
C ARG C 806 -63.50 44.92 74.00
N ARG C 807 -64.34 45.17 73.00
CA ARG C 807 -64.83 46.47 72.59
C ARG C 807 -64.82 47.50 73.68
N GLU C 808 -65.58 47.21 74.71
CA GLU C 808 -65.64 48.18 75.77
C GLU C 808 -64.57 48.12 76.81
N SER C 809 -64.19 46.91 77.22
CA SER C 809 -63.17 46.79 78.26
C SER C 809 -61.96 47.62 77.95
N ILE C 810 -61.77 47.88 76.66
CA ILE C 810 -60.67 48.70 76.25
C ILE C 810 -60.93 50.13 76.68
N PHE C 811 -62.01 50.67 76.10
CA PHE C 811 -62.51 52.01 76.33
C PHE C 811 -62.34 52.36 77.78
N CYS C 812 -62.88 51.46 78.57
CA CYS C 812 -62.79 51.58 80.00
C CYS C 812 -61.38 51.80 80.35
N ILE C 813 -60.57 50.94 79.82
CA ILE C 813 -59.17 51.11 80.09
C ILE C 813 -58.71 52.40 79.46
N GLN C 814 -59.11 52.59 78.20
CA GLN C 814 -58.71 53.78 77.43
C GLN C 814 -58.87 55.07 78.19
N TYR C 815 -60.12 55.49 78.32
CA TYR C 815 -60.46 56.72 79.00
C TYR C 815 -59.83 56.81 80.38
N ASN C 816 -60.03 55.75 81.16
CA ASN C 816 -59.57 55.65 82.54
C ASN C 816 -58.19 56.12 82.86
N VAL C 817 -57.28 55.84 81.94
CA VAL C 817 -55.87 56.22 82.05
C VAL C 817 -55.71 57.72 81.85
N ARG C 818 -56.27 58.14 80.73
CA ARG C 818 -56.26 59.52 80.33
C ARG C 818 -56.59 60.46 81.48
N SER C 819 -57.65 60.10 82.26
CA SER C 819 -58.09 60.84 83.43
C SER C 819 -56.85 61.21 84.19
N PHE C 820 -56.34 60.17 84.79
CA PHE C 820 -55.21 60.19 85.63
C PHE C 820 -54.07 61.06 85.15
N MET C 821 -53.75 60.96 83.89
CA MET C 821 -52.69 61.77 83.33
C MET C 821 -52.94 63.26 83.45
N ASN C 822 -54.19 63.58 83.57
CA ASN C 822 -54.62 64.95 83.65
C ASN C 822 -54.73 65.43 85.06
N VAL C 823 -55.29 64.53 85.81
CA VAL C 823 -55.57 64.75 87.17
C VAL C 823 -54.38 64.78 88.08
N LYS C 824 -53.58 63.73 88.03
CA LYS C 824 -52.40 63.57 88.85
C LYS C 824 -51.59 64.86 89.04
N HIS C 825 -51.80 65.87 88.14
CA HIS C 825 -51.05 67.12 88.28
C HIS C 825 -51.85 68.22 89.00
N TRP C 826 -53.15 67.98 89.26
CA TRP C 826 -54.17 68.85 89.92
C TRP C 826 -54.15 68.92 91.46
N PRO C 827 -53.88 70.10 92.00
CA PRO C 827 -53.80 70.37 93.42
C PRO C 827 -54.79 69.59 94.24
N TRP C 828 -56.02 69.79 93.86
CA TRP C 828 -57.16 69.19 94.51
C TRP C 828 -57.04 67.72 94.49
N MET C 829 -56.49 67.20 93.42
CA MET C 829 -56.40 65.76 93.39
C MET C 829 -55.23 65.25 94.23
N LYS C 830 -54.13 65.97 94.29
CA LYS C 830 -53.06 65.56 95.13
C LYS C 830 -53.49 65.61 96.55
N LEU C 831 -54.24 66.65 96.83
CA LEU C 831 -54.78 66.84 98.19
C LEU C 831 -55.56 65.62 98.62
N PHE C 832 -56.57 65.31 97.81
CA PHE C 832 -57.43 64.14 98.06
C PHE C 832 -56.58 62.92 98.32
N PHE C 833 -55.48 62.91 97.59
CA PHE C 833 -54.54 61.82 97.66
C PHE C 833 -53.88 61.74 99.01
N LYS C 834 -53.21 62.80 99.45
CA LYS C 834 -52.57 62.68 100.74
C LYS C 834 -53.62 62.39 101.78
N ILE C 835 -54.76 63.01 101.57
CA ILE C 835 -55.86 62.90 102.52
C ILE C 835 -56.66 61.61 102.51
N LYS C 836 -56.85 61.03 101.33
CA LYS C 836 -57.58 59.78 101.15
C LYS C 836 -57.29 58.73 102.18
N PRO C 837 -56.16 58.81 102.83
CA PRO C 837 -55.89 57.77 103.80
C PRO C 837 -56.49 57.95 105.16
N LEU C 838 -56.38 59.18 105.69
CA LEU C 838 -56.92 59.48 107.02
C LEU C 838 -58.40 59.05 107.16
N LEU C 839 -59.01 58.77 106.03
CA LEU C 839 -60.39 58.41 106.02
C LEU C 839 -60.61 57.00 106.43
N LYS C 840 -61.88 56.72 106.55
CA LYS C 840 -62.32 55.39 106.91
C LYS C 840 -63.63 55.08 106.20
N ASN A 1 -91.62 92.04 29.52
CA ASN A 1 -90.60 91.24 30.23
C ASN A 1 -91.14 90.71 31.56
N VAL A 2 -91.94 91.62 32.13
CA VAL A 2 -92.68 91.46 33.37
C VAL A 2 -93.85 90.47 33.45
N PHE A 3 -94.34 89.97 32.33
CA PHE A 3 -95.21 88.81 32.41
C PHE A 3 -94.50 87.49 32.01
N SER A 4 -93.30 87.56 31.38
CA SER A 4 -92.53 86.38 30.98
C SER A 4 -91.75 85.45 31.94
N MET A 5 -91.11 85.90 33.02
CA MET A 5 -90.62 84.97 34.09
C MET A 5 -91.96 84.71 34.85
N PHE A 6 -92.18 85.21 36.07
CA PHE A 6 -93.52 85.42 36.65
C PHE A 6 -94.62 84.33 36.68
N ASP A 7 -94.30 83.28 37.42
CA ASP A 7 -95.17 82.14 37.60
C ASP A 7 -96.46 82.34 38.42
N GLN A 8 -97.45 81.45 38.25
CA GLN A 8 -98.72 81.50 38.97
C GLN A 8 -98.62 81.68 40.49
N THR A 9 -97.69 80.95 41.13
CA THR A 9 -97.40 81.09 42.57
C THR A 9 -96.97 82.52 42.92
N GLN A 10 -95.91 83.07 42.30
CA GLN A 10 -95.51 84.48 42.48
C GLN A 10 -96.69 85.45 42.38
N ILE A 11 -97.48 85.30 41.30
CA ILE A 11 -98.68 86.09 41.08
C ILE A 11 -99.73 85.91 42.19
N GLN A 12 -99.95 84.71 42.74
CA GLN A 12 -100.85 84.51 43.87
C GLN A 12 -100.34 85.14 45.16
N ASP A 13 -99.05 85.02 45.48
CA ASP A 13 -98.40 85.74 46.59
C ASP A 13 -98.71 87.24 46.49
N PHE A 14 -98.50 87.83 45.30
CA PHE A 14 -98.90 89.21 45.02
C PHE A 14 -100.41 89.45 45.20
N LYS A 15 -101.33 88.64 44.63
CA LYS A 15 -102.79 88.78 44.85
C LYS A 15 -103.21 88.79 46.33
N GLU A 16 -102.70 87.87 47.14
CA GLU A 16 -102.93 87.87 48.58
C GLU A 16 -102.35 89.15 49.22
N ALA A 17 -101.12 89.54 48.88
CA ALA A 17 -100.55 90.80 49.35
C ALA A 17 -101.40 92.04 49.04
N PHE A 18 -101.93 92.12 47.83
CA PHE A 18 -102.87 93.16 47.43
C PHE A 18 -104.10 93.09 48.32
N THR A 19 -104.82 91.96 48.43
CA THR A 19 -105.99 91.87 49.32
C THR A 19 -105.75 92.17 50.82
N VAL A 20 -104.52 92.02 51.32
CA VAL A 20 -104.19 92.48 52.67
C VAL A 20 -104.02 94.00 52.76
N ILE A 21 -103.45 94.65 51.73
CA ILE A 21 -103.38 96.11 51.73
C ILE A 21 -104.74 96.75 51.35
N ASP A 22 -105.54 96.08 50.51
CA ASP A 22 -106.92 96.43 50.13
C ASP A 22 -107.94 96.42 51.30
N GLN A 23 -107.83 97.31 52.30
CA GLN A 23 -108.74 97.34 53.46
C GLN A 23 -110.25 97.24 53.22
N ASN A 24 -110.70 98.02 52.25
CA ASN A 24 -112.11 98.10 51.93
C ASN A 24 -112.71 96.93 51.15
N ARG A 25 -111.88 96.01 50.61
CA ARG A 25 -112.27 94.90 49.72
C ARG A 25 -112.84 95.27 48.33
N ASP A 26 -113.08 96.56 48.07
CA ASP A 26 -113.50 97.11 46.78
C ASP A 26 -112.81 96.63 45.49
N GLY A 27 -111.49 96.47 45.52
CA GLY A 27 -110.72 96.04 44.36
C GLY A 27 -109.59 97.01 43.93
N ILE A 28 -109.64 98.20 44.52
CA ILE A 28 -108.66 99.26 44.26
C ILE A 28 -108.01 99.69 45.59
N ILE A 29 -106.69 99.62 45.73
CA ILE A 29 -106.02 100.20 46.90
C ILE A 29 -105.88 101.72 46.74
N ASP A 30 -106.18 102.46 47.79
CA ASP A 30 -105.96 103.90 47.80
C ASP A 30 -105.17 104.42 49.01
N LYS A 31 -105.13 105.73 49.24
CA LYS A 31 -104.42 106.32 50.39
C LYS A 31 -104.88 105.80 51.75
N ASP A 32 -106.19 105.64 51.90
CA ASP A 32 -106.80 105.13 53.11
C ASP A 32 -106.36 103.68 53.39
N ASP A 33 -106.47 102.81 52.38
CA ASP A 33 -105.98 101.43 52.44
C ASP A 33 -104.51 101.32 52.87
N LEU A 34 -103.63 102.12 52.27
CA LEU A 34 -102.24 102.21 52.75
C LEU A 34 -102.12 102.70 54.21
N ARG A 35 -102.74 103.82 54.61
CA ARG A 35 -102.72 104.33 55.99
C ARG A 35 -103.01 103.31 57.09
N GLU A 36 -104.16 102.62 57.08
CA GLU A 36 -104.39 101.62 58.12
C GLU A 36 -103.60 100.35 57.91
N THR A 37 -103.10 99.92 56.73
CA THR A 37 -102.18 98.77 56.70
C THR A 37 -100.89 99.12 57.45
N PHE A 38 -100.35 100.33 57.26
CA PHE A 38 -99.22 100.81 58.03
C PHE A 38 -99.52 100.82 59.54
N ALA A 39 -100.66 101.38 59.93
CA ALA A 39 -101.14 101.36 61.31
C ALA A 39 -101.29 99.95 61.91
N ALA A 40 -101.89 98.99 61.21
CA ALA A 40 -101.98 97.59 61.61
C ALA A 40 -100.61 96.92 61.82
N MET A 41 -99.64 97.27 61.00
CA MET A 41 -98.25 96.83 61.18
C MET A 41 -97.46 97.58 62.26
N GLY A 42 -98.07 98.54 62.97
CA GLY A 42 -97.40 99.31 64.03
C GLY A 42 -96.95 100.71 63.65
N ARG A 43 -96.95 101.07 62.36
CA ARG A 43 -96.49 102.39 61.92
C ARG A 43 -97.54 103.50 61.99
N LEU A 44 -97.49 104.31 63.03
CA LEU A 44 -98.44 105.42 63.17
C LEU A 44 -98.00 106.79 62.64
N ASN A 45 -96.69 106.98 62.48
CA ASN A 45 -96.10 108.27 62.09
C ASN A 45 -96.12 108.65 60.59
N VAL A 46 -97.01 108.06 59.82
CA VAL A 46 -97.04 108.23 58.36
C VAL A 46 -97.53 109.60 57.86
N LYS A 47 -96.71 110.29 57.09
CA LYS A 47 -97.06 111.60 56.56
C LYS A 47 -97.63 111.51 55.14
N ASN A 48 -98.66 112.30 54.79
CA ASN A 48 -99.25 112.27 53.44
C ASN A 48 -98.28 112.22 52.26
N GLU A 49 -97.20 113.02 52.24
CA GLU A 49 -96.19 112.97 51.18
C GLU A 49 -95.61 111.59 50.86
N GLU A 50 -95.47 110.73 51.87
CA GLU A 50 -94.99 109.36 51.72
C GLU A 50 -96.09 108.50 51.07
N LEU A 51 -97.34 108.60 51.54
CA LEU A 51 -98.50 107.90 50.94
C LEU A 51 -98.74 108.28 49.47
N ASP A 52 -98.71 109.59 49.25
CA ASP A 52 -98.79 110.20 47.93
C ASP A 52 -97.63 109.74 47.04
N ALA A 53 -96.37 109.75 47.50
CA ALA A 53 -95.22 109.24 46.73
C ALA A 53 -95.44 107.82 46.22
N MET A 54 -95.92 106.94 47.09
CA MET A 54 -96.32 105.58 46.73
C MET A 54 -97.29 105.55 45.55
N ILE A 55 -98.46 106.20 45.71
CA ILE A 55 -99.49 106.24 44.68
C ILE A 55 -99.04 106.88 43.36
N LYS A 56 -98.31 107.99 43.41
CA LYS A 56 -97.76 108.67 42.22
C LYS A 56 -97.00 107.83 41.19
N GLU A 57 -96.47 106.68 41.60
CA GLU A 57 -95.81 105.76 40.68
C GLU A 57 -96.73 105.19 39.59
N ALA A 58 -98.04 105.14 39.83
CA ALA A 58 -98.99 104.66 38.82
C ALA A 58 -99.80 105.75 38.13
N SER A 59 -100.17 105.57 36.86
CA SER A 59 -100.95 106.57 36.12
C SER A 59 -102.46 106.58 36.38
N GLY A 60 -103.00 105.47 36.89
CA GLY A 60 -104.42 105.35 37.16
C GLY A 60 -104.79 104.83 38.56
N PRO A 61 -106.04 104.38 38.77
CA PRO A 61 -106.40 103.65 39.99
C PRO A 61 -105.51 102.42 40.21
N ILE A 62 -105.04 102.12 41.41
CA ILE A 62 -104.01 101.08 41.53
C ILE A 62 -104.41 99.60 41.30
N ASN A 63 -105.67 99.29 40.96
CA ASN A 63 -106.18 97.95 40.56
C ASN A 63 -105.26 96.74 40.32
N PHE A 64 -105.54 95.53 40.80
CA PHE A 64 -104.70 94.31 40.61
C PHE A 64 -103.67 94.25 39.48
N THR A 65 -104.12 94.53 38.25
CA THR A 65 -103.26 94.63 37.06
C THR A 65 -102.26 95.79 37.12
N VAL A 66 -102.69 97.01 37.44
CA VAL A 66 -101.81 98.18 37.56
C VAL A 66 -100.74 97.89 38.65
N PHE A 67 -101.13 97.31 39.79
CA PHE A 67 -100.15 96.81 40.77
C PHE A 67 -99.15 95.82 40.15
N LEU A 68 -99.62 94.65 39.69
CA LEU A 68 -98.79 93.61 39.09
C LEU A 68 -97.83 94.12 38.01
N THR A 69 -98.29 95.01 37.12
CA THR A 69 -97.42 95.63 36.13
C THR A 69 -96.39 96.52 36.82
N MET A 70 -96.75 97.45 37.71
CA MET A 70 -95.77 98.27 38.45
C MET A 70 -94.70 97.51 39.25
N PHE A 71 -95.08 96.41 39.88
CA PHE A 71 -94.14 95.60 40.66
C PHE A 71 -93.30 94.65 39.82
N GLY A 72 -93.89 94.15 38.74
CA GLY A 72 -93.12 93.41 37.77
C GLY A 72 -92.05 94.33 37.18
N GLU A 73 -92.43 95.50 36.65
CA GLU A 73 -91.50 96.47 36.07
C GLU A 73 -90.23 96.83 36.83
N LYS A 74 -90.27 96.74 38.15
CA LYS A 74 -89.08 96.95 38.98
C LYS A 74 -88.20 95.71 39.14
N LEU A 75 -88.82 94.54 39.01
CA LEU A 75 -88.15 93.25 39.08
C LEU A 75 -87.91 92.59 37.72
N LYS A 76 -87.77 93.38 36.62
CA LYS A 76 -87.51 92.89 35.26
C LYS A 76 -86.40 91.84 35.02
N GLY A 77 -85.52 91.72 36.00
CA GLY A 77 -84.46 90.72 36.03
C GLY A 77 -84.41 89.98 37.35
N ALA A 78 -85.56 89.55 37.86
CA ALA A 78 -85.65 88.79 39.10
C ALA A 78 -86.44 87.48 39.06
N ASP A 79 -85.74 86.41 39.40
CA ASP A 79 -86.32 85.07 39.44
C ASP A 79 -86.91 84.66 40.81
N PRO A 80 -87.69 83.58 40.88
CA PRO A 80 -87.98 82.95 42.18
C PRO A 80 -86.79 82.23 42.84
N GLU A 81 -86.69 82.19 44.17
CA GLU A 81 -85.56 81.59 44.89
C GLU A 81 -84.93 80.28 44.44
N ASP A 82 -85.70 79.21 44.20
CA ASP A 82 -85.15 77.96 43.67
C ASP A 82 -84.34 78.07 42.37
N VAL A 83 -84.81 78.91 41.45
CA VAL A 83 -84.16 79.17 40.16
C VAL A 83 -82.78 79.85 40.40
N ILE A 84 -82.76 80.83 41.30
CA ILE A 84 -81.53 81.53 41.68
C ILE A 84 -80.53 80.55 42.33
N MET A 85 -81.02 79.72 43.25
CA MET A 85 -80.25 78.64 43.86
C MET A 85 -79.64 77.69 42.82
N GLY A 86 -80.34 77.36 41.73
CA GLY A 86 -79.79 76.54 40.64
C GLY A 86 -78.49 77.09 40.03
N ALA A 87 -78.45 78.39 39.76
CA ALA A 87 -77.24 79.06 39.28
C ALA A 87 -76.04 78.88 40.21
N PHE A 88 -76.27 79.05 41.51
CA PHE A 88 -75.26 78.76 42.51
C PHE A 88 -74.92 77.27 42.55
N LYS A 89 -75.87 76.33 42.61
CA LYS A 89 -75.62 74.89 42.52
C LYS A 89 -74.77 74.42 41.30
N VAL A 90 -74.87 75.13 40.18
CA VAL A 90 -74.00 74.92 39.01
C VAL A 90 -72.57 75.39 39.29
N LEU A 91 -72.43 76.54 39.97
CA LEU A 91 -71.13 77.04 40.40
C LEU A 91 -70.50 76.24 41.55
N ASP A 92 -71.36 75.60 42.35
CA ASP A 92 -71.00 74.68 43.42
C ASP A 92 -70.49 73.31 42.90
N PRO A 93 -70.40 72.97 41.60
CA PRO A 93 -70.96 71.72 41.04
C PRO A 93 -70.79 70.40 41.80
N ASP A 94 -69.69 70.34 42.56
CA ASP A 94 -69.33 69.31 43.53
C ASP A 94 -70.38 69.11 44.64
N GLY A 95 -71.11 70.16 45.02
CA GLY A 95 -72.21 70.08 45.99
C GLY A 95 -72.06 70.77 47.36
N LYS A 96 -73.16 70.71 48.11
CA LYS A 96 -73.35 71.25 49.47
C LYS A 96 -72.73 72.49 50.13
N GLY A 97 -71.41 72.71 50.11
CA GLY A 97 -70.78 73.86 50.76
C GLY A 97 -70.53 74.99 49.77
N SER A 98 -71.07 76.18 49.97
CA SER A 98 -70.96 77.16 48.91
C SER A 98 -69.64 77.93 48.71
N ILE A 99 -69.53 78.56 47.56
CA ILE A 99 -68.29 79.14 47.02
C ILE A 99 -67.47 80.23 47.71
N LYS A 100 -66.24 80.46 47.24
CA LYS A 100 -65.34 81.46 47.78
C LYS A 100 -65.22 82.82 47.09
N LYS A 101 -65.06 83.88 47.89
CA LYS A 101 -64.74 85.21 47.38
C LYS A 101 -63.30 85.31 46.87
N SER A 102 -63.34 85.37 45.54
CA SER A 102 -62.26 85.48 44.54
C SER A 102 -62.81 84.78 43.31
N PHE A 103 -63.21 83.52 43.50
CA PHE A 103 -63.79 82.65 42.47
C PHE A 103 -64.99 83.34 41.76
N LEU A 104 -65.96 83.84 42.53
CA LEU A 104 -67.02 84.62 41.90
C LEU A 104 -66.69 86.08 41.59
N GLU A 105 -65.76 86.74 42.29
CA GLU A 105 -65.34 88.12 41.98
C GLU A 105 -64.87 88.19 40.53
N GLU A 106 -63.96 87.27 40.22
CA GLU A 106 -63.47 87.05 38.87
C GLU A 106 -64.61 86.66 37.92
N LEU A 107 -65.39 85.59 38.15
CA LEU A 107 -66.49 85.25 37.23
C LEU A 107 -67.60 86.27 36.96
N LEU A 108 -67.86 87.23 37.86
CA LEU A 108 -68.78 88.33 37.58
C LEU A 108 -68.11 89.43 36.73
N THR A 109 -66.80 89.68 36.93
CA THR A 109 -66.07 90.63 36.09
C THR A 109 -65.58 90.13 34.75
N THR A 110 -65.24 88.84 34.65
CA THR A 110 -64.59 88.32 33.45
C THR A 110 -65.37 88.12 32.16
N GLN A 111 -65.92 86.97 31.76
CA GLN A 111 -66.71 86.82 30.53
C GLN A 111 -67.85 87.86 30.47
N CYS A 112 -68.14 88.43 29.29
CA CYS A 112 -69.00 89.60 29.04
C CYS A 112 -68.25 90.92 29.22
N ASP A 113 -68.89 92.07 29.35
CA ASP A 113 -68.24 93.36 29.53
C ASP A 113 -67.93 93.76 30.97
N ARG A 114 -68.91 93.53 31.84
CA ARG A 114 -68.83 93.98 33.22
C ARG A 114 -69.96 93.73 34.23
N PHE A 115 -69.61 93.07 35.32
CA PHE A 115 -70.37 93.39 36.53
C PHE A 115 -69.31 94.20 37.26
N THR A 116 -69.54 95.51 37.23
CA THR A 116 -68.51 96.48 37.62
C THR A 116 -67.90 96.35 39.02
N PRO A 117 -66.61 96.67 39.19
CA PRO A 117 -66.03 96.76 40.53
C PRO A 117 -66.57 97.78 41.53
N GLU A 118 -67.59 98.55 41.16
CA GLU A 118 -68.35 99.38 42.08
C GLU A 118 -69.48 98.46 42.57
N GLU A 119 -70.26 97.89 41.63
CA GLU A 119 -71.32 96.89 41.92
C GLU A 119 -70.84 95.75 42.82
N ILE A 120 -69.71 95.12 42.51
CA ILE A 120 -69.14 94.03 43.34
C ILE A 120 -68.77 94.42 44.78
N LYS A 121 -68.17 95.58 45.07
CA LYS A 121 -67.91 95.98 46.47
C LYS A 121 -69.22 96.20 47.24
N ASN A 122 -70.22 96.81 46.59
CA ASN A 122 -71.57 96.94 47.15
C ASN A 122 -72.15 95.56 47.46
N MET A 123 -71.98 94.61 46.55
CA MET A 123 -72.30 93.20 46.78
C MET A 123 -71.65 92.66 48.05
N TRP A 124 -70.32 92.67 48.25
CA TRP A 124 -69.71 92.20 49.51
C TRP A 124 -70.18 92.86 50.81
N ALA A 125 -70.59 94.13 50.71
CA ALA A 125 -71.21 94.85 51.83
C ALA A 125 -72.70 94.57 52.10
N ALA A 126 -73.52 94.41 51.05
CA ALA A 126 -74.96 94.12 51.12
C ALA A 126 -75.40 92.66 51.11
N PHE A 127 -74.42 91.88 50.71
CA PHE A 127 -74.30 90.43 50.83
C PHE A 127 -72.93 90.34 51.49
N PRO A 128 -72.84 90.81 52.75
CA PRO A 128 -72.10 90.20 53.83
C PRO A 128 -70.75 89.55 54.21
N PRO A 129 -70.66 89.49 55.56
CA PRO A 129 -70.66 88.22 56.30
C PRO A 129 -70.98 86.95 55.50
N ASP A 130 -72.20 86.68 54.99
CA ASP A 130 -72.48 85.55 54.10
C ASP A 130 -71.40 85.35 53.02
N VAL A 131 -71.17 86.37 52.19
CA VAL A 131 -70.16 86.38 51.15
C VAL A 131 -68.72 86.23 51.66
N ALA A 132 -68.46 86.49 52.94
CA ALA A 132 -67.15 86.22 53.53
C ALA A 132 -66.95 84.80 54.04
N GLY A 133 -67.97 84.28 54.75
CA GLY A 133 -67.93 82.96 55.35
C GLY A 133 -68.00 81.75 54.41
N ASN A 134 -69.15 81.53 53.82
CA ASN A 134 -69.38 80.41 52.91
C ASN A 134 -69.79 80.99 51.53
N VAL A 135 -69.57 82.31 51.31
CA VAL A 135 -70.30 83.15 50.35
C VAL A 135 -71.72 82.58 50.29
N ASP A 136 -72.28 82.53 51.51
CA ASP A 136 -73.53 81.86 51.81
C ASP A 136 -74.67 81.99 50.81
N TYR A 137 -74.57 81.30 49.67
CA TYR A 137 -75.52 81.45 48.56
C TYR A 137 -76.96 81.14 48.89
N LYS A 138 -77.10 80.17 49.79
CA LYS A 138 -78.40 79.83 50.37
C LYS A 138 -79.00 81.09 51.01
N ASN A 139 -78.23 81.71 51.91
CA ASN A 139 -78.60 82.96 52.57
C ASN A 139 -78.84 84.10 51.57
N ILE A 140 -77.90 84.33 50.63
CA ILE A 140 -78.02 85.30 49.52
C ILE A 140 -79.40 85.20 48.82
N CYS A 141 -79.78 84.01 48.38
CA CYS A 141 -81.09 83.75 47.80
C CYS A 141 -82.27 84.09 48.71
N TYR A 142 -82.25 83.65 49.97
CA TYR A 142 -83.31 84.02 50.91
C TYR A 142 -83.44 85.51 51.19
N VAL A 143 -82.34 86.28 51.24
CA VAL A 143 -82.41 87.74 51.41
C VAL A 143 -82.94 88.49 50.20
N ILE A 144 -82.61 88.03 48.98
CA ILE A 144 -83.16 88.68 47.80
C ILE A 144 -84.64 88.37 47.59
N THR A 145 -85.10 87.14 47.80
CA THR A 145 -86.53 86.84 47.70
C THR A 145 -87.34 87.24 48.93
N HIS A 146 -86.79 87.11 50.12
CA HIS A 146 -87.47 87.41 51.38
C HIS A 146 -87.07 88.63 52.23
N GLY A 147 -86.42 89.66 51.70
CA GLY A 147 -86.08 90.84 52.51
C GLY A 147 -84.68 90.88 53.11
N GLU A 148 -84.19 92.05 53.51
CA GLU A 148 -82.80 92.22 53.97
C GLU A 148 -82.40 91.80 55.39
N ASP A 149 -83.30 91.95 56.36
CA ASP A 149 -83.06 91.60 57.77
C ASP A 149 -83.02 90.09 58.06
N LYS A 150 -83.95 89.40 57.40
CA LYS A 150 -84.11 87.95 57.48
C LYS A 150 -82.95 87.04 57.06
N ASP B 1 -58.14 84.17 6.41
CA ASP B 1 -58.80 83.07 7.14
C ASP B 1 -60.34 82.82 7.00
N GLU B 2 -60.92 81.71 7.52
CA GLU B 2 -62.39 81.46 7.64
C GLU B 2 -63.09 80.23 8.31
N ILE B 3 -64.29 80.53 8.87
CA ILE B 3 -65.35 79.75 9.59
C ILE B 3 -66.11 80.76 10.51
N ASN B 4 -67.29 80.55 11.14
CA ASN B 4 -67.90 81.54 12.04
C ASN B 4 -67.76 81.32 13.55
N ASP B 5 -68.31 80.26 14.15
CA ASP B 5 -68.20 79.86 15.58
C ASP B 5 -66.98 80.31 16.41
N PHE B 6 -65.77 80.20 15.85
CA PHE B 6 -64.54 80.64 16.53
C PHE B 6 -64.55 82.11 16.96
N LYS B 7 -65.20 82.97 16.17
CA LYS B 7 -65.39 84.38 16.52
C LYS B 7 -66.32 84.53 17.73
N GLU B 8 -67.38 83.72 17.78
CA GLU B 8 -68.29 83.69 18.94
C GLU B 8 -67.55 83.24 20.21
N ALA B 9 -66.73 82.18 20.08
CA ALA B 9 -65.86 81.71 21.15
C ALA B 9 -64.82 82.72 21.65
N PHE B 10 -64.24 83.56 20.79
CA PHE B 10 -63.31 84.61 21.25
C PHE B 10 -63.90 85.52 22.33
N LEU B 11 -65.10 86.07 22.13
CA LEU B 11 -65.79 86.89 23.15
C LEU B 11 -66.02 86.21 24.51
N LEU B 12 -66.13 84.88 24.49
CA LEU B 12 -66.30 84.10 25.71
C LEU B 12 -65.06 84.08 26.61
N PHE B 13 -63.90 84.47 26.05
CA PHE B 13 -62.64 84.55 26.77
C PHE B 13 -61.99 85.94 26.81
N ASP B 14 -62.80 86.97 26.52
CA ASP B 14 -62.42 88.38 26.59
C ASP B 14 -62.00 88.89 27.96
N ARG B 15 -62.87 88.61 28.94
CA ARG B 15 -62.67 88.94 30.34
C ARG B 15 -62.31 90.37 30.77
N THR B 16 -63.03 91.26 30.10
CA THR B 16 -62.88 92.74 30.16
C THR B 16 -64.06 93.37 29.41
N GLY B 17 -64.43 92.70 28.31
CA GLY B 17 -65.54 93.11 27.43
C GLY B 17 -65.16 93.84 26.14
N ASP B 18 -63.86 94.05 25.98
CA ASP B 18 -63.27 94.80 24.86
C ASP B 18 -63.11 94.08 23.51
N ALA B 19 -63.32 92.76 23.46
CA ALA B 19 -63.06 91.91 22.28
C ALA B 19 -61.60 91.85 21.78
N LYS B 20 -60.70 92.23 22.70
CA LYS B 20 -59.26 92.24 22.47
C LYS B 20 -58.49 91.37 23.48
N ILE B 21 -58.22 90.12 23.11
CA ILE B 21 -57.60 89.17 24.05
C ILE B 21 -56.07 89.30 24.10
N THR B 22 -55.39 88.95 25.19
CA THR B 22 -53.94 89.09 25.30
C THR B 22 -53.03 88.04 24.64
N LEU B 23 -51.82 88.46 24.23
CA LEU B 23 -50.78 87.60 23.67
C LEU B 23 -50.40 86.34 24.48
N SER B 24 -50.63 86.38 25.79
CA SER B 24 -50.45 85.20 26.64
C SER B 24 -51.66 84.27 26.51
N GLN B 25 -52.90 84.77 26.63
CA GLN B 25 -54.12 83.96 26.43
C GLN B 25 -54.23 83.30 25.06
N VAL B 26 -53.52 83.88 24.10
CA VAL B 26 -53.27 83.35 22.76
C VAL B 26 -52.96 81.85 22.69
N GLY B 27 -51.96 81.46 23.48
CA GLY B 27 -51.49 80.08 23.58
C GLY B 27 -52.52 79.10 24.13
N ASP B 28 -53.41 79.58 24.99
CA ASP B 28 -54.48 78.77 25.54
C ASP B 28 -55.73 78.67 24.65
N ILE B 29 -56.23 79.77 24.08
CA ILE B 29 -57.40 79.72 23.17
C ILE B 29 -57.19 78.79 21.97
N VAL B 30 -55.97 78.79 21.41
CA VAL B 30 -55.59 77.86 20.35
C VAL B 30 -55.76 76.37 20.67
N ARG B 31 -55.63 76.01 21.95
CA ARG B 31 -55.73 74.63 22.43
C ARG B 31 -57.11 73.99 22.39
N ALA B 32 -58.16 74.77 22.67
CA ALA B 32 -59.52 74.25 22.53
C ALA B 32 -60.14 74.36 21.15
N LEU B 33 -59.67 75.31 20.33
CA LEU B 33 -60.15 75.41 18.96
C LEU B 33 -59.59 74.33 18.02
N GLY B 34 -60.20 73.16 18.27
CA GLY B 34 -59.93 71.93 17.56
C GLY B 34 -58.69 71.12 17.95
N GLN B 35 -57.50 71.65 17.71
CA GLN B 35 -56.32 70.79 17.80
C GLN B 35 -55.08 71.35 18.50
N ASN B 36 -54.32 70.46 19.14
CA ASN B 36 -53.12 70.76 19.96
C ASN B 36 -52.01 71.66 19.36
N PRO B 37 -51.40 72.54 20.18
CA PRO B 37 -50.08 73.10 19.86
C PRO B 37 -49.06 73.07 21.00
N THR B 38 -47.76 72.78 20.81
CA THR B 38 -46.84 72.77 21.95
C THR B 38 -46.32 74.15 22.37
N ASN B 39 -45.92 74.31 23.64
CA ASN B 39 -45.31 75.55 24.07
C ASN B 39 -43.80 75.40 23.89
N ALA B 40 -43.38 76.17 22.90
CA ALA B 40 -42.07 76.18 22.26
C ALA B 40 -42.50 76.50 20.84
N GLU B 41 -43.44 75.76 20.22
CA GLU B 41 -43.97 76.14 18.91
C GLU B 41 -44.73 77.46 18.89
N ILE B 42 -45.64 77.65 19.86
CA ILE B 42 -46.34 78.93 20.02
C ILE B 42 -45.31 80.04 20.33
N ASN B 43 -44.40 79.75 21.27
CA ASN B 43 -43.27 80.64 21.59
C ASN B 43 -42.38 80.97 20.38
N LYS B 44 -42.21 80.08 19.39
CA LYS B 44 -41.41 80.35 18.19
C LYS B 44 -41.91 81.48 17.28
N ILE B 45 -43.03 81.25 16.59
CA ILE B 45 -43.48 82.27 15.66
C ILE B 45 -44.71 83.05 16.04
N LEU B 46 -44.34 84.34 15.92
CA LEU B 46 -45.09 85.50 16.33
C LEU B 46 -45.09 85.61 17.86
N GLY B 47 -45.19 84.51 18.62
CA GLY B 47 -44.96 84.52 20.08
C GLY B 47 -43.64 85.16 20.55
N ASN B 48 -42.48 84.70 20.06
CA ASN B 48 -41.19 85.32 20.38
C ASN B 48 -41.01 86.83 20.16
N PRO B 49 -41.64 87.48 19.16
CA PRO B 49 -41.65 88.94 19.18
C PRO B 49 -42.72 89.65 20.01
N SER B 50 -42.46 90.03 21.28
CA SER B 50 -43.45 90.70 22.14
C SER B 50 -44.26 91.85 21.53
N LYS B 51 -43.65 92.94 21.04
CA LYS B 51 -44.39 94.01 20.36
C LYS B 51 -45.15 93.53 19.13
N GLU B 52 -44.53 92.77 18.22
CA GLU B 52 -45.26 92.23 17.07
C GLU B 52 -46.40 91.32 17.50
N GLU B 53 -46.30 90.26 18.31
CA GLU B 53 -47.45 89.46 18.75
C GLU B 53 -48.49 90.29 19.52
N MET B 54 -48.07 91.26 20.32
CA MET B 54 -49.03 92.19 20.92
C MET B 54 -49.79 93.05 19.90
N ASN B 55 -49.16 93.33 18.77
CA ASN B 55 -49.77 93.96 17.61
C ASN B 55 -50.10 92.97 16.47
N ALA B 56 -50.04 91.67 16.80
CA ALA B 56 -50.39 90.53 15.92
C ALA B 56 -51.14 89.35 16.56
N LYS B 57 -51.78 89.58 17.72
CA LYS B 57 -52.72 88.67 18.39
C LYS B 57 -53.20 89.17 19.76
N LYS B 58 -52.49 90.07 20.46
CA LYS B 58 -53.03 90.75 21.66
C LYS B 58 -53.93 91.90 21.17
N ILE B 59 -54.98 91.36 20.60
CA ILE B 59 -55.74 92.11 19.63
C ILE B 59 -57.16 91.61 19.42
N THR B 60 -57.70 92.12 18.33
CA THR B 60 -58.97 91.72 17.75
C THR B 60 -58.84 90.40 16.99
N PHE B 61 -59.94 89.95 16.41
CA PHE B 61 -60.03 88.67 15.73
C PHE B 61 -59.09 88.50 14.52
N GLU B 62 -58.69 89.66 13.98
CA GLU B 62 -57.85 89.82 12.80
C GLU B 62 -56.52 89.10 12.73
N GLU B 63 -55.95 88.91 13.92
CA GLU B 63 -54.68 88.21 14.03
C GLU B 63 -54.81 86.91 14.82
N PHE B 64 -55.88 86.79 15.63
CA PHE B 64 -56.24 85.52 16.24
C PHE B 64 -56.38 84.40 15.23
N LEU B 65 -57.28 84.65 14.29
CA LEU B 65 -57.64 83.72 13.23
C LEU B 65 -56.47 83.31 12.32
N PRO B 66 -55.69 84.19 11.67
CA PRO B 66 -54.41 83.76 11.09
C PRO B 66 -53.42 83.00 11.97
N MET B 67 -53.11 83.37 13.24
CA MET B 67 -52.25 82.53 14.09
C MET B 67 -52.79 81.10 14.30
N LEU B 68 -54.10 81.01 14.57
CA LEU B 68 -54.77 79.73 14.75
C LEU B 68 -54.69 78.82 13.51
N GLN B 69 -54.89 79.41 12.32
CA GLN B 69 -54.67 78.68 11.07
C GLN B 69 -53.23 78.20 10.89
N ALA B 70 -52.24 79.04 11.19
CA ALA B 70 -50.83 78.64 11.18
C ALA B 70 -50.56 77.37 12.01
N ALA B 71 -51.11 77.31 13.22
CA ALA B 71 -51.08 76.08 14.01
C ALA B 71 -51.83 74.95 13.31
N ALA B 72 -53.03 75.18 12.76
CA ALA B 72 -53.81 74.16 12.02
C ALA B 72 -53.05 73.33 10.98
N ASN B 73 -52.08 73.95 10.31
CA ASN B 73 -51.20 73.25 9.36
C ASN B 73 -50.29 72.15 9.93
N ASN B 74 -49.68 72.32 11.12
CA ASN B 74 -48.79 71.29 11.68
C ASN B 74 -49.47 70.16 12.44
N LYS B 75 -50.77 70.30 12.68
CA LYS B 75 -51.51 69.39 13.53
C LYS B 75 -51.71 67.92 13.13
N ASP B 76 -51.23 67.49 11.95
CA ASP B 76 -51.15 66.08 11.54
C ASP B 76 -50.55 65.15 12.62
N GLN B 77 -49.63 65.72 13.42
CA GLN B 77 -49.04 65.05 14.60
C GLN B 77 -50.06 64.56 15.66
N GLY B 78 -51.35 64.84 15.46
CA GLY B 78 -52.44 64.30 16.27
C GLY B 78 -52.54 62.76 16.22
N THR B 79 -51.83 62.12 15.27
CA THR B 79 -51.71 60.66 15.15
C THR B 79 -51.49 59.93 16.48
N PHE B 80 -52.39 59.05 16.87
CA PHE B 80 -52.28 58.38 18.17
C PHE B 80 -51.26 57.24 18.25
N GLU B 81 -50.89 56.66 17.11
CA GLU B 81 -49.99 55.50 17.01
C GLU B 81 -48.82 55.49 18.00
N ASP B 82 -47.89 56.43 17.87
CA ASP B 82 -46.76 56.57 18.79
C ASP B 82 -47.13 56.83 20.27
N PHE B 83 -48.32 57.36 20.55
CA PHE B 83 -48.67 57.84 21.89
C PHE B 83 -49.39 56.99 22.90
N VAL B 84 -49.51 55.70 22.59
CA VAL B 84 -49.89 54.67 23.57
C VAL B 84 -48.58 53.89 23.79
N GLU B 85 -47.88 53.65 22.68
CA GLU B 85 -46.58 52.98 22.66
C GLU B 85 -45.47 53.63 23.51
N GLY B 86 -45.29 54.95 23.37
CA GLY B 86 -44.34 55.72 24.16
C GLY B 86 -44.54 55.57 25.65
N LEU B 87 -45.83 55.55 26.03
CA LEU B 87 -46.21 55.29 27.39
C LEU B 87 -45.79 53.89 27.80
N ARG B 88 -46.19 52.77 27.17
CA ARG B 88 -45.69 51.43 27.51
C ARG B 88 -44.17 51.29 27.74
N VAL B 89 -43.35 52.16 27.13
CA VAL B 89 -41.89 52.17 27.36
C VAL B 89 -41.47 52.53 28.78
N PHE B 90 -42.23 53.32 29.53
CA PHE B 90 -41.87 53.67 30.90
C PHE B 90 -42.10 52.47 31.85
N ASP B 91 -43.30 51.91 31.98
CA ASP B 91 -43.52 50.77 32.90
C ASP B 91 -43.97 49.39 32.33
N LYS B 92 -43.36 48.86 31.27
CA LYS B 92 -43.68 47.55 30.67
C LYS B 92 -43.50 46.19 31.42
N GLU B 93 -44.50 45.73 32.17
CA GLU B 93 -44.42 44.44 32.89
C GLU B 93 -45.69 43.57 32.72
N GLY B 94 -46.07 43.33 31.47
CA GLY B 94 -47.27 42.56 31.14
C GLY B 94 -48.29 43.40 30.36
N ASN B 95 -49.39 43.83 30.99
CA ASN B 95 -50.36 44.71 30.32
C ASN B 95 -49.91 46.16 30.19
N GLY B 96 -50.71 47.15 29.78
CA GLY B 96 -50.28 48.56 29.81
C GLY B 96 -50.15 49.13 31.22
N THR B 97 -49.22 48.58 32.01
CA THR B 97 -48.97 48.92 33.40
C THR B 97 -48.16 50.18 33.60
N VAL B 98 -48.59 51.11 34.43
CA VAL B 98 -47.83 52.32 34.82
C VAL B 98 -47.73 52.43 36.34
N MET B 99 -46.86 53.24 36.91
CA MET B 99 -46.96 53.58 38.32
C MET B 99 -47.25 55.06 38.45
N GLY B 100 -48.17 55.45 39.33
CA GLY B 100 -48.54 56.85 39.56
C GLY B 100 -47.35 57.81 39.63
N ALA B 101 -46.43 57.50 40.54
CA ALA B 101 -45.20 58.27 40.72
C ALA B 101 -44.36 58.59 39.49
N GLU B 102 -44.18 57.61 38.60
CA GLU B 102 -43.42 57.79 37.38
C GLU B 102 -44.11 58.75 36.42
N LEU B 103 -45.37 58.57 36.01
CA LEU B 103 -46.04 59.57 35.17
C LEU B 103 -46.14 60.96 35.84
N ARG B 104 -46.52 61.04 37.12
CA ARG B 104 -46.57 62.30 37.87
C ARG B 104 -45.29 63.14 37.83
N HIS B 105 -44.13 62.56 38.17
CA HIS B 105 -42.89 63.32 38.09
C HIS B 105 -42.44 63.55 36.64
N VAL B 106 -42.42 62.53 35.77
CA VAL B 106 -42.02 62.69 34.38
C VAL B 106 -42.78 63.80 33.63
N LEU B 107 -44.08 63.93 33.91
CA LEU B 107 -44.87 65.00 33.31
C LEU B 107 -44.99 66.29 34.12
N ALA B 108 -44.08 66.52 35.07
CA ALA B 108 -44.00 67.77 35.83
C ALA B 108 -42.58 68.36 35.75
N THR B 109 -41.58 67.48 35.80
CA THR B 109 -40.16 67.82 35.73
C THR B 109 -39.49 67.82 34.35
N LEU B 110 -40.00 67.08 33.36
CA LEU B 110 -39.30 66.97 32.09
C LEU B 110 -39.82 67.72 30.85
N GLY B 111 -38.92 68.02 29.90
CA GLY B 111 -39.26 68.71 28.65
C GLY B 111 -39.98 70.06 28.80
N GLU B 112 -41.29 70.04 28.61
CA GLU B 112 -42.11 71.24 28.71
C GLU B 112 -42.69 71.52 30.09
N LYS B 113 -42.43 70.67 31.11
CA LYS B 113 -42.98 70.75 32.48
C LYS B 113 -44.51 70.54 32.50
N MET B 114 -45.19 70.71 33.62
CA MET B 114 -46.65 70.81 33.76
C MET B 114 -46.82 71.11 35.24
N THR B 115 -47.70 71.99 35.70
CA THR B 115 -47.77 72.23 37.15
C THR B 115 -48.32 71.00 37.88
N GLU B 116 -47.86 70.77 39.11
CA GLU B 116 -48.35 69.65 39.91
C GLU B 116 -49.88 69.62 39.97
N GLU B 117 -50.49 70.79 40.15
CA GLU B 117 -51.94 71.01 40.07
C GLU B 117 -52.55 70.43 38.78
N GLU B 118 -52.07 70.85 37.59
CA GLU B 118 -52.51 70.31 36.31
C GLU B 118 -52.32 68.80 36.16
N VAL B 119 -51.18 68.24 36.60
CA VAL B 119 -50.95 66.79 36.57
C VAL B 119 -51.93 66.05 37.50
N GLU B 120 -52.14 66.48 38.75
CA GLU B 120 -53.15 65.94 39.67
C GLU B 120 -54.54 65.92 39.02
N GLU B 121 -54.84 67.01 38.32
CA GLU B 121 -56.03 67.11 37.48
C GLU B 121 -56.11 66.25 36.23
N LEU B 122 -55.00 65.79 35.66
CA LEU B 122 -55.03 64.77 34.61
C LEU B 122 -55.32 63.39 35.21
N MET B 123 -54.79 63.16 36.40
CA MET B 123 -55.04 61.94 37.17
C MET B 123 -56.42 61.90 37.87
N LYS B 124 -57.46 62.50 37.29
CA LYS B 124 -58.81 62.58 37.84
C LYS B 124 -59.55 61.26 38.08
N GLY B 125 -59.19 60.49 39.12
CA GLY B 125 -59.83 59.21 39.42
C GLY B 125 -59.67 58.14 38.34
N GLN B 126 -58.47 58.12 37.74
CA GLN B 126 -58.12 57.11 36.75
C GLN B 126 -56.99 56.18 37.23
N GLU B 127 -56.47 56.54 38.41
CA GLU B 127 -55.43 55.83 39.15
C GLU B 127 -55.83 55.49 40.58
N ASP B 128 -56.82 54.61 40.68
CA ASP B 128 -57.28 54.15 41.99
C ASP B 128 -56.23 53.46 42.87
N SER B 129 -56.60 53.15 44.12
CA SER B 129 -55.74 52.50 45.14
C SER B 129 -54.62 51.51 44.80
N ASN B 130 -54.68 50.88 43.63
CA ASN B 130 -53.72 49.88 43.17
C ASN B 130 -52.29 50.37 42.89
N GLY B 131 -52.01 51.68 42.84
CA GLY B 131 -50.65 52.19 42.58
C GLY B 131 -50.28 52.25 41.10
N CYS B 132 -50.61 51.14 40.44
CA CYS B 132 -50.50 51.01 39.00
C CYS B 132 -51.66 51.60 38.22
N ILE B 133 -51.28 52.30 37.17
CA ILE B 133 -52.23 52.94 36.28
C ILE B 133 -52.36 52.17 34.95
N ASN B 134 -53.48 52.13 34.23
CA ASN B 134 -53.58 51.39 32.96
C ASN B 134 -53.44 52.21 31.65
N TYR B 135 -52.22 52.41 31.15
CA TYR B 135 -51.88 53.21 29.96
C TYR B 135 -52.88 53.42 28.82
N GLU B 136 -53.33 52.29 28.28
CA GLU B 136 -54.24 52.22 27.15
C GLU B 136 -55.54 52.99 27.34
N ALA B 137 -56.04 52.99 28.56
CA ALA B 137 -57.25 53.74 28.89
C ALA B 137 -56.98 55.24 29.02
N PHE B 138 -55.80 55.65 29.48
CA PHE B 138 -55.50 57.09 29.60
C PHE B 138 -55.40 57.78 28.28
N VAL B 139 -54.65 57.24 27.32
CA VAL B 139 -54.59 57.86 25.99
C VAL B 139 -55.99 58.03 25.43
N LYS B 140 -56.89 57.03 25.56
CA LYS B 140 -58.29 57.20 25.18
C LYS B 140 -59.01 58.32 25.95
N HIS B 141 -58.96 58.39 27.30
CA HIS B 141 -59.58 59.49 28.07
C HIS B 141 -58.97 60.89 27.93
N ILE B 142 -57.69 60.92 27.57
CA ILE B 142 -56.93 62.12 27.28
C ILE B 142 -57.42 62.56 25.89
N MET B 143 -57.27 61.76 24.84
CA MET B 143 -57.72 62.11 23.50
C MET B 143 -59.24 62.29 23.33
N SER B 144 -60.04 61.83 24.30
CA SER B 144 -61.51 61.94 24.31
C SER B 144 -62.22 63.30 24.49
N VAL B 145 -61.56 64.44 24.31
CA VAL B 145 -62.29 65.69 24.37
C VAL B 145 -62.81 66.09 22.99
N ASP C 1 2.49 55.02 58.76
CA ASP C 1 3.35 55.62 59.77
C ASP C 1 3.27 54.85 61.05
N ALA C 2 2.05 54.81 61.59
CA ALA C 2 1.78 54.07 62.80
C ALA C 2 2.14 52.63 62.55
N GLU C 3 1.61 52.11 61.44
CA GLU C 3 1.85 50.76 61.00
C GLU C 3 3.32 50.45 60.90
N MET C 4 3.97 51.16 59.98
CA MET C 4 5.37 51.02 59.75
C MET C 4 6.16 51.27 61.01
N ALA C 5 6.87 50.23 61.37
CA ALA C 5 7.71 50.21 62.50
C ALA C 5 8.63 49.05 62.27
N ALA C 6 7.95 47.93 61.95
CA ALA C 6 8.60 46.67 61.65
C ALA C 6 9.81 46.92 60.76
N PHE C 7 9.53 47.68 59.68
CA PHE C 7 10.55 48.06 58.74
C PHE C 7 11.34 49.19 59.32
N GLY C 8 10.56 50.21 59.64
CA GLY C 8 11.09 51.40 60.20
C GLY C 8 12.18 51.93 59.28
N GLU C 9 13.39 51.42 59.47
CA GLU C 9 14.51 51.88 58.68
C GLU C 9 14.35 51.67 57.19
N ALA C 10 13.62 50.63 56.80
CA ALA C 10 13.42 50.32 55.40
C ALA C 10 12.29 51.13 54.79
N ALA C 11 11.35 51.46 55.67
CA ALA C 11 10.13 52.19 55.38
C ALA C 11 10.22 53.16 54.24
N PRO C 12 11.16 54.07 54.33
CA PRO C 12 11.31 55.08 53.31
C PRO C 12 11.45 54.55 51.91
N TYR C 13 11.90 53.29 51.79
CA TYR C 13 12.15 52.64 50.50
C TYR C 13 11.04 51.72 50.07
N LEU C 14 10.08 51.56 50.99
CA LEU C 14 8.89 50.75 50.82
C LEU C 14 7.64 51.58 50.63
N ARG C 15 7.50 52.53 51.56
CA ARG C 15 6.42 53.47 51.59
C ARG C 15 6.87 54.85 51.94
N LYS C 16 6.01 55.84 51.67
CA LYS C 16 6.32 57.23 51.95
C LYS C 16 5.55 57.80 53.14
N SER C 17 6.09 58.85 53.76
CA SER C 17 5.42 59.41 54.93
C SER C 17 4.02 59.82 54.57
N GLU C 18 3.13 59.59 55.51
CA GLU C 18 1.71 59.92 55.35
C GLU C 18 1.36 61.32 54.96
N LYS C 19 2.32 62.16 54.67
CA LYS C 19 1.92 63.47 54.26
C LYS C 19 2.56 63.71 52.91
N GLU C 20 3.67 62.95 52.74
CA GLU C 20 4.40 62.99 51.49
C GLU C 20 3.41 62.51 50.46
N ARG C 21 2.62 61.59 50.98
CA ARG C 21 1.57 60.98 50.22
C ARG C 21 0.55 62.07 49.98
N ILE C 22 -0.03 62.45 51.12
CA ILE C 22 -1.04 63.48 51.21
C ILE C 22 -0.73 64.75 50.45
N GLU C 23 0.50 65.17 50.52
CA GLU C 23 0.94 66.34 49.82
C GLU C 23 1.02 66.12 48.32
N ALA C 24 0.97 64.85 47.96
CA ALA C 24 1.08 64.48 46.57
C ALA C 24 -0.24 64.18 45.89
N GLN C 25 -1.12 63.50 46.63
CA GLN C 25 -2.42 63.14 46.08
C GLN C 25 -3.38 64.32 46.09
N ASN C 26 -3.20 65.19 47.08
CA ASN C 26 -4.05 66.33 47.28
C ASN C 26 -3.33 67.57 46.79
N LYS C 27 -3.39 67.75 45.49
CA LYS C 27 -2.78 68.86 44.84
C LYS C 27 -3.59 69.24 43.62
N PRO C 28 -3.34 70.43 43.09
CA PRO C 28 -4.09 70.89 41.94
C PRO C 28 -3.86 70.06 40.70
N PHE C 29 -4.96 69.78 39.98
CA PHE C 29 -4.90 69.03 38.74
C PHE C 29 -5.90 69.50 37.66
N ASP C 30 -5.40 69.70 36.44
CA ASP C 30 -6.28 70.06 35.32
C ASP C 30 -6.32 68.97 34.25
N ALA C 31 -7.24 68.05 34.44
CA ALA C 31 -7.39 66.95 33.53
C ALA C 31 -7.42 67.28 32.03
N LYS C 32 -8.40 68.06 31.64
CA LYS C 32 -8.60 68.42 30.26
C LYS C 32 -7.36 68.98 29.57
N SER C 33 -6.37 69.41 30.34
CA SER C 33 -5.22 69.99 29.70
C SER C 33 -3.96 69.21 29.89
N SER C 34 -3.80 68.64 31.11
CA SER C 34 -2.62 67.84 31.42
C SER C 34 -2.56 66.51 30.63
N VAL C 35 -1.42 66.22 30.04
CA VAL C 35 -1.29 65.05 29.21
C VAL C 35 0.12 64.52 29.05
N PHE C 36 0.21 63.29 28.52
CA PHE C 36 1.49 62.61 28.18
C PHE C 36 1.59 62.67 26.68
N VAL C 37 2.79 62.71 26.13
CA VAL C 37 2.87 62.77 24.66
C VAL C 37 4.13 62.13 24.08
N VAL C 38 3.99 61.80 22.80
CA VAL C 38 5.04 61.18 22.02
C VAL C 38 6.19 62.11 21.95
N HIS C 39 7.38 61.57 21.67
CA HIS C 39 8.51 62.46 21.57
C HIS C 39 9.68 61.83 20.87
N PRO C 40 10.02 62.41 19.74
CA PRO C 40 11.08 61.94 18.91
C PRO C 40 12.38 61.56 19.61
N LYS C 41 12.89 62.42 20.50
CA LYS C 41 14.12 62.09 21.20
C LYS C 41 13.83 61.26 22.45
N GLU C 42 13.14 61.87 23.41
CA GLU C 42 12.75 61.12 24.59
C GLU C 42 11.44 60.45 24.25
N SER C 43 11.30 59.21 24.65
CA SER C 43 10.13 58.39 24.32
C SER C 43 8.76 59.04 24.43
N PHE C 44 8.47 59.45 25.63
CA PHE C 44 7.20 60.08 26.00
C PHE C 44 7.50 61.06 27.08
N VAL C 45 7.20 62.31 26.88
CA VAL C 45 7.44 63.22 27.95
C VAL C 45 6.10 63.84 28.26
N LYS C 46 5.99 64.55 29.41
CA LYS C 46 4.71 65.16 29.76
C LYS C 46 4.58 66.60 29.31
N GLY C 47 3.33 67.04 29.21
CA GLY C 47 3.07 68.38 28.81
C GLY C 47 1.65 68.78 29.05
N THR C 48 1.41 70.05 28.68
CA THR C 48 0.13 70.67 28.80
C THR C 48 -0.39 70.96 27.40
N ILE C 49 -1.65 70.63 27.18
CA ILE C 49 -2.25 70.91 25.91
C ILE C 49 -2.49 72.41 25.75
N GLN C 50 -2.02 72.95 24.63
CA GLN C 50 -2.17 74.34 24.35
C GLN C 50 -3.38 74.55 23.46
N SER C 51 -3.28 74.03 22.25
CA SER C 51 -4.37 74.23 21.33
C SER C 51 -4.90 72.92 20.82
N LYS C 52 -5.71 72.99 19.77
CA LYS C 52 -6.27 71.81 19.17
C LYS C 52 -6.51 72.04 17.67
N GLU C 53 -5.69 71.37 16.84
CA GLU C 53 -5.75 71.48 15.39
C GLU C 53 -6.82 70.62 14.67
N GLY C 54 -7.85 70.25 15.42
CA GLY C 54 -8.97 69.45 14.93
C GLY C 54 -8.70 67.96 14.84
N GLY C 55 -7.42 67.59 14.96
CA GLY C 55 -6.95 66.21 14.87
C GLY C 55 -5.45 66.18 14.89
N LYS C 56 -4.95 67.26 15.47
CA LYS C 56 -3.56 67.54 15.68
C LYS C 56 -3.53 68.18 17.03
N VAL C 57 -2.38 68.12 17.67
CA VAL C 57 -2.32 68.70 18.96
C VAL C 57 -1.03 69.40 19.19
N THR C 58 -1.12 70.58 19.79
CA THR C 58 0.08 71.31 20.12
C THR C 58 0.24 71.28 21.60
N VAL C 59 1.43 70.89 22.05
CA VAL C 59 1.63 70.83 23.48
C VAL C 59 2.91 71.43 23.97
N LYS C 60 2.81 71.96 25.17
CA LYS C 60 3.97 72.50 25.81
C LYS C 60 4.64 71.34 26.45
N THR C 61 5.81 71.56 26.97
CA THR C 61 6.54 70.47 27.55
C THR C 61 6.90 70.81 28.95
N GLU C 62 7.52 69.84 29.53
CA GLU C 62 8.09 69.92 30.82
C GLU C 62 9.56 69.89 30.56
N GLY C 63 10.05 71.08 30.34
CA GLY C 63 11.43 71.37 30.01
C GLY C 63 11.36 72.55 29.11
N GLY C 64 10.15 72.64 28.48
CA GLY C 64 9.85 73.77 27.63
C GLY C 64 10.12 73.39 26.21
N GLU C 65 9.03 73.00 25.55
CA GLU C 65 9.11 72.59 24.17
C GLU C 65 7.70 72.57 23.66
N THR C 66 7.59 72.84 22.36
CA THR C 66 6.29 72.85 21.80
C THR C 66 6.28 71.98 20.56
N LEU C 67 5.34 71.02 20.53
CA LEU C 67 5.21 70.07 19.43
C LEU C 67 3.78 69.90 18.99
N THR C 68 3.55 69.77 17.68
CA THR C 68 2.20 69.55 17.24
C THR C 68 2.15 68.14 16.77
N VAL C 69 1.55 67.32 17.58
CA VAL C 69 1.49 65.92 17.30
C VAL C 69 0.06 65.40 17.17
N LYS C 70 -0.12 64.33 16.39
CA LYS C 70 -1.41 63.68 16.12
C LYS C 70 -2.31 63.62 17.34
N GLU C 71 -3.54 63.18 17.11
CA GLU C 71 -4.47 63.06 18.20
C GLU C 71 -4.10 61.87 19.06
N ASP C 72 -3.63 60.82 18.39
CA ASP C 72 -3.21 59.65 19.14
C ASP C 72 -1.74 59.52 19.43
N GLN C 73 -1.14 60.65 19.64
CA GLN C 73 0.24 60.73 19.98
C GLN C 73 0.23 61.38 21.35
N VAL C 74 -1.04 61.61 21.71
CA VAL C 74 -1.48 62.25 22.93
C VAL C 74 -2.24 61.28 23.85
N PHE C 75 -1.80 61.23 25.09
CA PHE C 75 -2.35 60.37 26.11
C PHE C 75 -2.57 61.07 27.42
N SER C 76 -3.76 60.83 27.97
CA SER C 76 -4.20 61.38 29.22
C SER C 76 -3.21 61.15 30.32
N MET C 77 -3.44 61.80 31.46
CA MET C 77 -2.59 61.73 32.61
C MET C 77 -3.40 61.53 33.89
N ASN C 78 -3.04 60.54 34.66
CA ASN C 78 -3.76 60.23 35.84
C ASN C 78 -3.79 61.32 36.87
N PRO C 79 -4.95 61.44 37.53
CA PRO C 79 -5.11 62.41 38.60
C PRO C 79 -4.04 62.07 39.58
N PRO C 80 -3.70 63.06 40.33
CA PRO C 80 -2.65 62.97 41.30
C PRO C 80 -2.90 61.86 42.32
N LYS C 81 -4.15 61.47 42.42
CA LYS C 81 -4.49 60.42 43.37
C LYS C 81 -3.66 59.18 43.14
N TYR C 82 -3.21 59.04 41.91
CA TYR C 82 -2.38 57.91 41.50
C TYR C 82 -0.98 58.38 41.28
N ASP C 83 -0.26 58.63 42.38
CA ASP C 83 1.05 59.17 42.20
C ASP C 83 2.10 58.09 42.01
N LYS C 84 2.29 57.34 43.11
CA LYS C 84 3.26 56.27 43.11
C LYS C 84 2.63 55.00 43.60
N ILE C 85 1.55 54.71 42.88
CA ILE C 85 0.68 53.59 43.06
C ILE C 85 1.43 52.29 43.15
N GLU C 86 1.11 51.58 44.19
CA GLU C 86 1.65 50.28 44.44
C GLU C 86 1.35 49.32 43.33
N ASP C 87 0.13 49.47 42.77
CA ASP C 87 -0.37 48.62 41.72
C ASP C 87 -0.85 49.44 40.58
N MET C 88 -0.02 49.62 39.59
CA MET C 88 -0.36 50.42 38.47
C MET C 88 -1.62 50.03 37.83
N ALA C 89 -1.98 48.80 38.03
CA ALA C 89 -3.22 48.27 37.44
C ALA C 89 -4.46 48.77 38.13
N MET C 90 -4.26 49.73 39.03
CA MET C 90 -5.39 50.28 39.70
C MET C 90 -5.67 51.64 39.12
N MET C 91 -4.70 52.10 38.38
CA MET C 91 -4.80 53.32 37.67
C MET C 91 -6.00 53.26 36.77
N THR C 92 -6.57 54.44 36.47
CA THR C 92 -7.75 54.52 35.63
C THR C 92 -7.32 54.87 34.27
N HIS C 93 -5.99 54.89 34.13
CA HIS C 93 -5.39 55.21 32.85
C HIS C 93 -4.27 54.26 32.50
N LEU C 94 -4.69 53.23 31.76
CA LEU C 94 -3.90 52.15 31.29
C LEU C 94 -3.35 52.46 29.91
N HIS C 95 -2.21 53.11 29.96
CA HIS C 95 -1.48 53.55 28.81
C HIS C 95 -0.15 52.93 28.83
N GLU C 96 0.59 53.36 27.85
CA GLU C 96 1.96 52.96 27.78
C GLU C 96 2.78 53.93 28.67
N PRO C 97 2.59 55.24 28.47
CA PRO C 97 3.31 56.22 29.23
C PRO C 97 3.10 56.19 30.74
N ALA C 98 1.86 56.15 31.13
CA ALA C 98 1.58 56.13 32.55
C ALA C 98 2.25 55.03 33.29
N VAL C 99 2.59 53.96 32.59
CA VAL C 99 3.24 52.87 33.27
C VAL C 99 4.70 53.14 33.41
N LEU C 100 5.24 53.67 32.38
CA LEU C 100 6.65 54.00 32.39
C LEU C 100 6.84 55.00 33.50
N TYR C 101 6.02 56.03 33.43
CA TYR C 101 6.08 57.11 34.37
C TYR C 101 5.91 56.78 35.81
N ASN C 102 5.09 55.78 36.13
CA ASN C 102 4.89 55.39 37.54
C ASN C 102 6.07 54.72 38.10
N LEU C 103 6.65 53.91 37.28
CA LEU C 103 7.79 53.12 37.72
C LEU C 103 8.86 54.09 38.06
N LYS C 104 9.15 54.90 37.04
CA LYS C 104 10.14 55.98 37.10
C LYS C 104 10.02 56.85 38.31
N GLU C 105 8.82 57.34 38.62
CA GLU C 105 8.70 58.23 39.74
C GLU C 105 9.03 57.59 41.07
N ARG C 106 8.60 56.34 41.27
CA ARG C 106 8.85 55.70 42.54
C ARG C 106 10.19 55.12 42.70
N TYR C 107 11.00 55.39 41.69
CA TYR C 107 12.35 54.89 41.63
C TYR C 107 13.25 56.04 42.01
N ALA C 108 12.90 57.20 41.47
CA ALA C 108 13.61 58.44 41.76
C ALA C 108 13.44 58.74 43.25
N ALA C 109 12.53 57.98 43.87
CA ALA C 109 12.22 58.09 45.26
C ALA C 109 12.75 56.87 45.96
N TRP C 110 13.48 56.11 45.18
CA TRP C 110 14.08 54.90 45.70
C TRP C 110 13.11 53.85 46.10
N MET C 111 12.02 53.69 45.36
CA MET C 111 11.20 52.53 45.60
C MET C 111 11.35 51.57 44.40
N ILE C 112 12.00 50.44 44.67
CA ILE C 112 12.27 49.47 43.62
C ILE C 112 11.14 48.48 43.37
N TYR C 113 10.23 48.34 44.29
CA TYR C 113 9.15 47.42 44.10
C TYR C 113 7.82 48.03 43.92
N THR C 114 7.38 47.92 42.69
CA THR C 114 6.07 48.37 42.34
C THR C 114 5.30 47.25 41.64
N TYR C 115 4.02 46.97 41.95
CA TYR C 115 3.26 45.89 41.28
C TYR C 115 2.54 46.41 40.07
N SER C 116 2.34 45.53 39.06
CA SER C 116 1.64 45.87 37.80
C SER C 116 0.66 44.82 37.46
N GLY C 117 -0.22 44.53 38.38
CA GLY C 117 -1.18 43.53 38.18
C GLY C 117 -0.80 42.43 39.08
N LEU C 118 -0.31 41.38 38.50
CA LEU C 118 0.05 40.23 39.31
C LEU C 118 1.52 40.27 39.51
N PHE C 119 2.13 40.96 38.56
CA PHE C 119 3.56 41.08 38.60
C PHE C 119 4.09 41.82 39.75
N CYS C 120 5.33 41.65 39.92
CA CYS C 120 6.07 42.32 40.94
C CYS C 120 7.26 42.90 40.27
N VAL C 121 7.06 44.09 39.75
CA VAL C 121 8.16 44.71 39.11
C VAL C 121 9.28 44.99 40.07
N THR C 122 10.50 44.89 39.62
CA THR C 122 11.71 45.14 40.43
C THR C 122 12.76 45.86 39.63
N VAL C 123 13.20 46.98 40.14
CA VAL C 123 14.22 47.76 39.44
C VAL C 123 15.55 47.75 40.16
N ASN C 124 16.64 47.53 39.37
CA ASN C 124 17.98 47.48 39.92
C ASN C 124 18.40 48.76 40.64
N PRO C 125 18.62 48.69 41.96
CA PRO C 125 18.96 49.90 42.68
C PRO C 125 20.29 50.50 42.24
N TYR C 126 21.25 49.65 42.11
CA TYR C 126 22.60 50.02 41.71
C TYR C 126 23.36 50.63 42.83
N LYS C 127 22.81 50.34 43.98
CA LYS C 127 23.36 50.78 45.23
C LYS C 127 22.74 49.93 46.33
N TRP C 128 23.10 50.16 47.61
CA TRP C 128 22.61 49.33 48.72
C TRP C 128 21.35 49.85 49.39
N LEU C 129 20.54 48.88 49.87
CA LEU C 129 19.28 49.23 50.52
C LEU C 129 18.99 48.30 51.72
N PRO C 130 18.38 48.89 52.74
CA PRO C 130 18.00 48.18 53.94
C PRO C 130 16.81 47.30 53.70
N VAL C 131 16.52 46.98 52.45
CA VAL C 131 15.33 46.19 52.15
C VAL C 131 15.40 44.72 52.44
N TYR C 132 16.59 44.18 52.34
CA TYR C 132 16.75 42.77 52.49
C TYR C 132 16.92 42.48 53.93
N ASN C 133 16.70 43.59 54.65
CA ASN C 133 16.76 43.70 56.09
C ASN C 133 15.96 42.72 56.85
N PRO C 134 16.73 42.14 57.70
CA PRO C 134 16.37 41.10 58.60
C PRO C 134 15.18 41.51 59.44
N LYS C 135 14.73 42.72 59.31
CA LYS C 135 13.56 43.10 60.09
C LYS C 135 12.38 42.93 59.21
N VAL C 136 12.65 43.23 57.95
CA VAL C 136 11.62 43.19 56.95
C VAL C 136 11.03 41.82 56.78
N VAL C 137 11.96 40.88 56.69
CA VAL C 137 11.69 39.49 56.55
C VAL C 137 10.52 39.06 57.43
N LEU C 138 10.53 39.50 58.68
CA LEU C 138 9.47 39.20 59.65
C LEU C 138 8.22 39.93 59.32
N ALA C 139 8.45 41.21 59.03
CA ALA C 139 7.37 42.11 58.74
C ALA C 139 6.43 41.58 57.69
N TYR C 140 7.03 41.01 56.64
CA TYR C 140 6.30 40.49 55.54
C TYR C 140 5.73 39.11 55.80
N ARG C 141 6.00 38.66 56.99
CA ARG C 141 5.60 37.36 57.45
C ARG C 141 4.17 37.30 57.96
N GLY C 142 3.30 36.62 57.19
CA GLY C 142 1.89 36.39 57.48
C GLY C 142 0.95 37.49 56.94
N LYS C 143 1.45 38.31 56.02
CA LYS C 143 0.76 39.45 55.43
C LYS C 143 0.29 39.37 53.99
N LYS C 144 -1.02 39.53 53.75
CA LYS C 144 -1.47 39.60 52.36
C LYS C 144 -0.86 40.83 51.70
N ARG C 145 -0.74 40.84 50.36
CA ARG C 145 -0.08 41.97 49.73
C ARG C 145 -0.84 43.25 49.79
N GLN C 146 -1.94 43.24 50.53
CA GLN C 146 -2.73 44.44 50.65
C GLN C 146 -2.51 45.05 52.02
N GLU C 147 -1.93 44.24 52.89
CA GLU C 147 -1.56 44.61 54.25
C GLU C 147 -0.15 45.19 54.33
N ALA C 148 0.58 45.14 53.22
CA ALA C 148 1.91 45.64 53.13
C ALA C 148 2.26 46.17 51.71
N PRO C 149 3.26 47.05 51.68
CA PRO C 149 3.71 47.68 50.45
C PRO C 149 4.42 46.70 49.49
N PRO C 150 4.49 47.06 48.23
CA PRO C 150 5.14 46.26 47.23
C PRO C 150 6.57 45.86 47.55
N HIS C 151 6.70 44.53 47.60
CA HIS C 151 7.93 43.82 47.88
C HIS C 151 7.84 42.30 47.59
N ILE C 152 8.97 41.77 47.22
CA ILE C 152 9.23 40.40 46.86
C ILE C 152 8.96 39.42 47.94
N PHE C 153 9.16 39.83 49.16
CA PHE C 153 8.89 38.92 50.19
C PHE C 153 7.37 38.82 50.21
N SER C 154 6.70 39.78 49.62
CA SER C 154 5.26 39.69 49.68
C SER C 154 4.87 38.52 48.90
N ILE C 155 5.46 38.47 47.71
CA ILE C 155 5.14 37.40 46.79
C ILE C 155 5.49 36.08 47.44
N SER C 156 6.73 36.06 47.92
CA SER C 156 7.32 34.91 48.52
C SER C 156 6.66 34.43 49.76
N ASP C 157 5.97 35.27 50.42
CA ASP C 157 5.35 34.78 51.64
C ASP C 157 3.99 34.25 51.31
N ASN C 158 3.36 35.01 50.44
CA ASN C 158 2.03 34.67 50.05
C ASN C 158 2.00 33.31 49.46
N ALA C 159 3.08 33.01 48.75
CA ALA C 159 3.20 31.70 48.13
C ALA C 159 3.06 30.63 49.16
N TYR C 160 3.91 30.78 50.15
CA TYR C 160 3.96 29.93 51.31
C TYR C 160 2.60 29.78 51.95
N GLN C 161 2.00 30.91 52.19
CA GLN C 161 0.69 30.96 52.81
C GLN C 161 -0.18 30.04 52.03
N PHE C 162 -0.47 30.56 50.86
CA PHE C 162 -1.24 29.93 49.87
C PHE C 162 -0.93 28.48 49.75
N MET C 163 0.34 28.19 49.95
CA MET C 163 0.77 26.85 49.84
C MET C 163 0.01 26.04 50.86
N LEU C 164 0.14 26.43 52.12
CA LEU C 164 -0.58 25.70 53.17
C LEU C 164 -2.09 25.91 53.18
N THR C 165 -2.56 27.10 52.81
CA THR C 165 -3.97 27.38 52.81
C THR C 165 -4.78 26.57 51.80
N ASP C 166 -4.33 26.61 50.53
CA ASP C 166 -5.00 25.92 49.43
C ASP C 166 -4.55 24.46 49.16
N ARG C 167 -3.43 24.08 49.76
CA ARG C 167 -2.90 22.74 49.56
C ARG C 167 -2.53 22.50 48.12
N GLU C 168 -2.00 23.53 47.49
CA GLU C 168 -1.54 23.49 46.11
C GLU C 168 -0.10 23.86 46.03
N ASN C 169 0.54 23.40 44.98
CA ASN C 169 1.95 23.77 44.87
C ASN C 169 2.02 25.12 44.24
N GLN C 170 3.19 25.73 44.43
CA GLN C 170 3.38 27.08 43.97
C GLN C 170 4.56 27.25 43.04
N SER C 171 4.66 28.46 42.47
CA SER C 171 5.79 28.82 41.62
C SER C 171 5.99 30.30 41.61
N ILE C 172 7.22 30.65 41.28
CA ILE C 172 7.64 32.00 41.19
C ILE C 172 8.45 32.10 39.94
N LEU C 173 8.03 32.95 39.04
CA LEU C 173 8.76 33.06 37.84
C LEU C 173 9.49 34.33 37.73
N ILE C 174 10.83 34.26 37.88
CA ILE C 174 11.65 35.44 37.79
C ILE C 174 12.20 35.58 36.39
N THR C 175 12.13 36.73 35.81
CA THR C 175 12.58 36.92 34.48
C THR C 175 12.97 38.35 34.17
N GLY C 176 14.05 38.52 33.35
CA GLY C 176 14.52 39.84 32.92
C GLY C 176 15.78 39.75 32.06
N GLU C 177 16.24 40.86 31.50
CA GLU C 177 17.47 40.82 30.71
C GLU C 177 18.73 40.65 31.58
N SER C 178 19.80 40.33 30.88
CA SER C 178 21.10 40.06 31.41
C SER C 178 21.48 40.90 32.61
N GLY C 179 21.16 42.16 32.56
CA GLY C 179 21.57 43.02 33.70
C GLY C 179 20.52 43.32 34.72
N ALA C 180 19.32 42.78 34.54
CA ALA C 180 18.24 43.04 35.45
C ALA C 180 18.47 42.62 36.89
N GLY C 181 19.36 41.63 37.10
CA GLY C 181 19.68 41.17 38.45
C GLY C 181 18.70 40.18 39.02
N LYS C 182 18.50 39.05 38.31
CA LYS C 182 17.56 38.06 38.80
C LYS C 182 18.14 37.14 39.85
N THR C 183 19.36 36.60 39.59
CA THR C 183 20.05 35.67 40.50
C THR C 183 19.94 36.14 41.91
N VAL C 184 20.23 37.44 41.98
CA VAL C 184 20.16 38.20 43.22
C VAL C 184 18.83 38.04 43.89
N ASN C 185 17.75 38.19 43.12
CA ASN C 185 16.45 38.04 43.68
C ASN C 185 16.20 36.62 44.05
N THR C 186 16.51 35.77 43.08
CA THR C 186 16.27 34.36 43.22
C THR C 186 16.87 33.86 44.47
N LYS C 187 18.13 34.22 44.64
CA LYS C 187 18.83 33.84 45.81
C LYS C 187 18.11 34.33 47.00
N ARG C 188 17.81 35.62 46.93
CA ARG C 188 17.13 36.30 48.05
C ARG C 188 15.78 35.71 48.39
N VAL C 189 15.12 35.17 47.39
CA VAL C 189 13.85 34.54 47.66
C VAL C 189 14.08 33.26 48.42
N ILE C 190 15.08 32.57 47.92
CA ILE C 190 15.47 31.30 48.50
C ILE C 190 15.79 31.39 49.98
N GLN C 191 16.65 32.36 50.33
CA GLN C 191 16.99 32.56 51.73
C GLN C 191 15.72 32.65 52.52
N TYR C 192 14.83 33.46 51.96
CA TYR C 192 13.54 33.69 52.56
C TYR C 192 12.84 32.40 52.95
N PHE C 193 12.77 31.48 52.02
CA PHE C 193 12.15 30.21 52.33
C PHE C 193 12.84 29.52 53.44
N ALA C 194 14.12 29.43 53.27
CA ALA C 194 14.93 28.71 54.25
C ALA C 194 14.72 29.26 55.64
N THR C 195 14.79 30.57 55.76
CA THR C 195 14.60 31.21 57.06
C THR C 195 13.24 30.94 57.69
N ILE C 196 12.22 31.49 57.06
CA ILE C 196 10.86 31.37 57.53
C ILE C 196 10.29 29.96 57.70
N ALA C 197 11.03 28.91 57.41
CA ALA C 197 10.44 27.61 57.63
C ALA C 197 11.48 26.49 57.73
N ALA C 198 12.45 26.68 58.63
CA ALA C 198 13.58 25.76 58.81
C ALA C 198 13.45 24.63 59.84
N SER C 199 13.88 23.42 59.44
CA SER C 199 13.86 22.24 60.32
C SER C 199 15.23 21.55 60.48
N GLY C 200 16.27 22.39 60.70
CA GLY C 200 17.64 21.93 60.92
C GLY C 200 17.93 22.11 62.40
N GLU C 201 17.16 21.36 63.18
CA GLU C 201 17.16 21.38 64.64
C GLU C 201 18.52 21.31 65.27
N LEU C 215 22.93 22.67 53.91
CA LEU C 215 22.10 23.04 52.79
C LEU C 215 22.54 24.36 52.20
N GLU C 216 22.51 25.27 53.12
CA GLU C 216 22.88 26.63 52.90
C GLU C 216 24.12 26.83 52.08
N ASP C 217 24.95 25.84 52.04
CA ASP C 217 26.18 25.93 51.26
C ASP C 217 25.99 25.23 49.94
N GLN C 218 25.42 24.01 50.04
CA GLN C 218 25.16 23.21 48.85
C GLN C 218 24.39 24.08 47.93
N ILE C 219 23.38 24.67 48.56
CA ILE C 219 22.46 25.61 47.94
C ILE C 219 23.29 26.57 47.15
N ILE C 220 24.24 27.11 47.83
CA ILE C 220 25.11 28.08 47.23
C ILE C 220 26.08 27.43 46.26
N SER C 221 26.85 26.48 46.77
CA SER C 221 27.86 25.81 45.98
C SER C 221 27.37 25.39 44.64
N ALA C 222 26.05 25.27 44.55
CA ALA C 222 25.42 24.86 43.33
C ALA C 222 25.88 25.66 42.16
N ASN C 223 25.70 26.94 42.33
CA ASN C 223 25.99 27.91 41.28
C ASN C 223 27.28 27.72 40.53
N PRO C 224 28.37 27.85 41.27
CA PRO C 224 29.72 27.73 40.73
C PRO C 224 30.05 26.47 39.94
N LEU C 225 29.14 25.51 39.97
CA LEU C 225 29.37 24.28 39.20
C LEU C 225 28.68 24.52 37.86
N LEU C 226 27.39 24.80 37.96
CA LEU C 226 26.56 25.10 36.84
C LEU C 226 27.21 26.14 35.95
N GLU C 227 27.80 27.13 36.59
CA GLU C 227 28.47 28.28 35.95
C GLU C 227 29.68 27.86 35.14
N ALA C 228 30.37 26.85 35.63
CA ALA C 228 31.52 26.37 34.89
C ALA C 228 31.15 25.71 33.63
N PHE C 229 29.93 25.11 33.68
CA PHE C 229 29.36 24.37 32.55
C PHE C 229 28.34 25.06 31.73
N GLY C 230 27.53 25.89 32.35
CA GLY C 230 26.54 26.65 31.60
C GLY C 230 26.82 28.11 31.45
N ASN C 231 28.04 28.59 31.74
CA ASN C 231 28.41 30.01 31.63
C ASN C 231 29.62 30.22 30.77
N ALA C 232 29.70 31.38 30.18
CA ALA C 232 30.78 31.70 29.31
C ALA C 232 30.94 33.17 29.03
N LYS C 233 32.06 33.54 28.49
CA LYS C 233 32.31 34.88 28.11
C LYS C 233 31.59 35.25 26.89
N THR C 234 30.63 36.09 27.04
CA THR C 234 29.83 36.64 25.96
C THR C 234 30.48 37.95 25.63
N VAL C 235 30.16 38.48 24.47
CA VAL C 235 30.72 39.75 24.05
C VAL C 235 30.16 40.89 24.92
N ARG C 236 29.07 40.62 25.62
CA ARG C 236 28.42 41.57 26.50
C ARG C 236 28.85 41.42 27.96
N ASN C 237 28.73 40.21 28.45
CA ASN C 237 29.13 39.88 29.80
C ASN C 237 30.40 39.02 29.74
N ASP C 238 31.03 38.80 30.87
CA ASP C 238 32.27 38.03 30.93
C ASP C 238 31.97 36.69 31.53
N ASN C 239 30.81 36.66 32.17
CA ASN C 239 30.23 35.49 32.81
C ASN C 239 28.76 35.43 32.49
N SER C 240 28.38 35.30 31.19
CA SER C 240 26.98 35.25 30.82
C SER C 240 26.35 33.93 31.04
N SER C 241 25.10 33.98 31.50
CA SER C 241 24.30 32.77 31.76
C SER C 241 23.82 32.20 30.43
N ARG C 242 24.28 31.02 30.01
CA ARG C 242 23.84 30.51 28.74
C ARG C 242 22.72 29.57 28.83
N PHE C 243 23.21 30.59 32.52
CA PHE C 243 22.29 29.48 32.41
C PHE C 243 21.01 29.72 33.16
N GLY C 244 20.01 28.89 32.87
CA GLY C 244 18.70 29.00 33.50
C GLY C 244 18.53 28.00 34.59
N LYS C 245 17.53 28.19 35.45
CA LYS C 245 17.40 27.22 36.50
C LYS C 245 16.08 27.14 37.19
N PHE C 246 15.81 25.94 37.72
CA PHE C 246 14.59 25.63 38.37
C PHE C 246 14.77 24.77 39.57
N ILE C 247 14.49 25.36 40.72
CA ILE C 247 14.56 24.72 42.02
C ILE C 247 13.24 24.34 42.61
N ARG C 248 13.17 23.13 43.13
CA ARG C 248 11.94 22.77 43.71
C ARG C 248 12.11 22.66 45.19
N ILE C 249 11.58 23.59 45.91
CA ILE C 249 11.71 23.46 47.33
C ILE C 249 10.56 22.72 47.84
N HIS C 250 10.89 21.54 48.27
CA HIS C 250 9.87 20.64 48.72
C HIS C 250 9.59 20.82 50.17
N PHE C 251 8.47 21.44 50.42
CA PHE C 251 8.09 21.65 51.78
C PHE C 251 7.45 20.41 52.32
N GLY C 252 7.50 20.24 53.62
CA GLY C 252 6.91 19.10 54.26
C GLY C 252 5.39 19.23 54.46
N ALA C 253 4.85 18.41 55.37
CA ALA C 253 3.44 18.36 55.67
C ALA C 253 3.06 19.42 56.69
N THR C 254 3.93 19.50 57.67
CA THR C 254 3.83 20.48 58.72
C THR C 254 3.85 21.81 58.02
N GLY C 255 4.93 22.01 57.27
CA GLY C 255 5.15 23.24 56.55
C GLY C 255 6.67 23.53 56.61
N LYS C 256 7.41 22.61 57.20
CA LYS C 256 8.84 22.78 57.34
C LYS C 256 9.60 22.09 56.20
N LEU C 257 10.71 22.73 55.81
CA LEU C 257 11.60 22.27 54.74
C LEU C 257 11.84 20.78 54.71
N ALA C 258 11.88 20.20 53.49
CA ALA C 258 12.10 18.74 53.34
C ALA C 258 13.04 18.34 52.18
N SER C 259 12.96 19.02 51.03
CA SER C 259 13.83 18.73 49.91
C SER C 259 13.92 19.86 48.93
N ALA C 260 14.90 19.70 48.05
CA ALA C 260 15.19 20.63 46.97
C ALA C 260 15.50 19.88 45.69
N ASP C 261 15.51 20.61 44.61
CA ASP C 261 15.68 20.00 43.31
C ASP C 261 16.16 20.94 42.22
N ILE C 262 17.39 20.88 41.84
CA ILE C 262 17.77 21.76 40.75
C ILE C 262 17.76 21.16 39.40
N GLU C 263 17.56 22.03 38.41
CA GLU C 263 17.59 21.70 37.01
C GLU C 263 18.13 22.84 36.20
N THR C 264 19.04 22.50 35.31
CA THR C 264 19.72 23.50 34.53
C THR C 264 19.32 23.45 33.07
N TYR C 265 19.27 24.61 32.46
CA TYR C 265 18.87 24.77 31.10
C TYR C 265 19.81 25.70 30.37
N LEU C 266 20.11 25.35 29.18
CA LEU C 266 20.88 26.17 28.30
C LEU C 266 22.09 26.87 28.84
N LEU C 267 23.17 26.17 28.95
CA LEU C 267 24.38 26.70 29.42
C LEU C 267 25.18 27.31 28.31
N GLU C 268 22.67 26.62 25.76
CA GLU C 268 23.32 26.99 24.53
C GLU C 268 24.25 25.91 24.08
N LYS C 269 23.70 24.83 23.51
CA LYS C 269 24.47 23.68 23.03
C LYS C 269 25.54 24.04 22.01
N SER C 270 25.25 25.01 21.23
CA SER C 270 26.17 25.45 20.22
C SER C 270 27.56 25.87 20.70
N ARG C 271 27.70 26.46 21.91
CA ARG C 271 28.98 26.93 22.39
C ARG C 271 29.95 25.78 22.39
N VAL C 272 29.46 24.62 22.85
CA VAL C 272 30.24 23.44 22.92
C VAL C 272 31.02 23.15 21.64
N THR C 273 30.53 23.62 20.52
CA THR C 273 31.11 23.32 19.21
C THR C 273 31.54 24.54 18.47
N PHE C 274 31.01 25.64 18.89
CA PHE C 274 31.25 26.88 18.26
C PHE C 274 31.39 27.99 19.20
N GLN C 275 31.80 29.09 18.61
CA GLN C 275 32.05 30.30 19.31
C GLN C 275 32.34 31.46 18.38
N LEU C 276 31.70 32.55 18.70
CA LEU C 276 31.94 33.74 17.96
C LEU C 276 33.35 34.23 18.32
N PRO C 277 33.85 35.09 17.49
CA PRO C 277 35.16 35.68 17.54
C PRO C 277 35.58 36.41 18.77
N ALA C 278 34.63 37.06 19.42
CA ALA C 278 34.98 37.77 20.64
C ALA C 278 34.55 37.02 21.86
N GLU C 279 34.01 35.83 21.63
CA GLU C 279 33.49 35.05 22.71
C GLU C 279 34.29 33.79 22.97
N ARG C 280 33.74 33.03 23.86
CA ARG C 280 34.36 31.82 24.19
C ARG C 280 33.41 30.80 24.73
N SER C 281 33.86 29.59 24.78
CA SER C 281 33.01 28.56 25.24
C SER C 281 32.94 28.55 26.72
N TYR C 282 32.21 27.52 27.21
CA TYR C 282 31.99 27.34 28.60
C TYR C 282 33.28 27.48 29.35
N HIS C 283 33.24 27.79 30.61
CA HIS C 283 34.47 28.02 31.31
C HIS C 283 35.30 26.80 31.53
N ILE C 284 34.59 25.76 31.98
CA ILE C 284 35.17 24.52 32.35
C ILE C 284 36.41 24.14 31.58
N PHE C 285 36.27 24.29 30.32
CA PHE C 285 37.33 23.91 29.38
C PHE C 285 38.52 24.65 29.67
N TYR C 286 38.35 25.95 29.77
CA TYR C 286 39.50 26.81 30.03
C TYR C 286 39.94 26.65 31.44
N GLN C 287 39.01 26.28 32.30
CA GLN C 287 39.36 26.08 33.67
C GLN C 287 40.42 24.97 33.70
N ILE C 288 40.00 23.81 33.28
CA ILE C 288 40.76 22.58 33.20
C ILE C 288 42.16 22.67 32.54
N MET C 289 42.23 23.35 31.43
CA MET C 289 43.49 23.51 30.74
C MET C 289 44.38 24.56 31.38
N SER C 290 43.86 25.16 32.45
CA SER C 290 44.59 26.20 33.16
C SER C 290 45.82 25.64 33.80
N ASN C 291 45.73 24.39 34.24
CA ASN C 291 46.80 23.63 34.85
C ASN C 291 46.92 23.77 36.35
N LYS C 292 45.89 23.95 37.06
CA LYS C 292 46.07 24.05 38.48
C LYS C 292 46.14 22.69 39.19
N LYS C 293 45.64 21.73 38.47
CA LYS C 293 45.53 20.33 38.83
C LYS C 293 46.10 19.53 37.66
N PRO C 294 47.44 19.59 37.51
CA PRO C 294 48.09 18.95 36.37
C PRO C 294 47.70 17.51 36.02
N GLU C 295 47.34 16.69 37.02
CA GLU C 295 46.92 15.31 36.78
C GLU C 295 45.86 15.24 35.77
N LEU C 296 44.94 16.14 35.93
CA LEU C 296 43.77 16.30 35.05
C LEU C 296 44.16 16.30 33.58
N ILE C 297 45.19 17.09 33.26
CA ILE C 297 45.68 17.21 31.91
C ILE C 297 46.13 15.87 31.28
N ASP C 298 46.78 15.07 32.11
CA ASP C 298 47.32 13.80 31.72
C ASP C 298 46.22 12.76 31.83
N MET C 299 45.37 13.00 32.76
CA MET C 299 44.26 12.12 32.99
C MET C 299 43.31 12.12 31.79
N LEU C 300 43.08 13.33 31.28
CA LEU C 300 42.17 13.54 30.16
C LEU C 300 42.87 13.35 28.85
N LEU C 301 44.18 13.40 28.89
CA LEU C 301 44.96 13.22 27.71
C LEU C 301 44.92 14.39 26.80
N ILE C 302 45.09 15.57 27.39
CA ILE C 302 45.07 16.75 26.57
C ILE C 302 46.30 17.57 26.85
N THR C 303 46.33 18.67 26.19
CA THR C 303 47.35 19.61 26.42
C THR C 303 46.80 20.77 27.18
N THR C 304 47.60 21.82 27.32
CA THR C 304 47.26 23.03 28.07
C THR C 304 46.97 24.21 27.10
N ASN C 305 47.28 24.02 25.83
CA ASN C 305 47.09 24.91 24.71
C ASN C 305 45.83 24.58 23.98
N PRO C 306 44.85 25.46 24.06
CA PRO C 306 43.51 25.29 23.55
C PRO C 306 43.43 25.28 22.09
N TYR C 307 44.47 25.77 21.50
CA TYR C 307 44.42 25.75 20.06
C TYR C 307 44.57 24.35 19.50
N ASP C 308 44.50 23.35 20.39
CA ASP C 308 44.61 21.92 20.04
C ASP C 308 43.22 21.32 20.00
N TYR C 309 42.25 22.16 20.37
CA TYR C 309 40.92 21.79 20.44
C TYR C 309 40.05 22.79 19.83
N HIS C 310 39.97 22.63 18.52
CA HIS C 310 39.15 23.43 17.63
C HIS C 310 37.76 23.87 18.18
N TYR C 311 37.04 22.97 18.75
CA TYR C 311 35.75 23.15 19.33
C TYR C 311 35.75 24.29 20.30
N VAL C 312 36.85 24.45 21.05
CA VAL C 312 36.96 25.46 22.09
C VAL C 312 37.92 26.63 21.91
N SER C 313 38.46 26.84 20.74
CA SER C 313 39.29 27.99 20.59
C SER C 313 38.97 28.67 19.29
N GLN C 314 37.71 28.73 18.96
CA GLN C 314 37.35 29.35 17.72
C GLN C 314 37.25 30.84 17.97
N GLY C 315 37.00 31.15 19.23
CA GLY C 315 36.86 32.53 19.57
C GLY C 315 38.04 32.93 20.36
N GLU C 316 37.83 33.19 21.67
CA GLU C 316 38.88 33.62 22.52
C GLU C 316 39.14 32.54 23.55
N ILE C 317 40.31 32.60 24.16
CA ILE C 317 40.75 31.62 25.14
C ILE C 317 40.93 32.19 26.52
N THR C 318 41.39 33.42 26.56
CA THR C 318 41.61 34.02 27.85
C THR C 318 40.88 35.35 28.05
N VAL C 319 40.43 35.51 29.29
CA VAL C 319 39.73 36.70 29.76
C VAL C 319 40.39 37.18 31.03
N PRO C 320 40.86 38.44 30.96
CA PRO C 320 41.61 39.09 32.03
C PRO C 320 40.91 39.15 33.37
N SER C 321 39.61 39.42 33.35
CA SER C 321 38.83 39.48 34.56
C SER C 321 38.54 38.16 35.24
N ILE C 322 38.94 37.04 34.59
CA ILE C 322 38.72 35.70 35.10
C ILE C 322 40.01 34.95 35.37
N ASP C 323 40.05 34.25 36.52
CA ASP C 323 41.21 33.46 36.95
C ASP C 323 40.84 32.00 36.91
N ASP C 324 40.99 31.43 35.72
CA ASP C 324 40.62 30.06 35.43
C ASP C 324 41.16 29.07 36.47
N GLN C 325 42.31 29.40 37.01
CA GLN C 325 42.97 28.57 37.99
C GLN C 325 42.24 28.48 39.29
N GLU C 326 41.69 29.61 39.72
CA GLU C 326 40.96 29.73 41.00
C GLU C 326 39.60 29.03 40.93
N GLU C 327 38.99 29.26 39.80
CA GLU C 327 37.71 28.70 39.55
C GLU C 327 37.72 27.21 39.51
N LEU C 328 38.74 26.67 38.86
CA LEU C 328 38.90 25.24 38.74
C LEU C 328 38.72 24.57 40.06
N MET C 329 39.28 25.18 41.06
CA MET C 329 39.12 24.64 42.40
C MET C 329 37.76 24.88 42.92
N ALA C 330 37.29 26.10 42.68
CA ALA C 330 35.96 26.45 43.15
C ALA C 330 34.98 25.39 42.71
N THR C 331 35.13 25.16 41.45
CA THR C 331 34.35 24.19 40.77
C THR C 331 34.53 22.88 41.41
N ASP C 332 35.78 22.49 41.44
CA ASP C 332 36.19 21.20 42.00
C ASP C 332 35.55 20.93 43.36
N SER C 333 35.87 21.84 44.25
CA SER C 333 35.37 21.82 45.62
C SER C 333 33.85 21.78 45.70
N ALA C 334 33.19 22.51 44.82
CA ALA C 334 31.79 22.53 44.79
C ALA C 334 31.22 21.13 44.52
N ILE C 335 31.89 20.44 43.61
CA ILE C 335 31.41 19.12 43.22
C ILE C 335 31.28 18.22 44.41
N ASP C 336 32.36 18.22 45.14
CA ASP C 336 32.49 17.48 46.38
C ASP C 336 31.38 17.81 47.34
N ILE C 337 31.25 19.09 47.64
CA ILE C 337 30.22 19.53 48.57
C ILE C 337 28.90 19.12 48.14
N LEU C 338 28.81 19.14 46.83
CA LEU C 338 27.59 18.73 46.25
C LEU C 338 27.31 17.22 46.43
N GLY C 339 28.28 16.51 47.00
CA GLY C 339 28.08 15.09 47.29
C GLY C 339 28.33 14.10 46.18
N PHE C 340 28.92 14.58 45.10
CA PHE C 340 29.18 13.69 44.00
C PHE C 340 30.23 12.66 44.37
N SER C 341 30.08 11.47 43.82
CA SER C 341 31.07 10.42 43.98
C SER C 341 32.33 10.74 43.19
N ALA C 342 33.48 10.31 43.68
CA ALA C 342 34.73 10.70 43.01
C ALA C 342 34.72 10.25 41.58
N ASP C 343 34.26 9.04 41.46
CA ASP C 343 34.04 8.40 40.21
C ASP C 343 33.22 9.34 39.29
N GLU C 344 32.05 9.78 39.78
CA GLU C 344 31.22 10.66 39.02
C GLU C 344 32.00 11.90 38.77
N LYS C 345 32.67 12.32 39.84
CA LYS C 345 33.49 13.51 39.73
C LYS C 345 34.61 13.26 38.79
N THR C 346 34.79 12.00 38.48
CA THR C 346 35.80 11.59 37.54
C THR C 346 35.14 11.49 36.15
N ALA C 347 33.91 10.99 36.09
CA ALA C 347 33.21 10.90 34.87
C ALA C 347 33.09 12.26 34.23
N ILE C 348 32.69 13.17 35.03
CA ILE C 348 32.49 14.55 34.64
C ILE C 348 33.70 15.05 33.97
N TYR C 349 34.81 14.88 34.65
CA TYR C 349 35.98 15.41 34.05
C TYR C 349 36.24 14.63 32.79
N LYS C 350 36.54 13.35 32.91
CA LYS C 350 36.84 12.50 31.76
C LYS C 350 35.89 12.72 30.58
N LEU C 351 34.61 12.90 30.92
CA LEU C 351 33.61 13.10 29.91
C LEU C 351 33.72 14.44 29.20
N THR C 352 34.16 15.45 29.94
CA THR C 352 34.31 16.78 29.42
C THR C 352 35.48 16.91 28.49
N GLY C 353 36.39 15.96 28.54
CA GLY C 353 37.58 15.97 27.71
C GLY C 353 37.35 15.19 26.47
N ALA C 354 36.54 14.12 26.59
CA ALA C 354 36.21 13.33 25.42
C ALA C 354 35.69 14.24 24.30
N VAL C 355 34.79 15.08 24.73
CA VAL C 355 34.12 16.06 23.92
C VAL C 355 35.11 16.95 23.20
N MET C 356 36.14 17.34 23.86
CA MET C 356 37.18 18.18 23.23
C MET C 356 37.81 17.43 22.13
N HIS C 357 38.12 16.18 22.46
CA HIS C 357 38.74 15.21 21.55
C HIS C 357 37.92 14.94 20.31
N TYR C 358 36.63 14.85 20.49
CA TYR C 358 35.78 14.60 19.38
C TYR C 358 35.98 15.60 18.26
N GLY C 359 36.03 16.80 18.64
CA GLY C 359 36.22 17.88 17.71
C GLY C 359 37.53 17.77 17.01
N ASN C 360 38.35 16.82 17.48
CA ASN C 360 39.67 16.57 16.87
C ASN C 360 39.62 15.35 15.98
N LEU C 361 38.54 14.63 16.11
CA LEU C 361 38.32 13.47 15.31
C LEU C 361 38.26 13.89 13.87
N LYS C 362 39.11 13.25 13.06
CA LYS C 362 39.26 13.54 11.66
C LYS C 362 38.97 12.34 10.79
N PHE C 363 38.48 12.65 9.60
CA PHE C 363 38.13 11.64 8.63
C PHE C 363 38.55 12.01 7.24
N LYS C 364 38.57 10.97 6.39
CA LYS C 364 38.89 11.05 4.96
C LYS C 364 38.07 10.12 4.06
N GLN C 365 37.91 10.57 2.87
CA GLN C 365 37.17 9.89 1.81
C GLN C 365 37.85 8.62 1.40
N LYS C 366 37.08 7.59 1.36
CA LYS C 366 37.61 6.33 0.93
C LYS C 366 37.84 6.53 -0.55
N GLN C 367 38.88 5.91 -1.10
CA GLN C 367 39.20 6.05 -2.53
C GLN C 367 38.15 5.48 -3.46
N ARG C 368 37.80 6.28 -4.48
CA ARG C 368 36.84 5.88 -5.49
C ARG C 368 35.45 5.72 -4.94
N GLU C 369 35.36 6.04 -3.70
CA GLU C 369 34.11 5.96 -2.98
C GLU C 369 33.91 7.32 -2.37
N GLU C 370 32.67 7.59 -2.05
CA GLU C 370 32.29 8.84 -1.44
C GLU C 370 32.06 8.59 0.05
N GLN C 371 32.64 7.50 0.52
CA GLN C 371 32.48 7.18 1.89
C GLN C 371 33.54 7.74 2.73
N ALA C 372 33.15 7.85 3.99
CA ALA C 372 34.02 8.33 5.00
C ALA C 372 34.71 7.16 5.63
N GLU C 373 36.00 7.35 5.79
CA GLU C 373 36.84 6.39 6.41
C GLU C 373 37.72 7.18 7.40
N PRO C 374 37.94 6.61 8.58
CA PRO C 374 38.74 7.21 9.60
C PRO C 374 40.09 7.64 9.13
N ASP C 375 40.51 8.83 9.54
CA ASP C 375 41.80 9.35 9.16
C ASP C 375 42.80 9.10 10.26
N GLY C 376 42.64 8.03 11.03
CA GLY C 376 43.59 7.74 12.10
C GLY C 376 42.90 7.30 13.36
N THR C 377 43.63 6.52 14.16
CA THR C 377 43.14 6.06 15.46
C THR C 377 44.11 6.50 16.53
N GLU C 378 44.23 7.78 16.62
CA GLU C 378 45.09 8.45 17.56
C GLU C 378 44.19 9.03 18.64
N VAL C 379 43.21 9.79 18.14
CA VAL C 379 42.28 10.49 18.92
C VAL C 379 41.12 9.66 19.31
N ALA C 380 40.74 8.83 18.42
CA ALA C 380 39.58 8.02 18.68
C ALA C 380 39.87 7.21 19.90
N ASP C 381 41.11 6.83 19.96
CA ASP C 381 41.63 5.95 20.99
C ASP C 381 41.39 6.55 22.33
N LYS C 382 41.69 7.84 22.39
CA LYS C 382 41.55 8.61 23.62
C LYS C 382 40.11 8.82 23.94
N ALA C 383 39.36 9.22 22.93
CA ALA C 383 37.97 9.47 23.17
C ALA C 383 37.36 8.19 23.63
N ALA C 384 37.72 7.14 22.99
CA ALA C 384 37.18 5.83 23.30
C ALA C 384 37.45 5.39 24.71
N TYR C 385 38.66 5.57 25.15
CA TYR C 385 39.09 5.16 26.46
C TYR C 385 38.46 5.99 27.56
N LEU C 386 38.44 7.27 27.32
CA LEU C 386 37.91 8.24 28.23
C LEU C 386 36.47 8.05 28.48
N MET C 387 35.77 7.47 27.49
CA MET C 387 34.34 7.22 27.62
C MET C 387 34.04 5.77 28.01
N GLY C 388 35.03 4.92 28.05
CA GLY C 388 34.84 3.53 28.38
C GLY C 388 34.26 2.78 27.19
N LEU C 389 34.80 3.10 26.02
CA LEU C 389 34.41 2.59 24.73
C LEU C 389 35.56 1.82 24.04
N ASN C 390 35.27 1.30 22.86
CA ASN C 390 36.19 0.61 22.05
C ASN C 390 36.39 1.39 20.75
N SER C 391 37.62 1.80 20.52
CA SER C 391 38.02 2.60 19.37
C SER C 391 37.35 2.21 18.09
N ALA C 392 37.42 0.95 17.80
CA ALA C 392 36.92 0.40 16.53
C ALA C 392 35.46 0.54 16.38
N GLU C 393 34.80 -0.16 17.28
CA GLU C 393 33.39 -0.28 17.33
C GLU C 393 32.83 1.06 17.14
N LEU C 394 33.53 2.01 17.77
CA LEU C 394 33.14 3.42 17.74
C LEU C 394 33.27 4.01 16.33
N LEU C 395 34.41 3.84 15.71
CA LEU C 395 34.65 4.41 14.41
C LEU C 395 33.80 3.81 13.32
N LYS C 396 33.31 2.59 13.57
CA LYS C 396 32.47 1.91 12.62
C LYS C 396 31.11 2.57 12.61
N ALA C 397 30.50 2.44 13.77
CA ALA C 397 29.19 3.00 14.09
C ALA C 397 29.09 4.39 13.51
N LEU C 398 30.16 5.14 13.72
CA LEU C 398 30.25 6.49 13.21
C LEU C 398 30.23 6.57 11.69
N CYS C 399 31.05 5.71 11.05
CA CYS C 399 31.23 5.66 9.61
C CYS C 399 30.14 4.86 8.88
N TYR C 400 29.75 3.73 9.45
CA TYR C 400 28.76 2.85 8.90
C TYR C 400 27.62 2.67 9.85
N PRO C 401 26.96 3.75 10.07
CA PRO C 401 25.78 3.82 10.90
C PRO C 401 24.84 2.72 10.54
N ARG C 402 24.57 1.82 11.47
CA ARG C 402 23.63 0.72 11.22
C ARG C 402 22.26 1.03 11.79
N VAL C 403 21.43 1.43 10.84
CA VAL C 403 20.06 1.87 10.96
C VAL C 403 19.06 0.70 10.99
N LYS C 404 17.77 1.03 11.09
CA LYS C 404 16.66 0.05 11.14
C LYS C 404 15.35 0.48 10.43
N VAL C 405 15.43 0.65 9.07
CA VAL C 405 14.33 1.02 8.14
C VAL C 405 13.51 -0.19 7.67
N GLY C 406 12.26 -0.20 8.08
CA GLY C 406 11.35 -1.28 7.78
C GLY C 406 11.14 -1.99 9.10
N ASN C 407 11.47 -3.28 9.16
CA ASN C 407 11.34 -4.02 10.41
C ASN C 407 12.65 -4.63 10.86
N GLU C 408 13.70 -4.23 10.14
CA GLU C 408 15.03 -4.70 10.39
C GLU C 408 16.00 -3.55 10.70
N PHE C 409 17.26 -3.86 10.50
CA PHE C 409 18.35 -2.96 10.73
C PHE C 409 19.33 -2.94 9.54
N VAL C 410 19.15 -1.88 8.74
CA VAL C 410 19.90 -1.62 7.52
C VAL C 410 21.14 -0.78 7.68
N THR C 411 22.27 -1.37 7.38
CA THR C 411 23.52 -0.63 7.49
C THR C 411 23.72 0.42 6.42
N LYS C 412 23.82 1.67 6.89
CA LYS C 412 23.97 2.88 6.08
C LYS C 412 25.34 3.51 6.15
N GLY C 413 25.78 3.95 4.97
CA GLY C 413 27.05 4.60 4.82
C GLY C 413 26.95 6.13 4.79
N GLN C 414 27.91 6.77 5.42
CA GLN C 414 27.93 8.20 5.49
C GLN C 414 29.10 8.86 4.80
N THR C 415 28.93 10.15 4.53
CA THR C 415 29.92 10.96 3.90
C THR C 415 30.79 11.62 4.93
N VAL C 416 31.88 12.20 4.46
CA VAL C 416 32.80 12.87 5.31
C VAL C 416 32.01 13.97 6.04
N SER C 417 31.37 14.79 5.27
CA SER C 417 30.55 15.88 5.82
C SER C 417 29.52 15.40 6.78
N GLN C 418 29.04 14.20 6.58
CA GLN C 418 28.01 13.66 7.44
C GLN C 418 28.53 13.24 8.79
N VAL C 419 29.78 12.80 8.80
CA VAL C 419 30.38 12.31 10.02
C VAL C 419 30.70 13.45 10.91
N HIS C 420 31.47 14.36 10.37
CA HIS C 420 31.91 15.55 11.09
C HIS C 420 30.73 16.16 11.78
N ASN C 421 29.61 16.17 11.09
CA ASN C 421 28.41 16.75 11.63
C ASN C 421 27.83 15.82 12.68
N SER C 422 27.85 14.51 12.47
CA SER C 422 27.26 13.66 13.51
C SER C 422 28.02 13.68 14.82
N VAL C 423 29.29 13.72 14.68
CA VAL C 423 30.18 13.76 15.80
C VAL C 423 29.79 14.94 16.66
N GLY C 424 29.78 16.08 16.01
CA GLY C 424 29.39 17.30 16.64
C GLY C 424 28.05 17.16 17.31
N ALA C 425 27.18 16.38 16.70
CA ALA C 425 25.91 16.18 17.33
C ALA C 425 25.97 15.42 18.61
N LEU C 426 26.87 14.44 18.65
CA LEU C 426 26.97 13.70 19.92
C LEU C 426 27.65 14.54 21.00
N ALA C 427 28.76 15.22 20.61
CA ALA C 427 29.51 16.07 21.46
C ALA C 427 28.56 16.94 22.21
N LYS C 428 27.70 17.60 21.46
CA LYS C 428 26.70 18.46 22.05
C LYS C 428 25.73 17.67 22.89
N ALA C 429 25.21 16.59 22.30
CA ALA C 429 24.24 15.77 23.00
C ALA C 429 24.73 15.34 24.36
N VAL C 430 25.91 14.77 24.37
CA VAL C 430 26.55 14.31 25.58
C VAL C 430 26.74 15.34 26.66
N TYR C 431 27.30 16.47 26.24
CA TYR C 431 27.51 17.60 27.13
C TYR C 431 26.24 18.00 27.83
N GLU C 432 25.21 18.26 27.00
CA GLU C 432 23.92 18.61 27.49
C GLU C 432 23.44 17.72 28.57
N LYS C 433 23.06 16.54 28.17
CA LYS C 433 22.61 15.45 29.06
C LYS C 433 23.33 15.47 30.39
N MET C 434 24.63 15.48 30.29
CA MET C 434 25.50 15.51 31.45
C MET C 434 25.12 16.65 32.34
N PHE C 435 25.04 17.78 31.70
CA PHE C 435 24.67 18.98 32.41
C PHE C 435 23.38 18.79 33.10
N LEU C 436 22.46 18.12 32.38
CA LEU C 436 21.16 17.87 32.98
C LEU C 436 21.29 16.99 34.19
N TRP C 437 22.07 15.95 34.02
CA TRP C 437 22.31 15.01 35.08
C TRP C 437 22.84 15.67 36.33
N MET C 438 23.90 16.47 36.14
CA MET C 438 24.54 17.17 37.24
C MET C 438 23.50 17.88 38.03
N VAL C 439 22.62 18.55 37.29
CA VAL C 439 21.56 19.26 37.97
C VAL C 439 20.74 18.32 38.81
N ILE C 440 20.28 17.25 38.22
CA ILE C 440 19.52 16.25 38.95
C ILE C 440 20.25 15.78 40.19
N ARG C 441 21.47 15.43 40.01
CA ARG C 441 22.24 14.95 41.12
C ARG C 441 22.30 16.00 42.20
N ILE C 442 22.39 17.24 41.78
CA ILE C 442 22.44 18.33 42.74
C ILE C 442 21.15 18.27 43.54
N ASN C 443 20.05 18.38 42.82
CA ASN C 443 18.71 18.33 43.34
C ASN C 443 18.59 17.21 44.35
N GLN C 444 19.25 16.10 44.03
CA GLN C 444 19.18 14.95 44.88
C GLN C 444 19.74 15.12 46.25
N GLN C 445 20.80 15.86 46.29
CA GLN C 445 21.41 16.13 47.56
C GLN C 445 20.55 17.16 48.26
N LEU C 446 20.06 18.09 47.47
CA LEU C 446 19.24 19.18 47.99
C LEU C 446 17.89 18.70 48.45
N ASP C 447 18.52 15.26 48.63
CA ASP C 447 17.48 14.24 48.67
C ASP C 447 17.38 13.68 50.07
N THR C 448 16.19 13.83 50.61
CA THR C 448 16.01 13.30 51.93
C THR C 448 14.93 12.27 51.85
N LYS C 449 14.81 11.53 52.93
CA LYS C 449 13.81 10.50 53.03
C LYS C 449 12.46 11.05 53.50
N GLN C 450 12.50 12.08 54.37
CA GLN C 450 11.30 12.72 54.89
C GLN C 450 10.24 12.98 53.83
N PRO C 451 8.98 12.85 54.23
CA PRO C 451 7.87 13.01 53.31
C PRO C 451 7.78 14.42 52.81
N ARG C 452 7.19 14.53 51.62
CA ARG C 452 6.99 15.79 50.91
C ARG C 452 5.52 15.87 50.50
N GLN C 453 4.90 17.05 50.74
CA GLN C 453 3.49 17.16 50.37
C GLN C 453 3.27 18.16 49.27
N TYR C 454 4.14 19.16 49.28
CA TYR C 454 4.11 20.22 48.26
C TYR C 454 5.45 20.85 48.10
N PHE C 455 5.56 21.61 47.01
CA PHE C 455 6.82 22.26 46.71
C PHE C 455 6.57 23.65 46.19
N ILE C 456 7.62 24.44 46.17
CA ILE C 456 7.52 25.77 45.65
C ILE C 456 8.63 25.95 44.64
N GLY C 457 8.23 26.06 43.39
CA GLY C 457 9.19 26.18 42.34
C GLY C 457 9.56 27.60 42.05
N VAL C 458 10.88 27.74 41.95
CA VAL C 458 11.49 28.99 41.67
C VAL C 458 12.23 28.87 40.36
N LEU C 459 11.70 29.50 39.36
CA LEU C 459 12.24 29.47 38.04
C LEU C 459 12.96 30.75 37.69
N ASP C 460 14.19 30.60 37.27
CA ASP C 460 15.07 31.67 36.84
C ASP C 460 15.61 31.32 35.47
N ILE C 461 15.27 32.13 34.50
CA ILE C 461 15.61 32.01 33.11
C ILE C 461 15.57 33.40 32.52
N ALA C 462 16.06 33.51 31.31
CA ALA C 462 16.03 34.73 30.59
C ALA C 462 14.74 35.02 29.87
N GLY C 463 14.60 36.32 29.58
CA GLY C 463 13.44 36.76 28.91
C GLY C 463 13.78 37.12 27.53
N PHE C 464 12.74 37.12 26.75
CA PHE C 464 12.76 37.47 25.37
C PHE C 464 13.60 38.70 25.16
N GLU C 465 14.68 38.46 24.46
CA GLU C 465 15.63 39.49 24.11
C GLU C 465 15.70 39.50 22.58
N ILE C 466 15.76 40.69 22.07
CA ILE C 466 15.82 40.80 20.64
C ILE C 466 17.13 41.37 20.24
N PHE C 467 17.79 40.74 19.33
CA PHE C 467 19.03 41.28 18.90
C PHE C 467 19.03 41.46 17.43
N ASP C 468 19.90 42.32 16.96
CA ASP C 468 19.95 42.53 15.54
C ASP C 468 20.33 41.22 14.92
N PHE C 469 21.02 40.41 15.76
CA PHE C 469 21.43 39.09 15.36
C PHE C 469 20.80 38.00 16.19
N ASN C 470 19.87 37.27 15.61
CA ASN C 470 19.24 36.22 16.34
C ASN C 470 19.55 34.87 15.76
N SER C 471 20.22 34.10 16.56
CA SER C 471 20.56 32.78 16.13
C SER C 471 19.80 31.77 16.93
N PHE C 472 20.20 30.53 16.70
CA PHE C 472 19.57 29.35 17.26
C PHE C 472 19.23 29.48 18.72
N GLU C 473 20.20 29.92 19.46
CA GLU C 473 20.02 30.07 20.92
C GLU C 473 18.85 30.99 21.25
N GLN C 474 18.65 32.02 20.43
CA GLN C 474 17.61 32.97 20.62
C GLN C 474 16.23 32.35 20.44
N LEU C 475 16.14 31.55 19.41
CA LEU C 475 14.90 30.85 19.17
C LEU C 475 14.53 30.02 20.41
N CYS C 476 15.48 29.21 20.89
CA CYS C 476 15.24 28.37 22.02
C CYS C 476 14.73 29.18 23.21
N ILE C 477 15.37 30.29 23.48
CA ILE C 477 14.94 31.08 24.61
C ILE C 477 13.62 31.75 24.36
N ASN C 478 13.49 32.38 23.19
CA ASN C 478 12.26 33.08 22.86
C ASN C 478 11.11 32.14 22.94
N PHE C 479 11.32 30.97 22.40
CA PHE C 479 10.30 29.98 22.42
C PHE C 479 9.90 29.67 23.83
N THR C 480 10.91 29.66 24.73
CA THR C 480 10.60 29.35 26.09
C THR C 480 9.70 30.40 26.63
N ASN C 481 10.08 31.63 26.38
CA ASN C 481 9.32 32.76 26.88
C ASN C 481 7.92 32.85 26.26
N GLU C 482 7.81 32.66 24.96
CA GLU C 482 6.50 32.80 24.39
C GLU C 482 5.53 31.80 24.98
N LYS C 483 6.04 30.78 25.57
CA LYS C 483 5.27 29.75 26.17
C LYS C 483 4.84 30.22 27.52
N LEU C 484 5.83 30.65 28.29
CA LEU C 484 5.69 31.19 29.64
C LEU C 484 4.60 32.25 29.69
N GLN C 485 4.65 33.13 28.68
CA GLN C 485 3.68 34.19 28.50
C GLN C 485 2.25 33.70 28.39
N GLN C 486 2.03 32.75 27.49
CA GLN C 486 0.74 32.14 27.28
C GLN C 486 0.27 31.54 28.53
N PHE C 487 1.26 31.13 29.29
CA PHE C 487 1.01 30.46 30.57
C PHE C 487 0.36 31.37 31.55
N PHE C 488 0.80 32.60 31.45
CA PHE C 488 0.27 33.67 32.24
C PHE C 488 -1.10 34.12 31.75
N ASN C 489 -1.14 34.57 30.50
CA ASN C 489 -2.34 35.04 29.82
C ASN C 489 -3.54 34.16 30.12
N HIS C 490 -3.26 32.91 30.35
CA HIS C 490 -4.31 31.99 30.63
C HIS C 490 -4.73 32.11 32.07
N HIS C 491 -3.73 32.03 32.94
CA HIS C 491 -3.93 32.09 34.39
C HIS C 491 -4.71 33.34 34.69
N MET C 492 -4.50 34.34 33.89
CA MET C 492 -5.19 35.56 34.07
C MET C 492 -6.62 35.48 33.59
N PHE C 493 -6.79 34.69 32.57
CA PHE C 493 -8.08 34.54 32.03
C PHE C 493 -8.90 33.74 32.95
N VAL C 494 -8.32 32.77 33.48
CA VAL C 494 -8.99 31.96 34.44
C VAL C 494 -9.37 32.78 35.62
N LEU C 495 -8.39 33.50 36.13
CA LEU C 495 -8.48 34.38 37.29
C LEU C 495 -9.54 35.45 37.16
N GLU C 496 -9.43 36.21 36.07
CA GLU C 496 -10.38 37.27 35.77
C GLU C 496 -11.82 36.79 35.91
N GLN C 497 -12.12 35.80 35.11
CA GLN C 497 -13.37 35.15 35.00
C GLN C 497 -13.97 34.69 36.34
N GLU C 498 -13.15 34.58 37.34
CA GLU C 498 -13.65 34.16 38.62
C GLU C 498 -14.37 35.35 39.24
N GLU C 499 -13.75 36.53 39.09
CA GLU C 499 -14.31 37.75 39.66
C GLU C 499 -15.68 37.98 39.08
N TYR C 500 -15.73 38.12 37.78
CA TYR C 500 -17.01 38.32 37.16
C TYR C 500 -18.05 37.26 37.55
N LYS C 501 -17.58 36.18 38.16
CA LYS C 501 -18.41 35.08 38.55
C LYS C 501 -18.78 35.26 40.00
N LYS C 502 -17.79 35.74 40.74
CA LYS C 502 -17.94 36.03 42.17
C LYS C 502 -18.93 37.21 42.30
N GLU C 503 -18.66 38.27 41.58
CA GLU C 503 -19.49 39.44 41.60
C GLU C 503 -20.82 39.22 40.90
N GLY C 504 -20.79 38.63 39.76
CA GLY C 504 -22.08 38.50 39.17
C GLY C 504 -22.14 39.38 37.98
N ILE C 505 -20.97 39.80 37.52
CA ILE C 505 -20.97 40.59 36.32
C ILE C 505 -21.18 39.66 35.16
N GLU C 506 -21.61 40.21 34.04
CA GLU C 506 -21.83 39.41 32.90
C GLU C 506 -20.85 39.76 31.79
N TRP C 507 -19.67 39.13 31.85
CA TRP C 507 -18.62 39.36 30.88
C TRP C 507 -18.16 38.06 30.26
N GLU C 508 -18.25 37.94 28.91
CA GLU C 508 -17.77 36.73 28.28
C GLU C 508 -16.52 36.99 27.50
N PHE C 509 -15.60 36.06 27.64
CA PHE C 509 -14.38 36.22 26.96
C PHE C 509 -13.64 34.90 26.81
N ILE C 510 -12.93 34.89 25.71
CA ILE C 510 -12.07 33.85 25.22
C ILE C 510 -10.73 33.89 25.97
N ASP C 511 -10.12 32.72 26.17
CA ASP C 511 -8.84 32.55 26.81
C ASP C 511 -7.87 33.52 26.24
N PHE C 512 -7.02 34.17 27.03
CA PHE C 512 -6.11 35.11 26.41
C PHE C 512 -4.91 34.44 25.88
N GLY C 513 -4.71 33.20 26.26
CA GLY C 513 -3.57 32.48 25.75
C GLY C 513 -3.63 32.30 24.23
N MET C 514 -4.77 31.84 23.81
CA MET C 514 -5.12 31.53 22.47
C MET C 514 -4.47 32.39 21.47
N ASP C 515 -4.26 33.61 21.84
CA ASP C 515 -3.68 34.49 20.83
C ASP C 515 -2.30 34.02 20.41
N LEU C 516 -1.64 33.33 21.32
CA LEU C 516 -0.29 32.90 21.02
C LEU C 516 -0.11 31.53 20.44
N ALA C 517 -1.14 30.71 20.54
CA ALA C 517 -1.06 29.35 20.03
C ALA C 517 -0.54 29.26 18.61
N ALA C 518 -0.83 30.25 17.81
CA ALA C 518 -0.37 30.28 16.46
C ALA C 518 1.12 30.15 16.43
N CYS C 519 1.81 31.03 17.12
CA CYS C 519 3.26 30.98 17.10
C CYS C 519 3.83 29.70 17.67
N ILE C 520 3.32 29.31 18.80
CA ILE C 520 3.80 28.06 19.37
C ILE C 520 3.69 26.86 18.44
N GLU C 521 2.49 26.62 17.87
CA GLU C 521 2.34 25.47 16.98
C GLU C 521 3.41 25.43 15.89
N LEU C 522 3.70 26.56 15.31
CA LEU C 522 4.64 26.72 14.20
C LEU C 522 6.03 26.25 14.59
N ILE C 523 6.35 26.40 15.85
CA ILE C 523 7.66 25.98 16.33
C ILE C 523 7.73 24.54 16.76
N GLU C 524 6.85 24.17 17.66
CA GLU C 524 6.81 22.87 18.28
C GLU C 524 6.05 21.75 17.60
N LYS C 525 5.13 22.07 16.72
CA LYS C 525 4.35 21.07 16.07
C LYS C 525 5.20 20.32 15.07
N PRO C 526 4.67 19.17 14.61
CA PRO C 526 5.36 18.28 13.69
C PRO C 526 5.95 18.82 12.40
N MET C 527 5.23 19.63 11.64
CA MET C 527 5.95 20.03 10.44
C MET C 527 6.60 21.37 10.64
N GLY C 528 6.63 21.78 11.91
CA GLY C 528 7.19 23.04 12.34
C GLY C 528 8.71 23.08 12.45
N ILE C 529 9.24 24.30 12.52
CA ILE C 529 10.66 24.62 12.56
C ILE C 529 11.59 23.62 13.15
N PHE C 530 11.35 23.30 14.39
CA PHE C 530 12.18 22.31 15.06
C PHE C 530 12.27 21.01 14.31
N SER C 531 11.10 20.44 13.96
CA SER C 531 11.08 19.21 13.20
C SER C 531 11.92 19.28 11.94
N ILE C 532 11.55 20.21 11.07
CA ILE C 532 12.33 20.43 9.85
C ILE C 532 13.81 20.59 10.21
N LEU C 533 14.04 21.18 11.37
CA LEU C 533 15.37 21.32 11.84
C LEU C 533 15.97 20.01 12.26
N GLU C 534 15.23 19.26 13.01
CA GLU C 534 15.76 18.00 13.48
C GLU C 534 15.67 16.85 12.52
N GLU C 535 15.08 17.09 11.36
CA GLU C 535 14.97 15.96 10.43
C GLU C 535 16.21 16.02 9.62
N GLU C 536 16.34 17.19 8.99
CA GLU C 536 17.49 17.48 8.15
C GLU C 536 18.81 17.06 8.82
N CYS C 537 18.80 17.04 10.13
CA CYS C 537 19.96 16.69 10.87
C CYS C 537 20.28 15.24 10.65
N MET C 538 19.35 14.56 10.02
CA MET C 538 19.47 13.10 9.77
C MET C 538 20.02 12.82 8.38
N PHE C 539 20.02 13.85 7.55
CA PHE C 539 20.50 13.80 6.21
C PHE C 539 22.01 14.10 6.19
N PRO C 540 22.77 13.08 5.96
CA PRO C 540 24.22 13.10 5.94
C PRO C 540 24.81 14.15 5.05
N LYS C 541 24.04 14.71 4.20
CA LYS C 541 24.57 15.67 3.20
C LYS C 541 23.65 16.87 3.05
N ALA C 542 23.12 17.31 4.18
CA ALA C 542 22.23 18.46 4.16
C ALA C 542 23.01 19.73 4.42
N THR C 543 22.42 20.85 4.05
CA THR C 543 23.07 22.13 4.24
C THR C 543 22.16 23.03 5.00
N ASP C 544 22.75 24.08 5.53
CA ASP C 544 21.99 25.08 6.24
C ASP C 544 21.00 25.56 5.16
N THR C 545 21.55 25.77 3.98
CA THR C 545 20.80 26.19 2.82
C THR C 545 19.71 25.20 2.50
N SER C 546 20.04 23.93 2.60
CA SER C 546 19.06 22.90 2.36
C SER C 546 17.90 23.10 3.29
N PHE C 547 18.23 23.04 4.58
CA PHE C 547 17.31 23.25 5.67
C PHE C 547 16.44 24.42 5.44
N LYS C 548 17.10 25.51 5.06
CA LYS C 548 16.39 26.76 4.82
C LYS C 548 15.23 26.53 3.86
N ASN C 549 15.54 26.04 2.68
CA ASN C 549 14.52 25.83 1.67
C ASN C 549 13.38 24.99 2.19
N LYS C 550 13.73 23.98 2.97
CA LYS C 550 12.69 23.10 3.46
C LYS C 550 11.78 23.86 4.36
N LEU C 551 12.38 24.81 5.03
CA LEU C 551 11.64 25.64 5.93
C LEU C 551 10.63 26.43 5.14
N TYR C 552 11.06 26.96 4.02
CA TYR C 552 10.15 27.82 3.26
C TYR C 552 9.07 27.07 2.54
N ASP C 553 9.50 26.21 1.63
CA ASP C 553 8.60 25.41 0.79
C ASP C 553 7.37 24.98 1.56
N GLN C 554 7.60 24.74 2.85
CA GLN C 554 6.53 24.27 3.73
C GLN C 554 5.82 25.30 4.56
N HIS C 555 6.47 26.40 4.91
CA HIS C 555 5.74 27.33 5.75
C HIS C 555 5.41 28.63 5.07
N LEU C 556 6.27 29.02 4.15
CA LEU C 556 6.07 30.26 3.47
C LEU C 556 4.81 30.35 2.63
N GLY C 557 4.12 31.45 2.87
CA GLY C 557 2.88 31.78 2.21
C GLY C 557 1.70 31.06 2.86
N LYS C 558 2.00 29.92 3.47
CA LYS C 558 1.01 29.10 4.10
C LYS C 558 0.83 29.42 5.56
N SER C 559 1.85 30.07 6.10
CA SER C 559 1.82 30.44 7.51
C SER C 559 2.06 31.91 7.74
N ASN C 560 1.19 32.45 8.57
CA ASN C 560 1.12 33.87 8.82
C ASN C 560 2.24 34.38 9.72
N ASN C 561 2.56 33.59 10.70
CA ASN C 561 3.56 34.00 11.63
C ASN C 561 4.93 33.86 11.03
N PHE C 562 4.91 33.20 9.91
CA PHE C 562 6.11 32.92 9.12
C PHE C 562 6.29 33.99 8.06
N GLN C 563 7.50 34.51 7.98
CA GLN C 563 7.78 35.60 7.09
C GLN C 563 9.23 35.58 6.64
N LYS C 564 9.50 36.25 5.53
CA LYS C 564 10.85 36.38 5.00
C LYS C 564 11.36 37.74 5.43
N PRO C 565 12.59 37.79 5.94
CA PRO C 565 13.18 39.01 6.43
C PRO C 565 13.23 40.14 5.43
N LYS C 566 13.02 41.34 6.01
CA LYS C 566 13.06 42.63 5.36
C LYS C 566 14.45 43.22 5.56
N PRO C 567 15.31 43.13 4.53
CA PRO C 567 16.67 43.64 4.65
C PRO C 567 16.74 45.08 5.20
N ALA C 568 17.72 45.32 6.09
CA ALA C 568 17.95 46.61 6.73
C ALA C 568 19.43 46.80 7.13
N ALA C 572 23.27 42.30 10.82
CA ALA C 572 23.63 41.34 9.78
C ALA C 572 22.48 40.93 8.86
N GLU C 573 22.53 39.66 8.45
CA GLU C 573 21.58 39.04 7.53
C GLU C 573 20.42 38.36 8.27
N ALA C 574 19.45 37.83 7.51
CA ALA C 574 18.36 37.19 8.16
C ALA C 574 17.71 36.18 7.23
N HIS C 575 17.20 35.10 7.78
CA HIS C 575 16.59 34.13 6.92
C HIS C 575 15.15 33.97 7.16
N PHE C 576 14.76 34.36 8.34
CA PHE C 576 13.37 34.22 8.61
C PHE C 576 12.98 34.85 9.87
N SER C 577 11.86 35.50 9.76
CA SER C 577 11.32 36.20 10.84
C SER C 577 10.10 35.47 11.29
N LEU C 578 9.87 35.62 12.55
CA LEU C 578 8.74 35.09 13.23
C LEU C 578 7.98 36.19 13.95
N VAL C 579 6.73 35.95 14.16
CA VAL C 579 5.91 36.93 14.83
C VAL C 579 5.49 36.52 16.23
N HIS C 580 6.39 36.78 17.15
CA HIS C 580 6.19 36.45 18.56
C HIS C 580 5.31 37.50 19.20
N TYR C 581 4.79 37.21 20.41
CA TYR C 581 3.95 38.20 21.06
C TYR C 581 4.63 39.56 21.24
N ALA C 582 5.93 39.50 21.59
CA ALA C 582 6.73 40.71 21.82
C ALA C 582 7.03 41.50 20.54
N GLY C 583 7.05 40.76 19.45
CA GLY C 583 7.29 41.34 18.15
C GLY C 583 7.92 40.36 17.17
N THR C 584 8.50 40.95 16.11
CA THR C 584 9.12 40.24 15.02
C THR C 584 10.57 39.99 15.24
N VAL C 585 10.94 38.74 15.15
CA VAL C 585 12.34 38.40 15.36
C VAL C 585 12.91 37.85 14.05
N ASP C 586 14.01 38.46 13.68
CA ASP C 586 14.71 38.11 12.46
C ASP C 586 15.79 37.09 12.80
N TYR C 587 15.58 35.87 12.33
CA TYR C 587 16.47 34.74 12.64
C TYR C 587 17.41 34.39 11.52
N ASN C 588 18.67 34.17 11.91
CA ASN C 588 19.75 33.74 11.03
C ASN C 588 20.05 32.29 11.30
N ILE C 589 19.94 31.50 10.28
CA ILE C 589 20.12 30.05 10.29
C ILE C 589 21.49 29.60 9.88
N SER C 590 22.50 29.83 10.65
CA SER C 590 23.75 29.42 10.10
C SER C 590 24.63 28.79 11.14
N GLY C 591 24.57 27.49 11.16
CA GLY C 591 25.38 26.73 12.06
C GLY C 591 24.49 25.81 12.77
N TRP C 592 23.22 26.12 12.47
CA TRP C 592 22.18 25.41 13.18
C TRP C 592 22.31 23.95 13.08
N LEU C 593 22.43 23.53 11.82
CA LEU C 593 22.52 22.09 11.53
C LEU C 593 23.55 21.43 12.41
N GLU C 594 24.72 22.02 12.40
CA GLU C 594 25.83 21.56 13.24
C GLU C 594 25.57 21.60 14.72
N LYS C 595 25.31 22.82 15.17
CA LYS C 595 25.05 23.11 16.57
C LYS C 595 24.06 22.15 17.07
N ASN C 596 23.13 21.86 16.19
CA ASN C 596 22.08 20.94 16.54
C ASN C 596 22.55 19.46 16.53
N LYS C 597 23.67 19.15 15.95
CA LYS C 597 24.10 17.74 15.86
C LYS C 597 25.03 17.31 16.97
N ASP C 598 25.64 18.30 17.59
CA ASP C 598 26.58 18.08 18.65
C ASP C 598 27.59 17.04 18.27
N PRO C 599 18.43 14.78 15.70
CA PRO C 599 18.98 13.60 15.08
C PRO C 599 20.32 13.19 15.68
N LEU C 600 20.36 11.95 16.15
CA LEU C 600 21.54 11.36 16.78
C LEU C 600 21.81 9.95 16.25
N ASN C 601 23.06 9.63 15.91
CA ASN C 601 23.42 8.31 15.43
C ASN C 601 23.26 7.30 16.51
N GLU C 602 22.18 6.62 16.39
CA GLU C 602 21.76 5.62 17.33
C GLU C 602 22.68 4.45 17.53
N THR C 603 23.58 4.21 16.58
CA THR C 603 24.48 3.11 16.72
C THR C 603 25.44 3.41 17.84
N VAL C 604 25.96 4.61 17.75
CA VAL C 604 26.89 5.13 18.75
C VAL C 604 26.28 5.17 20.14
N ILE C 605 25.10 5.73 20.19
CA ILE C 605 24.39 5.85 21.43
C ILE C 605 24.32 4.50 22.05
N GLY C 606 24.30 3.53 21.15
CA GLY C 606 24.23 2.15 21.59
C GLY C 606 25.40 1.88 22.47
N LEU C 607 26.55 2.17 21.90
CA LEU C 607 27.82 1.99 22.59
C LEU C 607 27.83 2.67 23.94
N TYR C 608 27.31 3.90 23.96
CA TYR C 608 27.31 4.65 25.20
C TYR C 608 26.53 3.85 26.19
N GLN C 609 25.39 3.45 25.72
CA GLN C 609 24.46 2.71 26.54
C GLN C 609 25.09 1.50 27.24
N LYS C 610 26.19 1.01 26.70
CA LYS C 610 26.87 -0.13 27.29
C LYS C 610 28.33 0.18 27.62
N SER C 611 28.56 1.41 28.05
CA SER C 611 29.88 1.85 28.44
C SER C 611 30.36 1.27 29.75
N SER C 612 31.65 1.36 29.94
CA SER C 612 32.26 0.88 31.18
C SER C 612 32.21 2.01 32.20
N VAL C 613 31.83 3.18 31.69
CA VAL C 613 31.71 4.39 32.46
C VAL C 613 30.25 4.66 32.74
N LYS C 614 29.78 4.03 33.80
CA LYS C 614 28.42 3.96 34.29
C LYS C 614 27.63 5.22 34.05
N THR C 615 28.21 6.28 34.51
CA THR C 615 27.64 7.60 34.36
C THR C 615 27.27 7.88 32.91
N LEU C 616 28.20 7.65 32.02
CA LEU C 616 27.94 7.85 30.61
C LEU C 616 26.85 6.95 30.22
N ALA C 617 26.93 5.74 30.75
CA ALA C 617 25.88 4.79 30.45
C ALA C 617 24.55 5.33 30.90
N LEU C 618 24.52 5.86 32.07
CA LEU C 618 23.28 6.37 32.59
C LEU C 618 22.59 7.41 31.77
N LEU C 619 23.34 8.49 31.53
CA LEU C 619 22.88 9.65 30.78
C LEU C 619 22.01 9.30 29.60
N PHE C 620 22.30 8.15 28.99
CA PHE C 620 21.59 7.77 27.75
C PHE C 620 20.79 6.46 27.94
N ALA C 621 19.89 6.39 28.94
CA ALA C 621 19.04 5.21 29.18
C ALA C 621 17.58 5.44 28.77
N THR C 622 17.27 6.70 28.67
CA THR C 622 15.98 7.22 28.29
C THR C 622 15.84 7.26 26.75
N TYR C 623 16.84 6.77 26.06
CA TYR C 623 16.83 6.79 24.65
C TYR C 623 15.98 5.66 24.07
N GLN C 644 19.84 11.35 17.93
CA GLN C 644 19.27 12.35 18.84
C GLN C 644 19.93 13.73 18.74
N THR C 645 19.05 14.71 18.55
CA THR C 645 19.40 16.09 18.40
C THR C 645 19.46 16.87 19.72
N VAL C 646 19.95 18.10 19.65
CA VAL C 646 20.10 18.98 20.77
C VAL C 646 18.77 19.58 21.11
N SER C 647 18.13 20.09 20.08
CA SER C 647 16.82 20.69 20.20
C SER C 647 15.83 19.66 20.64
N ALA C 648 16.14 18.39 20.36
CA ALA C 648 15.31 17.26 20.76
C ALA C 648 15.04 17.20 22.25
N LEU C 649 16.02 17.55 23.05
CA LEU C 649 15.86 17.54 24.52
C LEU C 649 15.19 18.75 25.03
N PHE C 650 15.87 19.86 24.68
CA PHE C 650 15.47 21.21 25.02
C PHE C 650 13.94 21.22 25.12
N ARG C 651 13.34 20.65 24.10
CA ARG C 651 11.93 20.51 24.01
C ARG C 651 11.43 19.63 25.18
N GLU C 652 11.98 18.43 25.33
CA GLU C 652 11.64 17.42 26.35
C GLU C 652 11.74 17.96 27.77
N ASN C 653 12.76 18.76 27.95
CA ASN C 653 13.05 19.39 29.20
C ASN C 653 12.05 20.53 29.41
N LEU C 654 11.87 21.30 28.37
CA LEU C 654 10.92 22.41 28.35
C LEU C 654 9.50 21.93 28.52
N ASN C 655 9.28 20.65 28.36
CA ASN C 655 7.93 20.11 28.50
C ASN C 655 7.67 19.63 29.87
N LYS C 656 8.70 19.03 30.39
CA LYS C 656 8.73 18.46 31.69
C LYS C 656 8.59 19.59 32.68
N LEU C 657 8.97 20.77 32.21
CA LEU C 657 9.00 22.00 32.98
C LEU C 657 7.68 22.66 32.99
N MET C 658 7.21 23.00 31.79
CA MET C 658 5.91 23.65 31.60
C MET C 658 4.79 22.78 32.19
N ALA C 659 5.09 21.51 32.47
CA ALA C 659 4.12 20.59 33.04
C ALA C 659 4.15 20.74 34.53
N ASN C 660 5.34 20.97 35.02
CA ASN C 660 5.58 21.13 36.44
C ASN C 660 5.01 22.50 36.82
N LEU C 661 5.06 23.40 35.85
CA LEU C 661 4.60 24.75 36.03
C LEU C 661 3.08 24.80 36.17
N ARG C 662 2.38 23.85 35.53
CA ARG C 662 0.93 23.74 35.53
C ARG C 662 0.34 23.28 36.85
N SER C 663 0.92 22.20 37.42
CA SER C 663 0.48 21.68 38.72
C SER C 663 0.96 22.59 39.81
N THR C 664 1.01 23.87 39.43
CA THR C 664 1.49 24.94 40.25
C THR C 664 0.58 26.12 40.19
N HIS C 665 0.58 26.87 41.30
CA HIS C 665 -0.08 28.17 41.36
C HIS C 665 0.94 29.26 41.04
N PRO C 666 0.96 29.71 39.82
CA PRO C 666 1.93 30.61 39.30
C PRO C 666 1.94 31.93 40.04
N HIS C 667 3.17 32.35 40.40
CA HIS C 667 3.48 33.58 41.04
C HIS C 667 4.58 34.22 40.20
N PHE C 668 4.31 35.40 39.69
CA PHE C 668 5.16 36.15 38.77
C PHE C 668 5.97 37.32 39.32
N VAL C 669 7.20 37.41 38.89
CA VAL C 669 8.17 38.42 39.23
C VAL C 669 8.98 38.86 38.02
N ARG C 670 8.89 40.11 37.65
CA ARG C 670 9.55 40.72 36.51
C ARG C 670 10.64 41.68 36.97
N CYS C 671 11.90 41.34 36.66
CA CYS C 671 13.04 42.14 37.05
C CYS C 671 13.41 43.15 35.98
N ILE C 672 13.67 44.39 36.35
CA ILE C 672 13.98 45.45 35.41
C ILE C 672 15.33 46.15 35.58
N ILE C 673 15.87 46.62 34.47
CA ILE C 673 17.16 47.26 34.38
C ILE C 673 17.02 48.67 33.83
N PRO C 674 17.25 49.61 34.73
CA PRO C 674 17.10 51.02 34.58
C PRO C 674 17.88 51.67 33.49
N ASN C 675 19.20 51.63 33.60
CA ASN C 675 20.06 52.24 32.59
C ASN C 675 21.32 51.46 32.34
N GLU C 676 21.65 51.33 31.06
CA GLU C 676 22.83 50.60 30.64
C GLU C 676 24.07 51.11 31.34
N THR C 677 24.03 52.38 31.68
CA THR C 677 25.15 53.04 32.32
C THR C 677 25.35 52.74 33.79
N LYS C 678 24.55 51.90 34.44
CA LYS C 678 24.82 51.64 35.87
C LYS C 678 24.76 52.84 36.81
N THR C 679 23.60 53.42 36.95
CA THR C 679 23.44 54.60 37.79
C THR C 679 22.20 54.46 38.61
N PRO C 680 22.32 54.56 39.90
CA PRO C 680 21.14 54.44 40.72
C PRO C 680 20.26 55.66 40.50
N GLY C 681 18.97 55.51 40.81
CA GLY C 681 17.96 56.54 40.66
C GLY C 681 17.73 57.05 39.23
N ALA C 682 18.14 56.30 38.23
CA ALA C 682 17.97 56.76 36.85
C ALA C 682 17.31 55.75 35.91
N MET C 683 16.82 56.22 34.79
CA MET C 683 16.15 55.31 33.92
C MET C 683 16.13 55.66 32.44
N GLU C 684 16.65 54.84 31.54
CA GLU C 684 16.44 55.35 30.18
C GLU C 684 15.05 54.93 29.83
N HIS C 685 14.37 55.78 29.12
CA HIS C 685 13.01 55.44 28.78
C HIS C 685 12.83 54.21 27.94
N GLU C 686 13.14 54.39 26.68
CA GLU C 686 12.95 53.33 25.73
C GLU C 686 13.54 52.01 26.12
N LEU C 687 14.51 52.08 26.98
CA LEU C 687 15.14 50.88 27.47
C LEU C 687 14.20 50.13 28.40
N VAL C 688 13.58 50.84 29.32
CA VAL C 688 12.58 50.27 30.22
C VAL C 688 11.32 49.87 29.40
N LEU C 689 10.98 50.73 28.45
CA LEU C 689 9.83 50.51 27.61
C LEU C 689 9.89 49.15 26.95
N HIS C 690 11.05 48.86 26.44
CA HIS C 690 11.29 47.60 25.80
C HIS C 690 10.91 46.43 26.67
N GLN C 691 11.58 46.40 27.80
CA GLN C 691 11.40 45.36 28.72
C GLN C 691 9.96 45.14 29.02
N LEU C 692 9.29 46.25 29.18
CA LEU C 692 7.87 46.16 29.48
C LEU C 692 7.03 45.38 28.50
N ARG C 693 7.43 45.44 27.22
CA ARG C 693 6.66 44.75 26.18
C ARG C 693 6.93 43.28 26.16
N CYS C 694 8.20 43.01 26.28
CA CYS C 694 8.74 41.66 26.28
C CYS C 694 8.57 41.02 27.63
N ASN C 695 8.19 41.79 28.60
CA ASN C 695 8.06 41.30 29.97
C ASN C 695 6.82 40.50 30.15
N GLY C 696 5.75 41.09 29.62
CA GLY C 696 4.40 40.68 29.75
C GLY C 696 3.58 41.76 30.44
N VAL C 697 4.28 42.71 31.05
CA VAL C 697 3.68 43.78 31.80
C VAL C 697 2.73 44.58 30.95
N LEU C 698 3.17 44.90 29.76
CA LEU C 698 2.32 45.67 28.88
C LEU C 698 1.20 44.87 28.34
N GLU C 699 1.33 43.57 28.39
CA GLU C 699 0.27 42.72 27.86
C GLU C 699 -0.73 42.45 28.94
N GLY C 700 -0.29 42.58 30.16
CA GLY C 700 -1.19 42.35 31.28
C GLY C 700 -2.07 43.56 31.46
N ILE C 701 -1.55 44.72 31.04
CA ILE C 701 -2.26 45.94 31.16
C ILE C 701 -3.34 45.95 30.11
N ARG C 702 -2.96 45.47 28.93
CA ARG C 702 -3.89 45.35 27.80
C ARG C 702 -5.14 44.58 28.13
N ILE C 703 -4.89 43.35 28.51
CA ILE C 703 -5.89 42.40 28.93
C ILE C 703 -6.73 42.94 30.06
N CYS C 704 -6.15 43.85 30.81
CA CYS C 704 -6.84 44.43 31.92
C CYS C 704 -7.86 45.41 31.41
N ARG C 705 -7.34 46.27 30.54
CA ARG C 705 -8.09 47.31 29.92
C ARG C 705 -9.16 46.83 28.95
N LYS C 706 -9.39 45.55 28.91
CA LYS C 706 -10.38 45.08 27.97
C LYS C 706 -11.62 44.75 28.74
N GLY C 707 -11.77 45.05 31.54
CA GLY C 707 -12.56 44.06 30.81
C GLY C 707 -13.80 44.74 30.29
N PHE C 708 -14.92 44.13 30.56
CA PHE C 708 -16.21 44.64 30.21
C PHE C 708 -17.02 44.84 31.50
N PRO C 709 -16.86 46.03 32.07
CA PRO C 709 -17.49 46.38 33.33
C PRO C 709 -18.99 46.08 33.36
N SER C 710 -19.77 47.08 32.98
CA SER C 710 -21.21 46.98 32.90
C SER C 710 -21.68 45.85 32.00
N ARG C 711 -22.57 45.04 32.57
CA ARG C 711 -23.14 43.90 31.87
C ARG C 711 -24.65 43.88 32.04
N VAL C 712 -25.35 44.06 30.92
CA VAL C 712 -26.78 44.12 30.92
C VAL C 712 -27.44 42.82 30.63
N LEU C 713 -28.41 42.54 31.46
CA LEU C 713 -29.27 41.40 31.27
C LEU C 713 -30.24 41.82 30.18
N TYR C 714 -30.42 40.90 29.30
CA TYR C 714 -31.24 41.04 28.08
C TYR C 714 -32.63 41.70 28.15
N ALA C 715 -33.52 41.27 29.01
CA ALA C 715 -34.83 41.90 29.14
C ALA C 715 -34.72 43.31 29.67
N ASP C 716 -33.83 43.39 30.70
CA ASP C 716 -33.44 44.60 31.36
C ASP C 716 -32.85 45.53 30.32
N PHE C 717 -32.48 44.89 29.19
CA PHE C 717 -31.89 45.61 28.07
C PHE C 717 -32.92 46.04 27.05
N LYS C 718 -33.91 45.19 26.91
CA LYS C 718 -34.98 45.45 25.96
C LYS C 718 -35.75 46.68 26.38
N GLN C 719 -36.55 46.46 27.43
CA GLN C 719 -37.36 47.48 28.04
C GLN C 719 -36.80 48.90 28.01
N ARG C 720 -35.64 49.06 28.63
CA ARG C 720 -34.99 50.36 28.74
C ARG C 720 -34.55 51.04 27.46
N TYR C 721 -34.28 50.21 26.43
CA TYR C 721 -33.74 50.80 25.21
C TYR C 721 -34.47 50.55 23.90
N ARG C 722 -35.52 49.73 23.96
CA ARG C 722 -36.33 49.41 22.76
C ARG C 722 -36.55 50.66 21.89
N VAL C 723 -36.95 51.71 22.59
CA VAL C 723 -37.24 53.04 22.10
C VAL C 723 -36.20 53.66 21.18
N LEU C 724 -35.00 53.11 21.15
CA LEU C 724 -33.95 53.72 20.37
C LEU C 724 -34.06 53.55 18.87
N ASN C 725 -34.67 52.46 18.49
CA ASN C 725 -34.87 52.11 17.08
C ASN C 725 -35.96 51.08 17.03
N ALA C 726 -36.86 51.24 17.99
CA ALA C 726 -38.03 50.40 18.23
C ALA C 726 -38.62 49.69 17.02
N SER C 727 -38.32 50.20 15.85
CA SER C 727 -38.85 49.61 14.63
C SER C 727 -38.09 48.39 14.14
N ALA C 728 -36.87 48.19 14.61
CA ALA C 728 -36.09 47.04 14.16
C ALA C 728 -36.83 45.78 14.56
N ILE C 729 -38.49 46.45 13.89
CA ILE C 729 -39.69 45.95 14.52
C ILE C 729 -40.34 44.63 14.19
N PRO C 730 -40.82 44.16 13.01
CA PRO C 730 -41.56 42.89 12.98
C PRO C 730 -40.75 41.69 13.52
N GLU C 731 -39.51 41.61 13.05
CA GLU C 731 -38.53 40.64 13.50
C GLU C 731 -37.88 40.92 14.85
N GLY C 732 -37.96 42.15 15.36
CA GLY C 732 -37.53 42.51 16.72
C GLY C 732 -38.63 42.35 17.80
N GLN C 733 -39.90 42.30 17.38
CA GLN C 733 -41.06 42.06 18.25
C GLN C 733 -41.63 40.64 18.36
N PHE C 734 -41.72 39.86 17.28
CA PHE C 734 -42.13 38.44 17.34
C PHE C 734 -40.98 37.64 17.98
N MET C 735 -40.86 37.84 19.62
CA MET C 735 -39.39 37.83 19.56
C MET C 735 -38.83 37.12 20.77
N ASP C 736 -37.51 37.16 20.81
CA ASP C 736 -36.73 36.53 21.84
C ASP C 736 -36.13 37.57 22.78
N SER C 737 -36.01 37.21 24.05
CA SER C 737 -35.44 38.11 25.06
C SER C 737 -33.96 38.36 24.79
N LYS C 738 -33.33 37.44 24.07
CA LYS C 738 -31.92 37.56 23.73
C LYS C 738 -31.68 38.10 22.31
N LYS C 739 -32.06 37.31 21.31
CA LYS C 739 -31.88 37.64 19.90
C LYS C 739 -32.28 39.07 19.60
N ALA C 740 -33.23 39.55 20.43
CA ALA C 740 -33.73 40.90 20.32
C ALA C 740 -32.61 41.93 20.49
N SER C 741 -32.09 41.99 21.72
CA SER C 741 -31.02 42.92 22.07
C SER C 741 -29.97 42.88 21.00
N GLU C 742 -29.83 41.66 20.45
CA GLU C 742 -28.87 41.47 19.39
C GLU C 742 -29.28 42.37 18.27
N LYS C 743 -30.43 41.98 17.74
CA LYS C 743 -31.03 42.69 16.64
C LYS C 743 -31.05 44.18 16.89
N LEU C 744 -31.41 44.59 18.12
CA LEU C 744 -31.50 46.02 18.38
C LEU C 744 -30.27 46.80 18.07
N LEU C 745 -29.16 46.33 18.61
CA LEU C 745 -27.93 47.05 18.41
C LEU C 745 -27.60 47.27 16.95
N GLY C 746 -28.42 46.68 16.08
CA GLY C 746 -28.32 46.84 14.66
C GLY C 746 -28.18 48.33 14.36
N SER C 747 -29.07 49.15 14.95
CA SER C 747 -28.99 50.60 14.72
C SER C 747 -28.09 51.37 15.72
N ILE C 748 -27.89 52.66 15.40
CA ILE C 748 -27.11 53.56 16.21
C ILE C 748 -25.75 53.85 15.60
N ASP C 749 -25.26 55.09 15.75
CA ASP C 749 -23.95 55.38 15.22
C ASP C 749 -22.86 55.08 16.29
N VAL C 750 -23.06 53.92 16.98
CA VAL C 750 -22.29 53.33 18.10
C VAL C 750 -21.16 52.32 17.77
N ASP C 751 -20.08 52.26 18.58
CA ASP C 751 -18.98 51.30 18.37
C ASP C 751 -19.43 49.86 18.59
N HIS C 752 -19.54 49.13 17.49
CA HIS C 752 -20.05 47.77 17.53
C HIS C 752 -19.03 46.75 18.09
N THR C 753 -17.97 47.33 18.62
CA THR C 753 -16.82 46.72 19.24
C THR C 753 -17.01 46.58 20.75
N GLN C 754 -17.06 47.76 21.34
CA GLN C 754 -17.27 48.03 22.74
C GLN C 754 -18.22 47.09 23.46
N TYR C 755 -18.94 46.24 22.78
CA TYR C 755 -19.84 45.34 23.49
C TYR C 755 -19.56 43.91 23.13
N ARG C 756 -20.28 43.02 23.79
CA ARG C 756 -20.09 41.62 23.48
C ARG C 756 -21.20 40.89 24.15
N PHE C 757 -21.73 39.97 23.38
CA PHE C 757 -22.87 39.23 23.84
C PHE C 757 -22.49 37.89 24.30
N GLY C 758 -23.42 37.30 25.07
CA GLY C 758 -23.24 35.98 25.58
C GLY C 758 -24.53 35.49 26.17
N HIS C 759 -24.59 34.19 26.34
CA HIS C 759 -25.75 33.46 26.87
C HIS C 759 -26.71 34.11 27.83
N THR C 760 -26.27 35.02 28.69
CA THR C 760 -27.27 35.60 29.58
C THR C 760 -27.25 37.11 29.54
N LYS C 761 -26.19 37.64 28.91
CA LYS C 761 -26.13 39.07 28.88
C LYS C 761 -25.09 39.65 27.98
N VAL C 762 -25.17 40.95 27.80
CA VAL C 762 -24.25 41.64 26.95
C VAL C 762 -23.20 42.23 27.83
N PHE C 763 -22.06 42.36 27.23
CA PHE C 763 -21.00 42.96 27.91
C PHE C 763 -20.74 44.24 27.22
N PHE C 764 -20.40 45.23 28.05
CA PHE C 764 -20.19 46.57 27.56
C PHE C 764 -19.01 47.26 28.20
N LYS C 765 -18.27 48.08 27.49
CA LYS C 765 -17.18 48.84 28.05
C LYS C 765 -17.80 50.02 28.78
N ALA C 766 -16.94 50.97 29.14
CA ALA C 766 -17.35 52.17 29.83
C ALA C 766 -17.98 53.20 28.92
N GLY C 767 -18.61 54.15 29.60
CA GLY C 767 -19.26 55.32 29.00
C GLY C 767 -20.10 54.98 27.81
N LEU C 768 -20.45 53.73 27.69
CA LEU C 768 -21.23 53.33 26.57
C LEU C 768 -22.67 53.39 26.91
N LEU C 769 -22.96 52.61 27.95
CA LEU C 769 -24.25 52.57 28.51
C LEU C 769 -24.63 54.03 28.76
N GLY C 770 -23.61 54.82 29.06
CA GLY C 770 -23.80 56.21 29.25
C GLY C 770 -24.26 56.81 27.95
N LEU C 771 -23.66 56.35 26.89
CA LEU C 771 -24.04 56.86 25.57
C LEU C 771 -25.44 56.49 25.26
N LEU C 772 -25.76 55.21 25.48
CA LEU C 772 -27.10 54.73 25.25
C LEU C 772 -28.19 55.63 25.82
N GLU C 773 -28.20 55.72 27.12
CA GLU C 773 -29.08 56.54 27.88
C GLU C 773 -29.34 57.89 27.26
N GLU C 774 -28.21 58.54 26.89
CA GLU C 774 -28.30 59.87 26.34
C GLU C 774 -29.25 59.91 25.17
N MET C 775 -29.04 58.98 24.25
CA MET C 775 -29.88 58.86 23.09
C MET C 775 -31.29 58.68 23.58
N ARG C 776 -31.39 57.86 24.56
CA ARG C 776 -32.64 57.56 25.14
C ARG C 776 -33.26 58.80 25.66
N ASP C 777 -32.46 59.57 26.40
CA ASP C 777 -32.91 60.81 26.98
C ASP C 777 -33.59 61.66 25.94
N ASP C 778 -32.90 61.91 24.82
CA ASP C 778 -33.54 62.67 23.76
C ASP C 778 -34.84 62.03 23.35
N LYS C 779 -34.87 60.72 23.36
CA LYS C 779 -36.04 60.09 22.84
C LYS C 779 -37.27 60.23 23.67
N LEU C 780 -37.08 60.72 24.86
CA LEU C 780 -38.26 60.86 25.69
C LEU C 780 -38.80 62.25 25.64
N ALA C 781 -37.88 63.20 25.38
CA ALA C 781 -38.26 64.58 25.26
C ALA C 781 -39.35 64.52 24.20
N GLU C 782 -39.00 63.82 23.11
CA GLU C 782 -39.89 63.55 22.00
C GLU C 782 -41.17 63.00 22.65
N ILE C 783 -41.10 61.80 23.15
CA ILE C 783 -42.20 61.12 23.78
C ILE C 783 -42.96 61.91 24.78
N ILE C 784 -42.26 62.63 25.62
CA ILE C 784 -42.96 63.36 26.64
C ILE C 784 -43.63 64.60 26.12
N THR C 785 -42.77 65.51 25.65
CA THR C 785 -43.17 66.80 25.10
C THR C 785 -44.47 66.68 24.28
N ARG C 786 -44.55 65.64 23.48
CA ARG C 786 -45.71 65.34 22.70
C ARG C 786 -46.84 64.88 23.57
N THR C 787 -46.52 64.11 24.60
CA THR C 787 -47.60 63.62 25.45
C THR C 787 -48.07 64.72 26.39
N GLN C 788 -47.23 65.69 26.56
CA GLN C 788 -47.62 66.75 27.44
C GLN C 788 -48.72 67.51 26.75
N ALA C 789 -48.32 68.12 25.61
CA ALA C 789 -49.16 68.88 24.74
C ALA C 789 -50.66 68.50 24.74
N ARG C 790 -50.96 67.30 24.26
CA ARG C 790 -52.30 66.76 24.13
C ARG C 790 -53.02 67.01 25.45
N CYS C 791 -52.34 66.59 26.50
CA CYS C 791 -52.84 66.81 27.83
C CYS C 791 -53.24 68.26 28.01
N ARG C 792 -52.23 69.14 27.87
CA ARG C 792 -52.37 70.58 27.99
C ARG C 792 -53.59 70.97 27.18
N GLY C 793 -53.54 70.58 25.91
CA GLY C 793 -54.57 70.84 24.96
C GLY C 793 -55.83 70.43 25.66
N PHE C 794 -55.99 69.14 25.74
CA PHE C 794 -57.12 68.52 26.38
C PHE C 794 -57.52 69.16 27.67
N LEU C 795 -56.54 69.62 28.37
CA LEU C 795 -56.91 70.20 29.63
C LEU C 795 -57.80 71.39 29.51
N MET C 796 -57.42 72.23 28.59
CA MET C 796 -58.21 73.42 28.39
C MET C 796 -59.49 73.10 27.65
N ARG C 797 -59.45 72.04 26.87
CA ARG C 797 -60.63 71.65 26.11
C ARG C 797 -61.79 71.38 27.02
N VAL C 798 -61.53 71.10 28.31
CA VAL C 798 -62.60 70.75 29.27
C VAL C 798 -63.04 72.01 29.93
N GLU C 799 -62.15 72.98 29.87
CA GLU C 799 -62.42 74.27 30.45
C GLU C 799 -63.43 74.99 29.63
N TYR C 800 -63.29 74.88 28.30
CA TYR C 800 -64.27 75.47 27.48
C TYR C 800 -65.69 74.88 27.80
N ARG C 801 -65.82 73.55 27.95
CA ARG C 801 -67.11 72.83 28.25
C ARG C 801 -67.76 73.27 29.55
N ARG C 802 -66.94 73.82 30.41
CA ARG C 802 -67.38 74.30 31.70
C ARG C 802 -67.76 75.76 31.56
N MET C 803 -66.86 76.55 30.99
CA MET C 803 -67.08 77.98 30.74
C MET C 803 -68.44 78.21 30.13
N VAL C 804 -68.65 77.46 29.06
CA VAL C 804 -69.85 77.44 28.28
C VAL C 804 -71.12 77.06 29.08
N GLU C 805 -71.06 75.98 29.83
CA GLU C 805 -72.17 75.52 30.66
C GLU C 805 -72.64 76.68 31.53
N ARG C 806 -71.66 77.17 32.25
CA ARG C 806 -71.71 78.28 33.16
C ARG C 806 -72.39 79.52 32.60
N ARG C 807 -72.22 79.68 31.28
CA ARG C 807 -72.70 80.80 30.49
C ARG C 807 -73.91 81.48 31.07
N GLU C 808 -74.96 80.71 31.18
CA GLU C 808 -76.17 81.30 31.68
C GLU C 808 -76.31 81.38 33.16
N SER C 809 -75.93 80.32 33.87
CA SER C 809 -76.08 80.32 35.31
C SER C 809 -75.52 81.55 35.93
N ILE C 810 -74.58 82.16 35.23
CA ILE C 810 -74.00 83.39 35.71
C ILE C 810 -75.04 84.49 35.60
N PHE C 811 -75.43 84.75 34.35
CA PHE C 811 -76.39 85.73 33.95
C PHE C 811 -77.51 85.76 34.95
N CYS C 812 -78.02 84.58 35.16
CA CYS C 812 -79.08 84.39 36.12
C CYS C 812 -78.64 84.99 37.39
N ILE C 813 -77.46 84.61 37.78
CA ILE C 813 -76.96 85.19 39.01
C ILE C 813 -76.77 86.66 38.78
N GLN C 814 -76.14 87.00 37.65
CA GLN C 814 -75.83 88.40 37.32
C GLN C 814 -77.00 89.34 37.52
N TYR C 815 -77.93 89.26 36.59
CA TYR C 815 -79.12 90.08 36.62
C TYR C 815 -79.82 90.06 37.97
N ASN C 816 -80.08 88.84 38.44
CA ASN C 816 -80.80 88.59 39.68
C ASN C 816 -80.47 89.41 40.88
N VAL C 817 -79.18 89.70 41.02
CA VAL C 817 -78.65 90.50 42.11
C VAL C 817 -79.02 91.96 41.92
N ARG C 818 -78.65 92.42 40.73
CA ARG C 818 -78.92 93.77 40.31
C ARG C 818 -80.33 94.23 40.68
N SER C 819 -81.33 93.36 40.41
CA SER C 819 -82.72 93.60 40.73
C SER C 819 -82.75 94.18 42.12
N PHE C 820 -82.50 93.27 43.01
CA PHE C 820 -82.49 93.49 44.40
C PHE C 820 -81.86 94.78 44.85
N MET C 821 -80.72 95.10 44.31
CA MET C 821 -80.06 96.33 44.65
C MET C 821 -80.88 97.57 44.36
N ASN C 822 -81.79 97.40 43.45
CA ASN C 822 -82.62 98.48 43.00
C ASN C 822 -83.91 98.54 43.75
N VAL C 823 -84.41 97.35 43.92
CA VAL C 823 -85.66 97.13 44.53
C VAL C 823 -85.68 97.36 46.02
N LYS C 824 -84.79 96.70 46.73
CA LYS C 824 -84.68 96.77 48.17
C LYS C 824 -84.89 98.18 48.75
N HIS C 825 -84.75 99.23 47.90
CA HIS C 825 -84.94 100.58 48.40
C HIS C 825 -86.36 101.14 48.11
N TRP C 826 -87.16 100.40 47.31
CA TRP C 826 -88.55 100.69 46.84
C TRP C 826 -89.70 100.39 47.83
N PRO C 827 -90.42 101.44 48.24
CA PRO C 827 -91.54 101.38 49.17
C PRO C 827 -92.36 100.12 49.03
N TRP C 828 -92.83 99.98 47.83
CA TRP C 828 -93.69 98.87 47.45
C TRP C 828 -93.03 97.58 47.71
N MET C 829 -91.72 97.56 47.51
CA MET C 829 -91.08 96.30 47.74
C MET C 829 -90.86 96.03 49.22
N LYS C 830 -90.57 97.06 50.02
CA LYS C 830 -90.45 96.86 51.41
C LYS C 830 -91.75 96.41 51.98
N LEU C 831 -92.79 97.02 51.46
CA LEU C 831 -94.15 96.70 51.89
C LEU C 831 -94.41 95.22 51.72
N PHE C 832 -94.24 94.77 50.48
CA PHE C 832 -94.43 93.36 50.13
C PHE C 832 -93.66 92.49 51.09
N PHE C 833 -92.52 93.03 51.47
CA PHE C 833 -91.63 92.35 52.35
C PHE C 833 -92.22 92.18 53.73
N LYS C 834 -92.59 93.27 54.39
CA LYS C 834 -93.14 93.08 55.71
C LYS C 834 -94.37 92.21 55.60
N ILE C 835 -95.09 92.42 54.54
CA ILE C 835 -96.34 91.72 54.31
C ILE C 835 -96.26 90.27 53.87
N LYS C 836 -95.26 89.96 53.04
CA LYS C 836 -95.03 88.62 52.52
C LYS C 836 -95.20 87.52 53.53
N PRO C 837 -95.10 87.83 54.80
CA PRO C 837 -95.24 86.75 55.74
C PRO C 837 -96.64 86.39 56.12
N LEU C 838 -97.47 87.41 56.41
CA LEU C 838 -98.86 87.18 56.79
C LEU C 838 -99.61 86.24 55.82
N LEU C 839 -99.00 86.04 54.67
CA LEU C 839 -99.59 85.26 53.65
C LEU C 839 -99.45 83.80 53.92
N LYS C 840 -100.13 83.07 53.05
CA LYS C 840 -100.10 81.63 53.12
C LYS C 840 -100.18 81.06 51.71
N ASN A 1 142.30 -28.57 -81.19
CA ASN A 1 141.11 -29.45 -81.13
C ASN A 1 141.54 -30.93 -80.94
N VAL A 2 142.63 -31.18 -81.64
CA VAL A 2 143.36 -32.44 -81.69
C VAL A 2 144.10 -32.95 -80.45
N PHE A 3 144.31 -32.11 -79.43
CA PHE A 3 144.70 -32.66 -78.14
C PHE A 3 143.54 -32.70 -77.12
N SER A 4 142.41 -32.02 -77.39
CA SER A 4 141.23 -32.01 -76.50
C SER A 4 140.25 -33.18 -76.32
N MET A 5 139.89 -34.00 -77.32
CA MET A 5 139.18 -35.29 -77.07
C MET A 5 140.39 -36.19 -76.64
N PHE A 6 140.87 -37.16 -77.43
CA PHE A 6 142.22 -37.71 -77.31
C PHE A 6 142.87 -38.19 -76.00
N ASP A 7 142.25 -39.23 -75.48
CA ASP A 7 142.66 -39.87 -74.23
C ASP A 7 143.99 -40.64 -74.24
N GLN A 8 144.58 -40.86 -73.05
CA GLN A 8 145.85 -41.60 -72.90
C GLN A 8 145.93 -42.94 -73.63
N THR A 9 144.85 -43.74 -73.55
CA THR A 9 144.72 -45.00 -74.30
C THR A 9 144.86 -44.81 -75.81
N GLN A 10 144.03 -43.97 -76.45
CA GLN A 10 144.18 -43.60 -77.86
C GLN A 10 145.62 -43.23 -78.24
N ILE A 11 146.21 -42.34 -77.44
CA ILE A 11 147.60 -41.93 -77.63
C ILE A 11 148.59 -43.09 -77.49
N GLN A 12 148.42 -44.04 -76.56
CA GLN A 12 149.26 -45.23 -76.47
C GLN A 12 149.10 -46.17 -77.66
N ASP A 13 147.88 -46.43 -78.14
CA ASP A 13 147.61 -47.17 -79.38
C ASP A 13 148.43 -46.56 -80.53
N PHE A 14 148.35 -45.23 -80.68
CA PHE A 14 149.20 -44.50 -81.63
C PHE A 14 150.70 -44.68 -81.36
N LYS A 15 151.23 -44.49 -80.14
CA LYS A 15 152.65 -44.74 -79.81
C LYS A 15 153.16 -46.14 -80.19
N GLU A 16 152.42 -47.20 -79.87
CA GLU A 16 152.74 -48.55 -80.30
C GLU A 16 152.71 -48.66 -81.83
N ALA A 17 151.67 -48.12 -82.50
CA ALA A 17 151.62 -48.08 -83.97
C ALA A 17 152.83 -47.41 -84.62
N PHE A 18 153.26 -46.27 -84.05
CA PHE A 18 154.49 -45.59 -84.49
C PHE A 18 155.67 -46.53 -84.30
N THR A 19 155.95 -47.07 -83.11
CA THR A 19 157.07 -48.02 -82.91
C THR A 19 157.06 -49.28 -83.80
N VAL A 20 155.89 -49.73 -84.28
CA VAL A 20 155.85 -50.81 -85.29
C VAL A 20 156.24 -50.33 -86.70
N ILE A 21 155.87 -49.10 -87.09
CA ILE A 21 156.32 -48.58 -88.38
C ILE A 21 157.79 -48.09 -88.30
N ASP A 22 158.23 -47.60 -87.14
CA ASP A 22 159.62 -47.21 -86.81
C ASP A 22 160.65 -48.35 -86.85
N GLN A 23 160.94 -48.97 -88.01
CA GLN A 23 161.88 -50.09 -88.13
C GLN A 23 163.22 -50.00 -87.41
N ASN A 24 163.86 -48.85 -87.59
CA ASN A 24 165.17 -48.61 -87.03
C ASN A 24 165.26 -48.35 -85.52
N ARG A 25 164.13 -48.12 -84.84
CA ARG A 25 164.03 -47.70 -83.43
C ARG A 25 164.57 -46.32 -83.05
N ASP A 26 165.25 -45.63 -83.98
CA ASP A 26 165.75 -44.26 -83.86
C ASP A 26 164.84 -43.18 -83.23
N GLY A 27 163.55 -43.18 -83.57
CA GLY A 27 162.60 -42.20 -83.06
C GLY A 27 161.86 -41.38 -84.15
N ILE A 28 162.38 -41.51 -85.37
CA ILE A 28 161.83 -40.84 -86.55
C ILE A 28 161.47 -41.88 -87.62
N ILE A 29 160.23 -41.94 -88.09
CA ILE A 29 159.90 -42.79 -89.25
C ILE A 29 160.29 -42.09 -90.54
N ASP A 30 160.91 -42.83 -91.46
CA ASP A 30 161.22 -42.30 -92.77
C ASP A 30 160.75 -43.20 -93.93
N LYS A 31 161.20 -42.94 -95.16
CA LYS A 31 160.84 -43.76 -96.34
C LYS A 31 161.17 -45.24 -96.20
N ASP A 32 162.35 -45.52 -95.66
CA ASP A 32 162.83 -46.87 -95.42
C ASP A 32 161.93 -47.61 -94.43
N ASP A 33 161.63 -46.99 -93.28
CA ASP A 33 160.70 -47.50 -92.29
C ASP A 33 159.31 -47.85 -92.86
N LEU A 34 158.74 -46.96 -93.67
CA LEU A 34 157.52 -47.28 -94.42
C LEU A 34 157.68 -48.46 -95.39
N ARG A 35 158.69 -48.48 -96.28
CA ARG A 35 158.95 -49.58 -97.21
C ARG A 35 158.94 -51.00 -96.62
N GLU A 36 159.77 -51.30 -95.61
CA GLU A 36 159.70 -52.64 -95.04
C GLU A 36 158.49 -52.85 -94.14
N THR A 37 157.78 -51.87 -93.54
CA THR A 37 156.51 -52.20 -92.87
C THR A 37 155.49 -52.68 -93.88
N PHE A 38 155.41 -52.03 -95.06
CA PHE A 38 154.57 -52.52 -96.15
C PHE A 38 154.97 -53.94 -96.59
N ALA A 39 156.27 -54.17 -96.81
CA ALA A 39 156.81 -55.51 -97.10
C ALA A 39 156.49 -56.57 -96.05
N ALA A 40 156.65 -56.29 -94.76
CA ALA A 40 156.27 -57.17 -93.66
C ALA A 40 154.77 -57.53 -93.64
N MET A 41 153.92 -56.56 -94.00
CA MET A 41 152.49 -56.81 -94.18
C MET A 41 152.10 -57.50 -95.51
N GLY A 42 153.06 -57.86 -96.36
CA GLY A 42 152.79 -58.53 -97.63
C GLY A 42 152.84 -57.63 -98.88
N ARG A 43 152.88 -56.32 -98.73
CA ARG A 43 152.89 -55.41 -99.88
C ARG A 43 154.26 -55.14 -100.48
N LEU A 44 154.59 -55.82 -101.57
CA LEU A 44 155.89 -55.62 -102.23
C LEU A 44 155.91 -54.61 -103.39
N ASN A 45 154.75 -54.30 -103.97
CA ASN A 45 154.64 -53.45 -105.15
C ASN A 45 154.68 -51.91 -104.94
N VAL A 46 155.25 -51.45 -103.83
CA VAL A 46 155.22 -50.03 -103.46
C VAL A 46 156.13 -49.11 -104.29
N LYS A 47 155.56 -48.10 -104.91
CA LYS A 47 156.31 -47.16 -105.71
C LYS A 47 156.70 -45.90 -104.94
N ASN A 48 157.93 -45.36 -105.13
CA ASN A 48 158.37 -44.16 -104.41
C ASN A 48 157.36 -43.01 -104.31
N GLU A 49 156.64 -42.64 -105.37
CA GLU A 49 155.60 -41.61 -105.32
C GLU A 49 154.54 -41.76 -104.21
N GLU A 50 154.17 -43.00 -103.88
CA GLU A 50 153.24 -43.32 -102.82
C GLU A 50 153.90 -43.08 -101.44
N LEU A 51 155.14 -43.56 -101.25
CA LEU A 51 155.93 -43.33 -100.02
C LEU A 51 156.17 -41.84 -99.74
N ASP A 52 156.60 -41.16 -100.81
CA ASP A 52 156.79 -39.73 -100.83
C ASP A 52 155.49 -38.98 -100.54
N ALA A 53 154.35 -39.32 -101.16
CA ALA A 53 153.05 -38.73 -100.87
C ALA A 53 152.70 -38.76 -99.38
N MET A 54 152.90 -39.93 -98.75
CA MET A 54 152.77 -40.10 -97.30
C MET A 54 153.57 -39.07 -96.50
N ILE A 55 154.89 -39.07 -96.72
CA ILE A 55 155.80 -38.15 -96.01
C ILE A 55 155.52 -36.66 -96.26
N LYS A 56 155.22 -36.26 -97.50
CA LYS A 56 154.87 -34.88 -97.86
C LYS A 56 153.79 -34.17 -97.04
N GLU A 57 152.92 -34.93 -96.38
CA GLU A 57 151.91 -34.36 -95.50
C GLU A 57 152.48 -33.61 -94.29
N ALA A 58 153.70 -33.92 -93.86
CA ALA A 58 154.35 -33.23 -92.75
C ALA A 58 155.45 -32.24 -93.16
N SER A 59 155.62 -31.14 -92.42
CA SER A 59 156.65 -30.15 -92.73
C SER A 59 158.08 -30.49 -92.30
N GLY A 60 158.22 -31.39 -91.32
CA GLY A 60 159.53 -31.77 -90.82
C GLY A 60 159.79 -33.27 -90.73
N PRO A 61 160.81 -33.72 -89.97
CA PRO A 61 160.96 -35.14 -89.63
C PRO A 61 159.72 -35.73 -88.97
N ILE A 62 159.26 -36.93 -89.30
CA ILE A 62 157.94 -37.34 -88.82
C ILE A 62 157.76 -37.69 -87.32
N ASN A 63 158.80 -37.56 -86.47
CA ASN A 63 158.77 -37.69 -84.99
C ASN A 63 157.47 -37.84 -84.20
N PHE A 64 157.33 -38.75 -83.22
CA PHE A 64 156.11 -38.94 -82.40
C PHE A 64 155.04 -37.84 -82.32
N THR A 65 155.47 -36.63 -81.96
CA THR A 65 154.62 -35.43 -81.94
C THR A 65 154.10 -35.00 -83.30
N VAL A 66 154.96 -34.90 -84.33
CA VAL A 66 154.56 -34.55 -85.70
C VAL A 66 153.55 -35.59 -86.21
N PHE A 67 153.78 -36.88 -85.97
CA PHE A 67 152.77 -37.91 -86.24
C PHE A 67 151.44 -37.63 -85.53
N LEU A 68 151.43 -37.64 -84.19
CA LEU A 68 150.24 -37.40 -83.38
C LEU A 68 149.45 -36.15 -83.77
N THR A 69 150.13 -35.03 -84.06
CA THR A 69 149.47 -33.83 -84.56
C THR A 69 148.88 -34.09 -85.94
N MET A 70 149.61 -34.62 -86.94
CA MET A 70 149.03 -34.94 -88.25
C MET A 70 147.83 -35.90 -88.27
N PHE A 71 147.84 -36.91 -87.40
CA PHE A 71 146.72 -37.86 -87.31
C PHE A 71 145.54 -37.36 -86.50
N GLY A 72 145.84 -36.57 -85.48
CA GLY A 72 144.79 -35.88 -84.77
C GLY A 72 144.08 -34.93 -85.73
N GLU A 73 144.82 -34.04 -86.42
CA GLU A 73 144.24 -33.09 -87.39
C GLU A 73 143.24 -33.60 -88.42
N LYS A 74 143.34 -34.86 -88.80
CA LYS A 74 142.37 -35.48 -89.70
C LYS A 74 141.12 -36.04 -89.00
N LEU A 75 141.28 -36.36 -87.72
CA LEU A 75 140.20 -36.84 -86.87
C LEU A 75 139.64 -35.79 -85.91
N LYS A 76 139.70 -34.48 -86.25
CA LYS A 76 139.19 -33.37 -85.43
C LYS A 76 137.77 -33.45 -84.84
N GLY A 77 136.97 -34.36 -85.40
CA GLY A 77 135.64 -34.66 -84.92
C GLY A 77 135.42 -36.17 -84.78
N ALA A 78 136.38 -36.85 -84.17
CA ALA A 78 136.29 -38.29 -83.93
C ALA A 78 136.54 -38.76 -82.50
N ASP A 79 135.53 -39.42 -81.94
CA ASP A 79 135.60 -39.97 -80.59
C ASP A 79 136.11 -41.43 -80.52
N PRO A 80 136.45 -41.95 -79.32
CA PRO A 80 136.59 -43.39 -79.13
C PRO A 80 135.27 -44.19 -79.18
N GLU A 81 135.27 -45.44 -79.66
CA GLU A 81 134.04 -46.24 -79.80
C GLU A 81 132.97 -46.26 -78.72
N ASP A 82 133.28 -46.47 -77.45
CA ASP A 82 132.28 -46.38 -76.37
C ASP A 82 131.47 -45.08 -76.29
N VAL A 83 132.15 -43.95 -76.53
CA VAL A 83 131.54 -42.61 -76.54
C VAL A 83 130.52 -42.50 -77.69
N ILE A 84 130.91 -42.99 -78.86
CA ILE A 84 130.04 -43.02 -80.05
C ILE A 84 128.81 -43.91 -79.78
N MET A 85 129.04 -45.11 -79.23
CA MET A 85 127.97 -46.00 -78.79
C MET A 85 126.99 -45.33 -77.81
N GLY A 86 127.44 -44.47 -76.89
CA GLY A 86 126.56 -43.72 -75.99
C GLY A 86 125.50 -42.88 -76.71
N ALA A 87 125.91 -42.15 -77.75
CA ALA A 87 124.99 -41.39 -78.59
C ALA A 87 123.87 -42.24 -79.20
N PHE A 88 124.25 -43.41 -79.73
CA PHE A 88 123.28 -44.38 -80.20
C PHE A 88 122.43 -44.93 -79.05
N LYS A 89 122.98 -45.37 -77.90
CA LYS A 89 122.22 -45.80 -76.72
C LYS A 89 121.18 -44.77 -76.19
N VAL A 90 121.44 -43.47 -76.38
CA VAL A 90 120.48 -42.40 -76.09
C VAL A 90 119.33 -42.41 -77.11
N LEU A 91 119.67 -42.62 -78.39
CA LEU A 91 118.66 -42.77 -79.44
C LEU A 91 117.87 -44.08 -79.38
N ASP A 92 118.50 -45.12 -78.82
CA ASP A 92 117.91 -46.41 -78.53
C ASP A 92 116.92 -46.39 -77.35
N PRO A 93 116.62 -45.29 -76.62
CA PRO A 93 116.65 -45.25 -75.14
C PRO A 93 116.07 -46.42 -74.33
N ASP A 94 115.09 -47.08 -74.94
CA ASP A 94 114.45 -48.32 -74.52
C ASP A 94 115.45 -49.50 -74.37
N GLY A 95 116.52 -49.52 -75.15
CA GLY A 95 117.58 -50.52 -75.03
C GLY A 95 117.80 -51.55 -76.17
N LYS A 96 118.85 -52.35 -75.98
CA LYS A 96 119.33 -53.43 -76.86
C LYS A 96 119.23 -53.57 -78.39
N GLY A 97 118.09 -53.37 -79.04
CA GLY A 97 117.95 -53.53 -80.50
C GLY A 97 118.05 -52.19 -81.20
N SER A 98 119.00 -51.99 -82.11
CA SER A 98 119.17 -50.64 -82.62
C SER A 98 118.20 -50.10 -83.69
N ILE A 99 118.24 -48.79 -83.88
CA ILE A 99 117.24 -48.00 -84.62
C ILE A 99 116.92 -48.21 -86.11
N LYS A 100 115.82 -47.61 -86.58
CA LYS A 100 115.38 -47.70 -87.96
C LYS A 100 115.70 -46.56 -88.94
N LYS A 101 115.99 -46.93 -90.18
CA LYS A 101 116.12 -45.95 -91.26
C LYS A 101 114.79 -45.35 -91.69
N SER A 102 114.75 -44.10 -91.25
CA SER A 102 113.71 -43.06 -91.39
C SER A 102 113.88 -42.20 -90.14
N PHE A 103 113.82 -42.84 -88.98
CA PHE A 103 113.99 -42.22 -87.65
C PHE A 103 115.29 -41.40 -87.57
N LEU A 104 116.42 -42.00 -87.93
CA LEU A 104 117.64 -41.21 -87.99
C LEU A 104 117.83 -40.37 -89.26
N GLU A 105 117.25 -40.73 -90.41
CA GLU A 105 117.34 -39.92 -91.65
C GLU A 105 116.82 -38.51 -91.35
N GLU A 106 115.61 -38.50 -90.79
CA GLU A 106 114.98 -37.29 -90.29
C GLU A 106 115.83 -36.62 -89.20
N LEU A 107 116.20 -37.26 -88.09
CA LEU A 107 117.03 -36.60 -87.07
C LEU A 107 118.41 -36.05 -87.46
N LEU A 108 119.06 -36.56 -88.51
CA LEU A 108 120.29 -35.96 -89.03
C LEU A 108 120.00 -34.74 -89.92
N THR A 109 118.89 -34.76 -90.67
CA THR A 109 118.48 -33.59 -91.46
C THR A 109 117.74 -32.48 -90.72
N THR A 110 116.97 -32.83 -89.70
CA THR A 110 116.08 -31.85 -89.06
C THR A 110 116.66 -30.76 -88.15
N GLN A 111 116.72 -30.85 -86.82
CA GLN A 111 117.32 -29.80 -85.98
C GLN A 111 118.75 -29.45 -86.45
N CYS A 112 119.13 -28.16 -86.42
CA CYS A 112 120.33 -27.56 -87.02
C CYS A 112 120.11 -27.21 -88.51
N ASP A 113 121.14 -26.96 -89.31
CA ASP A 113 120.99 -26.63 -90.71
C ASP A 113 120.96 -27.80 -91.68
N ARG A 114 121.86 -28.77 -91.45
CA ARG A 114 122.04 -29.89 -92.35
C ARG A 114 123.07 -30.98 -92.09
N PHE A 115 122.60 -32.22 -92.03
CA PHE A 115 123.49 -33.28 -92.45
C PHE A 115 122.86 -33.61 -93.80
N THR A 116 123.54 -33.13 -94.84
CA THR A 116 122.95 -33.08 -96.18
C THR A 116 122.44 -34.39 -96.79
N PRO A 117 121.36 -34.35 -97.58
CA PRO A 117 120.95 -35.53 -98.35
C PRO A 117 121.90 -36.14 -99.39
N GLU A 118 123.09 -35.58 -99.56
CA GLU A 118 124.16 -36.19 -100.34
C GLU A 118 124.92 -37.06 -99.30
N GLU A 119 125.38 -36.43 -98.21
CA GLU A 119 126.02 -37.12 -97.06
C GLU A 119 125.24 -38.33 -96.56
N ILE A 120 123.93 -38.20 -96.31
CA ILE A 120 123.08 -39.31 -95.87
C ILE A 120 122.97 -40.50 -96.85
N LYS A 121 122.85 -40.33 -98.17
CA LYS A 121 122.87 -41.47 -99.10
C LYS A 121 124.22 -42.20 -99.10
N ASN A 122 125.31 -41.43 -99.05
CA ASN A 122 126.65 -41.99 -98.87
C ASN A 122 126.73 -42.81 -97.58
N MET A 123 126.16 -42.29 -96.49
CA MET A 123 125.98 -43.03 -95.25
C MET A 123 125.27 -44.36 -95.46
N TRP A 124 124.06 -44.46 -96.02
CA TRP A 124 123.41 -45.76 -96.27
C TRP A 124 124.18 -46.77 -97.14
N ALA A 125 125.01 -46.25 -98.05
CA ALA A 125 125.93 -47.08 -98.84
C ALA A 125 127.23 -47.52 -98.16
N ALA A 126 127.86 -46.65 -97.36
CA ALA A 126 129.11 -46.92 -96.64
C ALA A 126 129.00 -47.46 -95.19
N PHE A 127 127.76 -47.29 -94.73
CA PHE A 127 127.15 -47.91 -93.58
C PHE A 127 125.89 -48.49 -94.22
N PRO A 128 126.06 -49.48 -95.10
CA PRO A 128 125.23 -50.66 -95.23
C PRO A 128 123.78 -51.16 -95.28
N PRO A 129 123.77 -52.42 -95.74
CA PRO A 129 123.37 -53.56 -94.91
C PRO A 129 123.15 -53.30 -93.40
N ASP A 130 124.16 -52.99 -92.56
CA ASP A 130 123.94 -52.58 -91.17
C ASP A 130 122.80 -51.58 -91.00
N VAL A 131 122.89 -50.43 -91.66
CA VAL A 131 121.87 -49.40 -91.66
C VAL A 131 120.52 -49.84 -92.24
N ALA A 132 120.46 -50.92 -93.01
CA ALA A 132 119.19 -51.48 -93.46
C ALA A 132 118.53 -52.45 -92.48
N GLY A 133 119.34 -53.35 -91.92
CA GLY A 133 118.86 -54.40 -91.00
C GLY A 133 118.45 -53.95 -89.61
N ASN A 134 119.40 -53.55 -88.79
CA ASN A 134 119.14 -53.11 -87.43
C ASN A 134 119.63 -51.66 -87.28
N VAL A 135 119.88 -50.97 -88.42
CA VAL A 135 120.79 -49.81 -88.54
C VAL A 135 121.90 -50.05 -87.53
N ASP A 136 122.49 -51.24 -87.71
CA ASP A 136 123.45 -51.84 -86.80
C ASP A 136 124.49 -50.92 -86.15
N TYR A 137 124.05 -50.11 -85.18
CA TYR A 137 124.91 -49.08 -84.58
C TYR A 137 126.17 -49.59 -83.90
N LYS A 138 126.02 -50.79 -83.33
CA LYS A 138 127.16 -51.52 -82.77
C LYS A 138 128.21 -51.72 -83.88
N ASN A 139 127.78 -52.29 -85.01
CA ASN A 139 128.62 -52.48 -86.19
C ASN A 139 129.18 -51.15 -86.74
N ILE A 140 128.32 -50.13 -86.95
CA ILE A 140 128.69 -48.76 -87.34
C ILE A 140 129.88 -48.23 -86.52
N CYS A 141 129.78 -48.28 -85.19
CA CYS A 141 130.87 -47.90 -84.29
C CYS A 141 132.16 -48.71 -84.49
N TYR A 142 132.08 -50.04 -84.55
CA TYR A 142 133.26 -50.85 -84.83
C TYR A 142 133.93 -50.58 -86.18
N VAL A 143 133.19 -50.29 -87.25
CA VAL A 143 133.79 -49.94 -88.55
C VAL A 143 134.45 -48.57 -88.57
N ILE A 144 133.89 -47.58 -87.86
CA ILE A 144 134.55 -46.28 -87.81
C ILE A 144 135.81 -46.29 -86.93
N THR A 145 135.82 -46.95 -85.78
CA THR A 145 137.04 -47.05 -84.97
C THR A 145 138.02 -48.11 -85.46
N HIS A 146 137.54 -49.24 -85.97
CA HIS A 146 138.38 -50.35 -86.43
C HIS A 146 138.50 -50.68 -87.93
N GLY A 147 138.22 -49.78 -88.87
CA GLY A 147 138.39 -50.08 -90.30
C GLY A 147 137.13 -50.54 -91.05
N GLU A 148 137.13 -50.47 -92.37
CA GLU A 148 135.93 -50.75 -93.18
C GLU A 148 135.51 -52.21 -93.46
N ASP A 149 136.47 -53.10 -93.62
CA ASP A 149 136.23 -54.53 -93.90
C ASP A 149 135.67 -55.33 -92.72
N LYS A 150 136.25 -55.03 -91.55
CA LYS A 150 135.88 -55.63 -90.27
C LYS A 150 134.45 -55.49 -89.75
N ASP B 1 106.63 -7.72 -78.21
CA ASP B 1 106.91 -8.82 -77.27
C ASP B 1 108.24 -8.88 -76.47
N GLU B 2 108.42 -9.80 -75.47
CA GLU B 2 109.70 -10.10 -74.76
C GLU B 2 109.97 -11.21 -73.71
N ILE B 3 111.24 -11.69 -73.73
CA ILE B 3 111.99 -12.72 -72.93
C ILE B 3 113.13 -13.26 -73.85
N ASN B 4 114.20 -13.99 -73.48
CA ASN B 4 115.18 -14.51 -74.44
C ASN B 4 115.09 -16.00 -74.82
N ASP B 5 115.27 -16.98 -73.93
CA ASP B 5 115.12 -18.44 -74.13
C ASP B 5 114.22 -18.97 -75.25
N PHE B 6 113.01 -18.41 -75.39
CA PHE B 6 112.07 -18.81 -76.45
C PHE B 6 112.64 -18.69 -77.86
N LYS B 7 113.49 -17.70 -78.10
CA LYS B 7 114.20 -17.53 -79.36
C LYS B 7 115.20 -18.66 -79.60
N GLU B 8 115.90 -19.06 -78.54
CA GLU B 8 116.82 -20.22 -78.59
C GLU B 8 116.05 -21.51 -78.92
N ALA B 9 114.92 -21.70 -78.26
CA ALA B 9 114.02 -22.83 -78.54
C ALA B 9 113.44 -22.87 -79.95
N PHE B 10 113.14 -21.73 -80.59
CA PHE B 10 112.69 -21.72 -81.99
C PHE B 10 113.63 -22.44 -82.95
N LEU B 11 114.94 -22.14 -82.93
CA LEU B 11 115.94 -22.84 -83.74
C LEU B 11 116.01 -24.36 -83.55
N LEU B 12 115.64 -24.82 -82.37
CA LEU B 12 115.60 -26.25 -82.06
C LEU B 12 114.51 -27.01 -82.81
N PHE B 13 113.53 -26.28 -83.36
CA PHE B 13 112.43 -26.85 -84.13
C PHE B 13 112.33 -26.35 -85.58
N ASP B 14 113.43 -25.76 -86.07
CA ASP B 14 113.58 -25.30 -87.45
C ASP B 14 113.48 -26.36 -88.55
N ARG B 15 114.26 -27.43 -88.34
CA ARG B 15 114.29 -28.61 -89.18
C ARG B 15 114.50 -28.48 -90.70
N THR B 16 115.43 -27.58 -90.98
CA THR B 16 115.83 -27.11 -92.32
C THR B 16 117.11 -26.25 -92.18
N GLY B 17 117.13 -25.49 -91.08
CA GLY B 17 118.24 -24.60 -90.73
C GLY B 17 118.05 -23.11 -91.04
N ASP B 18 116.91 -22.79 -91.63
CA ASP B 18 116.54 -21.46 -92.09
C ASP B 18 116.04 -20.43 -91.05
N ALA B 19 115.75 -20.87 -89.81
CA ALA B 19 115.13 -20.07 -88.75
C ALA B 19 113.71 -19.52 -89.05
N LYS B 20 113.07 -20.18 -90.03
CA LYS B 20 111.72 -19.88 -90.46
C LYS B 20 110.77 -21.08 -90.34
N ILE B 21 110.04 -21.17 -89.24
CA ILE B 21 109.20 -22.34 -88.97
C ILE B 21 107.82 -22.25 -89.66
N THR B 22 107.14 -23.35 -89.96
CA THR B 22 105.84 -23.31 -90.66
C THR B 22 104.57 -23.01 -89.85
N LEU B 23 103.58 -22.39 -90.50
CA LEU B 23 102.25 -22.11 -89.92
C LEU B 23 101.52 -23.29 -89.26
N SER B 24 101.83 -24.51 -89.68
CA SER B 24 101.31 -25.71 -89.02
C SER B 24 102.09 -26.01 -87.73
N GLN B 25 103.44 -26.00 -87.77
CA GLN B 25 104.26 -26.20 -86.56
C GLN B 25 104.03 -25.16 -85.45
N VAL B 26 103.52 -24.02 -85.88
CA VAL B 26 102.99 -22.94 -85.04
C VAL B 26 102.16 -23.39 -83.83
N GLY B 27 101.14 -24.20 -84.13
CA GLY B 27 100.22 -24.75 -83.14
C GLY B 27 100.86 -25.69 -82.12
N ASP B 28 101.94 -26.37 -82.52
CA ASP B 28 102.69 -27.25 -81.64
C ASP B 28 103.75 -26.53 -80.79
N ILE B 29 104.57 -25.63 -81.36
CA ILE B 29 105.57 -24.88 -80.58
C ILE B 29 104.96 -24.08 -79.42
N VAL B 30 103.78 -23.47 -79.66
CA VAL B 30 103.03 -22.80 -78.62
C VAL B 30 102.66 -23.63 -77.38
N ARG B 31 102.50 -24.95 -77.57
CA ARG B 31 102.15 -25.89 -76.50
C ARG B 31 103.21 -26.17 -75.44
N ALA B 32 104.49 -26.22 -75.84
CA ALA B 32 105.55 -26.37 -74.86
C ALA B 32 106.07 -25.08 -74.25
N LEU B 33 105.91 -23.94 -74.94
CA LEU B 33 106.29 -22.67 -74.37
C LEU B 33 105.33 -22.13 -73.30
N GLY B 34 105.48 -22.82 -72.16
CA GLY B 34 104.75 -22.58 -70.94
C GLY B 34 103.34 -23.16 -70.83
N GLN B 35 102.39 -22.66 -71.62
CA GLN B 35 100.99 -22.98 -71.34
C GLN B 35 100.09 -23.37 -72.52
N ASN B 36 99.10 -24.22 -72.25
CA ASN B 36 98.15 -24.80 -73.23
C ASN B 36 97.40 -23.86 -74.19
N PRO B 37 97.21 -24.26 -75.45
CA PRO B 37 96.16 -23.68 -76.30
C PRO B 37 95.27 -24.70 -77.05
N THR B 38 93.95 -24.54 -77.19
CA THR B 38 93.16 -25.55 -77.92
C THR B 38 93.20 -25.42 -79.45
N ASN B 39 92.99 -26.52 -80.18
CA ASN B 39 92.89 -26.43 -81.62
C ASN B 39 91.41 -26.23 -81.96
N ALA B 40 91.23 -25.00 -82.44
CA ALA B 40 89.96 -24.32 -82.67
C ALA B 40 90.37 -22.90 -82.29
N GLU B 41 90.94 -22.65 -81.11
CA GLU B 41 91.47 -21.33 -80.78
C GLU B 41 92.66 -20.89 -81.64
N ILE B 42 93.65 -21.78 -81.82
CA ILE B 42 94.77 -21.53 -82.74
C ILE B 42 94.21 -21.34 -84.17
N ASN B 43 93.33 -22.27 -84.58
CA ASN B 43 92.63 -22.19 -85.86
C ASN B 43 91.83 -20.88 -86.04
N LYS B 44 91.28 -20.26 -84.99
CA LYS B 44 90.54 -19.00 -85.08
C LYS B 44 91.35 -17.78 -85.53
N ILE B 45 92.26 -17.29 -84.70
CA ILE B 45 92.97 -16.09 -85.09
C ILE B 45 94.42 -16.24 -85.46
N LEU B 46 94.53 -15.64 -86.66
CA LEU B 46 95.68 -15.66 -87.55
C LEU B 46 95.82 -17.05 -88.19
N GLY B 47 95.58 -18.15 -87.47
CA GLY B 47 95.47 -19.49 -88.08
C GLY B 47 94.50 -19.62 -89.27
N ASN B 48 93.22 -19.25 -89.11
CA ASN B 48 92.26 -19.25 -90.23
C ASN B 48 92.62 -18.49 -91.52
N PRO B 49 93.37 -17.37 -91.49
CA PRO B 49 93.90 -16.87 -92.77
C PRO B 49 95.21 -17.46 -93.29
N SER B 50 95.20 -18.49 -94.16
CA SER B 50 96.43 -19.12 -94.69
C SER B 50 97.54 -18.19 -95.17
N LYS B 51 97.33 -17.30 -96.16
CA LYS B 51 98.34 -16.34 -96.58
C LYS B 51 98.80 -15.41 -95.45
N GLU B 52 97.89 -14.79 -94.70
CA GLU B 52 98.28 -13.96 -93.56
C GLU B 52 99.05 -14.75 -92.52
N GLU B 53 98.64 -15.88 -91.92
CA GLU B 53 99.47 -16.64 -90.98
C GLU B 53 100.78 -17.13 -91.60
N MET B 54 100.80 -17.52 -92.88
CA MET B 54 102.06 -17.80 -93.54
C MET B 54 103.00 -16.59 -93.66
N ASN B 55 102.43 -15.40 -93.72
CA ASN B 55 103.14 -14.13 -93.63
C ASN B 55 103.01 -13.44 -92.25
N ALA B 56 102.51 -14.21 -91.26
CA ALA B 56 102.37 -13.81 -89.86
C ALA B 56 102.69 -14.88 -88.79
N LYS B 57 103.44 -15.93 -89.16
CA LYS B 57 104.06 -16.94 -88.27
C LYS B 57 104.78 -18.06 -89.03
N LYS B 58 104.49 -18.35 -90.31
CA LYS B 58 105.32 -19.26 -91.13
C LYS B 58 106.54 -18.46 -91.62
N ILE B 59 107.28 -18.17 -90.58
CA ILE B 59 108.18 -17.05 -90.61
C ILE B 59 109.31 -17.12 -89.59
N THR B 60 109.92 -15.96 -89.46
CA THR B 60 110.92 -15.66 -88.45
C THR B 60 110.27 -15.41 -87.09
N PHE B 61 111.10 -15.09 -86.10
CA PHE B 61 110.67 -14.92 -84.71
C PHE B 61 109.65 -13.80 -84.48
N GLU B 62 109.65 -12.86 -85.42
CA GLU B 62 108.84 -11.64 -85.45
C GLU B 62 107.34 -11.76 -85.28
N GLU B 63 106.82 -12.88 -85.74
CA GLU B 63 105.40 -13.17 -85.63
C GLU B 63 105.13 -14.37 -84.74
N PHE B 64 106.13 -15.23 -84.55
CA PHE B 64 106.05 -16.28 -83.54
C PHE B 64 105.72 -15.75 -82.16
N LEU B 65 106.57 -14.84 -81.72
CA LEU B 65 106.50 -14.20 -80.42
C LEU B 65 105.20 -13.43 -80.15
N PRO B 66 104.74 -12.45 -80.97
CA PRO B 66 103.35 -11.99 -80.84
C PRO B 66 102.22 -13.02 -80.85
N MET B 67 102.16 -14.05 -81.73
CA MET B 67 101.12 -15.09 -81.62
C MET B 67 101.12 -15.82 -80.26
N LEU B 68 102.33 -16.18 -79.83
CA LEU B 68 102.51 -16.85 -78.54
C LEU B 68 102.02 -16.02 -77.34
N GLN B 69 102.32 -14.72 -77.36
CA GLN B 69 101.77 -13.80 -76.35
C GLN B 69 100.25 -13.71 -76.40
N ALA B 70 99.65 -13.62 -77.58
CA ALA B 70 98.20 -13.66 -77.74
C ALA B 70 97.55 -14.87 -77.03
N ALA B 71 98.14 -16.06 -77.21
CA ALA B 71 97.73 -17.23 -76.45
C ALA B 71 97.96 -17.04 -74.94
N ALA B 72 99.14 -16.52 -74.52
CA ALA B 72 99.43 -16.23 -73.10
C ALA B 72 98.35 -15.51 -72.28
N ASN B 73 97.63 -14.61 -72.93
CA ASN B 73 96.49 -13.92 -72.31
C ASN B 73 95.29 -14.78 -71.89
N ASN B 74 94.87 -15.79 -72.66
CA ASN B 74 93.71 -16.62 -72.30
C ASN B 74 93.99 -17.78 -71.34
N LYS B 75 95.27 -18.03 -71.10
CA LYS B 75 95.70 -19.20 -70.34
C LYS B 75 95.33 -19.36 -68.86
N ASP B 76 94.65 -18.39 -68.24
CA ASP B 76 94.05 -18.50 -66.90
C ASP B 76 93.22 -19.80 -66.69
N GLN B 77 92.63 -20.29 -67.80
CA GLN B 77 91.94 -21.58 -67.86
C GLN B 77 92.79 -22.81 -67.44
N GLY B 78 94.07 -22.61 -67.15
CA GLY B 78 94.96 -23.63 -66.57
C GLY B 78 94.49 -24.12 -65.20
N THR B 79 93.53 -23.43 -64.57
CA THR B 79 92.89 -23.84 -63.31
C THR B 79 92.52 -25.32 -63.23
N PHE B 80 93.07 -26.06 -62.27
CA PHE B 80 92.83 -27.50 -62.20
C PHE B 80 91.48 -27.91 -61.62
N GLU B 81 90.85 -27.03 -60.84
CA GLU B 81 89.59 -27.30 -60.13
C GLU B 81 88.56 -28.16 -60.89
N ASP B 82 88.02 -27.63 -61.98
CA ASP B 82 87.10 -28.36 -62.84
C ASP B 82 87.63 -29.68 -63.46
N PHE B 83 88.95 -29.82 -63.58
CA PHE B 83 89.54 -30.92 -64.35
C PHE B 83 89.98 -32.22 -63.71
N VAL B 84 89.61 -32.40 -62.45
CA VAL B 84 89.68 -33.69 -61.77
C VAL B 84 88.20 -34.10 -61.64
N GLU B 85 87.37 -33.11 -61.29
CA GLU B 85 85.92 -33.24 -61.17
C GLU B 85 85.18 -33.73 -62.43
N GLY B 86 85.47 -33.12 -63.58
CA GLY B 86 84.92 -33.52 -64.88
C GLY B 86 85.17 -34.98 -65.20
N LEU B 87 86.37 -35.42 -64.85
CA LEU B 87 86.74 -36.81 -64.98
C LEU B 87 85.87 -37.66 -64.06
N ARG B 88 85.81 -37.49 -62.73
CA ARG B 88 84.89 -38.27 -61.87
C ARG B 88 83.45 -38.42 -62.39
N VAL B 89 82.94 -37.50 -63.21
CA VAL B 89 81.61 -37.62 -63.82
C VAL B 89 81.44 -38.78 -64.80
N PHE B 90 82.50 -39.25 -65.47
CA PHE B 90 82.38 -40.37 -66.38
C PHE B 90 82.23 -41.71 -65.60
N ASP B 91 83.17 -42.10 -64.73
CA ASP B 91 83.04 -43.38 -64.00
C ASP B 91 82.91 -43.38 -62.44
N LYS B 92 82.08 -42.53 -61.82
CA LYS B 92 81.86 -42.46 -60.37
C LYS B 92 81.28 -43.63 -59.52
N GLU B 93 82.09 -44.56 -59.03
CA GLU B 93 81.62 -45.68 -58.20
C GLU B 93 82.47 -45.92 -56.93
N GLY B 94 82.65 -44.87 -56.14
CA GLY B 94 83.47 -44.91 -54.94
C GLY B 94 84.65 -43.95 -55.02
N ASN B 95 85.87 -44.44 -55.23
CA ASN B 95 87.05 -43.57 -55.38
C ASN B 95 87.14 -42.91 -56.76
N GLY B 96 88.21 -42.22 -57.18
CA GLY B 96 88.31 -41.72 -58.56
C GLY B 96 88.49 -42.83 -59.62
N THR B 97 87.49 -43.69 -59.75
CA THR B 97 87.49 -44.85 -60.63
C THR B 97 87.19 -44.54 -62.08
N VAL B 98 87.98 -45.02 -63.00
CA VAL B 98 87.73 -44.89 -64.46
C VAL B 98 87.79 -46.26 -65.13
N MET B 99 87.32 -46.46 -66.35
CA MET B 99 87.62 -47.65 -67.11
C MET B 99 88.43 -47.26 -68.34
N GLY B 100 89.49 -48.01 -68.64
CA GLY B 100 90.36 -47.74 -69.80
C GLY B 100 89.60 -47.39 -71.08
N ALA B 101 88.69 -48.28 -71.47
CA ALA B 101 87.84 -48.11 -72.64
C ALA B 101 87.08 -46.79 -72.77
N GLU B 102 86.50 -46.31 -71.69
CA GLU B 102 85.77 -45.05 -71.69
C GLU B 102 86.68 -43.86 -71.92
N LEU B 103 87.76 -43.62 -71.16
CA LEU B 103 88.68 -42.52 -71.50
C LEU B 103 89.31 -42.66 -72.89
N ARG B 104 89.79 -43.85 -73.28
CA ARG B 104 90.35 -44.10 -74.62
C ARG B 104 89.45 -43.68 -75.78
N HIS B 105 88.19 -44.13 -75.82
CA HIS B 105 87.30 -43.69 -76.90
C HIS B 105 86.84 -42.25 -76.75
N VAL B 106 86.41 -41.80 -75.56
CA VAL B 106 85.98 -40.41 -75.35
C VAL B 106 87.04 -39.37 -75.76
N LEU B 107 88.32 -39.66 -75.51
CA LEU B 107 89.40 -38.78 -75.94
C LEU B 107 90.03 -39.09 -77.31
N ALA B 108 89.32 -39.83 -78.17
CA ALA B 108 89.75 -40.09 -79.54
C ALA B 108 88.63 -39.71 -80.53
N THR B 109 87.38 -40.01 -80.14
CA THR B 109 86.19 -39.73 -80.93
C THR B 109 85.47 -38.40 -80.68
N LEU B 110 85.59 -37.78 -79.50
CA LEU B 110 84.82 -36.58 -79.21
C LEU B 110 85.48 -35.19 -79.23
N GLY B 111 84.68 -34.14 -79.46
CA GLY B 111 85.15 -32.75 -79.50
C GLY B 111 86.30 -32.45 -80.47
N GLU B 112 87.51 -32.37 -79.92
CA GLU B 112 88.70 -32.09 -80.69
C GLU B 112 89.45 -33.33 -81.22
N LYS B 113 88.98 -34.55 -80.93
CA LYS B 113 89.62 -35.84 -81.29
C LYS B 113 90.97 -36.03 -80.58
N MET B 114 91.75 -37.05 -80.87
CA MET B 114 93.15 -37.24 -80.49
C MET B 114 93.53 -38.52 -81.21
N THR B 115 94.69 -38.70 -81.81
CA THR B 115 94.95 -39.97 -82.51
C THR B 115 95.08 -41.11 -81.51
N GLU B 116 94.66 -42.32 -81.91
CA GLU B 116 94.77 -43.50 -81.04
C GLU B 116 96.19 -43.66 -80.49
N GLU B 117 97.19 -43.46 -81.36
CA GLU B 117 98.61 -43.38 -80.99
C GLU B 117 98.87 -42.42 -79.82
N GLU B 118 98.50 -41.14 -79.93
CA GLU B 118 98.63 -40.16 -78.85
C GLU B 118 97.89 -40.55 -77.56
N VAL B 119 96.65 -41.09 -77.65
CA VAL B 119 95.93 -41.57 -76.46
C VAL B 119 96.65 -42.76 -75.80
N GLU B 120 97.07 -43.78 -76.55
CA GLU B 120 97.89 -44.89 -76.04
C GLU B 120 99.14 -44.38 -75.30
N GLU B 121 99.77 -43.36 -75.89
CA GLU B 121 100.84 -42.62 -75.25
C GLU B 121 100.52 -41.77 -74.02
N LEU B 122 99.28 -41.34 -73.83
CA LEU B 122 98.87 -40.72 -72.57
C LEU B 122 98.69 -41.78 -71.48
N MET B 123 98.20 -42.94 -71.90
CA MET B 123 98.05 -44.11 -71.02
C MET B 123 99.37 -44.88 -70.74
N LYS B 124 100.51 -44.18 -70.68
CA LYS B 124 101.84 -44.76 -70.47
C LYS B 124 102.08 -45.49 -69.14
N GLY B 125 101.55 -46.71 -68.99
CA GLY B 125 101.70 -47.49 -67.75
C GLY B 125 101.10 -46.85 -66.50
N GLN B 126 99.93 -46.23 -66.70
CA GLN B 126 99.16 -45.65 -65.60
C GLN B 126 97.82 -46.35 -65.38
N GLU B 127 97.55 -47.29 -66.29
CA GLU B 127 96.38 -48.16 -66.31
C GLU B 127 96.75 -49.64 -66.38
N ASP B 128 97.34 -50.12 -65.30
CA ASP B 128 97.70 -51.53 -65.21
C ASP B 128 96.55 -52.53 -65.29
N SER B 129 96.87 -53.83 -65.34
CA SER B 129 95.93 -54.95 -65.45
C SER B 129 94.50 -54.92 -64.88
N ASN B 130 94.25 -54.05 -63.88
CA ASN B 130 92.96 -53.92 -63.21
C ASN B 130 91.78 -53.40 -64.05
N GLY B 131 91.99 -52.86 -65.26
CA GLY B 131 90.88 -52.36 -66.10
C GLY B 131 90.45 -50.93 -65.76
N CYS B 132 90.31 -50.72 -64.44
CA CYS B 132 90.06 -49.43 -63.86
C CYS B 132 91.30 -48.56 -63.68
N ILE B 133 91.11 -47.31 -64.05
CA ILE B 133 92.16 -46.30 -63.94
C ILE B 133 91.91 -45.36 -62.76
N ASN B 134 92.90 -44.77 -62.08
CA ASN B 134 92.62 -43.85 -60.94
C ASN B 134 92.70 -42.33 -61.23
N TYR B 135 91.59 -41.73 -61.68
CA TYR B 135 91.48 -40.31 -62.06
C TYR B 135 92.39 -39.23 -61.48
N GLU B 136 92.37 -39.16 -60.16
CA GLU B 136 93.11 -38.18 -59.36
C GLU B 136 94.61 -38.16 -59.63
N ALA B 137 95.17 -39.34 -59.89
CA ALA B 137 96.59 -39.47 -60.22
C ALA B 137 96.87 -39.03 -61.65
N PHE B 138 95.95 -39.23 -62.60
CA PHE B 138 96.20 -38.83 -63.98
C PHE B 138 96.25 -37.34 -64.15
N VAL B 139 95.30 -36.58 -63.62
CA VAL B 139 95.36 -35.12 -63.71
C VAL B 139 96.69 -34.62 -63.14
N LYS B 140 97.17 -35.15 -62.01
CA LYS B 140 98.52 -34.83 -61.51
C LYS B 140 99.64 -35.20 -62.50
N HIS B 141 99.73 -36.42 -63.05
CA HIS B 141 100.75 -36.80 -64.06
C HIS B 141 100.67 -36.13 -65.43
N ILE B 142 99.46 -35.70 -65.78
CA ILE B 142 99.17 -34.94 -66.99
C ILE B 142 99.66 -33.53 -66.72
N MET B 143 99.16 -32.83 -65.69
CA MET B 143 99.62 -31.49 -65.36
C MET B 143 101.08 -31.36 -64.92
N SER B 144 101.73 -32.48 -64.57
CA SER B 144 103.14 -32.54 -64.15
C SER B 144 104.30 -32.26 -65.13
N VAL B 145 104.08 -31.64 -66.29
CA VAL B 145 105.21 -31.31 -67.13
C VAL B 145 105.74 -29.92 -66.80
N ASP C 1 43.44 -56.10 -97.84
CA ASP C 1 42.89 -56.47 -99.14
C ASP C 1 42.91 -57.96 -99.30
N ALA C 2 44.14 -58.50 -99.26
CA ALA C 2 44.34 -59.92 -99.36
C ALA C 2 43.56 -60.57 -98.24
N GLU C 3 43.82 -60.05 -97.04
CA GLU C 3 43.17 -60.52 -95.82
C GLU C 3 41.67 -60.51 -95.96
N MET C 4 41.14 -59.30 -96.11
CA MET C 4 39.73 -59.10 -96.27
C MET C 4 39.18 -59.89 -97.43
N ALA C 5 38.27 -60.75 -97.08
CA ALA C 5 37.59 -61.59 -97.99
C ALA C 5 36.38 -62.05 -97.25
N ALA C 6 36.68 -62.53 -96.01
CA ALA C 6 35.70 -63.02 -95.07
C ALA C 6 34.51 -62.06 -95.07
N PHE C 7 34.85 -60.77 -94.91
CA PHE C 7 33.86 -59.73 -94.91
C PHE C 7 33.48 -59.43 -96.32
N GLY C 8 34.53 -59.12 -97.06
CA GLY C 8 34.41 -58.80 -98.44
C GLY C 8 33.41 -57.66 -98.59
N GLU C 9 32.13 -58.03 -98.67
CA GLU C 9 31.08 -57.05 -98.84
C GLU C 9 31.02 -56.01 -97.74
N ALA C 10 31.39 -56.40 -96.52
CA ALA C 10 31.34 -55.50 -95.39
C ALA C 10 32.56 -54.61 -95.31
N ALA C 11 33.65 -55.18 -95.82
CA ALA C 11 34.99 -54.60 -95.84
C ALA C 11 35.03 -53.09 -95.91
N PRO C 12 34.38 -52.55 -96.91
CA PRO C 12 34.39 -51.11 -97.09
C PRO C 12 33.95 -50.31 -95.88
N TYR C 13 33.16 -50.96 -95.00
CA TYR C 13 32.61 -50.32 -93.81
C TYR C 13 33.38 -50.62 -92.55
N LEU C 14 34.35 -51.51 -92.71
CA LEU C 14 35.26 -51.96 -91.66
C LEU C 14 36.64 -51.40 -91.83
N ARG C 15 37.14 -51.57 -93.05
CA ARG C 15 38.44 -51.10 -93.47
C ARG C 15 38.42 -50.49 -94.83
N LYS C 16 39.47 -49.73 -95.17
CA LYS C 16 39.58 -49.09 -96.47
C LYS C 16 40.60 -49.75 -97.39
N SER C 17 40.44 -49.56 -98.70
CA SER C 17 41.37 -50.18 -99.63
C SER C 17 42.78 -49.76 -99.32
N GLU C 18 43.67 -50.69 -99.46
CA GLU C 18 45.10 -50.49 -99.21
C GLU C 18 45.76 -49.34 -99.92
N LYS C 19 45.04 -48.53 -100.65
CA LYS C 19 45.73 -47.43 -101.26
C LYS C 19 45.03 -46.19 -100.81
N GLU C 20 43.74 -46.43 -100.46
CA GLU C 20 42.91 -45.36 -99.95
C GLU C 20 43.60 -44.92 -98.68
N ARG C 21 44.18 -45.96 -98.07
CA ARG C 21 44.93 -45.79 -96.87
C ARG C 21 46.17 -45.02 -97.26
N ILE C 22 46.96 -45.73 -98.06
CA ILE C 22 48.21 -45.25 -98.59
C ILE C 22 48.17 -43.85 -99.17
N GLU C 23 47.10 -43.55 -99.87
CA GLU C 23 46.92 -42.26 -100.45
C GLU C 23 46.61 -41.22 -99.41
N ALA C 24 46.27 -41.69 -98.23
CA ALA C 24 45.91 -40.81 -97.14
C ALA C 24 47.02 -40.57 -96.13
N GLN C 25 47.76 -41.63 -95.83
CA GLN C 25 48.84 -41.52 -94.86
C GLN C 25 50.08 -40.87 -95.47
N ASN C 26 50.25 -41.12 -96.77
CA ASN C 26 51.39 -40.64 -97.51
C ASN C 26 50.98 -39.45 -98.34
N LYS C 27 50.94 -38.31 -97.67
CA LYS C 27 50.58 -37.07 -98.28
C LYS C 27 51.31 -35.94 -97.60
N PRO C 28 51.33 -34.77 -98.23
CA PRO C 28 52.04 -33.64 -97.68
C PRO C 28 51.45 -33.16 -96.37
N PHE C 29 52.34 -32.84 -95.42
CA PHE C 29 51.95 -32.32 -94.13
C PHE C 29 52.89 -31.25 -93.54
N ASP C 30 52.33 -30.14 -93.09
CA ASP C 30 53.14 -29.10 -92.43
C ASP C 30 52.77 -28.92 -90.97
N ALA C 31 53.42 -29.70 -90.14
CA ALA C 31 53.17 -29.66 -88.72
C ALA C 31 53.10 -28.27 -88.06
N LYS C 32 54.20 -27.57 -88.14
CA LYS C 32 54.32 -26.28 -87.52
C LYS C 32 53.22 -25.31 -87.86
N SER C 33 52.48 -25.58 -88.92
CA SER C 33 51.45 -24.62 -89.30
C SER C 33 50.06 -25.15 -89.19
N SER C 34 49.90 -26.46 -89.55
CA SER C 34 48.59 -27.09 -89.47
C SER C 34 48.10 -27.27 -88.02
N VAL C 35 46.84 -26.90 -87.76
CA VAL C 35 46.32 -26.96 -86.42
C VAL C 35 44.81 -27.04 -86.34
N PHE C 36 44.32 -27.37 -85.12
CA PHE C 36 42.89 -27.42 -84.78
C PHE C 36 42.63 -26.19 -83.94
N VAL C 37 41.43 -25.64 -83.98
CA VAL C 37 41.20 -24.44 -83.16
C VAL C 37 39.76 -24.28 -82.68
N VAL C 38 39.64 -23.47 -81.63
CA VAL C 38 38.39 -23.16 -80.99
C VAL C 38 37.53 -22.45 -81.98
N HIS C 39 36.21 -22.47 -81.73
CA HIS C 39 35.36 -21.77 -82.66
C HIS C 39 33.99 -21.51 -82.09
N PRO C 40 33.69 -20.24 -81.94
CA PRO C 40 32.45 -19.79 -81.39
C PRO C 40 31.19 -20.48 -81.89
N LYS C 41 31.03 -20.63 -83.21
CA LYS C 41 29.85 -21.28 -83.73
C LYS C 41 30.04 -22.79 -83.80
N GLU C 42 30.98 -23.24 -84.62
CA GLU C 42 31.29 -24.64 -84.67
C GLU C 42 32.32 -24.89 -83.60
N SER C 43 32.18 -25.98 -82.87
CA SER C 43 33.04 -26.30 -81.74
C SER C 43 34.54 -26.09 -81.90
N PHE C 44 35.07 -26.81 -82.85
CA PHE C 44 36.50 -26.81 -83.18
C PHE C 44 36.58 -27.04 -84.66
N VAL C 45 37.19 -26.15 -85.37
CA VAL C 45 37.33 -26.42 -86.78
C VAL C 45 38.80 -26.39 -87.04
N LYS C 46 39.25 -26.87 -88.22
CA LYS C 46 40.66 -26.86 -88.54
C LYS C 46 41.12 -25.65 -89.31
N GLY C 47 42.43 -25.39 -89.21
CA GLY C 47 42.99 -24.28 -89.90
C GLY C 47 44.48 -24.32 -89.94
N THR C 48 45.01 -23.29 -90.60
CA THR C 48 46.41 -23.10 -90.77
C THR C 48 46.83 -21.85 -90.00
N ILE C 49 47.91 -21.98 -89.27
CA ILE C 49 48.41 -20.84 -88.54
C ILE C 49 49.03 -19.83 -89.50
N GLN C 50 48.59 -18.59 -89.35
CA GLN C 50 49.08 -17.52 -90.17
C GLN C 50 50.18 -16.77 -89.45
N SER C 51 49.81 -16.14 -88.36
CA SER C 51 50.81 -15.38 -87.65
C SER C 51 50.90 -15.81 -86.22
N LYS C 52 51.57 -15.00 -85.41
CA LYS C 52 51.73 -15.28 -84.00
C LYS C 52 51.83 -13.98 -83.20
N GLU C 53 50.78 -13.68 -82.44
CA GLU C 53 50.70 -12.46 -81.63
C GLU C 53 51.40 -12.50 -80.25
N GLY C 54 52.38 -13.40 -80.13
CA GLY C 54 53.18 -13.58 -78.92
C GLY C 54 52.51 -14.40 -77.82
N GLY C 55 51.19 -14.63 -77.99
CA GLY C 55 50.37 -15.36 -77.04
C GLY C 55 48.93 -15.27 -77.46
N LYS C 56 48.81 -15.03 -78.75
CA LYS C 56 47.58 -14.93 -79.49
C LYS C 56 47.87 -15.61 -80.79
N VAL C 57 46.83 -16.06 -81.44
CA VAL C 57 47.09 -16.71 -82.68
C VAL C 57 46.06 -16.38 -83.70
N THR C 58 46.53 -16.13 -84.91
CA THR C 58 45.63 -15.85 -86.01
C THR C 58 45.64 -17.03 -86.92
N VAL C 59 44.45 -17.54 -87.23
CA VAL C 59 44.41 -18.68 -88.10
C VAL C 59 43.40 -18.61 -89.21
N LYS C 60 43.77 -19.24 -90.31
CA LYS C 60 42.88 -19.33 -91.43
C LYS C 60 42.00 -20.50 -91.14
N THR C 61 41.02 -20.68 -91.94
CA THR C 61 40.09 -21.75 -91.68
C THR C 61 40.00 -22.62 -92.87
N GLU C 62 39.21 -23.62 -92.67
CA GLU C 62 38.84 -24.56 -93.68
C GLU C 62 37.39 -24.25 -93.91
N GLY C 63 37.22 -23.32 -94.81
CA GLY C 63 35.94 -22.78 -95.22
C GLY C 63 36.21 -21.35 -95.53
N GLY C 64 37.31 -20.88 -94.89
CA GLY C 64 37.82 -19.55 -95.13
C GLY C 64 37.30 -18.65 -94.07
N GLU C 65 38.15 -18.45 -93.07
CA GLU C 65 37.80 -17.60 -91.94
C GLU C 65 39.08 -17.31 -91.23
N THR C 66 39.11 -16.14 -90.62
CA THR C 66 40.30 -15.78 -89.92
C THR C 66 39.92 -15.33 -88.52
N LEU C 67 40.56 -15.96 -87.51
CA LEU C 67 40.30 -15.68 -86.12
C LEU C 67 41.57 -15.55 -85.31
N THR C 68 41.60 -14.62 -84.37
CA THR C 68 42.80 -14.51 -83.55
C THR C 68 42.40 -14.99 -82.19
N VAL C 69 42.86 -16.18 -81.91
CA VAL C 69 42.50 -16.82 -80.68
C VAL C 69 43.72 -17.14 -79.81
N LYS C 70 43.51 -17.19 -78.48
CA LYS C 70 44.54 -17.47 -77.47
C LYS C 70 45.53 -18.53 -77.91
N GLU C 71 46.56 -18.71 -77.10
CA GLU C 71 47.55 -19.72 -77.41
C GLU C 71 46.98 -21.10 -77.14
N ASP C 72 46.16 -21.17 -76.08
CA ASP C 72 45.53 -22.44 -75.79
C ASP C 72 44.12 -22.64 -76.28
N GLN C 73 43.88 -22.07 -77.43
CA GLN C 73 42.61 -22.18 -78.07
C GLN C 73 42.96 -22.88 -79.37
N VAL C 74 44.28 -23.12 -79.41
CA VAL C 74 45.02 -23.72 -80.50
C VAL C 74 45.59 -25.09 -80.11
N PHE C 75 45.29 -26.07 -80.94
CA PHE C 75 45.71 -27.44 -80.76
C PHE C 75 46.27 -28.07 -82.02
N SER C 76 47.40 -28.73 -81.83
CA SER C 76 48.12 -29.42 -82.88
C SER C 76 47.23 -30.35 -83.66
N MET C 77 47.77 -30.87 -84.75
CA MET C 77 47.06 -31.76 -85.64
C MET C 77 47.93 -32.95 -86.03
N ASN C 78 47.41 -34.13 -85.86
CA ASN C 78 48.15 -35.30 -86.13
C ASN C 78 48.59 -35.46 -87.56
N PRO C 79 49.82 -36.00 -87.72
CA PRO C 79 50.35 -36.25 -89.04
C PRO C 79 49.34 -37.16 -89.69
N PRO C 80 49.38 -37.12 -90.97
CA PRO C 80 48.46 -37.86 -91.78
C PRO C 80 48.51 -39.36 -91.50
N LYS C 81 49.62 -39.77 -90.91
CA LYS C 81 49.78 -41.19 -90.62
C LYS C 81 48.62 -41.70 -89.78
N TYR C 82 48.02 -40.78 -89.06
CA TYR C 82 46.87 -41.08 -88.21
C TYR C 82 45.63 -40.52 -88.83
N ASP C 83 45.14 -41.17 -89.87
CA ASP C 83 44.01 -40.62 -90.54
C ASP C 83 42.70 -41.04 -89.92
N LYS C 84 42.44 -42.36 -90.07
CA LYS C 84 41.23 -42.94 -89.55
C LYS C 84 41.55 -44.14 -88.72
N ILE C 85 42.41 -43.84 -87.76
CA ILE C 85 42.96 -44.71 -86.79
C ILE C 85 41.91 -45.52 -86.08
N GLU C 86 42.14 -46.81 -86.10
CA GLU C 86 41.31 -47.75 -85.43
C GLU C 86 41.20 -47.48 -83.96
N ASP C 87 42.34 -47.04 -83.39
CA ASP C 87 42.48 -46.77 -81.97
C ASP C 87 43.03 -45.41 -81.76
N MET C 88 42.16 -44.45 -81.55
CA MET C 88 42.58 -43.11 -81.36
C MET C 88 43.60 -42.94 -80.32
N ALA C 89 43.64 -43.88 -79.43
CA ALA C 89 44.62 -43.82 -78.33
C ALA C 89 46.01 -44.16 -78.77
N MET C 90 46.18 -44.26 -80.08
CA MET C 90 47.49 -44.55 -80.58
C MET C 90 48.06 -43.29 -81.17
N MET C 91 47.16 -42.33 -81.34
CA MET C 91 47.51 -41.03 -81.77
C MET C 91 48.53 -40.46 -80.87
N THR C 92 49.37 -39.55 -81.40
CA THR C 92 50.42 -38.92 -80.61
C THR C 92 49.93 -37.60 -80.18
N HIS C 93 48.65 -37.37 -80.49
CA HIS C 93 48.02 -36.14 -80.13
C HIS C 93 46.64 -36.34 -79.52
N LEU C 94 46.69 -36.43 -78.19
CA LEU C 94 45.59 -36.66 -77.32
C LEU C 94 44.98 -35.34 -76.88
N HIS C 95 44.06 -34.90 -77.71
CA HIS C 95 43.36 -33.67 -77.56
C HIS C 95 41.93 -33.96 -77.48
N GLU C 96 41.22 -32.87 -77.41
CA GLU C 96 39.79 -32.96 -77.48
C GLU C 96 39.38 -33.00 -78.95
N PRO C 97 39.88 -32.06 -79.76
CA PRO C 97 39.55 -32.01 -81.15
C PRO C 97 39.92 -33.22 -81.98
N ALA C 98 41.14 -33.66 -81.84
CA ALA C 98 41.57 -34.81 -82.59
C ALA C 98 40.71 -36.02 -82.41
N VAL C 99 40.03 -36.09 -81.28
CA VAL C 99 39.19 -37.24 -81.06
C VAL C 99 37.88 -37.08 -81.77
N LEU C 100 37.39 -35.90 -81.69
CA LEU C 100 36.13 -35.60 -82.34
C LEU C 100 36.34 -35.85 -83.81
N TYR C 101 37.40 -35.24 -84.31
CA TYR C 101 37.74 -35.31 -85.71
C TYR C 101 37.98 -36.66 -86.27
N ASN C 102 38.53 -37.60 -85.49
CA ASN C 102 38.79 -38.94 -85.99
C ASN C 102 37.54 -39.71 -86.16
N LEU C 103 36.66 -39.51 -85.22
CA LEU C 103 35.42 -40.25 -85.22
C LEU C 103 34.70 -39.86 -86.46
N LYS C 104 34.52 -38.53 -86.53
CA LYS C 104 33.86 -37.85 -87.65
C LYS C 104 34.36 -38.28 -89.00
N GLU C 105 35.67 -38.30 -89.20
CA GLU C 105 36.16 -38.67 -90.51
C GLU C 105 35.81 -40.08 -90.93
N ARG C 106 35.92 -41.04 -90.00
CA ARG C 106 35.66 -42.41 -90.36
C ARG C 106 34.24 -42.78 -90.40
N TYR C 107 33.43 -41.77 -90.23
CA TYR C 107 31.99 -41.92 -90.21
C TYR C 107 31.47 -41.45 -91.53
N ALA C 108 32.06 -40.34 -91.97
CA ALA C 108 31.75 -39.77 -93.28
C ALA C 108 32.17 -40.76 -94.36
N ALA C 109 32.90 -41.79 -93.89
CA ALA C 109 33.38 -42.85 -94.73
C ALA C 109 32.64 -44.10 -94.39
N TRP C 110 31.65 -43.90 -93.57
CA TRP C 110 30.81 -44.99 -93.14
C TRP C 110 31.49 -46.03 -92.33
N MET C 111 32.42 -45.62 -91.45
CA MET C 111 32.91 -46.58 -90.50
C MET C 111 32.37 -46.21 -89.10
N ILE C 112 31.48 -47.06 -88.61
CA ILE C 112 30.84 -46.82 -87.33
C ILE C 112 31.62 -47.30 -86.12
N TYR C 113 32.57 -48.18 -86.31
CA TYR C 113 33.33 -48.67 -85.20
C TYR C 113 34.73 -48.25 -85.18
N THR C 114 34.98 -47.39 -84.23
CA THR C 114 36.33 -46.92 -83.99
C THR C 114 36.68 -47.11 -82.51
N TYR C 115 37.86 -47.63 -82.13
CA TYR C 115 38.23 -47.82 -80.70
C TYR C 115 38.91 -46.59 -80.15
N SER C 116 38.75 -46.36 -78.83
CA SER C 116 39.36 -45.21 -78.14
C SER C 116 39.98 -45.65 -76.86
N GLY C 117 40.85 -46.61 -76.96
CA GLY C 117 41.48 -47.15 -75.82
C GLY C 117 40.93 -48.50 -75.64
N LEU C 118 40.11 -48.64 -74.65
CA LEU C 118 39.54 -49.95 -74.38
C LEU C 118 38.16 -49.97 -74.95
N PHE C 119 37.67 -48.76 -75.07
CA PHE C 119 36.34 -48.60 -75.58
C PHE C 119 36.17 -49.03 -76.97
N CYS C 120 34.95 -49.18 -77.31
CA CYS C 120 34.54 -49.52 -78.63
C CYS C 120 33.48 -48.55 -78.99
N VAL C 121 33.92 -47.41 -79.51
CA VAL C 121 32.98 -46.45 -79.89
C VAL C 121 32.10 -46.96 -81.00
N THR C 122 30.83 -46.57 -81.00
CA THR C 122 29.84 -46.97 -82.02
C THR C 122 28.93 -45.81 -82.37
N VAL C 123 28.87 -45.50 -83.63
CA VAL C 123 28.04 -44.40 -84.08
C VAL C 123 26.84 -44.87 -84.88
N ASN C 124 25.65 -44.31 -84.54
CA ASN C 124 24.41 -44.66 -85.23
C ASN C 124 24.44 -44.43 -86.73
N PRO C 125 24.36 -45.49 -87.53
CA PRO C 125 24.44 -45.30 -88.97
C PRO C 125 23.29 -44.49 -89.53
N TYR C 126 22.13 -44.83 -89.09
CA TYR C 126 20.88 -44.19 -89.50
C TYR C 126 20.46 -44.64 -90.85
N LYS C 127 21.02 -45.76 -91.17
CA LYS C 127 20.78 -46.44 -92.40
C LYS C 127 21.26 -47.89 -92.26
N TRP C 128 21.14 -48.71 -93.30
CA TRP C 128 21.51 -50.13 -93.22
C TRP C 128 22.92 -50.44 -93.65
N LEU C 129 23.49 -51.47 -93.00
CA LEU C 129 24.86 -51.87 -93.30
C LEU C 129 25.04 -53.40 -93.24
N PRO C 130 25.90 -53.88 -94.13
CA PRO C 130 26.22 -55.31 -94.20
C PRO C 130 27.08 -55.74 -93.07
N VAL C 131 27.13 -54.97 -91.99
CA VAL C 131 28.03 -55.30 -90.89
C VAL C 131 27.59 -56.43 -89.99
N TYR C 132 26.30 -56.58 -89.86
CA TYR C 132 25.80 -57.55 -88.94
C TYR C 132 25.72 -58.85 -89.65
N ASN C 133 26.31 -58.76 -90.84
CA ASN C 133 26.45 -59.82 -91.82
C ASN C 133 27.04 -61.07 -91.31
N PRO C 134 26.24 -62.05 -91.61
CA PRO C 134 26.42 -63.42 -91.27
C PRO C 134 27.76 -63.92 -91.75
N LYS C 135 28.50 -63.10 -92.45
CA LYS C 135 29.81 -63.59 -92.86
C LYS C 135 30.79 -63.08 -91.89
N VAL C 136 30.47 -61.89 -91.42
CA VAL C 136 31.33 -61.20 -90.50
C VAL C 136 31.51 -61.95 -89.21
N VAL C 137 30.34 -62.37 -88.72
CA VAL C 137 30.21 -63.14 -87.52
C VAL C 137 31.33 -64.18 -87.39
N LEU C 138 31.58 -64.90 -88.49
CA LEU C 138 32.62 -65.93 -88.54
C LEU C 138 33.97 -65.31 -88.53
N ALA C 139 34.06 -64.29 -89.38
CA ALA C 139 35.30 -63.59 -89.57
C ALA C 139 35.94 -63.16 -88.27
N TYR C 140 35.09 -62.63 -87.39
CA TYR C 140 35.52 -62.13 -86.13
C TYR C 140 35.74 -63.22 -85.10
N ARG C 141 35.49 -64.41 -85.55
CA ARG C 141 35.58 -65.60 -84.75
C ARG C 141 36.98 -66.15 -84.61
N GLY C 142 37.54 -66.02 -83.39
CA GLY C 142 38.87 -66.49 -83.00
C GLY C 142 40.00 -65.46 -83.23
N LYS C 143 39.63 -64.21 -83.43
CA LYS C 143 40.53 -63.10 -83.72
C LYS C 143 40.79 -62.05 -82.66
N LYS C 144 42.06 -61.86 -82.27
CA LYS C 144 42.34 -60.75 -81.35
C LYS C 144 42.01 -59.44 -82.05
N ARG C 145 41.75 -58.37 -81.28
CA ARG C 145 41.36 -57.13 -81.92
C ARG C 145 42.42 -56.46 -82.72
N GLN C 146 43.56 -57.13 -82.83
CA GLN C 146 44.65 -56.55 -83.58
C GLN C 146 44.77 -57.24 -84.93
N GLU C 147 44.09 -58.38 -85.01
CA GLU C 147 43.99 -59.20 -86.21
C GLU C 147 42.81 -58.81 -87.09
N ALA C 148 41.97 -57.90 -86.60
CA ALA C 148 40.82 -57.41 -87.28
C ALA C 148 40.46 -55.95 -86.93
N PRO C 149 39.74 -55.31 -87.84
CA PRO C 149 39.33 -53.92 -87.69
C PRO C 149 38.29 -53.71 -86.59
N PRO C 150 38.17 -52.48 -86.12
CA PRO C 150 37.22 -52.13 -85.10
C PRO C 150 35.79 -52.52 -85.40
N HIS C 151 35.30 -53.38 -84.47
CA HIS C 151 33.98 -53.93 -84.44
C HIS C 151 33.61 -54.64 -83.13
N ILE C 152 32.35 -54.59 -82.82
CA ILE C 152 31.70 -55.11 -81.66
C ILE C 152 31.80 -56.59 -81.50
N PHE C 153 31.87 -57.29 -82.60
CA PHE C 153 32.01 -58.67 -82.46
C PHE C 153 33.44 -58.87 -81.97
N SER C 154 34.27 -57.85 -82.15
CA SER C 154 35.62 -58.07 -81.70
C SER C 154 35.60 -58.21 -80.25
N ILE C 155 34.88 -57.25 -79.66
CA ILE C 155 34.80 -57.19 -78.22
C ILE C 155 34.17 -58.49 -77.72
N SER C 156 33.05 -58.79 -78.34
CA SER C 156 32.23 -59.91 -78.03
C SER C 156 32.89 -61.24 -78.23
N ASP C 157 33.85 -61.30 -79.06
CA ASP C 157 34.46 -62.61 -79.25
C ASP C 157 35.57 -62.76 -78.28
N ASN C 158 36.27 -61.67 -78.13
CA ASN C 158 37.41 -61.67 -77.27
C ASN C 158 37.01 -62.04 -75.89
N ALA C 159 35.82 -61.58 -75.55
CA ALA C 159 35.27 -61.87 -74.23
C ALA C 159 35.24 -63.35 -74.01
N TYR C 160 34.58 -63.96 -74.96
CA TYR C 160 34.44 -65.40 -75.04
C TYR C 160 35.77 -66.11 -74.93
N GLN C 161 36.67 -65.65 -75.74
CA GLN C 161 38.01 -66.20 -75.80
C GLN C 161 38.52 -66.21 -74.39
N PHE C 162 38.78 -65.01 -73.99
CA PHE C 162 39.25 -64.65 -72.71
C PHE C 162 38.54 -65.43 -71.63
N MET C 163 37.28 -65.68 -71.90
CA MET C 163 36.50 -66.37 -70.95
C MET C 163 37.12 -67.72 -70.76
N LEU C 164 37.24 -68.47 -71.84
CA LEU C 164 37.86 -69.79 -71.73
C LEU C 164 39.37 -69.78 -71.47
N THR C 165 40.09 -68.80 -71.99
CA THR C 165 41.52 -68.74 -71.80
C THR C 165 41.95 -68.49 -70.36
N ASP C 166 41.39 -67.45 -69.75
CA ASP C 166 41.72 -67.04 -68.38
C ASP C 166 40.87 -67.69 -67.26
N ARG C 167 39.76 -68.30 -67.66
CA ARG C 167 38.87 -68.93 -66.69
C ARG C 167 38.28 -67.91 -65.73
N GLU C 168 37.98 -66.74 -66.28
CA GLU C 168 37.38 -65.65 -65.55
C GLU C 168 36.08 -65.25 -66.18
N ASN C 169 35.22 -64.65 -65.39
CA ASN C 169 33.96 -64.23 -66.00
C ASN C 169 34.18 -62.90 -66.64
N GLN C 170 33.25 -62.60 -67.54
CA GLN C 170 33.38 -61.39 -68.31
C GLN C 170 32.19 -60.47 -68.22
N SER C 171 32.35 -59.28 -68.81
CA SER C 171 31.25 -58.30 -68.88
C SER C 171 31.46 -57.37 -70.03
N ILE C 172 30.37 -56.81 -70.45
CA ILE C 172 30.29 -55.89 -71.51
C ILE C 172 29.40 -54.77 -71.07
N LEU C 173 29.92 -53.57 -71.04
CA LEU C 173 29.13 -52.51 -70.61
C LEU C 173 28.75 -51.59 -71.70
N ILE C 174 27.47 -51.65 -72.11
CA ILE C 174 27.00 -50.81 -73.17
C ILE C 174 26.34 -49.58 -72.58
N THR C 175 26.65 -48.41 -73.07
CA THR C 175 26.11 -47.22 -72.54
C THR C 175 26.09 -46.07 -73.53
N GLY C 176 25.01 -45.24 -73.47
CA GLY C 176 24.86 -44.06 -74.33
C GLY C 176 23.54 -43.35 -74.09
N GLU C 177 23.33 -42.19 -74.72
CA GLU C 177 22.05 -41.50 -74.56
C GLU C 177 20.90 -42.19 -75.30
N SER C 178 19.71 -41.77 -74.95
CA SER C 178 18.45 -42.24 -75.43
C SER C 178 18.46 -42.65 -76.89
N GLY C 179 19.10 -41.86 -77.72
CA GLY C 179 19.05 -42.21 -79.15
C GLY C 179 20.27 -42.91 -79.70
N ALA C 180 21.25 -43.19 -78.85
CA ALA C 180 22.46 -43.82 -79.29
C ALA C 180 22.29 -45.20 -79.91
N GLY C 181 21.21 -45.90 -79.55
CA GLY C 181 20.93 -47.22 -80.11
C GLY C 181 21.67 -48.36 -79.43
N LYS C 182 21.47 -48.49 -78.11
CA LYS C 182 22.16 -49.55 -77.40
C LYS C 182 21.48 -50.90 -77.50
N THR C 183 20.15 -50.94 -77.30
CA THR C 183 19.33 -52.17 -77.34
C THR C 183 19.73 -53.00 -78.52
N VAL C 184 19.81 -52.25 -79.61
CA VAL C 184 20.23 -52.77 -80.90
C VAL C 184 21.53 -53.50 -80.81
N ASN C 185 22.51 -52.87 -80.16
CA ASN C 185 23.78 -53.51 -80.02
C ASN C 185 23.67 -54.67 -79.11
N THR C 186 23.05 -54.42 -77.98
CA THR C 186 22.91 -55.40 -76.94
C THR C 186 22.35 -56.65 -77.50
N LYS C 187 21.26 -56.47 -78.21
CA LYS C 187 20.63 -57.57 -78.84
C LYS C 187 21.59 -58.27 -79.73
N ARG C 188 22.22 -57.44 -80.56
CA ARG C 188 23.18 -57.96 -81.54
C ARG C 188 24.34 -58.69 -80.93
N VAL C 189 24.71 -58.29 -79.74
CA VAL C 189 25.79 -58.97 -79.07
C VAL C 189 25.31 -60.33 -78.65
N ILE C 190 24.12 -60.29 -78.11
CA ILE C 190 23.48 -61.49 -77.61
C ILE C 190 23.36 -62.58 -78.67
N GLN C 191 22.84 -62.20 -79.85
CA GLN C 191 22.74 -63.16 -80.94
C GLN C 191 24.07 -63.82 -81.13
N TYR C 192 25.07 -62.95 -81.14
CA TYR C 192 26.43 -63.38 -81.30
C TYR C 192 26.80 -64.53 -80.38
N PHE C 193 26.52 -64.36 -79.11
CA PHE C 193 26.81 -65.43 -78.18
C PHE C 193 26.09 -66.67 -78.53
N ALA C 194 24.82 -66.51 -78.73
CA ALA C 194 23.95 -67.66 -79.00
C ALA C 194 24.48 -68.43 -80.20
N THR C 195 24.78 -67.72 -81.27
CA THR C 195 25.27 -68.37 -82.48
C THR C 195 26.57 -69.12 -82.27
N ILE C 196 27.64 -68.38 -82.01
CA ILE C 196 28.95 -68.93 -81.82
C ILE C 196 29.13 -69.96 -80.71
N ALA C 197 28.12 -70.32 -79.96
CA ALA C 197 28.36 -71.33 -78.95
C ALA C 197 27.07 -72.00 -78.47
N ALA C 198 26.29 -72.53 -79.43
CA ALA C 198 24.99 -73.15 -79.18
C ALA C 198 24.93 -74.66 -78.92
N SER C 199 24.16 -75.05 -77.90
CA SER C 199 23.95 -76.46 -77.54
C SER C 199 22.48 -76.91 -77.52
N GLY C 200 21.73 -76.49 -78.55
CA GLY C 200 20.33 -76.84 -78.74
C GLY C 200 20.27 -77.88 -79.85
N GLU C 201 20.89 -79.01 -79.54
CA GLU C 201 21.08 -80.14 -80.43
C GLU C 201 19.82 -80.59 -81.14
N LEU C 215 14.65 -70.45 -76.56
CA LEU C 215 15.43 -69.41 -75.91
C LEU C 215 15.28 -68.12 -76.67
N GLU C 216 15.66 -68.28 -77.90
CA GLU C 216 15.65 -67.25 -78.89
C GLU C 216 14.42 -66.39 -78.89
N ASP C 217 13.36 -66.90 -78.36
CA ASP C 217 12.11 -66.13 -78.30
C ASP C 217 11.96 -65.54 -76.94
N GLN C 218 12.18 -66.40 -75.91
CA GLN C 218 12.07 -65.98 -74.53
C GLN C 218 12.94 -64.77 -74.41
N ILE C 219 14.14 -64.98 -74.94
CA ILE C 219 15.19 -64.00 -75.01
C ILE C 219 14.57 -62.72 -75.48
N ILE C 220 13.89 -62.86 -76.57
CA ILE C 220 13.24 -61.73 -77.17
C ILE C 220 12.03 -61.28 -76.38
N SER C 221 11.11 -62.20 -76.20
CA SER C 221 9.85 -61.92 -75.50
C SER C 221 10.06 -61.15 -74.24
N ALA C 222 11.28 -61.26 -73.73
CA ALA C 222 11.62 -60.59 -72.50
C ALA C 222 11.28 -59.14 -72.53
N ASN C 223 11.81 -58.51 -73.53
CA ASN C 223 11.67 -57.06 -73.71
C ASN C 223 10.28 -56.50 -73.48
N PRO C 224 9.37 -56.91 -74.33
CA PRO C 224 7.99 -56.47 -74.30
C PRO C 224 7.25 -56.59 -72.97
N LEU C 225 7.85 -57.27 -72.02
CA LEU C 225 7.22 -57.38 -70.70
C LEU C 225 7.79 -56.24 -69.88
N LEU C 226 9.09 -56.24 -69.78
CA LEU C 226 9.85 -55.24 -69.10
C LEU C 226 9.41 -53.85 -69.52
N GLU C 227 9.19 -53.71 -70.82
CA GLU C 227 8.78 -52.45 -71.47
C GLU C 227 7.41 -51.98 -71.01
N ALA C 228 6.53 -52.93 -70.75
CA ALA C 228 5.22 -52.55 -70.26
C ALA C 228 5.26 -51.99 -68.90
N PHE C 229 6.26 -52.48 -68.14
CA PHE C 229 6.48 -52.09 -66.76
C PHE C 229 7.55 -51.10 -66.49
N GLY C 230 8.62 -51.14 -67.25
CA GLY C 230 9.68 -50.16 -67.08
C GLY C 230 9.79 -49.13 -68.16
N ASN C 231 8.78 -48.97 -69.05
CA ASN C 231 8.80 -47.99 -70.12
C ASN C 231 7.60 -47.10 -70.11
N ALA C 232 7.76 -45.92 -70.64
CA ALA C 232 6.71 -44.96 -70.66
C ALA C 232 6.91 -43.82 -71.64
N LYS C 233 5.88 -43.09 -71.90
CA LYS C 233 5.96 -41.95 -72.74
C LYS C 233 6.60 -40.82 -72.09
N THR C 234 7.77 -40.49 -72.53
CA THR C 234 8.55 -39.37 -72.06
C THR C 234 8.25 -38.25 -73.03
N VAL C 235 8.55 -37.05 -72.64
CA VAL C 235 8.32 -35.90 -73.48
C VAL C 235 9.25 -35.93 -74.70
N ARG C 236 10.30 -36.73 -74.61
CA ARG C 236 11.29 -36.90 -75.67
C ARG C 236 11.00 -38.11 -76.56
N ASN C 237 10.86 -39.25 -75.93
CA ASN C 237 10.54 -40.47 -76.59
C ASN C 237 9.09 -40.86 -76.28
N ASP C 238 8.55 -41.83 -76.99
CA ASP C 238 7.17 -42.27 -76.79
C ASP C 238 7.16 -43.57 -76.06
N ASN C 239 8.34 -44.18 -76.10
CA ASN C 239 8.66 -45.44 -75.45
C ASN C 239 10.01 -45.34 -74.80
N SER C 240 10.19 -44.43 -73.81
CA SER C 240 11.47 -44.26 -73.16
C SER C 240 11.75 -45.30 -72.13
N SER C 241 13.01 -45.72 -72.08
CA SER C 241 13.47 -46.72 -71.12
C SER C 241 13.62 -46.04 -69.75
N ARG C 242 12.81 -46.41 -68.75
CA ARG C 242 12.97 -45.76 -67.48
C ARG C 242 13.79 -46.48 -66.52
N PHE C 243 14.02 -48.73 -69.63
CA PHE C 243 14.59 -49.39 -68.48
C PHE C 243 15.96 -49.93 -68.75
N GLY C 244 16.68 -50.29 -67.68
CA GLY C 244 18.03 -50.82 -67.76
C GLY C 244 18.05 -52.30 -67.64
N LYS C 245 19.16 -52.93 -68.00
CA LYS C 245 19.15 -54.37 -67.88
C LYS C 245 20.46 -55.06 -67.86
N PHE C 246 20.46 -56.23 -67.21
CA PHE C 246 21.61 -57.02 -67.03
C PHE C 246 21.35 -58.48 -67.18
N ILE C 247 21.92 -59.05 -68.22
CA ILE C 247 21.82 -60.45 -68.55
C ILE C 247 23.05 -61.26 -68.25
N ARG C 248 22.85 -62.40 -67.64
CA ARG C 248 24.01 -63.19 -67.37
C ARG C 248 23.99 -64.40 -68.22
N ILE C 249 24.82 -64.44 -69.22
CA ILE C 249 24.83 -65.62 -70.00
C ILE C 249 25.78 -66.57 -69.44
N HIS C 250 25.21 -67.61 -68.91
CA HIS C 250 25.99 -68.58 -68.22
C HIS C 250 26.47 -69.64 -69.15
N PHE C 251 27.75 -69.55 -69.44
CA PHE C 251 28.32 -70.51 -70.32
C PHE C 251 28.67 -71.74 -69.53
N GLY C 252 28.73 -72.88 -70.22
CA GLY C 252 29.05 -74.12 -69.58
C GLY C 252 30.56 -74.30 -69.37
N ALA C 253 30.97 -75.57 -69.14
CA ALA C 253 32.35 -75.95 -68.90
C ALA C 253 33.10 -76.13 -70.19
N THR C 254 32.40 -76.79 -71.08
CA THR C 254 32.89 -77.03 -72.42
C THR C 254 33.14 -75.66 -72.99
N GLY C 255 32.09 -74.87 -73.01
CA GLY C 255 32.13 -73.54 -73.54
C GLY C 255 30.76 -73.29 -74.23
N LYS C 256 29.86 -74.26 -74.11
CA LYS C 256 28.56 -74.16 -74.73
C LYS C 256 27.52 -73.63 -73.74
N LEU C 257 26.59 -72.84 -74.29
CA LEU C 257 25.47 -72.21 -73.56
C LEU C 257 24.85 -73.07 -72.48
N ALA C 258 24.51 -72.47 -71.33
CA ALA C 258 23.89 -73.22 -70.21
C ALA C 258 22.75 -72.48 -69.49
N SER C 259 22.87 -71.16 -69.28
CA SER C 259 21.83 -70.39 -68.63
C SER C 259 21.94 -68.92 -68.91
N ALA C 260 20.85 -68.26 -68.53
CA ALA C 260 20.71 -66.82 -68.66
C ALA C 260 20.06 -66.24 -67.41
N ASP C 261 20.11 -64.93 -67.31
CA ASP C 261 19.64 -64.27 -66.12
C ASP C 261 19.31 -62.81 -66.30
N ILE C 262 18.07 -62.44 -66.37
CA ILE C 262 17.81 -61.02 -66.47
C ILE C 262 17.50 -60.31 -65.22
N GLU C 263 17.81 -59.03 -65.21
CA GLU C 263 17.53 -58.13 -64.13
C GLU C 263 17.23 -56.74 -64.64
N THR C 264 16.17 -56.17 -64.12
CA THR C 264 15.69 -54.91 -64.58
C THR C 264 15.89 -53.82 -63.55
N TYR C 265 16.18 -52.63 -64.04
CA TYR C 265 16.45 -51.48 -63.21
C TYR C 265 15.71 -50.27 -63.73
N LEU C 266 15.20 -49.51 -62.84
CA LEU C 266 14.58 -48.27 -63.13
C LEU C 266 13.67 -48.18 -64.32
N LEU C 267 12.46 -48.61 -64.18
CA LEU C 267 11.51 -48.58 -65.20
C LEU C 267 10.77 -47.26 -65.21
N GLU C 268 12.70 -45.86 -62.45
CA GLU C 268 12.03 -44.62 -62.16
C GLU C 268 10.79 -44.84 -61.35
N LYS C 269 10.97 -45.10 -60.05
CA LYS C 269 9.86 -45.36 -59.12
C LYS C 269 8.82 -44.26 -59.06
N SER C 270 9.28 -43.07 -59.24
CA SER C 270 8.38 -41.94 -59.22
C SER C 270 7.22 -41.95 -60.23
N ARG C 271 7.39 -42.54 -61.42
CA ARG C 271 6.34 -42.54 -62.44
C ARG C 271 5.11 -43.16 -61.85
N VAL C 272 5.32 -44.27 -61.13
CA VAL C 272 4.27 -44.98 -60.50
C VAL C 272 3.30 -44.11 -59.74
N THR C 273 3.75 -42.96 -59.28
CA THR C 273 2.98 -42.07 -58.42
C THR C 273 2.80 -40.70 -59.00
N PHE C 274 3.66 -40.41 -59.93
CA PHE C 274 3.67 -39.13 -60.55
C PHE C 274 3.96 -39.20 -61.98
N GLN C 275 3.80 -38.03 -62.55
CA GLN C 275 3.96 -37.83 -63.95
C GLN C 275 3.88 -36.36 -64.34
N LEU C 276 4.83 -35.99 -65.17
CA LEU C 276 4.83 -34.67 -65.68
C LEU C 276 3.65 -34.55 -66.65
N PRO C 277 3.32 -33.32 -66.94
CA PRO C 277 2.21 -32.92 -67.77
C PRO C 277 2.16 -33.40 -69.18
N ALA C 278 3.32 -33.59 -69.79
CA ALA C 278 3.31 -34.09 -71.15
C ALA C 278 3.66 -35.56 -71.21
N GLU C 279 3.84 -36.13 -70.04
CA GLU C 279 4.25 -37.50 -69.95
C GLU C 279 3.18 -38.41 -69.39
N ARG C 280 3.61 -39.62 -69.21
CA ARG C 280 2.72 -40.57 -68.68
C ARG C 280 3.42 -41.69 -67.98
N SER C 281 2.67 -42.43 -67.23
CA SER C 281 3.25 -43.49 -66.50
C SER C 281 3.51 -44.66 -67.36
N TYR C 282 3.98 -45.74 -66.69
CA TYR C 282 4.30 -46.96 -67.34
C TYR C 282 3.18 -47.37 -68.25
N HIS C 283 3.46 -48.18 -69.24
CA HIS C 283 2.43 -48.50 -70.17
C HIS C 283 1.33 -49.36 -69.63
N ILE C 284 1.79 -50.40 -68.93
CA ILE C 284 0.93 -51.40 -68.39
C ILE C 284 -0.43 -50.92 -67.99
N PHE C 285 -0.42 -49.85 -67.30
CA PHE C 285 -1.64 -49.27 -66.75
C PHE C 285 -2.54 -48.95 -67.82
N TYR C 286 -2.02 -48.25 -68.80
CA TYR C 286 -2.86 -47.86 -69.92
C TYR C 286 -3.16 -49.03 -70.77
N GLN C 287 -2.28 -50.01 -70.75
CA GLN C 287 -2.50 -51.18 -71.53
C GLN C 287 -3.80 -51.79 -71.02
N ILE C 288 -3.76 -52.20 -69.77
CA ILE C 288 -4.83 -52.83 -69.03
C ILE C 288 -6.21 -52.15 -69.09
N MET C 289 -6.23 -50.86 -68.95
CA MET C 289 -7.48 -50.11 -69.00
C MET C 289 -7.97 -49.92 -70.44
N SER C 290 -7.19 -50.44 -71.38
CA SER C 290 -7.53 -50.31 -72.78
C SER C 290 -8.78 -51.06 -73.10
N ASN C 291 -8.98 -52.17 -72.41
CA ASN C 291 -10.12 -53.04 -72.52
C ASN C 291 -10.03 -54.13 -73.57
N LYS C 292 -8.91 -54.66 -73.82
CA LYS C 292 -8.89 -55.71 -74.82
C LYS C 292 -9.24 -57.09 -74.25
N LYS C 293 -9.11 -57.14 -72.96
CA LYS C 293 -9.34 -58.29 -72.09
C LYS C 293 -10.23 -57.81 -70.96
N PRO C 294 -11.52 -57.56 -71.28
CA PRO C 294 -12.45 -56.99 -70.30
C PRO C 294 -12.50 -57.63 -68.91
N GLU C 295 -12.26 -58.95 -68.79
CA GLU C 295 -12.24 -59.63 -67.52
C GLU C 295 -11.38 -58.96 -66.54
N LEU C 296 -10.24 -58.60 -67.06
CA LEU C 296 -9.18 -57.89 -66.31
C LEU C 296 -9.71 -56.71 -65.54
N ILE C 297 -10.52 -55.89 -66.22
CA ILE C 297 -11.12 -54.72 -65.63
C ILE C 297 -11.98 -55.00 -64.38
N ASP C 298 -12.74 -56.10 -64.47
CA ASP C 298 -13.62 -56.53 -63.44
C ASP C 298 -12.85 -57.33 -62.42
N MET C 299 -11.85 -57.98 -62.92
CA MET C 299 -11.01 -58.79 -62.09
C MET C 299 -10.23 -57.91 -61.10
N LEU C 300 -9.75 -56.79 -61.62
CA LEU C 300 -8.96 -55.84 -60.85
C LEU C 300 -9.83 -54.87 -60.11
N LEU C 301 -11.06 -54.77 -60.55
CA LEU C 301 -11.99 -53.89 -59.93
C LEU C 301 -11.75 -52.47 -60.24
N ILE C 302 -11.53 -52.20 -61.52
CA ILE C 302 -11.29 -50.84 -61.90
C ILE C 302 -12.21 -50.47 -63.02
N THR C 303 -12.01 -49.26 -63.44
CA THR C 303 -12.71 -48.80 -64.58
C THR C 303 -11.79 -48.73 -65.76
N THR C 304 -12.26 -48.15 -66.85
CA THR C 304 -11.52 -48.02 -68.11
C THR C 304 -11.04 -46.57 -68.33
N ASN C 305 -11.53 -45.65 -67.50
CA ASN C 305 -11.25 -44.25 -67.44
C ASN C 305 -10.21 -43.96 -66.39
N PRO C 306 -9.02 -43.57 -66.82
CA PRO C 306 -7.85 -43.35 -66.01
C PRO C 306 -7.95 -42.22 -65.10
N TYR C 307 -8.88 -41.38 -65.39
CA TYR C 307 -9.00 -40.26 -64.50
C TYR C 307 -9.59 -40.65 -63.17
N ASP C 308 -9.69 -41.98 -62.93
CA ASP C 308 -10.21 -42.55 -61.69
C ASP C 308 -9.05 -43.00 -60.82
N TYR C 309 -7.86 -42.86 -61.39
CA TYR C 309 -6.67 -43.24 -60.78
C TYR C 309 -5.64 -42.20 -60.93
N HIS C 310 -5.76 -41.27 -59.99
CA HIS C 310 -4.86 -40.14 -59.82
C HIS C 310 -3.36 -40.42 -60.10
N TYR C 311 -2.84 -41.48 -59.55
CA TYR C 311 -1.50 -41.92 -59.67
C TYR C 311 -1.08 -42.00 -61.11
N VAL C 312 -1.99 -42.40 -61.99
CA VAL C 312 -1.71 -42.60 -63.41
C VAL C 312 -2.33 -41.67 -64.45
N SER C 313 -2.93 -40.58 -64.04
CA SER C 313 -3.43 -39.69 -65.04
C SER C 313 -3.10 -38.29 -64.68
N GLN C 314 -1.92 -38.08 -64.17
CA GLN C 314 -1.55 -36.74 -63.78
C GLN C 314 -1.02 -36.05 -65.01
N GLY C 315 -0.55 -36.86 -65.93
CA GLY C 315 -0.01 -36.31 -67.13
C GLY C 315 -0.94 -36.60 -68.25
N GLU C 316 -0.52 -37.48 -69.16
CA GLU C 316 -1.31 -37.82 -70.30
C GLU C 316 -1.73 -39.26 -70.18
N ILE C 317 -2.77 -39.62 -70.93
CA ILE C 317 -3.33 -40.96 -70.90
C ILE C 317 -3.18 -41.70 -72.22
N THR C 318 -3.30 -40.93 -73.29
CA THR C 318 -3.19 -41.57 -74.59
C THR C 318 -2.12 -40.98 -75.48
N VAL C 319 -1.50 -41.89 -76.23
CA VAL C 319 -0.45 -41.59 -77.20
C VAL C 319 -0.81 -42.25 -78.51
N PRO C 320 -0.94 -41.39 -79.54
CA PRO C 320 -1.35 -41.77 -80.88
C PRO C 320 -0.52 -42.85 -81.54
N SER C 321 0.81 -42.78 -81.35
CA SER C 321 1.71 -43.75 -81.92
C SER C 321 1.70 -45.11 -81.25
N ILE C 322 0.95 -45.25 -80.15
CA ILE C 322 0.86 -46.50 -79.38
C ILE C 322 -0.53 -47.07 -79.35
N ASP C 323 -0.63 -48.39 -79.53
CA ASP C 323 -1.90 -49.12 -79.53
C ASP C 323 -1.95 -50.01 -78.31
N ASP C 324 -2.38 -49.42 -77.20
CA ASP C 324 -2.44 -50.06 -75.91
C ASP C 324 -3.10 -51.44 -75.96
N GLN C 325 -4.04 -51.57 -76.85
CA GLN C 325 -4.78 -52.80 -77.01
C GLN C 325 -3.95 -53.93 -77.52
N GLU C 326 -3.08 -53.63 -78.48
CA GLU C 326 -2.19 -54.62 -79.13
C GLU C 326 -1.10 -55.09 -78.18
N GLU C 327 -0.58 -54.11 -77.50
CA GLU C 327 0.47 -54.34 -76.57
C GLU C 327 0.06 -55.22 -75.44
N LEU C 328 -1.14 -54.95 -74.92
CA LEU C 328 -1.70 -55.73 -73.83
C LEU C 328 -1.55 -57.19 -74.07
N MET C 329 -1.80 -57.56 -75.29
CA MET C 329 -1.63 -58.96 -75.65
C MET C 329 -0.22 -59.33 -75.77
N ALA C 330 0.54 -58.43 -76.39
CA ALA C 330 1.95 -58.69 -76.57
C ALA C 330 2.56 -59.06 -75.24
N THR C 331 2.21 -58.19 -74.34
CA THR C 331 2.61 -58.31 -72.99
C THR C 331 2.16 -59.59 -72.44
N ASP C 332 0.87 -59.77 -72.54
CA ASP C 332 0.20 -60.96 -72.03
C ASP C 332 0.89 -62.24 -72.45
N SER C 333 0.93 -62.38 -73.76
CA SER C 333 1.57 -63.51 -74.43
C SER C 333 3.02 -63.70 -74.02
N ALA C 334 3.74 -62.61 -73.85
CA ALA C 334 5.09 -62.68 -73.45
C ALA C 334 5.23 -63.37 -72.09
N ILE C 335 4.29 -63.02 -71.20
CA ILE C 335 4.34 -63.55 -69.85
C ILE C 335 4.37 -65.05 -69.86
N ASP C 336 3.42 -65.55 -70.60
CA ASP C 336 3.25 -66.96 -70.83
C ASP C 336 4.51 -67.59 -71.35
N ILE C 337 5.01 -67.07 -72.45
CA ILE C 337 6.21 -67.62 -73.05
C ILE C 337 7.32 -67.62 -72.11
N LEU C 338 7.26 -66.58 -71.31
CA LEU C 338 8.25 -66.48 -70.31
C LEU C 338 8.14 -67.54 -69.21
N GLY C 339 7.09 -68.36 -69.30
CA GLY C 339 6.93 -69.48 -68.36
C GLY C 339 6.29 -69.18 -67.02
N PHE C 340 5.72 -67.99 -66.90
CA PHE C 340 5.11 -67.65 -65.64
C PHE C 340 3.88 -68.49 -65.40
N SER C 341 3.64 -68.79 -64.13
CA SER C 341 2.43 -69.47 -63.72
C SER C 341 1.23 -68.57 -63.85
N ALA C 342 0.06 -69.14 -64.15
CA ALA C 342 -1.10 -68.27 -64.38
C ALA C 342 -1.39 -67.41 -63.18
N ASP C 343 -1.28 -68.10 -62.07
CA ASP C 343 -1.39 -67.51 -60.78
C ASP C 343 -0.47 -66.28 -60.70
N GLU C 344 0.84 -66.49 -61.00
CA GLU C 344 1.78 -65.41 -60.96
C GLU C 344 1.33 -64.40 -61.95
N LYS C 345 0.92 -64.93 -63.09
CA LYS C 345 0.45 -64.06 -64.15
C LYS C 345 -0.80 -63.38 -63.71
N THR C 346 -1.34 -63.90 -62.64
CA THR C 346 -2.53 -63.34 -62.05
C THR C 346 -2.09 -62.34 -60.94
N ALA C 347 -1.04 -62.69 -60.20
CA ALA C 347 -0.54 -61.84 -59.19
C ALA C 347 -0.14 -60.51 -59.78
N ILE C 348 0.58 -60.63 -60.83
CA ILE C 348 1.10 -59.48 -61.58
C ILE C 348 -0.01 -58.56 -61.89
N TYR C 349 -1.02 -59.12 -62.47
CA TYR C 349 -2.08 -58.24 -62.83
C TYR C 349 -2.68 -57.70 -61.58
N LYS C 350 -3.29 -58.54 -60.78
CA LYS C 350 -3.95 -58.14 -59.53
C LYS C 350 -3.12 -57.15 -58.72
N LEU C 351 -1.82 -57.39 -58.69
CA LEU C 351 -0.91 -56.55 -57.95
C LEU C 351 -0.74 -55.17 -58.56
N THR C 352 -0.81 -55.10 -59.88
CA THR C 352 -0.65 -53.87 -60.61
C THR C 352 -1.85 -52.98 -60.47
N GLY C 353 -2.97 -53.52 -60.05
CA GLY C 353 -4.20 -52.77 -59.89
C GLY C 353 -4.33 -52.28 -58.49
N ALA C 354 -3.82 -53.09 -57.55
CA ALA C 354 -3.87 -52.68 -56.15
C ALA C 354 -3.25 -51.28 -56.01
N VAL C 355 -2.12 -51.18 -56.64
CA VAL C 355 -1.30 -49.98 -56.70
C VAL C 355 -2.10 -48.81 -57.21
N MET C 356 -2.90 -49.00 -58.17
CA MET C 356 -3.74 -47.92 -58.73
C MET C 356 -4.67 -47.46 -57.67
N HIS C 357 -5.26 -48.45 -57.03
CA HIS C 357 -6.23 -48.28 -55.93
C HIS C 357 -5.66 -47.54 -54.76
N TYR C 358 -4.43 -47.83 -54.44
CA TYR C 358 -3.80 -47.17 -53.33
C TYR C 358 -3.87 -45.67 -53.46
N GLY C 359 -3.55 -45.22 -54.62
CA GLY C 359 -3.55 -43.81 -54.90
C GLY C 359 -4.91 -43.23 -54.76
N ASN C 360 -5.89 -44.11 -54.58
CA ASN C 360 -7.30 -43.69 -54.39
C ASN C 360 -7.68 -43.74 -52.92
N LEU C 361 -6.81 -44.36 -52.16
CA LEU C 361 -7.02 -44.46 -50.76
C LEU C 361 -7.02 -43.06 -50.18
N LYS C 362 -8.09 -42.76 -49.46
CA LYS C 362 -8.31 -41.46 -48.86
C LYS C 362 -8.46 -41.53 -47.37
N PHE C 363 -8.05 -40.44 -46.75
CA PHE C 363 -8.11 -40.32 -45.30
C PHE C 363 -8.56 -38.96 -44.86
N LYS C 364 -8.96 -38.92 -43.57
CA LYS C 364 -9.42 -37.72 -42.87
C LYS C 364 -8.98 -37.64 -41.40
N GLN C 365 -8.84 -36.43 -40.97
CA GLN C 365 -8.44 -36.07 -39.61
C GLN C 365 -9.49 -36.47 -38.61
N LYS C 366 -9.02 -37.13 -37.61
CA LYS C 366 -9.93 -37.52 -36.55
C LYS C 366 -10.26 -36.21 -35.87
N GLN C 367 -11.48 -36.07 -35.38
CA GLN C 367 -11.93 -34.84 -34.71
C GLN C 367 -11.17 -34.53 -33.42
N ARG C 368 -10.75 -33.26 -33.31
CA ARG C 368 -10.06 -32.78 -32.14
C ARG C 368 -8.71 -33.41 -31.95
N GLU C 369 -8.38 -34.21 -32.92
CA GLU C 369 -7.12 -34.91 -32.93
C GLU C 369 -6.50 -34.59 -34.27
N GLU C 370 -5.20 -34.77 -34.30
CA GLU C 370 -4.43 -34.51 -35.50
C GLU C 370 -4.11 -35.85 -36.14
N GLN C 371 -4.90 -36.85 -35.78
CA GLN C 371 -4.67 -38.14 -36.31
C GLN C 371 -5.44 -38.38 -37.55
N ALA C 372 -4.91 -39.34 -38.28
CA ALA C 372 -5.48 -39.79 -39.49
C ALA C 372 -6.38 -40.94 -39.19
N GLU C 373 -7.54 -40.85 -39.80
CA GLU C 373 -8.53 -41.85 -39.70
C GLU C 373 -9.05 -42.09 -41.13
N PRO C 374 -9.28 -43.35 -41.46
CA PRO C 374 -9.75 -43.73 -42.76
C PRO C 374 -11.00 -42.99 -43.18
N ASP C 375 -11.03 -42.56 -44.43
CA ASP C 375 -12.16 -41.85 -44.95
C ASP C 375 -13.07 -42.79 -45.71
N GLY C 376 -13.10 -44.08 -45.33
CA GLY C 376 -13.97 -45.02 -46.04
C GLY C 376 -13.27 -46.33 -46.27
N THR C 377 -14.09 -47.39 -46.38
CA THR C 377 -13.60 -48.73 -46.68
C THR C 377 -14.28 -49.23 -47.92
N GLU C 378 -14.04 -48.51 -48.97
CA GLU C 378 -14.57 -48.78 -50.28
C GLU C 378 -13.43 -49.35 -51.11
N VAL C 379 -12.35 -48.57 -51.09
CA VAL C 379 -11.18 -48.83 -51.83
C VAL C 379 -10.25 -49.72 -51.12
N ALA C 380 -10.21 -49.56 -49.85
CA ALA C 380 -9.29 -50.35 -49.08
C ALA C 380 -9.64 -51.76 -49.29
N ASP C 381 -10.92 -51.96 -49.39
CA ASP C 381 -11.54 -53.27 -49.51
C ASP C 381 -11.00 -53.98 -50.70
N LYS C 382 -10.94 -53.22 -51.78
CA LYS C 382 -10.45 -53.73 -53.06
C LYS C 382 -8.97 -53.96 -53.00
N ALA C 383 -8.27 -52.98 -52.48
CA ALA C 383 -6.84 -53.11 -52.42
C ALA C 383 -6.55 -54.30 -51.57
N ALA C 384 -7.25 -54.42 -50.49
CA ALA C 384 -7.05 -55.51 -49.55
C ALA C 384 -7.26 -56.87 -50.15
N TYR C 385 -8.32 -57.01 -50.89
CA TYR C 385 -8.69 -58.26 -51.50
C TYR C 385 -7.74 -58.67 -52.61
N LEU C 386 -7.40 -57.70 -53.40
CA LEU C 386 -6.53 -57.87 -54.54
C LEU C 386 -5.17 -58.29 -54.13
N MET C 387 -4.78 -57.91 -52.91
CA MET C 387 -3.46 -58.27 -52.40
C MET C 387 -3.50 -59.49 -51.47
N GLY C 388 -4.69 -59.96 -51.14
CA GLY C 388 -4.83 -61.09 -50.24
C GLY C 388 -4.62 -60.65 -48.80
N LEU C 389 -5.18 -59.49 -48.48
CA LEU C 389 -5.10 -58.82 -47.21
C LEU C 389 -6.49 -58.66 -46.55
N ASN C 390 -6.49 -58.07 -45.37
CA ASN C 390 -7.65 -57.78 -44.63
C ASN C 390 -7.77 -56.25 -44.48
N SER C 391 -8.87 -55.74 -44.99
CA SER C 391 -9.17 -54.30 -45.02
C SER C 391 -8.79 -53.58 -43.76
N ALA C 392 -9.22 -54.12 -42.65
CA ALA C 392 -9.04 -53.49 -41.35
C ALA C 392 -7.63 -53.39 -40.94
N GLU C 393 -7.07 -54.58 -40.78
CA GLU C 393 -5.76 -54.79 -40.32
C GLU C 393 -4.87 -53.87 -41.05
N LEU C 394 -5.23 -53.75 -42.33
CA LEU C 394 -4.49 -52.90 -43.26
C LEU C 394 -4.60 -51.41 -42.89
N LEU C 395 -5.82 -50.93 -42.71
CA LEU C 395 -6.04 -49.54 -42.41
C LEU C 395 -5.51 -49.11 -41.07
N LYS C 396 -5.34 -50.08 -40.18
CA LYS C 396 -4.83 -49.82 -38.86
C LYS C 396 -3.36 -49.51 -38.96
N ALA C 397 -2.67 -50.56 -39.39
CA ALA C 397 -1.24 -50.55 -39.63
C ALA C 397 -0.84 -49.26 -40.29
N LEU C 398 -1.63 -48.88 -41.27
CA LEU C 398 -1.41 -47.66 -42.00
C LEU C 398 -1.55 -46.42 -41.15
N CYS C 399 -2.64 -46.37 -40.34
CA CYS C 399 -2.98 -45.25 -39.49
C CYS C 399 -2.25 -45.24 -38.14
N TYR C 400 -2.11 -46.40 -37.54
CA TYR C 400 -1.47 -46.59 -36.27
C TYR C 400 -0.31 -47.53 -36.38
N PRO C 401 0.64 -47.09 -37.14
CA PRO C 401 1.88 -47.81 -37.36
C PRO C 401 2.44 -48.26 -36.05
N ARG C 402 2.56 -49.56 -35.86
CA ARG C 402 3.14 -50.10 -34.63
C ARG C 402 4.60 -50.46 -34.81
N VAL C 403 5.38 -49.54 -34.31
CA VAL C 403 6.83 -49.46 -34.32
C VAL C 403 7.48 -50.28 -33.18
N LYS C 404 8.81 -50.25 -33.12
CA LYS C 404 9.61 -50.97 -32.12
C LYS C 404 10.89 -50.25 -31.63
N VAL C 405 10.71 -49.07 -30.96
CA VAL C 405 11.76 -48.19 -30.37
C VAL C 405 12.16 -48.62 -28.96
N GLY C 406 13.40 -49.03 -28.84
CA GLY C 406 13.94 -49.53 -27.60
C GLY C 406 14.11 -51.02 -27.80
N ASN C 407 13.45 -51.83 -26.97
CA ASN C 407 13.53 -53.28 -27.12
C ASN C 407 12.17 -53.90 -27.32
N GLU C 408 11.18 -53.01 -27.49
CA GLU C 408 9.81 -53.39 -27.66
C GLU C 408 9.23 -52.86 -28.97
N PHE C 409 7.92 -52.81 -28.97
CA PHE C 409 7.14 -52.37 -30.10
C PHE C 409 6.08 -51.33 -29.67
N VAL C 410 6.43 -50.07 -29.92
CA VAL C 410 5.65 -48.88 -29.60
C VAL C 410 4.71 -48.41 -30.67
N THR C 411 3.43 -48.45 -30.37
CA THR C 411 2.44 -47.98 -31.35
C THR C 411 2.41 -46.48 -31.53
N LYS C 412 2.72 -46.08 -32.77
CA LYS C 412 2.79 -44.70 -33.24
C LYS C 412 1.67 -44.26 -34.13
N GLY C 413 1.22 -43.04 -33.87
CA GLY C 413 0.16 -42.42 -34.63
C GLY C 413 0.68 -41.48 -35.72
N GLN C 414 -0.01 -41.52 -36.86
CA GLN C 414 0.37 -40.70 -37.97
C GLN C 414 -0.66 -39.66 -38.37
N THR C 415 -0.18 -38.68 -39.12
CA THR C 415 -0.98 -37.60 -39.63
C THR C 415 -1.52 -37.95 -40.99
N VAL C 416 -2.46 -37.14 -41.44
CA VAL C 416 -3.06 -37.34 -42.71
C VAL C 416 -1.94 -37.31 -43.75
N SER C 417 -1.18 -36.24 -43.73
CA SER C 417 -0.04 -36.08 -44.63
C SER C 417 0.94 -37.20 -44.56
N GLN C 418 1.04 -37.82 -43.41
CA GLN C 418 1.98 -38.90 -43.23
C GLN C 418 1.53 -40.19 -43.88
N VAL C 419 0.22 -40.37 -43.91
CA VAL C 419 -0.34 -41.58 -44.46
C VAL C 419 -0.24 -41.58 -45.93
N HIS C 420 -0.80 -40.52 -46.50
CA HIS C 420 -0.82 -40.34 -47.94
C HIS C 420 0.55 -40.59 -48.50
N ASN C 421 1.55 -40.12 -47.76
CA ASN C 421 2.92 -40.30 -48.18
C ASN C 421 3.35 -41.74 -47.95
N SER C 422 2.95 -42.36 -46.87
CA SER C 422 3.41 -43.75 -46.70
C SER C 422 2.84 -44.72 -47.70
N VAL C 423 1.61 -44.49 -48.01
CA VAL C 423 0.90 -45.27 -48.97
C VAL C 423 1.70 -45.26 -50.26
N GLY C 424 1.94 -44.06 -50.71
CA GLY C 424 2.70 -43.83 -51.90
C GLY C 424 4.02 -44.56 -51.81
N ALA C 425 4.57 -44.61 -50.62
CA ALA C 425 5.82 -45.33 -50.50
C ALA C 425 5.70 -46.79 -50.72
N LEU C 426 4.58 -47.35 -50.25
CA LEU C 426 4.43 -48.80 -50.51
C LEU C 426 4.14 -49.08 -51.97
N ALA C 427 3.21 -48.29 -52.55
CA ALA C 427 2.82 -48.38 -53.92
C ALA C 427 4.05 -48.51 -54.75
N LYS C 428 4.96 -47.58 -54.54
CA LYS C 428 6.21 -47.61 -55.27
C LYS C 428 7.03 -48.82 -54.91
N ALA C 429 7.17 -49.06 -53.61
CA ALA C 429 7.96 -50.18 -53.13
C ALA C 429 7.53 -51.48 -53.77
N VAL C 430 6.25 -51.74 -53.68
CA VAL C 430 5.66 -52.95 -54.26
C VAL C 430 5.87 -53.14 -55.73
N TYR C 431 5.60 -52.07 -56.47
CA TYR C 431 5.79 -52.09 -57.91
C TYR C 431 7.21 -52.49 -58.27
N GLU C 432 8.16 -51.74 -57.68
CA GLU C 432 9.55 -52.01 -57.86
C GLU C 432 9.89 -53.43 -57.72
N LYS C 433 9.90 -53.88 -56.50
CA LYS C 433 10.12 -55.28 -56.09
C LYS C 433 9.61 -56.26 -57.11
N MET C 434 8.35 -56.08 -57.42
CA MET C 434 7.66 -56.91 -58.40
C MET C 434 8.44 -56.94 -59.67
N PHE C 435 8.74 -55.76 -60.10
CA PHE C 435 9.50 -55.62 -61.33
C PHE C 435 10.77 -56.37 -61.23
N LEU C 436 11.38 -56.28 -60.04
CA LEU C 436 12.63 -57.00 -59.84
C LEU C 436 12.40 -58.48 -59.95
N TRP C 437 11.36 -58.93 -59.31
CA TRP C 437 11.00 -60.31 -59.30
C TRP C 437 10.82 -60.85 -60.71
N MET C 438 9.99 -60.14 -61.47
CA MET C 438 9.71 -60.54 -62.84
C MET C 438 10.98 -60.81 -63.56
N VAL C 439 11.91 -59.88 -63.37
CA VAL C 439 13.20 -60.06 -64.00
C VAL C 439 13.83 -61.36 -63.59
N ILE C 440 13.90 -61.59 -62.30
CA ILE C 440 14.45 -62.83 -61.78
C ILE C 440 13.78 -64.04 -62.38
N ARG C 441 12.49 -64.02 -62.35
CA ARG C 441 11.76 -65.12 -62.88
C ARG C 441 12.11 -65.34 -64.33
N ILE C 442 12.32 -64.24 -65.03
CA ILE C 442 12.65 -64.33 -66.44
C ILE C 442 13.96 -65.10 -66.52
N ASN C 443 14.98 -64.55 -65.85
CA ASN C 443 16.30 -65.08 -65.76
C ASN C 443 16.23 -66.58 -65.48
N GLN C 444 15.26 -66.94 -64.65
CA GLN C 444 15.12 -68.33 -64.29
C GLN C 444 14.78 -69.26 -65.39
N GLN C 445 13.98 -68.76 -66.27
CA GLN C 445 13.62 -69.55 -67.41
C GLN C 445 14.79 -69.55 -68.36
N LEU C 446 15.42 -68.39 -68.45
CA LEU C 446 16.56 -68.19 -69.34
C LEU C 446 17.78 -68.96 -68.87
N ASP C 447 16.26 -71.15 -66.59
CA ASP C 447 17.00 -71.88 -65.57
C ASP C 447 17.10 -73.32 -65.96
N THR C 448 18.34 -73.76 -66.07
CA THR C 448 18.53 -75.13 -66.41
C THR C 448 19.28 -75.77 -65.29
N LYS C 449 19.33 -77.09 -65.35
CA LYS C 449 20.01 -77.88 -64.37
C LYS C 449 21.49 -78.02 -64.68
N GLN C 450 21.84 -78.06 -65.99
CA GLN C 450 23.23 -78.18 -66.44
C GLN C 450 24.18 -77.26 -65.69
N PRO C 451 25.40 -77.74 -65.48
CA PRO C 451 26.40 -77.01 -64.73
C PRO C 451 26.80 -75.76 -65.46
N ARG C 452 27.25 -74.80 -64.65
CA ARG C 452 27.71 -73.49 -65.11
C ARG C 452 29.08 -73.21 -64.50
N GLN C 453 30.03 -72.73 -65.35
CA GLN C 453 31.35 -72.48 -64.82
C GLN C 453 31.70 -71.03 -64.84
N TYR C 454 31.15 -70.35 -65.84
CA TYR C 454 31.34 -68.92 -66.00
C TYR C 454 30.20 -68.30 -66.75
N PHE C 455 30.17 -66.97 -66.70
CA PHE C 455 29.11 -66.24 -67.36
C PHE C 455 29.66 -65.00 -68.00
N ILE C 456 28.87 -64.43 -68.88
CA ILE C 456 29.26 -63.21 -69.53
C ILE C 456 28.13 -62.21 -69.37
N GLY C 457 28.40 -61.20 -68.58
CA GLY C 457 27.40 -60.22 -68.32
C GLY C 457 27.37 -59.10 -69.30
N VAL C 458 26.15 -58.84 -69.73
CA VAL C 458 25.86 -57.81 -70.66
C VAL C 458 24.98 -56.79 -69.99
N LEU C 459 25.53 -55.66 -69.70
CA LEU C 459 24.86 -54.60 -69.03
C LEU C 459 24.48 -53.48 -69.98
N ASP C 460 23.20 -53.16 -69.96
CA ASP C 460 22.59 -52.10 -70.75
C ASP C 460 21.83 -51.18 -69.81
N ILE C 461 22.26 -49.95 -69.74
CA ILE C 461 21.75 -48.91 -68.91
C ILE C 461 22.08 -47.58 -69.57
N ALA C 462 21.51 -46.55 -69.07
CA ALA C 462 21.78 -45.23 -69.54
C ALA C 462 23.01 -44.57 -68.95
N GLY C 463 23.46 -43.57 -69.70
CA GLY C 463 24.61 -42.85 -69.29
C GLY C 463 24.21 -41.53 -68.84
N PHE C 464 25.12 -40.98 -68.07
CA PHE C 464 25.04 -39.67 -67.50
C PHE C 464 24.54 -38.71 -68.53
N GLU C 465 23.36 -38.21 -68.25
CA GLU C 465 22.68 -37.24 -69.07
C GLU C 465 22.44 -36.03 -68.16
N ILE C 466 22.64 -34.89 -68.76
CA ILE C 466 22.45 -33.69 -68.00
C ILE C 466 21.30 -32.92 -68.56
N PHE C 467 20.40 -32.54 -67.72
CA PHE C 467 19.30 -31.77 -68.22
C PHE C 467 19.19 -30.51 -67.46
N ASP C 468 18.52 -29.55 -68.08
CA ASP C 468 18.37 -28.30 -67.39
C ASP C 468 17.59 -28.58 -66.14
N PHE C 469 16.80 -29.67 -66.24
CA PHE C 469 16.01 -30.15 -65.14
C PHE C 469 16.42 -31.51 -64.64
N ASN C 470 17.06 -31.57 -63.48
CA ASN C 470 17.46 -32.83 -62.96
C ASN C 470 16.73 -33.17 -61.69
N SER C 471 15.97 -34.22 -61.78
CA SER C 471 15.25 -34.66 -60.64
C SER C 471 15.80 -35.96 -60.14
N PHE C 472 15.06 -36.51 -59.20
CA PHE C 472 15.40 -37.72 -58.49
C PHE C 472 15.93 -38.82 -59.36
N GLU C 473 15.20 -39.06 -60.41
CA GLU C 473 15.59 -40.12 -61.35
C GLU C 473 17.00 -39.92 -61.91
N GLN C 474 17.35 -38.66 -62.13
CA GLN C 474 18.64 -38.31 -62.65
C GLN C 474 19.77 -38.65 -61.69
N LEU C 475 19.51 -38.34 -60.45
CA LEU C 475 20.48 -38.66 -59.43
C LEU C 475 20.77 -40.17 -59.46
N CYS C 476 19.69 -40.97 -59.41
CA CYS C 476 19.84 -42.40 -59.40
C CYS C 476 20.67 -42.89 -60.58
N ILE C 477 20.39 -42.37 -61.75
CA ILE C 477 21.14 -42.81 -62.91
C ILE C 477 22.57 -42.31 -62.87
N ASN C 478 22.72 -41.00 -62.61
CA ASN C 478 24.04 -40.41 -62.57
C ASN C 478 24.90 -41.14 -61.59
N PHE C 479 24.32 -41.41 -60.46
CA PHE C 479 25.04 -42.11 -59.44
C PHE C 479 25.49 -43.44 -59.96
N THR C 480 24.64 -44.07 -60.77
CA THR C 480 25.00 -45.36 -61.27
C THR C 480 26.21 -45.22 -62.13
N ASN C 481 26.14 -44.23 -63.00
CA ASN C 481 27.24 -44.01 -63.92
C ASN C 481 28.52 -43.55 -63.23
N GLU C 482 28.43 -42.66 -62.27
CA GLU C 482 29.64 -42.22 -61.66
C GLU C 482 30.38 -43.37 -61.00
N LYS C 483 29.69 -44.42 -60.74
CA LYS C 483 30.22 -45.59 -60.11
C LYS C 483 30.92 -46.40 -61.15
N LEU C 484 30.18 -46.66 -62.23
CA LEU C 484 30.61 -47.41 -63.40
C LEU C 484 31.94 -46.88 -63.92
N GLN C 485 32.01 -45.55 -63.97
CA GLN C 485 33.19 -44.83 -64.38
C GLN C 485 34.43 -45.15 -63.54
N GLN C 486 34.29 -45.04 -62.23
CA GLN C 486 35.32 -45.34 -61.28
C GLN C 486 35.76 -46.73 -61.46
N PHE C 487 34.78 -47.51 -61.90
CA PHE C 487 34.99 -48.95 -62.09
C PHE C 487 35.97 -49.20 -63.19
N PHE C 488 35.87 -48.34 -64.16
CA PHE C 488 36.75 -48.36 -65.30
C PHE C 488 38.13 -47.80 -64.94
N ASN C 489 38.14 -46.54 -64.51
CA ASN C 489 39.34 -45.81 -64.11
C ASN C 489 40.29 -46.66 -63.30
N HIS C 490 39.70 -47.59 -62.58
CA HIS C 490 40.50 -48.45 -61.77
C HIS C 490 41.09 -49.55 -62.61
N HIS C 491 40.22 -50.21 -63.36
CA HIS C 491 40.60 -51.32 -64.23
C HIS C 491 41.71 -50.86 -65.11
N MET C 492 41.68 -49.61 -65.43
CA MET C 492 42.70 -49.06 -66.26
C MET C 492 43.98 -48.84 -65.51
N PHE C 493 43.82 -48.53 -64.25
CA PHE C 493 44.96 -48.28 -63.44
C PHE C 493 45.63 -49.57 -63.18
N VAL C 494 44.88 -50.52 -62.94
CA VAL C 494 45.41 -51.83 -62.72
C VAL C 494 46.13 -52.30 -63.94
N LEU C 495 45.44 -52.18 -65.06
CA LEU C 495 45.89 -52.57 -66.39
C LEU C 495 47.19 -51.88 -66.81
N GLU C 496 47.16 -50.55 -66.75
CA GLU C 496 48.32 -49.75 -67.09
C GLU C 496 49.59 -50.26 -66.41
N GLN C 497 49.51 -50.26 -65.10
CA GLN C 497 50.52 -50.66 -64.20
C GLN C 497 51.12 -52.04 -64.48
N GLU C 498 50.43 -52.84 -65.26
CA GLU C 498 50.95 -54.14 -65.57
C GLU C 498 52.02 -53.96 -66.63
N GLU C 499 51.73 -53.08 -67.59
CA GLU C 499 52.65 -52.81 -68.68
C GLU C 499 53.96 -52.34 -68.13
N TYR C 500 53.89 -51.21 -67.43
CA TYR C 500 55.10 -50.70 -66.84
C TYR C 500 55.85 -51.73 -65.99
N LYS C 501 55.19 -52.83 -65.69
CA LYS C 501 55.74 -53.88 -64.87
C LYS C 501 56.30 -54.93 -65.77
N LYS C 502 55.57 -55.16 -66.86
CA LYS C 502 55.97 -56.12 -67.90
C LYS C 502 57.24 -55.58 -68.58
N GLU C 503 57.18 -54.34 -69.01
CA GLU C 503 58.30 -53.70 -69.65
C GLU C 503 59.42 -53.38 -68.69
N GLY C 504 59.09 -52.85 -67.57
CA GLY C 504 60.22 -52.56 -66.76
C GLY C 504 60.38 -51.08 -66.68
N ILE C 505 59.32 -50.38 -67.04
CA ILE C 505 59.41 -48.95 -66.91
C ILE C 505 59.22 -48.62 -65.45
N GLU C 506 59.65 -47.44 -65.06
CA GLU C 506 59.50 -47.03 -63.72
C GLU C 506 58.53 -45.88 -63.59
N TRP C 507 57.25 -46.23 -63.49
CA TRP C 507 56.19 -45.23 -63.38
C TRP C 507 55.33 -45.51 -62.16
N GLU C 508 55.22 -44.52 -61.23
CA GLU C 508 54.37 -44.72 -60.09
C GLU C 508 53.16 -43.85 -60.17
N PHE C 509 52.04 -44.46 -59.81
CA PHE C 509 50.83 -43.73 -59.87
C PHE C 509 49.76 -44.37 -59.00
N ILE C 510 48.94 -43.45 -58.53
CA ILE C 510 47.80 -43.64 -57.70
C ILE C 510 46.61 -44.10 -58.56
N ASP C 511 45.74 -44.93 -57.98
CA ASP C 511 44.53 -45.44 -58.61
C ASP C 511 43.80 -44.31 -59.25
N PHE C 512 43.26 -44.49 -60.46
CA PHE C 512 42.57 -43.35 -61.05
C PHE C 512 41.18 -43.25 -60.56
N GLY C 513 40.70 -44.30 -59.92
CA GLY C 513 39.36 -44.25 -59.40
C GLY C 513 39.19 -43.17 -58.33
N MET C 514 40.10 -43.20 -57.42
CA MET C 514 40.21 -42.36 -56.28
C MET C 514 39.70 -40.99 -56.49
N ASP C 515 39.86 -40.53 -57.69
CA ASP C 515 39.42 -39.15 -57.90
C ASP C 515 37.95 -39.00 -57.68
N LEU C 516 37.22 -40.09 -57.91
CA LEU C 516 35.78 -40.01 -57.79
C LEU C 516 35.18 -40.37 -56.47
N ALA C 517 35.95 -41.04 -55.62
CA ALA C 517 35.45 -41.46 -54.33
C ALA C 517 34.77 -40.35 -53.56
N ALA C 518 35.21 -39.14 -53.72
CA ALA C 518 34.62 -38.03 -53.06
C ALA C 518 33.16 -37.97 -53.35
N CYS C 519 32.82 -37.92 -54.64
CA CYS C 519 31.42 -37.82 -54.99
C CYS C 519 30.59 -39.01 -54.54
N ILE C 520 31.11 -40.18 -54.79
CA ILE C 520 30.37 -41.34 -54.34
C ILE C 520 30.06 -41.36 -52.86
N GLU C 521 31.07 -41.15 -51.99
CA GLU C 521 30.80 -41.17 -50.56
C GLU C 521 29.65 -40.25 -50.17
N LEU C 522 29.60 -39.07 -50.74
CA LEU C 522 28.62 -38.04 -50.46
C LEU C 522 27.21 -38.53 -50.73
N ILE C 523 27.09 -39.41 -51.70
CA ILE C 523 25.78 -39.92 -52.05
C ILE C 523 25.37 -41.13 -51.25
N GLU C 524 26.23 -42.15 -51.27
CA GLU C 524 25.99 -43.44 -50.65
C GLU C 524 26.33 -43.64 -49.20
N LYS C 525 27.20 -42.81 -48.65
CA LYS C 525 27.60 -42.97 -47.28
C LYS C 525 26.47 -42.57 -46.37
N PRO C 526 26.61 -42.96 -45.08
CA PRO C 526 25.61 -42.73 -44.06
C PRO C 526 25.04 -41.32 -43.85
N MET C 527 25.86 -40.29 -43.79
CA MET C 527 25.13 -39.04 -43.57
C MET C 527 24.90 -38.33 -44.87
N GLY C 528 25.12 -39.09 -45.95
CA GLY C 528 24.98 -38.61 -47.33
C GLY C 528 23.55 -38.56 -47.84
N ILE C 529 23.37 -37.83 -48.93
CA ILE C 529 22.11 -37.55 -49.61
C ILE C 529 21.02 -38.57 -49.47
N PHE C 530 21.30 -39.76 -49.93
CA PHE C 530 20.32 -40.83 -49.82
C PHE C 530 19.80 -41.02 -48.41
N SER C 531 20.73 -41.18 -47.45
CA SER C 531 20.32 -41.33 -46.08
C SER C 531 19.39 -40.23 -45.61
N ILE C 532 19.89 -39.01 -45.67
CA ILE C 532 19.08 -37.86 -45.31
C ILE C 532 17.74 -37.93 -46.07
N LEU C 533 17.82 -38.47 -47.28
CA LEU C 533 16.63 -38.66 -48.04
C LEU C 533 15.76 -39.74 -47.48
N GLU C 534 16.35 -40.84 -47.16
CA GLU C 534 15.57 -41.94 -46.65
C GLU C 534 15.23 -41.89 -45.20
N GLU C 535 15.71 -40.88 -44.52
CA GLU C 535 15.41 -40.84 -43.07
C GLU C 535 14.15 -40.07 -42.98
N GLU C 536 14.27 -38.85 -43.51
CA GLU C 536 13.15 -37.92 -43.54
C GLU C 536 11.85 -38.61 -44.02
N CYS C 537 12.02 -39.66 -44.79
CA CYS C 537 10.88 -40.37 -45.29
C CYS C 537 10.17 -41.05 -44.18
N MET C 538 10.81 -41.04 -43.02
CA MET C 538 10.26 -41.72 -41.82
C MET C 538 9.50 -40.76 -40.91
N PHE C 539 9.69 -39.47 -41.19
CA PHE C 539 9.06 -38.40 -40.48
C PHE C 539 7.69 -38.10 -41.12
N PRO C 540 6.67 -38.48 -40.43
CA PRO C 540 5.29 -38.34 -40.85
C PRO C 540 4.89 -36.95 -41.26
N LYS C 541 5.69 -35.99 -40.95
CA LYS C 541 5.32 -34.60 -41.21
C LYS C 541 6.50 -33.81 -41.75
N ALA C 542 7.26 -34.47 -42.62
CA ALA C 542 8.41 -33.83 -43.21
C ALA C 542 8.04 -33.20 -44.53
N THR C 543 8.87 -32.27 -44.98
CA THR C 543 8.61 -31.58 -46.23
C THR C 543 9.80 -31.71 -47.11
N ASP C 544 9.58 -31.45 -48.38
CA ASP C 544 10.67 -31.44 -49.33
C ASP C 544 11.61 -30.39 -48.76
N THR C 545 11.00 -29.28 -48.36
CA THR C 545 11.70 -28.16 -47.76
C THR C 545 12.44 -28.60 -46.52
N SER C 546 11.80 -29.42 -45.73
CA SER C 546 12.42 -29.92 -44.54
C SER C 546 13.70 -30.63 -44.93
N PHE C 547 13.51 -31.66 -45.75
CA PHE C 547 14.57 -32.47 -46.30
C PHE C 547 15.70 -31.63 -46.79
N LYS C 548 15.33 -30.62 -47.56
CA LYS C 548 16.31 -29.72 -48.15
C LYS C 548 17.25 -29.19 -47.08
N ASN C 549 16.68 -28.53 -46.08
CA ASN C 549 17.47 -27.94 -45.02
C ASN C 549 18.40 -28.96 -44.39
N LYS C 550 17.88 -30.15 -44.20
CA LYS C 550 18.70 -31.16 -43.56
C LYS C 550 19.88 -31.48 -44.41
N LEU C 551 19.65 -31.38 -45.68
CA LEU C 551 20.67 -31.64 -46.64
C LEU C 551 21.76 -30.61 -46.46
N TYR C 552 21.35 -29.36 -46.31
CA TYR C 552 22.36 -28.31 -46.23
C TYR C 552 23.12 -28.29 -44.94
N ASP C 553 22.37 -28.06 -43.87
CA ASP C 553 22.92 -27.95 -42.52
C ASP C 553 24.07 -28.91 -42.30
N GLN C 554 23.94 -30.06 -42.97
CA GLN C 554 24.92 -31.12 -42.85
C GLN C 554 25.99 -31.20 -43.92
N HIS C 555 25.70 -30.76 -45.13
CA HIS C 555 26.76 -30.90 -46.13
C HIS C 555 27.33 -29.60 -46.59
N LEU C 556 26.50 -28.57 -46.56
CA LEU C 556 26.95 -27.29 -47.03
C LEU C 556 28.08 -26.68 -46.24
N GLY C 557 29.06 -26.25 -47.00
CA GLY C 557 30.27 -25.62 -46.50
C GLY C 557 31.27 -26.65 -46.02
N LYS C 558 30.76 -27.80 -45.63
CA LYS C 558 31.55 -28.88 -45.11
C LYS C 558 31.98 -29.84 -46.18
N SER C 559 31.23 -29.82 -47.29
CA SER C 559 31.53 -30.70 -48.40
C SER C 559 31.72 -29.96 -49.69
N ASN C 560 32.80 -30.35 -50.36
CA ASN C 560 33.28 -29.69 -51.54
C ASN C 560 32.46 -30.00 -52.79
N ASN C 561 32.05 -31.24 -52.88
CA ASN C 561 31.30 -31.64 -54.04
C ASN C 561 29.88 -31.16 -53.95
N PHE C 562 29.60 -30.67 -52.76
CA PHE C 562 28.29 -30.12 -52.43
C PHE C 562 28.28 -28.62 -52.65
N GLN C 563 27.25 -28.16 -53.32
CA GLN C 563 27.17 -26.77 -53.67
C GLN C 563 25.71 -26.32 -53.79
N LYS C 564 25.51 -25.01 -53.70
CA LYS C 564 24.21 -24.42 -53.87
C LYS C 564 24.13 -23.89 -55.28
N PRO C 565 23.03 -24.17 -55.98
CA PRO C 565 22.85 -23.76 -57.35
C PRO C 565 22.98 -22.29 -57.61
N LYS C 566 23.57 -22.03 -58.78
CA LYS C 566 23.81 -20.73 -59.37
C LYS C 566 22.67 -20.42 -60.32
N PRO C 567 21.69 -19.60 -59.89
CA PRO C 567 20.54 -19.27 -60.71
C PRO C 567 20.93 -18.84 -62.15
N ALA C 568 20.16 -19.31 -63.14
CA ALA C 568 20.36 -19.01 -64.55
C ALA C 568 19.04 -19.10 -65.34
N ALA C 572 14.59 -24.47 -65.30
CA ALA C 572 13.87 -24.21 -64.07
C ALA C 572 14.75 -23.81 -62.87
N GLU C 573 14.31 -24.26 -61.69
CA GLU C 573 14.95 -23.99 -60.41
C GLU C 573 15.96 -25.07 -60.02
N ALA C 574 16.65 -24.87 -58.90
CA ALA C 574 17.60 -25.85 -58.50
C ALA C 574 17.85 -25.78 -57.01
N HIS C 575 18.11 -26.91 -56.38
CA HIS C 575 18.33 -26.87 -54.97
C HIS C 575 19.68 -27.27 -54.59
N PHE C 576 20.31 -27.99 -55.48
CA PHE C 576 21.63 -28.38 -55.14
C PHE C 576 22.31 -29.03 -56.27
N SER C 577 23.55 -28.63 -56.36
CA SER C 577 24.38 -29.09 -57.40
C SER C 577 25.40 -29.99 -56.76
N LEU C 578 25.81 -30.91 -57.58
CA LEU C 578 26.83 -31.85 -57.27
C LEU C 578 27.93 -31.81 -58.32
N VAL C 579 29.09 -32.21 -57.91
CA VAL C 579 30.21 -32.20 -58.81
C VAL C 579 30.66 -33.59 -59.23
N HIS C 580 29.98 -34.09 -60.25
CA HIS C 580 30.25 -35.42 -60.78
C HIS C 580 31.45 -35.35 -61.71
N TYR C 581 32.01 -36.52 -62.07
CA TYR C 581 33.15 -36.50 -62.96
C TYR C 581 32.89 -35.76 -64.27
N ALA C 582 31.67 -35.98 -64.82
CA ALA C 582 31.26 -35.35 -66.08
C ALA C 582 31.03 -33.85 -65.99
N GLY C 583 30.69 -33.43 -64.78
CA GLY C 583 30.46 -32.04 -64.49
C GLY C 583 29.49 -31.81 -63.36
N THR C 584 28.96 -30.57 -63.33
CA THR C 584 28.05 -30.09 -62.30
C THR C 584 26.63 -30.31 -62.66
N VAL C 585 25.93 -30.99 -61.78
CA VAL C 585 24.52 -31.25 -62.05
C VAL C 585 23.68 -30.51 -61.01
N ASP C 586 22.74 -29.76 -61.53
CA ASP C 586 21.84 -28.96 -60.75
C ASP C 586 20.57 -29.77 -60.50
N TYR C 587 20.39 -30.15 -59.24
CA TYR C 587 19.27 -31.02 -58.85
C TYR C 587 18.15 -30.28 -58.16
N ASN C 588 16.93 -30.62 -58.59
CA ASN C 588 15.68 -30.11 -58.05
C ASN C 588 15.04 -31.18 -57.22
N ILE C 589 14.80 -30.87 -55.98
CA ILE C 589 14.25 -31.75 -54.96
C ILE C 589 12.77 -31.60 -54.76
N SER C 590 11.97 -31.99 -55.68
CA SER C 590 10.59 -31.72 -55.40
C SER C 590 9.70 -32.85 -55.80
N GLY C 591 9.40 -33.67 -54.83
CA GLY C 591 8.54 -34.79 -55.03
C GLY C 591 9.22 -35.97 -54.52
N TRP C 592 10.48 -35.63 -54.22
CA TRP C 592 11.38 -36.70 -53.82
C TRP C 592 10.85 -37.51 -52.70
N LEU C 593 10.48 -36.75 -51.66
CA LEU C 593 9.96 -37.41 -50.44
C LEU C 593 8.91 -38.42 -50.77
N GLU C 594 7.95 -37.98 -51.54
CA GLU C 594 6.86 -38.83 -52.01
C GLU C 594 7.28 -39.99 -52.86
N LYS C 595 7.91 -39.62 -53.98
CA LYS C 595 8.40 -40.57 -54.96
C LYS C 595 9.15 -41.62 -54.27
N ASN C 596 9.87 -41.17 -53.25
CA ASN C 596 10.65 -42.09 -52.49
C ASN C 596 9.82 -42.94 -51.50
N LYS C 597 8.60 -42.59 -51.24
CA LYS C 597 7.79 -43.35 -50.26
C LYS C 597 6.91 -44.42 -50.87
N ASP C 598 6.68 -44.27 -52.15
CA ASP C 598 5.84 -45.16 -52.89
C ASP C 598 4.55 -45.42 -52.17
N PRO C 599 12.40 -45.46 -46.35
CA PRO C 599 11.49 -45.64 -45.25
C PRO C 599 10.17 -46.27 -45.68
N LEU C 600 9.84 -47.39 -45.05
CA LEU C 600 8.64 -48.15 -45.33
C LEU C 600 7.94 -48.58 -44.03
N ASN C 601 6.62 -48.41 -43.94
CA ASN C 601 5.87 -48.81 -42.77
C ASN C 601 5.88 -50.29 -42.62
N GLU C 602 6.71 -50.69 -41.74
CA GLU C 602 6.95 -52.07 -41.44
C GLU C 602 5.78 -52.89 -40.95
N THR C 603 4.75 -52.21 -40.45
CA THR C 603 3.61 -52.93 -39.97
C THR C 603 2.90 -53.55 -41.14
N VAL C 604 2.71 -52.70 -42.13
CA VAL C 604 2.07 -53.10 -43.38
C VAL C 604 2.83 -54.23 -44.08
N ILE C 605 4.11 -54.02 -44.20
CA ILE C 605 4.98 -54.97 -44.83
C ILE C 605 4.75 -56.29 -44.18
N GLY C 606 4.41 -56.18 -42.91
CA GLY C 606 4.16 -57.37 -42.12
C GLY C 606 3.06 -58.14 -42.79
N LEU C 607 1.97 -57.43 -42.99
CA LEU C 607 0.79 -57.99 -43.61
C LEU C 607 1.13 -58.63 -44.94
N TYR C 608 1.95 -57.95 -45.72
CA TYR C 608 2.29 -58.46 -47.04
C TYR C 608 2.94 -59.79 -46.82
N GLN C 609 3.86 -59.75 -45.91
CA GLN C 609 4.66 -60.92 -45.58
C GLN C 609 3.82 -62.16 -45.28
N LYS C 610 2.57 -61.96 -44.90
CA LYS C 610 1.67 -63.05 -44.60
C LYS C 610 0.41 -63.02 -45.44
N SER C 611 0.57 -62.60 -46.68
CA SER C 611 -0.53 -62.53 -47.63
C SER C 611 -0.99 -63.88 -48.11
N SER C 612 -2.19 -63.89 -48.66
CA SER C 612 -2.75 -65.11 -49.23
C SER C 612 -2.28 -65.23 -50.67
N VAL C 613 -1.67 -64.14 -51.13
CA VAL C 613 -1.13 -64.01 -52.46
C VAL C 613 0.36 -64.19 -52.42
N LYS C 614 0.77 -65.44 -52.46
CA LYS C 614 2.11 -65.98 -52.31
C LYS C 614 3.17 -65.08 -52.89
N THR C 615 2.95 -64.75 -54.12
CA THR C 615 3.84 -63.86 -54.84
C THR C 615 4.10 -62.58 -54.07
N LEU C 616 3.04 -61.95 -53.64
CA LEU C 616 3.19 -60.73 -52.86
C LEU C 616 3.94 -61.05 -51.65
N ALA C 617 3.60 -62.20 -51.08
CA ALA C 617 4.31 -62.63 -49.91
C ALA C 617 5.79 -62.75 -50.20
N LEU C 618 6.10 -63.35 -51.28
CA LEU C 618 7.48 -63.54 -51.63
C LEU C 618 8.32 -62.32 -51.72
N LEU C 619 7.85 -61.41 -52.60
CA LEU C 619 8.53 -60.15 -52.88
C LEU C 619 9.13 -59.49 -51.66
N PHE C 620 8.47 -59.69 -50.51
CA PHE C 620 8.90 -59.00 -49.28
C PHE C 620 9.33 -60.01 -48.19
N ALA C 621 10.30 -60.91 -48.49
CA ALA C 621 10.82 -61.88 -47.51
C ALA C 621 12.22 -61.53 -47.02
N THR C 622 12.85 -60.70 -47.82
CA THR C 622 14.17 -60.19 -47.61
C THR C 622 14.15 -58.96 -46.67
N TYR C 623 12.98 -58.64 -46.18
CA TYR C 623 12.84 -57.51 -45.33
C TYR C 623 13.27 -57.80 -43.90
N GLN C 644 10.40 -49.20 -45.53
CA GLN C 644 11.31 -49.35 -46.67
C GLN C 644 11.03 -48.38 -47.82
N THR C 645 12.13 -47.71 -48.19
CA THR C 645 12.14 -46.71 -49.23
C THR C 645 12.44 -47.28 -50.62
N VAL C 646 12.31 -46.44 -51.64
CA VAL C 646 12.52 -46.77 -53.02
C VAL C 646 14.00 -46.78 -53.30
N SER C 647 14.62 -45.70 -52.86
CA SER C 647 16.04 -45.52 -53.02
C SER C 647 16.77 -46.57 -52.23
N ALA C 648 16.10 -47.10 -51.20
CA ALA C 648 16.64 -48.17 -50.37
C ALA C 648 17.06 -49.41 -51.15
N LEU C 649 16.30 -49.75 -52.17
CA LEU C 649 16.62 -50.92 -53.01
C LEU C 649 17.65 -50.64 -54.02
N PHE C 650 17.26 -49.64 -54.84
CA PHE C 650 18.03 -49.12 -55.93
C PHE C 650 19.51 -49.29 -55.57
N ARG C 651 19.82 -48.89 -54.35
CA ARG C 651 21.12 -49.01 -53.81
C ARG C 651 21.50 -50.49 -53.71
N GLU C 652 20.67 -51.31 -53.07
CA GLU C 652 20.85 -52.76 -52.83
C GLU C 652 21.05 -53.54 -54.11
N ASN C 653 20.32 -53.12 -55.10
CA ASN C 653 20.36 -53.71 -56.41
C ASN C 653 21.64 -53.26 -57.10
N LEU C 654 21.89 -51.97 -57.00
CA LEU C 654 23.10 -51.35 -57.56
C LEU C 654 24.34 -51.89 -56.89
N ASN C 655 24.19 -52.56 -55.79
CA ASN C 655 25.36 -53.09 -55.09
C ASN C 655 25.63 -54.49 -55.47
N LYS C 656 24.56 -55.19 -55.64
CA LYS C 656 24.52 -56.56 -56.01
C LYS C 656 25.08 -56.66 -57.39
N LEU C 657 24.98 -55.54 -58.10
CA LEU C 657 25.36 -55.39 -59.50
C LEU C 657 26.81 -55.10 -59.62
N MET C 658 27.20 -53.98 -59.02
CA MET C 658 28.60 -53.54 -59.02
C MET C 658 29.51 -54.61 -58.42
N ALA C 659 28.91 -55.58 -57.71
CA ALA C 659 29.66 -56.67 -57.10
C ALA C 659 29.84 -57.76 -58.12
N ASN C 660 28.83 -57.91 -58.92
CA ASN C 660 28.80 -58.92 -59.96
C ASN C 660 29.76 -58.42 -61.06
N LEU C 661 29.84 -57.10 -61.15
CA LEU C 661 30.66 -56.45 -62.14
C LEU C 661 32.16 -56.66 -61.84
N ARG C 662 32.49 -56.78 -60.54
CA ARG C 662 33.84 -56.96 -60.06
C ARG C 662 34.44 -58.32 -60.33
N SER C 663 33.67 -59.39 -60.04
CA SER C 663 34.09 -60.76 -60.31
C SER C 663 34.02 -61.03 -61.78
N THR C 664 34.26 -59.96 -62.53
CA THR C 664 34.18 -59.91 -63.94
C THR C 664 35.35 -59.21 -64.55
N HIS C 665 35.69 -59.62 -65.77
CA HIS C 665 36.67 -58.93 -66.58
C HIS C 665 35.95 -57.94 -67.49
N PRO C 666 35.91 -56.70 -67.09
CA PRO C 666 35.17 -55.67 -67.74
C PRO C 666 35.60 -55.45 -69.17
N HIS C 667 34.58 -55.38 -70.03
CA HIS C 667 34.69 -55.11 -71.43
C HIS C 667 33.71 -53.98 -71.71
N PHE C 668 34.21 -52.87 -72.20
CA PHE C 668 33.50 -51.64 -72.46
C PHE C 668 33.10 -51.29 -73.89
N VAL C 669 31.90 -50.80 -74.04
CA VAL C 669 31.29 -50.38 -75.29
C VAL C 669 30.49 -49.11 -75.10
N ARG C 670 30.86 -48.05 -75.80
CA ARG C 670 30.26 -46.73 -75.74
C ARG C 670 29.54 -46.42 -77.04
N CYS C 671 28.20 -46.29 -76.95
CA CYS C 671 27.37 -46.04 -78.11
C CYS C 671 27.16 -44.54 -78.32
N ILE C 672 27.29 -44.06 -79.55
CA ILE C 672 27.18 -42.65 -79.87
C ILE C 672 26.09 -42.26 -80.87
N ILE C 673 25.57 -41.05 -80.70
CA ILE C 673 24.50 -40.49 -81.49
C ILE C 673 24.93 -39.21 -82.17
N PRO C 674 25.08 -39.33 -83.47
CA PRO C 674 25.59 -38.36 -84.40
C PRO C 674 24.90 -37.05 -84.44
N ASN C 675 23.63 -37.06 -84.85
CA ASN C 675 22.84 -35.82 -84.94
C ASN C 675 21.40 -36.01 -84.56
N GLU C 676 20.91 -35.06 -83.79
CA GLU C 676 19.53 -35.09 -83.33
C GLU C 676 18.56 -35.23 -84.48
N THR C 677 18.99 -34.73 -85.61
CA THR C 677 18.16 -34.75 -86.81
C THR C 677 18.07 -36.07 -87.53
N LYS C 678 18.68 -37.16 -87.08
CA LYS C 678 18.52 -38.42 -87.81
C LYS C 678 19.01 -38.43 -89.26
N THR C 679 20.29 -38.27 -89.46
CA THR C 679 20.85 -38.23 -90.79
C THR C 679 22.11 -39.06 -90.83
N PRO C 680 22.16 -40.01 -91.72
CA PRO C 680 23.35 -40.82 -91.79
C PRO C 680 24.50 -39.97 -92.32
N GLY C 681 25.73 -40.40 -92.03
CA GLY C 681 26.95 -39.73 -92.42
C GLY C 681 27.14 -38.30 -91.88
N ALA C 682 26.43 -37.94 -90.83
CA ALA C 682 26.56 -36.59 -90.28
C ALA C 682 26.81 -36.51 -88.79
N MET C 683 27.28 -35.38 -88.32
CA MET C 683 27.57 -35.30 -86.93
C MET C 683 27.51 -33.92 -86.29
N GLU C 684 26.68 -33.66 -85.28
CA GLU C 684 26.86 -32.29 -84.79
C GLU C 684 28.05 -32.38 -83.87
N HIS C 685 28.85 -31.36 -83.87
CA HIS C 685 30.02 -31.40 -83.04
C HIS C 685 29.75 -31.49 -81.56
N GLU C 686 29.35 -30.37 -81.03
CA GLU C 686 29.14 -30.28 -79.61
C GLU C 686 28.27 -31.34 -79.03
N LEU C 687 27.47 -31.91 -79.86
CA LEU C 687 26.60 -32.98 -79.45
C LEU C 687 27.40 -34.26 -79.18
N VAL C 688 28.30 -34.59 -80.10
CA VAL C 688 29.19 -35.73 -79.92
C VAL C 688 30.20 -35.41 -78.78
N LEU C 689 30.64 -34.16 -78.75
CA LEU C 689 31.60 -33.72 -77.75
C LEU C 689 31.09 -34.02 -76.36
N HIS C 690 29.85 -33.71 -76.17
CA HIS C 690 29.20 -33.96 -74.91
C HIS C 690 29.36 -35.38 -74.45
N GLN C 691 28.85 -36.24 -75.30
CA GLN C 691 28.84 -37.63 -75.03
C GLN C 691 30.19 -38.09 -74.63
N LEU C 692 31.15 -37.59 -75.37
CA LEU C 692 32.50 -38.00 -75.09
C LEU C 692 32.99 -37.77 -73.68
N ARG C 693 32.49 -36.68 -73.06
CA ARG C 693 32.92 -36.34 -71.71
C ARG C 693 32.26 -37.20 -70.66
N CYS C 694 30.98 -37.38 -70.90
CA CYS C 694 30.11 -38.14 -70.05
C CYS C 694 30.26 -39.61 -70.33
N ASN C 695 30.94 -39.94 -71.39
CA ASN C 695 31.10 -41.32 -71.81
C ASN C 695 32.08 -42.05 -70.97
N GLY C 696 33.21 -41.35 -70.80
CA GLY C 696 34.40 -41.81 -70.18
C GLY C 696 35.55 -41.77 -71.17
N VAL C 697 35.21 -41.61 -72.44
CA VAL C 697 36.15 -41.59 -73.53
C VAL C 697 37.19 -40.51 -73.34
N LEU C 698 36.70 -39.32 -72.99
CA LEU C 698 37.63 -38.24 -72.80
C LEU C 698 38.43 -38.37 -71.55
N GLU C 699 37.94 -39.20 -70.65
CA GLU C 699 38.67 -39.38 -69.40
C GLU C 699 39.69 -40.48 -69.56
N GLY C 700 39.44 -41.33 -70.53
CA GLY C 700 40.37 -42.42 -70.78
C GLY C 700 41.56 -41.89 -71.54
N ILE C 701 41.32 -40.81 -72.29
CA ILE C 701 42.34 -40.22 -73.08
C ILE C 701 43.25 -39.47 -72.15
N ARG C 702 42.63 -38.80 -71.18
CA ARG C 702 43.35 -38.03 -70.15
C ARG C 702 44.39 -38.87 -69.42
N ILE C 703 43.86 -39.90 -68.81
CA ILE C 703 44.61 -40.89 -68.06
C ILE C 703 45.69 -41.51 -68.91
N CYS C 704 45.46 -41.50 -70.20
CA CYS C 704 46.40 -42.08 -71.11
C CYS C 704 47.58 -41.16 -71.25
N ARG C 705 47.21 -39.91 -71.50
CA ARG C 705 48.14 -38.84 -71.71
C ARG C 705 48.92 -38.44 -70.46
N LYS C 706 48.79 -39.21 -69.41
CA LYS C 706 49.50 -38.82 -68.22
C LYS C 706 50.70 -39.73 -68.09
N GLY C 707 51.32 -42.13 -69.95
CA GLY C 707 51.64 -41.86 -68.55
C GLY C 707 53.02 -41.20 -68.51
N PHE C 708 53.85 -41.75 -67.67
CA PHE C 708 55.21 -41.32 -67.54
C PHE C 708 56.12 -42.50 -67.87
N PRO C 709 56.45 -42.61 -69.16
CA PRO C 709 57.25 -43.69 -69.68
C PRO C 709 58.55 -43.93 -68.90
N SER C 710 59.59 -43.25 -69.34
CA SER C 710 60.90 -43.32 -68.72
C SER C 710 60.86 -42.92 -67.25
N ARG C 711 61.45 -43.78 -66.44
CA ARG C 711 61.53 -43.57 -64.99
C ARG C 711 62.93 -43.84 -64.50
N VAL C 712 63.56 -42.78 -64.01
CA VAL C 712 64.92 -42.83 -63.55
C VAL C 712 65.05 -43.08 -62.08
N LEU C 713 65.91 -44.01 -61.79
CA LEU C 713 66.29 -44.30 -60.43
C LEU C 713 67.28 -43.18 -60.06
N TYR C 714 67.05 -42.71 -58.89
CA TYR C 714 67.78 -41.59 -58.28
C TYR C 714 69.31 -41.49 -58.38
N ALA C 715 70.05 -42.52 -57.99
CA ALA C 715 71.51 -42.49 -58.12
C ALA C 715 71.93 -42.48 -59.56
N ASP C 716 71.20 -43.34 -60.31
CA ASP C 716 71.33 -43.50 -61.74
C ASP C 716 71.03 -42.16 -62.38
N PHE C 717 70.38 -41.31 -61.55
CA PHE C 717 70.00 -39.98 -61.98
C PHE C 717 71.04 -38.94 -61.63
N LYS C 718 71.65 -39.17 -60.49
CA LYS C 718 72.67 -38.26 -59.98
C LYS C 718 73.85 -38.26 -60.93
N GLN C 719 74.60 -39.38 -60.83
CA GLN C 719 75.75 -39.64 -61.64
C GLN C 719 75.75 -39.06 -63.05
N ARG C 720 74.76 -39.51 -63.82
CA ARG C 720 74.64 -39.12 -65.22
C ARG C 720 74.38 -37.64 -65.51
N TYR C 721 73.75 -36.97 -64.53
CA TYR C 721 73.37 -35.58 -64.80
C TYR C 721 73.87 -34.50 -63.86
N ARG C 722 74.56 -34.90 -62.79
CA ARG C 722 75.12 -33.95 -61.80
C ARG C 722 75.69 -32.71 -62.49
N VAL C 723 76.50 -33.01 -63.50
CA VAL C 723 77.20 -32.11 -64.37
C VAL C 723 76.39 -30.96 -64.95
N LEU C 724 75.08 -31.06 -64.89
CA LEU C 724 74.26 -30.05 -65.53
C LEU C 724 74.19 -28.71 -64.82
N ASN C 725 74.34 -28.78 -63.50
CA ASN C 725 74.30 -27.60 -62.64
C ASN C 725 74.94 -28.00 -61.33
N ALA C 726 75.91 -28.89 -61.49
CA ALA C 726 76.71 -29.50 -60.43
C ALA C 726 76.93 -28.65 -59.19
N SER C 727 76.73 -27.36 -59.31
CA SER C 727 76.94 -26.48 -58.18
C SER C 727 75.76 -26.40 -57.22
N ALA C 728 74.57 -26.83 -57.66
CA ALA C 728 73.41 -26.77 -56.79
C ALA C 728 73.68 -27.64 -55.57
N ILE C 729 75.42 -26.88 -55.32
CA ILE C 729 76.40 -27.72 -54.69
C ILE C 729 76.52 -27.93 -53.18
N PRO C 730 76.70 -27.03 -52.20
CA PRO C 730 76.94 -27.50 -50.82
C PRO C 730 75.80 -28.37 -50.27
N GLU C 731 74.58 -27.88 -50.48
CA GLU C 731 73.35 -28.59 -50.15
C GLU C 731 72.95 -29.72 -51.11
N GLY C 732 73.50 -29.75 -52.33
CA GLY C 732 73.33 -30.86 -53.27
C GLY C 732 74.36 -32.00 -53.12
N GLN C 733 75.51 -31.71 -52.48
CA GLN C 733 76.56 -32.67 -52.16
C GLN C 733 76.60 -33.31 -50.77
N PHE C 734 76.32 -32.60 -49.67
CA PHE C 734 76.20 -33.19 -48.32
C PHE C 734 74.89 -33.99 -48.27
N MET C 735 74.97 -35.44 -49.06
CA MET C 735 73.60 -35.29 -49.56
C MET C 735 72.91 -36.64 -49.57
N ASP C 736 71.70 -36.59 -50.11
CA ASP C 736 70.82 -37.72 -50.21
C ASP C 736 70.70 -38.18 -51.66
N SER C 737 70.56 -39.48 -51.84
CA SER C 737 70.42 -40.08 -53.17
C SER C 737 69.11 -39.64 -53.83
N LYS C 738 68.14 -39.25 -52.99
CA LYS C 738 66.85 -38.79 -53.49
C LYS C 738 66.71 -37.28 -53.54
N LYS C 739 66.71 -36.65 -52.36
CA LYS C 739 66.56 -35.21 -52.22
C LYS C 739 67.42 -34.45 -53.21
N ALA C 740 68.52 -35.09 -53.57
CA ALA C 740 69.47 -34.54 -54.52
C ALA C 740 68.81 -34.27 -55.86
N SER C 741 68.44 -35.37 -56.54
CA SER C 741 67.80 -35.29 -57.85
C SER C 741 66.72 -34.24 -57.82
N GLU C 742 66.12 -34.15 -56.62
CA GLU C 742 65.08 -33.18 -56.42
C GLU C 742 65.70 -31.83 -56.66
N LYS C 743 66.59 -31.55 -55.71
CA LYS C 743 67.32 -30.32 -55.72
C LYS C 743 67.89 -30.02 -57.09
N LEU C 744 68.48 -31.03 -57.75
CA LEU C 744 69.08 -30.78 -59.05
C LEU C 744 68.18 -30.13 -60.06
N LEU C 745 67.04 -30.73 -60.24
CA LEU C 745 66.13 -30.20 -61.23
C LEU C 745 65.79 -28.74 -61.02
N GLY C 746 66.28 -28.20 -59.91
CA GLY C 746 66.14 -26.81 -59.58
C GLY C 746 66.52 -26.00 -60.80
N SER C 747 67.69 -26.30 -61.42
CA SER C 747 68.11 -25.57 -62.61
C SER C 747 67.63 -26.16 -63.95
N ILE C 748 67.87 -25.40 -65.02
CA ILE C 748 67.53 -25.78 -66.37
C ILE C 748 66.32 -25.03 -66.90
N ASP C 749 66.31 -24.70 -68.19
CA ASP C 749 65.17 -24.02 -68.71
C ASP C 749 64.11 -25.05 -69.24
N VAL C 750 63.94 -26.12 -68.40
CA VAL C 750 63.08 -27.33 -68.57
C VAL C 750 61.66 -27.30 -67.97
N ASP C 751 60.68 -28.02 -68.60
CA ASP C 751 59.31 -28.10 -68.10
C ASP C 751 59.22 -28.83 -66.76
N HIS C 752 58.99 -28.08 -65.71
CA HIS C 752 58.98 -28.64 -64.36
C HIS C 752 57.71 -29.45 -64.04
N THR C 753 56.97 -29.68 -65.11
CA THR C 753 55.71 -30.39 -65.22
C THR C 753 55.95 -31.86 -65.56
N GLN C 754 56.47 -32.00 -66.79
CA GLN C 754 56.86 -33.22 -67.43
C GLN C 754 57.46 -34.29 -66.53
N TYR C 755 57.79 -34.00 -65.31
CA TYR C 755 58.35 -35.04 -64.46
C TYR C 755 57.55 -35.19 -63.19
N ARG C 756 57.96 -36.17 -62.40
CA ARG C 756 57.25 -36.38 -61.15
C ARG C 756 58.08 -37.33 -60.37
N PHE C 757 58.19 -36.97 -59.10
CA PHE C 757 59.03 -37.74 -58.22
C PHE C 757 58.22 -38.63 -57.36
N GLY C 758 58.93 -39.60 -56.79
CA GLY C 758 58.33 -40.54 -55.90
C GLY C 758 59.40 -41.35 -55.22
N HIS C 759 59.01 -41.98 -54.13
CA HIS C 759 59.85 -42.80 -53.28
C HIS C 759 61.05 -43.53 -53.84
N THR C 760 61.04 -43.98 -55.08
CA THR C 760 62.24 -44.66 -55.54
C THR C 760 62.75 -44.08 -56.84
N LYS C 761 61.92 -43.24 -57.45
CA LYS C 761 62.36 -42.70 -58.70
C LYS C 761 61.54 -41.58 -59.25
N VAL C 762 62.06 -40.96 -60.28
CA VAL C 762 61.39 -39.86 -60.90
C VAL C 762 60.68 -40.40 -62.09
N PHE C 763 59.63 -39.72 -62.41
CA PHE C 763 58.91 -40.08 -63.55
C PHE C 763 59.07 -38.97 -64.50
N PHE C 764 59.17 -39.37 -65.77
CA PHE C 764 59.42 -38.42 -66.84
C PHE C 764 58.61 -38.70 -68.07
N LYS C 765 58.15 -37.69 -68.81
CA LYS C 765 57.45 -37.87 -70.04
C LYS C 765 58.50 -38.17 -71.10
N ALA C 766 58.07 -38.12 -72.36
CA ALA C 766 58.92 -38.36 -73.49
C ALA C 766 59.82 -37.18 -73.84
N GLY C 767 60.79 -37.52 -74.68
CA GLY C 767 61.77 -36.59 -75.24
C GLY C 767 62.34 -35.65 -74.22
N LEU C 768 62.22 -36.01 -72.97
CA LEU C 768 62.72 -35.16 -71.95
C LEU C 768 64.11 -35.54 -71.60
N LEU C 769 64.18 -36.80 -71.20
CA LEU C 769 65.42 -37.42 -70.89
C LEU C 769 66.30 -37.16 -72.11
N GLY C 770 65.66 -37.10 -73.25
CA GLY C 770 66.34 -36.79 -74.47
C GLY C 770 66.88 -35.39 -74.36
N LEU C 771 66.08 -34.53 -73.79
CA LEU C 771 66.52 -33.14 -73.63
C LEU C 771 67.67 -33.07 -72.70
N LEU C 772 67.53 -33.75 -71.57
CA LEU C 772 68.58 -33.80 -70.58
C LEU C 772 69.97 -34.08 -71.18
N GLU C 773 70.10 -35.26 -71.71
CA GLU C 773 71.28 -35.73 -72.37
C GLU C 773 71.96 -34.69 -73.23
N GLU C 774 71.10 -34.04 -74.06
CA GLU C 774 71.62 -33.05 -74.98
C GLU C 774 72.44 -32.01 -74.25
N MET C 775 71.84 -31.48 -73.21
CA MET C 775 72.49 -30.49 -72.40
C MET C 775 73.78 -31.09 -71.90
N ARG C 776 73.65 -32.31 -71.51
CA ARG C 776 74.75 -33.04 -71.01
C ARG C 776 75.81 -33.12 -72.05
N ASP C 777 75.39 -33.47 -73.25
CA ASP C 777 76.29 -33.60 -74.37
C ASP C 777 77.16 -32.37 -74.49
N ASP C 778 76.52 -31.20 -74.55
CA ASP C 778 77.31 -29.99 -74.61
C ASP C 778 78.26 -29.91 -73.44
N LYS C 779 77.83 -30.39 -72.30
CA LYS C 779 78.65 -30.21 -71.16
C LYS C 779 79.91 -31.02 -71.12
N LEU C 780 80.00 -31.93 -72.05
CA LEU C 780 81.21 -32.73 -72.03
C LEU C 780 82.20 -32.22 -73.03
N ALA C 781 81.66 -31.58 -74.08
CA ALA C 781 82.50 -31.01 -75.10
C ALA C 781 83.41 -30.10 -74.28
N GLU C 782 82.76 -29.32 -73.41
CA GLU C 782 83.41 -28.43 -72.47
C GLU C 782 84.45 -29.31 -71.77
N ILE C 783 83.99 -30.20 -70.93
CA ILE C 783 84.83 -31.11 -70.16
C ILE C 783 85.89 -31.81 -70.93
N ILE C 784 85.55 -32.29 -72.11
CA ILE C 784 86.55 -33.02 -72.84
C ILE C 784 87.57 -32.14 -73.49
N THR C 785 87.06 -31.32 -74.43
CA THR C 785 87.86 -30.38 -75.20
C THR C 785 88.96 -29.75 -74.33
N ARG C 786 88.60 -29.37 -73.13
CA ARG C 786 89.52 -28.82 -72.18
C ARG C 786 90.47 -29.88 -71.68
N THR C 787 89.97 -31.08 -71.49
CA THR C 787 90.88 -32.13 -70.98
C THR C 787 91.76 -32.64 -72.09
N GLN C 788 91.34 -32.39 -73.30
CA GLN C 788 92.15 -32.85 -74.39
C GLN C 788 93.39 -32.01 -74.41
N ALA C 789 93.15 -30.71 -74.67
CA ALA C 789 94.15 -29.68 -74.72
C ALA C 789 95.41 -29.91 -73.85
N ARG C 790 95.22 -29.90 -72.54
CA ARG C 790 96.27 -30.07 -71.55
C ARG C 790 97.14 -31.25 -71.97
N CYS C 791 96.42 -32.34 -72.22
CA CYS C 791 97.05 -33.54 -72.70
C CYS C 791 97.97 -33.21 -73.88
N ARG C 792 97.33 -32.70 -74.95
CA ARG C 792 97.98 -32.30 -76.19
C ARG C 792 99.19 -31.50 -75.80
N GLY C 793 98.91 -30.45 -75.03
CA GLY C 793 99.91 -29.53 -74.55
C GLY C 793 100.98 -30.41 -74.00
N PHE C 794 100.66 -30.95 -72.85
CA PHE C 794 101.55 -31.84 -72.13
C PHE C 794 102.25 -32.84 -73.00
N LEU C 795 101.55 -33.27 -74.00
CA LEU C 795 102.18 -34.26 -74.82
C LEU C 795 103.44 -33.78 -75.49
N MET C 796 103.32 -32.60 -76.02
CA MET C 796 104.46 -32.04 -76.68
C MET C 796 105.48 -31.55 -75.69
N ARG C 797 105.02 -31.19 -74.51
CA ARG C 797 105.92 -30.69 -73.48
C ARG C 797 106.97 -31.72 -73.15
N VAL C 798 106.72 -33.01 -73.47
CA VAL C 798 107.66 -34.08 -73.12
C VAL C 798 108.57 -34.29 -74.29
N GLU C 799 108.08 -33.82 -75.43
CA GLU C 799 108.84 -33.93 -76.64
C GLU C 799 109.98 -32.96 -76.61
N TYR C 800 109.70 -31.76 -76.09
CA TYR C 800 110.77 -30.85 -75.96
C TYR C 800 111.90 -31.45 -75.06
N ARG C 801 111.56 -32.06 -73.92
CA ARG C 801 112.53 -32.69 -72.94
C ARG C 801 113.39 -33.79 -73.54
N ARG C 802 112.88 -34.33 -74.62
CA ARG C 802 113.55 -35.40 -75.33
C ARG C 802 114.43 -34.77 -76.41
N MET C 803 113.83 -33.89 -77.21
CA MET C 803 114.52 -33.17 -78.28
C MET C 803 115.83 -32.61 -77.78
N VAL C 804 115.67 -31.89 -76.67
CA VAL C 804 116.73 -31.24 -75.95
C VAL C 804 117.83 -32.20 -75.45
N GLU C 805 117.44 -33.29 -74.80
CA GLU C 805 118.37 -34.30 -74.30
C GLU C 805 119.29 -34.71 -75.45
N ARG C 806 118.61 -35.16 -76.47
CA ARG C 806 119.11 -35.60 -77.74
C ARG C 806 120.14 -34.69 -78.36
N ARG C 807 119.94 -33.39 -78.09
CA ARG C 807 120.74 -32.29 -78.61
C ARG C 807 122.15 -32.66 -78.97
N GLU C 808 122.87 -33.11 -77.97
CA GLU C 808 124.23 -33.44 -78.23
C GLU C 808 124.51 -34.80 -78.77
N SER C 809 123.82 -35.81 -78.24
CA SER C 809 124.07 -37.16 -78.69
C SER C 809 124.03 -37.28 -80.18
N ILE C 810 123.32 -36.35 -80.79
CA ILE C 810 123.26 -36.31 -82.23
C ILE C 810 124.61 -35.89 -82.78
N PHE C 811 124.97 -34.66 -82.42
CA PHE C 811 126.19 -33.99 -82.77
C PHE C 811 127.31 -34.97 -82.76
N CYS C 812 127.38 -35.63 -81.63
CA CYS C 812 128.37 -36.66 -81.42
C CYS C 812 128.27 -37.60 -82.55
N ILE C 813 127.07 -38.03 -82.79
CA ILE C 813 126.90 -38.93 -83.89
C ILE C 813 127.21 -38.18 -85.16
N GLN C 814 126.68 -36.97 -85.27
CA GLN C 814 126.86 -36.15 -86.48
C GLN C 814 128.30 -36.07 -86.94
N TYR C 815 129.07 -35.30 -86.21
CA TYR C 815 130.47 -35.10 -86.51
C TYR C 815 131.23 -36.41 -86.71
N ASN C 816 131.06 -37.29 -85.74
CA ASN C 816 131.73 -38.59 -85.69
C ASN C 816 131.81 -39.39 -86.95
N VAL C 817 130.72 -39.34 -87.71
CA VAL C 817 130.58 -40.04 -88.98
C VAL C 817 131.43 -39.38 -90.05
N ARG C 818 131.18 -38.07 -90.15
CA ARG C 818 131.88 -37.22 -91.06
C ARG C 818 133.38 -37.48 -91.09
N SER C 819 133.99 -37.61 -89.88
CA SER C 819 135.39 -37.90 -89.72
C SER C 819 135.72 -38.99 -90.69
N PHE C 820 135.23 -40.13 -90.31
CA PHE C 820 135.40 -41.35 -90.99
C PHE C 820 135.31 -41.28 -92.50
N MET C 821 134.33 -40.58 -92.99
CA MET C 821 134.17 -40.43 -94.41
C MET C 821 135.36 -39.76 -95.09
N ASN C 822 136.07 -39.03 -94.28
CA ASN C 822 137.20 -38.28 -94.76
C ASN C 822 138.47 -39.03 -94.63
N VAL C 823 138.54 -39.65 -93.46
CA VAL C 823 139.66 -40.39 -93.05
C VAL C 823 139.88 -41.68 -93.77
N LYS C 824 138.86 -42.53 -93.76
CA LYS C 824 138.88 -43.84 -94.39
C LYS C 824 139.62 -43.89 -95.72
N HIS C 825 139.81 -42.72 -96.38
CA HIS C 825 140.51 -42.71 -97.66
C HIS C 825 142.00 -42.33 -97.52
N TRP C 826 142.42 -41.90 -96.32
CA TRP C 826 143.79 -41.45 -95.91
C TRP C 826 144.82 -42.55 -95.58
N PRO C 827 145.90 -42.61 -96.38
CA PRO C 827 146.99 -43.56 -96.26
C PRO C 827 147.29 -43.94 -94.83
N TRP C 828 147.59 -42.90 -94.11
CA TRP C 828 147.97 -42.99 -92.71
C TRP C 828 146.92 -43.65 -91.92
N MET C 829 145.68 -43.39 -92.31
CA MET C 829 144.64 -44.02 -91.53
C MET C 829 144.46 -45.48 -91.91
N LYS C 830 144.61 -45.83 -93.16
CA LYS C 830 144.53 -47.20 -93.53
C LYS C 830 145.62 -47.97 -92.89
N LEU C 831 146.76 -47.33 -92.87
CA LEU C 831 147.94 -47.94 -92.25
C LEU C 831 147.65 -48.32 -90.82
N PHE C 832 147.25 -47.32 -90.06
CA PHE C 832 146.89 -47.51 -88.64
C PHE C 832 145.93 -48.65 -88.50
N PHE C 833 145.08 -48.74 -89.51
CA PHE C 833 144.08 -49.76 -89.56
C PHE C 833 144.67 -51.14 -89.69
N LYS C 834 145.47 -51.38 -90.74
CA LYS C 834 145.99 -52.73 -90.84
C LYS C 834 146.83 -53.02 -89.61
N ILE C 835 147.49 -51.99 -89.16
CA ILE C 835 148.39 -52.11 -88.03
C ILE C 835 147.77 -52.19 -86.64
N LYS C 836 146.67 -51.48 -86.43
CA LYS C 836 145.93 -51.46 -85.18
C LYS C 836 145.78 -52.80 -84.52
N PRO C 837 145.88 -53.87 -85.27
CA PRO C 837 145.70 -55.14 -84.62
C PRO C 837 146.90 -55.72 -83.95
N LEU C 838 148.06 -55.66 -84.63
CA LEU C 838 149.30 -56.20 -84.07
C LEU C 838 149.59 -55.66 -82.66
N LEU C 839 148.87 -54.63 -82.29
CA LEU C 839 149.07 -54.01 -81.03
C LEU C 839 148.43 -54.75 -79.92
N LYS C 840 148.74 -54.26 -78.75
CA LYS C 840 148.20 -54.83 -77.53
C LYS C 840 147.97 -53.72 -76.52
N ASN A 1 134.79 -1.36 -69.40
CA ASN A 1 133.89 -2.49 -69.72
C ASN A 1 134.70 -3.77 -70.04
N VAL A 2 135.81 -3.46 -70.69
CA VAL A 2 136.86 -4.38 -71.11
C VAL A 2 137.74 -5.08 -70.07
N PHE A 3 137.74 -4.62 -68.83
CA PHE A 3 138.30 -5.45 -67.78
C PHE A 3 137.22 -6.16 -66.92
N SER A 4 135.94 -5.75 -67.02
CA SER A 4 134.84 -6.38 -66.27
C SER A 4 134.22 -7.75 -66.57
N MET A 5 134.07 -8.23 -67.81
CA MET A 5 133.76 -9.67 -68.07
C MET A 5 135.16 -10.29 -67.90
N PHE A 6 135.87 -10.77 -68.93
CA PHE A 6 137.34 -10.94 -68.92
C PHE A 6 138.12 -11.65 -67.81
N ASP A 7 137.82 -12.94 -67.72
CA ASP A 7 138.44 -13.84 -66.75
C ASP A 7 139.93 -14.18 -66.92
N GLN A 8 140.59 -14.63 -65.85
CA GLN A 8 142.00 -15.01 -65.87
C GLN A 8 142.42 -15.94 -67.01
N THR A 9 141.61 -16.97 -67.28
CA THR A 9 141.82 -17.88 -68.42
C THR A 9 141.87 -17.14 -69.76
N GLN A 10 140.81 -16.39 -70.13
CA GLN A 10 140.80 -15.51 -71.33
C GLN A 10 142.08 -14.67 -71.46
N ILE A 11 142.43 -13.99 -70.35
CA ILE A 11 143.65 -13.19 -70.28
C ILE A 11 144.92 -14.01 -70.49
N GLN A 12 145.04 -15.23 -69.96
CA GLN A 12 146.18 -16.11 -70.23
C GLN A 12 146.25 -16.58 -71.67
N ASP A 13 145.14 -16.97 -72.29
CA ASP A 13 145.05 -17.28 -73.72
C ASP A 13 145.63 -16.11 -74.53
N PHE A 14 145.19 -14.88 -74.22
CA PHE A 14 145.78 -13.66 -74.80
C PHE A 14 147.27 -13.53 -74.51
N LYS A 15 147.77 -13.64 -73.27
CA LYS A 15 149.21 -13.60 -72.94
C LYS A 15 150.07 -14.59 -73.74
N GLU A 16 149.66 -15.85 -73.86
CA GLU A 16 150.33 -16.83 -74.70
C GLU A 16 150.28 -16.40 -76.17
N ALA A 17 149.12 -15.96 -76.69
CA ALA A 17 149.02 -15.42 -78.05
C ALA A 17 149.98 -14.26 -78.34
N PHE A 18 150.10 -13.32 -77.39
CA PHE A 18 151.08 -12.23 -77.48
C PHE A 18 152.48 -12.84 -77.54
N THR A 19 152.92 -13.66 -76.59
CA THR A 19 154.27 -14.28 -76.67
C THR A 19 154.59 -15.11 -77.92
N VAL A 20 153.57 -15.66 -78.62
CA VAL A 20 153.80 -16.29 -79.92
C VAL A 20 153.99 -15.26 -81.05
N ILE A 21 153.30 -14.11 -81.03
CA ILE A 21 153.56 -13.07 -82.02
C ILE A 21 154.83 -12.27 -81.68
N ASP A 22 155.16 -12.12 -80.38
CA ASP A 22 156.38 -11.51 -79.85
C ASP A 22 157.70 -12.25 -80.21
N GLN A 23 158.11 -12.32 -81.48
CA GLN A 23 159.32 -13.04 -81.91
C GLN A 23 160.61 -12.85 -81.12
N ASN A 24 160.89 -11.59 -80.84
CA ASN A 24 162.11 -11.21 -80.14
C ASN A 24 162.16 -11.48 -78.63
N ARG A 25 161.02 -11.82 -77.99
CA ARG A 25 160.86 -11.97 -76.54
C ARG A 25 161.02 -10.70 -75.67
N ASP A 26 161.45 -9.58 -76.25
CA ASP A 26 161.56 -8.26 -75.63
C ASP A 26 160.41 -7.76 -74.74
N GLY A 27 159.16 -7.99 -75.16
CA GLY A 27 157.98 -7.53 -74.41
C GLY A 27 157.03 -6.61 -75.20
N ILE A 28 157.52 -6.16 -76.34
CA ILE A 28 156.77 -5.29 -77.26
C ILE A 28 156.69 -5.95 -78.65
N ILE A 29 155.49 -6.17 -79.20
CA ILE A 29 155.37 -6.61 -80.59
C ILE A 29 155.52 -5.43 -81.53
N ASP A 30 156.30 -5.60 -82.60
CA ASP A 30 156.42 -4.59 -83.63
C ASP A 30 156.18 -5.12 -85.07
N LYS A 31 156.51 -4.33 -86.09
CA LYS A 31 156.35 -4.76 -87.49
C LYS A 31 157.08 -6.03 -87.86
N ASP A 32 158.31 -6.17 -87.36
CA ASP A 32 159.15 -7.34 -87.56
C ASP A 32 158.50 -8.60 -86.96
N ASP A 33 158.09 -8.52 -85.68
CA ASP A 33 157.35 -9.58 -85.00
C ASP A 33 156.10 -10.06 -85.76
N LEU A 34 155.28 -9.12 -86.25
CA LEU A 34 154.18 -9.48 -87.14
C LEU A 34 154.63 -10.16 -88.44
N ARG A 35 155.57 -9.58 -89.21
CA ARG A 35 156.11 -10.19 -90.45
C ARG A 35 156.50 -11.66 -90.38
N GLU A 36 157.41 -12.06 -89.49
CA GLU A 36 157.73 -13.49 -89.41
C GLU A 36 156.64 -14.31 -88.72
N THR A 37 155.71 -13.82 -87.88
CA THR A 37 154.60 -14.70 -87.46
C THR A 37 153.72 -15.05 -88.64
N PHE A 38 153.43 -14.08 -89.52
CA PHE A 38 152.74 -14.36 -90.78
C PHE A 38 153.50 -15.37 -91.64
N ALA A 39 154.80 -15.16 -91.84
CA ALA A 39 155.68 -16.10 -92.53
C ALA A 39 155.68 -17.53 -91.94
N ALA A 40 155.80 -17.67 -90.62
CA ALA A 40 155.72 -18.96 -89.93
C ALA A 40 154.37 -19.68 -90.13
N MET A 41 153.28 -18.90 -90.20
CA MET A 41 151.96 -19.45 -90.55
C MET A 41 151.74 -19.71 -92.06
N GLY A 42 152.74 -19.48 -92.92
CA GLY A 42 152.63 -19.70 -94.35
C GLY A 42 152.40 -18.45 -95.21
N ARG A 43 152.08 -17.32 -94.62
CA ARG A 43 151.80 -16.09 -95.39
C ARG A 43 153.03 -15.27 -95.75
N LEU A 44 153.51 -15.41 -96.99
CA LEU A 44 154.67 -14.66 -97.44
C LEU A 44 154.39 -13.33 -98.18
N ASN A 45 153.18 -13.17 -98.70
CA ASN A 45 152.79 -12.02 -99.52
C ASN A 45 152.42 -10.70 -98.80
N VAL A 46 152.87 -10.53 -97.56
CA VAL A 46 152.47 -9.39 -96.72
C VAL A 46 153.07 -8.03 -97.12
N LYS A 47 152.23 -7.05 -97.39
CA LYS A 47 152.67 -5.72 -97.77
C LYS A 47 152.73 -4.76 -96.58
N ASN A 48 153.74 -3.90 -96.48
CA ASN A 48 153.85 -2.94 -95.37
C ASN A 48 152.57 -2.22 -94.94
N GLU A 49 151.75 -1.70 -95.86
CA GLU A 49 150.47 -1.07 -95.53
C GLU A 49 149.52 -1.88 -94.63
N GLU A 50 149.52 -3.21 -94.78
CA GLU A 50 148.74 -4.11 -93.95
C GLU A 50 149.35 -4.21 -92.53
N LEU A 51 150.67 -4.38 -92.43
CA LEU A 51 151.41 -4.38 -91.14
C LEU A 51 151.24 -3.08 -90.36
N ASP A 52 151.44 -1.99 -91.08
CA ASP A 52 151.22 -0.64 -90.60
C ASP A 52 149.77 -0.42 -90.16
N ALA A 53 148.76 -0.81 -90.95
CA ALA A 53 147.35 -0.72 -90.55
C ALA A 53 147.06 -1.37 -89.19
N MET A 54 147.60 -2.58 -89.00
CA MET A 54 147.56 -3.28 -87.71
C MET A 54 148.07 -2.42 -86.55
N ILE A 55 149.34 -2.00 -86.66
CA ILE A 55 149.98 -1.17 -85.62
C ILE A 55 149.28 0.18 -85.36
N LYS A 56 148.87 0.89 -86.40
CA LYS A 56 148.14 2.16 -86.29
C LYS A 56 146.92 2.22 -85.35
N GLU A 57 146.31 1.08 -85.06
CA GLU A 57 145.22 1.01 -84.11
C GLU A 57 145.58 1.41 -82.68
N ALA A 58 146.86 1.31 -82.30
CA ALA A 58 147.32 1.72 -80.98
C ALA A 58 148.09 3.04 -80.93
N SER A 59 147.98 3.81 -79.85
CA SER A 59 148.70 5.09 -79.73
C SER A 59 150.18 5.02 -79.34
N GLY A 60 150.59 3.91 -78.73
CA GLY A 60 151.96 3.73 -78.29
C GLY A 60 152.62 2.42 -78.71
N PRO A 61 153.74 2.03 -78.08
CA PRO A 61 154.30 0.67 -78.24
C PRO A 61 153.27 -0.42 -77.92
N ILE A 62 153.15 -1.50 -78.68
CA ILE A 62 152.01 -2.40 -78.45
C ILE A 62 151.98 -3.27 -77.17
N ASN A 63 152.97 -3.18 -76.26
CA ASN A 63 153.02 -3.82 -74.93
C ASN A 63 151.83 -4.58 -74.33
N PHE A 64 151.97 -5.77 -73.74
CA PHE A 64 150.87 -6.57 -73.12
C PHE A 64 149.54 -5.89 -72.74
N THR A 65 149.63 -4.81 -71.96
CA THR A 65 148.49 -3.97 -71.59
C THR A 65 147.84 -3.24 -72.76
N VAL A 66 148.61 -2.56 -73.62
CA VAL A 66 148.08 -1.87 -74.81
C VAL A 66 147.39 -2.90 -75.71
N PHE A 67 147.97 -4.08 -75.92
CA PHE A 67 147.27 -5.18 -76.60
C PHE A 67 145.93 -5.53 -75.93
N LEU A 68 145.97 -6.02 -74.68
CA LEU A 68 144.78 -6.39 -73.92
C LEU A 68 143.66 -5.35 -73.92
N THR A 69 144.00 -4.06 -73.75
CA THR A 69 143.03 -2.99 -73.86
C THR A 69 142.49 -2.90 -75.28
N MET A 70 143.31 -2.83 -76.34
CA MET A 70 142.81 -2.81 -77.73
C MET A 70 141.92 -3.98 -78.15
N PHE A 71 142.23 -5.19 -77.69
CA PHE A 71 141.42 -6.37 -78.01
C PHE A 71 140.17 -6.52 -77.17
N GLY A 72 140.27 -6.10 -75.91
CA GLY A 72 139.09 -6.01 -75.09
C GLY A 72 138.12 -5.00 -75.71
N GLU A 73 138.56 -3.76 -76.01
CA GLU A 73 137.73 -2.73 -76.62
C GLU A 73 136.86 -3.09 -77.83
N LYS A 74 137.30 -4.06 -78.62
CA LYS A 74 136.52 -4.57 -79.74
C LYS A 74 135.49 -5.63 -79.36
N LEU A 75 135.76 -6.33 -78.27
CA LEU A 75 134.89 -7.35 -77.71
C LEU A 75 134.08 -6.89 -76.49
N LYS A 76 133.77 -5.59 -76.36
CA LYS A 76 132.99 -5.01 -75.24
C LYS A 76 131.67 -5.66 -74.81
N GLY A 77 131.14 -6.50 -75.71
CA GLY A 77 129.95 -7.29 -75.47
C GLY A 77 130.17 -8.75 -75.86
N ALA A 78 131.29 -9.33 -75.46
CA ALA A 78 131.59 -10.73 -75.73
C ALA A 78 132.02 -11.58 -74.54
N ASP A 79 131.25 -12.64 -74.31
CA ASP A 79 131.50 -13.59 -73.24
C ASP A 79 132.38 -14.79 -73.63
N PRO A 80 132.88 -15.57 -72.67
CA PRO A 80 133.42 -16.91 -72.98
C PRO A 80 132.38 -17.95 -73.38
N GLU A 81 132.70 -18.92 -74.26
CA GLU A 81 131.74 -19.91 -74.76
C GLU A 81 130.73 -20.59 -73.83
N ASP A 82 131.13 -21.14 -72.68
CA ASP A 82 130.18 -21.71 -71.71
C ASP A 82 129.04 -20.77 -71.26
N VAL A 83 129.38 -19.49 -71.04
CA VAL A 83 128.42 -18.46 -70.64
C VAL A 83 127.39 -18.24 -71.74
N ILE A 84 127.86 -18.15 -72.98
CA ILE A 84 127.00 -18.00 -74.17
C ILE A 84 126.06 -19.21 -74.31
N MET A 85 126.62 -20.42 -74.18
CA MET A 85 125.86 -21.66 -74.16
C MET A 85 124.76 -21.66 -73.09
N GLY A 86 124.99 -21.10 -71.90
CA GLY A 86 123.95 -20.97 -70.85
C GLY A 86 122.69 -20.25 -71.32
N ALA A 87 122.86 -19.12 -72.01
CA ALA A 87 121.74 -18.39 -72.60
C ALA A 87 120.88 -19.24 -73.54
N PHE A 88 121.55 -20.00 -74.41
CA PHE A 88 120.87 -20.97 -75.26
C PHE A 88 120.23 -22.09 -74.43
N LYS A 89 120.92 -22.74 -73.47
CA LYS A 89 120.34 -23.74 -72.56
C LYS A 89 119.07 -23.28 -71.79
N VAL A 90 118.97 -21.98 -71.50
CA VAL A 90 117.76 -21.37 -70.92
C VAL A 90 116.63 -21.33 -71.97
N LEU A 91 116.97 -20.98 -73.22
CA LEU A 91 116.01 -21.01 -74.32
C LEU A 91 115.61 -22.42 -74.77
N ASP A 92 116.51 -23.38 -74.55
CA ASP A 92 116.30 -24.80 -74.76
C ASP A 92 115.38 -25.46 -73.72
N PRO A 93 114.81 -24.81 -72.69
CA PRO A 93 114.88 -25.29 -71.29
C PRO A 93 114.67 -26.78 -70.97
N ASP A 94 113.88 -27.41 -71.83
CA ASP A 94 113.62 -28.84 -71.93
C ASP A 94 114.90 -29.69 -72.11
N GLY A 95 115.93 -29.15 -72.77
CA GLY A 95 117.22 -29.81 -72.93
C GLY A 95 117.68 -30.27 -74.33
N LYS A 96 118.91 -30.78 -74.36
CA LYS A 96 119.65 -31.31 -75.52
C LYS A 96 119.55 -30.92 -77.01
N GLY A 97 118.38 -30.83 -77.64
CA GLY A 97 118.25 -30.50 -79.06
C GLY A 97 117.95 -29.03 -79.26
N SER A 98 118.78 -28.27 -79.98
CA SER A 98 118.56 -26.84 -79.97
C SER A 98 117.45 -26.24 -80.86
N ILE A 99 117.12 -24.98 -80.57
CA ILE A 99 115.93 -24.28 -81.07
C ILE A 99 115.64 -24.03 -82.56
N LYS A 100 114.41 -23.62 -82.86
CA LYS A 100 113.97 -23.34 -84.22
C LYS A 100 113.93 -21.88 -84.72
N LYS A 101 114.27 -21.71 -85.99
CA LYS A 101 114.12 -20.41 -86.66
C LYS A 101 112.65 -20.07 -86.95
N SER A 102 112.28 -19.11 -86.11
CA SER A 102 110.99 -18.41 -85.95
C SER A 102 110.94 -18.03 -84.47
N PHE A 103 111.10 -19.04 -83.62
CA PHE A 103 111.13 -18.89 -82.16
C PHE A 103 112.15 -17.84 -81.70
N LEU A 104 113.41 -17.96 -82.15
CA LEU A 104 114.36 -16.89 -81.86
C LEU A 104 114.28 -15.64 -82.74
N GLU A 105 113.80 -15.72 -83.99
CA GLU A 105 113.60 -14.54 -84.87
C GLU A 105 112.74 -13.51 -84.14
N GLU A 106 111.59 -14.02 -83.68
CA GLU A 106 110.67 -13.27 -82.85
C GLU A 106 111.33 -12.83 -81.55
N LEU A 107 111.90 -13.69 -80.69
CA LEU A 107 112.53 -13.23 -79.46
C LEU A 107 113.71 -12.23 -79.54
N LEU A 108 114.44 -12.16 -80.65
CA LEU A 108 115.44 -11.11 -80.84
C LEU A 108 114.80 -9.78 -81.28
N THR A 109 113.71 -9.83 -82.07
CA THR A 109 112.98 -8.61 -82.43
C THR A 109 111.99 -8.06 -81.41
N THR A 110 111.36 -8.94 -80.63
CA THR A 110 110.26 -8.54 -79.76
C THR A 110 110.54 -7.72 -78.50
N GLN A 111 110.66 -8.23 -77.27
CA GLN A 111 110.98 -7.44 -76.08
C GLN A 111 112.24 -6.58 -76.28
N CYS A 112 112.25 -5.33 -75.78
CA CYS A 112 113.23 -4.26 -76.07
C CYS A 112 112.87 -3.49 -77.35
N ASP A 113 113.78 -2.70 -77.94
CA ASP A 113 113.52 -1.95 -79.15
C ASP A 113 113.77 -2.68 -80.47
N ARG A 114 114.90 -3.39 -80.52
CA ARG A 114 115.36 -4.03 -81.74
C ARG A 114 116.66 -4.83 -81.79
N PHE A 115 116.55 -6.08 -82.20
CA PHE A 115 117.69 -6.64 -82.90
C PHE A 115 117.13 -6.64 -84.31
N THR A 116 117.62 -5.67 -85.07
CA THR A 116 117.00 -5.31 -86.36
C THR A 116 116.86 -6.41 -87.42
N PRO A 117 115.78 -6.39 -88.21
CA PRO A 117 115.69 -7.29 -89.37
C PRO A 117 116.73 -7.21 -90.49
N GLU A 118 117.73 -6.34 -90.36
CA GLU A 118 118.90 -6.33 -91.22
C GLU A 118 119.90 -7.27 -90.51
N GLU A 119 120.20 -6.97 -89.23
CA GLU A 119 121.04 -7.81 -88.35
C GLU A 119 120.63 -9.29 -88.36
N ILE A 120 119.35 -9.60 -88.17
CA ILE A 120 118.85 -10.99 -88.20
C ILE A 120 119.05 -11.74 -89.54
N LYS A 121 118.84 -11.15 -90.72
CA LYS A 121 119.14 -11.85 -91.98
C LYS A 121 120.64 -12.14 -92.14
N ASN A 122 121.48 -11.17 -91.74
CA ASN A 122 122.93 -11.39 -91.67
C ASN A 122 123.27 -12.56 -90.75
N MET A 123 122.60 -12.62 -89.59
CA MET A 123 122.67 -13.76 -88.68
C MET A 123 122.34 -15.08 -89.40
N TRP A 124 121.19 -15.30 -90.04
CA TRP A 124 120.92 -16.55 -90.77
C TRP A 124 121.92 -16.95 -91.88
N ALA A 125 122.54 -15.94 -92.50
CA ALA A 125 123.62 -16.16 -93.46
C ALA A 125 125.02 -16.45 -92.87
N ALA A 126 125.40 -15.77 -91.78
CA ALA A 126 126.70 -15.94 -91.10
C ALA A 126 126.79 -16.96 -89.95
N PHE A 127 125.58 -17.29 -89.56
CA PHE A 127 125.18 -18.42 -88.72
C PHE A 127 124.11 -19.05 -89.62
N PRO A 128 124.53 -19.59 -90.76
CA PRO A 128 124.04 -20.82 -91.34
C PRO A 128 122.78 -21.65 -91.67
N PRO A 129 123.11 -22.62 -92.54
CA PRO A 129 123.05 -24.04 -92.18
C PRO A 129 122.83 -24.38 -90.70
N ASP A 130 123.72 -24.14 -89.73
CA ASP A 130 123.45 -24.31 -88.30
C ASP A 130 122.08 -23.78 -87.88
N VAL A 131 121.82 -22.49 -88.09
CA VAL A 131 120.57 -21.84 -87.82
C VAL A 131 119.37 -22.39 -88.60
N ALA A 132 119.59 -23.10 -89.70
CA ALA A 132 118.51 -23.79 -90.40
C ALA A 132 118.18 -25.18 -89.87
N GLY A 133 119.21 -25.98 -89.59
CA GLY A 133 119.07 -27.35 -89.13
C GLY A 133 118.58 -27.55 -87.70
N ASN A 134 119.41 -27.22 -86.73
CA ASN A 134 119.08 -27.38 -85.31
C ASN A 134 119.16 -26.00 -84.65
N VAL A 135 119.18 -24.90 -85.46
CA VAL A 135 119.74 -23.58 -85.12
C VAL A 135 120.90 -23.86 -84.16
N ASP A 136 121.78 -24.71 -84.70
CA ASP A 136 122.89 -25.32 -83.98
C ASP A 136 123.66 -24.44 -82.99
N TYR A 137 123.04 -24.16 -81.83
CA TYR A 137 123.61 -23.22 -80.86
C TYR A 137 124.97 -23.58 -80.31
N LYS A 138 125.17 -24.89 -80.19
CA LYS A 138 126.48 -25.45 -79.85
C LYS A 138 127.52 -24.95 -80.88
N ASN A 139 127.22 -25.19 -82.16
CA ASN A 139 128.05 -24.72 -83.28
C ASN A 139 128.21 -23.19 -83.30
N ILE A 140 127.10 -22.43 -83.20
CA ILE A 140 127.07 -20.96 -83.07
C ILE A 140 128.09 -20.45 -82.03
N CYS A 141 128.05 -20.99 -80.81
CA CYS A 141 129.01 -20.67 -79.76
C CYS A 141 130.46 -20.98 -80.13
N TYR A 142 130.75 -22.18 -80.66
CA TYR A 142 132.11 -22.49 -81.11
C TYR A 142 132.64 -21.61 -82.24
N VAL A 143 131.82 -21.17 -83.19
CA VAL A 143 132.26 -20.24 -84.24
C VAL A 143 132.51 -18.82 -83.74
N ILE A 144 131.72 -18.33 -82.78
CA ILE A 144 132.01 -17.01 -82.24
C ILE A 144 133.24 -16.99 -81.33
N THR A 145 133.47 -17.98 -80.48
CA THR A 145 134.68 -18.04 -79.67
C THR A 145 135.92 -18.55 -80.43
N HIS A 146 135.74 -19.52 -81.32
CA HIS A 146 136.85 -20.12 -82.08
C HIS A 146 137.01 -19.86 -83.59
N GLY A 147 136.47 -18.79 -84.18
CA GLY A 147 136.67 -18.53 -85.61
C GLY A 147 135.57 -19.01 -86.55
N GLU A 148 135.50 -18.47 -87.77
CA GLU A 148 134.41 -18.78 -88.71
C GLU A 148 134.39 -20.08 -89.50
N ASP A 149 135.56 -20.59 -89.88
CA ASP A 149 135.72 -21.83 -90.65
C ASP A 149 135.43 -23.11 -89.87
N LYS A 150 135.93 -23.10 -88.63
CA LYS A 150 135.78 -24.19 -87.66
C LYS A 150 134.38 -24.62 -87.23
N ASP B 1 94.86 6.83 -61.96
CA ASP B 1 95.47 5.58 -61.45
C ASP B 1 96.79 5.60 -60.61
N GLU B 2 97.24 4.48 -59.98
CA GLU B 2 98.57 4.30 -59.34
C GLU B 2 99.16 3.00 -58.70
N ILE B 3 100.51 2.91 -58.80
CA ILE B 3 101.54 1.92 -58.35
C ILE B 3 102.76 2.06 -59.33
N ASN B 4 104.00 1.55 -59.15
CA ASN B 4 105.06 1.68 -60.16
C ASN B 4 105.37 0.46 -61.04
N ASP B 5 105.83 -0.68 -60.52
CA ASP B 5 106.09 -1.96 -61.22
C ASP B 5 105.32 -2.30 -62.52
N PHE B 6 104.01 -2.06 -62.54
CA PHE B 6 103.19 -2.30 -63.74
C PHE B 6 103.66 -1.55 -64.99
N LYS B 7 104.20 -0.34 -64.80
CA LYS B 7 104.80 0.45 -65.87
C LYS B 7 106.06 -0.23 -66.42
N GLU B 8 106.89 -0.78 -65.52
CA GLU B 8 108.08 -1.55 -65.89
C GLU B 8 107.69 -2.80 -66.71
N ALA B 9 106.67 -3.52 -66.23
CA ALA B 9 106.10 -4.66 -66.94
C ALA B 9 105.51 -4.36 -68.33
N PHE B 10 104.90 -3.17 -68.55
CA PHE B 10 104.41 -2.80 -69.89
C PHE B 10 105.51 -2.87 -70.98
N LEU B 11 106.67 -2.27 -70.75
CA LEU B 11 107.80 -2.34 -71.69
C LEU B 11 108.30 -3.75 -72.02
N LEU B 12 108.10 -4.68 -71.09
CA LEU B 12 108.46 -6.08 -71.31
C LEU B 12 107.60 -6.79 -72.35
N PHE B 13 106.45 -6.20 -72.67
CA PHE B 13 105.52 -6.73 -73.68
C PHE B 13 105.26 -5.80 -74.87
N ASP B 14 106.14 -4.81 -75.05
CA ASP B 14 106.11 -3.87 -76.17
C ASP B 14 106.27 -4.48 -77.57
N ARG B 15 107.32 -5.29 -77.68
CA ARG B 15 107.66 -6.05 -78.88
C ARG B 15 107.77 -5.35 -80.24
N THR B 16 108.42 -4.20 -80.13
CA THR B 16 108.63 -3.19 -81.19
C THR B 16 109.62 -2.14 -80.67
N GLY B 17 109.47 -1.83 -79.39
CA GLY B 17 110.30 -0.85 -78.66
C GLY B 17 109.71 0.54 -78.46
N ASP B 18 108.50 0.73 -78.98
CA ASP B 18 107.77 1.98 -78.97
C ASP B 18 107.03 2.41 -77.69
N ALA B 19 106.92 1.51 -76.70
CA ALA B 19 106.12 1.69 -75.47
C ALA B 19 104.61 1.91 -75.67
N LYS B 20 104.15 1.48 -76.85
CA LYS B 20 102.75 1.54 -77.25
C LYS B 20 102.17 0.18 -77.62
N ILE B 21 101.52 -0.48 -76.67
CA ILE B 21 101.05 -1.86 -76.88
C ILE B 21 99.68 -1.89 -77.58
N THR B 22 99.31 -2.95 -78.31
CA THR B 22 98.04 -3.02 -79.03
C THR B 22 96.76 -3.38 -78.27
N LEU B 23 95.61 -2.87 -78.74
CA LEU B 23 94.27 -3.17 -78.18
C LEU B 23 93.92 -4.65 -78.03
N SER B 24 94.53 -5.53 -78.81
CA SER B 24 94.38 -6.97 -78.65
C SER B 24 95.25 -7.47 -77.49
N GLN B 25 96.54 -7.10 -77.42
CA GLN B 25 97.42 -7.48 -76.30
C GLN B 25 96.95 -6.99 -74.92
N VAL B 26 96.13 -5.95 -74.97
CA VAL B 26 95.35 -5.42 -73.85
C VAL B 26 94.70 -6.47 -72.93
N GLY B 27 93.94 -7.36 -73.56
CA GLY B 27 93.24 -8.45 -72.88
C GLY B 27 94.15 -9.47 -72.20
N ASP B 28 95.35 -9.66 -72.74
CA ASP B 28 96.33 -10.56 -72.16
C ASP B 28 97.18 -9.93 -71.05
N ILE B 29 97.71 -8.71 -71.21
CA ILE B 29 98.49 -8.03 -70.16
C ILE B 29 97.71 -7.88 -68.84
N VAL B 30 96.41 -7.58 -68.94
CA VAL B 30 95.53 -7.53 -67.78
C VAL B 30 95.44 -8.81 -66.93
N ARG B 31 95.65 -9.97 -67.57
CA ARG B 31 95.59 -11.28 -66.93
C ARG B 31 96.71 -11.63 -65.96
N ALA B 32 97.94 -11.19 -66.26
CA ALA B 32 99.04 -11.39 -65.31
C ALA B 32 99.20 -10.29 -64.27
N LEU B 33 98.71 -9.08 -64.53
CA LEU B 33 98.75 -8.03 -63.52
C LEU B 33 97.70 -8.18 -62.41
N GLY B 34 98.07 -9.16 -61.57
CA GLY B 34 97.33 -9.57 -60.40
C GLY B 34 96.14 -10.49 -60.59
N GLN B 35 95.07 -10.03 -61.23
CA GLN B 35 93.83 -10.79 -61.17
C GLN B 35 93.03 -10.96 -62.48
N ASN B 36 92.33 -12.08 -62.59
CA ASN B 36 91.54 -12.51 -63.77
C ASN B 36 90.53 -11.53 -64.39
N PRO B 37 90.42 -11.50 -65.74
CA PRO B 37 89.23 -10.96 -66.40
C PRO B 37 88.64 -11.85 -67.50
N THR B 38 87.32 -12.01 -67.69
CA THR B 38 86.82 -12.87 -68.77
C THR B 38 86.78 -12.20 -70.16
N ASN B 39 86.84 -12.99 -71.23
CA ASN B 39 86.70 -12.44 -72.56
C ASN B 39 85.20 -12.53 -72.92
N ALA B 40 84.69 -11.32 -72.95
CA ALA B 40 83.27 -10.96 -73.03
C ALA B 40 83.29 -9.71 -72.16
N GLU B 41 83.80 -9.75 -70.92
CA GLU B 41 83.96 -8.53 -70.12
C GLU B 41 84.95 -7.53 -70.69
N ILE B 42 86.14 -8.00 -71.10
CA ILE B 42 87.12 -7.16 -71.79
C ILE B 42 86.50 -6.63 -73.09
N ASN B 43 85.90 -7.55 -73.86
CA ASN B 43 85.16 -7.21 -75.09
C ASN B 43 84.03 -6.19 -74.87
N LYS B 44 83.36 -6.16 -73.70
CA LYS B 44 82.30 -5.18 -73.40
C LYS B 44 82.73 -3.71 -73.37
N ILE B 45 83.49 -3.32 -72.35
CA ILE B 45 83.83 -1.92 -72.24
C ILE B 45 85.27 -1.53 -72.55
N LEU B 46 85.17 -0.56 -73.45
CA LEU B 46 86.25 0.05 -74.22
C LEU B 46 86.75 -0.93 -75.28
N GLY B 47 86.84 -2.24 -75.00
CA GLY B 47 87.10 -3.26 -76.04
C GLY B 47 86.16 -3.22 -77.27
N ASN B 48 84.83 -3.28 -77.08
CA ASN B 48 83.87 -3.15 -78.19
C ASN B 48 83.99 -1.93 -79.12
N PRO B 49 84.39 -0.72 -78.66
CA PRO B 49 84.74 0.31 -79.63
C PRO B 49 86.13 0.31 -80.24
N SER B 50 86.38 -0.31 -81.40
CA SER B 50 87.73 -0.36 -82.03
C SER B 50 88.53 0.94 -82.09
N LYS B 51 88.04 2.02 -82.72
CA LYS B 51 88.75 3.31 -82.71
C LYS B 51 88.96 3.88 -81.31
N GLU B 52 87.94 3.92 -80.45
CA GLU B 52 88.12 4.38 -79.08
C GLU B 52 89.11 3.49 -78.31
N GLU B 53 89.03 2.17 -78.17
CA GLU B 53 90.06 1.37 -77.49
C GLU B 53 91.44 1.50 -78.15
N MET B 54 91.53 1.60 -79.47
CA MET B 54 92.81 1.92 -80.10
C MET B 54 93.38 3.29 -79.72
N ASN B 55 92.50 4.24 -79.42
CA ASN B 55 92.84 5.54 -78.85
C ASN B 55 92.56 5.64 -77.33
N ALA B 56 92.32 4.47 -76.70
CA ALA B 56 92.11 4.29 -75.26
C ALA B 56 92.75 3.04 -74.60
N LYS B 57 93.75 2.44 -75.26
CA LYS B 57 94.64 1.40 -74.74
C LYS B 57 95.62 0.83 -75.78
N LYS B 58 95.38 0.94 -77.10
CA LYS B 58 96.41 0.64 -78.12
C LYS B 58 97.35 1.85 -78.21
N ILE B 59 98.02 1.94 -77.09
CA ILE B 59 98.58 3.20 -76.67
C ILE B 59 99.71 3.08 -75.66
N THR B 60 99.98 4.24 -75.09
CA THR B 60 100.87 4.43 -73.97
C THR B 60 100.23 4.00 -72.65
N PHE B 61 100.96 4.15 -71.57
CA PHE B 61 100.54 3.71 -70.25
C PHE B 61 99.26 4.37 -69.70
N GLU B 62 98.98 5.55 -70.27
CA GLU B 62 97.86 6.43 -69.92
C GLU B 62 96.46 5.87 -69.92
N GLU B 63 96.25 4.88 -70.78
CA GLU B 63 94.97 4.21 -70.86
C GLU B 63 95.05 2.74 -70.47
N PHE B 64 96.28 2.17 -70.52
CA PHE B 64 96.51 0.85 -69.93
C PHE B 64 96.08 0.76 -68.48
N LEU B 65 96.66 1.65 -67.69
CA LEU B 65 96.46 1.74 -66.26
C LEU B 65 95.00 1.99 -65.84
N PRO B 66 94.27 3.03 -66.31
CA PRO B 66 92.82 3.04 -66.13
C PRO B 66 92.00 1.82 -66.58
N MET B 67 92.21 1.18 -67.75
CA MET B 67 91.50 -0.07 -68.08
C MET B 67 91.73 -1.19 -67.05
N LEU B 68 93.01 -1.36 -66.69
CA LEU B 68 93.40 -2.36 -65.69
C LEU B 68 92.74 -2.15 -64.33
N GLN B 69 92.67 -0.91 -63.87
CA GLN B 69 91.92 -0.57 -62.66
C GLN B 69 90.42 -0.89 -62.77
N ALA B 70 89.79 -0.55 -63.89
CA ALA B 70 88.40 -0.93 -64.16
C ALA B 70 88.14 -2.42 -63.96
N ALA B 71 89.02 -3.27 -64.49
CA ALA B 71 88.97 -4.71 -64.21
C ALA B 71 89.19 -4.99 -62.71
N ALA B 72 90.18 -4.37 -62.06
CA ALA B 72 90.42 -4.52 -60.61
C ALA B 72 89.22 -4.45 -59.68
N ASN B 73 88.25 -3.61 -60.01
CA ASN B 73 86.99 -3.51 -59.29
C ASN B 73 86.07 -4.75 -59.27
N ASN B 74 85.93 -5.50 -60.38
CA ASN B 74 85.06 -6.68 -60.41
C ASN B 74 85.67 -7.98 -59.89
N LYS B 75 86.97 -7.95 -59.65
CA LYS B 75 87.73 -9.15 -59.31
C LYS B 75 87.46 -9.90 -58.01
N ASP B 76 86.56 -9.43 -57.14
CA ASP B 76 86.05 -10.17 -55.97
C ASP B 76 85.61 -11.61 -56.28
N GLN B 77 85.15 -11.84 -57.53
CA GLN B 77 84.84 -13.17 -58.07
C GLN B 77 86.00 -14.19 -58.05
N GLY B 78 87.19 -13.77 -57.61
CA GLY B 78 88.33 -14.64 -57.36
C GLY B 78 88.06 -15.70 -56.28
N THR B 79 86.96 -15.56 -55.52
CA THR B 79 86.49 -16.53 -54.52
C THR B 79 86.54 -17.98 -54.98
N PHE B 80 87.30 -18.83 -54.30
CA PHE B 80 87.48 -20.22 -54.75
C PHE B 80 86.31 -21.16 -54.44
N GLU B 81 85.48 -20.80 -53.45
CA GLU B 81 84.36 -21.62 -52.97
C GLU B 81 83.59 -22.40 -54.04
N ASP B 82 82.90 -21.70 -54.93
CA ASP B 82 82.18 -22.30 -56.06
C ASP B 82 83.03 -23.13 -57.05
N PHE B 83 84.33 -22.86 -57.12
CA PHE B 83 85.19 -23.41 -58.18
C PHE B 83 85.99 -24.69 -57.99
N VAL B 84 85.71 -25.39 -56.89
CA VAL B 84 86.15 -26.77 -56.70
C VAL B 84 84.85 -27.57 -56.83
N GLU B 85 83.79 -27.03 -56.22
CA GLU B 85 82.43 -27.58 -56.25
C GLU B 85 81.83 -27.76 -57.64
N GLY B 86 81.90 -26.75 -58.50
CA GLY B 86 81.44 -26.80 -59.88
C GLY B 86 82.08 -27.93 -60.68
N LEU B 87 83.37 -28.12 -60.41
CA LEU B 87 84.10 -29.23 -60.99
C LEU B 87 83.53 -30.55 -60.48
N ARG B 88 83.46 -30.88 -59.19
CA ARG B 88 82.81 -32.12 -58.70
C ARG B 88 81.44 -32.46 -59.34
N VAL B 89 80.68 -31.48 -59.84
CA VAL B 89 79.42 -31.72 -60.55
C VAL B 89 79.55 -32.48 -61.87
N PHE B 90 80.68 -32.37 -62.58
CA PHE B 90 80.85 -33.10 -63.83
C PHE B 90 81.09 -34.61 -63.57
N ASP B 91 82.11 -35.03 -62.83
CA ASP B 91 82.36 -36.46 -62.58
C ASP B 91 82.28 -37.03 -61.14
N LYS B 92 81.27 -36.71 -60.33
CA LYS B 92 81.09 -37.23 -58.95
C LYS B 92 80.87 -38.72 -58.61
N GLU B 93 81.92 -39.51 -58.40
CA GLU B 93 81.79 -40.94 -58.06
C GLU B 93 82.71 -41.36 -56.89
N GLY B 94 82.62 -40.64 -55.77
CA GLY B 94 83.45 -40.89 -54.60
C GLY B 94 84.33 -39.68 -54.26
N ASN B 95 85.64 -39.73 -54.54
CA ASN B 95 86.52 -38.58 -54.31
C ASN B 95 86.39 -37.47 -55.37
N GLY B 96 87.22 -36.42 -55.44
CA GLY B 96 87.13 -35.46 -56.55
C GLY B 96 87.59 -36.04 -57.91
N THR B 97 86.85 -37.04 -58.40
CA THR B 97 87.14 -37.78 -59.62
C THR B 97 86.73 -37.07 -60.89
N VAL B 98 87.60 -36.96 -61.87
CA VAL B 98 87.28 -36.41 -63.21
C VAL B 98 87.69 -37.38 -64.31
N MET B 99 87.25 -37.26 -65.55
CA MET B 99 87.86 -37.98 -66.65
C MET B 99 88.50 -36.99 -67.60
N GLY B 100 89.72 -37.27 -68.08
CA GLY B 100 90.44 -36.39 -69.01
C GLY B 100 89.57 -35.83 -70.14
N ALA B 101 88.94 -36.74 -70.87
CA ALA B 101 88.04 -36.40 -71.97
C ALA B 101 86.94 -35.37 -71.70
N GLU B 102 86.28 -35.47 -70.55
CA GLU B 102 85.23 -34.54 -70.17
C GLU B 102 85.77 -33.15 -69.92
N LEU B 103 86.77 -32.90 -69.04
CA LEU B 103 87.34 -31.55 -68.91
C LEU B 103 87.96 -31.03 -70.22
N ARG B 104 88.73 -31.83 -70.97
CA ARG B 104 89.29 -31.44 -72.27
C ARG B 104 88.28 -30.90 -73.28
N HIS B 105 87.19 -31.62 -73.55
CA HIS B 105 86.19 -31.09 -74.48
C HIS B 105 85.36 -29.97 -73.87
N VAL B 106 84.85 -30.09 -72.64
CA VAL B 106 84.06 -29.04 -71.99
C VAL B 106 84.79 -27.68 -71.94
N LEU B 107 86.10 -27.68 -71.72
CA LEU B 107 86.89 -26.46 -71.74
C LEU B 107 87.53 -26.08 -73.08
N ALA B 108 87.04 -26.63 -74.19
CA ALA B 108 87.48 -26.27 -75.54
C ALA B 108 86.28 -25.88 -76.41
N THR B 109 85.17 -26.62 -76.24
CA THR B 109 83.91 -26.42 -76.96
C THR B 109 82.87 -25.50 -76.32
N LEU B 110 82.86 -25.32 -75.00
CA LEU B 110 81.79 -24.55 -74.36
C LEU B 110 82.04 -23.13 -73.86
N GLY B 111 80.97 -22.31 -73.78
CA GLY B 111 81.05 -20.93 -73.30
C GLY B 111 82.05 -20.01 -74.02
N GLU B 112 83.20 -19.81 -73.38
CA GLU B 112 84.25 -18.97 -73.93
C GLU B 112 85.29 -19.69 -74.80
N LYS B 113 85.18 -21.01 -74.99
CA LYS B 113 86.14 -21.87 -75.72
C LYS B 113 87.50 -21.94 -75.02
N MET B 114 88.53 -22.55 -75.59
CA MET B 114 89.95 -22.47 -75.20
C MET B 114 90.64 -23.27 -76.29
N THR B 115 91.79 -22.91 -76.84
CA THR B 115 92.36 -23.74 -77.90
C THR B 115 92.83 -25.09 -77.36
N GLU B 116 92.73 -26.14 -78.17
CA GLU B 116 93.20 -27.47 -77.77
C GLU B 116 94.62 -27.43 -77.20
N GLU B 117 95.50 -26.68 -77.87
CA GLU B 117 96.86 -26.36 -77.40
C GLU B 117 96.89 -25.84 -75.95
N GLU B 118 96.16 -24.76 -75.65
CA GLU B 118 96.05 -24.22 -74.28
C GLU B 118 95.48 -25.21 -73.27
N VAL B 119 94.44 -26.00 -73.62
CA VAL B 119 93.91 -27.03 -72.72
C VAL B 119 94.94 -28.14 -72.47
N GLU B 120 95.62 -28.68 -73.48
CA GLU B 120 96.72 -29.65 -73.34
C GLU B 120 97.80 -29.11 -72.38
N GLU B 121 98.10 -27.82 -72.54
CA GLU B 121 98.96 -27.10 -71.60
C GLU B 121 98.44 -26.84 -70.18
N LEU B 122 97.14 -26.86 -69.94
CA LEU B 122 96.61 -26.85 -68.58
C LEU B 122 96.76 -28.23 -67.94
N MET B 123 96.59 -29.27 -68.75
CA MET B 123 96.80 -30.66 -68.35
C MET B 123 98.28 -31.09 -68.26
N LYS B 124 99.19 -30.18 -67.89
CA LYS B 124 100.64 -30.42 -67.79
C LYS B 124 101.10 -31.48 -66.79
N GLY B 125 100.93 -32.77 -67.10
CA GLY B 125 101.34 -33.87 -66.20
C GLY B 125 100.61 -33.88 -64.85
N GLN B 126 99.32 -33.57 -64.91
CA GLN B 126 98.45 -33.63 -63.73
C GLN B 126 97.34 -34.71 -63.86
N GLU B 127 97.33 -35.30 -65.05
CA GLU B 127 96.44 -36.38 -65.46
C GLU B 127 97.19 -37.60 -65.99
N ASP B 128 97.93 -38.24 -65.12
CA ASP B 128 98.66 -39.44 -65.49
C ASP B 128 97.82 -40.62 -65.99
N SER B 129 98.50 -41.68 -66.46
CA SER B 129 97.88 -42.90 -67.02
C SER B 129 96.53 -43.46 -66.56
N ASN B 130 96.07 -43.10 -65.36
CA ASN B 130 94.81 -43.55 -64.77
C ASN B 130 93.52 -43.10 -65.47
N GLY B 131 93.52 -42.15 -66.40
CA GLY B 131 92.31 -41.70 -67.10
C GLY B 131 91.51 -40.65 -66.31
N CYS B 132 91.37 -40.96 -65.02
CA CYS B 132 90.77 -40.07 -64.04
C CYS B 132 91.73 -39.03 -63.49
N ILE B 133 91.20 -37.82 -63.42
CA ILE B 133 91.93 -36.68 -62.90
C ILE B 133 91.47 -36.30 -61.48
N ASN B 134 92.27 -35.75 -60.57
CA ASN B 134 91.80 -35.40 -59.21
C ASN B 134 91.44 -33.92 -58.96
N TYR B 135 90.19 -33.51 -59.24
CA TYR B 135 89.68 -32.12 -59.12
C TYR B 135 90.29 -31.11 -58.14
N GLU B 136 90.28 -31.52 -56.88
CA GLU B 136 90.75 -30.73 -55.75
C GLU B 136 92.19 -30.23 -55.89
N ALA B 137 93.03 -31.05 -56.50
CA ALA B 137 94.42 -30.66 -56.74
C ALA B 137 94.54 -29.69 -57.91
N PHE B 138 93.69 -29.79 -58.94
CA PHE B 138 93.77 -28.86 -60.08
C PHE B 138 93.41 -27.46 -59.72
N VAL B 139 92.30 -27.22 -59.02
CA VAL B 139 91.96 -25.86 -58.60
C VAL B 139 93.11 -25.26 -57.80
N LYS B 140 93.76 -26.01 -56.90
CA LYS B 140 94.97 -25.52 -56.23
C LYS B 140 96.12 -25.22 -57.20
N HIS B 141 96.53 -26.10 -58.13
CA HIS B 141 97.58 -25.80 -59.13
C HIS B 141 97.29 -24.75 -60.19
N ILE B 142 95.99 -24.56 -60.45
CA ILE B 142 95.47 -23.54 -61.35
C ILE B 142 95.57 -22.23 -60.56
N MET B 143 94.92 -22.09 -59.41
CA MET B 143 95.00 -20.88 -58.60
C MET B 143 96.39 -20.53 -58.03
N SER B 144 97.33 -21.48 -58.05
CA SER B 144 98.71 -21.31 -57.58
C SER B 144 99.73 -20.42 -58.31
N VAL B 145 99.31 -19.52 -59.21
CA VAL B 145 100.29 -18.62 -59.80
C VAL B 145 100.43 -17.34 -58.97
N ASP C 1 43.44 -56.10 -97.84
CA ASP C 1 42.89 -56.47 -99.14
C ASP C 1 42.91 -57.96 -99.30
N ALA C 2 44.14 -58.50 -99.26
CA ALA C 2 44.34 -59.92 -99.36
C ALA C 2 43.56 -60.57 -98.24
N GLU C 3 43.82 -60.05 -97.04
CA GLU C 3 43.17 -60.52 -95.82
C GLU C 3 41.67 -60.51 -95.96
N MET C 4 41.14 -59.30 -96.11
CA MET C 4 39.73 -59.10 -96.27
C MET C 4 39.18 -59.89 -97.43
N ALA C 5 38.27 -60.75 -97.08
CA ALA C 5 37.59 -61.59 -97.99
C ALA C 5 36.38 -62.05 -97.25
N ALA C 6 36.68 -62.53 -96.01
CA ALA C 6 35.70 -63.02 -95.07
C ALA C 6 34.51 -62.06 -95.07
N PHE C 7 34.85 -60.77 -94.91
CA PHE C 7 33.86 -59.73 -94.91
C PHE C 7 33.48 -59.43 -96.32
N GLY C 8 34.53 -59.12 -97.06
CA GLY C 8 34.41 -58.80 -98.44
C GLY C 8 33.41 -57.66 -98.59
N GLU C 9 32.13 -58.03 -98.67
CA GLU C 9 31.08 -57.05 -98.84
C GLU C 9 31.02 -56.01 -97.74
N ALA C 10 31.39 -56.40 -96.52
CA ALA C 10 31.34 -55.50 -95.39
C ALA C 10 32.56 -54.61 -95.31
N ALA C 11 33.65 -55.18 -95.82
CA ALA C 11 34.99 -54.60 -95.84
C ALA C 11 35.03 -53.09 -95.91
N PRO C 12 34.38 -52.55 -96.91
CA PRO C 12 34.39 -51.11 -97.09
C PRO C 12 33.95 -50.31 -95.88
N TYR C 13 33.16 -50.96 -95.00
CA TYR C 13 32.61 -50.32 -93.81
C TYR C 13 33.38 -50.62 -92.55
N LEU C 14 34.35 -51.51 -92.71
CA LEU C 14 35.26 -51.96 -91.66
C LEU C 14 36.64 -51.40 -91.83
N ARG C 15 37.14 -51.57 -93.05
CA ARG C 15 38.44 -51.10 -93.47
C ARG C 15 38.42 -50.49 -94.83
N LYS C 16 39.47 -49.73 -95.17
CA LYS C 16 39.58 -49.09 -96.47
C LYS C 16 40.60 -49.75 -97.39
N SER C 17 40.44 -49.56 -98.70
CA SER C 17 41.37 -50.18 -99.63
C SER C 17 42.78 -49.76 -99.32
N GLU C 18 43.67 -50.69 -99.46
CA GLU C 18 45.10 -50.49 -99.21
C GLU C 18 45.76 -49.34 -99.92
N LYS C 19 45.04 -48.53 -100.65
CA LYS C 19 45.73 -47.43 -101.26
C LYS C 19 45.03 -46.19 -100.81
N GLU C 20 43.74 -46.43 -100.46
CA GLU C 20 42.91 -45.36 -99.95
C GLU C 20 43.60 -44.92 -98.68
N ARG C 21 44.18 -45.96 -98.07
CA ARG C 21 44.93 -45.79 -96.87
C ARG C 21 46.17 -45.02 -97.26
N ILE C 22 46.96 -45.73 -98.06
CA ILE C 22 48.21 -45.25 -98.59
C ILE C 22 48.17 -43.85 -99.17
N GLU C 23 47.10 -43.55 -99.87
CA GLU C 23 46.92 -42.26 -100.45
C GLU C 23 46.61 -41.22 -99.41
N ALA C 24 46.27 -41.69 -98.23
CA ALA C 24 45.91 -40.81 -97.14
C ALA C 24 47.02 -40.57 -96.13
N GLN C 25 47.76 -41.63 -95.83
CA GLN C 25 48.84 -41.52 -94.86
C GLN C 25 50.08 -40.87 -95.47
N ASN C 26 50.25 -41.12 -96.77
CA ASN C 26 51.39 -40.64 -97.51
C ASN C 26 50.98 -39.45 -98.34
N LYS C 27 50.94 -38.31 -97.67
CA LYS C 27 50.58 -37.07 -98.28
C LYS C 27 51.31 -35.94 -97.60
N PRO C 28 51.33 -34.77 -98.23
CA PRO C 28 52.04 -33.64 -97.68
C PRO C 28 51.45 -33.16 -96.37
N PHE C 29 52.34 -32.84 -95.42
CA PHE C 29 51.95 -32.32 -94.13
C PHE C 29 52.89 -31.25 -93.54
N ASP C 30 52.33 -30.14 -93.09
CA ASP C 30 53.14 -29.10 -92.43
C ASP C 30 52.77 -28.92 -90.97
N ALA C 31 53.42 -29.70 -90.14
CA ALA C 31 53.17 -29.66 -88.72
C ALA C 31 53.10 -28.27 -88.06
N LYS C 32 54.20 -27.57 -88.14
CA LYS C 32 54.32 -26.28 -87.52
C LYS C 32 53.22 -25.31 -87.86
N SER C 33 52.48 -25.58 -88.92
CA SER C 33 51.45 -24.62 -89.30
C SER C 33 50.06 -25.15 -89.19
N SER C 34 49.90 -26.46 -89.55
CA SER C 34 48.59 -27.09 -89.47
C SER C 34 48.10 -27.27 -88.02
N VAL C 35 46.84 -26.90 -87.76
CA VAL C 35 46.32 -26.96 -86.42
C VAL C 35 44.81 -27.04 -86.34
N PHE C 36 44.32 -27.37 -85.12
CA PHE C 36 42.89 -27.42 -84.78
C PHE C 36 42.63 -26.19 -83.94
N VAL C 37 41.43 -25.64 -83.98
CA VAL C 37 41.20 -24.44 -83.16
C VAL C 37 39.76 -24.28 -82.68
N VAL C 38 39.64 -23.47 -81.63
CA VAL C 38 38.39 -23.16 -80.99
C VAL C 38 37.53 -22.45 -81.98
N HIS C 39 36.21 -22.47 -81.73
CA HIS C 39 35.36 -21.77 -82.66
C HIS C 39 33.99 -21.51 -82.09
N PRO C 40 33.69 -20.24 -81.94
CA PRO C 40 32.45 -19.79 -81.39
C PRO C 40 31.19 -20.48 -81.89
N LYS C 41 31.03 -20.63 -83.21
CA LYS C 41 29.85 -21.28 -83.73
C LYS C 41 30.04 -22.79 -83.80
N GLU C 42 30.98 -23.24 -84.62
CA GLU C 42 31.29 -24.64 -84.67
C GLU C 42 32.32 -24.89 -83.60
N SER C 43 32.18 -25.98 -82.87
CA SER C 43 33.04 -26.30 -81.74
C SER C 43 34.54 -26.09 -81.90
N PHE C 44 35.07 -26.81 -82.85
CA PHE C 44 36.50 -26.81 -83.18
C PHE C 44 36.58 -27.04 -84.66
N VAL C 45 37.19 -26.15 -85.37
CA VAL C 45 37.33 -26.42 -86.78
C VAL C 45 38.80 -26.39 -87.04
N LYS C 46 39.25 -26.87 -88.22
CA LYS C 46 40.66 -26.86 -88.54
C LYS C 46 41.12 -25.65 -89.31
N GLY C 47 42.43 -25.39 -89.21
CA GLY C 47 42.99 -24.28 -89.90
C GLY C 47 44.48 -24.32 -89.94
N THR C 48 45.01 -23.29 -90.60
CA THR C 48 46.41 -23.10 -90.77
C THR C 48 46.83 -21.85 -90.00
N ILE C 49 47.91 -21.98 -89.27
CA ILE C 49 48.41 -20.84 -88.54
C ILE C 49 49.03 -19.83 -89.50
N GLN C 50 48.59 -18.59 -89.35
CA GLN C 50 49.08 -17.52 -90.17
C GLN C 50 50.18 -16.77 -89.45
N SER C 51 49.81 -16.14 -88.36
CA SER C 51 50.81 -15.38 -87.65
C SER C 51 50.90 -15.81 -86.22
N LYS C 52 51.57 -15.00 -85.41
CA LYS C 52 51.73 -15.28 -84.00
C LYS C 52 51.83 -13.98 -83.20
N GLU C 53 50.78 -13.68 -82.44
CA GLU C 53 50.70 -12.46 -81.63
C GLU C 53 51.40 -12.50 -80.25
N GLY C 54 52.38 -13.40 -80.13
CA GLY C 54 53.18 -13.58 -78.92
C GLY C 54 52.51 -14.40 -77.82
N GLY C 55 51.19 -14.63 -77.99
CA GLY C 55 50.37 -15.36 -77.04
C GLY C 55 48.93 -15.27 -77.46
N LYS C 56 48.81 -15.03 -78.75
CA LYS C 56 47.58 -14.93 -79.49
C LYS C 56 47.87 -15.61 -80.79
N VAL C 57 46.83 -16.06 -81.44
CA VAL C 57 47.09 -16.71 -82.68
C VAL C 57 46.06 -16.38 -83.70
N THR C 58 46.53 -16.13 -84.91
CA THR C 58 45.63 -15.85 -86.01
C THR C 58 45.64 -17.03 -86.92
N VAL C 59 44.45 -17.54 -87.23
CA VAL C 59 44.41 -18.68 -88.10
C VAL C 59 43.40 -18.61 -89.21
N LYS C 60 43.77 -19.24 -90.31
CA LYS C 60 42.88 -19.33 -91.43
C LYS C 60 42.00 -20.50 -91.14
N THR C 61 41.02 -20.68 -91.94
CA THR C 61 40.09 -21.75 -91.68
C THR C 61 40.00 -22.62 -92.87
N GLU C 62 39.21 -23.62 -92.67
CA GLU C 62 38.84 -24.56 -93.68
C GLU C 62 37.39 -24.25 -93.91
N GLY C 63 37.22 -23.32 -94.81
CA GLY C 63 35.94 -22.78 -95.22
C GLY C 63 36.21 -21.35 -95.53
N GLY C 64 37.31 -20.88 -94.89
CA GLY C 64 37.82 -19.55 -95.13
C GLY C 64 37.30 -18.65 -94.07
N GLU C 65 38.15 -18.45 -93.07
CA GLU C 65 37.80 -17.60 -91.94
C GLU C 65 39.08 -17.31 -91.23
N THR C 66 39.11 -16.14 -90.62
CA THR C 66 40.30 -15.78 -89.92
C THR C 66 39.92 -15.33 -88.52
N LEU C 67 40.56 -15.96 -87.51
CA LEU C 67 40.30 -15.68 -86.12
C LEU C 67 41.57 -15.55 -85.31
N THR C 68 41.60 -14.62 -84.37
CA THR C 68 42.80 -14.51 -83.55
C THR C 68 42.40 -14.99 -82.19
N VAL C 69 42.86 -16.18 -81.91
CA VAL C 69 42.50 -16.82 -80.68
C VAL C 69 43.72 -17.14 -79.81
N LYS C 70 43.51 -17.19 -78.48
CA LYS C 70 44.54 -17.47 -77.47
C LYS C 70 45.53 -18.53 -77.91
N GLU C 71 46.56 -18.71 -77.10
CA GLU C 71 47.55 -19.72 -77.41
C GLU C 71 46.98 -21.10 -77.14
N ASP C 72 46.16 -21.17 -76.08
CA ASP C 72 45.53 -22.44 -75.79
C ASP C 72 44.12 -22.64 -76.28
N GLN C 73 43.88 -22.07 -77.43
CA GLN C 73 42.61 -22.18 -78.07
C GLN C 73 42.96 -22.88 -79.37
N VAL C 74 44.28 -23.12 -79.41
CA VAL C 74 45.02 -23.72 -80.50
C VAL C 74 45.59 -25.09 -80.11
N PHE C 75 45.29 -26.07 -80.94
CA PHE C 75 45.71 -27.44 -80.76
C PHE C 75 46.27 -28.07 -82.02
N SER C 76 47.40 -28.73 -81.83
CA SER C 76 48.12 -29.42 -82.88
C SER C 76 47.23 -30.35 -83.66
N MET C 77 47.77 -30.87 -84.75
CA MET C 77 47.06 -31.76 -85.64
C MET C 77 47.93 -32.95 -86.03
N ASN C 78 47.41 -34.13 -85.86
CA ASN C 78 48.15 -35.30 -86.13
C ASN C 78 48.59 -35.46 -87.56
N PRO C 79 49.82 -36.00 -87.72
CA PRO C 79 50.35 -36.25 -89.04
C PRO C 79 49.34 -37.16 -89.69
N PRO C 80 49.38 -37.12 -90.97
CA PRO C 80 48.46 -37.86 -91.78
C PRO C 80 48.51 -39.36 -91.50
N LYS C 81 49.62 -39.77 -90.91
CA LYS C 81 49.78 -41.19 -90.62
C LYS C 81 48.62 -41.70 -89.78
N TYR C 82 48.02 -40.78 -89.06
CA TYR C 82 46.87 -41.08 -88.21
C TYR C 82 45.63 -40.52 -88.83
N ASP C 83 45.14 -41.17 -89.87
CA ASP C 83 44.01 -40.62 -90.54
C ASP C 83 42.70 -41.04 -89.92
N LYS C 84 42.44 -42.36 -90.07
CA LYS C 84 41.23 -42.94 -89.55
C LYS C 84 41.55 -44.14 -88.72
N ILE C 85 42.41 -43.84 -87.76
CA ILE C 85 42.96 -44.71 -86.79
C ILE C 85 41.91 -45.52 -86.08
N GLU C 86 42.14 -46.81 -86.10
CA GLU C 86 41.31 -47.75 -85.43
C GLU C 86 41.20 -47.48 -83.96
N ASP C 87 42.34 -47.04 -83.39
CA ASP C 87 42.48 -46.77 -81.97
C ASP C 87 43.03 -45.41 -81.76
N MET C 88 42.16 -44.45 -81.55
CA MET C 88 42.58 -43.11 -81.36
C MET C 88 43.60 -42.94 -80.32
N ALA C 89 43.64 -43.88 -79.43
CA ALA C 89 44.62 -43.82 -78.33
C ALA C 89 46.01 -44.16 -78.77
N MET C 90 46.18 -44.26 -80.08
CA MET C 90 47.49 -44.55 -80.58
C MET C 90 48.06 -43.29 -81.17
N MET C 91 47.16 -42.33 -81.34
CA MET C 91 47.51 -41.03 -81.77
C MET C 91 48.53 -40.46 -80.87
N THR C 92 49.37 -39.55 -81.40
CA THR C 92 50.42 -38.92 -80.61
C THR C 92 49.93 -37.60 -80.18
N HIS C 93 48.65 -37.37 -80.49
CA HIS C 93 48.02 -36.14 -80.13
C HIS C 93 46.64 -36.34 -79.52
N LEU C 94 46.69 -36.43 -78.19
CA LEU C 94 45.59 -36.66 -77.32
C LEU C 94 44.98 -35.34 -76.88
N HIS C 95 44.06 -34.90 -77.71
CA HIS C 95 43.36 -33.67 -77.56
C HIS C 95 41.93 -33.96 -77.48
N GLU C 96 41.22 -32.87 -77.41
CA GLU C 96 39.79 -32.96 -77.48
C GLU C 96 39.38 -33.00 -78.95
N PRO C 97 39.88 -32.06 -79.76
CA PRO C 97 39.55 -32.01 -81.15
C PRO C 97 39.92 -33.22 -81.98
N ALA C 98 41.14 -33.66 -81.84
CA ALA C 98 41.57 -34.81 -82.59
C ALA C 98 40.71 -36.02 -82.41
N VAL C 99 40.03 -36.09 -81.28
CA VAL C 99 39.19 -37.24 -81.06
C VAL C 99 37.88 -37.08 -81.77
N LEU C 100 37.39 -35.90 -81.69
CA LEU C 100 36.13 -35.60 -82.34
C LEU C 100 36.34 -35.85 -83.81
N TYR C 101 37.40 -35.24 -84.31
CA TYR C 101 37.74 -35.31 -85.71
C TYR C 101 37.98 -36.66 -86.27
N ASN C 102 38.53 -37.60 -85.49
CA ASN C 102 38.79 -38.94 -85.99
C ASN C 102 37.54 -39.71 -86.16
N LEU C 103 36.66 -39.51 -85.22
CA LEU C 103 35.42 -40.25 -85.22
C LEU C 103 34.70 -39.86 -86.46
N LYS C 104 34.52 -38.53 -86.53
CA LYS C 104 33.86 -37.85 -87.65
C LYS C 104 34.36 -38.28 -89.00
N GLU C 105 35.67 -38.30 -89.20
CA GLU C 105 36.16 -38.67 -90.51
C GLU C 105 35.81 -40.08 -90.93
N ARG C 106 35.92 -41.04 -90.00
CA ARG C 106 35.66 -42.41 -90.36
C ARG C 106 34.24 -42.78 -90.40
N TYR C 107 33.43 -41.77 -90.23
CA TYR C 107 31.99 -41.92 -90.21
C TYR C 107 31.47 -41.45 -91.53
N ALA C 108 32.06 -40.34 -91.97
CA ALA C 108 31.75 -39.77 -93.28
C ALA C 108 32.17 -40.76 -94.36
N ALA C 109 32.90 -41.79 -93.89
CA ALA C 109 33.38 -42.85 -94.73
C ALA C 109 32.64 -44.10 -94.39
N TRP C 110 31.65 -43.90 -93.57
CA TRP C 110 30.81 -44.99 -93.14
C TRP C 110 31.49 -46.03 -92.33
N MET C 111 32.42 -45.62 -91.45
CA MET C 111 32.91 -46.58 -90.50
C MET C 111 32.37 -46.21 -89.10
N ILE C 112 31.48 -47.06 -88.61
CA ILE C 112 30.84 -46.82 -87.33
C ILE C 112 31.62 -47.30 -86.12
N TYR C 113 32.57 -48.18 -86.31
CA TYR C 113 33.33 -48.67 -85.20
C TYR C 113 34.73 -48.25 -85.18
N THR C 114 34.98 -47.39 -84.23
CA THR C 114 36.33 -46.92 -83.99
C THR C 114 36.68 -47.11 -82.51
N TYR C 115 37.86 -47.63 -82.13
CA TYR C 115 38.23 -47.82 -80.70
C TYR C 115 38.91 -46.59 -80.15
N SER C 116 38.75 -46.36 -78.83
CA SER C 116 39.36 -45.21 -78.14
C SER C 116 39.98 -45.65 -76.86
N GLY C 117 40.85 -46.61 -76.96
CA GLY C 117 41.48 -47.15 -75.82
C GLY C 117 40.93 -48.50 -75.64
N LEU C 118 40.11 -48.64 -74.65
CA LEU C 118 39.54 -49.95 -74.38
C LEU C 118 38.16 -49.97 -74.95
N PHE C 119 37.67 -48.76 -75.07
CA PHE C 119 36.34 -48.60 -75.58
C PHE C 119 36.17 -49.03 -76.97
N CYS C 120 34.95 -49.18 -77.31
CA CYS C 120 34.54 -49.52 -78.63
C CYS C 120 33.48 -48.55 -78.99
N VAL C 121 33.92 -47.41 -79.51
CA VAL C 121 32.98 -46.45 -79.89
C VAL C 121 32.10 -46.96 -81.00
N THR C 122 30.83 -46.57 -81.00
CA THR C 122 29.84 -46.97 -82.02
C THR C 122 28.93 -45.81 -82.37
N VAL C 123 28.87 -45.50 -83.63
CA VAL C 123 28.04 -44.40 -84.08
C VAL C 123 26.84 -44.87 -84.88
N ASN C 124 25.65 -44.31 -84.54
CA ASN C 124 24.41 -44.66 -85.23
C ASN C 124 24.44 -44.43 -86.73
N PRO C 125 24.36 -45.49 -87.53
CA PRO C 125 24.44 -45.30 -88.97
C PRO C 125 23.29 -44.49 -89.53
N TYR C 126 22.13 -44.83 -89.09
CA TYR C 126 20.88 -44.19 -89.50
C TYR C 126 20.46 -44.64 -90.85
N LYS C 127 21.02 -45.76 -91.17
CA LYS C 127 20.78 -46.44 -92.40
C LYS C 127 21.26 -47.89 -92.26
N TRP C 128 21.14 -48.71 -93.30
CA TRP C 128 21.51 -50.13 -93.22
C TRP C 128 22.92 -50.44 -93.65
N LEU C 129 23.49 -51.47 -93.00
CA LEU C 129 24.86 -51.87 -93.30
C LEU C 129 25.04 -53.40 -93.24
N PRO C 130 25.90 -53.88 -94.13
CA PRO C 130 26.22 -55.31 -94.20
C PRO C 130 27.08 -55.74 -93.07
N VAL C 131 27.13 -54.97 -91.99
CA VAL C 131 28.03 -55.30 -90.89
C VAL C 131 27.59 -56.43 -89.99
N TYR C 132 26.30 -56.58 -89.86
CA TYR C 132 25.80 -57.55 -88.94
C TYR C 132 25.72 -58.85 -89.65
N ASN C 133 26.31 -58.76 -90.84
CA ASN C 133 26.45 -59.82 -91.82
C ASN C 133 27.04 -61.07 -91.31
N PRO C 134 26.24 -62.05 -91.61
CA PRO C 134 26.42 -63.42 -91.27
C PRO C 134 27.76 -63.92 -91.75
N LYS C 135 28.50 -63.10 -92.45
CA LYS C 135 29.81 -63.59 -92.86
C LYS C 135 30.79 -63.08 -91.89
N VAL C 136 30.47 -61.89 -91.42
CA VAL C 136 31.33 -61.20 -90.50
C VAL C 136 31.51 -61.95 -89.21
N VAL C 137 30.34 -62.37 -88.72
CA VAL C 137 30.21 -63.14 -87.52
C VAL C 137 31.33 -64.18 -87.39
N LEU C 138 31.58 -64.90 -88.49
CA LEU C 138 32.62 -65.93 -88.54
C LEU C 138 33.97 -65.31 -88.53
N ALA C 139 34.06 -64.29 -89.38
CA ALA C 139 35.30 -63.59 -89.57
C ALA C 139 35.94 -63.16 -88.27
N TYR C 140 35.09 -62.63 -87.39
CA TYR C 140 35.52 -62.13 -86.13
C TYR C 140 35.74 -63.22 -85.10
N ARG C 141 35.49 -64.41 -85.55
CA ARG C 141 35.58 -65.60 -84.75
C ARG C 141 36.98 -66.15 -84.61
N GLY C 142 37.54 -66.02 -83.39
CA GLY C 142 38.87 -66.49 -83.00
C GLY C 142 40.00 -65.46 -83.23
N LYS C 143 39.63 -64.21 -83.43
CA LYS C 143 40.53 -63.10 -83.72
C LYS C 143 40.79 -62.05 -82.66
N LYS C 144 42.06 -61.86 -82.27
CA LYS C 144 42.34 -60.75 -81.35
C LYS C 144 42.01 -59.44 -82.05
N ARG C 145 41.75 -58.37 -81.28
CA ARG C 145 41.36 -57.13 -81.92
C ARG C 145 42.42 -56.46 -82.72
N GLN C 146 43.56 -57.13 -82.83
CA GLN C 146 44.65 -56.55 -83.58
C GLN C 146 44.77 -57.24 -84.93
N GLU C 147 44.09 -58.38 -85.01
CA GLU C 147 43.99 -59.20 -86.21
C GLU C 147 42.81 -58.81 -87.09
N ALA C 148 41.97 -57.90 -86.60
CA ALA C 148 40.82 -57.41 -87.28
C ALA C 148 40.46 -55.95 -86.93
N PRO C 149 39.74 -55.31 -87.84
CA PRO C 149 39.33 -53.92 -87.69
C PRO C 149 38.29 -53.71 -86.59
N PRO C 150 38.17 -52.48 -86.12
CA PRO C 150 37.22 -52.13 -85.10
C PRO C 150 35.79 -52.52 -85.40
N HIS C 151 35.30 -53.38 -84.47
CA HIS C 151 33.98 -53.93 -84.44
C HIS C 151 33.61 -54.64 -83.13
N ILE C 152 32.35 -54.59 -82.82
CA ILE C 152 31.70 -55.11 -81.66
C ILE C 152 31.80 -56.59 -81.50
N PHE C 153 31.87 -57.29 -82.60
CA PHE C 153 32.01 -58.67 -82.46
C PHE C 153 33.44 -58.87 -81.97
N SER C 154 34.27 -57.85 -82.15
CA SER C 154 35.62 -58.07 -81.70
C SER C 154 35.60 -58.21 -80.25
N ILE C 155 34.88 -57.25 -79.66
CA ILE C 155 34.80 -57.19 -78.22
C ILE C 155 34.17 -58.49 -77.72
N SER C 156 33.05 -58.79 -78.34
CA SER C 156 32.23 -59.91 -78.03
C SER C 156 32.89 -61.24 -78.23
N ASP C 157 33.85 -61.30 -79.06
CA ASP C 157 34.46 -62.61 -79.25
C ASP C 157 35.57 -62.76 -78.28
N ASN C 158 36.27 -61.67 -78.13
CA ASN C 158 37.41 -61.67 -77.27
C ASN C 158 37.01 -62.04 -75.89
N ALA C 159 35.82 -61.58 -75.55
CA ALA C 159 35.27 -61.87 -74.23
C ALA C 159 35.24 -63.35 -74.01
N TYR C 160 34.58 -63.96 -74.96
CA TYR C 160 34.44 -65.40 -75.04
C TYR C 160 35.77 -66.11 -74.93
N GLN C 161 36.67 -65.65 -75.74
CA GLN C 161 38.01 -66.20 -75.80
C GLN C 161 38.52 -66.21 -74.39
N PHE C 162 38.78 -65.01 -73.99
CA PHE C 162 39.25 -64.65 -72.71
C PHE C 162 38.54 -65.43 -71.63
N MET C 163 37.28 -65.68 -71.90
CA MET C 163 36.50 -66.37 -70.95
C MET C 163 37.12 -67.72 -70.76
N LEU C 164 37.24 -68.47 -71.84
CA LEU C 164 37.86 -69.79 -71.73
C LEU C 164 39.37 -69.78 -71.47
N THR C 165 40.09 -68.80 -71.99
CA THR C 165 41.52 -68.74 -71.80
C THR C 165 41.95 -68.49 -70.36
N ASP C 166 41.39 -67.45 -69.75
CA ASP C 166 41.72 -67.04 -68.38
C ASP C 166 40.87 -67.69 -67.26
N ARG C 167 39.76 -68.30 -67.66
CA ARG C 167 38.87 -68.93 -66.69
C ARG C 167 38.28 -67.91 -65.73
N GLU C 168 37.98 -66.74 -66.28
CA GLU C 168 37.38 -65.65 -65.55
C GLU C 168 36.08 -65.25 -66.18
N ASN C 169 35.22 -64.65 -65.39
CA ASN C 169 33.96 -64.23 -66.00
C ASN C 169 34.18 -62.90 -66.64
N GLN C 170 33.25 -62.60 -67.54
CA GLN C 170 33.38 -61.39 -68.31
C GLN C 170 32.19 -60.47 -68.22
N SER C 171 32.35 -59.28 -68.81
CA SER C 171 31.25 -58.30 -68.88
C SER C 171 31.46 -57.37 -70.03
N ILE C 172 30.37 -56.81 -70.45
CA ILE C 172 30.29 -55.89 -71.51
C ILE C 172 29.40 -54.77 -71.07
N LEU C 173 29.92 -53.57 -71.04
CA LEU C 173 29.13 -52.51 -70.61
C LEU C 173 28.75 -51.59 -71.70
N ILE C 174 27.47 -51.65 -72.11
CA ILE C 174 27.00 -50.81 -73.17
C ILE C 174 26.34 -49.58 -72.58
N THR C 175 26.65 -48.41 -73.07
CA THR C 175 26.11 -47.22 -72.54
C THR C 175 26.09 -46.07 -73.53
N GLY C 176 25.01 -45.24 -73.47
CA GLY C 176 24.86 -44.06 -74.33
C GLY C 176 23.54 -43.35 -74.09
N GLU C 177 23.33 -42.19 -74.72
CA GLU C 177 22.05 -41.50 -74.56
C GLU C 177 20.90 -42.19 -75.30
N SER C 178 19.71 -41.77 -74.95
CA SER C 178 18.45 -42.24 -75.43
C SER C 178 18.46 -42.65 -76.89
N GLY C 179 19.10 -41.86 -77.72
CA GLY C 179 19.05 -42.21 -79.15
C GLY C 179 20.27 -42.91 -79.70
N ALA C 180 21.25 -43.19 -78.85
CA ALA C 180 22.46 -43.82 -79.29
C ALA C 180 22.29 -45.20 -79.91
N GLY C 181 21.21 -45.90 -79.55
CA GLY C 181 20.93 -47.22 -80.11
C GLY C 181 21.67 -48.36 -79.43
N LYS C 182 21.47 -48.49 -78.11
CA LYS C 182 22.16 -49.55 -77.40
C LYS C 182 21.48 -50.90 -77.50
N THR C 183 20.15 -50.94 -77.30
CA THR C 183 19.33 -52.17 -77.34
C THR C 183 19.73 -53.00 -78.52
N VAL C 184 19.81 -52.25 -79.61
CA VAL C 184 20.23 -52.77 -80.90
C VAL C 184 21.53 -53.50 -80.81
N ASN C 185 22.51 -52.87 -80.16
CA ASN C 185 23.78 -53.51 -80.02
C ASN C 185 23.67 -54.67 -79.11
N THR C 186 23.05 -54.42 -77.98
CA THR C 186 22.91 -55.40 -76.94
C THR C 186 22.35 -56.65 -77.50
N LYS C 187 21.26 -56.47 -78.21
CA LYS C 187 20.63 -57.57 -78.84
C LYS C 187 21.59 -58.27 -79.73
N ARG C 188 22.22 -57.44 -80.56
CA ARG C 188 23.18 -57.96 -81.54
C ARG C 188 24.34 -58.69 -80.93
N VAL C 189 24.71 -58.29 -79.74
CA VAL C 189 25.79 -58.97 -79.07
C VAL C 189 25.31 -60.33 -78.65
N ILE C 190 24.12 -60.29 -78.11
CA ILE C 190 23.48 -61.49 -77.61
C ILE C 190 23.36 -62.58 -78.67
N GLN C 191 22.84 -62.20 -79.85
CA GLN C 191 22.74 -63.16 -80.94
C GLN C 191 24.07 -63.82 -81.13
N TYR C 192 25.07 -62.95 -81.14
CA TYR C 192 26.43 -63.38 -81.30
C TYR C 192 26.80 -64.53 -80.38
N PHE C 193 26.52 -64.36 -79.11
CA PHE C 193 26.81 -65.43 -78.18
C PHE C 193 26.09 -66.67 -78.53
N ALA C 194 24.82 -66.51 -78.73
CA ALA C 194 23.95 -67.66 -79.00
C ALA C 194 24.48 -68.43 -80.20
N THR C 195 24.78 -67.72 -81.27
CA THR C 195 25.27 -68.37 -82.48
C THR C 195 26.57 -69.12 -82.27
N ILE C 196 27.64 -68.38 -82.01
CA ILE C 196 28.95 -68.93 -81.82
C ILE C 196 29.13 -69.96 -80.71
N ALA C 197 28.12 -70.32 -79.96
CA ALA C 197 28.36 -71.33 -78.95
C ALA C 197 27.07 -72.00 -78.47
N ALA C 198 26.29 -72.53 -79.43
CA ALA C 198 24.99 -73.15 -79.18
C ALA C 198 24.93 -74.66 -78.92
N SER C 199 24.16 -75.05 -77.90
CA SER C 199 23.95 -76.46 -77.54
C SER C 199 22.48 -76.91 -77.52
N GLY C 200 21.73 -76.49 -78.55
CA GLY C 200 20.33 -76.84 -78.74
C GLY C 200 20.27 -77.88 -79.85
N GLU C 201 20.89 -79.01 -79.54
CA GLU C 201 21.08 -80.14 -80.43
C GLU C 201 19.82 -80.59 -81.14
N LEU C 215 14.65 -70.45 -76.56
CA LEU C 215 15.43 -69.41 -75.91
C LEU C 215 15.28 -68.12 -76.67
N GLU C 216 15.66 -68.28 -77.90
CA GLU C 216 15.65 -67.25 -78.89
C GLU C 216 14.42 -66.39 -78.89
N ASP C 217 13.36 -66.90 -78.36
CA ASP C 217 12.11 -66.13 -78.30
C ASP C 217 11.96 -65.54 -76.94
N GLN C 218 12.18 -66.40 -75.91
CA GLN C 218 12.07 -65.98 -74.53
C GLN C 218 12.94 -64.77 -74.41
N ILE C 219 14.14 -64.98 -74.94
CA ILE C 219 15.19 -64.00 -75.01
C ILE C 219 14.57 -62.72 -75.48
N ILE C 220 13.89 -62.86 -76.57
CA ILE C 220 13.24 -61.73 -77.17
C ILE C 220 12.03 -61.28 -76.38
N SER C 221 11.11 -62.20 -76.20
CA SER C 221 9.85 -61.92 -75.50
C SER C 221 10.06 -61.15 -74.24
N ALA C 222 11.28 -61.26 -73.73
CA ALA C 222 11.62 -60.59 -72.50
C ALA C 222 11.28 -59.14 -72.53
N ASN C 223 11.81 -58.51 -73.53
CA ASN C 223 11.67 -57.06 -73.71
C ASN C 223 10.28 -56.50 -73.48
N PRO C 224 9.37 -56.91 -74.33
CA PRO C 224 7.99 -56.47 -74.30
C PRO C 224 7.25 -56.59 -72.97
N LEU C 225 7.85 -57.27 -72.02
CA LEU C 225 7.22 -57.38 -70.70
C LEU C 225 7.79 -56.24 -69.88
N LEU C 226 9.09 -56.24 -69.78
CA LEU C 226 9.85 -55.24 -69.10
C LEU C 226 9.41 -53.85 -69.52
N GLU C 227 9.19 -53.71 -70.82
CA GLU C 227 8.78 -52.45 -71.47
C GLU C 227 7.41 -51.98 -71.01
N ALA C 228 6.53 -52.93 -70.75
CA ALA C 228 5.22 -52.55 -70.26
C ALA C 228 5.26 -51.99 -68.90
N PHE C 229 6.26 -52.48 -68.14
CA PHE C 229 6.48 -52.09 -66.76
C PHE C 229 7.55 -51.10 -66.49
N GLY C 230 8.62 -51.14 -67.25
CA GLY C 230 9.68 -50.16 -67.08
C GLY C 230 9.79 -49.13 -68.16
N ASN C 231 8.78 -48.97 -69.05
CA ASN C 231 8.80 -47.99 -70.12
C ASN C 231 7.60 -47.10 -70.11
N ALA C 232 7.76 -45.92 -70.64
CA ALA C 232 6.71 -44.96 -70.66
C ALA C 232 6.91 -43.82 -71.64
N LYS C 233 5.88 -43.09 -71.90
CA LYS C 233 5.96 -41.95 -72.74
C LYS C 233 6.60 -40.82 -72.09
N THR C 234 7.77 -40.49 -72.53
CA THR C 234 8.55 -39.37 -72.06
C THR C 234 8.25 -38.25 -73.03
N VAL C 235 8.55 -37.05 -72.64
CA VAL C 235 8.32 -35.90 -73.48
C VAL C 235 9.25 -35.93 -74.70
N ARG C 236 10.30 -36.73 -74.61
CA ARG C 236 11.29 -36.90 -75.67
C ARG C 236 11.00 -38.11 -76.56
N ASN C 237 10.86 -39.25 -75.93
CA ASN C 237 10.54 -40.47 -76.59
C ASN C 237 9.09 -40.86 -76.28
N ASP C 238 8.55 -41.83 -76.99
CA ASP C 238 7.17 -42.27 -76.79
C ASP C 238 7.16 -43.57 -76.06
N ASN C 239 8.34 -44.18 -76.10
CA ASN C 239 8.66 -45.44 -75.45
C ASN C 239 10.01 -45.34 -74.80
N SER C 240 10.19 -44.43 -73.81
CA SER C 240 11.47 -44.26 -73.16
C SER C 240 11.75 -45.30 -72.13
N SER C 241 13.01 -45.72 -72.08
CA SER C 241 13.47 -46.72 -71.12
C SER C 241 13.62 -46.04 -69.75
N ARG C 242 12.81 -46.41 -68.75
CA ARG C 242 12.97 -45.76 -67.48
C ARG C 242 13.79 -46.48 -66.52
N PHE C 243 14.02 -48.73 -69.63
CA PHE C 243 14.59 -49.39 -68.48
C PHE C 243 15.96 -49.93 -68.75
N GLY C 244 16.68 -50.29 -67.68
CA GLY C 244 18.03 -50.82 -67.76
C GLY C 244 18.05 -52.30 -67.64
N LYS C 245 19.16 -52.93 -68.00
CA LYS C 245 19.15 -54.37 -67.88
C LYS C 245 20.46 -55.06 -67.86
N PHE C 246 20.46 -56.23 -67.21
CA PHE C 246 21.61 -57.02 -67.03
C PHE C 246 21.35 -58.48 -67.18
N ILE C 247 21.92 -59.05 -68.22
CA ILE C 247 21.82 -60.45 -68.55
C ILE C 247 23.05 -61.26 -68.25
N ARG C 248 22.85 -62.40 -67.64
CA ARG C 248 24.01 -63.19 -67.37
C ARG C 248 23.99 -64.40 -68.22
N ILE C 249 24.82 -64.44 -69.22
CA ILE C 249 24.83 -65.62 -70.00
C ILE C 249 25.78 -66.57 -69.44
N HIS C 250 25.21 -67.61 -68.91
CA HIS C 250 25.99 -68.58 -68.22
C HIS C 250 26.47 -69.64 -69.15
N PHE C 251 27.75 -69.55 -69.44
CA PHE C 251 28.32 -70.51 -70.32
C PHE C 251 28.67 -71.74 -69.53
N GLY C 252 28.73 -72.88 -70.22
CA GLY C 252 29.05 -74.12 -69.58
C GLY C 252 30.56 -74.30 -69.37
N ALA C 253 30.97 -75.57 -69.14
CA ALA C 253 32.35 -75.95 -68.90
C ALA C 253 33.10 -76.13 -70.19
N THR C 254 32.40 -76.79 -71.08
CA THR C 254 32.89 -77.03 -72.42
C THR C 254 33.14 -75.66 -72.99
N GLY C 255 32.09 -74.87 -73.01
CA GLY C 255 32.13 -73.54 -73.54
C GLY C 255 30.76 -73.29 -74.23
N LYS C 256 29.86 -74.26 -74.11
CA LYS C 256 28.56 -74.16 -74.73
C LYS C 256 27.52 -73.63 -73.74
N LEU C 257 26.59 -72.84 -74.29
CA LEU C 257 25.47 -72.21 -73.56
C LEU C 257 24.85 -73.07 -72.48
N ALA C 258 24.51 -72.47 -71.33
CA ALA C 258 23.89 -73.22 -70.21
C ALA C 258 22.75 -72.48 -69.49
N SER C 259 22.87 -71.16 -69.28
CA SER C 259 21.83 -70.39 -68.63
C SER C 259 21.94 -68.92 -68.91
N ALA C 260 20.85 -68.26 -68.53
CA ALA C 260 20.71 -66.82 -68.66
C ALA C 260 20.06 -66.24 -67.41
N ASP C 261 20.11 -64.93 -67.31
CA ASP C 261 19.64 -64.27 -66.12
C ASP C 261 19.31 -62.81 -66.30
N ILE C 262 18.07 -62.44 -66.37
CA ILE C 262 17.81 -61.02 -66.47
C ILE C 262 17.50 -60.31 -65.22
N GLU C 263 17.81 -59.03 -65.21
CA GLU C 263 17.53 -58.13 -64.13
C GLU C 263 17.23 -56.74 -64.64
N THR C 264 16.17 -56.17 -64.12
CA THR C 264 15.69 -54.91 -64.58
C THR C 264 15.89 -53.82 -63.55
N TYR C 265 16.18 -52.63 -64.04
CA TYR C 265 16.45 -51.48 -63.21
C TYR C 265 15.71 -50.27 -63.73
N LEU C 266 15.20 -49.51 -62.84
CA LEU C 266 14.58 -48.27 -63.13
C LEU C 266 13.67 -48.18 -64.32
N LEU C 267 12.46 -48.61 -64.18
CA LEU C 267 11.51 -48.58 -65.20
C LEU C 267 10.77 -47.26 -65.21
N GLU C 268 12.70 -45.86 -62.45
CA GLU C 268 12.03 -44.62 -62.16
C GLU C 268 10.79 -44.84 -61.35
N LYS C 269 10.97 -45.10 -60.05
CA LYS C 269 9.86 -45.36 -59.12
C LYS C 269 8.82 -44.26 -59.06
N SER C 270 9.28 -43.07 -59.24
CA SER C 270 8.38 -41.94 -59.22
C SER C 270 7.22 -41.95 -60.23
N ARG C 271 7.39 -42.54 -61.42
CA ARG C 271 6.34 -42.54 -62.44
C ARG C 271 5.11 -43.16 -61.85
N VAL C 272 5.32 -44.27 -61.13
CA VAL C 272 4.27 -44.98 -60.50
C VAL C 272 3.30 -44.11 -59.74
N THR C 273 3.75 -42.96 -59.28
CA THR C 273 2.98 -42.07 -58.42
C THR C 273 2.80 -40.70 -59.00
N PHE C 274 3.66 -40.41 -59.93
CA PHE C 274 3.67 -39.13 -60.55
C PHE C 274 3.96 -39.20 -61.98
N GLN C 275 3.80 -38.03 -62.55
CA GLN C 275 3.96 -37.83 -63.95
C GLN C 275 3.88 -36.36 -64.34
N LEU C 276 4.83 -35.99 -65.17
CA LEU C 276 4.83 -34.67 -65.68
C LEU C 276 3.65 -34.55 -66.65
N PRO C 277 3.32 -33.32 -66.94
CA PRO C 277 2.21 -32.92 -67.77
C PRO C 277 2.16 -33.40 -69.18
N ALA C 278 3.32 -33.59 -69.79
CA ALA C 278 3.31 -34.09 -71.15
C ALA C 278 3.66 -35.56 -71.21
N GLU C 279 3.84 -36.13 -70.04
CA GLU C 279 4.25 -37.50 -69.95
C GLU C 279 3.18 -38.41 -69.39
N ARG C 280 3.61 -39.62 -69.21
CA ARG C 280 2.72 -40.57 -68.68
C ARG C 280 3.42 -41.69 -67.98
N SER C 281 2.67 -42.43 -67.23
CA SER C 281 3.25 -43.49 -66.50
C SER C 281 3.51 -44.66 -67.36
N TYR C 282 3.98 -45.74 -66.69
CA TYR C 282 4.30 -46.96 -67.34
C TYR C 282 3.18 -47.37 -68.25
N HIS C 283 3.46 -48.18 -69.24
CA HIS C 283 2.43 -48.50 -70.17
C HIS C 283 1.33 -49.36 -69.63
N ILE C 284 1.79 -50.40 -68.93
CA ILE C 284 0.93 -51.40 -68.39
C ILE C 284 -0.43 -50.92 -67.99
N PHE C 285 -0.42 -49.85 -67.30
CA PHE C 285 -1.64 -49.27 -66.75
C PHE C 285 -2.54 -48.95 -67.82
N TYR C 286 -2.02 -48.25 -68.80
CA TYR C 286 -2.86 -47.86 -69.92
C TYR C 286 -3.16 -49.03 -70.77
N GLN C 287 -2.28 -50.01 -70.75
CA GLN C 287 -2.50 -51.18 -71.53
C GLN C 287 -3.80 -51.79 -71.02
N ILE C 288 -3.76 -52.20 -69.77
CA ILE C 288 -4.83 -52.83 -69.03
C ILE C 288 -6.21 -52.15 -69.09
N MET C 289 -6.23 -50.86 -68.95
CA MET C 289 -7.48 -50.11 -69.00
C MET C 289 -7.97 -49.92 -70.44
N SER C 290 -7.19 -50.44 -71.38
CA SER C 290 -7.53 -50.31 -72.78
C SER C 290 -8.78 -51.06 -73.10
N ASN C 291 -8.98 -52.17 -72.41
CA ASN C 291 -10.12 -53.04 -72.52
C ASN C 291 -10.03 -54.13 -73.57
N LYS C 292 -8.91 -54.66 -73.82
CA LYS C 292 -8.89 -55.71 -74.82
C LYS C 292 -9.24 -57.09 -74.25
N LYS C 293 -9.11 -57.14 -72.96
CA LYS C 293 -9.34 -58.29 -72.09
C LYS C 293 -10.23 -57.81 -70.96
N PRO C 294 -11.52 -57.56 -71.28
CA PRO C 294 -12.45 -56.99 -70.30
C PRO C 294 -12.50 -57.63 -68.91
N GLU C 295 -12.26 -58.95 -68.79
CA GLU C 295 -12.24 -59.63 -67.52
C GLU C 295 -11.38 -58.96 -66.54
N LEU C 296 -10.24 -58.60 -67.06
CA LEU C 296 -9.18 -57.89 -66.31
C LEU C 296 -9.71 -56.71 -65.54
N ILE C 297 -10.52 -55.89 -66.22
CA ILE C 297 -11.12 -54.72 -65.63
C ILE C 297 -11.98 -55.00 -64.38
N ASP C 298 -12.74 -56.10 -64.47
CA ASP C 298 -13.62 -56.53 -63.44
C ASP C 298 -12.85 -57.33 -62.42
N MET C 299 -11.85 -57.98 -62.92
CA MET C 299 -11.01 -58.79 -62.09
C MET C 299 -10.23 -57.91 -61.10
N LEU C 300 -9.75 -56.79 -61.62
CA LEU C 300 -8.96 -55.84 -60.85
C LEU C 300 -9.83 -54.87 -60.11
N LEU C 301 -11.06 -54.77 -60.55
CA LEU C 301 -11.99 -53.89 -59.93
C LEU C 301 -11.75 -52.47 -60.24
N ILE C 302 -11.53 -52.20 -61.52
CA ILE C 302 -11.29 -50.84 -61.90
C ILE C 302 -12.21 -50.47 -63.02
N THR C 303 -12.01 -49.26 -63.44
CA THR C 303 -12.71 -48.80 -64.58
C THR C 303 -11.79 -48.73 -65.76
N THR C 304 -12.26 -48.15 -66.85
CA THR C 304 -11.52 -48.02 -68.11
C THR C 304 -11.04 -46.57 -68.33
N ASN C 305 -11.53 -45.65 -67.50
CA ASN C 305 -11.25 -44.25 -67.44
C ASN C 305 -10.21 -43.96 -66.39
N PRO C 306 -9.02 -43.57 -66.82
CA PRO C 306 -7.85 -43.35 -66.01
C PRO C 306 -7.95 -42.22 -65.10
N TYR C 307 -8.88 -41.38 -65.39
CA TYR C 307 -9.00 -40.26 -64.50
C TYR C 307 -9.59 -40.65 -63.17
N ASP C 308 -9.69 -41.98 -62.93
CA ASP C 308 -10.21 -42.55 -61.69
C ASP C 308 -9.05 -43.00 -60.82
N TYR C 309 -7.86 -42.86 -61.39
CA TYR C 309 -6.67 -43.24 -60.78
C TYR C 309 -5.64 -42.20 -60.93
N HIS C 310 -5.76 -41.27 -59.99
CA HIS C 310 -4.86 -40.14 -59.82
C HIS C 310 -3.36 -40.42 -60.10
N TYR C 311 -2.84 -41.48 -59.55
CA TYR C 311 -1.50 -41.92 -59.67
C TYR C 311 -1.08 -42.00 -61.11
N VAL C 312 -1.99 -42.40 -61.99
CA VAL C 312 -1.71 -42.60 -63.41
C VAL C 312 -2.33 -41.67 -64.45
N SER C 313 -2.93 -40.58 -64.04
CA SER C 313 -3.43 -39.69 -65.04
C SER C 313 -3.10 -38.29 -64.68
N GLN C 314 -1.92 -38.08 -64.17
CA GLN C 314 -1.55 -36.74 -63.78
C GLN C 314 -1.02 -36.05 -65.01
N GLY C 315 -0.55 -36.86 -65.93
CA GLY C 315 -0.01 -36.31 -67.13
C GLY C 315 -0.94 -36.60 -68.25
N GLU C 316 -0.52 -37.48 -69.16
CA GLU C 316 -1.31 -37.82 -70.30
C GLU C 316 -1.73 -39.26 -70.18
N ILE C 317 -2.77 -39.62 -70.93
CA ILE C 317 -3.33 -40.96 -70.90
C ILE C 317 -3.18 -41.70 -72.22
N THR C 318 -3.30 -40.93 -73.29
CA THR C 318 -3.19 -41.57 -74.59
C THR C 318 -2.12 -40.98 -75.48
N VAL C 319 -1.50 -41.89 -76.23
CA VAL C 319 -0.45 -41.59 -77.20
C VAL C 319 -0.81 -42.25 -78.51
N PRO C 320 -0.94 -41.39 -79.54
CA PRO C 320 -1.35 -41.77 -80.88
C PRO C 320 -0.52 -42.85 -81.54
N SER C 321 0.81 -42.78 -81.35
CA SER C 321 1.71 -43.75 -81.92
C SER C 321 1.70 -45.11 -81.25
N ILE C 322 0.95 -45.25 -80.15
CA ILE C 322 0.86 -46.50 -79.38
C ILE C 322 -0.53 -47.07 -79.35
N ASP C 323 -0.63 -48.39 -79.53
CA ASP C 323 -1.90 -49.12 -79.53
C ASP C 323 -1.95 -50.01 -78.31
N ASP C 324 -2.38 -49.42 -77.20
CA ASP C 324 -2.44 -50.06 -75.91
C ASP C 324 -3.10 -51.44 -75.96
N GLN C 325 -4.04 -51.57 -76.85
CA GLN C 325 -4.78 -52.80 -77.01
C GLN C 325 -3.95 -53.93 -77.52
N GLU C 326 -3.08 -53.63 -78.48
CA GLU C 326 -2.19 -54.62 -79.13
C GLU C 326 -1.10 -55.09 -78.18
N GLU C 327 -0.58 -54.11 -77.50
CA GLU C 327 0.47 -54.34 -76.57
C GLU C 327 0.06 -55.22 -75.44
N LEU C 328 -1.14 -54.95 -74.92
CA LEU C 328 -1.70 -55.73 -73.83
C LEU C 328 -1.55 -57.19 -74.07
N MET C 329 -1.80 -57.56 -75.29
CA MET C 329 -1.63 -58.96 -75.65
C MET C 329 -0.22 -59.33 -75.77
N ALA C 330 0.54 -58.43 -76.39
CA ALA C 330 1.95 -58.69 -76.57
C ALA C 330 2.56 -59.06 -75.24
N THR C 331 2.21 -58.19 -74.34
CA THR C 331 2.61 -58.31 -72.99
C THR C 331 2.16 -59.59 -72.44
N ASP C 332 0.87 -59.77 -72.54
CA ASP C 332 0.20 -60.96 -72.03
C ASP C 332 0.89 -62.24 -72.45
N SER C 333 0.93 -62.38 -73.76
CA SER C 333 1.57 -63.51 -74.43
C SER C 333 3.02 -63.70 -74.02
N ALA C 334 3.74 -62.61 -73.85
CA ALA C 334 5.09 -62.68 -73.45
C ALA C 334 5.23 -63.37 -72.09
N ILE C 335 4.29 -63.02 -71.20
CA ILE C 335 4.34 -63.55 -69.85
C ILE C 335 4.37 -65.05 -69.86
N ASP C 336 3.42 -65.55 -70.60
CA ASP C 336 3.25 -66.96 -70.83
C ASP C 336 4.51 -67.59 -71.35
N ILE C 337 5.01 -67.07 -72.45
CA ILE C 337 6.21 -67.62 -73.05
C ILE C 337 7.32 -67.62 -72.11
N LEU C 338 7.26 -66.58 -71.31
CA LEU C 338 8.25 -66.48 -70.31
C LEU C 338 8.14 -67.54 -69.21
N GLY C 339 7.09 -68.36 -69.30
CA GLY C 339 6.93 -69.48 -68.36
C GLY C 339 6.29 -69.18 -67.02
N PHE C 340 5.72 -67.99 -66.90
CA PHE C 340 5.11 -67.65 -65.64
C PHE C 340 3.88 -68.49 -65.40
N SER C 341 3.64 -68.79 -64.13
CA SER C 341 2.43 -69.47 -63.72
C SER C 341 1.23 -68.57 -63.85
N ALA C 342 0.06 -69.14 -64.15
CA ALA C 342 -1.10 -68.27 -64.38
C ALA C 342 -1.39 -67.41 -63.18
N ASP C 343 -1.28 -68.10 -62.07
CA ASP C 343 -1.39 -67.51 -60.78
C ASP C 343 -0.47 -66.28 -60.70
N GLU C 344 0.84 -66.49 -61.00
CA GLU C 344 1.78 -65.41 -60.96
C GLU C 344 1.33 -64.40 -61.95
N LYS C 345 0.92 -64.93 -63.09
CA LYS C 345 0.45 -64.06 -64.15
C LYS C 345 -0.80 -63.38 -63.71
N THR C 346 -1.34 -63.90 -62.64
CA THR C 346 -2.53 -63.34 -62.05
C THR C 346 -2.09 -62.34 -60.94
N ALA C 347 -1.04 -62.69 -60.20
CA ALA C 347 -0.54 -61.84 -59.19
C ALA C 347 -0.14 -60.51 -59.78
N ILE C 348 0.58 -60.63 -60.83
CA ILE C 348 1.10 -59.48 -61.58
C ILE C 348 -0.01 -58.56 -61.89
N TYR C 349 -1.02 -59.12 -62.47
CA TYR C 349 -2.08 -58.24 -62.83
C TYR C 349 -2.68 -57.70 -61.58
N LYS C 350 -3.29 -58.54 -60.78
CA LYS C 350 -3.95 -58.14 -59.53
C LYS C 350 -3.12 -57.15 -58.72
N LEU C 351 -1.82 -57.39 -58.69
CA LEU C 351 -0.91 -56.55 -57.95
C LEU C 351 -0.74 -55.17 -58.56
N THR C 352 -0.81 -55.10 -59.88
CA THR C 352 -0.65 -53.87 -60.61
C THR C 352 -1.85 -52.98 -60.47
N GLY C 353 -2.97 -53.52 -60.05
CA GLY C 353 -4.20 -52.77 -59.89
C GLY C 353 -4.33 -52.28 -58.49
N ALA C 354 -3.82 -53.09 -57.55
CA ALA C 354 -3.87 -52.68 -56.15
C ALA C 354 -3.25 -51.28 -56.01
N VAL C 355 -2.12 -51.18 -56.64
CA VAL C 355 -1.30 -49.98 -56.70
C VAL C 355 -2.10 -48.81 -57.21
N MET C 356 -2.90 -49.00 -58.17
CA MET C 356 -3.74 -47.92 -58.73
C MET C 356 -4.67 -47.46 -57.67
N HIS C 357 -5.26 -48.45 -57.03
CA HIS C 357 -6.23 -48.28 -55.93
C HIS C 357 -5.66 -47.54 -54.76
N TYR C 358 -4.43 -47.83 -54.44
CA TYR C 358 -3.80 -47.17 -53.33
C TYR C 358 -3.87 -45.67 -53.46
N GLY C 359 -3.55 -45.22 -54.62
CA GLY C 359 -3.55 -43.81 -54.90
C GLY C 359 -4.91 -43.23 -54.76
N ASN C 360 -5.89 -44.11 -54.58
CA ASN C 360 -7.30 -43.69 -54.39
C ASN C 360 -7.68 -43.74 -52.92
N LEU C 361 -6.81 -44.36 -52.16
CA LEU C 361 -7.02 -44.46 -50.76
C LEU C 361 -7.02 -43.06 -50.18
N LYS C 362 -8.09 -42.76 -49.46
CA LYS C 362 -8.31 -41.46 -48.86
C LYS C 362 -8.46 -41.53 -47.37
N PHE C 363 -8.05 -40.44 -46.75
CA PHE C 363 -8.11 -40.32 -45.30
C PHE C 363 -8.56 -38.96 -44.86
N LYS C 364 -8.96 -38.92 -43.57
CA LYS C 364 -9.42 -37.72 -42.87
C LYS C 364 -8.98 -37.64 -41.40
N GLN C 365 -8.84 -36.43 -40.97
CA GLN C 365 -8.44 -36.07 -39.61
C GLN C 365 -9.49 -36.47 -38.61
N LYS C 366 -9.02 -37.13 -37.61
CA LYS C 366 -9.93 -37.52 -36.55
C LYS C 366 -10.26 -36.21 -35.87
N GLN C 367 -11.48 -36.07 -35.38
CA GLN C 367 -11.93 -34.84 -34.71
C GLN C 367 -11.17 -34.53 -33.42
N ARG C 368 -10.75 -33.26 -33.31
CA ARG C 368 -10.06 -32.78 -32.14
C ARG C 368 -8.71 -33.41 -31.95
N GLU C 369 -8.38 -34.21 -32.92
CA GLU C 369 -7.12 -34.91 -32.93
C GLU C 369 -6.50 -34.59 -34.27
N GLU C 370 -5.20 -34.77 -34.30
CA GLU C 370 -4.43 -34.51 -35.50
C GLU C 370 -4.11 -35.85 -36.14
N GLN C 371 -4.90 -36.85 -35.78
CA GLN C 371 -4.67 -38.14 -36.31
C GLN C 371 -5.44 -38.38 -37.55
N ALA C 372 -4.91 -39.34 -38.28
CA ALA C 372 -5.48 -39.79 -39.49
C ALA C 372 -6.38 -40.94 -39.19
N GLU C 373 -7.54 -40.85 -39.80
CA GLU C 373 -8.53 -41.85 -39.70
C GLU C 373 -9.05 -42.09 -41.13
N PRO C 374 -9.28 -43.35 -41.46
CA PRO C 374 -9.75 -43.73 -42.76
C PRO C 374 -11.00 -42.99 -43.18
N ASP C 375 -11.03 -42.56 -44.43
CA ASP C 375 -12.16 -41.85 -44.95
C ASP C 375 -13.07 -42.79 -45.71
N GLY C 376 -13.10 -44.08 -45.33
CA GLY C 376 -13.97 -45.02 -46.04
C GLY C 376 -13.27 -46.33 -46.27
N THR C 377 -14.09 -47.39 -46.38
CA THR C 377 -13.60 -48.73 -46.68
C THR C 377 -14.28 -49.23 -47.92
N GLU C 378 -14.04 -48.51 -48.97
CA GLU C 378 -14.57 -48.78 -50.28
C GLU C 378 -13.43 -49.35 -51.11
N VAL C 379 -12.35 -48.57 -51.09
CA VAL C 379 -11.18 -48.83 -51.83
C VAL C 379 -10.25 -49.72 -51.12
N ALA C 380 -10.21 -49.56 -49.85
CA ALA C 380 -9.29 -50.35 -49.08
C ALA C 380 -9.64 -51.76 -49.29
N ASP C 381 -10.92 -51.96 -49.39
CA ASP C 381 -11.54 -53.27 -49.51
C ASP C 381 -11.00 -53.98 -50.70
N LYS C 382 -10.94 -53.22 -51.78
CA LYS C 382 -10.45 -53.73 -53.06
C LYS C 382 -8.97 -53.96 -53.00
N ALA C 383 -8.27 -52.98 -52.48
CA ALA C 383 -6.84 -53.11 -52.42
C ALA C 383 -6.55 -54.30 -51.57
N ALA C 384 -7.25 -54.42 -50.49
CA ALA C 384 -7.05 -55.51 -49.55
C ALA C 384 -7.26 -56.87 -50.15
N TYR C 385 -8.32 -57.01 -50.89
CA TYR C 385 -8.69 -58.26 -51.50
C TYR C 385 -7.74 -58.67 -52.61
N LEU C 386 -7.40 -57.70 -53.40
CA LEU C 386 -6.53 -57.87 -54.54
C LEU C 386 -5.17 -58.29 -54.13
N MET C 387 -4.78 -57.91 -52.91
CA MET C 387 -3.46 -58.27 -52.40
C MET C 387 -3.50 -59.49 -51.47
N GLY C 388 -4.69 -59.96 -51.14
CA GLY C 388 -4.83 -61.09 -50.24
C GLY C 388 -4.62 -60.65 -48.80
N LEU C 389 -5.18 -59.49 -48.48
CA LEU C 389 -5.10 -58.82 -47.21
C LEU C 389 -6.49 -58.66 -46.55
N ASN C 390 -6.49 -58.07 -45.37
CA ASN C 390 -7.65 -57.78 -44.63
C ASN C 390 -7.77 -56.25 -44.48
N SER C 391 -8.87 -55.74 -44.99
CA SER C 391 -9.17 -54.30 -45.02
C SER C 391 -8.79 -53.58 -43.76
N ALA C 392 -9.22 -54.12 -42.65
CA ALA C 392 -9.04 -53.49 -41.35
C ALA C 392 -7.63 -53.39 -40.94
N GLU C 393 -7.07 -54.58 -40.78
CA GLU C 393 -5.76 -54.79 -40.32
C GLU C 393 -4.87 -53.87 -41.05
N LEU C 394 -5.23 -53.75 -42.33
CA LEU C 394 -4.49 -52.90 -43.26
C LEU C 394 -4.60 -51.41 -42.89
N LEU C 395 -5.82 -50.93 -42.71
CA LEU C 395 -6.04 -49.54 -42.41
C LEU C 395 -5.51 -49.11 -41.07
N LYS C 396 -5.34 -50.08 -40.18
CA LYS C 396 -4.83 -49.82 -38.86
C LYS C 396 -3.36 -49.51 -38.96
N ALA C 397 -2.67 -50.56 -39.39
CA ALA C 397 -1.24 -50.55 -39.63
C ALA C 397 -0.84 -49.26 -40.29
N LEU C 398 -1.63 -48.88 -41.27
CA LEU C 398 -1.41 -47.66 -42.00
C LEU C 398 -1.55 -46.42 -41.15
N CYS C 399 -2.64 -46.37 -40.34
CA CYS C 399 -2.98 -45.25 -39.49
C CYS C 399 -2.25 -45.24 -38.14
N TYR C 400 -2.11 -46.40 -37.54
CA TYR C 400 -1.47 -46.59 -36.27
C TYR C 400 -0.31 -47.53 -36.38
N PRO C 401 0.64 -47.09 -37.14
CA PRO C 401 1.88 -47.81 -37.36
C PRO C 401 2.44 -48.26 -36.05
N ARG C 402 2.56 -49.56 -35.86
CA ARG C 402 3.14 -50.10 -34.63
C ARG C 402 4.60 -50.46 -34.81
N VAL C 403 5.38 -49.54 -34.31
CA VAL C 403 6.83 -49.46 -34.32
C VAL C 403 7.48 -50.28 -33.18
N LYS C 404 8.81 -50.25 -33.12
CA LYS C 404 9.61 -50.97 -32.12
C LYS C 404 10.89 -50.25 -31.63
N VAL C 405 10.71 -49.07 -30.96
CA VAL C 405 11.76 -48.19 -30.37
C VAL C 405 12.16 -48.62 -28.96
N GLY C 406 13.40 -49.03 -28.84
CA GLY C 406 13.94 -49.53 -27.60
C GLY C 406 14.11 -51.02 -27.80
N ASN C 407 13.45 -51.83 -26.97
CA ASN C 407 13.53 -53.28 -27.12
C ASN C 407 12.17 -53.90 -27.32
N GLU C 408 11.18 -53.01 -27.49
CA GLU C 408 9.81 -53.39 -27.66
C GLU C 408 9.23 -52.86 -28.97
N PHE C 409 7.92 -52.81 -28.97
CA PHE C 409 7.14 -52.37 -30.10
C PHE C 409 6.08 -51.33 -29.67
N VAL C 410 6.43 -50.07 -29.92
CA VAL C 410 5.65 -48.88 -29.60
C VAL C 410 4.71 -48.41 -30.67
N THR C 411 3.43 -48.45 -30.37
CA THR C 411 2.44 -47.98 -31.35
C THR C 411 2.41 -46.48 -31.53
N LYS C 412 2.72 -46.08 -32.77
CA LYS C 412 2.79 -44.70 -33.24
C LYS C 412 1.67 -44.26 -34.13
N GLY C 413 1.22 -43.04 -33.87
CA GLY C 413 0.16 -42.42 -34.63
C GLY C 413 0.68 -41.48 -35.72
N GLN C 414 -0.01 -41.52 -36.86
CA GLN C 414 0.37 -40.70 -37.97
C GLN C 414 -0.66 -39.66 -38.37
N THR C 415 -0.18 -38.68 -39.12
CA THR C 415 -0.98 -37.60 -39.63
C THR C 415 -1.52 -37.95 -40.99
N VAL C 416 -2.46 -37.14 -41.44
CA VAL C 416 -3.06 -37.34 -42.71
C VAL C 416 -1.94 -37.31 -43.75
N SER C 417 -1.18 -36.24 -43.73
CA SER C 417 -0.04 -36.08 -44.63
C SER C 417 0.94 -37.20 -44.56
N GLN C 418 1.04 -37.82 -43.41
CA GLN C 418 1.98 -38.90 -43.23
C GLN C 418 1.53 -40.19 -43.88
N VAL C 419 0.22 -40.37 -43.91
CA VAL C 419 -0.34 -41.58 -44.46
C VAL C 419 -0.24 -41.58 -45.93
N HIS C 420 -0.80 -40.52 -46.50
CA HIS C 420 -0.82 -40.34 -47.94
C HIS C 420 0.55 -40.59 -48.50
N ASN C 421 1.55 -40.12 -47.76
CA ASN C 421 2.92 -40.30 -48.18
C ASN C 421 3.35 -41.74 -47.95
N SER C 422 2.95 -42.36 -46.87
CA SER C 422 3.41 -43.75 -46.70
C SER C 422 2.84 -44.72 -47.70
N VAL C 423 1.61 -44.49 -48.01
CA VAL C 423 0.90 -45.27 -48.97
C VAL C 423 1.70 -45.26 -50.26
N GLY C 424 1.94 -44.06 -50.71
CA GLY C 424 2.70 -43.83 -51.90
C GLY C 424 4.02 -44.56 -51.81
N ALA C 425 4.57 -44.61 -50.62
CA ALA C 425 5.82 -45.33 -50.50
C ALA C 425 5.70 -46.79 -50.72
N LEU C 426 4.58 -47.35 -50.25
CA LEU C 426 4.43 -48.80 -50.51
C LEU C 426 4.14 -49.08 -51.97
N ALA C 427 3.21 -48.29 -52.55
CA ALA C 427 2.82 -48.38 -53.92
C ALA C 427 4.05 -48.51 -54.75
N LYS C 428 4.96 -47.58 -54.54
CA LYS C 428 6.21 -47.61 -55.27
C LYS C 428 7.03 -48.82 -54.91
N ALA C 429 7.17 -49.06 -53.61
CA ALA C 429 7.96 -50.18 -53.13
C ALA C 429 7.53 -51.48 -53.77
N VAL C 430 6.25 -51.74 -53.68
CA VAL C 430 5.66 -52.95 -54.26
C VAL C 430 5.87 -53.14 -55.73
N TYR C 431 5.60 -52.07 -56.47
CA TYR C 431 5.79 -52.09 -57.91
C TYR C 431 7.21 -52.49 -58.27
N GLU C 432 8.16 -51.74 -57.68
CA GLU C 432 9.55 -52.01 -57.86
C GLU C 432 9.89 -53.43 -57.72
N LYS C 433 9.90 -53.88 -56.50
CA LYS C 433 10.12 -55.28 -56.09
C LYS C 433 9.61 -56.26 -57.11
N MET C 434 8.35 -56.08 -57.42
CA MET C 434 7.66 -56.91 -58.40
C MET C 434 8.44 -56.94 -59.67
N PHE C 435 8.74 -55.76 -60.10
CA PHE C 435 9.50 -55.62 -61.33
C PHE C 435 10.77 -56.37 -61.23
N LEU C 436 11.38 -56.28 -60.04
CA LEU C 436 12.63 -57.00 -59.84
C LEU C 436 12.40 -58.48 -59.95
N TRP C 437 11.36 -58.93 -59.31
CA TRP C 437 11.00 -60.31 -59.30
C TRP C 437 10.82 -60.85 -60.71
N MET C 438 9.99 -60.14 -61.47
CA MET C 438 9.71 -60.54 -62.84
C MET C 438 10.98 -60.81 -63.56
N VAL C 439 11.91 -59.88 -63.37
CA VAL C 439 13.20 -60.06 -64.00
C VAL C 439 13.83 -61.36 -63.59
N ILE C 440 13.90 -61.59 -62.30
CA ILE C 440 14.45 -62.83 -61.78
C ILE C 440 13.78 -64.04 -62.38
N ARG C 441 12.49 -64.02 -62.35
CA ARG C 441 11.76 -65.12 -62.88
C ARG C 441 12.11 -65.34 -64.33
N ILE C 442 12.32 -64.24 -65.03
CA ILE C 442 12.65 -64.33 -66.44
C ILE C 442 13.96 -65.10 -66.52
N ASN C 443 14.98 -64.55 -65.85
CA ASN C 443 16.30 -65.08 -65.76
C ASN C 443 16.23 -66.58 -65.48
N GLN C 444 15.26 -66.94 -64.65
CA GLN C 444 15.12 -68.33 -64.29
C GLN C 444 14.78 -69.26 -65.39
N GLN C 445 13.98 -68.76 -66.27
CA GLN C 445 13.62 -69.55 -67.41
C GLN C 445 14.79 -69.55 -68.36
N LEU C 446 15.42 -68.39 -68.45
CA LEU C 446 16.56 -68.19 -69.34
C LEU C 446 17.78 -68.96 -68.87
N ASP C 447 16.26 -71.15 -66.59
CA ASP C 447 17.00 -71.88 -65.57
C ASP C 447 17.10 -73.32 -65.96
N THR C 448 18.34 -73.76 -66.07
CA THR C 448 18.53 -75.13 -66.41
C THR C 448 19.28 -75.77 -65.29
N LYS C 449 19.33 -77.09 -65.35
CA LYS C 449 20.01 -77.88 -64.37
C LYS C 449 21.49 -78.02 -64.68
N GLN C 450 21.84 -78.06 -65.99
CA GLN C 450 23.23 -78.18 -66.44
C GLN C 450 24.18 -77.26 -65.69
N PRO C 451 25.40 -77.74 -65.48
CA PRO C 451 26.40 -77.01 -64.73
C PRO C 451 26.80 -75.76 -65.46
N ARG C 452 27.25 -74.80 -64.65
CA ARG C 452 27.71 -73.49 -65.11
C ARG C 452 29.08 -73.21 -64.50
N GLN C 453 30.03 -72.73 -65.35
CA GLN C 453 31.35 -72.48 -64.82
C GLN C 453 31.70 -71.03 -64.84
N TYR C 454 31.15 -70.35 -65.84
CA TYR C 454 31.34 -68.92 -66.00
C TYR C 454 30.20 -68.30 -66.75
N PHE C 455 30.17 -66.97 -66.70
CA PHE C 455 29.11 -66.24 -67.36
C PHE C 455 29.66 -65.00 -68.00
N ILE C 456 28.87 -64.43 -68.88
CA ILE C 456 29.26 -63.21 -69.53
C ILE C 456 28.13 -62.21 -69.37
N GLY C 457 28.40 -61.20 -68.58
CA GLY C 457 27.40 -60.22 -68.32
C GLY C 457 27.37 -59.10 -69.30
N VAL C 458 26.15 -58.84 -69.73
CA VAL C 458 25.86 -57.81 -70.66
C VAL C 458 24.98 -56.79 -69.99
N LEU C 459 25.53 -55.66 -69.70
CA LEU C 459 24.86 -54.60 -69.03
C LEU C 459 24.48 -53.48 -69.98
N ASP C 460 23.20 -53.16 -69.96
CA ASP C 460 22.59 -52.10 -70.75
C ASP C 460 21.83 -51.18 -69.81
N ILE C 461 22.26 -49.95 -69.74
CA ILE C 461 21.75 -48.91 -68.91
C ILE C 461 22.08 -47.58 -69.57
N ALA C 462 21.51 -46.55 -69.07
CA ALA C 462 21.78 -45.23 -69.54
C ALA C 462 23.01 -44.57 -68.95
N GLY C 463 23.46 -43.57 -69.70
CA GLY C 463 24.61 -42.85 -69.29
C GLY C 463 24.21 -41.53 -68.84
N PHE C 464 25.12 -40.98 -68.07
CA PHE C 464 25.04 -39.67 -67.50
C PHE C 464 24.54 -38.71 -68.53
N GLU C 465 23.36 -38.21 -68.25
CA GLU C 465 22.68 -37.24 -69.07
C GLU C 465 22.44 -36.03 -68.16
N ILE C 466 22.64 -34.89 -68.76
CA ILE C 466 22.45 -33.69 -68.00
C ILE C 466 21.30 -32.92 -68.56
N PHE C 467 20.40 -32.54 -67.72
CA PHE C 467 19.30 -31.77 -68.22
C PHE C 467 19.19 -30.51 -67.46
N ASP C 468 18.52 -29.55 -68.08
CA ASP C 468 18.37 -28.30 -67.39
C ASP C 468 17.59 -28.58 -66.14
N PHE C 469 16.80 -29.67 -66.24
CA PHE C 469 16.01 -30.15 -65.14
C PHE C 469 16.42 -31.51 -64.64
N ASN C 470 17.06 -31.57 -63.48
CA ASN C 470 17.46 -32.83 -62.96
C ASN C 470 16.73 -33.17 -61.69
N SER C 471 15.97 -34.22 -61.78
CA SER C 471 15.25 -34.66 -60.64
C SER C 471 15.80 -35.96 -60.14
N PHE C 472 15.06 -36.51 -59.20
CA PHE C 472 15.40 -37.72 -58.49
C PHE C 472 15.93 -38.82 -59.36
N GLU C 473 15.20 -39.06 -60.41
CA GLU C 473 15.59 -40.12 -61.35
C GLU C 473 17.00 -39.92 -61.91
N GLN C 474 17.35 -38.66 -62.13
CA GLN C 474 18.64 -38.31 -62.65
C GLN C 474 19.77 -38.65 -61.69
N LEU C 475 19.51 -38.34 -60.45
CA LEU C 475 20.48 -38.66 -59.43
C LEU C 475 20.77 -40.17 -59.46
N CYS C 476 19.69 -40.97 -59.41
CA CYS C 476 19.84 -42.40 -59.40
C CYS C 476 20.67 -42.89 -60.58
N ILE C 477 20.39 -42.37 -61.75
CA ILE C 477 21.14 -42.81 -62.91
C ILE C 477 22.57 -42.31 -62.87
N ASN C 478 22.72 -41.00 -62.61
CA ASN C 478 24.04 -40.41 -62.57
C ASN C 478 24.90 -41.14 -61.59
N PHE C 479 24.32 -41.41 -60.46
CA PHE C 479 25.04 -42.11 -59.44
C PHE C 479 25.49 -43.44 -59.96
N THR C 480 24.64 -44.07 -60.77
CA THR C 480 25.00 -45.36 -61.27
C THR C 480 26.21 -45.22 -62.13
N ASN C 481 26.14 -44.23 -63.00
CA ASN C 481 27.24 -44.01 -63.92
C ASN C 481 28.52 -43.55 -63.23
N GLU C 482 28.43 -42.66 -62.27
CA GLU C 482 29.64 -42.22 -61.66
C GLU C 482 30.38 -43.37 -61.00
N LYS C 483 29.69 -44.42 -60.74
CA LYS C 483 30.22 -45.59 -60.11
C LYS C 483 30.92 -46.40 -61.15
N LEU C 484 30.18 -46.66 -62.23
CA LEU C 484 30.61 -47.41 -63.40
C LEU C 484 31.94 -46.88 -63.92
N GLN C 485 32.01 -45.55 -63.97
CA GLN C 485 33.19 -44.83 -64.38
C GLN C 485 34.43 -45.15 -63.54
N GLN C 486 34.29 -45.04 -62.23
CA GLN C 486 35.32 -45.34 -61.28
C GLN C 486 35.76 -46.73 -61.46
N PHE C 487 34.78 -47.51 -61.90
CA PHE C 487 34.99 -48.95 -62.09
C PHE C 487 35.97 -49.20 -63.19
N PHE C 488 35.87 -48.34 -64.16
CA PHE C 488 36.75 -48.36 -65.30
C PHE C 488 38.13 -47.80 -64.94
N ASN C 489 38.14 -46.54 -64.51
CA ASN C 489 39.34 -45.81 -64.11
C ASN C 489 40.29 -46.66 -63.30
N HIS C 490 39.70 -47.59 -62.58
CA HIS C 490 40.50 -48.45 -61.77
C HIS C 490 41.09 -49.55 -62.61
N HIS C 491 40.22 -50.21 -63.36
CA HIS C 491 40.60 -51.32 -64.23
C HIS C 491 41.71 -50.86 -65.11
N MET C 492 41.68 -49.61 -65.43
CA MET C 492 42.70 -49.06 -66.26
C MET C 492 43.98 -48.84 -65.51
N PHE C 493 43.82 -48.53 -64.25
CA PHE C 493 44.96 -48.28 -63.44
C PHE C 493 45.63 -49.57 -63.18
N VAL C 494 44.88 -50.52 -62.94
CA VAL C 494 45.41 -51.83 -62.72
C VAL C 494 46.13 -52.30 -63.94
N LEU C 495 45.44 -52.18 -65.06
CA LEU C 495 45.89 -52.57 -66.39
C LEU C 495 47.19 -51.88 -66.81
N GLU C 496 47.16 -50.55 -66.75
CA GLU C 496 48.32 -49.75 -67.09
C GLU C 496 49.59 -50.26 -66.41
N GLN C 497 49.51 -50.26 -65.10
CA GLN C 497 50.52 -50.66 -64.20
C GLN C 497 51.12 -52.04 -64.48
N GLU C 498 50.43 -52.84 -65.26
CA GLU C 498 50.95 -54.14 -65.57
C GLU C 498 52.02 -53.96 -66.63
N GLU C 499 51.73 -53.08 -67.59
CA GLU C 499 52.65 -52.81 -68.68
C GLU C 499 53.96 -52.34 -68.13
N TYR C 500 53.89 -51.21 -67.43
CA TYR C 500 55.10 -50.70 -66.84
C TYR C 500 55.85 -51.73 -65.99
N LYS C 501 55.19 -52.83 -65.69
CA LYS C 501 55.74 -53.88 -64.87
C LYS C 501 56.30 -54.93 -65.77
N LYS C 502 55.57 -55.16 -66.86
CA LYS C 502 55.97 -56.12 -67.90
C LYS C 502 57.24 -55.58 -68.58
N GLU C 503 57.18 -54.34 -69.01
CA GLU C 503 58.30 -53.70 -69.65
C GLU C 503 59.42 -53.38 -68.69
N GLY C 504 59.09 -52.85 -67.57
CA GLY C 504 60.22 -52.56 -66.76
C GLY C 504 60.38 -51.08 -66.68
N ILE C 505 59.32 -50.38 -67.04
CA ILE C 505 59.41 -48.95 -66.91
C ILE C 505 59.22 -48.62 -65.45
N GLU C 506 59.65 -47.44 -65.06
CA GLU C 506 59.50 -47.03 -63.72
C GLU C 506 58.53 -45.88 -63.59
N TRP C 507 57.25 -46.23 -63.49
CA TRP C 507 56.19 -45.23 -63.38
C TRP C 507 55.33 -45.51 -62.16
N GLU C 508 55.22 -44.52 -61.23
CA GLU C 508 54.37 -44.72 -60.09
C GLU C 508 53.16 -43.85 -60.17
N PHE C 509 52.04 -44.46 -59.81
CA PHE C 509 50.83 -43.73 -59.87
C PHE C 509 49.76 -44.37 -59.00
N ILE C 510 48.94 -43.45 -58.53
CA ILE C 510 47.80 -43.64 -57.70
C ILE C 510 46.61 -44.10 -58.56
N ASP C 511 45.74 -44.93 -57.98
CA ASP C 511 44.53 -45.44 -58.61
C ASP C 511 43.80 -44.31 -59.25
N PHE C 512 43.26 -44.49 -60.46
CA PHE C 512 42.57 -43.35 -61.05
C PHE C 512 41.18 -43.25 -60.56
N GLY C 513 40.70 -44.30 -59.92
CA GLY C 513 39.36 -44.25 -59.40
C GLY C 513 39.19 -43.17 -58.33
N MET C 514 40.10 -43.20 -57.42
CA MET C 514 40.21 -42.36 -56.28
C MET C 514 39.70 -40.99 -56.49
N ASP C 515 39.86 -40.53 -57.69
CA ASP C 515 39.42 -39.15 -57.90
C ASP C 515 37.95 -39.00 -57.68
N LEU C 516 37.22 -40.09 -57.91
CA LEU C 516 35.78 -40.01 -57.79
C LEU C 516 35.18 -40.37 -56.47
N ALA C 517 35.95 -41.04 -55.62
CA ALA C 517 35.45 -41.46 -54.33
C ALA C 517 34.77 -40.35 -53.56
N ALA C 518 35.21 -39.14 -53.72
CA ALA C 518 34.62 -38.03 -53.06
C ALA C 518 33.16 -37.97 -53.35
N CYS C 519 32.82 -37.92 -54.64
CA CYS C 519 31.42 -37.82 -54.99
C CYS C 519 30.59 -39.01 -54.54
N ILE C 520 31.11 -40.18 -54.79
CA ILE C 520 30.37 -41.34 -54.34
C ILE C 520 30.06 -41.36 -52.86
N GLU C 521 31.07 -41.15 -51.99
CA GLU C 521 30.80 -41.17 -50.56
C GLU C 521 29.65 -40.25 -50.17
N LEU C 522 29.60 -39.07 -50.74
CA LEU C 522 28.62 -38.04 -50.46
C LEU C 522 27.21 -38.53 -50.73
N ILE C 523 27.09 -39.41 -51.70
CA ILE C 523 25.78 -39.92 -52.05
C ILE C 523 25.37 -41.13 -51.25
N GLU C 524 26.23 -42.15 -51.27
CA GLU C 524 25.99 -43.44 -50.65
C GLU C 524 26.33 -43.64 -49.20
N LYS C 525 27.20 -42.81 -48.65
CA LYS C 525 27.60 -42.97 -47.28
C LYS C 525 26.47 -42.57 -46.37
N PRO C 526 26.61 -42.96 -45.08
CA PRO C 526 25.61 -42.73 -44.06
C PRO C 526 25.04 -41.32 -43.85
N MET C 527 25.86 -40.29 -43.79
CA MET C 527 25.13 -39.04 -43.57
C MET C 527 24.90 -38.33 -44.87
N GLY C 528 25.12 -39.09 -45.95
CA GLY C 528 24.98 -38.61 -47.33
C GLY C 528 23.55 -38.56 -47.84
N ILE C 529 23.37 -37.83 -48.93
CA ILE C 529 22.11 -37.55 -49.61
C ILE C 529 21.02 -38.57 -49.47
N PHE C 530 21.30 -39.76 -49.93
CA PHE C 530 20.32 -40.83 -49.82
C PHE C 530 19.80 -41.02 -48.41
N SER C 531 20.73 -41.18 -47.45
CA SER C 531 20.32 -41.33 -46.08
C SER C 531 19.39 -40.23 -45.61
N ILE C 532 19.89 -39.01 -45.67
CA ILE C 532 19.08 -37.86 -45.31
C ILE C 532 17.74 -37.93 -46.07
N LEU C 533 17.82 -38.47 -47.28
CA LEU C 533 16.63 -38.66 -48.04
C LEU C 533 15.76 -39.74 -47.48
N GLU C 534 16.35 -40.84 -47.16
CA GLU C 534 15.57 -41.94 -46.65
C GLU C 534 15.23 -41.89 -45.20
N GLU C 535 15.71 -40.88 -44.52
CA GLU C 535 15.41 -40.84 -43.07
C GLU C 535 14.15 -40.07 -42.98
N GLU C 536 14.27 -38.85 -43.51
CA GLU C 536 13.15 -37.92 -43.54
C GLU C 536 11.85 -38.61 -44.02
N CYS C 537 12.02 -39.66 -44.79
CA CYS C 537 10.88 -40.37 -45.29
C CYS C 537 10.17 -41.05 -44.18
N MET C 538 10.81 -41.04 -43.02
CA MET C 538 10.26 -41.72 -41.82
C MET C 538 9.50 -40.76 -40.91
N PHE C 539 9.69 -39.47 -41.19
CA PHE C 539 9.06 -38.40 -40.48
C PHE C 539 7.69 -38.10 -41.12
N PRO C 540 6.67 -38.48 -40.43
CA PRO C 540 5.29 -38.34 -40.85
C PRO C 540 4.89 -36.95 -41.26
N LYS C 541 5.69 -35.99 -40.95
CA LYS C 541 5.32 -34.60 -41.21
C LYS C 541 6.50 -33.81 -41.75
N ALA C 542 7.26 -34.47 -42.62
CA ALA C 542 8.41 -33.83 -43.21
C ALA C 542 8.04 -33.20 -44.53
N THR C 543 8.87 -32.27 -44.98
CA THR C 543 8.61 -31.58 -46.23
C THR C 543 9.80 -31.71 -47.11
N ASP C 544 9.58 -31.45 -48.38
CA ASP C 544 10.67 -31.44 -49.33
C ASP C 544 11.61 -30.39 -48.76
N THR C 545 11.00 -29.28 -48.36
CA THR C 545 11.70 -28.16 -47.76
C THR C 545 12.44 -28.60 -46.52
N SER C 546 11.80 -29.42 -45.73
CA SER C 546 12.42 -29.92 -44.54
C SER C 546 13.70 -30.63 -44.93
N PHE C 547 13.51 -31.66 -45.75
CA PHE C 547 14.57 -32.47 -46.30
C PHE C 547 15.70 -31.63 -46.79
N LYS C 548 15.33 -30.62 -47.56
CA LYS C 548 16.31 -29.72 -48.15
C LYS C 548 17.25 -29.19 -47.08
N ASN C 549 16.68 -28.53 -46.08
CA ASN C 549 17.47 -27.94 -45.02
C ASN C 549 18.40 -28.96 -44.39
N LYS C 550 17.88 -30.15 -44.20
CA LYS C 550 18.70 -31.16 -43.56
C LYS C 550 19.88 -31.48 -44.41
N LEU C 551 19.65 -31.38 -45.68
CA LEU C 551 20.67 -31.64 -46.64
C LEU C 551 21.76 -30.61 -46.46
N TYR C 552 21.35 -29.36 -46.31
CA TYR C 552 22.36 -28.31 -46.23
C TYR C 552 23.12 -28.29 -44.94
N ASP C 553 22.37 -28.06 -43.87
CA ASP C 553 22.92 -27.95 -42.52
C ASP C 553 24.07 -28.91 -42.30
N GLN C 554 23.94 -30.06 -42.97
CA GLN C 554 24.92 -31.12 -42.85
C GLN C 554 25.99 -31.20 -43.92
N HIS C 555 25.70 -30.76 -45.13
CA HIS C 555 26.76 -30.90 -46.13
C HIS C 555 27.33 -29.60 -46.59
N LEU C 556 26.50 -28.57 -46.56
CA LEU C 556 26.95 -27.29 -47.03
C LEU C 556 28.08 -26.68 -46.24
N GLY C 557 29.06 -26.25 -47.00
CA GLY C 557 30.27 -25.62 -46.50
C GLY C 557 31.27 -26.65 -46.02
N LYS C 558 30.76 -27.80 -45.63
CA LYS C 558 31.55 -28.88 -45.11
C LYS C 558 31.98 -29.84 -46.18
N SER C 559 31.23 -29.82 -47.29
CA SER C 559 31.53 -30.70 -48.40
C SER C 559 31.72 -29.96 -49.69
N ASN C 560 32.80 -30.35 -50.36
CA ASN C 560 33.28 -29.69 -51.54
C ASN C 560 32.46 -30.00 -52.79
N ASN C 561 32.05 -31.24 -52.88
CA ASN C 561 31.30 -31.64 -54.04
C ASN C 561 29.88 -31.16 -53.95
N PHE C 562 29.60 -30.67 -52.76
CA PHE C 562 28.29 -30.12 -52.43
C PHE C 562 28.28 -28.62 -52.65
N GLN C 563 27.25 -28.16 -53.32
CA GLN C 563 27.17 -26.77 -53.67
C GLN C 563 25.71 -26.32 -53.79
N LYS C 564 25.51 -25.01 -53.70
CA LYS C 564 24.21 -24.42 -53.87
C LYS C 564 24.13 -23.89 -55.28
N PRO C 565 23.03 -24.17 -55.98
CA PRO C 565 22.85 -23.76 -57.35
C PRO C 565 22.98 -22.29 -57.61
N LYS C 566 23.57 -22.03 -58.78
CA LYS C 566 23.81 -20.73 -59.37
C LYS C 566 22.67 -20.42 -60.32
N PRO C 567 21.69 -19.60 -59.89
CA PRO C 567 20.54 -19.27 -60.71
C PRO C 567 20.93 -18.84 -62.15
N ALA C 568 20.16 -19.31 -63.14
CA ALA C 568 20.36 -19.01 -64.55
C ALA C 568 19.04 -19.10 -65.34
N ALA C 572 14.59 -24.47 -65.30
CA ALA C 572 13.87 -24.21 -64.07
C ALA C 572 14.75 -23.81 -62.87
N GLU C 573 14.31 -24.26 -61.69
CA GLU C 573 14.95 -23.99 -60.41
C GLU C 573 15.96 -25.07 -60.02
N ALA C 574 16.65 -24.87 -58.90
CA ALA C 574 17.60 -25.85 -58.50
C ALA C 574 17.85 -25.78 -57.01
N HIS C 575 18.11 -26.91 -56.38
CA HIS C 575 18.33 -26.87 -54.97
C HIS C 575 19.68 -27.27 -54.59
N PHE C 576 20.31 -27.99 -55.48
CA PHE C 576 21.63 -28.38 -55.14
C PHE C 576 22.31 -29.03 -56.27
N SER C 577 23.55 -28.63 -56.36
CA SER C 577 24.38 -29.09 -57.40
C SER C 577 25.40 -29.99 -56.76
N LEU C 578 25.81 -30.91 -57.58
CA LEU C 578 26.83 -31.85 -57.27
C LEU C 578 27.93 -31.81 -58.32
N VAL C 579 29.09 -32.21 -57.91
CA VAL C 579 30.21 -32.20 -58.81
C VAL C 579 30.66 -33.59 -59.23
N HIS C 580 29.98 -34.09 -60.25
CA HIS C 580 30.25 -35.42 -60.78
C HIS C 580 31.45 -35.35 -61.71
N TYR C 581 32.01 -36.52 -62.07
CA TYR C 581 33.15 -36.50 -62.96
C TYR C 581 32.89 -35.76 -64.27
N ALA C 582 31.67 -35.98 -64.82
CA ALA C 582 31.26 -35.35 -66.08
C ALA C 582 31.03 -33.85 -65.99
N GLY C 583 30.69 -33.43 -64.78
CA GLY C 583 30.46 -32.04 -64.49
C GLY C 583 29.49 -31.81 -63.36
N THR C 584 28.96 -30.57 -63.33
CA THR C 584 28.05 -30.09 -62.30
C THR C 584 26.63 -30.31 -62.66
N VAL C 585 25.93 -30.99 -61.78
CA VAL C 585 24.52 -31.25 -62.05
C VAL C 585 23.68 -30.51 -61.01
N ASP C 586 22.74 -29.76 -61.53
CA ASP C 586 21.84 -28.96 -60.75
C ASP C 586 20.57 -29.77 -60.50
N TYR C 587 20.39 -30.15 -59.24
CA TYR C 587 19.27 -31.02 -58.85
C TYR C 587 18.15 -30.28 -58.16
N ASN C 588 16.93 -30.62 -58.59
CA ASN C 588 15.68 -30.11 -58.05
C ASN C 588 15.04 -31.18 -57.22
N ILE C 589 14.80 -30.87 -55.98
CA ILE C 589 14.25 -31.75 -54.96
C ILE C 589 12.77 -31.60 -54.76
N SER C 590 11.97 -31.99 -55.68
CA SER C 590 10.59 -31.72 -55.40
C SER C 590 9.70 -32.85 -55.80
N GLY C 591 9.40 -33.67 -54.83
CA GLY C 591 8.54 -34.79 -55.03
C GLY C 591 9.22 -35.97 -54.52
N TRP C 592 10.48 -35.63 -54.22
CA TRP C 592 11.38 -36.70 -53.82
C TRP C 592 10.85 -37.51 -52.70
N LEU C 593 10.48 -36.75 -51.66
CA LEU C 593 9.96 -37.41 -50.44
C LEU C 593 8.91 -38.42 -50.77
N GLU C 594 7.95 -37.98 -51.54
CA GLU C 594 6.86 -38.83 -52.01
C GLU C 594 7.28 -39.99 -52.86
N LYS C 595 7.91 -39.62 -53.98
CA LYS C 595 8.40 -40.57 -54.96
C LYS C 595 9.15 -41.62 -54.27
N ASN C 596 9.87 -41.17 -53.25
CA ASN C 596 10.65 -42.09 -52.49
C ASN C 596 9.82 -42.94 -51.50
N LYS C 597 8.60 -42.59 -51.24
CA LYS C 597 7.79 -43.35 -50.26
C LYS C 597 6.91 -44.42 -50.87
N ASP C 598 6.68 -44.27 -52.15
CA ASP C 598 5.84 -45.16 -52.89
C ASP C 598 4.55 -45.42 -52.17
N PRO C 599 12.40 -45.46 -46.35
CA PRO C 599 11.49 -45.64 -45.25
C PRO C 599 10.17 -46.27 -45.68
N LEU C 600 9.84 -47.39 -45.05
CA LEU C 600 8.64 -48.15 -45.33
C LEU C 600 7.94 -48.58 -44.03
N ASN C 601 6.62 -48.41 -43.94
CA ASN C 601 5.87 -48.81 -42.77
C ASN C 601 5.88 -50.29 -42.62
N GLU C 602 6.71 -50.69 -41.74
CA GLU C 602 6.95 -52.07 -41.44
C GLU C 602 5.78 -52.89 -40.95
N THR C 603 4.75 -52.21 -40.45
CA THR C 603 3.61 -52.93 -39.97
C THR C 603 2.90 -53.55 -41.14
N VAL C 604 2.71 -52.70 -42.13
CA VAL C 604 2.07 -53.10 -43.38
C VAL C 604 2.83 -54.23 -44.08
N ILE C 605 4.11 -54.02 -44.20
CA ILE C 605 4.98 -54.97 -44.83
C ILE C 605 4.75 -56.29 -44.18
N GLY C 606 4.41 -56.18 -42.91
CA GLY C 606 4.16 -57.37 -42.12
C GLY C 606 3.06 -58.14 -42.79
N LEU C 607 1.97 -57.43 -42.99
CA LEU C 607 0.79 -57.99 -43.61
C LEU C 607 1.13 -58.63 -44.94
N TYR C 608 1.95 -57.95 -45.72
CA TYR C 608 2.29 -58.46 -47.04
C TYR C 608 2.94 -59.79 -46.82
N GLN C 609 3.86 -59.75 -45.91
CA GLN C 609 4.66 -60.92 -45.58
C GLN C 609 3.82 -62.16 -45.28
N LYS C 610 2.57 -61.96 -44.90
CA LYS C 610 1.67 -63.05 -44.60
C LYS C 610 0.41 -63.02 -45.44
N SER C 611 0.57 -62.60 -46.68
CA SER C 611 -0.53 -62.53 -47.63
C SER C 611 -0.99 -63.88 -48.11
N SER C 612 -2.19 -63.89 -48.66
CA SER C 612 -2.75 -65.11 -49.23
C SER C 612 -2.28 -65.23 -50.67
N VAL C 613 -1.67 -64.14 -51.13
CA VAL C 613 -1.13 -64.01 -52.46
C VAL C 613 0.36 -64.19 -52.42
N LYS C 614 0.77 -65.44 -52.46
CA LYS C 614 2.11 -65.98 -52.31
C LYS C 614 3.17 -65.08 -52.89
N THR C 615 2.95 -64.75 -54.12
CA THR C 615 3.84 -63.86 -54.84
C THR C 615 4.10 -62.58 -54.07
N LEU C 616 3.04 -61.95 -53.64
CA LEU C 616 3.19 -60.73 -52.86
C LEU C 616 3.94 -61.05 -51.65
N ALA C 617 3.60 -62.20 -51.08
CA ALA C 617 4.31 -62.63 -49.91
C ALA C 617 5.79 -62.75 -50.20
N LEU C 618 6.10 -63.35 -51.28
CA LEU C 618 7.48 -63.54 -51.63
C LEU C 618 8.32 -62.32 -51.72
N LEU C 619 7.85 -61.41 -52.60
CA LEU C 619 8.53 -60.15 -52.88
C LEU C 619 9.13 -59.49 -51.66
N PHE C 620 8.47 -59.69 -50.51
CA PHE C 620 8.90 -59.00 -49.28
C PHE C 620 9.33 -60.01 -48.19
N ALA C 621 10.30 -60.91 -48.49
CA ALA C 621 10.82 -61.88 -47.51
C ALA C 621 12.22 -61.53 -47.02
N THR C 622 12.85 -60.70 -47.82
CA THR C 622 14.17 -60.19 -47.61
C THR C 622 14.15 -58.96 -46.67
N TYR C 623 12.98 -58.64 -46.18
CA TYR C 623 12.84 -57.51 -45.33
C TYR C 623 13.27 -57.80 -43.90
N GLN C 644 10.40 -49.20 -45.53
CA GLN C 644 11.31 -49.35 -46.67
C GLN C 644 11.03 -48.38 -47.82
N THR C 645 12.13 -47.71 -48.19
CA THR C 645 12.14 -46.71 -49.23
C THR C 645 12.44 -47.28 -50.62
N VAL C 646 12.31 -46.44 -51.64
CA VAL C 646 12.52 -46.77 -53.02
C VAL C 646 14.00 -46.78 -53.30
N SER C 647 14.62 -45.70 -52.86
CA SER C 647 16.04 -45.52 -53.02
C SER C 647 16.77 -46.57 -52.23
N ALA C 648 16.10 -47.10 -51.20
CA ALA C 648 16.64 -48.17 -50.37
C ALA C 648 17.06 -49.41 -51.15
N LEU C 649 16.30 -49.75 -52.17
CA LEU C 649 16.62 -50.92 -53.01
C LEU C 649 17.65 -50.64 -54.02
N PHE C 650 17.26 -49.64 -54.84
CA PHE C 650 18.03 -49.12 -55.93
C PHE C 650 19.51 -49.29 -55.57
N ARG C 651 19.82 -48.89 -54.35
CA ARG C 651 21.12 -49.01 -53.81
C ARG C 651 21.50 -50.49 -53.71
N GLU C 652 20.67 -51.31 -53.07
CA GLU C 652 20.85 -52.76 -52.83
C GLU C 652 21.05 -53.54 -54.11
N ASN C 653 20.32 -53.12 -55.10
CA ASN C 653 20.36 -53.71 -56.41
C ASN C 653 21.64 -53.26 -57.10
N LEU C 654 21.89 -51.97 -57.00
CA LEU C 654 23.10 -51.35 -57.56
C LEU C 654 24.34 -51.89 -56.89
N ASN C 655 24.19 -52.56 -55.79
CA ASN C 655 25.36 -53.09 -55.09
C ASN C 655 25.63 -54.49 -55.47
N LYS C 656 24.56 -55.19 -55.64
CA LYS C 656 24.52 -56.56 -56.01
C LYS C 656 25.08 -56.66 -57.39
N LEU C 657 24.98 -55.54 -58.10
CA LEU C 657 25.36 -55.39 -59.50
C LEU C 657 26.81 -55.10 -59.62
N MET C 658 27.20 -53.98 -59.02
CA MET C 658 28.60 -53.54 -59.02
C MET C 658 29.51 -54.61 -58.42
N ALA C 659 28.91 -55.58 -57.71
CA ALA C 659 29.66 -56.67 -57.10
C ALA C 659 29.84 -57.76 -58.12
N ASN C 660 28.83 -57.91 -58.92
CA ASN C 660 28.80 -58.92 -59.96
C ASN C 660 29.76 -58.42 -61.06
N LEU C 661 29.84 -57.10 -61.15
CA LEU C 661 30.66 -56.45 -62.14
C LEU C 661 32.16 -56.66 -61.84
N ARG C 662 32.49 -56.78 -60.54
CA ARG C 662 33.84 -56.96 -60.06
C ARG C 662 34.44 -58.32 -60.33
N SER C 663 33.67 -59.39 -60.04
CA SER C 663 34.09 -60.76 -60.31
C SER C 663 34.02 -61.03 -61.78
N THR C 664 34.26 -59.96 -62.53
CA THR C 664 34.18 -59.91 -63.94
C THR C 664 35.35 -59.21 -64.55
N HIS C 665 35.69 -59.62 -65.77
CA HIS C 665 36.67 -58.93 -66.58
C HIS C 665 35.95 -57.94 -67.49
N PRO C 666 35.91 -56.70 -67.09
CA PRO C 666 35.17 -55.67 -67.74
C PRO C 666 35.60 -55.45 -69.17
N HIS C 667 34.58 -55.38 -70.03
CA HIS C 667 34.69 -55.11 -71.43
C HIS C 667 33.71 -53.98 -71.71
N PHE C 668 34.21 -52.87 -72.20
CA PHE C 668 33.50 -51.64 -72.46
C PHE C 668 33.10 -51.29 -73.89
N VAL C 669 31.90 -50.80 -74.04
CA VAL C 669 31.29 -50.38 -75.29
C VAL C 669 30.49 -49.11 -75.10
N ARG C 670 30.86 -48.05 -75.80
CA ARG C 670 30.26 -46.73 -75.74
C ARG C 670 29.54 -46.42 -77.04
N CYS C 671 28.20 -46.29 -76.95
CA CYS C 671 27.37 -46.04 -78.11
C CYS C 671 27.16 -44.54 -78.32
N ILE C 672 27.29 -44.06 -79.55
CA ILE C 672 27.18 -42.65 -79.87
C ILE C 672 26.09 -42.26 -80.87
N ILE C 673 25.57 -41.05 -80.70
CA ILE C 673 24.50 -40.49 -81.49
C ILE C 673 24.93 -39.21 -82.17
N PRO C 674 25.08 -39.33 -83.47
CA PRO C 674 25.59 -38.36 -84.40
C PRO C 674 24.90 -37.05 -84.44
N ASN C 675 23.63 -37.06 -84.85
CA ASN C 675 22.84 -35.82 -84.94
C ASN C 675 21.40 -36.01 -84.56
N GLU C 676 20.91 -35.06 -83.79
CA GLU C 676 19.53 -35.09 -83.33
C GLU C 676 18.56 -35.23 -84.48
N THR C 677 18.99 -34.73 -85.61
CA THR C 677 18.16 -34.75 -86.81
C THR C 677 18.07 -36.07 -87.53
N LYS C 678 18.68 -37.16 -87.08
CA LYS C 678 18.52 -38.42 -87.81
C LYS C 678 19.01 -38.43 -89.26
N THR C 679 20.29 -38.27 -89.46
CA THR C 679 20.85 -38.23 -90.79
C THR C 679 22.11 -39.06 -90.83
N PRO C 680 22.16 -40.01 -91.72
CA PRO C 680 23.35 -40.82 -91.79
C PRO C 680 24.50 -39.97 -92.32
N GLY C 681 25.73 -40.40 -92.03
CA GLY C 681 26.95 -39.73 -92.42
C GLY C 681 27.14 -38.30 -91.88
N ALA C 682 26.43 -37.94 -90.83
CA ALA C 682 26.56 -36.59 -90.28
C ALA C 682 26.81 -36.51 -88.79
N MET C 683 27.28 -35.38 -88.32
CA MET C 683 27.57 -35.30 -86.93
C MET C 683 27.51 -33.92 -86.29
N GLU C 684 26.68 -33.66 -85.28
CA GLU C 684 26.86 -32.29 -84.79
C GLU C 684 28.05 -32.38 -83.87
N HIS C 685 28.85 -31.36 -83.87
CA HIS C 685 30.02 -31.40 -83.04
C HIS C 685 29.75 -31.49 -81.56
N GLU C 686 29.35 -30.37 -81.03
CA GLU C 686 29.14 -30.28 -79.61
C GLU C 686 28.27 -31.34 -79.03
N LEU C 687 27.47 -31.91 -79.86
CA LEU C 687 26.60 -32.98 -79.45
C LEU C 687 27.40 -34.26 -79.18
N VAL C 688 28.30 -34.59 -80.10
CA VAL C 688 29.19 -35.73 -79.92
C VAL C 688 30.20 -35.41 -78.78
N LEU C 689 30.64 -34.16 -78.75
CA LEU C 689 31.60 -33.72 -77.75
C LEU C 689 31.09 -34.02 -76.36
N HIS C 690 29.85 -33.71 -76.17
CA HIS C 690 29.20 -33.96 -74.91
C HIS C 690 29.36 -35.38 -74.45
N GLN C 691 28.85 -36.24 -75.30
CA GLN C 691 28.84 -37.63 -75.03
C GLN C 691 30.19 -38.09 -74.63
N LEU C 692 31.15 -37.59 -75.37
CA LEU C 692 32.50 -38.00 -75.09
C LEU C 692 32.99 -37.77 -73.68
N ARG C 693 32.49 -36.68 -73.06
CA ARG C 693 32.92 -36.34 -71.71
C ARG C 693 32.26 -37.20 -70.66
N CYS C 694 30.98 -37.38 -70.90
CA CYS C 694 30.11 -38.14 -70.05
C CYS C 694 30.26 -39.61 -70.33
N ASN C 695 30.94 -39.94 -71.39
CA ASN C 695 31.10 -41.32 -71.81
C ASN C 695 32.08 -42.05 -70.97
N GLY C 696 33.21 -41.35 -70.80
CA GLY C 696 34.40 -41.81 -70.18
C GLY C 696 35.55 -41.77 -71.17
N VAL C 697 35.21 -41.61 -72.44
CA VAL C 697 36.15 -41.59 -73.53
C VAL C 697 37.19 -40.51 -73.34
N LEU C 698 36.70 -39.32 -72.99
CA LEU C 698 37.63 -38.24 -72.80
C LEU C 698 38.43 -38.37 -71.55
N GLU C 699 37.94 -39.20 -70.65
CA GLU C 699 38.67 -39.38 -69.40
C GLU C 699 39.69 -40.48 -69.56
N GLY C 700 39.44 -41.33 -70.53
CA GLY C 700 40.37 -42.42 -70.78
C GLY C 700 41.56 -41.89 -71.54
N ILE C 701 41.32 -40.81 -72.29
CA ILE C 701 42.34 -40.22 -73.08
C ILE C 701 43.25 -39.47 -72.15
N ARG C 702 42.63 -38.80 -71.18
CA ARG C 702 43.35 -38.03 -70.15
C ARG C 702 44.39 -38.87 -69.42
N ILE C 703 43.86 -39.90 -68.81
CA ILE C 703 44.61 -40.89 -68.06
C ILE C 703 45.69 -41.51 -68.91
N CYS C 704 45.46 -41.50 -70.20
CA CYS C 704 46.40 -42.08 -71.11
C CYS C 704 47.58 -41.16 -71.25
N ARG C 705 47.21 -39.91 -71.50
CA ARG C 705 48.14 -38.84 -71.71
C ARG C 705 48.92 -38.44 -70.46
N LYS C 706 48.79 -39.21 -69.41
CA LYS C 706 49.50 -38.82 -68.22
C LYS C 706 50.70 -39.73 -68.09
N GLY C 707 51.37 -41.70 -69.98
CA GLY C 707 51.64 -41.86 -68.55
C GLY C 707 52.78 -40.92 -68.19
N PHE C 708 53.76 -41.49 -67.53
CA PHE C 708 54.94 -40.79 -67.16
C PHE C 708 56.14 -41.48 -67.82
N PRO C 709 56.44 -41.05 -69.04
CA PRO C 709 57.50 -41.62 -69.85
C PRO C 709 58.83 -41.76 -69.10
N SER C 710 59.65 -40.72 -69.21
CA SER C 710 60.94 -40.65 -68.55
C SER C 710 60.83 -40.80 -67.04
N ARG C 711 61.65 -41.72 -66.54
CA ARG C 711 61.71 -42.01 -65.12
C ARG C 711 63.15 -42.05 -64.64
N VAL C 712 63.48 -41.10 -63.77
CA VAL C 712 64.81 -40.95 -63.26
C VAL C 712 65.04 -41.65 -61.96
N LEU C 713 66.15 -42.35 -61.95
CA LEU C 713 66.62 -42.99 -60.75
C LEU C 713 67.27 -41.86 -59.95
N TYR C 714 66.95 -41.90 -58.70
CA TYR C 714 67.36 -40.91 -57.70
C TYR C 714 68.81 -40.39 -57.64
N ALA C 715 69.80 -41.25 -57.59
CA ALA C 715 71.20 -40.79 -57.60
C ALA C 715 71.58 -40.16 -58.91
N ASP C 716 71.08 -40.87 -59.96
CA ASP C 716 71.20 -40.48 -61.33
C ASP C 716 70.53 -39.13 -61.51
N PHE C 717 69.69 -38.83 -60.48
CA PHE C 717 68.96 -37.58 -60.45
C PHE C 717 69.68 -36.49 -59.69
N LYS C 718 70.37 -36.94 -58.66
CA LYS C 718 71.11 -36.03 -57.81
C LYS C 718 72.22 -35.38 -58.61
N GLN C 719 73.24 -36.22 -58.84
CA GLN C 719 74.40 -35.86 -59.60
C GLN C 719 74.20 -34.85 -60.74
N ARG C 720 73.35 -35.25 -61.68
CA ARG C 720 73.09 -34.43 -62.86
C ARG C 720 72.42 -33.08 -62.64
N TYR C 721 71.67 -32.98 -61.54
CA TYR C 721 70.92 -31.75 -61.34
C TYR C 721 71.11 -30.97 -60.05
N ARG C 722 71.92 -31.53 -59.14
CA ARG C 722 72.23 -30.87 -57.85
C ARG C 722 72.41 -29.36 -58.02
N VAL C 723 73.25 -29.06 -59.02
CA VAL C 723 73.66 -27.76 -59.48
C VAL C 723 72.55 -26.74 -59.68
N LEU C 724 71.31 -27.20 -59.75
CA LEU C 724 70.22 -26.29 -60.05
C LEU C 724 69.82 -25.36 -58.94
N ASN C 725 70.02 -25.84 -57.73
CA ASN C 725 69.68 -25.09 -56.51
C ASN C 725 70.44 -25.73 -55.38
N ALA C 726 71.61 -26.23 -55.77
CA ALA C 726 72.58 -26.93 -54.92
C ALA C 726 72.59 -26.54 -53.45
N SER C 727 72.04 -25.39 -53.14
CA SER C 727 72.03 -24.93 -51.76
C SER C 727 70.89 -25.52 -50.92
N ALA C 728 69.87 -26.07 -51.57
CA ALA C 728 68.75 -26.63 -50.81
C ALA C 728 69.29 -27.77 -49.95
N ILE C 729 70.77 -26.71 -49.33
CA ILE C 729 71.95 -27.42 -48.95
C ILE C 729 72.17 -28.11 -47.61
N PRO C 730 72.13 -27.59 -46.37
CA PRO C 730 72.53 -28.44 -45.22
C PRO C 730 71.68 -29.72 -45.08
N GLU C 731 70.37 -29.52 -45.20
CA GLU C 731 69.39 -30.61 -45.22
C GLU C 731 69.29 -31.39 -46.53
N GLY C 732 69.79 -30.85 -47.65
CA GLY C 732 69.90 -31.56 -48.93
C GLY C 732 71.21 -32.35 -49.10
N GLN C 733 72.24 -32.02 -48.32
CA GLN C 733 73.54 -32.71 -48.29
C GLN C 733 73.79 -33.77 -47.20
N PHE C 734 73.36 -33.58 -45.94
CA PHE C 734 73.44 -34.61 -44.90
C PHE C 734 72.41 -35.70 -45.21
N MET C 735 72.86 -36.70 -46.44
CA MET C 735 71.48 -36.76 -46.96
C MET C 735 71.18 -38.15 -47.48
N ASP C 736 69.99 -38.24 -48.05
CA ASP C 736 69.45 -39.46 -48.60
C ASP C 736 69.43 -39.40 -50.12
N SER C 737 69.65 -40.54 -50.75
CA SER C 737 69.63 -40.64 -52.21
C SER C 737 68.23 -40.37 -52.77
N LYS C 738 67.22 -40.57 -51.92
CA LYS C 738 65.84 -40.34 -52.32
C LYS C 738 65.30 -38.98 -51.85
N LYS C 739 65.15 -38.83 -50.54
CA LYS C 739 64.61 -37.63 -49.91
C LYS C 739 65.21 -36.37 -50.52
N ALA C 740 66.43 -36.53 -51.00
CA ALA C 740 67.17 -35.45 -51.63
C ALA C 740 66.43 -34.91 -52.84
N SER C 741 66.34 -35.76 -53.88
CA SER C 741 65.67 -35.41 -55.13
C SER C 741 64.35 -34.76 -54.81
N GLU C 742 63.78 -35.26 -53.71
CA GLU C 742 62.52 -34.73 -53.26
C GLU C 742 62.74 -33.27 -52.97
N LYS C 743 63.54 -33.11 -51.92
CA LYS C 743 63.91 -31.81 -51.45
C LYS C 743 64.34 -30.91 -52.60
N LEU C 744 65.16 -31.44 -53.52
CA LEU C 744 65.63 -30.59 -54.61
C LEU C 744 64.56 -29.90 -55.39
N LEU C 745 63.62 -30.68 -55.85
CA LEU C 745 62.58 -30.10 -56.66
C LEU C 745 61.86 -28.95 -55.99
N GLY C 746 62.21 -28.72 -54.73
CA GLY C 746 61.71 -27.63 -53.95
C GLY C 746 61.82 -26.37 -54.79
N SER C 747 63.00 -26.12 -55.38
CA SER C 747 63.17 -24.94 -56.22
C SER C 747 62.83 -25.12 -57.71
N ILE C 748 62.82 -23.99 -58.43
CA ILE C 748 62.56 -23.96 -59.85
C ILE C 748 61.18 -23.42 -60.17
N ASP C 749 61.05 -22.67 -61.26
CA ASP C 749 59.74 -22.18 -61.61
C ASP C 749 59.00 -23.21 -62.53
N VAL C 750 59.15 -24.51 -62.13
CA VAL C 750 58.66 -25.76 -62.75
C VAL C 750 57.29 -26.32 -62.29
N ASP C 751 56.54 -27.00 -63.19
CA ASP C 751 55.25 -27.62 -62.84
C ASP C 751 55.41 -28.77 -61.87
N HIS C 752 55.00 -28.53 -60.62
CA HIS C 752 55.18 -29.50 -59.56
C HIS C 752 54.19 -30.68 -59.64
N THR C 753 53.51 -30.71 -60.77
CA THR C 753 52.50 -31.64 -61.20
C THR C 753 53.13 -32.78 -62.01
N GLN C 754 53.63 -32.33 -63.16
CA GLN C 754 54.32 -33.10 -64.16
C GLN C 754 55.22 -34.22 -63.64
N TYR C 755 55.49 -34.31 -62.37
CA TYR C 755 56.34 -35.39 -61.90
C TYR C 755 55.65 -36.18 -60.81
N ARG C 756 56.33 -37.22 -60.38
CA ARG C 756 55.74 -38.03 -59.34
C ARG C 756 56.81 -38.95 -58.87
N PHE C 757 56.86 -39.04 -57.56
CA PHE C 757 57.90 -39.81 -56.94
C PHE C 757 57.40 -41.12 -56.49
N GLY C 758 58.36 -42.01 -56.25
CA GLY C 758 58.06 -43.33 -55.77
C GLY C 758 59.33 -44.00 -55.35
N HIS C 759 59.16 -45.06 -54.57
CA HIS C 759 60.23 -45.87 -54.00
C HIS C 759 61.57 -46.00 -54.68
N THR C 760 61.64 -45.98 -56.00
CA THR C 760 62.95 -46.10 -56.58
C THR C 760 63.26 -45.00 -57.56
N LYS C 761 62.21 -44.25 -57.90
CA LYS C 761 62.45 -43.21 -58.86
C LYS C 761 61.34 -42.23 -59.04
N VAL C 762 61.64 -41.18 -59.76
CA VAL C 762 60.68 -40.15 -60.02
C VAL C 762 60.12 -40.41 -61.36
N PHE C 763 58.91 -39.97 -61.50
CA PHE C 763 58.27 -40.09 -62.73
C PHE C 763 58.10 -38.71 -63.24
N PHE C 764 58.27 -38.59 -64.56
CA PHE C 764 58.22 -37.30 -65.21
C PHE C 764 57.48 -37.33 -66.53
N LYS C 765 56.76 -36.30 -66.89
CA LYS C 765 56.09 -36.21 -68.17
C LYS C 765 57.15 -35.84 -69.19
N ALA C 766 56.68 -35.46 -70.38
CA ALA C 766 57.55 -35.04 -71.45
C ALA C 766 58.07 -33.64 -71.32
N GLY C 767 59.08 -33.38 -72.14
CA GLY C 767 59.74 -32.09 -72.28
C GLY C 767 60.07 -31.45 -70.96
N LEU C 768 60.08 -32.24 -69.92
CA LEU C 768 60.35 -31.71 -68.63
C LEU C 768 61.80 -31.79 -68.35
N LEU C 769 62.23 -33.06 -68.40
CA LEU C 769 63.59 -33.39 -68.24
C LEU C 769 64.34 -32.50 -69.23
N GLY C 770 63.68 -32.21 -70.33
CA GLY C 770 64.21 -31.32 -71.31
C GLY C 770 64.35 -29.96 -70.69
N LEU C 771 63.37 -29.60 -69.92
CA LEU C 771 63.41 -28.30 -69.26
C LEU C 771 64.53 -28.24 -68.27
N LEU C 772 64.61 -29.29 -67.47
CA LEU C 772 65.66 -29.40 -66.49
C LEU C 772 67.05 -29.08 -67.03
N GLU C 773 67.49 -29.92 -67.93
CA GLU C 773 68.73 -29.79 -68.63
C GLU C 773 69.07 -28.37 -69.03
N GLU C 774 68.06 -27.72 -69.64
CA GLU C 774 68.25 -26.38 -70.12
C GLU C 774 68.76 -25.48 -69.03
N MET C 775 68.08 -25.53 -67.91
CA MET C 775 68.46 -24.75 -66.76
C MET C 775 69.87 -25.12 -66.42
N ARG C 776 70.09 -26.39 -66.47
CA ARG C 776 71.37 -26.92 -66.18
C ARG C 776 72.37 -26.35 -67.10
N ASP C 777 72.04 -26.36 -68.38
CA ASP C 777 72.91 -25.85 -69.42
C ASP C 777 73.41 -24.47 -69.05
N ASP C 778 72.47 -23.57 -68.73
CA ASP C 778 72.89 -22.24 -68.32
C ASP C 778 73.82 -22.33 -67.14
N LYS C 779 73.57 -23.27 -66.26
CA LYS C 779 74.34 -23.28 -65.07
C LYS C 779 75.76 -23.69 -65.23
N LEU C 780 76.08 -24.17 -66.40
CA LEU C 780 77.45 -24.56 -66.57
C LEU C 780 78.25 -23.51 -67.27
N ALA C 781 77.53 -22.70 -68.07
CA ALA C 781 78.15 -21.61 -68.76
C ALA C 781 78.79 -20.83 -67.62
N GLU C 782 77.97 -20.61 -66.59
CA GLU C 782 78.39 -19.97 -65.35
C GLU C 782 79.65 -20.73 -64.92
N ILE C 783 79.47 -21.95 -64.48
CA ILE C 783 80.55 -22.81 -64.02
C ILE C 783 81.75 -22.87 -64.90
N ILE C 784 81.51 -22.99 -66.19
CA ILE C 784 82.65 -23.13 -67.06
C ILE C 784 83.37 -21.84 -67.29
N THR C 785 82.64 -20.90 -67.91
CA THR C 785 83.12 -19.58 -68.25
C THR C 785 84.03 -19.01 -67.16
N ARG C 786 83.62 -19.20 -65.92
CA ARG C 786 84.38 -18.79 -64.77
C ARG C 786 85.59 -19.66 -64.61
N THR C 787 85.45 -20.95 -64.88
CA THR C 787 86.61 -21.81 -64.71
C THR C 787 87.58 -21.65 -65.86
N GLN C 788 87.07 -21.12 -66.93
CA GLN C 788 87.95 -20.94 -68.05
C GLN C 788 88.91 -19.84 -67.69
N ALA C 789 88.32 -18.65 -67.51
CA ALA C 789 89.00 -17.44 -67.13
C ALA C 789 90.28 -17.61 -66.30
N ARG C 790 90.14 -18.12 -65.10
CA ARG C 790 91.23 -18.34 -64.14
C ARG C 790 92.37 -19.03 -64.88
N CYS C 791 91.98 -20.11 -65.54
CA CYS C 791 92.90 -20.84 -66.36
C CYS C 791 93.65 -19.88 -67.29
N ARG C 792 92.86 -19.22 -68.16
CA ARG C 792 93.35 -18.26 -69.14
C ARG C 792 94.31 -17.35 -68.41
N GLY C 793 93.76 -16.75 -67.36
CA GLY C 793 94.49 -15.84 -66.51
C GLY C 793 95.78 -16.53 -66.21
N PHE C 794 95.65 -17.50 -65.35
CA PHE C 794 96.77 -18.32 -64.92
C PHE C 794 97.69 -18.72 -66.04
N LEU C 795 97.11 -18.94 -67.18
CA LEU C 795 97.97 -19.38 -68.23
C LEU C 795 99.02 -18.38 -68.60
N MET C 796 98.57 -17.17 -68.70
CA MET C 796 99.49 -16.13 -69.05
C MET C 796 100.37 -15.75 -67.88
N ARG C 797 99.85 -15.98 -66.68
CA ARG C 797 100.62 -15.65 -65.48
C ARG C 797 101.91 -16.41 -65.46
N VAL C 798 102.01 -17.52 -66.21
CA VAL C 798 103.23 -18.36 -66.19
C VAL C 798 104.14 -17.89 -67.29
N GLU C 799 103.50 -17.21 -68.23
CA GLU C 799 104.21 -16.67 -69.35
C GLU C 799 105.05 -15.51 -68.91
N TYR C 800 104.48 -14.69 -68.03
CA TYR C 800 105.25 -13.63 -67.53
C TYR C 800 106.52 -14.18 -66.81
N ARG C 801 106.41 -15.23 -65.97
CA ARG C 801 107.53 -15.87 -65.19
C ARG C 801 108.64 -16.42 -66.07
N ARG C 802 108.27 -16.67 -67.31
CA ARG C 802 109.18 -17.19 -68.29
C ARG C 802 109.83 -16.02 -69.03
N MET C 803 108.99 -15.12 -69.52
CA MET C 803 109.42 -13.91 -70.22
C MET C 803 110.54 -13.24 -69.46
N VAL C 804 110.23 -13.01 -68.19
CA VAL C 804 111.09 -12.40 -67.22
C VAL C 804 112.42 -13.14 -67.01
N GLU C 805 112.37 -14.44 -66.80
CA GLU C 805 113.56 -15.28 -66.61
C GLU C 805 114.51 -15.02 -67.76
N ARG C 806 113.95 -15.23 -68.92
CA ARG C 806 114.53 -15.05 -70.22
C ARG C 806 115.25 -13.74 -70.42
N ARG C 807 114.71 -12.72 -69.74
CA ARG C 807 115.15 -11.34 -69.79
C ARG C 807 116.60 -11.18 -70.15
N GLU C 808 117.44 -11.73 -69.31
CA GLU C 808 118.84 -11.57 -69.58
C GLU C 808 119.47 -12.54 -70.54
N SER C 809 119.10 -13.81 -70.44
CA SER C 809 119.69 -14.80 -71.31
C SER C 809 119.65 -14.39 -72.74
N ILE C 810 118.69 -13.52 -73.05
CA ILE C 810 118.58 -13.01 -74.39
C ILE C 810 119.74 -12.08 -74.65
N PHE C 811 119.76 -11.00 -73.87
CA PHE C 811 120.74 -9.95 -73.88
C PHE C 811 122.09 -10.55 -74.13
N CYS C 812 122.37 -11.52 -73.30
CA CYS C 812 123.61 -12.26 -73.38
C CYS C 812 123.75 -12.73 -74.77
N ILE C 813 122.70 -13.35 -75.22
CA ILE C 813 122.75 -13.81 -76.58
C ILE C 813 122.82 -12.62 -77.49
N GLN C 814 121.96 -11.63 -77.21
CA GLN C 814 121.87 -10.42 -78.05
C GLN C 814 123.23 -9.81 -78.34
N TYR C 815 123.78 -9.16 -77.35
CA TYR C 815 125.07 -8.51 -77.45
C TYR C 815 126.13 -9.41 -78.05
N ASN C 816 126.25 -10.60 -77.46
CA ASN C 816 127.25 -11.59 -77.81
C ASN C 816 127.51 -11.85 -79.25
N VAL C 817 126.42 -11.83 -80.03
CA VAL C 817 126.46 -12.05 -81.47
C VAL C 817 127.05 -10.85 -82.18
N ARG C 818 126.45 -9.72 -81.84
CA ARG C 818 126.86 -8.44 -82.36
C ARG C 818 128.38 -8.27 -82.36
N SER C 819 129.03 -8.64 -81.23
CA SER C 819 130.46 -8.60 -81.07
C SER C 819 131.06 -9.14 -82.34
N PHE C 820 130.91 -10.43 -82.42
CA PHE C 820 131.38 -11.24 -83.46
C PHE C 820 131.24 -10.67 -84.84
N MET C 821 130.08 -10.14 -85.14
CA MET C 821 129.86 -9.53 -86.43
C MET C 821 130.79 -8.39 -86.75
N ASN C 822 131.30 -7.83 -85.70
CA ASN C 822 132.17 -6.69 -85.80
C ASN C 822 133.61 -7.07 -85.85
N VAL C 823 133.86 -8.01 -84.97
CA VAL C 823 135.16 -8.53 -84.76
C VAL C 823 135.70 -9.38 -85.86
N LYS C 824 134.95 -10.41 -86.22
CA LYS C 824 135.32 -11.36 -87.25
C LYS C 824 136.00 -10.74 -88.46
N HIS C 825 135.85 -9.41 -88.66
CA HIS C 825 136.47 -8.76 -89.81
C HIS C 825 137.81 -8.06 -89.45
N TRP C 826 138.14 -7.99 -88.14
CA TRP C 826 139.34 -7.37 -87.50
C TRP C 826 140.65 -8.20 -87.51
N PRO C 827 141.67 -7.68 -88.19
CA PRO C 827 142.98 -8.29 -88.34
C PRO C 827 143.42 -9.05 -87.10
N TRP C 828 143.44 -8.29 -86.05
CA TRP C 828 143.87 -8.75 -84.75
C TRP C 828 143.06 -9.92 -84.31
N MET C 829 141.79 -9.87 -84.67
CA MET C 829 140.98 -10.98 -84.22
C MET C 829 141.19 -12.21 -85.09
N LYS C 830 141.41 -12.05 -86.39
CA LYS C 830 141.69 -13.17 -87.20
C LYS C 830 142.97 -13.80 -86.79
N LEU C 831 143.89 -12.93 -86.47
CA LEU C 831 145.21 -13.37 -86.01
C LEU C 831 145.08 -14.29 -84.83
N PHE C 832 144.44 -13.77 -83.80
CA PHE C 832 144.18 -14.52 -82.56
C PHE C 832 143.58 -15.86 -82.90
N PHE C 833 142.77 -15.82 -83.93
CA PHE C 833 142.07 -16.97 -84.40
C PHE C 833 143.01 -18.02 -84.96
N LYS C 834 143.81 -17.66 -85.96
CA LYS C 834 144.70 -18.68 -86.48
C LYS C 834 145.61 -19.16 -85.37
N ILE C 835 145.98 -18.21 -84.54
CA ILE C 835 146.91 -18.47 -83.46
C ILE C 835 146.36 -19.21 -82.24
N LYS C 836 145.12 -18.93 -81.88
CA LYS C 836 144.44 -19.55 -80.75
C LYS C 836 144.68 -21.02 -80.61
N PRO C 837 145.05 -21.69 -81.67
CA PRO C 837 145.24 -23.11 -81.52
C PRO C 837 146.58 -23.54 -81.00
N LEU C 838 147.65 -22.95 -81.54
CA LEU C 838 149.01 -23.28 -81.10
C LEU C 838 149.18 -23.23 -79.57
N LEU C 839 148.21 -22.62 -78.94
CA LEU C 839 148.27 -22.44 -77.53
C LEU C 839 147.90 -23.68 -76.79
N LYS C 840 148.10 -23.56 -75.49
CA LYS C 840 147.77 -24.65 -74.59
C LYS C 840 147.27 -24.07 -73.27
N ASN A 1 128.11 -0.45 -100.06
CA ASN A 1 127.08 -1.51 -100.14
C ASN A 1 127.56 -2.68 -101.01
N VAL A 2 128.27 -2.23 -102.04
CA VAL A 2 128.93 -3.03 -103.06
C VAL A 2 130.15 -3.90 -102.69
N PHE A 3 130.74 -3.70 -101.53
CA PHE A 3 131.66 -4.72 -101.03
C PHE A 3 131.03 -5.60 -99.92
N SER A 4 129.89 -5.21 -99.35
CA SER A 4 129.19 -5.99 -98.29
C SER A 4 128.41 -7.29 -98.53
N MET A 5 127.67 -7.51 -99.63
CA MET A 5 127.17 -8.88 -99.97
C MET A 5 128.45 -9.50 -100.58
N PHE A 6 128.57 -9.75 -101.89
CA PHE A 6 129.86 -9.88 -102.59
C PHE A 6 131.01 -10.79 -102.12
N ASP A 7 130.69 -12.08 -102.15
CA ASP A 7 131.60 -13.14 -101.75
C ASP A 7 132.82 -13.41 -102.65
N GLN A 8 133.86 -14.05 -102.11
CA GLN A 8 135.08 -14.39 -102.85
C GLN A 8 134.87 -15.08 -104.20
N THR A 9 133.94 -16.04 -104.26
CA THR A 9 133.54 -16.70 -105.52
C THR A 9 133.03 -15.70 -106.56
N GLN A 10 131.99 -14.91 -106.25
CA GLN A 10 131.51 -13.82 -107.13
C GLN A 10 132.64 -12.95 -107.67
N ILE A 11 133.50 -12.49 -106.75
CA ILE A 11 134.67 -11.70 -107.10
C ILE A 11 135.65 -12.45 -108.02
N GLN A 12 135.90 -13.75 -107.84
CA GLN A 12 136.72 -14.53 -108.76
C GLN A 12 136.10 -14.70 -110.14
N ASP A 13 134.80 -14.98 -110.23
CA ASP A 13 134.04 -15.00 -111.50
C ASP A 13 134.28 -13.67 -112.24
N PHE A 14 134.13 -12.54 -111.55
CA PHE A 14 134.47 -11.23 -112.09
C PHE A 14 135.95 -11.12 -112.50
N LYS A 15 136.94 -11.47 -111.67
CA LYS A 15 138.37 -11.46 -112.04
C LYS A 15 138.69 -12.26 -113.33
N GLU A 16 138.18 -13.47 -113.46
CA GLU A 16 138.31 -14.26 -114.69
C GLU A 16 137.63 -13.55 -115.86
N ALA A 17 136.41 -13.04 -115.70
CA ALA A 17 135.75 -12.23 -116.72
C ALA A 17 136.55 -11.03 -117.21
N PHE A 18 137.16 -10.29 -116.27
CA PHE A 18 138.07 -9.19 -116.59
C PHE A 18 139.24 -9.73 -117.40
N THR A 19 140.01 -10.73 -116.94
CA THR A 19 141.12 -11.29 -117.73
C THR A 19 140.77 -11.85 -119.12
N VAL A 20 139.51 -12.27 -119.36
CA VAL A 20 139.07 -12.62 -120.71
C VAL A 20 138.81 -11.38 -121.60
N ILE A 21 138.28 -10.29 -121.04
CA ILE A 21 138.14 -9.06 -121.82
C ILE A 21 139.49 -8.31 -121.96
N ASP A 22 140.38 -8.41 -120.97
CA ASP A 22 141.76 -7.91 -120.96
C ASP A 22 142.70 -8.53 -122.01
N GLN A 23 142.48 -8.34 -123.31
CA GLN A 23 143.31 -8.94 -124.38
C GLN A 23 144.83 -8.89 -124.25
N ASN A 24 145.30 -7.70 -123.90
CA ASN A 24 146.73 -7.45 -123.79
C ASN A 24 147.44 -8.00 -122.55
N ARG A 25 146.70 -8.48 -121.54
CA ARG A 25 147.20 -8.93 -120.23
C ARG A 25 147.83 -7.86 -119.31
N ASP A 26 148.03 -6.64 -119.81
CA ASP A 26 148.51 -5.47 -119.07
C ASP A 26 147.94 -5.19 -117.68
N GLY A 27 146.61 -5.33 -117.51
CA GLY A 27 145.94 -5.06 -116.23
C GLY A 27 144.81 -4.02 -116.30
N ILE A 28 144.76 -3.35 -117.45
CA ILE A 28 143.75 -2.33 -117.73
C ILE A 28 142.99 -2.70 -119.02
N ILE A 29 141.66 -2.83 -118.99
CA ILE A 29 140.89 -2.99 -120.23
C ILE A 29 140.69 -1.63 -120.90
N ASP A 30 140.88 -1.57 -122.21
CA ASP A 30 140.59 -0.38 -122.97
C ASP A 30 139.69 -0.61 -124.20
N LYS A 31 139.57 0.36 -125.11
CA LYS A 31 138.75 0.23 -126.32
C LYS A 31 139.15 -0.94 -127.21
N ASP A 32 140.45 -1.14 -127.37
CA ASP A 32 141.01 -2.23 -128.15
C ASP A 32 140.62 -3.59 -127.56
N ASP A 33 140.84 -3.78 -126.25
CA ASP A 33 140.42 -4.96 -125.52
C ASP A 33 138.93 -5.30 -125.69
N LEU A 34 138.05 -4.32 -125.56
CA LEU A 34 136.63 -4.50 -125.89
C LEU A 34 136.40 -4.89 -127.36
N ARG A 35 136.93 -4.16 -128.36
CA ARG A 35 136.79 -4.49 -129.79
C ARG A 35 137.06 -5.95 -130.19
N GLU A 36 138.24 -6.50 -129.90
CA GLU A 36 138.44 -7.91 -130.25
C GLU A 36 137.74 -8.87 -129.30
N THR A 37 137.33 -8.59 -128.05
CA THR A 37 136.48 -9.55 -127.33
C THR A 37 135.12 -9.67 -128.03
N PHE A 38 134.54 -8.55 -128.47
CA PHE A 38 133.34 -8.58 -129.30
C PHE A 38 133.54 -9.39 -130.58
N ALA A 39 134.63 -9.12 -131.31
CA ALA A 39 135.01 -9.89 -132.50
C ALA A 39 135.18 -11.40 -132.25
N ALA A 40 135.88 -11.80 -131.18
CA ALA A 40 136.01 -13.21 -130.78
C ALA A 40 134.67 -13.89 -130.47
N MET A 41 133.73 -13.14 -129.88
CA MET A 41 132.37 -13.63 -129.69
C MET A 41 131.46 -13.60 -130.95
N GLY A 42 131.98 -13.18 -132.10
CA GLY A 42 131.20 -13.11 -133.34
C GLY A 42 130.71 -11.72 -133.74
N ARG A 43 130.78 -10.73 -132.87
CA ARG A 43 130.28 -9.38 -133.18
C ARG A 43 131.26 -8.48 -133.91
N LEU A 44 131.11 -8.36 -135.23
CA LEU A 44 132.00 -7.51 -136.02
C LEU A 44 131.51 -6.08 -136.29
N ASN A 45 130.21 -5.84 -136.15
CA ASN A 45 129.59 -4.55 -136.47
C ASN A 45 129.69 -3.41 -135.43
N VAL A 46 130.66 -3.48 -134.53
CA VAL A 46 130.77 -2.54 -133.41
C VAL A 46 131.22 -1.11 -133.78
N LYS A 47 130.42 -0.13 -133.44
CA LYS A 47 130.75 1.27 -133.72
C LYS A 47 131.41 1.97 -132.54
N ASN A 48 132.42 2.83 -132.77
CA ASN A 48 133.10 3.54 -131.67
C ASN A 48 132.22 4.14 -130.57
N GLU A 49 131.11 4.80 -130.90
CA GLU A 49 130.17 5.33 -129.91
C GLU A 49 129.67 4.35 -128.85
N GLU A 50 129.51 3.08 -129.21
CA GLU A 50 129.12 2.00 -128.30
C GLU A 50 130.30 1.64 -127.37
N LEU A 51 131.51 1.48 -127.92
CA LEU A 51 132.74 1.23 -127.14
C LEU A 51 133.05 2.36 -126.14
N ASP A 52 132.98 3.57 -126.66
CA ASP A 52 133.11 4.79 -125.89
C ASP A 52 132.04 4.90 -124.80
N ALA A 53 130.75 4.65 -125.10
CA ALA A 53 129.69 4.63 -124.08
C ALA A 53 130.00 3.72 -122.90
N MET A 54 130.48 2.50 -123.19
CA MET A 54 130.97 1.56 -122.19
C MET A 54 132.02 2.18 -121.27
N ILE A 55 133.13 2.65 -121.85
CA ILE A 55 134.22 3.26 -121.09
C ILE A 55 133.84 4.51 -120.30
N LYS A 56 133.04 5.41 -120.89
CA LYS A 56 132.54 6.62 -120.21
C LYS A 56 131.90 6.47 -118.83
N GLU A 57 131.40 5.27 -118.51
CA GLU A 57 130.86 5.00 -117.19
C GLU A 57 131.87 5.11 -116.04
N ALA A 58 133.17 4.97 -116.32
CA ALA A 58 134.20 5.11 -115.31
C ALA A 58 135.00 6.41 -115.39
N SER A 59 135.46 6.95 -114.25
CA SER A 59 136.24 8.19 -114.24
C SER A 59 137.73 8.06 -114.59
N GLY A 60 138.29 6.86 -114.45
CA GLY A 60 139.69 6.63 -114.73
C GLY A 60 139.99 5.45 -115.65
N PRO A 61 141.24 4.95 -115.70
CA PRO A 61 141.55 3.67 -116.34
C PRO A 61 140.71 2.52 -115.79
N ILE A 62 140.18 1.60 -116.59
CA ILE A 62 139.21 0.67 -116.03
C ILE A 62 139.68 -0.45 -115.08
N ASN A 63 140.98 -0.53 -114.73
CA ASN A 63 141.59 -1.42 -113.71
C ASN A 63 140.75 -2.30 -112.78
N PHE A 64 141.05 -3.59 -112.55
CA PHE A 64 140.29 -4.51 -111.66
C PHE A 64 139.35 -3.95 -110.60
N THR A 65 139.86 -3.04 -109.76
CA THR A 65 139.07 -2.32 -108.74
C THR A 65 138.03 -1.38 -109.33
N VAL A 66 138.36 -0.53 -110.31
CA VAL A 66 137.41 0.38 -110.97
C VAL A 66 136.30 -0.47 -111.63
N PHE A 67 136.64 -1.57 -112.29
CA PHE A 67 135.62 -2.53 -112.76
C PHE A 67 134.71 -3.03 -111.63
N LEU A 68 135.28 -3.76 -110.65
CA LEU A 68 134.54 -4.30 -109.51
C LEU A 68 133.63 -3.29 -108.81
N THR A 69 134.11 -2.06 -108.58
CA THR A 69 133.27 -1.00 -108.02
C THR A 69 132.15 -0.64 -108.99
N MET A 70 132.40 -0.35 -110.28
CA MET A 70 131.34 -0.06 -111.25
C MET A 70 130.26 -1.14 -111.43
N PHE A 71 130.65 -2.41 -111.38
CA PHE A 71 129.69 -3.52 -111.51
C PHE A 71 128.96 -3.85 -110.23
N GLY A 72 129.65 -3.69 -109.11
CA GLY A 72 128.98 -3.79 -107.84
C GLY A 72 127.92 -2.69 -107.76
N GLU A 73 128.27 -1.42 -107.97
CA GLU A 73 127.33 -0.29 -107.93
C GLU A 73 126.00 -0.42 -108.65
N LYS A 74 125.94 -1.21 -109.72
CA LYS A 74 124.69 -1.49 -110.42
C LYS A 74 123.87 -2.64 -109.82
N LEU A 75 124.57 -3.54 -109.12
CA LEU A 75 123.96 -4.66 -108.42
C LEU A 75 123.84 -4.47 -106.91
N LYS A 76 123.73 -3.23 -106.41
CA LYS A 76 123.58 -2.90 -104.98
C LYS A 76 122.55 -3.65 -104.13
N GLY A 77 121.61 -4.29 -104.81
CA GLY A 77 120.61 -5.14 -104.19
C GLY A 77 120.50 -6.49 -104.90
N ALA A 78 121.65 -7.12 -105.18
CA ALA A 78 121.69 -8.43 -105.82
C ALA A 78 122.54 -9.51 -105.14
N ASP A 79 121.88 -10.59 -104.79
CA ASP A 79 122.51 -11.72 -104.15
C ASP A 79 123.03 -12.81 -105.12
N PRO A 80 123.86 -13.77 -104.65
CA PRO A 80 124.10 -14.99 -105.42
C PRO A 80 122.90 -15.96 -105.48
N GLU A 81 122.72 -16.72 -106.58
CA GLU A 81 121.56 -17.62 -106.75
C GLU A 81 121.04 -18.48 -105.61
N ASP A 82 121.88 -19.25 -104.89
CA ASP A 82 121.42 -20.01 -103.72
C ASP A 82 120.70 -19.21 -102.63
N VAL A 83 121.19 -17.99 -102.35
CA VAL A 83 120.61 -17.08 -101.37
C VAL A 83 119.20 -16.66 -101.82
N ILE A 84 119.06 -16.32 -103.10
CA ILE A 84 117.78 -15.95 -103.70
C ILE A 84 116.78 -17.13 -103.62
N MET A 85 117.25 -18.32 -103.99
CA MET A 85 116.48 -19.56 -103.84
C MET A 85 116.00 -19.80 -102.41
N GLY A 86 116.78 -19.48 -101.37
CA GLY A 86 116.35 -19.58 -99.97
C GLY A 86 115.07 -18.80 -99.66
N ALA A 87 114.99 -17.56 -100.13
CA ALA A 87 113.79 -16.74 -99.99
C ALA A 87 112.53 -17.40 -100.57
N PHE A 88 112.68 -17.96 -101.77
CA PHE A 88 111.60 -18.76 -102.38
C PHE A 88 111.34 -20.03 -101.56
N LYS A 89 112.33 -20.85 -101.18
CA LYS A 89 112.15 -22.01 -100.30
C LYS A 89 111.42 -21.75 -98.96
N VAL A 90 111.55 -20.53 -98.41
CA VAL A 90 110.79 -20.07 -97.25
C VAL A 90 109.31 -19.85 -97.63
N LEU A 91 109.07 -19.25 -98.79
CA LEU A 91 107.73 -19.07 -99.33
C LEU A 91 107.06 -20.38 -99.79
N ASP A 92 107.88 -21.34 -100.20
CA ASP A 92 107.50 -22.70 -100.55
C ASP A 92 107.11 -23.57 -99.35
N PRO A 93 107.12 -23.14 -98.07
CA PRO A 93 107.76 -23.89 -96.97
C PRO A 93 107.62 -25.42 -96.87
N ASP A 94 106.48 -25.88 -97.38
CA ASP A 94 106.10 -27.27 -97.60
C ASP A 94 107.08 -28.04 -98.51
N GLY A 95 107.73 -27.36 -99.46
CA GLY A 95 108.76 -27.95 -100.32
C GLY A 95 108.50 -28.12 -101.83
N LYS A 96 109.54 -28.57 -102.51
CA LYS A 96 109.62 -28.86 -103.95
C LYS A 96 108.89 -28.19 -105.14
N GLY A 97 107.57 -27.99 -105.12
CA GLY A 97 106.83 -27.38 -106.24
C GLY A 97 106.59 -25.91 -106.00
N SER A 98 107.07 -25.01 -106.86
CA SER A 98 106.98 -23.60 -106.49
C SER A 98 105.63 -22.86 -106.64
N ILE A 99 105.57 -21.70 -106.01
CA ILE A 99 104.34 -20.94 -105.75
C ILE A 99 103.41 -20.40 -106.87
N LYS A 100 102.22 -19.96 -106.49
CA LYS A 100 101.23 -19.42 -107.42
C LYS A 100 101.09 -17.90 -107.56
N LYS A 101 100.81 -17.46 -108.79
CA LYS A 101 100.47 -16.07 -109.06
C LYS A 101 99.07 -15.70 -108.57
N SER A 102 99.19 -14.93 -107.49
CA SER A 102 98.18 -14.30 -106.63
C SER A 102 98.83 -14.22 -105.27
N PHE A 103 99.29 -15.38 -104.77
CA PHE A 103 99.99 -15.53 -103.49
C PHE A 103 101.18 -14.58 -103.36
N LEU A 104 102.08 -14.57 -104.36
CA LEU A 104 103.14 -13.56 -104.35
C LEU A 104 102.76 -12.16 -104.84
N GLU A 105 101.76 -12.00 -105.72
CA GLU A 105 101.28 -10.67 -106.17
C GLU A 105 100.92 -9.83 -104.95
N GLU A 106 100.07 -10.44 -104.13
CA GLU A 106 99.69 -9.89 -102.83
C GLU A 106 100.90 -9.70 -101.93
N LEU A 107 101.72 -10.71 -101.61
CA LEU A 107 102.89 -10.49 -100.74
C LEU A 107 103.96 -9.48 -101.16
N LEU A 108 104.12 -9.18 -102.45
CA LEU A 108 105.00 -8.09 -102.89
C LEU A 108 104.33 -6.71 -102.73
N THR A 109 103.01 -6.61 -102.92
CA THR A 109 102.28 -5.36 -102.67
C THR A 109 101.91 -5.06 -101.23
N THR A 110 101.64 -6.08 -100.42
CA THR A 110 101.10 -5.88 -99.08
C THR A 110 101.98 -5.32 -97.96
N GLN A 111 102.60 -6.07 -97.06
CA GLN A 111 103.48 -5.52 -96.02
C GLN A 111 104.57 -4.61 -96.62
N CYS A 112 104.90 -3.49 -95.96
CA CYS A 112 105.73 -2.36 -96.46
C CYS A 112 104.88 -1.36 -97.26
N ASP A 113 105.47 -0.46 -98.04
CA ASP A 113 104.75 0.52 -98.83
C ASP A 113 104.32 0.06 -100.23
N ARG A 114 105.26 -0.60 -100.92
CA ARG A 114 105.06 -0.97 -102.32
C ARG A 114 106.12 -1.72 -103.11
N PHE A 115 105.75 -2.87 -103.64
CA PHE A 115 106.39 -3.26 -104.88
C PHE A 115 105.26 -2.98 -105.85
N THR A 116 105.42 -1.87 -106.55
CA THR A 116 104.31 -1.27 -107.32
C THR A 116 103.62 -2.14 -108.37
N PRO A 117 102.31 -1.98 -108.57
CA PRO A 117 101.63 -2.62 -109.70
C PRO A 117 102.06 -2.32 -111.14
N GLU A 118 103.07 -1.46 -111.32
CA GLU A 118 103.72 -1.27 -112.62
C GLU A 118 104.85 -2.30 -112.62
N GLU A 119 105.73 -2.26 -111.60
CA GLU A 119 106.81 -3.25 -111.37
C GLU A 119 106.32 -4.70 -111.47
N ILE A 120 105.25 -5.08 -110.77
CA ILE A 120 104.68 -6.44 -110.82
C ILE A 120 104.20 -6.90 -112.21
N LYS A 121 103.52 -6.09 -113.04
CA LYS A 121 103.16 -6.52 -114.40
C LYS A 121 104.40 -6.74 -115.27
N ASN A 122 105.40 -5.86 -115.14
CA ASN A 122 106.71 -6.05 -115.80
C ASN A 122 107.33 -7.38 -115.35
N MET A 123 107.26 -7.68 -114.06
CA MET A 123 107.65 -8.98 -113.52
C MET A 123 106.94 -10.13 -114.23
N TRP A 124 105.61 -10.24 -114.30
CA TRP A 124 104.94 -11.33 -115.04
C TRP A 124 105.29 -11.48 -116.53
N ALA A 125 105.64 -10.36 -117.17
CA ALA A 125 106.14 -10.36 -118.55
C ALA A 125 107.63 -10.72 -118.74
N ALA A 126 108.51 -10.29 -117.85
CA ALA A 126 109.97 -10.56 -117.87
C ALA A 126 110.48 -11.79 -117.11
N PHE A 127 109.56 -12.21 -116.26
CA PHE A 127 109.52 -13.50 -115.57
C PHE A 127 108.10 -13.95 -115.96
N PRO A 128 107.91 -14.25 -117.26
CA PRO A 128 107.12 -15.34 -117.76
C PRO A 128 105.80 -16.10 -117.62
N PRO A 129 105.61 -16.88 -118.71
CA PRO A 129 105.63 -18.34 -118.64
C PRO A 129 106.07 -18.99 -117.31
N ASP A 130 107.32 -18.92 -116.84
CA ASP A 130 107.72 -19.38 -115.50
C ASP A 130 106.73 -18.97 -114.41
N VAL A 131 106.51 -17.67 -114.24
CA VAL A 131 105.57 -17.10 -113.29
C VAL A 131 104.10 -17.52 -113.52
N ALA A 132 103.74 -17.99 -114.71
CA ALA A 132 102.42 -18.54 -114.95
C ALA A 132 102.26 -20.01 -114.59
N GLY A 133 103.24 -20.83 -114.98
CA GLY A 133 103.23 -22.28 -114.77
C GLY A 133 103.43 -22.77 -113.34
N ASN A 134 104.63 -22.63 -112.82
CA ASN A 134 104.97 -23.06 -111.47
C ASN A 134 105.45 -21.84 -110.67
N VAL A 135 105.17 -20.61 -111.18
CA VAL A 135 105.93 -19.37 -110.89
C VAL A 135 107.36 -19.81 -110.65
N ASP A 136 107.85 -20.52 -111.68
CA ASP A 136 109.10 -21.24 -111.69
C ASP A 136 110.30 -20.57 -111.01
N TYR A 137 110.31 -20.53 -109.68
CA TYR A 137 111.33 -19.79 -108.92
C TYR A 137 112.76 -20.23 -109.13
N LYS A 138 112.89 -21.53 -109.38
CA LYS A 138 114.16 -22.12 -109.77
C LYS A 138 114.65 -21.42 -111.05
N ASN A 139 113.80 -21.39 -112.08
CA ASN A 139 114.05 -20.69 -113.33
C ASN A 139 114.30 -19.19 -113.14
N ILE A 140 113.42 -18.49 -112.41
CA ILE A 140 113.56 -17.07 -112.01
C ILE A 140 114.98 -16.76 -111.49
N CYS A 141 115.45 -17.53 -110.50
CA CYS A 141 116.81 -17.41 -109.97
C CYS A 141 117.90 -17.62 -111.03
N TYR A 142 117.84 -18.67 -111.84
CA TYR A 142 118.81 -18.87 -112.91
C TYR A 142 118.84 -17.77 -113.97
N VAL A 143 117.71 -17.16 -114.34
CA VAL A 143 117.69 -16.04 -115.28
C VAL A 143 118.26 -14.74 -114.70
N ILE A 144 118.02 -14.47 -113.42
CA ILE A 144 118.62 -13.27 -112.82
C ILE A 144 120.14 -13.41 -112.61
N THR A 145 120.64 -14.55 -112.16
CA THR A 145 122.08 -14.75 -112.02
C THR A 145 122.80 -15.07 -113.34
N HIS A 146 122.16 -15.84 -114.22
CA HIS A 146 122.75 -16.26 -115.49
C HIS A 146 122.23 -15.71 -116.83
N GLY A 147 121.56 -14.56 -116.89
CA GLY A 147 121.11 -14.01 -118.18
C GLY A 147 119.67 -14.31 -118.58
N GLU A 148 119.10 -13.55 -119.50
CA GLU A 148 117.68 -13.67 -119.88
C GLU A 148 117.20 -14.80 -120.80
N ASP A 149 118.03 -15.19 -121.77
CA ASP A 149 117.72 -16.25 -122.73
C ASP A 149 117.73 -17.67 -122.16
N LYS A 150 118.74 -17.89 -121.31
CA LYS A 150 118.96 -19.16 -120.60
C LYS A 150 117.89 -19.69 -119.67
N ASP B 1 96.68 5.33 -73.70
CA ASP B 1 97.36 4.02 -73.76
C ASP B 1 98.91 3.90 -73.64
N GLU B 2 99.51 2.68 -73.51
CA GLU B 2 100.98 2.41 -73.59
C GLU B 2 101.68 1.03 -73.55
N ILE B 3 102.83 0.98 -74.27
CA ILE B 3 103.88 -0.06 -74.55
C ILE B 3 104.53 0.29 -75.93
N ASN B 4 105.66 -0.22 -76.44
CA ASN B 4 106.16 0.12 -77.78
C ASN B 4 105.94 -0.90 -78.92
N ASP B 5 106.50 -2.11 -78.89
CA ASP B 5 106.31 -3.22 -79.85
C ASP B 5 105.02 -3.30 -80.69
N PHE B 6 103.86 -3.09 -80.07
CA PHE B 6 102.57 -3.10 -80.77
C PHE B 6 102.47 -2.10 -81.93
N LYS B 7 103.13 -0.94 -81.79
CA LYS B 7 103.23 0.05 -82.85
C LYS B 7 104.06 -0.48 -84.03
N GLU B 8 105.16 -1.19 -83.72
CA GLU B 8 105.98 -1.84 -84.74
C GLU B 8 105.18 -2.91 -85.51
N ALA B 9 104.43 -3.72 -84.76
CA ALA B 9 103.52 -4.71 -85.33
C ALA B 9 102.39 -4.15 -86.19
N PHE B 10 101.83 -2.96 -85.90
CA PHE B 10 100.83 -2.34 -86.76
C PHE B 10 101.29 -2.17 -88.22
N LEU B 11 102.48 -1.60 -88.45
CA LEU B 11 103.05 -1.46 -89.80
C LEU B 11 103.23 -2.77 -90.58
N LEU B 12 103.41 -3.86 -89.85
CA LEU B 12 103.52 -5.19 -90.46
C LEU B 12 102.23 -5.69 -91.10
N PHE B 13 101.10 -5.07 -90.75
CA PHE B 13 99.79 -5.41 -91.29
C PHE B 13 99.08 -4.27 -92.03
N ASP B 14 99.85 -3.24 -92.41
CA ASP B 14 99.39 -2.10 -93.19
C ASP B 14 98.85 -2.42 -94.59
N ARG B 15 99.67 -3.17 -95.32
CA ARG B 15 99.37 -3.68 -96.66
C ARG B 15 98.90 -2.71 -97.76
N THR B 16 99.62 -1.59 -97.75
CA THR B 16 99.39 -0.38 -98.59
C THR B 16 100.59 0.56 -98.40
N GLY B 17 101.06 0.60 -97.15
CA GLY B 17 102.20 1.43 -96.73
C GLY B 17 101.87 2.74 -96.01
N ASP B 18 100.58 3.01 -95.88
CA ASP B 18 100.03 4.23 -95.31
C ASP B 18 100.00 4.37 -93.78
N ALA B 19 100.28 3.30 -93.03
CA ALA B 19 100.14 3.21 -91.56
C ALA B 19 98.72 3.43 -90.99
N LYS B 20 97.75 3.24 -91.89
CA LYS B 20 96.32 3.36 -91.58
C LYS B 20 95.54 2.08 -91.89
N ILE B 21 95.35 1.23 -90.89
CA ILE B 21 94.72 -0.08 -91.11
C ILE B 21 93.19 -0.01 -91.10
N THR B 22 92.46 -0.90 -91.75
CA THR B 22 90.99 -0.85 -91.80
C THR B 22 90.17 -1.37 -90.61
N LEU B 23 88.98 -0.80 -90.39
CA LEU B 23 88.03 -1.23 -89.36
C LEU B 23 87.66 -2.73 -89.33
N SER B 24 87.80 -3.41 -90.47
CA SER B 24 87.62 -4.85 -90.52
C SER B 24 88.88 -5.57 -90.01
N GLN B 25 90.08 -5.20 -90.47
CA GLN B 25 91.35 -5.77 -89.98
C GLN B 25 91.59 -5.57 -88.47
N VAL B 26 90.92 -4.56 -87.94
CA VAL B 26 90.78 -4.28 -86.51
C VAL B 26 90.54 -5.51 -85.61
N GLY B 27 89.52 -6.27 -85.97
CA GLY B 27 89.12 -7.48 -85.26
C GLY B 27 90.15 -8.61 -85.28
N ASP B 28 90.97 -8.66 -86.34
CA ASP B 28 92.03 -9.64 -86.45
C ASP B 28 93.33 -9.23 -85.75
N ILE B 29 93.83 -7.99 -85.92
CA ILE B 29 95.04 -7.52 -85.24
C ILE B 29 94.96 -7.65 -83.70
N VAL B 30 93.79 -7.35 -83.14
CA VAL B 30 93.53 -7.56 -81.71
C VAL B 30 93.75 -8.98 -81.17
N ARG B 31 93.55 -9.98 -82.04
CA ARG B 31 93.70 -11.40 -81.70
C ARG B 31 95.11 -11.91 -81.45
N ALA B 32 96.09 -11.40 -82.18
CA ALA B 32 97.48 -11.76 -81.90
C ALA B 32 98.19 -10.90 -80.87
N LEU B 33 97.72 -9.67 -80.65
CA LEU B 33 98.29 -8.84 -79.60
C LEU B 33 97.86 -9.23 -78.18
N GLY B 34 98.49 -10.34 -77.80
CA GLY B 34 98.34 -10.99 -76.52
C GLY B 34 97.12 -11.88 -76.31
N GLN B 35 95.92 -11.32 -76.28
CA GLN B 35 94.78 -12.10 -75.81
C GLN B 35 93.47 -12.02 -76.60
N ASN B 36 92.71 -13.12 -76.58
CA ASN B 36 91.45 -13.32 -77.32
C ASN B 36 90.34 -12.25 -77.23
N PRO B 37 89.64 -11.96 -78.33
CA PRO B 37 88.31 -11.31 -78.26
C PRO B 37 87.21 -11.98 -79.11
N THR B 38 85.95 -12.13 -78.69
CA THR B 38 84.96 -12.76 -79.57
C THR B 38 84.34 -11.83 -80.62
N ASN B 39 83.86 -12.39 -81.73
CA ASN B 39 83.15 -11.58 -82.72
C ASN B 39 81.66 -11.63 -82.36
N ALA B 40 81.27 -10.44 -81.92
CA ALA B 40 80.01 -10.10 -81.27
C ALA B 40 80.52 -9.05 -80.29
N GLU B 41 81.54 -9.33 -79.46
CA GLU B 41 82.13 -8.29 -78.61
C GLU B 41 82.82 -7.17 -79.38
N ILE B 42 83.66 -7.53 -80.35
CA ILE B 42 84.28 -6.55 -81.26
C ILE B 42 83.17 -5.78 -82.01
N ASN B 43 82.22 -6.54 -82.57
CA ASN B 43 81.04 -5.98 -83.23
C ASN B 43 80.22 -5.05 -82.32
N LYS B 44 80.15 -5.26 -81.00
CA LYS B 44 79.42 -4.38 -80.07
C LYS B 44 79.92 -2.95 -79.97
N ILE B 45 81.10 -2.75 -79.36
CA ILE B 45 81.56 -1.38 -79.17
C ILE B 45 82.72 -0.92 -80.02
N LEU B 46 82.29 0.21 -80.57
CA LEU B 46 82.95 0.98 -81.63
C LEU B 46 82.85 0.23 -82.96
N GLY B 47 82.95 -1.10 -83.01
CA GLY B 47 82.62 -1.89 -84.21
C GLY B 47 81.24 -1.61 -84.84
N ASN B 48 80.14 -1.74 -84.08
CA ASN B 48 78.79 -1.41 -84.58
C ASN B 48 78.57 -0.02 -85.20
N PRO B 49 79.22 1.07 -84.76
CA PRO B 49 79.16 2.29 -85.58
C PRO B 49 80.13 2.44 -86.75
N SER B 50 79.78 2.06 -87.99
CA SER B 50 80.67 2.17 -89.16
C SER B 50 81.45 3.47 -89.34
N LYS B 51 80.83 4.64 -89.46
CA LYS B 51 81.55 5.91 -89.55
C LYS B 51 82.42 6.19 -88.32
N GLU B 52 81.90 6.05 -87.09
CA GLU B 52 82.73 6.22 -85.90
C GLU B 52 83.89 5.22 -85.86
N GLU B 53 83.79 3.90 -85.94
CA GLU B 53 84.95 3.00 -85.98
C GLU B 53 85.89 3.28 -87.16
N MET B 54 85.37 3.66 -88.33
CA MET B 54 86.23 4.11 -89.41
C MET B 54 87.01 5.39 -89.09
N ASN B 55 86.45 6.24 -88.24
CA ASN B 55 87.10 7.41 -87.66
C ASN B 55 87.56 7.19 -86.20
N ALA B 56 87.54 5.92 -85.77
CA ALA B 56 88.00 5.45 -84.44
C ALA B 56 88.77 4.12 -84.40
N LYS B 57 89.31 3.67 -85.54
CA LYS B 57 90.26 2.55 -85.69
C LYS B 57 90.61 2.23 -87.14
N LYS B 58 89.81 2.59 -88.16
CA LYS B 58 90.24 2.52 -89.58
C LYS B 58 91.12 3.75 -89.87
N ILE B 59 92.23 3.62 -89.18
CA ILE B 59 93.01 4.78 -88.85
C ILE B 59 94.47 4.49 -88.51
N THR B 60 95.05 5.51 -87.92
CA THR B 60 96.38 5.49 -87.34
C THR B 60 96.36 4.80 -85.97
N PHE B 61 97.52 4.76 -85.34
CA PHE B 61 97.71 4.04 -84.07
C PHE B 61 96.87 4.56 -82.90
N GLU B 62 96.46 5.82 -83.04
CA GLU B 62 95.69 6.59 -82.06
C GLU B 62 94.40 6.01 -81.51
N GLU B 63 93.76 5.21 -82.35
CA GLU B 63 92.52 4.55 -81.96
C GLU B 63 92.67 3.03 -81.93
N PHE B 64 93.69 2.51 -82.64
CA PHE B 64 94.06 1.10 -82.48
C PHE B 64 94.34 0.71 -81.04
N LEU B 65 95.28 1.44 -80.47
CA LEU B 65 95.76 1.25 -79.10
C LEU B 65 94.68 1.37 -78.02
N PRO B 66 93.89 2.47 -77.89
CA PRO B 66 92.67 2.41 -77.07
C PRO B 66 91.67 1.30 -77.31
N MET B 67 91.27 0.91 -78.55
CA MET B 67 90.39 -0.27 -78.73
C MET B 67 90.97 -1.56 -78.17
N LEU B 68 92.26 -1.78 -78.46
CA LEU B 68 92.99 -2.95 -77.97
C LEU B 68 93.03 -3.03 -76.45
N GLN B 69 93.28 -1.90 -75.77
CA GLN B 69 93.19 -1.84 -74.32
C GLN B 69 91.79 -2.15 -73.79
N ALA B 70 90.75 -1.60 -74.41
CA ALA B 70 89.36 -1.95 -74.06
C ALA B 70 89.10 -3.46 -74.04
N ALA B 71 89.58 -4.17 -75.08
CA ALA B 71 89.55 -5.63 -75.08
C ALA B 71 90.40 -6.19 -73.93
N ALA B 72 91.63 -5.70 -73.70
CA ALA B 72 92.50 -6.14 -72.59
C ALA B 72 91.86 -6.27 -71.21
N ASN B 73 90.91 -5.40 -70.90
CA ASN B 73 90.12 -5.47 -69.66
C ASN B 73 89.23 -6.71 -69.47
N ASN B 74 88.54 -7.22 -70.50
CA ASN B 74 87.66 -8.39 -70.34
C ASN B 74 88.34 -9.76 -70.41
N LYS B 75 89.61 -9.75 -70.80
CA LYS B 75 90.34 -10.98 -71.08
C LYS B 75 90.64 -11.99 -69.96
N ASP B 76 90.27 -11.72 -68.70
CA ASP B 76 90.29 -12.68 -67.59
C ASP B 76 89.66 -14.05 -67.93
N GLN B 77 88.67 -14.01 -68.84
CA GLN B 77 88.04 -15.21 -69.41
C GLN B 77 89.00 -16.20 -70.12
N GLY B 78 90.29 -15.86 -70.21
CA GLY B 78 91.34 -16.74 -70.69
C GLY B 78 91.52 -18.00 -69.81
N THR B 79 90.90 -18.03 -68.63
CA THR B 79 90.87 -19.19 -67.71
C THR B 79 90.59 -20.52 -68.41
N PHE B 80 91.51 -21.48 -68.33
CA PHE B 80 91.36 -22.75 -69.05
C PHE B 80 90.39 -23.74 -68.41
N GLU B 81 90.13 -23.61 -67.12
CA GLU B 81 89.29 -24.53 -66.33
C GLU B 81 88.06 -25.09 -67.05
N ASP B 82 87.10 -24.24 -67.37
CA ASP B 82 85.90 -24.61 -68.14
C ASP B 82 86.15 -25.21 -69.54
N PHE B 83 87.29 -24.91 -70.16
CA PHE B 83 87.53 -25.22 -71.57
C PHE B 83 88.23 -26.50 -72.02
N VAL B 84 88.43 -27.41 -71.06
CA VAL B 84 88.80 -28.80 -71.35
C VAL B 84 87.52 -29.59 -71.01
N GLU B 85 86.91 -29.19 -69.89
CA GLU B 85 85.64 -29.74 -69.40
C GLU B 85 84.45 -29.67 -70.36
N GLY B 86 84.21 -28.49 -70.95
CA GLY B 86 83.17 -28.28 -71.95
C GLY B 86 83.29 -29.21 -73.14
N LEU B 87 84.54 -29.43 -73.54
CA LEU B 87 84.85 -30.38 -74.59
C LEU B 87 84.46 -31.79 -74.13
N ARG B 88 84.97 -32.38 -73.03
CA ARG B 88 84.51 -33.70 -72.55
C ARG B 88 82.98 -33.93 -72.54
N VAL B 89 82.16 -32.89 -72.43
CA VAL B 89 80.70 -33.01 -72.50
C VAL B 89 80.15 -33.47 -73.86
N PHE B 90 80.84 -33.22 -74.97
CA PHE B 90 80.37 -33.67 -76.27
C PHE B 90 80.59 -35.20 -76.44
N ASP B 91 81.81 -35.74 -76.35
CA ASP B 91 82.03 -37.18 -76.51
C ASP B 91 82.57 -38.04 -75.33
N LYS B 92 82.07 -37.91 -74.10
CA LYS B 92 82.49 -38.68 -72.91
C LYS B 92 82.34 -40.21 -72.79
N GLU B 93 83.30 -41.02 -73.25
CA GLU B 93 83.24 -42.49 -73.15
C GLU B 93 84.56 -43.12 -72.64
N GLY B 94 85.04 -42.64 -71.49
CA GLY B 94 86.30 -43.09 -70.91
C GLY B 94 87.31 -41.96 -70.79
N ASN B 95 88.34 -41.93 -71.65
CA ASN B 95 89.32 -40.83 -71.64
C ASN B 95 88.80 -39.54 -72.29
N GLY B 96 89.59 -38.48 -72.54
CA GLY B 96 89.08 -37.33 -73.29
C GLY B 96 88.81 -37.62 -74.78
N THR B 97 87.87 -38.50 -75.06
CA THR B 97 87.51 -38.98 -76.39
C THR B 97 86.62 -38.03 -77.17
N VAL B 98 86.97 -37.72 -78.40
CA VAL B 98 86.11 -36.92 -79.31
C VAL B 98 85.90 -37.65 -80.63
N MET B 99 84.96 -37.29 -81.48
CA MET B 99 84.95 -37.76 -82.85
C MET B 99 85.15 -36.58 -83.79
N GLY B 100 85.99 -36.74 -84.81
CA GLY B 100 86.28 -35.69 -85.80
C GLY B 100 85.04 -34.93 -86.28
N ALA B 101 84.08 -35.69 -86.79
CA ALA B 101 82.80 -35.15 -87.26
C ALA B 101 82.03 -34.21 -86.33
N GLU B 102 81.96 -34.55 -85.05
CA GLU B 102 81.27 -33.74 -84.06
C GLU B 102 81.98 -32.41 -83.83
N LEU B 103 83.27 -32.33 -83.48
CA LEU B 103 83.94 -31.02 -83.39
C LEU B 103 83.92 -30.23 -84.71
N ARG B 104 84.21 -30.86 -85.86
CA ARG B 104 84.15 -30.20 -87.18
C ARG B 104 82.84 -29.49 -87.49
N HIS B 105 81.69 -30.16 -87.36
CA HIS B 105 80.42 -29.48 -87.60
C HIS B 105 80.05 -28.51 -86.49
N VAL B 106 80.15 -28.89 -85.21
CA VAL B 106 79.83 -28.00 -84.08
C VAL B 106 80.58 -26.66 -84.13
N LEU B 107 81.85 -26.69 -84.54
CA LEU B 107 82.63 -25.47 -84.69
C LEU B 107 82.63 -24.83 -86.08
N ALA B 108 81.65 -25.15 -86.91
CA ALA B 108 81.45 -24.53 -88.22
C ALA B 108 80.01 -23.99 -88.36
N THR B 109 79.05 -24.77 -87.83
CA THR B 109 77.63 -24.45 -87.85
C THR B 109 77.06 -23.70 -86.64
N LEU B 110 77.66 -23.78 -85.45
CA LEU B 110 77.06 -23.18 -84.25
C LEU B 110 77.62 -21.88 -83.68
N GLY B 111 76.78 -21.12 -82.96
CA GLY B 111 77.15 -19.85 -82.33
C GLY B 111 77.79 -18.79 -83.24
N GLU B 112 79.12 -18.70 -83.18
CA GLU B 112 79.86 -17.75 -83.98
C GLU B 112 80.34 -18.26 -85.36
N LYS B 113 80.05 -19.53 -85.72
CA LYS B 113 80.51 -20.20 -86.95
C LYS B 113 82.03 -20.38 -86.98
N MET B 114 82.64 -20.84 -88.06
CA MET B 114 84.08 -20.82 -88.36
C MET B 114 84.13 -21.37 -89.77
N THR B 115 84.93 -20.90 -90.71
CA THR B 115 84.90 -21.48 -92.06
C THR B 115 85.46 -22.90 -92.05
N GLU B 116 84.93 -23.77 -92.90
CA GLU B 116 85.42 -25.15 -93.01
C GLU B 116 86.94 -25.19 -93.17
N GLU B 117 87.48 -24.31 -94.02
CA GLU B 117 88.93 -24.07 -94.18
C GLU B 117 89.64 -23.85 -92.84
N GLU B 118 89.22 -22.85 -92.03
CA GLU B 118 89.78 -22.60 -90.70
C GLU B 118 89.66 -23.79 -89.74
N VAL B 119 88.53 -24.50 -89.72
CA VAL B 119 88.37 -25.71 -88.88
C VAL B 119 89.33 -26.83 -89.34
N GLU B 120 89.43 -27.15 -90.64
CA GLU B 120 90.40 -28.10 -91.20
C GLU B 120 91.83 -27.75 -90.77
N GLU B 121 92.13 -26.44 -90.80
CA GLU B 121 93.36 -25.90 -90.24
C GLU B 121 93.58 -25.95 -88.73
N LEU B 122 92.52 -26.03 -87.92
CA LEU B 122 92.67 -26.30 -86.49
C LEU B 122 92.99 -27.79 -86.26
N MET B 123 92.40 -28.64 -87.09
CA MET B 123 92.66 -30.08 -87.10
C MET B 123 93.98 -30.49 -87.78
N LYS B 124 95.03 -29.65 -87.70
CA LYS B 124 96.33 -29.89 -88.33
C LYS B 124 97.13 -31.12 -87.87
N GLY B 125 96.74 -32.33 -88.29
CA GLY B 125 97.42 -33.57 -87.91
C GLY B 125 97.38 -33.86 -86.41
N GLN B 126 96.23 -33.58 -85.80
CA GLN B 126 95.99 -33.89 -84.39
C GLN B 126 94.88 -34.93 -84.20
N GLU B 127 94.27 -35.27 -85.33
CA GLU B 127 93.22 -36.27 -85.47
C GLU B 127 93.55 -37.34 -86.51
N ASP B 128 94.56 -38.13 -86.22
CA ASP B 128 94.95 -39.22 -87.09
C ASP B 128 93.88 -40.29 -87.37
N SER B 129 94.19 -41.22 -88.28
CA SER B 129 93.29 -42.32 -88.70
C SER B 129 92.25 -42.98 -87.79
N ASN B 130 92.43 -42.87 -86.47
CA ASN B 130 91.55 -43.46 -85.47
C ASN B 130 90.11 -42.92 -85.39
N GLY B 131 89.78 -41.78 -86.02
CA GLY B 131 88.41 -41.22 -85.98
C GLY B 131 88.14 -40.37 -84.74
N CYS B 132 88.56 -40.94 -83.61
CA CYS B 132 88.56 -40.27 -82.32
C CYS B 132 89.74 -39.34 -82.09
N ILE B 133 89.40 -38.19 -81.56
CA ILE B 133 90.37 -37.16 -81.24
C ILE B 133 90.62 -37.08 -79.72
N ASN B 134 91.80 -36.71 -79.19
CA ASN B 134 92.01 -36.64 -77.73
C ASN B 134 91.92 -35.25 -77.08
N TYR B 135 90.73 -34.81 -76.67
CA TYR B 135 90.43 -33.50 -76.08
C TYR B 135 91.50 -32.69 -75.32
N GLU B 136 92.03 -33.34 -74.30
CA GLU B 136 93.02 -32.78 -73.39
C GLU B 136 94.26 -32.22 -74.06
N ALA B 137 94.68 -32.89 -75.14
CA ALA B 137 95.82 -32.44 -75.92
C ALA B 137 95.47 -31.25 -76.81
N PHE B 138 94.24 -31.16 -77.33
CA PHE B 138 93.87 -30.03 -78.18
C PHE B 138 93.81 -28.73 -77.45
N VAL B 139 93.16 -28.66 -76.28
CA VAL B 139 93.15 -27.42 -75.50
C VAL B 139 94.59 -26.96 -75.24
N LYS B 140 95.52 -27.86 -74.89
CA LYS B 140 96.94 -27.51 -74.78
C LYS B 140 97.54 -26.98 -76.10
N HIS B 141 97.40 -27.65 -77.24
CA HIS B 141 97.91 -27.15 -78.54
C HIS B 141 97.24 -25.90 -79.13
N ILE B 142 95.99 -25.70 -78.73
CA ILE B 142 95.20 -24.53 -79.08
C ILE B 142 95.74 -23.39 -78.20
N MET B 143 95.70 -23.50 -76.88
CA MET B 143 96.23 -22.48 -75.98
C MET B 143 97.74 -22.23 -76.07
N SER B 144 98.50 -23.13 -76.70
CA SER B 144 99.96 -23.03 -76.89
C SER B 144 100.59 -21.99 -77.82
N VAL B 145 99.88 -20.95 -78.24
CA VAL B 145 100.56 -19.93 -79.04
C VAL B 145 101.14 -18.82 -78.15
N ASP C 1 43.44 -56.10 -97.84
CA ASP C 1 42.89 -56.47 -99.14
C ASP C 1 42.91 -57.96 -99.30
N ALA C 2 44.14 -58.50 -99.26
CA ALA C 2 44.34 -59.92 -99.36
C ALA C 2 43.56 -60.57 -98.24
N GLU C 3 43.82 -60.05 -97.04
CA GLU C 3 43.17 -60.52 -95.82
C GLU C 3 41.67 -60.51 -95.96
N MET C 4 41.14 -59.30 -96.11
CA MET C 4 39.73 -59.10 -96.27
C MET C 4 39.18 -59.89 -97.43
N ALA C 5 38.27 -60.75 -97.08
CA ALA C 5 37.59 -61.59 -97.99
C ALA C 5 36.38 -62.05 -97.25
N ALA C 6 36.68 -62.53 -96.01
CA ALA C 6 35.70 -63.02 -95.07
C ALA C 6 34.51 -62.06 -95.07
N PHE C 7 34.85 -60.77 -94.91
CA PHE C 7 33.86 -59.73 -94.91
C PHE C 7 33.48 -59.43 -96.32
N GLY C 8 34.53 -59.12 -97.06
CA GLY C 8 34.41 -58.80 -98.44
C GLY C 8 33.41 -57.66 -98.59
N GLU C 9 32.13 -58.03 -98.67
CA GLU C 9 31.08 -57.05 -98.84
C GLU C 9 31.02 -56.01 -97.74
N ALA C 10 31.39 -56.40 -96.52
CA ALA C 10 31.34 -55.50 -95.39
C ALA C 10 32.56 -54.61 -95.31
N ALA C 11 33.65 -55.18 -95.82
CA ALA C 11 34.99 -54.60 -95.84
C ALA C 11 35.03 -53.09 -95.91
N PRO C 12 34.38 -52.55 -96.91
CA PRO C 12 34.39 -51.11 -97.09
C PRO C 12 33.95 -50.31 -95.88
N TYR C 13 33.16 -50.96 -95.00
CA TYR C 13 32.61 -50.32 -93.81
C TYR C 13 33.38 -50.62 -92.55
N LEU C 14 34.35 -51.51 -92.71
CA LEU C 14 35.26 -51.96 -91.66
C LEU C 14 36.64 -51.40 -91.83
N ARG C 15 37.14 -51.57 -93.05
CA ARG C 15 38.44 -51.10 -93.47
C ARG C 15 38.42 -50.49 -94.83
N LYS C 16 39.47 -49.73 -95.17
CA LYS C 16 39.58 -49.09 -96.47
C LYS C 16 40.60 -49.75 -97.39
N SER C 17 40.44 -49.56 -98.70
CA SER C 17 41.37 -50.18 -99.63
C SER C 17 42.78 -49.76 -99.32
N GLU C 18 43.67 -50.69 -99.46
CA GLU C 18 45.10 -50.49 -99.21
C GLU C 18 45.76 -49.34 -99.92
N LYS C 19 45.04 -48.53 -100.65
CA LYS C 19 45.73 -47.43 -101.26
C LYS C 19 45.03 -46.19 -100.81
N GLU C 20 43.74 -46.43 -100.46
CA GLU C 20 42.91 -45.36 -99.95
C GLU C 20 43.60 -44.92 -98.68
N ARG C 21 44.18 -45.96 -98.07
CA ARG C 21 44.93 -45.79 -96.87
C ARG C 21 46.17 -45.02 -97.26
N ILE C 22 46.96 -45.73 -98.06
CA ILE C 22 48.21 -45.25 -98.59
C ILE C 22 48.17 -43.85 -99.17
N GLU C 23 47.10 -43.55 -99.87
CA GLU C 23 46.92 -42.26 -100.45
C GLU C 23 46.61 -41.22 -99.41
N ALA C 24 46.27 -41.69 -98.23
CA ALA C 24 45.91 -40.81 -97.14
C ALA C 24 47.02 -40.57 -96.13
N GLN C 25 47.76 -41.63 -95.83
CA GLN C 25 48.84 -41.52 -94.86
C GLN C 25 50.08 -40.87 -95.47
N ASN C 26 50.25 -41.12 -96.77
CA ASN C 26 51.39 -40.64 -97.51
C ASN C 26 50.98 -39.45 -98.34
N LYS C 27 50.94 -38.31 -97.67
CA LYS C 27 50.58 -37.07 -98.28
C LYS C 27 51.31 -35.94 -97.60
N PRO C 28 51.33 -34.77 -98.23
CA PRO C 28 52.04 -33.64 -97.68
C PRO C 28 51.45 -33.16 -96.37
N PHE C 29 52.34 -32.84 -95.42
CA PHE C 29 51.95 -32.32 -94.13
C PHE C 29 52.89 -31.25 -93.54
N ASP C 30 52.33 -30.14 -93.09
CA ASP C 30 53.14 -29.10 -92.43
C ASP C 30 52.77 -28.92 -90.97
N ALA C 31 53.42 -29.70 -90.14
CA ALA C 31 53.17 -29.66 -88.72
C ALA C 31 53.10 -28.27 -88.06
N LYS C 32 54.20 -27.57 -88.14
CA LYS C 32 54.32 -26.28 -87.52
C LYS C 32 53.22 -25.31 -87.86
N SER C 33 52.48 -25.58 -88.92
CA SER C 33 51.45 -24.62 -89.30
C SER C 33 50.06 -25.15 -89.19
N SER C 34 49.90 -26.46 -89.55
CA SER C 34 48.59 -27.09 -89.47
C SER C 34 48.10 -27.27 -88.02
N VAL C 35 46.84 -26.90 -87.76
CA VAL C 35 46.32 -26.96 -86.42
C VAL C 35 44.81 -27.04 -86.34
N PHE C 36 44.32 -27.37 -85.12
CA PHE C 36 42.89 -27.42 -84.78
C PHE C 36 42.63 -26.19 -83.94
N VAL C 37 41.43 -25.64 -83.98
CA VAL C 37 41.20 -24.44 -83.16
C VAL C 37 39.76 -24.28 -82.68
N VAL C 38 39.64 -23.47 -81.63
CA VAL C 38 38.39 -23.16 -80.99
C VAL C 38 37.53 -22.45 -81.98
N HIS C 39 36.21 -22.47 -81.73
CA HIS C 39 35.36 -21.77 -82.66
C HIS C 39 33.99 -21.51 -82.09
N PRO C 40 33.69 -20.24 -81.94
CA PRO C 40 32.45 -19.79 -81.39
C PRO C 40 31.19 -20.48 -81.89
N LYS C 41 31.03 -20.63 -83.21
CA LYS C 41 29.85 -21.28 -83.73
C LYS C 41 30.04 -22.79 -83.80
N GLU C 42 30.98 -23.24 -84.62
CA GLU C 42 31.29 -24.64 -84.67
C GLU C 42 32.32 -24.89 -83.60
N SER C 43 32.18 -25.98 -82.87
CA SER C 43 33.04 -26.30 -81.74
C SER C 43 34.54 -26.09 -81.90
N PHE C 44 35.07 -26.81 -82.85
CA PHE C 44 36.50 -26.81 -83.18
C PHE C 44 36.58 -27.04 -84.66
N VAL C 45 37.19 -26.15 -85.37
CA VAL C 45 37.33 -26.42 -86.78
C VAL C 45 38.80 -26.39 -87.04
N LYS C 46 39.25 -26.87 -88.22
CA LYS C 46 40.66 -26.86 -88.54
C LYS C 46 41.12 -25.65 -89.31
N GLY C 47 42.43 -25.39 -89.21
CA GLY C 47 42.99 -24.28 -89.90
C GLY C 47 44.48 -24.32 -89.94
N THR C 48 45.01 -23.29 -90.60
CA THR C 48 46.41 -23.10 -90.77
C THR C 48 46.83 -21.85 -90.00
N ILE C 49 47.91 -21.98 -89.27
CA ILE C 49 48.41 -20.84 -88.54
C ILE C 49 49.03 -19.83 -89.50
N GLN C 50 48.59 -18.59 -89.35
CA GLN C 50 49.08 -17.52 -90.17
C GLN C 50 50.18 -16.77 -89.45
N SER C 51 49.81 -16.14 -88.36
CA SER C 51 50.81 -15.38 -87.65
C SER C 51 50.90 -15.81 -86.22
N LYS C 52 51.57 -15.00 -85.41
CA LYS C 52 51.73 -15.28 -84.00
C LYS C 52 51.83 -13.98 -83.20
N GLU C 53 50.78 -13.68 -82.44
CA GLU C 53 50.70 -12.46 -81.63
C GLU C 53 51.40 -12.50 -80.25
N GLY C 54 52.38 -13.40 -80.13
CA GLY C 54 53.18 -13.58 -78.92
C GLY C 54 52.51 -14.40 -77.82
N GLY C 55 51.19 -14.63 -77.99
CA GLY C 55 50.37 -15.36 -77.04
C GLY C 55 48.93 -15.27 -77.46
N LYS C 56 48.81 -15.03 -78.75
CA LYS C 56 47.58 -14.93 -79.49
C LYS C 56 47.87 -15.61 -80.79
N VAL C 57 46.83 -16.06 -81.44
CA VAL C 57 47.09 -16.71 -82.68
C VAL C 57 46.06 -16.38 -83.70
N THR C 58 46.53 -16.13 -84.91
CA THR C 58 45.63 -15.85 -86.01
C THR C 58 45.64 -17.03 -86.92
N VAL C 59 44.45 -17.54 -87.23
CA VAL C 59 44.41 -18.68 -88.10
C VAL C 59 43.40 -18.61 -89.21
N LYS C 60 43.77 -19.24 -90.31
CA LYS C 60 42.88 -19.33 -91.43
C LYS C 60 42.00 -20.50 -91.14
N THR C 61 41.02 -20.68 -91.94
CA THR C 61 40.09 -21.75 -91.68
C THR C 61 40.00 -22.62 -92.87
N GLU C 62 39.21 -23.62 -92.67
CA GLU C 62 38.84 -24.56 -93.68
C GLU C 62 37.39 -24.25 -93.91
N GLY C 63 37.22 -23.32 -94.81
CA GLY C 63 35.94 -22.78 -95.22
C GLY C 63 36.21 -21.35 -95.53
N GLY C 64 37.31 -20.88 -94.89
CA GLY C 64 37.82 -19.55 -95.13
C GLY C 64 37.30 -18.65 -94.07
N GLU C 65 38.15 -18.45 -93.07
CA GLU C 65 37.80 -17.60 -91.94
C GLU C 65 39.08 -17.31 -91.23
N THR C 66 39.11 -16.14 -90.62
CA THR C 66 40.30 -15.78 -89.92
C THR C 66 39.92 -15.33 -88.52
N LEU C 67 40.56 -15.96 -87.51
CA LEU C 67 40.30 -15.68 -86.12
C LEU C 67 41.57 -15.55 -85.31
N THR C 68 41.60 -14.62 -84.37
CA THR C 68 42.80 -14.51 -83.55
C THR C 68 42.40 -14.99 -82.19
N VAL C 69 42.86 -16.18 -81.91
CA VAL C 69 42.50 -16.82 -80.68
C VAL C 69 43.72 -17.14 -79.81
N LYS C 70 43.51 -17.19 -78.48
CA LYS C 70 44.54 -17.47 -77.47
C LYS C 70 45.53 -18.53 -77.91
N GLU C 71 46.56 -18.71 -77.10
CA GLU C 71 47.55 -19.72 -77.41
C GLU C 71 46.98 -21.10 -77.14
N ASP C 72 46.16 -21.17 -76.08
CA ASP C 72 45.53 -22.44 -75.79
C ASP C 72 44.12 -22.64 -76.28
N GLN C 73 43.88 -22.07 -77.43
CA GLN C 73 42.61 -22.18 -78.07
C GLN C 73 42.96 -22.88 -79.37
N VAL C 74 44.28 -23.12 -79.41
CA VAL C 74 45.02 -23.72 -80.50
C VAL C 74 45.59 -25.09 -80.11
N PHE C 75 45.29 -26.07 -80.94
CA PHE C 75 45.71 -27.44 -80.76
C PHE C 75 46.27 -28.07 -82.02
N SER C 76 47.40 -28.73 -81.83
CA SER C 76 48.12 -29.42 -82.88
C SER C 76 47.23 -30.35 -83.66
N MET C 77 47.77 -30.87 -84.75
CA MET C 77 47.06 -31.76 -85.64
C MET C 77 47.93 -32.95 -86.03
N ASN C 78 47.41 -34.13 -85.86
CA ASN C 78 48.15 -35.30 -86.13
C ASN C 78 48.59 -35.46 -87.56
N PRO C 79 49.82 -36.00 -87.72
CA PRO C 79 50.35 -36.25 -89.04
C PRO C 79 49.34 -37.16 -89.69
N PRO C 80 49.38 -37.12 -90.97
CA PRO C 80 48.46 -37.86 -91.78
C PRO C 80 48.51 -39.36 -91.50
N LYS C 81 49.62 -39.77 -90.91
CA LYS C 81 49.78 -41.19 -90.62
C LYS C 81 48.62 -41.70 -89.78
N TYR C 82 48.02 -40.78 -89.06
CA TYR C 82 46.87 -41.08 -88.21
C TYR C 82 45.63 -40.52 -88.83
N ASP C 83 45.14 -41.17 -89.87
CA ASP C 83 44.01 -40.62 -90.54
C ASP C 83 42.70 -41.04 -89.92
N LYS C 84 42.44 -42.36 -90.07
CA LYS C 84 41.23 -42.94 -89.55
C LYS C 84 41.55 -44.14 -88.72
N ILE C 85 42.41 -43.84 -87.76
CA ILE C 85 42.96 -44.71 -86.79
C ILE C 85 41.91 -45.52 -86.08
N GLU C 86 42.14 -46.81 -86.10
CA GLU C 86 41.31 -47.75 -85.43
C GLU C 86 41.20 -47.48 -83.96
N ASP C 87 42.34 -47.04 -83.39
CA ASP C 87 42.48 -46.77 -81.97
C ASP C 87 43.03 -45.41 -81.76
N MET C 88 42.16 -44.45 -81.55
CA MET C 88 42.58 -43.11 -81.36
C MET C 88 43.60 -42.94 -80.32
N ALA C 89 43.64 -43.88 -79.43
CA ALA C 89 44.62 -43.82 -78.33
C ALA C 89 46.01 -44.16 -78.77
N MET C 90 46.18 -44.26 -80.08
CA MET C 90 47.49 -44.55 -80.58
C MET C 90 48.06 -43.29 -81.17
N MET C 91 47.16 -42.33 -81.34
CA MET C 91 47.51 -41.03 -81.77
C MET C 91 48.53 -40.46 -80.87
N THR C 92 49.37 -39.55 -81.40
CA THR C 92 50.42 -38.92 -80.61
C THR C 92 49.93 -37.60 -80.18
N HIS C 93 48.65 -37.37 -80.49
CA HIS C 93 48.02 -36.14 -80.13
C HIS C 93 46.64 -36.34 -79.52
N LEU C 94 46.69 -36.43 -78.19
CA LEU C 94 45.59 -36.66 -77.32
C LEU C 94 44.98 -35.34 -76.88
N HIS C 95 44.06 -34.90 -77.71
CA HIS C 95 43.36 -33.67 -77.56
C HIS C 95 41.93 -33.96 -77.48
N GLU C 96 41.22 -32.87 -77.41
CA GLU C 96 39.79 -32.96 -77.48
C GLU C 96 39.38 -33.00 -78.95
N PRO C 97 39.88 -32.06 -79.76
CA PRO C 97 39.55 -32.01 -81.15
C PRO C 97 39.92 -33.22 -81.98
N ALA C 98 41.14 -33.66 -81.84
CA ALA C 98 41.57 -34.81 -82.59
C ALA C 98 40.71 -36.02 -82.41
N VAL C 99 40.03 -36.09 -81.28
CA VAL C 99 39.19 -37.24 -81.06
C VAL C 99 37.88 -37.08 -81.77
N LEU C 100 37.39 -35.90 -81.69
CA LEU C 100 36.13 -35.60 -82.34
C LEU C 100 36.34 -35.85 -83.81
N TYR C 101 37.40 -35.24 -84.31
CA TYR C 101 37.74 -35.31 -85.71
C TYR C 101 37.98 -36.66 -86.27
N ASN C 102 38.53 -37.60 -85.49
CA ASN C 102 38.79 -38.94 -85.99
C ASN C 102 37.54 -39.71 -86.16
N LEU C 103 36.66 -39.51 -85.22
CA LEU C 103 35.42 -40.25 -85.22
C LEU C 103 34.70 -39.86 -86.46
N LYS C 104 34.52 -38.53 -86.53
CA LYS C 104 33.86 -37.85 -87.65
C LYS C 104 34.36 -38.28 -89.00
N GLU C 105 35.67 -38.30 -89.20
CA GLU C 105 36.16 -38.67 -90.51
C GLU C 105 35.81 -40.08 -90.93
N ARG C 106 35.92 -41.04 -90.00
CA ARG C 106 35.66 -42.41 -90.36
C ARG C 106 34.24 -42.78 -90.40
N TYR C 107 33.43 -41.77 -90.23
CA TYR C 107 31.99 -41.92 -90.21
C TYR C 107 31.47 -41.45 -91.53
N ALA C 108 32.06 -40.34 -91.97
CA ALA C 108 31.75 -39.77 -93.28
C ALA C 108 32.17 -40.76 -94.36
N ALA C 109 32.90 -41.79 -93.89
CA ALA C 109 33.38 -42.85 -94.73
C ALA C 109 32.64 -44.10 -94.39
N TRP C 110 31.65 -43.90 -93.57
CA TRP C 110 30.81 -44.99 -93.14
C TRP C 110 31.49 -46.03 -92.33
N MET C 111 32.42 -45.62 -91.45
CA MET C 111 32.91 -46.58 -90.50
C MET C 111 32.37 -46.21 -89.10
N ILE C 112 31.48 -47.06 -88.61
CA ILE C 112 30.84 -46.82 -87.33
C ILE C 112 31.62 -47.30 -86.12
N TYR C 113 32.57 -48.18 -86.31
CA TYR C 113 33.33 -48.67 -85.20
C TYR C 113 34.73 -48.25 -85.18
N THR C 114 34.98 -47.39 -84.23
CA THR C 114 36.33 -46.92 -83.99
C THR C 114 36.68 -47.11 -82.51
N TYR C 115 37.86 -47.63 -82.13
CA TYR C 115 38.23 -47.82 -80.70
C TYR C 115 38.91 -46.59 -80.15
N SER C 116 38.75 -46.36 -78.83
CA SER C 116 39.36 -45.21 -78.14
C SER C 116 39.98 -45.65 -76.86
N GLY C 117 40.85 -46.61 -76.96
CA GLY C 117 41.48 -47.15 -75.82
C GLY C 117 40.93 -48.50 -75.64
N LEU C 118 40.11 -48.64 -74.65
CA LEU C 118 39.54 -49.95 -74.38
C LEU C 118 38.16 -49.97 -74.95
N PHE C 119 37.67 -48.76 -75.07
CA PHE C 119 36.34 -48.60 -75.58
C PHE C 119 36.17 -49.03 -76.97
N CYS C 120 34.95 -49.18 -77.31
CA CYS C 120 34.54 -49.52 -78.63
C CYS C 120 33.48 -48.55 -78.99
N VAL C 121 33.92 -47.41 -79.51
CA VAL C 121 32.98 -46.45 -79.89
C VAL C 121 32.10 -46.96 -81.00
N THR C 122 30.83 -46.57 -81.00
CA THR C 122 29.84 -46.97 -82.02
C THR C 122 28.93 -45.81 -82.37
N VAL C 123 28.87 -45.50 -83.63
CA VAL C 123 28.04 -44.40 -84.08
C VAL C 123 26.84 -44.87 -84.88
N ASN C 124 25.65 -44.31 -84.54
CA ASN C 124 24.41 -44.66 -85.23
C ASN C 124 24.44 -44.43 -86.73
N PRO C 125 24.36 -45.49 -87.53
CA PRO C 125 24.44 -45.30 -88.97
C PRO C 125 23.29 -44.49 -89.53
N TYR C 126 22.13 -44.83 -89.09
CA TYR C 126 20.88 -44.19 -89.50
C TYR C 126 20.46 -44.64 -90.85
N LYS C 127 21.02 -45.76 -91.17
CA LYS C 127 20.78 -46.44 -92.40
C LYS C 127 21.26 -47.89 -92.26
N TRP C 128 21.14 -48.71 -93.30
CA TRP C 128 21.51 -50.13 -93.22
C TRP C 128 22.92 -50.44 -93.65
N LEU C 129 23.49 -51.47 -93.00
CA LEU C 129 24.86 -51.87 -93.30
C LEU C 129 25.04 -53.40 -93.24
N PRO C 130 25.90 -53.88 -94.13
CA PRO C 130 26.22 -55.31 -94.20
C PRO C 130 27.08 -55.74 -93.07
N VAL C 131 27.13 -54.97 -91.99
CA VAL C 131 28.03 -55.30 -90.89
C VAL C 131 27.59 -56.43 -89.99
N TYR C 132 26.30 -56.58 -89.86
CA TYR C 132 25.80 -57.55 -88.94
C TYR C 132 25.72 -58.85 -89.65
N ASN C 133 26.31 -58.76 -90.84
CA ASN C 133 26.45 -59.82 -91.82
C ASN C 133 27.04 -61.07 -91.31
N PRO C 134 26.24 -62.05 -91.61
CA PRO C 134 26.42 -63.42 -91.27
C PRO C 134 27.76 -63.92 -91.75
N LYS C 135 28.50 -63.10 -92.45
CA LYS C 135 29.81 -63.59 -92.86
C LYS C 135 30.79 -63.08 -91.89
N VAL C 136 30.47 -61.89 -91.42
CA VAL C 136 31.33 -61.20 -90.50
C VAL C 136 31.51 -61.95 -89.21
N VAL C 137 30.34 -62.37 -88.72
CA VAL C 137 30.21 -63.14 -87.52
C VAL C 137 31.33 -64.18 -87.39
N LEU C 138 31.58 -64.90 -88.49
CA LEU C 138 32.62 -65.93 -88.54
C LEU C 138 33.97 -65.31 -88.53
N ALA C 139 34.06 -64.29 -89.38
CA ALA C 139 35.30 -63.59 -89.57
C ALA C 139 35.94 -63.16 -88.27
N TYR C 140 35.09 -62.63 -87.39
CA TYR C 140 35.52 -62.13 -86.13
C TYR C 140 35.74 -63.22 -85.10
N ARG C 141 35.49 -64.41 -85.55
CA ARG C 141 35.58 -65.60 -84.75
C ARG C 141 36.98 -66.15 -84.61
N GLY C 142 37.54 -66.02 -83.39
CA GLY C 142 38.87 -66.49 -83.00
C GLY C 142 40.00 -65.46 -83.23
N LYS C 143 39.63 -64.21 -83.43
CA LYS C 143 40.53 -63.10 -83.72
C LYS C 143 40.79 -62.05 -82.66
N LYS C 144 42.06 -61.86 -82.27
CA LYS C 144 42.34 -60.75 -81.35
C LYS C 144 42.01 -59.44 -82.05
N ARG C 145 41.75 -58.37 -81.28
CA ARG C 145 41.36 -57.13 -81.92
C ARG C 145 42.42 -56.46 -82.72
N GLN C 146 43.56 -57.13 -82.83
CA GLN C 146 44.65 -56.55 -83.58
C GLN C 146 44.77 -57.24 -84.93
N GLU C 147 44.09 -58.38 -85.01
CA GLU C 147 43.99 -59.20 -86.21
C GLU C 147 42.81 -58.81 -87.09
N ALA C 148 41.97 -57.90 -86.60
CA ALA C 148 40.82 -57.41 -87.28
C ALA C 148 40.46 -55.95 -86.93
N PRO C 149 39.74 -55.31 -87.84
CA PRO C 149 39.33 -53.92 -87.69
C PRO C 149 38.29 -53.71 -86.59
N PRO C 150 38.17 -52.48 -86.12
CA PRO C 150 37.22 -52.13 -85.10
C PRO C 150 35.79 -52.52 -85.40
N HIS C 151 35.30 -53.38 -84.47
CA HIS C 151 33.98 -53.93 -84.44
C HIS C 151 33.61 -54.64 -83.13
N ILE C 152 32.35 -54.59 -82.82
CA ILE C 152 31.70 -55.11 -81.66
C ILE C 152 31.80 -56.59 -81.50
N PHE C 153 31.87 -57.29 -82.60
CA PHE C 153 32.01 -58.67 -82.46
C PHE C 153 33.44 -58.87 -81.97
N SER C 154 34.27 -57.85 -82.15
CA SER C 154 35.62 -58.07 -81.70
C SER C 154 35.60 -58.21 -80.25
N ILE C 155 34.88 -57.25 -79.66
CA ILE C 155 34.80 -57.19 -78.22
C ILE C 155 34.17 -58.49 -77.72
N SER C 156 33.05 -58.79 -78.34
CA SER C 156 32.23 -59.91 -78.03
C SER C 156 32.89 -61.24 -78.23
N ASP C 157 33.85 -61.30 -79.06
CA ASP C 157 34.46 -62.61 -79.25
C ASP C 157 35.57 -62.76 -78.28
N ASN C 158 36.27 -61.67 -78.13
CA ASN C 158 37.41 -61.67 -77.27
C ASN C 158 37.01 -62.04 -75.89
N ALA C 159 35.82 -61.58 -75.55
CA ALA C 159 35.27 -61.87 -74.23
C ALA C 159 35.24 -63.35 -74.01
N TYR C 160 34.58 -63.96 -74.96
CA TYR C 160 34.44 -65.40 -75.04
C TYR C 160 35.77 -66.11 -74.93
N GLN C 161 36.67 -65.65 -75.74
CA GLN C 161 38.01 -66.20 -75.80
C GLN C 161 38.52 -66.21 -74.39
N PHE C 162 38.78 -65.01 -73.99
CA PHE C 162 39.25 -64.65 -72.71
C PHE C 162 38.54 -65.43 -71.63
N MET C 163 37.28 -65.68 -71.90
CA MET C 163 36.50 -66.37 -70.95
C MET C 163 37.12 -67.72 -70.76
N LEU C 164 37.24 -68.47 -71.84
CA LEU C 164 37.86 -69.79 -71.73
C LEU C 164 39.37 -69.78 -71.47
N THR C 165 40.09 -68.80 -71.99
CA THR C 165 41.52 -68.74 -71.80
C THR C 165 41.95 -68.49 -70.36
N ASP C 166 41.39 -67.45 -69.75
CA ASP C 166 41.72 -67.04 -68.38
C ASP C 166 40.87 -67.69 -67.26
N ARG C 167 39.76 -68.30 -67.66
CA ARG C 167 38.87 -68.93 -66.69
C ARG C 167 38.28 -67.91 -65.73
N GLU C 168 37.98 -66.74 -66.28
CA GLU C 168 37.38 -65.65 -65.55
C GLU C 168 36.08 -65.25 -66.18
N ASN C 169 35.22 -64.65 -65.39
CA ASN C 169 33.96 -64.23 -66.00
C ASN C 169 34.18 -62.90 -66.64
N GLN C 170 33.25 -62.60 -67.54
CA GLN C 170 33.38 -61.39 -68.31
C GLN C 170 32.19 -60.47 -68.22
N SER C 171 32.35 -59.28 -68.81
CA SER C 171 31.25 -58.30 -68.88
C SER C 171 31.46 -57.37 -70.03
N ILE C 172 30.37 -56.81 -70.45
CA ILE C 172 30.29 -55.89 -71.51
C ILE C 172 29.40 -54.77 -71.07
N LEU C 173 29.92 -53.57 -71.04
CA LEU C 173 29.13 -52.51 -70.61
C LEU C 173 28.75 -51.59 -71.70
N ILE C 174 27.47 -51.65 -72.11
CA ILE C 174 27.00 -50.81 -73.17
C ILE C 174 26.34 -49.58 -72.58
N THR C 175 26.65 -48.41 -73.07
CA THR C 175 26.11 -47.22 -72.54
C THR C 175 26.09 -46.07 -73.53
N GLY C 176 25.01 -45.24 -73.47
CA GLY C 176 24.86 -44.06 -74.33
C GLY C 176 23.54 -43.35 -74.09
N GLU C 177 23.33 -42.19 -74.72
CA GLU C 177 22.05 -41.50 -74.56
C GLU C 177 20.90 -42.19 -75.30
N SER C 178 19.71 -41.77 -74.95
CA SER C 178 18.45 -42.24 -75.43
C SER C 178 18.46 -42.65 -76.89
N GLY C 179 19.10 -41.86 -77.72
CA GLY C 179 19.05 -42.21 -79.15
C GLY C 179 20.27 -42.91 -79.70
N ALA C 180 21.25 -43.19 -78.85
CA ALA C 180 22.46 -43.82 -79.29
C ALA C 180 22.29 -45.20 -79.91
N GLY C 181 21.21 -45.90 -79.55
CA GLY C 181 20.93 -47.22 -80.11
C GLY C 181 21.67 -48.36 -79.43
N LYS C 182 21.47 -48.49 -78.11
CA LYS C 182 22.16 -49.55 -77.40
C LYS C 182 21.48 -50.90 -77.50
N THR C 183 20.15 -50.94 -77.30
CA THR C 183 19.33 -52.17 -77.34
C THR C 183 19.73 -53.00 -78.52
N VAL C 184 19.81 -52.25 -79.61
CA VAL C 184 20.23 -52.77 -80.90
C VAL C 184 21.53 -53.50 -80.81
N ASN C 185 22.51 -52.87 -80.16
CA ASN C 185 23.78 -53.51 -80.02
C ASN C 185 23.67 -54.67 -79.11
N THR C 186 23.05 -54.42 -77.98
CA THR C 186 22.91 -55.40 -76.94
C THR C 186 22.35 -56.65 -77.50
N LYS C 187 21.26 -56.47 -78.21
CA LYS C 187 20.63 -57.57 -78.84
C LYS C 187 21.59 -58.27 -79.73
N ARG C 188 22.22 -57.44 -80.56
CA ARG C 188 23.18 -57.96 -81.54
C ARG C 188 24.34 -58.69 -80.93
N VAL C 189 24.71 -58.29 -79.74
CA VAL C 189 25.79 -58.97 -79.07
C VAL C 189 25.31 -60.33 -78.65
N ILE C 190 24.12 -60.29 -78.11
CA ILE C 190 23.48 -61.49 -77.61
C ILE C 190 23.36 -62.58 -78.67
N GLN C 191 22.84 -62.20 -79.85
CA GLN C 191 22.74 -63.16 -80.94
C GLN C 191 24.07 -63.82 -81.13
N TYR C 192 25.07 -62.95 -81.14
CA TYR C 192 26.43 -63.38 -81.30
C TYR C 192 26.80 -64.53 -80.38
N PHE C 193 26.52 -64.36 -79.11
CA PHE C 193 26.81 -65.43 -78.18
C PHE C 193 26.09 -66.67 -78.53
N ALA C 194 24.82 -66.51 -78.73
CA ALA C 194 23.95 -67.66 -79.00
C ALA C 194 24.48 -68.43 -80.20
N THR C 195 24.78 -67.72 -81.27
CA THR C 195 25.27 -68.37 -82.48
C THR C 195 26.57 -69.12 -82.27
N ILE C 196 27.64 -68.38 -82.01
CA ILE C 196 28.95 -68.93 -81.82
C ILE C 196 29.13 -69.96 -80.71
N ALA C 197 28.12 -70.32 -79.96
CA ALA C 197 28.36 -71.33 -78.95
C ALA C 197 27.07 -72.00 -78.47
N ALA C 198 26.29 -72.53 -79.43
CA ALA C 198 24.99 -73.15 -79.18
C ALA C 198 24.93 -74.66 -78.92
N SER C 199 24.16 -75.05 -77.90
CA SER C 199 23.95 -76.46 -77.54
C SER C 199 22.48 -76.91 -77.52
N GLY C 200 21.73 -76.49 -78.55
CA GLY C 200 20.33 -76.84 -78.74
C GLY C 200 20.27 -77.88 -79.85
N GLU C 201 20.89 -79.01 -79.54
CA GLU C 201 21.08 -80.14 -80.43
C GLU C 201 19.82 -80.59 -81.14
N LEU C 215 14.65 -70.45 -76.56
CA LEU C 215 15.43 -69.41 -75.91
C LEU C 215 15.28 -68.12 -76.67
N GLU C 216 15.66 -68.28 -77.90
CA GLU C 216 15.65 -67.25 -78.89
C GLU C 216 14.42 -66.39 -78.89
N ASP C 217 13.36 -66.90 -78.36
CA ASP C 217 12.11 -66.13 -78.30
C ASP C 217 11.96 -65.54 -76.94
N GLN C 218 12.18 -66.40 -75.91
CA GLN C 218 12.07 -65.98 -74.53
C GLN C 218 12.94 -64.77 -74.41
N ILE C 219 14.14 -64.98 -74.94
CA ILE C 219 15.19 -64.00 -75.01
C ILE C 219 14.57 -62.72 -75.48
N ILE C 220 13.89 -62.86 -76.57
CA ILE C 220 13.24 -61.73 -77.17
C ILE C 220 12.03 -61.28 -76.38
N SER C 221 11.11 -62.20 -76.20
CA SER C 221 9.85 -61.92 -75.50
C SER C 221 10.06 -61.15 -74.24
N ALA C 222 11.28 -61.26 -73.73
CA ALA C 222 11.62 -60.59 -72.50
C ALA C 222 11.28 -59.14 -72.53
N ASN C 223 11.81 -58.51 -73.53
CA ASN C 223 11.67 -57.06 -73.71
C ASN C 223 10.28 -56.50 -73.48
N PRO C 224 9.37 -56.91 -74.33
CA PRO C 224 7.99 -56.47 -74.30
C PRO C 224 7.25 -56.59 -72.97
N LEU C 225 7.85 -57.27 -72.02
CA LEU C 225 7.22 -57.38 -70.70
C LEU C 225 7.79 -56.24 -69.88
N LEU C 226 9.09 -56.24 -69.78
CA LEU C 226 9.85 -55.24 -69.10
C LEU C 226 9.41 -53.85 -69.52
N GLU C 227 9.19 -53.71 -70.82
CA GLU C 227 8.78 -52.45 -71.47
C GLU C 227 7.41 -51.98 -71.01
N ALA C 228 6.53 -52.93 -70.75
CA ALA C 228 5.22 -52.55 -70.26
C ALA C 228 5.26 -51.99 -68.90
N PHE C 229 6.26 -52.48 -68.14
CA PHE C 229 6.48 -52.09 -66.76
C PHE C 229 7.55 -51.10 -66.49
N GLY C 230 8.62 -51.14 -67.25
CA GLY C 230 9.68 -50.16 -67.08
C GLY C 230 9.79 -49.13 -68.16
N ASN C 231 8.78 -48.97 -69.05
CA ASN C 231 8.80 -47.99 -70.12
C ASN C 231 7.60 -47.10 -70.11
N ALA C 232 7.76 -45.92 -70.64
CA ALA C 232 6.71 -44.96 -70.66
C ALA C 232 6.91 -43.82 -71.64
N LYS C 233 5.88 -43.09 -71.90
CA LYS C 233 5.96 -41.95 -72.74
C LYS C 233 6.60 -40.82 -72.09
N THR C 234 7.77 -40.49 -72.53
CA THR C 234 8.55 -39.37 -72.06
C THR C 234 8.25 -38.25 -73.03
N VAL C 235 8.55 -37.05 -72.64
CA VAL C 235 8.32 -35.90 -73.48
C VAL C 235 9.25 -35.93 -74.70
N ARG C 236 10.30 -36.73 -74.61
CA ARG C 236 11.29 -36.90 -75.67
C ARG C 236 11.00 -38.11 -76.56
N ASN C 237 10.86 -39.25 -75.93
CA ASN C 237 10.54 -40.47 -76.59
C ASN C 237 9.09 -40.86 -76.28
N ASP C 238 8.55 -41.83 -76.99
CA ASP C 238 7.17 -42.27 -76.79
C ASP C 238 7.16 -43.57 -76.06
N ASN C 239 8.34 -44.18 -76.10
CA ASN C 239 8.66 -45.44 -75.45
C ASN C 239 10.01 -45.34 -74.80
N SER C 240 10.19 -44.43 -73.81
CA SER C 240 11.47 -44.26 -73.16
C SER C 240 11.75 -45.30 -72.13
N SER C 241 13.01 -45.72 -72.08
CA SER C 241 13.47 -46.72 -71.12
C SER C 241 13.62 -46.04 -69.75
N ARG C 242 12.81 -46.41 -68.75
CA ARG C 242 12.97 -45.76 -67.48
C ARG C 242 13.79 -46.48 -66.52
N PHE C 243 14.02 -48.73 -69.63
CA PHE C 243 14.59 -49.39 -68.48
C PHE C 243 15.96 -49.93 -68.75
N GLY C 244 16.68 -50.29 -67.68
CA GLY C 244 18.03 -50.82 -67.76
C GLY C 244 18.05 -52.30 -67.64
N LYS C 245 19.16 -52.93 -68.00
CA LYS C 245 19.15 -54.37 -67.88
C LYS C 245 20.46 -55.06 -67.86
N PHE C 246 20.46 -56.23 -67.21
CA PHE C 246 21.61 -57.02 -67.03
C PHE C 246 21.35 -58.48 -67.18
N ILE C 247 21.92 -59.05 -68.22
CA ILE C 247 21.82 -60.45 -68.55
C ILE C 247 23.05 -61.26 -68.25
N ARG C 248 22.85 -62.40 -67.64
CA ARG C 248 24.01 -63.19 -67.37
C ARG C 248 23.99 -64.40 -68.22
N ILE C 249 24.82 -64.44 -69.22
CA ILE C 249 24.83 -65.62 -70.00
C ILE C 249 25.78 -66.57 -69.44
N HIS C 250 25.21 -67.61 -68.91
CA HIS C 250 25.99 -68.58 -68.22
C HIS C 250 26.47 -69.64 -69.15
N PHE C 251 27.75 -69.55 -69.44
CA PHE C 251 28.32 -70.51 -70.32
C PHE C 251 28.67 -71.74 -69.53
N GLY C 252 28.73 -72.88 -70.22
CA GLY C 252 29.05 -74.12 -69.58
C GLY C 252 30.56 -74.30 -69.37
N ALA C 253 30.97 -75.57 -69.14
CA ALA C 253 32.35 -75.95 -68.90
C ALA C 253 33.10 -76.13 -70.19
N THR C 254 32.40 -76.79 -71.08
CA THR C 254 32.89 -77.03 -72.42
C THR C 254 33.14 -75.66 -72.99
N GLY C 255 32.09 -74.87 -73.01
CA GLY C 255 32.13 -73.54 -73.54
C GLY C 255 30.76 -73.29 -74.23
N LYS C 256 29.86 -74.26 -74.11
CA LYS C 256 28.56 -74.16 -74.73
C LYS C 256 27.52 -73.63 -73.74
N LEU C 257 26.59 -72.84 -74.29
CA LEU C 257 25.47 -72.21 -73.56
C LEU C 257 24.85 -73.07 -72.48
N ALA C 258 24.51 -72.47 -71.33
CA ALA C 258 23.89 -73.22 -70.21
C ALA C 258 22.75 -72.48 -69.49
N SER C 259 22.87 -71.16 -69.28
CA SER C 259 21.83 -70.39 -68.63
C SER C 259 21.94 -68.92 -68.91
N ALA C 260 20.85 -68.26 -68.53
CA ALA C 260 20.71 -66.82 -68.66
C ALA C 260 20.06 -66.24 -67.41
N ASP C 261 20.11 -64.93 -67.31
CA ASP C 261 19.64 -64.27 -66.12
C ASP C 261 19.31 -62.81 -66.30
N ILE C 262 18.07 -62.44 -66.37
CA ILE C 262 17.81 -61.02 -66.47
C ILE C 262 17.50 -60.31 -65.22
N GLU C 263 17.81 -59.03 -65.21
CA GLU C 263 17.53 -58.13 -64.13
C GLU C 263 17.23 -56.74 -64.64
N THR C 264 16.17 -56.17 -64.12
CA THR C 264 15.69 -54.91 -64.58
C THR C 264 15.89 -53.82 -63.55
N TYR C 265 16.18 -52.63 -64.04
CA TYR C 265 16.45 -51.48 -63.21
C TYR C 265 15.71 -50.27 -63.73
N LEU C 266 15.20 -49.51 -62.84
CA LEU C 266 14.58 -48.27 -63.13
C LEU C 266 13.67 -48.18 -64.32
N LEU C 267 12.46 -48.61 -64.18
CA LEU C 267 11.51 -48.58 -65.20
C LEU C 267 10.77 -47.26 -65.21
N GLU C 268 12.70 -45.86 -62.45
CA GLU C 268 12.03 -44.62 -62.16
C GLU C 268 10.79 -44.84 -61.35
N LYS C 269 10.97 -45.10 -60.05
CA LYS C 269 9.86 -45.36 -59.12
C LYS C 269 8.82 -44.26 -59.06
N SER C 270 9.28 -43.07 -59.24
CA SER C 270 8.38 -41.94 -59.22
C SER C 270 7.22 -41.95 -60.23
N ARG C 271 7.39 -42.54 -61.42
CA ARG C 271 6.34 -42.54 -62.44
C ARG C 271 5.11 -43.16 -61.85
N VAL C 272 5.32 -44.27 -61.13
CA VAL C 272 4.27 -44.98 -60.50
C VAL C 272 3.30 -44.11 -59.74
N THR C 273 3.75 -42.96 -59.28
CA THR C 273 2.98 -42.07 -58.42
C THR C 273 2.80 -40.70 -59.00
N PHE C 274 3.66 -40.41 -59.93
CA PHE C 274 3.67 -39.13 -60.55
C PHE C 274 3.96 -39.20 -61.98
N GLN C 275 3.80 -38.03 -62.55
CA GLN C 275 3.96 -37.83 -63.95
C GLN C 275 3.88 -36.36 -64.34
N LEU C 276 4.83 -35.99 -65.17
CA LEU C 276 4.83 -34.67 -65.68
C LEU C 276 3.65 -34.55 -66.65
N PRO C 277 3.32 -33.32 -66.94
CA PRO C 277 2.21 -32.92 -67.77
C PRO C 277 2.16 -33.40 -69.18
N ALA C 278 3.32 -33.59 -69.79
CA ALA C 278 3.31 -34.09 -71.15
C ALA C 278 3.66 -35.56 -71.21
N GLU C 279 3.84 -36.13 -70.04
CA GLU C 279 4.25 -37.50 -69.95
C GLU C 279 3.18 -38.41 -69.39
N ARG C 280 3.61 -39.62 -69.21
CA ARG C 280 2.72 -40.57 -68.68
C ARG C 280 3.42 -41.69 -67.98
N SER C 281 2.67 -42.43 -67.23
CA SER C 281 3.25 -43.49 -66.50
C SER C 281 3.51 -44.66 -67.36
N TYR C 282 3.98 -45.74 -66.69
CA TYR C 282 4.30 -46.96 -67.34
C TYR C 282 3.18 -47.37 -68.25
N HIS C 283 3.46 -48.18 -69.24
CA HIS C 283 2.43 -48.50 -70.17
C HIS C 283 1.33 -49.36 -69.63
N ILE C 284 1.79 -50.40 -68.93
CA ILE C 284 0.93 -51.40 -68.39
C ILE C 284 -0.43 -50.92 -67.99
N PHE C 285 -0.42 -49.85 -67.30
CA PHE C 285 -1.64 -49.27 -66.75
C PHE C 285 -2.54 -48.95 -67.82
N TYR C 286 -2.02 -48.25 -68.80
CA TYR C 286 -2.86 -47.86 -69.92
C TYR C 286 -3.16 -49.03 -70.77
N GLN C 287 -2.28 -50.01 -70.75
CA GLN C 287 -2.50 -51.18 -71.53
C GLN C 287 -3.80 -51.79 -71.02
N ILE C 288 -3.76 -52.20 -69.77
CA ILE C 288 -4.83 -52.83 -69.03
C ILE C 288 -6.21 -52.15 -69.09
N MET C 289 -6.23 -50.86 -68.95
CA MET C 289 -7.48 -50.11 -69.00
C MET C 289 -7.97 -49.92 -70.44
N SER C 290 -7.19 -50.44 -71.38
CA SER C 290 -7.53 -50.31 -72.78
C SER C 290 -8.78 -51.06 -73.10
N ASN C 291 -8.98 -52.17 -72.41
CA ASN C 291 -10.12 -53.04 -72.52
C ASN C 291 -10.03 -54.13 -73.57
N LYS C 292 -8.91 -54.66 -73.82
CA LYS C 292 -8.89 -55.71 -74.82
C LYS C 292 -9.24 -57.09 -74.25
N LYS C 293 -9.11 -57.14 -72.96
CA LYS C 293 -9.34 -58.29 -72.09
C LYS C 293 -10.23 -57.81 -70.96
N PRO C 294 -11.52 -57.56 -71.28
CA PRO C 294 -12.45 -56.99 -70.30
C PRO C 294 -12.50 -57.63 -68.91
N GLU C 295 -12.26 -58.95 -68.79
CA GLU C 295 -12.24 -59.63 -67.52
C GLU C 295 -11.38 -58.96 -66.54
N LEU C 296 -10.24 -58.60 -67.06
CA LEU C 296 -9.18 -57.89 -66.31
C LEU C 296 -9.71 -56.71 -65.54
N ILE C 297 -10.52 -55.89 -66.22
CA ILE C 297 -11.12 -54.72 -65.63
C ILE C 297 -11.98 -55.00 -64.38
N ASP C 298 -12.74 -56.10 -64.47
CA ASP C 298 -13.62 -56.53 -63.44
C ASP C 298 -12.85 -57.33 -62.42
N MET C 299 -11.85 -57.98 -62.92
CA MET C 299 -11.01 -58.79 -62.09
C MET C 299 -10.23 -57.91 -61.10
N LEU C 300 -9.75 -56.79 -61.62
CA LEU C 300 -8.96 -55.84 -60.85
C LEU C 300 -9.83 -54.87 -60.11
N LEU C 301 -11.06 -54.77 -60.55
CA LEU C 301 -11.99 -53.89 -59.93
C LEU C 301 -11.75 -52.47 -60.24
N ILE C 302 -11.53 -52.20 -61.52
CA ILE C 302 -11.29 -50.84 -61.90
C ILE C 302 -12.21 -50.47 -63.02
N THR C 303 -12.01 -49.26 -63.44
CA THR C 303 -12.71 -48.80 -64.58
C THR C 303 -11.79 -48.73 -65.76
N THR C 304 -12.26 -48.15 -66.85
CA THR C 304 -11.52 -48.02 -68.11
C THR C 304 -11.04 -46.57 -68.33
N ASN C 305 -11.53 -45.65 -67.50
CA ASN C 305 -11.25 -44.25 -67.44
C ASN C 305 -10.21 -43.96 -66.39
N PRO C 306 -9.02 -43.57 -66.82
CA PRO C 306 -7.85 -43.35 -66.01
C PRO C 306 -7.95 -42.22 -65.10
N TYR C 307 -8.88 -41.38 -65.39
CA TYR C 307 -9.00 -40.26 -64.50
C TYR C 307 -9.59 -40.65 -63.17
N ASP C 308 -9.69 -41.98 -62.93
CA ASP C 308 -10.21 -42.55 -61.69
C ASP C 308 -9.05 -43.00 -60.82
N TYR C 309 -7.86 -42.86 -61.39
CA TYR C 309 -6.67 -43.24 -60.78
C TYR C 309 -5.64 -42.20 -60.93
N HIS C 310 -5.76 -41.27 -59.99
CA HIS C 310 -4.86 -40.14 -59.82
C HIS C 310 -3.36 -40.42 -60.10
N TYR C 311 -2.84 -41.48 -59.55
CA TYR C 311 -1.50 -41.92 -59.67
C TYR C 311 -1.08 -42.00 -61.11
N VAL C 312 -1.99 -42.40 -61.99
CA VAL C 312 -1.71 -42.60 -63.41
C VAL C 312 -2.33 -41.67 -64.45
N SER C 313 -2.93 -40.58 -64.04
CA SER C 313 -3.43 -39.69 -65.04
C SER C 313 -3.10 -38.29 -64.68
N GLN C 314 -1.92 -38.08 -64.17
CA GLN C 314 -1.55 -36.74 -63.78
C GLN C 314 -1.02 -36.05 -65.01
N GLY C 315 -0.55 -36.86 -65.93
CA GLY C 315 -0.01 -36.31 -67.13
C GLY C 315 -0.94 -36.60 -68.25
N GLU C 316 -0.52 -37.48 -69.16
CA GLU C 316 -1.31 -37.82 -70.30
C GLU C 316 -1.73 -39.26 -70.18
N ILE C 317 -2.77 -39.62 -70.93
CA ILE C 317 -3.33 -40.96 -70.90
C ILE C 317 -3.18 -41.70 -72.22
N THR C 318 -3.30 -40.93 -73.29
CA THR C 318 -3.19 -41.57 -74.59
C THR C 318 -2.12 -40.98 -75.48
N VAL C 319 -1.50 -41.89 -76.23
CA VAL C 319 -0.45 -41.59 -77.20
C VAL C 319 -0.81 -42.25 -78.51
N PRO C 320 -0.94 -41.39 -79.54
CA PRO C 320 -1.35 -41.77 -80.88
C PRO C 320 -0.52 -42.85 -81.54
N SER C 321 0.81 -42.78 -81.35
CA SER C 321 1.71 -43.75 -81.92
C SER C 321 1.70 -45.11 -81.25
N ILE C 322 0.95 -45.25 -80.15
CA ILE C 322 0.86 -46.50 -79.38
C ILE C 322 -0.53 -47.07 -79.35
N ASP C 323 -0.63 -48.39 -79.53
CA ASP C 323 -1.90 -49.12 -79.53
C ASP C 323 -1.95 -50.01 -78.31
N ASP C 324 -2.38 -49.42 -77.20
CA ASP C 324 -2.44 -50.06 -75.91
C ASP C 324 -3.10 -51.44 -75.96
N GLN C 325 -4.04 -51.57 -76.85
CA GLN C 325 -4.78 -52.80 -77.01
C GLN C 325 -3.95 -53.93 -77.52
N GLU C 326 -3.08 -53.63 -78.48
CA GLU C 326 -2.19 -54.62 -79.13
C GLU C 326 -1.10 -55.09 -78.18
N GLU C 327 -0.58 -54.11 -77.50
CA GLU C 327 0.47 -54.34 -76.57
C GLU C 327 0.06 -55.22 -75.44
N LEU C 328 -1.14 -54.95 -74.92
CA LEU C 328 -1.70 -55.73 -73.83
C LEU C 328 -1.55 -57.19 -74.07
N MET C 329 -1.80 -57.56 -75.29
CA MET C 329 -1.63 -58.96 -75.65
C MET C 329 -0.22 -59.33 -75.77
N ALA C 330 0.54 -58.43 -76.39
CA ALA C 330 1.95 -58.69 -76.57
C ALA C 330 2.56 -59.06 -75.24
N THR C 331 2.21 -58.19 -74.34
CA THR C 331 2.61 -58.31 -72.99
C THR C 331 2.16 -59.59 -72.44
N ASP C 332 0.87 -59.77 -72.54
CA ASP C 332 0.20 -60.96 -72.03
C ASP C 332 0.89 -62.24 -72.45
N SER C 333 0.93 -62.38 -73.76
CA SER C 333 1.57 -63.51 -74.43
C SER C 333 3.02 -63.70 -74.02
N ALA C 334 3.74 -62.61 -73.85
CA ALA C 334 5.09 -62.68 -73.45
C ALA C 334 5.23 -63.37 -72.09
N ILE C 335 4.29 -63.02 -71.20
CA ILE C 335 4.34 -63.55 -69.85
C ILE C 335 4.37 -65.05 -69.86
N ASP C 336 3.42 -65.55 -70.60
CA ASP C 336 3.25 -66.96 -70.83
C ASP C 336 4.51 -67.59 -71.35
N ILE C 337 5.01 -67.07 -72.45
CA ILE C 337 6.21 -67.62 -73.05
C ILE C 337 7.32 -67.62 -72.11
N LEU C 338 7.26 -66.58 -71.31
CA LEU C 338 8.25 -66.48 -70.31
C LEU C 338 8.14 -67.54 -69.21
N GLY C 339 7.09 -68.36 -69.30
CA GLY C 339 6.93 -69.48 -68.36
C GLY C 339 6.29 -69.18 -67.02
N PHE C 340 5.72 -67.99 -66.90
CA PHE C 340 5.11 -67.65 -65.64
C PHE C 340 3.88 -68.49 -65.40
N SER C 341 3.64 -68.79 -64.13
CA SER C 341 2.43 -69.47 -63.72
C SER C 341 1.23 -68.57 -63.85
N ALA C 342 0.06 -69.14 -64.15
CA ALA C 342 -1.10 -68.27 -64.38
C ALA C 342 -1.39 -67.41 -63.18
N ASP C 343 -1.28 -68.10 -62.07
CA ASP C 343 -1.39 -67.51 -60.78
C ASP C 343 -0.47 -66.28 -60.70
N GLU C 344 0.84 -66.49 -61.00
CA GLU C 344 1.78 -65.41 -60.96
C GLU C 344 1.33 -64.40 -61.95
N LYS C 345 0.92 -64.93 -63.09
CA LYS C 345 0.45 -64.06 -64.15
C LYS C 345 -0.80 -63.38 -63.71
N THR C 346 -1.34 -63.90 -62.64
CA THR C 346 -2.53 -63.34 -62.05
C THR C 346 -2.09 -62.34 -60.94
N ALA C 347 -1.04 -62.69 -60.20
CA ALA C 347 -0.54 -61.84 -59.19
C ALA C 347 -0.14 -60.51 -59.78
N ILE C 348 0.58 -60.63 -60.83
CA ILE C 348 1.10 -59.48 -61.58
C ILE C 348 -0.01 -58.56 -61.89
N TYR C 349 -1.02 -59.12 -62.47
CA TYR C 349 -2.08 -58.24 -62.83
C TYR C 349 -2.68 -57.70 -61.58
N LYS C 350 -3.29 -58.54 -60.78
CA LYS C 350 -3.95 -58.14 -59.53
C LYS C 350 -3.12 -57.15 -58.72
N LEU C 351 -1.82 -57.39 -58.69
CA LEU C 351 -0.91 -56.55 -57.95
C LEU C 351 -0.74 -55.17 -58.56
N THR C 352 -0.81 -55.10 -59.88
CA THR C 352 -0.65 -53.87 -60.61
C THR C 352 -1.85 -52.98 -60.47
N GLY C 353 -2.97 -53.52 -60.05
CA GLY C 353 -4.20 -52.77 -59.89
C GLY C 353 -4.33 -52.28 -58.49
N ALA C 354 -3.82 -53.09 -57.55
CA ALA C 354 -3.87 -52.68 -56.15
C ALA C 354 -3.25 -51.28 -56.01
N VAL C 355 -2.12 -51.18 -56.64
CA VAL C 355 -1.30 -49.98 -56.70
C VAL C 355 -2.10 -48.81 -57.21
N MET C 356 -2.90 -49.00 -58.17
CA MET C 356 -3.74 -47.92 -58.73
C MET C 356 -4.67 -47.46 -57.67
N HIS C 357 -5.26 -48.45 -57.03
CA HIS C 357 -6.23 -48.28 -55.93
C HIS C 357 -5.66 -47.54 -54.76
N TYR C 358 -4.43 -47.83 -54.44
CA TYR C 358 -3.80 -47.17 -53.33
C TYR C 358 -3.87 -45.67 -53.46
N GLY C 359 -3.55 -45.22 -54.62
CA GLY C 359 -3.55 -43.81 -54.90
C GLY C 359 -4.91 -43.23 -54.76
N ASN C 360 -5.89 -44.11 -54.58
CA ASN C 360 -7.30 -43.69 -54.39
C ASN C 360 -7.68 -43.74 -52.92
N LEU C 361 -6.81 -44.36 -52.16
CA LEU C 361 -7.02 -44.46 -50.76
C LEU C 361 -7.02 -43.06 -50.18
N LYS C 362 -8.09 -42.76 -49.46
CA LYS C 362 -8.31 -41.46 -48.86
C LYS C 362 -8.46 -41.53 -47.37
N PHE C 363 -8.05 -40.44 -46.75
CA PHE C 363 -8.11 -40.32 -45.30
C PHE C 363 -8.56 -38.96 -44.86
N LYS C 364 -8.96 -38.92 -43.57
CA LYS C 364 -9.42 -37.72 -42.87
C LYS C 364 -8.98 -37.64 -41.40
N GLN C 365 -8.84 -36.43 -40.97
CA GLN C 365 -8.44 -36.07 -39.61
C GLN C 365 -9.49 -36.47 -38.61
N LYS C 366 -9.02 -37.13 -37.61
CA LYS C 366 -9.93 -37.52 -36.55
C LYS C 366 -10.26 -36.21 -35.87
N GLN C 367 -11.48 -36.07 -35.38
CA GLN C 367 -11.93 -34.84 -34.71
C GLN C 367 -11.17 -34.53 -33.42
N ARG C 368 -10.75 -33.26 -33.31
CA ARG C 368 -10.06 -32.78 -32.14
C ARG C 368 -8.71 -33.41 -31.95
N GLU C 369 -8.38 -34.21 -32.92
CA GLU C 369 -7.12 -34.91 -32.93
C GLU C 369 -6.50 -34.59 -34.27
N GLU C 370 -5.20 -34.77 -34.30
CA GLU C 370 -4.43 -34.51 -35.50
C GLU C 370 -4.11 -35.85 -36.14
N GLN C 371 -4.90 -36.85 -35.78
CA GLN C 371 -4.67 -38.14 -36.31
C GLN C 371 -5.44 -38.38 -37.55
N ALA C 372 -4.91 -39.34 -38.28
CA ALA C 372 -5.48 -39.79 -39.49
C ALA C 372 -6.38 -40.94 -39.19
N GLU C 373 -7.54 -40.85 -39.80
CA GLU C 373 -8.53 -41.85 -39.70
C GLU C 373 -9.05 -42.09 -41.13
N PRO C 374 -9.28 -43.35 -41.46
CA PRO C 374 -9.75 -43.73 -42.76
C PRO C 374 -11.00 -42.99 -43.18
N ASP C 375 -11.03 -42.56 -44.43
CA ASP C 375 -12.16 -41.85 -44.95
C ASP C 375 -13.07 -42.79 -45.71
N GLY C 376 -13.10 -44.08 -45.33
CA GLY C 376 -13.97 -45.02 -46.04
C GLY C 376 -13.27 -46.33 -46.27
N THR C 377 -14.09 -47.39 -46.38
CA THR C 377 -13.60 -48.73 -46.68
C THR C 377 -14.28 -49.23 -47.92
N GLU C 378 -14.04 -48.51 -48.97
CA GLU C 378 -14.57 -48.78 -50.28
C GLU C 378 -13.43 -49.35 -51.11
N VAL C 379 -12.35 -48.57 -51.09
CA VAL C 379 -11.18 -48.83 -51.83
C VAL C 379 -10.25 -49.72 -51.12
N ALA C 380 -10.21 -49.56 -49.85
CA ALA C 380 -9.29 -50.35 -49.08
C ALA C 380 -9.64 -51.76 -49.29
N ASP C 381 -10.92 -51.96 -49.39
CA ASP C 381 -11.54 -53.27 -49.51
C ASP C 381 -11.00 -53.98 -50.70
N LYS C 382 -10.94 -53.22 -51.78
CA LYS C 382 -10.45 -53.73 -53.06
C LYS C 382 -8.97 -53.96 -53.00
N ALA C 383 -8.27 -52.98 -52.48
CA ALA C 383 -6.84 -53.11 -52.42
C ALA C 383 -6.55 -54.30 -51.57
N ALA C 384 -7.25 -54.42 -50.49
CA ALA C 384 -7.05 -55.51 -49.55
C ALA C 384 -7.26 -56.87 -50.15
N TYR C 385 -8.32 -57.01 -50.89
CA TYR C 385 -8.69 -58.26 -51.50
C TYR C 385 -7.74 -58.67 -52.61
N LEU C 386 -7.40 -57.70 -53.40
CA LEU C 386 -6.53 -57.87 -54.54
C LEU C 386 -5.17 -58.29 -54.13
N MET C 387 -4.78 -57.91 -52.91
CA MET C 387 -3.46 -58.27 -52.40
C MET C 387 -3.50 -59.49 -51.47
N GLY C 388 -4.69 -59.96 -51.14
CA GLY C 388 -4.83 -61.09 -50.24
C GLY C 388 -4.62 -60.65 -48.80
N LEU C 389 -5.18 -59.49 -48.48
CA LEU C 389 -5.10 -58.82 -47.21
C LEU C 389 -6.49 -58.66 -46.55
N ASN C 390 -6.49 -58.07 -45.37
CA ASN C 390 -7.65 -57.78 -44.63
C ASN C 390 -7.77 -56.25 -44.48
N SER C 391 -8.87 -55.74 -44.99
CA SER C 391 -9.17 -54.30 -45.02
C SER C 391 -8.79 -53.58 -43.76
N ALA C 392 -9.22 -54.12 -42.65
CA ALA C 392 -9.04 -53.49 -41.35
C ALA C 392 -7.63 -53.39 -40.94
N GLU C 393 -7.07 -54.58 -40.78
CA GLU C 393 -5.76 -54.79 -40.32
C GLU C 393 -4.87 -53.87 -41.05
N LEU C 394 -5.23 -53.75 -42.33
CA LEU C 394 -4.49 -52.90 -43.26
C LEU C 394 -4.60 -51.41 -42.89
N LEU C 395 -5.82 -50.93 -42.71
CA LEU C 395 -6.04 -49.54 -42.41
C LEU C 395 -5.51 -49.11 -41.07
N LYS C 396 -5.34 -50.08 -40.18
CA LYS C 396 -4.83 -49.82 -38.86
C LYS C 396 -3.36 -49.51 -38.96
N ALA C 397 -2.67 -50.56 -39.39
CA ALA C 397 -1.24 -50.55 -39.63
C ALA C 397 -0.84 -49.26 -40.29
N LEU C 398 -1.63 -48.88 -41.27
CA LEU C 398 -1.41 -47.66 -42.00
C LEU C 398 -1.55 -46.42 -41.15
N CYS C 399 -2.64 -46.37 -40.34
CA CYS C 399 -2.98 -45.25 -39.49
C CYS C 399 -2.25 -45.24 -38.14
N TYR C 400 -2.11 -46.40 -37.54
CA TYR C 400 -1.47 -46.59 -36.27
C TYR C 400 -0.31 -47.53 -36.38
N PRO C 401 0.64 -47.09 -37.14
CA PRO C 401 1.88 -47.81 -37.36
C PRO C 401 2.44 -48.26 -36.05
N ARG C 402 2.56 -49.56 -35.86
CA ARG C 402 3.14 -50.10 -34.63
C ARG C 402 4.60 -50.46 -34.81
N VAL C 403 5.38 -49.54 -34.31
CA VAL C 403 6.83 -49.46 -34.32
C VAL C 403 7.48 -50.28 -33.18
N LYS C 404 8.81 -50.25 -33.12
CA LYS C 404 9.61 -50.97 -32.12
C LYS C 404 10.89 -50.25 -31.63
N VAL C 405 10.71 -49.07 -30.96
CA VAL C 405 11.76 -48.19 -30.37
C VAL C 405 12.16 -48.62 -28.96
N GLY C 406 13.40 -49.03 -28.84
CA GLY C 406 13.94 -49.53 -27.60
C GLY C 406 14.11 -51.02 -27.80
N ASN C 407 13.45 -51.83 -26.97
CA ASN C 407 13.53 -53.28 -27.12
C ASN C 407 12.17 -53.90 -27.32
N GLU C 408 11.18 -53.01 -27.49
CA GLU C 408 9.81 -53.39 -27.66
C GLU C 408 9.23 -52.86 -28.97
N PHE C 409 7.92 -52.81 -28.97
CA PHE C 409 7.14 -52.37 -30.10
C PHE C 409 6.08 -51.33 -29.67
N VAL C 410 6.43 -50.07 -29.92
CA VAL C 410 5.65 -48.88 -29.60
C VAL C 410 4.71 -48.41 -30.67
N THR C 411 3.43 -48.45 -30.37
CA THR C 411 2.44 -47.98 -31.35
C THR C 411 2.41 -46.48 -31.53
N LYS C 412 2.72 -46.08 -32.77
CA LYS C 412 2.79 -44.70 -33.24
C LYS C 412 1.67 -44.26 -34.13
N GLY C 413 1.22 -43.04 -33.87
CA GLY C 413 0.16 -42.42 -34.63
C GLY C 413 0.68 -41.48 -35.72
N GLN C 414 -0.01 -41.52 -36.86
CA GLN C 414 0.37 -40.70 -37.97
C GLN C 414 -0.66 -39.66 -38.37
N THR C 415 -0.18 -38.68 -39.12
CA THR C 415 -0.98 -37.60 -39.63
C THR C 415 -1.52 -37.95 -40.99
N VAL C 416 -2.46 -37.14 -41.44
CA VAL C 416 -3.06 -37.34 -42.71
C VAL C 416 -1.94 -37.31 -43.75
N SER C 417 -1.18 -36.24 -43.73
CA SER C 417 -0.04 -36.08 -44.63
C SER C 417 0.94 -37.20 -44.56
N GLN C 418 1.04 -37.82 -43.41
CA GLN C 418 1.98 -38.90 -43.23
C GLN C 418 1.53 -40.19 -43.88
N VAL C 419 0.22 -40.37 -43.91
CA VAL C 419 -0.34 -41.58 -44.46
C VAL C 419 -0.24 -41.58 -45.93
N HIS C 420 -0.80 -40.52 -46.50
CA HIS C 420 -0.82 -40.34 -47.94
C HIS C 420 0.55 -40.59 -48.50
N ASN C 421 1.55 -40.12 -47.76
CA ASN C 421 2.92 -40.30 -48.18
C ASN C 421 3.35 -41.74 -47.95
N SER C 422 2.95 -42.36 -46.87
CA SER C 422 3.41 -43.75 -46.70
C SER C 422 2.84 -44.72 -47.70
N VAL C 423 1.61 -44.49 -48.01
CA VAL C 423 0.90 -45.27 -48.97
C VAL C 423 1.70 -45.26 -50.26
N GLY C 424 1.94 -44.06 -50.71
CA GLY C 424 2.70 -43.83 -51.90
C GLY C 424 4.02 -44.56 -51.81
N ALA C 425 4.57 -44.61 -50.62
CA ALA C 425 5.82 -45.33 -50.50
C ALA C 425 5.70 -46.79 -50.72
N LEU C 426 4.58 -47.35 -50.25
CA LEU C 426 4.43 -48.80 -50.51
C LEU C 426 4.14 -49.08 -51.97
N ALA C 427 3.21 -48.29 -52.55
CA ALA C 427 2.82 -48.38 -53.92
C ALA C 427 4.05 -48.51 -54.75
N LYS C 428 4.96 -47.58 -54.54
CA LYS C 428 6.21 -47.61 -55.27
C LYS C 428 7.03 -48.82 -54.91
N ALA C 429 7.17 -49.06 -53.61
CA ALA C 429 7.96 -50.18 -53.13
C ALA C 429 7.53 -51.48 -53.77
N VAL C 430 6.25 -51.74 -53.68
CA VAL C 430 5.66 -52.95 -54.26
C VAL C 430 5.87 -53.14 -55.73
N TYR C 431 5.60 -52.07 -56.47
CA TYR C 431 5.79 -52.09 -57.91
C TYR C 431 7.21 -52.49 -58.27
N GLU C 432 8.16 -51.74 -57.68
CA GLU C 432 9.55 -52.01 -57.86
C GLU C 432 9.89 -53.43 -57.72
N LYS C 433 9.90 -53.88 -56.50
CA LYS C 433 10.12 -55.28 -56.09
C LYS C 433 9.61 -56.26 -57.11
N MET C 434 8.35 -56.08 -57.42
CA MET C 434 7.66 -56.91 -58.40
C MET C 434 8.44 -56.94 -59.67
N PHE C 435 8.74 -55.76 -60.10
CA PHE C 435 9.50 -55.62 -61.33
C PHE C 435 10.77 -56.37 -61.23
N LEU C 436 11.38 -56.28 -60.04
CA LEU C 436 12.63 -57.00 -59.84
C LEU C 436 12.40 -58.48 -59.95
N TRP C 437 11.36 -58.93 -59.31
CA TRP C 437 11.00 -60.31 -59.30
C TRP C 437 10.82 -60.85 -60.71
N MET C 438 9.99 -60.14 -61.47
CA MET C 438 9.71 -60.54 -62.84
C MET C 438 10.98 -60.81 -63.56
N VAL C 439 11.91 -59.88 -63.37
CA VAL C 439 13.20 -60.06 -64.00
C VAL C 439 13.83 -61.36 -63.59
N ILE C 440 13.90 -61.59 -62.30
CA ILE C 440 14.45 -62.83 -61.78
C ILE C 440 13.78 -64.04 -62.38
N ARG C 441 12.49 -64.02 -62.35
CA ARG C 441 11.76 -65.12 -62.88
C ARG C 441 12.11 -65.34 -64.33
N ILE C 442 12.32 -64.24 -65.03
CA ILE C 442 12.65 -64.33 -66.44
C ILE C 442 13.96 -65.10 -66.52
N ASN C 443 14.98 -64.55 -65.85
CA ASN C 443 16.30 -65.08 -65.76
C ASN C 443 16.23 -66.58 -65.48
N GLN C 444 15.26 -66.94 -64.65
CA GLN C 444 15.12 -68.33 -64.29
C GLN C 444 14.78 -69.26 -65.39
N GLN C 445 13.98 -68.76 -66.27
CA GLN C 445 13.62 -69.55 -67.41
C GLN C 445 14.79 -69.55 -68.36
N LEU C 446 15.42 -68.39 -68.45
CA LEU C 446 16.56 -68.19 -69.34
C LEU C 446 17.78 -68.96 -68.87
N ASP C 447 16.26 -71.15 -66.59
CA ASP C 447 17.00 -71.88 -65.57
C ASP C 447 17.10 -73.32 -65.96
N THR C 448 18.34 -73.76 -66.07
CA THR C 448 18.53 -75.13 -66.41
C THR C 448 19.28 -75.77 -65.29
N LYS C 449 19.33 -77.09 -65.35
CA LYS C 449 20.01 -77.88 -64.37
C LYS C 449 21.49 -78.02 -64.68
N GLN C 450 21.84 -78.06 -65.99
CA GLN C 450 23.23 -78.18 -66.44
C GLN C 450 24.18 -77.26 -65.69
N PRO C 451 25.40 -77.74 -65.48
CA PRO C 451 26.40 -77.01 -64.73
C PRO C 451 26.80 -75.76 -65.46
N ARG C 452 27.25 -74.80 -64.65
CA ARG C 452 27.71 -73.49 -65.11
C ARG C 452 29.08 -73.21 -64.50
N GLN C 453 30.03 -72.73 -65.35
CA GLN C 453 31.35 -72.48 -64.82
C GLN C 453 31.70 -71.03 -64.84
N TYR C 454 31.15 -70.35 -65.84
CA TYR C 454 31.34 -68.92 -66.00
C TYR C 454 30.20 -68.30 -66.75
N PHE C 455 30.17 -66.97 -66.70
CA PHE C 455 29.11 -66.24 -67.36
C PHE C 455 29.66 -65.00 -68.00
N ILE C 456 28.87 -64.43 -68.88
CA ILE C 456 29.26 -63.21 -69.53
C ILE C 456 28.13 -62.21 -69.37
N GLY C 457 28.40 -61.20 -68.58
CA GLY C 457 27.40 -60.22 -68.32
C GLY C 457 27.37 -59.10 -69.30
N VAL C 458 26.15 -58.84 -69.73
CA VAL C 458 25.86 -57.81 -70.66
C VAL C 458 24.98 -56.79 -69.99
N LEU C 459 25.53 -55.66 -69.70
CA LEU C 459 24.86 -54.60 -69.03
C LEU C 459 24.48 -53.48 -69.98
N ASP C 460 23.20 -53.16 -69.96
CA ASP C 460 22.59 -52.10 -70.75
C ASP C 460 21.83 -51.18 -69.81
N ILE C 461 22.26 -49.95 -69.74
CA ILE C 461 21.75 -48.91 -68.91
C ILE C 461 22.08 -47.58 -69.57
N ALA C 462 21.51 -46.55 -69.07
CA ALA C 462 21.78 -45.23 -69.54
C ALA C 462 23.01 -44.57 -68.95
N GLY C 463 23.46 -43.57 -69.70
CA GLY C 463 24.61 -42.85 -69.29
C GLY C 463 24.21 -41.53 -68.84
N PHE C 464 25.12 -40.98 -68.07
CA PHE C 464 25.04 -39.67 -67.50
C PHE C 464 24.54 -38.71 -68.53
N GLU C 465 23.36 -38.21 -68.25
CA GLU C 465 22.68 -37.24 -69.07
C GLU C 465 22.44 -36.03 -68.16
N ILE C 466 22.64 -34.89 -68.76
CA ILE C 466 22.45 -33.69 -68.00
C ILE C 466 21.30 -32.92 -68.56
N PHE C 467 20.40 -32.54 -67.72
CA PHE C 467 19.30 -31.77 -68.22
C PHE C 467 19.19 -30.51 -67.46
N ASP C 468 18.52 -29.55 -68.08
CA ASP C 468 18.37 -28.30 -67.39
C ASP C 468 17.59 -28.58 -66.14
N PHE C 469 16.80 -29.67 -66.24
CA PHE C 469 16.01 -30.15 -65.14
C PHE C 469 16.42 -31.51 -64.64
N ASN C 470 17.06 -31.57 -63.48
CA ASN C 470 17.46 -32.83 -62.96
C ASN C 470 16.73 -33.17 -61.69
N SER C 471 15.97 -34.22 -61.78
CA SER C 471 15.25 -34.66 -60.64
C SER C 471 15.80 -35.96 -60.14
N PHE C 472 15.06 -36.51 -59.20
CA PHE C 472 15.40 -37.72 -58.49
C PHE C 472 15.93 -38.82 -59.36
N GLU C 473 15.20 -39.06 -60.41
CA GLU C 473 15.59 -40.12 -61.35
C GLU C 473 17.00 -39.92 -61.91
N GLN C 474 17.35 -38.66 -62.13
CA GLN C 474 18.64 -38.31 -62.65
C GLN C 474 19.77 -38.65 -61.69
N LEU C 475 19.51 -38.34 -60.45
CA LEU C 475 20.48 -38.66 -59.43
C LEU C 475 20.77 -40.17 -59.46
N CYS C 476 19.69 -40.97 -59.41
CA CYS C 476 19.84 -42.40 -59.40
C CYS C 476 20.67 -42.89 -60.58
N ILE C 477 20.39 -42.37 -61.75
CA ILE C 477 21.14 -42.81 -62.91
C ILE C 477 22.57 -42.31 -62.87
N ASN C 478 22.72 -41.00 -62.61
CA ASN C 478 24.04 -40.41 -62.57
C ASN C 478 24.90 -41.14 -61.59
N PHE C 479 24.32 -41.41 -60.46
CA PHE C 479 25.04 -42.11 -59.44
C PHE C 479 25.49 -43.44 -59.96
N THR C 480 24.64 -44.07 -60.77
CA THR C 480 25.00 -45.36 -61.27
C THR C 480 26.21 -45.22 -62.13
N ASN C 481 26.14 -44.23 -63.00
CA ASN C 481 27.24 -44.01 -63.92
C ASN C 481 28.52 -43.55 -63.23
N GLU C 482 28.43 -42.66 -62.27
CA GLU C 482 29.64 -42.22 -61.66
C GLU C 482 30.38 -43.37 -61.00
N LYS C 483 29.69 -44.42 -60.74
CA LYS C 483 30.22 -45.59 -60.11
C LYS C 483 30.92 -46.40 -61.15
N LEU C 484 30.18 -46.66 -62.23
CA LEU C 484 30.61 -47.41 -63.40
C LEU C 484 31.94 -46.88 -63.92
N GLN C 485 32.01 -45.55 -63.97
CA GLN C 485 33.19 -44.83 -64.38
C GLN C 485 34.43 -45.15 -63.54
N GLN C 486 34.29 -45.04 -62.23
CA GLN C 486 35.32 -45.34 -61.28
C GLN C 486 35.76 -46.73 -61.46
N PHE C 487 34.78 -47.51 -61.90
CA PHE C 487 34.99 -48.95 -62.09
C PHE C 487 35.97 -49.20 -63.19
N PHE C 488 35.87 -48.34 -64.16
CA PHE C 488 36.75 -48.36 -65.30
C PHE C 488 38.13 -47.80 -64.94
N ASN C 489 38.14 -46.54 -64.51
CA ASN C 489 39.34 -45.81 -64.11
C ASN C 489 40.29 -46.66 -63.30
N HIS C 490 39.70 -47.59 -62.58
CA HIS C 490 40.50 -48.45 -61.77
C HIS C 490 41.09 -49.55 -62.61
N HIS C 491 40.22 -50.21 -63.36
CA HIS C 491 40.60 -51.32 -64.23
C HIS C 491 41.71 -50.86 -65.11
N MET C 492 41.68 -49.61 -65.43
CA MET C 492 42.70 -49.06 -66.26
C MET C 492 43.98 -48.84 -65.51
N PHE C 493 43.82 -48.53 -64.25
CA PHE C 493 44.96 -48.28 -63.44
C PHE C 493 45.63 -49.57 -63.18
N VAL C 494 44.88 -50.52 -62.94
CA VAL C 494 45.41 -51.83 -62.72
C VAL C 494 46.13 -52.30 -63.94
N LEU C 495 45.44 -52.18 -65.06
CA LEU C 495 45.89 -52.57 -66.39
C LEU C 495 47.19 -51.88 -66.81
N GLU C 496 47.16 -50.55 -66.75
CA GLU C 496 48.32 -49.75 -67.09
C GLU C 496 49.59 -50.26 -66.41
N GLN C 497 49.51 -50.26 -65.10
CA GLN C 497 50.52 -50.66 -64.20
C GLN C 497 51.12 -52.04 -64.48
N GLU C 498 50.43 -52.84 -65.26
CA GLU C 498 50.95 -54.14 -65.57
C GLU C 498 52.02 -53.96 -66.63
N GLU C 499 51.73 -53.08 -67.59
CA GLU C 499 52.65 -52.81 -68.68
C GLU C 499 53.96 -52.34 -68.13
N TYR C 500 53.89 -51.21 -67.43
CA TYR C 500 55.10 -50.70 -66.84
C TYR C 500 55.85 -51.73 -65.99
N LYS C 501 55.19 -52.83 -65.69
CA LYS C 501 55.74 -53.88 -64.87
C LYS C 501 56.30 -54.93 -65.77
N LYS C 502 55.57 -55.16 -66.86
CA LYS C 502 55.97 -56.12 -67.90
C LYS C 502 57.24 -55.58 -68.58
N GLU C 503 57.18 -54.34 -69.01
CA GLU C 503 58.30 -53.70 -69.65
C GLU C 503 59.42 -53.38 -68.69
N GLY C 504 59.09 -52.85 -67.57
CA GLY C 504 60.22 -52.56 -66.76
C GLY C 504 60.38 -51.08 -66.68
N ILE C 505 59.32 -50.38 -67.04
CA ILE C 505 59.41 -48.95 -66.91
C ILE C 505 59.22 -48.62 -65.45
N GLU C 506 59.65 -47.44 -65.06
CA GLU C 506 59.50 -47.03 -63.72
C GLU C 506 58.53 -45.88 -63.59
N TRP C 507 57.25 -46.23 -63.49
CA TRP C 507 56.19 -45.23 -63.38
C TRP C 507 55.33 -45.51 -62.16
N GLU C 508 55.22 -44.52 -61.23
CA GLU C 508 54.37 -44.72 -60.09
C GLU C 508 53.16 -43.85 -60.17
N PHE C 509 52.04 -44.46 -59.81
CA PHE C 509 50.83 -43.73 -59.87
C PHE C 509 49.76 -44.37 -59.00
N ILE C 510 48.94 -43.45 -58.53
CA ILE C 510 47.80 -43.64 -57.70
C ILE C 510 46.61 -44.10 -58.56
N ASP C 511 45.74 -44.93 -57.98
CA ASP C 511 44.53 -45.44 -58.61
C ASP C 511 43.80 -44.31 -59.25
N PHE C 512 43.26 -44.49 -60.46
CA PHE C 512 42.57 -43.35 -61.05
C PHE C 512 41.18 -43.25 -60.56
N GLY C 513 40.70 -44.30 -59.92
CA GLY C 513 39.36 -44.25 -59.40
C GLY C 513 39.19 -43.17 -58.33
N MET C 514 40.10 -43.20 -57.42
CA MET C 514 40.21 -42.36 -56.28
C MET C 514 39.70 -40.99 -56.49
N ASP C 515 39.86 -40.53 -57.69
CA ASP C 515 39.42 -39.15 -57.90
C ASP C 515 37.95 -39.00 -57.68
N LEU C 516 37.22 -40.09 -57.91
CA LEU C 516 35.78 -40.01 -57.79
C LEU C 516 35.18 -40.37 -56.47
N ALA C 517 35.95 -41.04 -55.62
CA ALA C 517 35.45 -41.46 -54.33
C ALA C 517 34.77 -40.35 -53.56
N ALA C 518 35.21 -39.14 -53.72
CA ALA C 518 34.62 -38.03 -53.06
C ALA C 518 33.16 -37.97 -53.35
N CYS C 519 32.82 -37.92 -54.64
CA CYS C 519 31.42 -37.82 -54.99
C CYS C 519 30.59 -39.01 -54.54
N ILE C 520 31.11 -40.18 -54.79
CA ILE C 520 30.37 -41.34 -54.34
C ILE C 520 30.06 -41.36 -52.86
N GLU C 521 31.07 -41.15 -51.99
CA GLU C 521 30.80 -41.17 -50.56
C GLU C 521 29.65 -40.25 -50.17
N LEU C 522 29.60 -39.07 -50.74
CA LEU C 522 28.62 -38.04 -50.46
C LEU C 522 27.21 -38.53 -50.73
N ILE C 523 27.09 -39.41 -51.70
CA ILE C 523 25.78 -39.92 -52.05
C ILE C 523 25.37 -41.13 -51.25
N GLU C 524 26.23 -42.15 -51.27
CA GLU C 524 25.99 -43.44 -50.65
C GLU C 524 26.33 -43.64 -49.20
N LYS C 525 27.20 -42.81 -48.65
CA LYS C 525 27.60 -42.97 -47.28
C LYS C 525 26.47 -42.57 -46.37
N PRO C 526 26.61 -42.96 -45.08
CA PRO C 526 25.61 -42.73 -44.06
C PRO C 526 25.04 -41.32 -43.85
N MET C 527 25.86 -40.29 -43.79
CA MET C 527 25.13 -39.04 -43.57
C MET C 527 24.90 -38.33 -44.87
N GLY C 528 25.12 -39.09 -45.95
CA GLY C 528 24.98 -38.61 -47.33
C GLY C 528 23.55 -38.56 -47.84
N ILE C 529 23.37 -37.83 -48.93
CA ILE C 529 22.11 -37.55 -49.61
C ILE C 529 21.02 -38.57 -49.47
N PHE C 530 21.30 -39.76 -49.93
CA PHE C 530 20.32 -40.83 -49.82
C PHE C 530 19.80 -41.02 -48.41
N SER C 531 20.73 -41.18 -47.45
CA SER C 531 20.32 -41.33 -46.08
C SER C 531 19.39 -40.23 -45.61
N ILE C 532 19.89 -39.01 -45.67
CA ILE C 532 19.08 -37.86 -45.31
C ILE C 532 17.74 -37.93 -46.07
N LEU C 533 17.82 -38.47 -47.28
CA LEU C 533 16.63 -38.66 -48.04
C LEU C 533 15.76 -39.74 -47.48
N GLU C 534 16.35 -40.84 -47.16
CA GLU C 534 15.57 -41.94 -46.65
C GLU C 534 15.23 -41.89 -45.20
N GLU C 535 15.71 -40.88 -44.52
CA GLU C 535 15.41 -40.84 -43.07
C GLU C 535 14.15 -40.07 -42.98
N GLU C 536 14.27 -38.85 -43.51
CA GLU C 536 13.15 -37.92 -43.54
C GLU C 536 11.85 -38.61 -44.02
N CYS C 537 12.02 -39.66 -44.79
CA CYS C 537 10.88 -40.37 -45.29
C CYS C 537 10.17 -41.05 -44.18
N MET C 538 10.81 -41.04 -43.02
CA MET C 538 10.26 -41.72 -41.82
C MET C 538 9.50 -40.76 -40.91
N PHE C 539 9.69 -39.47 -41.19
CA PHE C 539 9.06 -38.40 -40.48
C PHE C 539 7.69 -38.10 -41.12
N PRO C 540 6.67 -38.48 -40.43
CA PRO C 540 5.29 -38.34 -40.85
C PRO C 540 4.89 -36.95 -41.26
N LYS C 541 5.69 -35.99 -40.95
CA LYS C 541 5.32 -34.60 -41.21
C LYS C 541 6.50 -33.81 -41.75
N ALA C 542 7.26 -34.47 -42.62
CA ALA C 542 8.41 -33.83 -43.21
C ALA C 542 8.04 -33.20 -44.53
N THR C 543 8.87 -32.27 -44.98
CA THR C 543 8.61 -31.58 -46.23
C THR C 543 9.80 -31.71 -47.11
N ASP C 544 9.58 -31.45 -48.38
CA ASP C 544 10.67 -31.44 -49.33
C ASP C 544 11.61 -30.39 -48.76
N THR C 545 11.00 -29.28 -48.36
CA THR C 545 11.70 -28.16 -47.76
C THR C 545 12.44 -28.60 -46.52
N SER C 546 11.80 -29.42 -45.73
CA SER C 546 12.42 -29.92 -44.54
C SER C 546 13.70 -30.63 -44.93
N PHE C 547 13.51 -31.66 -45.75
CA PHE C 547 14.57 -32.47 -46.30
C PHE C 547 15.70 -31.63 -46.79
N LYS C 548 15.33 -30.62 -47.56
CA LYS C 548 16.31 -29.72 -48.15
C LYS C 548 17.25 -29.19 -47.08
N ASN C 549 16.68 -28.53 -46.08
CA ASN C 549 17.47 -27.94 -45.02
C ASN C 549 18.40 -28.96 -44.39
N LYS C 550 17.88 -30.15 -44.20
CA LYS C 550 18.70 -31.16 -43.56
C LYS C 550 19.88 -31.48 -44.41
N LEU C 551 19.65 -31.38 -45.68
CA LEU C 551 20.67 -31.64 -46.64
C LEU C 551 21.76 -30.61 -46.46
N TYR C 552 21.35 -29.36 -46.31
CA TYR C 552 22.36 -28.31 -46.23
C TYR C 552 23.12 -28.29 -44.94
N ASP C 553 22.37 -28.06 -43.87
CA ASP C 553 22.92 -27.95 -42.52
C ASP C 553 24.07 -28.91 -42.30
N GLN C 554 23.94 -30.06 -42.97
CA GLN C 554 24.92 -31.12 -42.85
C GLN C 554 25.99 -31.20 -43.92
N HIS C 555 25.70 -30.76 -45.13
CA HIS C 555 26.76 -30.90 -46.13
C HIS C 555 27.33 -29.60 -46.59
N LEU C 556 26.50 -28.57 -46.56
CA LEU C 556 26.95 -27.29 -47.03
C LEU C 556 28.08 -26.68 -46.24
N GLY C 557 29.06 -26.25 -47.00
CA GLY C 557 30.27 -25.62 -46.50
C GLY C 557 31.27 -26.65 -46.02
N LYS C 558 30.76 -27.80 -45.63
CA LYS C 558 31.55 -28.88 -45.11
C LYS C 558 31.98 -29.84 -46.18
N SER C 559 31.23 -29.82 -47.29
CA SER C 559 31.53 -30.70 -48.40
C SER C 559 31.72 -29.96 -49.69
N ASN C 560 32.80 -30.35 -50.36
CA ASN C 560 33.28 -29.69 -51.54
C ASN C 560 32.46 -30.00 -52.79
N ASN C 561 32.05 -31.24 -52.88
CA ASN C 561 31.30 -31.64 -54.04
C ASN C 561 29.88 -31.16 -53.95
N PHE C 562 29.60 -30.67 -52.76
CA PHE C 562 28.29 -30.12 -52.43
C PHE C 562 28.28 -28.62 -52.65
N GLN C 563 27.25 -28.16 -53.32
CA GLN C 563 27.17 -26.77 -53.67
C GLN C 563 25.71 -26.32 -53.79
N LYS C 564 25.51 -25.01 -53.70
CA LYS C 564 24.21 -24.42 -53.87
C LYS C 564 24.13 -23.89 -55.28
N PRO C 565 23.03 -24.17 -55.98
CA PRO C 565 22.85 -23.76 -57.35
C PRO C 565 22.98 -22.29 -57.61
N LYS C 566 23.57 -22.03 -58.78
CA LYS C 566 23.81 -20.73 -59.37
C LYS C 566 22.67 -20.42 -60.32
N PRO C 567 21.69 -19.60 -59.89
CA PRO C 567 20.54 -19.27 -60.71
C PRO C 567 20.93 -18.84 -62.15
N ALA C 568 20.16 -19.31 -63.14
CA ALA C 568 20.36 -19.01 -64.55
C ALA C 568 19.04 -19.10 -65.34
N ALA C 572 14.59 -24.47 -65.30
CA ALA C 572 13.87 -24.21 -64.07
C ALA C 572 14.75 -23.81 -62.87
N GLU C 573 14.31 -24.26 -61.69
CA GLU C 573 14.95 -23.99 -60.41
C GLU C 573 15.96 -25.07 -60.02
N ALA C 574 16.65 -24.87 -58.90
CA ALA C 574 17.60 -25.85 -58.50
C ALA C 574 17.85 -25.78 -57.01
N HIS C 575 18.11 -26.91 -56.38
CA HIS C 575 18.33 -26.87 -54.97
C HIS C 575 19.68 -27.27 -54.59
N PHE C 576 20.31 -27.99 -55.48
CA PHE C 576 21.63 -28.38 -55.14
C PHE C 576 22.31 -29.03 -56.27
N SER C 577 23.55 -28.63 -56.36
CA SER C 577 24.38 -29.09 -57.40
C SER C 577 25.40 -29.99 -56.76
N LEU C 578 25.81 -30.91 -57.58
CA LEU C 578 26.83 -31.85 -57.27
C LEU C 578 27.93 -31.81 -58.32
N VAL C 579 29.09 -32.21 -57.91
CA VAL C 579 30.21 -32.20 -58.81
C VAL C 579 30.66 -33.59 -59.23
N HIS C 580 29.98 -34.09 -60.25
CA HIS C 580 30.25 -35.42 -60.78
C HIS C 580 31.45 -35.35 -61.71
N TYR C 581 32.01 -36.52 -62.07
CA TYR C 581 33.15 -36.50 -62.96
C TYR C 581 32.89 -35.76 -64.27
N ALA C 582 31.67 -35.98 -64.82
CA ALA C 582 31.26 -35.35 -66.08
C ALA C 582 31.03 -33.85 -65.99
N GLY C 583 30.69 -33.43 -64.78
CA GLY C 583 30.46 -32.04 -64.49
C GLY C 583 29.49 -31.81 -63.36
N THR C 584 28.96 -30.57 -63.33
CA THR C 584 28.05 -30.09 -62.30
C THR C 584 26.63 -30.31 -62.66
N VAL C 585 25.93 -30.99 -61.78
CA VAL C 585 24.52 -31.25 -62.05
C VAL C 585 23.68 -30.51 -61.01
N ASP C 586 22.74 -29.76 -61.53
CA ASP C 586 21.84 -28.96 -60.75
C ASP C 586 20.57 -29.77 -60.50
N TYR C 587 20.39 -30.15 -59.24
CA TYR C 587 19.27 -31.02 -58.85
C TYR C 587 18.15 -30.28 -58.16
N ASN C 588 16.93 -30.62 -58.59
CA ASN C 588 15.68 -30.11 -58.05
C ASN C 588 15.04 -31.18 -57.22
N ILE C 589 14.80 -30.87 -55.98
CA ILE C 589 14.25 -31.75 -54.96
C ILE C 589 12.77 -31.60 -54.76
N SER C 590 11.97 -31.99 -55.68
CA SER C 590 10.59 -31.72 -55.40
C SER C 590 9.70 -32.85 -55.80
N GLY C 591 9.40 -33.67 -54.83
CA GLY C 591 8.54 -34.79 -55.03
C GLY C 591 9.22 -35.97 -54.52
N TRP C 592 10.48 -35.63 -54.22
CA TRP C 592 11.38 -36.70 -53.82
C TRP C 592 10.85 -37.51 -52.70
N LEU C 593 10.48 -36.75 -51.66
CA LEU C 593 9.96 -37.41 -50.44
C LEU C 593 8.91 -38.42 -50.77
N GLU C 594 7.95 -37.98 -51.54
CA GLU C 594 6.86 -38.83 -52.01
C GLU C 594 7.28 -39.99 -52.86
N LYS C 595 7.91 -39.62 -53.98
CA LYS C 595 8.40 -40.57 -54.96
C LYS C 595 9.15 -41.62 -54.27
N ASN C 596 9.87 -41.17 -53.25
CA ASN C 596 10.65 -42.09 -52.49
C ASN C 596 9.82 -42.94 -51.50
N LYS C 597 8.60 -42.59 -51.24
CA LYS C 597 7.79 -43.35 -50.26
C LYS C 597 6.91 -44.42 -50.87
N ASP C 598 6.68 -44.27 -52.15
CA ASP C 598 5.84 -45.16 -52.89
C ASP C 598 4.55 -45.42 -52.17
N PRO C 599 12.40 -45.46 -46.35
CA PRO C 599 11.49 -45.64 -45.25
C PRO C 599 10.17 -46.27 -45.68
N LEU C 600 9.84 -47.39 -45.05
CA LEU C 600 8.64 -48.15 -45.33
C LEU C 600 7.94 -48.58 -44.03
N ASN C 601 6.62 -48.41 -43.94
CA ASN C 601 5.87 -48.81 -42.77
C ASN C 601 5.88 -50.29 -42.62
N GLU C 602 6.71 -50.69 -41.74
CA GLU C 602 6.95 -52.07 -41.44
C GLU C 602 5.78 -52.89 -40.95
N THR C 603 4.75 -52.21 -40.45
CA THR C 603 3.61 -52.93 -39.97
C THR C 603 2.90 -53.55 -41.14
N VAL C 604 2.71 -52.70 -42.13
CA VAL C 604 2.07 -53.10 -43.38
C VAL C 604 2.83 -54.23 -44.08
N ILE C 605 4.11 -54.02 -44.20
CA ILE C 605 4.98 -54.97 -44.83
C ILE C 605 4.75 -56.29 -44.18
N GLY C 606 4.41 -56.18 -42.91
CA GLY C 606 4.16 -57.37 -42.12
C GLY C 606 3.06 -58.14 -42.79
N LEU C 607 1.97 -57.43 -42.99
CA LEU C 607 0.79 -57.99 -43.61
C LEU C 607 1.13 -58.63 -44.94
N TYR C 608 1.95 -57.95 -45.72
CA TYR C 608 2.29 -58.46 -47.04
C TYR C 608 2.94 -59.79 -46.82
N GLN C 609 3.86 -59.75 -45.91
CA GLN C 609 4.66 -60.92 -45.58
C GLN C 609 3.82 -62.16 -45.28
N LYS C 610 2.57 -61.96 -44.90
CA LYS C 610 1.67 -63.05 -44.60
C LYS C 610 0.41 -63.02 -45.44
N SER C 611 0.57 -62.60 -46.68
CA SER C 611 -0.53 -62.53 -47.63
C SER C 611 -0.99 -63.88 -48.11
N SER C 612 -2.19 -63.89 -48.66
CA SER C 612 -2.75 -65.11 -49.23
C SER C 612 -2.28 -65.23 -50.67
N VAL C 613 -1.67 -64.14 -51.13
CA VAL C 613 -1.13 -64.01 -52.46
C VAL C 613 0.36 -64.19 -52.42
N LYS C 614 0.77 -65.44 -52.46
CA LYS C 614 2.11 -65.98 -52.31
C LYS C 614 3.17 -65.08 -52.89
N THR C 615 2.95 -64.75 -54.12
CA THR C 615 3.84 -63.86 -54.84
C THR C 615 4.10 -62.58 -54.07
N LEU C 616 3.04 -61.95 -53.64
CA LEU C 616 3.19 -60.73 -52.86
C LEU C 616 3.94 -61.05 -51.65
N ALA C 617 3.60 -62.20 -51.08
CA ALA C 617 4.31 -62.63 -49.91
C ALA C 617 5.79 -62.75 -50.20
N LEU C 618 6.10 -63.35 -51.28
CA LEU C 618 7.48 -63.54 -51.63
C LEU C 618 8.32 -62.32 -51.72
N LEU C 619 7.85 -61.41 -52.60
CA LEU C 619 8.53 -60.15 -52.88
C LEU C 619 9.13 -59.49 -51.66
N PHE C 620 8.47 -59.69 -50.51
CA PHE C 620 8.90 -59.00 -49.28
C PHE C 620 9.33 -60.01 -48.19
N ALA C 621 10.30 -60.91 -48.49
CA ALA C 621 10.82 -61.88 -47.51
C ALA C 621 12.22 -61.53 -47.02
N THR C 622 12.85 -60.70 -47.82
CA THR C 622 14.17 -60.19 -47.61
C THR C 622 14.15 -58.96 -46.67
N TYR C 623 12.98 -58.64 -46.18
CA TYR C 623 12.84 -57.51 -45.33
C TYR C 623 13.27 -57.80 -43.90
N GLN C 644 10.40 -49.20 -45.53
CA GLN C 644 11.31 -49.35 -46.67
C GLN C 644 11.03 -48.38 -47.82
N THR C 645 12.13 -47.71 -48.19
CA THR C 645 12.14 -46.71 -49.23
C THR C 645 12.44 -47.28 -50.62
N VAL C 646 12.31 -46.44 -51.64
CA VAL C 646 12.52 -46.77 -53.02
C VAL C 646 14.00 -46.78 -53.30
N SER C 647 14.62 -45.70 -52.86
CA SER C 647 16.04 -45.52 -53.02
C SER C 647 16.77 -46.57 -52.23
N ALA C 648 16.10 -47.10 -51.20
CA ALA C 648 16.64 -48.17 -50.37
C ALA C 648 17.06 -49.41 -51.15
N LEU C 649 16.30 -49.75 -52.17
CA LEU C 649 16.62 -50.92 -53.01
C LEU C 649 17.65 -50.64 -54.02
N PHE C 650 17.26 -49.64 -54.84
CA PHE C 650 18.03 -49.12 -55.93
C PHE C 650 19.51 -49.29 -55.57
N ARG C 651 19.82 -48.89 -54.35
CA ARG C 651 21.12 -49.01 -53.81
C ARG C 651 21.50 -50.49 -53.71
N GLU C 652 20.67 -51.31 -53.07
CA GLU C 652 20.85 -52.76 -52.83
C GLU C 652 21.05 -53.54 -54.11
N ASN C 653 20.32 -53.12 -55.10
CA ASN C 653 20.36 -53.71 -56.41
C ASN C 653 21.64 -53.26 -57.10
N LEU C 654 21.89 -51.97 -57.00
CA LEU C 654 23.10 -51.35 -57.56
C LEU C 654 24.34 -51.89 -56.89
N ASN C 655 24.19 -52.56 -55.79
CA ASN C 655 25.36 -53.09 -55.09
C ASN C 655 25.63 -54.49 -55.47
N LYS C 656 24.56 -55.19 -55.64
CA LYS C 656 24.52 -56.56 -56.01
C LYS C 656 25.08 -56.66 -57.39
N LEU C 657 24.98 -55.54 -58.10
CA LEU C 657 25.36 -55.39 -59.50
C LEU C 657 26.81 -55.10 -59.62
N MET C 658 27.20 -53.98 -59.02
CA MET C 658 28.60 -53.54 -59.02
C MET C 658 29.51 -54.61 -58.42
N ALA C 659 28.91 -55.58 -57.71
CA ALA C 659 29.66 -56.67 -57.10
C ALA C 659 29.84 -57.76 -58.12
N ASN C 660 28.83 -57.91 -58.92
CA ASN C 660 28.80 -58.92 -59.96
C ASN C 660 29.76 -58.42 -61.06
N LEU C 661 29.84 -57.10 -61.15
CA LEU C 661 30.66 -56.45 -62.14
C LEU C 661 32.16 -56.66 -61.84
N ARG C 662 32.49 -56.78 -60.54
CA ARG C 662 33.84 -56.96 -60.06
C ARG C 662 34.44 -58.32 -60.33
N SER C 663 33.67 -59.39 -60.04
CA SER C 663 34.09 -60.76 -60.31
C SER C 663 34.02 -61.03 -61.78
N THR C 664 34.26 -59.96 -62.53
CA THR C 664 34.18 -59.91 -63.94
C THR C 664 35.35 -59.21 -64.55
N HIS C 665 35.69 -59.62 -65.77
CA HIS C 665 36.67 -58.93 -66.58
C HIS C 665 35.95 -57.94 -67.49
N PRO C 666 35.91 -56.70 -67.09
CA PRO C 666 35.17 -55.67 -67.74
C PRO C 666 35.60 -55.45 -69.17
N HIS C 667 34.58 -55.38 -70.03
CA HIS C 667 34.69 -55.11 -71.43
C HIS C 667 33.71 -53.98 -71.71
N PHE C 668 34.21 -52.87 -72.20
CA PHE C 668 33.50 -51.64 -72.46
C PHE C 668 33.10 -51.29 -73.89
N VAL C 669 31.90 -50.80 -74.04
CA VAL C 669 31.29 -50.38 -75.29
C VAL C 669 30.49 -49.11 -75.10
N ARG C 670 30.86 -48.05 -75.80
CA ARG C 670 30.26 -46.73 -75.74
C ARG C 670 29.54 -46.42 -77.04
N CYS C 671 28.20 -46.29 -76.95
CA CYS C 671 27.37 -46.04 -78.11
C CYS C 671 27.16 -44.54 -78.32
N ILE C 672 27.29 -44.06 -79.55
CA ILE C 672 27.18 -42.65 -79.87
C ILE C 672 26.09 -42.26 -80.87
N ILE C 673 25.57 -41.05 -80.70
CA ILE C 673 24.50 -40.49 -81.49
C ILE C 673 24.93 -39.21 -82.17
N PRO C 674 25.08 -39.33 -83.47
CA PRO C 674 25.59 -38.36 -84.40
C PRO C 674 24.90 -37.05 -84.44
N ASN C 675 23.63 -37.06 -84.85
CA ASN C 675 22.84 -35.82 -84.94
C ASN C 675 21.40 -36.01 -84.56
N GLU C 676 20.91 -35.06 -83.79
CA GLU C 676 19.53 -35.09 -83.33
C GLU C 676 18.56 -35.23 -84.48
N THR C 677 18.99 -34.73 -85.61
CA THR C 677 18.16 -34.75 -86.81
C THR C 677 18.07 -36.07 -87.53
N LYS C 678 18.68 -37.16 -87.08
CA LYS C 678 18.52 -38.42 -87.81
C LYS C 678 19.01 -38.43 -89.26
N THR C 679 20.29 -38.27 -89.46
CA THR C 679 20.85 -38.23 -90.79
C THR C 679 22.11 -39.06 -90.83
N PRO C 680 22.16 -40.01 -91.72
CA PRO C 680 23.35 -40.82 -91.79
C PRO C 680 24.50 -39.97 -92.32
N GLY C 681 25.73 -40.40 -92.03
CA GLY C 681 26.95 -39.73 -92.42
C GLY C 681 27.14 -38.30 -91.88
N ALA C 682 26.43 -37.94 -90.83
CA ALA C 682 26.56 -36.59 -90.28
C ALA C 682 26.81 -36.51 -88.79
N MET C 683 27.28 -35.38 -88.32
CA MET C 683 27.57 -35.30 -86.93
C MET C 683 27.51 -33.92 -86.29
N GLU C 684 26.68 -33.66 -85.28
CA GLU C 684 26.86 -32.29 -84.79
C GLU C 684 28.05 -32.38 -83.87
N HIS C 685 28.85 -31.36 -83.87
CA HIS C 685 30.02 -31.40 -83.04
C HIS C 685 29.75 -31.49 -81.56
N GLU C 686 29.35 -30.37 -81.03
CA GLU C 686 29.14 -30.28 -79.61
C GLU C 686 28.27 -31.34 -79.03
N LEU C 687 27.47 -31.91 -79.86
CA LEU C 687 26.60 -32.98 -79.45
C LEU C 687 27.40 -34.26 -79.18
N VAL C 688 28.30 -34.59 -80.10
CA VAL C 688 29.19 -35.73 -79.92
C VAL C 688 30.20 -35.41 -78.78
N LEU C 689 30.64 -34.16 -78.75
CA LEU C 689 31.60 -33.72 -77.75
C LEU C 689 31.09 -34.02 -76.36
N HIS C 690 29.85 -33.71 -76.17
CA HIS C 690 29.20 -33.96 -74.91
C HIS C 690 29.36 -35.38 -74.45
N GLN C 691 28.85 -36.24 -75.30
CA GLN C 691 28.84 -37.63 -75.03
C GLN C 691 30.19 -38.09 -74.63
N LEU C 692 31.15 -37.59 -75.37
CA LEU C 692 32.50 -38.00 -75.09
C LEU C 692 32.99 -37.77 -73.68
N ARG C 693 32.49 -36.68 -73.06
CA ARG C 693 32.92 -36.34 -71.71
C ARG C 693 32.26 -37.20 -70.66
N CYS C 694 30.98 -37.38 -70.90
CA CYS C 694 30.11 -38.14 -70.05
C CYS C 694 30.26 -39.61 -70.33
N ASN C 695 30.94 -39.94 -71.39
CA ASN C 695 31.10 -41.32 -71.81
C ASN C 695 32.08 -42.05 -70.97
N GLY C 696 33.21 -41.35 -70.80
CA GLY C 696 34.40 -41.81 -70.18
C GLY C 696 35.55 -41.77 -71.17
N VAL C 697 35.21 -41.61 -72.44
CA VAL C 697 36.15 -41.59 -73.53
C VAL C 697 37.19 -40.51 -73.34
N LEU C 698 36.70 -39.32 -72.99
CA LEU C 698 37.63 -38.24 -72.80
C LEU C 698 38.43 -38.37 -71.55
N GLU C 699 37.94 -39.20 -70.65
CA GLU C 699 38.67 -39.38 -69.40
C GLU C 699 39.69 -40.48 -69.56
N GLY C 700 39.44 -41.33 -70.53
CA GLY C 700 40.37 -42.42 -70.78
C GLY C 700 41.56 -41.89 -71.54
N ILE C 701 41.32 -40.81 -72.29
CA ILE C 701 42.34 -40.22 -73.08
C ILE C 701 43.25 -39.47 -72.15
N ARG C 702 42.63 -38.80 -71.18
CA ARG C 702 43.35 -38.03 -70.15
C ARG C 702 44.39 -38.87 -69.42
N ILE C 703 43.86 -39.90 -68.81
CA ILE C 703 44.61 -40.89 -68.06
C ILE C 703 45.69 -41.51 -68.91
N CYS C 704 45.46 -41.50 -70.20
CA CYS C 704 46.40 -42.08 -71.11
C CYS C 704 47.58 -41.16 -71.25
N ARG C 705 47.21 -39.91 -71.50
CA ARG C 705 48.14 -38.84 -71.71
C ARG C 705 48.92 -38.44 -70.46
N LYS C 706 48.79 -39.21 -69.41
CA LYS C 706 49.50 -38.82 -68.22
C LYS C 706 50.70 -39.73 -68.09
N GLY C 707 50.77 -41.42 -69.63
CA GLY C 707 51.64 -41.86 -68.55
C GLY C 707 52.88 -40.99 -68.59
N PHE C 708 54.02 -41.65 -68.57
CA PHE C 708 55.29 -41.02 -68.67
C PHE C 708 56.00 -41.56 -69.92
N PRO C 709 55.74 -40.87 -71.03
CA PRO C 709 56.28 -41.25 -72.33
C PRO C 709 57.79 -41.52 -72.32
N SER C 710 58.54 -40.47 -72.60
CA SER C 710 59.98 -40.50 -72.60
C SER C 710 60.57 -40.96 -71.27
N ARG C 711 61.46 -41.94 -71.39
CA ARG C 711 62.13 -42.50 -70.23
C ARG C 711 63.62 -42.62 -70.49
N VAL C 712 64.38 -41.84 -69.71
CA VAL C 712 65.81 -41.79 -69.85
C VAL C 712 66.55 -42.72 -68.96
N LEU C 713 67.48 -43.39 -69.59
CA LEU C 713 68.40 -44.25 -68.89
C LEU C 713 69.43 -43.29 -68.28
N TYR C 714 69.71 -43.58 -67.05
CA TYR C 714 70.60 -42.80 -66.19
C TYR C 714 71.95 -42.27 -66.71
N ALA C 715 72.79 -43.11 -67.29
CA ALA C 715 74.05 -42.64 -67.85
C ALA C 715 73.85 -41.74 -69.05
N ASP C 716 72.88 -42.25 -69.86
CA ASP C 716 72.39 -41.58 -71.04
C ASP C 716 71.82 -40.23 -70.62
N PHE C 717 71.57 -40.17 -69.29
CA PHE C 717 71.01 -38.96 -68.70
C PHE C 717 72.08 -38.04 -68.17
N LYS C 718 73.12 -38.67 -67.68
CA LYS C 718 74.24 -37.92 -67.11
C LYS C 718 74.91 -37.11 -68.19
N GLN C 719 75.65 -37.87 -69.02
CA GLN C 719 76.37 -37.34 -70.15
C GLN C 719 75.75 -36.13 -70.85
N ARG C 720 74.54 -36.35 -71.36
CA ARG C 720 73.83 -35.32 -72.11
C ARG C 720 73.44 -34.06 -71.36
N TYR C 721 73.27 -34.19 -70.03
CA TYR C 721 72.79 -33.04 -69.28
C TYR C 721 73.61 -32.53 -68.12
N ARG C 722 74.70 -33.24 -67.80
CA ARG C 722 75.60 -32.85 -66.70
C ARG C 722 75.82 -31.32 -66.66
N VAL C 723 76.13 -30.82 -67.86
CA VAL C 723 76.37 -29.44 -68.20
C VAL C 723 75.37 -28.42 -67.67
N LEU C 724 74.21 -28.88 -67.25
CA LEU C 724 73.17 -27.95 -66.84
C LEU C 724 73.39 -27.28 -65.51
N ASN C 725 74.08 -27.98 -64.64
CA ASN C 725 74.39 -27.50 -63.29
C ASN C 725 75.54 -28.34 -62.78
N ALA C 726 76.36 -28.72 -63.74
CA ALA C 726 77.55 -29.55 -63.59
C ALA C 726 78.26 -29.47 -62.24
N SER C 727 78.00 -28.42 -61.51
CA SER C 727 78.65 -28.24 -60.22
C SER C 727 77.98 -29.00 -59.08
N ALA C 728 76.74 -29.44 -59.26
CA ALA C 728 76.05 -30.16 -58.20
C ALA C 728 76.82 -31.44 -57.91
N ILE C 729 78.50 -30.50 -57.86
CA ILE C 729 79.68 -31.24 -58.21
C ILE C 729 80.41 -32.18 -57.27
N PRO C 730 80.99 -31.93 -56.08
CA PRO C 730 81.79 -32.97 -55.43
C PRO C 730 81.01 -34.27 -55.16
N GLU C 731 79.80 -34.08 -54.62
CA GLU C 731 78.85 -35.16 -54.39
C GLU C 731 78.10 -35.67 -55.62
N GLY C 732 78.09 -34.90 -56.71
CA GLY C 732 77.55 -35.35 -58.01
C GLY C 732 78.57 -36.06 -58.92
N GLN C 733 79.88 -35.87 -58.65
CA GLN C 733 80.98 -36.54 -59.35
C GLN C 733 81.61 -37.78 -58.71
N PHE C 734 81.82 -37.86 -57.39
CA PHE C 734 82.29 -39.07 -56.71
C PHE C 734 81.14 -40.10 -56.71
N MET C 735 80.91 -40.83 -58.17
CA MET C 735 79.45 -40.80 -58.00
C MET C 735 78.85 -42.07 -58.57
N ASP C 736 77.52 -42.07 -58.53
CA ASP C 736 76.70 -43.15 -58.98
C ASP C 736 76.00 -42.79 -60.29
N SER C 737 75.81 -43.79 -61.14
CA SER C 737 75.13 -43.60 -62.42
C SER C 737 73.65 -43.23 -62.21
N LYS C 738 73.13 -43.62 -61.05
CA LYS C 738 71.74 -43.34 -60.71
C LYS C 738 71.57 -42.12 -59.80
N LYS C 739 72.06 -42.24 -58.57
CA LYS C 739 71.96 -41.20 -57.56
C LYS C 739 72.30 -39.83 -58.13
N ALA C 740 73.15 -39.86 -59.14
CA ALA C 740 73.60 -38.67 -59.82
C ALA C 740 72.43 -37.91 -60.43
N SER C 741 71.81 -38.54 -61.46
CA SER C 741 70.68 -37.95 -62.16
C SER C 741 69.71 -37.41 -61.16
N GLU C 742 69.66 -38.13 -60.03
CA GLU C 742 68.79 -37.73 -58.96
C GLU C 742 69.22 -36.34 -58.54
N LYS C 743 70.43 -36.39 -57.97
CA LYS C 743 71.07 -35.19 -57.50
C LYS C 743 71.00 -34.08 -58.51
N LEU C 744 71.25 -34.39 -59.80
CA LEU C 744 71.25 -33.34 -60.80
C LEU C 744 70.00 -32.53 -60.86
N LEU C 745 68.90 -33.21 -60.96
CA LEU C 745 67.64 -32.50 -61.08
C LEU C 745 67.40 -31.53 -59.95
N GLY C 746 68.30 -31.54 -58.98
CA GLY C 746 68.29 -30.64 -57.86
C GLY C 746 68.10 -29.24 -58.41
N SER C 747 68.90 -28.86 -59.43
CA SER C 747 68.77 -27.52 -60.01
C SER C 747 67.76 -27.42 -61.19
N ILE C 748 67.52 -26.17 -61.60
CA ILE C 748 66.64 -25.86 -62.71
C ILE C 748 65.31 -25.29 -62.25
N ASP C 749 64.76 -24.34 -62.99
CA ASP C 749 63.47 -23.81 -62.59
C ASP C 749 62.33 -24.65 -63.24
N VAL C 750 62.55 -26.00 -63.21
CA VAL C 750 61.72 -27.11 -63.75
C VAL C 750 60.68 -27.78 -62.83
N ASP C 751 59.55 -28.28 -63.39
CA ASP C 751 58.52 -28.98 -62.61
C ASP C 751 59.01 -30.30 -62.05
N HIS C 752 59.24 -30.32 -60.74
CA HIS C 752 59.81 -31.48 -60.08
C HIS C 752 58.81 -32.64 -59.91
N THR C 753 57.68 -32.46 -60.57
CA THR C 753 56.52 -33.31 -60.67
C THR C 753 56.62 -34.24 -61.87
N GLN C 754 56.58 -33.57 -63.02
CA GLN C 754 56.68 -34.11 -64.34
C GLN C 754 57.62 -35.29 -64.51
N TYR C 755 58.44 -35.61 -63.56
CA TYR C 755 59.32 -36.76 -63.74
C TYR C 755 59.14 -37.77 -62.63
N ARG C 756 59.86 -38.87 -62.76
CA ARG C 756 59.77 -39.86 -61.73
C ARG C 756 60.85 -40.84 -61.98
N PHE C 757 61.48 -41.19 -60.88
CA PHE C 757 62.63 -42.05 -60.97
C PHE C 757 62.30 -43.44 -60.59
N GLY C 758 63.18 -44.34 -60.99
CA GLY C 758 63.04 -45.73 -60.69
C GLY C 758 64.31 -46.46 -61.02
N HIS C 759 64.43 -47.64 -60.47
CA HIS C 759 65.58 -48.53 -60.60
C HIS C 759 66.44 -48.50 -61.85
N THR C 760 65.90 -48.21 -63.02
CA THR C 760 66.81 -48.19 -64.16
C THR C 760 66.71 -46.91 -64.94
N LYS C 761 65.68 -46.13 -64.62
CA LYS C 761 65.54 -44.92 -65.37
C LYS C 761 64.55 -43.94 -64.84
N VAL C 762 64.57 -42.75 -65.39
CA VAL C 762 63.67 -41.72 -64.99
C VAL C 762 62.55 -41.71 -65.94
N PHE C 763 61.44 -41.28 -65.42
CA PHE C 763 60.31 -41.15 -66.23
C PHE C 763 60.03 -39.71 -66.33
N PHE C 764 59.59 -39.34 -67.53
CA PHE C 764 59.35 -37.93 -67.83
C PHE C 764 58.09 -37.72 -68.65
N LYS C 765 57.35 -36.64 -68.43
CA LYS C 765 56.19 -36.32 -69.22
C LYS C 765 56.70 -35.72 -70.53
N ALA C 766 55.77 -35.12 -71.27
CA ALA C 766 56.08 -34.50 -72.52
C ALA C 766 56.71 -33.13 -72.37
N GLY C 767 57.25 -32.70 -73.51
CA GLY C 767 57.88 -31.39 -73.71
C GLY C 767 58.81 -31.02 -72.59
N LEU C 768 59.24 -32.00 -71.85
CA LEU C 768 60.11 -31.74 -70.75
C LEU C 768 61.52 -31.85 -71.18
N LEU C 769 61.77 -33.07 -71.66
CA LEU C 769 63.03 -33.40 -72.21
C LEU C 769 63.31 -32.31 -73.25
N GLY C 770 62.24 -31.82 -73.84
CA GLY C 770 62.34 -30.75 -74.77
C GLY C 770 62.85 -29.54 -74.05
N LEU C 771 62.35 -29.36 -72.85
CA LEU C 771 62.79 -28.21 -72.06
C LEU C 771 64.23 -28.33 -71.72
N LEU C 772 64.59 -29.52 -71.24
CA LEU C 772 65.97 -29.80 -70.90
C LEU C 772 66.97 -29.34 -71.95
N GLU C 773 66.89 -29.98 -73.09
CA GLU C 773 67.68 -29.70 -74.24
C GLU C 773 67.91 -28.22 -74.48
N GLU C 774 66.78 -27.49 -74.43
CA GLU C 774 66.83 -26.08 -74.69
C GLU C 774 67.86 -25.39 -73.81
N MET C 775 67.76 -25.68 -72.53
CA MET C 775 68.67 -25.14 -71.56
C MET C 775 70.06 -25.55 -72.00
N ARG C 776 70.13 -26.77 -72.37
CA ARG C 776 71.35 -27.34 -72.80
C ARG C 776 71.87 -26.56 -73.96
N ASP C 777 71.00 -26.33 -74.92
CA ASP C 777 71.34 -25.60 -76.12
C ASP C 777 72.04 -24.31 -75.77
N ASP C 778 71.43 -23.51 -74.91
CA ASP C 778 72.08 -22.29 -74.49
C ASP C 778 73.45 -22.59 -73.91
N LYS C 779 73.54 -23.69 -73.21
CA LYS C 779 74.77 -23.93 -72.54
C LYS C 779 75.93 -24.26 -73.40
N LEU C 780 75.64 -24.50 -74.65
CA LEU C 780 76.76 -24.83 -75.52
C LEU C 780 77.22 -23.63 -76.28
N ALA C 781 76.28 -22.69 -76.49
CA ALA C 781 76.60 -21.47 -77.17
C ALA C 781 77.75 -20.94 -76.34
N GLU C 782 77.51 -20.95 -75.03
CA GLU C 782 78.49 -20.54 -74.02
C GLU C 782 79.75 -21.36 -74.38
N ILE C 783 79.70 -22.64 -74.14
CA ILE C 783 80.80 -23.55 -74.39
C ILE C 783 81.45 -23.43 -75.72
N ILE C 784 80.65 -23.29 -76.76
CA ILE C 784 81.25 -23.22 -78.06
C ILE C 784 81.89 -21.90 -78.35
N THR C 785 81.03 -20.88 -78.38
CA THR C 785 81.40 -19.51 -78.65
C THR C 785 82.75 -19.14 -78.01
N ARG C 786 82.93 -19.58 -76.79
CA ARG C 786 84.15 -19.39 -76.07
C ARG C 786 85.25 -20.26 -76.64
N THR C 787 84.90 -21.47 -77.05
CA THR C 787 85.95 -22.33 -77.59
C THR C 787 86.28 -21.92 -79.01
N GLN C 788 85.39 -21.20 -79.62
CA GLN C 788 85.68 -20.79 -80.96
C GLN C 788 86.78 -19.76 -80.88
N ALA C 789 86.42 -18.65 -80.22
CA ALA C 789 87.28 -17.52 -79.98
C ALA C 789 88.79 -17.83 -79.90
N ARG C 790 89.18 -18.57 -78.87
CA ARG C 790 90.56 -18.95 -78.59
C ARG C 790 91.18 -19.46 -79.88
N CYS C 791 90.45 -20.39 -80.47
CA CYS C 791 90.85 -20.93 -81.75
C CYS C 791 91.16 -19.79 -82.72
N ARG C 792 90.12 -18.98 -82.99
CA ARG C 792 90.18 -17.85 -83.88
C ARG C 792 91.43 -17.08 -83.52
N GLY C 793 91.48 -16.72 -82.25
CA GLY C 793 92.56 -15.97 -81.68
C GLY C 793 93.79 -16.68 -82.14
N PHE C 794 94.00 -17.81 -81.52
CA PHE C 794 95.12 -18.67 -81.81
C PHE C 794 95.40 -18.83 -83.28
N LEU C 795 94.35 -18.83 -84.03
CA LEU C 795 94.60 -19.03 -85.43
C LEU C 795 95.44 -17.96 -86.05
N MET C 796 95.09 -16.76 -85.71
CA MET C 796 95.83 -15.65 -86.24
C MET C 796 97.16 -15.51 -85.56
N ARG C 797 97.24 -15.97 -84.32
CA ARG C 797 98.48 -15.87 -83.58
C ARG C 797 99.59 -16.60 -84.29
N VAL C 798 99.24 -17.54 -85.20
CA VAL C 798 100.27 -18.34 -85.89
C VAL C 798 100.62 -17.64 -87.17
N GLU C 799 99.67 -16.80 -87.58
CA GLU C 799 99.84 -16.04 -88.78
C GLU C 799 100.88 -14.98 -88.56
N TYR C 800 100.82 -14.35 -87.38
CA TYR C 800 101.82 -13.40 -87.10
C TYR C 800 103.23 -14.06 -87.17
N ARG C 801 103.44 -15.26 -86.58
CA ARG C 801 104.73 -16.02 -86.55
C ARG C 801 105.27 -16.36 -87.92
N ARG C 802 104.36 -16.37 -88.87
CA ARG C 802 104.70 -16.67 -90.25
C ARG C 802 105.02 -15.35 -90.96
N MET C 803 104.12 -14.39 -90.84
CA MET C 803 104.28 -13.06 -91.42
C MET C 803 105.66 -12.53 -91.15
N VAL C 804 105.98 -12.57 -89.87
CA VAL C 804 107.23 -12.15 -89.30
C VAL C 804 108.46 -12.89 -89.87
N GLU C 805 108.41 -14.21 -89.90
CA GLU C 805 109.48 -15.05 -90.45
C GLU C 805 109.83 -14.54 -91.83
N ARG C 806 108.78 -14.53 -92.62
CA ARG C 806 108.71 -14.09 -93.98
C ARG C 806 109.37 -12.74 -94.24
N ARG C 807 109.27 -11.89 -93.22
CA ARG C 807 109.75 -10.52 -93.21
C ARG C 807 110.89 -10.26 -94.16
N GLU C 808 111.98 -10.95 -93.92
CA GLU C 808 113.10 -10.72 -94.76
C GLU C 808 113.15 -11.47 -96.06
N SER C 809 112.77 -12.74 -96.04
CA SER C 809 112.83 -13.53 -97.26
C SER C 809 112.18 -12.83 -98.41
N ILE C 810 111.23 -11.95 -98.07
CA ILE C 810 110.57 -11.18 -99.08
C ILE C 810 111.56 -10.19 -99.68
N PHE C 811 112.01 -9.29 -98.81
CA PHE C 811 112.96 -8.24 -99.08
C PHE C 811 114.00 -8.76 -100.03
N CYS C 812 114.54 -9.87 -99.60
CA CYS C 812 115.56 -10.54 -100.39
C CYS C 812 115.01 -10.73 -101.75
N ILE C 813 113.83 -11.26 -101.77
CA ILE C 813 113.22 -11.45 -103.05
C ILE C 813 112.96 -10.09 -103.66
N GLN C 814 112.39 -9.19 -102.84
CA GLN C 814 112.04 -7.84 -103.30
C GLN C 814 113.14 -7.16 -104.06
N TYR C 815 114.13 -6.72 -103.33
CA TYR C 815 115.28 -6.03 -103.90
C TYR C 815 115.89 -6.78 -105.08
N ASN C 816 116.17 -8.05 -104.83
CA ASN C 816 116.83 -8.94 -105.79
C ASN C 816 116.38 -8.90 -107.21
N VAL C 817 115.06 -8.74 -107.38
CA VAL C 817 114.42 -8.68 -108.68
C VAL C 817 114.72 -7.35 -109.35
N ARG C 818 114.42 -6.31 -108.56
CA ARG C 818 114.65 -4.94 -108.96
C ARG C 818 116.00 -4.75 -109.65
N SER C 819 117.07 -5.34 -109.03
CA SER C 819 118.41 -5.30 -109.54
C SER C 819 118.32 -5.57 -111.02
N PHE C 820 118.05 -6.81 -111.26
CA PHE C 820 117.95 -7.39 -112.53
C PHE C 820 117.22 -6.56 -113.56
N MET C 821 116.11 -6.01 -113.18
CA MET C 821 115.36 -5.16 -114.09
C MET C 821 116.14 -3.95 -114.58
N ASN C 822 117.10 -3.60 -113.80
CA ASN C 822 117.92 -2.44 -114.07
C ASN C 822 119.15 -2.78 -114.86
N VAL C 823 119.70 -3.88 -114.39
CA VAL C 823 120.90 -4.39 -114.89
C VAL C 823 120.83 -5.00 -116.25
N LYS C 824 119.92 -5.95 -116.41
CA LYS C 824 119.70 -6.67 -117.65
C LYS C 824 119.82 -5.81 -118.91
N HIS C 825 119.68 -4.47 -118.76
CA HIS C 825 119.77 -3.60 -119.93
C HIS C 825 121.16 -2.96 -120.10
N TRP C 826 122.06 -3.15 -119.09
CA TRP C 826 123.46 -2.64 -118.99
C TRP C 826 124.56 -3.43 -119.75
N PRO C 827 125.19 -2.77 -120.71
CA PRO C 827 126.25 -3.31 -121.55
C PRO C 827 127.14 -4.29 -120.83
N TRP C 828 127.70 -3.76 -119.77
CA TRP C 828 128.63 -4.47 -118.93
C TRP C 828 128.02 -5.70 -118.41
N MET C 829 126.73 -5.61 -118.11
CA MET C 829 126.15 -6.81 -117.56
C MET C 829 125.84 -7.83 -118.64
N LYS C 830 125.45 -7.41 -119.84
CA LYS C 830 125.25 -8.34 -120.88
C LYS C 830 126.52 -9.01 -121.23
N LEU C 831 127.55 -8.21 -121.21
CA LEU C 831 128.90 -8.72 -121.51
C LEU C 831 129.25 -9.85 -120.59
N PHE C 832 129.18 -9.55 -119.30
CA PHE C 832 129.46 -10.55 -118.25
C PHE C 832 128.68 -11.81 -118.51
N PHE C 833 127.49 -11.57 -119.03
CA PHE C 833 126.57 -12.62 -119.33
C PHE C 833 127.08 -13.51 -120.44
N LYS C 834 127.36 -12.95 -121.61
CA LYS C 834 127.82 -13.83 -122.67
C LYS C 834 129.11 -14.49 -122.21
N ILE C 835 129.88 -13.74 -121.49
CA ILE C 835 131.18 -14.18 -121.02
C ILE C 835 131.19 -15.16 -119.85
N LYS C 836 130.28 -14.98 -118.91
CA LYS C 836 130.14 -15.82 -117.73
C LYS C 836 130.31 -17.29 -118.00
N PRO C 837 130.11 -17.72 -119.21
CA PRO C 837 130.24 -19.15 -119.43
C PRO C 837 131.63 -19.64 -119.67
N LEU C 838 132.37 -18.93 -120.53
CA LEU C 838 133.75 -19.33 -120.84
C LEU C 838 134.60 -19.59 -119.58
N LEU C 839 134.08 -19.13 -118.46
CA LEU C 839 134.79 -19.24 -117.23
C LEU C 839 134.69 -20.60 -116.66
N LYS C 840 135.46 -20.74 -115.59
CA LYS C 840 135.51 -21.99 -114.87
C LYS C 840 135.70 -21.69 -113.38
N ASN A 1 142.30 -28.57 -81.19
CA ASN A 1 141.11 -29.45 -81.13
C ASN A 1 141.54 -30.93 -80.94
N VAL A 2 142.63 -31.18 -81.64
CA VAL A 2 143.36 -32.44 -81.69
C VAL A 2 144.10 -32.95 -80.45
N PHE A 3 144.31 -32.11 -79.43
CA PHE A 3 144.70 -32.66 -78.14
C PHE A 3 143.54 -32.70 -77.12
N SER A 4 142.41 -32.02 -77.39
CA SER A 4 141.23 -32.01 -76.50
C SER A 4 140.25 -33.18 -76.32
N MET A 5 139.89 -34.00 -77.32
CA MET A 5 139.18 -35.29 -77.07
C MET A 5 140.39 -36.19 -76.64
N PHE A 6 140.87 -37.16 -77.43
CA PHE A 6 142.22 -37.71 -77.31
C PHE A 6 142.87 -38.19 -76.00
N ASP A 7 142.25 -39.23 -75.48
CA ASP A 7 142.66 -39.87 -74.23
C ASP A 7 143.99 -40.64 -74.24
N GLN A 8 144.58 -40.86 -73.05
CA GLN A 8 145.85 -41.60 -72.90
C GLN A 8 145.93 -42.94 -73.63
N THR A 9 144.85 -43.74 -73.55
CA THR A 9 144.72 -45.00 -74.30
C THR A 9 144.86 -44.81 -75.81
N GLN A 10 144.03 -43.97 -76.45
CA GLN A 10 144.18 -43.60 -77.86
C GLN A 10 145.62 -43.23 -78.24
N ILE A 11 146.21 -42.34 -77.44
CA ILE A 11 147.60 -41.93 -77.63
C ILE A 11 148.59 -43.09 -77.49
N GLN A 12 148.42 -44.04 -76.56
CA GLN A 12 149.26 -45.23 -76.47
C GLN A 12 149.10 -46.17 -77.66
N ASP A 13 147.88 -46.43 -78.14
CA ASP A 13 147.61 -47.17 -79.38
C ASP A 13 148.43 -46.56 -80.53
N PHE A 14 148.35 -45.23 -80.68
CA PHE A 14 149.20 -44.50 -81.63
C PHE A 14 150.70 -44.68 -81.36
N LYS A 15 151.23 -44.49 -80.14
CA LYS A 15 152.65 -44.74 -79.81
C LYS A 15 153.16 -46.14 -80.19
N GLU A 16 152.42 -47.20 -79.87
CA GLU A 16 152.74 -48.55 -80.30
C GLU A 16 152.71 -48.66 -81.83
N ALA A 17 151.67 -48.12 -82.50
CA ALA A 17 151.62 -48.08 -83.97
C ALA A 17 152.83 -47.41 -84.62
N PHE A 18 153.26 -46.27 -84.05
CA PHE A 18 154.49 -45.59 -84.49
C PHE A 18 155.67 -46.53 -84.30
N THR A 19 155.95 -47.07 -83.11
CA THR A 19 157.07 -48.02 -82.91
C THR A 19 157.06 -49.28 -83.80
N VAL A 20 155.89 -49.73 -84.28
CA VAL A 20 155.85 -50.81 -85.29
C VAL A 20 156.24 -50.33 -86.70
N ILE A 21 155.87 -49.10 -87.09
CA ILE A 21 156.32 -48.58 -88.38
C ILE A 21 157.79 -48.09 -88.30
N ASP A 22 158.23 -47.60 -87.14
CA ASP A 22 159.62 -47.21 -86.81
C ASP A 22 160.65 -48.35 -86.85
N GLN A 23 160.94 -48.97 -88.01
CA GLN A 23 161.88 -50.09 -88.13
C GLN A 23 163.22 -50.00 -87.41
N ASN A 24 163.86 -48.85 -87.59
CA ASN A 24 165.17 -48.61 -87.03
C ASN A 24 165.26 -48.35 -85.52
N ARG A 25 164.13 -48.12 -84.84
CA ARG A 25 164.03 -47.70 -83.43
C ARG A 25 164.57 -46.32 -83.05
N ASP A 26 165.25 -45.63 -83.98
CA ASP A 26 165.75 -44.26 -83.86
C ASP A 26 164.84 -43.18 -83.23
N GLY A 27 163.55 -43.18 -83.57
CA GLY A 27 162.60 -42.20 -83.06
C GLY A 27 161.86 -41.38 -84.15
N ILE A 28 162.38 -41.51 -85.37
CA ILE A 28 161.83 -40.84 -86.55
C ILE A 28 161.47 -41.88 -87.62
N ILE A 29 160.23 -41.94 -88.09
CA ILE A 29 159.90 -42.79 -89.25
C ILE A 29 160.29 -42.09 -90.54
N ASP A 30 160.91 -42.83 -91.46
CA ASP A 30 161.22 -42.30 -92.77
C ASP A 30 160.75 -43.20 -93.93
N LYS A 31 161.20 -42.94 -95.16
CA LYS A 31 160.84 -43.76 -96.34
C LYS A 31 161.17 -45.24 -96.20
N ASP A 32 162.35 -45.52 -95.66
CA ASP A 32 162.83 -46.87 -95.42
C ASP A 32 161.93 -47.61 -94.43
N ASP A 33 161.63 -46.99 -93.28
CA ASP A 33 160.70 -47.50 -92.29
C ASP A 33 159.31 -47.85 -92.86
N LEU A 34 158.74 -46.96 -93.67
CA LEU A 34 157.52 -47.28 -94.42
C LEU A 34 157.68 -48.46 -95.39
N ARG A 35 158.69 -48.48 -96.28
CA ARG A 35 158.95 -49.58 -97.21
C ARG A 35 158.94 -51.00 -96.62
N GLU A 36 159.77 -51.30 -95.61
CA GLU A 36 159.70 -52.64 -95.04
C GLU A 36 158.49 -52.85 -94.14
N THR A 37 157.78 -51.87 -93.54
CA THR A 37 156.51 -52.20 -92.87
C THR A 37 155.49 -52.68 -93.88
N PHE A 38 155.41 -52.03 -95.06
CA PHE A 38 154.57 -52.52 -96.15
C PHE A 38 154.97 -53.94 -96.59
N ALA A 39 156.27 -54.17 -96.81
CA ALA A 39 156.81 -55.51 -97.10
C ALA A 39 156.49 -56.57 -96.05
N ALA A 40 156.65 -56.29 -94.76
CA ALA A 40 156.27 -57.17 -93.66
C ALA A 40 154.77 -57.53 -93.64
N MET A 41 153.92 -56.56 -94.00
CA MET A 41 152.49 -56.81 -94.18
C MET A 41 152.10 -57.50 -95.51
N GLY A 42 153.06 -57.86 -96.36
CA GLY A 42 152.79 -58.53 -97.63
C GLY A 42 152.84 -57.63 -98.88
N ARG A 43 152.88 -56.32 -98.73
CA ARG A 43 152.89 -55.41 -99.88
C ARG A 43 154.26 -55.14 -100.48
N LEU A 44 154.59 -55.82 -101.57
CA LEU A 44 155.89 -55.62 -102.23
C LEU A 44 155.91 -54.61 -103.39
N ASN A 45 154.75 -54.30 -103.97
CA ASN A 45 154.64 -53.45 -105.15
C ASN A 45 154.68 -51.91 -104.94
N VAL A 46 155.25 -51.45 -103.83
CA VAL A 46 155.22 -50.03 -103.46
C VAL A 46 156.13 -49.11 -104.29
N LYS A 47 155.56 -48.10 -104.91
CA LYS A 47 156.31 -47.16 -105.71
C LYS A 47 156.70 -45.90 -104.94
N ASN A 48 157.93 -45.36 -105.13
CA ASN A 48 158.37 -44.16 -104.41
C ASN A 48 157.36 -43.01 -104.31
N GLU A 49 156.64 -42.64 -105.37
CA GLU A 49 155.60 -41.61 -105.32
C GLU A 49 154.54 -41.76 -104.21
N GLU A 50 154.17 -43.00 -103.88
CA GLU A 50 153.24 -43.32 -102.82
C GLU A 50 153.90 -43.08 -101.44
N LEU A 51 155.14 -43.56 -101.25
CA LEU A 51 155.93 -43.33 -100.02
C LEU A 51 156.17 -41.84 -99.74
N ASP A 52 156.60 -41.16 -100.81
CA ASP A 52 156.79 -39.73 -100.83
C ASP A 52 155.49 -38.98 -100.54
N ALA A 53 154.35 -39.32 -101.16
CA ALA A 53 153.05 -38.73 -100.87
C ALA A 53 152.70 -38.76 -99.38
N MET A 54 152.90 -39.93 -98.75
CA MET A 54 152.77 -40.10 -97.30
C MET A 54 153.57 -39.07 -96.50
N ILE A 55 154.89 -39.07 -96.72
CA ILE A 55 155.80 -38.15 -96.01
C ILE A 55 155.52 -36.66 -96.26
N LYS A 56 155.22 -36.26 -97.50
CA LYS A 56 154.87 -34.88 -97.86
C LYS A 56 153.79 -34.17 -97.04
N GLU A 57 152.92 -34.93 -96.38
CA GLU A 57 151.91 -34.36 -95.50
C GLU A 57 152.48 -33.61 -94.29
N ALA A 58 153.70 -33.92 -93.86
CA ALA A 58 154.35 -33.23 -92.75
C ALA A 58 155.45 -32.24 -93.16
N SER A 59 155.62 -31.14 -92.42
CA SER A 59 156.65 -30.15 -92.73
C SER A 59 158.08 -30.49 -92.30
N GLY A 60 158.22 -31.39 -91.32
CA GLY A 60 159.53 -31.77 -90.82
C GLY A 60 159.79 -33.27 -90.73
N PRO A 61 160.81 -33.72 -89.97
CA PRO A 61 160.96 -35.14 -89.63
C PRO A 61 159.72 -35.73 -88.97
N ILE A 62 159.26 -36.93 -89.30
CA ILE A 62 157.94 -37.34 -88.82
C ILE A 62 157.76 -37.69 -87.32
N ASN A 63 158.80 -37.56 -86.47
CA ASN A 63 158.77 -37.69 -84.99
C ASN A 63 157.47 -37.84 -84.20
N PHE A 64 157.33 -38.75 -83.22
CA PHE A 64 156.11 -38.94 -82.40
C PHE A 64 155.04 -37.84 -82.32
N THR A 65 155.47 -36.63 -81.96
CA THR A 65 154.62 -35.43 -81.94
C THR A 65 154.10 -35.00 -83.30
N VAL A 66 154.96 -34.90 -84.33
CA VAL A 66 154.56 -34.55 -85.70
C VAL A 66 153.55 -35.59 -86.21
N PHE A 67 153.78 -36.88 -85.97
CA PHE A 67 152.77 -37.91 -86.24
C PHE A 67 151.44 -37.63 -85.53
N LEU A 68 151.43 -37.64 -84.19
CA LEU A 68 150.24 -37.40 -83.38
C LEU A 68 149.45 -36.15 -83.77
N THR A 69 150.13 -35.03 -84.06
CA THR A 69 149.47 -33.83 -84.56
C THR A 69 148.88 -34.09 -85.94
N MET A 70 149.61 -34.62 -86.94
CA MET A 70 149.03 -34.94 -88.25
C MET A 70 147.83 -35.90 -88.27
N PHE A 71 147.84 -36.91 -87.40
CA PHE A 71 146.72 -37.86 -87.31
C PHE A 71 145.54 -37.36 -86.50
N GLY A 72 145.84 -36.57 -85.48
CA GLY A 72 144.79 -35.88 -84.77
C GLY A 72 144.08 -34.93 -85.73
N GLU A 73 144.82 -34.04 -86.42
CA GLU A 73 144.24 -33.09 -87.39
C GLU A 73 143.24 -33.60 -88.42
N LYS A 74 143.34 -34.86 -88.80
CA LYS A 74 142.37 -35.48 -89.70
C LYS A 74 141.12 -36.04 -89.00
N LEU A 75 141.28 -36.36 -87.72
CA LEU A 75 140.20 -36.84 -86.87
C LEU A 75 139.64 -35.79 -85.91
N LYS A 76 139.70 -34.48 -86.25
CA LYS A 76 139.19 -33.37 -85.43
C LYS A 76 137.77 -33.45 -84.84
N GLY A 77 136.97 -34.36 -85.40
CA GLY A 77 135.64 -34.66 -84.92
C GLY A 77 135.42 -36.17 -84.78
N ALA A 78 136.38 -36.85 -84.17
CA ALA A 78 136.29 -38.29 -83.93
C ALA A 78 136.54 -38.76 -82.50
N ASP A 79 135.53 -39.42 -81.94
CA ASP A 79 135.60 -39.97 -80.59
C ASP A 79 136.11 -41.43 -80.52
N PRO A 80 136.45 -41.95 -79.32
CA PRO A 80 136.59 -43.39 -79.13
C PRO A 80 135.27 -44.19 -79.18
N GLU A 81 135.27 -45.44 -79.66
CA GLU A 81 134.04 -46.24 -79.80
C GLU A 81 132.97 -46.26 -78.72
N ASP A 82 133.28 -46.47 -77.45
CA ASP A 82 132.28 -46.38 -76.37
C ASP A 82 131.47 -45.08 -76.29
N VAL A 83 132.15 -43.95 -76.53
CA VAL A 83 131.54 -42.61 -76.54
C VAL A 83 130.52 -42.50 -77.69
N ILE A 84 130.91 -42.99 -78.86
CA ILE A 84 130.04 -43.02 -80.05
C ILE A 84 128.81 -43.91 -79.78
N MET A 85 129.04 -45.11 -79.23
CA MET A 85 127.97 -46.00 -78.79
C MET A 85 126.99 -45.33 -77.81
N GLY A 86 127.44 -44.47 -76.89
CA GLY A 86 126.56 -43.72 -75.99
C GLY A 86 125.50 -42.88 -76.71
N ALA A 87 125.91 -42.15 -77.75
CA ALA A 87 124.99 -41.39 -78.59
C ALA A 87 123.87 -42.24 -79.20
N PHE A 88 124.25 -43.41 -79.73
CA PHE A 88 123.28 -44.38 -80.20
C PHE A 88 122.43 -44.93 -79.05
N LYS A 89 122.98 -45.37 -77.90
CA LYS A 89 122.22 -45.80 -76.72
C LYS A 89 121.18 -44.77 -76.19
N VAL A 90 121.44 -43.47 -76.38
CA VAL A 90 120.48 -42.40 -76.09
C VAL A 90 119.33 -42.41 -77.11
N LEU A 91 119.67 -42.62 -78.39
CA LEU A 91 118.66 -42.77 -79.44
C LEU A 91 117.87 -44.08 -79.38
N ASP A 92 118.50 -45.12 -78.82
CA ASP A 92 117.91 -46.41 -78.53
C ASP A 92 116.92 -46.39 -77.35
N PRO A 93 116.62 -45.29 -76.62
CA PRO A 93 116.65 -45.25 -75.14
C PRO A 93 116.07 -46.42 -74.33
N ASP A 94 115.09 -47.08 -74.94
CA ASP A 94 114.45 -48.32 -74.52
C ASP A 94 115.45 -49.50 -74.37
N GLY A 95 116.52 -49.52 -75.15
CA GLY A 95 117.58 -50.52 -75.03
C GLY A 95 117.80 -51.55 -76.17
N LYS A 96 118.85 -52.35 -75.98
CA LYS A 96 119.33 -53.43 -76.86
C LYS A 96 119.23 -53.57 -78.39
N GLY A 97 118.09 -53.37 -79.04
CA GLY A 97 117.95 -53.53 -80.50
C GLY A 97 118.05 -52.19 -81.20
N SER A 98 119.00 -51.99 -82.11
CA SER A 98 119.17 -50.64 -82.62
C SER A 98 118.20 -50.10 -83.69
N ILE A 99 118.24 -48.79 -83.88
CA ILE A 99 117.24 -48.00 -84.62
C ILE A 99 116.92 -48.21 -86.11
N LYS A 100 115.82 -47.61 -86.58
CA LYS A 100 115.38 -47.70 -87.96
C LYS A 100 115.70 -46.56 -88.94
N LYS A 101 115.99 -46.93 -90.18
CA LYS A 101 116.12 -45.95 -91.26
C LYS A 101 114.79 -45.35 -91.69
N SER A 102 114.75 -44.10 -91.25
CA SER A 102 113.71 -43.06 -91.39
C SER A 102 113.88 -42.20 -90.14
N PHE A 103 113.82 -42.84 -88.98
CA PHE A 103 113.99 -42.22 -87.65
C PHE A 103 115.29 -41.40 -87.57
N LEU A 104 116.42 -42.00 -87.93
CA LEU A 104 117.64 -41.21 -87.99
C LEU A 104 117.83 -40.37 -89.26
N GLU A 105 117.25 -40.73 -90.41
CA GLU A 105 117.34 -39.92 -91.65
C GLU A 105 116.82 -38.51 -91.35
N GLU A 106 115.61 -38.50 -90.79
CA GLU A 106 114.98 -37.29 -90.29
C GLU A 106 115.83 -36.62 -89.20
N LEU A 107 116.20 -37.26 -88.09
CA LEU A 107 117.03 -36.60 -87.07
C LEU A 107 118.41 -36.05 -87.46
N LEU A 108 119.06 -36.56 -88.51
CA LEU A 108 120.29 -35.96 -89.03
C LEU A 108 120.00 -34.74 -89.92
N THR A 109 118.89 -34.76 -90.67
CA THR A 109 118.48 -33.59 -91.46
C THR A 109 117.74 -32.48 -90.72
N THR A 110 116.97 -32.83 -89.70
CA THR A 110 116.08 -31.85 -89.06
C THR A 110 116.66 -30.76 -88.15
N GLN A 111 116.72 -30.85 -86.82
CA GLN A 111 117.32 -29.80 -85.98
C GLN A 111 118.75 -29.45 -86.45
N CYS A 112 119.13 -28.16 -86.42
CA CYS A 112 120.33 -27.56 -87.02
C CYS A 112 120.11 -27.21 -88.51
N ASP A 113 121.14 -26.96 -89.31
CA ASP A 113 120.99 -26.63 -90.71
C ASP A 113 120.96 -27.80 -91.68
N ARG A 114 121.86 -28.77 -91.45
CA ARG A 114 122.04 -29.89 -92.35
C ARG A 114 123.07 -30.98 -92.09
N PHE A 115 122.60 -32.22 -92.03
CA PHE A 115 123.49 -33.28 -92.45
C PHE A 115 122.86 -33.61 -93.80
N THR A 116 123.54 -33.13 -94.84
CA THR A 116 122.95 -33.08 -96.18
C THR A 116 122.44 -34.39 -96.79
N PRO A 117 121.36 -34.35 -97.58
CA PRO A 117 120.95 -35.53 -98.35
C PRO A 117 121.90 -36.14 -99.39
N GLU A 118 123.09 -35.58 -99.56
CA GLU A 118 124.16 -36.19 -100.34
C GLU A 118 124.92 -37.06 -99.30
N GLU A 119 125.38 -36.43 -98.21
CA GLU A 119 126.02 -37.12 -97.06
C GLU A 119 125.24 -38.33 -96.56
N ILE A 120 123.93 -38.20 -96.31
CA ILE A 120 123.08 -39.31 -95.87
C ILE A 120 122.97 -40.50 -96.85
N LYS A 121 122.85 -40.33 -98.17
CA LYS A 121 122.87 -41.47 -99.10
C LYS A 121 124.22 -42.20 -99.10
N ASN A 122 125.31 -41.43 -99.05
CA ASN A 122 126.65 -41.99 -98.87
C ASN A 122 126.73 -42.81 -97.58
N MET A 123 126.16 -42.29 -96.49
CA MET A 123 125.98 -43.03 -95.25
C MET A 123 125.27 -44.36 -95.46
N TRP A 124 124.06 -44.46 -96.02
CA TRP A 124 123.41 -45.76 -96.27
C TRP A 124 124.18 -46.77 -97.14
N ALA A 125 125.01 -46.25 -98.05
CA ALA A 125 125.93 -47.08 -98.84
C ALA A 125 127.23 -47.52 -98.16
N ALA A 126 127.86 -46.65 -97.36
CA ALA A 126 129.11 -46.92 -96.64
C ALA A 126 129.00 -47.46 -95.19
N PHE A 127 127.76 -47.29 -94.73
CA PHE A 127 127.15 -47.91 -93.58
C PHE A 127 125.89 -48.49 -94.22
N PRO A 128 126.06 -49.48 -95.10
CA PRO A 128 125.23 -50.66 -95.23
C PRO A 128 123.78 -51.16 -95.28
N PRO A 129 123.77 -52.42 -95.74
CA PRO A 129 123.37 -53.56 -94.91
C PRO A 129 123.15 -53.30 -93.40
N ASP A 130 124.16 -52.99 -92.56
CA ASP A 130 123.94 -52.58 -91.17
C ASP A 130 122.80 -51.58 -91.00
N VAL A 131 122.89 -50.43 -91.66
CA VAL A 131 121.87 -49.40 -91.66
C VAL A 131 120.52 -49.84 -92.24
N ALA A 132 120.46 -50.92 -93.01
CA ALA A 132 119.19 -51.48 -93.46
C ALA A 132 118.53 -52.45 -92.48
N GLY A 133 119.34 -53.35 -91.92
CA GLY A 133 118.86 -54.40 -91.00
C GLY A 133 118.45 -53.95 -89.61
N ASN A 134 119.40 -53.55 -88.79
CA ASN A 134 119.14 -53.11 -87.43
C ASN A 134 119.63 -51.66 -87.28
N VAL A 135 119.88 -50.97 -88.42
CA VAL A 135 120.79 -49.81 -88.54
C VAL A 135 121.90 -50.05 -87.53
N ASP A 136 122.49 -51.24 -87.71
CA ASP A 136 123.45 -51.84 -86.80
C ASP A 136 124.49 -50.92 -86.15
N TYR A 137 124.05 -50.11 -85.18
CA TYR A 137 124.91 -49.08 -84.58
C TYR A 137 126.17 -49.59 -83.90
N LYS A 138 126.02 -50.79 -83.33
CA LYS A 138 127.16 -51.52 -82.77
C LYS A 138 128.21 -51.72 -83.88
N ASN A 139 127.78 -52.29 -85.01
CA ASN A 139 128.62 -52.48 -86.19
C ASN A 139 129.18 -51.15 -86.74
N ILE A 140 128.32 -50.13 -86.95
CA ILE A 140 128.69 -48.76 -87.34
C ILE A 140 129.88 -48.23 -86.52
N CYS A 141 129.78 -48.28 -85.19
CA CYS A 141 130.87 -47.90 -84.29
C CYS A 141 132.16 -48.71 -84.49
N TYR A 142 132.08 -50.04 -84.55
CA TYR A 142 133.26 -50.85 -84.83
C TYR A 142 133.93 -50.58 -86.18
N VAL A 143 133.19 -50.29 -87.25
CA VAL A 143 133.79 -49.94 -88.55
C VAL A 143 134.45 -48.57 -88.57
N ILE A 144 133.89 -47.58 -87.86
CA ILE A 144 134.55 -46.28 -87.81
C ILE A 144 135.81 -46.29 -86.93
N THR A 145 135.82 -46.95 -85.78
CA THR A 145 137.04 -47.05 -84.97
C THR A 145 138.02 -48.11 -85.46
N HIS A 146 137.54 -49.24 -85.97
CA HIS A 146 138.38 -50.35 -86.43
C HIS A 146 138.50 -50.68 -87.93
N GLY A 147 138.22 -49.78 -88.87
CA GLY A 147 138.39 -50.08 -90.30
C GLY A 147 137.13 -50.54 -91.05
N GLU A 148 137.13 -50.47 -92.37
CA GLU A 148 135.93 -50.75 -93.18
C GLU A 148 135.51 -52.21 -93.46
N ASP A 149 136.47 -53.10 -93.62
CA ASP A 149 136.23 -54.53 -93.90
C ASP A 149 135.67 -55.33 -92.72
N LYS A 150 136.25 -55.03 -91.55
CA LYS A 150 135.88 -55.63 -90.27
C LYS A 150 134.45 -55.49 -89.75
N ASP B 1 106.63 -7.72 -78.21
CA ASP B 1 106.91 -8.82 -77.27
C ASP B 1 108.24 -8.88 -76.47
N GLU B 2 108.42 -9.80 -75.47
CA GLU B 2 109.70 -10.10 -74.76
C GLU B 2 109.97 -11.21 -73.71
N ILE B 3 111.24 -11.69 -73.73
CA ILE B 3 111.99 -12.72 -72.93
C ILE B 3 113.13 -13.26 -73.85
N ASN B 4 114.20 -13.99 -73.48
CA ASN B 4 115.18 -14.51 -74.44
C ASN B 4 115.09 -16.00 -74.82
N ASP B 5 115.27 -16.98 -73.93
CA ASP B 5 115.12 -18.44 -74.13
C ASP B 5 114.22 -18.97 -75.25
N PHE B 6 113.01 -18.41 -75.39
CA PHE B 6 112.07 -18.81 -76.45
C PHE B 6 112.64 -18.69 -77.86
N LYS B 7 113.49 -17.70 -78.10
CA LYS B 7 114.20 -17.53 -79.36
C LYS B 7 115.20 -18.66 -79.60
N GLU B 8 115.90 -19.06 -78.54
CA GLU B 8 116.82 -20.22 -78.59
C GLU B 8 116.05 -21.51 -78.92
N ALA B 9 114.92 -21.70 -78.26
CA ALA B 9 114.02 -22.83 -78.54
C ALA B 9 113.44 -22.87 -79.95
N PHE B 10 113.14 -21.73 -80.59
CA PHE B 10 112.69 -21.72 -81.99
C PHE B 10 113.63 -22.44 -82.95
N LEU B 11 114.94 -22.14 -82.93
CA LEU B 11 115.94 -22.84 -83.74
C LEU B 11 116.01 -24.36 -83.55
N LEU B 12 115.64 -24.82 -82.37
CA LEU B 12 115.60 -26.25 -82.06
C LEU B 12 114.51 -27.01 -82.81
N PHE B 13 113.53 -26.28 -83.36
CA PHE B 13 112.43 -26.85 -84.13
C PHE B 13 112.33 -26.35 -85.58
N ASP B 14 113.43 -25.76 -86.07
CA ASP B 14 113.58 -25.30 -87.45
C ASP B 14 113.48 -26.36 -88.55
N ARG B 15 114.26 -27.43 -88.34
CA ARG B 15 114.29 -28.61 -89.18
C ARG B 15 114.50 -28.48 -90.70
N THR B 16 115.43 -27.58 -90.98
CA THR B 16 115.83 -27.11 -92.32
C THR B 16 117.11 -26.25 -92.18
N GLY B 17 117.13 -25.49 -91.08
CA GLY B 17 118.24 -24.60 -90.73
C GLY B 17 118.05 -23.11 -91.04
N ASP B 18 116.91 -22.79 -91.63
CA ASP B 18 116.54 -21.46 -92.09
C ASP B 18 116.04 -20.43 -91.05
N ALA B 19 115.75 -20.87 -89.81
CA ALA B 19 115.13 -20.07 -88.75
C ALA B 19 113.71 -19.52 -89.05
N LYS B 20 113.07 -20.18 -90.03
CA LYS B 20 111.72 -19.88 -90.46
C LYS B 20 110.77 -21.08 -90.34
N ILE B 21 110.04 -21.17 -89.24
CA ILE B 21 109.20 -22.34 -88.97
C ILE B 21 107.82 -22.25 -89.66
N THR B 22 107.14 -23.35 -89.96
CA THR B 22 105.84 -23.31 -90.66
C THR B 22 104.57 -23.01 -89.85
N LEU B 23 103.58 -22.39 -90.50
CA LEU B 23 102.25 -22.11 -89.92
C LEU B 23 101.52 -23.29 -89.26
N SER B 24 101.83 -24.51 -89.68
CA SER B 24 101.31 -25.71 -89.02
C SER B 24 102.09 -26.01 -87.73
N GLN B 25 103.44 -26.00 -87.77
CA GLN B 25 104.26 -26.20 -86.56
C GLN B 25 104.03 -25.16 -85.45
N VAL B 26 103.52 -24.02 -85.88
CA VAL B 26 102.99 -22.94 -85.04
C VAL B 26 102.16 -23.39 -83.83
N GLY B 27 101.14 -24.20 -84.13
CA GLY B 27 100.22 -24.75 -83.14
C GLY B 27 100.86 -25.69 -82.12
N ASP B 28 101.94 -26.37 -82.52
CA ASP B 28 102.69 -27.25 -81.64
C ASP B 28 103.75 -26.53 -80.79
N ILE B 29 104.57 -25.63 -81.36
CA ILE B 29 105.57 -24.88 -80.58
C ILE B 29 104.96 -24.08 -79.42
N VAL B 30 103.78 -23.47 -79.66
CA VAL B 30 103.03 -22.80 -78.62
C VAL B 30 102.66 -23.63 -77.38
N ARG B 31 102.50 -24.95 -77.57
CA ARG B 31 102.15 -25.89 -76.50
C ARG B 31 103.21 -26.17 -75.44
N ALA B 32 104.49 -26.22 -75.84
CA ALA B 32 105.55 -26.37 -74.86
C ALA B 32 106.07 -25.08 -74.25
N LEU B 33 105.91 -23.94 -74.94
CA LEU B 33 106.29 -22.67 -74.37
C LEU B 33 105.33 -22.13 -73.30
N GLY B 34 105.48 -22.82 -72.16
CA GLY B 34 104.75 -22.58 -70.94
C GLY B 34 103.34 -23.16 -70.83
N GLN B 35 102.39 -22.66 -71.62
CA GLN B 35 100.99 -22.98 -71.34
C GLN B 35 100.09 -23.37 -72.52
N ASN B 36 99.10 -24.22 -72.25
CA ASN B 36 98.15 -24.80 -73.23
C ASN B 36 97.40 -23.86 -74.19
N PRO B 37 97.21 -24.26 -75.45
CA PRO B 37 96.16 -23.68 -76.30
C PRO B 37 95.27 -24.70 -77.05
N THR B 38 93.95 -24.54 -77.19
CA THR B 38 93.16 -25.55 -77.92
C THR B 38 93.20 -25.42 -79.45
N ASN B 39 92.99 -26.52 -80.18
CA ASN B 39 92.89 -26.43 -81.62
C ASN B 39 91.41 -26.23 -81.96
N ALA B 40 91.23 -25.00 -82.44
CA ALA B 40 89.96 -24.32 -82.67
C ALA B 40 90.37 -22.90 -82.29
N GLU B 41 90.94 -22.65 -81.11
CA GLU B 41 91.47 -21.33 -80.78
C GLU B 41 92.66 -20.89 -81.64
N ILE B 42 93.65 -21.78 -81.82
CA ILE B 42 94.77 -21.53 -82.74
C ILE B 42 94.21 -21.34 -84.17
N ASN B 43 93.33 -22.27 -84.58
CA ASN B 43 92.63 -22.19 -85.86
C ASN B 43 91.83 -20.88 -86.04
N LYS B 44 91.28 -20.26 -84.99
CA LYS B 44 90.54 -19.00 -85.08
C LYS B 44 91.35 -17.78 -85.53
N ILE B 45 92.26 -17.29 -84.70
CA ILE B 45 92.97 -16.09 -85.09
C ILE B 45 94.42 -16.24 -85.46
N LEU B 46 94.53 -15.64 -86.66
CA LEU B 46 95.68 -15.66 -87.55
C LEU B 46 95.82 -17.05 -88.19
N GLY B 47 95.58 -18.15 -87.47
CA GLY B 47 95.47 -19.49 -88.08
C GLY B 47 94.50 -19.62 -89.27
N ASN B 48 93.22 -19.25 -89.11
CA ASN B 48 92.26 -19.25 -90.23
C ASN B 48 92.62 -18.49 -91.52
N PRO B 49 93.37 -17.37 -91.49
CA PRO B 49 93.90 -16.87 -92.77
C PRO B 49 95.21 -17.46 -93.29
N SER B 50 95.20 -18.49 -94.16
CA SER B 50 96.43 -19.12 -94.69
C SER B 50 97.54 -18.19 -95.17
N LYS B 51 97.33 -17.30 -96.16
CA LYS B 51 98.34 -16.34 -96.58
C LYS B 51 98.80 -15.41 -95.45
N GLU B 52 97.89 -14.79 -94.70
CA GLU B 52 98.28 -13.96 -93.56
C GLU B 52 99.05 -14.75 -92.52
N GLU B 53 98.64 -15.88 -91.92
CA GLU B 53 99.47 -16.64 -90.98
C GLU B 53 100.78 -17.13 -91.60
N MET B 54 100.80 -17.52 -92.88
CA MET B 54 102.06 -17.80 -93.54
C MET B 54 103.00 -16.59 -93.66
N ASN B 55 102.43 -15.40 -93.72
CA ASN B 55 103.14 -14.13 -93.63
C ASN B 55 103.01 -13.44 -92.25
N ALA B 56 102.51 -14.21 -91.26
CA ALA B 56 102.37 -13.81 -89.86
C ALA B 56 102.69 -14.88 -88.79
N LYS B 57 103.44 -15.93 -89.16
CA LYS B 57 104.06 -16.94 -88.27
C LYS B 57 104.78 -18.06 -89.03
N LYS B 58 104.49 -18.35 -90.31
CA LYS B 58 105.32 -19.26 -91.13
C LYS B 58 106.54 -18.46 -91.62
N ILE B 59 107.28 -18.17 -90.58
CA ILE B 59 108.18 -17.05 -90.61
C ILE B 59 109.31 -17.12 -89.59
N THR B 60 109.92 -15.96 -89.46
CA THR B 60 110.92 -15.66 -88.45
C THR B 60 110.27 -15.41 -87.09
N PHE B 61 111.10 -15.09 -86.10
CA PHE B 61 110.67 -14.92 -84.71
C PHE B 61 109.65 -13.80 -84.48
N GLU B 62 109.65 -12.86 -85.42
CA GLU B 62 108.84 -11.64 -85.45
C GLU B 62 107.34 -11.76 -85.28
N GLU B 63 106.82 -12.88 -85.74
CA GLU B 63 105.40 -13.17 -85.63
C GLU B 63 105.13 -14.37 -84.74
N PHE B 64 106.13 -15.23 -84.55
CA PHE B 64 106.05 -16.28 -83.54
C PHE B 64 105.72 -15.75 -82.16
N LEU B 65 106.57 -14.84 -81.72
CA LEU B 65 106.50 -14.20 -80.42
C LEU B 65 105.20 -13.43 -80.15
N PRO B 66 104.74 -12.45 -80.97
CA PRO B 66 103.35 -11.99 -80.84
C PRO B 66 102.22 -13.02 -80.85
N MET B 67 102.16 -14.05 -81.73
CA MET B 67 101.12 -15.09 -81.62
C MET B 67 101.12 -15.82 -80.26
N LEU B 68 102.33 -16.18 -79.83
CA LEU B 68 102.51 -16.85 -78.54
C LEU B 68 102.02 -16.02 -77.34
N GLN B 69 102.32 -14.72 -77.36
CA GLN B 69 101.77 -13.80 -76.35
C GLN B 69 100.25 -13.71 -76.40
N ALA B 70 99.65 -13.62 -77.58
CA ALA B 70 98.20 -13.66 -77.74
C ALA B 70 97.55 -14.87 -77.03
N ALA B 71 98.14 -16.06 -77.21
CA ALA B 71 97.73 -17.23 -76.45
C ALA B 71 97.96 -17.04 -74.94
N ALA B 72 99.14 -16.52 -74.52
CA ALA B 72 99.43 -16.23 -73.10
C ALA B 72 98.35 -15.51 -72.28
N ASN B 73 97.63 -14.61 -72.93
CA ASN B 73 96.49 -13.92 -72.31
C ASN B 73 95.29 -14.78 -71.89
N ASN B 74 94.87 -15.79 -72.66
CA ASN B 74 93.71 -16.62 -72.30
C ASN B 74 93.99 -17.78 -71.34
N LYS B 75 95.27 -18.03 -71.10
CA LYS B 75 95.70 -19.20 -70.34
C LYS B 75 95.33 -19.36 -68.86
N ASP B 76 94.65 -18.39 -68.24
CA ASP B 76 94.05 -18.50 -66.90
C ASP B 76 93.22 -19.80 -66.69
N GLN B 77 92.63 -20.29 -67.80
CA GLN B 77 91.94 -21.58 -67.86
C GLN B 77 92.79 -22.81 -67.44
N GLY B 78 94.07 -22.61 -67.15
CA GLY B 78 94.96 -23.63 -66.57
C GLY B 78 94.49 -24.12 -65.20
N THR B 79 93.53 -23.43 -64.57
CA THR B 79 92.89 -23.84 -63.31
C THR B 79 92.52 -25.32 -63.23
N PHE B 80 93.07 -26.06 -62.27
CA PHE B 80 92.83 -27.50 -62.20
C PHE B 80 91.48 -27.91 -61.62
N GLU B 81 90.85 -27.03 -60.84
CA GLU B 81 89.59 -27.30 -60.13
C GLU B 81 88.56 -28.16 -60.89
N ASP B 82 88.02 -27.63 -61.98
CA ASP B 82 87.10 -28.36 -62.84
C ASP B 82 87.63 -29.68 -63.46
N PHE B 83 88.95 -29.82 -63.58
CA PHE B 83 89.54 -30.92 -64.35
C PHE B 83 89.98 -32.22 -63.71
N VAL B 84 89.61 -32.40 -62.45
CA VAL B 84 89.68 -33.69 -61.77
C VAL B 84 88.20 -34.10 -61.64
N GLU B 85 87.37 -33.11 -61.29
CA GLU B 85 85.92 -33.24 -61.17
C GLU B 85 85.18 -33.73 -62.43
N GLY B 86 85.47 -33.12 -63.58
CA GLY B 86 84.92 -33.52 -64.88
C GLY B 86 85.17 -34.98 -65.20
N LEU B 87 86.37 -35.42 -64.85
CA LEU B 87 86.74 -36.81 -64.98
C LEU B 87 85.87 -37.66 -64.06
N ARG B 88 85.81 -37.49 -62.73
CA ARG B 88 84.89 -38.27 -61.87
C ARG B 88 83.45 -38.42 -62.39
N VAL B 89 82.94 -37.50 -63.21
CA VAL B 89 81.61 -37.62 -63.82
C VAL B 89 81.44 -38.78 -64.80
N PHE B 90 82.50 -39.25 -65.47
CA PHE B 90 82.38 -40.37 -66.38
C PHE B 90 82.23 -41.71 -65.60
N ASP B 91 83.17 -42.10 -64.73
CA ASP B 91 83.04 -43.38 -64.00
C ASP B 91 82.91 -43.38 -62.44
N LYS B 92 82.08 -42.53 -61.82
CA LYS B 92 81.86 -42.46 -60.37
C LYS B 92 81.28 -43.63 -59.52
N GLU B 93 82.09 -44.56 -59.03
CA GLU B 93 81.62 -45.68 -58.20
C GLU B 93 82.47 -45.92 -56.93
N GLY B 94 82.65 -44.87 -56.14
CA GLY B 94 83.47 -44.91 -54.94
C GLY B 94 84.65 -43.95 -55.02
N ASN B 95 85.87 -44.44 -55.23
CA ASN B 95 87.05 -43.57 -55.38
C ASN B 95 87.14 -42.91 -56.76
N GLY B 96 88.21 -42.22 -57.18
CA GLY B 96 88.31 -41.72 -58.56
C GLY B 96 88.49 -42.83 -59.62
N THR B 97 87.49 -43.69 -59.75
CA THR B 97 87.49 -44.85 -60.63
C THR B 97 87.19 -44.54 -62.08
N VAL B 98 87.98 -45.02 -63.00
CA VAL B 98 87.73 -44.89 -64.46
C VAL B 98 87.79 -46.26 -65.13
N MET B 99 87.32 -46.46 -66.35
CA MET B 99 87.62 -47.65 -67.11
C MET B 99 88.43 -47.26 -68.34
N GLY B 100 89.49 -48.01 -68.64
CA GLY B 100 90.36 -47.74 -69.80
C GLY B 100 89.60 -47.39 -71.08
N ALA B 101 88.69 -48.28 -71.47
CA ALA B 101 87.84 -48.11 -72.64
C ALA B 101 87.08 -46.79 -72.77
N GLU B 102 86.50 -46.31 -71.69
CA GLU B 102 85.77 -45.05 -71.69
C GLU B 102 86.68 -43.86 -71.92
N LEU B 103 87.76 -43.62 -71.16
CA LEU B 103 88.68 -42.52 -71.50
C LEU B 103 89.31 -42.66 -72.89
N ARG B 104 89.79 -43.85 -73.28
CA ARG B 104 90.35 -44.10 -74.62
C ARG B 104 89.45 -43.68 -75.78
N HIS B 105 88.19 -44.13 -75.82
CA HIS B 105 87.30 -43.69 -76.90
C HIS B 105 86.84 -42.25 -76.75
N VAL B 106 86.41 -41.80 -75.56
CA VAL B 106 85.98 -40.41 -75.35
C VAL B 106 87.04 -39.37 -75.76
N LEU B 107 88.32 -39.66 -75.51
CA LEU B 107 89.40 -38.78 -75.94
C LEU B 107 90.03 -39.09 -77.31
N ALA B 108 89.32 -39.83 -78.17
CA ALA B 108 89.75 -40.09 -79.54
C ALA B 108 88.63 -39.71 -80.53
N THR B 109 87.38 -40.01 -80.14
CA THR B 109 86.19 -39.73 -80.93
C THR B 109 85.47 -38.40 -80.68
N LEU B 110 85.59 -37.78 -79.50
CA LEU B 110 84.82 -36.58 -79.21
C LEU B 110 85.48 -35.19 -79.23
N GLY B 111 84.68 -34.14 -79.46
CA GLY B 111 85.15 -32.75 -79.50
C GLY B 111 86.30 -32.45 -80.47
N GLU B 112 87.51 -32.37 -79.92
CA GLU B 112 88.70 -32.09 -80.69
C GLU B 112 89.45 -33.33 -81.22
N LYS B 113 88.98 -34.55 -80.93
CA LYS B 113 89.62 -35.84 -81.29
C LYS B 113 90.97 -36.03 -80.58
N MET B 114 91.75 -37.05 -80.87
CA MET B 114 93.15 -37.24 -80.49
C MET B 114 93.53 -38.52 -81.21
N THR B 115 94.69 -38.70 -81.81
CA THR B 115 94.95 -39.97 -82.51
C THR B 115 95.08 -41.11 -81.51
N GLU B 116 94.66 -42.32 -81.91
CA GLU B 116 94.77 -43.50 -81.04
C GLU B 116 96.19 -43.66 -80.49
N GLU B 117 97.19 -43.46 -81.36
CA GLU B 117 98.61 -43.38 -80.99
C GLU B 117 98.87 -42.42 -79.82
N GLU B 118 98.50 -41.14 -79.93
CA GLU B 118 98.63 -40.16 -78.85
C GLU B 118 97.89 -40.55 -77.56
N VAL B 119 96.65 -41.09 -77.65
CA VAL B 119 95.93 -41.57 -76.46
C VAL B 119 96.65 -42.76 -75.80
N GLU B 120 97.07 -43.78 -76.55
CA GLU B 120 97.89 -44.89 -76.04
C GLU B 120 99.14 -44.38 -75.30
N GLU B 121 99.77 -43.36 -75.89
CA GLU B 121 100.84 -42.62 -75.25
C GLU B 121 100.52 -41.77 -74.02
N LEU B 122 99.28 -41.34 -73.83
CA LEU B 122 98.87 -40.72 -72.57
C LEU B 122 98.69 -41.78 -71.48
N MET B 123 98.20 -42.94 -71.90
CA MET B 123 98.05 -44.11 -71.02
C MET B 123 99.37 -44.88 -70.74
N LYS B 124 100.51 -44.18 -70.68
CA LYS B 124 101.84 -44.76 -70.47
C LYS B 124 102.08 -45.49 -69.14
N GLY B 125 101.55 -46.71 -68.99
CA GLY B 125 101.70 -47.49 -67.75
C GLY B 125 101.10 -46.85 -66.50
N GLN B 126 99.93 -46.23 -66.70
CA GLN B 126 99.16 -45.65 -65.60
C GLN B 126 97.82 -46.35 -65.38
N GLU B 127 97.55 -47.29 -66.29
CA GLU B 127 96.38 -48.16 -66.31
C GLU B 127 96.75 -49.64 -66.38
N ASP B 128 97.34 -50.12 -65.30
CA ASP B 128 97.70 -51.53 -65.21
C ASP B 128 96.55 -52.53 -65.29
N SER B 129 96.87 -53.83 -65.34
CA SER B 129 95.93 -54.95 -65.45
C SER B 129 94.50 -54.92 -64.88
N ASN B 130 94.25 -54.05 -63.88
CA ASN B 130 92.96 -53.92 -63.21
C ASN B 130 91.78 -53.40 -64.05
N GLY B 131 91.99 -52.86 -65.26
CA GLY B 131 90.88 -52.36 -66.10
C GLY B 131 90.45 -50.93 -65.76
N CYS B 132 90.31 -50.72 -64.44
CA CYS B 132 90.06 -49.43 -63.86
C CYS B 132 91.30 -48.56 -63.68
N ILE B 133 91.11 -47.31 -64.05
CA ILE B 133 92.16 -46.30 -63.94
C ILE B 133 91.91 -45.36 -62.76
N ASN B 134 92.90 -44.77 -62.08
CA ASN B 134 92.62 -43.85 -60.94
C ASN B 134 92.70 -42.33 -61.23
N TYR B 135 91.59 -41.73 -61.68
CA TYR B 135 91.48 -40.31 -62.06
C TYR B 135 92.39 -39.23 -61.48
N GLU B 136 92.37 -39.16 -60.16
CA GLU B 136 93.11 -38.18 -59.36
C GLU B 136 94.61 -38.16 -59.63
N ALA B 137 95.17 -39.34 -59.89
CA ALA B 137 96.59 -39.47 -60.22
C ALA B 137 96.87 -39.03 -61.65
N PHE B 138 95.95 -39.23 -62.60
CA PHE B 138 96.20 -38.83 -63.98
C PHE B 138 96.25 -37.34 -64.15
N VAL B 139 95.30 -36.58 -63.62
CA VAL B 139 95.36 -35.12 -63.71
C VAL B 139 96.69 -34.62 -63.14
N LYS B 140 97.17 -35.15 -62.01
CA LYS B 140 98.52 -34.83 -61.51
C LYS B 140 99.64 -35.20 -62.50
N HIS B 141 99.73 -36.42 -63.05
CA HIS B 141 100.75 -36.80 -64.06
C HIS B 141 100.67 -36.13 -65.43
N ILE B 142 99.46 -35.70 -65.78
CA ILE B 142 99.17 -34.94 -66.99
C ILE B 142 99.66 -33.53 -66.72
N MET B 143 99.16 -32.83 -65.69
CA MET B 143 99.62 -31.49 -65.36
C MET B 143 101.08 -31.36 -64.92
N SER B 144 101.73 -32.48 -64.57
CA SER B 144 103.14 -32.54 -64.15
C SER B 144 104.30 -32.26 -65.13
N VAL B 145 104.08 -31.64 -66.29
CA VAL B 145 105.21 -31.31 -67.13
C VAL B 145 105.74 -29.92 -66.80
N ASP C 1 43.44 -56.10 -97.84
CA ASP C 1 42.89 -56.47 -99.14
C ASP C 1 42.91 -57.96 -99.30
N ALA C 2 44.14 -58.50 -99.26
CA ALA C 2 44.34 -59.92 -99.36
C ALA C 2 43.56 -60.57 -98.24
N GLU C 3 43.82 -60.05 -97.04
CA GLU C 3 43.17 -60.52 -95.82
C GLU C 3 41.67 -60.51 -95.96
N MET C 4 41.14 -59.30 -96.11
CA MET C 4 39.73 -59.10 -96.27
C MET C 4 39.18 -59.89 -97.43
N ALA C 5 38.27 -60.75 -97.08
CA ALA C 5 37.59 -61.59 -97.99
C ALA C 5 36.38 -62.05 -97.25
N ALA C 6 36.68 -62.53 -96.01
CA ALA C 6 35.70 -63.02 -95.07
C ALA C 6 34.51 -62.06 -95.07
N PHE C 7 34.85 -60.77 -94.91
CA PHE C 7 33.86 -59.73 -94.91
C PHE C 7 33.48 -59.43 -96.32
N GLY C 8 34.53 -59.12 -97.06
CA GLY C 8 34.41 -58.80 -98.44
C GLY C 8 33.41 -57.66 -98.59
N GLU C 9 32.13 -58.03 -98.67
CA GLU C 9 31.08 -57.05 -98.84
C GLU C 9 31.02 -56.01 -97.74
N ALA C 10 31.39 -56.40 -96.52
CA ALA C 10 31.34 -55.50 -95.39
C ALA C 10 32.56 -54.61 -95.31
N ALA C 11 33.65 -55.18 -95.82
CA ALA C 11 34.99 -54.60 -95.84
C ALA C 11 35.03 -53.09 -95.91
N PRO C 12 34.38 -52.55 -96.91
CA PRO C 12 34.39 -51.11 -97.09
C PRO C 12 33.95 -50.31 -95.88
N TYR C 13 33.16 -50.96 -95.00
CA TYR C 13 32.61 -50.32 -93.81
C TYR C 13 33.38 -50.62 -92.55
N LEU C 14 34.35 -51.51 -92.71
CA LEU C 14 35.26 -51.96 -91.66
C LEU C 14 36.64 -51.40 -91.83
N ARG C 15 37.14 -51.57 -93.05
CA ARG C 15 38.44 -51.10 -93.47
C ARG C 15 38.42 -50.49 -94.83
N LYS C 16 39.47 -49.73 -95.17
CA LYS C 16 39.58 -49.09 -96.47
C LYS C 16 40.60 -49.75 -97.39
N SER C 17 40.44 -49.56 -98.70
CA SER C 17 41.37 -50.18 -99.63
C SER C 17 42.78 -49.76 -99.32
N GLU C 18 43.67 -50.69 -99.46
CA GLU C 18 45.10 -50.49 -99.21
C GLU C 18 45.76 -49.34 -99.92
N LYS C 19 45.04 -48.53 -100.65
CA LYS C 19 45.73 -47.43 -101.26
C LYS C 19 45.03 -46.19 -100.81
N GLU C 20 43.74 -46.43 -100.46
CA GLU C 20 42.91 -45.36 -99.95
C GLU C 20 43.60 -44.92 -98.68
N ARG C 21 44.18 -45.96 -98.07
CA ARG C 21 44.93 -45.79 -96.87
C ARG C 21 46.17 -45.02 -97.26
N ILE C 22 46.96 -45.73 -98.06
CA ILE C 22 48.21 -45.25 -98.59
C ILE C 22 48.17 -43.85 -99.17
N GLU C 23 47.10 -43.55 -99.87
CA GLU C 23 46.92 -42.26 -100.45
C GLU C 23 46.61 -41.22 -99.41
N ALA C 24 46.27 -41.69 -98.23
CA ALA C 24 45.91 -40.81 -97.14
C ALA C 24 47.02 -40.57 -96.13
N GLN C 25 47.76 -41.63 -95.83
CA GLN C 25 48.84 -41.52 -94.86
C GLN C 25 50.08 -40.87 -95.47
N ASN C 26 50.25 -41.12 -96.77
CA ASN C 26 51.39 -40.64 -97.51
C ASN C 26 50.98 -39.45 -98.34
N LYS C 27 50.94 -38.31 -97.67
CA LYS C 27 50.58 -37.07 -98.28
C LYS C 27 51.31 -35.94 -97.60
N PRO C 28 51.33 -34.77 -98.23
CA PRO C 28 52.04 -33.64 -97.68
C PRO C 28 51.45 -33.16 -96.37
N PHE C 29 52.34 -32.84 -95.42
CA PHE C 29 51.95 -32.32 -94.13
C PHE C 29 52.89 -31.25 -93.54
N ASP C 30 52.33 -30.14 -93.09
CA ASP C 30 53.14 -29.10 -92.43
C ASP C 30 52.77 -28.92 -90.97
N ALA C 31 53.42 -29.70 -90.14
CA ALA C 31 53.17 -29.66 -88.72
C ALA C 31 53.10 -28.27 -88.06
N LYS C 32 54.20 -27.57 -88.14
CA LYS C 32 54.32 -26.28 -87.52
C LYS C 32 53.22 -25.31 -87.86
N SER C 33 52.48 -25.58 -88.92
CA SER C 33 51.45 -24.62 -89.30
C SER C 33 50.06 -25.15 -89.19
N SER C 34 49.90 -26.46 -89.55
CA SER C 34 48.59 -27.09 -89.47
C SER C 34 48.10 -27.27 -88.02
N VAL C 35 46.84 -26.90 -87.76
CA VAL C 35 46.32 -26.96 -86.42
C VAL C 35 44.81 -27.04 -86.34
N PHE C 36 44.32 -27.37 -85.12
CA PHE C 36 42.89 -27.42 -84.78
C PHE C 36 42.63 -26.19 -83.94
N VAL C 37 41.43 -25.64 -83.98
CA VAL C 37 41.20 -24.44 -83.16
C VAL C 37 39.76 -24.28 -82.68
N VAL C 38 39.64 -23.47 -81.63
CA VAL C 38 38.39 -23.16 -80.99
C VAL C 38 37.53 -22.45 -81.98
N HIS C 39 36.21 -22.47 -81.73
CA HIS C 39 35.36 -21.77 -82.66
C HIS C 39 33.99 -21.51 -82.09
N PRO C 40 33.69 -20.24 -81.94
CA PRO C 40 32.45 -19.79 -81.39
C PRO C 40 31.19 -20.48 -81.89
N LYS C 41 31.03 -20.63 -83.21
CA LYS C 41 29.85 -21.28 -83.73
C LYS C 41 30.04 -22.79 -83.80
N GLU C 42 30.98 -23.24 -84.62
CA GLU C 42 31.29 -24.64 -84.67
C GLU C 42 32.32 -24.89 -83.60
N SER C 43 32.18 -25.98 -82.87
CA SER C 43 33.04 -26.30 -81.74
C SER C 43 34.54 -26.09 -81.90
N PHE C 44 35.07 -26.81 -82.85
CA PHE C 44 36.50 -26.81 -83.18
C PHE C 44 36.58 -27.04 -84.66
N VAL C 45 37.19 -26.15 -85.37
CA VAL C 45 37.33 -26.42 -86.78
C VAL C 45 38.80 -26.39 -87.04
N LYS C 46 39.25 -26.87 -88.22
CA LYS C 46 40.66 -26.86 -88.54
C LYS C 46 41.12 -25.65 -89.31
N GLY C 47 42.43 -25.39 -89.21
CA GLY C 47 42.99 -24.28 -89.90
C GLY C 47 44.48 -24.32 -89.94
N THR C 48 45.01 -23.29 -90.60
CA THR C 48 46.41 -23.10 -90.77
C THR C 48 46.83 -21.85 -90.00
N ILE C 49 47.91 -21.98 -89.27
CA ILE C 49 48.41 -20.84 -88.54
C ILE C 49 49.03 -19.83 -89.50
N GLN C 50 48.59 -18.59 -89.35
CA GLN C 50 49.08 -17.52 -90.17
C GLN C 50 50.18 -16.77 -89.45
N SER C 51 49.81 -16.14 -88.36
CA SER C 51 50.81 -15.38 -87.65
C SER C 51 50.90 -15.81 -86.22
N LYS C 52 51.57 -15.00 -85.41
CA LYS C 52 51.73 -15.28 -84.00
C LYS C 52 51.83 -13.98 -83.20
N GLU C 53 50.78 -13.68 -82.44
CA GLU C 53 50.70 -12.46 -81.63
C GLU C 53 51.40 -12.50 -80.25
N GLY C 54 52.38 -13.40 -80.13
CA GLY C 54 53.18 -13.58 -78.92
C GLY C 54 52.51 -14.40 -77.82
N GLY C 55 51.19 -14.63 -77.99
CA GLY C 55 50.37 -15.36 -77.04
C GLY C 55 48.93 -15.27 -77.46
N LYS C 56 48.81 -15.03 -78.75
CA LYS C 56 47.58 -14.93 -79.49
C LYS C 56 47.87 -15.61 -80.79
N VAL C 57 46.83 -16.06 -81.44
CA VAL C 57 47.09 -16.71 -82.68
C VAL C 57 46.06 -16.38 -83.70
N THR C 58 46.53 -16.13 -84.91
CA THR C 58 45.63 -15.85 -86.01
C THR C 58 45.64 -17.03 -86.92
N VAL C 59 44.45 -17.54 -87.23
CA VAL C 59 44.41 -18.68 -88.10
C VAL C 59 43.40 -18.61 -89.21
N LYS C 60 43.77 -19.24 -90.31
CA LYS C 60 42.88 -19.33 -91.43
C LYS C 60 42.00 -20.50 -91.14
N THR C 61 41.02 -20.68 -91.94
CA THR C 61 40.09 -21.75 -91.68
C THR C 61 40.00 -22.62 -92.87
N GLU C 62 39.21 -23.62 -92.67
CA GLU C 62 38.84 -24.56 -93.68
C GLU C 62 37.39 -24.25 -93.91
N GLY C 63 37.22 -23.32 -94.81
CA GLY C 63 35.94 -22.78 -95.22
C GLY C 63 36.21 -21.35 -95.53
N GLY C 64 37.31 -20.88 -94.89
CA GLY C 64 37.82 -19.55 -95.13
C GLY C 64 37.30 -18.65 -94.07
N GLU C 65 38.15 -18.45 -93.07
CA GLU C 65 37.80 -17.60 -91.94
C GLU C 65 39.08 -17.31 -91.23
N THR C 66 39.11 -16.14 -90.62
CA THR C 66 40.30 -15.78 -89.92
C THR C 66 39.92 -15.33 -88.52
N LEU C 67 40.56 -15.96 -87.51
CA LEU C 67 40.30 -15.68 -86.12
C LEU C 67 41.57 -15.55 -85.31
N THR C 68 41.60 -14.62 -84.37
CA THR C 68 42.80 -14.51 -83.55
C THR C 68 42.40 -14.99 -82.19
N VAL C 69 42.86 -16.18 -81.91
CA VAL C 69 42.50 -16.82 -80.68
C VAL C 69 43.72 -17.14 -79.81
N LYS C 70 43.51 -17.19 -78.48
CA LYS C 70 44.54 -17.47 -77.47
C LYS C 70 45.53 -18.53 -77.91
N GLU C 71 46.56 -18.71 -77.10
CA GLU C 71 47.55 -19.72 -77.41
C GLU C 71 46.98 -21.10 -77.14
N ASP C 72 46.16 -21.17 -76.08
CA ASP C 72 45.53 -22.44 -75.79
C ASP C 72 44.12 -22.64 -76.28
N GLN C 73 43.88 -22.07 -77.43
CA GLN C 73 42.61 -22.18 -78.07
C GLN C 73 42.96 -22.88 -79.37
N VAL C 74 44.28 -23.12 -79.41
CA VAL C 74 45.02 -23.72 -80.50
C VAL C 74 45.59 -25.09 -80.11
N PHE C 75 45.29 -26.07 -80.94
CA PHE C 75 45.71 -27.44 -80.76
C PHE C 75 46.27 -28.07 -82.02
N SER C 76 47.40 -28.73 -81.83
CA SER C 76 48.12 -29.42 -82.88
C SER C 76 47.23 -30.35 -83.66
N MET C 77 47.77 -30.87 -84.75
CA MET C 77 47.06 -31.76 -85.64
C MET C 77 47.93 -32.95 -86.03
N ASN C 78 47.41 -34.13 -85.86
CA ASN C 78 48.15 -35.30 -86.13
C ASN C 78 48.59 -35.46 -87.56
N PRO C 79 49.82 -36.00 -87.72
CA PRO C 79 50.35 -36.25 -89.04
C PRO C 79 49.34 -37.16 -89.69
N PRO C 80 49.38 -37.12 -90.97
CA PRO C 80 48.46 -37.86 -91.78
C PRO C 80 48.51 -39.36 -91.50
N LYS C 81 49.62 -39.77 -90.91
CA LYS C 81 49.78 -41.19 -90.62
C LYS C 81 48.62 -41.70 -89.78
N TYR C 82 48.02 -40.78 -89.06
CA TYR C 82 46.87 -41.08 -88.21
C TYR C 82 45.63 -40.52 -88.83
N ASP C 83 45.14 -41.17 -89.87
CA ASP C 83 44.01 -40.62 -90.54
C ASP C 83 42.70 -41.04 -89.92
N LYS C 84 42.44 -42.36 -90.07
CA LYS C 84 41.23 -42.94 -89.55
C LYS C 84 41.55 -44.14 -88.72
N ILE C 85 42.41 -43.84 -87.76
CA ILE C 85 42.96 -44.71 -86.79
C ILE C 85 41.91 -45.52 -86.08
N GLU C 86 42.14 -46.81 -86.10
CA GLU C 86 41.31 -47.75 -85.43
C GLU C 86 41.20 -47.48 -83.96
N ASP C 87 42.34 -47.04 -83.39
CA ASP C 87 42.48 -46.77 -81.97
C ASP C 87 43.03 -45.41 -81.76
N MET C 88 42.16 -44.45 -81.55
CA MET C 88 42.58 -43.11 -81.36
C MET C 88 43.60 -42.94 -80.32
N ALA C 89 43.64 -43.88 -79.43
CA ALA C 89 44.62 -43.82 -78.33
C ALA C 89 46.01 -44.16 -78.77
N MET C 90 46.18 -44.26 -80.08
CA MET C 90 47.49 -44.55 -80.58
C MET C 90 48.06 -43.29 -81.17
N MET C 91 47.16 -42.33 -81.34
CA MET C 91 47.51 -41.03 -81.77
C MET C 91 48.53 -40.46 -80.87
N THR C 92 49.37 -39.55 -81.40
CA THR C 92 50.42 -38.92 -80.61
C THR C 92 49.93 -37.60 -80.18
N HIS C 93 48.65 -37.37 -80.49
CA HIS C 93 48.02 -36.14 -80.13
C HIS C 93 46.64 -36.34 -79.52
N LEU C 94 46.69 -36.43 -78.19
CA LEU C 94 45.59 -36.66 -77.32
C LEU C 94 44.98 -35.34 -76.88
N HIS C 95 44.06 -34.90 -77.71
CA HIS C 95 43.36 -33.67 -77.56
C HIS C 95 41.93 -33.96 -77.48
N GLU C 96 41.22 -32.87 -77.41
CA GLU C 96 39.79 -32.96 -77.48
C GLU C 96 39.38 -33.00 -78.95
N PRO C 97 39.88 -32.06 -79.76
CA PRO C 97 39.55 -32.01 -81.15
C PRO C 97 39.92 -33.22 -81.98
N ALA C 98 41.14 -33.66 -81.84
CA ALA C 98 41.57 -34.81 -82.59
C ALA C 98 40.71 -36.02 -82.41
N VAL C 99 40.03 -36.09 -81.28
CA VAL C 99 39.19 -37.24 -81.06
C VAL C 99 37.88 -37.08 -81.77
N LEU C 100 37.39 -35.90 -81.69
CA LEU C 100 36.13 -35.60 -82.34
C LEU C 100 36.34 -35.85 -83.81
N TYR C 101 37.40 -35.24 -84.31
CA TYR C 101 37.74 -35.31 -85.71
C TYR C 101 37.98 -36.66 -86.27
N ASN C 102 38.53 -37.60 -85.49
CA ASN C 102 38.79 -38.94 -85.99
C ASN C 102 37.54 -39.71 -86.16
N LEU C 103 36.66 -39.51 -85.22
CA LEU C 103 35.42 -40.25 -85.22
C LEU C 103 34.70 -39.86 -86.46
N LYS C 104 34.52 -38.53 -86.53
CA LYS C 104 33.86 -37.85 -87.65
C LYS C 104 34.36 -38.28 -89.00
N GLU C 105 35.67 -38.30 -89.20
CA GLU C 105 36.16 -38.67 -90.51
C GLU C 105 35.81 -40.08 -90.93
N ARG C 106 35.92 -41.04 -90.00
CA ARG C 106 35.66 -42.41 -90.36
C ARG C 106 34.24 -42.78 -90.40
N TYR C 107 33.43 -41.77 -90.23
CA TYR C 107 31.99 -41.92 -90.21
C TYR C 107 31.47 -41.45 -91.53
N ALA C 108 32.06 -40.34 -91.97
CA ALA C 108 31.75 -39.77 -93.28
C ALA C 108 32.17 -40.76 -94.36
N ALA C 109 32.90 -41.79 -93.89
CA ALA C 109 33.38 -42.85 -94.73
C ALA C 109 32.64 -44.10 -94.39
N TRP C 110 31.65 -43.90 -93.57
CA TRP C 110 30.81 -44.99 -93.14
C TRP C 110 31.49 -46.03 -92.33
N MET C 111 32.42 -45.62 -91.45
CA MET C 111 32.91 -46.58 -90.50
C MET C 111 32.37 -46.21 -89.10
N ILE C 112 31.48 -47.06 -88.61
CA ILE C 112 30.84 -46.82 -87.33
C ILE C 112 31.62 -47.30 -86.12
N TYR C 113 32.57 -48.18 -86.31
CA TYR C 113 33.33 -48.67 -85.20
C TYR C 113 34.73 -48.25 -85.18
N THR C 114 34.98 -47.39 -84.23
CA THR C 114 36.33 -46.92 -83.99
C THR C 114 36.68 -47.11 -82.51
N TYR C 115 37.86 -47.63 -82.13
CA TYR C 115 38.23 -47.82 -80.70
C TYR C 115 38.91 -46.59 -80.15
N SER C 116 38.75 -46.36 -78.83
CA SER C 116 39.36 -45.21 -78.14
C SER C 116 39.98 -45.65 -76.86
N GLY C 117 40.85 -46.61 -76.96
CA GLY C 117 41.48 -47.15 -75.82
C GLY C 117 40.93 -48.50 -75.64
N LEU C 118 40.11 -48.64 -74.65
CA LEU C 118 39.54 -49.95 -74.38
C LEU C 118 38.16 -49.97 -74.95
N PHE C 119 37.67 -48.76 -75.07
CA PHE C 119 36.34 -48.60 -75.58
C PHE C 119 36.17 -49.03 -76.97
N CYS C 120 34.95 -49.18 -77.31
CA CYS C 120 34.54 -49.52 -78.63
C CYS C 120 33.48 -48.55 -78.99
N VAL C 121 33.92 -47.41 -79.51
CA VAL C 121 32.98 -46.45 -79.89
C VAL C 121 32.10 -46.96 -81.00
N THR C 122 30.83 -46.57 -81.00
CA THR C 122 29.84 -46.97 -82.02
C THR C 122 28.93 -45.81 -82.37
N VAL C 123 28.87 -45.50 -83.63
CA VAL C 123 28.04 -44.40 -84.08
C VAL C 123 26.84 -44.87 -84.88
N ASN C 124 25.65 -44.31 -84.54
CA ASN C 124 24.41 -44.66 -85.23
C ASN C 124 24.44 -44.43 -86.73
N PRO C 125 24.36 -45.49 -87.53
CA PRO C 125 24.44 -45.30 -88.97
C PRO C 125 23.29 -44.49 -89.53
N TYR C 126 22.13 -44.83 -89.09
CA TYR C 126 20.88 -44.19 -89.50
C TYR C 126 20.46 -44.64 -90.85
N LYS C 127 21.02 -45.76 -91.17
CA LYS C 127 20.78 -46.44 -92.40
C LYS C 127 21.26 -47.89 -92.26
N TRP C 128 21.14 -48.71 -93.30
CA TRP C 128 21.51 -50.13 -93.22
C TRP C 128 22.92 -50.44 -93.65
N LEU C 129 23.49 -51.47 -93.00
CA LEU C 129 24.86 -51.87 -93.30
C LEU C 129 25.04 -53.40 -93.24
N PRO C 130 25.90 -53.88 -94.13
CA PRO C 130 26.22 -55.31 -94.20
C PRO C 130 27.08 -55.74 -93.07
N VAL C 131 27.13 -54.97 -91.99
CA VAL C 131 28.03 -55.30 -90.89
C VAL C 131 27.59 -56.43 -89.99
N TYR C 132 26.30 -56.58 -89.86
CA TYR C 132 25.80 -57.55 -88.94
C TYR C 132 25.72 -58.85 -89.65
N ASN C 133 26.31 -58.76 -90.84
CA ASN C 133 26.45 -59.82 -91.82
C ASN C 133 27.04 -61.07 -91.31
N PRO C 134 26.24 -62.05 -91.61
CA PRO C 134 26.42 -63.42 -91.27
C PRO C 134 27.76 -63.92 -91.75
N LYS C 135 28.50 -63.10 -92.45
CA LYS C 135 29.81 -63.59 -92.86
C LYS C 135 30.79 -63.08 -91.89
N VAL C 136 30.47 -61.89 -91.42
CA VAL C 136 31.33 -61.20 -90.50
C VAL C 136 31.51 -61.95 -89.21
N VAL C 137 30.34 -62.37 -88.72
CA VAL C 137 30.21 -63.14 -87.52
C VAL C 137 31.33 -64.18 -87.39
N LEU C 138 31.58 -64.90 -88.49
CA LEU C 138 32.62 -65.93 -88.54
C LEU C 138 33.97 -65.31 -88.53
N ALA C 139 34.06 -64.29 -89.38
CA ALA C 139 35.30 -63.59 -89.57
C ALA C 139 35.94 -63.16 -88.27
N TYR C 140 35.09 -62.63 -87.39
CA TYR C 140 35.52 -62.13 -86.13
C TYR C 140 35.74 -63.22 -85.10
N ARG C 141 35.49 -64.41 -85.55
CA ARG C 141 35.58 -65.60 -84.75
C ARG C 141 36.98 -66.15 -84.61
N GLY C 142 37.54 -66.02 -83.39
CA GLY C 142 38.87 -66.49 -83.00
C GLY C 142 40.00 -65.46 -83.23
N LYS C 143 39.63 -64.21 -83.43
CA LYS C 143 40.53 -63.10 -83.72
C LYS C 143 40.79 -62.05 -82.66
N LYS C 144 42.06 -61.86 -82.27
CA LYS C 144 42.34 -60.75 -81.35
C LYS C 144 42.01 -59.44 -82.05
N ARG C 145 41.75 -58.37 -81.28
CA ARG C 145 41.36 -57.13 -81.92
C ARG C 145 42.42 -56.46 -82.72
N GLN C 146 43.56 -57.13 -82.83
CA GLN C 146 44.65 -56.55 -83.58
C GLN C 146 44.77 -57.24 -84.93
N GLU C 147 44.09 -58.38 -85.01
CA GLU C 147 43.99 -59.20 -86.21
C GLU C 147 42.81 -58.81 -87.09
N ALA C 148 41.97 -57.90 -86.60
CA ALA C 148 40.82 -57.41 -87.28
C ALA C 148 40.46 -55.95 -86.93
N PRO C 149 39.74 -55.31 -87.84
CA PRO C 149 39.33 -53.92 -87.69
C PRO C 149 38.29 -53.71 -86.59
N PRO C 150 38.17 -52.48 -86.12
CA PRO C 150 37.22 -52.13 -85.10
C PRO C 150 35.79 -52.52 -85.40
N HIS C 151 35.30 -53.38 -84.47
CA HIS C 151 33.98 -53.93 -84.44
C HIS C 151 33.61 -54.64 -83.13
N ILE C 152 32.35 -54.59 -82.82
CA ILE C 152 31.70 -55.11 -81.66
C ILE C 152 31.80 -56.59 -81.50
N PHE C 153 31.87 -57.29 -82.60
CA PHE C 153 32.01 -58.67 -82.46
C PHE C 153 33.44 -58.87 -81.97
N SER C 154 34.27 -57.85 -82.15
CA SER C 154 35.62 -58.07 -81.70
C SER C 154 35.60 -58.21 -80.25
N ILE C 155 34.88 -57.25 -79.66
CA ILE C 155 34.80 -57.19 -78.22
C ILE C 155 34.17 -58.49 -77.72
N SER C 156 33.05 -58.79 -78.34
CA SER C 156 32.23 -59.91 -78.03
C SER C 156 32.89 -61.24 -78.23
N ASP C 157 33.85 -61.30 -79.06
CA ASP C 157 34.46 -62.61 -79.25
C ASP C 157 35.57 -62.76 -78.28
N ASN C 158 36.27 -61.67 -78.13
CA ASN C 158 37.41 -61.67 -77.27
C ASN C 158 37.01 -62.04 -75.89
N ALA C 159 35.82 -61.58 -75.55
CA ALA C 159 35.27 -61.87 -74.23
C ALA C 159 35.24 -63.35 -74.01
N TYR C 160 34.58 -63.96 -74.96
CA TYR C 160 34.44 -65.40 -75.04
C TYR C 160 35.77 -66.11 -74.93
N GLN C 161 36.67 -65.65 -75.74
CA GLN C 161 38.01 -66.20 -75.80
C GLN C 161 38.52 -66.21 -74.39
N PHE C 162 38.78 -65.01 -73.99
CA PHE C 162 39.25 -64.65 -72.71
C PHE C 162 38.54 -65.43 -71.63
N MET C 163 37.28 -65.68 -71.90
CA MET C 163 36.50 -66.37 -70.95
C MET C 163 37.12 -67.72 -70.76
N LEU C 164 37.24 -68.47 -71.84
CA LEU C 164 37.86 -69.79 -71.73
C LEU C 164 39.37 -69.78 -71.47
N THR C 165 40.09 -68.80 -71.99
CA THR C 165 41.52 -68.74 -71.80
C THR C 165 41.95 -68.49 -70.36
N ASP C 166 41.39 -67.45 -69.75
CA ASP C 166 41.72 -67.04 -68.38
C ASP C 166 40.87 -67.69 -67.26
N ARG C 167 39.76 -68.30 -67.66
CA ARG C 167 38.87 -68.93 -66.69
C ARG C 167 38.28 -67.91 -65.73
N GLU C 168 37.98 -66.74 -66.28
CA GLU C 168 37.38 -65.65 -65.55
C GLU C 168 36.08 -65.25 -66.18
N ASN C 169 35.22 -64.65 -65.39
CA ASN C 169 33.96 -64.23 -66.00
C ASN C 169 34.18 -62.90 -66.64
N GLN C 170 33.25 -62.60 -67.54
CA GLN C 170 33.38 -61.39 -68.31
C GLN C 170 32.19 -60.47 -68.22
N SER C 171 32.35 -59.28 -68.81
CA SER C 171 31.25 -58.30 -68.88
C SER C 171 31.46 -57.37 -70.03
N ILE C 172 30.37 -56.81 -70.45
CA ILE C 172 30.29 -55.89 -71.51
C ILE C 172 29.40 -54.77 -71.07
N LEU C 173 29.92 -53.57 -71.04
CA LEU C 173 29.13 -52.51 -70.61
C LEU C 173 28.75 -51.59 -71.70
N ILE C 174 27.47 -51.65 -72.11
CA ILE C 174 27.00 -50.81 -73.17
C ILE C 174 26.34 -49.58 -72.58
N THR C 175 26.65 -48.41 -73.07
CA THR C 175 26.11 -47.22 -72.54
C THR C 175 26.09 -46.07 -73.53
N GLY C 176 25.01 -45.24 -73.47
CA GLY C 176 24.86 -44.06 -74.33
C GLY C 176 23.54 -43.35 -74.09
N GLU C 177 23.33 -42.19 -74.72
CA GLU C 177 22.05 -41.50 -74.56
C GLU C 177 20.90 -42.19 -75.30
N SER C 178 19.71 -41.77 -74.95
CA SER C 178 18.45 -42.24 -75.43
C SER C 178 18.46 -42.65 -76.89
N GLY C 179 19.10 -41.86 -77.72
CA GLY C 179 19.05 -42.21 -79.15
C GLY C 179 20.27 -42.91 -79.70
N ALA C 180 21.25 -43.19 -78.85
CA ALA C 180 22.46 -43.82 -79.29
C ALA C 180 22.29 -45.20 -79.91
N GLY C 181 21.21 -45.90 -79.55
CA GLY C 181 20.93 -47.22 -80.11
C GLY C 181 21.67 -48.36 -79.43
N LYS C 182 21.47 -48.49 -78.11
CA LYS C 182 22.16 -49.55 -77.40
C LYS C 182 21.48 -50.90 -77.50
N THR C 183 20.15 -50.94 -77.30
CA THR C 183 19.33 -52.17 -77.34
C THR C 183 19.73 -53.00 -78.52
N VAL C 184 19.81 -52.25 -79.61
CA VAL C 184 20.23 -52.77 -80.90
C VAL C 184 21.53 -53.50 -80.81
N ASN C 185 22.51 -52.87 -80.16
CA ASN C 185 23.78 -53.51 -80.02
C ASN C 185 23.67 -54.67 -79.11
N THR C 186 23.05 -54.42 -77.98
CA THR C 186 22.91 -55.40 -76.94
C THR C 186 22.35 -56.65 -77.50
N LYS C 187 21.26 -56.47 -78.21
CA LYS C 187 20.63 -57.57 -78.84
C LYS C 187 21.59 -58.27 -79.73
N ARG C 188 22.22 -57.44 -80.56
CA ARG C 188 23.18 -57.96 -81.54
C ARG C 188 24.34 -58.69 -80.93
N VAL C 189 24.71 -58.29 -79.74
CA VAL C 189 25.79 -58.97 -79.07
C VAL C 189 25.31 -60.33 -78.65
N ILE C 190 24.12 -60.29 -78.11
CA ILE C 190 23.48 -61.49 -77.61
C ILE C 190 23.36 -62.58 -78.67
N GLN C 191 22.84 -62.20 -79.85
CA GLN C 191 22.74 -63.16 -80.94
C GLN C 191 24.07 -63.82 -81.13
N TYR C 192 25.07 -62.95 -81.14
CA TYR C 192 26.43 -63.38 -81.30
C TYR C 192 26.80 -64.53 -80.38
N PHE C 193 26.52 -64.36 -79.11
CA PHE C 193 26.81 -65.43 -78.18
C PHE C 193 26.09 -66.67 -78.53
N ALA C 194 24.82 -66.51 -78.73
CA ALA C 194 23.95 -67.66 -79.00
C ALA C 194 24.48 -68.43 -80.20
N THR C 195 24.78 -67.72 -81.27
CA THR C 195 25.27 -68.37 -82.48
C THR C 195 26.57 -69.12 -82.27
N ILE C 196 27.64 -68.38 -82.01
CA ILE C 196 28.95 -68.93 -81.82
C ILE C 196 29.13 -69.96 -80.71
N ALA C 197 28.12 -70.32 -79.96
CA ALA C 197 28.36 -71.33 -78.95
C ALA C 197 27.07 -72.00 -78.47
N ALA C 198 26.29 -72.53 -79.43
CA ALA C 198 24.99 -73.15 -79.18
C ALA C 198 24.93 -74.66 -78.92
N SER C 199 24.16 -75.05 -77.90
CA SER C 199 23.95 -76.46 -77.54
C SER C 199 22.48 -76.91 -77.52
N GLY C 200 21.73 -76.49 -78.55
CA GLY C 200 20.33 -76.84 -78.74
C GLY C 200 20.27 -77.88 -79.85
N GLU C 201 20.89 -79.01 -79.54
CA GLU C 201 21.08 -80.14 -80.43
C GLU C 201 19.82 -80.59 -81.14
N LEU C 215 14.65 -70.45 -76.56
CA LEU C 215 15.43 -69.41 -75.91
C LEU C 215 15.28 -68.12 -76.67
N GLU C 216 15.66 -68.28 -77.90
CA GLU C 216 15.65 -67.25 -78.89
C GLU C 216 14.42 -66.39 -78.89
N ASP C 217 13.36 -66.90 -78.36
CA ASP C 217 12.11 -66.13 -78.30
C ASP C 217 11.96 -65.54 -76.94
N GLN C 218 12.18 -66.40 -75.91
CA GLN C 218 12.07 -65.98 -74.53
C GLN C 218 12.94 -64.77 -74.41
N ILE C 219 14.14 -64.98 -74.94
CA ILE C 219 15.19 -64.00 -75.01
C ILE C 219 14.57 -62.72 -75.48
N ILE C 220 13.89 -62.86 -76.57
CA ILE C 220 13.24 -61.73 -77.17
C ILE C 220 12.03 -61.28 -76.38
N SER C 221 11.11 -62.20 -76.20
CA SER C 221 9.85 -61.92 -75.50
C SER C 221 10.06 -61.15 -74.24
N ALA C 222 11.28 -61.26 -73.73
CA ALA C 222 11.62 -60.59 -72.50
C ALA C 222 11.28 -59.14 -72.53
N ASN C 223 11.81 -58.51 -73.53
CA ASN C 223 11.67 -57.06 -73.71
C ASN C 223 10.28 -56.50 -73.48
N PRO C 224 9.37 -56.91 -74.33
CA PRO C 224 7.99 -56.47 -74.30
C PRO C 224 7.25 -56.59 -72.97
N LEU C 225 7.85 -57.27 -72.02
CA LEU C 225 7.22 -57.38 -70.70
C LEU C 225 7.79 -56.24 -69.88
N LEU C 226 9.09 -56.24 -69.78
CA LEU C 226 9.85 -55.24 -69.10
C LEU C 226 9.41 -53.85 -69.52
N GLU C 227 9.19 -53.71 -70.82
CA GLU C 227 8.78 -52.45 -71.47
C GLU C 227 7.41 -51.98 -71.01
N ALA C 228 6.53 -52.93 -70.75
CA ALA C 228 5.22 -52.55 -70.26
C ALA C 228 5.26 -51.99 -68.90
N PHE C 229 6.26 -52.48 -68.14
CA PHE C 229 6.48 -52.09 -66.76
C PHE C 229 7.55 -51.10 -66.49
N GLY C 230 8.62 -51.14 -67.25
CA GLY C 230 9.68 -50.16 -67.08
C GLY C 230 9.79 -49.13 -68.16
N ASN C 231 8.78 -48.97 -69.05
CA ASN C 231 8.80 -47.99 -70.12
C ASN C 231 7.60 -47.10 -70.11
N ALA C 232 7.76 -45.92 -70.64
CA ALA C 232 6.71 -44.96 -70.66
C ALA C 232 6.91 -43.82 -71.64
N LYS C 233 5.88 -43.09 -71.90
CA LYS C 233 5.96 -41.95 -72.74
C LYS C 233 6.60 -40.82 -72.09
N THR C 234 7.77 -40.49 -72.53
CA THR C 234 8.55 -39.37 -72.06
C THR C 234 8.25 -38.25 -73.03
N VAL C 235 8.55 -37.05 -72.64
CA VAL C 235 8.32 -35.90 -73.48
C VAL C 235 9.25 -35.93 -74.70
N ARG C 236 10.30 -36.73 -74.61
CA ARG C 236 11.29 -36.90 -75.67
C ARG C 236 11.00 -38.11 -76.56
N ASN C 237 10.86 -39.25 -75.93
CA ASN C 237 10.54 -40.47 -76.59
C ASN C 237 9.09 -40.86 -76.28
N ASP C 238 8.55 -41.83 -76.99
CA ASP C 238 7.17 -42.27 -76.79
C ASP C 238 7.16 -43.57 -76.06
N ASN C 239 8.34 -44.18 -76.10
CA ASN C 239 8.66 -45.44 -75.45
C ASN C 239 10.01 -45.34 -74.80
N SER C 240 10.19 -44.43 -73.81
CA SER C 240 11.47 -44.26 -73.16
C SER C 240 11.75 -45.30 -72.13
N SER C 241 13.01 -45.72 -72.08
CA SER C 241 13.47 -46.72 -71.12
C SER C 241 13.62 -46.04 -69.75
N ARG C 242 12.81 -46.41 -68.75
CA ARG C 242 12.97 -45.76 -67.48
C ARG C 242 13.79 -46.48 -66.52
N PHE C 243 14.02 -48.73 -69.63
CA PHE C 243 14.59 -49.39 -68.48
C PHE C 243 15.96 -49.93 -68.75
N GLY C 244 16.68 -50.29 -67.68
CA GLY C 244 18.03 -50.82 -67.76
C GLY C 244 18.05 -52.30 -67.64
N LYS C 245 19.16 -52.93 -68.00
CA LYS C 245 19.15 -54.37 -67.88
C LYS C 245 20.46 -55.06 -67.86
N PHE C 246 20.46 -56.23 -67.21
CA PHE C 246 21.61 -57.02 -67.03
C PHE C 246 21.35 -58.48 -67.18
N ILE C 247 21.92 -59.05 -68.22
CA ILE C 247 21.82 -60.45 -68.55
C ILE C 247 23.05 -61.26 -68.25
N ARG C 248 22.85 -62.40 -67.64
CA ARG C 248 24.01 -63.19 -67.37
C ARG C 248 23.99 -64.40 -68.22
N ILE C 249 24.82 -64.44 -69.22
CA ILE C 249 24.83 -65.62 -70.00
C ILE C 249 25.78 -66.57 -69.44
N HIS C 250 25.21 -67.61 -68.91
CA HIS C 250 25.99 -68.58 -68.22
C HIS C 250 26.47 -69.64 -69.15
N PHE C 251 27.75 -69.55 -69.44
CA PHE C 251 28.32 -70.51 -70.32
C PHE C 251 28.67 -71.74 -69.53
N GLY C 252 28.73 -72.88 -70.22
CA GLY C 252 29.05 -74.12 -69.58
C GLY C 252 30.56 -74.30 -69.37
N ALA C 253 30.97 -75.57 -69.14
CA ALA C 253 32.35 -75.95 -68.90
C ALA C 253 33.10 -76.13 -70.19
N THR C 254 32.40 -76.79 -71.08
CA THR C 254 32.89 -77.03 -72.42
C THR C 254 33.14 -75.66 -72.99
N GLY C 255 32.09 -74.87 -73.01
CA GLY C 255 32.13 -73.54 -73.54
C GLY C 255 30.76 -73.29 -74.23
N LYS C 256 29.86 -74.26 -74.11
CA LYS C 256 28.56 -74.16 -74.73
C LYS C 256 27.52 -73.63 -73.74
N LEU C 257 26.59 -72.84 -74.29
CA LEU C 257 25.47 -72.21 -73.56
C LEU C 257 24.85 -73.07 -72.48
N ALA C 258 24.51 -72.47 -71.33
CA ALA C 258 23.89 -73.22 -70.21
C ALA C 258 22.75 -72.48 -69.49
N SER C 259 22.87 -71.16 -69.28
CA SER C 259 21.83 -70.39 -68.63
C SER C 259 21.94 -68.92 -68.91
N ALA C 260 20.85 -68.26 -68.53
CA ALA C 260 20.71 -66.82 -68.66
C ALA C 260 20.06 -66.24 -67.41
N ASP C 261 20.11 -64.93 -67.31
CA ASP C 261 19.64 -64.27 -66.12
C ASP C 261 19.31 -62.81 -66.30
N ILE C 262 18.07 -62.44 -66.37
CA ILE C 262 17.81 -61.02 -66.47
C ILE C 262 17.50 -60.31 -65.22
N GLU C 263 17.81 -59.03 -65.21
CA GLU C 263 17.53 -58.13 -64.13
C GLU C 263 17.23 -56.74 -64.64
N THR C 264 16.17 -56.17 -64.12
CA THR C 264 15.69 -54.91 -64.58
C THR C 264 15.89 -53.82 -63.55
N TYR C 265 16.18 -52.63 -64.04
CA TYR C 265 16.45 -51.48 -63.21
C TYR C 265 15.71 -50.27 -63.73
N LEU C 266 15.20 -49.51 -62.84
CA LEU C 266 14.58 -48.27 -63.13
C LEU C 266 13.67 -48.18 -64.32
N LEU C 267 12.46 -48.61 -64.18
CA LEU C 267 11.51 -48.58 -65.20
C LEU C 267 10.77 -47.26 -65.21
N GLU C 268 12.70 -45.86 -62.45
CA GLU C 268 12.03 -44.62 -62.16
C GLU C 268 10.79 -44.84 -61.35
N LYS C 269 10.97 -45.10 -60.05
CA LYS C 269 9.86 -45.36 -59.12
C LYS C 269 8.82 -44.26 -59.06
N SER C 270 9.28 -43.07 -59.24
CA SER C 270 8.38 -41.94 -59.22
C SER C 270 7.22 -41.95 -60.23
N ARG C 271 7.39 -42.54 -61.42
CA ARG C 271 6.34 -42.54 -62.44
C ARG C 271 5.11 -43.16 -61.85
N VAL C 272 5.32 -44.27 -61.13
CA VAL C 272 4.27 -44.98 -60.50
C VAL C 272 3.30 -44.11 -59.74
N THR C 273 3.75 -42.96 -59.28
CA THR C 273 2.98 -42.07 -58.42
C THR C 273 2.80 -40.70 -59.00
N PHE C 274 3.66 -40.41 -59.93
CA PHE C 274 3.67 -39.13 -60.55
C PHE C 274 3.96 -39.20 -61.98
N GLN C 275 3.80 -38.03 -62.55
CA GLN C 275 3.96 -37.83 -63.95
C GLN C 275 3.88 -36.36 -64.34
N LEU C 276 4.83 -35.99 -65.17
CA LEU C 276 4.83 -34.67 -65.68
C LEU C 276 3.65 -34.55 -66.65
N PRO C 277 3.32 -33.32 -66.94
CA PRO C 277 2.21 -32.92 -67.77
C PRO C 277 2.16 -33.40 -69.18
N ALA C 278 3.32 -33.59 -69.79
CA ALA C 278 3.31 -34.09 -71.15
C ALA C 278 3.66 -35.56 -71.21
N GLU C 279 3.84 -36.13 -70.04
CA GLU C 279 4.25 -37.50 -69.95
C GLU C 279 3.18 -38.41 -69.39
N ARG C 280 3.61 -39.62 -69.21
CA ARG C 280 2.72 -40.57 -68.68
C ARG C 280 3.42 -41.69 -67.98
N SER C 281 2.67 -42.43 -67.23
CA SER C 281 3.25 -43.49 -66.50
C SER C 281 3.51 -44.66 -67.36
N TYR C 282 3.98 -45.74 -66.69
CA TYR C 282 4.30 -46.96 -67.34
C TYR C 282 3.18 -47.37 -68.25
N HIS C 283 3.46 -48.18 -69.24
CA HIS C 283 2.43 -48.50 -70.17
C HIS C 283 1.33 -49.36 -69.63
N ILE C 284 1.79 -50.40 -68.93
CA ILE C 284 0.93 -51.40 -68.39
C ILE C 284 -0.43 -50.92 -67.99
N PHE C 285 -0.42 -49.85 -67.30
CA PHE C 285 -1.64 -49.27 -66.75
C PHE C 285 -2.54 -48.95 -67.82
N TYR C 286 -2.02 -48.25 -68.80
CA TYR C 286 -2.86 -47.86 -69.92
C TYR C 286 -3.16 -49.03 -70.77
N GLN C 287 -2.28 -50.01 -70.75
CA GLN C 287 -2.50 -51.18 -71.53
C GLN C 287 -3.80 -51.79 -71.02
N ILE C 288 -3.76 -52.20 -69.77
CA ILE C 288 -4.83 -52.83 -69.03
C ILE C 288 -6.21 -52.15 -69.09
N MET C 289 -6.23 -50.86 -68.95
CA MET C 289 -7.48 -50.11 -69.00
C MET C 289 -7.97 -49.92 -70.44
N SER C 290 -7.19 -50.44 -71.38
CA SER C 290 -7.53 -50.31 -72.78
C SER C 290 -8.78 -51.06 -73.10
N ASN C 291 -8.98 -52.17 -72.41
CA ASN C 291 -10.12 -53.04 -72.52
C ASN C 291 -10.03 -54.13 -73.57
N LYS C 292 -8.91 -54.66 -73.82
CA LYS C 292 -8.89 -55.71 -74.82
C LYS C 292 -9.24 -57.09 -74.25
N LYS C 293 -9.11 -57.14 -72.96
CA LYS C 293 -9.34 -58.29 -72.09
C LYS C 293 -10.23 -57.81 -70.96
N PRO C 294 -11.52 -57.56 -71.28
CA PRO C 294 -12.45 -56.99 -70.30
C PRO C 294 -12.50 -57.63 -68.91
N GLU C 295 -12.26 -58.95 -68.79
CA GLU C 295 -12.24 -59.63 -67.52
C GLU C 295 -11.38 -58.96 -66.54
N LEU C 296 -10.24 -58.60 -67.06
CA LEU C 296 -9.18 -57.89 -66.31
C LEU C 296 -9.71 -56.71 -65.54
N ILE C 297 -10.52 -55.89 -66.22
CA ILE C 297 -11.12 -54.72 -65.63
C ILE C 297 -11.98 -55.00 -64.38
N ASP C 298 -12.74 -56.10 -64.47
CA ASP C 298 -13.62 -56.53 -63.44
C ASP C 298 -12.85 -57.33 -62.42
N MET C 299 -11.85 -57.98 -62.92
CA MET C 299 -11.01 -58.79 -62.09
C MET C 299 -10.23 -57.91 -61.10
N LEU C 300 -9.75 -56.79 -61.62
CA LEU C 300 -8.96 -55.84 -60.85
C LEU C 300 -9.83 -54.87 -60.11
N LEU C 301 -11.06 -54.77 -60.55
CA LEU C 301 -11.99 -53.89 -59.93
C LEU C 301 -11.75 -52.47 -60.24
N ILE C 302 -11.53 -52.20 -61.52
CA ILE C 302 -11.29 -50.84 -61.90
C ILE C 302 -12.21 -50.47 -63.02
N THR C 303 -12.01 -49.26 -63.44
CA THR C 303 -12.71 -48.80 -64.58
C THR C 303 -11.79 -48.73 -65.76
N THR C 304 -12.26 -48.15 -66.85
CA THR C 304 -11.52 -48.02 -68.11
C THR C 304 -11.04 -46.57 -68.33
N ASN C 305 -11.53 -45.65 -67.50
CA ASN C 305 -11.25 -44.25 -67.44
C ASN C 305 -10.21 -43.96 -66.39
N PRO C 306 -9.02 -43.57 -66.82
CA PRO C 306 -7.85 -43.35 -66.01
C PRO C 306 -7.95 -42.22 -65.10
N TYR C 307 -8.88 -41.38 -65.39
CA TYR C 307 -9.00 -40.26 -64.50
C TYR C 307 -9.59 -40.65 -63.17
N ASP C 308 -9.69 -41.98 -62.93
CA ASP C 308 -10.21 -42.55 -61.69
C ASP C 308 -9.05 -43.00 -60.82
N TYR C 309 -7.86 -42.86 -61.39
CA TYR C 309 -6.67 -43.24 -60.78
C TYR C 309 -5.64 -42.20 -60.93
N HIS C 310 -5.76 -41.27 -59.99
CA HIS C 310 -4.86 -40.14 -59.82
C HIS C 310 -3.36 -40.42 -60.10
N TYR C 311 -2.84 -41.48 -59.55
CA TYR C 311 -1.50 -41.92 -59.67
C TYR C 311 -1.08 -42.00 -61.11
N VAL C 312 -1.99 -42.40 -61.99
CA VAL C 312 -1.71 -42.60 -63.41
C VAL C 312 -2.33 -41.67 -64.45
N SER C 313 -2.93 -40.58 -64.04
CA SER C 313 -3.43 -39.69 -65.04
C SER C 313 -3.10 -38.29 -64.68
N GLN C 314 -1.92 -38.08 -64.17
CA GLN C 314 -1.55 -36.74 -63.78
C GLN C 314 -1.02 -36.05 -65.01
N GLY C 315 -0.55 -36.86 -65.93
CA GLY C 315 -0.01 -36.31 -67.13
C GLY C 315 -0.94 -36.60 -68.25
N GLU C 316 -0.52 -37.48 -69.16
CA GLU C 316 -1.31 -37.82 -70.30
C GLU C 316 -1.73 -39.26 -70.18
N ILE C 317 -2.77 -39.62 -70.93
CA ILE C 317 -3.33 -40.96 -70.90
C ILE C 317 -3.18 -41.70 -72.22
N THR C 318 -3.30 -40.93 -73.29
CA THR C 318 -3.19 -41.57 -74.59
C THR C 318 -2.12 -40.98 -75.48
N VAL C 319 -1.50 -41.89 -76.23
CA VAL C 319 -0.45 -41.59 -77.20
C VAL C 319 -0.81 -42.25 -78.51
N PRO C 320 -0.94 -41.39 -79.54
CA PRO C 320 -1.35 -41.77 -80.88
C PRO C 320 -0.52 -42.85 -81.54
N SER C 321 0.81 -42.78 -81.35
CA SER C 321 1.71 -43.75 -81.92
C SER C 321 1.70 -45.11 -81.25
N ILE C 322 0.95 -45.25 -80.15
CA ILE C 322 0.86 -46.50 -79.38
C ILE C 322 -0.53 -47.07 -79.35
N ASP C 323 -0.63 -48.39 -79.53
CA ASP C 323 -1.90 -49.12 -79.53
C ASP C 323 -1.95 -50.01 -78.31
N ASP C 324 -2.38 -49.42 -77.20
CA ASP C 324 -2.44 -50.06 -75.91
C ASP C 324 -3.10 -51.44 -75.96
N GLN C 325 -4.04 -51.57 -76.85
CA GLN C 325 -4.78 -52.80 -77.01
C GLN C 325 -3.95 -53.93 -77.52
N GLU C 326 -3.08 -53.63 -78.48
CA GLU C 326 -2.19 -54.62 -79.13
C GLU C 326 -1.10 -55.09 -78.18
N GLU C 327 -0.58 -54.11 -77.50
CA GLU C 327 0.47 -54.34 -76.57
C GLU C 327 0.06 -55.22 -75.44
N LEU C 328 -1.14 -54.95 -74.92
CA LEU C 328 -1.70 -55.73 -73.83
C LEU C 328 -1.55 -57.19 -74.07
N MET C 329 -1.80 -57.56 -75.29
CA MET C 329 -1.63 -58.96 -75.65
C MET C 329 -0.22 -59.33 -75.77
N ALA C 330 0.54 -58.43 -76.39
CA ALA C 330 1.95 -58.69 -76.57
C ALA C 330 2.56 -59.06 -75.24
N THR C 331 2.21 -58.19 -74.34
CA THR C 331 2.61 -58.31 -72.99
C THR C 331 2.16 -59.59 -72.44
N ASP C 332 0.87 -59.77 -72.54
CA ASP C 332 0.20 -60.96 -72.03
C ASP C 332 0.89 -62.24 -72.45
N SER C 333 0.93 -62.38 -73.76
CA SER C 333 1.57 -63.51 -74.43
C SER C 333 3.02 -63.70 -74.02
N ALA C 334 3.74 -62.61 -73.85
CA ALA C 334 5.09 -62.68 -73.45
C ALA C 334 5.23 -63.37 -72.09
N ILE C 335 4.29 -63.02 -71.20
CA ILE C 335 4.34 -63.55 -69.85
C ILE C 335 4.37 -65.05 -69.86
N ASP C 336 3.42 -65.55 -70.60
CA ASP C 336 3.25 -66.96 -70.83
C ASP C 336 4.51 -67.59 -71.35
N ILE C 337 5.01 -67.07 -72.45
CA ILE C 337 6.21 -67.62 -73.05
C ILE C 337 7.32 -67.62 -72.11
N LEU C 338 7.26 -66.58 -71.31
CA LEU C 338 8.25 -66.48 -70.31
C LEU C 338 8.14 -67.54 -69.21
N GLY C 339 7.09 -68.36 -69.30
CA GLY C 339 6.93 -69.48 -68.36
C GLY C 339 6.29 -69.18 -67.02
N PHE C 340 5.72 -67.99 -66.90
CA PHE C 340 5.11 -67.65 -65.64
C PHE C 340 3.88 -68.49 -65.40
N SER C 341 3.64 -68.79 -64.13
CA SER C 341 2.43 -69.47 -63.72
C SER C 341 1.23 -68.57 -63.85
N ALA C 342 0.06 -69.14 -64.15
CA ALA C 342 -1.10 -68.27 -64.38
C ALA C 342 -1.39 -67.41 -63.18
N ASP C 343 -1.28 -68.10 -62.07
CA ASP C 343 -1.39 -67.51 -60.78
C ASP C 343 -0.47 -66.28 -60.70
N GLU C 344 0.84 -66.49 -61.00
CA GLU C 344 1.78 -65.41 -60.96
C GLU C 344 1.33 -64.40 -61.95
N LYS C 345 0.92 -64.93 -63.09
CA LYS C 345 0.45 -64.06 -64.15
C LYS C 345 -0.80 -63.38 -63.71
N THR C 346 -1.34 -63.90 -62.64
CA THR C 346 -2.53 -63.34 -62.05
C THR C 346 -2.09 -62.34 -60.94
N ALA C 347 -1.04 -62.69 -60.20
CA ALA C 347 -0.54 -61.84 -59.19
C ALA C 347 -0.14 -60.51 -59.78
N ILE C 348 0.58 -60.63 -60.83
CA ILE C 348 1.10 -59.48 -61.58
C ILE C 348 -0.01 -58.56 -61.89
N TYR C 349 -1.02 -59.12 -62.47
CA TYR C 349 -2.08 -58.24 -62.83
C TYR C 349 -2.68 -57.70 -61.58
N LYS C 350 -3.29 -58.54 -60.78
CA LYS C 350 -3.95 -58.14 -59.53
C LYS C 350 -3.12 -57.15 -58.72
N LEU C 351 -1.82 -57.39 -58.69
CA LEU C 351 -0.91 -56.55 -57.95
C LEU C 351 -0.74 -55.17 -58.56
N THR C 352 -0.81 -55.10 -59.88
CA THR C 352 -0.65 -53.87 -60.61
C THR C 352 -1.85 -52.98 -60.47
N GLY C 353 -2.97 -53.52 -60.05
CA GLY C 353 -4.20 -52.77 -59.89
C GLY C 353 -4.33 -52.28 -58.49
N ALA C 354 -3.82 -53.09 -57.55
CA ALA C 354 -3.87 -52.68 -56.15
C ALA C 354 -3.25 -51.28 -56.01
N VAL C 355 -2.12 -51.18 -56.64
CA VAL C 355 -1.30 -49.98 -56.70
C VAL C 355 -2.10 -48.81 -57.21
N MET C 356 -2.90 -49.00 -58.17
CA MET C 356 -3.74 -47.92 -58.73
C MET C 356 -4.67 -47.46 -57.67
N HIS C 357 -5.26 -48.45 -57.03
CA HIS C 357 -6.23 -48.28 -55.93
C HIS C 357 -5.66 -47.54 -54.76
N TYR C 358 -4.43 -47.83 -54.44
CA TYR C 358 -3.80 -47.17 -53.33
C TYR C 358 -3.87 -45.67 -53.46
N GLY C 359 -3.55 -45.22 -54.62
CA GLY C 359 -3.55 -43.81 -54.90
C GLY C 359 -4.91 -43.23 -54.76
N ASN C 360 -5.89 -44.11 -54.58
CA ASN C 360 -7.30 -43.69 -54.39
C ASN C 360 -7.68 -43.74 -52.92
N LEU C 361 -6.81 -44.36 -52.16
CA LEU C 361 -7.02 -44.46 -50.76
C LEU C 361 -7.02 -43.06 -50.18
N LYS C 362 -8.09 -42.76 -49.46
CA LYS C 362 -8.31 -41.46 -48.86
C LYS C 362 -8.46 -41.53 -47.37
N PHE C 363 -8.05 -40.44 -46.75
CA PHE C 363 -8.11 -40.32 -45.30
C PHE C 363 -8.56 -38.96 -44.86
N LYS C 364 -8.96 -38.92 -43.57
CA LYS C 364 -9.42 -37.72 -42.87
C LYS C 364 -8.98 -37.64 -41.40
N GLN C 365 -8.84 -36.43 -40.97
CA GLN C 365 -8.44 -36.07 -39.61
C GLN C 365 -9.49 -36.47 -38.61
N LYS C 366 -9.02 -37.13 -37.61
CA LYS C 366 -9.93 -37.52 -36.55
C LYS C 366 -10.26 -36.21 -35.87
N GLN C 367 -11.48 -36.07 -35.38
CA GLN C 367 -11.93 -34.84 -34.71
C GLN C 367 -11.17 -34.53 -33.42
N ARG C 368 -10.75 -33.26 -33.31
CA ARG C 368 -10.06 -32.78 -32.14
C ARG C 368 -8.71 -33.41 -31.95
N GLU C 369 -8.38 -34.21 -32.92
CA GLU C 369 -7.12 -34.91 -32.93
C GLU C 369 -6.50 -34.59 -34.27
N GLU C 370 -5.20 -34.77 -34.30
CA GLU C 370 -4.43 -34.51 -35.50
C GLU C 370 -4.11 -35.85 -36.14
N GLN C 371 -4.90 -36.85 -35.78
CA GLN C 371 -4.67 -38.14 -36.31
C GLN C 371 -5.44 -38.38 -37.55
N ALA C 372 -4.91 -39.34 -38.28
CA ALA C 372 -5.48 -39.79 -39.49
C ALA C 372 -6.38 -40.94 -39.19
N GLU C 373 -7.54 -40.85 -39.80
CA GLU C 373 -8.53 -41.85 -39.70
C GLU C 373 -9.05 -42.09 -41.13
N PRO C 374 -9.28 -43.35 -41.46
CA PRO C 374 -9.75 -43.73 -42.76
C PRO C 374 -11.00 -42.99 -43.18
N ASP C 375 -11.03 -42.56 -44.43
CA ASP C 375 -12.16 -41.85 -44.95
C ASP C 375 -13.07 -42.79 -45.71
N GLY C 376 -13.10 -44.08 -45.33
CA GLY C 376 -13.97 -45.02 -46.04
C GLY C 376 -13.27 -46.33 -46.27
N THR C 377 -14.09 -47.39 -46.38
CA THR C 377 -13.60 -48.73 -46.68
C THR C 377 -14.28 -49.23 -47.92
N GLU C 378 -14.04 -48.51 -48.97
CA GLU C 378 -14.57 -48.78 -50.28
C GLU C 378 -13.43 -49.35 -51.11
N VAL C 379 -12.35 -48.57 -51.09
CA VAL C 379 -11.18 -48.83 -51.83
C VAL C 379 -10.25 -49.72 -51.12
N ALA C 380 -10.21 -49.56 -49.85
CA ALA C 380 -9.29 -50.35 -49.08
C ALA C 380 -9.64 -51.76 -49.29
N ASP C 381 -10.92 -51.96 -49.39
CA ASP C 381 -11.54 -53.27 -49.51
C ASP C 381 -11.00 -53.98 -50.70
N LYS C 382 -10.94 -53.22 -51.78
CA LYS C 382 -10.45 -53.73 -53.06
C LYS C 382 -8.97 -53.96 -53.00
N ALA C 383 -8.27 -52.98 -52.48
CA ALA C 383 -6.84 -53.11 -52.42
C ALA C 383 -6.55 -54.30 -51.57
N ALA C 384 -7.25 -54.42 -50.49
CA ALA C 384 -7.05 -55.51 -49.55
C ALA C 384 -7.26 -56.87 -50.15
N TYR C 385 -8.32 -57.01 -50.89
CA TYR C 385 -8.69 -58.26 -51.50
C TYR C 385 -7.74 -58.67 -52.61
N LEU C 386 -7.40 -57.70 -53.40
CA LEU C 386 -6.53 -57.87 -54.54
C LEU C 386 -5.17 -58.29 -54.13
N MET C 387 -4.78 -57.91 -52.91
CA MET C 387 -3.46 -58.27 -52.40
C MET C 387 -3.50 -59.49 -51.47
N GLY C 388 -4.69 -59.96 -51.14
CA GLY C 388 -4.83 -61.09 -50.24
C GLY C 388 -4.62 -60.65 -48.80
N LEU C 389 -5.18 -59.49 -48.48
CA LEU C 389 -5.10 -58.82 -47.21
C LEU C 389 -6.49 -58.66 -46.55
N ASN C 390 -6.49 -58.07 -45.37
CA ASN C 390 -7.65 -57.78 -44.63
C ASN C 390 -7.77 -56.25 -44.48
N SER C 391 -8.87 -55.74 -44.99
CA SER C 391 -9.17 -54.30 -45.02
C SER C 391 -8.79 -53.58 -43.76
N ALA C 392 -9.22 -54.12 -42.65
CA ALA C 392 -9.04 -53.49 -41.35
C ALA C 392 -7.63 -53.39 -40.94
N GLU C 393 -7.07 -54.58 -40.78
CA GLU C 393 -5.76 -54.79 -40.32
C GLU C 393 -4.87 -53.87 -41.05
N LEU C 394 -5.23 -53.75 -42.33
CA LEU C 394 -4.49 -52.90 -43.26
C LEU C 394 -4.60 -51.41 -42.89
N LEU C 395 -5.82 -50.93 -42.71
CA LEU C 395 -6.04 -49.54 -42.41
C LEU C 395 -5.51 -49.11 -41.07
N LYS C 396 -5.34 -50.08 -40.18
CA LYS C 396 -4.83 -49.82 -38.86
C LYS C 396 -3.36 -49.51 -38.96
N ALA C 397 -2.67 -50.56 -39.39
CA ALA C 397 -1.24 -50.55 -39.63
C ALA C 397 -0.84 -49.26 -40.29
N LEU C 398 -1.63 -48.88 -41.27
CA LEU C 398 -1.41 -47.66 -42.00
C LEU C 398 -1.55 -46.42 -41.15
N CYS C 399 -2.64 -46.37 -40.34
CA CYS C 399 -2.98 -45.25 -39.49
C CYS C 399 -2.25 -45.24 -38.14
N TYR C 400 -2.11 -46.40 -37.54
CA TYR C 400 -1.47 -46.59 -36.27
C TYR C 400 -0.31 -47.53 -36.38
N PRO C 401 0.64 -47.09 -37.14
CA PRO C 401 1.88 -47.81 -37.36
C PRO C 401 2.44 -48.26 -36.05
N ARG C 402 2.56 -49.56 -35.86
CA ARG C 402 3.14 -50.10 -34.63
C ARG C 402 4.60 -50.46 -34.81
N VAL C 403 5.38 -49.54 -34.31
CA VAL C 403 6.83 -49.46 -34.32
C VAL C 403 7.48 -50.28 -33.18
N LYS C 404 8.81 -50.25 -33.12
CA LYS C 404 9.61 -50.97 -32.12
C LYS C 404 10.89 -50.25 -31.63
N VAL C 405 10.71 -49.07 -30.96
CA VAL C 405 11.76 -48.19 -30.37
C VAL C 405 12.16 -48.62 -28.96
N GLY C 406 13.40 -49.03 -28.84
CA GLY C 406 13.94 -49.53 -27.60
C GLY C 406 14.11 -51.02 -27.80
N ASN C 407 13.45 -51.83 -26.97
CA ASN C 407 13.53 -53.28 -27.12
C ASN C 407 12.17 -53.90 -27.32
N GLU C 408 11.18 -53.01 -27.49
CA GLU C 408 9.81 -53.39 -27.66
C GLU C 408 9.23 -52.86 -28.97
N PHE C 409 7.92 -52.81 -28.97
CA PHE C 409 7.14 -52.37 -30.10
C PHE C 409 6.08 -51.33 -29.67
N VAL C 410 6.43 -50.07 -29.92
CA VAL C 410 5.65 -48.88 -29.60
C VAL C 410 4.71 -48.41 -30.67
N THR C 411 3.43 -48.45 -30.37
CA THR C 411 2.44 -47.98 -31.35
C THR C 411 2.41 -46.48 -31.53
N LYS C 412 2.72 -46.08 -32.77
CA LYS C 412 2.79 -44.70 -33.24
C LYS C 412 1.67 -44.26 -34.13
N GLY C 413 1.22 -43.04 -33.87
CA GLY C 413 0.16 -42.42 -34.63
C GLY C 413 0.68 -41.48 -35.72
N GLN C 414 -0.01 -41.52 -36.86
CA GLN C 414 0.37 -40.70 -37.97
C GLN C 414 -0.66 -39.66 -38.37
N THR C 415 -0.18 -38.68 -39.12
CA THR C 415 -0.98 -37.60 -39.63
C THR C 415 -1.52 -37.95 -40.99
N VAL C 416 -2.46 -37.14 -41.44
CA VAL C 416 -3.06 -37.34 -42.71
C VAL C 416 -1.94 -37.31 -43.75
N SER C 417 -1.18 -36.24 -43.73
CA SER C 417 -0.04 -36.08 -44.63
C SER C 417 0.94 -37.20 -44.56
N GLN C 418 1.04 -37.82 -43.41
CA GLN C 418 1.98 -38.90 -43.23
C GLN C 418 1.53 -40.19 -43.88
N VAL C 419 0.22 -40.37 -43.91
CA VAL C 419 -0.34 -41.58 -44.46
C VAL C 419 -0.24 -41.58 -45.93
N HIS C 420 -0.80 -40.52 -46.50
CA HIS C 420 -0.82 -40.34 -47.94
C HIS C 420 0.55 -40.59 -48.50
N ASN C 421 1.55 -40.12 -47.76
CA ASN C 421 2.92 -40.30 -48.18
C ASN C 421 3.35 -41.74 -47.95
N SER C 422 2.95 -42.36 -46.87
CA SER C 422 3.41 -43.75 -46.70
C SER C 422 2.84 -44.72 -47.70
N VAL C 423 1.61 -44.49 -48.01
CA VAL C 423 0.90 -45.27 -48.97
C VAL C 423 1.70 -45.26 -50.26
N GLY C 424 1.94 -44.06 -50.71
CA GLY C 424 2.70 -43.83 -51.90
C GLY C 424 4.02 -44.56 -51.81
N ALA C 425 4.57 -44.61 -50.62
CA ALA C 425 5.82 -45.33 -50.50
C ALA C 425 5.70 -46.79 -50.72
N LEU C 426 4.58 -47.35 -50.25
CA LEU C 426 4.43 -48.80 -50.51
C LEU C 426 4.14 -49.08 -51.97
N ALA C 427 3.21 -48.29 -52.55
CA ALA C 427 2.82 -48.38 -53.92
C ALA C 427 4.05 -48.51 -54.75
N LYS C 428 4.96 -47.58 -54.54
CA LYS C 428 6.21 -47.61 -55.27
C LYS C 428 7.03 -48.82 -54.91
N ALA C 429 7.17 -49.06 -53.61
CA ALA C 429 7.96 -50.18 -53.13
C ALA C 429 7.53 -51.48 -53.77
N VAL C 430 6.25 -51.74 -53.68
CA VAL C 430 5.66 -52.95 -54.26
C VAL C 430 5.87 -53.14 -55.73
N TYR C 431 5.60 -52.07 -56.47
CA TYR C 431 5.79 -52.09 -57.91
C TYR C 431 7.21 -52.49 -58.27
N GLU C 432 8.16 -51.74 -57.68
CA GLU C 432 9.55 -52.01 -57.86
C GLU C 432 9.89 -53.43 -57.72
N LYS C 433 9.90 -53.88 -56.50
CA LYS C 433 10.12 -55.28 -56.09
C LYS C 433 9.61 -56.26 -57.11
N MET C 434 8.35 -56.08 -57.42
CA MET C 434 7.66 -56.91 -58.40
C MET C 434 8.44 -56.94 -59.67
N PHE C 435 8.74 -55.76 -60.10
CA PHE C 435 9.50 -55.62 -61.33
C PHE C 435 10.77 -56.37 -61.23
N LEU C 436 11.38 -56.28 -60.04
CA LEU C 436 12.63 -57.00 -59.84
C LEU C 436 12.40 -58.48 -59.95
N TRP C 437 11.36 -58.93 -59.31
CA TRP C 437 11.00 -60.31 -59.30
C TRP C 437 10.82 -60.85 -60.71
N MET C 438 9.99 -60.14 -61.47
CA MET C 438 9.71 -60.54 -62.84
C MET C 438 10.98 -60.81 -63.56
N VAL C 439 11.91 -59.88 -63.37
CA VAL C 439 13.20 -60.06 -64.00
C VAL C 439 13.83 -61.36 -63.59
N ILE C 440 13.90 -61.59 -62.30
CA ILE C 440 14.45 -62.83 -61.78
C ILE C 440 13.78 -64.04 -62.38
N ARG C 441 12.49 -64.02 -62.35
CA ARG C 441 11.76 -65.12 -62.88
C ARG C 441 12.11 -65.34 -64.33
N ILE C 442 12.32 -64.24 -65.03
CA ILE C 442 12.65 -64.33 -66.44
C ILE C 442 13.96 -65.10 -66.52
N ASN C 443 14.98 -64.55 -65.85
CA ASN C 443 16.30 -65.08 -65.76
C ASN C 443 16.23 -66.58 -65.48
N GLN C 444 15.26 -66.94 -64.65
CA GLN C 444 15.12 -68.33 -64.29
C GLN C 444 14.78 -69.26 -65.39
N GLN C 445 13.98 -68.76 -66.27
CA GLN C 445 13.62 -69.55 -67.41
C GLN C 445 14.79 -69.55 -68.36
N LEU C 446 15.42 -68.39 -68.45
CA LEU C 446 16.56 -68.19 -69.34
C LEU C 446 17.78 -68.96 -68.87
N ASP C 447 16.26 -71.15 -66.59
CA ASP C 447 17.00 -71.88 -65.57
C ASP C 447 17.10 -73.32 -65.96
N THR C 448 18.34 -73.76 -66.07
CA THR C 448 18.53 -75.13 -66.41
C THR C 448 19.28 -75.77 -65.29
N LYS C 449 19.33 -77.09 -65.35
CA LYS C 449 20.01 -77.88 -64.37
C LYS C 449 21.49 -78.02 -64.68
N GLN C 450 21.84 -78.06 -65.99
CA GLN C 450 23.23 -78.18 -66.44
C GLN C 450 24.18 -77.26 -65.69
N PRO C 451 25.40 -77.74 -65.48
CA PRO C 451 26.40 -77.01 -64.73
C PRO C 451 26.80 -75.76 -65.46
N ARG C 452 27.25 -74.80 -64.65
CA ARG C 452 27.71 -73.49 -65.11
C ARG C 452 29.08 -73.21 -64.50
N GLN C 453 30.03 -72.73 -65.35
CA GLN C 453 31.35 -72.48 -64.82
C GLN C 453 31.70 -71.03 -64.84
N TYR C 454 31.15 -70.35 -65.84
CA TYR C 454 31.34 -68.92 -66.00
C TYR C 454 30.20 -68.30 -66.75
N PHE C 455 30.17 -66.97 -66.70
CA PHE C 455 29.11 -66.24 -67.36
C PHE C 455 29.66 -65.00 -68.00
N ILE C 456 28.87 -64.43 -68.88
CA ILE C 456 29.26 -63.21 -69.53
C ILE C 456 28.13 -62.21 -69.37
N GLY C 457 28.40 -61.20 -68.58
CA GLY C 457 27.40 -60.22 -68.32
C GLY C 457 27.37 -59.10 -69.30
N VAL C 458 26.15 -58.84 -69.73
CA VAL C 458 25.86 -57.81 -70.66
C VAL C 458 24.98 -56.79 -69.99
N LEU C 459 25.53 -55.66 -69.70
CA LEU C 459 24.86 -54.60 -69.03
C LEU C 459 24.48 -53.48 -69.98
N ASP C 460 23.20 -53.16 -69.96
CA ASP C 460 22.59 -52.10 -70.75
C ASP C 460 21.83 -51.18 -69.81
N ILE C 461 22.26 -49.95 -69.74
CA ILE C 461 21.75 -48.91 -68.91
C ILE C 461 22.08 -47.58 -69.57
N ALA C 462 21.51 -46.55 -69.07
CA ALA C 462 21.78 -45.23 -69.54
C ALA C 462 23.01 -44.57 -68.95
N GLY C 463 23.46 -43.57 -69.70
CA GLY C 463 24.61 -42.85 -69.29
C GLY C 463 24.21 -41.53 -68.84
N PHE C 464 25.12 -40.98 -68.07
CA PHE C 464 25.04 -39.67 -67.50
C PHE C 464 24.54 -38.71 -68.53
N GLU C 465 23.36 -38.21 -68.25
CA GLU C 465 22.68 -37.24 -69.07
C GLU C 465 22.44 -36.03 -68.16
N ILE C 466 22.64 -34.89 -68.76
CA ILE C 466 22.45 -33.69 -68.00
C ILE C 466 21.30 -32.92 -68.56
N PHE C 467 20.40 -32.54 -67.72
CA PHE C 467 19.30 -31.77 -68.22
C PHE C 467 19.19 -30.51 -67.46
N ASP C 468 18.52 -29.55 -68.08
CA ASP C 468 18.37 -28.30 -67.39
C ASP C 468 17.59 -28.58 -66.14
N PHE C 469 16.80 -29.67 -66.24
CA PHE C 469 16.01 -30.15 -65.14
C PHE C 469 16.42 -31.51 -64.64
N ASN C 470 17.06 -31.57 -63.48
CA ASN C 470 17.46 -32.83 -62.96
C ASN C 470 16.73 -33.17 -61.69
N SER C 471 15.97 -34.22 -61.78
CA SER C 471 15.25 -34.66 -60.64
C SER C 471 15.80 -35.96 -60.14
N PHE C 472 15.06 -36.51 -59.20
CA PHE C 472 15.40 -37.72 -58.49
C PHE C 472 15.93 -38.82 -59.36
N GLU C 473 15.20 -39.06 -60.41
CA GLU C 473 15.59 -40.12 -61.35
C GLU C 473 17.00 -39.92 -61.91
N GLN C 474 17.35 -38.66 -62.13
CA GLN C 474 18.64 -38.31 -62.65
C GLN C 474 19.77 -38.65 -61.69
N LEU C 475 19.51 -38.34 -60.45
CA LEU C 475 20.48 -38.66 -59.43
C LEU C 475 20.77 -40.17 -59.46
N CYS C 476 19.69 -40.97 -59.41
CA CYS C 476 19.84 -42.40 -59.40
C CYS C 476 20.67 -42.89 -60.58
N ILE C 477 20.39 -42.37 -61.75
CA ILE C 477 21.14 -42.81 -62.91
C ILE C 477 22.57 -42.31 -62.87
N ASN C 478 22.72 -41.00 -62.61
CA ASN C 478 24.04 -40.41 -62.57
C ASN C 478 24.90 -41.14 -61.59
N PHE C 479 24.32 -41.41 -60.46
CA PHE C 479 25.04 -42.11 -59.44
C PHE C 479 25.49 -43.44 -59.96
N THR C 480 24.64 -44.07 -60.77
CA THR C 480 25.00 -45.36 -61.27
C THR C 480 26.21 -45.22 -62.13
N ASN C 481 26.14 -44.23 -63.00
CA ASN C 481 27.24 -44.01 -63.92
C ASN C 481 28.52 -43.55 -63.23
N GLU C 482 28.43 -42.66 -62.27
CA GLU C 482 29.64 -42.22 -61.66
C GLU C 482 30.38 -43.37 -61.00
N LYS C 483 29.69 -44.42 -60.74
CA LYS C 483 30.22 -45.59 -60.11
C LYS C 483 30.92 -46.40 -61.15
N LEU C 484 30.18 -46.66 -62.23
CA LEU C 484 30.61 -47.41 -63.40
C LEU C 484 31.94 -46.88 -63.92
N GLN C 485 32.01 -45.55 -63.97
CA GLN C 485 33.19 -44.83 -64.38
C GLN C 485 34.43 -45.15 -63.54
N GLN C 486 34.29 -45.04 -62.23
CA GLN C 486 35.32 -45.34 -61.28
C GLN C 486 35.76 -46.73 -61.46
N PHE C 487 34.78 -47.51 -61.90
CA PHE C 487 34.99 -48.95 -62.09
C PHE C 487 35.97 -49.20 -63.19
N PHE C 488 35.87 -48.34 -64.16
CA PHE C 488 36.75 -48.36 -65.30
C PHE C 488 38.13 -47.80 -64.94
N ASN C 489 38.14 -46.54 -64.51
CA ASN C 489 39.34 -45.81 -64.11
C ASN C 489 40.29 -46.66 -63.30
N HIS C 490 39.70 -47.59 -62.58
CA HIS C 490 40.50 -48.45 -61.77
C HIS C 490 41.09 -49.55 -62.61
N HIS C 491 40.22 -50.21 -63.36
CA HIS C 491 40.60 -51.32 -64.23
C HIS C 491 41.71 -50.86 -65.11
N MET C 492 41.68 -49.61 -65.43
CA MET C 492 42.70 -49.06 -66.26
C MET C 492 43.98 -48.84 -65.51
N PHE C 493 43.82 -48.53 -64.25
CA PHE C 493 44.96 -48.28 -63.44
C PHE C 493 45.63 -49.57 -63.18
N VAL C 494 44.88 -50.52 -62.94
CA VAL C 494 45.41 -51.83 -62.72
C VAL C 494 46.13 -52.30 -63.94
N LEU C 495 45.44 -52.18 -65.06
CA LEU C 495 45.89 -52.57 -66.39
C LEU C 495 47.19 -51.88 -66.81
N GLU C 496 47.16 -50.55 -66.75
CA GLU C 496 48.32 -49.75 -67.09
C GLU C 496 49.59 -50.26 -66.41
N GLN C 497 49.51 -50.26 -65.10
CA GLN C 497 50.52 -50.66 -64.20
C GLN C 497 51.12 -52.04 -64.48
N GLU C 498 50.43 -52.84 -65.26
CA GLU C 498 50.95 -54.14 -65.57
C GLU C 498 52.02 -53.96 -66.63
N GLU C 499 51.73 -53.08 -67.59
CA GLU C 499 52.65 -52.81 -68.68
C GLU C 499 53.96 -52.34 -68.13
N TYR C 500 53.89 -51.21 -67.43
CA TYR C 500 55.10 -50.70 -66.84
C TYR C 500 55.85 -51.73 -65.99
N LYS C 501 55.19 -52.83 -65.69
CA LYS C 501 55.74 -53.88 -64.87
C LYS C 501 56.30 -54.93 -65.77
N LYS C 502 55.57 -55.16 -66.86
CA LYS C 502 55.97 -56.12 -67.90
C LYS C 502 57.24 -55.58 -68.58
N GLU C 503 57.18 -54.34 -69.01
CA GLU C 503 58.30 -53.70 -69.65
C GLU C 503 59.42 -53.38 -68.69
N GLY C 504 59.09 -52.85 -67.57
CA GLY C 504 60.22 -52.56 -66.76
C GLY C 504 60.38 -51.08 -66.68
N ILE C 505 59.32 -50.38 -67.04
CA ILE C 505 59.41 -48.95 -66.91
C ILE C 505 59.22 -48.62 -65.45
N GLU C 506 59.65 -47.44 -65.06
CA GLU C 506 59.50 -47.03 -63.72
C GLU C 506 58.53 -45.88 -63.59
N TRP C 507 57.25 -46.23 -63.49
CA TRP C 507 56.19 -45.23 -63.38
C TRP C 507 55.33 -45.51 -62.16
N GLU C 508 55.22 -44.52 -61.23
CA GLU C 508 54.37 -44.72 -60.09
C GLU C 508 53.16 -43.85 -60.17
N PHE C 509 52.04 -44.46 -59.81
CA PHE C 509 50.83 -43.73 -59.87
C PHE C 509 49.76 -44.37 -59.00
N ILE C 510 48.94 -43.45 -58.53
CA ILE C 510 47.80 -43.64 -57.70
C ILE C 510 46.61 -44.10 -58.56
N ASP C 511 45.74 -44.93 -57.98
CA ASP C 511 44.53 -45.44 -58.61
C ASP C 511 43.80 -44.31 -59.25
N PHE C 512 43.26 -44.49 -60.46
CA PHE C 512 42.57 -43.35 -61.05
C PHE C 512 41.18 -43.25 -60.56
N GLY C 513 40.70 -44.30 -59.92
CA GLY C 513 39.36 -44.25 -59.40
C GLY C 513 39.19 -43.17 -58.33
N MET C 514 40.10 -43.20 -57.42
CA MET C 514 40.21 -42.36 -56.28
C MET C 514 39.70 -40.99 -56.49
N ASP C 515 39.86 -40.53 -57.69
CA ASP C 515 39.42 -39.15 -57.90
C ASP C 515 37.95 -39.00 -57.68
N LEU C 516 37.22 -40.09 -57.91
CA LEU C 516 35.78 -40.01 -57.79
C LEU C 516 35.18 -40.37 -56.47
N ALA C 517 35.95 -41.04 -55.62
CA ALA C 517 35.45 -41.46 -54.33
C ALA C 517 34.77 -40.35 -53.56
N ALA C 518 35.21 -39.14 -53.72
CA ALA C 518 34.62 -38.03 -53.06
C ALA C 518 33.16 -37.97 -53.35
N CYS C 519 32.82 -37.92 -54.64
CA CYS C 519 31.42 -37.82 -54.99
C CYS C 519 30.59 -39.01 -54.54
N ILE C 520 31.11 -40.18 -54.79
CA ILE C 520 30.37 -41.34 -54.34
C ILE C 520 30.06 -41.36 -52.86
N GLU C 521 31.07 -41.15 -51.99
CA GLU C 521 30.80 -41.17 -50.56
C GLU C 521 29.65 -40.25 -50.17
N LEU C 522 29.60 -39.07 -50.74
CA LEU C 522 28.62 -38.04 -50.46
C LEU C 522 27.21 -38.53 -50.73
N ILE C 523 27.09 -39.41 -51.70
CA ILE C 523 25.78 -39.92 -52.05
C ILE C 523 25.37 -41.13 -51.25
N GLU C 524 26.23 -42.15 -51.27
CA GLU C 524 25.99 -43.44 -50.65
C GLU C 524 26.33 -43.64 -49.20
N LYS C 525 27.20 -42.81 -48.65
CA LYS C 525 27.60 -42.97 -47.28
C LYS C 525 26.47 -42.57 -46.37
N PRO C 526 26.61 -42.96 -45.08
CA PRO C 526 25.61 -42.73 -44.06
C PRO C 526 25.04 -41.32 -43.85
N MET C 527 25.86 -40.29 -43.79
CA MET C 527 25.13 -39.04 -43.57
C MET C 527 24.90 -38.33 -44.87
N GLY C 528 25.12 -39.09 -45.95
CA GLY C 528 24.98 -38.61 -47.33
C GLY C 528 23.55 -38.56 -47.84
N ILE C 529 23.37 -37.83 -48.93
CA ILE C 529 22.11 -37.55 -49.61
C ILE C 529 21.02 -38.57 -49.47
N PHE C 530 21.30 -39.76 -49.93
CA PHE C 530 20.32 -40.83 -49.82
C PHE C 530 19.80 -41.02 -48.41
N SER C 531 20.73 -41.18 -47.45
CA SER C 531 20.32 -41.33 -46.08
C SER C 531 19.39 -40.23 -45.61
N ILE C 532 19.89 -39.01 -45.67
CA ILE C 532 19.08 -37.86 -45.31
C ILE C 532 17.74 -37.93 -46.07
N LEU C 533 17.82 -38.47 -47.28
CA LEU C 533 16.63 -38.66 -48.04
C LEU C 533 15.76 -39.74 -47.48
N GLU C 534 16.35 -40.84 -47.16
CA GLU C 534 15.57 -41.94 -46.65
C GLU C 534 15.23 -41.89 -45.20
N GLU C 535 15.71 -40.88 -44.52
CA GLU C 535 15.41 -40.84 -43.07
C GLU C 535 14.15 -40.07 -42.98
N GLU C 536 14.27 -38.85 -43.51
CA GLU C 536 13.15 -37.92 -43.54
C GLU C 536 11.85 -38.61 -44.02
N CYS C 537 12.02 -39.66 -44.79
CA CYS C 537 10.88 -40.37 -45.29
C CYS C 537 10.17 -41.05 -44.18
N MET C 538 10.81 -41.04 -43.02
CA MET C 538 10.26 -41.72 -41.82
C MET C 538 9.50 -40.76 -40.91
N PHE C 539 9.69 -39.47 -41.19
CA PHE C 539 9.06 -38.40 -40.48
C PHE C 539 7.69 -38.10 -41.12
N PRO C 540 6.67 -38.48 -40.43
CA PRO C 540 5.29 -38.34 -40.85
C PRO C 540 4.89 -36.95 -41.26
N LYS C 541 5.69 -35.99 -40.95
CA LYS C 541 5.32 -34.60 -41.21
C LYS C 541 6.50 -33.81 -41.75
N ALA C 542 7.26 -34.47 -42.62
CA ALA C 542 8.41 -33.83 -43.21
C ALA C 542 8.04 -33.20 -44.53
N THR C 543 8.87 -32.27 -44.98
CA THR C 543 8.61 -31.58 -46.23
C THR C 543 9.80 -31.71 -47.11
N ASP C 544 9.58 -31.45 -48.38
CA ASP C 544 10.67 -31.44 -49.33
C ASP C 544 11.61 -30.39 -48.76
N THR C 545 11.00 -29.28 -48.36
CA THR C 545 11.70 -28.16 -47.76
C THR C 545 12.44 -28.60 -46.52
N SER C 546 11.80 -29.42 -45.73
CA SER C 546 12.42 -29.92 -44.54
C SER C 546 13.70 -30.63 -44.93
N PHE C 547 13.51 -31.66 -45.75
CA PHE C 547 14.57 -32.47 -46.30
C PHE C 547 15.70 -31.63 -46.79
N LYS C 548 15.33 -30.62 -47.56
CA LYS C 548 16.31 -29.72 -48.15
C LYS C 548 17.25 -29.19 -47.08
N ASN C 549 16.68 -28.53 -46.08
CA ASN C 549 17.47 -27.94 -45.02
C ASN C 549 18.40 -28.96 -44.39
N LYS C 550 17.88 -30.15 -44.20
CA LYS C 550 18.70 -31.16 -43.56
C LYS C 550 19.88 -31.48 -44.41
N LEU C 551 19.65 -31.38 -45.68
CA LEU C 551 20.67 -31.64 -46.64
C LEU C 551 21.76 -30.61 -46.46
N TYR C 552 21.35 -29.36 -46.31
CA TYR C 552 22.36 -28.31 -46.23
C TYR C 552 23.12 -28.29 -44.94
N ASP C 553 22.37 -28.06 -43.87
CA ASP C 553 22.92 -27.95 -42.52
C ASP C 553 24.07 -28.91 -42.30
N GLN C 554 23.94 -30.06 -42.97
CA GLN C 554 24.92 -31.12 -42.85
C GLN C 554 25.99 -31.20 -43.92
N HIS C 555 25.70 -30.76 -45.13
CA HIS C 555 26.76 -30.90 -46.13
C HIS C 555 27.33 -29.60 -46.59
N LEU C 556 26.50 -28.57 -46.56
CA LEU C 556 26.95 -27.29 -47.03
C LEU C 556 28.08 -26.68 -46.24
N GLY C 557 29.06 -26.25 -47.00
CA GLY C 557 30.27 -25.62 -46.50
C GLY C 557 31.27 -26.65 -46.02
N LYS C 558 30.76 -27.80 -45.63
CA LYS C 558 31.55 -28.88 -45.11
C LYS C 558 31.98 -29.84 -46.18
N SER C 559 31.23 -29.82 -47.29
CA SER C 559 31.53 -30.70 -48.40
C SER C 559 31.72 -29.96 -49.69
N ASN C 560 32.80 -30.35 -50.36
CA ASN C 560 33.28 -29.69 -51.54
C ASN C 560 32.46 -30.00 -52.79
N ASN C 561 32.05 -31.24 -52.88
CA ASN C 561 31.30 -31.64 -54.04
C ASN C 561 29.88 -31.16 -53.95
N PHE C 562 29.60 -30.67 -52.76
CA PHE C 562 28.29 -30.12 -52.43
C PHE C 562 28.28 -28.62 -52.65
N GLN C 563 27.25 -28.16 -53.32
CA GLN C 563 27.17 -26.77 -53.67
C GLN C 563 25.71 -26.32 -53.79
N LYS C 564 25.51 -25.01 -53.70
CA LYS C 564 24.21 -24.42 -53.87
C LYS C 564 24.13 -23.89 -55.28
N PRO C 565 23.03 -24.17 -55.98
CA PRO C 565 22.85 -23.76 -57.35
C PRO C 565 22.98 -22.29 -57.61
N LYS C 566 23.57 -22.03 -58.78
CA LYS C 566 23.81 -20.73 -59.37
C LYS C 566 22.67 -20.42 -60.32
N PRO C 567 21.69 -19.60 -59.89
CA PRO C 567 20.54 -19.27 -60.71
C PRO C 567 20.93 -18.84 -62.15
N ALA C 568 20.16 -19.31 -63.14
CA ALA C 568 20.36 -19.01 -64.55
C ALA C 568 19.04 -19.10 -65.34
N ALA C 572 14.59 -24.47 -65.30
CA ALA C 572 13.87 -24.21 -64.07
C ALA C 572 14.75 -23.81 -62.87
N GLU C 573 14.31 -24.26 -61.69
CA GLU C 573 14.95 -23.99 -60.41
C GLU C 573 15.96 -25.07 -60.02
N ALA C 574 16.65 -24.87 -58.90
CA ALA C 574 17.60 -25.85 -58.50
C ALA C 574 17.85 -25.78 -57.01
N HIS C 575 18.11 -26.91 -56.38
CA HIS C 575 18.33 -26.87 -54.97
C HIS C 575 19.68 -27.27 -54.59
N PHE C 576 20.31 -27.99 -55.48
CA PHE C 576 21.63 -28.38 -55.14
C PHE C 576 22.31 -29.03 -56.27
N SER C 577 23.55 -28.63 -56.36
CA SER C 577 24.38 -29.09 -57.40
C SER C 577 25.40 -29.99 -56.76
N LEU C 578 25.81 -30.91 -57.58
CA LEU C 578 26.83 -31.85 -57.27
C LEU C 578 27.93 -31.81 -58.32
N VAL C 579 29.09 -32.21 -57.91
CA VAL C 579 30.21 -32.20 -58.81
C VAL C 579 30.66 -33.59 -59.23
N HIS C 580 29.98 -34.09 -60.25
CA HIS C 580 30.25 -35.42 -60.78
C HIS C 580 31.45 -35.35 -61.71
N TYR C 581 32.01 -36.52 -62.07
CA TYR C 581 33.15 -36.50 -62.96
C TYR C 581 32.89 -35.76 -64.27
N ALA C 582 31.67 -35.98 -64.82
CA ALA C 582 31.26 -35.35 -66.08
C ALA C 582 31.03 -33.85 -65.99
N GLY C 583 30.69 -33.43 -64.78
CA GLY C 583 30.46 -32.04 -64.49
C GLY C 583 29.49 -31.81 -63.36
N THR C 584 28.96 -30.57 -63.33
CA THR C 584 28.05 -30.09 -62.30
C THR C 584 26.63 -30.31 -62.66
N VAL C 585 25.93 -30.99 -61.78
CA VAL C 585 24.52 -31.25 -62.05
C VAL C 585 23.68 -30.51 -61.01
N ASP C 586 22.74 -29.76 -61.53
CA ASP C 586 21.84 -28.96 -60.75
C ASP C 586 20.57 -29.77 -60.50
N TYR C 587 20.39 -30.15 -59.24
CA TYR C 587 19.27 -31.02 -58.85
C TYR C 587 18.15 -30.28 -58.16
N ASN C 588 16.93 -30.62 -58.59
CA ASN C 588 15.68 -30.11 -58.05
C ASN C 588 15.04 -31.18 -57.22
N ILE C 589 14.80 -30.87 -55.98
CA ILE C 589 14.25 -31.75 -54.96
C ILE C 589 12.77 -31.60 -54.76
N SER C 590 11.97 -31.99 -55.68
CA SER C 590 10.59 -31.72 -55.40
C SER C 590 9.70 -32.85 -55.80
N GLY C 591 9.40 -33.67 -54.83
CA GLY C 591 8.54 -34.79 -55.03
C GLY C 591 9.22 -35.97 -54.52
N TRP C 592 10.48 -35.63 -54.22
CA TRP C 592 11.38 -36.70 -53.82
C TRP C 592 10.85 -37.51 -52.70
N LEU C 593 10.48 -36.75 -51.66
CA LEU C 593 9.96 -37.41 -50.44
C LEU C 593 8.91 -38.42 -50.77
N GLU C 594 7.95 -37.98 -51.54
CA GLU C 594 6.86 -38.83 -52.01
C GLU C 594 7.28 -39.99 -52.86
N LYS C 595 7.91 -39.62 -53.98
CA LYS C 595 8.40 -40.57 -54.96
C LYS C 595 9.15 -41.62 -54.27
N ASN C 596 9.87 -41.17 -53.25
CA ASN C 596 10.65 -42.09 -52.49
C ASN C 596 9.82 -42.94 -51.50
N LYS C 597 8.60 -42.59 -51.24
CA LYS C 597 7.79 -43.35 -50.26
C LYS C 597 6.91 -44.42 -50.87
N ASP C 598 6.68 -44.27 -52.15
CA ASP C 598 5.84 -45.16 -52.89
C ASP C 598 4.55 -45.42 -52.17
N PRO C 599 12.40 -45.46 -46.35
CA PRO C 599 11.49 -45.64 -45.25
C PRO C 599 10.17 -46.27 -45.68
N LEU C 600 9.84 -47.39 -45.05
CA LEU C 600 8.64 -48.15 -45.33
C LEU C 600 7.94 -48.58 -44.03
N ASN C 601 6.62 -48.41 -43.94
CA ASN C 601 5.87 -48.81 -42.77
C ASN C 601 5.88 -50.29 -42.62
N GLU C 602 6.71 -50.69 -41.74
CA GLU C 602 6.95 -52.07 -41.44
C GLU C 602 5.78 -52.89 -40.95
N THR C 603 4.75 -52.21 -40.45
CA THR C 603 3.61 -52.93 -39.97
C THR C 603 2.90 -53.55 -41.14
N VAL C 604 2.71 -52.70 -42.13
CA VAL C 604 2.07 -53.10 -43.38
C VAL C 604 2.83 -54.23 -44.08
N ILE C 605 4.11 -54.02 -44.20
CA ILE C 605 4.98 -54.97 -44.83
C ILE C 605 4.75 -56.29 -44.18
N GLY C 606 4.41 -56.18 -42.91
CA GLY C 606 4.16 -57.37 -42.12
C GLY C 606 3.06 -58.14 -42.79
N LEU C 607 1.97 -57.43 -42.99
CA LEU C 607 0.79 -57.99 -43.61
C LEU C 607 1.13 -58.63 -44.94
N TYR C 608 1.95 -57.95 -45.72
CA TYR C 608 2.29 -58.46 -47.04
C TYR C 608 2.94 -59.79 -46.82
N GLN C 609 3.86 -59.75 -45.91
CA GLN C 609 4.66 -60.92 -45.58
C GLN C 609 3.82 -62.16 -45.28
N LYS C 610 2.57 -61.96 -44.90
CA LYS C 610 1.67 -63.05 -44.60
C LYS C 610 0.41 -63.02 -45.44
N SER C 611 0.57 -62.60 -46.68
CA SER C 611 -0.53 -62.53 -47.63
C SER C 611 -0.99 -63.88 -48.11
N SER C 612 -2.19 -63.89 -48.66
CA SER C 612 -2.75 -65.11 -49.23
C SER C 612 -2.28 -65.23 -50.67
N VAL C 613 -1.67 -64.14 -51.13
CA VAL C 613 -1.13 -64.01 -52.46
C VAL C 613 0.36 -64.19 -52.42
N LYS C 614 0.77 -65.44 -52.46
CA LYS C 614 2.11 -65.98 -52.31
C LYS C 614 3.17 -65.08 -52.89
N THR C 615 2.95 -64.75 -54.12
CA THR C 615 3.84 -63.86 -54.84
C THR C 615 4.10 -62.58 -54.07
N LEU C 616 3.04 -61.95 -53.64
CA LEU C 616 3.19 -60.73 -52.86
C LEU C 616 3.94 -61.05 -51.65
N ALA C 617 3.60 -62.20 -51.08
CA ALA C 617 4.31 -62.63 -49.91
C ALA C 617 5.79 -62.75 -50.20
N LEU C 618 6.10 -63.35 -51.28
CA LEU C 618 7.48 -63.54 -51.63
C LEU C 618 8.32 -62.32 -51.72
N LEU C 619 7.85 -61.41 -52.60
CA LEU C 619 8.53 -60.15 -52.88
C LEU C 619 9.13 -59.49 -51.66
N PHE C 620 8.47 -59.69 -50.51
CA PHE C 620 8.90 -59.00 -49.28
C PHE C 620 9.33 -60.01 -48.19
N ALA C 621 10.30 -60.91 -48.49
CA ALA C 621 10.82 -61.88 -47.51
C ALA C 621 12.22 -61.53 -47.02
N THR C 622 12.85 -60.70 -47.82
CA THR C 622 14.17 -60.19 -47.61
C THR C 622 14.15 -58.96 -46.67
N TYR C 623 12.98 -58.64 -46.18
CA TYR C 623 12.84 -57.51 -45.33
C TYR C 623 13.27 -57.80 -43.90
N GLN C 644 10.40 -49.20 -45.53
CA GLN C 644 11.31 -49.35 -46.67
C GLN C 644 11.03 -48.38 -47.82
N THR C 645 12.13 -47.71 -48.19
CA THR C 645 12.14 -46.71 -49.23
C THR C 645 12.44 -47.28 -50.62
N VAL C 646 12.31 -46.44 -51.64
CA VAL C 646 12.52 -46.77 -53.02
C VAL C 646 14.00 -46.78 -53.30
N SER C 647 14.62 -45.70 -52.86
CA SER C 647 16.04 -45.52 -53.02
C SER C 647 16.77 -46.57 -52.23
N ALA C 648 16.10 -47.10 -51.20
CA ALA C 648 16.64 -48.17 -50.37
C ALA C 648 17.06 -49.41 -51.15
N LEU C 649 16.30 -49.75 -52.17
CA LEU C 649 16.62 -50.92 -53.01
C LEU C 649 17.65 -50.64 -54.02
N PHE C 650 17.26 -49.64 -54.84
CA PHE C 650 18.03 -49.12 -55.93
C PHE C 650 19.51 -49.29 -55.57
N ARG C 651 19.82 -48.89 -54.35
CA ARG C 651 21.12 -49.01 -53.81
C ARG C 651 21.50 -50.49 -53.71
N GLU C 652 20.67 -51.31 -53.07
CA GLU C 652 20.85 -52.76 -52.83
C GLU C 652 21.05 -53.54 -54.11
N ASN C 653 20.32 -53.12 -55.10
CA ASN C 653 20.36 -53.71 -56.41
C ASN C 653 21.64 -53.26 -57.10
N LEU C 654 21.89 -51.97 -57.00
CA LEU C 654 23.10 -51.35 -57.56
C LEU C 654 24.34 -51.89 -56.89
N ASN C 655 24.19 -52.56 -55.79
CA ASN C 655 25.36 -53.09 -55.09
C ASN C 655 25.63 -54.49 -55.47
N LYS C 656 24.56 -55.19 -55.64
CA LYS C 656 24.52 -56.56 -56.01
C LYS C 656 25.08 -56.66 -57.39
N LEU C 657 24.98 -55.54 -58.10
CA LEU C 657 25.36 -55.39 -59.50
C LEU C 657 26.81 -55.10 -59.62
N MET C 658 27.20 -53.98 -59.02
CA MET C 658 28.60 -53.54 -59.02
C MET C 658 29.51 -54.61 -58.42
N ALA C 659 28.91 -55.58 -57.71
CA ALA C 659 29.66 -56.67 -57.10
C ALA C 659 29.84 -57.76 -58.12
N ASN C 660 28.83 -57.91 -58.92
CA ASN C 660 28.80 -58.92 -59.96
C ASN C 660 29.76 -58.42 -61.06
N LEU C 661 29.84 -57.10 -61.15
CA LEU C 661 30.66 -56.45 -62.14
C LEU C 661 32.16 -56.66 -61.84
N ARG C 662 32.49 -56.78 -60.54
CA ARG C 662 33.84 -56.96 -60.06
C ARG C 662 34.44 -58.32 -60.33
N SER C 663 33.67 -59.39 -60.04
CA SER C 663 34.09 -60.76 -60.31
C SER C 663 34.02 -61.03 -61.78
N THR C 664 34.26 -59.96 -62.53
CA THR C 664 34.18 -59.91 -63.94
C THR C 664 35.35 -59.21 -64.55
N HIS C 665 35.69 -59.62 -65.77
CA HIS C 665 36.67 -58.93 -66.58
C HIS C 665 35.95 -57.94 -67.49
N PRO C 666 35.91 -56.70 -67.09
CA PRO C 666 35.17 -55.67 -67.74
C PRO C 666 35.60 -55.45 -69.17
N HIS C 667 34.58 -55.38 -70.03
CA HIS C 667 34.69 -55.11 -71.43
C HIS C 667 33.71 -53.98 -71.71
N PHE C 668 34.21 -52.87 -72.20
CA PHE C 668 33.50 -51.64 -72.46
C PHE C 668 33.10 -51.29 -73.89
N VAL C 669 31.90 -50.80 -74.04
CA VAL C 669 31.29 -50.38 -75.29
C VAL C 669 30.49 -49.11 -75.10
N ARG C 670 30.86 -48.05 -75.80
CA ARG C 670 30.26 -46.73 -75.74
C ARG C 670 29.54 -46.42 -77.04
N CYS C 671 28.20 -46.29 -76.95
CA CYS C 671 27.37 -46.04 -78.11
C CYS C 671 27.16 -44.54 -78.32
N ILE C 672 27.29 -44.06 -79.55
CA ILE C 672 27.18 -42.65 -79.87
C ILE C 672 26.09 -42.26 -80.87
N ILE C 673 25.57 -41.05 -80.70
CA ILE C 673 24.50 -40.49 -81.49
C ILE C 673 24.93 -39.21 -82.17
N PRO C 674 25.08 -39.33 -83.47
CA PRO C 674 25.59 -38.36 -84.40
C PRO C 674 24.90 -37.05 -84.44
N ASN C 675 23.63 -37.06 -84.85
CA ASN C 675 22.84 -35.82 -84.94
C ASN C 675 21.40 -36.01 -84.56
N GLU C 676 20.91 -35.06 -83.79
CA GLU C 676 19.53 -35.09 -83.33
C GLU C 676 18.56 -35.23 -84.48
N THR C 677 18.99 -34.73 -85.61
CA THR C 677 18.16 -34.75 -86.81
C THR C 677 18.07 -36.07 -87.53
N LYS C 678 18.68 -37.16 -87.08
CA LYS C 678 18.52 -38.42 -87.81
C LYS C 678 19.01 -38.43 -89.26
N THR C 679 20.29 -38.27 -89.46
CA THR C 679 20.85 -38.23 -90.79
C THR C 679 22.11 -39.06 -90.83
N PRO C 680 22.16 -40.01 -91.72
CA PRO C 680 23.35 -40.82 -91.79
C PRO C 680 24.50 -39.97 -92.32
N GLY C 681 25.73 -40.40 -92.03
CA GLY C 681 26.95 -39.73 -92.42
C GLY C 681 27.14 -38.30 -91.88
N ALA C 682 26.43 -37.94 -90.83
CA ALA C 682 26.56 -36.59 -90.28
C ALA C 682 26.81 -36.51 -88.79
N MET C 683 27.28 -35.38 -88.32
CA MET C 683 27.57 -35.30 -86.93
C MET C 683 27.51 -33.92 -86.29
N GLU C 684 26.68 -33.66 -85.28
CA GLU C 684 26.86 -32.29 -84.79
C GLU C 684 28.05 -32.38 -83.87
N HIS C 685 28.85 -31.36 -83.87
CA HIS C 685 30.02 -31.40 -83.04
C HIS C 685 29.75 -31.49 -81.56
N GLU C 686 29.35 -30.37 -81.03
CA GLU C 686 29.14 -30.28 -79.61
C GLU C 686 28.27 -31.34 -79.03
N LEU C 687 27.47 -31.91 -79.86
CA LEU C 687 26.60 -32.98 -79.45
C LEU C 687 27.40 -34.26 -79.18
N VAL C 688 28.30 -34.59 -80.10
CA VAL C 688 29.19 -35.73 -79.92
C VAL C 688 30.20 -35.41 -78.78
N LEU C 689 30.64 -34.16 -78.75
CA LEU C 689 31.60 -33.72 -77.75
C LEU C 689 31.09 -34.02 -76.36
N HIS C 690 29.85 -33.71 -76.17
CA HIS C 690 29.20 -33.96 -74.91
C HIS C 690 29.36 -35.38 -74.45
N GLN C 691 28.85 -36.24 -75.30
CA GLN C 691 28.84 -37.63 -75.03
C GLN C 691 30.19 -38.09 -74.63
N LEU C 692 31.15 -37.59 -75.37
CA LEU C 692 32.50 -38.00 -75.09
C LEU C 692 32.99 -37.77 -73.68
N ARG C 693 32.49 -36.68 -73.06
CA ARG C 693 32.92 -36.34 -71.71
C ARG C 693 32.26 -37.20 -70.66
N CYS C 694 30.98 -37.38 -70.90
CA CYS C 694 30.11 -38.14 -70.05
C CYS C 694 30.26 -39.61 -70.33
N ASN C 695 30.94 -39.94 -71.39
CA ASN C 695 31.10 -41.32 -71.81
C ASN C 695 32.08 -42.05 -70.97
N GLY C 696 33.21 -41.35 -70.80
CA GLY C 696 34.40 -41.81 -70.18
C GLY C 696 35.55 -41.77 -71.17
N VAL C 697 35.21 -41.61 -72.44
CA VAL C 697 36.15 -41.59 -73.53
C VAL C 697 37.19 -40.51 -73.34
N LEU C 698 36.70 -39.32 -72.99
CA LEU C 698 37.63 -38.24 -72.80
C LEU C 698 38.43 -38.37 -71.55
N GLU C 699 37.94 -39.20 -70.65
CA GLU C 699 38.67 -39.38 -69.40
C GLU C 699 39.69 -40.48 -69.56
N GLY C 700 39.44 -41.33 -70.53
CA GLY C 700 40.37 -42.42 -70.78
C GLY C 700 41.56 -41.89 -71.54
N ILE C 701 41.32 -40.81 -72.29
CA ILE C 701 42.34 -40.22 -73.08
C ILE C 701 43.25 -39.47 -72.15
N ARG C 702 42.63 -38.80 -71.18
CA ARG C 702 43.35 -38.03 -70.15
C ARG C 702 44.39 -38.87 -69.42
N ILE C 703 43.86 -39.90 -68.81
CA ILE C 703 44.61 -40.89 -68.06
C ILE C 703 45.69 -41.51 -68.91
N CYS C 704 45.46 -41.50 -70.20
CA CYS C 704 46.40 -42.08 -71.11
C CYS C 704 47.58 -41.16 -71.25
N ARG C 705 47.21 -39.91 -71.50
CA ARG C 705 48.14 -38.84 -71.71
C ARG C 705 48.92 -38.44 -70.46
N LYS C 706 48.79 -39.21 -69.41
CA LYS C 706 49.50 -38.82 -68.22
C LYS C 706 50.70 -39.73 -68.09
N GLY C 707 51.32 -42.13 -69.95
CA GLY C 707 51.64 -41.86 -68.55
C GLY C 707 53.02 -41.20 -68.51
N PHE C 708 53.85 -41.75 -67.67
CA PHE C 708 55.21 -41.32 -67.54
C PHE C 708 56.12 -42.50 -67.87
N PRO C 709 56.45 -42.61 -69.16
CA PRO C 709 57.25 -43.69 -69.68
C PRO C 709 58.55 -43.93 -68.90
N SER C 710 59.59 -43.25 -69.34
CA SER C 710 60.90 -43.32 -68.72
C SER C 710 60.86 -42.92 -67.25
N ARG C 711 61.45 -43.78 -66.44
CA ARG C 711 61.53 -43.57 -64.99
C ARG C 711 62.93 -43.84 -64.50
N VAL C 712 63.56 -42.78 -64.01
CA VAL C 712 64.92 -42.83 -63.55
C VAL C 712 65.05 -43.08 -62.08
N LEU C 713 65.91 -44.01 -61.79
CA LEU C 713 66.29 -44.30 -60.43
C LEU C 713 67.28 -43.18 -60.06
N TYR C 714 67.05 -42.71 -58.89
CA TYR C 714 67.78 -41.59 -58.28
C TYR C 714 69.31 -41.49 -58.38
N ALA C 715 70.05 -42.52 -57.99
CA ALA C 715 71.51 -42.49 -58.12
C ALA C 715 71.93 -42.48 -59.56
N ASP C 716 71.20 -43.34 -60.31
CA ASP C 716 71.33 -43.50 -61.74
C ASP C 716 71.03 -42.16 -62.38
N PHE C 717 70.38 -41.31 -61.55
CA PHE C 717 70.00 -39.98 -61.98
C PHE C 717 71.04 -38.94 -61.63
N LYS C 718 71.65 -39.17 -60.49
CA LYS C 718 72.67 -38.26 -59.98
C LYS C 718 73.85 -38.26 -60.93
N GLN C 719 74.60 -39.38 -60.83
CA GLN C 719 75.75 -39.64 -61.64
C GLN C 719 75.75 -39.06 -63.05
N ARG C 720 74.76 -39.51 -63.82
CA ARG C 720 74.64 -39.12 -65.22
C ARG C 720 74.38 -37.64 -65.51
N TYR C 721 73.75 -36.97 -64.53
CA TYR C 721 73.37 -35.58 -64.80
C TYR C 721 73.87 -34.50 -63.86
N ARG C 722 74.56 -34.90 -62.79
CA ARG C 722 75.12 -33.95 -61.80
C ARG C 722 75.69 -32.71 -62.49
N VAL C 723 76.50 -33.01 -63.50
CA VAL C 723 77.20 -32.11 -64.37
C VAL C 723 76.39 -30.96 -64.95
N LEU C 724 75.08 -31.06 -64.89
CA LEU C 724 74.26 -30.05 -65.53
C LEU C 724 74.19 -28.71 -64.82
N ASN C 725 74.34 -28.78 -63.50
CA ASN C 725 74.30 -27.60 -62.64
C ASN C 725 74.94 -28.00 -61.33
N ALA C 726 75.91 -28.89 -61.49
CA ALA C 726 76.71 -29.50 -60.43
C ALA C 726 76.93 -28.65 -59.19
N SER C 727 76.73 -27.36 -59.31
CA SER C 727 76.94 -26.48 -58.18
C SER C 727 75.76 -26.40 -57.22
N ALA C 728 74.57 -26.83 -57.66
CA ALA C 728 73.41 -26.77 -56.79
C ALA C 728 73.68 -27.64 -55.57
N ILE C 729 75.42 -26.88 -55.32
CA ILE C 729 76.40 -27.72 -54.69
C ILE C 729 76.52 -27.93 -53.18
N PRO C 730 76.70 -27.03 -52.20
CA PRO C 730 76.94 -27.50 -50.82
C PRO C 730 75.80 -28.37 -50.27
N GLU C 731 74.58 -27.88 -50.48
CA GLU C 731 73.35 -28.59 -50.15
C GLU C 731 72.95 -29.72 -51.11
N GLY C 732 73.50 -29.75 -52.33
CA GLY C 732 73.33 -30.86 -53.27
C GLY C 732 74.36 -32.00 -53.12
N GLN C 733 75.51 -31.71 -52.48
CA GLN C 733 76.56 -32.67 -52.16
C GLN C 733 76.60 -33.31 -50.77
N PHE C 734 76.32 -32.60 -49.67
CA PHE C 734 76.20 -33.19 -48.32
C PHE C 734 74.89 -33.99 -48.27
N MET C 735 74.97 -35.44 -49.06
CA MET C 735 73.60 -35.29 -49.56
C MET C 735 72.91 -36.64 -49.57
N ASP C 736 71.70 -36.59 -50.11
CA ASP C 736 70.82 -37.72 -50.21
C ASP C 736 70.70 -38.18 -51.66
N SER C 737 70.56 -39.48 -51.84
CA SER C 737 70.42 -40.08 -53.17
C SER C 737 69.11 -39.64 -53.83
N LYS C 738 68.14 -39.25 -52.99
CA LYS C 738 66.85 -38.79 -53.49
C LYS C 738 66.71 -37.28 -53.54
N LYS C 739 66.71 -36.65 -52.36
CA LYS C 739 66.56 -35.21 -52.22
C LYS C 739 67.42 -34.45 -53.21
N ALA C 740 68.52 -35.09 -53.57
CA ALA C 740 69.47 -34.54 -54.52
C ALA C 740 68.81 -34.27 -55.86
N SER C 741 68.44 -35.37 -56.54
CA SER C 741 67.80 -35.29 -57.85
C SER C 741 66.72 -34.24 -57.82
N GLU C 742 66.12 -34.15 -56.62
CA GLU C 742 65.08 -33.18 -56.42
C GLU C 742 65.70 -31.83 -56.66
N LYS C 743 66.59 -31.55 -55.71
CA LYS C 743 67.32 -30.32 -55.72
C LYS C 743 67.89 -30.02 -57.09
N LEU C 744 68.48 -31.03 -57.75
CA LEU C 744 69.08 -30.78 -59.05
C LEU C 744 68.18 -30.13 -60.06
N LEU C 745 67.04 -30.73 -60.24
CA LEU C 745 66.13 -30.20 -61.23
C LEU C 745 65.79 -28.74 -61.02
N GLY C 746 66.28 -28.20 -59.91
CA GLY C 746 66.14 -26.81 -59.58
C GLY C 746 66.52 -26.00 -60.80
N SER C 747 67.69 -26.30 -61.42
CA SER C 747 68.11 -25.57 -62.61
C SER C 747 67.63 -26.16 -63.95
N ILE C 748 67.87 -25.40 -65.02
CA ILE C 748 67.53 -25.78 -66.37
C ILE C 748 66.32 -25.03 -66.90
N ASP C 749 66.31 -24.70 -68.19
CA ASP C 749 65.17 -24.02 -68.71
C ASP C 749 64.11 -25.05 -69.24
N VAL C 750 63.94 -26.12 -68.40
CA VAL C 750 63.08 -27.33 -68.57
C VAL C 750 61.66 -27.30 -67.97
N ASP C 751 60.68 -28.02 -68.60
CA ASP C 751 59.31 -28.10 -68.10
C ASP C 751 59.22 -28.83 -66.76
N HIS C 752 58.99 -28.08 -65.71
CA HIS C 752 58.98 -28.64 -64.36
C HIS C 752 57.71 -29.45 -64.04
N THR C 753 56.97 -29.68 -65.11
CA THR C 753 55.71 -30.39 -65.22
C THR C 753 55.95 -31.86 -65.56
N GLN C 754 56.47 -32.00 -66.79
CA GLN C 754 56.86 -33.22 -67.43
C GLN C 754 57.46 -34.29 -66.53
N TYR C 755 57.79 -34.00 -65.31
CA TYR C 755 58.35 -35.04 -64.46
C TYR C 755 57.55 -35.19 -63.19
N ARG C 756 57.96 -36.17 -62.40
CA ARG C 756 57.25 -36.38 -61.15
C ARG C 756 58.08 -37.33 -60.37
N PHE C 757 58.19 -36.97 -59.10
CA PHE C 757 59.03 -37.74 -58.22
C PHE C 757 58.22 -38.63 -57.36
N GLY C 758 58.93 -39.60 -56.79
CA GLY C 758 58.33 -40.54 -55.90
C GLY C 758 59.40 -41.35 -55.22
N HIS C 759 59.01 -41.98 -54.13
CA HIS C 759 59.85 -42.80 -53.28
C HIS C 759 61.05 -43.53 -53.84
N THR C 760 61.04 -43.98 -55.08
CA THR C 760 62.24 -44.66 -55.54
C THR C 760 62.75 -44.08 -56.84
N LYS C 761 61.92 -43.24 -57.45
CA LYS C 761 62.36 -42.70 -58.70
C LYS C 761 61.54 -41.58 -59.25
N VAL C 762 62.06 -40.96 -60.28
CA VAL C 762 61.39 -39.86 -60.90
C VAL C 762 60.68 -40.40 -62.09
N PHE C 763 59.63 -39.72 -62.41
CA PHE C 763 58.91 -40.08 -63.55
C PHE C 763 59.07 -38.97 -64.50
N PHE C 764 59.17 -39.37 -65.77
CA PHE C 764 59.42 -38.42 -66.84
C PHE C 764 58.61 -38.70 -68.07
N LYS C 765 58.15 -37.69 -68.81
CA LYS C 765 57.45 -37.87 -70.04
C LYS C 765 58.50 -38.17 -71.10
N ALA C 766 58.07 -38.12 -72.36
CA ALA C 766 58.92 -38.36 -73.49
C ALA C 766 59.82 -37.18 -73.84
N GLY C 767 60.79 -37.52 -74.68
CA GLY C 767 61.77 -36.59 -75.24
C GLY C 767 62.34 -35.65 -74.22
N LEU C 768 62.22 -36.01 -72.97
CA LEU C 768 62.72 -35.16 -71.95
C LEU C 768 64.11 -35.54 -71.60
N LEU C 769 64.18 -36.80 -71.20
CA LEU C 769 65.42 -37.42 -70.89
C LEU C 769 66.30 -37.16 -72.11
N GLY C 770 65.66 -37.10 -73.25
CA GLY C 770 66.34 -36.79 -74.47
C GLY C 770 66.88 -35.39 -74.36
N LEU C 771 66.08 -34.53 -73.79
CA LEU C 771 66.52 -33.14 -73.63
C LEU C 771 67.67 -33.07 -72.70
N LEU C 772 67.53 -33.75 -71.57
CA LEU C 772 68.58 -33.80 -70.58
C LEU C 772 69.97 -34.08 -71.18
N GLU C 773 70.10 -35.26 -71.71
CA GLU C 773 71.28 -35.73 -72.37
C GLU C 773 71.96 -34.69 -73.23
N GLU C 774 71.10 -34.04 -74.06
CA GLU C 774 71.62 -33.05 -74.98
C GLU C 774 72.44 -32.01 -74.25
N MET C 775 71.84 -31.48 -73.21
CA MET C 775 72.49 -30.49 -72.40
C MET C 775 73.78 -31.09 -71.90
N ARG C 776 73.65 -32.31 -71.51
CA ARG C 776 74.75 -33.04 -71.01
C ARG C 776 75.81 -33.12 -72.05
N ASP C 777 75.39 -33.47 -73.25
CA ASP C 777 76.29 -33.60 -74.37
C ASP C 777 77.16 -32.37 -74.49
N ASP C 778 76.52 -31.20 -74.55
CA ASP C 778 77.31 -29.99 -74.61
C ASP C 778 78.26 -29.91 -73.44
N LYS C 779 77.83 -30.39 -72.30
CA LYS C 779 78.65 -30.21 -71.16
C LYS C 779 79.91 -31.02 -71.12
N LEU C 780 80.00 -31.93 -72.05
CA LEU C 780 81.21 -32.73 -72.03
C LEU C 780 82.20 -32.22 -73.03
N ALA C 781 81.66 -31.58 -74.08
CA ALA C 781 82.50 -31.01 -75.10
C ALA C 781 83.41 -30.10 -74.28
N GLU C 782 82.76 -29.32 -73.41
CA GLU C 782 83.41 -28.43 -72.47
C GLU C 782 84.45 -29.31 -71.77
N ILE C 783 83.99 -30.20 -70.93
CA ILE C 783 84.83 -31.11 -70.16
C ILE C 783 85.89 -31.81 -70.93
N ILE C 784 85.55 -32.29 -72.11
CA ILE C 784 86.55 -33.02 -72.84
C ILE C 784 87.57 -32.14 -73.49
N THR C 785 87.06 -31.32 -74.43
CA THR C 785 87.86 -30.38 -75.20
C THR C 785 88.96 -29.75 -74.33
N ARG C 786 88.60 -29.37 -73.13
CA ARG C 786 89.52 -28.82 -72.18
C ARG C 786 90.47 -29.88 -71.68
N THR C 787 89.97 -31.08 -71.49
CA THR C 787 90.88 -32.13 -70.98
C THR C 787 91.76 -32.64 -72.09
N GLN C 788 91.34 -32.39 -73.30
CA GLN C 788 92.15 -32.85 -74.39
C GLN C 788 93.39 -32.01 -74.41
N ALA C 789 93.15 -30.71 -74.67
CA ALA C 789 94.15 -29.68 -74.72
C ALA C 789 95.41 -29.91 -73.85
N ARG C 790 95.22 -29.90 -72.54
CA ARG C 790 96.27 -30.07 -71.55
C ARG C 790 97.14 -31.25 -71.97
N CYS C 791 96.42 -32.34 -72.22
CA CYS C 791 97.05 -33.54 -72.70
C CYS C 791 97.97 -33.21 -73.88
N ARG C 792 97.33 -32.70 -74.95
CA ARG C 792 97.98 -32.30 -76.19
C ARG C 792 99.19 -31.50 -75.80
N GLY C 793 98.91 -30.45 -75.03
CA GLY C 793 99.91 -29.53 -74.55
C GLY C 793 100.98 -30.41 -74.00
N PHE C 794 100.66 -30.95 -72.85
CA PHE C 794 101.55 -31.84 -72.13
C PHE C 794 102.25 -32.84 -73.00
N LEU C 795 101.55 -33.27 -74.00
CA LEU C 795 102.18 -34.26 -74.82
C LEU C 795 103.44 -33.78 -75.49
N MET C 796 103.32 -32.60 -76.02
CA MET C 796 104.46 -32.04 -76.68
C MET C 796 105.48 -31.55 -75.69
N ARG C 797 105.02 -31.19 -74.51
CA ARG C 797 105.92 -30.69 -73.48
C ARG C 797 106.97 -31.72 -73.15
N VAL C 798 106.72 -33.01 -73.47
CA VAL C 798 107.66 -34.08 -73.12
C VAL C 798 108.57 -34.29 -74.29
N GLU C 799 108.08 -33.82 -75.43
CA GLU C 799 108.84 -33.93 -76.64
C GLU C 799 109.98 -32.96 -76.61
N TYR C 800 109.70 -31.76 -76.09
CA TYR C 800 110.77 -30.85 -75.96
C TYR C 800 111.90 -31.45 -75.06
N ARG C 801 111.56 -32.06 -73.92
CA ARG C 801 112.53 -32.69 -72.94
C ARG C 801 113.39 -33.79 -73.54
N ARG C 802 112.88 -34.33 -74.62
CA ARG C 802 113.55 -35.40 -75.33
C ARG C 802 114.43 -34.77 -76.41
N MET C 803 113.83 -33.89 -77.21
CA MET C 803 114.52 -33.17 -78.28
C MET C 803 115.83 -32.61 -77.78
N VAL C 804 115.67 -31.89 -76.67
CA VAL C 804 116.73 -31.24 -75.95
C VAL C 804 117.83 -32.20 -75.45
N GLU C 805 117.44 -33.29 -74.80
CA GLU C 805 118.37 -34.30 -74.30
C GLU C 805 119.29 -34.71 -75.45
N ARG C 806 118.61 -35.16 -76.47
CA ARG C 806 119.11 -35.60 -77.74
C ARG C 806 120.14 -34.69 -78.36
N ARG C 807 119.94 -33.39 -78.09
CA ARG C 807 120.74 -32.29 -78.61
C ARG C 807 122.15 -32.66 -78.97
N GLU C 808 122.87 -33.11 -77.97
CA GLU C 808 124.23 -33.44 -78.23
C GLU C 808 124.51 -34.80 -78.77
N SER C 809 123.82 -35.81 -78.24
CA SER C 809 124.07 -37.16 -78.69
C SER C 809 124.03 -37.28 -80.18
N ILE C 810 123.32 -36.35 -80.79
CA ILE C 810 123.26 -36.31 -82.23
C ILE C 810 124.61 -35.89 -82.78
N PHE C 811 124.97 -34.66 -82.42
CA PHE C 811 126.19 -33.99 -82.77
C PHE C 811 127.31 -34.97 -82.76
N CYS C 812 127.38 -35.63 -81.63
CA CYS C 812 128.37 -36.66 -81.42
C CYS C 812 128.27 -37.60 -82.55
N ILE C 813 127.07 -38.03 -82.79
CA ILE C 813 126.90 -38.93 -83.89
C ILE C 813 127.21 -38.18 -85.16
N GLN C 814 126.68 -36.97 -85.27
CA GLN C 814 126.86 -36.15 -86.48
C GLN C 814 128.30 -36.07 -86.94
N TYR C 815 129.07 -35.30 -86.21
CA TYR C 815 130.47 -35.10 -86.51
C TYR C 815 131.23 -36.41 -86.71
N ASN C 816 131.06 -37.29 -85.74
CA ASN C 816 131.73 -38.59 -85.69
C ASN C 816 131.81 -39.39 -86.95
N VAL C 817 130.72 -39.34 -87.71
CA VAL C 817 130.58 -40.04 -88.98
C VAL C 817 131.43 -39.38 -90.05
N ARG C 818 131.18 -38.07 -90.15
CA ARG C 818 131.88 -37.22 -91.06
C ARG C 818 133.38 -37.48 -91.09
N SER C 819 133.99 -37.61 -89.88
CA SER C 819 135.39 -37.90 -89.72
C SER C 819 135.72 -38.99 -90.69
N PHE C 820 135.23 -40.13 -90.31
CA PHE C 820 135.40 -41.35 -90.99
C PHE C 820 135.31 -41.28 -92.50
N MET C 821 134.33 -40.58 -92.99
CA MET C 821 134.17 -40.43 -94.41
C MET C 821 135.36 -39.76 -95.09
N ASN C 822 136.07 -39.03 -94.28
CA ASN C 822 137.20 -38.28 -94.76
C ASN C 822 138.47 -39.03 -94.63
N VAL C 823 138.54 -39.65 -93.46
CA VAL C 823 139.66 -40.39 -93.05
C VAL C 823 139.88 -41.68 -93.77
N LYS C 824 138.86 -42.53 -93.76
CA LYS C 824 138.88 -43.84 -94.39
C LYS C 824 139.62 -43.89 -95.72
N HIS C 825 139.81 -42.72 -96.38
CA HIS C 825 140.51 -42.71 -97.66
C HIS C 825 142.00 -42.33 -97.52
N TRP C 826 142.42 -41.90 -96.32
CA TRP C 826 143.79 -41.45 -95.91
C TRP C 826 144.82 -42.55 -95.58
N PRO C 827 145.90 -42.61 -96.38
CA PRO C 827 146.99 -43.56 -96.26
C PRO C 827 147.29 -43.94 -94.83
N TRP C 828 147.59 -42.90 -94.11
CA TRP C 828 147.97 -42.99 -92.71
C TRP C 828 146.92 -43.65 -91.92
N MET C 829 145.68 -43.39 -92.31
CA MET C 829 144.64 -44.02 -91.53
C MET C 829 144.46 -45.48 -91.91
N LYS C 830 144.61 -45.83 -93.16
CA LYS C 830 144.53 -47.20 -93.53
C LYS C 830 145.62 -47.97 -92.89
N LEU C 831 146.76 -47.33 -92.87
CA LEU C 831 147.94 -47.94 -92.25
C LEU C 831 147.65 -48.32 -90.82
N PHE C 832 147.25 -47.32 -90.06
CA PHE C 832 146.89 -47.51 -88.64
C PHE C 832 145.93 -48.65 -88.50
N PHE C 833 145.08 -48.74 -89.51
CA PHE C 833 144.08 -49.76 -89.56
C PHE C 833 144.67 -51.14 -89.69
N LYS C 834 145.47 -51.38 -90.74
CA LYS C 834 145.99 -52.73 -90.84
C LYS C 834 146.83 -53.02 -89.61
N ILE C 835 147.49 -51.99 -89.16
CA ILE C 835 148.39 -52.11 -88.03
C ILE C 835 147.77 -52.19 -86.64
N LYS C 836 146.67 -51.48 -86.43
CA LYS C 836 145.93 -51.46 -85.18
C LYS C 836 145.78 -52.80 -84.52
N PRO C 837 145.88 -53.87 -85.27
CA PRO C 837 145.70 -55.14 -84.62
C PRO C 837 146.90 -55.72 -83.95
N LEU C 838 148.06 -55.66 -84.63
CA LEU C 838 149.30 -56.20 -84.07
C LEU C 838 149.59 -55.66 -82.66
N LEU C 839 148.87 -54.63 -82.29
CA LEU C 839 149.07 -54.01 -81.03
C LEU C 839 148.43 -54.75 -79.92
N LYS C 840 148.74 -54.26 -78.75
CA LYS C 840 148.20 -54.83 -77.53
C LYS C 840 147.97 -53.72 -76.52
N ASN A 1 113.31 -31.81 -136.75
CA ASN A 1 112.13 -32.47 -136.15
C ASN A 1 111.85 -33.81 -136.85
N VAL A 2 112.09 -33.73 -138.15
CA VAL A 2 112.00 -34.81 -139.12
C VAL A 2 112.98 -35.99 -139.08
N PHE A 3 114.06 -35.88 -138.32
CA PHE A 3 114.81 -37.11 -138.01
C PHE A 3 114.55 -37.61 -136.56
N SER A 4 113.93 -36.80 -135.70
CA SER A 4 113.62 -37.20 -134.31
C SER A 4 112.50 -38.17 -133.89
N MET A 5 111.32 -38.25 -134.51
CA MET A 5 110.38 -39.38 -134.29
C MET A 5 111.04 -40.47 -135.21
N PHE A 6 110.49 -40.86 -136.35
CA PHE A 6 111.24 -41.49 -137.46
C PHE A 6 112.19 -42.68 -137.29
N ASP A 7 111.58 -43.78 -136.88
CA ASP A 7 112.27 -45.04 -136.64
C ASP A 7 112.83 -45.80 -137.86
N GLN A 8 113.80 -46.69 -137.64
CA GLN A 8 114.42 -47.50 -138.70
C GLN A 8 113.45 -48.20 -139.66
N THR A 9 112.38 -48.79 -139.11
CA THR A 9 111.30 -49.40 -139.90
C THR A 9 110.65 -48.40 -140.86
N GLN A 10 110.10 -47.28 -140.36
CA GLN A 10 109.57 -46.18 -141.20
C GLN A 10 110.52 -45.79 -142.33
N ILE A 11 111.79 -45.57 -141.97
CA ILE A 11 112.84 -45.25 -142.94
C ILE A 11 113.06 -46.37 -143.97
N GLN A 12 113.03 -47.66 -143.61
CA GLN A 12 113.12 -48.76 -144.56
C GLN A 12 111.91 -48.84 -145.49
N ASP A 13 110.68 -48.68 -144.99
CA ASP A 13 109.46 -48.57 -145.80
C ASP A 13 109.66 -47.48 -146.87
N PHE A 14 110.13 -46.30 -146.47
CA PHE A 14 110.53 -45.24 -147.39
C PHE A 14 111.63 -45.67 -148.37
N LYS A 15 112.76 -46.25 -147.95
CA LYS A 15 113.82 -46.76 -148.85
C LYS A 15 113.31 -47.74 -149.93
N GLU A 16 112.50 -48.73 -149.56
CA GLU A 16 111.85 -49.62 -150.51
C GLU A 16 110.93 -48.85 -151.45
N ALA A 17 110.09 -47.94 -150.93
CA ALA A 17 109.26 -47.07 -151.77
C ALA A 17 110.04 -46.25 -152.81
N PHE A 18 111.16 -45.67 -152.39
CA PHE A 18 112.08 -44.98 -153.30
C PHE A 18 112.58 -45.97 -154.36
N THR A 19 113.19 -47.12 -154.01
CA THR A 19 113.63 -48.08 -155.03
C THR A 19 112.56 -48.63 -155.98
N VAL A 20 111.28 -48.62 -155.60
CA VAL A 20 110.19 -48.93 -156.54
C VAL A 20 109.88 -47.78 -157.51
N ILE A 21 109.97 -46.52 -157.07
CA ILE A 21 109.81 -45.40 -157.99
C ILE A 21 111.09 -45.17 -158.84
N ASP A 22 112.27 -45.46 -158.28
CA ASP A 22 113.59 -45.45 -158.94
C ASP A 22 113.75 -46.46 -160.10
N GLN A 23 113.02 -46.34 -161.22
CA GLN A 23 113.09 -47.28 -162.35
C GLN A 23 114.47 -47.72 -162.85
N ASN A 24 115.33 -46.73 -163.01
CA ASN A 24 116.67 -46.97 -163.55
C ASN A 24 117.68 -47.60 -162.59
N ARG A 25 117.38 -47.71 -161.29
CA ARG A 25 118.30 -48.16 -160.22
C ARG A 25 119.53 -47.28 -159.91
N ASP A 26 119.79 -46.26 -160.73
CA ASP A 26 120.83 -45.24 -160.54
C ASP A 26 121.04 -44.64 -159.14
N GLY A 27 119.96 -44.32 -158.43
CA GLY A 27 120.04 -43.72 -157.10
C GLY A 27 119.30 -42.37 -156.95
N ILE A 28 118.91 -41.83 -158.11
CA ILE A 28 118.18 -40.57 -158.20
C ILE A 28 116.86 -40.79 -158.95
N ILE A 29 115.71 -40.47 -158.36
CA ILE A 29 114.45 -40.47 -159.12
C ILE A 29 114.32 -39.21 -159.94
N ASP A 30 113.90 -39.35 -161.20
CA ASP A 30 113.62 -38.20 -162.04
C ASP A 30 112.23 -38.24 -162.72
N LYS A 31 111.97 -37.38 -163.70
CA LYS A 31 110.69 -37.35 -164.43
C LYS A 31 110.33 -38.66 -165.09
N ASP A 32 111.31 -39.31 -165.70
CA ASP A 32 111.15 -40.60 -166.35
C ASP A 32 110.74 -41.68 -165.36
N ASP A 33 111.47 -41.80 -164.24
CA ASP A 33 111.14 -42.70 -163.14
C ASP A 33 109.70 -42.53 -162.62
N LEU A 34 109.26 -41.30 -162.39
CA LEU A 34 107.85 -41.03 -162.08
C LEU A 34 106.88 -41.47 -163.19
N ARG A 35 107.08 -41.06 -164.45
CA ARG A 35 106.23 -41.47 -165.59
C ARG A 35 105.90 -42.95 -165.71
N GLU A 36 106.91 -43.84 -165.79
CA GLU A 36 106.56 -45.27 -165.85
C GLU A 36 106.13 -45.83 -164.51
N THR A 37 106.43 -45.30 -163.29
CA THR A 37 105.77 -45.85 -162.09
C THR A 37 104.27 -45.58 -162.14
N PHE A 38 103.86 -44.39 -162.58
CA PHE A 38 102.45 -44.09 -162.81
C PHE A 38 101.83 -45.03 -163.84
N ALA A 39 102.50 -45.23 -164.99
CA ALA A 39 102.09 -46.19 -166.01
C ALA A 39 101.96 -47.63 -165.49
N ALA A 40 102.94 -48.15 -164.74
CA ALA A 40 102.88 -49.47 -164.10
C ALA A 40 101.69 -49.63 -163.12
N MET A 41 101.34 -48.56 -162.42
CA MET A 41 100.14 -48.53 -161.58
C MET A 41 98.81 -48.32 -162.33
N GLY A 42 98.84 -48.22 -163.67
CA GLY A 42 97.64 -48.02 -164.48
C GLY A 42 97.38 -46.59 -164.96
N ARG A 43 98.09 -45.60 -164.46
CA ARG A 43 97.87 -44.20 -164.85
C ARG A 43 98.61 -43.76 -166.10
N LEU A 44 97.92 -43.72 -167.24
CA LEU A 44 98.53 -43.30 -168.49
C LEU A 44 98.37 -41.82 -168.88
N ASN A 45 97.38 -41.15 -168.29
CA ASN A 45 97.04 -39.76 -168.63
C ASN A 45 97.88 -38.63 -168.02
N VAL A 46 99.11 -38.93 -167.59
CA VAL A 46 99.95 -37.97 -166.86
C VAL A 46 100.55 -36.83 -167.71
N LYS A 47 100.26 -35.60 -167.32
CA LYS A 47 100.77 -34.44 -168.04
C LYS A 47 102.05 -33.87 -167.41
N ASN A 48 103.03 -33.44 -168.22
CA ASN A 48 104.30 -32.89 -167.69
C ASN A 48 104.18 -31.92 -166.51
N GLU A 49 103.27 -30.96 -166.52
CA GLU A 49 103.05 -30.04 -165.38
C GLU A 49 102.85 -30.70 -164.01
N GLU A 50 102.22 -31.87 -163.97
CA GLU A 50 102.03 -32.66 -162.75
C GLU A 50 103.36 -33.30 -162.31
N LEU A 51 104.10 -33.91 -163.25
CA LEU A 51 105.44 -34.48 -162.98
C LEU A 51 106.44 -33.44 -162.49
N ASP A 52 106.46 -32.32 -163.21
CA ASP A 52 107.24 -31.14 -162.87
C ASP A 52 106.84 -30.58 -161.50
N ALA A 53 105.55 -30.41 -161.19
CA ALA A 53 105.10 -29.96 -159.87
C ALA A 53 105.67 -30.81 -158.73
N MET A 54 105.62 -32.14 -158.89
CA MET A 54 106.26 -33.09 -157.97
C MET A 54 107.73 -32.76 -157.71
N ILE A 55 108.53 -32.77 -158.80
CA ILE A 55 109.97 -32.48 -158.70
C ILE A 55 110.32 -31.10 -158.13
N LYS A 56 109.60 -30.05 -158.55
CA LYS A 56 109.80 -28.68 -158.05
C LYS A 56 109.84 -28.47 -156.52
N GLU A 57 109.25 -29.38 -155.76
CA GLU A 57 109.31 -29.32 -154.31
C GLU A 57 110.72 -29.44 -153.72
N ALA A 58 111.66 -30.05 -154.45
CA ALA A 58 113.04 -30.16 -154.00
C ALA A 58 114.03 -29.22 -154.70
N SER A 59 115.07 -28.75 -153.99
CA SER A 59 116.07 -27.85 -154.59
C SER A 59 117.14 -28.50 -155.47
N GLY A 60 117.36 -29.80 -155.29
CA GLY A 60 118.38 -30.52 -156.04
C GLY A 60 117.91 -31.83 -156.69
N PRO A 61 118.84 -32.71 -157.10
CA PRO A 61 118.48 -34.08 -157.51
C PRO A 61 117.71 -34.82 -156.41
N ILE A 62 116.66 -35.58 -156.69
CA ILE A 62 115.84 -36.07 -155.59
C ILE A 62 116.39 -37.18 -154.67
N ASN A 63 117.64 -37.65 -154.86
CA ASN A 63 118.39 -38.59 -153.99
C ASN A 63 117.87 -39.05 -152.62
N PHE A 64 117.90 -40.34 -152.23
CA PHE A 64 117.43 -40.86 -150.92
C PHE A 64 117.24 -39.90 -149.73
N THR A 65 118.28 -39.15 -149.41
CA THR A 65 118.26 -38.11 -148.37
C THR A 65 117.34 -36.93 -148.69
N VAL A 66 117.41 -36.34 -149.90
CA VAL A 66 116.53 -35.24 -150.32
C VAL A 66 115.07 -35.72 -150.25
N PHE A 67 114.77 -36.93 -150.72
CA PHE A 67 113.44 -37.54 -150.50
C PHE A 67 113.05 -37.60 -149.03
N LEU A 68 113.79 -38.37 -148.20
CA LEU A 68 113.53 -38.52 -146.78
C LEU A 68 113.34 -37.20 -146.03
N THR A 69 114.16 -36.18 -146.31
CA THR A 69 113.97 -34.85 -145.73
C THR A 69 112.67 -34.24 -146.23
N MET A 70 112.38 -34.17 -147.54
CA MET A 70 111.10 -33.64 -148.04
C MET A 70 109.82 -34.30 -147.51
N PHE A 71 109.85 -35.63 -147.33
CA PHE A 71 108.69 -36.36 -146.80
C PHE A 71 108.56 -36.30 -145.30
N GLY A 72 109.70 -36.27 -144.62
CA GLY A 72 109.68 -36.01 -143.19
C GLY A 72 109.09 -34.62 -142.96
N GLU A 73 109.62 -33.57 -143.59
CA GLU A 73 109.12 -32.19 -143.45
C GLU A 73 107.62 -31.93 -143.53
N LYS A 74 106.90 -32.76 -144.26
CA LYS A 74 105.44 -32.68 -144.32
C LYS A 74 104.72 -33.42 -143.18
N LEU A 75 105.39 -34.42 -142.63
CA LEU A 75 104.90 -35.21 -141.51
C LEU A 75 105.53 -34.82 -140.16
N LYS A 76 105.99 -33.57 -139.97
CA LYS A 76 106.59 -33.08 -138.72
C LYS A 76 105.91 -33.35 -137.38
N GLY A 77 104.63 -33.70 -137.46
CA GLY A 77 103.83 -34.11 -136.31
C GLY A 77 103.08 -35.40 -136.59
N ALA A 78 103.77 -36.40 -137.13
CA ALA A 78 103.17 -37.71 -137.41
C ALA A 78 103.93 -38.93 -136.88
N ASP A 79 103.25 -39.69 -136.05
CA ASP A 79 103.79 -40.91 -135.47
C ASP A 79 103.52 -42.20 -136.28
N PRO A 80 104.18 -43.32 -135.97
CA PRO A 80 103.72 -44.63 -136.46
C PRO A 80 102.42 -45.14 -135.81
N GLU A 81 101.58 -45.90 -136.53
CA GLU A 81 100.28 -46.37 -136.00
C GLU A 81 100.13 -46.89 -134.58
N ASP A 82 100.96 -47.81 -134.10
CA ASP A 82 100.91 -48.26 -132.70
C ASP A 82 100.99 -47.16 -131.64
N VAL A 83 101.86 -46.16 -131.88
CA VAL A 83 102.03 -45.01 -130.99
C VAL A 83 100.74 -44.18 -130.92
N ILE A 84 100.14 -43.95 -132.08
CA ILE A 84 98.86 -43.23 -132.19
C ILE A 84 97.73 -44.00 -131.44
N MET A 85 97.67 -45.31 -131.67
CA MET A 85 96.77 -46.20 -130.95
C MET A 85 96.93 -46.12 -129.43
N GLY A 86 98.15 -45.98 -128.89
CA GLY A 86 98.40 -45.79 -127.46
C GLY A 86 97.64 -44.60 -126.86
N ALA A 87 97.68 -43.45 -127.54
CA ALA A 87 96.93 -42.27 -127.12
C ALA A 87 95.42 -42.53 -126.98
N PHE A 88 94.85 -43.22 -127.97
CA PHE A 88 93.47 -43.66 -127.88
C PHE A 88 93.28 -44.69 -126.76
N LYS A 89 94.09 -45.74 -126.62
CA LYS A 89 94.03 -46.69 -125.50
C LYS A 89 94.09 -46.07 -124.09
N VAL A 90 94.76 -44.92 -123.94
CA VAL A 90 94.74 -44.12 -122.71
C VAL A 90 93.37 -43.44 -122.51
N LEU A 91 92.80 -42.92 -123.59
CA LEU A 91 91.45 -42.36 -123.57
C LEU A 91 90.34 -43.40 -123.40
N ASP A 92 90.61 -44.62 -123.86
CA ASP A 92 89.77 -45.80 -123.71
C ASP A 92 89.76 -46.36 -122.28
N PRO A 93 90.46 -45.85 -121.25
CA PRO A 93 91.31 -46.65 -120.35
C PRO A 93 90.84 -48.03 -119.85
N ASP A 94 89.51 -48.13 -119.73
CA ASP A 94 88.74 -49.32 -119.45
C ASP A 94 88.96 -50.47 -120.47
N GLY A 95 89.27 -50.14 -121.73
CA GLY A 95 89.61 -51.12 -122.76
C GLY A 95 88.65 -51.34 -123.94
N LYS A 96 89.12 -52.18 -124.87
CA LYS A 96 88.45 -52.61 -126.11
C LYS A 96 87.48 -51.86 -127.02
N GLY A 97 86.41 -51.23 -126.54
CA GLY A 97 85.42 -50.54 -127.37
C GLY A 97 85.71 -49.04 -127.41
N SER A 98 85.95 -48.44 -128.58
CA SER A 98 86.41 -47.07 -128.54
C SER A 98 85.38 -45.93 -128.31
N ILE A 99 85.91 -44.76 -128.01
CA ILE A 99 85.17 -43.61 -127.48
C ILE A 99 84.02 -42.90 -128.22
N LYS A 100 83.28 -42.05 -127.51
CA LYS A 100 82.15 -41.31 -128.06
C LYS A 100 82.36 -39.84 -128.50
N LYS A 101 81.70 -39.47 -129.58
CA LYS A 101 81.63 -38.07 -130.01
C LYS A 101 80.74 -37.21 -129.10
N SER A 102 81.54 -36.43 -128.38
CA SER A 102 81.23 -35.41 -127.36
C SER A 102 82.43 -35.42 -126.43
N PHE A 103 82.74 -36.62 -125.90
CA PHE A 103 83.88 -36.87 -125.01
C PHE A 103 85.20 -36.36 -125.61
N LEU A 104 85.52 -36.75 -126.84
CA LEU A 104 86.68 -36.15 -127.50
C LEU A 104 86.50 -34.77 -128.11
N GLU A 105 85.29 -34.37 -128.52
CA GLU A 105 85.02 -33.01 -129.05
C GLU A 105 85.48 -31.98 -128.02
N GLU A 106 84.97 -32.18 -126.80
CA GLU A 106 85.37 -31.41 -125.64
C GLU A 106 86.86 -31.55 -125.36
N LEU A 107 87.45 -32.73 -125.18
CA LEU A 107 88.89 -32.84 -124.91
C LEU A 107 89.88 -32.30 -125.96
N LEU A 108 89.51 -32.18 -127.24
CA LEU A 108 90.34 -31.50 -128.23
C LEU A 108 90.19 -29.97 -128.15
N THR A 109 89.01 -29.46 -127.82
CA THR A 109 88.83 -28.02 -127.60
C THR A 109 89.24 -27.46 -126.25
N THR A 110 89.11 -28.26 -125.18
CA THR A 110 89.30 -27.75 -123.83
C THR A 110 90.71 -27.41 -123.33
N GLN A 111 91.45 -28.24 -122.58
CA GLN A 111 92.82 -27.91 -122.15
C GLN A 111 93.71 -27.48 -123.33
N CYS A 112 94.58 -26.48 -123.15
CA CYS A 112 95.35 -25.75 -124.18
C CYS A 112 94.53 -24.61 -124.80
N ASP A 113 94.90 -24.04 -125.93
CA ASP A 113 94.18 -22.96 -126.58
C ASP A 113 93.06 -23.38 -127.53
N ARG A 114 93.37 -24.37 -128.37
CA ARG A 114 92.48 -24.80 -129.43
C ARG A 114 92.84 -25.94 -130.39
N PHE A 115 91.98 -26.94 -130.44
CA PHE A 115 91.87 -27.65 -131.70
C PHE A 115 90.53 -27.11 -132.16
N THR A 116 90.64 -26.18 -133.12
CA THR A 116 89.51 -25.33 -133.50
C THR A 116 88.21 -26.02 -133.95
N PRO A 117 87.05 -25.45 -133.64
CA PRO A 117 85.79 -25.94 -134.22
C PRO A 117 85.58 -25.94 -135.73
N GLU A 118 86.57 -25.49 -136.50
CA GLU A 118 86.59 -25.66 -137.95
C GLU A 118 87.30 -27.01 -138.17
N GLU A 119 88.52 -27.16 -137.62
CA GLU A 119 89.28 -28.42 -137.62
C GLU A 119 88.46 -29.63 -137.17
N ILE A 120 87.76 -29.55 -136.03
CA ILE A 120 86.91 -30.64 -135.53
C ILE A 120 85.75 -31.05 -136.46
N LYS A 121 85.00 -30.15 -137.11
CA LYS A 121 83.96 -30.56 -138.08
C LYS A 121 84.56 -31.28 -139.29
N ASN A 122 85.71 -30.78 -139.78
CA ASN A 122 86.47 -31.45 -140.84
C ASN A 122 86.87 -32.86 -140.38
N MET A 123 87.33 -33.00 -139.13
CA MET A 123 87.56 -34.29 -138.50
C MET A 123 86.33 -35.20 -138.58
N TRP A 124 85.14 -34.86 -138.08
CA TRP A 124 83.95 -35.72 -138.21
C TRP A 124 83.54 -36.13 -139.64
N ALA A 125 83.83 -35.26 -140.61
CA ALA A 125 83.64 -35.57 -142.02
C ALA A 125 84.73 -36.44 -142.69
N ALA A 126 86.00 -36.23 -142.36
CA ALA A 126 87.15 -36.97 -142.91
C ALA A 126 87.63 -38.22 -142.15
N PHE A 127 87.12 -38.23 -140.93
CA PHE A 127 87.06 -39.35 -140.00
C PHE A 127 85.56 -39.34 -139.67
N PRO A 128 84.74 -39.68 -140.68
CA PRO A 128 83.55 -40.50 -140.55
C PRO A 128 82.28 -40.75 -139.71
N PRO A 129 81.44 -41.52 -140.42
CA PRO A 129 81.11 -42.90 -140.01
C PRO A 129 81.92 -43.51 -138.86
N ASP A 130 83.22 -43.82 -138.96
CA ASP A 130 84.04 -44.25 -137.82
C ASP A 130 83.80 -43.43 -136.56
N VAL A 131 84.02 -42.12 -136.63
CA VAL A 131 83.80 -41.17 -135.55
C VAL A 131 82.34 -41.09 -135.07
N ALA A 132 81.37 -41.53 -135.87
CA ALA A 132 79.99 -41.64 -135.43
C ALA A 132 79.63 -42.93 -134.70
N GLY A 133 80.09 -44.06 -135.24
CA GLY A 133 79.80 -45.38 -134.70
C GLY A 133 80.49 -45.77 -133.39
N ASN A 134 81.79 -45.99 -133.45
CA ASN A 134 82.57 -46.38 -132.28
C ASN A 134 83.66 -45.32 -132.06
N VAL A 135 83.51 -44.12 -132.69
CA VAL A 135 84.60 -43.18 -133.02
C VAL A 135 85.83 -44.05 -133.28
N ASP A 136 85.59 -44.98 -134.22
CA ASP A 136 86.48 -46.07 -134.56
C ASP A 136 87.98 -45.77 -134.60
N TYR A 137 88.60 -45.62 -133.42
CA TYR A 137 90.00 -45.19 -133.33
C TYR A 137 91.01 -46.10 -133.99
N LYS A 138 90.67 -47.39 -133.94
CA LYS A 138 91.43 -48.41 -134.68
C LYS A 138 91.46 -48.04 -136.16
N ASN A 139 90.26 -47.83 -136.73
CA ASN A 139 90.09 -47.39 -138.12
C ASN A 139 90.78 -46.05 -138.40
N ILE A 140 90.54 -45.01 -137.56
CA ILE A 140 91.21 -43.70 -137.60
C ILE A 140 92.73 -43.83 -137.78
N CYS A 141 93.39 -44.61 -136.91
CA CYS A 141 94.81 -44.91 -137.02
C CYS A 141 95.23 -45.57 -138.33
N TYR A 142 94.52 -46.62 -138.78
CA TYR A 142 94.82 -47.24 -140.07
C TYR A 142 94.65 -46.32 -141.28
N VAL A 143 93.67 -45.41 -141.31
CA VAL A 143 93.52 -44.43 -142.39
C VAL A 143 94.60 -43.35 -142.41
N ILE A 144 95.05 -42.89 -141.24
CA ILE A 144 96.14 -41.92 -141.24
C ILE A 144 97.50 -42.53 -141.62
N THR A 145 97.84 -43.72 -141.15
CA THR A 145 99.08 -44.37 -141.57
C THR A 145 99.01 -45.05 -142.94
N HIS A 146 97.87 -45.65 -143.28
CA HIS A 146 97.69 -46.37 -144.55
C HIS A 146 96.78 -45.80 -145.66
N GLY A 147 96.47 -44.50 -145.72
CA GLY A 147 95.65 -43.96 -146.80
C GLY A 147 94.16 -43.81 -146.52
N GLU A 148 93.45 -42.99 -147.29
CA GLU A 148 92.05 -42.67 -147.03
C GLU A 148 90.92 -43.66 -147.38
N ASP A 149 91.09 -44.40 -148.48
CA ASP A 149 90.11 -45.39 -148.97
C ASP A 149 90.02 -46.66 -148.12
N LYS A 150 91.20 -47.13 -147.71
CA LYS A 150 91.39 -48.31 -146.88
C LYS A 150 90.76 -48.36 -145.49
N ASP B 1 99.91 -13.25 -102.22
CA ASP B 1 100.12 -14.70 -102.24
C ASP B 1 101.47 -15.33 -102.72
N GLU B 2 101.72 -16.66 -102.56
CA GLU B 2 102.87 -17.42 -103.15
C GLU B 2 103.14 -18.95 -103.07
N ILE B 3 103.78 -19.45 -104.17
CA ILE B 3 104.28 -20.80 -104.57
C ILE B 3 104.30 -20.83 -106.14
N ASN B 4 104.90 -21.74 -106.92
CA ASN B 4 104.81 -21.71 -108.40
C ASN B 4 103.84 -22.70 -109.07
N ASP B 5 104.03 -24.02 -108.98
CA ASP B 5 103.15 -25.10 -109.50
C ASP B 5 101.64 -24.82 -109.72
N PHE B 6 100.98 -24.18 -108.74
CA PHE B 6 99.56 -23.82 -108.84
C PHE B 6 99.22 -22.96 -110.07
N LYS B 7 100.14 -22.09 -110.49
CA LYS B 7 99.99 -21.30 -111.70
C LYS B 7 100.03 -22.19 -112.95
N GLU B 8 100.93 -23.18 -112.95
CA GLU B 8 101.01 -24.18 -114.03
C GLU B 8 99.69 -24.98 -114.13
N ALA B 9 99.19 -25.43 -112.97
CA ALA B 9 97.90 -26.10 -112.88
C ALA B 9 96.68 -25.29 -113.34
N PHE B 10 96.65 -23.96 -113.12
CA PHE B 10 95.55 -23.12 -113.64
C PHE B 10 95.34 -23.26 -115.15
N LEU B 11 96.40 -23.14 -115.97
CA LEU B 11 96.31 -23.34 -117.43
C LEU B 11 95.77 -24.71 -117.88
N LEU B 12 95.97 -25.72 -117.05
CA LEU B 12 95.45 -27.06 -117.32
C LEU B 12 93.92 -27.16 -117.25
N PHE B 13 93.28 -26.17 -116.64
CA PHE B 13 91.83 -26.10 -116.52
C PHE B 13 91.18 -24.86 -117.15
N ASP B 14 91.93 -24.20 -118.04
CA ASP B 14 91.48 -23.06 -118.82
C ASP B 14 90.31 -23.30 -119.77
N ARG B 15 90.48 -24.37 -120.57
CA ARG B 15 89.49 -24.86 -121.51
C ARG B 15 88.84 -23.91 -122.53
N THR B 16 89.74 -23.10 -123.07
CA THR B 16 89.49 -21.99 -124.01
C THR B 16 90.84 -21.48 -124.55
N GLY B 17 91.82 -21.48 -123.63
CA GLY B 17 93.19 -21.04 -123.91
C GLY B 17 93.57 -19.63 -123.46
N ASP B 18 92.59 -18.93 -122.89
CA ASP B 18 92.71 -17.55 -122.45
C ASP B 18 93.41 -17.25 -121.11
N ALA B 19 93.70 -18.28 -120.31
CA ALA B 19 94.23 -18.16 -118.93
C ALA B 19 93.33 -17.43 -117.92
N LYS B 20 92.05 -17.36 -118.27
CA LYS B 20 91.00 -16.74 -117.46
C LYS B 20 89.86 -17.72 -117.12
N ILE B 21 89.93 -18.34 -115.96
CA ILE B 21 88.97 -19.39 -115.59
C ILE B 21 87.68 -18.80 -114.98
N THR B 22 86.53 -19.46 -115.07
CA THR B 22 85.25 -18.92 -114.54
C THR B 22 84.97 -19.03 -113.04
N LEU B 23 84.20 -18.07 -112.50
CA LEU B 23 83.74 -18.05 -111.10
C LEU B 23 83.06 -19.33 -110.58
N SER B 24 82.48 -20.12 -111.48
CA SER B 24 81.94 -21.42 -111.11
C SER B 24 83.06 -22.46 -110.99
N GLN B 25 83.97 -22.57 -111.97
CA GLN B 25 85.13 -23.48 -111.90
C GLN B 25 86.06 -23.23 -110.71
N VAL B 26 86.00 -22.00 -110.21
CA VAL B 26 86.60 -21.55 -108.96
C VAL B 26 86.49 -22.53 -107.78
N GLY B 27 85.25 -22.94 -107.50
CA GLY B 27 84.92 -23.87 -106.43
C GLY B 27 85.50 -25.27 -106.59
N ASP B 28 85.70 -25.70 -107.84
CA ASP B 28 86.31 -26.98 -108.14
C ASP B 28 87.85 -26.96 -108.14
N ILE B 29 88.52 -25.98 -108.77
CA ILE B 29 89.98 -25.89 -108.76
C ILE B 29 90.58 -25.83 -107.34
N VAL B 30 89.90 -25.11 -106.44
CA VAL B 30 90.28 -25.07 -105.03
C VAL B 30 90.34 -26.42 -104.30
N ARG B 31 89.52 -27.37 -104.75
CA ARG B 31 89.43 -28.72 -104.17
C ARG B 31 90.62 -29.65 -104.38
N ALA B 32 91.26 -29.57 -105.55
CA ALA B 32 92.48 -30.34 -105.77
C ALA B 32 93.76 -29.67 -105.35
N LEU B 33 93.79 -28.34 -105.25
CA LEU B 33 94.97 -27.65 -104.75
C LEU B 33 95.14 -27.73 -103.22
N GLY B 34 95.57 -28.94 -102.88
CA GLY B 34 95.85 -29.38 -101.53
C GLY B 34 94.67 -29.79 -100.65
N GLN B 35 93.81 -28.85 -100.28
CA GLN B 35 92.85 -29.15 -99.22
C GLN B 35 91.39 -28.72 -99.42
N ASN B 36 90.46 -29.49 -98.84
CA ASN B 36 89.01 -29.33 -98.95
C ASN B 36 88.37 -27.95 -98.66
N PRO B 37 87.35 -27.54 -99.43
CA PRO B 37 86.42 -26.49 -99.00
C PRO B 37 84.93 -26.83 -99.16
N THR B 38 84.00 -26.50 -98.24
CA THR B 38 82.59 -26.85 -98.47
C THR B 38 81.82 -25.88 -99.38
N ASN B 39 80.77 -26.35 -100.04
CA ASN B 39 79.92 -25.46 -100.82
C ASN B 39 78.80 -24.96 -99.90
N ALA B 40 78.97 -23.67 -99.64
CA ALA B 40 78.28 -22.87 -98.64
C ALA B 40 79.43 -21.96 -98.22
N GLU B 41 80.60 -22.48 -97.82
CA GLU B 41 81.76 -21.61 -97.55
C GLU B 41 82.29 -20.88 -98.78
N ILE B 42 82.47 -21.60 -99.90
CA ILE B 42 82.85 -20.97 -101.17
C ILE B 42 81.75 -19.96 -101.58
N ASN B 43 80.50 -20.41 -101.52
CA ASN B 43 79.33 -19.55 -101.76
C ASN B 43 79.28 -18.31 -100.85
N LYS B 44 79.77 -18.35 -99.60
CA LYS B 44 79.78 -17.20 -98.70
C LYS B 44 80.64 -16.01 -99.14
N ILE B 45 81.96 -16.15 -99.12
CA ILE B 45 82.79 -15.02 -99.45
C ILE B 45 83.52 -15.05 -100.78
N LEU B 46 83.19 -13.91 -101.37
CA LEU B 46 83.47 -13.51 -102.75
C LEU B 46 82.60 -14.31 -103.71
N GLY B 47 82.31 -15.60 -103.48
CA GLY B 47 81.29 -16.34 -104.23
C GLY B 47 79.89 -15.68 -104.30
N ASN B 48 79.27 -15.36 -103.16
CA ASN B 48 77.98 -14.65 -103.14
C ASN B 48 77.86 -13.33 -103.93
N PRO B 49 78.90 -12.49 -104.07
CA PRO B 49 78.79 -11.42 -105.05
C PRO B 49 79.13 -11.71 -106.51
N SER B 50 78.16 -12.07 -107.37
CA SER B 50 78.43 -12.38 -108.79
C SER B 50 79.35 -11.44 -109.57
N LYS B 51 79.05 -10.14 -109.71
CA LYS B 51 79.97 -9.21 -110.37
C LYS B 51 81.34 -9.12 -109.70
N GLU B 52 81.42 -8.95 -108.37
CA GLU B 52 82.71 -8.95 -107.68
C GLU B 52 83.45 -10.27 -107.88
N GLU B 53 82.98 -11.49 -107.60
CA GLU B 53 83.73 -12.73 -107.87
C GLU B 53 84.07 -12.89 -109.36
N MET B 54 83.19 -12.49 -110.29
CA MET B 54 83.56 -12.45 -111.70
C MET B 54 84.70 -11.48 -112.02
N ASN B 55 84.82 -10.41 -111.24
CA ASN B 55 85.94 -9.49 -111.27
C ASN B 55 86.94 -9.69 -110.11
N ALA B 56 86.80 -10.84 -109.41
CA ALA B 56 87.67 -11.29 -108.31
C ALA B 56 87.99 -12.80 -108.27
N LYS B 57 87.83 -13.50 -109.39
CA LYS B 57 88.29 -14.89 -109.63
C LYS B 57 87.84 -15.45 -110.99
N LYS B 58 86.80 -14.95 -111.66
CA LYS B 58 86.49 -15.30 -113.07
C LYS B 58 87.43 -14.47 -113.96
N ILE B 59 88.66 -14.89 -113.77
CA ILE B 59 89.78 -14.04 -114.06
C ILE B 59 91.10 -14.76 -114.27
N THR B 60 92.12 -13.95 -114.23
CA THR B 60 93.51 -14.35 -114.22
C THR B 60 93.94 -14.85 -112.85
N PHE B 61 95.20 -15.23 -112.73
CA PHE B 61 95.76 -15.84 -111.53
C PHE B 61 95.70 -14.95 -110.27
N GLU B 62 95.62 -13.65 -110.52
CA GLU B 62 95.60 -12.57 -109.54
C GLU B 62 94.59 -12.62 -108.41
N GLU B 63 93.46 -13.24 -108.69
CA GLU B 63 92.42 -13.41 -107.70
C GLU B 63 92.17 -14.89 -107.37
N PHE B 64 92.58 -15.78 -108.29
CA PHE B 64 92.61 -17.21 -107.96
C PHE B 64 93.40 -17.52 -106.70
N LEU B 65 94.65 -17.09 -106.75
CA LEU B 65 95.62 -17.30 -105.69
C LEU B 65 95.23 -16.71 -104.32
N PRO B 66 94.89 -15.41 -104.16
CA PRO B 66 94.21 -14.97 -102.93
C PRO B 66 92.96 -15.71 -102.47
N MET B 67 91.95 -16.05 -103.31
CA MET B 67 90.82 -16.88 -102.85
C MET B 67 91.24 -18.24 -102.28
N LEU B 68 92.15 -18.90 -103.00
CA LEU B 68 92.69 -20.19 -102.59
C LEU B 68 93.41 -20.14 -101.23
N GLN B 69 94.20 -19.10 -101.00
CA GLN B 69 94.80 -18.85 -99.69
C GLN B 69 93.76 -18.63 -98.59
N ALA B 70 92.73 -17.83 -98.85
CA ALA B 70 91.61 -17.65 -97.91
C ALA B 70 91.02 -18.98 -97.43
N ALA B 71 90.77 -19.90 -98.36
CA ALA B 71 90.38 -21.27 -98.01
C ALA B 71 91.47 -21.97 -97.20
N ALA B 72 92.76 -21.89 -97.60
CA ALA B 72 93.89 -22.47 -96.87
C ALA B 72 93.94 -22.26 -95.35
N ASN B 73 93.48 -21.09 -94.91
CA ASN B 73 93.35 -20.77 -93.48
C ASN B 73 92.36 -21.61 -92.66
N ASN B 74 91.18 -21.95 -93.17
CA ASN B 74 90.20 -22.74 -92.40
C ASN B 74 90.40 -24.26 -92.42
N LYS B 75 91.30 -24.72 -93.27
CA LYS B 75 91.49 -26.14 -93.52
C LYS B 75 91.99 -27.09 -92.41
N ASP B 76 92.30 -26.57 -91.21
CA ASP B 76 92.59 -27.37 -90.01
C ASP B 76 91.54 -28.48 -89.73
N GLN B 77 90.28 -28.21 -90.15
CA GLN B 77 89.18 -29.18 -90.13
C GLN B 77 89.43 -30.49 -90.90
N GLY B 78 90.58 -30.60 -91.58
CA GLY B 78 91.04 -31.84 -92.21
C GLY B 78 91.26 -32.98 -91.21
N THR B 79 91.27 -32.70 -89.91
CA THR B 79 91.34 -33.68 -88.81
C THR B 79 90.45 -34.91 -89.00
N PHE B 80 91.02 -36.10 -89.08
CA PHE B 80 90.24 -37.30 -89.35
C PHE B 80 89.45 -37.85 -88.17
N GLU B 81 89.85 -37.51 -86.94
CA GLU B 81 89.25 -38.02 -85.69
C GLU B 81 87.73 -38.21 -85.71
N ASP B 82 86.98 -37.11 -85.81
CA ASP B 82 85.52 -37.14 -85.92
C ASP B 82 84.94 -37.92 -87.12
N PHE B 83 85.72 -38.09 -88.20
CA PHE B 83 85.19 -38.60 -89.46
C PHE B 83 85.26 -40.07 -89.83
N VAL B 84 85.63 -40.90 -88.85
CA VAL B 84 85.45 -42.35 -88.94
C VAL B 84 84.32 -42.62 -87.94
N GLU B 85 84.40 -41.94 -86.79
CA GLU B 85 83.40 -41.99 -85.72
C GLU B 85 81.97 -41.61 -86.12
N GLY B 86 81.81 -40.48 -86.83
CA GLY B 86 80.51 -40.04 -87.35
C GLY B 86 79.84 -41.07 -88.23
N LEU B 87 80.67 -41.73 -89.04
CA LEU B 87 80.21 -42.83 -89.85
C LEU B 87 79.73 -43.98 -88.95
N ARG B 88 80.51 -44.59 -88.05
CA ARG B 88 80.00 -45.62 -87.13
C ARG B 88 78.64 -45.33 -86.45
N VAL B 89 78.25 -44.06 -86.28
CA VAL B 89 76.95 -43.70 -85.73
C VAL B 89 75.74 -44.09 -86.60
N PHE B 90 75.89 -44.18 -87.93
CA PHE B 90 74.77 -44.59 -88.78
C PHE B 90 74.50 -46.10 -88.66
N ASP B 91 75.44 -47.00 -88.93
CA ASP B 91 75.19 -48.45 -88.83
C ASP B 91 75.97 -49.31 -87.79
N LYS B 92 76.12 -48.89 -86.53
CA LYS B 92 76.82 -49.65 -85.46
C LYS B 92 76.34 -51.03 -84.93
N GLU B 93 76.76 -52.15 -85.53
CA GLU B 93 76.37 -53.49 -85.08
C GLU B 93 77.57 -54.47 -85.00
N GLY B 94 78.62 -54.07 -84.29
CA GLY B 94 79.84 -54.86 -84.16
C GLY B 94 81.05 -54.13 -84.73
N ASN B 95 81.56 -54.53 -85.90
CA ASN B 95 82.67 -53.83 -86.55
C ASN B 95 82.28 -52.51 -87.23
N GLY B 96 83.10 -51.80 -88.01
CA GLY B 96 82.62 -50.62 -88.74
C GLY B 96 81.66 -50.96 -89.89
N THR B 97 80.49 -51.50 -89.55
CA THR B 97 79.46 -51.96 -90.48
C THR B 97 78.59 -50.86 -91.04
N VAL B 98 78.40 -50.79 -92.34
CA VAL B 98 77.48 -49.85 -93.00
C VAL B 98 76.51 -50.59 -93.92
N MET B 99 75.41 -50.02 -94.38
CA MET B 99 74.65 -50.60 -95.47
C MET B 99 74.71 -49.65 -96.66
N GLY B 100 74.92 -50.19 -97.87
CA GLY B 100 74.99 -49.40 -99.10
C GLY B 100 73.92 -48.32 -99.21
N ALA B 101 72.66 -48.75 -99.10
CA ALA B 101 71.50 -47.87 -99.14
C ALA B 101 71.50 -46.64 -98.23
N GLU B 102 71.94 -46.81 -96.98
CA GLU B 102 72.01 -45.72 -96.03
C GLU B 102 73.05 -44.68 -96.42
N LEU B 103 74.33 -45.01 -96.65
CA LEU B 103 75.29 -44.00 -97.14
C LEU B 103 74.88 -43.39 -98.49
N ARG B 104 74.44 -44.18 -99.48
CA ARG B 104 73.96 -43.67 -100.77
C ARG B 104 72.88 -42.60 -100.69
N HIS B 105 71.79 -42.84 -99.96
CA HIS B 105 70.77 -41.80 -99.83
C HIS B 105 71.22 -40.66 -98.92
N VAL B 106 71.79 -40.92 -97.74
CA VAL B 106 72.24 -39.87 -96.82
C VAL B 106 73.21 -38.86 -97.48
N LEU B 107 74.11 -39.36 -98.35
CA LEU B 107 75.01 -38.49 -99.08
C LEU B 107 74.54 -38.03 -100.46
N ALA B 108 73.24 -38.08 -100.73
CA ALA B 108 72.65 -37.56 -101.97
C ALA B 108 71.50 -36.59 -101.63
N THR B 109 70.72 -36.94 -100.60
CA THR B 109 69.57 -36.16 -100.13
C THR B 109 69.83 -35.15 -99.00
N LEU B 110 70.86 -35.32 -98.17
CA LEU B 110 71.04 -34.43 -97.03
C LEU B 110 72.11 -33.35 -97.04
N GLY B 111 71.92 -32.28 -96.24
CA GLY B 111 72.85 -31.16 -96.14
C GLY B 111 73.25 -30.47 -97.44
N GLU B 112 74.44 -30.82 -97.95
CA GLU B 112 74.95 -30.26 -99.18
C GLU B 112 74.61 -31.03 -100.46
N LYS B 113 73.88 -32.16 -100.37
CA LYS B 113 73.54 -33.07 -101.49
C LYS B 113 74.78 -33.76 -102.08
N MET B 114 74.68 -34.49 -103.17
CA MET B 114 75.78 -34.98 -104.01
C MET B 114 75.05 -35.67 -105.15
N THR B 115 75.43 -35.57 -106.42
CA THR B 115 74.64 -36.24 -107.45
C THR B 115 74.75 -37.75 -107.34
N GLU B 116 73.69 -38.48 -107.68
CA GLU B 116 73.71 -39.94 -107.65
C GLU B 116 74.92 -40.52 -108.38
N GLU B 117 75.23 -39.95 -109.56
CA GLU B 117 76.45 -40.22 -110.33
C GLU B 117 77.73 -40.12 -109.48
N GLU B 118 77.99 -38.97 -108.84
CA GLU B 118 79.13 -38.80 -107.93
C GLU B 118 79.16 -39.78 -106.76
N VAL B 119 78.02 -40.06 -106.11
CA VAL B 119 77.95 -41.06 -105.03
C VAL B 119 78.27 -42.47 -105.55
N GLU B 120 77.69 -42.92 -106.66
CA GLU B 120 78.01 -44.21 -107.32
C GLU B 120 79.53 -44.30 -107.59
N GLU B 121 80.10 -43.19 -108.05
CA GLU B 121 81.55 -43.04 -108.18
C GLU B 121 82.40 -43.00 -106.92
N LEU B 122 81.85 -42.66 -105.76
CA LEU B 122 82.55 -42.82 -104.48
C LEU B 122 82.55 -44.29 -104.06
N MET B 123 81.45 -44.97 -104.35
CA MET B 123 81.30 -46.41 -104.12
C MET B 123 82.01 -47.31 -105.16
N LYS B 124 83.16 -46.87 -105.70
CA LYS B 124 83.93 -47.58 -106.72
C LYS B 124 84.50 -48.95 -106.34
N GLY B 125 83.65 -50.00 -106.28
CA GLY B 125 84.09 -51.35 -105.91
C GLY B 125 84.67 -51.47 -104.49
N GLN B 126 84.03 -50.75 -103.57
CA GLN B 126 84.39 -50.82 -102.15
C GLN B 126 83.26 -51.42 -101.29
N GLU B 127 82.13 -51.64 -101.97
CA GLU B 127 80.91 -52.24 -101.44
C GLU B 127 80.45 -53.44 -102.25
N ASP B 128 81.25 -54.50 -102.20
CA ASP B 128 80.90 -55.74 -102.87
C ASP B 128 79.59 -56.41 -102.43
N SER B 129 79.19 -57.47 -103.15
CA SER B 129 77.96 -58.25 -102.91
C SER B 129 77.32 -58.43 -101.52
N ASN B 130 78.09 -58.26 -100.45
CA ASN B 130 77.64 -58.41 -99.07
C ASN B 130 76.60 -57.41 -98.56
N GLY B 131 76.30 -56.30 -99.25
CA GLY B 131 75.31 -55.32 -98.81
C GLY B 131 75.86 -54.30 -97.79
N CYS B 132 76.59 -54.87 -96.83
CA CYS B 132 77.34 -54.11 -95.84
C CYS B 132 78.68 -53.61 -96.33
N ILE B 133 78.93 -52.35 -96.00
CA ILE B 133 80.17 -51.69 -96.34
C ILE B 133 81.09 -51.55 -95.12
N ASN B 134 82.43 -51.55 -95.21
CA ASN B 134 83.28 -51.40 -94.01
C ASN B 134 83.87 -50.01 -93.72
N TYR B 135 83.14 -49.16 -92.99
CA TYR B 135 83.51 -47.76 -92.66
C TYR B 135 84.96 -47.30 -92.60
N GLU B 136 85.71 -47.98 -91.75
CA GLU B 136 87.12 -47.69 -91.47
C GLU B 136 88.01 -47.67 -92.71
N ALA B 137 87.71 -48.54 -93.67
CA ALA B 137 88.46 -48.57 -94.92
C ALA B 137 88.05 -47.43 -95.85
N PHE B 138 86.79 -46.97 -95.84
CA PHE B 138 86.38 -45.88 -96.71
C PHE B 138 87.00 -44.57 -96.34
N VAL B 139 86.98 -44.17 -95.08
CA VAL B 139 87.65 -42.93 -94.67
C VAL B 139 89.12 -42.95 -95.11
N LYS B 140 89.84 -44.08 -94.96
CA LYS B 140 91.18 -44.20 -95.52
C LYS B 140 91.24 -44.05 -97.05
N HIS B 141 90.43 -44.74 -97.86
CA HIS B 141 90.41 -44.57 -99.33
C HIS B 141 89.89 -43.24 -99.88
N ILE B 142 89.05 -42.59 -99.08
CA ILE B 142 88.52 -41.26 -99.34
C ILE B 142 89.67 -40.29 -99.05
N MET B 143 90.21 -40.25 -97.83
CA MET B 143 91.34 -39.39 -97.50
C MET B 143 92.66 -39.66 -98.23
N SER B 144 92.79 -40.82 -98.87
CA SER B 144 93.97 -41.24 -99.65
C SER B 144 94.35 -40.56 -100.99
N VAL B 145 93.83 -39.38 -101.32
CA VAL B 145 94.29 -38.74 -102.53
C VAL B 145 95.48 -37.82 -102.23
N ASP C 1 43.44 -56.10 -97.84
CA ASP C 1 42.89 -56.47 -99.14
C ASP C 1 42.91 -57.96 -99.30
N ALA C 2 44.14 -58.50 -99.26
CA ALA C 2 44.34 -59.92 -99.36
C ALA C 2 43.56 -60.57 -98.24
N GLU C 3 43.82 -60.05 -97.04
CA GLU C 3 43.17 -60.52 -95.82
C GLU C 3 41.67 -60.51 -95.96
N MET C 4 41.14 -59.30 -96.11
CA MET C 4 39.73 -59.10 -96.27
C MET C 4 39.18 -59.89 -97.43
N ALA C 5 38.27 -60.75 -97.08
CA ALA C 5 37.59 -61.59 -97.99
C ALA C 5 36.38 -62.05 -97.25
N ALA C 6 36.68 -62.53 -96.01
CA ALA C 6 35.70 -63.02 -95.07
C ALA C 6 34.51 -62.06 -95.07
N PHE C 7 34.85 -60.77 -94.91
CA PHE C 7 33.86 -59.73 -94.91
C PHE C 7 33.48 -59.43 -96.32
N GLY C 8 34.53 -59.12 -97.06
CA GLY C 8 34.41 -58.80 -98.44
C GLY C 8 33.41 -57.66 -98.59
N GLU C 9 32.13 -58.03 -98.67
CA GLU C 9 31.08 -57.05 -98.84
C GLU C 9 31.02 -56.01 -97.74
N ALA C 10 31.39 -56.40 -96.52
CA ALA C 10 31.34 -55.50 -95.39
C ALA C 10 32.56 -54.61 -95.31
N ALA C 11 33.65 -55.18 -95.82
CA ALA C 11 34.99 -54.60 -95.84
C ALA C 11 35.03 -53.09 -95.91
N PRO C 12 34.38 -52.55 -96.91
CA PRO C 12 34.39 -51.11 -97.09
C PRO C 12 33.95 -50.31 -95.88
N TYR C 13 33.16 -50.96 -95.00
CA TYR C 13 32.61 -50.32 -93.81
C TYR C 13 33.38 -50.62 -92.55
N LEU C 14 34.35 -51.51 -92.71
CA LEU C 14 35.26 -51.96 -91.66
C LEU C 14 36.64 -51.40 -91.83
N ARG C 15 37.14 -51.57 -93.05
CA ARG C 15 38.44 -51.10 -93.47
C ARG C 15 38.42 -50.49 -94.83
N LYS C 16 39.47 -49.73 -95.17
CA LYS C 16 39.58 -49.09 -96.47
C LYS C 16 40.60 -49.75 -97.39
N SER C 17 40.44 -49.56 -98.70
CA SER C 17 41.37 -50.18 -99.63
C SER C 17 42.78 -49.76 -99.32
N GLU C 18 43.67 -50.69 -99.46
CA GLU C 18 45.10 -50.49 -99.21
C GLU C 18 45.76 -49.34 -99.92
N LYS C 19 45.04 -48.53 -100.65
CA LYS C 19 45.73 -47.43 -101.26
C LYS C 19 45.03 -46.19 -100.81
N GLU C 20 43.74 -46.43 -100.46
CA GLU C 20 42.91 -45.36 -99.95
C GLU C 20 43.60 -44.92 -98.68
N ARG C 21 44.18 -45.96 -98.07
CA ARG C 21 44.93 -45.79 -96.87
C ARG C 21 46.17 -45.02 -97.26
N ILE C 22 46.96 -45.73 -98.06
CA ILE C 22 48.21 -45.25 -98.59
C ILE C 22 48.17 -43.85 -99.17
N GLU C 23 47.10 -43.55 -99.87
CA GLU C 23 46.92 -42.26 -100.45
C GLU C 23 46.61 -41.22 -99.41
N ALA C 24 46.27 -41.69 -98.23
CA ALA C 24 45.91 -40.81 -97.14
C ALA C 24 47.02 -40.57 -96.13
N GLN C 25 47.76 -41.63 -95.83
CA GLN C 25 48.84 -41.52 -94.86
C GLN C 25 50.08 -40.87 -95.47
N ASN C 26 50.25 -41.12 -96.77
CA ASN C 26 51.39 -40.64 -97.51
C ASN C 26 50.98 -39.45 -98.34
N LYS C 27 50.94 -38.31 -97.67
CA LYS C 27 50.58 -37.07 -98.28
C LYS C 27 51.31 -35.94 -97.60
N PRO C 28 51.33 -34.77 -98.23
CA PRO C 28 52.04 -33.64 -97.68
C PRO C 28 51.45 -33.16 -96.37
N PHE C 29 52.34 -32.84 -95.42
CA PHE C 29 51.95 -32.32 -94.13
C PHE C 29 52.89 -31.25 -93.54
N ASP C 30 52.33 -30.14 -93.09
CA ASP C 30 53.14 -29.10 -92.43
C ASP C 30 52.77 -28.92 -90.97
N ALA C 31 53.42 -29.70 -90.14
CA ALA C 31 53.17 -29.66 -88.72
C ALA C 31 53.10 -28.27 -88.06
N LYS C 32 54.20 -27.57 -88.14
CA LYS C 32 54.32 -26.28 -87.52
C LYS C 32 53.22 -25.31 -87.86
N SER C 33 52.48 -25.58 -88.92
CA SER C 33 51.45 -24.62 -89.30
C SER C 33 50.06 -25.15 -89.19
N SER C 34 49.90 -26.46 -89.55
CA SER C 34 48.59 -27.09 -89.47
C SER C 34 48.10 -27.27 -88.02
N VAL C 35 46.84 -26.90 -87.76
CA VAL C 35 46.32 -26.96 -86.42
C VAL C 35 44.81 -27.04 -86.34
N PHE C 36 44.32 -27.37 -85.12
CA PHE C 36 42.89 -27.42 -84.78
C PHE C 36 42.63 -26.19 -83.94
N VAL C 37 41.43 -25.64 -83.98
CA VAL C 37 41.20 -24.44 -83.16
C VAL C 37 39.76 -24.28 -82.68
N VAL C 38 39.64 -23.47 -81.63
CA VAL C 38 38.39 -23.16 -80.99
C VAL C 38 37.53 -22.45 -81.98
N HIS C 39 36.21 -22.47 -81.73
CA HIS C 39 35.36 -21.77 -82.66
C HIS C 39 33.99 -21.51 -82.09
N PRO C 40 33.69 -20.24 -81.94
CA PRO C 40 32.45 -19.79 -81.39
C PRO C 40 31.19 -20.48 -81.89
N LYS C 41 31.03 -20.63 -83.21
CA LYS C 41 29.85 -21.28 -83.73
C LYS C 41 30.04 -22.79 -83.80
N GLU C 42 30.98 -23.24 -84.62
CA GLU C 42 31.29 -24.64 -84.67
C GLU C 42 32.32 -24.89 -83.60
N SER C 43 32.18 -25.98 -82.87
CA SER C 43 33.04 -26.30 -81.74
C SER C 43 34.54 -26.09 -81.90
N PHE C 44 35.07 -26.81 -82.85
CA PHE C 44 36.50 -26.81 -83.18
C PHE C 44 36.58 -27.04 -84.66
N VAL C 45 37.19 -26.15 -85.37
CA VAL C 45 37.33 -26.42 -86.78
C VAL C 45 38.80 -26.39 -87.04
N LYS C 46 39.25 -26.87 -88.22
CA LYS C 46 40.66 -26.86 -88.54
C LYS C 46 41.12 -25.65 -89.31
N GLY C 47 42.43 -25.39 -89.21
CA GLY C 47 42.99 -24.28 -89.90
C GLY C 47 44.48 -24.32 -89.94
N THR C 48 45.01 -23.29 -90.60
CA THR C 48 46.41 -23.10 -90.77
C THR C 48 46.83 -21.85 -90.00
N ILE C 49 47.91 -21.98 -89.27
CA ILE C 49 48.41 -20.84 -88.54
C ILE C 49 49.03 -19.83 -89.50
N GLN C 50 48.59 -18.59 -89.35
CA GLN C 50 49.08 -17.52 -90.17
C GLN C 50 50.18 -16.77 -89.45
N SER C 51 49.81 -16.14 -88.36
CA SER C 51 50.81 -15.38 -87.65
C SER C 51 50.90 -15.81 -86.22
N LYS C 52 51.57 -15.00 -85.41
CA LYS C 52 51.73 -15.28 -84.00
C LYS C 52 51.83 -13.98 -83.20
N GLU C 53 50.78 -13.68 -82.44
CA GLU C 53 50.70 -12.46 -81.63
C GLU C 53 51.40 -12.50 -80.25
N GLY C 54 52.38 -13.40 -80.13
CA GLY C 54 53.18 -13.58 -78.92
C GLY C 54 52.51 -14.40 -77.82
N GLY C 55 51.19 -14.63 -77.99
CA GLY C 55 50.37 -15.36 -77.04
C GLY C 55 48.93 -15.27 -77.46
N LYS C 56 48.81 -15.03 -78.75
CA LYS C 56 47.58 -14.93 -79.49
C LYS C 56 47.87 -15.61 -80.79
N VAL C 57 46.83 -16.06 -81.44
CA VAL C 57 47.09 -16.71 -82.68
C VAL C 57 46.06 -16.38 -83.70
N THR C 58 46.53 -16.13 -84.91
CA THR C 58 45.63 -15.85 -86.01
C THR C 58 45.64 -17.03 -86.92
N VAL C 59 44.45 -17.54 -87.23
CA VAL C 59 44.41 -18.68 -88.10
C VAL C 59 43.40 -18.61 -89.21
N LYS C 60 43.77 -19.24 -90.31
CA LYS C 60 42.88 -19.33 -91.43
C LYS C 60 42.00 -20.50 -91.14
N THR C 61 41.02 -20.68 -91.94
CA THR C 61 40.09 -21.75 -91.68
C THR C 61 40.00 -22.62 -92.87
N GLU C 62 39.21 -23.62 -92.67
CA GLU C 62 38.84 -24.56 -93.68
C GLU C 62 37.39 -24.25 -93.91
N GLY C 63 37.22 -23.32 -94.81
CA GLY C 63 35.94 -22.78 -95.22
C GLY C 63 36.21 -21.35 -95.53
N GLY C 64 37.31 -20.88 -94.89
CA GLY C 64 37.82 -19.55 -95.13
C GLY C 64 37.30 -18.65 -94.07
N GLU C 65 38.15 -18.45 -93.07
CA GLU C 65 37.80 -17.60 -91.94
C GLU C 65 39.08 -17.31 -91.23
N THR C 66 39.11 -16.14 -90.62
CA THR C 66 40.30 -15.78 -89.92
C THR C 66 39.92 -15.33 -88.52
N LEU C 67 40.56 -15.96 -87.51
CA LEU C 67 40.30 -15.68 -86.12
C LEU C 67 41.57 -15.55 -85.31
N THR C 68 41.60 -14.62 -84.37
CA THR C 68 42.80 -14.51 -83.55
C THR C 68 42.40 -14.99 -82.19
N VAL C 69 42.86 -16.18 -81.91
CA VAL C 69 42.50 -16.82 -80.68
C VAL C 69 43.72 -17.14 -79.81
N LYS C 70 43.51 -17.19 -78.48
CA LYS C 70 44.54 -17.47 -77.47
C LYS C 70 45.53 -18.53 -77.91
N GLU C 71 46.56 -18.71 -77.10
CA GLU C 71 47.55 -19.72 -77.41
C GLU C 71 46.98 -21.10 -77.14
N ASP C 72 46.16 -21.17 -76.08
CA ASP C 72 45.53 -22.44 -75.79
C ASP C 72 44.12 -22.64 -76.28
N GLN C 73 43.88 -22.07 -77.43
CA GLN C 73 42.61 -22.18 -78.07
C GLN C 73 42.96 -22.88 -79.37
N VAL C 74 44.28 -23.12 -79.41
CA VAL C 74 45.02 -23.72 -80.50
C VAL C 74 45.59 -25.09 -80.11
N PHE C 75 45.29 -26.07 -80.94
CA PHE C 75 45.71 -27.44 -80.76
C PHE C 75 46.27 -28.07 -82.02
N SER C 76 47.40 -28.73 -81.83
CA SER C 76 48.12 -29.42 -82.88
C SER C 76 47.23 -30.35 -83.66
N MET C 77 47.77 -30.87 -84.75
CA MET C 77 47.06 -31.76 -85.64
C MET C 77 47.93 -32.95 -86.03
N ASN C 78 47.41 -34.13 -85.86
CA ASN C 78 48.15 -35.30 -86.13
C ASN C 78 48.59 -35.46 -87.56
N PRO C 79 49.82 -36.00 -87.72
CA PRO C 79 50.35 -36.25 -89.04
C PRO C 79 49.34 -37.16 -89.69
N PRO C 80 49.38 -37.12 -90.97
CA PRO C 80 48.46 -37.86 -91.78
C PRO C 80 48.51 -39.36 -91.50
N LYS C 81 49.62 -39.77 -90.91
CA LYS C 81 49.78 -41.19 -90.62
C LYS C 81 48.62 -41.70 -89.78
N TYR C 82 48.02 -40.78 -89.06
CA TYR C 82 46.87 -41.08 -88.21
C TYR C 82 45.63 -40.52 -88.83
N ASP C 83 45.14 -41.17 -89.87
CA ASP C 83 44.01 -40.62 -90.54
C ASP C 83 42.70 -41.04 -89.92
N LYS C 84 42.44 -42.36 -90.07
CA LYS C 84 41.23 -42.94 -89.55
C LYS C 84 41.55 -44.14 -88.72
N ILE C 85 42.41 -43.84 -87.76
CA ILE C 85 42.96 -44.71 -86.79
C ILE C 85 41.91 -45.52 -86.08
N GLU C 86 42.14 -46.81 -86.10
CA GLU C 86 41.31 -47.75 -85.43
C GLU C 86 41.20 -47.48 -83.96
N ASP C 87 42.34 -47.04 -83.39
CA ASP C 87 42.48 -46.77 -81.97
C ASP C 87 43.03 -45.41 -81.76
N MET C 88 42.16 -44.45 -81.55
CA MET C 88 42.58 -43.11 -81.36
C MET C 88 43.60 -42.94 -80.32
N ALA C 89 43.64 -43.88 -79.43
CA ALA C 89 44.62 -43.82 -78.33
C ALA C 89 46.01 -44.16 -78.77
N MET C 90 46.18 -44.26 -80.08
CA MET C 90 47.49 -44.55 -80.58
C MET C 90 48.06 -43.29 -81.17
N MET C 91 47.16 -42.33 -81.34
CA MET C 91 47.51 -41.03 -81.77
C MET C 91 48.53 -40.46 -80.87
N THR C 92 49.37 -39.55 -81.40
CA THR C 92 50.42 -38.92 -80.61
C THR C 92 49.93 -37.60 -80.18
N HIS C 93 48.65 -37.37 -80.49
CA HIS C 93 48.02 -36.14 -80.13
C HIS C 93 46.64 -36.34 -79.52
N LEU C 94 46.69 -36.43 -78.19
CA LEU C 94 45.59 -36.66 -77.32
C LEU C 94 44.98 -35.34 -76.88
N HIS C 95 44.06 -34.90 -77.71
CA HIS C 95 43.36 -33.67 -77.56
C HIS C 95 41.93 -33.96 -77.48
N GLU C 96 41.22 -32.87 -77.41
CA GLU C 96 39.79 -32.96 -77.48
C GLU C 96 39.38 -33.00 -78.95
N PRO C 97 39.88 -32.06 -79.76
CA PRO C 97 39.55 -32.01 -81.15
C PRO C 97 39.92 -33.22 -81.98
N ALA C 98 41.14 -33.66 -81.84
CA ALA C 98 41.57 -34.81 -82.59
C ALA C 98 40.71 -36.02 -82.41
N VAL C 99 40.03 -36.09 -81.28
CA VAL C 99 39.19 -37.24 -81.06
C VAL C 99 37.88 -37.08 -81.77
N LEU C 100 37.39 -35.90 -81.69
CA LEU C 100 36.13 -35.60 -82.34
C LEU C 100 36.34 -35.85 -83.81
N TYR C 101 37.40 -35.24 -84.31
CA TYR C 101 37.74 -35.31 -85.71
C TYR C 101 37.98 -36.66 -86.27
N ASN C 102 38.53 -37.60 -85.49
CA ASN C 102 38.79 -38.94 -85.99
C ASN C 102 37.54 -39.71 -86.16
N LEU C 103 36.66 -39.51 -85.22
CA LEU C 103 35.42 -40.25 -85.22
C LEU C 103 34.70 -39.86 -86.46
N LYS C 104 34.52 -38.53 -86.53
CA LYS C 104 33.86 -37.85 -87.65
C LYS C 104 34.36 -38.28 -89.00
N GLU C 105 35.67 -38.30 -89.20
CA GLU C 105 36.16 -38.67 -90.51
C GLU C 105 35.81 -40.08 -90.93
N ARG C 106 35.92 -41.04 -90.00
CA ARG C 106 35.66 -42.41 -90.36
C ARG C 106 34.24 -42.78 -90.40
N TYR C 107 33.43 -41.77 -90.23
CA TYR C 107 31.99 -41.92 -90.21
C TYR C 107 31.47 -41.45 -91.53
N ALA C 108 32.06 -40.34 -91.97
CA ALA C 108 31.75 -39.77 -93.28
C ALA C 108 32.17 -40.76 -94.36
N ALA C 109 32.90 -41.79 -93.89
CA ALA C 109 33.38 -42.85 -94.73
C ALA C 109 32.64 -44.10 -94.39
N TRP C 110 31.65 -43.90 -93.57
CA TRP C 110 30.81 -44.99 -93.14
C TRP C 110 31.49 -46.03 -92.33
N MET C 111 32.42 -45.62 -91.45
CA MET C 111 32.91 -46.58 -90.50
C MET C 111 32.37 -46.21 -89.10
N ILE C 112 31.48 -47.06 -88.61
CA ILE C 112 30.84 -46.82 -87.33
C ILE C 112 31.62 -47.30 -86.12
N TYR C 113 32.57 -48.18 -86.31
CA TYR C 113 33.33 -48.67 -85.20
C TYR C 113 34.73 -48.25 -85.18
N THR C 114 34.98 -47.39 -84.23
CA THR C 114 36.33 -46.92 -83.99
C THR C 114 36.68 -47.11 -82.51
N TYR C 115 37.86 -47.63 -82.13
CA TYR C 115 38.23 -47.82 -80.70
C TYR C 115 38.91 -46.59 -80.15
N SER C 116 38.75 -46.36 -78.83
CA SER C 116 39.36 -45.21 -78.14
C SER C 116 39.98 -45.65 -76.86
N GLY C 117 40.85 -46.61 -76.96
CA GLY C 117 41.48 -47.15 -75.82
C GLY C 117 40.93 -48.50 -75.64
N LEU C 118 40.11 -48.64 -74.65
CA LEU C 118 39.54 -49.95 -74.38
C LEU C 118 38.16 -49.97 -74.95
N PHE C 119 37.67 -48.76 -75.07
CA PHE C 119 36.34 -48.60 -75.58
C PHE C 119 36.17 -49.03 -76.97
N CYS C 120 34.95 -49.18 -77.31
CA CYS C 120 34.54 -49.52 -78.63
C CYS C 120 33.48 -48.55 -78.99
N VAL C 121 33.92 -47.41 -79.51
CA VAL C 121 32.98 -46.45 -79.89
C VAL C 121 32.10 -46.96 -81.00
N THR C 122 30.83 -46.57 -81.00
CA THR C 122 29.84 -46.97 -82.02
C THR C 122 28.93 -45.81 -82.37
N VAL C 123 28.87 -45.50 -83.63
CA VAL C 123 28.04 -44.40 -84.08
C VAL C 123 26.84 -44.87 -84.88
N ASN C 124 25.65 -44.31 -84.54
CA ASN C 124 24.41 -44.66 -85.23
C ASN C 124 24.44 -44.43 -86.73
N PRO C 125 24.36 -45.49 -87.53
CA PRO C 125 24.44 -45.30 -88.97
C PRO C 125 23.29 -44.49 -89.53
N TYR C 126 22.13 -44.83 -89.09
CA TYR C 126 20.88 -44.19 -89.50
C TYR C 126 20.46 -44.64 -90.85
N LYS C 127 21.02 -45.76 -91.17
CA LYS C 127 20.78 -46.44 -92.40
C LYS C 127 21.26 -47.89 -92.26
N TRP C 128 21.14 -48.71 -93.30
CA TRP C 128 21.51 -50.13 -93.22
C TRP C 128 22.92 -50.44 -93.65
N LEU C 129 23.49 -51.47 -93.00
CA LEU C 129 24.86 -51.87 -93.30
C LEU C 129 25.04 -53.40 -93.24
N PRO C 130 25.90 -53.88 -94.13
CA PRO C 130 26.22 -55.31 -94.20
C PRO C 130 27.08 -55.74 -93.07
N VAL C 131 27.13 -54.97 -91.99
CA VAL C 131 28.03 -55.30 -90.89
C VAL C 131 27.59 -56.43 -89.99
N TYR C 132 26.30 -56.58 -89.86
CA TYR C 132 25.80 -57.55 -88.94
C TYR C 132 25.72 -58.85 -89.65
N ASN C 133 26.31 -58.76 -90.84
CA ASN C 133 26.45 -59.82 -91.82
C ASN C 133 27.04 -61.07 -91.31
N PRO C 134 26.24 -62.05 -91.61
CA PRO C 134 26.42 -63.42 -91.27
C PRO C 134 27.76 -63.92 -91.75
N LYS C 135 28.50 -63.10 -92.45
CA LYS C 135 29.81 -63.59 -92.86
C LYS C 135 30.79 -63.08 -91.89
N VAL C 136 30.47 -61.89 -91.42
CA VAL C 136 31.33 -61.20 -90.50
C VAL C 136 31.51 -61.95 -89.21
N VAL C 137 30.34 -62.37 -88.72
CA VAL C 137 30.21 -63.14 -87.52
C VAL C 137 31.33 -64.18 -87.39
N LEU C 138 31.58 -64.90 -88.49
CA LEU C 138 32.62 -65.93 -88.54
C LEU C 138 33.97 -65.31 -88.53
N ALA C 139 34.06 -64.29 -89.38
CA ALA C 139 35.30 -63.59 -89.57
C ALA C 139 35.94 -63.16 -88.27
N TYR C 140 35.09 -62.63 -87.39
CA TYR C 140 35.52 -62.13 -86.13
C TYR C 140 35.74 -63.22 -85.10
N ARG C 141 35.49 -64.41 -85.55
CA ARG C 141 35.58 -65.60 -84.75
C ARG C 141 36.98 -66.15 -84.61
N GLY C 142 37.54 -66.02 -83.39
CA GLY C 142 38.87 -66.49 -83.00
C GLY C 142 40.00 -65.46 -83.23
N LYS C 143 39.63 -64.21 -83.43
CA LYS C 143 40.53 -63.10 -83.72
C LYS C 143 40.79 -62.05 -82.66
N LYS C 144 42.06 -61.86 -82.27
CA LYS C 144 42.34 -60.75 -81.35
C LYS C 144 42.01 -59.44 -82.05
N ARG C 145 41.75 -58.37 -81.28
CA ARG C 145 41.36 -57.13 -81.92
C ARG C 145 42.42 -56.46 -82.72
N GLN C 146 43.56 -57.13 -82.83
CA GLN C 146 44.65 -56.55 -83.58
C GLN C 146 44.77 -57.24 -84.93
N GLU C 147 44.09 -58.38 -85.01
CA GLU C 147 43.99 -59.20 -86.21
C GLU C 147 42.81 -58.81 -87.09
N ALA C 148 41.97 -57.90 -86.60
CA ALA C 148 40.82 -57.41 -87.28
C ALA C 148 40.46 -55.95 -86.93
N PRO C 149 39.74 -55.31 -87.84
CA PRO C 149 39.33 -53.92 -87.69
C PRO C 149 38.29 -53.71 -86.59
N PRO C 150 38.17 -52.48 -86.12
CA PRO C 150 37.22 -52.13 -85.10
C PRO C 150 35.79 -52.52 -85.40
N HIS C 151 35.30 -53.38 -84.47
CA HIS C 151 33.98 -53.93 -84.44
C HIS C 151 33.61 -54.64 -83.13
N ILE C 152 32.35 -54.59 -82.82
CA ILE C 152 31.70 -55.11 -81.66
C ILE C 152 31.80 -56.59 -81.50
N PHE C 153 31.87 -57.29 -82.60
CA PHE C 153 32.01 -58.67 -82.46
C PHE C 153 33.44 -58.87 -81.97
N SER C 154 34.27 -57.85 -82.15
CA SER C 154 35.62 -58.07 -81.70
C SER C 154 35.60 -58.21 -80.25
N ILE C 155 34.88 -57.25 -79.66
CA ILE C 155 34.80 -57.19 -78.22
C ILE C 155 34.17 -58.49 -77.72
N SER C 156 33.05 -58.79 -78.34
CA SER C 156 32.23 -59.91 -78.03
C SER C 156 32.89 -61.24 -78.23
N ASP C 157 33.85 -61.30 -79.06
CA ASP C 157 34.46 -62.61 -79.25
C ASP C 157 35.57 -62.76 -78.28
N ASN C 158 36.27 -61.67 -78.13
CA ASN C 158 37.41 -61.67 -77.27
C ASN C 158 37.01 -62.04 -75.89
N ALA C 159 35.82 -61.58 -75.55
CA ALA C 159 35.27 -61.87 -74.23
C ALA C 159 35.24 -63.35 -74.01
N TYR C 160 34.58 -63.96 -74.96
CA TYR C 160 34.44 -65.40 -75.04
C TYR C 160 35.77 -66.11 -74.93
N GLN C 161 36.67 -65.65 -75.74
CA GLN C 161 38.01 -66.20 -75.80
C GLN C 161 38.52 -66.21 -74.39
N PHE C 162 38.78 -65.01 -73.99
CA PHE C 162 39.25 -64.65 -72.71
C PHE C 162 38.54 -65.43 -71.63
N MET C 163 37.28 -65.68 -71.90
CA MET C 163 36.50 -66.37 -70.95
C MET C 163 37.12 -67.72 -70.76
N LEU C 164 37.24 -68.47 -71.84
CA LEU C 164 37.86 -69.79 -71.73
C LEU C 164 39.37 -69.78 -71.47
N THR C 165 40.09 -68.80 -71.99
CA THR C 165 41.52 -68.74 -71.80
C THR C 165 41.95 -68.49 -70.36
N ASP C 166 41.39 -67.45 -69.75
CA ASP C 166 41.72 -67.04 -68.38
C ASP C 166 40.87 -67.69 -67.26
N ARG C 167 39.76 -68.30 -67.66
CA ARG C 167 38.87 -68.93 -66.69
C ARG C 167 38.28 -67.91 -65.73
N GLU C 168 37.98 -66.74 -66.28
CA GLU C 168 37.38 -65.65 -65.55
C GLU C 168 36.08 -65.25 -66.18
N ASN C 169 35.22 -64.65 -65.39
CA ASN C 169 33.96 -64.23 -66.00
C ASN C 169 34.18 -62.90 -66.64
N GLN C 170 33.25 -62.60 -67.54
CA GLN C 170 33.38 -61.39 -68.31
C GLN C 170 32.19 -60.47 -68.22
N SER C 171 32.35 -59.28 -68.81
CA SER C 171 31.25 -58.30 -68.88
C SER C 171 31.46 -57.37 -70.03
N ILE C 172 30.37 -56.81 -70.45
CA ILE C 172 30.29 -55.89 -71.51
C ILE C 172 29.40 -54.77 -71.07
N LEU C 173 29.92 -53.57 -71.04
CA LEU C 173 29.13 -52.51 -70.61
C LEU C 173 28.75 -51.59 -71.70
N ILE C 174 27.47 -51.65 -72.11
CA ILE C 174 27.00 -50.81 -73.17
C ILE C 174 26.34 -49.58 -72.58
N THR C 175 26.65 -48.41 -73.07
CA THR C 175 26.11 -47.22 -72.54
C THR C 175 26.09 -46.07 -73.53
N GLY C 176 25.01 -45.24 -73.47
CA GLY C 176 24.86 -44.06 -74.33
C GLY C 176 23.54 -43.35 -74.09
N GLU C 177 23.33 -42.19 -74.72
CA GLU C 177 22.05 -41.50 -74.56
C GLU C 177 20.90 -42.19 -75.30
N SER C 178 19.71 -41.77 -74.95
CA SER C 178 18.45 -42.24 -75.43
C SER C 178 18.46 -42.65 -76.89
N GLY C 179 19.10 -41.86 -77.72
CA GLY C 179 19.05 -42.21 -79.15
C GLY C 179 20.27 -42.91 -79.70
N ALA C 180 21.25 -43.19 -78.85
CA ALA C 180 22.46 -43.82 -79.29
C ALA C 180 22.29 -45.20 -79.91
N GLY C 181 21.21 -45.90 -79.55
CA GLY C 181 20.93 -47.22 -80.11
C GLY C 181 21.67 -48.36 -79.43
N LYS C 182 21.47 -48.49 -78.11
CA LYS C 182 22.16 -49.55 -77.40
C LYS C 182 21.48 -50.90 -77.50
N THR C 183 20.15 -50.94 -77.30
CA THR C 183 19.33 -52.17 -77.34
C THR C 183 19.73 -53.00 -78.52
N VAL C 184 19.81 -52.25 -79.61
CA VAL C 184 20.23 -52.77 -80.90
C VAL C 184 21.53 -53.50 -80.81
N ASN C 185 22.51 -52.87 -80.16
CA ASN C 185 23.78 -53.51 -80.02
C ASN C 185 23.67 -54.67 -79.11
N THR C 186 23.05 -54.42 -77.98
CA THR C 186 22.91 -55.40 -76.94
C THR C 186 22.35 -56.65 -77.50
N LYS C 187 21.26 -56.47 -78.21
CA LYS C 187 20.63 -57.57 -78.84
C LYS C 187 21.59 -58.27 -79.73
N ARG C 188 22.22 -57.44 -80.56
CA ARG C 188 23.18 -57.96 -81.54
C ARG C 188 24.34 -58.69 -80.93
N VAL C 189 24.71 -58.29 -79.74
CA VAL C 189 25.79 -58.97 -79.07
C VAL C 189 25.31 -60.33 -78.65
N ILE C 190 24.12 -60.29 -78.11
CA ILE C 190 23.48 -61.49 -77.61
C ILE C 190 23.36 -62.58 -78.67
N GLN C 191 22.84 -62.20 -79.85
CA GLN C 191 22.74 -63.16 -80.94
C GLN C 191 24.07 -63.82 -81.13
N TYR C 192 25.07 -62.95 -81.14
CA TYR C 192 26.43 -63.38 -81.30
C TYR C 192 26.80 -64.53 -80.38
N PHE C 193 26.52 -64.36 -79.11
CA PHE C 193 26.81 -65.43 -78.18
C PHE C 193 26.09 -66.67 -78.53
N ALA C 194 24.82 -66.51 -78.73
CA ALA C 194 23.95 -67.66 -79.00
C ALA C 194 24.48 -68.43 -80.20
N THR C 195 24.78 -67.72 -81.27
CA THR C 195 25.27 -68.37 -82.48
C THR C 195 26.57 -69.12 -82.27
N ILE C 196 27.64 -68.38 -82.01
CA ILE C 196 28.95 -68.93 -81.82
C ILE C 196 29.13 -69.96 -80.71
N ALA C 197 28.12 -70.32 -79.96
CA ALA C 197 28.36 -71.33 -78.95
C ALA C 197 27.07 -72.00 -78.47
N ALA C 198 26.29 -72.53 -79.43
CA ALA C 198 24.99 -73.15 -79.18
C ALA C 198 24.93 -74.66 -78.92
N SER C 199 24.16 -75.05 -77.90
CA SER C 199 23.95 -76.46 -77.54
C SER C 199 22.48 -76.91 -77.52
N GLY C 200 21.73 -76.49 -78.55
CA GLY C 200 20.33 -76.84 -78.74
C GLY C 200 20.27 -77.88 -79.85
N GLU C 201 20.89 -79.01 -79.54
CA GLU C 201 21.08 -80.14 -80.43
C GLU C 201 19.82 -80.59 -81.14
N LEU C 215 14.65 -70.45 -76.56
CA LEU C 215 15.43 -69.41 -75.91
C LEU C 215 15.28 -68.12 -76.67
N GLU C 216 15.66 -68.28 -77.90
CA GLU C 216 15.65 -67.25 -78.89
C GLU C 216 14.42 -66.39 -78.89
N ASP C 217 13.36 -66.90 -78.36
CA ASP C 217 12.11 -66.13 -78.30
C ASP C 217 11.96 -65.54 -76.94
N GLN C 218 12.18 -66.40 -75.91
CA GLN C 218 12.07 -65.98 -74.53
C GLN C 218 12.94 -64.77 -74.41
N ILE C 219 14.14 -64.98 -74.94
CA ILE C 219 15.19 -64.00 -75.01
C ILE C 219 14.57 -62.72 -75.48
N ILE C 220 13.89 -62.86 -76.57
CA ILE C 220 13.24 -61.73 -77.17
C ILE C 220 12.03 -61.28 -76.38
N SER C 221 11.11 -62.20 -76.20
CA SER C 221 9.85 -61.92 -75.50
C SER C 221 10.06 -61.15 -74.24
N ALA C 222 11.28 -61.26 -73.73
CA ALA C 222 11.62 -60.59 -72.50
C ALA C 222 11.28 -59.14 -72.53
N ASN C 223 11.81 -58.51 -73.53
CA ASN C 223 11.67 -57.06 -73.71
C ASN C 223 10.28 -56.50 -73.48
N PRO C 224 9.37 -56.91 -74.33
CA PRO C 224 7.99 -56.47 -74.30
C PRO C 224 7.25 -56.59 -72.97
N LEU C 225 7.85 -57.27 -72.02
CA LEU C 225 7.22 -57.38 -70.70
C LEU C 225 7.79 -56.24 -69.88
N LEU C 226 9.09 -56.24 -69.78
CA LEU C 226 9.85 -55.24 -69.10
C LEU C 226 9.41 -53.85 -69.52
N GLU C 227 9.19 -53.71 -70.82
CA GLU C 227 8.78 -52.45 -71.47
C GLU C 227 7.41 -51.98 -71.01
N ALA C 228 6.53 -52.93 -70.75
CA ALA C 228 5.22 -52.55 -70.26
C ALA C 228 5.26 -51.99 -68.90
N PHE C 229 6.26 -52.48 -68.14
CA PHE C 229 6.48 -52.09 -66.76
C PHE C 229 7.55 -51.10 -66.49
N GLY C 230 8.62 -51.14 -67.25
CA GLY C 230 9.68 -50.16 -67.08
C GLY C 230 9.79 -49.13 -68.16
N ASN C 231 8.78 -48.97 -69.05
CA ASN C 231 8.80 -47.99 -70.12
C ASN C 231 7.60 -47.10 -70.11
N ALA C 232 7.76 -45.92 -70.64
CA ALA C 232 6.71 -44.96 -70.66
C ALA C 232 6.91 -43.82 -71.64
N LYS C 233 5.88 -43.09 -71.90
CA LYS C 233 5.96 -41.95 -72.74
C LYS C 233 6.60 -40.82 -72.09
N THR C 234 7.77 -40.49 -72.53
CA THR C 234 8.55 -39.37 -72.06
C THR C 234 8.25 -38.25 -73.03
N VAL C 235 8.55 -37.05 -72.64
CA VAL C 235 8.32 -35.90 -73.48
C VAL C 235 9.25 -35.93 -74.70
N ARG C 236 10.30 -36.73 -74.61
CA ARG C 236 11.29 -36.90 -75.67
C ARG C 236 11.00 -38.11 -76.56
N ASN C 237 10.86 -39.25 -75.93
CA ASN C 237 10.54 -40.47 -76.59
C ASN C 237 9.09 -40.86 -76.28
N ASP C 238 8.55 -41.83 -76.99
CA ASP C 238 7.17 -42.27 -76.79
C ASP C 238 7.16 -43.57 -76.06
N ASN C 239 8.34 -44.18 -76.10
CA ASN C 239 8.66 -45.44 -75.45
C ASN C 239 10.01 -45.34 -74.80
N SER C 240 10.19 -44.43 -73.81
CA SER C 240 11.47 -44.26 -73.16
C SER C 240 11.75 -45.30 -72.13
N SER C 241 13.01 -45.72 -72.08
CA SER C 241 13.47 -46.72 -71.12
C SER C 241 13.62 -46.04 -69.75
N ARG C 242 12.81 -46.41 -68.75
CA ARG C 242 12.97 -45.76 -67.48
C ARG C 242 13.79 -46.48 -66.52
N PHE C 243 14.02 -48.73 -69.63
CA PHE C 243 14.59 -49.39 -68.48
C PHE C 243 15.96 -49.93 -68.75
N GLY C 244 16.68 -50.29 -67.68
CA GLY C 244 18.03 -50.82 -67.76
C GLY C 244 18.05 -52.30 -67.64
N LYS C 245 19.16 -52.93 -68.00
CA LYS C 245 19.15 -54.37 -67.88
C LYS C 245 20.46 -55.06 -67.86
N PHE C 246 20.46 -56.23 -67.21
CA PHE C 246 21.61 -57.02 -67.03
C PHE C 246 21.35 -58.48 -67.18
N ILE C 247 21.92 -59.05 -68.22
CA ILE C 247 21.82 -60.45 -68.55
C ILE C 247 23.05 -61.26 -68.25
N ARG C 248 22.85 -62.40 -67.64
CA ARG C 248 24.01 -63.19 -67.37
C ARG C 248 23.99 -64.40 -68.22
N ILE C 249 24.82 -64.44 -69.22
CA ILE C 249 24.83 -65.62 -70.00
C ILE C 249 25.78 -66.57 -69.44
N HIS C 250 25.21 -67.61 -68.91
CA HIS C 250 25.99 -68.58 -68.22
C HIS C 250 26.47 -69.64 -69.15
N PHE C 251 27.75 -69.55 -69.44
CA PHE C 251 28.32 -70.51 -70.32
C PHE C 251 28.67 -71.74 -69.53
N GLY C 252 28.73 -72.88 -70.22
CA GLY C 252 29.05 -74.12 -69.58
C GLY C 252 30.56 -74.30 -69.37
N ALA C 253 30.97 -75.57 -69.14
CA ALA C 253 32.35 -75.95 -68.90
C ALA C 253 33.10 -76.13 -70.19
N THR C 254 32.40 -76.79 -71.08
CA THR C 254 32.89 -77.03 -72.42
C THR C 254 33.14 -75.66 -72.99
N GLY C 255 32.09 -74.87 -73.01
CA GLY C 255 32.13 -73.54 -73.54
C GLY C 255 30.76 -73.29 -74.23
N LYS C 256 29.86 -74.26 -74.11
CA LYS C 256 28.56 -74.16 -74.73
C LYS C 256 27.52 -73.63 -73.74
N LEU C 257 26.59 -72.84 -74.29
CA LEU C 257 25.47 -72.21 -73.56
C LEU C 257 24.85 -73.07 -72.48
N ALA C 258 24.51 -72.47 -71.33
CA ALA C 258 23.89 -73.22 -70.21
C ALA C 258 22.75 -72.48 -69.49
N SER C 259 22.87 -71.16 -69.28
CA SER C 259 21.83 -70.39 -68.63
C SER C 259 21.94 -68.92 -68.91
N ALA C 260 20.85 -68.26 -68.53
CA ALA C 260 20.71 -66.82 -68.66
C ALA C 260 20.06 -66.24 -67.41
N ASP C 261 20.11 -64.93 -67.31
CA ASP C 261 19.64 -64.27 -66.12
C ASP C 261 19.31 -62.81 -66.30
N ILE C 262 18.07 -62.44 -66.37
CA ILE C 262 17.81 -61.02 -66.47
C ILE C 262 17.50 -60.31 -65.22
N GLU C 263 17.81 -59.03 -65.21
CA GLU C 263 17.53 -58.13 -64.13
C GLU C 263 17.23 -56.74 -64.64
N THR C 264 16.17 -56.17 -64.12
CA THR C 264 15.69 -54.91 -64.58
C THR C 264 15.89 -53.82 -63.55
N TYR C 265 16.18 -52.63 -64.04
CA TYR C 265 16.45 -51.48 -63.21
C TYR C 265 15.71 -50.27 -63.73
N LEU C 266 15.20 -49.51 -62.84
CA LEU C 266 14.58 -48.27 -63.13
C LEU C 266 13.67 -48.18 -64.32
N LEU C 267 12.46 -48.61 -64.18
CA LEU C 267 11.51 -48.58 -65.20
C LEU C 267 10.77 -47.26 -65.21
N GLU C 268 12.70 -45.86 -62.45
CA GLU C 268 12.03 -44.62 -62.16
C GLU C 268 10.79 -44.84 -61.35
N LYS C 269 10.97 -45.10 -60.05
CA LYS C 269 9.86 -45.36 -59.12
C LYS C 269 8.82 -44.26 -59.06
N SER C 270 9.28 -43.07 -59.24
CA SER C 270 8.38 -41.94 -59.22
C SER C 270 7.22 -41.95 -60.23
N ARG C 271 7.39 -42.54 -61.42
CA ARG C 271 6.34 -42.54 -62.44
C ARG C 271 5.11 -43.16 -61.85
N VAL C 272 5.32 -44.27 -61.13
CA VAL C 272 4.27 -44.98 -60.50
C VAL C 272 3.30 -44.11 -59.74
N THR C 273 3.75 -42.96 -59.28
CA THR C 273 2.98 -42.07 -58.42
C THR C 273 2.80 -40.70 -59.00
N PHE C 274 3.66 -40.41 -59.93
CA PHE C 274 3.67 -39.13 -60.55
C PHE C 274 3.96 -39.20 -61.98
N GLN C 275 3.80 -38.03 -62.55
CA GLN C 275 3.96 -37.83 -63.95
C GLN C 275 3.88 -36.36 -64.34
N LEU C 276 4.83 -35.99 -65.17
CA LEU C 276 4.83 -34.67 -65.68
C LEU C 276 3.65 -34.55 -66.65
N PRO C 277 3.32 -33.32 -66.94
CA PRO C 277 2.21 -32.92 -67.77
C PRO C 277 2.16 -33.40 -69.18
N ALA C 278 3.32 -33.59 -69.79
CA ALA C 278 3.31 -34.09 -71.15
C ALA C 278 3.66 -35.56 -71.21
N GLU C 279 3.84 -36.13 -70.04
CA GLU C 279 4.25 -37.50 -69.95
C GLU C 279 3.18 -38.41 -69.39
N ARG C 280 3.61 -39.62 -69.21
CA ARG C 280 2.72 -40.57 -68.68
C ARG C 280 3.42 -41.69 -67.98
N SER C 281 2.67 -42.43 -67.23
CA SER C 281 3.25 -43.49 -66.50
C SER C 281 3.51 -44.66 -67.36
N TYR C 282 3.98 -45.74 -66.69
CA TYR C 282 4.30 -46.96 -67.34
C TYR C 282 3.18 -47.37 -68.25
N HIS C 283 3.46 -48.18 -69.24
CA HIS C 283 2.43 -48.50 -70.17
C HIS C 283 1.33 -49.36 -69.63
N ILE C 284 1.79 -50.40 -68.93
CA ILE C 284 0.93 -51.40 -68.39
C ILE C 284 -0.43 -50.92 -67.99
N PHE C 285 -0.42 -49.85 -67.30
CA PHE C 285 -1.64 -49.27 -66.75
C PHE C 285 -2.54 -48.95 -67.82
N TYR C 286 -2.02 -48.25 -68.80
CA TYR C 286 -2.86 -47.86 -69.92
C TYR C 286 -3.16 -49.03 -70.77
N GLN C 287 -2.28 -50.01 -70.75
CA GLN C 287 -2.50 -51.18 -71.53
C GLN C 287 -3.80 -51.79 -71.02
N ILE C 288 -3.76 -52.20 -69.77
CA ILE C 288 -4.83 -52.83 -69.03
C ILE C 288 -6.21 -52.15 -69.09
N MET C 289 -6.23 -50.86 -68.95
CA MET C 289 -7.48 -50.11 -69.00
C MET C 289 -7.97 -49.92 -70.44
N SER C 290 -7.19 -50.44 -71.38
CA SER C 290 -7.53 -50.31 -72.78
C SER C 290 -8.78 -51.06 -73.10
N ASN C 291 -8.98 -52.17 -72.41
CA ASN C 291 -10.12 -53.04 -72.52
C ASN C 291 -10.03 -54.13 -73.57
N LYS C 292 -8.91 -54.66 -73.82
CA LYS C 292 -8.89 -55.71 -74.82
C LYS C 292 -9.24 -57.09 -74.25
N LYS C 293 -9.11 -57.14 -72.96
CA LYS C 293 -9.34 -58.29 -72.09
C LYS C 293 -10.23 -57.81 -70.96
N PRO C 294 -11.52 -57.56 -71.28
CA PRO C 294 -12.45 -56.99 -70.30
C PRO C 294 -12.50 -57.63 -68.91
N GLU C 295 -12.26 -58.95 -68.79
CA GLU C 295 -12.24 -59.63 -67.52
C GLU C 295 -11.38 -58.96 -66.54
N LEU C 296 -10.24 -58.60 -67.06
CA LEU C 296 -9.18 -57.89 -66.31
C LEU C 296 -9.71 -56.71 -65.54
N ILE C 297 -10.52 -55.89 -66.22
CA ILE C 297 -11.12 -54.72 -65.63
C ILE C 297 -11.98 -55.00 -64.38
N ASP C 298 -12.74 -56.10 -64.47
CA ASP C 298 -13.62 -56.53 -63.44
C ASP C 298 -12.85 -57.33 -62.42
N MET C 299 -11.85 -57.98 -62.92
CA MET C 299 -11.01 -58.79 -62.09
C MET C 299 -10.23 -57.91 -61.10
N LEU C 300 -9.75 -56.79 -61.62
CA LEU C 300 -8.96 -55.84 -60.85
C LEU C 300 -9.83 -54.87 -60.11
N LEU C 301 -11.06 -54.77 -60.55
CA LEU C 301 -11.99 -53.89 -59.93
C LEU C 301 -11.75 -52.47 -60.24
N ILE C 302 -11.53 -52.20 -61.52
CA ILE C 302 -11.29 -50.84 -61.90
C ILE C 302 -12.21 -50.47 -63.02
N THR C 303 -12.01 -49.26 -63.44
CA THR C 303 -12.71 -48.80 -64.58
C THR C 303 -11.79 -48.73 -65.76
N THR C 304 -12.26 -48.15 -66.85
CA THR C 304 -11.52 -48.02 -68.11
C THR C 304 -11.04 -46.57 -68.33
N ASN C 305 -11.53 -45.65 -67.50
CA ASN C 305 -11.25 -44.25 -67.44
C ASN C 305 -10.21 -43.96 -66.39
N PRO C 306 -9.02 -43.57 -66.82
CA PRO C 306 -7.85 -43.35 -66.01
C PRO C 306 -7.95 -42.22 -65.10
N TYR C 307 -8.88 -41.38 -65.39
CA TYR C 307 -9.00 -40.26 -64.50
C TYR C 307 -9.59 -40.65 -63.17
N ASP C 308 -9.69 -41.98 -62.93
CA ASP C 308 -10.21 -42.55 -61.69
C ASP C 308 -9.05 -43.00 -60.82
N TYR C 309 -7.86 -42.86 -61.39
CA TYR C 309 -6.67 -43.24 -60.78
C TYR C 309 -5.64 -42.20 -60.93
N HIS C 310 -5.76 -41.27 -59.99
CA HIS C 310 -4.86 -40.14 -59.82
C HIS C 310 -3.36 -40.42 -60.10
N TYR C 311 -2.84 -41.48 -59.55
CA TYR C 311 -1.50 -41.92 -59.67
C TYR C 311 -1.08 -42.00 -61.11
N VAL C 312 -1.99 -42.40 -61.99
CA VAL C 312 -1.71 -42.60 -63.41
C VAL C 312 -2.33 -41.67 -64.45
N SER C 313 -2.93 -40.58 -64.04
CA SER C 313 -3.43 -39.69 -65.04
C SER C 313 -3.10 -38.29 -64.68
N GLN C 314 -1.92 -38.08 -64.17
CA GLN C 314 -1.55 -36.74 -63.78
C GLN C 314 -1.02 -36.05 -65.01
N GLY C 315 -0.55 -36.86 -65.93
CA GLY C 315 -0.01 -36.31 -67.13
C GLY C 315 -0.94 -36.60 -68.25
N GLU C 316 -0.52 -37.48 -69.16
CA GLU C 316 -1.31 -37.82 -70.30
C GLU C 316 -1.73 -39.26 -70.18
N ILE C 317 -2.77 -39.62 -70.93
CA ILE C 317 -3.33 -40.96 -70.90
C ILE C 317 -3.18 -41.70 -72.22
N THR C 318 -3.30 -40.93 -73.29
CA THR C 318 -3.19 -41.57 -74.59
C THR C 318 -2.12 -40.98 -75.48
N VAL C 319 -1.50 -41.89 -76.23
CA VAL C 319 -0.45 -41.59 -77.20
C VAL C 319 -0.81 -42.25 -78.51
N PRO C 320 -0.94 -41.39 -79.54
CA PRO C 320 -1.35 -41.77 -80.88
C PRO C 320 -0.52 -42.85 -81.54
N SER C 321 0.81 -42.78 -81.35
CA SER C 321 1.71 -43.75 -81.92
C SER C 321 1.70 -45.11 -81.25
N ILE C 322 0.95 -45.25 -80.15
CA ILE C 322 0.86 -46.50 -79.38
C ILE C 322 -0.53 -47.07 -79.35
N ASP C 323 -0.63 -48.39 -79.53
CA ASP C 323 -1.90 -49.12 -79.53
C ASP C 323 -1.95 -50.01 -78.31
N ASP C 324 -2.38 -49.42 -77.20
CA ASP C 324 -2.44 -50.06 -75.91
C ASP C 324 -3.10 -51.44 -75.96
N GLN C 325 -4.04 -51.57 -76.85
CA GLN C 325 -4.78 -52.80 -77.01
C GLN C 325 -3.95 -53.93 -77.52
N GLU C 326 -3.08 -53.63 -78.48
CA GLU C 326 -2.19 -54.62 -79.13
C GLU C 326 -1.10 -55.09 -78.18
N GLU C 327 -0.58 -54.11 -77.50
CA GLU C 327 0.47 -54.34 -76.57
C GLU C 327 0.06 -55.22 -75.44
N LEU C 328 -1.14 -54.95 -74.92
CA LEU C 328 -1.70 -55.73 -73.83
C LEU C 328 -1.55 -57.19 -74.07
N MET C 329 -1.80 -57.56 -75.29
CA MET C 329 -1.63 -58.96 -75.65
C MET C 329 -0.22 -59.33 -75.77
N ALA C 330 0.54 -58.43 -76.39
CA ALA C 330 1.95 -58.69 -76.57
C ALA C 330 2.56 -59.06 -75.24
N THR C 331 2.21 -58.19 -74.34
CA THR C 331 2.61 -58.31 -72.99
C THR C 331 2.16 -59.59 -72.44
N ASP C 332 0.87 -59.77 -72.54
CA ASP C 332 0.20 -60.96 -72.03
C ASP C 332 0.89 -62.24 -72.45
N SER C 333 0.93 -62.38 -73.76
CA SER C 333 1.57 -63.51 -74.43
C SER C 333 3.02 -63.70 -74.02
N ALA C 334 3.74 -62.61 -73.85
CA ALA C 334 5.09 -62.68 -73.45
C ALA C 334 5.23 -63.37 -72.09
N ILE C 335 4.29 -63.02 -71.20
CA ILE C 335 4.34 -63.55 -69.85
C ILE C 335 4.37 -65.05 -69.86
N ASP C 336 3.42 -65.55 -70.60
CA ASP C 336 3.25 -66.96 -70.83
C ASP C 336 4.51 -67.59 -71.35
N ILE C 337 5.01 -67.07 -72.45
CA ILE C 337 6.21 -67.62 -73.05
C ILE C 337 7.32 -67.62 -72.11
N LEU C 338 7.26 -66.58 -71.31
CA LEU C 338 8.25 -66.48 -70.31
C LEU C 338 8.14 -67.54 -69.21
N GLY C 339 7.09 -68.36 -69.30
CA GLY C 339 6.93 -69.48 -68.36
C GLY C 339 6.29 -69.18 -67.02
N PHE C 340 5.72 -67.99 -66.90
CA PHE C 340 5.11 -67.65 -65.64
C PHE C 340 3.88 -68.49 -65.40
N SER C 341 3.64 -68.79 -64.13
CA SER C 341 2.43 -69.47 -63.72
C SER C 341 1.23 -68.57 -63.85
N ALA C 342 0.06 -69.14 -64.15
CA ALA C 342 -1.10 -68.27 -64.38
C ALA C 342 -1.39 -67.41 -63.18
N ASP C 343 -1.28 -68.10 -62.07
CA ASP C 343 -1.39 -67.51 -60.78
C ASP C 343 -0.47 -66.28 -60.70
N GLU C 344 0.84 -66.49 -61.00
CA GLU C 344 1.78 -65.41 -60.96
C GLU C 344 1.33 -64.40 -61.95
N LYS C 345 0.92 -64.93 -63.09
CA LYS C 345 0.45 -64.06 -64.15
C LYS C 345 -0.80 -63.38 -63.71
N THR C 346 -1.34 -63.90 -62.64
CA THR C 346 -2.53 -63.34 -62.05
C THR C 346 -2.09 -62.34 -60.94
N ALA C 347 -1.04 -62.69 -60.20
CA ALA C 347 -0.54 -61.84 -59.19
C ALA C 347 -0.14 -60.51 -59.78
N ILE C 348 0.58 -60.63 -60.83
CA ILE C 348 1.10 -59.48 -61.58
C ILE C 348 -0.01 -58.56 -61.89
N TYR C 349 -1.02 -59.12 -62.47
CA TYR C 349 -2.08 -58.24 -62.83
C TYR C 349 -2.68 -57.70 -61.58
N LYS C 350 -3.29 -58.54 -60.78
CA LYS C 350 -3.95 -58.14 -59.53
C LYS C 350 -3.12 -57.15 -58.72
N LEU C 351 -1.82 -57.39 -58.69
CA LEU C 351 -0.91 -56.55 -57.95
C LEU C 351 -0.74 -55.17 -58.56
N THR C 352 -0.81 -55.10 -59.88
CA THR C 352 -0.65 -53.87 -60.61
C THR C 352 -1.85 -52.98 -60.47
N GLY C 353 -2.97 -53.52 -60.05
CA GLY C 353 -4.20 -52.77 -59.89
C GLY C 353 -4.33 -52.28 -58.49
N ALA C 354 -3.82 -53.09 -57.55
CA ALA C 354 -3.87 -52.68 -56.15
C ALA C 354 -3.25 -51.28 -56.01
N VAL C 355 -2.12 -51.18 -56.64
CA VAL C 355 -1.30 -49.98 -56.70
C VAL C 355 -2.10 -48.81 -57.21
N MET C 356 -2.90 -49.00 -58.17
CA MET C 356 -3.74 -47.92 -58.73
C MET C 356 -4.67 -47.46 -57.67
N HIS C 357 -5.26 -48.45 -57.03
CA HIS C 357 -6.23 -48.28 -55.93
C HIS C 357 -5.66 -47.54 -54.76
N TYR C 358 -4.43 -47.83 -54.44
CA TYR C 358 -3.80 -47.17 -53.33
C TYR C 358 -3.87 -45.67 -53.46
N GLY C 359 -3.55 -45.22 -54.62
CA GLY C 359 -3.55 -43.81 -54.90
C GLY C 359 -4.91 -43.23 -54.76
N ASN C 360 -5.89 -44.11 -54.58
CA ASN C 360 -7.30 -43.69 -54.39
C ASN C 360 -7.68 -43.74 -52.92
N LEU C 361 -6.81 -44.36 -52.16
CA LEU C 361 -7.02 -44.46 -50.76
C LEU C 361 -7.02 -43.06 -50.18
N LYS C 362 -8.09 -42.76 -49.46
CA LYS C 362 -8.31 -41.46 -48.86
C LYS C 362 -8.46 -41.53 -47.37
N PHE C 363 -8.05 -40.44 -46.75
CA PHE C 363 -8.11 -40.32 -45.30
C PHE C 363 -8.56 -38.96 -44.86
N LYS C 364 -8.96 -38.92 -43.57
CA LYS C 364 -9.42 -37.72 -42.87
C LYS C 364 -8.98 -37.64 -41.40
N GLN C 365 -8.84 -36.43 -40.97
CA GLN C 365 -8.44 -36.07 -39.61
C GLN C 365 -9.49 -36.47 -38.61
N LYS C 366 -9.02 -37.13 -37.61
CA LYS C 366 -9.93 -37.52 -36.55
C LYS C 366 -10.26 -36.21 -35.87
N GLN C 367 -11.48 -36.07 -35.38
CA GLN C 367 -11.93 -34.84 -34.71
C GLN C 367 -11.17 -34.53 -33.42
N ARG C 368 -10.75 -33.26 -33.31
CA ARG C 368 -10.06 -32.78 -32.14
C ARG C 368 -8.71 -33.41 -31.95
N GLU C 369 -8.38 -34.21 -32.92
CA GLU C 369 -7.12 -34.91 -32.93
C GLU C 369 -6.50 -34.59 -34.27
N GLU C 370 -5.20 -34.77 -34.30
CA GLU C 370 -4.43 -34.51 -35.50
C GLU C 370 -4.11 -35.85 -36.14
N GLN C 371 -4.90 -36.85 -35.78
CA GLN C 371 -4.67 -38.14 -36.31
C GLN C 371 -5.44 -38.38 -37.55
N ALA C 372 -4.91 -39.34 -38.28
CA ALA C 372 -5.48 -39.79 -39.49
C ALA C 372 -6.38 -40.94 -39.19
N GLU C 373 -7.54 -40.85 -39.80
CA GLU C 373 -8.53 -41.85 -39.70
C GLU C 373 -9.05 -42.09 -41.13
N PRO C 374 -9.28 -43.35 -41.46
CA PRO C 374 -9.75 -43.73 -42.76
C PRO C 374 -11.00 -42.99 -43.18
N ASP C 375 -11.03 -42.56 -44.43
CA ASP C 375 -12.16 -41.85 -44.95
C ASP C 375 -13.07 -42.79 -45.71
N GLY C 376 -13.10 -44.08 -45.33
CA GLY C 376 -13.97 -45.02 -46.04
C GLY C 376 -13.27 -46.33 -46.27
N THR C 377 -14.09 -47.39 -46.38
CA THR C 377 -13.60 -48.73 -46.68
C THR C 377 -14.28 -49.23 -47.92
N GLU C 378 -14.04 -48.51 -48.97
CA GLU C 378 -14.57 -48.78 -50.28
C GLU C 378 -13.43 -49.35 -51.11
N VAL C 379 -12.35 -48.57 -51.09
CA VAL C 379 -11.18 -48.83 -51.83
C VAL C 379 -10.25 -49.72 -51.12
N ALA C 380 -10.21 -49.56 -49.85
CA ALA C 380 -9.29 -50.35 -49.08
C ALA C 380 -9.64 -51.76 -49.29
N ASP C 381 -10.92 -51.96 -49.39
CA ASP C 381 -11.54 -53.27 -49.51
C ASP C 381 -11.00 -53.98 -50.70
N LYS C 382 -10.94 -53.22 -51.78
CA LYS C 382 -10.45 -53.73 -53.06
C LYS C 382 -8.97 -53.96 -53.00
N ALA C 383 -8.27 -52.98 -52.48
CA ALA C 383 -6.84 -53.11 -52.42
C ALA C 383 -6.55 -54.30 -51.57
N ALA C 384 -7.25 -54.42 -50.49
CA ALA C 384 -7.05 -55.51 -49.55
C ALA C 384 -7.26 -56.87 -50.15
N TYR C 385 -8.32 -57.01 -50.89
CA TYR C 385 -8.69 -58.26 -51.50
C TYR C 385 -7.74 -58.67 -52.61
N LEU C 386 -7.40 -57.70 -53.40
CA LEU C 386 -6.53 -57.87 -54.54
C LEU C 386 -5.17 -58.29 -54.13
N MET C 387 -4.78 -57.91 -52.91
CA MET C 387 -3.46 -58.27 -52.40
C MET C 387 -3.50 -59.49 -51.47
N GLY C 388 -4.69 -59.96 -51.14
CA GLY C 388 -4.83 -61.09 -50.24
C GLY C 388 -4.62 -60.65 -48.80
N LEU C 389 -5.18 -59.49 -48.48
CA LEU C 389 -5.10 -58.82 -47.21
C LEU C 389 -6.49 -58.66 -46.55
N ASN C 390 -6.49 -58.07 -45.37
CA ASN C 390 -7.65 -57.78 -44.63
C ASN C 390 -7.77 -56.25 -44.48
N SER C 391 -8.87 -55.74 -44.99
CA SER C 391 -9.17 -54.30 -45.02
C SER C 391 -8.79 -53.58 -43.76
N ALA C 392 -9.22 -54.12 -42.65
CA ALA C 392 -9.04 -53.49 -41.35
C ALA C 392 -7.63 -53.39 -40.94
N GLU C 393 -7.07 -54.58 -40.78
CA GLU C 393 -5.76 -54.79 -40.32
C GLU C 393 -4.87 -53.87 -41.05
N LEU C 394 -5.23 -53.75 -42.33
CA LEU C 394 -4.49 -52.90 -43.26
C LEU C 394 -4.60 -51.41 -42.89
N LEU C 395 -5.82 -50.93 -42.71
CA LEU C 395 -6.04 -49.54 -42.41
C LEU C 395 -5.51 -49.11 -41.07
N LYS C 396 -5.34 -50.08 -40.18
CA LYS C 396 -4.83 -49.82 -38.86
C LYS C 396 -3.36 -49.51 -38.96
N ALA C 397 -2.67 -50.56 -39.39
CA ALA C 397 -1.24 -50.55 -39.63
C ALA C 397 -0.84 -49.26 -40.29
N LEU C 398 -1.63 -48.88 -41.27
CA LEU C 398 -1.41 -47.66 -42.00
C LEU C 398 -1.55 -46.42 -41.15
N CYS C 399 -2.64 -46.37 -40.34
CA CYS C 399 -2.98 -45.25 -39.49
C CYS C 399 -2.25 -45.24 -38.14
N TYR C 400 -2.11 -46.40 -37.54
CA TYR C 400 -1.47 -46.59 -36.27
C TYR C 400 -0.31 -47.53 -36.38
N PRO C 401 0.64 -47.09 -37.14
CA PRO C 401 1.88 -47.81 -37.36
C PRO C 401 2.44 -48.26 -36.05
N ARG C 402 2.56 -49.56 -35.86
CA ARG C 402 3.14 -50.10 -34.63
C ARG C 402 4.60 -50.46 -34.81
N VAL C 403 5.38 -49.54 -34.31
CA VAL C 403 6.83 -49.46 -34.32
C VAL C 403 7.48 -50.28 -33.18
N LYS C 404 8.81 -50.25 -33.12
CA LYS C 404 9.61 -50.97 -32.12
C LYS C 404 10.89 -50.25 -31.63
N VAL C 405 10.71 -49.07 -30.96
CA VAL C 405 11.76 -48.19 -30.37
C VAL C 405 12.16 -48.62 -28.96
N GLY C 406 13.40 -49.03 -28.84
CA GLY C 406 13.94 -49.53 -27.60
C GLY C 406 14.11 -51.02 -27.80
N ASN C 407 13.45 -51.83 -26.97
CA ASN C 407 13.53 -53.28 -27.12
C ASN C 407 12.17 -53.90 -27.32
N GLU C 408 11.18 -53.01 -27.49
CA GLU C 408 9.81 -53.39 -27.66
C GLU C 408 9.23 -52.86 -28.97
N PHE C 409 7.92 -52.81 -28.97
CA PHE C 409 7.14 -52.37 -30.10
C PHE C 409 6.08 -51.33 -29.67
N VAL C 410 6.43 -50.07 -29.92
CA VAL C 410 5.65 -48.88 -29.60
C VAL C 410 4.71 -48.41 -30.67
N THR C 411 3.43 -48.45 -30.37
CA THR C 411 2.44 -47.98 -31.35
C THR C 411 2.41 -46.48 -31.53
N LYS C 412 2.72 -46.08 -32.77
CA LYS C 412 2.79 -44.70 -33.24
C LYS C 412 1.67 -44.26 -34.13
N GLY C 413 1.22 -43.04 -33.87
CA GLY C 413 0.16 -42.42 -34.63
C GLY C 413 0.68 -41.48 -35.72
N GLN C 414 -0.01 -41.52 -36.86
CA GLN C 414 0.37 -40.70 -37.97
C GLN C 414 -0.66 -39.66 -38.37
N THR C 415 -0.18 -38.68 -39.12
CA THR C 415 -0.98 -37.60 -39.63
C THR C 415 -1.52 -37.95 -40.99
N VAL C 416 -2.46 -37.14 -41.44
CA VAL C 416 -3.06 -37.34 -42.71
C VAL C 416 -1.94 -37.31 -43.75
N SER C 417 -1.18 -36.24 -43.73
CA SER C 417 -0.04 -36.08 -44.63
C SER C 417 0.94 -37.20 -44.56
N GLN C 418 1.04 -37.82 -43.41
CA GLN C 418 1.98 -38.90 -43.23
C GLN C 418 1.53 -40.19 -43.88
N VAL C 419 0.22 -40.37 -43.91
CA VAL C 419 -0.34 -41.58 -44.46
C VAL C 419 -0.24 -41.58 -45.93
N HIS C 420 -0.80 -40.52 -46.50
CA HIS C 420 -0.82 -40.34 -47.94
C HIS C 420 0.55 -40.59 -48.50
N ASN C 421 1.55 -40.12 -47.76
CA ASN C 421 2.92 -40.30 -48.18
C ASN C 421 3.35 -41.74 -47.95
N SER C 422 2.95 -42.36 -46.87
CA SER C 422 3.41 -43.75 -46.70
C SER C 422 2.84 -44.72 -47.70
N VAL C 423 1.61 -44.49 -48.01
CA VAL C 423 0.90 -45.27 -48.97
C VAL C 423 1.70 -45.26 -50.26
N GLY C 424 1.94 -44.06 -50.71
CA GLY C 424 2.70 -43.83 -51.90
C GLY C 424 4.02 -44.56 -51.81
N ALA C 425 4.57 -44.61 -50.62
CA ALA C 425 5.82 -45.33 -50.50
C ALA C 425 5.70 -46.79 -50.72
N LEU C 426 4.58 -47.35 -50.25
CA LEU C 426 4.43 -48.80 -50.51
C LEU C 426 4.14 -49.08 -51.97
N ALA C 427 3.21 -48.29 -52.55
CA ALA C 427 2.82 -48.38 -53.92
C ALA C 427 4.05 -48.51 -54.75
N LYS C 428 4.96 -47.58 -54.54
CA LYS C 428 6.21 -47.61 -55.27
C LYS C 428 7.03 -48.82 -54.91
N ALA C 429 7.17 -49.06 -53.61
CA ALA C 429 7.96 -50.18 -53.13
C ALA C 429 7.53 -51.48 -53.77
N VAL C 430 6.25 -51.74 -53.68
CA VAL C 430 5.66 -52.95 -54.26
C VAL C 430 5.87 -53.14 -55.73
N TYR C 431 5.60 -52.07 -56.47
CA TYR C 431 5.79 -52.09 -57.91
C TYR C 431 7.21 -52.49 -58.27
N GLU C 432 8.16 -51.74 -57.68
CA GLU C 432 9.55 -52.01 -57.86
C GLU C 432 9.89 -53.43 -57.72
N LYS C 433 9.90 -53.88 -56.50
CA LYS C 433 10.12 -55.28 -56.09
C LYS C 433 9.61 -56.26 -57.11
N MET C 434 8.35 -56.08 -57.42
CA MET C 434 7.66 -56.91 -58.40
C MET C 434 8.44 -56.94 -59.67
N PHE C 435 8.74 -55.76 -60.10
CA PHE C 435 9.50 -55.62 -61.33
C PHE C 435 10.77 -56.37 -61.23
N LEU C 436 11.38 -56.28 -60.04
CA LEU C 436 12.63 -57.00 -59.84
C LEU C 436 12.40 -58.48 -59.95
N TRP C 437 11.36 -58.93 -59.31
CA TRP C 437 11.00 -60.31 -59.30
C TRP C 437 10.82 -60.85 -60.71
N MET C 438 9.99 -60.14 -61.47
CA MET C 438 9.71 -60.54 -62.84
C MET C 438 10.98 -60.81 -63.56
N VAL C 439 11.91 -59.88 -63.37
CA VAL C 439 13.20 -60.06 -64.00
C VAL C 439 13.83 -61.36 -63.59
N ILE C 440 13.90 -61.59 -62.30
CA ILE C 440 14.45 -62.83 -61.78
C ILE C 440 13.78 -64.04 -62.38
N ARG C 441 12.49 -64.02 -62.35
CA ARG C 441 11.76 -65.12 -62.88
C ARG C 441 12.11 -65.34 -64.33
N ILE C 442 12.32 -64.24 -65.03
CA ILE C 442 12.65 -64.33 -66.44
C ILE C 442 13.96 -65.10 -66.52
N ASN C 443 14.98 -64.55 -65.85
CA ASN C 443 16.30 -65.08 -65.76
C ASN C 443 16.23 -66.58 -65.48
N GLN C 444 15.26 -66.94 -64.65
CA GLN C 444 15.12 -68.33 -64.29
C GLN C 444 14.78 -69.26 -65.39
N GLN C 445 13.98 -68.76 -66.27
CA GLN C 445 13.62 -69.55 -67.41
C GLN C 445 14.79 -69.55 -68.36
N LEU C 446 15.42 -68.39 -68.45
CA LEU C 446 16.56 -68.19 -69.34
C LEU C 446 17.78 -68.96 -68.87
N ASP C 447 16.26 -71.15 -66.59
CA ASP C 447 17.00 -71.88 -65.57
C ASP C 447 17.10 -73.32 -65.96
N THR C 448 18.34 -73.76 -66.07
CA THR C 448 18.53 -75.13 -66.41
C THR C 448 19.28 -75.77 -65.29
N LYS C 449 19.33 -77.09 -65.35
CA LYS C 449 20.01 -77.88 -64.37
C LYS C 449 21.49 -78.02 -64.68
N GLN C 450 21.84 -78.06 -65.99
CA GLN C 450 23.23 -78.18 -66.44
C GLN C 450 24.18 -77.26 -65.69
N PRO C 451 25.40 -77.74 -65.48
CA PRO C 451 26.40 -77.01 -64.73
C PRO C 451 26.80 -75.76 -65.46
N ARG C 452 27.25 -74.80 -64.65
CA ARG C 452 27.71 -73.49 -65.11
C ARG C 452 29.08 -73.21 -64.50
N GLN C 453 30.03 -72.73 -65.35
CA GLN C 453 31.35 -72.48 -64.82
C GLN C 453 31.70 -71.03 -64.84
N TYR C 454 31.15 -70.35 -65.84
CA TYR C 454 31.34 -68.92 -66.00
C TYR C 454 30.20 -68.30 -66.75
N PHE C 455 30.17 -66.97 -66.70
CA PHE C 455 29.11 -66.24 -67.36
C PHE C 455 29.66 -65.00 -68.00
N ILE C 456 28.87 -64.43 -68.88
CA ILE C 456 29.26 -63.21 -69.53
C ILE C 456 28.13 -62.21 -69.37
N GLY C 457 28.40 -61.20 -68.58
CA GLY C 457 27.40 -60.22 -68.32
C GLY C 457 27.37 -59.10 -69.30
N VAL C 458 26.15 -58.84 -69.73
CA VAL C 458 25.86 -57.81 -70.66
C VAL C 458 24.98 -56.79 -69.99
N LEU C 459 25.53 -55.66 -69.70
CA LEU C 459 24.86 -54.60 -69.03
C LEU C 459 24.48 -53.48 -69.98
N ASP C 460 23.20 -53.16 -69.96
CA ASP C 460 22.59 -52.10 -70.75
C ASP C 460 21.83 -51.18 -69.81
N ILE C 461 22.26 -49.95 -69.74
CA ILE C 461 21.75 -48.91 -68.91
C ILE C 461 22.08 -47.58 -69.57
N ALA C 462 21.51 -46.55 -69.07
CA ALA C 462 21.78 -45.23 -69.54
C ALA C 462 23.01 -44.57 -68.95
N GLY C 463 23.46 -43.57 -69.70
CA GLY C 463 24.61 -42.85 -69.29
C GLY C 463 24.21 -41.53 -68.84
N PHE C 464 25.12 -40.98 -68.07
CA PHE C 464 25.04 -39.67 -67.50
C PHE C 464 24.54 -38.71 -68.53
N GLU C 465 23.36 -38.21 -68.25
CA GLU C 465 22.68 -37.24 -69.07
C GLU C 465 22.44 -36.03 -68.16
N ILE C 466 22.64 -34.89 -68.76
CA ILE C 466 22.45 -33.69 -68.00
C ILE C 466 21.30 -32.92 -68.56
N PHE C 467 20.40 -32.54 -67.72
CA PHE C 467 19.30 -31.77 -68.22
C PHE C 467 19.19 -30.51 -67.46
N ASP C 468 18.52 -29.55 -68.08
CA ASP C 468 18.37 -28.30 -67.39
C ASP C 468 17.59 -28.58 -66.14
N PHE C 469 16.80 -29.67 -66.24
CA PHE C 469 16.01 -30.15 -65.14
C PHE C 469 16.42 -31.51 -64.64
N ASN C 470 17.06 -31.57 -63.48
CA ASN C 470 17.46 -32.83 -62.96
C ASN C 470 16.73 -33.17 -61.69
N SER C 471 15.97 -34.22 -61.78
CA SER C 471 15.25 -34.66 -60.64
C SER C 471 15.80 -35.96 -60.14
N PHE C 472 15.06 -36.51 -59.20
CA PHE C 472 15.40 -37.72 -58.49
C PHE C 472 15.93 -38.82 -59.36
N GLU C 473 15.20 -39.06 -60.41
CA GLU C 473 15.59 -40.12 -61.35
C GLU C 473 17.00 -39.92 -61.91
N GLN C 474 17.35 -38.66 -62.13
CA GLN C 474 18.64 -38.31 -62.65
C GLN C 474 19.77 -38.65 -61.69
N LEU C 475 19.51 -38.34 -60.45
CA LEU C 475 20.48 -38.66 -59.43
C LEU C 475 20.77 -40.17 -59.46
N CYS C 476 19.69 -40.97 -59.41
CA CYS C 476 19.84 -42.40 -59.40
C CYS C 476 20.67 -42.89 -60.58
N ILE C 477 20.39 -42.37 -61.75
CA ILE C 477 21.14 -42.81 -62.91
C ILE C 477 22.57 -42.31 -62.87
N ASN C 478 22.72 -41.00 -62.61
CA ASN C 478 24.04 -40.41 -62.57
C ASN C 478 24.90 -41.14 -61.59
N PHE C 479 24.32 -41.41 -60.46
CA PHE C 479 25.04 -42.11 -59.44
C PHE C 479 25.49 -43.44 -59.96
N THR C 480 24.64 -44.07 -60.77
CA THR C 480 25.00 -45.36 -61.27
C THR C 480 26.21 -45.22 -62.13
N ASN C 481 26.14 -44.23 -63.00
CA ASN C 481 27.24 -44.01 -63.92
C ASN C 481 28.52 -43.55 -63.23
N GLU C 482 28.43 -42.66 -62.27
CA GLU C 482 29.64 -42.22 -61.66
C GLU C 482 30.38 -43.37 -61.00
N LYS C 483 29.69 -44.42 -60.74
CA LYS C 483 30.22 -45.59 -60.11
C LYS C 483 30.92 -46.40 -61.15
N LEU C 484 30.18 -46.66 -62.23
CA LEU C 484 30.61 -47.41 -63.40
C LEU C 484 31.94 -46.88 -63.92
N GLN C 485 32.01 -45.55 -63.97
CA GLN C 485 33.19 -44.83 -64.38
C GLN C 485 34.43 -45.15 -63.54
N GLN C 486 34.29 -45.04 -62.23
CA GLN C 486 35.32 -45.34 -61.28
C GLN C 486 35.76 -46.73 -61.46
N PHE C 487 34.78 -47.51 -61.90
CA PHE C 487 34.99 -48.95 -62.09
C PHE C 487 35.97 -49.20 -63.19
N PHE C 488 35.87 -48.34 -64.16
CA PHE C 488 36.75 -48.36 -65.30
C PHE C 488 38.13 -47.80 -64.94
N ASN C 489 38.14 -46.54 -64.51
CA ASN C 489 39.34 -45.81 -64.11
C ASN C 489 40.29 -46.66 -63.30
N HIS C 490 39.70 -47.59 -62.58
CA HIS C 490 40.50 -48.45 -61.77
C HIS C 490 41.09 -49.55 -62.61
N HIS C 491 40.22 -50.21 -63.36
CA HIS C 491 40.60 -51.32 -64.23
C HIS C 491 41.71 -50.86 -65.11
N MET C 492 41.68 -49.61 -65.43
CA MET C 492 42.70 -49.06 -66.26
C MET C 492 43.98 -48.84 -65.51
N PHE C 493 43.82 -48.53 -64.25
CA PHE C 493 44.96 -48.28 -63.44
C PHE C 493 45.63 -49.57 -63.18
N VAL C 494 44.88 -50.52 -62.94
CA VAL C 494 45.41 -51.83 -62.72
C VAL C 494 46.13 -52.30 -63.94
N LEU C 495 45.44 -52.18 -65.06
CA LEU C 495 45.89 -52.57 -66.39
C LEU C 495 47.19 -51.88 -66.81
N GLU C 496 47.16 -50.55 -66.75
CA GLU C 496 48.32 -49.75 -67.09
C GLU C 496 49.59 -50.26 -66.41
N GLN C 497 49.51 -50.26 -65.10
CA GLN C 497 50.52 -50.66 -64.20
C GLN C 497 51.12 -52.04 -64.48
N GLU C 498 50.43 -52.84 -65.26
CA GLU C 498 50.95 -54.14 -65.57
C GLU C 498 52.02 -53.96 -66.63
N GLU C 499 51.73 -53.08 -67.59
CA GLU C 499 52.65 -52.81 -68.68
C GLU C 499 53.96 -52.34 -68.13
N TYR C 500 53.89 -51.21 -67.43
CA TYR C 500 55.10 -50.70 -66.84
C TYR C 500 55.85 -51.73 -65.99
N LYS C 501 55.19 -52.83 -65.69
CA LYS C 501 55.74 -53.88 -64.87
C LYS C 501 56.30 -54.93 -65.77
N LYS C 502 55.57 -55.16 -66.86
CA LYS C 502 55.97 -56.12 -67.90
C LYS C 502 57.24 -55.58 -68.58
N GLU C 503 57.18 -54.34 -69.01
CA GLU C 503 58.30 -53.70 -69.65
C GLU C 503 59.42 -53.38 -68.69
N GLY C 504 59.09 -52.85 -67.57
CA GLY C 504 60.22 -52.56 -66.76
C GLY C 504 60.38 -51.08 -66.68
N ILE C 505 59.32 -50.38 -67.04
CA ILE C 505 59.41 -48.95 -66.91
C ILE C 505 59.22 -48.62 -65.45
N GLU C 506 59.65 -47.44 -65.06
CA GLU C 506 59.50 -47.03 -63.72
C GLU C 506 58.53 -45.88 -63.59
N TRP C 507 57.25 -46.23 -63.49
CA TRP C 507 56.19 -45.23 -63.38
C TRP C 507 55.33 -45.51 -62.16
N GLU C 508 55.22 -44.52 -61.23
CA GLU C 508 54.37 -44.72 -60.09
C GLU C 508 53.16 -43.85 -60.17
N PHE C 509 52.04 -44.46 -59.81
CA PHE C 509 50.83 -43.73 -59.87
C PHE C 509 49.76 -44.37 -59.00
N ILE C 510 48.94 -43.45 -58.53
CA ILE C 510 47.80 -43.64 -57.70
C ILE C 510 46.61 -44.10 -58.56
N ASP C 511 45.74 -44.93 -57.98
CA ASP C 511 44.53 -45.44 -58.61
C ASP C 511 43.80 -44.31 -59.25
N PHE C 512 43.26 -44.49 -60.46
CA PHE C 512 42.57 -43.35 -61.05
C PHE C 512 41.18 -43.25 -60.56
N GLY C 513 40.70 -44.30 -59.92
CA GLY C 513 39.36 -44.25 -59.40
C GLY C 513 39.19 -43.17 -58.33
N MET C 514 40.10 -43.20 -57.42
CA MET C 514 40.21 -42.36 -56.28
C MET C 514 39.70 -40.99 -56.49
N ASP C 515 39.86 -40.53 -57.69
CA ASP C 515 39.42 -39.15 -57.90
C ASP C 515 37.95 -39.00 -57.68
N LEU C 516 37.22 -40.09 -57.91
CA LEU C 516 35.78 -40.01 -57.79
C LEU C 516 35.18 -40.37 -56.47
N ALA C 517 35.95 -41.04 -55.62
CA ALA C 517 35.45 -41.46 -54.33
C ALA C 517 34.77 -40.35 -53.56
N ALA C 518 35.21 -39.14 -53.72
CA ALA C 518 34.62 -38.03 -53.06
C ALA C 518 33.16 -37.97 -53.35
N CYS C 519 32.82 -37.92 -54.64
CA CYS C 519 31.42 -37.82 -54.99
C CYS C 519 30.59 -39.01 -54.54
N ILE C 520 31.11 -40.18 -54.79
CA ILE C 520 30.37 -41.34 -54.34
C ILE C 520 30.06 -41.36 -52.86
N GLU C 521 31.07 -41.15 -51.99
CA GLU C 521 30.80 -41.17 -50.56
C GLU C 521 29.65 -40.25 -50.17
N LEU C 522 29.60 -39.07 -50.74
CA LEU C 522 28.62 -38.04 -50.46
C LEU C 522 27.21 -38.53 -50.73
N ILE C 523 27.09 -39.41 -51.70
CA ILE C 523 25.78 -39.92 -52.05
C ILE C 523 25.37 -41.13 -51.25
N GLU C 524 26.23 -42.15 -51.27
CA GLU C 524 25.99 -43.44 -50.65
C GLU C 524 26.33 -43.64 -49.20
N LYS C 525 27.20 -42.81 -48.65
CA LYS C 525 27.60 -42.97 -47.28
C LYS C 525 26.47 -42.57 -46.37
N PRO C 526 26.61 -42.96 -45.08
CA PRO C 526 25.61 -42.73 -44.06
C PRO C 526 25.04 -41.32 -43.85
N MET C 527 25.86 -40.29 -43.79
CA MET C 527 25.13 -39.04 -43.57
C MET C 527 24.90 -38.33 -44.87
N GLY C 528 25.12 -39.09 -45.95
CA GLY C 528 24.98 -38.61 -47.33
C GLY C 528 23.55 -38.56 -47.84
N ILE C 529 23.37 -37.83 -48.93
CA ILE C 529 22.11 -37.55 -49.61
C ILE C 529 21.02 -38.57 -49.47
N PHE C 530 21.30 -39.76 -49.93
CA PHE C 530 20.32 -40.83 -49.82
C PHE C 530 19.80 -41.02 -48.41
N SER C 531 20.73 -41.18 -47.45
CA SER C 531 20.32 -41.33 -46.08
C SER C 531 19.39 -40.23 -45.61
N ILE C 532 19.89 -39.01 -45.67
CA ILE C 532 19.08 -37.86 -45.31
C ILE C 532 17.74 -37.93 -46.07
N LEU C 533 17.82 -38.47 -47.28
CA LEU C 533 16.63 -38.66 -48.04
C LEU C 533 15.76 -39.74 -47.48
N GLU C 534 16.35 -40.84 -47.16
CA GLU C 534 15.57 -41.94 -46.65
C GLU C 534 15.23 -41.89 -45.20
N GLU C 535 15.71 -40.88 -44.52
CA GLU C 535 15.41 -40.84 -43.07
C GLU C 535 14.15 -40.07 -42.98
N GLU C 536 14.27 -38.85 -43.51
CA GLU C 536 13.15 -37.92 -43.54
C GLU C 536 11.85 -38.61 -44.02
N CYS C 537 12.02 -39.66 -44.79
CA CYS C 537 10.88 -40.37 -45.29
C CYS C 537 10.17 -41.05 -44.18
N MET C 538 10.81 -41.04 -43.02
CA MET C 538 10.26 -41.72 -41.82
C MET C 538 9.50 -40.76 -40.91
N PHE C 539 9.69 -39.47 -41.19
CA PHE C 539 9.06 -38.40 -40.48
C PHE C 539 7.69 -38.10 -41.12
N PRO C 540 6.67 -38.48 -40.43
CA PRO C 540 5.29 -38.34 -40.85
C PRO C 540 4.89 -36.95 -41.26
N LYS C 541 5.69 -35.99 -40.95
CA LYS C 541 5.32 -34.60 -41.21
C LYS C 541 6.50 -33.81 -41.75
N ALA C 542 7.26 -34.47 -42.62
CA ALA C 542 8.41 -33.83 -43.21
C ALA C 542 8.04 -33.20 -44.53
N THR C 543 8.87 -32.27 -44.98
CA THR C 543 8.61 -31.58 -46.23
C THR C 543 9.80 -31.71 -47.11
N ASP C 544 9.58 -31.45 -48.38
CA ASP C 544 10.67 -31.44 -49.33
C ASP C 544 11.61 -30.39 -48.76
N THR C 545 11.00 -29.28 -48.36
CA THR C 545 11.70 -28.16 -47.76
C THR C 545 12.44 -28.60 -46.52
N SER C 546 11.80 -29.42 -45.73
CA SER C 546 12.42 -29.92 -44.54
C SER C 546 13.70 -30.63 -44.93
N PHE C 547 13.51 -31.66 -45.75
CA PHE C 547 14.57 -32.47 -46.30
C PHE C 547 15.70 -31.63 -46.79
N LYS C 548 15.33 -30.62 -47.56
CA LYS C 548 16.31 -29.72 -48.15
C LYS C 548 17.25 -29.19 -47.08
N ASN C 549 16.68 -28.53 -46.08
CA ASN C 549 17.47 -27.94 -45.02
C ASN C 549 18.40 -28.96 -44.39
N LYS C 550 17.88 -30.15 -44.20
CA LYS C 550 18.70 -31.16 -43.56
C LYS C 550 19.88 -31.48 -44.41
N LEU C 551 19.65 -31.38 -45.68
CA LEU C 551 20.67 -31.64 -46.64
C LEU C 551 21.76 -30.61 -46.46
N TYR C 552 21.35 -29.36 -46.31
CA TYR C 552 22.36 -28.31 -46.23
C TYR C 552 23.12 -28.29 -44.94
N ASP C 553 22.37 -28.06 -43.87
CA ASP C 553 22.92 -27.95 -42.52
C ASP C 553 24.07 -28.91 -42.30
N GLN C 554 23.94 -30.06 -42.97
CA GLN C 554 24.92 -31.12 -42.85
C GLN C 554 25.99 -31.20 -43.92
N HIS C 555 25.70 -30.76 -45.13
CA HIS C 555 26.76 -30.90 -46.13
C HIS C 555 27.33 -29.60 -46.59
N LEU C 556 26.50 -28.57 -46.56
CA LEU C 556 26.95 -27.29 -47.03
C LEU C 556 28.08 -26.68 -46.24
N GLY C 557 29.06 -26.25 -47.00
CA GLY C 557 30.27 -25.62 -46.50
C GLY C 557 31.27 -26.65 -46.02
N LYS C 558 30.76 -27.80 -45.63
CA LYS C 558 31.55 -28.88 -45.11
C LYS C 558 31.98 -29.84 -46.18
N SER C 559 31.23 -29.82 -47.29
CA SER C 559 31.53 -30.70 -48.40
C SER C 559 31.72 -29.96 -49.69
N ASN C 560 32.80 -30.35 -50.36
CA ASN C 560 33.28 -29.69 -51.54
C ASN C 560 32.46 -30.00 -52.79
N ASN C 561 32.05 -31.24 -52.88
CA ASN C 561 31.30 -31.64 -54.04
C ASN C 561 29.88 -31.16 -53.95
N PHE C 562 29.60 -30.67 -52.76
CA PHE C 562 28.29 -30.12 -52.43
C PHE C 562 28.28 -28.62 -52.65
N GLN C 563 27.25 -28.16 -53.32
CA GLN C 563 27.17 -26.77 -53.67
C GLN C 563 25.71 -26.32 -53.79
N LYS C 564 25.51 -25.01 -53.70
CA LYS C 564 24.21 -24.42 -53.87
C LYS C 564 24.13 -23.89 -55.28
N PRO C 565 23.03 -24.17 -55.98
CA PRO C 565 22.85 -23.76 -57.35
C PRO C 565 22.98 -22.29 -57.61
N LYS C 566 23.57 -22.03 -58.78
CA LYS C 566 23.81 -20.73 -59.37
C LYS C 566 22.67 -20.42 -60.32
N PRO C 567 21.69 -19.60 -59.89
CA PRO C 567 20.54 -19.27 -60.71
C PRO C 567 20.93 -18.84 -62.15
N ALA C 568 20.16 -19.31 -63.14
CA ALA C 568 20.36 -19.01 -64.55
C ALA C 568 19.04 -19.10 -65.34
N ALA C 572 14.59 -24.47 -65.30
CA ALA C 572 13.87 -24.21 -64.07
C ALA C 572 14.75 -23.81 -62.87
N GLU C 573 14.31 -24.26 -61.69
CA GLU C 573 14.95 -23.99 -60.41
C GLU C 573 15.96 -25.07 -60.02
N ALA C 574 16.65 -24.87 -58.90
CA ALA C 574 17.60 -25.85 -58.50
C ALA C 574 17.85 -25.78 -57.01
N HIS C 575 18.11 -26.91 -56.38
CA HIS C 575 18.33 -26.87 -54.97
C HIS C 575 19.68 -27.27 -54.59
N PHE C 576 20.31 -27.99 -55.48
CA PHE C 576 21.63 -28.38 -55.14
C PHE C 576 22.31 -29.03 -56.27
N SER C 577 23.55 -28.63 -56.36
CA SER C 577 24.38 -29.09 -57.40
C SER C 577 25.40 -29.99 -56.76
N LEU C 578 25.81 -30.91 -57.58
CA LEU C 578 26.83 -31.85 -57.27
C LEU C 578 27.93 -31.81 -58.32
N VAL C 579 29.09 -32.21 -57.91
CA VAL C 579 30.21 -32.20 -58.81
C VAL C 579 30.66 -33.59 -59.23
N HIS C 580 29.98 -34.09 -60.25
CA HIS C 580 30.25 -35.42 -60.78
C HIS C 580 31.45 -35.35 -61.71
N TYR C 581 32.01 -36.52 -62.07
CA TYR C 581 33.15 -36.50 -62.96
C TYR C 581 32.89 -35.76 -64.27
N ALA C 582 31.67 -35.98 -64.82
CA ALA C 582 31.26 -35.35 -66.08
C ALA C 582 31.03 -33.85 -65.99
N GLY C 583 30.69 -33.43 -64.78
CA GLY C 583 30.46 -32.04 -64.49
C GLY C 583 29.49 -31.81 -63.36
N THR C 584 28.96 -30.57 -63.33
CA THR C 584 28.05 -30.09 -62.30
C THR C 584 26.63 -30.31 -62.66
N VAL C 585 25.93 -30.99 -61.78
CA VAL C 585 24.52 -31.25 -62.05
C VAL C 585 23.68 -30.51 -61.01
N ASP C 586 22.74 -29.76 -61.53
CA ASP C 586 21.84 -28.96 -60.75
C ASP C 586 20.57 -29.77 -60.50
N TYR C 587 20.39 -30.15 -59.24
CA TYR C 587 19.27 -31.02 -58.85
C TYR C 587 18.15 -30.28 -58.16
N ASN C 588 16.93 -30.62 -58.59
CA ASN C 588 15.68 -30.11 -58.05
C ASN C 588 15.04 -31.18 -57.22
N ILE C 589 14.80 -30.87 -55.98
CA ILE C 589 14.25 -31.75 -54.96
C ILE C 589 12.77 -31.60 -54.76
N SER C 590 11.97 -31.99 -55.68
CA SER C 590 10.59 -31.72 -55.40
C SER C 590 9.70 -32.85 -55.80
N GLY C 591 9.40 -33.67 -54.83
CA GLY C 591 8.54 -34.79 -55.03
C GLY C 591 9.22 -35.97 -54.52
N TRP C 592 10.48 -35.63 -54.22
CA TRP C 592 11.38 -36.70 -53.82
C TRP C 592 10.85 -37.51 -52.70
N LEU C 593 10.48 -36.75 -51.66
CA LEU C 593 9.96 -37.41 -50.44
C LEU C 593 8.91 -38.42 -50.77
N GLU C 594 7.95 -37.98 -51.54
CA GLU C 594 6.86 -38.83 -52.01
C GLU C 594 7.28 -39.99 -52.86
N LYS C 595 7.91 -39.62 -53.98
CA LYS C 595 8.40 -40.57 -54.96
C LYS C 595 9.15 -41.62 -54.27
N ASN C 596 9.87 -41.17 -53.25
CA ASN C 596 10.65 -42.09 -52.49
C ASN C 596 9.82 -42.94 -51.50
N LYS C 597 8.60 -42.59 -51.24
CA LYS C 597 7.79 -43.35 -50.26
C LYS C 597 6.91 -44.42 -50.87
N ASP C 598 6.68 -44.27 -52.15
CA ASP C 598 5.84 -45.16 -52.89
C ASP C 598 4.55 -45.42 -52.17
N PRO C 599 12.40 -45.46 -46.35
CA PRO C 599 11.49 -45.64 -45.25
C PRO C 599 10.17 -46.27 -45.68
N LEU C 600 9.84 -47.39 -45.05
CA LEU C 600 8.64 -48.15 -45.33
C LEU C 600 7.94 -48.58 -44.03
N ASN C 601 6.62 -48.41 -43.94
CA ASN C 601 5.87 -48.81 -42.77
C ASN C 601 5.88 -50.29 -42.62
N GLU C 602 6.71 -50.69 -41.74
CA GLU C 602 6.95 -52.07 -41.44
C GLU C 602 5.78 -52.89 -40.95
N THR C 603 4.75 -52.21 -40.45
CA THR C 603 3.61 -52.93 -39.97
C THR C 603 2.90 -53.55 -41.14
N VAL C 604 2.71 -52.70 -42.13
CA VAL C 604 2.07 -53.10 -43.38
C VAL C 604 2.83 -54.23 -44.08
N ILE C 605 4.11 -54.02 -44.20
CA ILE C 605 4.98 -54.97 -44.83
C ILE C 605 4.75 -56.29 -44.18
N GLY C 606 4.41 -56.18 -42.91
CA GLY C 606 4.16 -57.37 -42.12
C GLY C 606 3.06 -58.14 -42.79
N LEU C 607 1.97 -57.43 -42.99
CA LEU C 607 0.79 -57.99 -43.61
C LEU C 607 1.13 -58.63 -44.94
N TYR C 608 1.95 -57.95 -45.72
CA TYR C 608 2.29 -58.46 -47.04
C TYR C 608 2.94 -59.79 -46.82
N GLN C 609 3.86 -59.75 -45.91
CA GLN C 609 4.66 -60.92 -45.58
C GLN C 609 3.82 -62.16 -45.28
N LYS C 610 2.57 -61.96 -44.90
CA LYS C 610 1.67 -63.05 -44.60
C LYS C 610 0.41 -63.02 -45.44
N SER C 611 0.57 -62.60 -46.68
CA SER C 611 -0.53 -62.53 -47.63
C SER C 611 -0.99 -63.88 -48.11
N SER C 612 -2.19 -63.89 -48.66
CA SER C 612 -2.75 -65.11 -49.23
C SER C 612 -2.28 -65.23 -50.67
N VAL C 613 -1.67 -64.14 -51.13
CA VAL C 613 -1.13 -64.01 -52.46
C VAL C 613 0.36 -64.19 -52.42
N LYS C 614 0.77 -65.44 -52.46
CA LYS C 614 2.11 -65.98 -52.31
C LYS C 614 3.17 -65.08 -52.89
N THR C 615 2.95 -64.75 -54.12
CA THR C 615 3.84 -63.86 -54.84
C THR C 615 4.10 -62.58 -54.07
N LEU C 616 3.04 -61.95 -53.64
CA LEU C 616 3.19 -60.73 -52.86
C LEU C 616 3.94 -61.05 -51.65
N ALA C 617 3.60 -62.20 -51.08
CA ALA C 617 4.31 -62.63 -49.91
C ALA C 617 5.79 -62.75 -50.20
N LEU C 618 6.10 -63.35 -51.28
CA LEU C 618 7.48 -63.54 -51.63
C LEU C 618 8.32 -62.32 -51.72
N LEU C 619 7.85 -61.41 -52.60
CA LEU C 619 8.53 -60.15 -52.88
C LEU C 619 9.13 -59.49 -51.66
N PHE C 620 8.47 -59.69 -50.51
CA PHE C 620 8.90 -59.00 -49.28
C PHE C 620 9.33 -60.01 -48.19
N ALA C 621 10.30 -60.91 -48.49
CA ALA C 621 10.82 -61.88 -47.51
C ALA C 621 12.22 -61.53 -47.02
N THR C 622 12.85 -60.70 -47.82
CA THR C 622 14.17 -60.19 -47.61
C THR C 622 14.15 -58.96 -46.67
N TYR C 623 12.98 -58.64 -46.18
CA TYR C 623 12.84 -57.51 -45.33
C TYR C 623 13.27 -57.80 -43.90
N GLN C 644 10.40 -49.20 -45.53
CA GLN C 644 11.31 -49.35 -46.67
C GLN C 644 11.03 -48.38 -47.82
N THR C 645 12.13 -47.71 -48.19
CA THR C 645 12.14 -46.71 -49.23
C THR C 645 12.44 -47.28 -50.62
N VAL C 646 12.31 -46.44 -51.64
CA VAL C 646 12.52 -46.77 -53.02
C VAL C 646 14.00 -46.78 -53.30
N SER C 647 14.62 -45.70 -52.86
CA SER C 647 16.04 -45.52 -53.02
C SER C 647 16.77 -46.57 -52.23
N ALA C 648 16.10 -47.10 -51.20
CA ALA C 648 16.64 -48.17 -50.37
C ALA C 648 17.06 -49.41 -51.15
N LEU C 649 16.30 -49.75 -52.17
CA LEU C 649 16.62 -50.92 -53.01
C LEU C 649 17.65 -50.64 -54.02
N PHE C 650 17.26 -49.64 -54.84
CA PHE C 650 18.03 -49.12 -55.93
C PHE C 650 19.51 -49.29 -55.57
N ARG C 651 19.82 -48.89 -54.35
CA ARG C 651 21.12 -49.01 -53.81
C ARG C 651 21.50 -50.49 -53.71
N GLU C 652 20.67 -51.31 -53.07
CA GLU C 652 20.85 -52.76 -52.83
C GLU C 652 21.05 -53.54 -54.11
N ASN C 653 20.32 -53.12 -55.10
CA ASN C 653 20.36 -53.71 -56.41
C ASN C 653 21.64 -53.26 -57.10
N LEU C 654 21.89 -51.97 -57.00
CA LEU C 654 23.10 -51.35 -57.56
C LEU C 654 24.34 -51.89 -56.89
N ASN C 655 24.19 -52.56 -55.79
CA ASN C 655 25.36 -53.09 -55.09
C ASN C 655 25.63 -54.49 -55.47
N LYS C 656 24.56 -55.19 -55.64
CA LYS C 656 24.52 -56.56 -56.01
C LYS C 656 25.08 -56.66 -57.39
N LEU C 657 24.98 -55.54 -58.10
CA LEU C 657 25.36 -55.39 -59.50
C LEU C 657 26.81 -55.10 -59.62
N MET C 658 27.20 -53.98 -59.02
CA MET C 658 28.60 -53.54 -59.02
C MET C 658 29.51 -54.61 -58.42
N ALA C 659 28.91 -55.58 -57.71
CA ALA C 659 29.66 -56.67 -57.10
C ALA C 659 29.84 -57.76 -58.12
N ASN C 660 28.83 -57.91 -58.92
CA ASN C 660 28.80 -58.92 -59.96
C ASN C 660 29.76 -58.42 -61.06
N LEU C 661 29.84 -57.10 -61.15
CA LEU C 661 30.66 -56.45 -62.14
C LEU C 661 32.16 -56.66 -61.84
N ARG C 662 32.49 -56.78 -60.54
CA ARG C 662 33.84 -56.96 -60.06
C ARG C 662 34.44 -58.32 -60.33
N SER C 663 33.67 -59.39 -60.04
CA SER C 663 34.09 -60.76 -60.31
C SER C 663 34.02 -61.03 -61.78
N THR C 664 34.26 -59.96 -62.53
CA THR C 664 34.18 -59.91 -63.94
C THR C 664 35.35 -59.21 -64.55
N HIS C 665 35.69 -59.62 -65.77
CA HIS C 665 36.67 -58.93 -66.58
C HIS C 665 35.95 -57.94 -67.49
N PRO C 666 35.91 -56.70 -67.09
CA PRO C 666 35.17 -55.67 -67.74
C PRO C 666 35.60 -55.45 -69.17
N HIS C 667 34.58 -55.38 -70.03
CA HIS C 667 34.69 -55.11 -71.43
C HIS C 667 33.71 -53.98 -71.71
N PHE C 668 34.21 -52.87 -72.20
CA PHE C 668 33.50 -51.64 -72.46
C PHE C 668 33.10 -51.29 -73.89
N VAL C 669 31.90 -50.80 -74.04
CA VAL C 669 31.29 -50.38 -75.29
C VAL C 669 30.49 -49.11 -75.10
N ARG C 670 30.86 -48.05 -75.80
CA ARG C 670 30.26 -46.73 -75.74
C ARG C 670 29.54 -46.42 -77.04
N CYS C 671 28.20 -46.29 -76.95
CA CYS C 671 27.37 -46.04 -78.11
C CYS C 671 27.16 -44.54 -78.32
N ILE C 672 27.29 -44.06 -79.55
CA ILE C 672 27.18 -42.65 -79.87
C ILE C 672 26.09 -42.26 -80.87
N ILE C 673 25.57 -41.05 -80.70
CA ILE C 673 24.50 -40.49 -81.49
C ILE C 673 24.93 -39.21 -82.17
N PRO C 674 25.08 -39.33 -83.47
CA PRO C 674 25.59 -38.36 -84.40
C PRO C 674 24.90 -37.05 -84.44
N ASN C 675 23.63 -37.06 -84.85
CA ASN C 675 22.84 -35.82 -84.94
C ASN C 675 21.40 -36.01 -84.56
N GLU C 676 20.91 -35.06 -83.79
CA GLU C 676 19.53 -35.09 -83.33
C GLU C 676 18.56 -35.23 -84.48
N THR C 677 18.99 -34.73 -85.61
CA THR C 677 18.16 -34.75 -86.81
C THR C 677 18.07 -36.07 -87.53
N LYS C 678 18.68 -37.16 -87.08
CA LYS C 678 18.52 -38.42 -87.81
C LYS C 678 19.01 -38.43 -89.26
N THR C 679 20.29 -38.27 -89.46
CA THR C 679 20.85 -38.23 -90.79
C THR C 679 22.11 -39.06 -90.83
N PRO C 680 22.16 -40.01 -91.72
CA PRO C 680 23.35 -40.82 -91.79
C PRO C 680 24.50 -39.97 -92.32
N GLY C 681 25.73 -40.40 -92.03
CA GLY C 681 26.95 -39.73 -92.42
C GLY C 681 27.14 -38.30 -91.88
N ALA C 682 26.43 -37.94 -90.83
CA ALA C 682 26.56 -36.59 -90.28
C ALA C 682 26.81 -36.51 -88.79
N MET C 683 27.28 -35.38 -88.32
CA MET C 683 27.57 -35.30 -86.93
C MET C 683 27.51 -33.92 -86.29
N GLU C 684 26.68 -33.66 -85.28
CA GLU C 684 26.86 -32.29 -84.79
C GLU C 684 28.05 -32.38 -83.87
N HIS C 685 28.85 -31.36 -83.87
CA HIS C 685 30.02 -31.40 -83.04
C HIS C 685 29.75 -31.49 -81.56
N GLU C 686 29.35 -30.37 -81.03
CA GLU C 686 29.14 -30.28 -79.61
C GLU C 686 28.27 -31.34 -79.03
N LEU C 687 27.47 -31.91 -79.86
CA LEU C 687 26.60 -32.98 -79.45
C LEU C 687 27.40 -34.26 -79.18
N VAL C 688 28.30 -34.59 -80.10
CA VAL C 688 29.19 -35.73 -79.92
C VAL C 688 30.20 -35.41 -78.78
N LEU C 689 30.64 -34.16 -78.75
CA LEU C 689 31.60 -33.72 -77.75
C LEU C 689 31.09 -34.02 -76.36
N HIS C 690 29.85 -33.71 -76.17
CA HIS C 690 29.20 -33.96 -74.91
C HIS C 690 29.36 -35.38 -74.45
N GLN C 691 28.85 -36.24 -75.30
CA GLN C 691 28.84 -37.63 -75.03
C GLN C 691 30.19 -38.09 -74.63
N LEU C 692 31.15 -37.59 -75.37
CA LEU C 692 32.50 -38.00 -75.09
C LEU C 692 32.99 -37.77 -73.68
N ARG C 693 32.49 -36.68 -73.06
CA ARG C 693 32.92 -36.34 -71.71
C ARG C 693 32.26 -37.20 -70.66
N CYS C 694 30.98 -37.38 -70.90
CA CYS C 694 30.11 -38.14 -70.05
C CYS C 694 30.26 -39.61 -70.33
N ASN C 695 30.94 -39.94 -71.39
CA ASN C 695 31.10 -41.32 -71.81
C ASN C 695 32.08 -42.05 -70.97
N GLY C 696 33.21 -41.35 -70.80
CA GLY C 696 34.40 -41.81 -70.18
C GLY C 696 35.55 -41.77 -71.17
N VAL C 697 35.21 -41.61 -72.44
CA VAL C 697 36.15 -41.59 -73.53
C VAL C 697 37.19 -40.51 -73.34
N LEU C 698 36.70 -39.32 -72.99
CA LEU C 698 37.63 -38.24 -72.80
C LEU C 698 38.43 -38.37 -71.55
N GLU C 699 37.94 -39.20 -70.65
CA GLU C 699 38.67 -39.38 -69.40
C GLU C 699 39.69 -40.48 -69.56
N GLY C 700 39.44 -41.33 -70.53
CA GLY C 700 40.37 -42.42 -70.78
C GLY C 700 41.56 -41.89 -71.54
N ILE C 701 41.32 -40.81 -72.29
CA ILE C 701 42.34 -40.22 -73.08
C ILE C 701 43.25 -39.47 -72.15
N ARG C 702 42.63 -38.80 -71.18
CA ARG C 702 43.35 -38.03 -70.15
C ARG C 702 44.39 -38.87 -69.42
N ILE C 703 43.86 -39.90 -68.81
CA ILE C 703 44.61 -40.89 -68.06
C ILE C 703 45.69 -41.51 -68.91
N CYS C 704 45.46 -41.50 -70.20
CA CYS C 704 46.40 -42.08 -71.11
C CYS C 704 47.58 -41.16 -71.25
N ARG C 705 47.21 -39.91 -71.50
CA ARG C 705 48.14 -38.84 -71.71
C ARG C 705 48.92 -38.44 -70.46
N LYS C 706 48.79 -39.21 -69.41
CA LYS C 706 49.50 -38.82 -68.22
C LYS C 706 50.70 -39.73 -68.09
N GLY C 707 50.52 -41.27 -69.26
CA GLY C 707 51.64 -41.86 -68.55
C GLY C 707 52.92 -41.46 -69.28
N PHE C 708 53.71 -42.47 -69.56
CA PHE C 708 54.92 -42.31 -70.31
C PHE C 708 54.83 -43.17 -71.58
N PRO C 709 54.28 -42.56 -72.62
CA PRO C 709 54.05 -43.22 -73.89
C PRO C 709 55.27 -43.97 -74.42
N SER C 710 56.05 -43.26 -75.22
CA SER C 710 57.29 -43.78 -75.78
C SER C 710 58.26 -44.27 -74.73
N ARG C 711 58.72 -45.50 -74.95
CA ARG C 711 59.68 -46.15 -74.07
C ARG C 711 60.79 -46.77 -74.86
N VAL C 712 62.00 -46.23 -74.66
CA VAL C 712 63.16 -46.66 -75.37
C VAL C 712 63.96 -47.70 -74.65
N LEU C 713 64.30 -48.70 -75.42
CA LEU C 713 65.19 -49.74 -74.96
C LEU C 713 66.59 -49.13 -75.07
N TYR C 714 67.30 -49.37 -74.02
CA TYR C 714 68.66 -48.86 -73.79
C TYR C 714 69.71 -48.86 -74.92
N ALA C 715 69.95 -49.99 -75.56
CA ALA C 715 70.90 -50.02 -76.68
C ALA C 715 70.41 -49.24 -77.86
N ASP C 716 69.08 -49.46 -78.08
CA ASP C 716 68.30 -48.79 -79.10
C ASP C 716 68.34 -47.30 -78.82
N PHE C 717 68.75 -47.02 -77.55
CA PHE C 717 68.86 -45.65 -77.09
C PHE C 717 70.25 -45.08 -77.27
N LYS C 718 71.21 -45.98 -77.09
CA LYS C 718 72.61 -45.60 -77.22
C LYS C 718 72.90 -45.17 -78.64
N GLN C 719 72.95 -46.21 -79.48
CA GLN C 719 73.19 -46.06 -80.90
C GLN C 719 72.66 -44.80 -81.55
N ARG C 720 71.34 -44.64 -81.47
CA ARG C 720 70.65 -43.52 -82.09
C ARG C 720 70.98 -42.12 -81.58
N TYR C 721 71.42 -42.07 -80.31
CA TYR C 721 71.63 -40.75 -79.72
C TYR C 721 73.00 -40.44 -79.14
N ARG C 722 73.89 -41.44 -79.12
CA ARG C 722 75.26 -41.25 -78.59
C ARG C 722 75.85 -39.89 -79.00
N VAL C 723 75.70 -39.65 -80.30
CA VAL C 723 76.12 -38.47 -81.03
C VAL C 723 75.75 -37.14 -80.40
N LEU C 724 74.85 -37.13 -79.46
CA LEU C 724 74.37 -35.87 -78.90
C LEU C 724 75.35 -35.18 -77.97
N ASN C 725 76.15 -35.99 -77.32
CA ASN C 725 77.15 -35.50 -76.35
C ASN C 725 78.14 -36.62 -76.15
N ALA C 726 78.31 -37.35 -77.25
CA ALA C 726 79.18 -38.52 -77.39
C ALA C 726 80.41 -38.55 -76.51
N SER C 727 80.80 -37.39 -76.00
CA SER C 727 81.98 -37.33 -75.16
C SER C 727 81.73 -37.70 -73.70
N ALA C 728 80.47 -37.71 -73.26
CA ALA C 728 80.18 -38.05 -71.88
C ALA C 728 80.65 -39.48 -71.63
N ILE C 729 82.34 -39.14 -72.47
CA ILE C 729 82.98 -40.28 -73.07
C ILE C 729 83.80 -41.32 -72.31
N PRO C 730 84.90 -41.14 -71.55
CA PRO C 730 85.61 -42.34 -71.05
C PRO C 730 84.74 -43.26 -70.18
N GLU C 731 84.00 -42.63 -69.27
CA GLU C 731 83.02 -43.29 -68.43
C GLU C 731 81.68 -43.64 -69.11
N GLY C 732 81.37 -43.02 -70.25
CA GLY C 732 80.22 -43.39 -71.08
C GLY C 732 80.49 -44.49 -72.12
N GLN C 733 81.77 -44.72 -72.45
CA GLN C 733 82.23 -45.79 -73.35
C GLN C 733 82.74 -47.10 -72.74
N PHE C 734 83.49 -47.11 -71.64
CA PHE C 734 83.90 -48.34 -70.93
C PHE C 734 82.65 -48.91 -70.23
N MET C 735 81.60 -49.67 -71.26
CA MET C 735 80.44 -49.13 -70.54
C MET C 735 79.33 -50.18 -70.50
N ASP C 736 78.22 -49.73 -69.94
CA ASP C 736 77.03 -50.52 -69.76
C ASP C 736 75.94 -50.07 -70.72
N SER C 737 75.14 -51.03 -71.17
CA SER C 737 74.02 -50.74 -72.07
C SER C 737 72.95 -49.89 -71.39
N LYS C 738 72.93 -49.97 -70.05
CA LYS C 738 71.97 -49.21 -69.27
C LYS C 738 72.55 -47.91 -68.68
N LYS C 739 73.49 -48.06 -67.76
CA LYS C 739 74.13 -46.95 -67.07
C LYS C 739 74.52 -45.84 -68.03
N ALA C 740 74.79 -46.26 -69.26
CA ALA C 740 75.17 -45.36 -70.33
C ALA C 740 74.08 -44.32 -70.57
N SER C 741 72.93 -44.80 -71.09
CA SER C 741 71.80 -43.95 -71.40
C SER C 741 71.56 -43.01 -70.26
N GLU C 742 71.85 -43.56 -69.06
CA GLU C 742 71.70 -42.78 -67.86
C GLU C 742 72.61 -41.59 -67.99
N LYS C 743 73.88 -41.97 -67.97
CA LYS C 743 74.94 -41.02 -68.07
C LYS C 743 74.72 -40.05 -69.21
N LEU C 744 74.27 -40.57 -70.38
CA LEU C 744 74.08 -39.67 -71.52
C LEU C 744 73.21 -38.50 -71.26
N LEU C 745 72.03 -38.79 -70.75
CA LEU C 745 71.10 -37.72 -70.52
C LEU C 745 71.64 -36.61 -69.65
N GLY C 746 72.85 -36.83 -69.16
CA GLY C 746 73.58 -35.86 -68.37
C GLY C 746 73.54 -34.54 -69.11
N SER C 747 73.86 -34.55 -70.42
CA SER C 747 73.82 -33.32 -71.20
C SER C 747 72.46 -32.99 -71.87
N ILE C 748 72.38 -31.79 -72.43
CA ILE C 748 71.22 -31.31 -73.13
C ILE C 748 70.44 -30.29 -72.34
N ASP C 749 69.86 -29.28 -72.99
CA ASP C 749 69.08 -28.33 -72.26
C ASP C 749 67.59 -28.78 -72.18
N VAL C 750 67.45 -30.12 -71.91
CA VAL C 750 66.22 -30.94 -71.80
C VAL C 750 65.57 -31.13 -70.42
N ASP C 751 64.22 -31.27 -70.35
CA ASP C 751 63.52 -31.50 -69.07
C ASP C 751 63.86 -32.86 -68.46
N HIS C 752 64.64 -32.81 -67.40
CA HIS C 752 65.12 -34.03 -66.76
C HIS C 752 64.04 -34.76 -65.93
N THR C 753 62.83 -34.29 -66.12
CA THR C 753 61.58 -34.69 -65.54
C THR C 753 60.88 -35.73 -66.42
N GLN C 754 60.49 -35.20 -67.58
CA GLN C 754 59.84 -35.87 -68.66
C GLN C 754 60.27 -37.30 -68.92
N TYR C 755 61.31 -37.79 -68.30
CA TYR C 755 61.70 -39.17 -68.55
C TYR C 755 61.78 -39.95 -67.25
N ARG C 756 62.06 -41.23 -67.41
CA ARG C 756 62.18 -42.03 -66.22
C ARG C 756 62.75 -43.34 -66.65
N PHE C 757 63.69 -43.77 -65.84
CA PHE C 757 64.41 -44.97 -66.16
C PHE C 757 63.94 -46.11 -65.37
N GLY C 758 64.28 -47.30 -65.87
CA GLY C 758 63.94 -48.52 -65.21
C GLY C 758 64.69 -49.66 -65.84
N HIS C 759 64.73 -50.76 -65.12
CA HIS C 759 65.41 -51.99 -65.49
C HIS C 759 65.61 -52.37 -66.94
N THR C 760 64.69 -52.04 -67.83
CA THR C 760 64.95 -52.45 -69.21
C THR C 760 64.84 -51.28 -70.17
N LYS C 761 64.31 -50.17 -69.66
CA LYS C 761 64.17 -49.07 -70.54
C LYS C 761 63.81 -47.76 -69.91
N VAL C 762 63.87 -46.72 -70.69
CA VAL C 762 63.56 -45.41 -70.22
C VAL C 762 62.17 -45.11 -70.62
N PHE C 763 61.58 -44.29 -69.83
CA PHE C 763 60.28 -43.88 -70.11
C PHE C 763 60.36 -42.44 -70.43
N PHE C 764 59.54 -42.05 -71.41
CA PHE C 764 59.56 -40.69 -71.92
C PHE C 764 58.17 -40.15 -72.18
N LYS C 765 57.92 -38.88 -71.95
CA LYS C 765 56.65 -38.25 -72.26
C LYS C 765 56.65 -38.00 -73.76
N ALA C 766 55.67 -37.20 -74.20
CA ALA C 766 55.53 -36.84 -75.59
C ALA C 766 56.48 -35.76 -76.03
N GLY C 767 56.55 -35.64 -77.35
CA GLY C 767 57.33 -34.65 -78.08
C GLY C 767 58.73 -34.51 -77.55
N LEU C 768 59.17 -35.49 -76.83
CA LEU C 768 60.48 -35.42 -76.27
C LEU C 768 61.46 -36.05 -77.19
N LEU C 769 61.14 -37.33 -77.43
CA LEU C 769 61.89 -38.11 -78.35
C LEU C 769 61.94 -37.28 -79.63
N GLY C 770 60.88 -36.53 -79.83
CA GLY C 770 60.82 -35.65 -80.96
C GLY C 770 61.90 -34.62 -80.80
N LEU C 771 62.06 -34.16 -79.58
CA LEU C 771 63.08 -33.16 -79.34
C LEU C 771 64.45 -33.72 -79.57
N LEU C 772 64.66 -34.91 -79.02
CA LEU C 772 65.92 -35.60 -79.20
C LEU C 772 66.41 -35.61 -80.64
N GLU C 773 65.66 -36.29 -81.45
CA GLU C 773 65.89 -36.41 -82.86
C GLU C 773 66.36 -35.13 -83.52
N GLU C 774 65.61 -34.05 -83.19
CA GLU C 774 65.90 -32.77 -83.78
C GLU C 774 67.34 -32.39 -83.57
N MET C 775 67.76 -32.49 -82.33
CA MET C 775 69.12 -32.20 -81.96
C MET C 775 70.01 -33.09 -82.80
N ARG C 776 69.58 -34.29 -82.87
CA ARG C 776 70.29 -35.27 -83.61
C ARG C 776 70.40 -34.84 -85.03
N ASP C 777 69.28 -34.42 -85.58
CA ASP C 777 69.21 -33.98 -86.96
C ASP C 777 70.31 -32.98 -87.24
N ASP C 778 70.38 -31.93 -86.41
CA ASP C 778 71.44 -30.96 -86.60
C ASP C 778 72.80 -31.64 -86.55
N LYS C 779 72.91 -32.64 -85.71
CA LYS C 779 74.20 -33.21 -85.54
C LYS C 779 74.71 -34.00 -86.70
N LEU C 780 73.84 -34.25 -87.63
CA LEU C 780 74.32 -35.01 -88.76
C LEU C 780 74.68 -34.12 -89.91
N ALA C 781 74.02 -32.95 -89.94
CA ALA C 781 74.29 -31.98 -90.97
C ALA C 781 75.79 -31.79 -90.81
N GLU C 782 76.18 -31.57 -89.55
CA GLU C 782 77.57 -31.43 -89.14
C GLU C 782 78.28 -32.64 -89.76
N ILE C 783 78.02 -33.81 -89.23
CA ILE C 783 78.60 -35.05 -89.68
C ILE C 783 78.59 -35.29 -91.14
N ILE C 784 77.48 -34.99 -91.77
CA ILE C 784 77.42 -35.27 -93.19
C ILE C 784 78.16 -34.27 -94.01
N THR C 785 77.68 -33.02 -93.94
CA THR C 785 78.23 -31.88 -94.65
C THR C 785 79.76 -31.95 -94.71
N ARG C 786 80.35 -32.29 -93.59
CA ARG C 786 81.78 -32.45 -93.49
C ARG C 786 82.23 -33.68 -94.22
N THR C 787 81.43 -34.74 -94.16
CA THR C 787 81.85 -35.96 -94.85
C THR C 787 81.62 -35.83 -96.34
N GLN C 788 80.76 -34.91 -96.69
CA GLN C 788 80.50 -34.75 -98.09
C GLN C 788 81.74 -34.16 -98.71
N ALA C 789 82.03 -32.92 -98.25
CA ALA C 789 83.16 -32.13 -98.64
C ALA C 789 84.41 -32.93 -99.09
N ARG C 790 85.00 -33.64 -98.17
CA ARG C 790 86.21 -34.44 -98.37
C ARG C 790 86.03 -35.24 -99.65
N CYS C 791 84.90 -35.93 -99.67
CA CYS C 791 84.52 -36.69 -100.81
C CYS C 791 84.64 -35.83 -102.08
N ARG C 792 83.84 -34.76 -102.09
CA ARG C 792 83.78 -33.79 -103.18
C ARG C 792 85.21 -33.46 -103.54
N GLY C 793 85.92 -33.00 -102.52
CA GLY C 793 87.29 -32.62 -102.62
C GLY C 793 87.95 -33.73 -103.35
N PHE C 794 88.12 -34.80 -102.61
CA PHE C 794 88.72 -36.02 -103.12
C PHE C 794 88.26 -36.41 -104.49
N LEU C 795 87.02 -36.14 -104.74
CA LEU C 795 86.56 -36.55 -106.03
C LEU C 795 87.26 -35.88 -107.17
N MET C 796 87.43 -34.60 -107.01
CA MET C 796 88.10 -33.87 -108.04
C MET C 796 89.59 -34.11 -108.00
N ARG C 797 90.09 -34.44 -106.82
CA ARG C 797 91.52 -34.71 -106.67
C ARG C 797 91.95 -35.82 -107.59
N VAL C 798 91.01 -36.68 -108.03
CA VAL C 798 91.36 -37.84 -108.86
C VAL C 798 91.25 -37.43 -110.30
N GLU C 799 90.48 -36.36 -110.49
CA GLU C 799 90.28 -35.83 -111.80
C GLU C 799 91.53 -35.15 -112.27
N TYR C 800 92.19 -34.44 -111.35
CA TYR C 800 93.41 -33.85 -111.73
C TYR C 800 94.41 -34.95 -112.19
N ARG C 801 94.55 -36.08 -111.46
CA ARG C 801 95.47 -37.22 -111.77
C ARG C 801 95.22 -37.87 -113.13
N ARG C 802 94.01 -37.65 -113.61
CA ARG C 802 93.60 -38.18 -114.88
C ARG C 802 93.88 -37.14 -115.96
N MET C 803 93.43 -35.92 -115.72
CA MET C 803 93.65 -34.78 -116.61
C MET C 803 95.08 -34.73 -117.05
N VAL C 804 95.92 -34.75 -116.03
CA VAL C 804 97.35 -34.71 -116.12
C VAL C 804 97.95 -35.88 -116.94
N GLU C 805 97.55 -37.09 -116.63
CA GLU C 805 98.01 -38.29 -117.35
C GLU C 805 97.80 -38.07 -118.83
N ARG C 806 96.56 -37.79 -119.12
CA ARG C 806 96.00 -37.49 -120.40
C ARG C 806 96.78 -36.47 -121.21
N ARG C 807 97.39 -35.54 -120.47
CA ARG C 807 98.16 -34.42 -120.97
C ARG C 807 98.76 -34.65 -122.33
N GLU C 808 99.61 -35.64 -122.39
CA GLU C 808 100.26 -35.88 -123.64
C GLU C 808 99.52 -36.73 -124.64
N SER C 809 98.88 -37.79 -124.17
CA SER C 809 98.18 -38.67 -125.07
C SER C 809 97.27 -37.91 -125.99
N ILE C 810 96.86 -36.73 -125.54
CA ILE C 810 96.03 -35.90 -126.35
C ILE C 810 96.85 -35.36 -127.51
N PHE C 811 97.87 -34.58 -127.13
CA PHE C 811 98.82 -33.94 -127.99
C PHE C 811 99.14 -34.87 -129.13
N CYS C 812 99.52 -36.04 -128.71
CA CYS C 812 99.86 -37.09 -129.64
C CYS C 812 98.72 -37.22 -130.59
N ILE C 813 97.57 -37.32 -130.01
CA ILE C 813 96.41 -37.42 -130.87
C ILE C 813 96.28 -36.13 -131.61
N GLN C 814 96.38 -35.02 -130.88
CA GLN C 814 96.23 -33.67 -131.46
C GLN C 814 96.99 -33.48 -132.74
N TYR C 815 98.30 -33.33 -132.60
CA TYR C 815 99.18 -33.13 -133.71
C TYR C 815 98.99 -34.14 -134.82
N ASN C 816 99.01 -35.41 -134.42
CA ASN C 816 98.90 -36.55 -135.31
C ASN C 816 97.89 -36.51 -136.40
N VAL C 817 96.73 -35.94 -136.07
CA VAL C 817 95.61 -35.79 -136.98
C VAL C 817 95.90 -34.71 -138.00
N ARG C 818 96.28 -33.56 -137.44
CA ARG C 818 96.63 -32.40 -138.21
C ARG C 818 97.53 -32.74 -139.39
N SER C 819 98.57 -33.58 -139.14
CA SER C 819 99.50 -34.04 -140.14
C SER C 819 98.69 -34.42 -141.35
N PHE C 820 98.02 -35.52 -141.16
CA PHE C 820 97.21 -36.16 -142.11
C PHE C 820 96.35 -35.22 -142.93
N MET C 821 95.71 -34.30 -142.28
CA MET C 821 94.87 -33.34 -142.98
C MET C 821 95.63 -32.52 -144.02
N ASN C 822 96.90 -32.44 -143.79
CA ASN C 822 97.76 -31.66 -144.63
C ASN C 822 98.37 -32.47 -145.73
N VAL C 823 98.77 -33.63 -145.28
CA VAL C 823 99.44 -34.57 -146.08
C VAL C 823 98.60 -35.25 -147.11
N LYS C 824 97.51 -35.86 -146.67
CA LYS C 824 96.57 -36.59 -147.51
C LYS C 824 96.32 -35.93 -148.87
N HIS C 825 96.63 -34.61 -149.01
CA HIS C 825 96.39 -33.94 -150.28
C HIS C 825 97.67 -33.84 -151.14
N TRP C 826 98.83 -34.20 -150.57
CA TRP C 826 100.21 -34.18 -151.14
C TRP C 826 100.60 -35.37 -152.08
N PRO C 827 100.88 -35.06 -153.33
CA PRO C 827 101.26 -36.01 -154.37
C PRO C 827 102.09 -37.15 -153.85
N TRP C 828 103.19 -36.73 -153.27
CA TRP C 828 104.18 -37.63 -152.73
C TRP C 828 103.59 -38.53 -151.72
N MET C 829 102.64 -37.98 -150.97
CA MET C 829 102.08 -38.84 -149.97
C MET C 829 101.06 -39.82 -150.56
N LYS C 830 100.30 -39.41 -151.57
CA LYS C 830 99.41 -40.31 -152.19
C LYS C 830 100.17 -41.40 -152.85
N LEU C 831 101.27 -40.99 -153.44
CA LEU C 831 102.15 -41.95 -154.11
C LEU C 831 102.58 -43.05 -153.17
N PHE C 832 103.18 -42.62 -152.07
CA PHE C 832 103.63 -43.54 -151.01
C PHE C 832 102.53 -44.47 -150.64
N PHE C 833 101.34 -43.91 -150.68
CA PHE C 833 100.15 -44.61 -150.33
C PHE C 833 99.85 -45.74 -151.31
N LYS C 834 99.70 -45.42 -152.59
CA LYS C 834 99.40 -46.50 -153.49
C LYS C 834 100.53 -47.50 -153.44
N ILE C 835 101.71 -46.98 -153.30
CA ILE C 835 102.91 -47.79 -153.30
C ILE C 835 103.20 -48.59 -152.03
N LYS C 836 102.90 -48.02 -150.88
CA LYS C 836 103.09 -48.65 -149.57
C LYS C 836 102.74 -50.11 -149.53
N PRO C 837 101.90 -50.57 -150.42
CA PRO C 837 101.55 -51.97 -150.33
C PRO C 837 102.50 -52.92 -150.98
N LEU C 838 102.94 -52.59 -152.21
CA LEU C 838 103.87 -53.46 -152.94
C LEU C 838 105.10 -53.86 -152.11
N LEU C 839 105.28 -53.14 -151.01
CA LEU C 839 106.41 -53.36 -150.18
C LEU C 839 106.24 -54.55 -149.31
N LYS C 840 107.34 -54.83 -148.65
CA LYS C 840 107.39 -55.95 -147.72
C LYS C 840 108.30 -55.59 -146.55
#